data_6Q14
#
_entry.id   6Q14
#
_cell.length_a   1.00
_cell.length_b   1.00
_cell.length_c   1.00
_cell.angle_alpha   90.00
_cell.angle_beta   90.00
_cell.angle_gamma   90.00
#
_symmetry.space_group_name_H-M   'P 1'
#
loop_
_entity.id
_entity.type
_entity.pdbx_description
1 polymer 'Lipoprotein PrgK'
2 polymer 'Surface presentation of antigens protein SpaP'
3 polymer 'Surface presentation of antigens protein SpaR'
4 polymer 'Surface presentation of antigens protein SpaQ'
5 polymer 'Protein PrgH'
6 polymer 'Protein InvG'
#
loop_
_entity_poly.entity_id
_entity_poly.type
_entity_poly.pdbx_seq_one_letter_code
_entity_poly.pdbx_strand_id
1 'polypeptide(L)'
;MIRRYLYTFLLVMTLAGCKDKDLLKGLDQEQANEVIAVLQMHNIEANKIDSGKLGYSITVAEPDFTAAVYWIKTYQLPPR
PRVEIAQMFPADSLVSSPRAEKARLYSAIEQRLEQSLQTMEGVLSARVHISYDIDAGENGRPPKPVHLSALAVYERGSPL
AHQISDIKRFLKNSFADVDYDNISVVLSERSDAQLQAPGTPVKRNSFATSWIVLIILLSVMSAGFGVWYYKNHYARNKKG
ITADDKAKSSNE
;
AA,AB,AC,AD,AE,AF,AG,AH,AI,AL,o,p,q,r,s,t,u,v,w,x,y,z,AJ,AK
2 'polypeptide(L)'
;MGNDISLIALLAFSTLLPFIIASGTCFVKFSIVFVMVRNALGLQQIPSNMTLNGVALLLSMFVMWPIMHDAYVYFEDEDV
TFNDISSLSKHVDEGLDGYRDYLIKYSDRELVQFFENAQLKRQYGEETETVKRDKDEIEKPSIFALLPAYALSEIKSAFK
IGFYLYLPFVVVDLVVSSVLLALGMMMMSPVTISTPIKLVLFVALDGWTLLSKGLILQYMDIAT
;
0,1,2,3,4
3 'polypeptide(L)'
;MFYALYFEIHHLVASAALGFARVAPIFFFLPFLNSGVLSGAPRNAIIILVALGVWPHALNEAPPFLSVAMIPLVLQEAAV
GVMLGCLLSWPFWVMHALGCIIDNQRGATLSSSIDPANGIDTSEMANFLNMFAAVVYLQNGGLVTMVDVLNKSYQLCDPM
NECTPSLPPLLTFINQVAQNALVLASPVVLVLLLSEVFLGLLSRFAPQMNAFAISLTVKSGIAVLIMLLYFSPVLPDNVL
RLSFQATGLSSWFYERGATHVLE
;
5
4 'polypeptide(L)'
;MDDLVFAGNKALYLVLILSGWPTIVATIIGLLVGLFQTVTQLQEQTLPFGIKLLGVCLCLFLLSGWYGEVLLSYGRQVIF
LALAKG
;
6,7,8,9
5 'polypeptide(L)'
;METSKEKTITSPGPYIVRLLNSSLNGCEFPLLTGRTLFVVGQSDALTASGQLPDIPADSFFIPLDHGGVNFEIQVDTDAT
EIILHELKEGNSESRSVQLNTPIQVGELLILIRPESEPWVPEQPEKLETSAKKNEPRFKNGIVAALAGFFILGIGTVGTL
WILNSPQRQAAELDSLLGQEKERFQVLPGRDKMLYVAAQNERDTLWARQVLARGDYDKNARVINENEENKRISIWLDTYY
PQLAYYRIHFDEPRKPVFWLSRQRNTMSKKELEVLSQKLRALMPYADSVNITLMDDVTAAGQAEAGLKQQALPYSRRNHK
GGVTFVIQGALDDVEILRARQFVDSYYRTWGGRYVQFAIELKDDWLKGRSFQYGAEGYIKMSPGHWYFPSPL
;
E,R,S,T,U,V,W,X,Y,Z,a,b,c,d,e,f,g,h,i,j,k,l,m,n
6 'polypeptide(L)'
;MKTHILLARVLACAALVLVTPGYSSEKIPVTGSGFVAKDDSLRTFFDAMALQLKEPVIVSKMAARKKITGNFEFHDPNAL
LEKLSLQLGLIWYFDGQAIYIYDASEMRNAVVSLRNVSLNEFNNFLKRSGLYNKNYPLRGDNRKGTFYVSGPPVYVDMVV
NAATMMDKQNDGIELGRQKIGVMRLNNTFVGDRTYNLRDQKMVIPGIATAIERLLQGEEQPLGNIVSSEPPAMPAFSANG
EKGKAANYAGGMSLQEALKQNAAAGNIKIVAYPDTNSLLVKGTAEQVHFIEMLVKALDVAKRHVELSLWIVDLNKSDLER
LGTSWSGSITIGDKLGVSLNQSSISTLDGSRFIAAVNALEEKKQATVVSRPVLLTQENVPAIFDNNRTFYTKLIGERNVA
LEHVTYGTMIRVLPRFSADGQIEMSLDIEDGNDKTPQSDTTTSVDALPEVGRTLISTIARVPHGKSLLVGGYTRDANTDT
VQSIPFLGKLPLIGSLFRYSSKNKSNVVRVFMIEPKEIVDPLTPDASESVNNILKQSGAWSGDDKLQKWVRVYLDRGQEA
IK
;
Q,A,B,C,D,F,G,H,I,J,K,L,M,N,O,P
#
# COMPACT_ATOMS: atom_id res chain seq x y z
N ASP A 20 -84.78 48.53 63.55
CA ASP A 20 -84.14 47.63 64.50
C ASP A 20 -84.02 46.22 63.94
N LYS A 21 -83.87 46.11 62.63
CA LYS A 21 -83.71 44.84 61.95
C LYS A 21 -82.29 44.76 61.42
N ASP A 22 -81.52 43.80 61.92
CA ASP A 22 -80.14 43.65 61.49
C ASP A 22 -80.08 43.06 60.09
N LEU A 23 -79.01 43.39 59.37
CA LEU A 23 -78.85 42.87 58.03
C LEU A 23 -77.46 42.28 57.83
N LEU A 24 -76.48 42.77 58.59
CA LEU A 24 -75.13 42.24 58.52
C LEU A 24 -74.55 42.21 59.92
N LYS A 25 -73.96 41.09 60.30
CA LYS A 25 -73.29 40.95 61.58
C LYS A 25 -72.02 40.16 61.39
N GLY A 26 -71.13 40.26 62.37
CA GLY A 26 -69.87 39.58 62.33
C GLY A 26 -68.84 40.22 61.43
N LEU A 27 -68.99 41.50 61.14
CA LEU A 27 -68.04 42.23 60.31
C LEU A 27 -66.85 42.68 61.17
N ASP A 28 -66.04 43.57 60.61
CA ASP A 28 -64.94 44.16 61.36
C ASP A 28 -64.90 45.65 61.03
N GLN A 29 -63.78 46.27 61.36
CA GLN A 29 -63.67 47.72 61.42
C GLN A 29 -63.65 48.33 60.02
N GLU A 30 -62.87 47.77 59.10
CA GLU A 30 -62.76 48.37 57.78
C GLU A 30 -63.95 48.03 56.90
N GLN A 31 -64.65 46.93 57.17
CA GLN A 31 -65.82 46.57 56.36
C GLN A 31 -67.07 47.33 56.80
N ALA A 32 -67.19 47.61 58.11
CA ALA A 32 -68.41 48.25 58.57
C ALA A 32 -68.45 49.71 58.18
N ASN A 33 -67.28 50.34 58.05
CA ASN A 33 -67.26 51.73 57.63
C ASN A 33 -67.45 51.87 56.13
N GLU A 34 -67.43 50.76 55.39
CA GLU A 34 -67.77 50.81 53.99
C GLU A 34 -69.25 50.56 53.78
N VAL A 35 -69.87 49.76 54.66
CA VAL A 35 -71.31 49.56 54.52
C VAL A 35 -72.05 50.81 54.97
N ILE A 36 -71.55 51.48 56.01
CA ILE A 36 -72.22 52.68 56.48
C ILE A 36 -72.05 53.82 55.48
N ALA A 37 -70.86 53.92 54.87
CA ALA A 37 -70.62 54.96 53.88
C ALA A 37 -71.39 54.71 52.59
N VAL A 38 -71.78 53.46 52.31
CA VAL A 38 -72.60 53.21 51.14
C VAL A 38 -74.06 53.53 51.43
N LEU A 39 -74.56 53.12 52.60
CA LEU A 39 -75.97 53.36 52.92
C LEU A 39 -76.26 54.83 53.20
N GLN A 40 -75.30 55.58 53.75
CA GLN A 40 -75.53 57.00 53.99
C GLN A 40 -75.60 57.82 52.72
N MET A 41 -75.06 57.33 51.62
CA MET A 41 -75.15 58.05 50.36
C MET A 41 -76.56 58.01 49.78
N HIS A 42 -77.32 56.97 50.08
CA HIS A 42 -78.64 56.76 49.48
C HIS A 42 -79.78 57.01 50.47
N ASN A 43 -79.57 57.94 51.42
CA ASN A 43 -80.62 58.50 52.28
C ASN A 43 -81.26 57.46 53.19
N ILE A 44 -80.46 56.52 53.70
CA ILE A 44 -80.93 55.61 54.74
C ILE A 44 -79.90 55.56 55.85
N GLU A 45 -80.37 55.52 57.09
CA GLU A 45 -79.48 55.56 58.24
C GLU A 45 -78.96 54.16 58.57
N ALA A 46 -77.97 54.11 59.44
CA ALA A 46 -77.40 52.84 59.87
C ALA A 46 -76.81 53.01 61.26
N ASN A 47 -76.81 51.93 62.02
CA ASN A 47 -76.28 51.94 63.38
C ASN A 47 -75.26 50.83 63.50
N LYS A 48 -74.04 51.20 63.93
CA LYS A 48 -72.94 50.28 64.14
C LYS A 48 -72.87 49.88 65.60
N ILE A 49 -73.13 48.60 65.88
CA ILE A 49 -73.16 48.05 67.22
C ILE A 49 -71.96 47.13 67.39
N ASP A 50 -71.05 47.48 68.30
CA ASP A 50 -69.89 46.66 68.60
C ASP A 50 -70.30 45.49 69.47
N SER A 51 -69.57 44.36 69.31
CA SER A 51 -69.82 43.22 70.18
C SER A 51 -68.53 42.68 70.79
N GLY A 52 -67.43 43.43 70.68
CA GLY A 52 -66.20 43.03 71.31
C GLY A 52 -65.47 41.98 70.51
N LYS A 53 -65.47 40.74 70.99
CA LYS A 53 -64.73 39.68 70.33
C LYS A 53 -65.45 39.22 69.06
N LEU A 54 -66.77 39.27 69.06
CA LEU A 54 -67.57 38.78 67.94
C LEU A 54 -67.68 39.78 66.79
N GLY A 55 -67.01 40.94 66.86
CA GLY A 55 -67.07 41.88 65.77
C GLY A 55 -68.29 42.80 65.79
N TYR A 56 -68.34 43.63 64.75
CA TYR A 56 -69.36 44.66 64.63
C TYR A 56 -70.65 44.09 64.05
N SER A 57 -71.69 44.91 64.09
CA SER A 57 -72.99 44.57 63.54
C SER A 57 -73.65 45.85 63.07
N ILE A 58 -74.53 45.74 62.09
CA ILE A 58 -75.12 46.91 61.44
C ILE A 58 -76.61 46.71 61.38
N THR A 59 -77.37 47.63 61.96
CA THR A 59 -78.82 47.57 61.85
C THR A 59 -79.38 48.85 61.23
N VAL A 60 -80.51 48.71 60.55
CA VAL A 60 -81.22 49.84 59.95
C VAL A 60 -82.66 49.83 60.46
N ALA A 61 -83.41 50.84 60.06
CA ALA A 61 -84.82 50.90 60.40
C ALA A 61 -85.65 49.94 59.54
N GLU A 62 -86.91 49.80 59.95
CA GLU A 62 -87.85 48.92 59.29
C GLU A 62 -88.37 49.48 57.97
N PRO A 63 -88.68 50.78 57.81
CA PRO A 63 -88.98 51.24 56.45
C PRO A 63 -87.77 51.27 55.55
N ASP A 64 -86.54 51.31 56.10
CA ASP A 64 -85.34 51.33 55.28
C ASP A 64 -84.77 49.96 55.01
N PHE A 65 -85.46 48.89 55.41
CA PHE A 65 -84.88 47.57 55.25
C PHE A 65 -85.01 47.04 53.82
N THR A 66 -86.10 47.38 53.13
CA THR A 66 -86.30 46.89 51.77
C THR A 66 -85.33 47.56 50.80
N ALA A 67 -84.96 48.81 51.06
CA ALA A 67 -84.00 49.46 50.20
C ALA A 67 -82.58 49.05 50.57
N ALA A 68 -82.36 48.75 51.86
CA ALA A 68 -81.00 48.42 52.27
C ALA A 68 -80.60 47.05 51.76
N VAL A 69 -81.55 46.11 51.65
CA VAL A 69 -81.17 44.79 51.13
C VAL A 69 -80.84 44.89 49.65
N TYR A 70 -81.50 45.81 48.94
CA TYR A 70 -81.25 45.98 47.52
C TYR A 70 -79.90 46.61 47.28
N TRP A 71 -79.50 47.58 48.12
CA TRP A 71 -78.19 48.16 47.85
C TRP A 71 -77.05 47.29 48.36
N ILE A 72 -77.34 46.34 49.27
CA ILE A 72 -76.33 45.34 49.62
C ILE A 72 -76.11 44.41 48.44
N LYS A 73 -77.21 43.98 47.80
CA LYS A 73 -77.08 43.05 46.68
C LYS A 73 -76.44 43.73 45.48
N THR A 74 -76.71 45.02 45.28
CA THR A 74 -76.15 45.72 44.12
C THR A 74 -74.66 45.98 44.30
N TYR A 75 -74.25 46.58 45.42
CA TYR A 75 -72.84 46.87 45.61
C TYR A 75 -72.00 45.68 46.05
N GLN A 76 -72.63 44.51 46.33
CA GLN A 76 -71.94 43.28 46.74
C GLN A 76 -71.15 43.48 48.03
N LEU A 77 -71.76 44.00 48.97
CA LEU A 77 -71.18 44.21 50.28
C LEU A 77 -71.41 42.98 51.16
N PRO A 78 -70.53 42.69 52.13
CA PRO A 78 -69.30 43.36 52.59
C PRO A 78 -68.11 43.14 51.67
N PRO A 79 -67.18 44.09 51.63
CA PRO A 79 -66.06 43.98 50.70
C PRO A 79 -65.06 42.92 51.12
N ARG A 80 -64.56 42.19 50.13
CA ARG A 80 -63.51 41.21 50.31
C ARG A 80 -62.16 41.92 50.52
N PRO A 81 -61.20 41.29 51.19
CA PRO A 81 -59.87 41.88 51.31
C PRO A 81 -59.13 41.88 49.98
N ARG A 82 -58.32 42.91 49.78
CA ARG A 82 -57.64 43.08 48.50
C ARG A 82 -56.51 42.08 48.35
N VAL A 83 -56.40 41.52 47.16
CA VAL A 83 -55.49 40.41 46.90
C VAL A 83 -54.21 40.95 46.27
N GLU A 84 -53.08 40.47 46.76
CA GLU A 84 -51.78 40.75 46.16
C GLU A 84 -51.16 39.46 45.66
N ILE A 85 -50.22 39.59 44.73
CA ILE A 85 -49.62 38.41 44.12
C ILE A 85 -48.67 37.74 45.09
N ALA A 86 -48.10 38.49 46.03
CA ALA A 86 -47.17 37.93 47.00
C ALA A 86 -47.85 37.15 48.11
N GLN A 87 -49.18 37.05 48.11
CA GLN A 87 -49.85 36.19 49.07
C GLN A 87 -49.87 34.75 48.62
N MET A 88 -49.83 34.52 47.31
CA MET A 88 -49.85 33.18 46.75
C MET A 88 -48.45 32.56 46.71
N PHE A 89 -47.43 33.31 47.06
CA PHE A 89 -46.05 32.82 47.10
C PHE A 89 -45.42 33.30 48.38
N PRO A 90 -45.73 32.66 49.50
CA PRO A 90 -45.24 33.17 50.79
C PRO A 90 -43.77 32.84 51.00
N ALA A 91 -43.10 33.69 51.79
CA ALA A 91 -41.69 33.52 52.06
C ALA A 91 -41.40 32.46 53.11
N ASP A 92 -42.42 31.91 53.77
CA ASP A 92 -42.22 30.94 54.82
C ASP A 92 -42.09 29.52 54.31
N SER A 93 -42.11 29.31 52.99
CA SER A 93 -41.93 27.98 52.44
C SER A 93 -40.48 27.54 52.59
N LEU A 94 -40.26 26.24 52.54
CA LEU A 94 -38.92 25.71 52.74
C LEU A 94 -38.04 25.92 51.49
N VAL A 95 -38.61 25.77 50.30
CA VAL A 95 -37.89 26.01 49.06
C VAL A 95 -38.65 27.05 48.24
N SER A 96 -37.93 27.71 47.33
CA SER A 96 -38.51 28.78 46.53
C SER A 96 -37.94 28.73 45.12
N SER A 97 -38.81 28.56 44.13
CA SER A 97 -38.41 28.56 42.75
C SER A 97 -38.06 29.99 42.30
N PRO A 98 -37.31 30.13 41.20
CA PRO A 98 -37.10 31.47 40.64
C PRO A 98 -38.36 32.13 40.12
N ARG A 99 -39.39 31.35 39.78
CA ARG A 99 -40.65 31.97 39.40
C ARG A 99 -41.35 32.53 40.64
N ALA A 100 -41.12 31.91 41.78
CA ALA A 100 -41.73 32.36 43.02
C ALA A 100 -40.88 33.42 43.68
N GLU A 101 -39.72 33.73 43.12
CA GLU A 101 -38.92 34.82 43.64
C GLU A 101 -39.07 36.07 42.80
N LYS A 102 -39.23 35.91 41.49
CA LYS A 102 -39.53 37.08 40.68
C LYS A 102 -40.97 37.55 40.85
N ALA A 103 -41.89 36.65 41.20
CA ALA A 103 -43.25 37.12 41.45
C ALA A 103 -43.34 37.85 42.77
N ARG A 104 -42.50 37.49 43.73
CA ARG A 104 -42.47 38.18 45.01
C ARG A 104 -41.70 39.48 44.91
N LEU A 105 -40.80 39.61 43.94
CA LEU A 105 -40.11 40.88 43.77
C LEU A 105 -41.02 41.89 43.09
N TYR A 106 -41.68 41.45 42.00
CA TYR A 106 -42.54 42.36 41.25
C TYR A 106 -43.79 42.74 42.05
N SER A 107 -44.25 41.87 42.94
CA SER A 107 -45.44 42.24 43.70
C SER A 107 -45.14 43.16 44.87
N ALA A 108 -43.87 43.41 45.17
CA ALA A 108 -43.49 44.40 46.16
C ALA A 108 -43.14 45.73 45.52
N ILE A 109 -42.64 45.69 44.28
CA ILE A 109 -42.47 46.95 43.56
C ILE A 109 -43.84 47.52 43.17
N GLU A 110 -44.80 46.63 42.92
CA GLU A 110 -46.13 47.07 42.52
C GLU A 110 -46.88 47.74 43.67
N GLN A 111 -46.58 47.38 44.91
CA GLN A 111 -47.16 48.07 46.06
C GLN A 111 -46.37 49.31 46.45
N ARG A 112 -45.07 49.33 46.17
CA ARG A 112 -44.30 50.50 46.58
C ARG A 112 -44.55 51.68 45.64
N LEU A 113 -44.72 51.42 44.34
CA LEU A 113 -45.07 52.52 43.44
C LEU A 113 -46.48 53.04 43.69
N GLU A 114 -47.36 52.17 44.20
CA GLU A 114 -48.71 52.60 44.53
C GLU A 114 -48.69 53.50 45.75
N GLN A 115 -47.82 53.20 46.71
CA GLN A 115 -47.76 54.08 47.88
C GLN A 115 -46.96 55.34 47.59
N SER A 116 -46.18 55.36 46.51
CA SER A 116 -45.44 56.56 46.15
C SER A 116 -46.23 57.49 45.25
N LEU A 117 -47.30 57.01 44.62
CA LEU A 117 -48.15 57.91 43.86
C LEU A 117 -49.14 58.67 44.72
N GLN A 118 -49.45 58.20 45.92
CA GLN A 118 -50.35 58.91 46.81
C GLN A 118 -49.71 60.10 47.49
N THR A 119 -48.42 60.34 47.29
CA THR A 119 -47.74 61.51 47.83
C THR A 119 -47.57 62.62 46.80
N MET A 120 -48.21 62.50 45.65
CA MET A 120 -48.19 63.59 44.68
C MET A 120 -49.21 64.65 45.09
N GLU A 121 -49.22 65.75 44.34
CA GLU A 121 -50.04 66.90 44.70
C GLU A 121 -51.44 66.73 44.12
N GLY A 122 -52.35 66.20 44.93
CA GLY A 122 -53.75 66.08 44.58
C GLY A 122 -54.27 64.67 44.48
N VAL A 123 -53.41 63.67 44.42
CA VAL A 123 -53.85 62.29 44.24
C VAL A 123 -54.33 61.75 45.58
N LEU A 124 -55.57 61.27 45.62
CA LEU A 124 -56.09 60.67 46.84
C LEU A 124 -55.83 59.17 46.89
N SER A 125 -56.00 58.48 45.76
CA SER A 125 -55.75 57.05 45.67
C SER A 125 -55.17 56.76 44.30
N ALA A 126 -54.50 55.61 44.19
CA ALA A 126 -53.87 55.20 42.95
C ALA A 126 -53.72 53.68 42.96
N ARG A 127 -53.59 53.11 41.75
CA ARG A 127 -53.35 51.68 41.60
C ARG A 127 -52.48 51.40 40.39
N VAL A 128 -51.40 50.64 40.59
CA VAL A 128 -50.44 50.34 39.52
C VAL A 128 -50.46 48.84 39.25
N HIS A 129 -50.25 48.48 37.98
CA HIS A 129 -50.14 47.11 37.52
C HIS A 129 -48.89 46.97 36.66
N ILE A 130 -48.14 45.90 36.86
CA ILE A 130 -46.92 45.59 36.11
C ILE A 130 -47.12 44.30 35.36
N SER A 131 -46.49 44.20 34.19
CA SER A 131 -46.59 42.98 33.39
C SER A 131 -45.65 41.90 33.94
N TYR A 132 -46.19 40.73 34.24
CA TYR A 132 -45.42 39.62 34.78
C TYR A 132 -44.93 38.74 33.65
N ASP A 133 -43.71 38.23 33.80
CA ASP A 133 -43.09 37.39 32.79
C ASP A 133 -42.57 36.12 33.41
N ILE A 134 -42.89 34.98 32.78
CA ILE A 134 -42.53 33.66 33.30
C ILE A 134 -41.76 32.85 32.28
N ASP A 135 -42.19 32.83 31.02
CA ASP A 135 -41.69 31.88 30.04
C ASP A 135 -40.31 32.25 29.50
N ALA A 136 -40.00 33.54 29.44
CA ALA A 136 -38.75 33.98 28.83
C ALA A 136 -37.54 33.72 29.71
N GLY A 137 -37.74 33.64 31.03
CA GLY A 137 -36.62 33.53 31.95
C GLY A 137 -35.94 32.18 31.99
N GLU A 138 -36.53 31.14 31.39
CA GLU A 138 -35.96 29.81 31.50
C GLU A 138 -35.26 29.33 30.24
N ASN A 139 -35.70 29.78 29.07
CA ASN A 139 -35.15 29.31 27.80
C ASN A 139 -34.18 30.37 27.26
N GLY A 140 -33.64 30.11 26.08
CA GLY A 140 -32.73 31.02 25.42
C GLY A 140 -33.36 32.22 24.78
N ARG A 141 -34.68 32.33 24.81
CA ARG A 141 -35.36 33.48 24.25
C ARG A 141 -35.16 34.70 25.16
N PRO A 142 -34.93 35.88 24.59
CA PRO A 142 -34.67 37.06 25.40
C PRO A 142 -35.93 37.55 26.11
N PRO A 143 -35.79 38.29 27.20
CA PRO A 143 -36.97 38.82 27.89
C PRO A 143 -37.63 39.93 27.09
N LYS A 144 -38.92 40.09 27.32
CA LYS A 144 -39.76 40.99 26.54
C LYS A 144 -39.75 42.39 27.12
N PRO A 145 -40.44 43.35 26.50
CA PRO A 145 -40.55 44.67 27.09
C PRO A 145 -41.51 44.66 28.27
N VAL A 146 -41.43 45.70 29.10
CA VAL A 146 -42.21 45.81 30.32
C VAL A 146 -43.34 46.82 30.11
N HIS A 147 -44.56 46.44 30.50
CA HIS A 147 -45.74 47.28 30.37
C HIS A 147 -46.30 47.60 31.76
N LEU A 148 -46.75 48.85 31.91
CA LEU A 148 -47.30 49.35 33.17
C LEU A 148 -48.66 49.95 32.91
N SER A 149 -49.54 49.90 33.90
CA SER A 149 -50.84 50.54 33.78
C SER A 149 -51.28 51.10 35.12
N ALA A 150 -51.77 52.34 35.13
CA ALA A 150 -52.09 52.99 36.38
C ALA A 150 -53.47 53.62 36.33
N LEU A 151 -54.08 53.70 37.51
CA LEU A 151 -55.33 54.39 37.74
C LEU A 151 -55.12 55.40 38.85
N ALA A 152 -55.96 56.43 38.87
CA ALA A 152 -55.76 57.49 39.84
C ALA A 152 -57.07 58.23 40.11
N VAL A 153 -57.20 58.76 41.33
CA VAL A 153 -58.35 59.57 41.71
C VAL A 153 -57.86 60.92 42.22
N TYR A 154 -58.27 61.97 41.52
CA TYR A 154 -57.77 63.32 41.73
C TYR A 154 -58.78 64.17 42.49
N GLU A 155 -58.27 65.17 43.20
CA GLU A 155 -59.11 66.18 43.83
C GLU A 155 -59.76 67.04 42.75
N ARG A 156 -61.04 67.36 42.96
CA ARG A 156 -61.77 68.08 41.92
C ARG A 156 -61.32 69.53 41.83
N GLY A 157 -61.61 70.14 40.70
CA GLY A 157 -61.08 71.44 40.37
C GLY A 157 -59.75 71.40 39.66
N SER A 158 -59.20 70.22 39.40
CA SER A 158 -57.91 70.07 38.76
C SER A 158 -58.08 69.91 37.25
N PRO A 159 -57.24 70.58 36.45
CA PRO A 159 -57.25 70.32 35.00
C PRO A 159 -56.55 69.02 34.70
N LEU A 160 -57.28 67.91 34.75
CA LEU A 160 -56.66 66.58 34.78
C LEU A 160 -56.18 66.09 33.43
N ALA A 161 -56.10 66.93 32.40
CA ALA A 161 -55.43 66.54 31.18
C ALA A 161 -53.94 66.82 31.20
N HIS A 162 -53.48 67.77 32.02
CA HIS A 162 -52.06 68.04 32.15
C HIS A 162 -51.40 67.28 33.29
N GLN A 163 -52.18 66.62 34.13
CA GLN A 163 -51.65 65.82 35.23
C GLN A 163 -51.24 64.44 34.78
N ILE A 164 -51.46 64.09 33.51
CA ILE A 164 -51.16 62.75 33.02
C ILE A 164 -49.72 62.62 32.54
N SER A 165 -49.00 63.73 32.40
CA SER A 165 -47.63 63.68 31.92
C SER A 165 -46.61 63.57 33.05
N ASP A 166 -46.95 64.05 34.25
CA ASP A 166 -46.04 63.87 35.38
C ASP A 166 -46.04 62.43 35.84
N ILE A 167 -47.13 61.72 35.61
CA ILE A 167 -47.20 60.34 36.06
C ILE A 167 -46.45 59.45 35.08
N LYS A 168 -46.54 59.75 33.78
CA LYS A 168 -45.78 58.96 32.81
C LYS A 168 -44.28 59.26 32.90
N ARG A 169 -43.93 60.49 33.30
CA ARG A 169 -42.52 60.81 33.51
C ARG A 169 -42.00 60.15 34.77
N PHE A 170 -42.84 60.02 35.79
CA PHE A 170 -42.39 59.37 37.01
C PHE A 170 -42.30 57.86 36.81
N LEU A 171 -43.27 57.29 36.11
CA LEU A 171 -43.36 55.85 35.95
C LEU A 171 -42.42 55.29 34.89
N LYS A 172 -41.82 56.14 34.04
CA LYS A 172 -41.05 55.58 32.93
C LYS A 172 -39.75 54.95 33.39
N ASN A 173 -38.86 55.74 33.99
CA ASN A 173 -37.54 55.24 34.36
C ASN A 173 -37.45 54.84 35.83
N SER A 174 -38.52 54.25 36.34
CA SER A 174 -38.43 53.41 37.52
C SER A 174 -38.30 51.94 37.16
N PHE A 175 -38.00 51.65 35.89
CA PHE A 175 -37.83 50.29 35.41
C PHE A 175 -36.71 50.26 34.37
N ALA A 176 -36.47 49.08 33.80
CA ALA A 176 -35.30 48.88 32.96
C ALA A 176 -35.46 49.53 31.59
N ASP A 177 -36.44 49.10 30.81
CA ASP A 177 -36.57 49.59 29.44
C ASP A 177 -38.06 49.58 29.10
N VAL A 178 -38.72 50.73 29.31
CA VAL A 178 -40.09 50.91 28.85
C VAL A 178 -40.12 52.10 27.91
N ASP A 179 -41.22 52.20 27.16
CA ASP A 179 -41.45 53.31 26.27
C ASP A 179 -42.65 54.11 26.75
N TYR A 180 -42.89 55.24 26.10
CA TYR A 180 -44.00 56.11 26.50
C TYR A 180 -45.34 55.63 25.98
N ASP A 181 -45.37 54.65 25.09
CA ASP A 181 -46.62 54.10 24.59
C ASP A 181 -46.94 52.72 25.16
N ASN A 182 -46.11 52.23 26.07
CA ASN A 182 -46.39 51.01 26.82
C ASN A 182 -46.93 51.33 28.22
N ILE A 183 -47.19 52.60 28.51
CA ILE A 183 -47.77 53.03 29.76
C ILE A 183 -49.14 53.63 29.46
N SER A 184 -50.14 53.27 30.28
CA SER A 184 -51.50 53.75 30.11
C SER A 184 -52.01 54.24 31.45
N VAL A 185 -52.34 55.52 31.52
CA VAL A 185 -52.83 56.18 32.72
C VAL A 185 -54.29 56.53 32.55
N VAL A 186 -55.12 56.10 33.50
CA VAL A 186 -56.54 56.42 33.51
C VAL A 186 -56.86 57.03 34.86
N LEU A 187 -57.35 58.27 34.85
CA LEU A 187 -57.56 58.98 36.09
C LEU A 187 -58.88 59.74 36.04
N SER A 188 -59.40 60.04 37.22
CA SER A 188 -60.74 60.62 37.30
C SER A 188 -60.89 61.44 38.57
N GLU A 189 -61.72 62.47 38.49
CA GLU A 189 -61.95 63.31 39.64
C GLU A 189 -62.92 62.65 40.60
N ARG A 190 -62.83 63.03 41.87
CA ARG A 190 -63.65 62.39 42.89
C ARG A 190 -65.09 62.89 42.80
N SER A 191 -65.98 62.17 43.46
CA SER A 191 -67.41 62.46 43.38
C SER A 191 -67.75 63.67 44.25
N ASP A 192 -69.00 64.09 44.17
CA ASP A 192 -69.47 65.22 44.97
C ASP A 192 -69.54 64.78 46.42
N ALA A 193 -69.24 65.71 47.32
CA ALA A 193 -69.15 65.39 48.73
C ALA A 193 -70.51 65.17 49.36
N GLN A 194 -70.55 64.27 50.34
CA GLN A 194 -71.73 63.96 51.13
C GLN A 194 -71.47 64.43 52.56
N LEU A 195 -72.16 65.50 52.97
CA LEU A 195 -71.90 66.10 54.26
C LEU A 195 -73.11 66.20 55.17
N GLN A 196 -74.32 66.12 54.65
CA GLN A 196 -75.51 66.27 55.46
C GLN A 196 -76.04 64.92 55.92
N ALA A 197 -76.77 64.94 57.04
CA ALA A 197 -77.29 63.72 57.65
C ALA A 197 -78.45 63.17 56.82
N PRO A 198 -78.64 61.84 56.82
CA PRO A 198 -79.75 61.25 56.07
C PRO A 198 -81.14 61.66 56.57
N GLY A 199 -81.41 61.44 57.83
CA GLY A 199 -82.71 61.81 58.36
C GLY A 199 -83.46 60.56 58.79
N THR A 200 -84.15 60.67 59.91
CA THR A 200 -84.84 59.54 60.50
C THR A 200 -86.21 59.36 59.85
N PRO A 201 -86.64 58.13 59.61
CA PRO A 201 -87.95 57.90 59.01
C PRO A 201 -89.09 58.14 59.99
N VAL A 202 -89.83 59.22 59.79
CA VAL A 202 -91.02 59.47 60.59
C VAL A 202 -92.20 58.72 59.98
N LYS A 203 -93.10 58.26 60.83
CA LYS A 203 -94.26 57.49 60.36
C LYS A 203 -95.51 57.91 61.12
N ASP B 20 -96.85 30.20 58.95
CA ASP B 20 -95.45 30.61 58.85
C ASP B 20 -94.64 29.39 58.41
N LYS B 21 -94.89 28.92 57.19
CA LYS B 21 -94.14 27.82 56.63
C LYS B 21 -92.73 28.25 56.22
N ASP B 22 -91.74 27.51 56.67
CA ASP B 22 -90.35 27.81 56.35
C ASP B 22 -89.95 27.13 55.05
N LEU B 23 -89.08 27.79 54.29
CA LEU B 23 -88.64 27.23 53.03
C LEU B 23 -87.14 27.05 52.92
N LEU B 24 -86.33 27.79 53.68
CA LEU B 24 -84.90 27.58 53.69
C LEU B 24 -84.38 27.77 55.11
N LYS B 25 -83.36 27.00 55.46
CA LYS B 25 -82.76 27.12 56.78
C LYS B 25 -81.31 26.66 56.73
N GLY B 26 -80.56 27.06 57.74
CA GLY B 26 -79.15 26.72 57.81
C GLY B 26 -78.30 27.46 56.81
N LEU B 27 -78.74 28.64 56.37
CA LEU B 27 -78.04 29.38 55.36
C LEU B 27 -76.92 30.20 55.96
N ASP B 28 -76.21 30.92 55.10
CA ASP B 28 -75.15 31.81 55.52
C ASP B 28 -75.74 33.22 55.55
N GLN B 29 -74.89 34.20 55.86
CA GLN B 29 -75.34 35.59 55.87
C GLN B 29 -75.40 36.15 54.45
N GLU B 30 -74.41 35.83 53.63
CA GLU B 30 -74.46 36.26 52.24
C GLU B 30 -75.45 35.43 51.46
N GLN B 31 -75.66 34.18 51.88
CA GLN B 31 -76.64 33.36 51.20
C GLN B 31 -78.06 33.81 51.56
N ALA B 32 -78.25 34.37 52.76
CA ALA B 32 -79.59 34.77 53.15
C ALA B 32 -79.97 36.13 52.60
N ASN B 33 -79.00 37.04 52.46
CA ASN B 33 -79.37 38.35 51.94
C ASN B 33 -79.65 38.34 50.44
N GLU B 34 -79.27 37.28 49.74
CA GLU B 34 -79.57 37.20 48.32
C GLU B 34 -80.98 36.69 48.13
N VAL B 35 -81.41 35.77 48.99
CA VAL B 35 -82.76 35.24 48.87
C VAL B 35 -83.77 36.31 49.27
N ILE B 36 -83.45 37.11 50.29
CA ILE B 36 -84.39 38.19 50.62
C ILE B 36 -84.37 39.28 49.56
N ALA B 37 -83.22 39.51 48.90
CA ALA B 37 -83.19 40.47 47.80
C ALA B 37 -83.91 39.97 46.56
N VAL B 38 -84.05 38.67 46.41
CA VAL B 38 -84.77 38.14 45.26
C VAL B 38 -86.26 38.15 45.54
N LEU B 39 -86.67 37.72 46.74
CA LEU B 39 -88.10 37.62 47.03
C LEU B 39 -88.75 38.98 47.18
N GLN B 40 -88.03 40.00 47.65
CA GLN B 40 -88.65 41.31 47.77
C GLN B 40 -88.90 41.97 46.41
N MET B 41 -88.23 41.52 45.36
CA MET B 41 -88.47 42.03 44.02
C MET B 41 -89.80 41.56 43.44
N HIS B 42 -90.31 40.42 43.89
CA HIS B 42 -91.50 39.82 43.31
C HIS B 42 -92.71 39.90 44.25
N ASN B 43 -92.80 40.99 45.01
CA ASN B 43 -93.98 41.35 45.81
C ASN B 43 -94.33 40.34 46.89
N ILE B 44 -93.34 39.63 47.42
CA ILE B 44 -93.56 38.78 48.59
C ILE B 44 -92.53 39.15 49.64
N GLU B 45 -92.90 38.99 50.90
CA GLU B 45 -92.10 39.48 52.01
C GLU B 45 -91.60 38.30 52.83
N ALA B 46 -90.32 38.29 53.13
CA ALA B 46 -89.73 37.20 53.87
C ALA B 46 -89.12 37.72 55.17
N ASN B 47 -88.96 36.82 56.13
CA ASN B 47 -88.38 37.15 57.42
C ASN B 47 -87.13 36.31 57.63
N LYS B 48 -86.09 36.97 58.13
CA LYS B 48 -84.83 36.34 58.45
C LYS B 48 -84.77 36.06 59.94
N ILE B 49 -84.46 34.81 60.29
CA ILE B 49 -84.45 34.35 61.66
C ILE B 49 -83.07 33.79 61.94
N ASP B 50 -82.40 34.36 62.94
CA ASP B 50 -81.10 33.89 63.38
C ASP B 50 -81.26 32.70 64.32
N SER B 51 -80.41 31.68 64.15
CA SER B 51 -80.45 30.54 65.04
C SER B 51 -79.11 30.34 65.73
N GLY B 52 -78.26 31.37 65.70
CA GLY B 52 -77.00 31.29 66.40
C GLY B 52 -75.98 30.56 65.57
N LYS B 53 -75.57 29.40 66.08
CA LYS B 53 -74.53 28.60 65.47
C LYS B 53 -75.05 27.73 64.34
N LEU B 54 -76.37 27.58 64.23
CA LEU B 54 -76.97 26.72 63.22
C LEU B 54 -77.28 27.48 61.93
N GLY B 55 -76.95 28.76 61.85
CA GLY B 55 -77.24 29.53 60.66
C GLY B 55 -78.59 30.23 60.70
N TYR B 56 -78.90 30.79 59.54
CA TYR B 56 -80.12 31.57 59.39
C TYR B 56 -81.26 30.69 58.88
N SER B 57 -82.44 31.29 58.81
CA SER B 57 -83.62 30.61 58.29
C SER B 57 -84.55 31.68 57.75
N ILE B 58 -85.28 31.34 56.69
CA ILE B 58 -86.08 32.32 55.97
C ILE B 58 -87.50 31.80 55.90
N THR B 59 -88.45 32.57 56.44
CA THR B 59 -89.84 32.16 56.42
C THR B 59 -90.68 33.17 55.64
N VAL B 60 -91.70 32.66 54.94
CA VAL B 60 -92.65 33.49 54.23
C VAL B 60 -94.04 33.19 54.80
N ALA B 61 -95.08 33.87 54.31
CA ALA B 61 -96.44 33.62 54.76
C ALA B 61 -97.01 32.38 54.10
N GLU B 62 -98.26 32.07 54.42
CA GLU B 62 -98.90 30.90 53.82
C GLU B 62 -99.40 31.10 52.39
N PRO B 63 -100.07 32.21 52.00
CA PRO B 63 -100.44 32.35 50.58
C PRO B 63 -99.27 32.63 49.65
N ASP B 64 -98.16 33.16 50.16
CA ASP B 64 -96.97 33.44 49.37
C ASP B 64 -95.98 32.29 49.36
N PHE B 65 -96.42 31.07 49.63
CA PHE B 65 -95.52 29.92 49.65
C PHE B 65 -95.43 29.25 48.29
N THR B 66 -96.53 29.28 47.52
CA THR B 66 -96.54 28.66 46.22
C THR B 66 -95.68 29.44 45.23
N ALA B 67 -95.69 30.77 45.32
CA ALA B 67 -94.85 31.54 44.41
C ALA B 67 -93.40 31.50 44.84
N ALA B 68 -93.15 31.41 46.14
CA ALA B 68 -91.77 31.46 46.61
C ALA B 68 -91.03 30.18 46.29
N VAL B 69 -91.73 29.04 46.26
CA VAL B 69 -91.04 27.82 45.86
C VAL B 69 -90.70 27.87 44.38
N TYR B 70 -91.55 28.53 43.59
CA TYR B 70 -91.30 28.64 42.16
C TYR B 70 -90.13 29.56 41.88
N TRP B 71 -89.97 30.62 42.67
CA TRP B 71 -88.83 31.49 42.39
C TRP B 71 -87.55 30.94 42.98
N ILE B 72 -87.64 30.00 43.94
CA ILE B 72 -86.43 29.33 44.40
C ILE B 72 -85.94 28.38 43.32
N LYS B 73 -86.86 27.63 42.71
CA LYS B 73 -86.47 26.70 41.66
C LYS B 73 -86.00 27.44 40.41
N THR B 74 -86.59 28.61 40.12
CA THR B 74 -86.21 29.32 38.92
C THR B 74 -84.85 29.98 39.08
N TYR B 75 -84.63 30.73 40.16
CA TYR B 75 -83.35 31.40 40.30
C TYR B 75 -82.25 30.52 40.87
N GLN B 76 -82.50 29.23 41.11
CA GLN B 76 -81.50 28.27 41.61
C GLN B 76 -80.91 28.69 42.95
N LEU B 77 -81.74 29.24 43.80
CA LEU B 77 -81.33 29.66 45.14
C LEU B 77 -81.31 28.45 46.08
N PRO B 78 -80.43 28.46 47.10
CA PRO B 78 -79.42 29.42 47.53
C PRO B 78 -78.16 29.41 46.68
N PRO B 79 -77.44 30.53 46.64
CA PRO B 79 -76.24 30.60 45.81
C PRO B 79 -75.11 29.77 46.40
N ARG B 80 -74.50 28.98 45.56
CA ARG B 80 -73.26 28.30 45.91
C ARG B 80 -72.10 29.30 45.86
N PRO B 81 -71.06 29.08 46.67
CA PRO B 81 -69.97 30.07 46.74
C PRO B 81 -69.16 30.10 45.46
N ARG B 82 -68.55 31.25 45.20
CA ARG B 82 -67.85 31.47 43.96
C ARG B 82 -66.51 30.75 43.96
N VAL B 83 -66.09 30.31 42.78
CA VAL B 83 -64.94 29.45 42.63
C VAL B 83 -63.83 30.23 41.92
N GLU B 84 -62.61 30.07 42.41
CA GLU B 84 -61.43 30.62 41.76
C GLU B 84 -60.50 29.47 41.37
N ILE B 85 -59.61 29.77 40.42
CA ILE B 85 -58.72 28.75 39.90
C ILE B 85 -57.61 28.42 40.89
N ALA B 86 -57.29 29.34 41.79
CA ALA B 86 -56.25 29.08 42.79
C ALA B 86 -56.76 28.27 43.96
N GLN B 87 -58.00 27.80 43.93
CA GLN B 87 -58.52 26.91 44.96
C GLN B 87 -58.27 25.46 44.64
N MET B 88 -58.02 25.14 43.37
CA MET B 88 -57.71 23.77 43.00
C MET B 88 -56.25 23.44 43.25
N PHE B 89 -55.38 24.45 43.22
CA PHE B 89 -53.94 24.28 43.45
C PHE B 89 -53.57 25.07 44.70
N PRO B 90 -53.67 24.47 45.88
CA PRO B 90 -53.38 25.22 47.10
C PRO B 90 -51.90 25.44 47.29
N ALA B 91 -51.58 26.45 48.09
CA ALA B 91 -50.19 26.84 48.32
C ALA B 91 -49.47 25.95 49.32
N ASP B 92 -50.20 25.19 50.14
CA ASP B 92 -49.58 24.38 51.18
C ASP B 92 -49.19 22.99 50.70
N SER B 93 -49.12 22.79 49.39
CA SER B 93 -48.64 21.52 48.87
C SER B 93 -47.13 21.45 49.04
N LEU B 94 -46.65 20.26 49.40
CA LEU B 94 -45.23 20.06 49.67
C LEU B 94 -44.40 20.03 48.40
N VAL B 95 -45.00 19.76 47.25
CA VAL B 95 -44.30 19.85 45.97
C VAL B 95 -45.32 20.26 44.90
N SER B 96 -44.98 21.30 44.13
CA SER B 96 -45.88 21.84 43.12
C SER B 96 -45.18 21.90 41.78
N SER B 97 -45.84 21.37 40.76
CA SER B 97 -45.32 21.40 39.40
C SER B 97 -45.39 22.81 38.80
N PRO B 98 -44.60 23.07 37.75
CA PRO B 98 -44.75 24.34 37.03
C PRO B 98 -46.07 24.47 36.31
N ARG B 99 -46.79 23.38 36.07
CA ARG B 99 -48.16 23.49 35.58
C ARG B 99 -49.06 24.05 36.66
N ALA B 100 -48.70 23.84 37.94
CA ALA B 100 -49.50 24.28 39.06
C ALA B 100 -48.98 25.54 39.71
N GLU B 101 -47.98 26.18 39.12
CA GLU B 101 -47.53 27.48 39.61
C GLU B 101 -47.96 28.66 38.74
N LYS B 102 -48.00 28.49 37.42
CA LYS B 102 -48.56 29.54 36.58
C LYS B 102 -50.08 29.60 36.64
N ALA B 103 -50.73 28.55 37.12
CA ALA B 103 -52.17 28.64 37.33
C ALA B 103 -52.47 29.41 38.60
N ARG B 104 -51.58 29.33 39.58
CA ARG B 104 -51.74 30.12 40.78
C ARG B 104 -51.33 31.55 40.53
N LEU B 105 -50.53 31.80 39.50
CA LEU B 105 -50.12 33.18 39.24
C LEU B 105 -51.21 33.91 38.44
N TYR B 106 -51.74 33.25 37.41
CA TYR B 106 -52.80 33.88 36.62
C TYR B 106 -54.10 34.01 37.40
N SER B 107 -54.34 33.11 38.38
CA SER B 107 -55.57 33.26 39.14
C SER B 107 -55.50 34.41 40.12
N ALA B 108 -54.30 34.87 40.47
CA ALA B 108 -54.22 36.06 41.32
C ALA B 108 -54.16 37.32 40.50
N ILE B 109 -53.81 37.20 39.22
CA ILE B 109 -53.81 38.40 38.38
C ILE B 109 -55.23 38.73 37.96
N GLU B 110 -56.02 37.71 37.57
CA GLU B 110 -57.40 38.01 37.22
C GLU B 110 -58.27 38.31 38.43
N GLN B 111 -57.83 37.99 39.65
CA GLN B 111 -58.50 38.48 40.84
C GLN B 111 -58.10 39.89 41.21
N ARG B 112 -56.94 40.35 40.76
CA ARG B 112 -56.52 41.70 41.10
C ARG B 112 -56.98 42.73 40.08
N LEU B 113 -57.06 42.36 38.80
CA LEU B 113 -57.59 43.28 37.80
C LEU B 113 -59.09 43.51 37.98
N GLU B 114 -59.80 42.51 38.51
CA GLU B 114 -61.22 42.65 38.71
C GLU B 114 -61.50 43.61 39.87
N GLN B 115 -60.67 43.54 40.92
CA GLN B 115 -60.81 44.50 42.01
C GLN B 115 -60.35 45.88 41.59
N SER B 116 -59.50 45.98 40.58
CA SER B 116 -59.03 47.27 40.14
C SER B 116 -60.02 47.97 39.22
N LEU B 117 -60.92 47.22 38.58
CA LEU B 117 -61.93 47.87 37.75
C LEU B 117 -63.06 48.51 38.55
N GLN B 118 -63.31 48.04 39.77
CA GLN B 118 -64.39 48.60 40.56
C GLN B 118 -64.07 49.97 41.14
N THR B 119 -62.83 50.45 41.02
CA THR B 119 -62.47 51.80 41.43
C THR B 119 -62.45 52.78 40.27
N MET B 120 -63.15 52.47 39.18
CA MET B 120 -63.29 53.40 38.09
C MET B 120 -64.49 54.29 38.37
N GLU B 121 -64.84 55.16 37.43
CA GLU B 121 -65.96 56.08 37.63
C GLU B 121 -67.22 55.49 37.00
N GLY B 122 -68.12 55.01 37.86
CA GLY B 122 -69.41 54.49 37.42
C GLY B 122 -69.57 52.99 37.54
N VAL B 123 -68.48 52.26 37.65
CA VAL B 123 -68.53 50.81 37.66
C VAL B 123 -69.01 50.34 39.02
N LEU B 124 -70.02 49.46 39.03
CA LEU B 124 -70.49 48.84 40.27
C LEU B 124 -69.91 47.45 40.46
N SER B 125 -69.87 46.64 39.40
CA SER B 125 -69.30 45.30 39.47
C SER B 125 -68.56 45.02 38.17
N ALA B 126 -67.65 44.06 38.23
CA ALA B 126 -66.83 43.71 37.08
C ALA B 126 -66.30 42.30 37.23
N ARG B 127 -65.99 41.67 36.08
CA ARG B 127 -65.41 40.32 36.07
C ARG B 127 -64.46 40.18 34.89
N VAL B 128 -63.30 39.57 35.12
CA VAL B 128 -62.23 39.51 34.12
C VAL B 128 -61.75 38.07 33.99
N HIS B 129 -61.64 37.59 32.75
CA HIS B 129 -61.11 36.27 32.44
C HIS B 129 -59.86 36.40 31.59
N ILE B 130 -58.88 35.54 31.87
CA ILE B 130 -57.63 35.46 31.14
C ILE B 130 -57.56 34.10 30.46
N SER B 131 -56.95 34.06 29.28
CA SER B 131 -56.70 32.78 28.62
C SER B 131 -55.60 32.02 29.35
N TYR B 132 -55.87 30.77 29.71
CA TYR B 132 -54.91 29.95 30.47
C TYR B 132 -54.15 29.11 29.46
N ASP B 133 -53.00 29.61 29.03
CA ASP B 133 -52.08 28.84 28.20
C ASP B 133 -50.79 28.70 29.00
N ILE B 134 -50.59 27.52 29.57
CA ILE B 134 -49.48 27.26 30.47
C ILE B 134 -48.57 26.14 30.00
N ASP B 135 -48.97 25.37 29.00
CA ASP B 135 -48.19 24.26 28.48
C ASP B 135 -47.38 24.64 27.24
N ALA B 136 -47.21 25.93 26.99
CA ALA B 136 -46.40 26.40 25.87
C ALA B 136 -44.91 26.20 26.11
N GLY B 137 -44.48 26.12 27.37
CA GLY B 137 -43.09 25.83 27.69
C GLY B 137 -42.67 24.38 27.61
N GLU B 138 -43.59 23.46 27.33
CA GLU B 138 -43.24 22.06 27.22
C GLU B 138 -42.42 21.77 25.97
N ASN B 139 -42.75 22.39 24.85
CA ASN B 139 -42.12 22.10 23.58
C ASN B 139 -41.20 23.26 23.19
N GLY B 140 -40.63 23.18 21.99
CA GLY B 140 -39.77 24.19 21.42
C GLY B 140 -40.48 25.24 20.61
N ARG B 141 -41.80 25.30 20.68
CA ARG B 141 -42.59 26.29 19.97
C ARG B 141 -42.70 27.57 20.78
N PRO B 142 -42.77 28.72 20.10
CA PRO B 142 -43.01 29.98 20.82
C PRO B 142 -44.40 30.03 21.40
N PRO B 143 -44.59 30.70 22.53
CA PRO B 143 -45.89 30.72 23.20
C PRO B 143 -46.90 31.58 22.44
N LYS B 144 -48.17 31.35 22.74
CA LYS B 144 -49.25 32.02 22.04
C LYS B 144 -49.47 33.41 22.63
N PRO B 145 -50.35 34.20 22.01
CA PRO B 145 -50.75 35.47 22.62
C PRO B 145 -51.72 35.22 23.77
N VAL B 146 -52.00 36.28 24.52
CA VAL B 146 -52.87 36.21 25.69
C VAL B 146 -54.14 37.01 25.42
N HIS B 147 -55.29 36.41 25.72
CA HIS B 147 -56.59 37.00 25.47
C HIS B 147 -57.28 37.31 26.80
N LEU B 148 -58.04 38.41 26.81
CA LEU B 148 -58.76 38.86 28.00
C LEU B 148 -60.21 39.13 27.66
N SER B 149 -61.08 39.04 28.66
CA SER B 149 -62.49 39.35 28.44
C SER B 149 -63.12 39.87 29.73
N ALA B 150 -63.81 41.00 29.66
CA ALA B 150 -64.32 41.65 30.86
C ALA B 150 -65.80 41.97 30.74
N LEU B 151 -66.48 41.89 31.88
CA LEU B 151 -67.87 42.29 32.05
C LEU B 151 -67.92 43.42 33.08
N ALA B 152 -68.98 44.21 33.03
CA ALA B 152 -69.13 45.35 33.92
C ALA B 152 -70.59 45.76 34.03
N VAL B 153 -70.93 46.36 35.16
CA VAL B 153 -72.25 46.89 35.42
C VAL B 153 -72.13 48.34 35.83
N TYR B 154 -72.69 49.23 35.02
CA TYR B 154 -72.56 50.67 35.20
C TYR B 154 -73.77 51.30 35.86
N GLU B 155 -73.56 52.47 36.43
CA GLU B 155 -74.65 53.21 37.06
C GLU B 155 -75.54 53.82 36.00
N ARG B 156 -76.86 53.77 36.25
CA ARG B 156 -77.86 54.24 35.32
C ARG B 156 -77.76 55.74 35.09
N GLY B 157 -77.77 56.15 33.82
CA GLY B 157 -77.62 57.54 33.45
C GLY B 157 -76.29 57.89 32.82
N SER B 158 -75.40 56.93 32.67
CA SER B 158 -74.07 57.12 32.14
C SER B 158 -74.02 56.77 30.65
N PRO B 159 -73.23 57.51 29.87
CA PRO B 159 -73.07 57.19 28.45
C PRO B 159 -72.17 55.97 28.25
N LEU B 160 -72.76 54.78 28.30
CA LEU B 160 -72.00 53.54 28.33
C LEU B 160 -71.46 53.11 26.98
N ALA B 161 -71.50 53.96 25.96
CA ALA B 161 -70.84 53.63 24.70
C ALA B 161 -69.43 54.17 24.62
N HIS B 162 -69.16 55.32 25.24
CA HIS B 162 -67.84 55.90 25.26
C HIS B 162 -66.95 55.37 26.37
N GLN B 163 -67.51 54.65 27.34
CA GLN B 163 -66.75 54.08 28.43
C GLN B 163 -66.31 52.65 28.14
N ILE B 164 -66.23 52.28 26.87
CA ILE B 164 -65.72 50.97 26.47
C ILE B 164 -64.29 51.07 25.95
N SER B 165 -63.79 52.28 25.68
CA SER B 165 -62.41 52.46 25.26
C SER B 165 -61.49 52.74 26.43
N ASP B 166 -62.05 52.95 27.62
CA ASP B 166 -61.22 53.11 28.80
C ASP B 166 -60.88 51.78 29.43
N ILE B 167 -61.83 50.85 29.46
CA ILE B 167 -61.51 49.52 29.96
C ILE B 167 -60.61 48.80 28.97
N LYS B 168 -60.73 49.11 27.68
CA LYS B 168 -59.85 48.51 26.69
C LYS B 168 -58.45 49.13 26.74
N ARG B 169 -58.36 50.41 27.12
CA ARG B 169 -57.04 51.02 27.21
C ARG B 169 -56.35 50.57 28.49
N PHE B 170 -57.12 50.40 29.56
CA PHE B 170 -56.53 49.99 30.82
C PHE B 170 -56.11 48.53 30.76
N LEU B 171 -56.86 47.68 30.04
CA LEU B 171 -56.50 46.28 29.92
C LEU B 171 -55.47 46.01 28.84
N LYS B 172 -55.12 46.99 28.00
CA LYS B 172 -54.28 46.68 26.85
C LYS B 172 -52.84 46.41 27.26
N ASN B 173 -52.28 47.21 28.14
CA ASN B 173 -50.87 47.03 28.49
C ASN B 173 -50.69 46.68 29.95
N SER B 174 -51.47 45.72 30.43
CA SER B 174 -51.18 45.05 31.67
C SER B 174 -50.58 43.68 31.45
N PHE B 175 -50.27 43.34 30.20
CA PHE B 175 -49.67 42.07 29.85
C PHE B 175 -48.56 42.32 28.83
N ALA B 176 -48.07 41.23 28.24
CA ALA B 176 -46.90 41.32 27.37
C ALA B 176 -47.23 42.01 26.06
N ASP B 177 -48.11 41.41 25.26
CA ASP B 177 -48.52 42.05 24.02
C ASP B 177 -49.90 41.49 23.64
N VAL B 178 -50.91 42.34 23.72
CA VAL B 178 -52.24 41.99 23.27
C VAL B 178 -52.55 42.88 22.08
N ASP B 179 -53.60 42.53 21.36
CA ASP B 179 -54.13 43.40 20.33
C ASP B 179 -55.46 43.97 20.79
N TYR B 180 -55.97 44.93 20.05
CA TYR B 180 -57.23 45.53 20.45
C TYR B 180 -58.43 44.72 20.01
N ASP B 181 -58.23 43.64 19.27
CA ASP B 181 -59.32 42.73 18.94
C ASP B 181 -59.20 41.41 19.67
N ASN B 182 -58.28 41.30 20.62
CA ASN B 182 -58.22 40.17 21.53
C ASN B 182 -58.88 40.47 22.86
N ILE B 183 -59.44 41.65 23.03
CA ILE B 183 -60.15 42.04 24.25
C ILE B 183 -61.61 42.24 23.90
N SER B 184 -62.49 41.75 24.77
CA SER B 184 -63.93 41.89 24.60
C SER B 184 -64.53 42.44 25.88
N VAL B 185 -65.20 43.57 25.78
CA VAL B 185 -65.86 44.22 26.90
C VAL B 185 -67.35 44.16 26.66
N VAL B 186 -68.08 43.52 27.56
CA VAL B 186 -69.53 43.43 27.49
C VAL B 186 -70.07 44.05 28.76
N LEU B 187 -70.68 45.21 28.65
CA LEU B 187 -71.13 45.94 29.84
C LEU B 187 -72.58 46.37 29.72
N SER B 188 -73.17 46.67 30.88
CA SER B 188 -74.61 46.91 30.91
C SER B 188 -74.99 47.77 32.11
N GLU B 189 -76.00 48.60 31.91
CA GLU B 189 -76.51 49.44 32.99
C GLU B 189 -77.26 48.58 34.00
N ARG B 190 -77.48 49.14 35.18
CA ARG B 190 -78.09 48.40 36.26
C ARG B 190 -79.61 48.45 36.16
N SER B 191 -80.27 47.57 36.91
CA SER B 191 -81.71 47.45 36.86
C SER B 191 -82.38 48.58 37.63
N ASP B 192 -83.70 48.63 37.53
CA ASP B 192 -84.46 49.66 38.22
C ASP B 192 -84.50 49.39 39.72
N ALA B 193 -84.45 50.47 40.50
CA ALA B 193 -84.34 50.34 41.94
C ALA B 193 -85.64 49.85 42.55
N GLN B 194 -85.51 49.06 43.61
CA GLN B 194 -86.65 48.55 44.35
C GLN B 194 -86.59 49.19 45.72
N LEU B 195 -87.45 50.17 45.94
CA LEU B 195 -87.44 50.93 47.18
C LEU B 195 -88.69 50.76 48.03
N GLN B 196 -89.84 50.52 47.43
CA GLN B 196 -91.05 50.41 48.22
C GLN B 196 -91.14 49.06 48.91
N ALA B 197 -91.92 49.02 49.99
CA ALA B 197 -92.12 47.80 50.73
C ALA B 197 -93.01 46.84 49.94
N PRO B 198 -92.86 45.52 50.15
CA PRO B 198 -93.71 44.56 49.44
C PRO B 198 -95.18 44.62 49.81
N GLY B 199 -95.49 44.56 51.10
CA GLY B 199 -96.92 44.63 51.40
C GLY B 199 -97.46 43.37 52.04
N THR B 200 -98.12 43.55 53.17
CA THR B 200 -98.67 42.46 53.96
C THR B 200 -99.92 41.90 53.30
N PRO B 201 -100.07 40.57 53.27
CA PRO B 201 -101.27 39.97 52.68
C PRO B 201 -102.43 40.03 53.66
N VAL B 202 -103.64 39.96 53.10
CA VAL B 202 -104.81 39.68 53.90
C VAL B 202 -105.32 38.30 53.51
N LYS B 203 -106.11 37.69 54.38
CA LYS B 203 -106.49 36.30 54.19
C LYS B 203 -107.88 36.21 53.56
N ASP C 20 -102.17 12.36 53.65
CA ASP C 20 -101.57 11.92 54.90
C ASP C 20 -100.59 10.78 54.64
N LYS C 21 -100.58 10.30 53.40
CA LYS C 21 -99.68 9.22 52.99
C LYS C 21 -98.36 9.82 52.55
N ASP C 22 -97.26 9.24 53.00
CA ASP C 22 -95.94 9.71 52.58
C ASP C 22 -95.52 9.05 51.28
N LEU C 23 -94.64 9.73 50.55
CA LEU C 23 -94.16 9.16 49.30
C LEU C 23 -92.63 9.22 49.23
N LEU C 24 -92.03 10.18 49.90
CA LEU C 24 -90.58 10.26 49.98
C LEU C 24 -90.20 10.68 51.39
N LYS C 25 -89.09 10.15 51.89
CA LYS C 25 -88.60 10.54 53.19
C LYS C 25 -87.09 10.43 53.22
N GLY C 26 -86.48 11.11 54.19
CA GLY C 26 -85.04 11.15 54.31
C GLY C 26 -84.39 11.94 53.19
N LEU C 27 -84.93 13.12 52.90
CA LEU C 27 -84.47 13.92 51.79
C LEU C 27 -83.56 15.04 52.26
N ASP C 28 -82.95 15.71 51.29
CA ASP C 28 -82.17 16.91 51.50
C ASP C 28 -83.10 18.11 51.38
N GLN C 29 -82.63 19.27 51.84
CA GLN C 29 -83.36 20.52 51.69
C GLN C 29 -83.48 20.92 50.22
N GLU C 30 -82.40 20.71 49.46
CA GLU C 30 -82.40 21.07 48.04
C GLU C 30 -83.23 20.11 47.23
N GLN C 31 -83.43 18.89 47.72
CA GLN C 31 -84.28 17.91 47.03
C GLN C 31 -85.74 18.16 47.35
N ALA C 32 -86.01 18.56 48.60
CA ALA C 32 -87.37 18.77 49.02
C ALA C 32 -87.93 20.05 48.43
N ASN C 33 -87.07 21.02 48.14
CA ASN C 33 -87.59 22.23 47.54
C ASN C 33 -87.89 22.06 46.06
N GLU C 34 -87.48 20.94 45.45
CA GLU C 34 -87.74 20.72 44.04
C GLU C 34 -88.84 19.70 43.81
N VAL C 35 -89.10 18.82 44.77
CA VAL C 35 -90.24 17.94 44.62
C VAL C 35 -91.54 18.71 44.77
N ILE C 36 -91.58 19.67 45.71
CA ILE C 36 -92.77 20.48 45.88
C ILE C 36 -92.95 21.40 44.67
N ALA C 37 -91.84 21.86 44.09
CA ALA C 37 -91.91 22.71 42.90
C ALA C 37 -92.37 21.94 41.67
N VAL C 38 -92.26 20.61 41.68
CA VAL C 38 -92.79 19.83 40.58
C VAL C 38 -94.25 19.48 40.82
N LEU C 39 -94.61 19.15 42.07
CA LEU C 39 -95.99 18.75 42.37
C LEU C 39 -96.97 19.91 42.32
N GLN C 40 -96.56 21.11 42.74
CA GLN C 40 -97.47 22.25 42.72
C GLN C 40 -97.80 22.75 41.33
N MET C 41 -97.00 22.40 40.33
CA MET C 41 -97.33 22.75 38.95
C MET C 41 -98.49 21.93 38.40
N HIS C 42 -98.81 20.79 39.00
CA HIS C 42 -99.84 19.89 38.51
C HIS C 42 -100.97 19.73 39.50
N ASN C 43 -101.39 20.84 40.12
CA ASN C 43 -102.63 20.97 40.87
C ASN C 43 -102.72 20.07 42.10
N ILE C 44 -101.60 19.63 42.67
CA ILE C 44 -101.63 18.86 43.91
C ILE C 44 -100.69 19.52 44.90
N GLU C 45 -101.06 19.45 46.18
CA GLU C 45 -100.27 20.12 47.21
C GLU C 45 -99.64 19.09 48.13
N ALA C 46 -98.43 19.41 48.60
CA ALA C 46 -97.69 18.53 49.47
C ALA C 46 -97.38 19.22 50.79
N ASN C 47 -96.82 18.45 51.71
CA ASN C 47 -96.48 18.94 53.04
C ASN C 47 -95.06 18.50 53.37
N LYS C 48 -94.18 19.50 53.51
CA LYS C 48 -92.78 19.30 53.87
C LYS C 48 -92.67 19.22 55.39
N ILE C 49 -92.32 18.05 55.91
CA ILE C 49 -92.22 17.82 57.35
C ILE C 49 -90.75 17.60 57.70
N ASP C 50 -90.27 18.33 58.70
CA ASP C 50 -88.91 18.12 59.19
C ASP C 50 -88.89 16.98 60.19
N SER C 51 -87.76 16.26 60.24
CA SER C 51 -87.66 15.12 61.13
C SER C 51 -86.34 15.13 61.87
N GLY C 52 -85.90 16.31 62.29
CA GLY C 52 -84.68 16.41 63.04
C GLY C 52 -83.47 16.27 62.14
N LYS C 53 -82.54 15.43 62.54
CA LYS C 53 -81.35 15.17 61.76
C LYS C 53 -81.56 14.08 60.71
N LEU C 54 -82.75 13.48 60.67
CA LEU C 54 -83.05 12.44 59.71
C LEU C 54 -83.49 12.99 58.36
N GLY C 55 -83.49 14.30 58.17
CA GLY C 55 -83.94 14.86 56.94
C GLY C 55 -85.42 15.19 56.93
N TYR C 56 -85.87 15.53 55.74
CA TYR C 56 -87.25 15.93 55.52
C TYR C 56 -88.09 14.74 55.04
N SER C 57 -89.39 14.98 54.96
CA SER C 57 -90.36 14.03 54.44
C SER C 57 -91.43 14.82 53.71
N ILE C 58 -92.07 14.17 52.74
CA ILE C 58 -93.05 14.83 51.88
C ILE C 58 -94.30 13.97 51.88
N THR C 59 -95.41 14.53 52.36
CA THR C 59 -96.67 13.80 52.40
C THR C 59 -97.74 14.53 51.58
N VAL C 60 -98.58 13.75 50.89
CA VAL C 60 -99.71 14.31 50.14
C VAL C 60 -101.02 13.75 50.67
N ALA C 61 -102.13 14.26 50.12
CA ALA C 61 -103.46 13.80 50.50
C ALA C 61 -103.75 12.44 49.88
N GLU C 62 -104.91 11.90 50.19
CA GLU C 62 -105.30 10.57 49.72
C GLU C 62 -105.74 10.50 48.24
N PRO C 63 -106.55 11.40 47.67
CA PRO C 63 -106.85 11.27 46.23
C PRO C 63 -105.70 11.58 45.30
N ASP C 64 -104.69 12.31 45.74
CA ASP C 64 -103.57 12.71 44.91
C ASP C 64 -102.40 11.73 44.93
N PHE C 65 -102.53 10.59 45.60
CA PHE C 65 -101.38 9.70 45.72
C PHE C 65 -101.11 8.96 44.42
N THR C 66 -102.16 8.70 43.64
CA THR C 66 -102.01 7.98 42.39
C THR C 66 -101.36 8.86 41.34
N ALA C 67 -101.62 10.16 41.39
CA ALA C 67 -101.01 11.04 40.40
C ALA C 67 -99.62 11.44 40.85
N ALA C 68 -99.40 11.55 42.16
CA ALA C 68 -98.08 11.98 42.61
C ALA C 68 -97.04 10.90 42.42
N VAL C 69 -97.42 9.63 42.50
CA VAL C 69 -96.45 8.58 42.22
C VAL C 69 -96.08 8.58 40.74
N TYR C 70 -97.06 8.91 39.87
CA TYR C 70 -96.79 8.94 38.43
C TYR C 70 -95.88 10.10 38.08
N TRP C 71 -96.06 11.25 38.72
CA TRP C 71 -95.14 12.34 38.39
C TRP C 71 -93.78 12.19 39.05
N ILE C 72 -93.67 11.37 40.09
CA ILE C 72 -92.35 11.04 40.63
C ILE C 72 -91.61 10.16 39.64
N LYS C 73 -92.32 9.18 39.07
CA LYS C 73 -91.69 8.26 38.13
C LYS C 73 -91.33 8.97 36.83
N THR C 74 -92.19 9.90 36.40
CA THR C 74 -91.95 10.57 35.12
C THR C 74 -90.78 11.54 35.24
N TYR C 75 -90.78 12.38 36.28
CA TYR C 75 -89.72 13.38 36.38
C TYR C 75 -88.45 12.86 37.03
N GLN C 76 -88.37 11.56 37.35
CA GLN C 76 -87.19 10.90 37.92
C GLN C 76 -86.75 11.52 39.25
N LEU C 77 -87.69 11.98 40.05
CA LEU C 77 -87.40 12.58 41.34
C LEU C 77 -87.10 11.49 42.37
N PRO C 78 -86.28 11.77 43.39
CA PRO C 78 -85.54 12.97 43.80
C PRO C 78 -84.30 13.25 42.97
N PRO C 79 -83.88 14.51 42.89
CA PRO C 79 -82.74 14.87 42.04
C PRO C 79 -81.42 14.37 42.59
N ARG C 80 -80.53 14.03 41.69
CA ARG C 80 -79.18 13.64 42.06
C ARG C 80 -78.31 14.89 42.25
N PRO C 81 -77.26 14.82 43.06
CA PRO C 81 -76.34 15.95 43.15
C PRO C 81 -75.56 16.13 41.86
N ARG C 82 -75.31 17.39 41.50
CA ARG C 82 -74.69 17.69 40.23
C ARG C 82 -73.21 17.35 40.25
N VAL C 83 -72.72 16.82 39.13
CA VAL C 83 -71.40 16.23 39.03
C VAL C 83 -70.45 17.21 38.36
N GLU C 84 -69.21 17.25 38.85
CA GLU C 84 -68.13 18.00 38.24
C GLU C 84 -67.01 17.05 37.86
N ILE C 85 -66.09 17.51 37.03
CA ILE C 85 -64.96 16.68 36.64
C ILE C 85 -63.92 16.66 37.75
N ALA C 86 -63.87 17.71 38.57
CA ALA C 86 -62.89 17.75 39.64
C ALA C 86 -63.24 16.82 40.79
N GLN C 87 -64.43 16.25 40.82
CA GLN C 87 -64.77 15.30 41.87
C GLN C 87 -64.14 13.94 41.64
N MET C 88 -63.82 13.59 40.39
CA MET C 88 -63.21 12.30 40.11
C MET C 88 -61.72 12.31 40.33
N PHE C 89 -61.09 13.48 40.31
CA PHE C 89 -59.64 13.61 40.48
C PHE C 89 -59.33 14.44 41.71
N PRO C 90 -59.24 13.83 42.88
CA PRO C 90 -58.84 14.57 44.08
C PRO C 90 -57.32 14.81 44.08
N ALA C 91 -56.88 15.57 45.07
CA ALA C 91 -55.46 15.92 45.20
C ALA C 91 -54.75 15.13 46.30
N ASP C 92 -55.09 13.85 46.45
CA ASP C 92 -54.56 13.02 47.52
C ASP C 92 -53.23 12.35 47.16
N SER C 93 -52.71 12.57 45.96
CA SER C 93 -51.46 11.94 45.55
C SER C 93 -50.27 12.79 45.98
N LEU C 94 -49.09 12.45 45.47
CA LEU C 94 -47.88 13.24 45.70
C LEU C 94 -47.32 13.83 44.42
N VAL C 95 -47.27 13.05 43.34
CA VAL C 95 -46.94 13.57 42.02
C VAL C 95 -48.15 13.28 41.14
N SER C 96 -48.98 14.27 40.91
CA SER C 96 -50.17 14.08 40.10
C SER C 96 -49.81 14.05 38.62
N SER C 97 -50.57 13.27 37.86
CA SER C 97 -50.36 13.18 36.43
C SER C 97 -50.76 14.48 35.74
N PRO C 98 -50.19 14.76 34.56
CA PRO C 98 -50.63 15.93 33.80
C PRO C 98 -52.06 15.85 33.33
N ARG C 99 -52.61 14.63 33.19
CA ARG C 99 -54.02 14.49 32.83
C ARG C 99 -54.90 14.84 34.02
N ALA C 100 -54.47 14.50 35.22
CA ALA C 100 -55.26 14.79 36.40
C ALA C 100 -55.06 16.21 36.87
N GLU C 101 -54.08 16.92 36.32
CA GLU C 101 -53.92 18.33 36.65
C GLU C 101 -54.61 19.21 35.63
N LYS C 102 -54.68 18.79 34.38
CA LYS C 102 -55.37 19.58 33.38
C LYS C 102 -56.87 19.36 33.43
N ALA C 103 -57.33 18.20 33.89
CA ALA C 103 -58.76 18.03 34.06
C ALA C 103 -59.25 18.83 35.26
N ARG C 104 -58.42 18.98 36.27
CA ARG C 104 -58.78 19.80 37.42
C ARG C 104 -58.64 21.28 37.14
N LEU C 105 -57.94 21.65 36.07
CA LEU C 105 -57.86 23.07 35.73
C LEU C 105 -59.03 23.47 34.83
N TYR C 106 -59.34 22.63 33.85
CA TYR C 106 -60.47 22.91 32.96
C TYR C 106 -61.79 22.81 33.71
N SER C 107 -61.87 21.96 34.73
CA SER C 107 -63.13 21.88 35.45
C SER C 107 -63.35 23.06 36.38
N ALA C 108 -62.30 23.82 36.72
CA ALA C 108 -62.51 25.05 37.45
C ALA C 108 -62.78 26.21 36.51
N ILE C 109 -62.44 26.04 35.24
CA ILE C 109 -62.70 27.12 34.29
C ILE C 109 -64.15 27.04 33.82
N GLU C 110 -64.64 25.83 33.53
CA GLU C 110 -66.04 25.75 33.07
C GLU C 110 -67.05 26.01 34.17
N GLN C 111 -66.64 26.02 35.45
CA GLN C 111 -67.47 26.55 36.51
C GLN C 111 -67.34 28.04 36.70
N ARG C 112 -66.14 28.62 36.49
CA ARG C 112 -66.02 30.06 36.68
C ARG C 112 -66.71 30.83 35.55
N LEU C 113 -66.68 30.31 34.32
CA LEU C 113 -67.46 30.94 33.25
C LEU C 113 -68.95 30.78 33.47
N GLU C 114 -69.37 29.77 34.23
CA GLU C 114 -70.79 29.60 34.49
C GLU C 114 -71.24 30.55 35.59
N GLN C 115 -70.36 30.85 36.55
CA GLN C 115 -70.70 31.88 37.52
C GLN C 115 -70.72 33.25 36.86
N SER C 116 -69.92 33.43 35.81
CA SER C 116 -69.83 34.72 35.13
C SER C 116 -70.88 34.92 34.04
N LEU C 117 -71.65 33.89 33.71
CA LEU C 117 -72.75 34.09 32.77
C LEU C 117 -74.06 34.47 33.44
N GLN C 118 -74.28 34.07 34.69
CA GLN C 118 -75.51 34.40 35.40
C GLN C 118 -75.56 35.86 35.83
N THR C 119 -74.45 36.58 35.79
CA THR C 119 -74.44 38.00 36.12
C THR C 119 -74.64 38.89 34.90
N MET C 120 -75.06 38.33 33.78
CA MET C 120 -75.41 39.13 32.62
C MET C 120 -76.82 39.69 32.78
N GLU C 121 -77.29 40.39 31.75
CA GLU C 121 -78.57 41.07 31.78
C GLU C 121 -79.68 40.15 31.29
N GLY C 122 -80.48 39.63 32.20
CA GLY C 122 -81.63 38.83 31.86
C GLY C 122 -81.46 37.34 32.01
N VAL C 123 -80.27 36.87 32.34
CA VAL C 123 -80.02 35.44 32.45
C VAL C 123 -80.45 34.97 33.83
N LEU C 124 -81.17 33.85 33.88
CA LEU C 124 -81.55 33.21 35.13
C LEU C 124 -80.69 32.00 35.43
N SER C 125 -80.36 31.21 34.41
CA SER C 125 -79.52 30.03 34.57
C SER C 125 -78.63 29.89 33.35
N ALA C 126 -77.57 29.11 33.50
CA ALA C 126 -76.61 28.90 32.42
C ALA C 126 -75.84 27.61 32.68
N ARG C 127 -75.41 26.97 31.60
CA ARG C 127 -74.50 25.82 31.65
C ARG C 127 -73.43 25.99 30.58
N VAL C 128 -72.20 25.62 30.90
CA VAL C 128 -71.08 25.80 29.98
C VAL C 128 -70.23 24.53 29.96
N HIS C 129 -69.93 24.03 28.76
CA HIS C 129 -69.10 22.84 28.57
C HIS C 129 -67.89 23.17 27.71
N ILE C 130 -66.73 22.63 28.09
CA ILE C 130 -65.47 22.79 27.36
C ILE C 130 -65.01 21.43 26.90
N SER C 131 -64.34 21.39 25.74
CA SER C 131 -63.78 20.14 25.23
C SER C 131 -62.48 19.78 25.95
N TYR C 132 -62.39 18.53 26.42
CA TYR C 132 -61.24 18.05 27.17
C TYR C 132 -60.29 17.26 26.27
N ASP C 133 -58.99 17.42 26.49
CA ASP C 133 -57.99 16.64 25.77
C ASP C 133 -57.92 15.25 26.40
N ILE C 134 -58.60 14.30 25.76
CA ILE C 134 -58.72 12.95 26.30
C ILE C 134 -57.40 12.20 26.22
N ASP C 135 -56.68 12.34 25.11
CA ASP C 135 -55.48 11.55 24.85
C ASP C 135 -54.20 12.35 24.99
N ALA C 136 -54.15 13.56 24.46
CA ALA C 136 -52.91 14.31 24.29
C ALA C 136 -52.67 15.27 25.46
N GLY C 137 -53.08 14.87 26.67
CA GLY C 137 -52.82 15.69 27.83
C GLY C 137 -51.34 15.78 28.16
N GLU C 138 -50.57 14.77 27.77
CA GLU C 138 -49.13 14.78 27.97
C GLU C 138 -48.32 14.33 26.75
N ASN C 139 -48.93 13.68 25.76
CA ASN C 139 -48.17 13.01 24.71
C ASN C 139 -47.57 14.01 23.73
N GLY C 140 -46.74 13.47 22.84
CA GLY C 140 -46.00 14.27 21.88
C GLY C 140 -46.83 14.81 20.72
N ARG C 141 -48.08 14.39 20.60
CA ARG C 141 -48.94 14.94 19.57
C ARG C 141 -49.31 16.39 19.90
N PRO C 142 -49.48 17.24 18.88
CA PRO C 142 -49.86 18.62 19.15
C PRO C 142 -51.29 18.70 19.65
N PRO C 143 -51.61 19.69 20.48
CA PRO C 143 -52.96 19.79 21.02
C PRO C 143 -53.95 20.26 19.97
N LYS C 144 -55.21 19.89 20.17
CA LYS C 144 -56.28 20.21 19.24
C LYS C 144 -56.78 21.62 19.51
N PRO C 145 -57.74 22.09 18.72
CA PRO C 145 -58.38 23.37 19.05
C PRO C 145 -59.34 23.19 20.21
N VAL C 146 -59.85 24.31 20.72
CA VAL C 146 -60.72 24.30 21.88
C VAL C 146 -62.14 24.54 21.41
N HIS C 147 -63.07 23.73 21.91
CA HIS C 147 -64.48 23.83 21.56
C HIS C 147 -65.27 24.15 22.82
N LEU C 148 -66.38 24.85 22.65
CA LEU C 148 -67.20 25.32 23.76
C LEU C 148 -68.66 25.15 23.42
N SER C 149 -69.49 25.07 24.45
CA SER C 149 -70.93 25.03 24.26
C SER C 149 -71.61 25.64 25.48
N ALA C 150 -72.80 26.17 25.28
CA ALA C 150 -73.47 26.89 26.35
C ALA C 150 -74.99 26.87 26.21
N LEU C 151 -75.66 26.76 27.35
CA LEU C 151 -77.11 26.88 27.46
C LEU C 151 -77.46 28.01 28.40
N ALA C 152 -78.62 28.61 28.17
CA ALA C 152 -79.02 29.74 28.98
C ALA C 152 -80.54 29.84 29.00
N VAL C 153 -81.05 30.37 30.11
CA VAL C 153 -82.47 30.63 30.27
C VAL C 153 -82.67 32.11 30.52
N TYR C 154 -83.46 32.75 29.67
CA TYR C 154 -83.60 34.20 29.71
C TYR C 154 -84.96 34.59 30.28
N GLU C 155 -85.01 35.79 30.86
CA GLU C 155 -86.26 36.38 31.31
C GLU C 155 -87.13 36.70 30.10
N ARG C 156 -88.43 36.40 30.21
CA ARG C 156 -89.32 36.54 29.07
C ARG C 156 -89.59 38.01 28.76
N GLY C 157 -89.92 38.26 27.50
CA GLY C 157 -90.06 39.59 26.97
C GLY C 157 -88.82 40.14 26.31
N SER C 158 -87.71 39.40 26.33
CA SER C 158 -86.40 39.77 25.83
C SER C 158 -86.20 39.28 24.39
N PRO C 159 -85.52 40.07 23.55
CA PRO C 159 -85.25 39.62 22.18
C PRO C 159 -84.16 38.57 22.12
N LEU C 160 -84.51 37.30 22.31
CA LEU C 160 -83.51 36.25 22.53
C LEU C 160 -82.77 35.82 21.27
N ALA C 161 -82.91 36.53 20.16
CA ALA C 161 -82.08 36.26 18.98
C ALA C 161 -80.90 37.21 18.86
N HIS C 162 -80.99 38.41 19.43
CA HIS C 162 -79.88 39.34 19.43
C HIS C 162 -78.96 39.15 20.62
N GLN C 163 -79.34 38.35 21.61
CA GLN C 163 -78.52 38.06 22.76
C GLN C 163 -77.70 36.80 22.58
N ILE C 164 -77.78 36.18 21.41
CA ILE C 164 -76.98 35.00 21.12
C ILE C 164 -75.62 35.35 20.56
N SER C 165 -75.38 36.61 20.21
CA SER C 165 -74.09 37.02 19.71
C SER C 165 -73.27 37.76 20.75
N ASP C 166 -73.85 38.06 21.90
CA ASP C 166 -73.07 38.64 22.98
C ASP C 166 -72.47 37.56 23.85
N ILE C 167 -73.10 36.38 23.91
CA ILE C 167 -72.45 35.28 24.58
C ILE C 167 -71.30 34.76 23.73
N LYS C 168 -71.43 34.82 22.41
CA LYS C 168 -70.31 34.41 21.57
C LYS C 168 -69.18 35.42 21.62
N ARG C 169 -69.50 36.71 21.74
CA ARG C 169 -68.46 37.72 21.86
C ARG C 169 -67.78 37.64 23.21
N PHE C 170 -68.50 37.21 24.25
CA PHE C 170 -67.88 37.08 25.55
C PHE C 170 -67.07 35.80 25.64
N LEU C 171 -67.52 34.72 24.98
CA LEU C 171 -66.90 33.42 25.10
C LEU C 171 -65.71 33.21 24.19
N LYS C 172 -65.53 34.03 23.14
CA LYS C 172 -64.49 33.72 22.16
C LYS C 172 -63.11 33.96 22.71
N ASN C 173 -62.80 35.19 23.13
CA ASN C 173 -61.45 35.54 23.55
C ASN C 173 -61.28 35.45 25.05
N SER C 174 -61.89 34.44 25.66
CA SER C 174 -61.47 33.97 26.96
C SER C 174 -60.65 32.70 26.87
N PHE C 175 -60.14 32.39 25.67
CA PHE C 175 -59.32 31.20 25.45
C PHE C 175 -58.26 31.51 24.40
N ALA C 176 -57.48 30.50 24.06
CA ALA C 176 -56.31 30.68 23.21
C ALA C 176 -56.70 30.94 21.77
N ASP C 177 -57.32 29.95 21.11
CA ASP C 177 -57.71 30.14 19.71
C ASP C 177 -58.97 29.32 19.42
N VAL C 178 -60.12 29.98 19.51
CA VAL C 178 -61.37 29.36 19.11
C VAL C 178 -61.91 30.17 17.94
N ASP C 179 -62.83 29.58 17.21
CA ASP C 179 -63.48 30.24 16.10
C ASP C 179 -64.92 30.55 16.48
N TYR C 180 -65.64 31.20 15.59
CA TYR C 180 -67.04 31.45 15.82
C TYR C 180 -67.92 30.28 15.39
N ASP C 181 -67.34 29.26 14.79
CA ASP C 181 -68.08 28.05 14.46
C ASP C 181 -67.95 26.99 15.54
N ASN C 182 -66.96 27.09 16.40
CA ASN C 182 -66.74 26.10 17.45
C ASN C 182 -67.47 26.44 18.74
N ILE C 183 -68.26 27.51 18.75
CA ILE C 183 -69.06 27.88 19.90
C ILE C 183 -70.52 27.71 19.51
N SER C 184 -71.26 26.95 20.32
CA SER C 184 -72.67 26.69 20.06
C SER C 184 -73.48 27.14 21.28
N VAL C 185 -74.37 28.09 21.06
CA VAL C 185 -75.22 28.64 22.10
C VAL C 185 -76.66 28.25 21.82
N VAL C 186 -77.30 27.60 22.77
CA VAL C 186 -78.72 27.23 22.66
C VAL C 186 -79.43 27.78 23.89
N LEU C 187 -80.24 28.81 23.71
CA LEU C 187 -80.88 29.49 24.83
C LEU C 187 -82.38 29.60 24.61
N SER C 188 -83.09 29.77 25.72
CA SER C 188 -84.55 29.78 25.65
C SER C 188 -85.15 30.60 26.78
N GLU C 189 -86.33 31.14 26.54
CA GLU C 189 -87.02 31.90 27.57
C GLU C 189 -87.63 30.95 28.60
N ARG C 190 -87.99 31.51 29.74
CA ARG C 190 -88.52 30.69 30.81
C ARG C 190 -90.01 30.47 30.60
N SER C 191 -90.56 29.52 31.36
CA SER C 191 -91.97 29.18 31.28
C SER C 191 -92.80 30.25 31.98
N ASP C 192 -94.12 30.15 31.85
CA ASP C 192 -94.99 31.11 32.51
C ASP C 192 -95.01 30.85 34.01
N ALA C 193 -95.31 31.90 34.76
CA ALA C 193 -95.18 31.88 36.21
C ALA C 193 -96.31 31.08 36.84
N GLN C 194 -95.98 30.44 37.96
CA GLN C 194 -96.94 29.69 38.76
C GLN C 194 -97.13 30.43 40.08
N LEU C 195 -98.26 31.09 40.22
CA LEU C 195 -98.52 31.94 41.37
C LEU C 195 -99.71 31.49 42.22
N GLN C 196 -100.75 30.93 41.62
CA GLN C 196 -101.93 30.59 42.39
C GLN C 196 -101.73 29.29 43.17
N ALA C 197 -102.49 29.15 44.26
CA ALA C 197 -102.40 27.97 45.10
C ALA C 197 -103.03 26.77 44.42
N PRO C 198 -102.54 25.54 44.72
CA PRO C 198 -103.12 24.35 44.09
C PRO C 198 -104.57 24.07 44.45
N GLY C 199 -104.88 23.92 45.72
CA GLY C 199 -106.29 23.62 46.00
C GLY C 199 -106.48 22.34 46.80
N THR C 200 -107.30 22.45 47.83
CA THR C 200 -107.55 21.33 48.72
C THR C 200 -108.58 20.39 48.10
N PRO C 201 -108.31 19.09 48.06
CA PRO C 201 -109.29 18.15 47.51
C PRO C 201 -110.50 18.01 48.41
N VAL C 202 -111.68 18.19 47.81
CA VAL C 202 -112.93 17.99 48.55
C VAL C 202 -113.09 16.51 48.77
N LYS C 203 -113.12 16.10 50.04
CA LYS C 203 -113.21 14.69 50.38
C LYS C 203 -114.60 14.14 50.11
N ASP D 20 -100.33 -28.94 51.20
CA ASP D 20 -99.62 -29.14 52.45
C ASP D 20 -98.20 -29.65 52.22
N LYS D 21 -98.01 -30.36 51.12
CA LYS D 21 -96.68 -30.87 50.77
C LYS D 21 -95.81 -29.76 50.22
N ASP D 22 -94.58 -29.68 50.71
CA ASP D 22 -93.63 -28.66 50.27
C ASP D 22 -92.72 -29.25 49.21
N LEU D 23 -92.24 -28.38 48.31
CA LEU D 23 -91.35 -28.83 47.25
C LEU D 23 -90.08 -28.01 47.11
N LEU D 24 -90.05 -26.75 47.54
CA LEU D 24 -88.82 -25.98 47.61
C LEU D 24 -88.81 -25.22 48.92
N LYS D 25 -87.62 -25.04 49.48
CA LYS D 25 -87.51 -24.27 50.71
C LYS D 25 -86.14 -23.62 50.78
N GLY D 26 -86.04 -22.57 51.58
CA GLY D 26 -84.80 -21.84 51.65
C GLY D 26 -84.55 -20.97 50.43
N LEU D 27 -85.62 -20.47 49.80
CA LEU D 27 -85.48 -19.75 48.56
C LEU D 27 -85.24 -18.27 48.81
N ASP D 28 -84.82 -17.59 47.76
CA ASP D 28 -84.65 -16.15 47.80
C ASP D 28 -86.00 -15.48 47.53
N GLN D 29 -86.01 -14.15 47.57
CA GLN D 29 -87.23 -13.41 47.28
C GLN D 29 -87.56 -13.43 45.79
N GLU D 30 -86.55 -13.19 44.95
CA GLU D 30 -86.78 -13.24 43.52
C GLU D 30 -86.83 -14.67 43.00
N GLN D 31 -86.33 -15.62 43.76
CA GLN D 31 -86.48 -17.01 43.35
C GLN D 31 -87.89 -17.48 43.64
N ALA D 32 -88.47 -17.01 44.77
CA ALA D 32 -89.82 -17.40 45.11
C ALA D 32 -90.84 -16.67 44.26
N ASN D 33 -90.50 -15.49 43.77
CA ASN D 33 -91.46 -14.80 42.93
C ASN D 33 -91.45 -15.32 41.50
N GLU D 34 -90.46 -16.14 41.14
CA GLU D 34 -90.41 -16.75 39.82
C GLU D 34 -90.99 -18.16 39.79
N VAL D 35 -90.89 -18.88 40.92
CA VAL D 35 -91.49 -20.22 40.95
C VAL D 35 -93.01 -20.13 40.99
N ILE D 36 -93.54 -19.16 41.74
CA ILE D 36 -94.99 -18.99 41.82
C ILE D 36 -95.53 -18.47 40.50
N ALA D 37 -94.75 -17.63 39.81
CA ALA D 37 -95.18 -17.12 38.50
C ALA D 37 -95.18 -18.20 37.45
N VAL D 38 -94.33 -19.22 37.60
CA VAL D 38 -94.35 -20.30 36.62
C VAL D 38 -95.49 -21.27 36.94
N LEU D 39 -95.68 -21.58 38.23
CA LEU D 39 -96.69 -22.57 38.61
C LEU D 39 -98.12 -22.08 38.42
N GLN D 40 -98.40 -20.82 38.75
CA GLN D 40 -99.78 -20.34 38.59
C GLN D 40 -100.20 -20.13 37.15
N MET D 41 -99.26 -20.14 36.21
CA MET D 41 -99.60 -20.11 34.80
C MET D 41 -100.18 -21.43 34.31
N HIS D 42 -99.90 -22.52 35.00
CA HIS D 42 -100.35 -23.85 34.60
C HIS D 42 -101.42 -24.40 35.54
N ASN D 43 -102.27 -23.51 36.05
CA ASN D 43 -103.49 -23.85 36.79
C ASN D 43 -103.21 -24.58 38.09
N ILE D 44 -102.08 -24.33 38.74
CA ILE D 44 -101.83 -24.86 40.07
C ILE D 44 -101.34 -23.72 40.95
N GLU D 45 -101.96 -23.55 42.11
CA GLU D 45 -101.62 -22.44 42.98
C GLU D 45 -100.72 -22.93 44.10
N ALA D 46 -99.85 -22.04 44.56
CA ALA D 46 -98.85 -22.34 45.57
C ALA D 46 -99.02 -21.43 46.77
N ASN D 47 -98.07 -21.52 47.70
CA ASN D 47 -98.14 -20.70 48.91
C ASN D 47 -96.75 -20.21 49.28
N LYS D 48 -96.61 -18.89 49.43
CA LYS D 48 -95.34 -18.25 49.77
C LYS D 48 -95.25 -18.10 51.28
N ILE D 49 -94.60 -19.06 51.92
CA ILE D 49 -94.49 -19.10 53.38
C ILE D 49 -93.13 -18.54 53.75
N ASP D 50 -93.11 -17.51 54.59
CA ASP D 50 -91.86 -16.97 55.08
C ASP D 50 -91.33 -17.80 56.24
N SER D 51 -90.03 -17.69 56.50
CA SER D 51 -89.45 -18.41 57.62
C SER D 51 -88.46 -17.58 58.41
N GLY D 52 -88.36 -16.29 58.17
CA GLY D 52 -87.45 -15.44 58.93
C GLY D 52 -86.07 -15.40 58.29
N LYS D 53 -85.09 -16.01 58.95
CA LYS D 53 -83.73 -15.99 58.43
C LYS D 53 -83.48 -17.09 57.41
N LEU D 54 -84.29 -18.15 57.43
CA LEU D 54 -84.10 -19.30 56.55
C LEU D 54 -84.78 -19.13 55.20
N GLY D 55 -85.11 -17.90 54.81
CA GLY D 55 -85.71 -17.69 53.50
C GLY D 55 -87.19 -18.02 53.44
N TYR D 56 -87.62 -18.31 52.23
CA TYR D 56 -89.01 -18.61 51.93
C TYR D 56 -89.19 -20.09 51.67
N SER D 57 -90.44 -20.51 51.52
CA SER D 57 -90.75 -21.89 51.20
C SER D 57 -92.06 -21.92 50.42
N ILE D 58 -92.17 -22.88 49.50
CA ILE D 58 -93.29 -22.94 48.58
C ILE D 58 -93.96 -24.29 48.73
N THR D 59 -95.24 -24.28 49.07
CA THR D 59 -96.03 -25.48 49.28
C THR D 59 -97.20 -25.50 48.31
N VAL D 60 -97.55 -26.69 47.83
CA VAL D 60 -98.70 -26.90 46.97
C VAL D 60 -99.64 -27.89 47.63
N ALA D 61 -100.76 -28.18 46.98
CA ALA D 61 -101.72 -29.15 47.48
C ALA D 61 -101.24 -30.56 47.16
N GLU D 62 -102.01 -31.55 47.58
CA GLU D 62 -101.63 -32.94 47.33
C GLU D 62 -101.91 -33.46 45.92
N PRO D 63 -103.07 -33.21 45.27
CA PRO D 63 -103.21 -33.66 43.88
C PRO D 63 -102.40 -32.87 42.86
N ASP D 64 -101.88 -31.70 43.21
CA ASP D 64 -101.08 -30.90 42.31
C ASP D 64 -99.58 -31.16 42.44
N PHE D 65 -99.17 -32.14 43.24
CA PHE D 65 -97.76 -32.34 43.52
C PHE D 65 -97.05 -33.00 42.35
N THR D 66 -97.76 -33.87 41.64
CA THR D 66 -97.15 -34.60 40.53
C THR D 66 -96.90 -33.66 39.37
N ALA D 67 -97.82 -32.72 39.14
CA ALA D 67 -97.60 -31.78 38.06
C ALA D 67 -96.57 -30.74 38.45
N ALA D 68 -96.52 -30.33 39.73
CA ALA D 68 -95.58 -29.28 40.08
C ALA D 68 -94.14 -29.76 40.09
N VAL D 69 -93.90 -31.05 40.41
CA VAL D 69 -92.52 -31.53 40.32
C VAL D 69 -92.09 -31.63 38.86
N TYR D 70 -93.03 -31.91 37.96
CA TYR D 70 -92.72 -32.03 36.56
C TYR D 70 -92.39 -30.66 35.97
N TRP D 71 -93.11 -29.63 36.39
CA TRP D 71 -92.75 -28.33 35.84
C TRP D 71 -91.52 -27.73 36.51
N ILE D 72 -91.13 -28.25 37.68
CA ILE D 72 -89.86 -27.83 38.26
C ILE D 72 -88.73 -28.43 37.45
N LYS D 73 -88.89 -29.69 37.04
CA LYS D 73 -87.85 -30.37 36.27
C LYS D 73 -87.76 -29.78 34.87
N THR D 74 -88.90 -29.43 34.28
CA THR D 74 -88.90 -28.93 32.92
C THR D 74 -88.32 -27.53 32.86
N TYR D 75 -88.80 -26.61 33.70
CA TYR D 75 -88.32 -25.24 33.62
C TYR D 75 -87.01 -24.98 34.35
N GLN D 76 -86.38 -26.02 34.93
CA GLN D 76 -85.09 -25.89 35.63
C GLN D 76 -85.13 -24.91 36.79
N LEU D 77 -86.22 -24.90 37.52
CA LEU D 77 -86.39 -24.02 38.67
C LEU D 77 -85.75 -24.66 39.89
N PRO D 78 -85.26 -23.86 40.86
CA PRO D 78 -85.18 -22.40 41.04
C PRO D 78 -84.13 -21.72 40.17
N PRO D 79 -84.37 -20.47 39.79
CA PRO D 79 -83.45 -19.77 38.89
C PRO D 79 -82.16 -19.38 39.59
N ARG D 80 -81.04 -19.81 39.02
CA ARG D 80 -79.74 -19.36 39.49
C ARG D 80 -79.55 -17.88 39.12
N PRO D 81 -78.75 -17.14 39.90
CA PRO D 81 -78.61 -15.71 39.64
C PRO D 81 -77.84 -15.41 38.35
N ARG D 82 -78.13 -14.25 37.76
CA ARG D 82 -77.59 -13.93 36.46
C ARG D 82 -76.13 -13.52 36.58
N VAL D 83 -75.34 -13.93 35.60
CA VAL D 83 -73.89 -13.78 35.64
C VAL D 83 -73.47 -12.60 34.79
N GLU D 84 -72.54 -11.80 35.32
CA GLU D 84 -71.90 -10.73 34.58
C GLU D 84 -70.40 -10.96 34.59
N ILE D 85 -69.74 -10.38 33.59
CA ILE D 85 -68.32 -10.62 33.40
C ILE D 85 -67.48 -9.90 34.46
N ALA D 86 -68.02 -8.86 35.08
CA ALA D 86 -67.28 -8.13 36.11
C ALA D 86 -67.23 -8.86 37.44
N GLN D 87 -67.87 -10.02 37.56
CA GLN D 87 -67.78 -10.82 38.78
C GLN D 87 -66.61 -11.77 38.78
N MET D 88 -66.07 -12.10 37.61
CA MET D 88 -64.89 -12.97 37.56
C MET D 88 -63.62 -12.19 37.84
N PHE D 89 -63.58 -10.90 37.52
CA PHE D 89 -62.45 -10.02 37.75
C PHE D 89 -62.90 -8.92 38.70
N PRO D 90 -62.89 -9.16 40.01
CA PRO D 90 -63.43 -8.18 40.95
C PRO D 90 -62.49 -7.00 41.13
N ALA D 91 -63.09 -5.85 41.45
CA ALA D 91 -62.32 -4.62 41.60
C ALA D 91 -61.52 -4.58 42.89
N ASP D 92 -61.84 -5.42 43.87
CA ASP D 92 -61.15 -5.44 45.15
C ASP D 92 -59.95 -6.37 45.16
N SER D 93 -59.47 -6.81 44.00
CA SER D 93 -58.29 -7.65 43.96
C SER D 93 -57.04 -6.84 44.29
N LEU D 94 -56.00 -7.55 44.70
CA LEU D 94 -54.75 -6.91 45.10
C LEU D 94 -53.95 -6.43 43.89
N VAL D 95 -54.02 -7.17 42.78
CA VAL D 95 -53.37 -6.79 41.53
C VAL D 95 -54.48 -6.86 40.46
N SER D 96 -54.20 -6.30 39.28
CA SER D 96 -55.15 -6.31 38.17
C SER D 96 -54.35 -6.23 36.87
N SER D 97 -54.51 -7.21 36.02
CA SER D 97 -53.90 -7.22 34.71
C SER D 97 -54.65 -6.29 33.77
N PRO D 98 -54.04 -5.88 32.65
CA PRO D 98 -54.80 -5.12 31.65
C PRO D 98 -55.85 -5.94 30.93
N ARG D 99 -55.76 -7.27 30.96
CA ARG D 99 -56.85 -8.08 30.44
C ARG D 99 -58.07 -8.00 31.33
N ALA D 100 -57.85 -7.79 32.63
CA ALA D 100 -58.96 -7.69 33.54
C ALA D 100 -59.46 -6.28 33.62
N GLU D 101 -58.66 -5.31 33.19
CA GLU D 101 -59.17 -3.95 33.16
C GLU D 101 -60.00 -3.74 31.91
N LYS D 102 -59.61 -4.34 30.78
CA LYS D 102 -60.44 -4.18 29.59
C LYS D 102 -61.70 -5.04 29.69
N ALA D 103 -61.61 -6.19 30.37
CA ALA D 103 -62.80 -7.01 30.54
C ALA D 103 -63.74 -6.43 31.58
N ARG D 104 -63.26 -5.58 32.49
CA ARG D 104 -64.17 -4.90 33.40
C ARG D 104 -64.74 -3.63 32.79
N LEU D 105 -64.08 -3.06 31.79
CA LEU D 105 -64.66 -1.91 31.10
C LEU D 105 -65.82 -2.34 30.20
N TYR D 106 -65.60 -3.42 29.43
CA TYR D 106 -66.63 -3.84 28.49
C TYR D 106 -67.84 -4.43 29.21
N SER D 107 -67.63 -4.98 30.39
CA SER D 107 -68.74 -5.53 31.15
C SER D 107 -69.58 -4.46 31.82
N ALA D 108 -69.12 -3.23 31.94
CA ALA D 108 -69.97 -2.16 32.46
C ALA D 108 -70.60 -1.38 31.33
N ILE D 109 -70.08 -1.54 30.12
CA ILE D 109 -70.72 -0.84 29.00
C ILE D 109 -71.89 -1.67 28.51
N GLU D 110 -71.73 -2.99 28.40
CA GLU D 110 -72.87 -3.79 28.01
C GLU D 110 -73.90 -3.92 29.13
N GLN D 111 -73.54 -3.63 30.38
CA GLN D 111 -74.54 -3.47 31.43
C GLN D 111 -75.25 -2.12 31.36
N ARG D 112 -74.64 -1.12 30.74
CA ARG D 112 -75.24 0.22 30.74
C ARG D 112 -76.10 0.46 29.51
N LEU D 113 -75.76 -0.13 28.37
CA LEU D 113 -76.64 -0.04 27.21
C LEU D 113 -77.93 -0.82 27.39
N GLU D 114 -77.90 -1.88 28.20
CA GLU D 114 -79.12 -2.62 28.49
C GLU D 114 -80.04 -1.81 29.39
N GLN D 115 -79.45 -1.05 30.32
CA GLN D 115 -80.25 -0.12 31.12
C GLN D 115 -80.82 0.98 30.27
N SER D 116 -80.09 1.38 29.22
CA SER D 116 -80.51 2.49 28.38
C SER D 116 -81.50 2.10 27.29
N LEU D 117 -81.67 0.82 27.01
CA LEU D 117 -82.65 0.38 26.01
C LEU D 117 -84.04 0.20 26.57
N GLN D 118 -84.19 0.06 27.87
CA GLN D 118 -85.51 -0.08 28.48
C GLN D 118 -86.26 1.24 28.58
N THR D 119 -85.61 2.36 28.34
CA THR D 119 -86.26 3.66 28.37
C THR D 119 -86.81 4.07 27.02
N MET D 120 -86.83 3.15 26.05
CA MET D 120 -87.38 3.43 24.74
C MET D 120 -88.91 3.27 24.79
N GLU D 121 -89.55 3.37 23.63
CA GLU D 121 -91.02 3.38 23.57
C GLU D 121 -91.55 1.97 23.34
N GLY D 122 -91.93 1.28 24.41
CA GLY D 122 -92.55 -0.02 24.31
C GLY D 122 -91.71 -1.18 24.77
N VAL D 123 -90.42 -1.01 25.00
CA VAL D 123 -89.54 -2.11 25.36
C VAL D 123 -89.77 -2.45 26.82
N LEU D 124 -89.88 -3.74 27.14
CA LEU D 124 -90.00 -4.18 28.53
C LEU D 124 -88.71 -4.76 29.05
N SER D 125 -87.97 -5.50 28.24
CA SER D 125 -86.70 -6.06 28.64
C SER D 125 -85.80 -6.04 27.43
N ALA D 126 -84.49 -6.12 27.69
CA ALA D 126 -83.47 -6.10 26.66
C ALA D 126 -82.22 -6.77 27.18
N ARG D 127 -81.42 -7.31 26.26
CA ARG D 127 -80.14 -7.94 26.59
C ARG D 127 -79.15 -7.67 25.47
N VAL D 128 -78.01 -7.06 25.80
CA VAL D 128 -77.02 -6.64 24.81
C VAL D 128 -75.69 -7.36 25.06
N HIS D 129 -75.05 -7.81 23.99
CA HIS D 129 -73.75 -8.47 24.02
C HIS D 129 -72.76 -7.71 23.14
N ILE D 130 -71.51 -7.64 23.61
CA ILE D 130 -70.38 -7.01 22.93
C ILE D 130 -69.35 -8.09 22.64
N SER D 131 -68.65 -7.97 21.51
CA SER D 131 -67.59 -8.91 21.16
C SER D 131 -66.33 -8.56 21.94
N TYR D 132 -65.95 -9.41 22.89
CA TYR D 132 -64.77 -9.17 23.71
C TYR D 132 -63.50 -9.54 22.95
N ASP D 133 -62.50 -8.65 23.04
CA ASP D 133 -61.22 -8.83 22.36
C ASP D 133 -60.09 -8.72 23.37
N ILE D 134 -59.22 -9.73 23.40
CA ILE D 134 -58.16 -9.84 24.41
C ILE D 134 -56.77 -9.99 23.81
N ASP D 135 -56.62 -10.83 22.78
CA ASP D 135 -55.30 -11.23 22.31
C ASP D 135 -54.62 -10.15 21.49
N ALA D 136 -55.33 -9.10 21.09
CA ALA D 136 -54.74 -8.02 20.31
C ALA D 136 -54.06 -6.96 21.18
N GLY D 137 -54.21 -7.03 22.50
CA GLY D 137 -53.65 -5.99 23.35
C GLY D 137 -52.15 -6.07 23.54
N GLU D 138 -51.57 -7.26 23.36
CA GLU D 138 -50.13 -7.41 23.59
C GLU D 138 -49.30 -7.21 22.33
N ASN D 139 -49.82 -7.57 21.16
CA ASN D 139 -49.09 -7.49 19.91
C ASN D 139 -49.46 -6.21 19.19
N GLY D 140 -48.60 -5.79 18.27
CA GLY D 140 -48.79 -4.59 17.48
C GLY D 140 -49.85 -4.67 16.40
N ARG D 141 -50.52 -5.80 16.24
CA ARG D 141 -51.60 -5.90 15.27
C ARG D 141 -52.81 -5.12 15.78
N PRO D 142 -53.52 -4.41 14.90
CA PRO D 142 -54.68 -3.64 15.34
C PRO D 142 -55.84 -4.57 15.66
N PRO D 143 -56.63 -4.24 16.67
CA PRO D 143 -57.78 -5.09 17.01
C PRO D 143 -58.86 -5.02 15.95
N LYS D 144 -59.66 -6.08 15.88
CA LYS D 144 -60.66 -6.24 14.83
C LYS D 144 -61.85 -5.34 15.12
N PRO D 145 -62.84 -5.33 14.23
CA PRO D 145 -64.04 -4.53 14.48
C PRO D 145 -64.87 -5.14 15.59
N VAL D 146 -65.74 -4.32 16.17
CA VAL D 146 -66.52 -4.71 17.33
C VAL D 146 -67.94 -5.06 16.88
N HIS D 147 -68.45 -6.18 17.38
CA HIS D 147 -69.74 -6.71 16.97
C HIS D 147 -70.70 -6.62 18.16
N LEU D 148 -71.96 -6.33 17.87
CA LEU D 148 -72.96 -6.18 18.92
C LEU D 148 -74.17 -7.04 18.60
N SER D 149 -74.90 -7.41 19.64
CA SER D 149 -76.13 -8.18 19.42
C SER D 149 -77.12 -7.91 20.53
N ALA D 150 -78.39 -7.75 20.16
CA ALA D 150 -79.40 -7.37 21.14
C ALA D 150 -80.66 -8.21 21.04
N LEU D 151 -81.37 -8.27 22.15
CA LEU D 151 -82.69 -8.87 22.22
C LEU D 151 -83.60 -7.91 22.95
N ALA D 152 -84.89 -7.99 22.63
CA ALA D 152 -85.87 -7.11 23.26
C ALA D 152 -87.26 -7.75 23.22
N VAL D 153 -88.08 -7.39 24.19
CA VAL D 153 -89.46 -7.86 24.26
C VAL D 153 -90.40 -6.66 24.29
N TYR D 154 -91.16 -6.49 23.21
CA TYR D 154 -92.10 -5.39 23.10
C TYR D 154 -93.48 -5.84 23.58
N GLU D 155 -94.27 -4.88 24.06
CA GLU D 155 -95.65 -5.18 24.35
C GLU D 155 -96.45 -5.20 23.06
N ARG D 156 -97.58 -5.90 23.08
CA ARG D 156 -98.32 -6.14 21.86
C ARG D 156 -99.10 -4.90 21.42
N GLY D 157 -99.54 -4.92 20.17
CA GLY D 157 -100.08 -3.77 19.51
C GLY D 157 -99.04 -2.89 18.85
N SER D 158 -97.77 -3.26 18.94
CA SER D 158 -96.69 -2.48 18.36
C SER D 158 -96.26 -3.12 17.05
N PRO D 159 -96.14 -2.34 15.98
CA PRO D 159 -95.62 -2.89 14.71
C PRO D 159 -94.12 -3.08 14.77
N LEU D 160 -93.68 -4.23 15.28
CA LEU D 160 -92.27 -4.45 15.60
C LEU D 160 -91.40 -4.75 14.39
N ALA D 161 -91.91 -4.56 13.16
CA ALA D 161 -91.07 -4.72 11.99
C ALA D 161 -90.28 -3.45 11.68
N HIS D 162 -90.85 -2.29 11.99
CA HIS D 162 -90.21 -1.01 11.73
C HIS D 162 -89.37 -0.52 12.90
N GLN D 163 -89.31 -1.27 13.99
CA GLN D 163 -88.59 -0.86 15.19
C GLN D 163 -87.22 -1.52 15.31
N ILE D 164 -86.78 -2.25 14.29
CA ILE D 164 -85.41 -2.74 14.26
C ILE D 164 -84.45 -1.64 13.81
N SER D 165 -84.90 -0.76 12.92
CA SER D 165 -84.08 0.33 12.41
C SER D 165 -83.89 1.46 13.40
N ASP D 166 -84.52 1.43 14.58
CA ASP D 166 -84.22 2.42 15.59
C ASP D 166 -83.20 1.92 16.60
N ILE D 167 -83.13 0.61 16.79
CA ILE D 167 -82.07 0.06 17.63
C ILE D 167 -80.78 -0.01 16.82
N LYS D 168 -80.89 -0.34 15.54
CA LYS D 168 -79.71 -0.36 14.70
C LYS D 168 -79.18 1.03 14.38
N ARG D 169 -79.94 2.08 14.69
CA ARG D 169 -79.44 3.44 14.58
C ARG D 169 -78.95 3.96 15.91
N PHE D 170 -79.54 3.50 17.01
CA PHE D 170 -79.14 3.98 18.33
C PHE D 170 -77.78 3.42 18.72
N LEU D 171 -77.59 2.11 18.59
CA LEU D 171 -76.33 1.52 19.02
C LEU D 171 -75.34 1.35 17.88
N LYS D 172 -75.55 2.01 16.74
CA LYS D 172 -74.53 2.00 15.69
C LYS D 172 -73.35 2.88 16.05
N ASN D 173 -73.60 4.15 16.38
CA ASN D 173 -72.51 5.05 16.74
C ASN D 173 -72.46 5.25 18.24
N SER D 174 -72.65 4.17 18.99
CA SER D 174 -72.31 4.14 20.40
C SER D 174 -70.98 3.43 20.65
N PHE D 175 -70.21 3.20 19.59
CA PHE D 175 -68.90 2.57 19.68
C PHE D 175 -68.00 3.23 18.65
N ALA D 176 -66.86 2.60 18.38
CA ALA D 176 -65.84 3.24 17.54
C ALA D 176 -66.24 3.26 16.07
N ASP D 177 -66.35 2.09 15.45
CA ASP D 177 -66.77 2.00 14.06
C ASP D 177 -67.35 0.61 13.80
N VAL D 178 -68.68 0.52 13.79
CA VAL D 178 -69.33 -0.72 13.43
C VAL D 178 -69.94 -0.53 12.04
N ASP D 179 -70.26 -1.66 11.41
CA ASP D 179 -71.05 -1.67 10.19
C ASP D 179 -72.46 -2.07 10.55
N TYR D 180 -73.35 -1.97 9.57
CA TYR D 180 -74.74 -2.32 9.86
C TYR D 180 -74.97 -3.82 9.84
N ASP D 181 -74.12 -4.58 9.14
CA ASP D 181 -74.22 -6.02 9.18
C ASP D 181 -73.32 -6.64 10.23
N ASN D 182 -72.85 -5.85 11.18
CA ASN D 182 -72.22 -6.36 12.39
C ASN D 182 -73.09 -6.13 13.61
N ILE D 183 -74.37 -5.86 13.40
CA ILE D 183 -75.33 -5.63 14.47
C ILE D 183 -76.54 -6.52 14.17
N SER D 184 -76.97 -7.31 15.14
CA SER D 184 -78.10 -8.21 14.96
C SER D 184 -79.09 -7.97 16.08
N VAL D 185 -80.34 -7.68 15.72
CA VAL D 185 -81.40 -7.42 16.68
C VAL D 185 -82.46 -8.48 16.50
N VAL D 186 -82.68 -9.30 17.53
CA VAL D 186 -83.68 -10.36 17.49
C VAL D 186 -84.71 -10.05 18.58
N LEU D 187 -85.80 -9.38 18.20
CA LEU D 187 -86.80 -8.96 19.15
C LEU D 187 -88.13 -9.66 18.90
N SER D 188 -89.01 -9.60 19.91
CA SER D 188 -90.27 -10.33 19.85
C SER D 188 -91.28 -9.71 20.80
N GLU D 189 -92.56 -10.01 20.55
CA GLU D 189 -93.65 -9.53 21.39
C GLU D 189 -93.84 -10.43 22.60
N ARG D 190 -94.49 -9.88 23.63
CA ARG D 190 -94.66 -10.61 24.87
C ARG D 190 -95.80 -11.62 24.77
N SER D 191 -95.90 -12.48 25.78
CA SER D 191 -96.89 -13.55 25.79
C SER D 191 -98.25 -12.99 26.17
N ASP D 192 -99.25 -13.88 26.21
CA ASP D 192 -100.59 -13.48 26.61
C ASP D 192 -100.58 -13.23 28.12
N ALA D 193 -101.33 -12.22 28.55
CA ALA D 193 -101.36 -11.86 29.95
C ALA D 193 -102.13 -12.88 30.78
N GLN D 194 -101.70 -13.07 32.02
CA GLN D 194 -102.34 -13.98 32.95
C GLN D 194 -102.97 -13.16 34.07
N LEU D 195 -104.29 -13.15 34.11
CA LEU D 195 -105.00 -12.30 35.06
C LEU D 195 -105.93 -13.06 35.99
N GLN D 196 -106.50 -14.18 35.57
CA GLN D 196 -107.47 -14.88 36.42
C GLN D 196 -106.77 -15.89 37.34
N ALA D 197 -107.44 -16.18 38.45
CA ALA D 197 -106.89 -17.07 39.46
C ALA D 197 -106.95 -18.52 38.99
N PRO D 198 -106.01 -19.38 39.45
CA PRO D 198 -106.06 -20.79 39.06
C PRO D 198 -107.27 -21.56 39.56
N GLY D 199 -107.48 -21.57 40.87
CA GLY D 199 -108.63 -22.35 41.33
C GLY D 199 -108.16 -23.50 42.19
N THR D 200 -108.82 -23.66 43.33
CA THR D 200 -108.47 -24.68 44.30
C THR D 200 -109.01 -26.04 43.86
N PRO D 201 -108.28 -27.13 44.15
CA PRO D 201 -108.79 -28.47 43.81
C PRO D 201 -109.97 -28.85 44.68
N VAL D 202 -111.04 -29.29 44.02
CA VAL D 202 -112.27 -29.65 44.71
C VAL D 202 -112.12 -31.07 45.27
N LYS D 203 -111.97 -31.18 46.58
CA LYS D 203 -111.89 -32.47 47.23
C LYS D 203 -113.03 -32.60 48.25
N ASP E 20 14.08 -75.22 90.79
CA ASP E 20 12.99 -74.72 89.97
C ASP E 20 13.22 -73.21 89.92
N LYS E 21 13.87 -72.74 88.86
CA LYS E 21 14.17 -71.33 88.66
C LYS E 21 13.40 -70.86 87.43
N ASP E 22 12.67 -69.77 87.58
CA ASP E 22 11.91 -69.21 86.48
C ASP E 22 12.82 -68.43 85.55
N LEU E 23 12.49 -68.42 84.27
CA LEU E 23 13.26 -67.68 83.29
C LEU E 23 12.45 -66.74 82.41
N LEU E 24 11.14 -66.94 82.25
CA LEU E 24 10.31 -65.96 81.58
C LEU E 24 9.00 -65.83 82.35
N LYS E 25 8.41 -64.64 82.29
CA LYS E 25 7.11 -64.42 82.92
C LYS E 25 6.41 -63.27 82.21
N GLY E 26 5.10 -63.23 82.38
CA GLY E 26 4.27 -62.23 81.74
C GLY E 26 4.09 -62.48 80.25
N LEU E 27 4.13 -63.73 79.84
CA LEU E 27 4.07 -64.08 78.43
C LEU E 27 2.63 -64.23 77.97
N ASP E 28 2.45 -64.22 76.66
CA ASP E 28 1.17 -64.50 76.04
C ASP E 28 1.00 -66.03 75.94
N GLN E 29 -0.22 -66.44 75.60
CA GLN E 29 -0.52 -67.86 75.41
C GLN E 29 0.17 -68.41 74.18
N GLU E 30 0.15 -67.65 73.07
CA GLU E 30 0.75 -68.13 71.84
C GLU E 30 2.27 -68.10 71.92
N GLN E 31 2.83 -67.20 72.72
CA GLN E 31 4.28 -67.22 72.89
C GLN E 31 4.69 -68.34 73.83
N ALA E 32 3.84 -68.67 74.81
CA ALA E 32 4.23 -69.67 75.79
C ALA E 32 4.19 -71.07 75.20
N ASN E 33 3.33 -71.27 74.19
CA ASN E 33 3.30 -72.59 73.59
C ASN E 33 4.48 -72.80 72.66
N GLU E 34 5.11 -71.72 72.21
CA GLU E 34 6.25 -71.88 71.32
C GLU E 34 7.53 -71.98 72.10
N VAL E 35 7.60 -71.34 73.28
CA VAL E 35 8.76 -71.55 74.14
C VAL E 35 8.77 -72.99 74.67
N ILE E 36 7.58 -73.53 74.97
CA ILE E 36 7.52 -74.91 75.44
C ILE E 36 7.86 -75.86 74.29
N ALA E 37 7.35 -75.57 73.09
CA ALA E 37 7.61 -76.46 71.96
C ALA E 37 9.06 -76.41 71.50
N VAL E 38 9.81 -75.38 71.89
CA VAL E 38 11.24 -75.34 71.59
C VAL E 38 12.03 -76.08 72.68
N LEU E 39 11.64 -75.93 73.95
CA LEU E 39 12.41 -76.60 75.00
C LEU E 39 12.20 -78.11 75.00
N GLN E 40 11.02 -78.58 74.60
CA GLN E 40 10.81 -80.02 74.52
C GLN E 40 11.55 -80.69 73.37
N MET E 41 11.96 -79.92 72.36
CA MET E 41 12.77 -80.48 71.29
C MET E 41 14.19 -80.80 71.74
N HIS E 42 14.67 -80.19 72.80
CA HIS E 42 16.05 -80.33 73.25
C HIS E 42 16.15 -80.97 74.62
N ASN E 43 15.22 -81.88 74.93
CA ASN E 43 15.30 -82.79 76.08
C ASN E 43 15.31 -82.09 77.43
N ILE E 44 14.64 -80.95 77.55
CA ILE E 44 14.49 -80.32 78.86
C ILE E 44 13.01 -80.06 79.09
N GLU E 45 12.57 -80.22 80.33
CA GLU E 45 11.16 -80.21 80.67
C GLU E 45 10.80 -78.89 81.32
N ALA E 46 9.79 -78.22 80.77
CA ALA E 46 9.33 -76.93 81.27
C ALA E 46 7.91 -77.03 81.78
N ASN E 47 7.53 -76.06 82.61
CA ASN E 47 6.21 -76.02 83.21
C ASN E 47 5.60 -74.66 82.93
N LYS E 48 4.31 -74.67 82.59
CA LYS E 48 3.53 -73.47 82.30
C LYS E 48 2.63 -73.15 83.47
N ILE E 49 2.79 -71.95 84.03
CA ILE E 49 2.03 -71.51 85.20
C ILE E 49 1.16 -70.34 84.78
N ASP E 50 -0.15 -70.47 84.97
CA ASP E 50 -1.11 -69.42 84.68
C ASP E 50 -1.21 -68.50 85.90
N SER E 51 -1.19 -67.19 85.66
CA SER E 51 -1.27 -66.22 86.75
C SER E 51 -2.46 -65.27 86.57
N GLY E 52 -3.49 -65.70 85.85
CA GLY E 52 -4.68 -64.89 85.70
C GLY E 52 -4.48 -63.74 84.73
N LYS E 53 -4.49 -62.52 85.25
CA LYS E 53 -4.38 -61.35 84.39
C LYS E 53 -2.94 -61.11 83.96
N LEU E 54 -1.98 -61.46 84.82
CA LEU E 54 -0.57 -61.17 84.58
C LEU E 54 0.08 -62.09 83.54
N GLY E 55 -0.67 -62.98 82.90
CA GLY E 55 -0.08 -63.82 81.89
C GLY E 55 0.36 -65.18 82.36
N TYR E 56 1.40 -65.72 81.72
CA TYR E 56 1.92 -67.04 81.99
C TYR E 56 3.35 -66.94 82.50
N SER E 57 3.91 -68.09 82.81
CA SER E 57 5.31 -68.16 83.24
C SER E 57 5.86 -69.54 82.93
N ILE E 58 7.10 -69.57 82.46
CA ILE E 58 7.77 -70.80 82.08
C ILE E 58 8.86 -71.06 83.11
N THR E 59 8.74 -72.14 83.85
CA THR E 59 9.74 -72.53 84.84
C THR E 59 10.37 -73.86 84.47
N VAL E 60 11.69 -73.94 84.58
CA VAL E 60 12.38 -75.18 84.29
C VAL E 60 13.01 -75.71 85.56
N ALA E 61 13.63 -76.88 85.48
CA ALA E 61 14.27 -77.49 86.63
C ALA E 61 15.61 -76.83 86.91
N GLU E 62 16.32 -77.33 87.91
CA GLU E 62 17.61 -76.76 88.28
C GLU E 62 18.76 -77.12 87.33
N PRO E 63 19.02 -78.39 86.97
CA PRO E 63 20.15 -78.62 86.05
C PRO E 63 19.87 -78.19 84.62
N ASP E 64 18.61 -78.00 84.26
CA ASP E 64 18.23 -77.56 82.92
C ASP E 64 18.07 -76.06 82.81
N PHE E 65 18.77 -75.28 83.63
CA PHE E 65 18.66 -73.84 83.53
C PHE E 65 19.74 -73.22 82.66
N THR E 66 20.95 -73.76 82.72
CA THR E 66 22.04 -73.23 81.92
C THR E 66 21.92 -73.61 80.45
N ALA E 67 21.06 -74.56 80.11
CA ALA E 67 20.82 -74.90 78.73
C ALA E 67 19.60 -74.18 78.20
N ALA E 68 18.59 -73.97 79.05
CA ALA E 68 17.41 -73.28 78.60
C ALA E 68 17.71 -71.81 78.38
N VAL E 69 18.62 -71.24 79.17
CA VAL E 69 18.98 -69.85 78.93
C VAL E 69 19.87 -69.72 77.70
N TYR E 70 20.45 -70.83 77.24
CA TYR E 70 21.23 -70.80 76.01
C TYR E 70 20.31 -70.86 74.80
N TRP E 71 19.27 -71.68 74.87
CA TRP E 71 18.35 -71.73 73.74
C TRP E 71 17.39 -70.55 73.70
N ILE E 72 17.23 -69.78 74.78
CA ILE E 72 16.46 -68.55 74.66
C ILE E 72 17.22 -67.52 73.85
N LYS E 73 18.51 -67.39 74.11
CA LYS E 73 19.35 -66.44 73.39
C LYS E 73 19.54 -66.89 71.95
N THR E 74 19.63 -68.21 71.73
CA THR E 74 19.88 -68.69 70.37
C THR E 74 18.62 -68.53 69.51
N TYR E 75 17.47 -69.02 69.98
CA TYR E 75 16.28 -68.96 69.15
C TYR E 75 15.56 -67.62 69.23
N GLN E 76 16.10 -66.62 69.94
CA GLN E 76 15.51 -65.27 70.06
C GLN E 76 14.11 -65.30 70.66
N LEU E 77 13.88 -66.17 71.61
CA LEU E 77 12.59 -66.28 72.26
C LEU E 77 12.47 -65.25 73.36
N PRO E 78 11.25 -64.75 73.65
CA PRO E 78 9.91 -64.99 73.11
C PRO E 78 9.68 -64.34 71.75
N PRO E 79 8.82 -64.92 70.92
CA PRO E 79 8.68 -64.42 69.56
C PRO E 79 7.85 -63.15 69.50
N ARG E 80 8.22 -62.29 68.56
CA ARG E 80 7.49 -61.07 68.33
C ARG E 80 6.19 -61.39 67.59
N PRO E 81 5.18 -60.53 67.69
CA PRO E 81 3.98 -60.72 66.87
C PRO E 81 4.29 -60.43 65.40
N ARG E 82 3.65 -61.20 64.52
CA ARG E 82 3.96 -61.09 63.10
C ARG E 82 3.40 -59.80 62.52
N VAL E 83 4.22 -59.15 61.72
CA VAL E 83 3.91 -57.82 61.22
C VAL E 83 3.21 -57.93 59.87
N GLU E 84 2.16 -57.15 59.69
CA GLU E 84 1.49 -56.99 58.42
C GLU E 84 1.63 -55.56 57.96
N ILE E 85 1.53 -55.35 56.64
CA ILE E 85 1.69 -54.02 56.08
C ILE E 85 0.46 -53.16 56.35
N ALA E 86 -0.69 -53.76 56.59
CA ALA E 86 -1.90 -53.00 56.86
C ALA E 86 -1.95 -52.41 58.26
N GLN E 87 -0.93 -52.63 59.08
CA GLN E 87 -0.86 -52.00 60.39
C GLN E 87 -0.18 -50.65 60.36
N MET E 88 0.61 -50.36 59.33
CA MET E 88 1.29 -49.08 59.23
C MET E 88 0.40 -47.99 58.65
N PHE E 89 -0.76 -48.34 58.12
CA PHE E 89 -1.70 -47.37 57.54
C PHE E 89 -3.09 -47.69 58.04
N PRO E 90 -3.44 -47.24 59.24
CA PRO E 90 -4.73 -47.59 59.82
C PRO E 90 -5.87 -46.81 59.16
N ALA E 91 -7.07 -47.36 59.30
CA ALA E 91 -8.25 -46.78 58.70
C ALA E 91 -8.84 -45.63 59.51
N ASP E 92 -8.26 -45.32 60.66
CA ASP E 92 -8.76 -44.25 61.51
C ASP E 92 -8.38 -42.86 61.00
N SER E 93 -7.53 -42.78 59.99
CA SER E 93 -7.15 -41.51 59.42
C SER E 93 -8.31 -40.89 58.67
N LEU E 94 -8.50 -39.58 58.86
CA LEU E 94 -9.62 -38.90 58.22
C LEU E 94 -9.38 -38.76 56.71
N VAL E 95 -8.14 -38.56 56.30
CA VAL E 95 -7.78 -38.53 54.89
C VAL E 95 -6.96 -39.78 54.57
N SER E 96 -6.95 -40.15 53.29
CA SER E 96 -6.27 -41.36 52.86
C SER E 96 -5.59 -41.11 51.52
N SER E 97 -4.27 -41.13 51.52
CA SER E 97 -3.52 -41.02 50.28
C SER E 97 -3.69 -42.26 49.41
N PRO E 98 -3.50 -42.12 48.09
CA PRO E 98 -3.58 -43.30 47.23
C PRO E 98 -2.47 -44.32 47.46
N ARG E 99 -1.36 -43.92 48.07
CA ARG E 99 -0.33 -44.90 48.42
C ARG E 99 -0.77 -45.72 49.61
N ALA E 100 -1.53 -45.13 50.52
CA ALA E 100 -2.00 -45.87 51.67
C ALA E 100 -3.14 -46.77 51.27
N GLU E 101 -3.92 -46.37 50.27
CA GLU E 101 -5.02 -47.23 49.86
C GLU E 101 -4.52 -48.39 49.02
N LYS E 102 -3.49 -48.17 48.19
CA LYS E 102 -2.99 -49.28 47.41
C LYS E 102 -2.12 -50.21 48.23
N ALA E 103 -1.59 -49.73 49.36
CA ALA E 103 -0.84 -50.63 50.22
C ALA E 103 -1.75 -51.40 51.15
N ARG E 104 -2.89 -50.81 51.51
CA ARG E 104 -3.85 -51.58 52.30
C ARG E 104 -4.61 -52.56 51.44
N LEU E 105 -4.65 -52.35 50.12
CA LEU E 105 -5.29 -53.33 49.25
C LEU E 105 -4.35 -54.51 48.98
N TYR E 106 -3.06 -54.21 48.73
CA TYR E 106 -2.12 -55.28 48.46
C TYR E 106 -1.84 -56.09 49.72
N SER E 107 -1.99 -55.48 50.90
CA SER E 107 -1.74 -56.23 52.11
C SER E 107 -2.90 -57.12 52.52
N ALA E 108 -4.02 -57.04 51.82
CA ALA E 108 -5.13 -57.95 52.05
C ALA E 108 -5.19 -59.05 51.02
N ILE E 109 -4.69 -58.77 49.81
CA ILE E 109 -4.54 -59.88 48.86
C ILE E 109 -3.36 -60.76 49.27
N GLU E 110 -2.37 -60.18 49.94
CA GLU E 110 -1.21 -60.94 50.38
C GLU E 110 -1.53 -61.90 51.51
N GLN E 111 -2.60 -61.66 52.26
CA GLN E 111 -3.03 -62.61 53.29
C GLN E 111 -4.13 -63.53 52.83
N ARG E 112 -4.94 -63.12 51.85
CA ARG E 112 -5.96 -64.03 51.36
C ARG E 112 -5.33 -65.13 50.51
N LEU E 113 -4.22 -64.83 49.83
CA LEU E 113 -3.58 -65.86 49.03
C LEU E 113 -2.87 -66.89 49.91
N GLU E 114 -2.38 -66.47 51.08
CA GLU E 114 -1.71 -67.47 51.90
C GLU E 114 -2.69 -68.19 52.79
N GLN E 115 -3.90 -67.66 52.96
CA GLN E 115 -4.90 -68.46 53.63
C GLN E 115 -5.54 -69.43 52.67
N SER E 116 -5.45 -69.18 51.37
CA SER E 116 -5.97 -70.11 50.37
C SER E 116 -4.91 -71.05 49.83
N LEU E 117 -3.67 -70.92 50.29
CA LEU E 117 -2.66 -71.93 49.98
C LEU E 117 -2.59 -73.05 51.00
N GLN E 118 -3.01 -72.81 52.23
CA GLN E 118 -3.03 -73.82 53.26
C GLN E 118 -4.16 -74.83 53.07
N THR E 119 -5.14 -74.54 52.22
CA THR E 119 -6.22 -75.46 51.93
C THR E 119 -5.95 -76.34 50.72
N MET E 120 -4.70 -76.44 50.29
CA MET E 120 -4.33 -77.37 49.24
C MET E 120 -4.13 -78.76 49.84
N GLU E 121 -3.67 -79.71 49.04
CA GLU E 121 -3.48 -81.08 49.49
C GLU E 121 -2.03 -81.27 49.89
N GLY E 122 -1.79 -81.34 51.20
CA GLY E 122 -0.45 -81.62 51.72
C GLY E 122 0.27 -80.44 52.32
N VAL E 123 -0.29 -79.24 52.24
CA VAL E 123 0.38 -78.04 52.72
C VAL E 123 0.06 -77.84 54.19
N LEU E 124 1.08 -77.66 55.02
CA LEU E 124 0.90 -77.35 56.42
C LEU E 124 0.91 -75.85 56.67
N SER E 125 1.80 -75.12 56.02
CA SER E 125 1.85 -73.67 56.16
C SER E 125 2.42 -73.09 54.88
N ALA E 126 2.16 -71.80 54.68
CA ALA E 126 2.61 -71.11 53.48
C ALA E 126 2.82 -69.65 53.79
N ARG E 127 3.46 -68.96 52.86
CA ARG E 127 3.80 -67.55 53.05
C ARG E 127 4.05 -66.89 51.70
N VAL E 128 3.23 -65.90 51.35
CA VAL E 128 3.28 -65.27 50.03
C VAL E 128 3.73 -63.82 50.19
N HIS E 129 4.51 -63.34 49.21
CA HIS E 129 5.00 -61.97 49.15
C HIS E 129 4.70 -61.38 47.78
N ILE E 130 4.08 -60.20 47.76
CA ILE E 130 3.77 -59.47 46.53
C ILE E 130 4.71 -58.28 46.44
N SER E 131 5.11 -57.92 45.23
CA SER E 131 5.92 -56.73 45.02
C SER E 131 5.06 -55.49 45.08
N TYR E 132 5.48 -54.52 45.88
CA TYR E 132 4.72 -53.28 46.11
C TYR E 132 5.23 -52.20 45.17
N ASP E 133 4.38 -51.80 44.23
CA ASP E 133 4.68 -50.70 43.33
C ASP E 133 3.70 -49.58 43.62
N ILE E 134 4.23 -48.43 44.07
CA ILE E 134 3.37 -47.42 44.67
C ILE E 134 3.32 -46.12 43.90
N ASP E 135 4.41 -45.75 43.22
CA ASP E 135 4.53 -44.43 42.63
C ASP E 135 3.94 -44.32 41.22
N ALA E 136 3.55 -45.44 40.62
CA ALA E 136 3.06 -45.45 39.25
C ALA E 136 1.65 -44.91 39.15
N GLY E 137 0.86 -45.01 40.21
CA GLY E 137 -0.52 -44.60 40.10
C GLY E 137 -0.72 -43.11 40.27
N GLU E 138 0.35 -42.38 40.60
CA GLU E 138 0.31 -40.93 40.77
C GLU E 138 1.30 -40.20 39.90
N ASN E 139 2.37 -40.84 39.42
CA ASN E 139 3.26 -40.13 38.52
C ASN E 139 2.80 -40.32 37.08
N GLY E 140 3.58 -39.83 36.13
CA GLY E 140 3.26 -40.01 34.72
C GLY E 140 3.95 -41.20 34.10
N ARG E 141 4.46 -42.07 34.90
CA ARG E 141 5.24 -43.20 34.44
C ARG E 141 4.37 -44.45 34.33
N PRO E 142 4.67 -45.34 33.36
CA PRO E 142 3.88 -46.55 33.23
C PRO E 142 4.20 -47.53 34.35
N PRO E 143 3.24 -48.35 34.76
CA PRO E 143 3.49 -49.29 35.86
C PRO E 143 4.36 -50.46 35.42
N LYS E 144 5.08 -51.01 36.39
CA LYS E 144 5.95 -52.15 36.17
C LYS E 144 5.16 -53.44 36.32
N PRO E 145 5.78 -54.58 36.03
CA PRO E 145 5.10 -55.85 36.27
C PRO E 145 5.06 -56.17 37.75
N VAL E 146 4.31 -57.21 38.10
CA VAL E 146 4.12 -57.60 39.48
C VAL E 146 4.73 -58.98 39.72
N HIS E 147 5.46 -59.11 40.83
CA HIS E 147 6.22 -60.31 41.17
C HIS E 147 5.67 -60.91 42.46
N LEU E 148 5.75 -62.24 42.55
CA LEU E 148 5.30 -63.01 43.70
C LEU E 148 6.40 -63.92 44.18
N SER E 149 6.32 -64.32 45.44
CA SER E 149 7.27 -65.28 45.99
C SER E 149 6.63 -66.04 47.14
N ALA E 150 6.67 -67.37 47.10
CA ALA E 150 5.95 -68.15 48.09
C ALA E 150 6.85 -69.21 48.71
N LEU E 151 6.53 -69.53 49.98
CA LEU E 151 7.14 -70.62 50.70
C LEU E 151 6.05 -71.56 51.17
N ALA E 152 6.43 -72.81 51.41
CA ALA E 152 5.46 -73.82 51.84
C ALA E 152 6.17 -74.92 52.61
N VAL E 153 5.41 -75.56 53.51
CA VAL E 153 5.89 -76.67 54.31
C VAL E 153 4.96 -77.84 54.10
N TYR E 154 5.49 -78.94 53.57
CA TYR E 154 4.70 -80.07 53.13
C TYR E 154 4.81 -81.25 54.10
N GLU E 155 3.74 -82.05 54.13
CA GLU E 155 3.76 -83.32 54.83
C GLU E 155 4.70 -84.28 54.12
N ARG E 156 5.49 -85.02 54.89
CA ARG E 156 6.54 -85.84 54.30
C ARG E 156 5.99 -87.05 53.55
N GLY E 157 6.80 -87.57 52.64
CA GLY E 157 6.35 -88.59 51.72
C GLY E 157 5.73 -88.07 50.43
N SER E 158 5.84 -86.78 50.17
CA SER E 158 5.27 -86.04 49.05
C SER E 158 6.27 -85.90 47.91
N PRO E 159 5.83 -86.03 46.65
CA PRO E 159 6.69 -85.70 45.50
C PRO E 159 6.79 -84.19 45.30
N LEU E 160 7.68 -83.58 46.07
CA LEU E 160 7.71 -82.13 46.18
C LEU E 160 8.35 -81.45 44.99
N ALA E 161 8.79 -82.20 43.97
CA ALA E 161 9.19 -81.58 42.73
C ALA E 161 8.02 -81.44 41.78
N HIS E 162 7.09 -82.41 41.81
CA HIS E 162 5.88 -82.29 41.00
C HIS E 162 4.85 -81.41 41.65
N GLN E 163 4.98 -81.13 42.95
CA GLN E 163 4.01 -80.27 43.62
C GLN E 163 4.37 -78.80 43.55
N ILE E 164 5.37 -78.44 42.76
CA ILE E 164 5.75 -77.04 42.58
C ILE E 164 5.17 -76.45 41.30
N SER E 165 4.60 -77.27 40.42
CA SER E 165 4.08 -76.80 39.16
C SER E 165 2.60 -76.45 39.21
N ASP E 166 1.93 -76.68 40.33
CA ASP E 166 0.57 -76.20 40.49
C ASP E 166 0.44 -75.04 41.46
N ILE E 167 1.47 -74.76 42.26
CA ILE E 167 1.48 -73.50 42.98
C ILE E 167 1.77 -72.36 42.02
N LYS E 168 2.61 -72.60 41.02
CA LYS E 168 2.85 -71.58 40.00
C LYS E 168 1.62 -71.38 39.13
N ARG E 169 0.89 -72.47 38.86
CA ARG E 169 -0.32 -72.38 38.05
C ARG E 169 -1.41 -71.67 38.82
N PHE E 170 -1.43 -71.83 40.14
CA PHE E 170 -2.45 -71.19 40.95
C PHE E 170 -2.16 -69.71 41.12
N LEU E 171 -0.88 -69.34 41.28
CA LEU E 171 -0.52 -67.95 41.50
C LEU E 171 -0.37 -67.16 40.21
N LYS E 172 -0.40 -67.80 39.04
CA LYS E 172 -0.12 -67.08 37.80
C LYS E 172 -1.26 -66.14 37.41
N ASN E 173 -2.49 -66.64 37.40
CA ASN E 173 -3.62 -65.84 36.95
C ASN E 173 -4.58 -65.52 38.08
N SER E 174 -4.01 -65.13 39.21
CA SER E 174 -4.72 -64.42 40.25
C SER E 174 -4.37 -62.94 40.25
N PHE E 175 -3.61 -62.49 39.25
CA PHE E 175 -3.23 -61.10 39.06
C PHE E 175 -3.36 -60.77 37.58
N ALA E 176 -2.89 -59.58 37.20
CA ALA E 176 -3.12 -59.09 35.85
C ALA E 176 -2.24 -59.80 34.83
N ASP E 177 -0.92 -59.63 34.93
CA ASP E 177 -0.01 -60.23 33.96
C ASP E 177 1.33 -60.53 34.64
N VAL E 178 1.51 -61.77 35.08
CA VAL E 178 2.81 -62.21 35.56
C VAL E 178 3.34 -63.22 34.57
N ASP E 179 4.63 -63.48 34.65
CA ASP E 179 5.26 -64.50 33.83
C ASP E 179 5.66 -65.67 34.72
N TYR E 180 6.07 -66.76 34.09
CA TYR E 180 6.42 -67.94 34.87
C TYR E 180 7.81 -67.88 35.46
N ASP E 181 8.60 -66.87 35.13
CA ASP E 181 9.88 -66.66 35.78
C ASP E 181 9.86 -65.50 36.76
N ASN E 182 8.72 -64.84 36.91
CA ASN E 182 8.54 -63.82 37.93
C ASN E 182 7.89 -64.38 39.18
N ILE E 183 7.72 -65.70 39.24
CA ILE E 183 7.22 -66.40 40.42
C ILE E 183 8.29 -67.36 40.89
N SER E 184 8.60 -67.31 42.18
CA SER E 184 9.63 -68.17 42.77
C SER E 184 9.05 -68.87 43.98
N VAL E 185 9.11 -70.19 43.98
CA VAL E 185 8.55 -71.02 45.04
C VAL E 185 9.68 -71.80 45.69
N VAL E 186 9.87 -71.61 47.00
CA VAL E 186 10.87 -72.34 47.76
C VAL E 186 10.15 -73.10 48.85
N LEU E 187 10.01 -74.41 48.70
CA LEU E 187 9.22 -75.21 49.63
C LEU E 187 10.06 -76.35 50.18
N SER E 188 9.68 -76.82 51.37
CA SER E 188 10.41 -77.89 52.04
C SER E 188 9.44 -78.78 52.78
N GLU E 189 9.96 -79.87 53.35
CA GLU E 189 9.18 -80.83 54.10
C GLU E 189 9.36 -80.62 55.60
N ARG E 190 8.43 -81.18 56.37
CA ARG E 190 8.46 -80.95 57.81
C ARG E 190 9.51 -81.84 58.47
N SER E 191 9.83 -81.50 59.71
CA SER E 191 10.88 -82.16 60.47
C SER E 191 10.38 -83.48 61.03
N ASP E 192 11.29 -84.20 61.69
CA ASP E 192 10.94 -85.44 62.35
C ASP E 192 10.05 -85.16 63.55
N ALA E 193 9.08 -86.02 63.77
CA ALA E 193 8.08 -85.79 64.81
C ALA E 193 8.67 -86.01 66.19
N GLN E 194 8.27 -85.16 67.13
CA GLN E 194 8.64 -85.30 68.52
C GLN E 194 7.45 -85.86 69.28
N LEU E 195 7.51 -87.13 69.64
CA LEU E 195 6.39 -87.81 70.29
C LEU E 195 6.66 -88.25 71.71
N GLN E 196 7.89 -88.59 72.06
CA GLN E 196 8.18 -89.08 73.39
C GLN E 196 8.42 -87.93 74.37
N ALA E 197 8.19 -88.22 75.64
CA ALA E 197 8.37 -87.23 76.68
C ALA E 197 9.86 -86.96 76.92
N PRO E 198 10.22 -85.75 77.37
CA PRO E 198 11.63 -85.44 77.63
C PRO E 198 12.28 -86.24 78.75
N GLY E 199 11.72 -86.20 79.95
CA GLY E 199 12.33 -86.91 81.05
C GLY E 199 12.84 -86.00 82.14
N THR E 200 12.43 -86.27 83.38
CA THR E 200 12.79 -85.42 84.50
C THR E 200 14.25 -85.66 84.91
N PRO E 201 14.97 -84.62 85.31
CA PRO E 201 16.36 -84.80 85.74
C PRO E 201 16.48 -85.51 87.07
N VAL E 202 16.97 -86.73 87.06
CA VAL E 202 17.20 -87.46 88.29
C VAL E 202 18.62 -87.18 88.77
N LYS E 203 18.86 -87.37 90.06
CA LYS E 203 20.19 -87.23 90.63
C LYS E 203 20.39 -88.22 91.78
N ASP F 20 -4.71 -83.62 83.89
CA ASP F 20 -5.13 -82.96 82.67
C ASP F 20 -4.62 -81.53 82.60
N LYS F 21 -3.62 -81.31 81.75
CA LYS F 21 -3.00 -80.01 81.60
C LYS F 21 -3.70 -79.26 80.49
N ASP F 22 -3.84 -77.95 80.67
CA ASP F 22 -4.43 -77.13 79.61
C ASP F 22 -3.36 -76.62 78.67
N LEU F 23 -3.75 -76.39 77.43
CA LEU F 23 -2.86 -75.83 76.44
C LEU F 23 -3.46 -74.67 75.65
N LEU F 24 -4.78 -74.55 75.58
CA LEU F 24 -5.41 -73.39 74.98
C LEU F 24 -6.64 -73.04 75.80
N LYS F 25 -6.87 -71.74 75.98
CA LYS F 25 -8.05 -71.26 76.68
C LYS F 25 -8.41 -69.90 76.12
N GLY F 26 -9.64 -69.48 76.39
CA GLY F 26 -10.13 -68.24 75.81
C GLY F 26 -10.40 -68.33 74.33
N LEU F 27 -10.73 -69.52 73.83
CA LEU F 27 -10.86 -69.74 72.41
C LEU F 27 -12.26 -69.34 71.94
N ASP F 28 -12.59 -69.71 70.72
CA ASP F 28 -13.86 -69.42 70.09
C ASP F 28 -14.49 -70.75 69.69
N GLN F 29 -15.81 -70.75 69.49
CA GLN F 29 -16.55 -71.94 69.12
C GLN F 29 -16.09 -72.51 67.79
N GLU F 30 -15.75 -71.64 66.83
CA GLU F 30 -15.26 -72.10 65.55
C GLU F 30 -13.81 -72.58 65.61
N GLN F 31 -12.99 -72.00 66.50
CA GLN F 31 -11.60 -72.40 66.62
C GLN F 31 -11.45 -73.72 67.39
N ALA F 32 -12.29 -73.93 68.40
CA ALA F 32 -12.19 -75.12 69.21
C ALA F 32 -12.66 -76.36 68.47
N ASN F 33 -13.52 -76.22 67.48
CA ASN F 33 -13.92 -77.39 66.71
C ASN F 33 -12.88 -77.79 65.70
N GLU F 34 -11.86 -76.96 65.48
CA GLU F 34 -10.79 -77.27 64.55
C GLU F 34 -9.55 -77.78 65.27
N VAL F 35 -9.33 -77.33 66.51
CA VAL F 35 -8.21 -77.88 67.27
C VAL F 35 -8.48 -79.32 67.64
N ILE F 36 -9.74 -79.64 67.92
CA ILE F 36 -10.12 -81.00 68.26
C ILE F 36 -9.99 -81.91 67.05
N ALA F 37 -10.39 -81.41 65.88
CA ALA F 37 -10.33 -82.22 64.68
C ALA F 37 -8.90 -82.45 64.24
N VAL F 38 -7.98 -81.56 64.60
CA VAL F 38 -6.57 -81.81 64.30
C VAL F 38 -5.99 -82.82 65.28
N LEU F 39 -6.35 -82.71 66.57
CA LEU F 39 -5.77 -83.61 67.57
C LEU F 39 -6.32 -85.03 67.46
N GLN F 40 -7.59 -85.19 67.13
CA GLN F 40 -8.17 -86.53 67.01
C GLN F 40 -7.66 -87.28 65.78
N MET F 41 -7.12 -86.57 64.79
CA MET F 41 -6.52 -87.23 63.64
C MET F 41 -5.21 -87.92 64.00
N HIS F 42 -4.52 -87.43 65.03
CA HIS F 42 -3.20 -87.94 65.39
C HIS F 42 -3.23 -88.73 66.70
N ASN F 43 -4.37 -89.37 67.00
CA ASN F 43 -4.53 -90.38 68.05
C ASN F 43 -4.28 -89.83 69.45
N ILE F 44 -4.71 -88.59 69.69
CA ILE F 44 -4.75 -88.03 71.03
C ILE F 44 -6.12 -87.41 71.24
N GLU F 45 -6.64 -87.52 72.46
CA GLU F 45 -8.00 -87.11 72.78
C GLU F 45 -8.00 -85.80 73.55
N ALA F 46 -8.88 -84.90 73.16
CA ALA F 46 -8.99 -83.60 73.81
C ALA F 46 -10.39 -83.45 74.39
N ASN F 47 -10.53 -82.49 75.31
CA ASN F 47 -11.81 -82.21 75.96
C ASN F 47 -12.10 -80.73 75.86
N LYS F 48 -13.24 -80.38 75.26
CA LYS F 48 -13.71 -79.01 75.17
C LYS F 48 -14.53 -78.65 76.40
N ILE F 49 -14.20 -77.53 77.03
CA ILE F 49 -14.80 -77.09 78.28
C ILE F 49 -15.31 -75.66 78.09
N ASP F 50 -16.60 -75.45 78.36
CA ASP F 50 -17.19 -74.13 78.28
C ASP F 50 -16.87 -73.30 79.52
N SER F 51 -16.75 -71.97 79.34
CA SER F 51 -16.47 -71.11 80.48
C SER F 51 -17.31 -69.84 80.44
N GLY F 52 -18.50 -69.92 79.88
CA GLY F 52 -19.41 -68.78 79.87
C GLY F 52 -19.02 -67.82 78.79
N LYS F 53 -18.89 -66.54 79.14
CA LYS F 53 -18.54 -65.53 78.15
C LYS F 53 -17.05 -65.46 77.92
N LEU F 54 -16.26 -66.22 78.66
CA LEU F 54 -14.81 -66.26 78.50
C LEU F 54 -14.37 -67.31 77.49
N GLY F 55 -15.30 -67.86 76.70
CA GLY F 55 -14.92 -68.83 75.69
C GLY F 55 -14.67 -70.23 76.21
N TYR F 56 -14.27 -71.06 75.26
CA TYR F 56 -13.98 -72.46 75.51
C TYR F 56 -12.53 -72.65 75.89
N SER F 57 -12.20 -73.87 76.28
CA SER F 57 -10.84 -74.25 76.64
C SER F 57 -10.68 -75.73 76.30
N ILE F 58 -9.45 -76.13 76.00
CA ILE F 58 -9.19 -77.47 75.48
C ILE F 58 -8.11 -78.09 76.35
N THR F 59 -8.43 -79.22 76.97
CA THR F 59 -7.49 -79.91 77.85
C THR F 59 -7.21 -81.31 77.33
N VAL F 60 -5.94 -81.71 77.39
CA VAL F 60 -5.53 -83.06 77.01
C VAL F 60 -4.98 -83.77 78.25
N ALA F 61 -4.67 -85.04 78.07
CA ALA F 61 -4.20 -85.88 79.15
C ALA F 61 -2.74 -85.57 79.46
N GLU F 62 -2.17 -86.30 80.40
CA GLU F 62 -0.78 -86.09 80.79
C GLU F 62 0.26 -86.65 79.81
N PRO F 63 0.21 -87.92 79.35
CA PRO F 63 1.27 -88.38 78.43
C PRO F 63 1.17 -87.81 77.02
N ASP F 64 0.02 -87.27 76.62
CA ASP F 64 -0.16 -86.70 75.29
C ASP F 64 0.22 -85.23 75.23
N PHE F 65 0.84 -84.70 76.28
CA PHE F 65 1.16 -83.29 76.28
C PHE F 65 2.35 -82.98 75.40
N THR F 66 3.32 -83.90 75.30
CA THR F 66 4.50 -83.61 74.51
C THR F 66 4.19 -83.62 73.02
N ALA F 67 3.26 -84.47 72.59
CA ALA F 67 2.89 -84.50 71.18
C ALA F 67 1.89 -83.40 70.82
N ALA F 68 1.05 -82.97 71.75
CA ALA F 68 0.02 -82.01 71.36
C ALA F 68 0.61 -80.63 71.15
N VAL F 69 1.70 -80.28 71.83
CA VAL F 69 2.32 -78.99 71.57
C VAL F 69 3.04 -79.03 70.24
N TYR F 70 3.48 -80.21 69.82
CA TYR F 70 4.19 -80.31 68.56
C TYR F 70 3.23 -80.14 67.40
N TRP F 71 2.00 -80.65 67.55
CA TRP F 71 1.08 -80.41 66.45
C TRP F 71 0.42 -79.05 66.52
N ILE F 72 0.48 -78.37 67.67
CA ILE F 72 0.05 -76.97 67.71
C ILE F 72 1.05 -76.10 66.96
N LYS F 73 2.34 -76.36 67.18
CA LYS F 73 3.37 -75.57 66.52
C LYS F 73 3.42 -75.87 65.03
N THR F 74 3.19 -77.12 64.65
CA THR F 74 3.27 -77.49 63.24
C THR F 74 2.06 -76.97 62.47
N TYR F 75 0.84 -77.24 62.94
CA TYR F 75 -0.34 -76.82 62.20
C TYR F 75 -0.73 -75.37 62.45
N GLN F 76 0.02 -74.62 63.27
CA GLN F 76 -0.21 -73.19 63.56
C GLN F 76 -1.60 -72.93 64.16
N LEU F 77 -1.95 -73.68 65.10
CA LEU F 77 -3.25 -73.50 65.75
C LEU F 77 -3.12 -72.49 66.89
N PRO F 78 -4.17 -71.71 67.22
CA PRO F 78 -5.53 -71.60 66.72
C PRO F 78 -5.63 -70.82 65.41
N PRO F 79 -6.67 -71.08 64.62
CA PRO F 79 -6.78 -70.40 63.32
C PRO F 79 -7.14 -68.94 63.47
N ARG F 80 -6.72 -68.17 62.49
CA ARG F 80 -7.10 -66.76 62.39
C ARG F 80 -8.43 -66.65 61.68
N PRO F 81 -9.18 -65.57 61.89
CA PRO F 81 -10.39 -65.35 61.09
C PRO F 81 -10.05 -65.09 59.64
N ARG F 82 -10.88 -65.64 58.74
CA ARG F 82 -10.56 -65.56 57.33
C ARG F 82 -10.78 -64.13 56.82
N VAL F 83 -9.83 -63.65 56.03
CA VAL F 83 -9.77 -62.25 55.65
C VAL F 83 -10.40 -62.08 54.28
N GLU F 84 -11.27 -61.08 54.15
CA GLU F 84 -11.84 -60.67 52.88
C GLU F 84 -11.39 -59.25 52.60
N ILE F 85 -11.36 -58.88 51.31
CA ILE F 85 -10.88 -57.57 50.92
C ILE F 85 -11.86 -56.47 51.30
N ALA F 86 -13.14 -56.80 51.45
CA ALA F 86 -14.11 -55.78 51.83
C ALA F 86 -13.99 -55.36 53.28
N GLN F 87 -13.24 -56.08 54.10
CA GLN F 87 -13.06 -55.69 55.50
C GLN F 87 -12.12 -54.50 55.63
N MET F 88 -11.18 -54.35 54.70
CA MET F 88 -10.25 -53.23 54.74
C MET F 88 -10.89 -51.91 54.33
N PHE F 89 -11.97 -51.94 53.57
CA PHE F 89 -12.65 -50.73 53.11
C PHE F 89 -14.09 -50.82 53.58
N PRO F 90 -14.39 -50.34 54.79
CA PRO F 90 -15.75 -50.46 55.31
C PRO F 90 -16.71 -49.50 54.63
N ALA F 91 -17.94 -49.96 54.46
CA ALA F 91 -19.00 -49.13 53.89
C ALA F 91 -19.54 -48.11 54.88
N ASP F 92 -19.19 -48.22 56.16
CA ASP F 92 -19.69 -47.34 57.19
C ASP F 92 -18.96 -46.00 57.22
N SER F 93 -17.96 -45.81 56.38
CA SER F 93 -17.29 -44.52 56.28
C SER F 93 -18.21 -43.52 55.59
N LEU F 94 -17.92 -42.23 55.79
CA LEU F 94 -18.79 -41.20 55.26
C LEU F 94 -18.58 -41.02 53.77
N VAL F 95 -17.34 -40.75 53.35
CA VAL F 95 -17.02 -40.57 51.93
C VAL F 95 -16.05 -41.66 51.52
N SER F 96 -16.26 -42.22 50.34
CA SER F 96 -15.49 -43.35 49.85
C SER F 96 -14.95 -43.05 48.45
N SER F 97 -13.70 -43.41 48.23
CA SER F 97 -13.08 -43.24 46.94
C SER F 97 -13.63 -44.23 45.93
N PRO F 98 -13.51 -43.93 44.62
CA PRO F 98 -13.86 -44.94 43.61
C PRO F 98 -12.93 -46.13 43.61
N ARG F 99 -11.72 -45.96 44.16
CA ARG F 99 -10.80 -47.06 44.32
C ARG F 99 -11.24 -48.00 45.43
N ALA F 100 -12.09 -47.51 46.33
CA ALA F 100 -12.61 -48.34 47.40
C ALA F 100 -13.97 -48.90 47.06
N GLU F 101 -14.73 -48.21 46.20
CA GLU F 101 -16.01 -48.78 45.80
C GLU F 101 -15.83 -49.89 44.78
N LYS F 102 -14.85 -49.79 43.89
CA LYS F 102 -14.62 -50.87 42.95
C LYS F 102 -13.94 -52.05 43.64
N ALA F 103 -13.20 -51.80 44.70
CA ALA F 103 -12.60 -52.88 45.46
C ALA F 103 -13.59 -53.56 46.37
N ARG F 104 -14.68 -52.88 46.74
CA ARG F 104 -15.70 -53.57 47.50
C ARG F 104 -16.65 -54.32 46.59
N LEU F 105 -16.77 -53.87 45.34
CA LEU F 105 -17.61 -54.59 44.39
C LEU F 105 -16.97 -55.89 43.96
N TYR F 106 -15.65 -55.87 43.70
CA TYR F 106 -15.00 -57.12 43.28
C TYR F 106 -14.88 -58.11 44.41
N SER F 107 -14.92 -57.65 45.65
CA SER F 107 -14.86 -58.55 46.77
C SER F 107 -16.23 -59.13 47.08
N ALA F 108 -17.30 -58.49 46.61
CA ALA F 108 -18.60 -59.13 46.80
C ALA F 108 -18.90 -60.12 45.69
N ILE F 109 -18.35 -59.87 44.49
CA ILE F 109 -18.49 -60.86 43.41
C ILE F 109 -17.64 -62.09 43.72
N GLU F 110 -16.47 -61.89 44.34
CA GLU F 110 -15.57 -63.00 44.61
C GLU F 110 -16.12 -63.92 45.70
N GLN F 111 -16.90 -63.39 46.65
CA GLN F 111 -17.57 -64.25 47.62
C GLN F 111 -18.82 -64.90 47.05
N ARG F 112 -19.48 -64.26 46.08
CA ARG F 112 -20.71 -64.86 45.58
C ARG F 112 -20.42 -66.01 44.62
N LEU F 113 -19.32 -65.93 43.87
CA LEU F 113 -18.97 -67.07 43.02
C LEU F 113 -18.49 -68.25 43.86
N GLU F 114 -17.90 -67.98 45.02
CA GLU F 114 -17.45 -69.08 45.86
C GLU F 114 -18.64 -69.77 46.51
N GLN F 115 -19.66 -68.99 46.90
CA GLN F 115 -20.83 -69.63 47.50
C GLN F 115 -21.71 -70.30 46.48
N SER F 116 -21.56 -69.97 45.21
CA SER F 116 -22.28 -70.66 44.15
C SER F 116 -21.56 -71.88 43.63
N LEU F 117 -20.23 -71.98 43.82
CA LEU F 117 -19.51 -73.19 43.43
C LEU F 117 -19.72 -74.38 44.37
N GLN F 118 -20.13 -74.15 45.60
CA GLN F 118 -20.38 -75.24 46.53
C GLN F 118 -21.69 -75.96 46.25
N THR F 119 -22.52 -75.45 45.35
CA THR F 119 -23.79 -76.06 45.03
C THR F 119 -23.74 -76.93 43.79
N MET F 120 -22.54 -77.25 43.29
CA MET F 120 -22.42 -78.18 42.18
C MET F 120 -22.46 -79.61 42.72
N GLU F 121 -22.39 -80.57 41.83
CA GLU F 121 -22.53 -81.98 42.21
C GLU F 121 -21.17 -82.51 42.64
N GLY F 122 -20.97 -82.63 43.94
CA GLY F 122 -19.77 -83.23 44.48
C GLY F 122 -18.77 -82.28 45.08
N VAL F 123 -19.03 -80.99 45.09
CA VAL F 123 -18.08 -80.03 45.63
C VAL F 123 -18.36 -79.86 47.11
N LEU F 124 -17.34 -80.03 47.94
CA LEU F 124 -17.50 -79.81 49.37
C LEU F 124 -17.06 -78.41 49.78
N SER F 125 -15.94 -77.95 49.24
CA SER F 125 -15.44 -76.62 49.52
C SER F 125 -14.84 -76.06 48.24
N ALA F 126 -14.74 -74.74 48.18
CA ALA F 126 -14.20 -74.06 47.01
C ALA F 126 -13.65 -72.72 47.43
N ARG F 127 -12.76 -72.18 46.61
CA ARG F 127 -12.19 -70.86 46.85
C ARG F 127 -11.82 -70.21 45.53
N VAL F 128 -12.30 -68.98 45.32
CA VAL F 128 -12.13 -68.29 44.05
C VAL F 128 -11.35 -67.01 44.29
N HIS F 129 -10.34 -66.75 43.45
CA HIS F 129 -9.60 -65.50 43.44
C HIS F 129 -9.81 -64.82 42.11
N ILE F 130 -9.57 -63.51 42.12
CA ILE F 130 -9.90 -62.63 41.01
C ILE F 130 -8.88 -61.51 40.94
N SER F 131 -8.52 -61.12 39.73
CA SER F 131 -7.58 -60.03 39.53
C SER F 131 -8.25 -58.69 39.80
N TYR F 132 -7.61 -57.83 40.59
CA TYR F 132 -8.13 -56.51 40.92
C TYR F 132 -7.43 -55.51 40.03
N ASP F 133 -8.06 -55.16 38.90
CA ASP F 133 -7.54 -54.12 38.00
C ASP F 133 -8.01 -52.77 38.54
N ILE F 134 -7.22 -52.20 39.44
CA ILE F 134 -7.64 -51.04 40.21
C ILE F 134 -7.08 -49.72 39.67
N ASP F 135 -6.06 -49.76 38.82
CA ASP F 135 -5.41 -48.57 38.26
C ASP F 135 -5.70 -48.40 36.77
N ALA F 136 -6.92 -48.70 36.34
CA ALA F 136 -7.25 -48.54 34.94
C ALA F 136 -7.82 -47.16 34.63
N GLY F 137 -8.68 -46.66 35.51
CA GLY F 137 -9.29 -45.36 35.31
C GLY F 137 -8.46 -44.16 35.68
N GLU F 138 -7.25 -44.37 36.20
CA GLU F 138 -6.42 -43.24 36.61
C GLU F 138 -5.65 -42.62 35.44
N ASN F 139 -5.33 -43.39 34.42
CA ASN F 139 -4.58 -42.89 33.28
C ASN F 139 -5.33 -43.21 31.99
N GLY F 140 -4.77 -42.76 30.88
CA GLY F 140 -5.38 -42.93 29.57
C GLY F 140 -5.22 -44.30 28.94
N ARG F 141 -4.57 -45.24 29.60
CA ARG F 141 -4.48 -46.58 29.07
C ARG F 141 -5.80 -47.33 29.25
N PRO F 142 -6.15 -48.22 28.31
CA PRO F 142 -7.39 -48.99 28.43
C PRO F 142 -7.30 -50.01 29.55
N PRO F 143 -8.44 -50.45 30.09
CA PRO F 143 -8.40 -51.47 31.15
C PRO F 143 -8.02 -52.83 30.59
N LYS F 144 -7.44 -53.65 31.46
CA LYS F 144 -6.88 -54.93 31.08
C LYS F 144 -7.92 -56.03 31.18
N PRO F 145 -7.61 -57.21 30.68
CA PRO F 145 -8.50 -58.36 30.87
C PRO F 145 -8.42 -58.87 32.30
N VAL F 146 -9.46 -59.61 32.72
CA VAL F 146 -9.52 -60.11 34.08
C VAL F 146 -9.17 -61.59 34.11
N HIS F 147 -8.58 -62.02 35.23
CA HIS F 147 -8.14 -63.39 35.45
C HIS F 147 -8.78 -63.93 36.71
N LEU F 148 -9.00 -65.25 36.71
CA LEU F 148 -9.60 -65.96 37.83
C LEU F 148 -8.76 -67.18 38.17
N SER F 149 -8.91 -67.67 39.39
CA SER F 149 -8.23 -68.90 39.79
C SER F 149 -9.02 -69.55 40.91
N ALA F 150 -9.38 -70.81 40.73
CA ALA F 150 -10.26 -71.47 41.68
C ALA F 150 -9.69 -72.79 42.17
N LEU F 151 -10.02 -73.10 43.41
CA LEU F 151 -9.71 -74.38 44.02
C LEU F 151 -11.01 -75.04 44.41
N ALA F 152 -10.98 -76.36 44.52
CA ALA F 152 -12.16 -77.13 44.88
C ALA F 152 -11.72 -78.44 45.53
N VAL F 153 -12.55 -78.93 46.44
CA VAL F 153 -12.32 -80.23 47.07
C VAL F 153 -13.52 -81.11 46.78
N TYR F 154 -13.28 -82.19 46.06
CA TYR F 154 -14.33 -83.08 45.59
C TYR F 154 -14.44 -84.30 46.48
N GLU F 155 -15.65 -84.85 46.56
CA GLU F 155 -15.87 -86.09 47.27
C GLU F 155 -15.24 -87.24 46.50
N ARG F 156 -14.53 -88.13 47.21
CA ARG F 156 -13.81 -89.20 46.55
C ARG F 156 -14.77 -90.22 45.95
N GLY F 157 -14.24 -91.01 45.03
CA GLY F 157 -15.05 -91.89 44.23
C GLY F 157 -15.45 -91.30 42.88
N SER F 158 -14.95 -90.11 42.54
CA SER F 158 -15.31 -89.45 41.30
C SER F 158 -14.11 -89.27 40.40
N PRO F 159 -14.25 -89.53 39.10
CA PRO F 159 -13.16 -89.26 38.15
C PRO F 159 -13.02 -87.78 37.87
N LEU F 160 -12.24 -87.07 38.69
CA LEU F 160 -12.19 -85.62 38.71
C LEU F 160 -11.37 -85.00 37.57
N ALA F 161 -11.08 -85.74 36.50
CA ALA F 161 -10.43 -85.12 35.36
C ALA F 161 -11.43 -84.39 34.46
N HIS F 162 -12.66 -84.87 34.38
CA HIS F 162 -13.66 -84.26 33.52
C HIS F 162 -14.45 -83.16 34.20
N GLN F 163 -14.29 -82.98 35.50
CA GLN F 163 -14.99 -81.93 36.22
C GLN F 163 -14.29 -80.58 36.10
N ILE F 164 -13.14 -80.52 35.44
CA ILE F 164 -12.39 -79.28 35.32
C ILE F 164 -12.86 -78.43 34.16
N SER F 165 -13.69 -78.98 33.27
CA SER F 165 -14.23 -78.21 32.16
C SER F 165 -15.59 -77.62 32.47
N ASP F 166 -16.31 -78.18 33.43
CA ASP F 166 -17.58 -77.59 33.84
C ASP F 166 -17.36 -76.31 34.63
N ILE F 167 -16.33 -76.29 35.48
CA ILE F 167 -16.03 -75.09 36.23
C ILE F 167 -15.45 -74.02 35.32
N LYS F 168 -14.73 -74.43 34.28
CA LYS F 168 -14.17 -73.47 33.34
C LYS F 168 -15.26 -72.87 32.44
N ARG F 169 -16.28 -73.68 32.10
CA ARG F 169 -17.36 -73.16 31.29
C ARG F 169 -18.29 -72.29 32.14
N PHE F 170 -18.42 -72.61 33.42
CA PHE F 170 -19.27 -71.81 34.29
C PHE F 170 -18.62 -70.46 34.55
N LEU F 171 -17.30 -70.44 34.79
CA LEU F 171 -16.63 -69.19 35.08
C LEU F 171 -16.34 -68.36 33.84
N LYS F 172 -16.48 -68.92 32.63
CA LYS F 172 -16.02 -68.20 31.45
C LYS F 172 -16.92 -67.00 31.13
N ASN F 173 -18.19 -67.25 30.83
CA ASN F 173 -19.08 -66.15 30.46
C ASN F 173 -19.92 -65.70 31.63
N SER F 174 -19.29 -65.71 32.80
CA SER F 174 -19.78 -65.01 33.98
C SER F 174 -19.06 -63.69 34.18
N PHE F 175 -18.29 -63.24 33.19
CA PHE F 175 -17.60 -61.97 33.29
C PHE F 175 -17.57 -61.31 31.92
N ALA F 176 -16.76 -60.25 31.79
CA ALA F 176 -16.83 -59.42 30.59
C ALA F 176 -16.21 -60.14 29.40
N ASP F 177 -14.91 -60.39 29.46
CA ASP F 177 -14.22 -61.09 28.38
C ASP F 177 -12.99 -61.78 28.98
N VAL F 178 -13.13 -63.05 29.31
CA VAL F 178 -12.01 -63.86 29.70
C VAL F 178 -11.71 -64.84 28.58
N ASP F 179 -10.55 -65.47 28.65
CA ASP F 179 -10.20 -66.54 27.74
C ASP F 179 -10.08 -67.83 28.53
N TYR F 180 -9.99 -68.93 27.80
CA TYR F 180 -9.91 -70.23 28.46
C TYR F 180 -8.53 -70.55 29.00
N ASP F 181 -7.53 -69.72 28.72
CA ASP F 181 -6.20 -69.87 29.31
C ASP F 181 -5.87 -68.75 30.29
N ASN F 182 -6.86 -67.98 30.71
CA ASN F 182 -6.73 -67.04 31.81
C ASN F 182 -7.43 -67.55 33.06
N ILE F 183 -7.90 -68.81 33.05
CA ILE F 183 -8.51 -69.47 34.19
C ILE F 183 -7.67 -70.68 34.57
N SER F 184 -7.36 -70.80 35.86
CA SER F 184 -6.58 -71.93 36.36
C SER F 184 -7.37 -72.57 37.49
N VAL F 185 -7.67 -73.85 37.33
CA VAL F 185 -8.44 -74.63 38.29
C VAL F 185 -7.54 -75.71 38.86
N VAL F 186 -7.35 -75.67 40.17
CA VAL F 186 -6.55 -76.68 40.87
C VAL F 186 -7.46 -77.35 41.88
N LEU F 187 -7.93 -78.55 41.58
CA LEU F 187 -8.88 -79.24 42.45
C LEU F 187 -8.34 -80.59 42.88
N SER F 188 -8.94 -81.14 43.95
CA SER F 188 -8.40 -82.37 44.52
C SER F 188 -9.44 -83.11 45.34
N GLU F 189 -9.29 -84.43 45.40
CA GLU F 189 -10.20 -85.26 46.17
C GLU F 189 -9.94 -85.11 47.66
N ARG F 190 -10.91 -85.54 48.47
CA ARG F 190 -10.79 -85.37 49.91
C ARG F 190 -9.95 -86.49 50.52
N SER F 191 -9.56 -86.27 51.77
CA SER F 191 -8.74 -87.20 52.52
C SER F 191 -9.58 -88.37 53.02
N ASP F 192 -8.90 -89.38 53.55
CA ASP F 192 -9.59 -90.54 54.09
C ASP F 192 -10.34 -90.16 55.36
N ALA F 193 -11.47 -90.80 55.58
CA ALA F 193 -12.35 -90.39 56.67
C ALA F 193 -11.80 -90.87 58.01
N GLN F 194 -12.15 -90.14 59.06
CA GLN F 194 -11.76 -90.47 60.42
C GLN F 194 -13.04 -90.73 61.20
N LEU F 195 -13.33 -92.00 61.46
CA LEU F 195 -14.59 -92.37 62.08
C LEU F 195 -14.45 -93.04 63.43
N GLN F 196 -13.25 -93.46 63.82
CA GLN F 196 -13.08 -94.17 65.09
C GLN F 196 -12.49 -93.26 66.15
N ALA F 197 -12.75 -93.63 67.40
CA ALA F 197 -12.30 -92.84 68.53
C ALA F 197 -10.79 -93.00 68.71
N PRO F 198 -10.10 -91.97 69.24
CA PRO F 198 -8.66 -92.09 69.48
C PRO F 198 -8.27 -93.15 70.50
N GLY F 199 -8.81 -93.06 71.71
CA GLY F 199 -8.46 -94.04 72.72
C GLY F 199 -7.57 -93.49 73.81
N THR F 200 -8.00 -93.65 75.04
CA THR F 200 -7.28 -93.14 76.20
C THR F 200 -6.06 -94.02 76.49
N PRO F 201 -4.94 -93.43 76.91
CA PRO F 201 -3.79 -94.24 77.29
C PRO F 201 -4.00 -94.89 78.64
N VAL F 202 -3.55 -96.13 78.76
CA VAL F 202 -3.68 -96.85 80.02
C VAL F 202 -2.56 -96.40 80.95
N LYS F 203 -2.81 -96.51 82.24
CA LYS F 203 -1.84 -96.08 83.24
C LYS F 203 -1.68 -97.11 84.35
N ASP G 20 -62.83 -77.36 62.97
CA ASP G 20 -62.32 -76.63 61.82
C ASP G 20 -60.86 -76.26 62.00
N LYS G 21 -60.10 -76.35 60.91
CA LYS G 21 -58.70 -75.95 60.89
C LYS G 21 -58.58 -74.67 60.09
N ASP G 22 -57.86 -73.69 60.63
CA ASP G 22 -57.76 -72.40 59.98
C ASP G 22 -56.79 -72.44 58.81
N LEU G 23 -57.06 -71.62 57.80
CA LEU G 23 -56.18 -71.46 56.66
C LEU G 23 -55.53 -70.10 56.65
N LEU G 24 -56.32 -69.03 56.65
CA LEU G 24 -55.82 -67.68 56.55
C LEU G 24 -56.57 -66.82 57.57
N LYS G 25 -55.90 -65.79 58.06
CA LYS G 25 -56.53 -64.81 58.92
C LYS G 25 -55.84 -63.47 58.73
N GLY G 26 -56.57 -62.41 59.04
CA GLY G 26 -56.11 -61.07 58.81
C GLY G 26 -56.45 -60.52 57.44
N LEU G 27 -57.20 -61.27 56.64
CA LEU G 27 -57.58 -60.79 55.32
C LEU G 27 -58.68 -59.74 55.45
N ASP G 28 -58.71 -58.83 54.49
CA ASP G 28 -59.74 -57.81 54.47
C ASP G 28 -60.93 -58.29 53.65
N GLN G 29 -61.80 -57.34 53.30
CA GLN G 29 -63.10 -57.63 52.75
C GLN G 29 -63.01 -58.12 51.31
N GLU G 30 -62.08 -57.56 50.53
CA GLU G 30 -61.99 -57.93 49.14
C GLU G 30 -61.04 -59.10 48.93
N GLN G 31 -60.21 -59.42 49.91
CA GLN G 31 -59.38 -60.61 49.83
C GLN G 31 -60.08 -61.85 50.32
N ALA G 32 -61.10 -61.72 51.18
CA ALA G 32 -61.78 -62.93 51.65
C ALA G 32 -62.85 -63.44 50.68
N ASN G 33 -63.48 -62.53 49.95
CA ASN G 33 -64.50 -62.91 48.97
C ASN G 33 -63.95 -63.53 47.71
N GLU G 34 -62.63 -63.51 47.52
CA GLU G 34 -62.06 -64.15 46.35
C GLU G 34 -61.53 -65.53 46.69
N VAL G 35 -61.08 -65.72 47.94
CA VAL G 35 -60.65 -67.03 48.38
C VAL G 35 -61.85 -67.95 48.54
N ILE G 36 -62.96 -67.41 49.05
CA ILE G 36 -64.17 -68.23 49.15
C ILE G 36 -64.69 -68.59 47.77
N ALA G 37 -64.62 -67.63 46.84
CA ALA G 37 -65.07 -67.86 45.47
C ALA G 37 -64.16 -68.80 44.71
N VAL G 38 -62.94 -69.04 45.20
CA VAL G 38 -62.06 -70.01 44.58
C VAL G 38 -62.31 -71.40 45.16
N LEU G 39 -62.50 -71.47 46.48
CA LEU G 39 -62.71 -72.78 47.11
C LEU G 39 -64.06 -73.38 46.73
N GLN G 40 -65.11 -72.56 46.61
CA GLN G 40 -66.42 -73.08 46.25
C GLN G 40 -66.49 -73.60 44.82
N MET G 41 -65.56 -73.21 43.96
CA MET G 41 -65.48 -73.78 42.63
C MET G 41 -65.00 -75.22 42.63
N HIS G 42 -64.25 -75.61 43.66
CA HIS G 42 -63.62 -76.93 43.71
C HIS G 42 -64.22 -77.83 44.80
N ASN G 43 -65.52 -77.67 45.06
CA ASN G 43 -66.31 -78.57 45.90
C ASN G 43 -65.84 -78.61 47.35
N ILE G 44 -65.32 -77.50 47.87
CA ILE G 44 -65.03 -77.36 49.29
C ILE G 44 -65.59 -76.03 49.76
N GLU G 45 -66.16 -76.02 50.96
CA GLU G 45 -66.82 -74.82 51.47
C GLU G 45 -66.03 -74.26 52.63
N ALA G 46 -66.15 -72.95 52.82
CA ALA G 46 -65.39 -72.23 53.81
C ALA G 46 -66.31 -71.40 54.69
N ASN G 47 -65.75 -70.81 55.73
CA ASN G 47 -66.52 -69.99 56.65
C ASN G 47 -65.80 -68.66 56.85
N LYS G 48 -66.52 -67.57 56.65
CA LYS G 48 -65.95 -66.22 56.78
C LYS G 48 -66.26 -65.71 58.18
N ILE G 49 -65.31 -65.91 59.08
CA ILE G 49 -65.46 -65.52 60.49
C ILE G 49 -64.85 -64.14 60.67
N ASP G 50 -65.65 -63.19 61.16
CA ASP G 50 -65.17 -61.85 61.44
C ASP G 50 -64.34 -61.83 62.71
N SER G 51 -63.48 -60.81 62.83
CA SER G 51 -62.69 -60.67 64.04
C SER G 51 -62.59 -59.22 64.49
N GLY G 52 -63.50 -58.35 64.04
CA GLY G 52 -63.48 -56.97 64.50
C GLY G 52 -62.46 -56.12 63.80
N LYS G 53 -61.38 -55.79 64.49
CA LYS G 53 -60.32 -54.97 63.91
C LYS G 53 -59.29 -55.81 63.16
N LEU G 54 -59.17 -57.10 63.49
CA LEU G 54 -58.16 -57.99 62.92
C LEU G 54 -58.59 -58.59 61.60
N GLY G 55 -59.59 -58.05 60.92
CA GLY G 55 -60.00 -58.59 59.64
C GLY G 55 -60.83 -59.85 59.77
N TYR G 56 -60.83 -60.62 58.69
CA TYR G 56 -61.60 -61.84 58.59
C TYR G 56 -60.72 -63.06 58.79
N SER G 57 -61.33 -64.23 58.71
CA SER G 57 -60.61 -65.49 58.86
C SER G 57 -61.39 -66.58 58.15
N ILE G 58 -60.68 -67.50 57.51
CA ILE G 58 -61.32 -68.48 56.65
C ILE G 58 -60.95 -69.87 57.15
N THR G 59 -61.96 -70.64 57.53
CA THR G 59 -61.78 -71.99 58.03
C THR G 59 -62.51 -72.98 57.13
N VAL G 60 -61.89 -74.15 56.96
CA VAL G 60 -62.48 -75.25 56.22
C VAL G 60 -62.64 -76.43 57.16
N ALA G 61 -63.23 -77.52 56.68
CA ALA G 61 -63.48 -78.70 57.50
C ALA G 61 -62.19 -79.51 57.66
N GLU G 62 -62.30 -80.64 58.33
CA GLU G 62 -61.12 -81.47 58.55
C GLU G 62 -60.70 -82.32 57.35
N PRO G 63 -61.57 -83.08 56.65
CA PRO G 63 -61.06 -83.83 55.49
C PRO G 63 -60.75 -82.96 54.28
N ASP G 64 -61.25 -81.73 54.25
CA ASP G 64 -61.04 -80.81 53.13
C ASP G 64 -59.90 -79.82 53.40
N PHE G 65 -58.89 -80.24 54.14
CA PHE G 65 -57.76 -79.36 54.44
C PHE G 65 -56.60 -79.55 53.47
N THR G 66 -56.35 -80.79 53.03
CA THR G 66 -55.24 -81.04 52.13
C THR G 66 -55.53 -80.52 50.72
N ALA G 67 -56.80 -80.51 50.32
CA ALA G 67 -57.12 -79.94 49.02
C ALA G 67 -57.05 -78.42 49.07
N ALA G 68 -57.52 -77.84 50.18
CA ALA G 68 -57.59 -76.39 50.25
C ALA G 68 -56.22 -75.76 50.41
N VAL G 69 -55.25 -76.45 51.03
CA VAL G 69 -53.92 -75.86 51.05
C VAL G 69 -53.30 -75.87 49.64
N TYR G 70 -53.63 -76.90 48.86
CA TYR G 70 -53.08 -77.04 47.52
C TYR G 70 -53.62 -75.97 46.58
N TRP G 71 -54.91 -75.63 46.72
CA TRP G 71 -55.40 -74.62 45.78
C TRP G 71 -54.98 -73.21 46.17
N ILE G 72 -54.59 -73.00 47.43
CA ILE G 72 -54.02 -71.71 47.82
C ILE G 72 -52.64 -71.56 47.23
N LYS G 73 -51.84 -72.63 47.29
CA LYS G 73 -50.49 -72.58 46.74
C LYS G 73 -50.53 -72.47 45.21
N THR G 74 -51.51 -73.12 44.58
CA THR G 74 -51.57 -73.09 43.12
C THR G 74 -52.05 -71.73 42.62
N TYR G 75 -53.14 -71.21 43.19
CA TYR G 75 -53.69 -69.96 42.71
C TYR G 75 -53.01 -68.74 43.31
N GLN G 76 -51.94 -68.90 44.10
CA GLN G 76 -51.17 -67.81 44.71
C GLN G 76 -52.00 -66.91 45.61
N LEU G 77 -52.99 -67.47 46.27
CA LEU G 77 -53.86 -66.70 47.15
C LEU G 77 -53.16 -66.45 48.49
N PRO G 78 -53.48 -65.34 49.18
CA PRO G 78 -54.38 -64.23 48.94
C PRO G 78 -53.87 -63.23 47.90
N PRO G 79 -54.77 -62.53 47.21
CA PRO G 79 -54.35 -61.65 46.13
C PRO G 79 -53.62 -60.42 46.63
N ARG G 80 -52.67 -59.97 45.84
CA ARG G 80 -52.03 -58.69 46.06
C ARG G 80 -52.98 -57.57 45.65
N PRO G 81 -52.86 -56.39 46.26
CA PRO G 81 -53.65 -55.26 45.77
C PRO G 81 -53.15 -54.81 44.41
N ARG G 82 -54.08 -54.38 43.56
CA ARG G 82 -53.73 -54.08 42.18
C ARG G 82 -52.93 -52.79 42.10
N VAL G 83 -51.95 -52.77 41.19
CA VAL G 83 -50.95 -51.70 41.14
C VAL G 83 -51.24 -50.82 39.94
N GLU G 84 -51.15 -49.51 40.16
CA GLU G 84 -51.21 -48.52 39.09
C GLU G 84 -49.92 -47.74 39.03
N ILE G 85 -49.65 -47.15 37.87
CA ILE G 85 -48.39 -46.46 37.66
C ILE G 85 -48.32 -45.17 38.45
N ALA G 86 -49.46 -44.53 38.70
CA ALA G 86 -49.48 -43.27 39.42
C ALA G 86 -49.29 -43.44 40.92
N GLN G 87 -49.18 -44.66 41.41
CA GLN G 87 -48.96 -44.89 42.84
C GLN G 87 -47.50 -44.69 43.22
N MET G 88 -46.58 -44.88 42.29
CA MET G 88 -45.17 -44.77 42.60
C MET G 88 -44.61 -43.39 42.32
N PHE G 89 -45.45 -42.45 41.91
CA PHE G 89 -45.07 -41.05 41.75
C PHE G 89 -46.10 -40.20 42.46
N PRO G 90 -46.01 -40.08 43.79
CA PRO G 90 -47.04 -39.36 44.53
C PRO G 90 -46.89 -37.86 44.36
N ALA G 91 -48.02 -37.17 44.55
CA ALA G 91 -48.10 -35.73 44.37
C ALA G 91 -47.70 -34.93 45.60
N ASP G 92 -47.18 -35.57 46.64
CA ASP G 92 -46.81 -34.85 47.84
C ASP G 92 -45.38 -34.32 47.82
N SER G 93 -44.76 -34.25 46.65
CA SER G 93 -43.45 -33.62 46.54
C SER G 93 -43.63 -32.13 46.32
N LEU G 94 -42.62 -31.36 46.74
CA LEU G 94 -42.71 -29.91 46.60
C LEU G 94 -42.55 -29.50 45.14
N VAL G 95 -41.54 -30.02 44.46
CA VAL G 95 -41.44 -29.90 43.03
C VAL G 95 -41.37 -31.30 42.43
N SER G 96 -41.91 -31.43 41.23
CA SER G 96 -42.01 -32.71 40.53
C SER G 96 -41.33 -32.62 39.19
N SER G 97 -40.68 -33.71 38.81
CA SER G 97 -40.01 -33.78 37.53
C SER G 97 -41.05 -33.85 36.41
N PRO G 98 -40.66 -33.46 35.19
CA PRO G 98 -41.54 -33.71 34.05
C PRO G 98 -41.74 -35.17 33.75
N ARG G 99 -40.84 -36.05 34.19
CA ARG G 99 -41.08 -37.47 34.06
C ARG G 99 -42.19 -37.93 34.99
N ALA G 100 -42.37 -37.25 36.10
CA ALA G 100 -43.41 -37.68 37.02
C ALA G 100 -44.74 -37.04 36.68
N GLU G 101 -44.71 -35.83 36.12
CA GLU G 101 -45.97 -35.24 35.70
C GLU G 101 -46.43 -35.78 34.35
N LYS G 102 -45.56 -36.51 33.65
CA LYS G 102 -45.96 -37.18 32.42
C LYS G 102 -46.29 -38.64 32.64
N ALA G 103 -45.75 -39.24 33.71
CA ALA G 103 -46.11 -40.61 34.06
C ALA G 103 -47.37 -40.68 34.89
N ARG G 104 -47.80 -39.57 35.48
CA ARG G 104 -49.07 -39.55 36.20
C ARG G 104 -50.28 -39.25 35.32
N LEU G 105 -50.09 -38.79 34.09
CA LEU G 105 -51.19 -38.53 33.17
C LEU G 105 -51.61 -39.76 32.37
N TYR G 106 -50.64 -40.54 31.89
CA TYR G 106 -50.98 -41.77 31.17
C TYR G 106 -51.59 -42.81 32.10
N SER G 107 -51.32 -42.73 33.38
CA SER G 107 -51.87 -43.70 34.28
C SER G 107 -53.29 -43.35 34.69
N ALA G 108 -53.74 -42.12 34.42
CA ALA G 108 -55.13 -41.80 34.63
C ALA G 108 -55.91 -41.94 33.33
N ILE G 109 -55.20 -41.96 32.20
CA ILE G 109 -55.89 -42.23 30.94
C ILE G 109 -56.17 -43.71 30.82
N GLU G 110 -55.20 -44.56 31.19
CA GLU G 110 -55.45 -45.99 31.06
C GLU G 110 -56.42 -46.52 32.11
N GLN G 111 -56.71 -45.75 33.17
CA GLN G 111 -57.81 -46.10 34.06
C GLN G 111 -59.15 -45.56 33.59
N ARG G 112 -59.17 -44.41 32.91
CA ARG G 112 -60.46 -43.89 32.47
C ARG G 112 -60.97 -44.62 31.22
N LEU G 113 -60.07 -45.04 30.33
CA LEU G 113 -60.52 -45.85 29.20
C LEU G 113 -60.92 -47.25 29.64
N GLU G 114 -60.36 -47.71 30.75
CA GLU G 114 -60.74 -49.02 31.26
C GLU G 114 -62.11 -48.95 31.92
N GLN G 115 -62.41 -47.84 32.61
CA GLN G 115 -63.75 -47.70 33.16
C GLN G 115 -64.77 -47.38 32.09
N SER G 116 -64.35 -46.86 30.94
CA SER G 116 -65.27 -46.59 29.86
C SER G 116 -65.55 -47.80 29.01
N LEU G 117 -64.68 -48.80 29.05
CA LEU G 117 -64.97 -50.02 28.30
C LEU G 117 -66.00 -50.91 28.98
N GLN G 118 -66.21 -50.77 30.29
CA GLN G 118 -67.20 -51.58 30.98
C GLN G 118 -68.63 -51.09 30.78
N THR G 119 -68.82 -49.91 30.21
CA THR G 119 -70.16 -49.41 29.96
C THR G 119 -70.69 -49.82 28.60
N MET G 120 -69.88 -50.47 27.77
CA MET G 120 -70.39 -51.05 26.55
C MET G 120 -71.27 -52.25 26.86
N GLU G 121 -72.07 -52.65 25.90
CA GLU G 121 -72.97 -53.77 26.12
C GLU G 121 -72.22 -55.09 26.02
N GLY G 122 -72.50 -55.99 26.96
CA GLY G 122 -71.88 -57.28 26.98
C GLY G 122 -70.61 -57.36 27.79
N VAL G 123 -69.92 -56.25 28.00
CA VAL G 123 -68.62 -56.28 28.66
C VAL G 123 -68.82 -56.43 30.16
N LEU G 124 -68.03 -57.32 30.77
CA LEU G 124 -68.01 -57.48 32.22
C LEU G 124 -66.75 -56.92 32.85
N SER G 125 -65.59 -57.17 32.25
CA SER G 125 -64.32 -56.67 32.74
C SER G 125 -63.46 -56.30 31.54
N ALA G 126 -62.49 -55.42 31.78
CA ALA G 126 -61.61 -54.95 30.72
C ALA G 126 -60.32 -54.42 31.33
N ARG G 127 -59.28 -54.38 30.51
CA ARG G 127 -57.99 -53.80 30.90
C ARG G 127 -57.33 -53.16 29.69
N VAL G 128 -56.71 -52.00 29.89
CA VAL G 128 -56.14 -51.20 28.81
C VAL G 128 -54.72 -50.79 29.21
N HIS G 129 -53.77 -50.97 28.30
CA HIS G 129 -52.36 -50.62 28.48
C HIS G 129 -51.92 -49.64 27.40
N ILE G 130 -51.32 -48.52 27.83
CA ILE G 130 -50.78 -47.50 26.95
C ILE G 130 -49.26 -47.61 26.96
N SER G 131 -48.65 -47.31 25.82
CA SER G 131 -47.20 -47.27 25.73
C SER G 131 -46.67 -45.97 26.32
N TYR G 132 -45.68 -46.08 27.20
CA TYR G 132 -45.12 -44.94 27.92
C TYR G 132 -43.87 -44.45 27.22
N ASP G 133 -43.77 -43.14 27.02
CA ASP G 133 -42.52 -42.52 26.57
C ASP G 133 -42.20 -41.36 27.48
N ILE G 134 -40.92 -41.25 27.85
CA ILE G 134 -40.45 -40.19 28.75
C ILE G 134 -39.21 -39.46 28.25
N ASP G 135 -38.44 -40.02 27.33
CA ASP G 135 -37.23 -39.35 26.83
C ASP G 135 -37.51 -38.42 25.67
N ALA G 136 -38.69 -38.53 25.04
CA ALA G 136 -39.00 -37.75 23.86
C ALA G 136 -39.21 -36.29 24.20
N GLY G 137 -39.57 -35.98 25.45
CA GLY G 137 -39.75 -34.59 25.81
C GLY G 137 -38.42 -33.92 26.04
N GLU G 138 -37.39 -34.68 26.44
CA GLU G 138 -36.10 -34.09 26.75
C GLU G 138 -35.12 -34.17 25.59
N ASN G 139 -35.47 -34.86 24.50
CA ASN G 139 -34.54 -34.88 23.39
C ASN G 139 -35.00 -33.93 22.28
N GLY G 140 -34.31 -33.97 21.13
CA GLY G 140 -34.69 -33.16 19.99
C GLY G 140 -35.39 -33.92 18.87
N ARG G 141 -35.37 -35.25 18.95
CA ARG G 141 -35.99 -36.14 17.98
C ARG G 141 -37.50 -36.21 18.22
N PRO G 142 -38.30 -36.49 17.18
CA PRO G 142 -39.75 -36.50 17.34
C PRO G 142 -40.21 -37.68 18.17
N PRO G 143 -41.34 -37.56 18.86
CA PRO G 143 -41.82 -38.66 19.70
C PRO G 143 -42.35 -39.82 18.88
N LYS G 144 -42.29 -41.01 19.46
CA LYS G 144 -42.66 -42.22 18.76
C LYS G 144 -44.17 -42.35 18.71
N PRO G 145 -44.69 -43.36 18.02
CA PRO G 145 -46.13 -43.54 17.95
C PRO G 145 -46.67 -44.13 19.26
N VAL G 146 -47.99 -44.13 19.36
CA VAL G 146 -48.69 -44.58 20.57
C VAL G 146 -49.28 -45.95 20.30
N HIS G 147 -49.05 -46.88 21.23
CA HIS G 147 -49.52 -48.26 21.12
C HIS G 147 -50.43 -48.58 22.30
N LEU G 148 -51.57 -49.19 22.01
CA LEU G 148 -52.56 -49.55 23.02
C LEU G 148 -52.78 -51.06 22.97
N SER G 149 -53.26 -51.60 24.09
CA SER G 149 -53.60 -53.02 24.14
C SER G 149 -54.69 -53.26 25.17
N ALA G 150 -55.68 -54.07 24.80
CA ALA G 150 -56.84 -54.24 25.65
C ALA G 150 -57.27 -55.69 25.75
N LEU G 151 -57.81 -56.03 26.92
CA LEU G 151 -58.45 -57.31 27.16
C LEU G 151 -59.89 -57.06 27.59
N ALA G 152 -60.75 -58.06 27.39
CA ALA G 152 -62.15 -57.92 27.72
C ALA G 152 -62.76 -59.29 27.99
N VAL G 153 -63.78 -59.30 28.85
CA VAL G 153 -64.54 -60.49 29.17
C VAL G 153 -66.00 -60.24 28.86
N TYR G 154 -66.54 -61.03 27.94
CA TYR G 154 -67.88 -60.81 27.40
C TYR G 154 -68.87 -61.81 27.96
N GLU G 155 -70.13 -61.41 28.00
CA GLU G 155 -71.22 -62.30 28.34
C GLU G 155 -71.40 -63.35 27.24
N ARG G 156 -71.64 -64.58 27.64
CA ARG G 156 -71.71 -65.66 26.66
C ARG G 156 -73.00 -65.60 25.86
N GLY G 157 -72.97 -66.24 24.69
CA GLY G 157 -74.05 -66.16 23.74
C GLY G 157 -73.94 -65.01 22.77
N SER G 158 -72.85 -64.30 22.78
CA SER G 158 -72.54 -63.13 21.97
C SER G 158 -71.61 -63.51 20.81
N PRO G 159 -71.73 -62.83 19.68
CA PRO G 159 -70.73 -63.00 18.61
C PRO G 159 -69.46 -62.25 18.94
N LEU G 160 -68.38 -63.01 19.21
CA LEU G 160 -67.12 -62.42 19.61
C LEU G 160 -66.30 -61.89 18.46
N ALA G 161 -66.67 -62.19 17.22
CA ALA G 161 -65.86 -61.74 16.10
C ALA G 161 -66.17 -60.30 15.71
N HIS G 162 -67.44 -59.92 15.74
CA HIS G 162 -67.86 -58.59 15.31
C HIS G 162 -67.78 -57.53 16.39
N GLN G 163 -67.12 -57.81 17.51
CA GLN G 163 -67.02 -56.84 18.58
C GLN G 163 -65.60 -56.35 18.79
N ILE G 164 -64.65 -56.88 18.03
CA ILE G 164 -63.32 -56.29 17.97
C ILE G 164 -63.33 -55.07 17.06
N SER G 165 -64.22 -55.06 16.07
CA SER G 165 -64.34 -53.93 15.16
C SER G 165 -64.97 -52.71 15.80
N ASP G 166 -65.55 -52.83 16.99
CA ASP G 166 -66.09 -51.68 17.71
C ASP G 166 -65.10 -51.13 18.72
N ILE G 167 -64.32 -52.00 19.35
CA ILE G 167 -63.30 -51.55 20.27
C ILE G 167 -62.13 -50.93 19.52
N LYS G 168 -61.80 -51.48 18.34
CA LYS G 168 -60.73 -50.89 17.56
C LYS G 168 -61.15 -49.57 16.91
N ARG G 169 -62.44 -49.29 16.87
CA ARG G 169 -62.93 -48.00 16.39
C ARG G 169 -62.99 -47.00 17.53
N PHE G 170 -63.35 -47.48 18.72
CA PHE G 170 -63.43 -46.59 19.88
C PHE G 170 -62.04 -46.17 20.35
N LEU G 171 -61.06 -47.06 20.26
CA LEU G 171 -59.71 -46.75 20.72
C LEU G 171 -58.87 -46.00 19.69
N LYS G 172 -59.33 -45.88 18.45
CA LYS G 172 -58.47 -45.35 17.39
C LYS G 172 -58.28 -43.85 17.51
N ASN G 173 -59.33 -43.10 17.84
CA ASN G 173 -59.19 -41.67 17.93
C ASN G 173 -59.48 -41.16 19.33
N SER G 174 -58.90 -41.81 20.32
CA SER G 174 -58.80 -41.26 21.65
C SER G 174 -57.39 -40.79 21.95
N PHE G 175 -56.54 -40.72 20.93
CA PHE G 175 -55.18 -40.24 21.07
C PHE G 175 -54.85 -39.41 19.85
N ALA G 176 -53.55 -39.13 19.66
CA ALA G 176 -53.12 -38.23 18.61
C ALA G 176 -53.25 -38.87 17.24
N ASP G 177 -52.49 -39.93 17.00
CA ASP G 177 -52.59 -40.68 15.75
C ASP G 177 -52.09 -42.10 15.98
N VAL G 178 -53.01 -43.04 16.11
CA VAL G 178 -52.65 -44.46 16.15
C VAL G 178 -53.21 -45.12 14.91
N ASP G 179 -52.59 -46.22 14.53
CA ASP G 179 -53.05 -46.99 13.38
C ASP G 179 -53.90 -48.16 13.85
N TYR G 180 -54.42 -48.91 12.89
CA TYR G 180 -55.14 -50.12 13.24
C TYR G 180 -54.20 -51.30 13.43
N ASP G 181 -52.91 -51.15 13.15
CA ASP G 181 -51.94 -52.20 13.42
C ASP G 181 -51.31 -52.08 14.79
N ASN G 182 -51.36 -50.90 15.40
CA ASN G 182 -50.79 -50.67 16.70
C ASN G 182 -51.77 -50.94 17.84
N ILE G 183 -52.97 -51.43 17.54
CA ILE G 183 -53.97 -51.77 18.54
C ILE G 183 -54.19 -53.27 18.53
N SER G 184 -54.30 -53.87 19.71
CA SER G 184 -54.54 -55.30 19.83
C SER G 184 -55.58 -55.57 20.90
N VAL G 185 -56.65 -56.23 20.51
CA VAL G 185 -57.75 -56.59 21.41
C VAL G 185 -57.77 -58.10 21.54
N VAL G 186 -57.63 -58.59 22.76
CA VAL G 186 -57.69 -60.02 23.04
C VAL G 186 -58.83 -60.22 24.03
N LEU G 187 -59.96 -60.73 23.57
CA LEU G 187 -61.15 -60.85 24.40
C LEU G 187 -61.63 -62.28 24.47
N SER G 188 -62.43 -62.57 25.49
CA SER G 188 -62.88 -63.94 25.73
C SER G 188 -64.19 -63.94 26.49
N GLU G 189 -64.94 -65.02 26.33
CA GLU G 189 -66.21 -65.19 27.01
C GLU G 189 -66.01 -65.69 28.44
N ARG G 190 -67.00 -65.46 29.29
CA ARG G 190 -66.87 -65.88 30.67
C ARG G 190 -67.13 -67.38 30.80
N SER G 191 -66.72 -67.92 31.94
CA SER G 191 -66.73 -69.36 32.17
C SER G 191 -68.12 -69.85 32.49
N ASP G 192 -68.22 -71.14 32.79
CA ASP G 192 -69.51 -71.72 33.16
C ASP G 192 -69.87 -71.29 34.57
N ALA G 193 -71.14 -70.95 34.77
CA ALA G 193 -71.58 -70.39 36.04
C ALA G 193 -71.60 -71.45 37.14
N GLN G 194 -71.32 -71.00 38.36
CA GLN G 194 -71.37 -71.85 39.55
C GLN G 194 -72.52 -71.35 40.41
N LEU G 195 -73.59 -72.15 40.48
CA LEU G 195 -74.80 -71.75 41.17
C LEU G 195 -75.19 -72.67 42.32
N GLN G 196 -74.78 -73.92 42.30
CA GLN G 196 -75.17 -74.86 43.33
C GLN G 196 -74.19 -74.86 44.49
N ALA G 197 -74.68 -75.28 45.65
CA ALA G 197 -73.87 -75.29 46.85
C ALA G 197 -72.84 -76.41 46.78
N PRO G 198 -71.69 -76.25 47.44
CA PRO G 198 -70.68 -77.32 47.43
C PRO G 198 -71.08 -78.62 48.11
N GLY G 199 -71.50 -78.56 49.35
CA GLY G 199 -71.89 -79.78 50.04
C GLY G 199 -70.97 -80.10 51.19
N THR G 200 -71.56 -80.44 52.32
CA THR G 200 -70.83 -80.74 53.55
C THR G 200 -70.29 -82.17 53.53
N PRO G 201 -69.08 -82.39 54.03
CA PRO G 201 -68.55 -83.75 54.10
C PRO G 201 -69.24 -84.55 55.21
N VAL G 202 -69.74 -85.72 54.85
CA VAL G 202 -70.37 -86.61 55.83
C VAL G 202 -69.35 -87.63 56.29
N LYS G 203 -69.50 -88.06 57.53
CA LYS G 203 -68.55 -88.99 58.15
C LYS G 203 -69.29 -90.18 58.76
N ASN H 3 9.31 9.86 2.54
CA ASN H 3 9.70 8.63 3.23
C ASN H 3 8.70 8.36 4.34
N ASP H 4 7.94 7.27 4.18
CA ASP H 4 6.91 6.90 5.15
C ASP H 4 7.46 6.32 6.45
N ILE H 5 8.74 5.92 6.49
CA ILE H 5 9.34 5.48 7.75
C ILE H 5 9.48 6.65 8.73
N SER H 6 9.73 7.86 8.22
CA SER H 6 9.77 9.05 9.07
C SER H 6 8.40 9.41 9.66
N LEU H 7 7.31 9.04 8.97
CA LEU H 7 5.97 9.17 9.56
C LEU H 7 5.59 7.99 10.44
N ILE H 8 6.18 6.82 10.22
CA ILE H 8 6.02 5.72 11.17
C ILE H 8 6.72 6.05 12.49
N ALA H 9 7.82 6.82 12.42
CA ALA H 9 8.45 7.31 13.63
C ALA H 9 7.56 8.27 14.41
N LEU H 10 6.58 8.92 13.75
CA LEU H 10 5.60 9.69 14.49
C LEU H 10 4.64 8.79 15.26
N LEU H 11 4.40 7.57 14.74
CA LEU H 11 3.65 6.56 15.50
C LEU H 11 4.51 5.95 16.59
N ALA H 12 5.81 6.17 16.53
CA ALA H 12 6.71 5.85 17.63
C ALA H 12 6.75 6.98 18.67
N PHE H 13 6.00 8.05 18.45
CA PHE H 13 5.89 9.20 19.34
C PHE H 13 4.53 9.31 19.98
N SER H 14 3.47 9.05 19.21
CA SER H 14 2.12 9.17 19.74
C SER H 14 1.73 8.01 20.64
N THR H 15 2.43 6.89 20.55
CA THR H 15 2.16 5.76 21.42
C THR H 15 3.19 5.63 22.53
N LEU H 16 4.32 6.34 22.44
CA LEU H 16 5.33 6.30 23.47
C LEU H 16 5.31 7.48 24.44
N LEU H 17 4.69 8.61 24.07
CA LEU H 17 4.69 9.77 24.98
C LEU H 17 3.92 9.60 26.30
N PRO H 18 2.85 8.78 26.38
CA PRO H 18 2.34 8.40 27.71
C PRO H 18 3.31 7.61 28.57
N PHE H 19 4.35 6.98 28.01
CA PHE H 19 5.27 6.26 28.89
C PHE H 19 6.41 7.14 29.36
N ILE H 20 6.74 8.17 28.57
CA ILE H 20 7.80 9.08 28.99
C ILE H 20 7.26 10.06 30.01
N ILE H 21 5.99 10.48 29.84
CA ILE H 21 5.38 11.33 30.86
C ILE H 21 5.20 10.55 32.17
N ALA H 22 4.83 9.27 32.07
CA ALA H 22 4.63 8.46 33.26
C ALA H 22 5.93 7.92 33.84
N SER H 23 7.07 8.23 33.23
CA SER H 23 8.35 7.72 33.73
C SER H 23 9.27 8.84 34.19
N GLY H 24 9.56 9.83 33.35
CA GLY H 24 10.56 10.81 33.69
C GLY H 24 10.08 12.20 34.00
N THR H 25 8.78 12.42 33.93
CA THR H 25 8.17 13.69 34.24
C THR H 25 7.64 13.64 35.67
N CYS H 26 7.68 14.78 36.36
CA CYS H 26 7.23 14.95 37.75
C CYS H 26 5.74 14.71 38.01
N PHE H 27 4.99 14.31 36.97
CA PHE H 27 3.61 13.85 37.09
C PHE H 27 3.50 12.62 37.99
N VAL H 28 4.57 11.83 38.12
CA VAL H 28 4.60 10.65 38.99
C VAL H 28 4.42 11.06 40.45
N LYS H 29 4.98 12.21 40.84
CA LYS H 29 4.84 12.66 42.21
C LYS H 29 3.46 13.23 42.50
N PHE H 30 2.83 13.88 41.53
CA PHE H 30 1.55 14.51 41.76
C PHE H 30 0.41 13.50 41.71
N SER H 31 0.51 12.52 40.79
CA SER H 31 -0.57 11.56 40.61
C SER H 31 -0.62 10.55 41.75
N ILE H 32 0.46 10.40 42.52
CA ILE H 32 0.42 9.47 43.63
C ILE H 32 -0.19 10.12 44.85
N VAL H 33 0.25 11.36 45.14
CA VAL H 33 -0.18 12.03 46.36
C VAL H 33 -1.64 12.50 46.24
N PHE H 34 -2.10 12.79 45.01
CA PHE H 34 -3.47 13.26 44.84
C PHE H 34 -4.48 12.16 45.16
N VAL H 35 -4.20 10.93 44.72
CA VAL H 35 -5.12 9.83 45.01
C VAL H 35 -4.83 9.28 46.41
N MET H 36 -3.65 9.58 46.97
CA MET H 36 -3.34 9.10 48.31
C MET H 36 -4.13 9.88 49.36
N VAL H 37 -4.28 11.19 49.16
CA VAL H 37 -5.16 11.94 50.06
C VAL H 37 -6.62 11.56 49.84
N ARG H 38 -6.98 11.16 48.62
CA ARG H 38 -8.35 10.70 48.40
C ARG H 38 -8.62 9.40 49.13
N ASN H 39 -7.63 8.51 49.21
CA ASN H 39 -7.79 7.32 50.04
C ASN H 39 -7.78 7.68 51.52
N ALA H 40 -7.15 8.79 51.88
CA ALA H 40 -7.12 9.22 53.28
C ALA H 40 -8.46 9.78 53.72
N LEU H 41 -9.23 10.38 52.81
CA LEU H 41 -10.52 10.95 53.21
C LEU H 41 -11.57 9.88 53.49
N GLY H 42 -11.73 8.92 52.60
CA GLY H 42 -12.71 7.88 52.77
C GLY H 42 -13.86 7.90 51.77
N LEU H 43 -13.69 8.55 50.62
CA LEU H 43 -14.71 8.65 49.58
C LEU H 43 -13.95 8.38 48.28
N GLN H 44 -14.15 7.20 47.72
CA GLN H 44 -13.32 6.74 46.62
C GLN H 44 -13.84 7.10 45.24
N GLN H 45 -14.83 8.00 45.15
CA GLN H 45 -15.35 8.47 43.87
C GLN H 45 -15.28 9.97 43.70
N ILE H 46 -14.79 10.70 44.68
CA ILE H 46 -14.60 12.15 44.62
C ILE H 46 -13.21 12.47 45.16
N PRO H 47 -12.39 13.24 44.43
CA PRO H 47 -12.64 13.94 43.17
C PRO H 47 -12.50 13.22 41.82
N SER H 48 -12.87 11.94 41.66
CA SER H 48 -13.22 11.37 40.36
C SER H 48 -12.12 11.42 39.30
N ASN H 49 -11.19 10.46 39.34
CA ASN H 49 -9.82 10.47 38.80
C ASN H 49 -9.53 11.17 37.48
N MET H 50 -10.55 11.38 36.63
CA MET H 50 -10.40 12.24 35.45
C MET H 50 -9.99 13.66 35.82
N THR H 51 -10.47 14.18 36.96
CA THR H 51 -10.03 15.50 37.39
C THR H 51 -8.65 15.45 38.01
N LEU H 52 -8.38 14.41 38.80
CA LEU H 52 -7.09 14.31 39.46
C LEU H 52 -5.96 14.05 38.47
N ASN H 53 -6.26 13.47 37.31
CA ASN H 53 -5.27 13.38 36.24
C ASN H 53 -5.22 14.62 35.36
N GLY H 54 -6.28 15.42 35.33
CA GLY H 54 -6.23 16.64 34.54
C GLY H 54 -5.40 17.70 35.20
N VAL H 55 -5.58 17.84 36.52
CA VAL H 55 -4.81 18.86 37.24
C VAL H 55 -3.35 18.43 37.35
N ALA H 56 -3.11 17.12 37.55
CA ALA H 56 -1.73 16.66 37.64
C ALA H 56 -1.01 16.67 36.30
N LEU H 57 -1.72 16.75 35.17
CA LEU H 57 -1.04 16.90 33.90
C LEU H 57 -0.78 18.36 33.57
N LEU H 58 -1.72 19.24 33.94
CA LEU H 58 -1.51 20.65 33.69
C LEU H 58 -0.47 21.25 34.65
N LEU H 59 -0.36 20.69 35.86
CA LEU H 59 0.65 21.19 36.79
C LEU H 59 2.04 20.80 36.32
N SER H 60 2.21 19.59 35.78
CA SER H 60 3.51 19.17 35.28
C SER H 60 3.85 19.79 33.93
N MET H 61 2.88 20.43 33.27
CA MET H 61 3.19 21.13 32.04
C MET H 61 3.63 22.58 32.32
N PHE H 62 3.77 22.94 33.58
CA PHE H 62 4.43 24.19 33.95
C PHE H 62 5.88 23.95 34.33
N VAL H 63 6.20 22.75 34.78
CA VAL H 63 7.57 22.40 35.15
C VAL H 63 8.35 21.97 33.91
N MET H 64 7.72 21.22 33.00
CA MET H 64 8.45 20.77 31.82
C MET H 64 8.64 21.85 30.76
N TRP H 65 7.92 22.96 30.84
CA TRP H 65 8.03 24.00 29.81
C TRP H 65 9.35 24.77 29.82
N PRO H 66 9.99 25.11 30.95
CA PRO H 66 11.36 25.66 30.84
C PRO H 66 12.42 24.67 30.40
N ILE H 67 12.14 23.37 30.38
CA ILE H 67 13.09 22.39 29.86
C ILE H 67 12.89 22.17 28.36
N MET H 68 11.63 22.12 27.91
CA MET H 68 11.34 21.89 26.50
C MET H 68 11.62 23.14 25.66
N HIS H 69 11.52 24.33 26.26
CA HIS H 69 11.73 25.56 25.50
C HIS H 69 13.20 25.75 25.14
N ASP H 70 14.11 25.45 26.08
CA ASP H 70 15.53 25.65 25.82
C ASP H 70 16.08 24.62 24.84
N ALA H 71 15.44 23.45 24.73
CA ALA H 71 15.83 22.48 23.72
C ALA H 71 15.36 22.90 22.33
N TYR H 72 14.35 23.76 22.24
CA TYR H 72 13.87 24.24 20.95
C TYR H 72 14.70 25.42 20.45
N VAL H 73 15.11 26.32 21.35
CA VAL H 73 15.92 27.45 20.92
C VAL H 73 17.36 27.04 20.62
N TYR H 74 17.80 25.89 21.11
CA TYR H 74 19.10 25.36 20.71
C TYR H 74 19.04 24.81 19.30
N PHE H 75 18.11 23.89 19.05
CA PHE H 75 17.94 23.32 17.72
C PHE H 75 16.90 24.10 16.92
N SER H 86 26.28 8.91 13.79
CA SER H 86 26.50 9.62 15.04
C SER H 86 26.90 11.06 14.81
N SER H 87 26.95 11.45 13.53
CA SER H 87 27.33 12.82 13.19
C SER H 87 26.19 13.79 13.50
N LEU H 88 25.03 13.59 12.89
CA LEU H 88 23.90 14.44 13.26
C LEU H 88 23.17 13.90 14.48
N SER H 89 23.57 12.72 14.99
CA SER H 89 23.16 12.24 16.29
C SER H 89 23.97 12.87 17.42
N LYS H 90 25.04 13.59 17.07
CA LYS H 90 25.77 14.44 18.01
C LYS H 90 25.12 15.81 18.20
N HIS H 91 23.99 16.07 17.54
CA HIS H 91 23.26 17.30 17.83
C HIS H 91 22.30 17.13 19.01
N VAL H 92 21.71 15.94 19.17
CA VAL H 92 20.67 15.75 20.19
C VAL H 92 21.25 15.56 21.60
N ASP H 93 22.51 15.10 21.73
CA ASP H 93 23.07 14.83 23.05
C ASP H 93 23.31 16.12 23.82
N GLU H 94 23.48 17.23 23.10
CA GLU H 94 23.51 18.55 23.68
C GLU H 94 22.12 19.14 23.86
N GLY H 95 21.14 18.63 23.09
CA GLY H 95 19.77 19.09 23.23
C GLY H 95 19.10 18.56 24.49
N LEU H 96 19.47 17.35 24.89
CA LEU H 96 18.97 16.74 26.12
C LEU H 96 19.74 17.14 27.38
N ASP H 97 20.63 18.14 27.29
CA ASP H 97 21.36 18.58 28.47
C ASP H 97 20.44 19.29 29.45
N GLY H 98 19.45 20.02 28.96
CA GLY H 98 18.46 20.63 29.83
C GLY H 98 17.60 19.62 30.57
N TYR H 99 17.34 18.47 29.96
CA TYR H 99 16.71 17.40 30.72
C TYR H 99 17.70 16.63 31.60
N ARG H 100 19.00 16.66 31.24
CA ARG H 100 19.98 15.95 32.04
C ARG H 100 20.37 16.67 33.32
N ASP H 101 20.41 18.00 33.33
CA ASP H 101 20.65 18.67 34.60
C ASP H 101 19.44 18.56 35.51
N TYR H 102 18.27 18.26 34.94
CA TYR H 102 17.05 18.07 35.70
C TYR H 102 17.02 16.68 36.33
N LEU H 103 17.65 15.70 35.69
CA LEU H 103 17.56 14.33 36.20
C LEU H 103 18.68 13.98 37.20
N ILE H 104 19.48 14.96 37.61
CA ILE H 104 20.48 14.76 38.64
C ILE H 104 20.07 15.44 39.95
N LYS H 105 19.30 16.52 39.88
CA LYS H 105 18.94 17.28 41.07
C LYS H 105 17.93 16.54 41.93
N TYR H 106 17.12 15.66 41.34
CA TYR H 106 16.06 14.98 42.08
C TYR H 106 16.25 13.47 42.12
N SER H 107 17.44 12.97 41.80
CA SER H 107 17.76 11.54 41.94
C SER H 107 19.00 11.38 42.78
N ASP H 108 19.06 10.26 43.51
CA ASP H 108 20.20 9.99 44.39
C ASP H 108 21.39 9.38 43.65
N ARG H 109 22.58 9.81 44.06
CA ARG H 109 23.80 9.37 43.41
C ARG H 109 24.39 8.14 44.08
N GLU H 110 23.57 7.35 44.78
CA GLU H 110 23.93 5.98 45.09
C GLU H 110 23.21 5.03 44.14
N LEU H 111 22.20 5.53 43.43
CA LEU H 111 21.54 4.81 42.36
C LEU H 111 21.96 5.30 40.98
N VAL H 112 22.55 6.49 40.89
CA VAL H 112 22.93 7.02 39.57
C VAL H 112 24.09 6.22 38.99
N GLN H 113 25.15 6.01 39.78
CA GLN H 113 26.32 5.28 39.32
C GLN H 113 26.12 3.77 39.33
N PHE H 114 25.10 3.29 40.06
CA PHE H 114 24.90 1.86 40.21
C PHE H 114 24.43 1.22 38.92
N PHE H 115 23.68 1.95 38.10
CA PHE H 115 23.22 1.45 36.82
C PHE H 115 24.20 1.81 35.71
N GLU H 116 25.43 2.16 36.09
CA GLU H 116 26.50 2.52 35.17
C GLU H 116 27.72 1.65 35.34
N ASN H 117 28.15 1.41 36.59
CA ASN H 117 29.39 0.67 36.81
C ASN H 117 29.24 -0.84 36.71
N ALA H 118 28.03 -1.34 36.49
CA ALA H 118 27.79 -2.78 36.42
C ALA H 118 28.28 -3.37 35.10
N PRO H 141 27.22 11.00 33.38
CA PRO H 141 25.93 10.34 33.62
C PRO H 141 25.18 10.08 32.32
N SER H 142 24.76 8.84 32.12
CA SER H 142 24.09 8.46 30.89
C SER H 142 22.61 8.83 30.93
N ILE H 143 22.01 8.89 29.75
CA ILE H 143 20.60 9.27 29.67
C ILE H 143 19.70 8.08 30.02
N PHE H 144 20.16 6.86 29.75
CA PHE H 144 19.41 5.65 30.06
C PHE H 144 19.69 5.14 31.46
N ALA H 145 20.73 5.67 32.12
CA ALA H 145 21.13 5.26 33.46
C ALA H 145 20.60 6.17 34.55
N LEU H 146 19.72 7.12 34.23
CA LEU H 146 19.18 8.00 35.25
C LEU H 146 17.67 7.97 35.36
N LEU H 147 16.95 7.53 34.33
CA LEU H 147 15.49 7.40 34.35
C LEU H 147 14.98 6.28 35.28
N PRO H 148 15.66 5.10 35.38
CA PRO H 148 15.23 4.09 36.36
C PRO H 148 15.59 4.42 37.79
N ALA H 149 16.32 5.50 38.02
CA ALA H 149 16.75 5.92 39.34
C ALA H 149 15.99 7.15 39.75
N TYR H 150 15.57 7.96 38.79
CA TYR H 150 14.79 9.13 39.13
C TYR H 150 13.37 8.70 39.47
N ALA H 151 12.82 7.73 38.72
CA ALA H 151 11.45 7.32 39.01
C ALA H 151 11.35 6.60 40.36
N LEU H 152 12.40 5.84 40.73
CA LEU H 152 12.40 5.17 42.03
C LEU H 152 12.67 6.14 43.16
N SER H 153 13.18 7.33 42.86
CA SER H 153 13.38 8.30 43.92
C SER H 153 12.16 9.17 44.08
N GLU H 154 11.28 9.17 43.08
CA GLU H 154 10.04 9.93 43.22
C GLU H 154 8.94 9.10 43.88
N ILE H 155 8.92 7.78 43.67
CA ILE H 155 7.96 6.98 44.44
C ILE H 155 8.35 6.96 45.92
N LYS H 156 9.66 6.98 46.20
CA LYS H 156 10.13 7.08 47.58
C LYS H 156 9.81 8.44 48.18
N SER H 157 9.97 9.51 47.39
CA SER H 157 9.70 10.83 47.95
C SER H 157 8.21 11.14 48.02
N ALA H 158 7.35 10.30 47.44
CA ALA H 158 5.91 10.53 47.53
C ALA H 158 5.26 9.72 48.63
N PHE H 159 5.80 8.53 48.93
CA PHE H 159 5.16 7.67 49.91
C PHE H 159 5.35 8.13 51.34
N LYS H 160 6.39 8.92 51.64
CA LYS H 160 6.56 9.42 52.99
C LYS H 160 5.93 10.79 53.19
N ILE H 161 5.46 11.42 52.12
CA ILE H 161 4.63 12.61 52.25
C ILE H 161 3.19 12.20 52.52
N GLY H 162 2.75 11.13 51.84
CA GLY H 162 1.37 10.69 52.04
C GLY H 162 1.08 10.11 53.41
N PHE H 163 2.10 9.65 54.14
CA PHE H 163 1.86 9.18 55.50
C PHE H 163 1.63 10.36 56.44
N TYR H 164 2.41 11.43 56.25
CA TYR H 164 2.23 12.62 57.08
C TYR H 164 0.83 13.19 56.85
N LEU H 165 0.37 13.13 55.60
CA LEU H 165 -1.00 13.52 55.27
C LEU H 165 -2.00 12.58 55.94
N TYR H 166 -1.66 11.29 56.03
CA TYR H 166 -2.52 10.27 56.63
C TYR H 166 -2.77 10.54 58.12
N LEU H 167 -1.76 11.08 58.83
CA LEU H 167 -1.83 11.19 60.29
C LEU H 167 -2.99 11.98 60.93
N PRO H 168 -3.39 13.19 60.48
CA PRO H 168 -4.52 13.86 61.17
C PRO H 168 -5.85 13.11 61.10
N PHE H 169 -6.11 12.48 59.95
CA PHE H 169 -7.37 11.76 59.75
C PHE H 169 -7.51 10.60 60.74
N VAL H 170 -6.43 9.87 60.99
CA VAL H 170 -6.50 8.78 61.97
C VAL H 170 -6.88 9.31 63.36
N VAL H 171 -6.42 10.52 63.68
CA VAL H 171 -6.79 11.16 64.94
C VAL H 171 -8.27 11.50 64.94
N VAL H 172 -8.81 11.83 63.76
CA VAL H 172 -10.22 12.21 63.69
C VAL H 172 -11.10 10.97 63.84
N ASP H 173 -10.83 9.92 63.07
CA ASP H 173 -11.70 8.76 63.20
C ASP H 173 -11.35 7.88 64.40
N LEU H 174 -10.37 8.27 65.21
CA LEU H 174 -10.15 7.66 66.51
C LEU H 174 -10.73 8.51 67.63
N VAL H 175 -11.07 9.77 67.36
CA VAL H 175 -11.65 10.62 68.38
C VAL H 175 -13.17 10.71 68.22
N VAL H 176 -13.72 10.29 67.06
CA VAL H 176 -15.16 10.26 66.89
C VAL H 176 -15.71 8.86 67.18
N SER H 177 -14.89 7.82 67.06
CA SER H 177 -15.28 6.46 67.37
C SER H 177 -15.22 6.17 68.86
N SER H 178 -14.50 6.98 69.63
CA SER H 178 -14.40 6.80 71.07
C SER H 178 -15.43 7.62 71.84
N VAL H 179 -16.07 8.60 71.21
CA VAL H 179 -17.15 9.32 71.89
C VAL H 179 -18.47 8.56 71.79
N LEU H 180 -18.56 7.57 70.89
CA LEU H 180 -19.75 6.73 70.87
C LEU H 180 -19.71 5.68 71.97
N LEU H 181 -18.54 5.13 72.24
CA LEU H 181 -18.42 4.13 73.31
C LEU H 181 -18.52 4.74 74.69
N ALA H 182 -18.31 6.05 74.83
CA ALA H 182 -18.61 6.72 76.08
C ALA H 182 -20.12 6.79 76.32
N LEU H 183 -20.91 6.91 75.26
CA LEU H 183 -22.35 6.76 75.35
C LEU H 183 -22.71 5.28 75.20
N GLY H 184 -24.01 5.00 75.07
CA GLY H 184 -24.44 3.63 74.90
C GLY H 184 -24.53 3.24 73.43
N MET H 185 -23.47 3.52 72.69
CA MET H 185 -23.41 3.34 71.24
C MET H 185 -22.31 2.36 70.88
N MET H 186 -22.23 1.24 71.59
CA MET H 186 -21.16 0.26 71.37
C MET H 186 -21.30 -0.49 70.06
N MET H 187 -22.48 -0.47 69.42
CA MET H 187 -22.74 -1.32 68.28
C MET H 187 -22.87 -0.56 66.97
N MET H 188 -23.15 0.74 66.99
CA MET H 188 -23.31 1.49 65.75
C MET H 188 -21.99 1.66 65.00
N SER H 189 -22.09 1.68 63.68
CA SER H 189 -20.93 1.81 62.80
C SER H 189 -20.48 3.25 62.75
N PRO H 190 -19.21 3.54 63.00
CA PRO H 190 -18.71 4.92 62.98
C PRO H 190 -18.24 5.44 61.64
N VAL H 191 -18.28 4.63 60.57
CA VAL H 191 -17.76 5.09 59.28
C VAL H 191 -18.71 6.12 58.66
N THR H 192 -20.03 5.89 58.80
CA THR H 192 -21.02 6.78 58.22
C THR H 192 -21.13 8.10 58.98
N ILE H 193 -20.43 8.21 60.11
CA ILE H 193 -20.35 9.45 60.86
C ILE H 193 -18.98 10.08 60.66
N SER H 194 -17.96 9.24 60.43
CA SER H 194 -16.58 9.69 60.27
C SER H 194 -16.39 10.42 58.95
N THR H 195 -16.97 9.90 57.86
CA THR H 195 -16.74 10.54 56.56
C THR H 195 -17.36 11.93 56.32
N PRO H 196 -18.52 12.31 56.86
CA PRO H 196 -18.92 13.71 56.72
C PRO H 196 -18.13 14.64 57.61
N ILE H 197 -17.71 14.20 58.80
CA ILE H 197 -16.98 15.09 59.69
C ILE H 197 -15.54 15.20 59.23
N LYS H 198 -15.07 14.29 58.37
CA LYS H 198 -13.76 14.41 57.77
C LYS H 198 -13.83 15.19 56.47
N LEU H 199 -14.98 15.20 55.81
CA LEU H 199 -15.09 15.84 54.52
C LEU H 199 -15.42 17.33 54.63
N VAL H 200 -16.24 17.73 55.61
CA VAL H 200 -16.52 19.16 55.76
C VAL H 200 -15.41 19.92 56.45
N LEU H 201 -14.43 19.25 57.04
CA LEU H 201 -13.30 19.94 57.63
C LEU H 201 -12.17 20.22 56.65
N PHE H 202 -12.00 19.37 55.64
CA PHE H 202 -10.87 19.51 54.73
C PHE H 202 -11.10 20.60 53.72
N VAL H 203 -12.34 20.83 53.31
CA VAL H 203 -12.60 21.89 52.35
C VAL H 203 -12.78 23.21 53.08
N ALA H 204 -13.24 23.17 54.34
CA ALA H 204 -13.38 24.41 55.10
C ALA H 204 -12.03 24.94 55.55
N LEU H 205 -11.04 24.07 55.71
CA LEU H 205 -9.70 24.54 56.03
C LEU H 205 -8.83 24.71 54.79
N ASP H 206 -9.44 24.64 53.60
CA ASP H 206 -8.80 24.86 52.30
C ASP H 206 -7.63 23.90 52.04
N GLY H 207 -7.96 22.61 51.98
CA GLY H 207 -6.94 21.59 51.86
C GLY H 207 -6.35 21.48 50.47
N TRP H 208 -7.24 21.32 49.48
CA TRP H 208 -6.83 21.04 48.11
C TRP H 208 -6.17 22.23 47.43
N THR H 209 -6.15 23.40 48.06
CA THR H 209 -5.33 24.49 47.60
C THR H 209 -4.13 24.70 48.49
N LEU H 210 -3.93 23.86 49.50
CA LEU H 210 -2.76 23.93 50.36
C LEU H 210 -1.72 22.89 49.99
N LEU H 211 -2.14 21.71 49.54
CA LEU H 211 -1.13 20.77 49.08
C LEU H 211 -0.83 20.92 47.59
N SER H 212 -1.74 21.50 46.82
CA SER H 212 -1.38 21.81 45.44
C SER H 212 -0.39 22.96 45.38
N LYS H 213 -0.42 23.88 46.34
CA LYS H 213 0.65 24.87 46.40
C LYS H 213 1.92 24.23 46.94
N GLY H 214 1.82 23.50 48.06
CA GLY H 214 3.02 22.98 48.70
C GLY H 214 3.74 21.90 47.92
N LEU H 215 3.10 21.31 46.92
CA LEU H 215 3.79 20.33 46.11
C LEU H 215 4.53 20.99 44.95
N ILE H 216 3.98 22.06 44.37
CA ILE H 216 4.65 22.74 43.27
C ILE H 216 5.75 23.67 43.76
N LEU H 217 5.73 24.03 45.06
CA LEU H 217 6.82 24.85 45.59
C LEU H 217 8.12 24.08 45.72
N GLN H 218 8.06 22.74 45.69
CA GLN H 218 9.28 21.95 45.74
C GLN H 218 10.01 22.06 44.42
N TYR H 219 9.27 22.13 43.33
CA TYR H 219 9.85 22.03 41.99
C TYR H 219 10.19 23.39 41.42
N MET H 220 9.19 24.26 41.25
CA MET H 220 9.46 25.49 40.53
C MET H 220 9.15 26.72 41.38
N ASP H 221 9.59 27.86 40.87
CA ASP H 221 9.29 29.15 41.46
C ASP H 221 7.86 29.48 41.07
N ILE H 222 6.92 28.98 41.84
CA ILE H 222 5.51 29.22 41.58
C ILE H 222 5.14 30.60 42.10
N ALA H 223 4.21 31.24 41.39
CA ALA H 223 3.68 32.58 41.70
C ALA H 223 4.78 33.64 41.82
N ASN I 3 13.63 -2.75 0.50
CA ASN I 3 12.60 -1.79 0.14
C ASN I 3 11.26 -2.17 0.75
N ASP I 4 10.21 -2.22 -0.08
CA ASP I 4 8.89 -2.60 0.41
C ASP I 4 8.85 -4.08 0.77
N ILE I 5 9.62 -4.92 0.05
CA ILE I 5 9.67 -6.33 0.39
C ILE I 5 10.41 -6.59 1.70
N SER I 6 11.28 -5.67 2.12
CA SER I 6 11.83 -5.75 3.47
C SER I 6 10.97 -5.02 4.47
N LEU I 7 10.12 -4.10 4.02
CA LEU I 7 9.23 -3.40 4.95
C LEU I 7 8.11 -4.32 5.38
N ILE I 8 7.60 -5.15 4.46
CA ILE I 8 6.59 -6.13 4.87
C ILE I 8 7.19 -7.30 5.64
N ALA I 9 8.51 -7.50 5.56
CA ALA I 9 9.22 -8.44 6.43
C ALA I 9 9.66 -7.82 7.75
N LEU I 10 9.56 -6.49 7.88
CA LEU I 10 9.93 -5.80 9.10
C LEU I 10 8.72 -5.34 9.91
N LEU I 11 7.64 -4.91 9.27
CA LEU I 11 6.42 -4.56 9.98
C LEU I 11 5.63 -5.78 10.44
N ALA I 12 5.81 -6.93 9.77
CA ALA I 12 5.35 -8.20 10.31
C ALA I 12 6.27 -8.74 11.41
N PHE I 13 7.49 -8.21 11.49
CA PHE I 13 8.39 -8.50 12.60
C PHE I 13 8.19 -7.54 13.78
N SER I 14 7.68 -6.34 13.51
CA SER I 14 7.48 -5.34 14.54
C SER I 14 6.30 -5.67 15.46
N THR I 15 5.40 -6.56 15.04
CA THR I 15 4.37 -7.06 15.93
C THR I 15 4.87 -8.20 16.81
N LEU I 16 6.10 -8.67 16.57
CA LEU I 16 6.73 -9.74 17.33
C LEU I 16 7.69 -9.21 18.38
N LEU I 17 7.94 -7.90 18.41
CA LEU I 17 8.82 -7.31 19.42
C LEU I 17 8.30 -7.39 20.86
N PRO I 18 7.00 -7.20 21.18
CA PRO I 18 6.57 -7.55 22.54
C PRO I 18 6.40 -9.04 22.78
N PHE I 19 6.48 -9.86 21.73
CA PHE I 19 6.37 -11.30 21.93
C PHE I 19 7.65 -11.86 22.53
N ILE I 20 8.80 -11.22 22.29
CA ILE I 20 10.01 -11.70 22.94
C ILE I 20 10.06 -11.14 24.36
N ILE I 21 9.47 -9.97 24.58
CA ILE I 21 9.47 -9.36 25.91
C ILE I 21 8.60 -10.18 26.87
N ALA I 22 7.49 -10.71 26.36
CA ALA I 22 6.59 -11.46 27.22
C ALA I 22 6.96 -12.93 27.34
N SER I 23 7.97 -13.40 26.64
CA SER I 23 8.28 -14.83 26.71
C SER I 23 9.74 -15.13 26.99
N GLY I 24 10.67 -14.33 26.48
CA GLY I 24 12.08 -14.66 26.48
C GLY I 24 12.96 -13.80 27.35
N THR I 25 12.53 -12.59 27.67
CA THR I 25 13.34 -11.71 28.49
C THR I 25 12.99 -11.93 29.97
N CYS I 26 13.55 -11.10 30.84
CA CYS I 26 13.27 -11.18 32.27
C CYS I 26 12.19 -10.21 32.72
N PHE I 27 11.45 -9.60 31.78
CA PHE I 27 10.36 -8.69 32.13
C PHE I 27 9.22 -9.41 32.85
N VAL I 28 9.16 -10.74 32.71
CA VAL I 28 8.10 -11.58 33.24
C VAL I 28 8.35 -11.94 34.69
N LYS I 29 9.41 -11.41 35.27
CA LYS I 29 9.70 -11.52 36.68
C LYS I 29 9.76 -10.16 37.35
N PHE I 30 10.22 -9.13 36.63
CA PHE I 30 10.27 -7.79 37.19
C PHE I 30 8.87 -7.23 37.39
N SER I 31 8.01 -7.35 36.35
CA SER I 31 6.71 -6.70 36.46
C SER I 31 5.77 -7.41 37.43
N ILE I 32 6.02 -8.69 37.72
CA ILE I 32 5.16 -9.42 38.65
C ILE I 32 5.45 -8.97 40.07
N VAL I 33 6.73 -8.84 40.42
CA VAL I 33 7.06 -8.40 41.77
C VAL I 33 6.71 -6.92 41.93
N PHE I 34 6.78 -6.15 40.84
CA PHE I 34 6.47 -4.73 40.93
C PHE I 34 4.99 -4.48 41.12
N VAL I 35 4.12 -5.33 40.58
CA VAL I 35 2.68 -5.13 40.82
C VAL I 35 2.16 -5.97 41.98
N MET I 36 2.93 -6.97 42.44
CA MET I 36 2.55 -7.62 43.68
C MET I 36 2.96 -6.81 44.90
N VAL I 37 3.91 -5.89 44.76
CA VAL I 37 4.13 -4.92 45.83
C VAL I 37 2.89 -4.03 45.99
N ARG I 38 2.29 -3.62 44.86
CA ARG I 38 1.04 -2.85 44.89
C ARG I 38 -0.10 -3.68 45.45
N ASN I 39 -0.09 -4.99 45.19
CA ASN I 39 -1.12 -5.87 45.74
C ASN I 39 -0.93 -6.08 47.24
N ALA I 40 0.32 -6.19 47.69
CA ALA I 40 0.62 -6.46 49.08
C ALA I 40 0.44 -5.24 49.97
N LEU I 41 0.66 -4.04 49.42
CA LEU I 41 0.52 -2.86 50.25
C LEU I 41 -0.95 -2.53 50.52
N GLY I 42 -1.85 -2.94 49.63
CA GLY I 42 -3.26 -2.68 49.79
C GLY I 42 -3.79 -1.55 48.96
N LEU I 43 -2.98 -1.02 48.06
CA LEU I 43 -3.35 0.10 47.19
C LEU I 43 -3.82 -0.46 45.84
N GLN I 44 -4.69 0.30 45.17
CA GLN I 44 -5.27 -0.18 43.91
C GLN I 44 -4.70 0.44 42.65
N GLN I 45 -4.34 1.72 42.65
CA GLN I 45 -3.83 2.32 41.42
C GLN I 45 -2.63 3.22 41.69
N ILE I 46 -1.89 2.92 42.74
CA ILE I 46 -0.65 3.59 43.09
C ILE I 46 0.46 2.54 43.04
N PRO I 47 1.47 2.68 42.18
CA PRO I 47 1.72 3.85 41.33
C PRO I 47 1.27 3.75 39.89
N SER I 48 0.02 3.33 39.59
CA SER I 48 -0.57 3.40 38.25
C SER I 48 0.24 2.63 37.21
N ASN I 49 0.10 1.30 37.17
CA ASN I 49 1.01 0.33 36.56
C ASN I 49 1.46 0.57 35.11
N MET I 50 0.90 1.57 34.43
CA MET I 50 1.56 2.12 33.25
C MET I 50 2.95 2.65 33.58
N THR I 51 3.15 3.19 34.79
CA THR I 51 4.49 3.54 35.22
C THR I 51 5.33 2.30 35.50
N LEU I 52 4.71 1.28 36.10
CA LEU I 52 5.47 0.12 36.57
C LEU I 52 5.94 -0.73 35.42
N ASN I 53 5.21 -0.72 34.30
CA ASN I 53 5.68 -1.47 33.13
C ASN I 53 6.85 -0.78 32.48
N GLY I 54 6.87 0.56 32.49
CA GLY I 54 8.00 1.28 31.95
C GLY I 54 9.23 1.17 32.81
N VAL I 55 9.05 1.04 34.13
CA VAL I 55 10.20 0.83 35.02
C VAL I 55 10.76 -0.57 34.83
N ALA I 56 9.89 -1.58 34.79
CA ALA I 56 10.38 -2.94 34.65
C ALA I 56 10.94 -3.17 33.26
N LEU I 57 10.50 -2.38 32.28
CA LEU I 57 11.05 -2.51 30.93
C LEU I 57 12.42 -1.84 30.89
N LEU I 58 12.60 -0.73 31.62
CA LEU I 58 13.91 -0.07 31.67
C LEU I 58 14.95 -1.02 32.23
N LEU I 59 14.66 -1.62 33.40
CA LEU I 59 15.61 -2.57 34.00
C LEU I 59 15.84 -3.79 33.11
N SER I 60 14.76 -4.33 32.50
CA SER I 60 14.90 -5.47 31.61
C SER I 60 15.75 -5.13 30.40
N MET I 61 15.56 -3.93 29.84
CA MET I 61 16.37 -3.49 28.71
C MET I 61 17.83 -3.34 29.13
N PHE I 62 18.05 -2.86 30.36
CA PHE I 62 19.40 -2.61 30.86
C PHE I 62 20.19 -3.91 30.90
N VAL I 63 19.58 -4.96 31.45
CA VAL I 63 20.24 -6.26 31.49
C VAL I 63 20.33 -6.87 30.09
N MET I 64 19.28 -6.68 29.29
CA MET I 64 19.17 -7.27 27.95
C MET I 64 20.25 -6.77 27.00
N TRP I 65 20.60 -5.46 27.06
CA TRP I 65 21.56 -4.78 26.17
C TRP I 65 22.87 -5.53 25.94
N PRO I 66 23.74 -5.90 26.99
CA PRO I 66 24.99 -6.63 26.71
C PRO I 66 24.89 -7.86 25.80
N ILE I 67 23.68 -8.44 25.68
CA ILE I 67 23.45 -9.60 24.83
C ILE I 67 23.10 -9.17 23.41
N MET I 68 22.31 -8.12 23.27
CA MET I 68 21.93 -7.61 21.95
C MET I 68 23.06 -6.85 21.28
N HIS I 69 24.08 -6.45 22.06
CA HIS I 69 25.18 -5.67 21.49
C HIS I 69 26.07 -6.53 20.62
N ASP I 70 26.48 -7.70 21.12
CA ASP I 70 27.38 -8.57 20.39
C ASP I 70 26.69 -9.42 19.33
N ALA I 71 25.35 -9.50 19.35
CA ALA I 71 24.66 -10.21 18.28
C ALA I 71 24.70 -9.42 16.97
N TYR I 72 24.59 -8.09 17.06
CA TYR I 72 24.73 -7.23 15.90
C TYR I 72 26.19 -7.09 15.47
N VAL I 73 27.13 -7.37 16.37
CA VAL I 73 28.54 -7.43 15.98
C VAL I 73 28.80 -8.65 15.10
N TYR I 74 28.16 -9.77 15.42
CA TYR I 74 28.32 -11.00 14.65
C TYR I 74 27.74 -10.85 13.25
N PHE I 75 26.47 -10.47 13.17
CA PHE I 75 25.81 -10.27 11.87
C PHE I 75 26.29 -8.98 11.21
N SER I 86 18.66 -23.08 5.02
CA SER I 86 19.69 -22.67 4.08
C SER I 86 21.00 -22.36 4.79
N SER I 87 22.05 -22.05 4.01
CA SER I 87 23.34 -21.72 4.59
C SER I 87 23.32 -20.37 5.29
N LEU I 88 22.41 -19.48 4.93
CA LEU I 88 22.23 -18.24 5.68
C LEU I 88 21.18 -18.36 6.77
N SER I 89 20.35 -19.41 6.71
CA SER I 89 19.51 -19.77 7.84
C SER I 89 20.31 -20.45 8.94
N LYS I 90 21.43 -21.08 8.58
CA LYS I 90 22.35 -21.63 9.58
C LYS I 90 23.27 -20.60 10.19
N HIS I 91 23.28 -19.36 9.70
CA HIS I 91 24.00 -18.29 10.40
C HIS I 91 23.23 -17.78 11.60
N VAL I 92 21.94 -18.07 11.68
CA VAL I 92 21.16 -17.67 12.84
C VAL I 92 21.31 -18.70 13.95
N ASP I 93 21.65 -19.95 13.63
CA ASP I 93 21.78 -20.95 14.67
C ASP I 93 22.99 -20.67 15.55
N GLU I 94 24.08 -20.18 14.96
CA GLU I 94 25.25 -19.80 15.75
C GLU I 94 25.31 -18.30 16.04
N GLY I 95 24.40 -17.49 15.48
CA GLY I 95 24.41 -16.08 15.84
C GLY I 95 23.85 -15.77 17.21
N LEU I 96 22.98 -16.64 17.72
CA LEU I 96 22.31 -16.43 19.00
C LEU I 96 22.86 -17.32 20.10
N ASP I 97 24.13 -17.73 20.02
CA ASP I 97 24.70 -18.52 21.12
C ASP I 97 24.92 -17.69 22.39
N GLY I 98 25.02 -16.37 22.27
CA GLY I 98 24.99 -15.53 23.46
C GLY I 98 23.63 -15.44 24.08
N TYR I 99 22.58 -15.50 23.26
CA TYR I 99 21.23 -15.55 23.83
C TYR I 99 20.96 -16.93 24.41
N ARG I 100 21.45 -17.98 23.75
CA ARG I 100 21.21 -19.36 24.17
C ARG I 100 21.93 -19.67 25.47
N ASP I 101 23.07 -19.03 25.73
CA ASP I 101 23.75 -19.24 27.01
C ASP I 101 22.96 -18.60 28.15
N TYR I 102 22.18 -17.55 27.83
CA TYR I 102 21.50 -16.78 28.87
C TYR I 102 20.37 -17.56 29.52
N LEU I 103 19.53 -18.23 28.72
CA LEU I 103 18.41 -18.98 29.26
C LEU I 103 18.76 -20.43 29.55
N ILE I 104 20.04 -20.77 29.60
CA ILE I 104 20.48 -22.06 30.14
C ILE I 104 20.69 -21.97 31.65
N LYS I 105 21.23 -20.83 32.11
CA LYS I 105 21.57 -20.64 33.51
C LYS I 105 20.35 -20.58 34.41
N TYR I 106 19.21 -20.11 33.88
CA TYR I 106 18.04 -19.84 34.70
C TYR I 106 16.86 -20.78 34.45
N SER I 107 16.85 -21.55 33.37
CA SER I 107 15.75 -22.46 33.13
C SER I 107 15.91 -23.75 33.91
N ASP I 108 14.87 -24.59 33.85
CA ASP I 108 14.90 -25.91 34.46
C ASP I 108 15.63 -26.87 33.53
N ARG I 109 16.56 -27.64 34.08
CA ARG I 109 17.35 -28.53 33.23
C ARG I 109 16.58 -29.79 32.85
N GLU I 110 15.85 -30.38 33.80
CA GLU I 110 15.13 -31.63 33.54
C GLU I 110 13.76 -31.40 32.91
N LEU I 111 13.41 -30.17 32.55
CA LEU I 111 12.18 -29.91 31.82
C LEU I 111 12.45 -29.87 30.32
N VAL I 112 13.65 -29.44 29.94
CA VAL I 112 14.00 -29.36 28.53
C VAL I 112 14.14 -30.76 27.95
N GLN I 113 14.63 -31.72 28.74
CA GLN I 113 14.72 -33.09 28.24
C GLN I 113 13.34 -33.73 28.08
N PHE I 114 12.34 -33.22 28.80
CA PHE I 114 10.97 -33.62 28.58
C PHE I 114 10.40 -32.95 27.35
N PHE I 115 10.91 -31.77 27.01
CA PHE I 115 10.39 -31.11 25.82
C PHE I 115 11.01 -31.71 24.56
N GLU I 116 12.31 -32.02 24.60
CA GLU I 116 12.97 -32.59 23.44
C GLU I 116 12.71 -34.08 23.27
N ASN I 117 12.16 -34.76 24.29
CA ASN I 117 11.75 -36.14 24.07
C ASN I 117 10.52 -36.20 23.17
N ALA I 118 9.44 -35.55 23.60
CA ALA I 118 8.17 -35.42 22.87
C ALA I 118 7.55 -36.75 22.44
N LYS I 140 23.20 -25.96 22.30
CA LYS I 140 23.06 -27.38 21.96
C LYS I 140 21.68 -28.08 22.13
N PRO I 141 20.68 -27.46 22.79
CA PRO I 141 19.29 -27.79 22.45
C PRO I 141 18.77 -26.78 21.44
N SER I 142 17.61 -27.09 20.87
CA SER I 142 16.95 -26.15 19.99
C SER I 142 16.37 -24.99 20.79
N ILE I 143 16.32 -23.81 20.16
CA ILE I 143 15.87 -22.61 20.86
C ILE I 143 14.36 -22.60 21.05
N PHE I 144 13.63 -23.40 20.26
CA PHE I 144 12.19 -23.55 20.44
C PHE I 144 11.85 -24.49 21.59
N ALA I 145 12.82 -25.25 22.08
CA ALA I 145 12.56 -26.23 23.13
C ALA I 145 12.61 -25.60 24.52
N LEU I 146 13.70 -24.93 24.86
CA LEU I 146 13.92 -24.42 26.21
C LEU I 146 13.36 -23.03 26.42
N LEU I 147 12.76 -22.43 25.41
CA LEU I 147 12.11 -21.13 25.57
C LEU I 147 10.85 -21.12 26.43
N PRO I 148 9.93 -22.11 26.39
CA PRO I 148 8.89 -22.14 27.43
C PRO I 148 9.37 -22.62 28.80
N ALA I 149 10.51 -23.30 28.87
CA ALA I 149 10.99 -23.78 30.17
C ALA I 149 11.55 -22.63 31.01
N TYR I 150 12.12 -21.63 30.34
CA TYR I 150 12.67 -20.50 31.08
C TYR I 150 11.54 -19.64 31.62
N ALA I 151 10.48 -19.46 30.82
CA ALA I 151 9.37 -18.64 31.29
C ALA I 151 8.60 -19.37 32.37
N LEU I 152 8.59 -20.71 32.33
CA LEU I 152 7.91 -21.46 33.39
C LEU I 152 8.67 -21.37 34.70
N SER I 153 10.01 -21.45 34.65
CA SER I 153 10.78 -21.32 35.88
C SER I 153 10.89 -19.88 36.34
N GLU I 154 10.50 -18.94 35.49
CA GLU I 154 10.58 -17.54 35.85
C GLU I 154 9.28 -17.12 36.51
N ILE I 155 8.15 -17.69 36.08
CA ILE I 155 6.89 -17.41 36.76
C ILE I 155 6.88 -18.14 38.10
N LYS I 156 7.51 -19.32 38.19
CA LYS I 156 7.62 -19.97 39.50
C LYS I 156 8.49 -19.18 40.47
N SER I 157 9.61 -18.63 40.00
CA SER I 157 10.42 -17.84 40.93
C SER I 157 9.76 -16.50 41.25
N ALA I 158 9.03 -15.91 40.30
CA ALA I 158 8.31 -14.68 40.59
C ALA I 158 7.16 -14.88 41.58
N PHE I 159 6.52 -16.05 41.57
CA PHE I 159 5.49 -16.28 42.58
C PHE I 159 6.08 -16.68 43.93
N LYS I 160 7.35 -17.09 43.95
CA LYS I 160 7.97 -17.40 45.23
C LYS I 160 8.46 -16.12 45.92
N ILE I 161 9.12 -15.25 45.15
CA ILE I 161 9.49 -13.94 45.69
C ILE I 161 8.24 -13.13 46.00
N GLY I 162 7.18 -13.26 45.19
CA GLY I 162 5.99 -12.46 45.46
C GLY I 162 5.23 -12.93 46.68
N PHE I 163 5.36 -14.22 47.04
CA PHE I 163 4.76 -14.70 48.28
C PHE I 163 5.58 -14.27 49.50
N TYR I 164 6.90 -14.14 49.31
CA TYR I 164 7.78 -13.76 50.41
C TYR I 164 7.41 -12.39 50.95
N LEU I 165 7.14 -11.44 50.05
CA LEU I 165 6.73 -10.08 50.40
C LEU I 165 5.38 -10.08 51.10
N TYR I 166 4.50 -11.00 50.69
CA TYR I 166 3.13 -11.07 51.19
C TYR I 166 3.12 -11.40 52.68
N LEU I 167 4.05 -12.24 53.14
CA LEU I 167 3.99 -12.71 54.53
C LEU I 167 4.06 -11.66 55.66
N PRO I 168 4.95 -10.64 55.67
CA PRO I 168 4.97 -9.68 56.81
C PRO I 168 3.68 -8.87 57.04
N PHE I 169 3.05 -8.43 55.96
CA PHE I 169 1.84 -7.62 56.05
C PHE I 169 0.71 -8.39 56.71
N VAL I 170 0.58 -9.68 56.41
CA VAL I 170 -0.45 -10.52 57.02
C VAL I 170 -0.40 -10.40 58.54
N VAL I 171 0.80 -10.42 59.11
CA VAL I 171 1.00 -10.23 60.55
C VAL I 171 0.64 -8.80 60.95
N VAL I 172 0.93 -7.84 60.07
CA VAL I 172 0.59 -6.43 60.31
C VAL I 172 -0.93 -6.27 60.42
N ASP I 173 -1.69 -7.09 59.71
CA ASP I 173 -3.14 -6.95 59.70
C ASP I 173 -3.73 -7.43 61.04
N LEU I 174 -3.31 -8.62 61.49
CA LEU I 174 -3.90 -9.13 62.71
C LEU I 174 -3.35 -8.43 63.95
N VAL I 175 -2.24 -7.69 63.85
CA VAL I 175 -1.86 -6.92 65.04
C VAL I 175 -2.62 -5.61 65.11
N VAL I 176 -3.43 -5.29 64.10
CA VAL I 176 -4.38 -4.18 64.19
C VAL I 176 -5.73 -4.68 64.67
N SER I 177 -6.17 -5.83 64.12
CA SER I 177 -7.46 -6.33 64.54
C SER I 177 -7.43 -6.93 65.94
N SER I 178 -6.25 -7.28 66.46
CA SER I 178 -6.16 -7.77 67.83
C SER I 178 -6.39 -6.65 68.83
N VAL I 179 -5.74 -5.50 68.61
CA VAL I 179 -5.89 -4.39 69.55
C VAL I 179 -7.26 -3.74 69.37
N LEU I 180 -7.82 -3.78 68.15
CA LEU I 180 -9.17 -3.25 67.98
C LEU I 180 -10.22 -4.14 68.62
N LEU I 181 -10.03 -5.46 68.63
CA LEU I 181 -10.90 -6.32 69.43
C LEU I 181 -10.60 -6.26 70.92
N ALA I 182 -9.39 -5.85 71.30
CA ALA I 182 -9.08 -5.62 72.71
C ALA I 182 -9.82 -4.41 73.27
N LEU I 183 -10.03 -3.39 72.45
CA LEU I 183 -10.90 -2.30 72.84
C LEU I 183 -12.34 -2.62 72.41
N GLY I 184 -13.24 -1.64 72.56
CA GLY I 184 -14.62 -1.86 72.21
C GLY I 184 -14.97 -1.38 70.82
N MET I 185 -14.07 -1.61 69.86
CA MET I 185 -14.25 -1.08 68.53
C MET I 185 -14.45 -2.25 67.56
N MET I 186 -15.31 -3.20 67.94
CA MET I 186 -15.51 -4.39 67.14
C MET I 186 -16.25 -4.09 65.83
N MET I 187 -17.01 -3.01 65.77
CA MET I 187 -17.70 -2.63 64.55
C MET I 187 -16.84 -1.77 63.64
N MET I 188 -15.81 -1.13 64.18
CA MET I 188 -14.92 -0.31 63.38
C MET I 188 -14.06 -1.21 62.51
N SER I 189 -13.99 -0.89 61.24
CA SER I 189 -13.23 -1.72 60.32
C SER I 189 -11.74 -1.43 60.49
N PRO I 190 -10.88 -2.47 60.44
CA PRO I 190 -9.44 -2.26 60.65
C PRO I 190 -8.69 -1.72 59.44
N VAL I 191 -9.32 -1.62 58.27
CA VAL I 191 -8.59 -1.23 57.07
C VAL I 191 -8.20 0.24 57.05
N THR I 192 -8.81 1.07 57.90
CA THR I 192 -8.39 2.46 58.01
C THR I 192 -7.23 2.67 58.98
N ILE I 193 -6.89 1.67 59.80
CA ILE I 193 -5.76 1.78 60.70
C ILE I 193 -4.60 0.87 60.27
N SER I 194 -4.90 -0.26 59.64
CA SER I 194 -3.84 -1.14 59.14
C SER I 194 -3.09 -0.55 57.96
N THR I 195 -3.76 0.22 57.11
CA THR I 195 -3.12 0.81 55.93
C THR I 195 -2.08 1.89 56.26
N PRO I 196 -2.23 2.75 57.30
CA PRO I 196 -1.08 3.60 57.68
C PRO I 196 0.20 2.88 58.10
N ILE I 197 0.11 1.81 58.88
CA ILE I 197 1.33 1.12 59.30
C ILE I 197 1.75 0.04 58.31
N LYS I 198 1.07 -0.07 57.18
CA LYS I 198 1.56 -0.96 56.13
C LYS I 198 2.59 -0.29 55.24
N LEU I 199 2.55 1.04 55.13
CA LEU I 199 3.44 1.74 54.22
C LEU I 199 4.49 2.58 54.95
N VAL I 200 4.49 2.59 56.28
CA VAL I 200 5.68 3.08 56.99
C VAL I 200 6.66 1.96 57.28
N LEU I 201 6.21 0.72 57.27
CA LEU I 201 7.11 -0.41 57.31
C LEU I 201 7.82 -0.56 55.97
N PHE I 202 7.24 -0.01 54.90
CA PHE I 202 7.84 -0.15 53.59
C PHE I 202 8.79 1.00 53.28
N VAL I 203 8.60 2.16 53.92
CA VAL I 203 9.48 3.29 53.65
C VAL I 203 10.64 3.35 54.64
N ALA I 204 10.42 2.90 55.89
CA ALA I 204 11.57 2.83 56.81
C ALA I 204 12.53 1.74 56.37
N LEU I 205 12.00 0.68 55.78
CA LEU I 205 12.79 -0.36 55.14
C LEU I 205 13.20 0.01 53.72
N ASP I 206 12.63 1.10 53.17
CA ASP I 206 12.76 1.67 51.81
C ASP I 206 12.95 0.60 50.73
N GLY I 207 11.99 -0.31 50.67
CA GLY I 207 12.01 -1.50 49.83
C GLY I 207 11.99 -1.24 48.34
N TRP I 208 11.69 0.00 47.92
CA TRP I 208 11.76 0.32 46.50
C TRP I 208 13.19 0.28 45.99
N THR I 209 14.16 0.59 46.84
CA THR I 209 15.56 0.42 46.48
C THR I 209 16.07 -0.97 46.78
N LEU I 210 15.48 -1.68 47.77
CA LEU I 210 15.97 -3.00 48.13
C LEU I 210 15.57 -4.06 47.10
N LEU I 211 14.36 -3.98 46.55
CA LEU I 211 13.96 -4.95 45.55
C LEU I 211 14.64 -4.64 44.23
N SER I 212 14.80 -3.35 43.92
CA SER I 212 15.37 -2.98 42.64
C SER I 212 16.86 -3.29 42.62
N LYS I 213 17.54 -3.19 43.76
CA LYS I 213 18.94 -3.57 43.75
C LYS I 213 19.10 -5.09 43.79
N GLY I 214 18.17 -5.80 44.43
CA GLY I 214 18.32 -7.24 44.54
C GLY I 214 18.02 -7.96 43.25
N LEU I 215 17.03 -7.48 42.49
CA LEU I 215 16.74 -8.16 41.23
C LEU I 215 17.81 -7.87 40.18
N ILE I 216 18.51 -6.74 40.28
CA ILE I 216 19.66 -6.53 39.41
C ILE I 216 20.81 -7.43 39.84
N LEU I 217 21.03 -7.57 41.16
CA LEU I 217 22.12 -8.41 41.64
C LEU I 217 21.88 -9.89 41.45
N GLN I 218 20.65 -10.33 41.15
CA GLN I 218 20.44 -11.72 40.77
C GLN I 218 20.94 -12.05 39.37
N TYR I 219 21.15 -11.05 38.52
CA TYR I 219 21.64 -11.26 37.17
C TYR I 219 23.00 -10.65 36.92
N MET I 220 23.18 -9.37 37.21
CA MET I 220 24.36 -8.63 36.82
C MET I 220 25.43 -8.74 37.91
N ASP I 221 26.49 -7.95 37.79
CA ASP I 221 27.58 -7.97 38.75
C ASP I 221 28.32 -6.64 38.67
N ILE I 222 28.83 -6.20 39.81
CA ILE I 222 29.61 -4.96 39.88
C ILE I 222 31.01 -5.25 40.38
N ASN J 3 6.39 -8.10 -6.92
CA ASN J 3 4.97 -8.08 -7.25
C ASN J 3 4.14 -7.67 -6.04
N ASP J 4 2.83 -7.51 -6.25
CA ASP J 4 1.92 -7.07 -5.19
C ASP J 4 0.80 -8.06 -4.90
N ILE J 5 0.23 -8.68 -5.94
CA ILE J 5 -0.90 -9.59 -5.74
C ILE J 5 -0.43 -10.92 -5.15
N SER J 6 0.79 -11.36 -5.52
CA SER J 6 1.35 -12.59 -4.98
C SER J 6 1.79 -12.44 -3.54
N LEU J 7 1.85 -11.22 -3.02
CA LEU J 7 2.17 -10.93 -1.63
C LEU J 7 0.93 -10.58 -0.84
N ILE J 8 -0.05 -9.94 -1.49
CA ILE J 8 -1.34 -9.68 -0.84
C ILE J 8 -2.10 -10.99 -0.60
N ALA J 9 -2.00 -11.96 -1.52
CA ALA J 9 -2.58 -13.29 -1.25
C ALA J 9 -1.85 -14.02 -0.12
N LEU J 10 -0.58 -13.70 0.12
CA LEU J 10 0.15 -14.22 1.27
C LEU J 10 -0.23 -13.48 2.55
N LEU J 11 -0.62 -12.21 2.44
CA LEU J 11 -1.14 -11.53 3.62
C LEU J 11 -2.58 -11.91 3.90
N ALA J 12 -3.35 -12.29 2.87
CA ALA J 12 -4.65 -12.90 3.11
C ALA J 12 -4.52 -14.30 3.71
N PHE J 13 -3.43 -15.01 3.40
CA PHE J 13 -3.09 -16.22 4.16
C PHE J 13 -2.74 -15.88 5.61
N SER J 14 -2.01 -14.78 5.83
CA SER J 14 -1.73 -14.41 7.20
C SER J 14 -2.91 -13.77 7.91
N THR J 15 -3.97 -13.41 7.18
CA THR J 15 -5.22 -13.02 7.84
C THR J 15 -5.94 -14.26 8.37
N LEU J 16 -5.88 -15.36 7.62
CA LEU J 16 -6.57 -16.59 8.01
C LEU J 16 -5.83 -17.33 9.11
N LEU J 17 -4.50 -17.14 9.20
CA LEU J 17 -3.71 -17.88 10.19
C LEU J 17 -4.06 -17.62 11.67
N PRO J 18 -4.39 -16.40 12.13
CA PRO J 18 -4.89 -16.29 13.51
C PRO J 18 -6.27 -16.90 13.72
N PHE J 19 -7.05 -17.05 12.66
CA PHE J 19 -8.37 -17.66 12.83
C PHE J 19 -8.24 -19.17 12.97
N ILE J 20 -7.22 -19.77 12.35
CA ILE J 20 -7.06 -21.20 12.53
C ILE J 20 -6.31 -21.47 13.83
N ILE J 21 -5.33 -20.64 14.18
CA ILE J 21 -4.55 -20.91 15.39
C ILE J 21 -5.36 -20.58 16.64
N ALA J 22 -6.42 -19.77 16.53
CA ALA J 22 -7.24 -19.45 17.69
C ALA J 22 -8.49 -20.29 17.84
N SER J 23 -8.89 -21.03 16.82
CA SER J 23 -10.16 -21.75 16.86
C SER J 23 -10.03 -23.24 16.60
N GLY J 24 -9.15 -23.65 15.70
CA GLY J 24 -9.16 -25.03 15.26
C GLY J 24 -7.93 -25.85 15.61
N THR J 25 -7.30 -25.58 16.75
CA THR J 25 -6.14 -26.36 17.17
C THR J 25 -6.13 -26.47 18.69
N CYS J 26 -5.00 -26.93 19.23
CA CYS J 26 -4.87 -27.16 20.67
C CYS J 26 -4.82 -25.88 21.49
N PHE J 27 -4.51 -24.74 20.85
CA PHE J 27 -4.37 -23.47 21.56
C PHE J 27 -5.66 -23.02 22.20
N VAL J 28 -6.80 -23.56 21.73
CA VAL J 28 -8.08 -23.32 22.37
C VAL J 28 -8.10 -23.96 23.74
N LYS J 29 -7.44 -25.11 23.90
CA LYS J 29 -7.45 -25.74 25.21
C LYS J 29 -6.42 -25.07 26.12
N PHE J 30 -5.21 -24.81 25.58
CA PHE J 30 -4.15 -24.23 26.42
C PHE J 30 -4.49 -22.84 26.94
N SER J 31 -5.20 -22.01 26.15
CA SER J 31 -5.40 -20.62 26.55
C SER J 31 -6.37 -20.48 27.73
N ILE J 32 -7.27 -21.43 27.93
CA ILE J 32 -8.30 -21.30 28.96
C ILE J 32 -7.72 -21.55 30.36
N VAL J 33 -6.85 -22.54 30.49
CA VAL J 33 -6.47 -23.02 31.81
C VAL J 33 -5.52 -22.06 32.52
N PHE J 34 -4.68 -21.34 31.78
CA PHE J 34 -3.77 -20.40 32.42
C PHE J 34 -4.50 -19.18 32.95
N VAL J 35 -5.63 -18.84 32.34
CA VAL J 35 -6.39 -17.69 32.81
C VAL J 35 -7.37 -18.15 33.88
N MET J 36 -7.83 -19.40 33.79
CA MET J 36 -8.71 -19.91 34.82
C MET J 36 -7.95 -20.15 36.13
N VAL J 37 -6.65 -20.45 36.05
CA VAL J 37 -5.86 -20.45 37.28
C VAL J 37 -5.37 -19.06 37.64
N ARG J 38 -5.42 -18.10 36.70
CA ARG J 38 -5.08 -16.74 37.06
C ARG J 38 -6.18 -16.14 37.93
N ASN J 39 -7.43 -16.36 37.52
CA ASN J 39 -8.58 -15.90 38.30
C ASN J 39 -8.89 -16.79 39.49
N ALA J 40 -8.34 -18.01 39.51
CA ALA J 40 -8.61 -18.89 40.64
C ALA J 40 -7.83 -18.48 41.89
N LEU J 41 -6.62 -17.93 41.72
CA LEU J 41 -5.75 -17.58 42.83
C LEU J 41 -6.10 -16.25 43.48
N GLY J 42 -7.18 -15.59 43.07
CA GLY J 42 -7.46 -14.28 43.61
C GLY J 42 -6.62 -13.18 43.02
N LEU J 43 -6.08 -13.38 41.82
CA LEU J 43 -5.22 -12.42 41.15
C LEU J 43 -5.98 -11.83 39.97
N GLN J 44 -6.06 -10.51 39.92
CA GLN J 44 -6.90 -9.85 38.93
C GLN J 44 -6.26 -9.87 37.54
N GLN J 45 -5.09 -9.27 37.39
CA GLN J 45 -4.46 -9.16 36.09
C GLN J 45 -2.95 -9.34 36.14
N ILE J 46 -2.39 -9.66 37.30
CA ILE J 46 -0.99 -9.38 37.60
C ILE J 46 0.08 -10.16 36.82
N PRO J 47 -0.11 -11.42 36.29
CA PRO J 47 0.95 -11.92 35.41
C PRO J 47 1.06 -11.14 34.11
N SER J 48 0.06 -11.29 33.23
CA SER J 48 -0.15 -10.53 31.99
C SER J 48 -1.37 -11.04 31.26
N ASN J 49 -1.66 -10.47 30.10
CA ASN J 49 -2.37 -11.19 29.05
C ASN J 49 -1.48 -11.52 27.87
N MET J 50 -0.22 -11.08 27.88
CA MET J 50 0.73 -11.31 26.79
C MET J 50 1.66 -12.48 27.04
N THR J 51 2.12 -12.66 28.29
CA THR J 51 2.96 -13.82 28.62
C THR J 51 2.18 -15.12 28.56
N LEU J 52 0.94 -15.12 29.05
CA LEU J 52 0.15 -16.35 29.07
C LEU J 52 -0.26 -16.79 27.67
N ASN J 53 -0.46 -15.82 26.77
CA ASN J 53 -0.72 -16.08 25.36
C ASN J 53 0.54 -16.39 24.55
N GLY J 54 1.71 -16.31 25.16
CA GLY J 54 2.93 -16.63 24.44
C GLY J 54 3.45 -17.96 24.94
N VAL J 55 3.25 -18.20 26.23
CA VAL J 55 3.58 -19.50 26.82
C VAL J 55 2.65 -20.58 26.27
N ALA J 56 1.34 -20.29 26.17
CA ALA J 56 0.45 -21.30 25.61
C ALA J 56 0.64 -21.48 24.11
N LEU J 57 1.16 -20.48 23.40
CA LEU J 57 1.41 -20.67 21.98
C LEU J 57 2.70 -21.46 21.74
N LEU J 58 3.73 -21.18 22.55
CA LEU J 58 4.97 -21.94 22.43
C LEU J 58 4.77 -23.38 22.89
N LEU J 59 3.79 -23.61 23.77
CA LEU J 59 3.46 -24.99 24.08
C LEU J 59 2.55 -25.58 23.02
N SER J 60 1.83 -24.74 22.27
CA SER J 60 0.90 -25.22 21.26
C SER J 60 1.59 -25.68 19.99
N MET J 61 2.79 -25.18 19.70
CA MET J 61 3.44 -25.63 18.47
C MET J 61 4.17 -26.96 18.62
N PHE J 62 4.21 -27.52 19.82
CA PHE J 62 4.92 -28.79 20.06
C PHE J 62 4.17 -29.97 19.48
N VAL J 63 2.85 -29.86 19.34
CA VAL J 63 2.05 -30.92 18.75
C VAL J 63 1.52 -30.54 17.40
N MET J 64 1.86 -29.34 16.92
CA MET J 64 1.45 -28.84 15.62
C MET J 64 2.52 -28.99 14.57
N TRP J 65 3.79 -28.76 14.93
CA TRP J 65 4.87 -28.93 13.96
C TRP J 65 5.12 -30.38 13.49
N PRO J 66 4.93 -31.43 14.31
CA PRO J 66 4.88 -32.78 13.73
C PRO J 66 3.76 -33.02 12.72
N ILE J 67 2.66 -32.29 12.81
CA ILE J 67 1.56 -32.48 11.85
C ILE J 67 1.83 -31.74 10.56
N MET J 68 2.18 -30.46 10.65
CA MET J 68 2.29 -29.59 9.49
C MET J 68 3.59 -29.77 8.70
N HIS J 69 4.51 -30.61 9.15
CA HIS J 69 5.72 -30.86 8.38
C HIS J 69 5.45 -31.71 7.15
N ASP J 70 4.39 -32.53 7.18
CA ASP J 70 4.05 -33.33 6.01
C ASP J 70 3.46 -32.49 4.89
N ALA J 71 2.91 -31.31 5.20
CA ALA J 71 2.50 -30.39 4.15
C ALA J 71 3.71 -29.83 3.40
N TYR J 72 4.81 -29.61 4.10
CA TYR J 72 6.06 -29.26 3.43
C TYR J 72 6.65 -30.46 2.71
N VAL J 73 6.33 -31.67 3.17
CA VAL J 73 6.83 -32.88 2.52
C VAL J 73 6.04 -33.14 1.23
N TYR J 74 4.71 -33.05 1.30
CA TYR J 74 3.89 -33.35 0.13
C TYR J 74 3.98 -32.23 -0.91
N PHE J 75 3.59 -31.03 -0.53
CA PHE J 75 3.60 -29.90 -1.46
C PHE J 75 4.05 -28.61 -0.76
N SER J 86 -6.07 -26.29 -12.85
CA SER J 86 -6.68 -26.59 -11.56
C SER J 86 -6.06 -27.83 -10.94
N SER J 87 -4.73 -27.92 -11.01
CA SER J 87 -4.03 -29.09 -10.48
C SER J 87 -3.96 -29.05 -8.96
N LEU J 88 -3.74 -27.86 -8.37
CA LEU J 88 -3.61 -27.77 -6.92
C LEU J 88 -4.94 -27.77 -6.19
N SER J 89 -6.06 -27.72 -6.93
CA SER J 89 -7.38 -27.69 -6.31
C SER J 89 -7.81 -29.07 -5.78
N LYS J 90 -7.41 -30.15 -6.46
CA LYS J 90 -7.79 -31.49 -6.01
C LYS J 90 -6.74 -32.13 -5.10
N HIS J 91 -5.49 -31.65 -5.15
CA HIS J 91 -4.41 -32.21 -4.34
C HIS J 91 -4.47 -31.79 -2.88
N VAL J 92 -5.13 -30.66 -2.59
CA VAL J 92 -5.17 -30.16 -1.22
C VAL J 92 -6.11 -30.96 -0.34
N ASP J 93 -7.05 -31.71 -0.92
CA ASP J 93 -7.84 -32.62 -0.12
C ASP J 93 -7.16 -33.96 0.01
N GLU J 94 -6.16 -34.21 -0.84
CA GLU J 94 -5.41 -35.46 -0.83
C GLU J 94 -4.33 -35.44 0.25
N GLY J 95 -3.48 -34.41 0.22
CA GLY J 95 -2.37 -34.35 1.14
C GLY J 95 -2.64 -33.62 2.45
N LEU J 96 -3.90 -33.56 2.87
CA LEU J 96 -4.27 -32.95 4.14
C LEU J 96 -4.89 -33.94 5.13
N ASP J 97 -4.62 -35.23 4.99
CA ASP J 97 -5.19 -36.22 5.89
C ASP J 97 -4.52 -36.27 7.26
N GLY J 98 -3.30 -35.74 7.38
CA GLY J 98 -2.62 -35.77 8.66
C GLY J 98 -3.26 -34.86 9.69
N TYR J 99 -3.85 -33.76 9.24
CA TYR J 99 -4.60 -32.91 10.17
C TYR J 99 -5.96 -33.52 10.48
N ARG J 100 -6.50 -34.32 9.56
CA ARG J 100 -7.82 -34.89 9.79
C ARG J 100 -7.75 -36.11 10.69
N ASP J 101 -6.58 -36.72 10.83
CA ASP J 101 -6.44 -37.76 11.84
C ASP J 101 -6.23 -37.17 13.22
N TYR J 102 -5.94 -35.87 13.29
CA TYR J 102 -5.85 -35.20 14.58
C TYR J 102 -7.18 -34.63 14.97
N LEU J 103 -7.96 -34.16 13.99
CA LEU J 103 -9.30 -33.64 14.27
C LEU J 103 -10.37 -34.72 14.38
N ILE J 104 -10.04 -35.99 14.11
CA ILE J 104 -10.99 -37.08 14.32
C ILE J 104 -10.67 -37.83 15.61
N LYS J 105 -9.51 -37.56 16.21
CA LYS J 105 -9.12 -38.26 17.42
C LYS J 105 -9.74 -37.62 18.66
N TYR J 106 -9.79 -36.30 18.72
CA TYR J 106 -10.28 -35.59 19.90
C TYR J 106 -11.69 -35.03 19.75
N SER J 107 -12.30 -35.13 18.57
CA SER J 107 -13.67 -34.66 18.37
C SER J 107 -14.67 -35.78 18.59
N ASP J 108 -15.81 -35.44 19.18
CA ASP J 108 -16.89 -36.40 19.37
C ASP J 108 -17.57 -36.78 18.06
N ARG J 109 -17.92 -38.07 17.96
CA ARG J 109 -18.33 -38.65 16.69
C ARG J 109 -19.74 -38.20 16.33
N GLU J 110 -20.64 -38.13 17.31
CA GLU J 110 -22.00 -37.79 16.95
C GLU J 110 -22.14 -36.31 16.64
N LEU J 111 -21.24 -35.49 17.19
CA LEU J 111 -21.20 -34.10 16.79
C LEU J 111 -20.64 -33.94 15.40
N VAL J 112 -19.74 -34.84 14.99
CA VAL J 112 -19.25 -34.79 13.61
C VAL J 112 -20.35 -35.23 12.65
N GLN J 113 -21.05 -36.33 12.98
CA GLN J 113 -22.07 -36.86 12.08
C GLN J 113 -23.29 -35.97 12.01
N PHE J 114 -23.51 -35.16 13.04
CA PHE J 114 -24.65 -34.24 12.99
C PHE J 114 -24.36 -33.11 12.03
N PHE J 115 -23.13 -32.57 12.05
CA PHE J 115 -22.80 -31.51 11.11
C PHE J 115 -22.73 -32.06 9.70
N GLU J 116 -22.37 -33.34 9.54
CA GLU J 116 -22.41 -33.89 8.19
C GLU J 116 -23.81 -34.26 7.74
N ASN J 117 -24.78 -34.28 8.67
CA ASN J 117 -26.14 -34.67 8.33
C ASN J 117 -27.05 -33.46 8.13
N ALA J 118 -26.82 -32.38 8.87
CA ALA J 118 -27.66 -31.18 8.76
C ALA J 118 -27.45 -30.42 7.45
N LYS J 140 -14.27 -41.41 4.76
CA LYS J 140 -13.65 -40.45 5.66
C LYS J 140 -14.42 -39.13 5.67
N PRO J 141 -14.79 -38.65 6.86
CA PRO J 141 -15.52 -37.39 6.97
C PRO J 141 -14.72 -36.18 6.52
N SER J 142 -15.46 -35.13 6.16
CA SER J 142 -14.90 -33.89 5.64
C SER J 142 -14.35 -33.06 6.78
N ILE J 143 -13.53 -32.07 6.43
CA ILE J 143 -12.78 -31.24 7.38
C ILE J 143 -13.64 -30.12 7.97
N PHE J 144 -14.63 -29.66 7.20
CA PHE J 144 -15.42 -28.51 7.62
C PHE J 144 -16.34 -28.90 8.77
N ALA J 145 -16.70 -30.18 8.86
CA ALA J 145 -17.44 -30.62 10.02
C ALA J 145 -16.53 -30.93 11.20
N LEU J 146 -15.22 -31.11 10.96
CA LEU J 146 -14.29 -31.39 12.05
C LEU J 146 -13.86 -30.13 12.75
N LEU J 147 -14.03 -28.97 12.12
CA LEU J 147 -13.55 -27.75 12.78
C LEU J 147 -14.43 -27.31 13.97
N PRO J 148 -15.77 -27.14 13.86
CA PRO J 148 -16.50 -26.70 15.04
C PRO J 148 -16.76 -27.80 16.04
N ALA J 149 -16.69 -29.07 15.63
CA ALA J 149 -16.93 -30.14 16.59
C ALA J 149 -15.72 -30.33 17.49
N TYR J 150 -14.52 -30.06 16.97
CA TYR J 150 -13.33 -30.09 17.79
C TYR J 150 -13.27 -28.84 18.68
N ALA J 151 -13.70 -27.71 18.11
CA ALA J 151 -13.63 -26.45 18.85
C ALA J 151 -14.65 -26.42 19.99
N LEU J 152 -15.82 -27.02 19.80
CA LEU J 152 -16.84 -27.03 20.84
C LEU J 152 -16.59 -28.09 21.90
N SER J 153 -15.61 -28.97 21.70
CA SER J 153 -15.21 -29.95 22.69
C SER J 153 -14.00 -29.52 23.50
N GLU J 154 -13.14 -28.67 22.91
CA GLU J 154 -11.97 -28.23 23.67
C GLU J 154 -12.35 -27.22 24.76
N ILE J 155 -13.45 -26.50 24.56
CA ILE J 155 -13.90 -25.54 25.56
C ILE J 155 -14.52 -26.29 26.73
N LYS J 156 -15.27 -27.36 26.45
CA LYS J 156 -15.91 -28.12 27.51
C LYS J 156 -14.88 -28.88 28.32
N SER J 157 -13.87 -29.47 27.66
CA SER J 157 -12.85 -30.18 28.40
C SER J 157 -11.95 -29.22 29.19
N ALA J 158 -11.76 -27.99 28.69
CA ALA J 158 -11.02 -27.02 29.48
C ALA J 158 -11.83 -26.52 30.66
N PHE J 159 -13.16 -26.51 30.54
CA PHE J 159 -13.99 -26.11 31.68
C PHE J 159 -14.00 -27.20 32.74
N LYS J 160 -13.89 -28.46 32.31
CA LYS J 160 -13.85 -29.55 33.26
C LYS J 160 -12.51 -29.59 33.99
N ILE J 161 -11.42 -29.23 33.30
CA ILE J 161 -10.13 -29.16 34.01
C ILE J 161 -10.13 -27.98 34.97
N GLY J 162 -10.73 -26.86 34.54
CA GLY J 162 -10.70 -25.68 35.36
C GLY J 162 -11.57 -25.76 36.60
N PHE J 163 -12.58 -26.63 36.61
CA PHE J 163 -13.35 -26.78 37.84
C PHE J 163 -12.55 -27.50 38.92
N TYR J 164 -11.78 -28.51 38.51
CA TYR J 164 -10.97 -29.25 39.48
C TYR J 164 -9.86 -28.37 39.98
N LEU J 165 -9.42 -27.42 39.15
CA LEU J 165 -8.46 -26.44 39.64
C LEU J 165 -9.11 -25.41 40.55
N TYR J 166 -10.42 -25.17 40.39
CA TYR J 166 -11.07 -24.19 41.25
C TYR J 166 -11.32 -24.73 42.64
N LEU J 167 -11.42 -26.05 42.77
CA LEU J 167 -11.81 -26.70 44.04
C LEU J 167 -10.91 -26.64 45.28
N PRO J 168 -9.57 -26.78 45.21
CA PRO J 168 -8.78 -26.68 46.45
C PRO J 168 -8.67 -25.27 47.02
N PHE J 169 -9.16 -24.25 46.33
CA PHE J 169 -9.11 -22.87 46.79
C PHE J 169 -10.42 -22.39 47.41
N VAL J 170 -11.54 -23.06 47.15
CA VAL J 170 -12.78 -22.73 47.85
C VAL J 170 -12.67 -23.16 49.31
N VAL J 171 -11.94 -24.25 49.58
CA VAL J 171 -11.78 -24.73 50.93
C VAL J 171 -10.94 -23.77 51.75
N VAL J 172 -9.86 -23.25 51.16
CA VAL J 172 -9.04 -22.30 51.90
C VAL J 172 -9.74 -20.94 51.96
N ASP J 173 -10.67 -20.66 51.04
CA ASP J 173 -11.43 -19.41 51.13
C ASP J 173 -12.46 -19.47 52.24
N LEU J 174 -12.95 -20.66 52.57
CA LEU J 174 -14.00 -20.75 53.59
C LEU J 174 -13.45 -21.03 54.99
N VAL J 175 -12.30 -21.69 55.10
CA VAL J 175 -11.79 -21.98 56.43
C VAL J 175 -10.99 -20.81 57.01
N VAL J 176 -10.55 -19.87 56.19
CA VAL J 176 -9.91 -18.70 56.76
C VAL J 176 -10.94 -17.60 56.95
N SER J 177 -12.10 -17.70 56.31
CA SER J 177 -13.18 -16.76 56.51
C SER J 177 -14.16 -17.22 57.57
N SER J 178 -13.92 -18.38 58.20
CA SER J 178 -14.81 -18.83 59.26
C SER J 178 -14.16 -18.80 60.64
N VAL J 179 -12.83 -18.86 60.72
CA VAL J 179 -12.17 -18.66 62.00
C VAL J 179 -12.17 -17.20 62.42
N LEU J 180 -12.40 -16.27 61.49
CA LEU J 180 -12.69 -14.90 61.91
C LEU J 180 -14.07 -14.80 62.50
N LEU J 181 -15.03 -15.58 61.97
CA LEU J 181 -16.37 -15.60 62.55
C LEU J 181 -16.39 -16.34 63.87
N ALA J 182 -15.38 -17.17 64.13
CA ALA J 182 -15.23 -17.75 65.47
C ALA J 182 -14.88 -16.68 66.49
N LEU J 183 -14.22 -15.61 66.05
CA LEU J 183 -13.91 -14.46 66.89
C LEU J 183 -14.91 -13.35 66.58
N GLY J 184 -14.68 -12.17 67.15
CA GLY J 184 -15.52 -11.02 66.85
C GLY J 184 -15.00 -10.20 65.68
N MET J 185 -14.77 -10.85 64.55
CA MET J 185 -14.17 -10.21 63.38
C MET J 185 -15.14 -10.17 62.21
N MET J 186 -16.40 -9.80 62.49
CA MET J 186 -17.43 -9.85 61.46
C MET J 186 -17.26 -8.79 60.40
N MET J 187 -16.56 -7.69 60.70
CA MET J 187 -16.22 -6.67 59.69
C MET J 187 -14.76 -6.87 59.30
N MET J 188 -14.52 -7.89 58.47
CA MET J 188 -13.15 -8.22 58.08
C MET J 188 -13.21 -8.97 56.75
N SER J 189 -12.72 -8.33 55.70
CA SER J 189 -12.63 -8.99 54.40
C SER J 189 -11.48 -10.00 54.40
N PRO J 190 -11.73 -11.27 54.15
CA PRO J 190 -10.67 -12.28 54.27
C PRO J 190 -9.75 -12.38 53.06
N VAL J 191 -9.96 -11.57 52.03
CA VAL J 191 -9.22 -11.73 50.77
C VAL J 191 -7.79 -11.25 50.83
N THR J 192 -7.33 -10.69 51.94
CA THR J 192 -5.93 -10.33 52.11
C THR J 192 -5.16 -11.36 52.94
N ILE J 193 -5.84 -12.27 53.62
CA ILE J 193 -5.20 -13.36 54.34
C ILE J 193 -5.33 -14.63 53.49
N SER J 194 -6.35 -14.67 52.64
CA SER J 194 -6.57 -15.83 51.80
C SER J 194 -5.56 -15.92 50.66
N THR J 195 -5.26 -14.78 50.05
CA THR J 195 -4.35 -14.72 48.90
C THR J 195 -2.92 -15.25 49.12
N PRO J 196 -2.24 -15.07 50.27
CA PRO J 196 -0.93 -15.76 50.42
C PRO J 196 -1.02 -17.27 50.49
N ILE J 197 -2.08 -17.82 51.09
CA ILE J 197 -2.19 -19.27 51.16
C ILE J 197 -2.56 -19.86 49.81
N LYS J 198 -3.13 -19.04 48.92
CA LYS J 198 -3.57 -19.53 47.63
C LYS J 198 -2.37 -19.81 46.74
N LEU J 199 -1.36 -18.95 46.80
CA LEU J 199 -0.23 -19.17 45.91
C LEU J 199 0.87 -19.97 46.58
N VAL J 200 0.91 -20.02 47.92
CA VAL J 200 1.88 -20.96 48.50
C VAL J 200 1.37 -22.39 48.37
N LEU J 201 0.05 -22.58 48.21
CA LEU J 201 -0.48 -23.89 47.85
C LEU J 201 -0.44 -24.13 46.36
N PHE J 202 0.22 -23.27 45.61
CA PHE J 202 0.43 -23.48 44.18
C PHE J 202 1.90 -23.61 43.85
N VAL J 203 2.78 -23.02 44.66
CA VAL J 203 4.21 -23.25 44.48
C VAL J 203 4.66 -24.48 45.27
N ALA J 204 3.91 -24.90 46.30
CA ALA J 204 4.23 -26.16 46.93
C ALA J 204 3.87 -27.34 46.03
N LEU J 205 2.72 -27.26 45.37
CA LEU J 205 2.34 -28.24 44.36
C LEU J 205 2.93 -27.97 42.98
N ASP J 206 3.79 -26.93 42.86
CA ASP J 206 4.45 -26.40 41.67
C ASP J 206 3.58 -26.47 40.40
N GLY J 207 2.34 -26.00 40.53
CA GLY J 207 1.26 -26.22 39.61
C GLY J 207 1.36 -25.61 38.23
N TRP J 208 2.45 -24.91 37.89
CA TRP J 208 2.59 -24.45 36.50
C TRP J 208 3.31 -25.46 35.63
N THR J 209 4.46 -25.96 36.09
CA THR J 209 5.14 -26.99 35.31
C THR J 209 4.47 -28.35 35.41
N LEU J 210 3.71 -28.59 36.48
CA LEU J 210 3.00 -29.87 36.56
C LEU J 210 1.77 -29.82 35.65
N LEU J 211 1.28 -28.63 35.37
CA LEU J 211 0.12 -28.48 34.49
C LEU J 211 0.55 -28.46 33.04
N SER J 212 1.75 -27.94 32.76
CA SER J 212 2.23 -27.99 31.38
C SER J 212 2.61 -29.43 31.03
N LYS J 213 3.27 -30.12 31.96
CA LYS J 213 3.55 -31.53 31.77
C LYS J 213 2.29 -32.37 31.79
N GLY J 214 1.20 -31.90 32.43
CA GLY J 214 -0.02 -32.65 32.38
C GLY J 214 -0.71 -32.48 31.04
N LEU J 215 -0.69 -31.26 30.48
CA LEU J 215 -1.35 -31.05 29.21
C LEU J 215 -0.56 -31.58 28.03
N ILE J 216 0.70 -31.97 28.22
CA ILE J 216 1.45 -32.53 27.09
C ILE J 216 1.17 -34.02 26.94
N LEU J 217 1.07 -34.78 28.03
CA LEU J 217 0.85 -36.23 27.97
C LEU J 217 -0.53 -36.63 27.49
N GLN J 218 -1.47 -35.69 27.35
CA GLN J 218 -2.70 -36.00 26.64
C GLN J 218 -2.57 -35.87 25.13
N TYR J 219 -1.41 -35.47 24.62
CA TYR J 219 -1.23 -35.34 23.18
C TYR J 219 0.00 -36.10 22.69
N MET J 220 1.05 -36.17 23.50
CA MET J 220 2.25 -36.91 23.13
C MET J 220 2.49 -38.07 24.08
N ASN K 3 -3.94 -7.05 -14.47
CA ASN K 3 -4.98 -7.25 -13.45
C ASN K 3 -4.99 -6.15 -12.40
N ASP K 4 -4.46 -4.98 -12.74
CA ASP K 4 -4.53 -3.86 -11.81
C ASP K 4 -5.89 -3.19 -11.83
N ILE K 5 -6.72 -3.52 -12.83
CA ILE K 5 -8.11 -3.07 -12.81
C ILE K 5 -8.97 -4.02 -12.01
N SER K 6 -8.42 -5.18 -11.63
CA SER K 6 -9.15 -6.20 -10.91
C SER K 6 -8.69 -6.35 -9.45
N LEU K 7 -7.50 -5.84 -9.10
CA LEU K 7 -7.12 -5.93 -7.69
C LEU K 7 -7.95 -4.97 -6.84
N ILE K 8 -8.45 -3.88 -7.43
CA ILE K 8 -9.36 -3.01 -6.71
C ILE K 8 -10.72 -3.68 -6.56
N ALA K 9 -11.07 -4.54 -7.52
CA ALA K 9 -12.30 -5.33 -7.48
C ALA K 9 -12.16 -6.53 -6.57
N LEU K 10 -10.96 -6.81 -6.10
CA LEU K 10 -10.76 -7.91 -5.16
C LEU K 10 -10.66 -7.36 -3.75
N LEU K 11 -9.95 -6.24 -3.57
CA LEU K 11 -9.82 -5.64 -2.25
C LEU K 11 -11.13 -4.99 -1.81
N ALA K 12 -11.91 -4.40 -2.74
CA ALA K 12 -13.22 -3.92 -2.34
C ALA K 12 -14.19 -5.05 -2.04
N PHE K 13 -14.06 -6.19 -2.71
CA PHE K 13 -14.87 -7.33 -2.32
C PHE K 13 -14.44 -7.88 -0.96
N SER K 14 -13.15 -7.77 -0.64
CA SER K 14 -12.62 -8.20 0.65
C SER K 14 -12.89 -7.21 1.77
N THR K 15 -13.42 -6.04 1.45
CA THR K 15 -13.94 -5.16 2.49
C THR K 15 -15.46 -5.03 2.39
N LEU K 16 -16.07 -5.67 1.40
CA LEU K 16 -17.52 -5.73 1.26
C LEU K 16 -18.11 -6.95 1.95
N LEU K 17 -17.43 -8.10 1.93
CA LEU K 17 -17.89 -9.24 2.71
C LEU K 17 -17.90 -9.02 4.23
N PRO K 18 -16.97 -8.29 4.86
CA PRO K 18 -17.19 -7.93 6.27
C PRO K 18 -18.38 -7.01 6.52
N PHE K 19 -18.90 -6.33 5.50
CA PHE K 19 -20.11 -5.54 5.67
C PHE K 19 -21.37 -6.40 5.57
N ILE K 20 -21.32 -7.47 4.77
CA ILE K 20 -22.51 -8.29 4.50
C ILE K 20 -22.62 -9.45 5.47
N ILE K 21 -21.50 -10.13 5.77
CA ILE K 21 -21.53 -11.29 6.66
C ILE K 21 -21.88 -10.86 8.09
N ALA K 22 -21.39 -9.70 8.51
CA ALA K 22 -21.69 -9.18 9.83
C ALA K 22 -23.10 -8.61 9.97
N SER K 23 -23.85 -8.44 8.89
CA SER K 23 -25.19 -7.87 9.00
C SER K 23 -26.29 -8.82 8.51
N GLY K 24 -26.15 -9.36 7.31
CA GLY K 24 -27.22 -10.03 6.61
C GLY K 24 -27.20 -11.53 6.62
N THR K 25 -26.35 -12.14 7.43
CA THR K 25 -26.36 -13.59 7.59
C THR K 25 -26.78 -13.91 9.02
N CYS K 26 -26.71 -15.19 9.37
CA CYS K 26 -27.02 -15.70 10.69
C CYS K 26 -25.86 -15.59 11.68
N PHE K 27 -24.77 -14.94 11.28
CA PHE K 27 -23.67 -14.66 12.19
C PHE K 27 -24.08 -13.66 13.27
N VAL K 28 -25.10 -12.85 12.98
CA VAL K 28 -25.59 -11.86 13.94
C VAL K 28 -26.21 -12.57 15.13
N LYS K 29 -27.09 -13.53 14.86
CA LYS K 29 -27.75 -14.25 15.94
C LYS K 29 -26.78 -15.21 16.59
N PHE K 30 -25.76 -15.66 15.84
CA PHE K 30 -24.86 -16.67 16.40
C PHE K 30 -23.91 -16.05 17.42
N SER K 31 -23.28 -14.92 17.06
CA SER K 31 -22.23 -14.36 17.91
C SER K 31 -22.77 -13.68 19.16
N ILE K 32 -24.04 -13.26 19.18
CA ILE K 32 -24.57 -12.54 20.34
C ILE K 32 -24.81 -13.49 21.50
N VAL K 33 -25.35 -14.69 21.23
CA VAL K 33 -25.66 -15.61 22.31
C VAL K 33 -24.39 -16.22 22.91
N PHE K 34 -23.30 -16.29 22.15
CA PHE K 34 -22.07 -16.87 22.69
C PHE K 34 -21.44 -15.92 23.71
N VAL K 35 -21.66 -14.62 23.55
CA VAL K 35 -21.12 -13.69 24.52
C VAL K 35 -22.11 -13.50 25.66
N MET K 36 -23.41 -13.69 25.41
CA MET K 36 -24.35 -13.59 26.52
C MET K 36 -24.22 -14.79 27.46
N VAL K 37 -23.91 -15.97 26.91
CA VAL K 37 -23.60 -17.10 27.79
C VAL K 37 -22.18 -16.98 28.34
N ARG K 38 -21.32 -16.17 27.71
CA ARG K 38 -20.02 -15.90 28.31
C ARG K 38 -20.15 -14.99 29.52
N ASN K 39 -21.08 -14.02 29.46
CA ASN K 39 -21.32 -13.11 30.58
C ASN K 39 -22.25 -13.69 31.63
N ALA K 40 -23.01 -14.73 31.28
CA ALA K 40 -23.91 -15.34 32.27
C ALA K 40 -23.13 -16.13 33.31
N LEU K 41 -21.98 -16.69 32.94
CA LEU K 41 -21.19 -17.45 33.89
C LEU K 41 -20.34 -16.54 34.79
N GLY K 42 -19.95 -15.38 34.28
CA GLY K 42 -19.14 -14.47 35.07
C GLY K 42 -17.70 -14.45 34.61
N LEU K 43 -17.49 -14.54 33.29
CA LEU K 43 -16.17 -14.52 32.70
C LEU K 43 -16.01 -13.27 31.84
N GLN K 44 -14.80 -12.72 31.84
CA GLN K 44 -14.50 -11.51 31.09
C GLN K 44 -13.61 -11.76 29.88
N GLN K 45 -12.54 -12.53 30.04
CA GLN K 45 -11.54 -12.70 29.00
C GLN K 45 -11.53 -14.11 28.41
N ILE K 46 -12.32 -15.02 28.95
CA ILE K 46 -12.34 -16.41 28.52
C ILE K 46 -13.58 -16.66 27.66
N PRO K 47 -13.44 -17.24 26.45
CA PRO K 47 -12.17 -17.66 25.84
C PRO K 47 -11.35 -16.58 25.14
N SER K 48 -12.02 -15.75 24.34
CA SER K 48 -11.52 -14.52 23.74
C SER K 48 -12.71 -13.88 23.02
N ASN K 49 -12.45 -12.80 22.30
CA ASN K 49 -13.39 -12.31 21.32
C ASN K 49 -13.17 -12.87 19.93
N MET K 50 -12.10 -13.64 19.72
CA MET K 50 -11.69 -14.10 18.40
C MET K 50 -12.20 -15.50 18.05
N THR K 51 -12.12 -16.45 18.97
CA THR K 51 -12.58 -17.80 18.66
C THR K 51 -14.09 -17.92 18.67
N LEU K 52 -14.79 -17.00 19.34
CA LEU K 52 -16.25 -17.01 19.34
C LEU K 52 -16.81 -16.51 18.02
N ASN K 53 -16.06 -15.67 17.30
CA ASN K 53 -16.42 -15.38 15.92
C ASN K 53 -15.93 -16.44 14.95
N GLY K 54 -15.09 -17.36 15.40
CA GLY K 54 -14.60 -18.41 14.53
C GLY K 54 -15.58 -19.56 14.52
N VAL K 55 -16.07 -19.95 15.70
CA VAL K 55 -17.06 -21.02 15.75
C VAL K 55 -18.36 -20.53 15.12
N ALA K 56 -18.72 -19.27 15.35
CA ALA K 56 -19.94 -18.75 14.76
C ALA K 56 -19.80 -18.56 13.25
N LEU K 57 -18.60 -18.32 12.74
CA LEU K 57 -18.46 -18.22 11.29
C LEU K 57 -18.51 -19.60 10.63
N LEU K 58 -17.94 -20.61 11.31
CA LEU K 58 -18.01 -21.96 10.76
C LEU K 58 -19.43 -22.49 10.81
N LEU K 59 -20.20 -22.10 11.83
CA LEU K 59 -21.59 -22.49 11.85
C LEU K 59 -22.42 -21.62 10.91
N SER K 60 -21.93 -20.42 10.55
CA SER K 60 -22.70 -19.54 9.69
C SER K 60 -22.67 -20.03 8.25
N MET K 61 -21.57 -20.64 7.82
CA MET K 61 -21.57 -21.11 6.43
C MET K 61 -22.23 -22.47 6.24
N PHE K 62 -22.73 -23.10 7.32
CA PHE K 62 -23.46 -24.35 7.20
C PHE K 62 -24.85 -24.15 6.60
N VAL K 63 -25.38 -22.94 6.68
CA VAL K 63 -26.68 -22.64 6.08
C VAL K 63 -26.55 -21.68 4.91
N MET K 64 -25.39 -21.08 4.70
CA MET K 64 -25.16 -20.15 3.61
C MET K 64 -24.49 -20.78 2.41
N TRP K 65 -23.74 -21.88 2.59
CA TRP K 65 -23.17 -22.58 1.44
C TRP K 65 -24.21 -23.25 0.52
N PRO K 66 -25.34 -23.79 1.01
CA PRO K 66 -26.41 -24.13 0.06
C PRO K 66 -27.06 -22.93 -0.62
N ILE K 67 -26.96 -21.73 -0.05
CA ILE K 67 -27.49 -20.56 -0.72
C ILE K 67 -26.49 -20.03 -1.75
N MET K 68 -25.20 -20.07 -1.41
CA MET K 68 -24.18 -19.48 -2.28
C MET K 68 -23.95 -20.30 -3.54
N HIS K 69 -24.24 -21.60 -3.50
CA HIS K 69 -23.98 -22.44 -4.67
C HIS K 69 -24.97 -22.19 -5.78
N ASP K 70 -26.19 -21.74 -5.43
CA ASP K 70 -27.18 -21.42 -6.45
C ASP K 70 -26.81 -20.16 -7.22
N ALA K 71 -26.13 -19.22 -6.58
CA ALA K 71 -25.68 -18.02 -7.26
C ALA K 71 -24.44 -18.28 -8.12
N TYR K 72 -23.61 -19.25 -7.75
CA TYR K 72 -22.42 -19.53 -8.54
C TYR K 72 -22.74 -20.26 -9.84
N VAL K 73 -23.77 -21.10 -9.84
CA VAL K 73 -24.15 -21.79 -11.08
C VAL K 73 -24.88 -20.83 -12.02
N TYR K 74 -25.79 -20.01 -11.49
CA TYR K 74 -26.53 -19.07 -12.33
C TYR K 74 -25.65 -17.92 -12.80
N PHE K 75 -25.10 -17.15 -11.85
CA PHE K 75 -24.24 -16.04 -12.19
C PHE K 75 -22.78 -16.47 -12.20
N SER K 86 -25.05 -3.46 -21.66
CA SER K 86 -25.71 -3.36 -20.36
C SER K 86 -26.67 -4.51 -20.14
N SER K 87 -26.13 -5.72 -20.02
CA SER K 87 -26.94 -6.90 -19.79
C SER K 87 -26.99 -7.32 -18.32
N LEU K 88 -26.21 -6.67 -17.46
CA LEU K 88 -26.16 -7.04 -16.06
C LEU K 88 -27.19 -6.30 -15.20
N SER K 89 -28.24 -5.78 -15.82
CA SER K 89 -29.32 -5.17 -15.05
C SER K 89 -30.20 -6.24 -14.40
N LYS K 90 -30.78 -7.11 -15.23
CA LYS K 90 -31.61 -8.21 -14.77
C LYS K 90 -30.82 -9.49 -14.52
N HIS K 91 -29.49 -9.45 -14.66
CA HIS K 91 -28.71 -10.63 -14.36
C HIS K 91 -28.52 -10.83 -12.87
N VAL K 92 -28.57 -9.75 -12.08
CA VAL K 92 -28.27 -9.85 -10.67
C VAL K 92 -29.49 -10.26 -9.83
N ASP K 93 -30.70 -9.93 -10.27
CA ASP K 93 -31.87 -10.12 -9.41
C ASP K 93 -32.24 -11.60 -9.25
N GLU K 94 -31.96 -12.42 -10.26
CA GLU K 94 -32.21 -13.84 -10.14
C GLU K 94 -31.03 -14.58 -9.50
N GLY K 95 -29.83 -13.99 -9.57
CA GLY K 95 -28.72 -14.52 -8.80
C GLY K 95 -28.86 -14.30 -7.31
N LEU K 96 -29.63 -13.27 -6.93
CA LEU K 96 -29.99 -13.02 -5.54
C LEU K 96 -31.41 -13.44 -5.19
N ASP K 97 -32.13 -14.09 -6.11
CA ASP K 97 -33.47 -14.54 -5.79
C ASP K 97 -33.46 -15.72 -4.83
N GLY K 98 -32.38 -16.50 -4.83
CA GLY K 98 -32.16 -17.51 -3.82
C GLY K 98 -31.74 -16.98 -2.48
N TYR K 99 -31.37 -15.70 -2.42
CA TYR K 99 -31.07 -15.04 -1.16
C TYR K 99 -32.26 -14.24 -0.67
N ARG K 100 -33.11 -13.79 -1.59
CA ARG K 100 -34.26 -12.97 -1.23
C ARG K 100 -35.51 -13.79 -0.95
N ASP K 101 -35.53 -15.08 -1.28
CA ASP K 101 -36.63 -15.89 -0.76
C ASP K 101 -36.30 -16.46 0.61
N TYR K 102 -35.06 -16.28 1.07
CA TYR K 102 -34.66 -16.60 2.43
C TYR K 102 -34.86 -15.44 3.39
N LEU K 103 -34.73 -14.21 2.90
CA LEU K 103 -34.88 -13.04 3.75
C LEU K 103 -36.34 -12.71 4.06
N ILE K 104 -37.28 -13.26 3.28
CA ILE K 104 -38.69 -13.07 3.62
C ILE K 104 -39.14 -14.02 4.71
N LYS K 105 -38.35 -15.05 5.00
CA LYS K 105 -38.76 -16.05 5.98
C LYS K 105 -38.51 -15.55 7.40
N TYR K 106 -37.38 -14.89 7.63
CA TYR K 106 -36.95 -14.53 8.98
C TYR K 106 -37.07 -13.04 9.28
N SER K 107 -37.94 -12.33 8.56
CA SER K 107 -38.19 -10.92 8.82
C SER K 107 -39.68 -10.71 9.11
N ASP K 108 -40.03 -9.49 9.48
CA ASP K 108 -41.42 -9.16 9.79
C ASP K 108 -42.08 -8.56 8.55
N ARG K 109 -43.27 -9.09 8.22
CA ARG K 109 -43.97 -8.68 7.02
C ARG K 109 -44.53 -7.27 7.14
N GLU K 110 -44.94 -6.85 8.34
CA GLU K 110 -45.46 -5.50 8.50
C GLU K 110 -44.31 -4.49 8.46
N LEU K 111 -43.13 -4.92 8.91
CA LEU K 111 -42.00 -4.02 8.96
C LEU K 111 -41.44 -3.82 7.57
N VAL K 112 -41.47 -4.85 6.72
CA VAL K 112 -40.92 -4.64 5.39
C VAL K 112 -41.89 -3.83 4.54
N GLN K 113 -43.16 -3.77 4.92
CA GLN K 113 -44.08 -2.87 4.23
C GLN K 113 -43.87 -1.45 4.70
N PHE K 114 -43.35 -1.29 5.92
CA PHE K 114 -43.03 0.06 6.40
C PHE K 114 -41.86 0.63 5.63
N PHE K 115 -40.91 -0.20 5.20
CA PHE K 115 -39.79 0.29 4.43
C PHE K 115 -40.07 0.30 2.94
N GLU K 116 -41.08 -0.44 2.50
CA GLU K 116 -41.43 -0.47 1.09
C GLU K 116 -42.36 0.66 0.70
N ASN K 117 -43.09 1.21 1.67
CA ASN K 117 -44.01 2.32 1.39
C ASN K 117 -43.37 3.67 1.70
N ALA K 118 -42.44 3.73 2.65
CA ALA K 118 -41.79 5.00 2.98
C ALA K 118 -40.58 5.23 2.08
N LYS K 135 -49.97 -9.20 -4.36
CA LYS K 135 -49.55 -9.84 -3.13
C LYS K 135 -48.06 -10.11 -3.17
N ASP K 136 -47.55 -10.82 -2.17
CA ASP K 136 -46.13 -11.13 -2.13
C ASP K 136 -45.78 -12.32 -3.02
N GLU K 137 -46.77 -13.12 -3.42
CA GLU K 137 -46.47 -14.23 -4.32
C GLU K 137 -46.28 -13.72 -5.74
N ILE K 138 -47.07 -12.72 -6.14
CA ILE K 138 -47.01 -12.22 -7.50
C ILE K 138 -45.83 -11.26 -7.66
N GLU K 139 -45.30 -10.75 -6.55
CA GLU K 139 -44.15 -9.83 -6.59
C GLU K 139 -43.41 -9.93 -5.27
N LYS K 140 -42.19 -10.43 -5.29
CA LYS K 140 -41.33 -10.36 -4.13
C LYS K 140 -40.91 -8.92 -3.86
N PRO K 141 -40.68 -8.54 -2.60
CA PRO K 141 -40.31 -7.16 -2.29
C PRO K 141 -38.88 -6.84 -2.72
N SER K 142 -38.53 -5.56 -2.61
CA SER K 142 -37.21 -5.09 -2.99
C SER K 142 -36.15 -5.60 -2.03
N ILE K 143 -34.95 -5.82 -2.55
CA ILE K 143 -33.89 -6.44 -1.77
C ILE K 143 -33.33 -5.47 -0.74
N PHE K 144 -33.37 -4.17 -1.00
CA PHE K 144 -32.88 -3.17 -0.08
C PHE K 144 -33.92 -2.74 0.95
N ALA K 145 -35.12 -3.30 0.87
CA ALA K 145 -36.22 -2.96 1.77
C ALA K 145 -36.38 -3.91 2.94
N LEU K 146 -35.83 -5.12 2.87
CA LEU K 146 -36.04 -6.11 3.91
C LEU K 146 -34.79 -6.56 4.65
N LEU K 147 -33.60 -6.22 4.18
CA LEU K 147 -32.36 -6.48 4.88
C LEU K 147 -32.18 -5.73 6.21
N PRO K 148 -32.60 -4.45 6.36
CA PRO K 148 -32.64 -3.89 7.72
C PRO K 148 -33.68 -4.53 8.62
N ALA K 149 -34.80 -4.99 8.08
CA ALA K 149 -35.77 -5.64 8.95
C ALA K 149 -35.32 -7.03 9.34
N TYR K 150 -34.47 -7.65 8.50
CA TYR K 150 -33.91 -8.93 8.88
C TYR K 150 -32.89 -8.74 9.98
N ALA K 151 -32.13 -7.64 9.93
CA ALA K 151 -31.13 -7.41 10.97
C ALA K 151 -31.79 -7.08 12.29
N LEU K 152 -32.87 -6.27 12.26
CA LEU K 152 -33.54 -5.96 13.50
C LEU K 152 -34.32 -7.15 14.05
N SER K 153 -34.71 -8.09 13.19
CA SER K 153 -35.44 -9.26 13.68
C SER K 153 -34.51 -10.28 14.28
N GLU K 154 -33.23 -10.27 13.87
CA GLU K 154 -32.33 -11.22 14.49
C GLU K 154 -31.69 -10.64 15.73
N ILE K 155 -31.56 -9.31 15.82
CA ILE K 155 -31.10 -8.74 17.09
C ILE K 155 -32.18 -8.89 18.16
N LYS K 156 -33.47 -8.77 17.75
CA LYS K 156 -34.54 -8.93 18.72
C LYS K 156 -34.67 -10.39 19.17
N SER K 157 -34.55 -11.33 18.24
CA SER K 157 -34.66 -12.73 18.64
C SER K 157 -33.44 -13.20 19.42
N ALA K 158 -32.27 -12.60 19.16
CA ALA K 158 -31.11 -12.95 19.97
C ALA K 158 -31.23 -12.37 21.37
N PHE K 159 -31.90 -11.23 21.53
CA PHE K 159 -32.08 -10.70 22.89
C PHE K 159 -33.11 -11.52 23.65
N LYS K 160 -34.07 -12.11 22.92
CA LYS K 160 -35.09 -12.90 23.59
C LYS K 160 -34.52 -14.25 24.03
N ILE K 161 -33.83 -14.97 23.15
CA ILE K 161 -33.25 -16.23 23.58
C ILE K 161 -32.02 -16.03 24.45
N GLY K 162 -31.49 -14.81 24.51
CA GLY K 162 -30.41 -14.51 25.43
C GLY K 162 -30.87 -14.24 26.85
N PHE K 163 -32.09 -13.73 27.02
CA PHE K 163 -32.62 -13.58 28.37
C PHE K 163 -32.86 -14.91 29.08
N TYR K 164 -33.22 -15.96 28.35
CA TYR K 164 -33.50 -17.28 28.93
C TYR K 164 -32.27 -17.90 29.61
N LEU K 165 -31.10 -17.77 28.99
CA LEU K 165 -29.86 -18.37 29.48
C LEU K 165 -29.45 -17.81 30.84
N TYR K 166 -29.71 -16.53 31.08
CA TYR K 166 -29.31 -15.87 32.32
C TYR K 166 -29.98 -16.47 33.56
N LEU K 167 -31.25 -16.89 33.45
CA LEU K 167 -32.04 -17.28 34.62
C LEU K 167 -31.50 -18.43 35.49
N PRO K 168 -31.03 -19.59 34.96
CA PRO K 168 -30.53 -20.65 35.88
C PRO K 168 -29.33 -20.21 36.69
N PHE K 169 -28.40 -19.50 36.05
CA PHE K 169 -27.21 -19.04 36.75
C PHE K 169 -27.60 -18.02 37.84
N VAL K 170 -28.56 -17.13 37.55
CA VAL K 170 -28.99 -16.17 38.55
C VAL K 170 -29.57 -16.88 39.78
N VAL K 171 -30.19 -18.05 39.57
CA VAL K 171 -30.72 -18.79 40.72
C VAL K 171 -29.59 -19.33 41.60
N VAL K 172 -28.53 -19.88 40.98
CA VAL K 172 -27.39 -20.36 41.76
C VAL K 172 -26.47 -19.23 42.19
N ASP K 173 -26.76 -18.00 41.78
CA ASP K 173 -26.05 -16.86 42.33
C ASP K 173 -26.78 -16.30 43.54
N LEU K 174 -28.09 -16.47 43.60
CA LEU K 174 -28.84 -15.99 44.76
C LEU K 174 -28.87 -17.01 45.89
N VAL K 175 -28.68 -18.29 45.58
CA VAL K 175 -28.71 -19.30 46.63
C VAL K 175 -27.46 -19.22 47.50
N VAL K 176 -26.27 -19.20 46.89
CA VAL K 176 -25.05 -19.18 47.69
C VAL K 176 -24.89 -17.83 48.41
N SER K 177 -25.41 -16.75 47.81
CA SER K 177 -25.37 -15.45 48.45
C SER K 177 -26.37 -15.32 49.59
N SER K 178 -27.35 -16.21 49.67
CA SER K 178 -28.26 -16.16 50.80
C SER K 178 -28.00 -17.29 51.78
N VAL K 179 -27.16 -18.25 51.41
CA VAL K 179 -26.71 -19.26 52.37
C VAL K 179 -25.57 -18.69 53.21
N LEU K 180 -24.66 -17.91 52.60
CA LEU K 180 -23.62 -17.28 53.40
C LEU K 180 -24.21 -16.21 54.31
N LEU K 181 -25.33 -15.61 53.89
CA LEU K 181 -26.06 -14.66 54.72
C LEU K 181 -26.92 -15.36 55.78
N ALA K 182 -27.21 -16.64 55.61
CA ALA K 182 -27.79 -17.39 56.73
C ALA K 182 -26.79 -17.52 57.86
N LEU K 183 -25.51 -17.60 57.54
CA LEU K 183 -24.44 -17.44 58.51
C LEU K 183 -24.13 -15.96 58.70
N GLY K 184 -23.15 -15.66 59.54
CA GLY K 184 -22.79 -14.29 59.85
C GLY K 184 -21.76 -13.66 58.94
N MET K 185 -21.45 -14.28 57.80
CA MET K 185 -20.37 -13.83 56.93
C MET K 185 -20.89 -12.89 55.83
N MET K 186 -21.37 -11.73 56.29
CA MET K 186 -21.81 -10.70 55.37
C MET K 186 -20.66 -10.04 54.62
N MET K 187 -19.44 -10.10 55.13
CA MET K 187 -18.28 -9.56 54.42
C MET K 187 -17.57 -10.70 53.71
N MET K 188 -18.17 -11.15 52.61
CA MET K 188 -17.61 -12.25 51.82
C MET K 188 -18.21 -12.17 50.43
N SER K 189 -17.38 -11.98 49.43
CA SER K 189 -17.85 -11.88 48.06
C SER K 189 -18.18 -13.27 47.53
N PRO K 190 -19.39 -13.50 47.01
CA PRO K 190 -19.76 -14.84 46.57
C PRO K 190 -19.28 -15.18 45.16
N VAL K 191 -18.54 -14.29 44.52
CA VAL K 191 -18.03 -14.56 43.17
C VAL K 191 -16.94 -15.61 43.21
N THR K 192 -16.21 -15.72 44.33
CA THR K 192 -15.20 -16.75 44.48
C THR K 192 -15.78 -18.14 44.70
N ILE K 193 -17.07 -18.25 45.03
CA ILE K 193 -17.72 -19.53 45.26
C ILE K 193 -18.68 -19.88 44.14
N SER K 194 -19.35 -18.88 43.55
CA SER K 194 -20.35 -19.13 42.54
C SER K 194 -19.76 -19.56 41.20
N THR K 195 -18.51 -19.22 40.94
CA THR K 195 -17.85 -19.53 39.68
C THR K 195 -17.51 -21.01 39.50
N PRO K 196 -17.12 -21.79 40.54
CA PRO K 196 -17.12 -23.26 40.35
C PRO K 196 -18.47 -23.87 40.04
N ILE K 197 -19.54 -23.44 40.71
CA ILE K 197 -20.85 -24.08 40.56
C ILE K 197 -21.46 -23.75 39.20
N LYS K 198 -21.17 -22.56 38.67
CA LYS K 198 -21.78 -22.13 37.43
C LYS K 198 -21.23 -22.88 36.23
N LEU K 199 -20.01 -23.40 36.31
CA LEU K 199 -19.47 -24.11 35.17
C LEU K 199 -19.41 -25.60 35.40
N VAL K 200 -20.02 -26.10 36.48
CA VAL K 200 -20.45 -27.50 36.51
C VAL K 200 -21.92 -27.60 36.16
N LEU K 201 -22.68 -26.52 36.31
CA LEU K 201 -24.04 -26.52 35.81
C LEU K 201 -24.08 -26.37 34.29
N PHE K 202 -22.97 -25.95 33.69
CA PHE K 202 -22.90 -25.86 32.24
C PHE K 202 -22.24 -27.07 31.59
N VAL K 203 -21.52 -27.89 32.35
CA VAL K 203 -20.89 -29.08 31.80
C VAL K 203 -21.56 -30.38 32.21
N ALA K 204 -22.33 -30.39 33.31
CA ALA K 204 -23.19 -31.54 33.56
C ALA K 204 -24.44 -31.50 32.71
N LEU K 205 -24.82 -30.31 32.25
CA LEU K 205 -25.93 -30.12 31.32
C LEU K 205 -25.50 -30.28 29.87
N ASP K 206 -24.19 -30.31 29.61
CA ASP K 206 -23.57 -30.27 28.27
C ASP K 206 -24.06 -29.06 27.48
N GLY K 207 -23.72 -27.88 27.99
CA GLY K 207 -24.37 -26.66 27.55
C GLY K 207 -23.92 -26.17 26.18
N TRP K 208 -22.60 -26.24 25.91
CA TRP K 208 -22.04 -25.66 24.70
C TRP K 208 -22.49 -26.42 23.45
N THR K 209 -22.64 -27.73 23.55
CA THR K 209 -23.12 -28.46 22.38
C THR K 209 -24.64 -28.38 22.28
N LEU K 210 -25.31 -28.10 23.39
CA LEU K 210 -26.76 -28.06 23.37
C LEU K 210 -27.25 -26.79 22.72
N LEU K 211 -26.52 -25.69 22.90
CA LEU K 211 -26.97 -24.46 22.25
C LEU K 211 -26.73 -24.54 20.75
N SER K 212 -25.68 -25.22 20.32
CA SER K 212 -25.37 -25.29 18.90
C SER K 212 -26.26 -26.26 18.16
N LYS K 213 -26.82 -27.25 18.87
CA LYS K 213 -27.80 -28.12 18.22
C LYS K 213 -29.09 -27.35 17.97
N GLY K 214 -29.54 -26.55 18.94
CA GLY K 214 -30.77 -25.82 18.72
C GLY K 214 -30.59 -24.68 17.72
N LEU K 215 -29.38 -24.14 17.63
CA LEU K 215 -29.14 -23.10 16.63
C LEU K 215 -29.11 -23.69 15.24
N ILE K 216 -28.67 -24.95 15.10
CA ILE K 216 -28.68 -25.50 13.74
C ILE K 216 -30.10 -25.96 13.38
N LEU K 217 -30.81 -26.60 14.31
CA LEU K 217 -32.17 -27.06 14.03
C LEU K 217 -33.19 -25.93 13.92
N GLN K 218 -32.83 -24.70 14.28
CA GLN K 218 -33.76 -23.61 14.03
C GLN K 218 -33.73 -23.13 12.59
N TYR K 219 -32.68 -23.47 11.83
CA TYR K 219 -32.58 -23.08 10.42
C TYR K 219 -32.63 -24.26 9.46
N MET K 220 -31.83 -25.30 9.69
CA MET K 220 -31.76 -26.45 8.81
C MET K 220 -32.20 -27.69 9.56
N ASP K 221 -33.23 -28.36 9.06
CA ASP K 221 -33.76 -29.54 9.71
C ASP K 221 -32.84 -30.74 9.52
N ILE K 222 -32.99 -31.74 10.39
CA ILE K 222 -32.18 -32.94 10.34
C ILE K 222 -32.84 -34.00 9.47
N ASN L 3 -4.72 4.09 -16.56
CA ASN L 3 -5.58 5.11 -15.96
C ASN L 3 -5.25 5.32 -14.49
N ASP L 4 -3.98 5.13 -14.15
CA ASP L 4 -3.54 5.29 -12.77
C ASP L 4 -3.11 6.73 -12.46
N ILE L 5 -3.24 7.64 -13.42
CA ILE L 5 -2.93 9.04 -13.19
C ILE L 5 -4.04 9.78 -12.46
N SER L 6 -5.26 9.23 -12.46
CA SER L 6 -6.38 9.76 -11.72
C SER L 6 -6.59 9.05 -10.39
N LEU L 7 -5.67 8.17 -9.99
CA LEU L 7 -5.84 7.50 -8.71
C LEU L 7 -5.43 8.40 -7.54
N ILE L 8 -4.71 9.49 -7.82
CA ILE L 8 -4.41 10.47 -6.78
C ILE L 8 -5.67 11.26 -6.43
N ALA L 9 -6.59 11.41 -7.39
CA ALA L 9 -7.90 11.98 -7.08
C ALA L 9 -8.92 10.92 -6.68
N LEU L 10 -8.63 9.65 -6.97
CA LEU L 10 -9.53 8.59 -6.50
C LEU L 10 -9.31 8.36 -5.00
N LEU L 11 -8.06 8.47 -4.54
CA LEU L 11 -7.76 8.34 -3.12
C LEU L 11 -8.28 9.54 -2.31
N ALA L 12 -8.66 10.63 -2.97
CA ALA L 12 -9.38 11.73 -2.34
C ALA L 12 -10.89 11.54 -2.42
N PHE L 13 -11.41 11.05 -3.54
CA PHE L 13 -12.86 10.90 -3.64
C PHE L 13 -13.41 9.71 -2.88
N SER L 14 -12.59 8.68 -2.65
CA SER L 14 -12.99 7.54 -1.82
C SER L 14 -12.79 7.79 -0.33
N THR L 15 -12.28 8.95 0.06
CA THR L 15 -12.29 9.34 1.46
C THR L 15 -13.25 10.49 1.69
N LEU L 16 -13.50 11.31 0.66
CA LEU L 16 -14.45 12.40 0.77
C LEU L 16 -15.89 11.89 0.70
N LEU L 17 -16.13 10.76 0.02
CA LEU L 17 -17.49 10.22 -0.01
C LEU L 17 -17.88 9.63 1.36
N PRO L 18 -17.03 8.89 2.10
CA PRO L 18 -17.40 8.60 3.50
C PRO L 18 -17.26 9.77 4.44
N PHE L 19 -16.61 10.87 4.05
CA PHE L 19 -16.47 12.01 4.94
C PHE L 19 -17.79 12.74 5.12
N ILE L 20 -18.55 12.86 4.03
CA ILE L 20 -19.85 13.51 4.12
C ILE L 20 -20.80 12.59 4.85
N ILE L 21 -20.60 11.28 4.73
CA ILE L 21 -21.48 10.32 5.36
C ILE L 21 -21.27 10.37 6.88
N ALA L 22 -20.02 10.32 7.31
CA ALA L 22 -19.75 10.34 8.74
C ALA L 22 -19.80 11.74 9.35
N SER L 23 -20.03 12.79 8.56
CA SER L 23 -20.04 14.13 9.15
C SER L 23 -21.33 14.90 8.92
N GLY L 24 -21.86 14.92 7.71
CA GLY L 24 -22.94 15.83 7.38
C GLY L 24 -24.28 15.25 6.99
N THR L 25 -24.44 13.94 7.01
CA THR L 25 -25.74 13.36 6.76
C THR L 25 -26.36 12.85 8.08
N CYS L 26 -27.47 12.14 7.95
CA CYS L 26 -28.28 11.63 9.04
C CYS L 26 -27.66 10.43 9.76
N PHE L 27 -26.52 9.91 9.30
CA PHE L 27 -25.87 8.76 9.93
C PHE L 27 -25.37 9.06 11.34
N VAL L 28 -25.15 10.34 11.65
CA VAL L 28 -24.65 10.73 12.96
C VAL L 28 -25.71 10.50 14.04
N LYS L 29 -26.98 10.73 13.72
CA LYS L 29 -28.02 10.55 14.73
C LYS L 29 -28.26 9.07 15.00
N PHE L 30 -28.27 8.26 13.94
CA PHE L 30 -28.59 6.85 14.10
C PHE L 30 -27.47 6.11 14.81
N SER L 31 -26.22 6.56 14.63
CA SER L 31 -25.14 5.83 15.28
C SER L 31 -25.06 6.16 16.76
N ILE L 32 -25.46 7.38 17.14
CA ILE L 32 -25.37 7.78 18.53
C ILE L 32 -26.52 7.15 19.30
N VAL L 33 -27.70 7.07 18.68
CA VAL L 33 -28.83 6.48 19.39
C VAL L 33 -28.62 4.98 19.53
N PHE L 34 -28.08 4.34 18.49
CA PHE L 34 -27.86 2.89 18.57
C PHE L 34 -26.76 2.54 19.55
N VAL L 35 -25.73 3.38 19.73
CA VAL L 35 -24.73 3.05 20.74
C VAL L 35 -25.27 3.35 22.13
N MET L 36 -26.04 4.44 22.29
CA MET L 36 -26.51 4.81 23.61
C MET L 36 -27.61 3.90 24.12
N VAL L 37 -28.23 3.11 23.25
CA VAL L 37 -29.16 2.11 23.78
C VAL L 37 -28.43 0.82 24.11
N ARG L 38 -27.16 0.70 23.71
CA ARG L 38 -26.34 -0.42 24.15
C ARG L 38 -25.76 -0.12 25.53
N ASN L 39 -25.36 1.13 25.72
CA ASN L 39 -24.92 1.55 27.05
C ASN L 39 -26.07 1.70 28.02
N ALA L 40 -27.31 1.87 27.52
CA ALA L 40 -28.43 1.95 28.44
C ALA L 40 -28.72 0.60 29.05
N LEU L 41 -28.61 -0.48 28.26
CA LEU L 41 -28.83 -1.80 28.82
C LEU L 41 -27.64 -2.26 29.64
N GLY L 42 -26.44 -1.80 29.31
CA GLY L 42 -25.31 -2.26 30.10
C GLY L 42 -24.49 -3.36 29.46
N LEU L 43 -24.32 -3.29 28.16
CA LEU L 43 -23.53 -4.27 27.42
C LEU L 43 -22.34 -3.53 26.82
N GLN L 44 -21.19 -4.20 26.76
CA GLN L 44 -19.95 -3.58 26.32
C GLN L 44 -19.62 -3.93 24.87
N GLN L 45 -19.49 -5.22 24.56
CA GLN L 45 -19.08 -5.63 23.23
C GLN L 45 -20.29 -5.82 22.33
N ILE L 46 -21.21 -6.70 22.71
CA ILE L 46 -22.40 -7.00 21.92
C ILE L 46 -23.37 -5.83 22.00
N PRO L 47 -24.13 -5.53 20.95
CA PRO L 47 -24.18 -6.19 19.64
C PRO L 47 -23.18 -5.70 18.59
N SER L 48 -21.91 -5.52 18.96
CA SER L 48 -20.77 -5.48 18.03
C SER L 48 -20.91 -4.36 17.00
N ASN L 49 -20.67 -3.13 17.46
CA ASN L 49 -20.95 -1.88 16.72
C ASN L 49 -20.39 -1.76 15.29
N MET L 50 -19.55 -2.71 14.88
CA MET L 50 -19.34 -3.02 13.48
C MET L 50 -20.66 -3.34 12.78
N THR L 51 -21.57 -4.04 13.46
CA THR L 51 -22.91 -4.25 12.93
C THR L 51 -23.71 -2.95 12.93
N LEU L 52 -23.66 -2.20 14.03
CA LEU L 52 -24.51 -1.03 14.20
C LEU L 52 -24.15 0.13 13.29
N ASN L 53 -22.90 0.17 12.83
CA ASN L 53 -22.51 1.12 11.81
C ASN L 53 -22.89 0.66 10.41
N GLY L 54 -23.41 -0.55 10.28
CA GLY L 54 -23.89 -1.03 9.01
C GLY L 54 -25.39 -0.82 8.94
N VAL L 55 -26.08 -1.08 10.07
CA VAL L 55 -27.53 -0.88 10.07
C VAL L 55 -27.87 0.61 10.05
N ALA L 56 -27.05 1.44 10.72
CA ALA L 56 -27.29 2.87 10.64
C ALA L 56 -26.97 3.43 9.26
N LEU L 57 -26.03 2.79 8.54
CA LEU L 57 -25.75 3.23 7.19
C LEU L 57 -26.81 2.74 6.22
N LEU L 58 -27.48 1.63 6.54
CA LEU L 58 -28.55 1.16 5.65
C LEU L 58 -29.79 2.01 5.79
N LEU L 59 -30.03 2.54 6.98
CA LEU L 59 -31.20 3.41 7.11
C LEU L 59 -30.88 4.81 6.63
N SER L 60 -29.62 5.22 6.75
CA SER L 60 -29.30 6.56 6.28
C SER L 60 -29.22 6.59 4.76
N MET L 61 -28.74 5.52 4.11
CA MET L 61 -28.80 5.49 2.65
C MET L 61 -30.24 5.33 2.17
N PHE L 62 -31.10 4.75 3.02
CA PHE L 62 -32.52 4.62 2.72
C PHE L 62 -33.16 6.00 2.63
N VAL L 63 -32.73 6.91 3.50
CA VAL L 63 -33.32 8.25 3.51
C VAL L 63 -32.61 9.15 2.50
N MET L 64 -31.30 9.00 2.34
CA MET L 64 -30.49 9.84 1.46
C MET L 64 -30.54 9.40 0.01
N TRP L 65 -31.36 8.42 -0.35
CA TRP L 65 -31.35 8.00 -1.75
C TRP L 65 -32.03 9.00 -2.72
N PRO L 66 -33.19 9.63 -2.43
CA PRO L 66 -33.69 10.61 -3.42
C PRO L 66 -32.92 11.92 -3.46
N ILE L 67 -32.29 12.34 -2.37
CA ILE L 67 -31.57 13.61 -2.35
C ILE L 67 -30.26 13.52 -3.11
N MET L 68 -29.54 12.41 -2.95
CA MET L 68 -28.26 12.24 -3.63
C MET L 68 -28.44 12.02 -5.13
N HIS L 69 -29.56 11.41 -5.54
CA HIS L 69 -29.78 11.08 -6.95
C HIS L 69 -30.00 12.32 -7.80
N ASP L 70 -30.47 13.42 -7.22
CA ASP L 70 -30.60 14.65 -8.00
C ASP L 70 -29.25 15.30 -8.27
N ALA L 71 -28.21 14.92 -7.52
CA ALA L 71 -26.88 15.40 -7.83
C ALA L 71 -26.23 14.62 -8.96
N TYR L 72 -26.88 13.55 -9.43
CA TYR L 72 -26.40 12.77 -10.56
C TYR L 72 -27.27 12.91 -11.79
N VAL L 73 -28.55 13.30 -11.62
CA VAL L 73 -29.34 13.63 -12.81
C VAL L 73 -28.81 14.91 -13.46
N TYR L 74 -28.28 15.82 -12.66
CA TYR L 74 -27.58 16.98 -13.22
C TYR L 74 -26.27 16.57 -13.88
N PHE L 75 -25.36 15.99 -13.12
CA PHE L 75 -24.08 15.56 -13.67
C PHE L 75 -24.18 14.14 -14.23
N SER L 86 -13.79 28.84 -10.08
CA SER L 86 -14.43 30.10 -10.42
C SER L 86 -15.64 29.88 -11.32
N SER L 87 -15.43 29.15 -12.41
CA SER L 87 -16.53 28.84 -13.32
C SER L 87 -17.22 27.52 -13.01
N LEU L 88 -16.50 26.51 -12.53
CA LEU L 88 -17.15 25.27 -12.15
C LEU L 88 -17.80 25.34 -10.77
N SER L 89 -17.50 26.39 -9.99
CA SER L 89 -18.13 26.53 -8.69
C SER L 89 -19.51 27.13 -8.80
N LYS L 90 -19.80 27.83 -9.89
CA LYS L 90 -21.16 28.31 -10.10
C LYS L 90 -22.00 27.26 -10.81
N HIS L 91 -21.35 26.26 -11.43
CA HIS L 91 -22.08 25.12 -11.99
C HIS L 91 -22.47 24.14 -10.90
N VAL L 92 -21.58 23.93 -9.92
CA VAL L 92 -21.90 23.01 -8.82
C VAL L 92 -22.90 23.61 -7.82
N ASP L 93 -23.09 24.93 -7.86
CA ASP L 93 -24.09 25.54 -7.01
C ASP L 93 -25.50 25.17 -7.47
N GLU L 94 -25.70 25.06 -8.78
CA GLU L 94 -27.00 24.63 -9.27
C GLU L 94 -27.21 23.15 -8.99
N GLY L 95 -26.13 22.37 -8.95
CA GLY L 95 -26.22 20.96 -8.60
C GLY L 95 -26.38 20.66 -7.13
N LEU L 96 -26.26 21.67 -6.27
CA LEU L 96 -26.28 21.45 -4.83
C LEU L 96 -27.33 22.32 -4.14
N ASP L 97 -28.55 22.35 -4.69
CA ASP L 97 -29.66 23.01 -3.97
C ASP L 97 -30.46 22.09 -3.07
N GLY L 98 -30.56 20.79 -3.38
CA GLY L 98 -31.32 19.90 -2.54
C GLY L 98 -30.63 19.54 -1.24
N TYR L 99 -29.29 19.53 -1.25
CA TYR L 99 -28.56 19.21 -0.05
C TYR L 99 -28.53 20.41 0.89
N ARG L 100 -28.47 21.62 0.33
CA ARG L 100 -28.50 22.81 1.16
C ARG L 100 -29.87 23.00 1.79
N ASP L 101 -30.92 22.56 1.09
CA ASP L 101 -32.25 22.69 1.64
C ASP L 101 -32.50 21.62 2.67
N TYR L 102 -31.86 20.46 2.53
CA TYR L 102 -32.01 19.45 3.59
C TYR L 102 -31.24 19.87 4.83
N LEU L 103 -30.07 20.51 4.66
CA LEU L 103 -29.29 20.93 5.82
C LEU L 103 -29.91 22.12 6.55
N ILE L 104 -30.71 22.93 5.85
CA ILE L 104 -31.33 24.08 6.48
C ILE L 104 -32.47 23.63 7.38
N LYS L 105 -33.21 22.61 6.96
CA LYS L 105 -34.43 22.22 7.65
C LYS L 105 -34.10 21.60 8.99
N TYR L 106 -32.95 20.94 9.11
CA TYR L 106 -32.60 20.19 10.31
C TYR L 106 -31.42 20.76 11.07
N SER L 107 -30.80 21.85 10.62
CA SER L 107 -29.78 22.45 11.46
C SER L 107 -30.44 23.44 12.42
N ASP L 108 -29.64 24.10 13.26
CA ASP L 108 -30.16 25.09 14.19
C ASP L 108 -30.02 26.51 13.65
N ARG L 109 -31.05 27.32 13.91
CA ARG L 109 -31.05 28.71 13.44
C ARG L 109 -30.06 29.55 14.24
N GLU L 110 -30.04 29.36 15.56
CA GLU L 110 -29.14 30.15 16.40
C GLU L 110 -27.68 29.75 16.24
N LEU L 111 -27.40 28.58 15.65
CA LEU L 111 -26.03 28.11 15.50
C LEU L 111 -25.47 28.42 14.12
N VAL L 112 -26.32 28.43 13.08
CA VAL L 112 -25.86 28.84 11.75
C VAL L 112 -25.53 30.34 11.76
N GLN L 113 -26.30 31.13 12.52
CA GLN L 113 -26.00 32.56 12.59
C GLN L 113 -24.68 32.83 13.28
N PHE L 114 -24.28 31.92 14.20
CA PHE L 114 -22.97 32.06 14.82
C PHE L 114 -21.87 31.74 13.83
N PHE L 115 -22.05 30.67 13.06
CA PHE L 115 -21.00 30.34 12.09
C PHE L 115 -20.98 31.29 10.90
N GLU L 116 -22.07 32.05 10.69
CA GLU L 116 -22.08 33.06 9.64
C GLU L 116 -21.37 34.33 10.10
N ASN L 117 -21.61 34.74 11.34
CA ASN L 117 -20.98 35.97 11.82
C ASN L 117 -19.51 35.75 12.11
N ALA L 118 -19.12 34.57 12.59
CA ALA L 118 -17.71 34.35 12.86
C ALA L 118 -16.92 34.26 11.57
N GLN L 119 -17.58 33.87 10.47
CA GLN L 119 -16.95 33.87 9.17
C GLN L 119 -16.79 35.29 8.62
N LEU L 120 -17.78 36.15 8.88
CA LEU L 120 -17.64 37.52 8.36
C LEU L 120 -16.64 38.30 9.20
N LYS L 121 -16.59 38.03 10.51
CA LYS L 121 -15.58 38.61 11.39
C LYS L 121 -14.20 38.08 11.05
N ARG L 122 -14.12 36.89 10.45
CA ARG L 122 -12.83 36.33 10.09
C ARG L 122 -12.33 37.00 8.83
N GLN L 123 -13.23 37.19 7.85
CA GLN L 123 -12.78 37.59 6.53
C GLN L 123 -12.56 39.10 6.44
N TYR L 124 -13.53 39.89 6.88
CA TYR L 124 -13.42 41.34 6.62
C TYR L 124 -12.87 42.16 7.77
N GLY L 125 -13.16 41.82 9.02
CA GLY L 125 -12.59 42.59 10.11
C GLY L 125 -13.54 42.76 11.28
N GLU L 126 -13.09 43.44 12.33
CA GLU L 126 -13.92 43.57 13.52
C GLU L 126 -15.01 44.62 13.35
N GLU L 127 -14.96 45.45 12.30
CA GLU L 127 -15.94 46.49 12.08
C GLU L 127 -17.03 46.03 11.11
N THR L 128 -17.30 44.74 11.06
CA THR L 128 -18.32 44.19 10.16
C THR L 128 -19.66 44.18 10.88
N GLU L 129 -20.71 44.55 10.15
CA GLU L 129 -22.05 44.59 10.73
C GLU L 129 -22.53 43.18 11.03
N THR L 130 -23.10 43.00 12.21
CA THR L 130 -23.51 41.68 12.66
C THR L 130 -24.82 41.28 11.98
N VAL L 131 -24.83 40.09 11.41
CA VAL L 131 -26.00 39.57 10.71
C VAL L 131 -27.01 39.09 11.74
N LYS L 132 -28.28 39.43 11.55
CA LYS L 132 -29.34 39.04 12.46
C LYS L 132 -30.25 38.01 11.78
N ARG L 133 -31.36 37.69 12.45
CA ARG L 133 -32.25 36.62 11.98
C ARG L 133 -33.02 37.04 10.74
N ASP L 134 -33.24 38.35 10.53
CA ASP L 134 -34.17 38.80 9.51
C ASP L 134 -33.61 38.73 8.09
N LYS L 135 -32.54 37.98 7.88
CA LYS L 135 -32.05 37.67 6.56
C LYS L 135 -32.73 36.43 6.00
N ASP L 136 -33.47 35.68 6.85
CA ASP L 136 -33.82 34.31 6.51
C ASP L 136 -34.90 34.19 5.43
N GLU L 137 -35.51 35.30 5.01
CA GLU L 137 -36.62 35.20 4.07
C GLU L 137 -36.14 34.96 2.64
N ILE L 138 -35.13 35.69 2.20
CA ILE L 138 -34.70 35.62 0.80
C ILE L 138 -33.22 35.24 0.71
N GLU L 139 -32.44 35.59 1.73
CA GLU L 139 -31.02 35.30 1.73
C GLU L 139 -30.78 33.90 2.27
N LYS L 140 -29.90 33.15 1.59
CA LYS L 140 -29.61 31.79 2.02
CA LYS L 140 -29.61 31.79 2.02
C LYS L 140 -28.18 31.69 2.56
N PRO L 141 -27.97 30.95 3.64
CA PRO L 141 -26.61 30.81 4.17
C PRO L 141 -25.77 29.88 3.29
N SER L 142 -24.46 29.96 3.49
CA SER L 142 -23.51 29.21 2.69
C SER L 142 -23.46 27.75 3.12
N ILE L 143 -22.72 26.95 2.36
CA ILE L 143 -22.58 25.52 2.66
C ILE L 143 -21.52 25.28 3.72
N PHE L 144 -20.68 26.27 4.01
CA PHE L 144 -19.65 26.13 5.02
C PHE L 144 -20.11 26.56 6.41
N ALA L 145 -21.34 27.01 6.54
CA ALA L 145 -21.92 27.32 7.85
C ALA L 145 -22.97 26.31 8.27
N LEU L 146 -23.67 25.71 7.32
CA LEU L 146 -24.65 24.68 7.65
C LEU L 146 -23.97 23.39 8.08
N LEU L 147 -22.90 23.02 7.38
CA LEU L 147 -22.22 21.73 7.60
C LEU L 147 -21.60 21.57 8.99
N PRO L 148 -20.96 22.56 9.63
CA PRO L 148 -20.60 22.34 11.04
C PRO L 148 -21.77 22.43 12.01
N ALA L 149 -22.80 23.21 11.71
CA ALA L 149 -23.93 23.33 12.61
C ALA L 149 -24.93 22.19 12.55
N TYR L 150 -24.96 21.44 11.45
CA TYR L 150 -25.86 20.30 11.37
C TYR L 150 -25.39 19.14 12.23
N ALA L 151 -24.08 18.97 12.35
CA ALA L 151 -23.54 17.86 13.13
C ALA L 151 -23.78 18.09 14.61
N LEU L 152 -23.67 19.34 15.04
CA LEU L 152 -23.90 19.62 16.44
C LEU L 152 -25.39 19.61 16.75
N SER L 153 -26.25 19.95 15.78
CA SER L 153 -27.66 19.92 16.11
C SER L 153 -28.21 18.50 16.12
N GLU L 154 -27.51 17.57 15.48
CA GLU L 154 -27.95 16.18 15.64
C GLU L 154 -27.26 15.47 16.80
N ILE L 155 -26.11 15.97 17.26
CA ILE L 155 -25.60 15.46 18.53
C ILE L 155 -26.52 15.89 19.65
N LYS L 156 -27.05 17.12 19.59
CA LYS L 156 -27.98 17.59 20.61
C LYS L 156 -29.30 16.83 20.54
N SER L 157 -29.77 16.50 19.34
CA SER L 157 -31.06 15.82 19.25
C SER L 157 -30.94 14.33 19.60
N ALA L 158 -29.81 13.70 19.27
CA ALA L 158 -29.66 12.30 19.62
C ALA L 158 -29.39 12.12 21.09
N PHE L 159 -28.70 13.07 21.73
CA PHE L 159 -28.53 12.97 23.17
C PHE L 159 -29.84 13.25 23.89
N LYS L 160 -30.74 14.02 23.24
CA LYS L 160 -32.04 14.29 23.84
C LYS L 160 -32.90 13.02 23.81
N ILE L 161 -32.82 12.26 22.72
CA ILE L 161 -33.58 10.99 22.67
C ILE L 161 -32.97 9.97 23.63
N GLY L 162 -31.64 9.94 23.71
CA GLY L 162 -30.98 8.94 24.53
C GLY L 162 -31.14 9.13 26.03
N PHE L 163 -31.44 10.36 26.49
CA PHE L 163 -31.71 10.49 27.92
C PHE L 163 -33.07 9.91 28.27
N TYR L 164 -34.05 10.09 27.39
CA TYR L 164 -35.38 9.54 27.60
C TYR L 164 -35.32 8.02 27.58
N LEU L 165 -34.55 7.47 26.64
CA LEU L 165 -34.40 6.01 26.55
C LEU L 165 -33.70 5.48 27.80
N TYR L 166 -32.74 6.26 28.31
CA TYR L 166 -31.95 5.87 29.48
C TYR L 166 -32.79 5.75 30.75
N LEU L 167 -33.81 6.59 30.91
CA LEU L 167 -34.53 6.65 32.19
C LEU L 167 -35.21 5.37 32.75
N PRO L 168 -35.95 4.53 31.97
CA PRO L 168 -36.59 3.33 32.58
C PRO L 168 -35.62 2.34 33.21
N PHE L 169 -34.48 2.10 32.56
CA PHE L 169 -33.51 1.16 33.08
C PHE L 169 -32.96 1.66 34.42
N VAL L 170 -32.68 2.95 34.53
CA VAL L 170 -32.21 3.52 35.80
C VAL L 170 -33.26 3.32 36.89
N VAL L 171 -34.55 3.33 36.50
CA VAL L 171 -35.61 3.02 37.48
C VAL L 171 -35.53 1.57 37.90
N VAL L 172 -35.08 0.68 37.01
CA VAL L 172 -34.92 -0.73 37.38
C VAL L 172 -33.70 -0.90 38.30
N ASP L 173 -32.61 -0.20 38.01
CA ASP L 173 -31.37 -0.36 38.76
C ASP L 173 -31.45 0.24 40.15
N LEU L 174 -32.33 1.21 40.36
CA LEU L 174 -32.36 1.86 41.67
C LEU L 174 -33.32 1.17 42.61
N VAL L 175 -34.19 0.31 42.09
CA VAL L 175 -35.00 -0.52 42.96
C VAL L 175 -34.27 -1.83 43.25
N VAL L 176 -33.50 -2.36 42.28
CA VAL L 176 -32.72 -3.57 42.51
C VAL L 176 -31.63 -3.32 43.55
N SER L 177 -30.95 -2.17 43.46
CA SER L 177 -29.95 -1.84 44.48
C SER L 177 -30.58 -1.45 45.81
N SER L 178 -31.88 -1.26 45.88
CA SER L 178 -32.54 -0.96 47.14
C SER L 178 -32.98 -2.23 47.84
N VAL L 179 -33.50 -3.21 47.07
CA VAL L 179 -33.91 -4.45 47.70
C VAL L 179 -32.73 -5.35 48.01
N LEU L 180 -31.58 -5.17 47.35
CA LEU L 180 -30.41 -5.92 47.80
C LEU L 180 -29.76 -5.30 49.02
N LEU L 181 -30.14 -4.08 49.41
CA LEU L 181 -29.74 -3.47 50.67
C LEU L 181 -30.77 -3.60 51.77
N ALA L 182 -32.03 -3.88 51.43
CA ALA L 182 -33.01 -4.28 52.44
C ALA L 182 -32.59 -5.60 53.09
N LEU L 183 -32.38 -6.63 52.28
CA LEU L 183 -31.66 -7.79 52.77
C LEU L 183 -30.20 -7.42 53.03
N GLY L 184 -29.52 -8.21 53.85
CA GLY L 184 -28.14 -7.91 54.17
C GLY L 184 -27.12 -8.32 53.14
N MET L 185 -27.35 -7.98 51.88
CA MET L 185 -26.54 -8.49 50.78
C MET L 185 -25.75 -7.35 50.16
N MET L 186 -25.13 -6.53 51.02
CA MET L 186 -24.34 -5.39 50.57
C MET L 186 -23.06 -5.81 49.84
N MET L 187 -22.57 -7.03 50.06
CA MET L 187 -21.43 -7.52 49.30
C MET L 187 -21.88 -8.33 48.09
N MET L 188 -22.74 -7.74 47.27
CA MET L 188 -23.32 -8.42 46.12
C MET L 188 -23.54 -7.39 45.02
N SER L 189 -22.91 -7.60 43.87
CA SER L 189 -23.03 -6.65 42.76
C SER L 189 -24.41 -6.75 42.14
N PRO L 190 -25.15 -5.65 42.02
CA PRO L 190 -26.50 -5.71 41.46
C PRO L 190 -26.56 -5.82 39.94
N VAL L 191 -25.43 -5.83 39.26
CA VAL L 191 -25.42 -5.99 37.81
C VAL L 191 -25.86 -7.38 37.41
N THR L 192 -25.47 -8.38 38.20
CA THR L 192 -25.74 -9.78 37.90
C THR L 192 -27.19 -10.17 38.12
N ILE L 193 -27.99 -9.30 38.72
CA ILE L 193 -29.41 -9.55 38.92
C ILE L 193 -30.24 -8.66 38.00
N SER L 194 -29.80 -7.41 37.82
CA SER L 194 -30.55 -6.46 37.02
C SER L 194 -30.46 -6.76 35.54
N THR L 195 -29.31 -7.27 35.07
CA THR L 195 -29.13 -7.49 33.64
C THR L 195 -30.09 -8.52 33.01
N PRO L 196 -30.55 -9.57 33.68
CA PRO L 196 -31.73 -10.28 33.15
C PRO L 196 -32.99 -9.43 33.05
N ILE L 197 -33.38 -8.79 34.16
CA ILE L 197 -34.66 -8.07 34.21
C ILE L 197 -34.60 -6.70 33.57
N LYS L 198 -33.45 -6.29 33.07
CA LYS L 198 -33.34 -5.09 32.24
C LYS L 198 -33.54 -5.41 30.78
N LEU L 199 -33.44 -6.68 30.42
CA LEU L 199 -33.62 -7.16 29.05
C LEU L 199 -35.06 -7.48 28.72
N VAL L 200 -35.91 -7.78 29.71
CA VAL L 200 -37.32 -8.00 29.45
C VAL L 200 -38.00 -6.69 29.08
N LEU L 201 -37.49 -5.58 29.60
CA LEU L 201 -38.06 -4.26 29.28
C LEU L 201 -37.80 -3.84 27.85
N PHE L 202 -36.91 -4.53 27.14
CA PHE L 202 -36.62 -4.21 25.77
C PHE L 202 -37.22 -5.20 24.77
N VAL L 203 -37.70 -6.35 25.23
CA VAL L 203 -38.35 -7.30 24.34
C VAL L 203 -39.86 -7.35 24.53
N ALA L 204 -40.37 -7.02 25.72
CA ALA L 204 -41.81 -6.86 25.88
C ALA L 204 -42.30 -5.52 25.36
N LEU L 205 -41.39 -4.58 25.15
CA LEU L 205 -41.71 -3.28 24.60
C LEU L 205 -41.36 -3.16 23.11
N ASP L 206 -40.71 -4.20 22.55
CA ASP L 206 -40.20 -4.31 21.16
C ASP L 206 -39.65 -2.99 20.61
N GLY L 207 -38.74 -2.39 21.39
CA GLY L 207 -38.16 -1.10 21.08
C GLY L 207 -37.28 -1.05 19.85
N TRP L 208 -36.84 -2.19 19.33
CA TRP L 208 -36.10 -2.19 18.07
C TRP L 208 -37.01 -1.81 16.92
N THR L 209 -38.26 -2.25 16.95
CA THR L 209 -39.26 -1.84 15.99
C THR L 209 -39.97 -0.55 16.40
N LEU L 210 -39.48 0.16 17.42
CA LEU L 210 -40.05 1.44 17.80
C LEU L 210 -39.10 2.61 17.61
N LEU L 211 -37.79 2.42 17.85
CA LEU L 211 -36.83 3.49 17.58
C LEU L 211 -36.64 3.67 16.09
N SER L 212 -36.51 2.56 15.35
CA SER L 212 -36.38 2.66 13.91
C SER L 212 -37.69 3.07 13.26
N LYS L 213 -38.82 2.79 13.91
CA LYS L 213 -40.10 3.25 13.38
C LYS L 213 -40.26 4.75 13.57
N GLY L 214 -39.70 5.30 14.65
CA GLY L 214 -39.87 6.72 14.90
C GLY L 214 -38.84 7.60 14.23
N LEU L 215 -37.60 7.12 14.19
CA LEU L 215 -36.52 7.90 13.59
C LEU L 215 -36.67 8.01 12.09
N ILE L 216 -37.38 7.09 11.45
CA ILE L 216 -37.67 7.26 10.03
C ILE L 216 -38.77 8.30 9.86
N LEU L 217 -39.77 8.28 10.75
CA LEU L 217 -40.90 9.20 10.67
C LEU L 217 -40.50 10.63 11.01
N GLN L 218 -39.35 10.84 11.63
CA GLN L 218 -38.89 12.21 11.84
C GLN L 218 -38.40 12.84 10.56
N TYR L 219 -37.89 12.04 9.62
CA TYR L 219 -37.31 12.56 8.39
C TYR L 219 -38.16 12.34 7.16
N MET L 220 -39.03 11.33 7.16
CA MET L 220 -39.90 11.05 6.04
C MET L 220 -41.30 10.80 6.61
N ASP L 221 -42.27 10.43 5.77
CA ASP L 221 -43.63 10.18 6.22
C ASP L 221 -44.22 9.03 5.41
N ILE L 222 -45.32 8.48 5.91
CA ILE L 222 -46.01 7.37 5.27
C ILE L 222 -47.29 7.89 4.61
N ALA L 223 -47.81 7.10 3.67
CA ALA L 223 -49.06 7.33 2.94
C ALA L 223 -49.11 8.68 2.23
N ILE M 9 -3.20 24.40 0.00
CA ILE M 9 -3.38 23.10 -0.63
C ILE M 9 -2.82 22.00 0.27
N HIS M 10 -1.51 21.86 0.28
CA HIS M 10 -0.82 20.86 1.10
C HIS M 10 -0.53 21.36 2.51
N HIS M 11 -0.70 22.65 2.78
CA HIS M 11 -0.49 23.20 4.12
C HIS M 11 -1.76 23.19 4.96
N LEU M 12 -2.89 22.82 4.36
CA LEU M 12 -4.11 22.77 5.15
C LEU M 12 -4.12 21.57 6.08
N VAL M 13 -3.28 20.57 5.83
CA VAL M 13 -3.18 19.47 6.77
C VAL M 13 -2.55 19.95 8.08
N ALA M 14 -1.53 20.80 7.99
CA ALA M 14 -0.94 21.40 9.18
C ALA M 14 -1.85 22.45 9.82
N SER M 15 -2.65 23.14 9.00
CA SER M 15 -3.63 24.07 9.56
C SER M 15 -4.88 23.40 10.11
N ALA M 16 -5.06 22.10 9.88
CA ALA M 16 -6.15 21.39 10.52
C ALA M 16 -5.65 20.46 11.61
N ALA M 17 -4.35 20.15 11.61
CA ALA M 17 -3.72 19.45 12.72
C ALA M 17 -3.37 20.40 13.84
N LEU M 18 -3.36 21.71 13.57
CA LEU M 18 -3.24 22.64 14.68
C LEU M 18 -4.59 22.95 15.30
N GLY M 19 -5.66 22.89 14.52
CA GLY M 19 -7.00 23.01 15.07
C GLY M 19 -7.43 21.77 15.84
N PHE M 20 -7.04 20.58 15.34
CA PHE M 20 -7.41 19.33 15.98
C PHE M 20 -6.83 19.24 17.37
N ALA M 21 -5.60 19.74 17.56
CA ALA M 21 -4.94 19.66 18.84
C ALA M 21 -5.71 20.40 19.93
N ARG M 22 -6.19 21.61 19.62
CA ARG M 22 -6.96 22.33 20.62
C ARG M 22 -8.36 21.73 20.84
N VAL M 23 -9.05 21.34 19.76
CA VAL M 23 -10.42 20.83 19.91
C VAL M 23 -10.50 19.45 20.58
N ALA M 24 -9.55 18.54 20.31
CA ALA M 24 -9.67 17.15 20.77
C ALA M 24 -9.78 16.91 22.29
N PRO M 25 -9.01 17.56 23.18
CA PRO M 25 -9.18 17.30 24.62
C PRO M 25 -10.55 17.69 25.13
N ILE M 26 -11.12 18.79 24.60
CA ILE M 26 -12.44 19.24 25.03
C ILE M 26 -13.46 18.16 24.74
N PHE M 27 -13.33 17.51 23.57
CA PHE M 27 -14.21 16.41 23.20
C PHE M 27 -14.01 15.25 24.17
N PHE M 28 -12.74 15.00 24.55
CA PHE M 28 -12.41 13.91 25.45
C PHE M 28 -13.06 14.06 26.84
N PHE M 29 -13.36 15.29 27.26
CA PHE M 29 -13.75 15.57 28.64
C PHE M 29 -15.26 15.75 28.83
N LEU M 30 -15.96 16.29 27.86
CA LEU M 30 -17.37 16.64 27.99
C LEU M 30 -18.24 15.38 27.94
N PRO M 31 -19.32 15.33 28.74
CA PRO M 31 -20.08 14.08 28.88
C PRO M 31 -20.91 13.71 27.67
N PHE M 32 -21.27 14.65 26.81
CA PHE M 32 -22.06 14.35 25.62
C PHE M 32 -21.19 14.24 24.38
N LEU M 33 -19.88 14.13 24.54
CA LEU M 33 -18.97 14.03 23.40
C LEU M 33 -17.91 12.95 23.56
N ASN M 34 -17.97 12.12 24.60
CA ASN M 34 -16.91 11.15 24.84
C ASN M 34 -17.09 9.92 23.95
N SER M 35 -16.31 8.87 24.24
CA SER M 35 -16.36 7.65 23.44
C SER M 35 -17.60 6.81 23.72
N GLY M 36 -18.35 7.12 24.77
CA GLY M 36 -19.56 6.37 25.06
C GLY M 36 -20.70 6.72 24.13
N VAL M 37 -20.73 7.94 23.62
CA VAL M 37 -21.79 8.39 22.72
C VAL M 37 -21.27 8.80 21.35
N LEU M 38 -19.99 8.54 21.06
CA LEU M 38 -19.44 8.92 19.76
C LEU M 38 -18.38 7.88 19.38
N SER M 39 -18.75 6.97 18.49
CA SER M 39 -17.87 5.88 18.10
C SER M 39 -16.80 6.37 17.13
N GLY M 40 -15.94 5.45 16.69
CA GLY M 40 -14.74 5.84 15.96
C GLY M 40 -14.97 6.28 14.53
N ALA M 41 -16.06 5.84 13.90
CA ALA M 41 -16.28 6.20 12.50
C ALA M 41 -16.67 7.66 12.29
N PRO M 42 -17.64 8.25 13.02
CA PRO M 42 -17.91 9.67 12.77
C PRO M 42 -17.09 10.64 13.62
N ARG M 43 -16.22 10.15 14.52
CA ARG M 43 -15.61 11.05 15.51
C ARG M 43 -14.57 11.95 14.87
N ASN M 44 -13.66 11.39 14.07
CA ASN M 44 -12.59 12.19 13.48
C ASN M 44 -13.05 13.04 12.31
N ALA M 45 -14.33 13.02 11.96
CA ALA M 45 -14.86 13.91 10.94
C ALA M 45 -15.45 15.17 11.53
N ILE M 46 -15.98 15.10 12.75
CA ILE M 46 -16.58 16.28 13.36
C ILE M 46 -15.50 17.27 13.78
N ILE M 47 -14.36 16.76 14.25
CA ILE M 47 -13.40 17.66 14.87
C ILE M 47 -12.56 18.39 13.85
N ILE M 48 -12.66 17.98 12.58
CA ILE M 48 -12.00 18.72 11.52
C ILE M 48 -12.97 19.73 10.94
N LEU M 49 -14.27 19.44 11.03
CA LEU M 49 -15.28 20.40 10.61
C LEU M 49 -15.30 21.57 11.59
N VAL M 50 -15.23 21.28 12.88
CA VAL M 50 -15.28 22.33 13.88
C VAL M 50 -13.96 23.09 13.90
N ALA M 51 -12.83 22.39 13.70
CA ALA M 51 -11.55 23.07 13.76
C ALA M 51 -11.35 23.94 12.53
N LEU M 52 -11.85 23.51 11.37
CA LEU M 52 -11.77 24.38 10.20
C LEU M 52 -12.78 25.50 10.31
N GLY M 53 -13.88 25.29 11.05
CA GLY M 53 -14.88 26.32 11.20
C GLY M 53 -14.56 27.36 12.25
N VAL M 54 -13.49 27.18 13.02
CA VAL M 54 -13.17 28.16 14.05
C VAL M 54 -11.80 28.79 13.85
N TRP M 55 -11.16 28.57 12.71
CA TRP M 55 -9.81 29.08 12.49
C TRP M 55 -9.83 30.59 12.26
N PRO M 56 -9.01 31.36 12.99
CA PRO M 56 -9.10 32.82 12.88
C PRO M 56 -8.50 33.37 11.60
N HIS M 57 -7.54 32.68 10.99
CA HIS M 57 -6.92 33.16 9.76
C HIS M 57 -7.62 32.57 8.54
N MET M 70 8.39 21.82 13.76
CA MET M 70 7.84 22.47 14.94
C MET M 70 6.96 21.50 15.73
N ILE M 71 7.60 20.57 16.42
CA ILE M 71 6.90 19.63 17.30
C ILE M 71 6.25 20.25 18.54
N PRO M 72 6.82 21.18 19.34
CA PRO M 72 6.17 21.49 20.62
C PRO M 72 4.97 22.43 20.52
N LEU M 73 4.61 22.88 19.31
CA LEU M 73 3.42 23.71 19.18
C LEU M 73 2.17 22.88 19.36
N VAL M 74 2.20 21.61 18.98
CA VAL M 74 1.04 20.76 19.20
C VAL M 74 0.92 20.37 20.67
N LEU M 75 1.98 20.52 21.46
CA LEU M 75 1.88 20.24 22.88
C LEU M 75 1.45 21.47 23.65
N GLN M 76 1.81 22.65 23.16
CA GLN M 76 1.33 23.88 23.79
C GLN M 76 -0.16 24.05 23.51
N GLU M 77 -0.57 23.80 22.26
CA GLU M 77 -1.98 23.88 21.94
C GLU M 77 -2.76 22.74 22.58
N ALA M 78 -2.11 21.62 22.92
CA ALA M 78 -2.85 20.61 23.68
C ALA M 78 -3.03 21.04 25.13
N ALA M 79 -2.08 21.81 25.69
CA ALA M 79 -2.22 22.21 27.09
C ALA M 79 -3.30 23.27 27.25
N VAL M 80 -3.50 24.10 26.22
CA VAL M 80 -4.58 25.09 26.32
C VAL M 80 -5.91 24.39 26.16
N GLY M 81 -5.92 23.27 25.45
CA GLY M 81 -7.14 22.53 25.23
C GLY M 81 -7.53 21.76 26.46
N VAL M 82 -6.57 21.20 27.21
CA VAL M 82 -6.93 20.52 28.45
C VAL M 82 -7.42 21.52 29.51
N MET M 83 -6.87 22.75 29.51
CA MET M 83 -7.44 23.75 30.40
C MET M 83 -8.84 24.20 29.99
N LEU M 84 -9.10 24.24 28.68
CA LEU M 84 -10.43 24.62 28.24
C LEU M 84 -11.43 23.48 28.46
N GLY M 85 -10.98 22.23 28.34
CA GLY M 85 -11.88 21.12 28.50
C GLY M 85 -12.27 20.93 29.96
N CYS M 86 -11.37 21.30 30.89
CA CYS M 86 -11.78 21.22 32.29
C CYS M 86 -12.68 22.39 32.66
N LEU M 87 -12.53 23.53 31.98
CA LEU M 87 -13.39 24.64 32.31
C LEU M 87 -14.78 24.45 31.71
N LEU M 88 -14.86 23.84 30.54
CA LEU M 88 -16.18 23.55 29.98
C LEU M 88 -16.83 22.37 30.68
N SER M 89 -16.05 21.44 31.25
CA SER M 89 -16.60 20.35 32.03
C SER M 89 -16.73 20.69 33.51
N TRP M 90 -16.74 21.97 33.84
CA TRP M 90 -16.92 22.38 35.24
C TRP M 90 -18.30 22.05 35.84
N PRO M 91 -19.45 22.36 35.21
CA PRO M 91 -20.73 22.06 35.90
C PRO M 91 -21.20 20.61 35.94
N PHE M 92 -20.59 19.68 35.20
CA PHE M 92 -20.98 18.28 35.27
C PHE M 92 -20.22 17.49 36.33
N TRP M 93 -19.02 17.95 36.69
CA TRP M 93 -18.27 17.31 37.76
C TRP M 93 -18.91 17.59 39.11
N VAL M 94 -19.63 18.71 39.21
CA VAL M 94 -20.33 19.02 40.46
C VAL M 94 -21.54 18.11 40.62
N MET M 95 -22.25 17.83 39.55
CA MET M 95 -23.43 16.98 39.65
C MET M 95 -23.05 15.52 39.85
N HIS M 96 -21.93 15.10 39.24
CA HIS M 96 -21.44 13.74 39.48
C HIS M 96 -20.95 13.59 40.92
N ALA M 97 -20.24 14.58 41.45
CA ALA M 97 -19.81 14.50 42.84
C ALA M 97 -20.98 14.64 43.80
N LEU M 98 -22.08 15.28 43.37
CA LEU M 98 -23.30 15.31 44.17
C LEU M 98 -23.91 13.92 44.25
N GLY M 99 -23.89 13.20 43.13
CA GLY M 99 -24.48 11.87 43.13
C GLY M 99 -23.64 10.85 43.87
N CYS M 100 -22.32 11.07 43.93
CA CYS M 100 -21.51 10.07 44.64
C CYS M 100 -21.63 10.21 46.16
N ILE M 101 -22.05 11.36 46.66
CA ILE M 101 -22.27 11.50 48.10
C ILE M 101 -23.69 11.09 48.46
N ILE M 102 -24.65 11.36 47.57
CA ILE M 102 -26.01 10.86 47.82
C ILE M 102 -26.01 9.34 47.76
N ASP M 103 -25.29 8.76 46.80
CA ASP M 103 -25.24 7.31 46.73
C ASP M 103 -24.38 6.72 47.83
N ASN M 104 -23.42 7.47 48.37
CA ASN M 104 -22.55 6.91 49.40
C ASN M 104 -23.24 6.87 50.75
N GLN M 105 -24.09 7.85 51.05
CA GLN M 105 -24.69 7.89 52.38
C GLN M 105 -25.76 6.82 52.57
N ARG M 106 -26.46 6.44 51.51
CA ARG M 106 -27.49 5.43 51.61
C ARG M 106 -26.93 4.00 51.64
N GLY M 107 -25.66 3.82 51.30
CA GLY M 107 -25.08 2.49 51.23
C GLY M 107 -24.41 2.24 49.89
N ALA M 108 -24.47 1.00 49.40
CA ALA M 108 -24.22 0.64 48.00
C ALA M 108 -22.83 0.95 47.45
N THR M 109 -21.92 1.47 48.28
CA THR M 109 -20.57 1.82 47.85
C THR M 109 -19.51 1.38 48.83
N LEU M 110 -19.88 0.75 49.94
CA LEU M 110 -18.92 0.33 50.96
C LEU M 110 -18.26 -1.00 50.65
N SER M 111 -18.58 -1.61 49.51
CA SER M 111 -17.91 -2.84 49.08
C SER M 111 -16.49 -2.59 48.58
N SER M 112 -16.10 -1.34 48.32
CA SER M 112 -14.73 -1.02 47.95
C SER M 112 -13.89 -0.52 49.11
N SER M 113 -14.51 -0.05 50.19
CA SER M 113 -13.78 0.42 51.36
C SER M 113 -13.27 -0.75 52.21
N SER M 123 -20.98 5.33 39.74
CA SER M 123 -22.03 4.51 40.33
C SER M 123 -23.30 4.55 39.49
N GLU M 124 -24.38 4.00 40.03
CA GLU M 124 -25.66 3.99 39.33
C GLU M 124 -26.49 5.24 39.56
N MET M 125 -26.32 5.91 40.69
CA MET M 125 -27.06 7.13 40.97
C MET M 125 -26.41 8.38 40.38
N ALA M 126 -25.08 8.49 40.44
CA ALA M 126 -24.41 9.69 39.92
C ALA M 126 -24.39 9.74 38.40
N ASN M 127 -24.60 8.62 37.72
CA ASN M 127 -24.67 8.65 36.27
C ASN M 127 -26.01 9.19 35.80
N PHE M 128 -27.00 9.20 36.68
CA PHE M 128 -28.30 9.76 36.35
C PHE M 128 -28.29 11.26 36.53
N LEU M 129 -27.61 11.77 37.56
CA LEU M 129 -27.55 13.21 37.72
C LEU M 129 -26.62 13.83 36.70
N ASN M 130 -25.60 13.09 36.25
CA ASN M 130 -24.74 13.62 35.20
C ASN M 130 -25.44 13.59 33.85
N MET M 131 -26.26 12.56 33.60
CA MET M 131 -27.01 12.53 32.34
C MET M 131 -28.13 13.57 32.37
N PHE M 132 -28.66 13.90 33.54
CA PHE M 132 -29.72 14.90 33.60
C PHE M 132 -29.16 16.29 33.40
N ALA M 133 -27.99 16.58 34.00
CA ALA M 133 -27.43 17.90 33.83
C ALA M 133 -26.83 18.09 32.44
N ALA M 134 -26.53 17.00 31.74
CA ALA M 134 -26.06 17.15 30.37
C ALA M 134 -27.17 17.44 29.38
N VAL M 135 -28.42 17.34 29.79
CA VAL M 135 -29.56 17.65 28.93
C VAL M 135 -30.16 18.99 29.30
N VAL M 136 -30.23 19.26 30.60
CA VAL M 136 -30.75 20.54 31.05
C VAL M 136 -29.74 21.66 30.80
N TYR M 137 -28.47 21.31 30.54
CA TYR M 137 -27.55 22.34 30.05
C TYR M 137 -27.65 22.47 28.54
N LEU M 138 -28.01 21.39 27.86
CA LEU M 138 -27.97 21.32 26.40
C LEU M 138 -29.21 21.93 25.75
N GLN M 139 -30.28 22.11 26.52
CA GLN M 139 -31.49 22.66 25.89
C GLN M 139 -31.41 24.17 25.74
N ASN M 140 -31.30 24.90 26.84
CA ASN M 140 -31.18 26.35 26.79
C ASN M 140 -29.72 26.77 26.63
N GLY M 141 -29.37 27.25 25.43
CA GLY M 141 -28.01 27.59 25.11
C GLY M 141 -27.13 26.38 24.86
N GLY M 142 -26.11 26.18 25.68
CA GLY M 142 -25.29 25.00 25.55
C GLY M 142 -24.17 25.06 24.53
N LEU M 143 -24.42 24.52 23.33
CA LEU M 143 -23.40 24.51 22.30
C LEU M 143 -23.10 25.91 21.75
N VAL M 144 -23.99 26.86 21.96
CA VAL M 144 -23.72 28.24 21.56
C VAL M 144 -22.68 28.85 22.50
N THR M 145 -22.83 28.64 23.81
CA THR M 145 -21.81 29.19 24.70
C THR M 145 -20.54 28.35 24.69
N MET M 146 -20.62 27.10 24.21
CA MET M 146 -19.42 26.29 24.13
C MET M 146 -18.55 26.75 22.96
N VAL M 147 -19.15 26.90 21.78
CA VAL M 147 -18.33 27.39 20.68
C VAL M 147 -18.11 28.88 20.76
N ASP M 148 -18.83 29.60 21.64
CA ASP M 148 -18.49 30.99 21.89
C ASP M 148 -17.23 31.10 22.73
N VAL M 149 -17.05 30.17 23.69
CA VAL M 149 -15.82 30.14 24.47
C VAL M 149 -14.66 29.72 23.58
N LEU M 150 -14.92 28.75 22.70
CA LEU M 150 -13.83 28.24 21.87
C LEU M 150 -13.45 29.25 20.79
N ASN M 151 -14.40 30.10 20.36
CA ASN M 151 -14.09 31.11 19.36
C ASN M 151 -13.45 32.34 19.98
N LYS M 152 -13.80 32.68 21.23
CA LYS M 152 -13.09 33.75 21.91
C LYS M 152 -11.72 33.31 22.41
N SER M 153 -11.44 32.00 22.42
CA SER M 153 -10.10 31.54 22.81
C SER M 153 -9.04 31.93 21.78
N TYR M 154 -9.41 31.99 20.51
CA TYR M 154 -8.48 32.42 19.46
C TYR M 154 -8.39 33.93 19.33
N GLN M 155 -9.20 34.67 20.08
CA GLN M 155 -9.10 36.13 20.11
C GLN M 155 -8.15 36.62 21.18
N LEU M 156 -7.66 35.73 22.05
CA LEU M 156 -6.73 36.09 23.10
C LEU M 156 -5.48 35.21 23.10
N CYS M 157 -5.61 33.96 22.65
CA CYS M 157 -4.49 33.02 22.65
C CYS M 157 -4.31 32.38 21.28
N ASP M 158 -4.21 33.21 20.24
CA ASP M 158 -3.83 32.74 18.92
C ASP M 158 -2.45 32.10 18.96
N PRO M 159 -2.21 31.05 18.16
CA PRO M 159 -0.91 30.38 18.19
C PRO M 159 0.19 31.27 17.60
N MET M 160 1.43 30.80 17.80
CA MET M 160 2.69 31.52 17.57
C MET M 160 2.80 32.79 18.40
N ASN M 161 2.05 32.87 19.51
CA ASN M 161 2.15 33.96 20.47
C ASN M 161 2.42 33.45 21.88
N GLU M 162 2.56 32.13 22.05
CA GLU M 162 2.92 31.45 23.30
C GLU M 162 1.91 31.75 24.42
N CYS M 163 0.69 31.28 24.22
CA CYS M 163 -0.28 31.33 25.31
C CYS M 163 0.03 30.26 26.36
N THR M 164 -0.56 30.42 27.54
CA THR M 164 -0.20 29.59 28.69
C THR M 164 -1.38 29.57 29.65
N PRO M 165 -1.62 28.46 30.36
CA PRO M 165 -2.85 28.33 31.16
C PRO M 165 -2.89 29.07 32.48
N SER M 166 -1.93 29.97 32.81
CA SER M 166 -2.01 30.90 33.94
C SER M 166 -2.14 30.18 35.29
N LEU M 167 -1.03 29.60 35.74
CA LEU M 167 -0.93 28.85 36.99
C LEU M 167 -1.59 29.39 38.28
N PRO M 168 -1.53 30.67 38.67
CA PRO M 168 -1.99 31.04 40.05
C PRO M 168 -3.49 30.92 40.32
N PRO M 169 -4.41 30.96 39.33
CA PRO M 169 -5.77 30.47 39.62
C PRO M 169 -6.03 28.99 39.45
N LEU M 170 -5.08 28.21 38.93
CA LEU M 170 -5.31 26.79 38.71
C LEU M 170 -5.30 26.02 40.03
N LEU M 171 -4.63 26.55 41.05
CA LEU M 171 -4.41 25.84 42.29
C LEU M 171 -5.65 25.71 43.16
N THR M 172 -6.69 26.53 42.95
CA THR M 172 -7.92 26.43 43.72
C THR M 172 -9.04 25.71 42.97
N PHE M 173 -8.71 25.04 41.87
CA PHE M 173 -9.73 24.45 41.02
C PHE M 173 -10.29 23.18 41.65
N ILE M 174 -9.43 22.43 42.34
CA ILE M 174 -9.87 21.20 43.00
C ILE M 174 -10.81 21.55 44.15
N ASN M 175 -10.48 22.61 44.89
CA ASN M 175 -11.27 23.04 46.04
C ASN M 175 -12.66 23.52 45.64
N GLN M 176 -12.76 24.25 44.52
CA GLN M 176 -14.05 24.84 44.12
C GLN M 176 -15.13 23.77 43.84
N VAL M 177 -14.79 22.71 43.10
CA VAL M 177 -15.78 21.68 42.77
C VAL M 177 -16.25 20.96 44.03
N ALA M 178 -15.33 20.66 44.95
CA ALA M 178 -15.68 19.95 46.18
C ALA M 178 -16.60 20.82 47.03
N GLN M 179 -16.29 22.13 47.12
CA GLN M 179 -17.11 23.01 47.94
C GLN M 179 -18.52 23.10 47.37
N ASN M 180 -18.63 23.22 46.04
CA ASN M 180 -19.95 23.33 45.40
C ASN M 180 -20.75 22.06 45.61
N ALA M 181 -20.10 20.89 45.50
CA ALA M 181 -20.79 19.62 45.68
C ALA M 181 -21.29 19.47 47.10
N LEU M 182 -20.46 19.86 48.07
CA LEU M 182 -20.83 19.70 49.48
C LEU M 182 -22.02 20.59 49.84
N VAL M 183 -22.00 21.87 49.40
CA VAL M 183 -23.10 22.77 49.73
C VAL M 183 -24.38 22.28 49.05
N LEU M 184 -24.25 21.80 47.79
CA LEU M 184 -25.40 21.33 47.04
C LEU M 184 -26.04 20.11 47.71
N ALA M 185 -25.22 19.19 48.24
CA ALA M 185 -25.72 17.97 48.86
C ALA M 185 -26.01 18.10 50.35
N SER M 186 -25.77 19.26 50.96
CA SER M 186 -25.96 19.53 52.38
C SER M 186 -27.27 19.12 53.08
N PRO M 187 -28.48 19.11 52.43
CA PRO M 187 -29.66 18.54 53.12
C PRO M 187 -29.65 17.04 53.40
N VAL M 188 -29.32 16.24 52.39
CA VAL M 188 -29.54 14.79 52.45
C VAL M 188 -28.57 14.14 53.43
N VAL M 189 -27.37 14.71 53.57
CA VAL M 189 -26.40 14.17 54.51
C VAL M 189 -26.83 14.48 55.94
N LEU M 190 -27.37 15.67 56.18
CA LEU M 190 -27.74 16.03 57.54
C LEU M 190 -29.00 15.28 57.97
N VAL M 191 -29.90 15.00 57.02
CA VAL M 191 -31.09 14.22 57.37
C VAL M 191 -30.71 12.75 57.62
N LEU M 192 -29.80 12.20 56.80
CA LEU M 192 -29.37 10.84 57.08
C LEU M 192 -28.48 10.76 58.33
N LEU M 193 -27.91 11.88 58.77
CA LEU M 193 -27.17 11.87 60.02
C LEU M 193 -28.12 11.89 61.20
N LEU M 194 -29.25 12.60 61.06
CA LEU M 194 -30.22 12.57 62.16
C LEU M 194 -30.93 11.24 62.23
N SER M 195 -31.03 10.54 61.09
CA SER M 195 -31.66 9.23 61.12
C SER M 195 -30.74 8.20 61.77
N GLU M 196 -29.44 8.49 61.79
CA GLU M 196 -28.49 7.62 62.45
C GLU M 196 -28.34 7.93 63.92
N VAL M 197 -28.50 9.19 64.32
CA VAL M 197 -28.48 9.47 65.75
C VAL M 197 -29.75 8.91 66.40
N PHE M 198 -30.91 9.10 65.76
CA PHE M 198 -32.16 8.60 66.33
C PHE M 198 -32.23 7.08 66.32
N LEU M 199 -31.69 6.43 65.28
CA LEU M 199 -31.62 4.97 65.36
C LEU M 199 -30.52 4.46 66.27
N GLY M 200 -29.48 5.26 66.55
CA GLY M 200 -28.53 4.86 67.57
C GLY M 200 -29.11 5.01 68.97
N LEU M 201 -29.97 6.01 69.15
CA LEU M 201 -30.69 6.19 70.40
C LEU M 201 -31.75 5.12 70.62
N LEU M 202 -32.21 4.49 69.54
CA LEU M 202 -33.23 3.45 69.70
C LEU M 202 -32.61 2.15 70.22
N SER M 203 -31.31 1.94 69.95
CA SER M 203 -30.60 0.76 70.43
C SER M 203 -30.17 0.83 71.89
N ARG M 204 -30.06 2.05 72.46
CA ARG M 204 -29.73 2.17 73.88
C ARG M 204 -30.87 1.76 74.80
N PHE M 205 -32.09 1.68 74.29
CA PHE M 205 -33.21 1.19 75.06
C PHE M 205 -33.37 -0.32 74.99
N ALA M 206 -32.81 -0.95 73.95
CA ALA M 206 -32.85 -2.39 73.75
C ALA M 206 -31.74 -2.80 72.80
N PRO M 207 -30.60 -3.31 73.29
CA PRO M 207 -29.47 -3.57 72.39
C PRO M 207 -29.64 -4.78 71.47
N GLN M 208 -30.69 -5.57 71.61
CA GLN M 208 -30.85 -6.78 70.79
C GLN M 208 -31.68 -6.50 69.54
N MET M 209 -31.29 -5.47 68.77
CA MET M 209 -32.10 -5.04 67.65
C MET M 209 -31.46 -5.29 66.29
N ASN M 210 -30.13 -5.42 66.23
CA ASN M 210 -29.33 -5.34 65.01
C ASN M 210 -29.66 -4.07 64.23
N ALA M 211 -29.37 -2.94 64.87
CA ALA M 211 -29.73 -1.63 64.33
C ALA M 211 -28.80 -1.15 63.22
N PHE M 212 -27.70 -1.87 62.96
CA PHE M 212 -26.86 -1.53 61.81
C PHE M 212 -27.57 -1.85 60.50
N ALA M 213 -28.18 -3.03 60.42
CA ALA M 213 -28.89 -3.45 59.22
C ALA M 213 -30.33 -2.97 59.17
N ILE M 214 -30.91 -2.51 60.27
CA ILE M 214 -32.25 -1.93 60.21
C ILE M 214 -32.21 -0.55 59.54
N SER M 215 -31.18 0.24 59.82
CA SER M 215 -31.00 1.53 59.14
C SER M 215 -30.66 1.37 57.66
N LEU M 216 -30.07 0.23 57.29
CA LEU M 216 -29.66 0.01 55.93
C LEU M 216 -30.84 -0.23 55.00
N THR M 217 -32.01 -0.59 55.55
CA THR M 217 -33.19 -0.75 54.71
C THR M 217 -33.90 0.57 54.45
N VAL M 218 -33.79 1.52 55.37
CA VAL M 218 -34.58 2.75 55.28
C VAL M 218 -33.79 3.95 54.75
N LYS M 219 -32.46 3.92 54.78
CA LYS M 219 -31.74 5.11 54.35
C LYS M 219 -31.78 5.30 52.84
N SER M 220 -32.07 4.25 52.08
CA SER M 220 -32.19 4.39 50.64
C SER M 220 -33.58 4.85 50.21
N GLY M 221 -34.50 5.00 51.15
CA GLY M 221 -35.82 5.50 50.81
C GLY M 221 -35.91 6.93 51.30
N ILE M 222 -35.16 7.24 52.37
CA ILE M 222 -35.15 8.63 52.81
C ILE M 222 -34.24 9.46 51.91
N ALA M 223 -33.19 8.86 51.33
CA ALA M 223 -32.33 9.61 50.40
C ALA M 223 -32.99 9.85 49.05
N VAL M 224 -34.15 9.25 48.79
CA VAL M 224 -34.95 9.52 47.60
C VAL M 224 -36.10 10.48 47.92
N LEU M 225 -36.72 10.31 49.08
CA LEU M 225 -37.84 11.16 49.46
C LEU M 225 -37.39 12.59 49.76
N ILE M 226 -36.22 12.75 50.38
CA ILE M 226 -35.75 14.10 50.66
C ILE M 226 -35.30 14.81 49.38
N MET M 227 -34.65 14.10 48.47
CA MET M 227 -34.25 14.71 47.21
C MET M 227 -35.41 14.90 46.22
N LEU M 228 -36.57 14.33 46.51
CA LEU M 228 -37.73 14.60 45.66
C LEU M 228 -38.30 16.00 45.93
N LEU M 229 -38.08 16.53 47.13
CA LEU M 229 -38.67 17.82 47.46
C LEU M 229 -37.89 18.99 46.87
N TYR M 230 -36.63 18.78 46.46
CA TYR M 230 -35.85 19.86 45.87
C TYR M 230 -35.16 19.45 44.58
N PHE M 231 -35.61 18.37 43.93
CA PHE M 231 -35.04 18.03 42.61
C PHE M 231 -35.48 19.02 41.55
N SER M 232 -36.77 19.33 41.49
CA SER M 232 -37.28 20.23 40.46
C SER M 232 -36.91 21.71 40.64
N PRO M 233 -37.12 22.37 41.80
CA PRO M 233 -36.94 23.83 41.81
C PRO M 233 -35.51 24.32 41.91
N VAL M 234 -34.58 23.53 42.41
CA VAL M 234 -33.25 24.01 42.77
C VAL M 234 -32.19 23.55 41.76
N LEU M 235 -32.22 22.28 41.39
CA LEU M 235 -31.13 21.65 40.64
C LEU M 235 -30.95 22.14 39.19
N PRO M 236 -31.99 22.39 38.37
CA PRO M 236 -31.71 22.96 37.04
C PRO M 236 -31.26 24.42 37.07
N ASP M 237 -31.37 25.12 38.19
CA ASP M 237 -30.82 26.46 38.27
C ASP M 237 -29.30 26.46 38.43
N ASN M 238 -28.77 25.54 39.25
CA ASN M 238 -27.35 25.60 39.54
C ASN M 238 -26.48 25.14 38.38
N VAL M 239 -27.02 24.36 37.44
CA VAL M 239 -26.25 24.03 36.25
C VAL M 239 -26.08 25.26 35.37
N LEU M 240 -27.09 26.14 35.33
CA LEU M 240 -26.97 27.36 34.57
C LEU M 240 -26.24 28.44 35.38
N ARG M 241 -25.96 28.16 36.65
CA ARG M 241 -25.25 29.10 37.48
C ARG M 241 -23.74 28.83 37.46
N LEU M 242 -23.36 27.56 37.46
CA LEU M 242 -21.95 27.16 37.43
C LEU M 242 -21.34 27.09 36.04
N SER M 243 -22.10 27.44 35.00
CA SER M 243 -21.59 27.32 33.63
C SER M 243 -20.56 28.40 33.33
N PHE M 244 -19.42 27.98 32.78
CA PHE M 244 -18.34 28.89 32.45
C PHE M 244 -18.63 29.58 31.13
N GLN M 245 -18.47 30.90 31.10
CA GLN M 245 -18.77 31.71 29.94
C GLN M 245 -17.51 32.36 29.39
N ALA M 246 -17.65 32.99 28.22
CA ALA M 246 -16.52 33.53 27.48
C ALA M 246 -15.97 34.82 28.07
N THR M 247 -16.66 35.44 29.02
CA THR M 247 -16.18 36.69 29.61
C THR M 247 -15.07 36.49 30.62
N GLY M 248 -14.81 35.26 31.03
CA GLY M 248 -13.74 35.01 31.99
C GLY M 248 -12.56 34.25 31.42
N LEU M 249 -12.17 34.55 30.19
CA LEU M 249 -11.04 33.89 29.57
C LEU M 249 -9.72 34.58 29.85
N SER M 250 -9.75 35.88 30.13
CA SER M 250 -8.52 36.60 30.43
C SER M 250 -8.02 36.31 31.83
N SER M 251 -8.89 35.85 32.72
CA SER M 251 -8.46 35.50 34.06
C SER M 251 -7.90 34.09 34.12
N TRP M 252 -7.94 33.35 33.02
CA TRP M 252 -7.44 31.99 32.97
C TRP M 252 -6.42 31.75 31.88
N PHE M 253 -6.15 32.71 30.99
CA PHE M 253 -5.20 32.47 29.90
C PHE M 253 -4.46 33.76 29.63
N TYR M 254 -3.12 33.72 29.69
CA TYR M 254 -2.31 34.85 29.28
C TYR M 254 -1.32 34.44 28.20
N GLU M 255 -0.60 35.43 27.69
CA GLU M 255 0.34 35.28 26.59
C GLU M 255 1.74 35.64 27.06
N ARG M 256 2.74 34.94 26.52
CA ARG M 256 4.15 35.22 26.77
C ARG M 256 4.73 35.77 25.47
N GLY M 257 4.64 37.08 25.29
CA GLY M 257 5.17 37.70 24.10
C GLY M 257 4.71 39.14 23.92
N MET N 1 12.57 -26.07 50.11
CA MET N 1 11.41 -25.33 50.59
C MET N 1 11.54 -25.07 52.09
N ASP N 2 12.75 -25.25 52.62
CA ASP N 2 12.95 -25.04 54.05
C ASP N 2 12.91 -23.56 54.41
N ASP N 3 13.38 -22.69 53.52
CA ASP N 3 13.22 -21.26 53.72
C ASP N 3 11.80 -20.78 53.44
N LEU N 4 10.97 -21.61 52.80
CA LEU N 4 9.54 -21.36 52.73
C LEU N 4 8.82 -21.82 54.00
N VAL N 5 9.37 -22.81 54.69
CA VAL N 5 8.76 -23.31 55.93
C VAL N 5 9.14 -22.43 57.11
N PHE N 6 10.40 -22.00 57.17
CA PHE N 6 10.87 -21.21 58.30
C PHE N 6 10.20 -19.83 58.27
N ALA N 7 10.13 -19.22 57.08
CA ALA N 7 9.43 -17.97 56.91
C ALA N 7 7.92 -18.15 57.02
N GLY N 8 7.39 -19.34 56.74
CA GLY N 8 5.96 -19.53 56.93
C GLY N 8 5.55 -19.85 58.34
N ASN N 9 6.51 -20.15 59.23
CA ASN N 9 6.18 -20.39 60.62
C ASN N 9 6.67 -19.32 61.57
N LYS N 10 7.57 -18.43 61.11
CA LYS N 10 7.90 -17.28 61.94
C LYS N 10 6.76 -16.27 61.97
N ALA N 11 5.91 -16.26 60.93
CA ALA N 11 4.75 -15.37 60.92
C ALA N 11 3.72 -15.81 61.95
N LEU N 12 3.42 -17.11 62.00
CA LEU N 12 2.51 -17.63 63.01
C LEU N 12 3.12 -17.58 64.39
N TYR N 13 4.46 -17.59 64.50
CA TYR N 13 5.06 -17.45 65.82
C TYR N 13 4.93 -16.02 66.32
N LEU N 14 5.06 -15.05 65.40
CA LEU N 14 4.96 -13.66 65.82
C LEU N 14 3.52 -13.25 66.08
N VAL N 15 2.55 -13.91 65.46
CA VAL N 15 1.16 -13.57 65.76
C VAL N 15 0.80 -14.02 67.17
N LEU N 16 1.31 -15.18 67.59
CA LEU N 16 1.14 -15.69 68.94
C LEU N 16 1.88 -14.84 69.96
N ILE N 17 3.03 -14.29 69.61
CA ILE N 17 3.79 -13.54 70.60
C ILE N 17 3.25 -12.12 70.70
N LEU N 18 3.18 -11.42 69.57
CA LEU N 18 2.83 -10.01 69.54
C LEU N 18 1.34 -9.79 69.82
N SER N 19 0.45 -10.44 69.06
CA SER N 19 -0.97 -10.18 69.29
C SER N 19 -1.47 -10.81 70.57
N GLY N 20 -0.78 -11.82 71.09
CA GLY N 20 -1.19 -12.46 72.31
C GLY N 20 -0.52 -11.96 73.57
N TRP N 21 0.41 -11.01 73.48
CA TRP N 21 1.02 -10.52 74.71
C TRP N 21 0.18 -9.50 75.49
N PRO N 22 -0.48 -8.51 74.89
CA PRO N 22 -1.44 -7.74 75.70
C PRO N 22 -2.75 -8.43 75.98
N THR N 23 -2.96 -9.67 75.53
CA THR N 23 -4.10 -10.44 75.99
C THR N 23 -3.86 -10.86 77.43
N ILE N 24 -2.68 -11.41 77.70
CA ILE N 24 -2.35 -11.86 79.04
C ILE N 24 -1.96 -10.65 79.88
N VAL N 25 -1.65 -9.51 79.26
CA VAL N 25 -1.35 -8.34 80.07
C VAL N 25 -2.65 -7.69 80.53
N ALA N 26 -3.59 -7.45 79.61
CA ALA N 26 -4.84 -6.79 79.93
C ALA N 26 -5.82 -7.70 80.67
N THR N 27 -5.60 -9.02 80.67
CA THR N 27 -6.51 -9.92 81.36
C THR N 27 -6.33 -9.84 82.88
N CYS N 59 -1.87 1.85 79.37
CA CYS N 59 -0.48 1.63 79.02
C CYS N 59 -0.36 1.24 77.55
N LEU N 60 0.04 2.19 76.72
CA LEU N 60 0.22 1.97 75.29
C LEU N 60 1.53 2.53 74.74
N PHE N 61 2.18 3.45 75.45
CA PHE N 61 3.43 4.01 74.97
C PHE N 61 4.58 3.04 75.11
N LEU N 62 4.49 2.09 76.04
CA LEU N 62 5.56 1.12 76.18
C LEU N 62 5.39 -0.03 75.19
N LEU N 63 4.19 -0.21 74.66
CA LEU N 63 3.90 -1.21 73.65
C LEU N 63 3.93 -0.64 72.24
N SER N 64 4.11 0.67 72.10
CA SER N 64 4.17 1.28 70.78
C SER N 64 5.54 1.08 70.11
N GLY N 65 6.62 1.17 70.87
CA GLY N 65 7.96 1.02 70.37
C GLY N 65 8.45 -0.41 70.19
N TRP N 66 7.75 -1.38 70.78
CA TRP N 66 8.14 -2.78 70.64
C TRP N 66 7.70 -3.41 69.32
N TYR N 67 6.54 -3.02 68.80
CA TYR N 67 5.98 -3.70 67.64
C TYR N 67 6.68 -3.31 66.34
N GLY N 68 7.09 -2.05 66.22
CA GLY N 68 7.83 -1.60 65.05
C GLY N 68 9.26 -2.09 64.97
N GLU N 69 9.79 -2.65 66.06
CA GLU N 69 11.14 -3.17 66.00
C GLU N 69 11.12 -4.58 65.41
N VAL N 70 10.10 -5.35 65.77
CA VAL N 70 10.02 -6.74 65.36
C VAL N 70 9.49 -6.83 63.94
N LEU N 71 8.53 -5.97 63.57
CA LEU N 71 8.00 -6.08 62.22
C LEU N 71 9.02 -5.59 61.20
N LEU N 72 9.81 -4.58 61.56
CA LEU N 72 10.84 -4.06 60.67
C LEU N 72 12.04 -5.01 60.59
N SER N 73 12.29 -5.80 61.64
CA SER N 73 13.38 -6.76 61.54
C SER N 73 12.95 -8.03 60.81
N TYR N 74 11.68 -8.43 60.95
CA TYR N 74 11.21 -9.59 60.21
C TYR N 74 11.12 -9.27 58.72
N GLY N 75 10.74 -8.04 58.39
CA GLY N 75 10.80 -7.63 56.98
C GLY N 75 12.22 -7.45 56.48
N ARG N 76 13.16 -7.13 57.39
CA ARG N 76 14.56 -7.05 56.98
C ARG N 76 15.14 -8.43 56.71
N GLN N 77 14.61 -9.45 57.38
CA GLN N 77 15.12 -10.81 57.22
C GLN N 77 14.51 -11.49 55.99
N VAL N 78 13.25 -11.21 55.71
CA VAL N 78 12.58 -11.93 54.63
C VAL N 78 13.06 -11.47 53.25
N ILE N 79 13.66 -10.30 53.15
CA ILE N 79 14.27 -9.93 51.87
C ILE N 79 15.61 -10.64 51.70
N PHE N 80 16.36 -10.83 52.79
CA PHE N 80 17.60 -11.60 52.71
C PHE N 80 17.32 -13.06 52.35
N LEU N 81 16.17 -13.58 52.78
CA LEU N 81 15.75 -14.91 52.34
C LEU N 81 15.06 -14.92 50.99
N ALA N 82 14.72 -13.75 50.43
CA ALA N 82 13.98 -13.67 49.18
C ALA N 82 14.86 -13.43 47.97
N LEU N 83 15.64 -12.35 48.00
CA LEU N 83 16.42 -11.90 46.86
C LEU N 83 17.79 -12.54 46.78
N ALA N 84 18.08 -13.50 47.64
CA ALA N 84 19.37 -14.19 47.61
C ALA N 84 19.18 -15.69 47.56
N MET O 1 -19.71 -39.23 35.98
CA MET O 1 -19.35 -38.09 36.81
C MET O 1 -19.09 -38.53 38.25
N ASP O 2 -18.41 -39.68 38.40
CA ASP O 2 -18.11 -40.18 39.73
C ASP O 2 -17.01 -39.35 40.37
N ASP O 3 -16.04 -38.91 39.58
CA ASP O 3 -14.98 -38.08 40.15
C ASP O 3 -15.49 -36.68 40.47
N LEU O 4 -16.53 -36.23 39.75
CA LEU O 4 -17.13 -34.93 40.04
C LEU O 4 -17.90 -34.99 41.36
N VAL O 5 -18.65 -36.08 41.55
CA VAL O 5 -19.43 -36.18 42.78
C VAL O 5 -18.56 -36.67 43.93
N PHE O 6 -17.35 -37.13 43.66
CA PHE O 6 -16.49 -37.47 44.78
C PHE O 6 -15.70 -36.25 45.23
N ALA O 7 -15.24 -35.42 44.29
CA ALA O 7 -14.54 -34.21 44.68
C ALA O 7 -15.45 -33.16 45.28
N GLY O 8 -16.76 -33.23 45.03
CA GLY O 8 -17.60 -32.24 45.70
C GLY O 8 -17.92 -32.60 47.15
N ASN O 9 -18.09 -33.90 47.41
CA ASN O 9 -18.29 -34.28 48.79
C ASN O 9 -16.98 -34.22 49.56
N LYS O 10 -15.85 -34.54 48.92
CA LYS O 10 -14.58 -34.41 49.63
C LYS O 10 -14.27 -32.96 49.95
N ALA O 11 -14.65 -32.01 49.06
CA ALA O 11 -14.40 -30.61 49.36
C ALA O 11 -15.28 -30.11 50.49
N LEU O 12 -16.51 -30.59 50.58
CA LEU O 12 -17.34 -30.06 51.67
C LEU O 12 -17.09 -30.80 52.98
N TYR O 13 -16.69 -32.08 52.89
CA TYR O 13 -16.30 -32.80 54.10
C TYR O 13 -14.96 -32.28 54.62
N LEU O 14 -14.11 -31.73 53.75
CA LEU O 14 -12.89 -31.14 54.26
C LEU O 14 -13.11 -29.72 54.75
N VAL O 15 -14.24 -29.10 54.39
CA VAL O 15 -14.55 -27.79 54.96
C VAL O 15 -15.08 -27.97 56.37
N LEU O 16 -15.90 -29.01 56.58
CA LEU O 16 -16.50 -29.21 57.90
C LEU O 16 -15.43 -29.59 58.92
N ILE O 17 -14.41 -30.33 58.50
CA ILE O 17 -13.43 -30.84 59.45
C ILE O 17 -12.26 -29.87 59.58
N LEU O 18 -12.07 -28.96 58.65
CA LEU O 18 -11.00 -27.99 58.84
C LEU O 18 -11.52 -26.79 59.60
N SER O 19 -12.76 -26.36 59.34
CA SER O 19 -13.34 -25.26 60.10
C SER O 19 -14.04 -25.69 61.38
N GLY O 20 -14.01 -26.98 61.76
CA GLY O 20 -14.63 -27.29 63.04
C GLY O 20 -13.66 -27.31 64.21
N TRP O 21 -12.37 -27.56 63.96
CA TRP O 21 -11.41 -27.66 65.07
C TRP O 21 -11.08 -26.31 65.72
N PRO O 22 -10.78 -25.22 65.01
CA PRO O 22 -10.58 -23.96 65.74
C PRO O 22 -11.87 -23.32 66.18
N THR O 23 -13.01 -23.82 65.73
CA THR O 23 -14.27 -23.27 66.20
C THR O 23 -14.64 -23.90 67.54
N ILE O 24 -14.32 -25.18 67.72
CA ILE O 24 -14.59 -25.77 69.03
C ILE O 24 -13.54 -25.33 70.04
N VAL O 25 -12.30 -25.07 69.59
CA VAL O 25 -11.34 -24.56 70.58
C VAL O 25 -11.60 -23.08 70.88
N ALA O 26 -12.33 -22.38 70.01
CA ALA O 26 -12.76 -21.01 70.31
C ALA O 26 -13.92 -20.95 71.30
N THR O 27 -14.59 -22.08 71.59
CA THR O 27 -15.69 -22.06 72.55
C THR O 27 -15.51 -22.99 73.74
N ILE O 28 -14.47 -23.82 73.76
CA ILE O 28 -14.13 -24.54 74.99
C ILE O 28 -13.54 -23.58 76.02
N ILE O 29 -12.57 -22.76 75.61
CA ILE O 29 -12.06 -21.77 76.55
C ILE O 29 -13.01 -20.59 76.67
N GLY O 30 -13.92 -20.39 75.71
CA GLY O 30 -14.95 -19.39 75.91
C GLY O 30 -15.97 -19.80 76.94
N LEU O 31 -16.22 -21.11 77.07
CA LEU O 31 -17.04 -21.57 78.17
C LEU O 31 -16.26 -21.68 79.47
N LEU O 32 -14.93 -21.87 79.40
CA LEU O 32 -14.11 -21.89 80.61
C LEU O 32 -13.75 -20.51 81.11
N VAL O 33 -14.21 -19.47 80.43
CA VAL O 33 -14.15 -18.11 80.98
C VAL O 33 -15.43 -17.79 81.74
N GLY O 34 -16.59 -18.13 81.16
CA GLY O 34 -17.87 -17.79 81.75
C GLY O 34 -18.27 -18.71 82.89
N LEU O 35 -17.97 -20.02 82.79
CA LEU O 35 -18.35 -20.94 83.85
C LEU O 35 -17.44 -20.82 85.05
N PHE O 36 -16.20 -20.38 84.85
CA PHE O 36 -15.25 -20.26 85.94
C PHE O 36 -15.59 -19.12 86.89
N GLN O 37 -16.25 -18.07 86.39
CA GLN O 37 -16.47 -16.86 87.16
C GLN O 37 -17.82 -16.82 87.88
N THR O 38 -18.44 -17.99 88.12
CA THR O 38 -19.69 -18.01 88.86
C THR O 38 -19.51 -17.60 90.32
N VAL O 39 -18.31 -17.78 90.87
CA VAL O 39 -17.93 -17.15 92.13
C VAL O 39 -16.87 -16.08 91.82
N THR O 40 -16.97 -14.95 92.53
CA THR O 40 -16.14 -13.74 92.41
C THR O 40 -16.17 -13.23 90.96
N GLN O 41 -17.38 -12.77 90.60
CA GLN O 41 -17.84 -12.58 89.21
C GLN O 41 -16.94 -11.65 88.40
N LEU O 42 -16.93 -10.36 88.75
CA LEU O 42 -16.12 -9.31 88.09
C LEU O 42 -16.18 -9.36 86.56
N GLN O 43 -17.37 -9.59 86.02
CA GLN O 43 -17.51 -9.92 84.60
C GLN O 43 -17.43 -8.68 83.71
N GLU O 44 -16.58 -8.76 82.69
CA GLU O 44 -16.48 -7.78 81.62
C GLU O 44 -16.63 -8.50 80.30
N GLN O 45 -17.37 -7.87 79.38
CA GLN O 45 -17.80 -8.56 78.16
C GLN O 45 -16.70 -8.72 77.13
N THR O 46 -15.84 -7.71 76.98
CA THR O 46 -14.81 -7.69 75.94
C THR O 46 -13.56 -8.45 76.37
N LEU O 47 -13.52 -8.96 77.61
CA LEU O 47 -12.34 -9.67 78.11
C LEU O 47 -12.02 -11.00 77.42
N PRO O 48 -12.95 -11.95 77.21
CA PRO O 48 -12.53 -13.23 76.63
C PRO O 48 -12.19 -13.23 75.15
N PHE O 49 -12.32 -12.12 74.41
CA PHE O 49 -11.95 -12.15 73.00
C PHE O 49 -10.45 -12.17 72.77
N GLY O 50 -9.67 -11.75 73.76
CA GLY O 50 -8.23 -11.76 73.63
C GLY O 50 -7.74 -13.17 73.90
N ILE O 51 -8.32 -13.82 74.91
CA ILE O 51 -7.90 -15.17 75.22
C ILE O 51 -8.40 -16.12 74.14
N LYS O 52 -9.59 -15.88 73.58
CA LYS O 52 -10.06 -16.67 72.44
C LYS O 52 -9.20 -16.50 71.19
N LEU O 53 -8.65 -15.30 70.96
CA LEU O 53 -7.71 -15.14 69.85
C LEU O 53 -6.37 -15.79 70.12
N LEU O 54 -5.91 -15.78 71.37
CA LEU O 54 -4.68 -16.52 71.70
C LEU O 54 -4.90 -18.02 71.64
N GLY O 55 -6.10 -18.50 71.98
CA GLY O 55 -6.40 -19.91 71.91
C GLY O 55 -6.59 -20.39 70.49
N VAL O 56 -6.97 -19.49 69.59
CA VAL O 56 -7.10 -19.85 68.19
C VAL O 56 -5.73 -19.95 67.55
N CYS O 57 -4.88 -18.92 67.76
CA CYS O 57 -3.55 -18.99 67.15
C CYS O 57 -2.63 -19.99 67.84
N LEU O 58 -2.96 -20.43 69.06
CA LEU O 58 -2.19 -21.50 69.69
C LEU O 58 -2.45 -22.82 69.00
N CYS O 59 -3.72 -23.20 68.85
CA CYS O 59 -4.01 -24.46 68.18
C CYS O 59 -3.73 -24.39 66.68
N LEU O 60 -3.67 -23.19 66.09
CA LEU O 60 -3.23 -23.10 64.70
C LEU O 60 -1.72 -23.32 64.60
N PHE O 61 -0.99 -23.00 65.67
CA PHE O 61 0.44 -23.26 65.67
C PHE O 61 0.73 -24.74 65.88
N LEU O 62 -0.22 -25.49 66.44
CA LEU O 62 -0.07 -26.93 66.56
C LEU O 62 -0.44 -27.61 65.25
N LEU O 63 -1.62 -27.28 64.71
CA LEU O 63 -2.14 -27.95 63.53
C LEU O 63 -1.65 -27.35 62.22
N SER O 64 -0.64 -26.47 62.25
CA SER O 64 -0.14 -25.89 61.01
C SER O 64 0.59 -26.90 60.14
N GLY O 65 1.25 -27.90 60.75
CA GLY O 65 1.84 -28.98 59.98
C GLY O 65 0.85 -30.01 59.45
N TRP O 66 -0.35 -30.08 60.02
CA TRP O 66 -1.36 -31.01 59.55
C TRP O 66 -2.33 -30.38 58.56
N TYR O 67 -2.64 -29.09 58.75
CA TYR O 67 -3.54 -28.40 57.86
C TYR O 67 -2.90 -28.18 56.50
N GLY O 68 -1.57 -28.15 56.45
CA GLY O 68 -0.92 -28.01 55.17
C GLY O 68 -0.96 -29.32 54.42
N GLU O 69 -0.69 -30.45 55.08
CA GLU O 69 -0.60 -31.70 54.34
C GLU O 69 -1.96 -32.26 53.94
N VAL O 70 -3.04 -31.90 54.68
CA VAL O 70 -4.37 -32.27 54.22
C VAL O 70 -4.86 -31.42 53.05
N LEU O 71 -4.20 -30.31 52.78
CA LEU O 71 -4.49 -29.56 51.57
C LEU O 71 -3.51 -29.85 50.45
N LEU O 72 -2.26 -30.21 50.80
CA LEU O 72 -1.27 -30.64 49.82
C LEU O 72 -1.65 -31.95 49.15
N SER O 73 -2.30 -32.84 49.91
CA SER O 73 -2.71 -34.11 49.32
C SER O 73 -3.94 -33.93 48.45
N TYR O 74 -4.94 -33.20 48.93
CA TYR O 74 -6.14 -33.01 48.12
C TYR O 74 -5.85 -32.13 46.91
N GLY O 75 -4.88 -31.21 47.01
CA GLY O 75 -4.47 -30.43 45.86
C GLY O 75 -3.77 -31.25 44.81
N ARG O 76 -2.90 -32.19 45.23
CA ARG O 76 -2.26 -33.03 44.22
C ARG O 76 -3.24 -34.06 43.67
N GLN O 77 -4.25 -34.45 44.45
CA GLN O 77 -5.22 -35.42 43.97
C GLN O 77 -6.24 -34.83 43.00
N VAL O 78 -6.56 -33.54 43.15
CA VAL O 78 -7.63 -32.98 42.34
C VAL O 78 -7.14 -32.54 40.97
N ILE O 79 -5.84 -32.35 40.80
CA ILE O 79 -5.30 -32.06 39.48
C ILE O 79 -5.00 -33.36 38.74
N PHE O 80 -4.58 -34.40 39.46
CA PHE O 80 -4.36 -35.70 38.83
C PHE O 80 -5.67 -36.30 38.36
N LEU O 81 -6.77 -36.01 39.06
CA LEU O 81 -8.07 -36.47 38.58
C LEU O 81 -8.49 -35.71 37.33
N ALA O 82 -8.02 -34.48 37.14
CA ALA O 82 -8.46 -33.69 36.00
C ALA O 82 -7.66 -33.97 34.75
N LEU O 83 -6.34 -34.15 34.89
CA LEU O 83 -5.50 -34.26 33.70
C LEU O 83 -5.51 -35.68 33.15
N ALA O 84 -5.08 -36.65 33.95
CA ALA O 84 -4.99 -38.03 33.48
C ALA O 84 -6.29 -38.77 33.75
N MET P 1 -46.46 -13.59 25.08
CA MET P 1 -45.38 -14.11 25.91
C MET P 1 -45.92 -14.69 27.20
N ASP P 2 -46.21 -15.99 27.19
CA ASP P 2 -46.70 -16.70 28.37
C ASP P 2 -45.65 -17.58 29.02
N ASP P 3 -44.59 -17.93 28.31
CA ASP P 3 -43.52 -18.71 28.90
C ASP P 3 -42.43 -17.86 29.55
N LEU P 4 -42.33 -16.59 29.19
CA LEU P 4 -41.40 -15.70 29.90
C LEU P 4 -41.85 -15.46 31.33
N VAL P 5 -43.17 -15.39 31.55
CA VAL P 5 -43.67 -15.19 32.91
C VAL P 5 -43.76 -16.51 33.65
N PHE P 6 -43.60 -17.63 32.95
CA PHE P 6 -43.53 -18.90 33.64
C PHE P 6 -42.10 -19.16 34.07
N ALA P 7 -41.12 -18.82 33.23
CA ALA P 7 -39.74 -18.98 33.64
C ALA P 7 -39.40 -18.02 34.77
N GLY P 8 -40.00 -16.82 34.76
CA GLY P 8 -39.77 -15.90 35.85
C GLY P 8 -40.44 -16.31 37.15
N ASN P 9 -41.64 -16.88 37.07
CA ASN P 9 -42.28 -17.34 38.30
C ASN P 9 -41.66 -18.62 38.83
N LYS P 10 -41.15 -19.48 37.95
CA LYS P 10 -40.45 -20.66 38.42
C LYS P 10 -39.13 -20.28 39.07
N ALA P 11 -38.47 -19.24 38.56
CA ALA P 11 -37.22 -18.80 39.17
C ALA P 11 -37.44 -18.17 40.53
N LEU P 12 -38.49 -17.33 40.64
CA LEU P 12 -38.76 -16.71 41.93
C LEU P 12 -39.29 -17.72 42.93
N TYR P 13 -40.02 -18.74 42.47
CA TYR P 13 -40.47 -19.76 43.40
C TYR P 13 -39.31 -20.66 43.81
N LEU P 14 -38.31 -20.81 42.94
CA LEU P 14 -37.23 -21.73 43.22
C LEU P 14 -36.20 -21.13 44.17
N VAL P 15 -35.99 -19.82 44.11
CA VAL P 15 -35.03 -19.21 45.03
C VAL P 15 -35.56 -19.23 46.46
N LEU P 16 -36.87 -19.10 46.64
CA LEU P 16 -37.43 -19.06 47.99
C LEU P 16 -37.35 -20.43 48.66
N ILE P 17 -37.39 -21.51 47.88
CA ILE P 17 -37.40 -22.86 48.44
C ILE P 17 -35.99 -23.37 48.60
N LEU P 18 -35.10 -23.02 47.68
CA LEU P 18 -33.74 -23.50 47.74
C LEU P 18 -32.98 -22.73 48.81
N SER P 19 -33.15 -21.41 48.90
CA SER P 19 -32.51 -20.70 49.99
C SER P 19 -33.36 -20.71 51.26
N GLY P 20 -34.52 -21.36 51.26
CA GLY P 20 -35.29 -21.46 52.48
C GLY P 20 -35.00 -22.73 53.23
N TRP P 21 -34.61 -23.80 52.53
CA TRP P 21 -34.39 -25.04 53.29
C TRP P 21 -33.17 -25.02 54.23
N PRO P 22 -31.98 -24.52 53.86
CA PRO P 22 -30.95 -24.35 54.90
C PRO P 22 -31.18 -23.15 55.80
N THR P 23 -32.10 -22.26 55.48
CA THR P 23 -32.35 -21.10 56.32
C THR P 23 -33.11 -21.47 57.58
N ILE P 24 -34.08 -22.39 57.48
CA ILE P 24 -34.80 -22.82 58.67
C ILE P 24 -33.89 -23.66 59.56
N VAL P 25 -33.01 -24.47 58.96
CA VAL P 25 -32.06 -25.23 59.75
C VAL P 25 -31.01 -24.31 60.40
N ALA P 26 -30.65 -23.20 59.76
CA ALA P 26 -29.83 -22.22 60.44
C ALA P 26 -30.60 -21.36 61.45
N THR P 27 -31.92 -21.40 61.38
CA THR P 27 -32.75 -20.61 62.30
C THR P 27 -33.00 -21.35 63.60
N ILE P 28 -33.28 -22.66 63.52
CA ILE P 28 -33.58 -23.39 64.73
C ILE P 28 -32.33 -23.56 65.61
N ILE P 29 -31.16 -23.76 64.99
CA ILE P 29 -29.94 -23.75 65.80
C ILE P 29 -29.57 -22.35 66.30
N GLY P 30 -30.05 -21.28 65.65
CA GLY P 30 -29.97 -19.96 66.24
C GLY P 30 -30.97 -19.72 67.36
N LEU P 31 -32.04 -20.51 67.39
CA LEU P 31 -33.07 -20.39 68.42
C LEU P 31 -32.75 -21.21 69.67
N LEU P 32 -32.54 -22.51 69.50
CA LEU P 32 -32.50 -23.43 70.66
C LEU P 32 -31.25 -23.23 71.49
N VAL P 33 -30.11 -22.89 70.88
CA VAL P 33 -28.91 -22.67 71.67
C VAL P 33 -28.98 -21.34 72.42
N GLY P 34 -29.72 -20.37 71.90
CA GLY P 34 -29.92 -19.14 72.65
C GLY P 34 -30.95 -19.34 73.76
N LEU P 35 -31.95 -20.17 73.51
CA LEU P 35 -32.87 -20.46 74.60
C LEU P 35 -32.28 -21.42 75.61
N PHE P 36 -31.22 -22.15 75.24
CA PHE P 36 -30.42 -22.87 76.23
C PHE P 36 -29.44 -21.97 76.96
N GLN P 37 -29.18 -20.77 76.43
CA GLN P 37 -28.23 -19.87 77.07
C GLN P 37 -28.92 -18.72 77.78
N THR P 38 -30.25 -18.71 77.82
CA THR P 38 -30.95 -17.67 78.56
C THR P 38 -31.45 -18.15 79.92
N VAL P 39 -31.31 -19.44 80.22
CA VAL P 39 -31.74 -20.00 81.50
C VAL P 39 -30.62 -20.72 82.26
N THR P 40 -29.59 -21.20 81.58
CA THR P 40 -28.44 -21.97 82.10
C THR P 40 -27.14 -21.27 81.70
N GLN P 41 -27.05 -19.99 82.09
CA GLN P 41 -26.60 -18.85 81.31
C GLN P 41 -25.49 -19.14 80.29
N LEU P 42 -24.29 -19.52 80.77
CA LEU P 42 -23.15 -20.01 79.98
C LEU P 42 -22.86 -19.13 78.76
N GLN P 43 -22.77 -17.82 79.00
CA GLN P 43 -22.92 -16.85 77.92
C GLN P 43 -21.76 -16.88 76.94
N GLU P 44 -22.08 -17.00 75.65
CA GLU P 44 -21.07 -17.20 74.62
C GLU P 44 -21.66 -16.79 73.28
N GLN P 45 -20.83 -16.18 72.43
CA GLN P 45 -21.22 -15.82 71.08
C GLN P 45 -20.80 -16.86 70.02
N THR P 46 -19.82 -17.70 70.32
CA THR P 46 -19.29 -18.68 69.37
C THR P 46 -20.13 -19.96 69.34
N LEU P 47 -20.72 -20.33 70.47
CA LEU P 47 -21.50 -21.56 70.59
C LEU P 47 -22.70 -21.71 69.64
N PRO P 48 -23.46 -20.66 69.26
CA PRO P 48 -24.42 -20.87 68.16
C PRO P 48 -23.79 -21.11 66.80
N PHE P 49 -22.66 -20.45 66.48
CA PHE P 49 -22.05 -20.66 65.18
C PHE P 49 -21.37 -22.02 65.07
N GLY P 50 -20.87 -22.54 66.19
CA GLY P 50 -20.17 -23.81 66.21
C GLY P 50 -21.06 -24.99 65.90
N ILE P 51 -22.37 -24.85 66.11
CA ILE P 51 -23.32 -25.88 65.73
C ILE P 51 -24.09 -25.48 64.47
N LYS P 52 -24.13 -24.19 64.14
CA LYS P 52 -24.83 -23.78 62.93
C LYS P 52 -24.06 -24.21 61.70
N LEU P 53 -22.72 -24.22 61.78
CA LEU P 53 -21.92 -24.68 60.66
C LEU P 53 -22.09 -26.18 60.44
N LEU P 54 -22.28 -26.92 61.53
CA LEU P 54 -22.49 -28.37 61.41
C LEU P 54 -23.86 -28.66 60.80
N GLY P 55 -24.87 -27.87 61.16
CA GLY P 55 -26.20 -28.12 60.64
C GLY P 55 -26.32 -27.73 59.17
N VAL P 56 -25.57 -26.71 58.77
CA VAL P 56 -25.61 -26.28 57.38
C VAL P 56 -24.86 -27.27 56.51
N CYS P 57 -23.68 -27.73 56.94
CA CYS P 57 -22.96 -28.69 56.11
C CYS P 57 -23.63 -30.08 56.12
N LEU P 58 -24.43 -30.38 57.14
CA LEU P 58 -25.13 -31.65 57.16
C LEU P 58 -26.29 -31.62 56.16
N CYS P 59 -27.05 -30.53 56.16
CA CYS P 59 -28.14 -30.49 55.18
C CYS P 59 -27.61 -30.23 53.78
N LEU P 60 -26.38 -29.73 53.62
CA LEU P 60 -25.83 -29.67 52.26
C LEU P 60 -25.35 -31.04 51.80
N PHE P 61 -25.01 -31.94 52.73
CA PHE P 61 -24.75 -33.33 52.35
C PHE P 61 -26.03 -33.99 51.89
N LEU P 62 -27.10 -33.82 52.68
CA LEU P 62 -28.31 -34.56 52.34
C LEU P 62 -29.09 -33.93 51.19
N LEU P 63 -28.78 -32.69 50.79
CA LEU P 63 -29.53 -32.05 49.73
C LEU P 63 -28.64 -31.72 48.52
N SER P 64 -27.39 -32.15 48.52
CA SER P 64 -26.52 -31.93 47.36
C SER P 64 -26.94 -32.76 46.16
N GLY P 65 -27.43 -33.98 46.39
CA GLY P 65 -27.95 -34.80 45.31
C GLY P 65 -29.29 -34.37 44.75
N TRP P 66 -30.07 -33.60 45.52
CA TRP P 66 -31.38 -33.10 45.09
C TRP P 66 -31.33 -31.73 44.41
N TYR P 67 -30.38 -30.89 44.84
CA TYR P 67 -30.22 -29.57 44.24
C TYR P 67 -29.72 -29.66 42.81
N GLY P 68 -28.83 -30.61 42.52
CA GLY P 68 -28.39 -30.76 41.15
C GLY P 68 -29.46 -31.25 40.20
N GLU P 69 -30.47 -31.95 40.71
CA GLU P 69 -31.50 -32.40 39.80
C GLU P 69 -32.55 -31.33 39.60
N VAL P 70 -32.83 -30.54 40.65
CA VAL P 70 -33.83 -29.49 40.46
C VAL P 70 -33.22 -28.31 39.71
N LEU P 71 -31.89 -28.27 39.55
CA LEU P 71 -31.31 -27.25 38.68
C LEU P 71 -31.06 -27.77 37.27
N LEU P 72 -30.78 -29.07 37.12
CA LEU P 72 -30.52 -29.64 35.79
C LEU P 72 -31.80 -29.77 34.97
N SER P 73 -32.91 -30.12 35.61
CA SER P 73 -34.17 -30.20 34.86
C SER P 73 -34.71 -28.82 34.50
N TYR P 74 -34.48 -27.82 35.34
CA TYR P 74 -34.90 -26.46 35.02
C TYR P 74 -34.01 -25.87 33.93
N GLY P 75 -32.71 -26.21 33.95
CA GLY P 75 -31.81 -25.74 32.92
C GLY P 75 -32.11 -26.37 31.58
N ARG P 76 -32.52 -27.65 31.59
CA ARG P 76 -32.87 -28.27 30.33
C ARG P 76 -34.22 -27.77 29.81
N GLN P 77 -35.14 -27.42 30.71
CA GLN P 77 -36.43 -26.89 30.28
C GLN P 77 -36.30 -25.51 29.66
N VAL P 78 -35.29 -24.74 30.11
CA VAL P 78 -35.17 -23.37 29.64
C VAL P 78 -34.63 -23.31 28.20
N ILE P 79 -33.67 -24.17 27.86
CA ILE P 79 -33.05 -24.08 26.53
C ILE P 79 -34.04 -24.53 25.45
N PHE P 80 -34.85 -25.54 25.74
CA PHE P 80 -35.90 -25.93 24.81
C PHE P 80 -37.05 -24.93 24.79
N LEU P 81 -37.26 -24.16 25.86
CA LEU P 81 -38.22 -23.07 25.78
C LEU P 81 -37.67 -21.94 24.90
N ALA P 82 -36.35 -21.76 24.92
CA ALA P 82 -35.71 -20.64 24.25
C ALA P 82 -35.59 -20.87 22.75
N LEU P 83 -35.02 -22.01 22.36
CA LEU P 83 -34.69 -22.25 20.97
C LEU P 83 -35.93 -22.54 20.13
N ALA P 84 -36.62 -23.62 20.44
CA ALA P 84 -37.77 -24.04 19.67
C ALA P 84 -39.04 -23.33 20.11
N MET Q 1 -38.69 21.49 28.22
CA MET Q 1 -38.10 21.62 29.55
C MET Q 1 -39.04 21.06 30.62
N ASP Q 2 -40.33 21.39 30.49
CA ASP Q 2 -41.30 20.96 31.49
C ASP Q 2 -41.56 19.46 31.44
N ASP Q 3 -41.24 18.83 30.32
CA ASP Q 3 -41.31 17.38 30.28
C ASP Q 3 -40.04 16.73 30.79
N LEU Q 4 -38.90 17.39 30.63
CA LEU Q 4 -37.68 16.87 31.22
C LEU Q 4 -37.74 16.93 32.75
N VAL Q 5 -38.38 17.97 33.27
CA VAL Q 5 -38.63 18.06 34.72
C VAL Q 5 -39.66 17.02 35.14
N PHE Q 6 -40.66 16.74 34.31
CA PHE Q 6 -41.69 15.79 34.73
C PHE Q 6 -41.14 14.36 34.70
N ALA Q 7 -40.36 14.03 33.68
CA ALA Q 7 -39.79 12.70 33.56
C ALA Q 7 -38.76 12.45 34.65
N GLY Q 8 -38.02 13.48 35.07
CA GLY Q 8 -37.16 13.27 36.22
C GLY Q 8 -37.89 13.23 37.54
N ASN Q 9 -39.07 13.86 37.63
CA ASN Q 9 -39.79 13.77 38.90
C ASN Q 9 -40.49 12.43 39.02
N LYS Q 10 -40.80 11.82 37.88
CA LYS Q 10 -41.49 10.55 37.93
C LYS Q 10 -40.55 9.37 38.01
N ALA Q 11 -39.31 9.50 37.52
CA ALA Q 11 -38.39 8.38 37.70
C ALA Q 11 -38.00 8.20 39.17
N LEU Q 12 -37.79 9.32 39.87
CA LEU Q 12 -37.55 9.24 41.30
C LEU Q 12 -38.82 8.87 42.07
N TYR Q 13 -40.00 9.20 41.55
CA TYR Q 13 -41.21 8.79 42.25
C TYR Q 13 -41.45 7.31 42.10
N LEU Q 14 -41.17 6.76 40.91
CA LEU Q 14 -41.40 5.34 40.72
C LEU Q 14 -40.35 4.51 41.45
N VAL Q 15 -39.13 5.04 41.62
CA VAL Q 15 -38.14 4.35 42.45
C VAL Q 15 -38.59 4.33 43.90
N LEU Q 16 -39.17 5.45 44.36
CA LEU Q 16 -39.62 5.57 45.74
C LEU Q 16 -40.82 4.68 46.01
N ILE Q 17 -41.67 4.47 45.02
CA ILE Q 17 -42.95 3.82 45.28
C ILE Q 17 -42.87 2.33 44.94
N LEU Q 18 -41.95 1.92 44.06
CA LEU Q 18 -41.76 0.50 43.79
C LEU Q 18 -40.84 -0.13 44.83
N SER Q 19 -39.90 0.63 45.41
CA SER Q 19 -39.16 0.13 46.56
C SER Q 19 -39.84 0.45 47.88
N GLY Q 20 -41.15 0.69 47.87
CA GLY Q 20 -41.86 0.98 49.09
C GLY Q 20 -42.35 -0.24 49.83
N TRP Q 21 -43.12 -1.09 49.18
CA TRP Q 21 -43.68 -2.29 49.83
C TRP Q 21 -42.66 -3.34 50.24
N PRO Q 22 -41.60 -3.67 49.46
CA PRO Q 22 -40.60 -4.60 50.00
C PRO Q 22 -39.72 -4.03 51.09
N THR Q 23 -39.67 -2.70 51.26
CA THR Q 23 -38.84 -2.13 52.30
C THR Q 23 -39.64 -1.75 53.54
N ILE Q 24 -40.97 -1.85 53.49
CA ILE Q 24 -41.77 -1.77 54.70
C ILE Q 24 -42.30 -3.12 55.12
N VAL Q 25 -42.21 -4.14 54.26
CA VAL Q 25 -42.54 -5.49 54.72
C VAL Q 25 -41.31 -6.17 55.31
N ALA Q 26 -40.11 -5.65 55.07
CA ALA Q 26 -38.88 -6.13 55.69
C ALA Q 26 -38.48 -5.28 56.88
N THR Q 27 -39.32 -4.35 57.31
CA THR Q 27 -39.07 -3.49 58.46
C THR Q 27 -39.89 -3.87 59.68
N ILE Q 28 -41.17 -4.20 59.49
CA ILE Q 28 -41.99 -4.67 60.60
C ILE Q 28 -41.50 -6.02 61.10
N ILE Q 29 -40.98 -6.86 60.21
CA ILE Q 29 -40.49 -8.18 60.59
C ILE Q 29 -39.02 -8.11 60.97
N GLY Q 30 -38.47 -6.91 60.99
CA GLY Q 30 -37.14 -6.66 61.51
C GLY Q 30 -37.25 -6.11 62.92
N LEU Q 31 -38.38 -5.43 63.17
CA LEU Q 31 -38.63 -4.83 64.47
C LEU Q 31 -39.40 -5.74 65.42
N LEU Q 32 -40.39 -6.49 64.94
CA LEU Q 32 -41.15 -7.36 65.84
C LEU Q 32 -40.38 -8.60 66.27
N VAL Q 33 -39.44 -9.08 65.43
CA VAL Q 33 -38.56 -10.16 65.86
C VAL Q 33 -37.62 -9.69 66.96
N GLY Q 34 -37.09 -8.46 66.85
CA GLY Q 34 -36.28 -7.96 67.94
C GLY Q 34 -37.10 -7.57 69.15
N LEU Q 35 -38.38 -7.21 68.98
CA LEU Q 35 -39.19 -6.98 70.16
C LEU Q 35 -39.52 -8.29 70.86
N PHE Q 36 -39.57 -9.40 70.13
CA PHE Q 36 -39.64 -10.71 70.77
C PHE Q 36 -38.32 -11.04 71.47
N GLN Q 37 -37.21 -10.56 70.93
CA GLN Q 37 -35.92 -10.75 71.59
C GLN Q 37 -35.71 -9.80 72.77
N THR Q 38 -36.59 -8.83 72.94
CA THR Q 38 -36.51 -7.99 74.13
C THR Q 38 -37.23 -8.63 75.30
N VAL Q 39 -38.29 -9.39 75.00
CA VAL Q 39 -39.00 -10.11 76.05
C VAL Q 39 -38.19 -11.33 76.47
N THR Q 40 -37.93 -12.24 75.54
CA THR Q 40 -37.04 -13.35 75.84
C THR Q 40 -35.64 -13.02 75.34
N GLN Q 41 -34.66 -13.10 76.24
CA GLN Q 41 -33.32 -12.62 75.90
C GLN Q 41 -32.64 -13.60 74.96
N LEU Q 42 -32.35 -13.14 73.74
CA LEU Q 42 -31.59 -13.89 72.76
C LEU Q 42 -30.46 -13.03 72.25
N GLN Q 43 -29.28 -13.62 72.08
CA GLN Q 43 -28.13 -12.87 71.61
C GLN Q 43 -27.64 -13.42 70.27
N GLU Q 44 -28.57 -13.71 69.38
CA GLU Q 44 -28.28 -14.19 68.04
C GLU Q 44 -28.60 -13.04 67.10
N GLN Q 45 -27.55 -12.35 66.63
CA GLN Q 45 -27.76 -11.18 65.78
C GLN Q 45 -28.17 -11.56 64.36
N THR Q 46 -27.80 -12.76 63.91
CA THR Q 46 -28.11 -13.26 62.58
C THR Q 46 -29.46 -13.96 62.49
N LEU Q 47 -30.37 -13.73 63.45
CA LEU Q 47 -31.67 -14.38 63.46
C LEU Q 47 -32.74 -13.80 62.52
N PRO Q 48 -33.03 -12.50 62.42
CA PRO Q 48 -34.16 -12.06 61.60
C PRO Q 48 -33.94 -12.10 60.10
N PHE Q 49 -32.83 -12.64 59.60
CA PHE Q 49 -32.70 -12.84 58.17
C PHE Q 49 -33.58 -13.99 57.70
N GLY Q 50 -33.88 -14.93 58.60
CA GLY Q 50 -34.71 -16.06 58.23
C GLY Q 50 -36.13 -15.66 57.93
N ILE Q 51 -36.62 -14.61 58.58
CA ILE Q 51 -37.92 -14.06 58.22
C ILE Q 51 -37.80 -13.01 57.12
N LYS Q 52 -36.67 -12.31 57.04
CA LYS Q 52 -36.52 -11.26 56.02
C LYS Q 52 -36.40 -11.82 54.60
N LEU Q 53 -35.85 -13.03 54.46
CA LEU Q 53 -35.83 -13.66 53.14
C LEU Q 53 -37.22 -14.12 52.72
N LEU Q 54 -38.02 -14.63 53.64
CA LEU Q 54 -39.38 -15.03 53.29
C LEU Q 54 -40.28 -13.83 53.10
N GLY Q 55 -39.95 -12.70 53.71
CA GLY Q 55 -40.78 -11.52 53.60
C GLY Q 55 -40.55 -10.88 52.25
N VAL Q 56 -39.28 -10.75 51.85
CA VAL Q 56 -39.02 -10.08 50.58
C VAL Q 56 -39.40 -11.01 49.42
N CYS Q 57 -39.11 -12.32 49.54
CA CYS Q 57 -39.42 -13.21 48.43
C CYS Q 57 -40.92 -13.51 48.31
N LEU Q 58 -41.71 -13.26 49.36
CA LEU Q 58 -43.15 -13.40 49.22
C LEU Q 58 -43.83 -12.09 48.83
N CYS Q 59 -43.22 -10.95 49.16
CA CYS Q 59 -43.75 -9.68 48.67
C CYS Q 59 -43.45 -9.49 47.19
N LEU Q 60 -42.29 -9.97 46.72
CA LEU Q 60 -42.01 -9.93 45.29
C LEU Q 60 -42.76 -11.01 44.51
N PHE Q 61 -43.46 -11.92 45.18
CA PHE Q 61 -44.18 -13.00 44.51
C PHE Q 61 -45.59 -12.57 44.12
N LEU Q 62 -46.31 -11.90 45.02
CA LEU Q 62 -47.67 -11.49 44.72
C LEU Q 62 -47.72 -10.30 43.78
N LEU Q 63 -46.75 -9.39 43.87
CA LEU Q 63 -46.71 -8.19 43.05
C LEU Q 63 -45.70 -8.31 41.91
N SER Q 64 -45.48 -9.54 41.43
CA SER Q 64 -44.53 -9.75 40.34
C SER Q 64 -45.09 -9.25 39.00
N GLY Q 65 -46.32 -9.64 38.68
CA GLY Q 65 -46.95 -9.16 37.47
C GLY Q 65 -47.40 -7.72 37.51
N TRP Q 66 -47.50 -7.15 38.72
CA TRP Q 66 -47.88 -5.74 38.84
C TRP Q 66 -46.74 -4.80 38.48
N TYR Q 67 -45.50 -5.16 38.80
CA TYR Q 67 -44.37 -4.31 38.44
C TYR Q 67 -44.16 -4.21 36.93
N GLY Q 68 -44.52 -5.26 36.20
CA GLY Q 68 -44.34 -5.23 34.76
C GLY Q 68 -45.27 -4.29 34.05
N GLU Q 69 -46.39 -3.93 34.67
CA GLU Q 69 -47.35 -3.07 34.01
C GLU Q 69 -47.30 -1.66 34.56
N VAL Q 70 -46.29 -1.39 35.37
CA VAL Q 70 -45.93 -0.05 35.73
C VAL Q 70 -44.65 0.34 35.02
N LEU Q 71 -43.73 -0.61 34.83
CA LEU Q 71 -42.54 -0.36 34.03
C LEU Q 71 -42.88 -0.24 32.55
N LEU Q 72 -43.84 -1.02 32.05
CA LEU Q 72 -44.17 -0.93 30.64
C LEU Q 72 -44.99 0.31 30.35
N SER Q 73 -45.85 0.71 31.28
CA SER Q 73 -46.67 1.91 31.11
C SER Q 73 -45.83 3.17 31.20
N TYR Q 74 -44.76 3.17 31.98
CA TYR Q 74 -43.91 4.35 31.99
C TYR Q 74 -42.89 4.34 30.85
N GLY Q 75 -42.40 3.15 30.47
CA GLY Q 75 -41.42 3.05 29.42
C GLY Q 75 -41.99 3.28 28.03
N ARG Q 76 -43.29 3.06 27.85
CA ARG Q 76 -43.85 3.35 26.54
C ARG Q 76 -44.15 4.82 26.40
N GLN Q 77 -44.41 5.50 27.52
CA GLN Q 77 -44.74 6.93 27.49
C GLN Q 77 -43.48 7.76 27.23
N VAL Q 78 -42.36 7.36 27.84
CA VAL Q 78 -41.17 8.21 27.73
C VAL Q 78 -40.59 8.16 26.31
N ILE Q 79 -40.77 7.05 25.60
CA ILE Q 79 -40.28 7.01 24.23
C ILE Q 79 -41.21 7.81 23.31
N PHE Q 80 -42.51 7.88 23.64
CA PHE Q 80 -43.39 8.71 22.84
C PHE Q 80 -43.09 10.18 23.03
N LEU Q 81 -42.62 10.56 24.23
CA LEU Q 81 -42.18 11.94 24.43
C LEU Q 81 -40.84 12.19 23.76
N ALA Q 82 -40.06 11.14 23.57
CA ALA Q 82 -38.73 11.31 23.00
C ALA Q 82 -38.87 11.54 21.51
N LEU Q 83 -39.58 10.64 20.84
CA LEU Q 83 -39.67 10.65 19.39
C LEU Q 83 -40.64 11.70 18.89
N ALA Q 84 -41.86 11.76 19.46
CA ALA Q 84 -42.81 12.75 18.99
C ALA Q 84 -42.62 14.08 19.70
N ASP R 20 -78.90 -65.70 57.55
CA ASP R 20 -78.54 -64.51 56.80
C ASP R 20 -77.05 -64.22 56.86
N LYS R 21 -76.32 -64.75 55.88
CA LYS R 21 -74.87 -64.59 55.82
C LYS R 21 -74.54 -63.29 55.13
N ASP R 22 -73.64 -62.52 55.73
CA ASP R 22 -73.23 -61.25 55.13
C ASP R 22 -72.03 -61.46 54.21
N LEU R 23 -71.92 -60.60 53.21
CA LEU R 23 -70.84 -60.71 52.24
C LEU R 23 -70.13 -59.40 51.93
N LEU R 24 -70.74 -58.25 52.20
CA LEU R 24 -70.06 -56.98 52.06
C LEU R 24 -70.50 -56.06 53.18
N LYS R 25 -69.54 -55.46 53.88
CA LYS R 25 -69.83 -54.44 54.89
C LYS R 25 -69.04 -53.19 54.59
N GLY R 26 -69.41 -52.13 55.29
CA GLY R 26 -68.72 -50.86 55.18
C GLY R 26 -68.90 -50.20 53.84
N LEU R 27 -69.97 -50.53 53.12
CA LEU R 27 -70.14 -50.01 51.78
C LEU R 27 -70.66 -48.58 51.81
N ASP R 28 -70.68 -47.97 50.64
CA ASP R 28 -71.18 -46.63 50.48
C ASP R 28 -72.65 -46.69 50.04
N GLN R 29 -73.27 -45.52 49.97
CA GLN R 29 -74.64 -45.38 49.52
C GLN R 29 -74.76 -45.67 48.04
N GLU R 30 -73.83 -45.15 47.24
CA GLU R 30 -73.88 -45.34 45.80
C GLU R 30 -73.27 -46.66 45.38
N GLN R 31 -72.63 -47.40 46.29
CA GLN R 31 -72.14 -48.72 46.01
C GLN R 31 -73.15 -49.80 46.36
N ALA R 32 -73.97 -49.55 47.39
CA ALA R 32 -74.98 -50.55 47.74
C ALA R 32 -76.12 -50.59 46.75
N ASN R 33 -76.37 -49.48 46.06
CA ASN R 33 -77.39 -49.48 45.03
C ASN R 33 -76.89 -50.05 43.72
N GLU R 34 -75.63 -50.47 43.66
CA GLU R 34 -75.08 -51.16 42.51
C GLU R 34 -74.92 -52.64 42.79
N VAL R 35 -74.59 -53.00 44.03
CA VAL R 35 -74.52 -54.42 44.36
C VAL R 35 -75.92 -55.02 44.41
N ILE R 36 -76.90 -54.24 44.91
CA ILE R 36 -78.26 -54.76 44.97
C ILE R 36 -78.83 -54.88 43.56
N ALA R 37 -78.55 -53.89 42.70
CA ALA R 37 -79.04 -53.92 41.33
C ALA R 37 -78.38 -55.00 40.49
N VAL R 38 -77.18 -55.45 40.86
CA VAL R 38 -76.57 -56.54 40.10
C VAL R 38 -77.11 -57.88 40.59
N LEU R 39 -77.25 -58.04 41.91
CA LEU R 39 -77.71 -59.32 42.45
C LEU R 39 -79.16 -59.60 42.12
N GLN R 40 -80.05 -58.61 42.29
CA GLN R 40 -81.48 -58.86 42.03
C GLN R 40 -81.80 -59.07 40.56
N MET R 41 -80.88 -58.77 39.64
CA MET R 41 -81.06 -59.16 38.25
C MET R 41 -80.91 -60.65 38.07
N HIS R 42 -80.14 -61.30 38.93
CA HIS R 42 -79.84 -62.73 38.80
C HIS R 42 -80.60 -63.55 39.84
N ASN R 43 -81.79 -63.09 40.22
CA ASN R 43 -82.78 -63.83 41.01
C ASN R 43 -82.28 -64.18 42.41
N ILE R 44 -81.59 -63.25 43.06
CA ILE R 44 -81.29 -63.41 44.48
C ILE R 44 -81.65 -62.13 45.21
N GLU R 45 -82.18 -62.27 46.40
CA GLU R 45 -82.71 -61.16 47.18
C GLU R 45 -81.69 -60.76 48.22
N ALA R 46 -81.39 -59.46 48.30
CA ALA R 46 -80.41 -58.95 49.25
C ALA R 46 -81.05 -57.91 50.16
N ASN R 47 -80.35 -57.56 51.24
CA ASN R 47 -80.89 -56.60 52.18
C ASN R 47 -79.87 -55.52 52.46
N LYS R 48 -80.32 -54.28 52.51
CA LYS R 48 -79.46 -53.13 52.78
C LYS R 48 -79.65 -52.70 54.23
N ILE R 49 -78.63 -52.94 55.05
CA ILE R 49 -78.67 -52.65 56.48
C ILE R 49 -77.74 -51.48 56.75
N ASP R 50 -78.29 -50.38 57.27
CA ASP R 50 -77.49 -49.23 57.64
C ASP R 50 -76.76 -49.50 58.95
N SER R 51 -75.60 -48.84 59.13
CA SER R 51 -74.88 -49.00 60.38
C SER R 51 -74.35 -47.66 60.89
N GLY R 52 -74.94 -46.55 60.48
CA GLY R 52 -74.54 -45.25 60.99
C GLY R 52 -73.25 -44.76 60.39
N LYS R 53 -72.21 -44.67 61.21
CA LYS R 53 -70.93 -44.17 60.73
C LYS R 53 -70.18 -45.19 59.90
N LEU R 54 -70.47 -46.48 60.08
CA LEU R 54 -69.72 -47.54 59.41
C LEU R 54 -70.36 -48.00 58.11
N GLY R 55 -71.07 -47.12 57.41
CA GLY R 55 -71.60 -47.47 56.11
C GLY R 55 -72.75 -48.46 56.13
N TYR R 56 -72.95 -49.09 54.98
CA TYR R 56 -74.03 -50.04 54.78
C TYR R 56 -73.47 -51.46 54.75
N SER R 57 -74.38 -52.43 54.79
CA SER R 57 -74.03 -53.84 54.75
C SER R 57 -75.08 -54.58 53.94
N ILE R 58 -74.67 -55.68 53.30
CA ILE R 58 -75.53 -56.43 52.41
C ILE R 58 -75.50 -57.90 52.81
N THR R 59 -76.65 -58.43 53.18
CA THR R 59 -76.80 -59.82 53.59
C THR R 59 -77.81 -60.53 52.70
N VAL R 60 -77.41 -61.70 52.19
CA VAL R 60 -78.26 -62.54 51.38
C VAL R 60 -78.56 -63.81 52.17
N ALA R 61 -79.49 -64.60 51.67
CA ALA R 61 -79.84 -65.85 52.32
C ALA R 61 -78.77 -66.92 52.10
N GLU R 62 -78.89 -68.00 52.87
CA GLU R 62 -77.92 -69.08 52.83
C GLU R 62 -78.05 -69.95 51.57
N PRO R 63 -79.24 -70.28 51.04
CA PRO R 63 -79.23 -70.92 49.72
C PRO R 63 -78.77 -70.00 48.61
N ASP R 64 -78.95 -68.69 48.76
CA ASP R 64 -78.56 -67.72 47.75
C ASP R 64 -77.14 -67.19 47.96
N PHE R 65 -76.33 -67.85 48.77
CA PHE R 65 -75.00 -67.34 49.09
C PHE R 65 -73.93 -67.77 48.08
N THR R 66 -74.02 -69.02 47.59
CA THR R 66 -73.01 -69.53 46.68
C THR R 66 -73.07 -68.85 45.32
N ALA R 67 -74.26 -68.44 44.90
CA ALA R 67 -74.33 -67.72 43.63
C ALA R 67 -73.88 -66.28 43.83
N ALA R 68 -74.11 -65.73 45.02
CA ALA R 68 -73.84 -64.32 45.23
C ALA R 68 -72.35 -64.06 45.30
N VAL R 69 -71.56 -64.99 45.85
CA VAL R 69 -70.12 -64.74 45.85
C VAL R 69 -69.57 -64.87 44.43
N TYR R 70 -70.24 -65.67 43.59
CA TYR R 70 -69.78 -65.82 42.21
C TYR R 70 -70.06 -64.57 41.40
N TRP R 71 -71.19 -63.91 41.66
CA TRP R 71 -71.42 -62.69 40.89
C TRP R 71 -70.68 -61.50 41.47
N ILE R 72 -70.27 -61.56 42.74
CA ILE R 72 -69.39 -60.53 43.27
C ILE R 72 -68.02 -60.64 42.61
N LYS R 73 -67.54 -61.88 42.42
CA LYS R 73 -66.24 -62.08 41.81
C LYS R 73 -66.28 -61.76 40.31
N THR R 74 -67.40 -62.08 39.64
CA THR R 74 -67.47 -61.87 38.21
C THR R 74 -67.62 -60.39 37.87
N TYR R 75 -68.57 -59.71 38.49
CA TYR R 75 -68.75 -58.29 38.19
C TYR R 75 -67.76 -57.37 38.90
N GLN R 76 -66.88 -57.92 39.76
CA GLN R 76 -65.85 -57.17 40.49
C GLN R 76 -66.44 -56.07 41.38
N LEU R 77 -67.55 -56.36 42.00
CA LEU R 77 -68.18 -55.45 42.94
C LEU R 77 -67.42 -55.45 44.27
N PRO R 78 -67.44 -54.33 45.01
CA PRO R 78 -68.04 -53.01 44.82
C PRO R 78 -67.30 -52.13 43.83
N PRO R 79 -68.00 -51.23 43.15
CA PRO R 79 -67.35 -50.43 42.11
C PRO R 79 -66.42 -49.38 42.70
N ARG R 80 -65.31 -49.17 42.01
CA ARG R 80 -64.39 -48.11 42.39
C ARG R 80 -64.99 -46.76 41.99
N PRO R 81 -64.62 -45.68 42.67
CA PRO R 81 -65.07 -44.35 42.23
C PRO R 81 -64.41 -43.96 40.91
N ARG R 82 -65.17 -43.22 40.10
CA ARG R 82 -64.73 -42.91 38.76
C ARG R 82 -63.63 -41.86 38.78
N VAL R 83 -62.65 -42.05 37.93
CA VAL R 83 -61.45 -41.22 37.91
C VAL R 83 -61.59 -40.15 36.84
N GLU R 84 -61.07 -38.96 37.14
CA GLU R 84 -60.94 -37.90 36.16
C GLU R 84 -59.51 -37.43 36.17
N ILE R 85 -59.13 -36.72 35.11
CA ILE R 85 -57.74 -36.28 34.98
C ILE R 85 -57.45 -35.12 35.92
N ALA R 86 -58.46 -34.39 36.34
CA ALA R 86 -58.28 -33.25 37.22
C ALA R 86 -58.06 -33.65 38.68
N GLN R 87 -58.08 -34.94 39.01
CA GLN R 87 -57.77 -35.39 40.36
C GLN R 87 -56.29 -35.67 40.56
N MET R 88 -55.55 -35.87 39.48
CA MET R 88 -54.12 -36.11 39.62
C MET R 88 -53.34 -34.82 39.81
N PHE R 89 -53.89 -33.70 39.33
CA PHE R 89 -53.27 -32.38 39.47
C PHE R 89 -54.18 -31.49 40.30
N PRO R 90 -54.08 -31.54 41.62
CA PRO R 90 -54.96 -30.72 42.45
C PRO R 90 -54.52 -29.27 42.46
N ALA R 91 -55.50 -28.39 42.74
CA ALA R 91 -55.32 -26.96 42.68
C ALA R 91 -54.83 -26.35 44.00
N ASP R 92 -54.24 -27.14 44.89
CA ASP R 92 -53.71 -26.64 46.15
C ASP R 92 -52.21 -26.36 46.08
N SER R 93 -51.68 -26.09 44.89
CA SER R 93 -50.27 -25.80 44.72
C SER R 93 -50.04 -24.29 44.66
N LEU R 94 -48.77 -23.91 44.55
CA LEU R 94 -48.39 -22.52 44.44
C LEU R 94 -48.12 -22.08 43.01
N VAL R 95 -47.41 -22.88 42.22
CA VAL R 95 -47.19 -22.61 40.80
C VAL R 95 -47.44 -23.91 40.04
N SER R 96 -48.33 -23.88 39.06
CA SER R 96 -48.67 -25.04 38.26
C SER R 96 -48.01 -24.97 36.89
N SER R 97 -47.55 -26.11 36.40
CA SER R 97 -46.94 -26.20 35.09
C SER R 97 -47.99 -26.03 34.00
N PRO R 98 -47.57 -25.65 32.77
CA PRO R 98 -48.54 -25.60 31.67
C PRO R 98 -49.08 -26.96 31.27
N ARG R 99 -48.35 -28.04 31.58
CA ARG R 99 -48.91 -29.36 31.37
C ARG R 99 -49.99 -29.64 32.41
N ALA R 100 -49.81 -29.13 33.61
CA ALA R 100 -50.77 -29.32 34.67
C ALA R 100 -51.86 -28.27 34.65
N GLU R 101 -51.89 -27.45 33.60
CA GLU R 101 -53.00 -26.54 33.36
C GLU R 101 -53.78 -26.91 32.12
N LYS R 102 -53.12 -27.46 31.10
CA LYS R 102 -53.86 -28.01 29.98
C LYS R 102 -54.54 -29.32 30.35
N ALA R 103 -54.01 -30.06 31.33
CA ALA R 103 -54.71 -31.26 31.72
C ALA R 103 -55.90 -30.95 32.61
N ARG R 104 -55.85 -29.84 33.32
CA ARG R 104 -56.95 -29.46 34.19
C ARG R 104 -57.98 -28.63 33.44
N LEU R 105 -57.65 -28.17 32.23
CA LEU R 105 -58.63 -27.51 31.38
C LEU R 105 -59.37 -28.54 30.52
N TYR R 106 -58.63 -29.48 29.94
CA TYR R 106 -59.28 -30.52 29.16
C TYR R 106 -60.08 -31.48 30.03
N SER R 107 -59.73 -31.60 31.31
CA SER R 107 -60.52 -32.46 32.16
C SER R 107 -61.78 -31.79 32.67
N ALA R 108 -62.01 -30.52 32.34
CA ALA R 108 -63.27 -29.89 32.66
C ALA R 108 -64.11 -29.69 31.42
N ILE R 109 -63.48 -29.80 30.26
CA ILE R 109 -64.26 -29.76 29.03
C ILE R 109 -64.87 -31.12 28.77
N GLU R 110 -64.11 -32.20 28.98
CA GLU R 110 -64.69 -33.51 28.70
C GLU R 110 -65.72 -33.92 29.75
N GLN R 111 -65.73 -33.28 30.93
CA GLN R 111 -66.86 -33.42 31.85
C GLN R 111 -68.07 -32.60 31.44
N ARG R 112 -67.85 -31.39 30.92
CA ARG R 112 -68.99 -30.55 30.57
C ARG R 112 -69.69 -31.04 29.31
N LEU R 113 -68.96 -31.66 28.37
CA LEU R 113 -69.62 -32.17 27.18
C LEU R 113 -70.47 -33.40 27.48
N GLU R 114 -70.11 -34.18 28.49
CA GLU R 114 -70.96 -35.31 28.81
C GLU R 114 -72.06 -34.91 29.77
N GLN R 115 -71.93 -33.76 30.43
CA GLN R 115 -73.10 -33.21 31.10
C GLN R 115 -74.11 -32.69 30.09
N SER R 116 -73.62 -32.21 28.94
CA SER R 116 -74.51 -31.65 27.92
C SER R 116 -75.09 -32.69 26.97
N LEU R 117 -74.47 -33.87 26.84
CA LEU R 117 -75.00 -34.91 25.98
C LEU R 117 -76.17 -35.66 26.58
N GLN R 118 -76.35 -35.62 27.90
CA GLN R 118 -77.48 -36.28 28.54
C GLN R 118 -78.78 -35.50 28.41
N THR R 119 -78.74 -34.26 27.92
CA THR R 119 -79.94 -33.46 27.76
C THR R 119 -80.58 -33.60 26.39
N MET R 120 -80.03 -34.42 25.51
CA MET R 120 -80.62 -34.66 24.21
C MET R 120 -81.85 -35.55 24.33
N GLU R 121 -82.56 -35.72 23.21
CA GLU R 121 -83.81 -36.48 23.21
C GLU R 121 -83.50 -37.96 23.00
N GLY R 122 -83.49 -38.70 24.11
CA GLY R 122 -83.34 -40.14 24.05
C GLY R 122 -82.14 -40.69 24.78
N VAL R 123 -81.21 -39.85 25.22
CA VAL R 123 -79.98 -40.33 25.83
C VAL R 123 -80.24 -40.61 27.30
N LEU R 124 -79.65 -41.69 27.81
CA LEU R 124 -79.66 -41.97 29.24
C LEU R 124 -78.30 -41.80 29.87
N SER R 125 -77.23 -42.12 29.13
CA SER R 125 -75.87 -41.93 29.61
C SER R 125 -74.98 -41.65 28.41
N ALA R 126 -73.84 -41.04 28.68
CA ALA R 126 -72.87 -40.70 27.65
C ALA R 126 -71.50 -40.56 28.28
N ARG R 127 -70.46 -40.86 27.51
CA ARG R 127 -69.08 -40.69 27.97
C ARG R 127 -68.21 -40.20 26.83
N VAL R 128 -67.46 -39.12 27.07
CA VAL R 128 -66.68 -38.45 26.03
C VAL R 128 -65.21 -38.42 26.42
N HIS R 129 -64.34 -38.76 25.46
CA HIS R 129 -62.89 -38.76 25.60
C HIS R 129 -62.27 -37.82 24.58
N ILE R 130 -61.34 -36.98 25.03
CA ILE R 130 -60.62 -36.04 24.19
C ILE R 130 -59.16 -36.47 24.18
N SER R 131 -58.49 -36.31 23.03
CA SER R 131 -57.08 -36.61 22.97
C SER R 131 -56.28 -35.54 23.69
N TYR R 132 -55.32 -35.96 24.51
CA TYR R 132 -54.53 -35.05 25.32
C TYR R 132 -53.20 -34.76 24.63
N ASP R 133 -52.85 -33.49 24.53
CA ASP R 133 -51.61 -33.03 23.92
C ASP R 133 -50.80 -32.30 24.97
N ILE R 134 -49.59 -32.78 25.22
CA ILE R 134 -48.78 -32.28 26.32
C ILE R 134 -47.38 -31.87 25.85
N ASP R 135 -46.70 -32.75 25.14
CA ASP R 135 -45.30 -32.58 24.77
C ASP R 135 -45.10 -31.69 23.56
N ALA R 136 -46.17 -31.36 22.83
CA ALA R 136 -46.05 -30.47 21.68
C ALA R 136 -45.81 -29.03 22.09
N GLY R 137 -46.16 -28.65 23.31
CA GLY R 137 -45.91 -27.31 23.79
C GLY R 137 -44.50 -27.09 24.31
N GLU R 138 -43.82 -28.17 24.69
CA GLU R 138 -42.44 -28.05 25.16
C GLU R 138 -41.49 -27.73 24.01
N ASN R 139 -41.69 -28.33 22.84
CA ASN R 139 -40.90 -27.99 21.69
C ASN R 139 -41.57 -26.87 20.89
N GLY R 140 -41.07 -26.62 19.68
CA GLY R 140 -41.56 -25.58 18.81
C GLY R 140 -42.46 -26.05 17.70
N ARG R 141 -42.64 -27.35 17.56
CA ARG R 141 -43.55 -27.89 16.56
C ARG R 141 -44.99 -27.68 17.04
N PRO R 142 -45.89 -27.26 16.14
CA PRO R 142 -47.25 -26.96 16.57
C PRO R 142 -48.01 -28.24 16.91
N PRO R 143 -48.98 -28.16 17.83
CA PRO R 143 -49.74 -29.35 18.20
C PRO R 143 -50.67 -29.79 17.08
N LYS R 144 -50.98 -31.07 17.08
CA LYS R 144 -51.74 -31.68 16.00
C LYS R 144 -53.23 -31.45 16.24
N PRO R 145 -54.08 -31.95 15.34
CA PRO R 145 -55.52 -31.80 15.53
C PRO R 145 -56.01 -32.67 16.68
N VAL R 146 -57.15 -32.29 17.23
CA VAL R 146 -57.69 -32.99 18.38
C VAL R 146 -58.70 -34.03 17.91
N HIS R 147 -58.76 -35.13 18.65
CA HIS R 147 -59.59 -36.27 18.34
C HIS R 147 -60.59 -36.48 19.47
N LEU R 148 -61.81 -36.87 19.12
CA LEU R 148 -62.87 -37.07 20.09
C LEU R 148 -63.43 -38.47 19.97
N SER R 149 -64.01 -38.95 21.07
CA SER R 149 -64.69 -40.24 21.03
C SER R 149 -65.81 -40.26 22.05
N ALA R 150 -66.89 -40.98 21.73
CA ALA R 150 -68.05 -40.93 22.61
C ALA R 150 -68.82 -42.23 22.59
N LEU R 151 -69.36 -42.58 23.76
CA LEU R 151 -70.28 -43.70 23.91
C LEU R 151 -71.60 -43.16 24.43
N ALA R 152 -72.67 -43.91 24.19
CA ALA R 152 -73.99 -43.48 24.60
C ALA R 152 -74.90 -44.68 24.80
N VAL R 153 -75.91 -44.48 25.65
CA VAL R 153 -76.90 -45.51 25.94
C VAL R 153 -78.28 -44.90 25.72
N TYR R 154 -79.07 -45.52 24.85
CA TYR R 154 -80.34 -44.98 24.40
C TYR R 154 -81.52 -45.74 25.00
N GLU R 155 -82.63 -45.01 25.14
CA GLU R 155 -83.91 -45.66 25.39
C GLU R 155 -84.34 -46.43 24.16
N ARG R 156 -84.84 -47.65 24.37
CA ARG R 156 -85.11 -48.54 23.25
C ARG R 156 -86.34 -48.09 22.47
N GLY R 157 -86.38 -48.46 21.20
CA GLY R 157 -87.38 -47.98 20.29
C GLY R 157 -86.96 -46.81 19.41
N SER R 158 -85.68 -46.47 19.40
CA SER R 158 -85.18 -45.33 18.64
C SER R 158 -84.38 -45.79 17.44
N PRO R 159 -84.48 -45.09 16.31
CA PRO R 159 -83.65 -45.43 15.15
C PRO R 159 -82.22 -44.97 15.36
N LEU R 160 -81.41 -45.81 16.00
CA LEU R 160 -80.10 -45.40 16.47
C LEU R 160 -79.03 -45.36 15.37
N ALA R 161 -79.40 -45.43 14.11
CA ALA R 161 -78.46 -45.19 13.02
C ALA R 161 -78.47 -43.74 12.56
N HIS R 162 -79.58 -43.04 12.74
CA HIS R 162 -79.70 -41.63 12.39
C HIS R 162 -79.27 -40.68 13.50
N GLN R 163 -78.89 -41.18 14.67
CA GLN R 163 -78.52 -40.29 15.77
C GLN R 163 -77.03 -39.96 15.78
N ILE R 164 -76.25 -40.65 14.95
CA ILE R 164 -74.84 -40.31 14.83
C ILE R 164 -74.69 -39.02 14.05
N SER R 165 -75.65 -38.72 13.17
CA SER R 165 -75.60 -37.45 12.46
C SER R 165 -75.89 -36.27 13.37
N ASP R 166 -76.52 -36.48 14.52
CA ASP R 166 -76.77 -35.39 15.44
C ASP R 166 -75.66 -35.26 16.47
N ILE R 167 -75.04 -36.38 16.83
CA ILE R 167 -73.95 -36.25 17.80
C ILE R 167 -72.66 -35.81 17.13
N LYS R 168 -72.43 -36.20 15.87
CA LYS R 168 -71.24 -35.73 15.16
C LYS R 168 -71.36 -34.25 14.82
N ARG R 169 -72.57 -33.79 14.52
CA ARG R 169 -72.76 -32.38 14.21
C ARG R 169 -72.65 -31.54 15.48
N PHE R 170 -73.06 -32.08 16.63
CA PHE R 170 -72.93 -31.32 17.86
C PHE R 170 -71.48 -31.27 18.31
N LEU R 171 -70.73 -32.36 18.10
CA LEU R 171 -69.34 -32.44 18.53
C LEU R 171 -68.34 -31.83 17.57
N LYS R 172 -68.75 -31.46 16.35
CA LYS R 172 -67.78 -31.06 15.33
C LYS R 172 -67.17 -29.70 15.62
N ASN R 173 -67.99 -28.71 15.92
CA ASN R 173 -67.51 -27.36 16.13
C ASN R 173 -67.69 -26.92 17.58
N SER R 174 -67.33 -27.81 18.49
CA SER R 174 -67.14 -27.44 19.88
C SER R 174 -65.66 -27.38 20.24
N PHE R 175 -64.79 -27.49 19.24
CA PHE R 175 -63.34 -27.40 19.41
C PHE R 175 -62.78 -26.53 18.30
N ALA R 176 -61.46 -26.55 18.17
CA ALA R 176 -60.79 -25.65 17.23
C ALA R 176 -61.02 -26.06 15.79
N ASP R 177 -60.53 -27.23 15.41
CA ASP R 177 -60.75 -27.74 14.05
C ASP R 177 -60.63 -29.26 14.09
N VAL R 178 -61.77 -29.95 14.00
CA VAL R 178 -61.75 -31.38 13.83
C VAL R 178 -62.38 -31.70 12.48
N ASP R 179 -62.17 -32.91 12.03
CA ASP R 179 -62.85 -33.42 10.85
C ASP R 179 -63.88 -34.45 11.28
N TYR R 180 -64.69 -34.88 10.33
CA TYR R 180 -65.64 -35.94 10.61
C TYR R 180 -64.99 -37.30 10.66
N ASP R 181 -63.72 -37.39 10.29
CA ASP R 181 -62.97 -38.63 10.39
C ASP R 181 -62.31 -38.79 11.75
N ASN R 182 -62.23 -37.73 12.53
CA ASN R 182 -61.59 -37.77 13.84
C ASN R 182 -62.56 -37.90 14.99
N ILE R 183 -63.84 -38.16 14.72
CA ILE R 183 -64.85 -38.38 15.74
C ILE R 183 -65.41 -39.78 15.53
N SER R 184 -65.53 -40.55 16.61
CA SER R 184 -66.06 -41.90 16.57
C SER R 184 -67.13 -42.07 17.63
N VAL R 185 -68.33 -42.40 17.20
CA VAL R 185 -69.49 -42.57 18.07
C VAL R 185 -69.85 -44.05 18.09
N VAL R 186 -69.82 -44.65 19.27
CA VAL R 186 -70.22 -46.05 19.45
C VAL R 186 -71.36 -46.07 20.46
N LEU R 187 -72.58 -46.26 19.99
CA LEU R 187 -73.74 -46.17 20.88
C LEU R 187 -74.56 -47.45 20.85
N SER R 188 -75.38 -47.62 21.88
CA SER R 188 -76.15 -48.85 22.03
C SER R 188 -77.47 -48.55 22.72
N GLU R 189 -78.37 -49.52 22.69
CA GLU R 189 -79.67 -49.43 23.33
C GLU R 189 -79.63 -50.05 24.71
N ARG R 190 -80.58 -49.65 25.55
CA ARG R 190 -80.58 -50.15 26.92
C ARG R 190 -81.12 -51.57 26.97
N SER R 191 -80.84 -52.24 28.09
CA SER R 191 -81.14 -53.66 28.26
C SER R 191 -82.62 -53.84 28.61
N ASP R 192 -83.01 -55.07 28.91
CA ASP R 192 -84.38 -55.34 29.28
C ASP R 192 -84.64 -54.87 30.70
N ALA R 193 -85.86 -54.39 30.94
CA ALA R 193 -86.21 -53.83 32.24
C ALA R 193 -86.45 -54.93 33.25
N GLN R 194 -86.03 -54.68 34.48
CA GLN R 194 -86.25 -55.59 35.60
C GLN R 194 -87.30 -54.98 36.51
N LEU R 195 -88.50 -55.56 36.51
CA LEU R 195 -89.61 -55.00 37.26
C LEU R 195 -90.22 -55.95 38.28
N GLN R 196 -90.04 -57.26 38.14
CA GLN R 196 -90.65 -58.21 39.06
C GLN R 196 -89.69 -58.59 40.17
N ALA R 197 -90.27 -58.96 41.31
CA ALA R 197 -89.51 -59.30 42.50
C ALA R 197 -88.79 -60.62 42.33
N PRO R 198 -87.62 -60.81 42.99
CA PRO R 198 -86.87 -62.06 42.86
C PRO R 198 -87.59 -63.29 43.41
N GLY R 199 -87.99 -63.25 44.67
CA GLY R 199 -88.66 -64.40 45.27
C GLY R 199 -87.81 -65.10 46.31
N THR R 200 -88.40 -65.34 47.47
CA THR R 200 -87.67 -65.93 48.58
C THR R 200 -87.55 -67.45 48.41
N PRO R 201 -86.42 -68.02 48.84
CA PRO R 201 -86.25 -69.47 48.80
C PRO R 201 -87.11 -70.15 49.86
N VAL R 202 -87.91 -71.13 49.43
CA VAL R 202 -88.74 -71.89 50.36
C VAL R 202 -88.00 -73.16 50.74
N LYS R 203 -88.02 -73.50 52.02
CA LYS R 203 -87.37 -74.71 52.51
C LYS R 203 -88.31 -75.52 53.39
N ASP S 20 -91.78 -48.23 52.48
CA ASP S 20 -91.14 -48.00 53.77
C ASP S 20 -89.63 -48.18 53.69
N LYS S 21 -89.17 -48.88 52.66
CA LYS S 21 -87.74 -49.07 52.45
C LYS S 21 -87.12 -47.82 51.88
N ASP S 22 -85.95 -47.46 52.36
CA ASP S 22 -85.22 -46.32 51.82
C ASP S 22 -84.28 -46.75 50.71
N LEU S 23 -84.01 -45.84 49.79
CA LEU S 23 -83.09 -46.14 48.71
C LEU S 23 -82.01 -45.07 48.58
N LEU S 24 -82.32 -43.84 48.97
CA LEU S 24 -81.34 -42.77 49.00
C LEU S 24 -81.58 -41.93 50.25
N LYS S 25 -80.50 -41.40 50.80
CA LYS S 25 -80.60 -40.51 51.95
C LYS S 25 -79.40 -39.57 51.94
N GLY S 26 -79.54 -38.48 52.69
CA GLY S 26 -78.49 -37.48 52.71
C GLY S 26 -78.40 -36.66 51.45
N LEU S 27 -79.50 -36.52 50.72
CA LEU S 27 -79.50 -35.86 49.43
C LEU S 27 -79.58 -34.35 49.60
N ASP S 28 -79.67 -33.67 48.47
CA ASP S 28 -79.81 -32.22 48.40
C ASP S 28 -81.23 -31.94 47.93
N GLN S 29 -81.64 -30.68 48.04
CA GLN S 29 -82.98 -30.27 47.65
C GLN S 29 -83.18 -30.36 46.14
N GLU S 30 -82.17 -29.95 45.37
CA GLU S 30 -82.24 -30.08 43.92
C GLU S 30 -82.02 -31.51 43.45
N GLN S 31 -81.41 -32.36 44.28
CA GLN S 31 -81.21 -33.76 43.90
C GLN S 31 -82.47 -34.58 44.13
N ALA S 32 -83.19 -34.30 45.22
CA ALA S 32 -84.34 -35.12 45.55
C ALA S 32 -85.51 -34.87 44.62
N ASN S 33 -85.60 -33.67 44.04
CA ASN S 33 -86.67 -33.41 43.09
C ASN S 33 -86.38 -34.05 41.74
N GLU S 34 -85.13 -34.45 41.51
CA GLU S 34 -84.77 -35.14 40.29
C GLU S 34 -84.85 -36.63 40.46
N VAL S 35 -84.77 -37.11 41.70
CA VAL S 35 -85.04 -38.53 41.86
C VAL S 35 -86.54 -38.77 41.87
N ILE S 36 -87.30 -37.83 42.45
CA ILE S 36 -88.75 -37.94 42.48
C ILE S 36 -89.36 -37.79 41.08
N ALA S 37 -88.88 -36.82 40.29
CA ALA S 37 -89.44 -36.61 38.97
C ALA S 37 -89.14 -37.73 38.00
N VAL S 38 -88.15 -38.56 38.30
CA VAL S 38 -87.85 -39.71 37.47
C VAL S 38 -88.65 -40.92 37.91
N LEU S 39 -88.78 -41.13 39.23
CA LEU S 39 -89.57 -42.28 39.68
C LEU S 39 -91.06 -42.11 39.39
N GLN S 40 -91.59 -40.88 39.45
CA GLN S 40 -93.00 -40.69 39.17
C GLN S 40 -93.37 -40.88 37.70
N MET S 41 -92.40 -40.80 36.79
CA MET S 41 -92.67 -41.05 35.38
C MET S 41 -92.93 -42.52 35.09
N HIS S 42 -92.42 -43.43 35.90
CA HIS S 42 -92.56 -44.87 35.65
C HIS S 42 -93.48 -45.52 36.66
N ASN S 43 -94.52 -44.80 37.09
CA ASN S 43 -95.64 -45.33 37.86
C ASN S 43 -95.25 -45.87 39.22
N ILE S 44 -94.20 -45.30 39.84
CA ILE S 44 -93.90 -45.61 41.23
C ILE S 44 -93.82 -44.30 41.99
N GLU S 45 -94.19 -44.35 43.26
CA GLU S 45 -94.41 -43.17 44.07
C GLU S 45 -93.41 -43.13 45.21
N ALA S 46 -92.71 -42.01 45.35
CA ALA S 46 -91.72 -41.85 46.40
C ALA S 46 -92.18 -40.81 47.42
N ASN S 47 -91.43 -40.72 48.51
CA ASN S 47 -91.73 -39.80 49.59
C ASN S 47 -90.46 -39.09 49.99
N LYS S 48 -90.58 -37.78 50.18
CA LYS S 48 -89.50 -36.90 50.58
C LYS S 48 -89.56 -36.62 52.08
N ILE S 49 -88.57 -37.10 52.81
CA ILE S 49 -88.51 -36.97 54.27
C ILE S 49 -87.35 -36.04 54.58
N ASP S 50 -87.63 -34.96 55.29
CA ASP S 50 -86.58 -34.03 55.69
C ASP S 50 -85.87 -34.54 56.93
N SER S 51 -84.60 -34.14 57.10
CA SER S 51 -83.90 -34.51 58.32
C SER S 51 -83.08 -33.34 58.87
N GLY S 52 -83.41 -32.11 58.49
CA GLY S 52 -82.74 -30.95 59.02
C GLY S 52 -81.34 -30.75 58.48
N LYS S 53 -80.34 -30.99 59.32
CA LYS S 53 -78.96 -30.77 58.91
C LYS S 53 -78.50 -31.89 57.99
N LEU S 54 -79.07 -33.08 58.14
CA LEU S 54 -78.65 -34.25 57.41
C LEU S 54 -79.25 -34.33 56.00
N GLY S 55 -79.94 -33.30 55.53
CA GLY S 55 -80.51 -33.35 54.21
C GLY S 55 -81.78 -34.18 54.11
N TYR S 56 -82.20 -34.37 52.87
CA TYR S 56 -83.44 -35.07 52.58
C TYR S 56 -83.18 -36.57 52.47
N SER S 57 -84.28 -37.32 52.38
CA SER S 57 -84.24 -38.77 52.27
C SER S 57 -85.46 -39.19 51.47
N ILE S 58 -85.34 -40.29 50.73
CA ILE S 58 -86.38 -40.69 49.78
C ILE S 58 -86.74 -42.14 50.07
N THR S 59 -88.02 -42.39 50.33
CA THR S 59 -88.51 -43.75 50.56
C THR S 59 -89.52 -44.13 49.50
N VAL S 60 -89.71 -45.43 49.30
CA VAL S 60 -90.70 -45.96 48.39
C VAL S 60 -91.49 -47.05 49.10
N ALA S 61 -92.42 -47.66 48.36
CA ALA S 61 -93.19 -48.77 48.87
C ALA S 61 -92.38 -50.05 48.76
N GLU S 62 -92.94 -51.14 49.25
CA GLU S 62 -92.27 -52.43 49.22
C GLU S 62 -92.33 -53.16 47.86
N PRO S 63 -93.46 -53.22 47.14
CA PRO S 63 -93.40 -53.86 45.81
C PRO S 63 -92.64 -53.07 44.77
N ASP S 64 -92.48 -51.76 44.92
CA ASP S 64 -91.77 -50.95 43.95
C ASP S 64 -90.29 -50.83 44.24
N PHE S 65 -89.78 -51.59 45.21
CA PHE S 65 -88.36 -51.49 45.55
C PHE S 65 -87.51 -52.17 44.49
N THR S 66 -88.03 -53.20 43.85
CA THR S 66 -87.24 -53.90 42.84
C THR S 66 -87.10 -53.03 41.60
N ALA S 67 -88.18 -52.35 41.22
CA ALA S 67 -88.14 -51.50 40.04
C ALA S 67 -87.39 -50.21 40.28
N ALA S 68 -87.40 -49.68 41.51
CA ALA S 68 -86.80 -48.37 41.73
C ALA S 68 -85.27 -48.40 41.66
N VAL S 69 -84.65 -49.50 42.11
CA VAL S 69 -83.20 -49.61 42.03
C VAL S 69 -82.74 -49.74 40.59
N TYR S 70 -83.60 -50.28 39.72
CA TYR S 70 -83.24 -50.39 38.31
C TYR S 70 -83.18 -49.02 37.64
N TRP S 71 -84.05 -48.10 38.04
CA TRP S 71 -83.98 -46.77 37.46
C TRP S 71 -82.94 -45.89 38.14
N ILE S 72 -82.56 -46.20 39.37
CA ILE S 72 -81.44 -45.48 39.97
C ILE S 72 -80.16 -45.86 39.25
N LYS S 73 -80.00 -47.15 38.95
CA LYS S 73 -78.79 -47.61 38.26
C LYS S 73 -78.79 -47.16 36.81
N THR S 74 -79.96 -47.12 36.16
CA THR S 74 -80.01 -46.76 34.75
C THR S 74 -79.77 -45.27 34.56
N TYR S 75 -80.51 -44.42 35.29
CA TYR S 75 -80.35 -42.99 35.08
C TYR S 75 -79.18 -42.40 35.85
N GLN S 76 -78.42 -43.22 36.60
CA GLN S 76 -77.24 -42.79 37.37
C GLN S 76 -77.60 -41.69 38.37
N LEU S 77 -78.73 -41.83 39.02
CA LEU S 77 -79.17 -40.89 40.03
C LEU S 77 -78.49 -41.21 41.36
N PRO S 78 -78.23 -40.21 42.22
CA PRO S 78 -78.46 -38.76 42.18
C PRO S 78 -77.52 -37.99 41.27
N PRO S 79 -77.98 -36.89 40.69
CA PRO S 79 -77.16 -36.19 39.69
C PRO S 79 -76.06 -35.36 40.32
N ARG S 80 -74.91 -35.33 39.66
CA ARG S 80 -73.81 -34.51 40.09
C ARG S 80 -74.12 -33.03 39.83
N PRO S 81 -73.52 -32.12 40.58
CA PRO S 81 -73.68 -30.69 40.25
C PRO S 81 -72.94 -30.35 38.97
N ARG S 82 -73.52 -29.41 38.23
CA ARG S 82 -72.97 -29.08 36.92
C ARG S 82 -71.67 -28.29 37.06
N VAL S 83 -70.75 -28.55 36.14
CA VAL S 83 -69.38 -28.06 36.23
C VAL S 83 -69.20 -26.93 35.23
N GLU S 84 -68.44 -25.90 35.64
CA GLU S 84 -68.01 -24.83 34.77
C GLU S 84 -66.49 -24.80 34.73
N ILE S 85 -65.96 -24.17 33.69
CA ILE S 85 -64.51 -24.08 33.53
C ILE S 85 -63.93 -23.10 34.55
N ALA S 86 -64.73 -22.14 35.01
CA ALA S 86 -64.25 -21.20 36.00
C ALA S 86 -64.11 -21.82 37.39
N GLN S 87 -64.62 -23.03 37.59
CA GLN S 87 -64.45 -23.70 38.87
C GLN S 87 -63.04 -24.27 39.03
N MET S 88 -62.40 -24.66 37.93
CA MET S 88 -61.05 -25.21 38.02
C MET S 88 -60.03 -24.13 38.30
N PHE S 89 -60.27 -22.91 37.83
CA PHE S 89 -59.40 -21.77 38.05
C PHE S 89 -60.14 -20.75 38.90
N PRO S 90 -60.00 -20.80 40.22
CA PRO S 90 -60.80 -19.94 41.08
C PRO S 90 -60.29 -18.50 41.06
N ALA S 91 -61.23 -17.57 41.24
CA ALA S 91 -60.92 -16.15 41.20
C ALA S 91 -60.15 -15.68 42.42
N ASP S 92 -60.21 -16.41 43.53
CA ASP S 92 -59.56 -15.99 44.78
C ASP S 92 -58.18 -16.60 44.95
N SER S 93 -57.48 -16.87 43.85
CA SER S 93 -56.12 -17.40 43.96
C SER S 93 -55.14 -16.25 44.21
N LEU S 94 -53.89 -16.63 44.47
CA LEU S 94 -52.85 -15.64 44.73
C LEU S 94 -52.32 -15.05 43.43
N VAL S 95 -51.75 -15.90 42.57
CA VAL S 95 -51.28 -15.48 41.27
C VAL S 95 -52.20 -16.07 40.21
N SER S 96 -52.15 -15.48 39.02
CA SER S 96 -53.03 -15.88 37.92
C SER S 96 -52.28 -15.74 36.61
N SER S 97 -51.97 -16.87 35.99
CA SER S 97 -51.36 -16.86 34.67
C SER S 97 -52.32 -16.36 33.60
N PRO S 98 -51.78 -15.80 32.50
CA PRO S 98 -52.66 -15.37 31.41
C PRO S 98 -53.33 -16.52 30.70
N ARG S 99 -52.81 -17.73 30.84
CA ARG S 99 -53.52 -18.91 30.38
C ARG S 99 -54.72 -19.15 31.28
N ALA S 100 -54.58 -18.86 32.57
CA ALA S 100 -55.63 -19.06 33.54
C ALA S 100 -56.56 -17.86 33.66
N GLU S 101 -56.44 -16.88 32.77
CA GLU S 101 -57.39 -15.78 32.74
C GLU S 101 -58.32 -15.81 31.54
N LYS S 102 -57.88 -16.37 30.41
CA LYS S 102 -58.80 -16.53 29.30
C LYS S 102 -59.79 -17.67 29.49
N ALA S 103 -59.47 -18.66 30.31
CA ALA S 103 -60.48 -19.67 30.60
C ALA S 103 -61.54 -19.13 31.56
N ARG S 104 -61.17 -18.16 32.37
CA ARG S 104 -62.16 -17.53 33.24
C ARG S 104 -62.94 -16.46 32.50
N LEU S 105 -62.45 -16.01 31.36
CA LEU S 105 -63.24 -15.06 30.58
C LEU S 105 -64.25 -15.80 29.70
N TYR S 106 -63.78 -16.87 29.03
CA TYR S 106 -64.66 -17.66 28.19
C TYR S 106 -65.70 -18.41 29.00
N SER S 107 -65.39 -18.79 30.24
CA SER S 107 -66.38 -19.52 31.00
C SER S 107 -67.52 -18.64 31.50
N ALA S 108 -67.33 -17.33 31.55
CA ALA S 108 -68.43 -16.44 31.89
C ALA S 108 -69.18 -15.96 30.66
N ILE S 109 -68.51 -15.97 29.50
CA ILE S 109 -69.21 -15.62 28.26
C ILE S 109 -70.17 -16.74 27.88
N GLU S 110 -69.69 -17.99 27.92
CA GLU S 110 -70.57 -19.09 27.60
C GLU S 110 -71.60 -19.35 28.70
N GLN S 111 -71.41 -18.76 29.88
CA GLN S 111 -72.44 -18.83 30.91
C GLN S 111 -73.54 -17.82 30.68
N ARG S 112 -73.24 -16.64 30.13
CA ARG S 112 -74.34 -15.69 29.96
C ARG S 112 -74.93 -15.70 28.56
N LEU S 113 -74.37 -16.46 27.63
CA LEU S 113 -75.10 -16.66 26.37
C LEU S 113 -76.22 -17.68 26.53
N GLU S 114 -76.10 -18.61 27.46
CA GLU S 114 -77.20 -19.54 27.64
C GLU S 114 -78.23 -18.99 28.61
N GLN S 115 -77.89 -17.95 29.38
CA GLN S 115 -78.92 -17.24 30.11
C GLN S 115 -79.58 -16.20 29.24
N SER S 116 -78.96 -15.86 28.10
CA SER S 116 -79.57 -14.97 27.14
C SER S 116 -80.45 -15.71 26.14
N LEU S 117 -80.28 -17.02 26.00
CA LEU S 117 -81.11 -17.80 25.08
C LEU S 117 -82.43 -18.30 25.66
N GLN S 118 -82.58 -18.34 26.97
CA GLN S 118 -83.86 -18.72 27.57
C GLN S 118 -84.89 -17.60 27.55
N THR S 119 -84.50 -16.40 27.19
CA THR S 119 -85.41 -15.27 27.12
C THR S 119 -86.00 -15.12 25.72
N MET S 120 -85.65 -16.01 24.80
CA MET S 120 -86.35 -16.03 23.53
C MET S 120 -87.71 -16.69 23.71
N GLU S 121 -88.54 -16.61 22.68
CA GLU S 121 -89.86 -17.21 22.76
C GLU S 121 -89.78 -18.72 22.58
N GLY S 122 -90.62 -19.43 23.33
CA GLY S 122 -90.69 -20.87 23.20
C GLY S 122 -89.65 -21.68 23.95
N VAL S 123 -88.45 -21.13 24.12
CA VAL S 123 -87.33 -21.87 24.67
C VAL S 123 -87.48 -22.04 26.18
N LEU S 124 -87.21 -23.25 26.67
CA LEU S 124 -87.22 -23.54 28.09
C LEU S 124 -85.83 -23.76 28.65
N SER S 125 -84.94 -24.38 27.88
CA SER S 125 -83.58 -24.61 28.31
C SER S 125 -82.66 -24.48 27.11
N ALA S 126 -81.40 -24.22 27.39
CA ALA S 126 -80.38 -24.03 26.36
C ALA S 126 -79.00 -24.26 26.97
N ARG S 127 -78.07 -24.68 26.11
CA ARG S 127 -76.68 -24.90 26.51
C ARG S 127 -75.76 -24.51 25.36
N VAL S 128 -74.72 -23.72 25.66
CA VAL S 128 -73.81 -23.18 24.65
C VAL S 128 -72.38 -23.61 24.97
N HIS S 129 -71.60 -23.93 23.94
CA HIS S 129 -70.19 -24.26 24.05
C HIS S 129 -69.37 -23.40 23.10
N ILE S 130 -68.20 -22.97 23.55
CA ILE S 130 -67.26 -22.16 22.79
C ILE S 130 -65.98 -22.96 22.60
N SER S 131 -65.26 -22.69 21.52
CA SER S 131 -63.95 -23.29 21.32
C SER S 131 -62.90 -22.54 22.11
N TYR S 132 -62.13 -23.27 22.91
CA TYR S 132 -61.12 -22.70 23.81
C TYR S 132 -59.76 -22.78 23.14
N ASP S 133 -59.30 -21.67 22.57
CA ASP S 133 -57.96 -21.59 22.00
C ASP S 133 -57.14 -20.61 22.82
N ILE S 134 -56.16 -21.14 23.55
CA ILE S 134 -55.31 -20.31 24.39
C ILE S 134 -53.86 -20.43 23.96
N ASP S 135 -53.50 -21.59 23.40
CA ASP S 135 -52.11 -21.89 23.03
C ASP S 135 -51.64 -21.12 21.81
N ALA S 136 -52.57 -20.74 20.92
CA ALA S 136 -52.25 -20.07 19.66
C ALA S 136 -52.03 -18.58 19.80
N GLY S 137 -52.05 -18.03 21.02
CA GLY S 137 -51.94 -16.60 21.19
C GLY S 137 -50.52 -16.09 21.34
N GLU S 138 -49.70 -16.77 22.14
CA GLU S 138 -48.40 -16.23 22.56
C GLU S 138 -47.28 -16.74 21.66
N ASN S 139 -47.37 -16.36 20.39
CA ASN S 139 -46.33 -16.59 19.40
C ASN S 139 -46.49 -15.57 18.28
N GLY S 140 -45.74 -15.75 17.22
CA GLY S 140 -45.91 -15.00 15.99
C GLY S 140 -46.96 -15.58 15.06
N ARG S 141 -47.58 -16.69 15.45
CA ARG S 141 -48.62 -17.29 14.64
C ARG S 141 -49.90 -16.46 14.71
N PRO S 142 -50.72 -16.49 13.66
CA PRO S 142 -52.01 -15.81 13.72
C PRO S 142 -52.99 -16.59 14.58
N PRO S 143 -53.95 -15.93 15.20
CA PRO S 143 -54.97 -16.66 15.95
C PRO S 143 -55.90 -17.39 15.00
N LYS S 144 -56.57 -18.40 15.51
CA LYS S 144 -57.44 -19.22 14.70
C LYS S 144 -58.88 -18.82 14.90
N PRO S 145 -59.80 -19.40 14.13
CA PRO S 145 -61.21 -19.03 14.25
C PRO S 145 -61.81 -19.60 15.52
N VAL S 146 -63.02 -19.12 15.85
CA VAL S 146 -63.72 -19.53 17.04
C VAL S 146 -65.04 -20.18 16.63
N HIS S 147 -65.32 -21.35 17.21
CA HIS S 147 -66.48 -22.16 16.86
C HIS S 147 -67.43 -22.19 18.04
N LEU S 148 -68.71 -22.35 17.77
CA LEU S 148 -69.73 -22.41 18.79
C LEU S 148 -70.64 -23.62 18.57
N SER S 149 -71.41 -23.95 19.59
CA SER S 149 -72.44 -24.96 19.45
C SER S 149 -73.50 -24.72 20.49
N ALA S 150 -74.73 -25.13 20.19
CA ALA S 150 -75.85 -24.84 21.08
C ALA S 150 -76.85 -25.98 21.05
N LEU S 151 -77.61 -26.06 22.12
CA LEU S 151 -78.71 -27.00 22.25
C LEU S 151 -79.87 -26.27 22.89
N ALA S 152 -81.10 -26.69 22.55
CA ALA S 152 -82.27 -26.01 23.10
C ALA S 152 -83.45 -26.97 23.16
N VAL S 153 -84.37 -26.67 24.08
CA VAL S 153 -85.60 -27.45 24.25
C VAL S 153 -86.77 -26.50 24.14
N TYR S 154 -87.50 -26.60 23.03
CA TYR S 154 -88.60 -25.71 22.71
C TYR S 154 -89.93 -26.24 23.19
N GLU S 155 -90.85 -25.32 23.48
CA GLU S 155 -92.23 -25.70 23.78
C GLU S 155 -92.88 -26.29 22.54
N ARG S 156 -93.66 -27.34 22.74
CA ARG S 156 -94.22 -28.07 21.61
C ARG S 156 -95.33 -27.27 20.94
N GLY S 157 -95.56 -27.58 19.67
CA GLY S 157 -96.45 -26.79 18.84
C GLY S 157 -95.77 -25.71 18.03
N SER S 158 -94.45 -25.73 17.92
CA SER S 158 -93.75 -24.67 17.24
C SER S 158 -93.10 -25.18 15.96
N PRO S 159 -93.01 -24.34 14.93
CA PRO S 159 -92.26 -24.75 13.73
C PRO S 159 -90.77 -24.64 13.96
N LEU S 160 -90.18 -25.69 14.53
CA LEU S 160 -88.80 -25.67 15.01
C LEU S 160 -87.76 -25.77 13.90
N ALA S 161 -88.17 -25.80 12.63
CA ALA S 161 -87.20 -25.74 11.54
C ALA S 161 -86.89 -24.33 11.11
N HIS S 162 -87.76 -23.36 11.43
CA HIS S 162 -87.54 -21.98 11.06
C HIS S 162 -86.88 -21.17 12.16
N GLN S 163 -86.93 -21.64 13.40
CA GLN S 163 -86.30 -20.97 14.53
C GLN S 163 -84.82 -21.30 14.67
N ILE S 164 -84.31 -22.19 13.81
CA ILE S 164 -82.89 -22.50 13.81
C ILE S 164 -82.07 -21.45 13.06
N SER S 165 -82.73 -20.53 12.39
CA SER S 165 -82.05 -19.42 11.72
C SER S 165 -82.08 -18.14 12.54
N ASP S 166 -82.74 -18.15 13.70
CA ASP S 166 -82.70 -17.01 14.61
C ASP S 166 -81.67 -17.18 15.71
N ILE S 167 -81.41 -18.41 16.13
CA ILE S 167 -80.33 -18.65 17.08
C ILE S 167 -78.99 -18.47 16.39
N LYS S 168 -78.91 -18.78 15.10
CA LYS S 168 -77.66 -18.59 14.38
C LYS S 168 -77.38 -17.12 14.15
N ARG S 169 -78.42 -16.33 13.97
CA ARG S 169 -78.27 -14.90 13.76
C ARG S 169 -77.89 -14.23 15.06
N PHE S 170 -78.44 -14.71 16.17
CA PHE S 170 -78.11 -14.12 17.46
C PHE S 170 -76.70 -14.50 17.88
N LEU S 171 -76.30 -15.75 17.60
CA LEU S 171 -75.00 -16.26 18.02
C LEU S 171 -73.86 -15.82 17.12
N LYS S 172 -74.15 -15.28 15.93
CA LYS S 172 -73.08 -15.02 14.96
C LYS S 172 -72.19 -13.86 15.39
N ASN S 173 -72.77 -12.69 15.58
CA ASN S 173 -71.98 -11.49 15.86
C ASN S 173 -71.97 -11.14 17.33
N SER S 174 -71.86 -12.12 18.20
CA SER S 174 -71.46 -11.89 19.58
C SER S 174 -69.99 -12.21 19.82
N PHE S 175 -69.23 -12.46 18.76
CA PHE S 175 -67.79 -12.71 18.82
C PHE S 175 -67.10 -11.94 17.71
N ALA S 176 -65.82 -12.23 17.51
CA ALA S 176 -64.99 -11.45 16.60
C ALA S 176 -65.36 -11.73 15.14
N ASP S 177 -65.15 -12.97 14.69
CA ASP S 177 -65.51 -13.32 13.31
C ASP S 177 -65.76 -14.82 13.23
N VAL S 178 -67.03 -15.21 13.24
CA VAL S 178 -67.43 -16.58 12.99
C VAL S 178 -68.14 -16.62 11.66
N ASP S 179 -68.34 -17.81 11.14
CA ASP S 179 -69.07 -18.05 9.93
C ASP S 179 -70.41 -18.67 10.26
N TYR S 180 -71.28 -18.74 9.27
CA TYR S 180 -72.58 -19.35 9.49
C TYR S 180 -72.53 -20.87 9.50
N ASP S 181 -71.41 -21.46 9.08
CA ASP S 181 -71.23 -22.90 9.12
C ASP S 181 -70.26 -23.35 10.19
N ASN S 182 -69.86 -22.46 11.09
CA ASN S 182 -69.09 -22.82 12.28
C ASN S 182 -69.94 -22.74 13.52
N ILE S 183 -71.25 -22.60 13.37
CA ILE S 183 -72.20 -22.64 14.46
C ILE S 183 -73.14 -23.80 14.17
N SER S 184 -73.34 -24.66 15.17
CA SER S 184 -74.18 -25.85 14.99
C SER S 184 -75.21 -25.87 16.10
N VAL S 185 -76.48 -25.88 15.72
CA VAL S 185 -77.60 -25.83 16.65
C VAL S 185 -78.38 -27.13 16.56
N VAL S 186 -78.50 -27.84 17.67
CA VAL S 186 -79.30 -29.06 17.72
C VAL S 186 -80.39 -28.84 18.76
N LEU S 187 -81.63 -28.72 18.31
CA LEU S 187 -82.72 -28.39 19.21
C LEU S 187 -83.89 -29.34 19.00
N SER S 188 -84.72 -29.46 20.04
CA SER S 188 -85.79 -30.45 20.00
C SER S 188 -86.96 -29.99 20.85
N GLU S 189 -88.10 -30.64 20.65
CA GLU S 189 -89.31 -30.33 21.39
C GLU S 189 -89.39 -31.18 22.66
N ARG S 190 -90.15 -30.67 23.63
CA ARG S 190 -90.23 -31.32 24.94
C ARG S 190 -91.11 -32.55 24.89
N SER S 191 -90.99 -33.37 25.92
CA SER S 191 -91.73 -34.62 26.04
C SER S 191 -93.19 -34.35 26.42
N ASP S 192 -93.98 -35.42 26.41
CA ASP S 192 -95.37 -35.31 26.81
C ASP S 192 -95.44 -35.10 28.31
N ALA S 193 -96.41 -34.32 28.75
CA ALA S 193 -96.49 -33.91 30.14
C ALA S 193 -96.98 -35.06 31.02
N GLN S 194 -96.50 -35.09 32.25
CA GLN S 194 -96.94 -36.03 33.26
C GLN S 194 -97.78 -35.26 34.27
N LEU S 195 -99.08 -35.48 34.24
CA LEU S 195 -100.00 -34.71 35.06
C LEU S 195 -100.79 -35.54 36.07
N GLN S 196 -100.92 -36.84 35.85
CA GLN S 196 -101.71 -37.66 36.76
C GLN S 196 -100.83 -38.30 37.83
N ALA S 197 -101.45 -38.62 38.95
CA ALA S 197 -100.77 -39.25 40.06
C ALA S 197 -100.40 -40.70 39.70
N PRO S 198 -99.28 -41.21 40.23
CA PRO S 198 -98.90 -42.60 39.93
C PRO S 198 -99.88 -43.64 40.44
N GLY S 199 -100.16 -43.63 41.73
CA GLY S 199 -101.09 -44.64 42.21
C GLY S 199 -100.41 -45.58 43.18
N THR S 200 -101.06 -45.75 44.34
CA THR S 200 -100.55 -46.64 45.36
C THR S 200 -100.74 -48.09 44.94
N PRO S 201 -99.85 -48.99 45.37
CA PRO S 201 -100.06 -50.42 45.09
C PRO S 201 -101.26 -50.96 45.86
N VAL S 202 -102.16 -51.62 45.15
CA VAL S 202 -103.39 -52.11 45.77
C VAL S 202 -103.07 -53.41 46.50
N LYS S 203 -102.77 -53.30 47.78
CA LYS S 203 -102.40 -54.45 48.61
C LYS S 203 -103.34 -54.59 49.79
N ALA T 171 21.69 -97.13 87.84
CA ALA T 171 20.89 -96.89 86.64
C ALA T 171 21.71 -97.14 85.38
N GLU T 172 21.15 -97.92 84.45
CA GLU T 172 21.85 -98.18 83.21
C GLU T 172 21.71 -97.00 82.26
N LEU T 173 22.61 -96.95 81.26
CA LEU T 173 22.62 -95.81 80.35
C LEU T 173 21.45 -95.86 79.38
N ASP T 174 21.10 -97.06 78.93
CA ASP T 174 20.03 -97.20 77.93
C ASP T 174 18.63 -97.06 78.52
N SER T 175 18.51 -96.76 79.81
CA SER T 175 17.23 -96.41 80.41
C SER T 175 17.10 -94.93 80.68
N LEU T 176 18.20 -94.19 80.74
CA LEU T 176 18.16 -92.75 80.95
C LEU T 176 17.81 -92.00 79.68
N LEU T 177 17.91 -92.65 78.53
CA LEU T 177 17.53 -92.05 77.25
C LEU T 177 16.01 -92.15 77.09
N GLY T 178 15.53 -91.95 75.87
CA GLY T 178 14.11 -91.87 75.63
C GLY T 178 13.38 -93.20 75.76
N GLN T 179 12.09 -93.15 75.42
CA GLN T 179 11.24 -94.33 75.53
C GLN T 179 11.60 -95.37 74.46
N GLU T 180 11.67 -94.96 73.21
CA GLU T 180 12.02 -95.86 72.12
C GLU T 180 13.52 -96.14 72.15
N LYS T 181 13.89 -97.38 72.43
CA LYS T 181 15.30 -97.77 72.45
C LYS T 181 15.75 -98.28 71.09
N GLU T 182 15.48 -97.48 70.06
CA GLU T 182 15.82 -97.83 68.68
C GLU T 182 16.61 -96.75 67.97
N ARG T 183 16.59 -95.51 68.43
CA ARG T 183 17.32 -94.44 67.79
C ARG T 183 18.68 -94.22 68.42
N PHE T 184 19.05 -95.03 69.41
CA PHE T 184 20.37 -94.95 70.02
C PHE T 184 20.95 -96.35 70.14
N GLN T 185 22.27 -96.42 70.30
CA GLN T 185 22.96 -97.70 70.34
C GLN T 185 24.23 -97.54 71.16
N VAL T 186 24.23 -98.17 72.33
CA VAL T 186 25.32 -98.05 73.30
C VAL T 186 26.40 -99.09 73.00
N LEU T 187 27.62 -98.62 72.77
CA LEU T 187 28.77 -99.47 72.49
C LEU T 187 29.77 -99.40 73.62
N PRO T 188 30.20 -100.55 74.17
CA PRO T 188 31.20 -100.52 75.24
C PRO T 188 32.58 -100.20 74.69
N GLY T 189 33.31 -99.30 75.36
CA GLY T 189 34.61 -98.89 74.88
C GLY T 189 35.74 -99.72 75.46
N ARG T 190 36.84 -99.76 74.72
CA ARG T 190 38.00 -100.53 75.16
C ARG T 190 38.77 -99.79 76.25
N ASP T 191 38.69 -98.46 76.27
CA ASP T 191 39.38 -97.64 77.25
C ASP T 191 38.52 -97.33 78.46
N LYS T 192 37.61 -98.25 78.80
CA LYS T 192 36.67 -98.14 79.92
C LYS T 192 35.77 -96.90 79.80
N MET T 193 35.00 -96.87 78.72
CA MET T 193 34.03 -95.81 78.52
C MET T 193 32.77 -96.42 77.92
N LEU T 194 31.88 -95.56 77.44
CA LEU T 194 30.61 -96.03 76.90
C LEU T 194 30.15 -95.02 75.86
N TYR T 195 30.07 -95.45 74.61
CA TYR T 195 29.84 -94.56 73.49
C TYR T 195 28.39 -94.71 73.04
N VAL T 196 27.76 -93.59 72.72
CA VAL T 196 26.39 -93.60 72.23
C VAL T 196 26.42 -93.19 70.77
N ALA T 197 25.83 -94.01 69.91
CA ALA T 197 25.89 -93.76 68.48
C ALA T 197 24.54 -93.25 68.01
N ALA T 198 24.45 -91.94 67.81
CA ALA T 198 23.26 -91.28 67.31
C ALA T 198 23.24 -91.34 65.79
N GLN T 199 22.31 -90.62 65.18
CA GLN T 199 22.20 -90.61 63.73
C GLN T 199 22.35 -89.22 63.14
N ASN T 200 21.77 -88.20 63.78
CA ASN T 200 21.88 -86.84 63.28
C ASN T 200 22.15 -85.90 64.46
N GLU T 201 22.09 -84.61 64.17
CA GLU T 201 22.43 -83.61 65.17
C GLU T 201 21.35 -83.44 66.21
N ARG T 202 20.09 -83.70 65.83
CA ARG T 202 19.01 -83.52 66.78
C ARG T 202 19.07 -84.60 67.86
N ASP T 203 19.32 -85.85 67.46
CA ASP T 203 19.49 -86.86 68.49
C ASP T 203 20.85 -86.76 69.16
N THR T 204 21.81 -86.04 68.58
CA THR T 204 23.06 -85.83 69.29
C THR T 204 22.87 -84.84 70.43
N LEU T 205 22.12 -83.76 70.19
CA LEU T 205 21.84 -82.85 71.31
C LEU T 205 20.84 -83.45 72.29
N TRP T 206 20.07 -84.46 71.86
CA TRP T 206 19.16 -85.15 72.77
C TRP T 206 19.94 -86.03 73.72
N ALA T 207 20.96 -86.71 73.23
CA ALA T 207 21.72 -87.59 74.11
C ALA T 207 22.86 -86.87 74.80
N ARG T 208 23.15 -85.62 74.42
CA ARG T 208 24.16 -84.87 75.13
C ARG T 208 23.58 -84.03 76.26
N GLN T 209 22.28 -83.70 76.22
CA GLN T 209 21.67 -83.05 77.37
C GLN T 209 21.59 -83.97 78.57
N VAL T 210 21.46 -85.27 78.33
CA VAL T 210 21.43 -86.25 79.41
C VAL T 210 22.80 -86.33 80.08
N LEU T 211 23.86 -86.51 79.30
CA LEU T 211 25.18 -86.67 79.88
C LEU T 211 25.75 -85.35 80.39
N ALA T 212 25.14 -84.22 80.06
CA ALA T 212 25.63 -82.93 80.53
C ALA T 212 24.90 -82.45 81.78
N ARG T 213 23.63 -82.80 81.97
CA ARG T 213 22.99 -82.43 83.22
C ARG T 213 23.44 -83.30 84.37
N GLY T 214 24.02 -84.46 84.09
CA GLY T 214 24.73 -85.23 85.09
C GLY T 214 23.98 -86.34 85.76
N ASP T 215 23.00 -86.94 85.10
CA ASP T 215 22.32 -88.10 85.69
C ASP T 215 22.97 -89.41 85.26
N TYR T 216 24.28 -89.50 85.38
CA TYR T 216 25.01 -90.74 85.13
C TYR T 216 26.32 -90.68 85.90
N ASP T 217 26.74 -91.83 86.40
CA ASP T 217 27.88 -91.88 87.30
C ASP T 217 29.21 -92.00 86.57
N LYS T 218 29.30 -92.93 85.62
CA LYS T 218 30.56 -93.24 84.98
C LYS T 218 30.79 -92.30 83.79
N ASN T 219 31.82 -92.57 83.01
CA ASN T 219 32.15 -91.74 81.86
C ASN T 219 31.47 -92.27 80.60
N ALA T 220 31.04 -91.35 79.74
CA ALA T 220 30.35 -91.71 78.51
C ALA T 220 30.60 -90.62 77.49
N ARG T 221 30.43 -90.98 76.22
CA ARG T 221 30.61 -90.03 75.13
C ARG T 221 29.53 -90.25 74.08
N VAL T 222 29.28 -89.23 73.27
CA VAL T 222 28.34 -89.33 72.16
C VAL T 222 29.13 -89.14 70.88
N ILE T 223 29.03 -90.10 69.96
CA ILE T 223 29.73 -90.02 68.69
C ILE T 223 28.71 -89.85 67.57
N ASN T 224 29.22 -89.60 66.37
CA ASN T 224 28.37 -89.31 65.22
C ASN T 224 29.17 -89.58 63.96
N GLU T 225 28.44 -89.93 62.89
CA GLU T 225 29.07 -90.26 61.62
C GLU T 225 29.65 -89.04 60.93
N ASN T 226 28.97 -87.90 61.05
CA ASN T 226 29.41 -86.73 60.31
C ASN T 226 30.59 -86.07 60.98
N GLU T 227 30.66 -86.12 62.31
CA GLU T 227 31.70 -85.41 63.03
C GLU T 227 32.89 -86.29 63.39
N GLU T 228 32.72 -87.61 63.43
CA GLU T 228 33.90 -88.41 63.67
C GLU T 228 34.63 -88.76 62.38
N ASN T 229 34.11 -88.34 61.24
CA ASN T 229 34.93 -88.33 60.04
C ASN T 229 35.79 -87.07 59.97
N LYS T 230 35.39 -86.02 60.67
CA LYS T 230 36.19 -84.81 60.67
C LYS T 230 37.25 -84.86 61.76
N ARG T 231 36.96 -85.54 62.86
CA ARG T 231 37.99 -85.72 63.88
C ARG T 231 39.08 -86.63 63.36
N ILE T 232 38.73 -87.66 62.58
CA ILE T 232 39.75 -88.54 62.05
C ILE T 232 40.43 -87.96 60.81
N SER T 233 39.86 -86.90 60.23
CA SER T 233 40.54 -86.29 59.10
C SER T 233 41.47 -85.19 59.55
N ILE T 234 41.27 -84.65 60.75
CA ILE T 234 42.27 -83.76 61.32
C ILE T 234 43.51 -84.55 61.68
N TRP T 235 43.33 -85.76 62.23
CA TRP T 235 44.47 -86.61 62.56
C TRP T 235 45.18 -87.16 61.32
N LEU T 236 44.46 -87.34 60.21
CA LEU T 236 45.07 -88.05 59.10
C LEU T 236 46.03 -87.19 58.28
N ASP T 237 45.87 -85.87 58.29
CA ASP T 237 46.70 -85.00 57.46
C ASP T 237 47.89 -84.40 58.19
N THR T 238 48.28 -84.98 59.32
CA THR T 238 49.56 -84.68 59.93
C THR T 238 50.45 -85.89 60.06
N TYR T 239 49.89 -87.11 60.08
CA TYR T 239 50.70 -88.31 60.08
C TYR T 239 50.71 -89.03 58.74
N TYR T 240 49.73 -88.78 57.87
CA TYR T 240 49.73 -89.36 56.53
C TYR T 240 49.32 -88.29 55.51
N PRO T 241 50.23 -87.38 55.18
CA PRO T 241 49.91 -86.40 54.14
C PRO T 241 50.03 -87.04 52.77
N GLN T 242 49.41 -86.37 51.79
CA GLN T 242 49.33 -86.81 50.40
C GLN T 242 48.70 -88.20 50.28
N LEU T 243 47.70 -88.45 51.10
CA LEU T 243 46.94 -89.70 51.05
C LEU T 243 45.66 -89.43 50.28
N ALA T 244 45.24 -90.41 49.49
CA ALA T 244 44.04 -90.29 48.67
C ALA T 244 42.97 -91.21 49.24
N TYR T 245 41.94 -90.62 49.82
CA TYR T 245 40.86 -91.40 50.40
C TYR T 245 39.55 -90.67 50.17
N TYR T 246 38.44 -91.34 50.48
CA TYR T 246 37.13 -90.75 50.23
C TYR T 246 36.33 -90.51 51.51
N ARG T 247 36.09 -91.54 52.30
CA ARG T 247 35.03 -91.47 53.30
C ARG T 247 35.21 -92.64 54.24
N ILE T 248 34.76 -92.49 55.48
CA ILE T 248 34.63 -93.60 56.41
C ILE T 248 33.15 -93.87 56.63
N HIS T 249 32.73 -95.10 56.40
CA HIS T 249 31.33 -95.48 56.50
C HIS T 249 31.10 -96.22 57.81
N PHE T 250 30.04 -95.86 58.51
CA PHE T 250 29.73 -96.43 59.82
C PHE T 250 28.37 -97.10 59.83
N ASP T 251 28.07 -97.91 58.82
CA ASP T 251 26.80 -98.62 58.82
C ASP T 251 26.78 -99.75 59.84
N GLU T 252 27.93 -100.31 60.16
CA GLU T 252 28.07 -101.19 61.32
C GLU T 252 29.14 -100.58 62.21
N PRO T 253 28.78 -99.98 63.35
CA PRO T 253 29.75 -99.18 64.12
C PRO T 253 30.80 -100.00 64.84
N ARG T 254 30.68 -101.32 64.88
CA ARG T 254 31.72 -102.16 65.43
C ARG T 254 32.73 -102.60 64.37
N LYS T 255 32.53 -102.19 63.13
CA LYS T 255 33.43 -102.53 62.03
C LYS T 255 33.29 -101.51 60.91
N PRO T 256 33.99 -100.39 60.95
CA PRO T 256 33.87 -99.40 59.89
C PRO T 256 34.65 -99.79 58.65
N VAL T 257 34.31 -99.13 57.55
CA VAL T 257 34.91 -99.37 56.23
C VAL T 257 35.60 -98.09 55.79
N PHE T 258 36.85 -98.22 55.37
CA PHE T 258 37.68 -97.11 54.90
C PHE T 258 37.79 -97.22 53.38
N TRP T 259 37.21 -96.25 52.69
CA TRP T 259 37.19 -96.23 51.23
C TRP T 259 38.43 -95.50 50.74
N LEU T 260 39.49 -96.26 50.52
CA LEU T 260 40.75 -95.72 50.03
C LEU T 260 40.76 -95.75 48.52
N SER T 261 41.46 -94.80 47.93
CA SER T 261 41.56 -94.80 46.47
C SER T 261 42.58 -95.81 46.02
N ARG T 262 42.49 -96.21 44.76
CA ARG T 262 43.37 -97.22 44.18
C ARG T 262 44.38 -96.63 43.21
N GLN T 263 43.93 -95.81 42.28
CA GLN T 263 44.76 -95.36 41.18
C GLN T 263 45.55 -94.10 41.50
N ARG T 264 45.65 -93.74 42.78
CA ARG T 264 46.35 -92.51 43.13
C ARG T 264 47.23 -92.65 44.36
N ASN T 265 47.55 -93.87 44.78
CA ASN T 265 48.43 -94.05 45.92
C ASN T 265 49.29 -95.29 45.72
N THR T 266 50.45 -95.29 46.34
CA THR T 266 51.41 -96.36 46.13
C THR T 266 51.76 -97.10 47.42
N MET T 267 50.76 -97.44 48.21
CA MET T 267 51.00 -98.15 49.46
C MET T 267 50.95 -99.66 49.24
N SER T 268 51.83 -100.37 49.92
CA SER T 268 51.89 -101.82 49.80
C SER T 268 50.90 -102.49 50.76
N LYS T 269 51.01 -103.80 50.89
CA LYS T 269 50.12 -104.53 51.78
C LYS T 269 50.60 -104.48 53.20
N LYS T 270 51.92 -104.46 53.40
CA LYS T 270 52.43 -104.50 54.76
C LYS T 270 52.24 -103.15 55.43
N GLU T 271 52.18 -102.08 54.64
CA GLU T 271 51.93 -100.78 55.25
C GLU T 271 50.46 -100.38 55.16
N LEU T 272 49.64 -101.14 54.43
CA LEU T 272 48.21 -100.98 54.64
C LEU T 272 47.78 -101.67 55.92
N GLU T 273 48.56 -102.66 56.35
CA GLU T 273 48.30 -103.25 57.66
C GLU T 273 48.65 -102.27 58.78
N VAL T 274 49.70 -101.46 58.59
CA VAL T 274 50.09 -100.50 59.63
C VAL T 274 49.08 -99.37 59.68
N LEU T 275 48.53 -98.99 58.52
CA LEU T 275 47.51 -97.94 58.52
C LEU T 275 46.22 -98.42 59.17
N SER T 276 45.87 -99.71 58.99
CA SER T 276 44.65 -100.19 59.64
C SER T 276 44.85 -100.38 61.13
N GLN T 277 46.07 -100.68 61.56
CA GLN T 277 46.31 -100.82 63.00
C GLN T 277 46.40 -99.48 63.69
N LYS T 278 46.77 -98.43 62.96
CA LYS T 278 46.79 -97.12 63.59
C LYS T 278 45.43 -96.46 63.55
N LEU T 279 44.59 -96.78 62.55
CA LEU T 279 43.22 -96.31 62.58
C LEU T 279 42.37 -97.04 63.61
N ARG T 280 42.74 -98.29 63.96
CA ARG T 280 42.00 -99.00 65.00
C ARG T 280 42.21 -98.39 66.37
N ALA T 281 43.42 -97.87 66.63
CA ALA T 281 43.71 -97.27 67.93
C ALA T 281 43.07 -95.91 68.13
N LEU T 282 42.60 -95.25 67.08
CA LEU T 282 41.89 -93.99 67.25
C LEU T 282 40.44 -94.17 67.69
N MET T 283 39.80 -95.26 67.28
CA MET T 283 38.41 -95.51 67.64
C MET T 283 38.34 -96.71 68.59
N PRO T 284 38.24 -96.48 69.90
CA PRO T 284 38.22 -97.61 70.84
C PRO T 284 36.92 -98.38 70.86
N TYR T 285 35.89 -97.93 70.16
CA TYR T 285 34.64 -98.68 70.08
C TYR T 285 34.68 -99.71 68.97
N ALA T 286 35.59 -99.56 68.01
CA ALA T 286 35.65 -100.46 66.88
C ALA T 286 36.40 -101.72 67.25
N ASP T 287 36.33 -102.70 66.36
CA ASP T 287 37.01 -103.97 66.54
C ASP T 287 38.04 -104.23 65.45
N SER T 288 37.72 -103.88 64.21
CA SER T 288 38.64 -104.07 63.08
C SER T 288 38.20 -103.12 61.98
N VAL T 289 39.10 -102.24 61.54
CA VAL T 289 38.80 -101.33 60.45
C VAL T 289 39.10 -102.04 59.14
N ASN T 290 38.13 -102.06 58.23
CA ASN T 290 38.25 -102.78 56.97
C ASN T 290 38.54 -101.77 55.87
N ILE T 291 39.70 -101.90 55.24
CA ILE T 291 40.11 -100.97 54.19
C ILE T 291 39.82 -101.62 52.84
N THR T 292 39.03 -100.93 52.01
CA THR T 292 38.79 -101.38 50.65
C THR T 292 39.15 -100.26 49.70
N LEU T 293 39.51 -100.64 48.48
CA LEU T 293 40.02 -99.72 47.47
C LEU T 293 38.93 -99.52 46.42
N MET T 294 38.28 -98.36 46.49
CA MET T 294 37.31 -98.03 45.47
C MET T 294 38.00 -97.45 44.24
N ASP T 295 37.34 -97.57 43.10
CA ASP T 295 37.93 -97.14 41.85
C ASP T 295 37.74 -95.64 41.66
N ASP T 296 38.68 -95.04 40.94
CA ASP T 296 38.68 -93.61 40.72
C ASP T 296 37.86 -93.19 39.51
N VAL T 297 37.61 -94.10 38.58
CA VAL T 297 36.86 -93.76 37.37
C VAL T 297 35.37 -93.80 37.63
N THR T 298 34.91 -94.77 38.41
CA THR T 298 33.49 -94.90 38.68
C THR T 298 32.95 -93.82 39.61
N ALA T 299 33.82 -93.19 40.41
CA ALA T 299 33.37 -92.13 41.30
C ALA T 299 33.01 -90.87 40.53
N ALA T 300 33.67 -90.63 39.40
CA ALA T 300 33.32 -89.48 38.58
C ALA T 300 32.29 -89.84 37.51
N GLY T 301 32.25 -91.11 37.11
CA GLY T 301 31.24 -91.50 36.15
C GLY T 301 29.86 -91.59 36.76
N GLN T 302 29.78 -91.91 38.06
CA GLN T 302 28.48 -91.90 38.72
C GLN T 302 27.98 -90.48 38.92
N ALA T 303 28.91 -89.54 39.14
CA ALA T 303 28.55 -88.15 39.35
C ALA T 303 28.14 -87.49 38.06
N GLU T 304 28.57 -88.02 36.93
CA GLU T 304 28.14 -87.43 35.68
C GLU T 304 26.89 -88.11 35.12
N ALA T 305 26.77 -89.43 35.33
CA ALA T 305 25.58 -90.13 34.87
C ALA T 305 24.36 -89.78 35.70
N GLY T 306 24.55 -89.39 36.95
CA GLY T 306 23.41 -88.90 37.71
C GLY T 306 23.09 -87.45 37.47
N LEU T 307 24.06 -86.66 37.02
CA LEU T 307 23.81 -85.26 36.74
C LEU T 307 23.22 -85.07 35.35
N LYS T 308 23.38 -86.05 34.47
CA LYS T 308 22.73 -85.98 33.17
C LYS T 308 21.29 -86.43 33.22
N GLN T 309 20.95 -87.30 34.17
CA GLN T 309 19.61 -87.84 34.25
C GLN T 309 18.60 -86.82 34.75
N GLN T 310 19.02 -85.85 35.55
CA GLN T 310 18.10 -84.84 36.05
C GLN T 310 17.90 -83.68 35.08
N ALA T 311 18.48 -83.76 33.88
CA ALA T 311 18.39 -82.74 32.83
C ALA T 311 18.83 -81.37 33.31
N LEU T 312 20.06 -81.32 33.79
CA LEU T 312 20.64 -80.09 34.30
C LEU T 312 21.75 -79.61 33.39
N PRO T 313 21.85 -78.30 33.17
CA PRO T 313 23.01 -77.78 32.45
C PRO T 313 24.23 -77.83 33.36
N TYR T 314 25.35 -78.27 32.80
CA TYR T 314 26.55 -78.39 33.62
C TYR T 314 27.78 -78.24 32.73
N SER T 315 28.95 -78.19 33.38
CA SER T 315 30.21 -78.03 32.66
C SER T 315 31.31 -78.67 33.48
N ARG T 316 31.82 -79.80 32.99
CA ARG T 316 32.87 -80.57 33.65
C ARG T 316 34.24 -79.98 33.40
N ARG T 317 35.07 -79.92 34.44
CA ARG T 317 36.43 -79.39 34.33
C ARG T 317 37.37 -80.42 34.95
N ASN T 318 37.88 -81.34 34.13
CA ASN T 318 38.79 -82.37 34.61
C ASN T 318 40.17 -81.77 34.81
N HIS T 319 40.81 -82.05 35.96
CA HIS T 319 42.22 -81.74 36.11
C HIS T 319 42.82 -82.81 37.02
N LYS T 320 44.13 -82.71 37.21
CA LYS T 320 44.86 -83.80 37.88
C LYS T 320 44.56 -83.79 39.36
N GLY T 321 43.97 -84.88 39.84
CA GLY T 321 43.66 -85.00 41.24
C GLY T 321 42.35 -84.34 41.60
N GLY T 322 41.42 -84.24 40.66
CA GLY T 322 40.15 -83.64 40.97
C GLY T 322 39.25 -83.26 39.81
N VAL T 323 37.97 -83.51 40.01
CA VAL T 323 36.96 -83.14 39.03
C VAL T 323 36.05 -82.11 39.67
N THR T 324 35.62 -81.15 38.86
CA THR T 324 34.66 -80.15 39.33
C THR T 324 33.61 -79.94 38.27
N PHE T 325 32.38 -79.80 38.72
CA PHE T 325 31.23 -79.54 37.86
C PHE T 325 30.69 -78.17 38.21
N VAL T 326 30.46 -77.34 37.19
CA VAL T 326 29.96 -75.99 37.39
C VAL T 326 28.56 -75.93 36.83
N ILE T 327 27.63 -75.42 37.64
CA ILE T 327 26.24 -75.20 37.26
C ILE T 327 25.95 -73.71 37.46
N GLN T 328 25.96 -72.95 36.36
CA GLN T 328 25.83 -71.51 36.35
C GLN T 328 24.46 -71.12 35.83
N GLY T 329 24.24 -69.83 35.67
CA GLY T 329 23.11 -69.34 34.93
C GLY T 329 21.95 -68.92 35.81
N ALA T 330 20.84 -68.57 35.14
CA ALA T 330 19.60 -68.21 35.80
C ALA T 330 18.68 -69.43 35.78
N LEU T 331 18.97 -70.38 36.67
CA LEU T 331 18.18 -71.59 36.78
C LEU T 331 16.83 -71.30 37.40
N ASP T 332 15.84 -72.16 37.11
CA ASP T 332 14.53 -71.97 37.70
C ASP T 332 14.40 -72.79 38.99
N ASP T 333 13.17 -72.86 39.52
CA ASP T 333 12.95 -73.47 40.82
C ASP T 333 13.07 -74.97 40.78
N VAL T 334 12.68 -75.58 39.66
CA VAL T 334 12.72 -77.02 39.61
C VAL T 334 14.16 -77.47 39.42
N GLU T 335 14.95 -76.68 38.68
CA GLU T 335 16.33 -77.09 38.46
C GLU T 335 17.15 -76.87 39.71
N ILE T 336 16.75 -75.92 40.55
CA ILE T 336 17.46 -75.75 41.82
C ILE T 336 17.09 -76.87 42.79
N LEU T 337 15.82 -77.27 42.82
CA LEU T 337 15.42 -78.29 43.78
C LEU T 337 15.95 -79.67 43.38
N ARG T 338 16.08 -79.93 42.09
CA ARG T 338 16.64 -81.19 41.66
C ARG T 338 18.15 -81.23 41.85
N ALA T 339 18.83 -80.10 41.66
CA ALA T 339 20.27 -80.12 41.83
C ALA T 339 20.63 -80.19 43.31
N ARG T 340 19.80 -79.57 44.16
CA ARG T 340 20.08 -79.61 45.57
C ARG T 340 19.81 -80.98 46.15
N GLN T 341 18.82 -81.69 45.60
CA GLN T 341 18.56 -83.03 46.10
C GLN T 341 19.53 -84.03 45.53
N PHE T 342 20.24 -83.70 44.46
CA PHE T 342 21.21 -84.67 43.97
C PHE T 342 22.55 -84.48 44.65
N VAL T 343 22.94 -83.22 44.93
CA VAL T 343 24.21 -82.99 45.61
C VAL T 343 24.14 -83.49 47.05
N ASP T 344 22.99 -83.32 47.72
CA ASP T 344 22.88 -83.84 49.07
C ASP T 344 22.85 -85.37 49.12
N SER T 345 22.33 -86.03 48.09
CA SER T 345 22.35 -87.48 48.03
C SER T 345 23.64 -88.07 47.47
N TYR T 346 24.54 -87.23 46.97
CA TYR T 346 25.84 -87.70 46.53
C TYR T 346 26.93 -87.49 47.56
N TYR T 347 26.84 -86.40 48.32
CA TYR T 347 27.84 -86.10 49.34
C TYR T 347 27.78 -87.11 50.49
N ARG T 348 26.62 -87.72 50.74
CA ARG T 348 26.52 -88.70 51.82
C ARG T 348 27.24 -89.99 51.46
N THR T 349 27.32 -90.32 50.18
CA THR T 349 27.95 -91.57 49.77
C THR T 349 29.44 -91.40 49.54
N TRP T 350 29.83 -90.38 48.77
CA TRP T 350 31.24 -90.31 48.39
C TRP T 350 32.03 -89.25 49.15
N GLY T 351 31.42 -88.12 49.49
CA GLY T 351 32.17 -87.07 50.14
C GLY T 351 32.91 -86.19 49.15
N GLY T 352 32.99 -84.90 49.42
CA GLY T 352 33.57 -83.96 48.49
C GLY T 352 35.07 -83.84 48.55
N ARG T 353 35.77 -84.98 48.44
CA ARG T 353 37.22 -84.98 48.43
C ARG T 353 37.81 -85.07 47.03
N TYR T 354 37.10 -85.69 46.09
CA TYR T 354 37.60 -85.89 44.75
C TYR T 354 36.85 -85.09 43.70
N VAL T 355 35.56 -84.87 43.90
CA VAL T 355 34.70 -84.21 42.93
C VAL T 355 33.87 -83.16 43.67
N GLN T 356 33.73 -81.99 43.05
CA GLN T 356 33.14 -80.85 43.73
C GLN T 356 32.14 -80.16 42.81
N PHE T 357 30.99 -79.78 43.36
CA PHE T 357 29.93 -79.11 42.62
C PHE T 357 29.89 -77.61 42.89
N ALA T 358 29.41 -76.85 41.91
CA ALA T 358 29.55 -75.39 41.93
C ALA T 358 28.25 -74.69 41.53
N ILE T 359 27.14 -75.06 42.17
CA ILE T 359 25.84 -74.45 41.88
C ILE T 359 25.84 -72.98 42.28
N GLU T 360 25.66 -72.09 41.29
CA GLU T 360 25.57 -70.67 41.59
C GLU T 360 24.59 -70.02 40.62
N LEU T 361 24.07 -68.86 41.01
CA LEU T 361 23.04 -68.17 40.24
C LEU T 361 23.55 -66.82 39.77
N LYS T 362 23.72 -66.68 38.47
CA LYS T 362 23.97 -65.42 37.80
C LYS T 362 22.76 -65.10 36.93
N ASP T 363 22.87 -64.03 36.15
CA ASP T 363 21.75 -63.58 35.31
C ASP T 363 22.15 -63.63 33.84
N ASP T 364 21.98 -64.79 33.22
CA ASP T 364 22.11 -64.94 31.79
C ASP T 364 21.26 -66.13 31.36
N TRP T 365 20.51 -65.95 30.28
CA TRP T 365 19.54 -66.96 29.86
C TRP T 365 20.21 -68.18 29.23
N LEU T 366 21.43 -68.05 28.73
CA LEU T 366 22.22 -69.22 28.36
C LEU T 366 22.90 -69.72 29.62
N LYS T 367 22.50 -70.91 30.07
CA LYS T 367 22.93 -71.39 31.38
C LYS T 367 24.32 -71.98 31.29
N GLY T 368 25.30 -71.09 31.16
CA GLY T 368 26.69 -71.49 31.23
C GLY T 368 27.43 -71.43 29.92
N ARG T 369 26.79 -71.87 28.85
CA ARG T 369 27.46 -71.95 27.56
C ARG T 369 27.42 -70.59 26.86
N SER T 370 28.45 -70.33 26.06
CA SER T 370 28.57 -69.06 25.37
C SER T 370 29.33 -69.27 24.06
N PHE T 371 29.01 -68.44 23.07
CA PHE T 371 29.52 -68.59 21.73
C PHE T 371 30.01 -67.25 21.20
N GLN T 372 30.86 -67.32 20.18
CA GLN T 372 31.25 -66.15 19.41
C GLN T 372 31.03 -66.44 17.93
N TYR T 373 30.71 -65.40 17.18
CA TYR T 373 30.14 -65.52 15.85
C TYR T 373 31.00 -64.76 14.86
N GLY T 374 31.63 -65.48 13.94
CA GLY T 374 32.22 -64.82 12.81
C GLY T 374 32.49 -65.69 11.60
N ALA T 375 31.92 -65.30 10.46
CA ALA T 375 32.34 -65.70 9.11
C ALA T 375 32.17 -67.17 8.75
N GLU T 376 31.81 -68.02 9.71
CA GLU T 376 31.60 -69.44 9.45
C GLU T 376 30.42 -70.02 10.19
N GLY T 377 29.88 -69.32 11.16
CA GLY T 377 28.89 -69.89 12.06
C GLY T 377 29.28 -69.55 13.47
N TYR T 378 29.07 -70.47 14.40
CA TYR T 378 29.39 -70.22 15.79
C TYR T 378 30.51 -71.15 16.24
N ILE T 379 31.36 -70.63 17.11
CA ILE T 379 32.46 -71.39 17.70
C ILE T 379 32.28 -71.34 19.20
N LYS T 380 32.34 -72.49 19.85
CA LYS T 380 32.14 -72.59 21.29
C LYS T 380 33.37 -72.09 22.02
N MET T 381 33.20 -71.09 22.88
CA MET T 381 34.32 -70.56 23.62
C MET T 381 34.69 -71.47 24.77
N SER T 382 35.90 -71.29 25.27
CA SER T 382 36.37 -72.05 26.41
C SER T 382 35.69 -71.53 27.68
N PRO T 383 35.50 -72.38 28.69
CA PRO T 383 34.85 -71.92 29.92
C PRO T 383 35.75 -70.95 30.69
N GLY T 384 35.22 -69.76 30.95
CA GLY T 384 35.91 -68.76 31.73
C GLY T 384 34.99 -68.22 32.81
N HIS T 385 35.51 -67.23 33.54
CA HIS T 385 34.77 -66.68 34.67
C HIS T 385 33.86 -65.53 34.27
N TRP T 386 34.19 -64.78 33.22
CA TRP T 386 33.33 -63.70 32.77
C TRP T 386 32.17 -64.24 31.94
N TYR T 387 30.98 -63.69 32.17
CA TYR T 387 29.78 -64.06 31.44
C TYR T 387 29.14 -62.83 30.82
N PHE T 388 28.48 -63.03 29.69
CA PHE T 388 27.80 -61.92 29.01
C PHE T 388 26.43 -61.70 29.62
N PRO T 389 26.12 -60.50 30.11
CA PRO T 389 24.79 -60.23 30.66
C PRO T 389 23.72 -60.23 29.58
N SER T 390 22.52 -60.70 29.97
CA SER T 390 21.50 -61.09 29.02
C SER T 390 20.52 -59.94 28.82
N PRO T 391 20.42 -59.37 27.63
CA PRO T 391 19.30 -58.46 27.32
C PRO T 391 18.09 -59.27 26.87
N LEU T 392 17.05 -59.26 27.68
CA LEU T 392 15.83 -60.00 27.36
C LEU T 392 14.65 -59.38 28.08
N LYS U 27 43.27 48.43 44.32
CA LYS U 27 42.26 47.47 43.89
C LYS U 27 42.90 46.22 43.30
N ILE U 28 43.99 46.41 42.56
CA ILE U 28 44.74 45.31 41.96
C ILE U 28 46.19 45.40 42.42
N PRO U 29 46.51 45.00 43.65
CA PRO U 29 47.91 45.14 44.10
C PRO U 29 48.78 43.95 43.73
N VAL U 30 49.58 44.12 42.69
CA VAL U 30 50.78 43.32 42.36
C VAL U 30 51.75 44.32 41.73
N THR U 31 53.02 44.25 42.11
CA THR U 31 53.93 45.34 41.75
C THR U 31 54.56 45.20 40.37
N GLY U 32 54.76 43.98 39.88
CA GLY U 32 55.54 43.77 38.67
C GLY U 32 54.75 43.89 37.39
N SER U 33 55.08 43.06 36.40
CA SER U 33 54.40 43.03 35.12
C SER U 33 54.31 41.58 34.68
N GLY U 34 53.10 41.07 34.49
CA GLY U 34 52.91 39.67 34.16
C GLY U 34 51.44 39.30 34.22
N PHE U 35 51.17 38.05 33.87
CA PHE U 35 49.81 37.52 33.78
C PHE U 35 49.67 36.35 34.73
N VAL U 36 48.72 36.44 35.65
CA VAL U 36 48.45 35.35 36.59
C VAL U 36 47.24 34.57 36.08
N ALA U 37 47.43 33.29 35.81
CA ALA U 37 46.35 32.44 35.33
C ALA U 37 45.92 31.49 36.44
N LYS U 38 44.61 31.48 36.73
CA LYS U 38 44.02 30.54 37.69
C LYS U 38 42.97 29.74 36.94
N ASP U 39 43.38 28.56 36.46
CA ASP U 39 42.54 27.59 35.75
C ASP U 39 41.99 28.21 34.46
N ASP U 40 42.92 28.67 33.62
CA ASP U 40 42.60 29.22 32.32
C ASP U 40 42.69 28.15 31.26
N SER U 41 41.78 28.17 30.29
CA SER U 41 41.51 27.03 29.43
C SER U 41 42.22 27.13 28.09
N LEU U 42 43.45 27.67 28.07
CA LEU U 42 44.34 27.76 26.90
C LEU U 42 43.80 28.57 25.74
N ARG U 43 42.65 29.19 25.89
CA ARG U 43 42.16 30.15 24.91
CA ARG U 43 42.15 30.15 24.91
C ARG U 43 42.15 31.56 25.45
N THR U 44 41.75 31.73 26.70
CA THR U 44 41.90 33.01 27.36
C THR U 44 43.33 33.22 27.82
N PHE U 45 44.14 32.17 27.84
CA PHE U 45 45.54 32.36 28.16
C PHE U 45 46.26 32.93 26.95
N PHE U 46 46.09 32.30 25.79
CA PHE U 46 46.72 32.80 24.58
C PHE U 46 46.05 34.05 24.03
N ASP U 47 44.85 34.41 24.50
CA ASP U 47 44.32 35.73 24.14
C ASP U 47 45.09 36.86 24.84
N ALA U 48 45.63 36.58 26.03
CA ALA U 48 46.43 37.58 26.73
C ALA U 48 47.79 37.78 26.10
N MET U 49 48.30 36.81 25.35
CA MET U 49 49.57 36.97 24.66
C MET U 49 49.45 37.66 23.31
N ALA U 50 48.25 38.08 22.93
CA ALA U 50 47.98 38.60 21.60
C ALA U 50 48.23 40.09 21.49
N LEU U 51 48.79 40.72 22.52
CA LEU U 51 49.24 42.09 22.41
C LEU U 51 50.75 42.20 22.46
N GLN U 52 51.42 41.33 23.20
CA GLN U 52 52.87 41.24 23.12
C GLN U 52 53.29 40.65 21.78
N LEU U 53 52.72 39.50 21.41
CA LEU U 53 52.69 39.15 20.01
C LEU U 53 51.80 40.14 19.28
N LYS U 54 52.23 40.63 18.13
CA LYS U 54 51.48 41.69 17.46
C LYS U 54 50.44 41.15 16.49
N GLU U 55 49.96 39.93 16.69
CA GLU U 55 49.01 39.29 15.79
C GLU U 55 47.96 38.54 16.59
N PRO U 56 46.73 38.45 16.08
CA PRO U 56 45.71 37.67 16.79
C PRO U 56 45.94 36.17 16.72
N VAL U 57 45.60 35.51 17.83
CA VAL U 57 45.85 34.09 18.03
C VAL U 57 44.54 33.33 17.92
N ILE U 58 44.56 32.21 17.20
CA ILE U 58 43.39 31.38 16.98
C ILE U 58 43.71 30.00 17.53
N VAL U 59 43.05 29.62 18.62
CA VAL U 59 43.24 28.32 19.26
C VAL U 59 42.09 27.43 18.84
N SER U 60 42.40 26.20 18.44
CA SER U 60 41.42 25.30 17.88
C SER U 60 40.49 24.75 18.96
N LYS U 61 39.58 23.88 18.55
CA LYS U 61 38.58 23.36 19.46
C LYS U 61 39.12 22.25 20.35
N MET U 62 40.11 21.50 19.88
CA MET U 62 40.68 20.43 20.69
C MET U 62 41.74 20.93 21.65
N ALA U 63 42.44 22.00 21.30
CA ALA U 63 43.47 22.58 22.15
C ALA U 63 42.92 23.58 23.15
N ALA U 64 41.60 23.65 23.31
CA ALA U 64 40.99 24.50 24.32
C ALA U 64 40.43 23.70 25.47
N ARG U 65 40.72 22.40 25.52
CA ARG U 65 40.33 21.58 26.65
C ARG U 65 41.43 21.48 27.70
N LYS U 66 42.66 21.79 27.34
CA LYS U 66 43.74 21.77 28.31
C LYS U 66 43.77 23.08 29.09
N LYS U 67 44.33 23.02 30.29
CA LYS U 67 44.33 24.15 31.21
C LYS U 67 45.74 24.44 31.67
N ILE U 68 45.93 25.65 32.21
CA ILE U 68 47.23 26.07 32.71
C ILE U 68 46.99 27.03 33.87
N THR U 69 47.91 27.00 34.84
CA THR U 69 47.89 27.90 36.00
C THR U 69 49.30 28.39 36.29
N GLY U 70 49.39 29.57 36.88
CA GLY U 70 50.67 30.06 37.33
C GLY U 70 50.91 31.53 37.05
N ASN U 71 52.09 32.02 37.38
CA ASN U 71 52.48 33.40 37.13
C ASN U 71 53.42 33.41 35.94
N PHE U 72 53.03 34.07 34.86
CA PHE U 72 53.83 34.13 33.65
C PHE U 72 54.28 35.55 33.36
N GLU U 73 55.28 35.66 32.48
CA GLU U 73 55.97 36.93 32.25
C GLU U 73 56.37 36.99 30.79
N PHE U 74 55.74 37.88 30.02
CA PHE U 74 55.89 37.91 28.58
C PHE U 74 56.84 39.06 28.23
N HIS U 75 58.09 38.73 27.91
CA HIS U 75 58.96 39.74 27.32
C HIS U 75 59.60 39.28 26.02
N ASP U 76 59.54 38.00 25.69
CA ASP U 76 59.93 37.51 24.37
C ASP U 76 59.03 36.34 24.03
N PRO U 77 57.85 36.62 23.49
CA PRO U 77 56.82 35.59 23.41
C PRO U 77 57.05 34.59 22.30
N ASN U 78 57.88 34.91 21.31
CA ASN U 78 58.12 33.94 20.26
C ASN U 78 59.00 32.79 20.72
N ALA U 79 59.75 32.97 21.80
CA ALA U 79 60.43 31.87 22.46
C ALA U 79 59.62 31.27 23.58
N LEU U 80 58.77 32.08 24.23
CA LEU U 80 57.91 31.51 25.27
C LEU U 80 56.88 30.56 24.66
N LEU U 81 56.37 30.90 23.47
CA LEU U 81 55.40 30.06 22.81
C LEU U 81 56.05 28.78 22.30
N GLU U 82 57.32 28.88 21.93
CA GLU U 82 58.04 27.71 21.44
C GLU U 82 58.30 26.73 22.57
N LYS U 83 58.63 27.23 23.76
CA LYS U 83 58.92 26.31 24.85
C LYS U 83 57.65 25.74 25.46
N LEU U 84 56.58 26.56 25.54
CA LEU U 84 55.32 26.05 26.04
C LEU U 84 54.65 25.08 25.07
N SER U 85 54.93 25.18 23.77
CA SER U 85 54.29 24.26 22.85
C SER U 85 54.91 22.88 22.91
N LEU U 86 56.11 22.77 23.47
CA LEU U 86 56.78 21.49 23.60
C LEU U 86 56.52 20.89 24.96
N GLN U 87 56.34 21.73 25.99
CA GLN U 87 55.99 21.13 27.26
C GLN U 87 54.53 20.70 27.27
N LEU U 88 53.66 21.40 26.53
CA LEU U 88 52.25 21.05 26.52
C LEU U 88 51.90 20.04 25.43
N GLY U 89 52.52 20.16 24.27
CA GLY U 89 52.21 19.30 23.14
C GLY U 89 51.27 20.08 22.27
N LEU U 90 51.82 20.78 21.29
CA LEU U 90 51.10 21.77 20.50
C LEU U 90 51.90 22.01 19.25
N ILE U 91 51.20 22.36 18.18
CA ILE U 91 51.83 22.81 16.96
C ILE U 91 51.24 24.16 16.61
N TRP U 92 52.05 25.03 16.04
CA TRP U 92 51.61 26.39 15.77
C TRP U 92 52.15 26.84 14.42
N TYR U 93 51.54 27.91 13.89
CA TYR U 93 51.92 28.38 12.57
C TYR U 93 51.59 29.86 12.46
N PHE U 94 52.46 30.60 11.76
CA PHE U 94 52.30 32.04 11.59
C PHE U 94 52.38 32.35 10.09
N ASP U 95 51.24 32.64 9.49
CA ASP U 95 51.14 32.87 8.05
C ASP U 95 51.13 34.34 7.69
N GLY U 96 51.63 35.21 8.56
CA GLY U 96 51.76 36.62 8.28
C GLY U 96 50.63 37.48 8.80
N GLN U 97 49.45 36.91 9.03
CA GLN U 97 48.31 37.68 9.51
C GLN U 97 47.72 37.18 10.82
N ALA U 98 47.98 35.94 11.22
CA ALA U 98 47.45 35.39 12.45
C ALA U 98 48.37 34.28 12.92
N ILE U 99 48.13 33.80 14.13
CA ILE U 99 48.88 32.66 14.69
C ILE U 99 47.90 31.55 15.01
N TYR U 100 47.97 30.47 14.24
CA TYR U 100 47.12 29.31 14.46
C TYR U 100 47.78 28.34 15.43
N ILE U 101 47.01 27.83 16.39
CA ILE U 101 47.52 26.89 17.39
C ILE U 101 46.63 25.66 17.39
N TYR U 102 47.21 24.50 17.11
CA TYR U 102 46.55 23.21 17.19
C TYR U 102 47.27 22.36 18.23
N ASP U 103 46.70 21.21 18.56
CA ASP U 103 47.48 20.28 19.36
C ASP U 103 48.19 19.29 18.46
N ALA U 104 49.06 18.49 19.06
CA ALA U 104 49.99 17.66 18.29
C ALA U 104 49.31 16.51 17.55
N SER U 105 48.12 16.09 18.00
CA SER U 105 47.45 14.97 17.39
C SER U 105 46.57 15.37 16.20
N GLU U 106 46.68 16.63 15.75
CA GLU U 106 45.96 17.09 14.57
C GLU U 106 46.88 17.31 13.38
N MET U 107 48.14 16.89 13.46
CA MET U 107 49.05 17.05 12.34
C MET U 107 48.71 16.06 11.23
N ARG U 108 48.56 16.58 10.02
CA ARG U 108 48.10 15.79 8.89
C ARG U 108 49.16 15.72 7.79
N ASN U 109 49.00 14.72 6.92
CA ASN U 109 49.99 14.39 5.89
C ASN U 109 49.38 14.51 4.50
N ALA U 110 50.27 14.67 3.52
CA ALA U 110 49.87 14.78 2.12
C ALA U 110 51.06 14.49 1.23
N VAL U 111 50.83 13.75 0.15
CA VAL U 111 51.83 13.48 -0.88
C VAL U 111 51.28 14.00 -2.20
N VAL U 112 51.88 15.06 -2.73
CA VAL U 112 51.42 15.68 -3.97
C VAL U 112 52.57 15.68 -4.98
N SER U 113 52.27 15.29 -6.21
CA SER U 113 53.27 15.14 -7.26
C SER U 113 53.06 16.19 -8.34
N LEU U 114 54.06 17.05 -8.55
CA LEU U 114 53.98 18.09 -9.56
C LEU U 114 54.25 17.52 -10.94
N ARG U 115 53.68 18.17 -11.96
CA ARG U 115 53.73 17.64 -13.31
C ARG U 115 54.91 18.23 -14.10
N ASN U 116 54.93 19.56 -14.25
CA ASN U 116 55.93 20.21 -15.09
C ASN U 116 56.60 21.40 -14.40
N VAL U 117 56.44 21.56 -13.09
CA VAL U 117 57.14 22.58 -12.32
C VAL U 117 57.98 21.85 -11.28
N SER U 118 59.23 22.27 -11.15
CA SER U 118 60.13 21.60 -10.21
C SER U 118 59.85 21.97 -8.76
N LEU U 119 60.51 21.20 -7.88
CA LEU U 119 60.41 21.47 -6.45
C LEU U 119 61.15 22.74 -6.10
N ASN U 120 62.30 22.97 -6.73
CA ASN U 120 63.07 24.18 -6.42
C ASN U 120 62.34 25.45 -6.85
N GLU U 121 61.52 25.34 -7.90
CA GLU U 121 60.68 26.46 -8.29
C GLU U 121 59.51 26.64 -7.32
N PHE U 122 58.95 25.54 -6.82
CA PHE U 122 57.87 25.73 -5.86
C PHE U 122 58.40 26.18 -4.51
N ASN U 123 59.57 25.71 -4.12
CA ASN U 123 60.20 26.13 -2.88
C ASN U 123 60.72 27.55 -2.98
N ASN U 124 60.93 28.07 -4.20
CA ASN U 124 61.27 29.46 -4.35
C ASN U 124 60.04 30.35 -4.35
N PHE U 125 58.87 29.78 -4.68
CA PHE U 125 57.65 30.57 -4.59
C PHE U 125 57.29 30.86 -3.14
N LEU U 126 57.55 29.92 -2.24
CA LEU U 126 57.24 30.15 -0.83
C LEU U 126 58.21 31.13 -0.21
N LYS U 127 59.48 31.12 -0.65
CA LYS U 127 60.42 32.07 -0.09
C LYS U 127 60.16 33.47 -0.64
N ARG U 128 59.64 33.56 -1.85
CA ARG U 128 59.37 34.88 -2.41
C ARG U 128 58.10 35.46 -1.80
N SER U 129 57.12 34.60 -1.51
CA SER U 129 55.87 35.11 -0.92
C SER U 129 56.06 35.44 0.56
N GLY U 130 56.47 34.46 1.35
CA GLY U 130 56.61 34.68 2.78
C GLY U 130 55.93 33.61 3.59
N LEU U 131 55.54 32.52 2.93
CA LEU U 131 54.87 31.39 3.58
C LEU U 131 55.82 30.24 3.84
N TYR U 132 57.12 30.49 3.86
CA TYR U 132 58.12 29.45 4.08
C TYR U 132 58.36 29.27 5.58
N ASN U 133 58.15 28.04 6.05
CA ASN U 133 58.34 27.69 7.45
C ASN U 133 59.45 26.66 7.53
N LYS U 134 60.52 26.98 8.26
CA LYS U 134 61.67 26.09 8.36
C LYS U 134 61.45 24.94 9.35
N ASN U 135 60.40 25.00 10.16
CA ASN U 135 60.14 23.87 11.04
C ASN U 135 59.55 22.69 10.29
N TYR U 136 58.73 22.96 9.27
CA TYR U 136 58.10 21.91 8.46
C TYR U 136 58.45 22.13 7.00
N PRO U 137 59.64 21.75 6.57
CA PRO U 137 60.01 21.91 5.16
C PRO U 137 59.38 20.82 4.31
N LEU U 138 59.59 20.92 3.00
CA LEU U 138 59.11 19.93 2.05
C LEU U 138 60.21 18.91 1.79
N ARG U 139 59.92 17.64 2.05
CA ARG U 139 60.89 16.56 1.87
C ARG U 139 60.71 15.97 0.50
N GLY U 140 61.77 16.01 -0.30
CA GLY U 140 61.71 15.45 -1.65
C GLY U 140 63.00 15.73 -2.39
N ASP U 141 63.07 15.16 -3.59
CA ASP U 141 64.21 15.37 -4.48
C ASP U 141 64.20 16.79 -5.04
N ASN U 142 65.40 17.31 -5.29
CA ASN U 142 65.52 18.73 -5.61
C ASN U 142 65.03 19.07 -7.01
N ARG U 143 65.12 18.13 -7.96
CA ARG U 143 64.54 18.34 -9.29
C ARG U 143 63.68 17.11 -9.66
N LYS U 144 62.46 17.11 -9.15
CA LYS U 144 61.48 16.06 -9.40
C LYS U 144 60.09 16.67 -9.29
N GLY U 145 59.09 15.81 -9.19
CA GLY U 145 57.73 16.28 -9.01
C GLY U 145 57.13 15.85 -7.70
N THR U 146 57.58 14.72 -7.18
CA THR U 146 57.02 14.16 -5.95
C THR U 146 57.75 14.71 -4.74
N PHE U 147 56.97 15.08 -3.72
CA PHE U 147 57.53 15.49 -2.44
C PHE U 147 56.49 15.20 -1.35
N TYR U 148 56.88 15.42 -0.11
CA TYR U 148 56.12 15.01 1.06
C TYR U 148 56.02 16.19 2.01
N VAL U 149 54.80 16.51 2.46
CA VAL U 149 54.54 17.63 3.34
C VAL U 149 53.77 17.14 4.56
N SER U 150 54.09 17.70 5.74
CA SER U 150 53.39 17.34 6.96
C SER U 150 53.47 18.51 7.93
N GLY U 151 52.32 19.02 8.36
CA GLY U 151 52.29 20.12 9.30
C GLY U 151 50.89 20.39 9.83
N PRO U 152 50.63 21.63 10.21
CA PRO U 152 49.31 22.03 10.65
C PRO U 152 48.30 22.01 9.51
N PRO U 153 47.01 21.90 9.81
CA PRO U 153 46.00 21.78 8.74
C PRO U 153 45.80 23.03 7.90
N VAL U 154 46.38 24.17 8.25
CA VAL U 154 46.31 25.31 7.34
C VAL U 154 47.57 25.40 6.48
N TYR U 155 48.66 24.77 6.91
CA TYR U 155 49.85 24.77 6.09
C TYR U 155 49.79 23.66 5.06
N VAL U 156 49.16 22.54 5.39
CA VAL U 156 49.04 21.48 4.41
C VAL U 156 47.99 21.87 3.38
N ASP U 157 46.87 22.43 3.84
CA ASP U 157 45.82 22.84 2.93
C ASP U 157 46.23 24.03 2.08
N MET U 158 47.24 24.80 2.50
CA MET U 158 47.71 25.85 1.61
C MET U 158 48.67 25.28 0.57
N VAL U 159 49.54 24.35 0.97
CA VAL U 159 50.57 23.86 0.04
C VAL U 159 49.95 22.98 -1.02
N VAL U 160 49.01 22.12 -0.65
CA VAL U 160 48.37 21.21 -1.59
C VAL U 160 47.51 22.00 -2.58
N ASN U 161 46.81 23.02 -2.09
CA ASN U 161 45.92 23.77 -2.98
C ASN U 161 46.71 24.68 -3.90
N ALA U 162 47.81 25.27 -3.42
CA ALA U 162 48.56 26.15 -4.30
C ALA U 162 49.42 25.41 -5.30
N ALA U 163 49.79 24.16 -5.01
CA ALA U 163 50.65 23.46 -5.97
C ALA U 163 49.87 22.97 -7.17
N THR U 164 48.61 22.56 -6.98
CA THR U 164 47.86 22.15 -8.15
C THR U 164 47.38 23.34 -8.95
N MET U 165 47.22 24.52 -8.33
CA MET U 165 46.82 25.67 -9.10
C MET U 165 48.02 26.40 -9.69
N MET U 166 49.23 25.92 -9.42
CA MET U 166 50.41 26.40 -10.11
C MET U 166 50.79 25.44 -11.22
N ASP U 167 50.48 24.16 -11.00
CA ASP U 167 50.75 23.12 -11.98
C ASP U 167 49.71 23.11 -13.09
N LYS U 168 48.44 23.37 -12.79
CA LYS U 168 47.46 23.53 -13.85
C LYS U 168 47.69 24.81 -14.65
N GLN U 169 48.31 25.81 -14.03
CA GLN U 169 48.66 27.03 -14.75
C GLN U 169 49.84 26.81 -15.69
N ASN U 170 50.81 26.01 -15.29
CA ASN U 170 51.94 25.77 -16.18
C ASN U 170 51.82 24.43 -16.87
N ALA V 171 41.23 -82.37 96.63
CA ALA V 171 40.55 -82.03 95.39
C ALA V 171 41.53 -81.88 94.25
N GLU V 172 41.45 -82.78 93.27
CA GLU V 172 42.34 -82.75 92.13
C GLU V 172 41.95 -81.63 91.17
N LEU V 173 42.81 -81.41 90.17
CA LEU V 173 42.56 -80.34 89.22
C LEU V 173 41.48 -80.74 88.22
N ASP V 174 41.47 -82.01 87.80
CA ASP V 174 40.51 -82.45 86.80
C ASP V 174 39.10 -82.60 87.34
N SER V 175 38.90 -82.51 88.65
CA SER V 175 37.57 -82.44 89.20
C SER V 175 37.04 -81.02 89.29
N LEU V 176 37.93 -80.03 89.36
CA LEU V 176 37.54 -78.64 89.44
C LEU V 176 37.07 -78.06 88.12
N LEU V 177 37.34 -78.73 87.01
CA LEU V 177 36.86 -78.30 85.71
C LEU V 177 35.40 -78.75 85.53
N GLY V 178 34.90 -78.70 84.31
CA GLY V 178 33.51 -78.98 84.03
C GLY V 178 33.12 -80.45 84.21
N GLN V 179 31.86 -80.72 83.88
CA GLN V 179 31.32 -82.07 84.00
C GLN V 179 31.91 -83.02 82.98
N GLU V 180 31.99 -82.58 81.72
CA GLU V 180 32.50 -83.42 80.64
C GLU V 180 34.02 -83.54 80.76
N LYS V 181 34.50 -84.72 81.15
CA LYS V 181 35.92 -84.97 81.31
C LYS V 181 36.55 -85.53 80.03
N GLU V 182 36.33 -84.82 78.92
CA GLU V 182 36.95 -85.22 77.67
C GLU V 182 37.50 -84.05 76.86
N ARG V 183 37.16 -82.80 77.20
CA ARG V 183 37.65 -81.66 76.46
C ARG V 183 38.97 -81.13 76.99
N PHE V 184 39.32 -81.43 78.24
CA PHE V 184 40.56 -81.00 78.84
C PHE V 184 41.48 -82.19 79.08
N GLN V 185 42.78 -81.94 78.99
CA GLN V 185 43.80 -82.96 79.20
C GLN V 185 44.88 -82.40 80.11
N VAL V 186 45.04 -83.00 81.28
CA VAL V 186 45.94 -82.49 82.31
C VAL V 186 47.26 -83.27 82.23
N LEU V 187 48.31 -82.57 81.87
CA LEU V 187 49.63 -83.12 81.64
C LEU V 187 50.55 -82.74 82.80
N PRO V 188 51.27 -83.70 83.39
CA PRO V 188 52.20 -83.34 84.47
C PRO V 188 53.48 -82.74 83.90
N GLY V 189 53.90 -81.59 84.44
CA GLY V 189 55.09 -80.92 83.95
C GLY V 189 56.35 -81.46 84.60
N ARG V 190 57.48 -80.98 84.10
CA ARG V 190 58.78 -81.35 84.64
C ARG V 190 59.35 -80.30 85.58
N ASP V 191 58.77 -79.10 85.60
CA ASP V 191 59.21 -78.03 86.49
C ASP V 191 58.24 -77.87 87.66
N LYS V 192 57.74 -78.99 88.17
CA LYS V 192 56.82 -79.06 89.32
C LYS V 192 55.53 -78.27 89.06
N MET V 193 55.04 -78.32 87.83
CA MET V 193 53.83 -77.62 87.43
C MET V 193 52.85 -78.62 86.82
N LEU V 194 51.67 -78.11 86.46
CA LEU V 194 50.62 -78.95 85.92
C LEU V 194 49.95 -78.20 84.78
N TYR V 195 50.09 -78.74 83.57
CA TYR V 195 49.64 -78.06 82.37
C TYR V 195 48.28 -78.60 81.97
N VAL V 196 47.39 -77.71 81.53
CA VAL V 196 46.06 -78.05 81.06
C VAL V 196 46.05 -77.71 79.58
N ALA V 197 45.58 -78.63 78.74
CA ALA V 197 45.68 -78.42 77.30
C ALA V 197 44.29 -78.21 76.76
N ALA V 198 43.98 -76.97 76.36
CA ALA V 198 42.73 -76.75 75.66
C ALA V 198 42.93 -76.90 74.16
N GLN V 199 41.91 -76.58 73.39
CA GLN V 199 42.06 -76.67 71.94
C GLN V 199 41.49 -75.47 71.19
N ASN V 200 40.85 -74.51 71.87
CA ASN V 200 40.40 -73.29 71.21
C ASN V 200 40.36 -72.16 72.23
N GLU V 201 39.99 -70.98 71.75
CA GLU V 201 39.96 -69.81 72.61
C GLU V 201 38.75 -69.79 73.52
N ARG V 202 37.70 -70.53 73.19
CA ARG V 202 36.54 -70.53 74.05
C ARG V 202 36.79 -71.36 75.30
N ASP V 203 37.34 -72.55 75.12
CA ASP V 203 37.67 -73.40 76.26
C ASP V 203 39.03 -73.10 76.86
N THR V 204 39.74 -72.07 76.38
CA THR V 204 40.94 -71.66 77.11
C THR V 204 40.59 -70.69 78.25
N LEU V 205 39.61 -69.81 78.03
CA LEU V 205 39.14 -68.94 79.10
C LEU V 205 38.27 -69.64 80.14
N TRP V 206 37.83 -70.87 79.85
CA TRP V 206 37.09 -71.63 80.84
C TRP V 206 38.02 -72.09 81.94
N ALA V 207 39.13 -72.72 81.57
CA ALA V 207 40.07 -73.15 82.58
C ALA V 207 40.87 -71.99 83.14
N ARG V 208 41.01 -70.89 82.38
CA ARG V 208 41.74 -69.76 82.94
C ARG V 208 40.92 -69.02 83.97
N GLN V 209 39.59 -69.12 83.93
CA GLN V 209 38.81 -68.51 85.00
C GLN V 209 38.96 -69.31 86.30
N VAL V 210 39.12 -70.63 86.17
CA VAL V 210 39.27 -71.49 87.33
C VAL V 210 40.61 -71.21 87.99
N LEU V 211 41.68 -71.19 87.21
CA LEU V 211 42.99 -70.96 87.82
C LEU V 211 43.20 -69.50 88.24
N ALA V 212 42.38 -68.57 87.73
CA ALA V 212 42.50 -67.17 88.11
C ALA V 212 41.72 -66.84 89.37
N ARG V 213 40.56 -67.47 89.60
CA ARG V 213 39.85 -67.21 90.85
C ARG V 213 40.48 -67.92 92.03
N GLY V 214 41.43 -68.82 91.79
CA GLY V 214 42.28 -69.30 92.85
C GLY V 214 41.73 -70.43 93.68
N ASP V 215 40.86 -71.27 93.11
CA ASP V 215 40.41 -72.45 93.84
C ASP V 215 41.25 -73.67 93.50
N TYR V 216 42.57 -73.49 93.58
CA TYR V 216 43.54 -74.57 93.42
C TYR V 216 44.83 -74.08 94.06
N ASP V 217 45.28 -74.75 95.11
CA ASP V 217 46.35 -74.23 95.94
C ASP V 217 47.74 -74.38 95.32
N LYS V 218 47.90 -75.19 94.28
CA LYS V 218 49.19 -75.40 93.67
C LYS V 218 49.27 -74.61 92.36
N ASN V 219 50.35 -74.80 91.61
CA ASN V 219 50.60 -74.06 90.39
C ASN V 219 50.13 -74.86 89.18
N ALA V 220 49.47 -74.17 88.23
CA ALA V 220 48.97 -74.79 87.03
C ALA V 220 48.90 -73.74 85.93
N ARG V 221 48.92 -74.21 84.68
CA ARG V 221 48.91 -73.35 83.51
C ARG V 221 47.93 -73.88 82.48
N VAL V 222 47.44 -73.00 81.62
CA VAL V 222 46.56 -73.41 80.52
C VAL V 222 47.30 -73.12 79.22
N ILE V 223 47.65 -74.18 78.49
CA ILE V 223 48.32 -74.04 77.23
C ILE V 223 47.32 -74.29 76.10
N ASN V 224 47.72 -73.92 74.89
CA ASN V 224 46.87 -73.92 73.71
C ASN V 224 47.67 -74.45 72.53
N GLU V 225 47.09 -74.33 71.35
CA GLU V 225 47.70 -74.68 70.08
C GLU V 225 48.33 -73.48 69.38
N ASN V 226 47.57 -72.41 69.21
CA ASN V 226 48.10 -71.23 68.56
C ASN V 226 49.01 -70.42 69.46
N GLU V 227 48.69 -70.32 70.76
CA GLU V 227 49.54 -69.54 71.65
C GLU V 227 50.84 -70.27 71.95
N GLU V 228 50.90 -71.56 71.70
CA GLU V 228 52.14 -72.28 71.88
C GLU V 228 52.94 -72.31 70.60
N ASN V 229 52.27 -72.29 69.45
CA ASN V 229 53.05 -72.10 68.24
C ASN V 229 53.55 -70.68 68.12
N LYS V 230 52.89 -69.73 68.77
CA LYS V 230 53.38 -68.36 68.80
C LYS V 230 54.46 -68.14 69.86
N ARG V 231 54.48 -68.93 70.92
CA ARG V 231 55.45 -68.65 71.98
C ARG V 231 56.85 -69.10 71.60
N ILE V 232 56.99 -70.30 71.02
CA ILE V 232 58.31 -70.82 70.70
C ILE V 232 58.69 -70.51 69.24
N SER V 233 58.00 -69.56 68.65
CA SER V 233 58.49 -68.90 67.44
C SER V 233 59.14 -67.56 67.72
N ILE V 234 58.96 -67.03 68.93
CA ILE V 234 59.71 -65.85 69.37
C ILE V 234 61.09 -66.26 69.85
N TRP V 235 61.19 -67.42 70.49
CA TRP V 235 62.50 -67.97 70.85
C TRP V 235 63.30 -68.40 69.64
N LEU V 236 62.63 -68.79 68.57
CA LEU V 236 63.35 -69.39 67.45
C LEU V 236 64.01 -68.35 66.56
N ASP V 237 63.48 -67.13 66.52
CA ASP V 237 64.07 -66.07 65.70
C ASP V 237 65.04 -65.20 66.47
N THR V 238 65.63 -65.75 67.51
CA THR V 238 66.72 -65.14 68.24
C THR V 238 67.94 -66.05 68.27
N TYR V 239 67.72 -67.34 68.49
CA TYR V 239 68.81 -68.30 68.54
C TYR V 239 69.00 -69.05 67.23
N TYR V 240 67.97 -69.19 66.41
CA TYR V 240 68.10 -69.84 65.11
C TYR V 240 67.45 -69.00 64.02
N PRO V 241 68.07 -67.90 63.62
CA PRO V 241 67.53 -67.13 62.50
C PRO V 241 67.87 -67.82 61.19
N GLN V 242 67.19 -67.37 60.13
CA GLN V 242 67.23 -67.96 58.78
C GLN V 242 66.91 -69.45 58.80
N LEU V 243 65.95 -69.83 59.64
CA LEU V 243 65.49 -71.21 59.72
C LEU V 243 64.22 -71.37 58.91
N ALA V 244 64.14 -72.43 58.14
CA ALA V 244 63.00 -72.70 57.28
C ALA V 244 62.15 -73.80 57.91
N TYR V 245 60.98 -73.43 58.43
CA TYR V 245 60.08 -74.38 59.08
C TYR V 245 58.66 -73.96 58.80
N TYR V 246 57.72 -74.84 59.10
CA TYR V 246 56.31 -74.61 58.78
C TYR V 246 55.43 -74.48 60.02
N ARG V 247 55.40 -75.51 60.86
CA ARG V 247 54.34 -75.62 61.86
C ARG V 247 54.75 -76.68 62.87
N ILE V 248 54.27 -76.55 64.10
CA ILE V 248 54.44 -77.57 65.13
C ILE V 248 53.08 -78.14 65.47
N HIS V 249 52.91 -79.45 65.33
CA HIS V 249 51.62 -80.09 65.50
C HIS V 249 51.56 -80.77 66.87
N PHE V 250 50.50 -80.49 67.62
CA PHE V 250 50.31 -81.03 68.96
C PHE V 250 49.12 -81.98 69.03
N ASP V 251 48.97 -82.86 68.04
CA ASP V 251 47.88 -83.83 68.07
C ASP V 251 48.10 -84.89 69.13
N GLU V 252 49.35 -85.18 69.48
CA GLU V 252 49.66 -85.99 70.66
C GLU V 252 50.60 -85.17 71.53
N PRO V 253 50.10 -84.58 72.61
CA PRO V 253 50.83 -83.48 73.28
C PRO V 253 52.05 -83.89 74.10
N ARG V 254 52.45 -85.15 74.06
CA ARG V 254 53.70 -85.56 74.69
C ARG V 254 54.79 -85.89 73.68
N LYS V 255 54.46 -86.02 72.40
CA LYS V 255 55.46 -86.15 71.35
C LYS V 255 55.06 -85.25 70.19
N PRO V 256 55.36 -83.95 70.29
CA PRO V 256 55.04 -83.06 69.17
C PRO V 256 56.00 -83.26 68.02
N VAL V 257 55.47 -83.05 66.82
CA VAL V 257 56.20 -83.22 65.57
C VAL V 257 56.48 -81.85 64.96
N PHE V 258 57.75 -81.62 64.61
CA PHE V 258 58.24 -80.36 64.08
C PHE V 258 58.40 -80.51 62.58
N TRP V 259 57.60 -79.78 61.81
CA TRP V 259 57.62 -79.86 60.35
C TRP V 259 58.68 -78.91 59.83
N LEU V 260 59.85 -79.45 59.48
CA LEU V 260 60.98 -78.67 59.01
C LEU V 260 61.08 -78.76 57.49
N SER V 261 61.57 -77.69 56.87
CA SER V 261 61.75 -77.72 55.43
C SER V 261 62.98 -78.52 55.06
N ARG V 262 62.96 -79.11 53.88
CA ARG V 262 64.02 -80.02 53.46
C ARG V 262 65.09 -79.35 52.62
N GLN V 263 64.68 -78.52 51.66
CA GLN V 263 65.59 -78.01 50.66
C GLN V 263 66.20 -76.66 50.99
N ARG V 264 65.67 -75.95 51.97
CA ARG V 264 66.13 -74.60 52.27
C ARG V 264 67.01 -74.52 53.50
N ASN V 265 67.38 -75.65 54.09
CA ASN V 265 68.30 -75.65 55.20
C ASN V 265 69.56 -76.44 54.83
N THR V 266 70.55 -76.38 55.73
CA THR V 266 71.82 -77.05 55.49
C THR V 266 72.36 -77.75 56.73
N MET V 267 71.50 -78.05 57.70
CA MET V 267 71.94 -78.69 58.93
C MET V 267 72.19 -80.18 58.71
N SER V 268 73.17 -80.71 59.44
CA SER V 268 73.53 -82.11 59.34
C SER V 268 72.77 -82.92 60.38
N LYS V 269 73.20 -84.17 60.59
CA LYS V 269 72.53 -85.07 61.53
C LYS V 269 72.74 -84.66 62.98
N LYS V 270 73.91 -84.11 63.31
CA LYS V 270 74.24 -83.81 64.70
C LYS V 270 73.47 -82.62 65.23
N GLU V 271 73.49 -81.49 64.51
CA GLU V 271 72.84 -80.32 65.07
C GLU V 271 71.33 -80.30 64.87
N LEU V 272 70.77 -81.34 64.24
CA LEU V 272 69.33 -81.52 64.33
C LEU V 272 68.98 -82.21 65.62
N GLU V 273 69.85 -83.08 66.12
CA GLU V 273 69.64 -83.65 67.43
C GLU V 273 70.03 -82.68 68.53
N VAL V 274 70.79 -81.63 68.22
CA VAL V 274 71.03 -80.59 69.20
C VAL V 274 69.80 -79.67 69.30
N LEU V 275 69.21 -79.36 68.13
CA LEU V 275 67.98 -78.56 68.13
C LEU V 275 66.83 -79.33 68.78
N SER V 276 66.83 -80.66 68.65
CA SER V 276 65.77 -81.43 69.28
C SER V 276 65.90 -81.49 70.81
N GLN V 277 67.07 -81.17 71.35
CA GLN V 277 67.21 -81.07 72.80
C GLN V 277 66.82 -79.68 73.28
N LYS V 278 67.15 -78.66 72.48
CA LYS V 278 66.78 -77.33 72.93
C LYS V 278 65.31 -77.04 72.72
N LEU V 279 64.63 -77.76 71.83
CA LEU V 279 63.18 -77.65 71.80
C LEU V 279 62.52 -78.46 72.90
N ARG V 280 63.20 -79.50 73.40
CA ARG V 280 62.65 -80.27 74.50
C ARG V 280 62.71 -79.49 75.80
N ALA V 281 63.76 -78.69 75.96
CA ALA V 281 63.87 -77.91 77.19
C ALA V 281 62.94 -76.72 77.23
N LEU V 282 62.34 -76.33 76.11
CA LEU V 282 61.34 -75.26 76.10
C LEU V 282 59.96 -75.73 76.53
N MET V 283 59.60 -76.97 76.21
CA MET V 283 58.30 -77.52 76.56
C MET V 283 58.45 -78.58 77.62
N PRO V 284 58.19 -78.27 78.90
CA PRO V 284 58.44 -79.24 79.98
C PRO V 284 57.40 -80.36 80.05
N TYR V 285 56.32 -80.28 79.29
CA TYR V 285 55.30 -81.33 79.31
C TYR V 285 55.57 -82.43 78.29
N ALA V 286 56.58 -82.27 77.46
CA ALA V 286 56.89 -83.23 76.40
C ALA V 286 57.91 -84.24 76.86
N ASP V 287 57.97 -85.37 76.15
CA ASP V 287 58.98 -86.38 76.39
C ASP V 287 60.07 -86.37 75.33
N SER V 288 59.70 -86.13 74.08
CA SER V 288 60.65 -85.99 72.97
C SER V 288 59.99 -85.15 71.91
N VAL V 289 60.79 -84.61 71.00
CA VAL V 289 60.30 -83.80 69.89
C VAL V 289 60.80 -84.43 68.61
N ASN V 290 59.87 -84.86 67.76
CA ASN V 290 60.23 -85.53 66.52
C ASN V 290 60.33 -84.50 65.41
N ILE V 291 61.49 -84.37 64.79
CA ILE V 291 61.71 -83.39 63.73
C ILE V 291 61.68 -84.12 62.39
N THR V 292 60.64 -83.89 61.60
CA THR V 292 60.55 -84.51 60.27
C THR V 292 60.69 -83.45 59.18
N LEU V 293 61.42 -83.80 58.13
CA LEU V 293 61.68 -82.90 57.01
C LEU V 293 60.65 -83.11 55.92
N MET V 294 59.69 -82.21 55.84
CA MET V 294 58.69 -82.22 54.78
C MET V 294 59.25 -81.58 53.53
N ASP V 295 58.74 -82.00 52.37
CA ASP V 295 59.18 -81.47 51.10
C ASP V 295 58.65 -80.05 50.90
N ASP V 296 59.19 -79.36 49.90
CA ASP V 296 58.83 -77.97 49.66
C ASP V 296 58.04 -77.74 48.39
N VAL V 297 58.04 -78.68 47.44
CA VAL V 297 57.23 -78.52 46.24
C VAL V 297 55.81 -79.06 46.42
N THR V 298 55.59 -79.86 47.46
CA THR V 298 54.25 -80.36 47.71
C THR V 298 53.42 -79.43 48.57
N ALA V 299 54.06 -78.48 49.24
CA ALA V 299 53.31 -77.50 50.01
C ALA V 299 52.68 -76.48 49.07
N ALA V 300 53.36 -76.14 47.99
CA ALA V 300 52.78 -75.24 47.01
C ALA V 300 51.99 -75.98 45.95
N GLY V 301 52.19 -77.29 45.81
CA GLY V 301 51.38 -78.04 44.88
C GLY V 301 50.03 -78.33 45.47
N GLN V 302 49.95 -78.57 46.77
CA GLN V 302 48.65 -78.79 47.36
C GLN V 302 47.84 -77.51 47.47
N ALA V 303 48.51 -76.36 47.48
CA ALA V 303 47.84 -75.07 47.55
C ALA V 303 47.42 -74.56 46.19
N GLU V 304 48.04 -75.04 45.13
CA GLU V 304 47.57 -74.64 43.81
C GLU V 304 46.49 -75.61 43.34
N ALA V 305 46.70 -76.91 43.55
CA ALA V 305 45.72 -77.91 43.14
C ALA V 305 44.47 -77.86 44.00
N GLY V 306 44.53 -77.35 45.23
CA GLY V 306 43.29 -77.15 45.95
C GLY V 306 42.57 -75.88 45.59
N LEU V 307 43.30 -74.89 45.06
CA LEU V 307 42.70 -73.63 44.66
C LEU V 307 42.11 -73.70 43.26
N LYS V 308 42.57 -74.63 42.43
CA LYS V 308 41.95 -74.82 41.13
C LYS V 308 40.67 -75.64 41.20
N GLN V 309 40.50 -76.42 42.26
CA GLN V 309 39.32 -77.26 42.38
C GLN V 309 38.09 -76.45 42.74
N GLN V 310 38.27 -75.31 43.39
CA GLN V 310 37.16 -74.43 43.75
C GLN V 310 36.80 -73.45 42.65
N ALA V 311 37.47 -73.53 41.48
CA ALA V 311 37.20 -72.71 40.30
C ALA V 311 37.32 -71.22 40.58
N LEU V 312 38.42 -70.84 41.18
CA LEU V 312 38.66 -69.43 41.49
C LEU V 312 39.72 -68.84 40.57
N PRO V 313 39.56 -67.59 40.15
CA PRO V 313 40.61 -66.94 39.37
C PRO V 313 41.74 -66.54 40.29
N TYR V 314 42.96 -66.77 39.83
CA TYR V 314 44.12 -66.54 40.69
C TYR V 314 45.35 -66.21 39.84
N SER V 315 46.40 -65.78 40.53
CA SER V 315 47.67 -65.50 39.87
C SER V 315 48.80 -65.86 40.81
N ARG V 316 49.59 -66.87 40.43
CA ARG V 316 50.69 -67.37 41.25
C ARG V 316 51.96 -66.59 40.98
N ARG V 317 52.57 -66.07 42.03
CA ARG V 317 53.80 -65.30 41.96
C ARG V 317 54.88 -66.07 42.72
N ASN V 318 55.78 -66.71 41.96
CA ASN V 318 56.89 -67.47 42.51
C ASN V 318 58.06 -66.55 42.77
N HIS V 319 58.65 -66.66 43.96
CA HIS V 319 59.96 -66.06 44.21
C HIS V 319 60.68 -66.94 45.20
N LYS V 320 61.92 -66.55 45.52
CA LYS V 320 62.77 -67.37 46.35
C LYS V 320 62.34 -67.29 47.82
N GLY V 321 62.08 -68.44 48.42
CA GLY V 321 61.72 -68.49 49.82
C GLY V 321 60.30 -68.08 50.15
N GLY V 322 59.33 -68.57 49.39
CA GLY V 322 57.92 -68.27 49.62
C GLY V 322 57.21 -67.99 48.32
N VAL V 323 55.95 -68.41 48.24
CA VAL V 323 55.11 -68.10 47.09
C VAL V 323 53.88 -67.32 47.52
N THR V 324 53.17 -66.77 46.54
CA THR V 324 51.96 -66.03 46.86
C THR V 324 50.94 -66.16 45.75
N PHE V 325 49.67 -66.23 46.14
CA PHE V 325 48.57 -66.39 45.20
C PHE V 325 47.64 -65.20 45.35
N VAL V 326 47.36 -64.51 44.25
CA VAL V 326 46.58 -63.28 44.27
C VAL V 326 45.24 -63.55 43.61
N ILE V 327 44.19 -63.67 44.43
CA ILE V 327 42.82 -63.78 43.97
C ILE V 327 42.26 -62.36 43.80
N GLN V 328 41.78 -62.05 42.60
CA GLN V 328 41.39 -60.69 42.28
C GLN V 328 40.21 -60.74 41.31
N GLY V 329 39.34 -59.75 41.41
CA GLY V 329 38.20 -59.66 40.52
C GLY V 329 36.96 -59.26 41.28
N ALA V 330 35.82 -59.27 40.56
CA ALA V 330 34.53 -58.93 41.15
C ALA V 330 33.84 -60.23 41.55
N LEU V 331 34.26 -60.77 42.69
CA LEU V 331 33.74 -62.04 43.17
C LEU V 331 32.32 -61.88 43.70
N ASP V 332 31.51 -62.91 43.51
CA ASP V 332 30.15 -62.94 44.01
C ASP V 332 30.13 -63.53 45.42
N ASP V 333 28.94 -63.81 45.94
CA ASP V 333 28.78 -64.18 47.35
C ASP V 333 29.17 -65.62 47.63
N VAL V 334 29.11 -66.50 46.63
CA VAL V 334 29.47 -67.89 46.87
C VAL V 334 30.98 -68.10 46.72
N GLU V 335 31.68 -67.20 46.04
CA GLU V 335 33.11 -67.39 45.86
C GLU V 335 33.93 -66.89 47.03
N ILE V 336 33.40 -65.97 47.85
CA ILE V 336 34.15 -65.61 49.04
C ILE V 336 33.95 -66.67 50.10
N LEU V 337 32.79 -67.30 50.14
CA LEU V 337 32.57 -68.34 51.12
C LEU V 337 33.34 -69.60 50.74
N ARG V 338 33.62 -69.79 49.45
CA ARG V 338 34.48 -70.91 49.10
C ARG V 338 35.95 -70.57 49.19
N ALA V 339 36.31 -69.28 49.19
CA ALA V 339 37.72 -68.93 49.36
C ALA V 339 38.15 -68.97 50.82
N ARG V 340 37.28 -68.54 51.72
CA ARG V 340 37.63 -68.56 53.14
C ARG V 340 37.64 -69.97 53.69
N GLN V 341 36.78 -70.84 53.19
CA GLN V 341 36.71 -72.19 53.71
C GLN V 341 37.87 -73.05 53.23
N PHE V 342 38.61 -72.59 52.23
CA PHE V 342 39.80 -73.28 51.78
C PHE V 342 41.06 -72.68 52.40
N VAL V 343 41.10 -71.35 52.53
CA VAL V 343 42.26 -70.69 53.12
C VAL V 343 42.38 -71.03 54.61
N ASP V 344 41.26 -71.03 55.34
CA ASP V 344 41.32 -71.35 56.76
C ASP V 344 41.63 -72.81 57.01
N SER V 345 41.22 -73.70 56.13
CA SER V 345 41.58 -75.10 56.26
C SER V 345 43.00 -75.39 55.81
N TYR V 346 43.60 -74.53 55.00
CA TYR V 346 45.00 -74.73 54.63
C TYR V 346 45.95 -74.15 55.65
N TYR V 347 45.55 -73.05 56.30
CA TYR V 347 46.39 -72.40 57.29
C TYR V 347 46.54 -73.26 58.54
N ARG V 348 45.57 -74.14 58.80
CA ARG V 348 45.66 -75.01 59.96
C ARG V 348 46.73 -76.07 59.73
N THR V 349 46.82 -76.57 58.51
CA THR V 349 47.78 -77.63 58.24
C THR V 349 49.18 -77.08 58.09
N TRP V 350 49.39 -76.15 57.16
CA TRP V 350 50.75 -75.73 56.85
C TRP V 350 51.20 -74.45 57.52
N GLY V 351 50.31 -73.52 57.82
CA GLY V 351 50.73 -72.24 58.38
C GLY V 351 51.18 -71.26 57.31
N GLY V 352 51.19 -69.99 57.68
CA GLY V 352 51.50 -68.93 56.74
C GLY V 352 52.95 -68.50 56.64
N ARG V 353 53.88 -69.44 56.82
CA ARG V 353 55.29 -69.09 56.74
C ARG V 353 55.80 -69.07 55.31
N TYR V 354 55.32 -69.97 54.45
CA TYR V 354 55.84 -70.15 53.10
C TYR V 354 54.92 -69.59 52.01
N VAL V 355 53.66 -70.02 51.99
CA VAL V 355 52.72 -69.67 50.92
C VAL V 355 51.64 -68.78 51.50
N GLN V 356 51.35 -67.67 50.82
CA GLN V 356 50.40 -66.69 51.32
C GLN V 356 49.37 -66.32 50.26
N PHE V 357 48.10 -66.28 50.67
CA PHE V 357 46.98 -65.93 49.81
C PHE V 357 46.60 -64.46 50.02
N ALA V 358 46.30 -63.77 48.92
CA ALA V 358 45.95 -62.36 48.94
C ALA V 358 44.63 -62.19 48.21
N ILE V 359 43.56 -61.90 48.93
CA ILE V 359 42.25 -61.71 48.36
C ILE V 359 41.95 -60.23 48.25
N GLU V 360 41.56 -59.78 47.06
CA GLU V 360 41.10 -58.40 46.93
C GLU V 360 39.97 -58.37 45.93
N LEU V 361 38.88 -57.70 46.29
CA LEU V 361 37.70 -57.66 45.43
C LEU V 361 37.42 -56.20 45.10
N LYS V 362 37.28 -55.94 43.80
CA LYS V 362 37.01 -54.61 43.29
C LYS V 362 35.79 -54.67 42.39
N ASP V 363 35.20 -53.50 42.13
CA ASP V 363 34.06 -53.47 41.24
C ASP V 363 34.53 -53.58 39.79
N ASP V 364 33.61 -53.99 38.93
CA ASP V 364 33.94 -54.25 37.53
C ASP V 364 33.76 -52.99 36.69
N TRP V 365 34.79 -52.67 35.90
CA TRP V 365 34.74 -51.50 35.05
C TRP V 365 33.89 -51.70 33.81
N LEU V 366 33.68 -52.95 33.40
CA LEU V 366 32.95 -53.27 32.18
C LEU V 366 31.65 -53.96 32.52
N LYS V 367 30.57 -53.18 32.59
CA LYS V 367 29.23 -53.71 32.81
C LYS V 367 28.34 -53.53 31.59
N GLY V 368 28.16 -52.29 31.14
CA GLY V 368 27.50 -51.98 29.90
C GLY V 368 28.42 -51.51 28.80
N ARG V 369 29.73 -51.66 28.98
CA ARG V 369 30.72 -51.13 28.05
C ARG V 369 31.06 -52.16 26.97
N SER V 370 31.10 -51.70 25.73
CA SER V 370 31.60 -52.49 24.61
C SER V 370 33.11 -52.34 24.53
N PHE V 371 33.80 -53.46 24.43
CA PHE V 371 35.24 -53.46 24.48
C PHE V 371 35.84 -54.46 23.52
N GLN V 372 37.12 -54.29 23.25
CA GLN V 372 37.87 -55.20 22.37
C GLN V 372 38.94 -55.85 23.23
N TYR V 373 39.06 -57.17 23.15
CA TYR V 373 40.07 -57.90 23.89
C TYR V 373 41.04 -58.56 22.93
N GLY V 374 42.14 -59.06 23.48
CA GLY V 374 43.15 -59.70 22.66
C GLY V 374 44.47 -58.98 22.76
N ALA V 375 45.02 -58.61 21.60
CA ALA V 375 46.28 -57.90 21.58
C ALA V 375 46.07 -56.40 21.82
N GLU V 376 45.31 -55.75 20.94
CA GLU V 376 45.04 -54.33 21.04
C GLU V 376 43.72 -54.09 21.76
N GLY V 377 43.74 -54.34 23.07
CA GLY V 377 42.53 -54.23 23.85
C GLY V 377 42.23 -52.78 24.21
N TYR V 378 40.94 -52.44 24.18
CA TYR V 378 40.51 -51.12 24.64
C TYR V 378 39.06 -51.21 25.09
N ILE V 379 38.62 -50.22 25.83
CA ILE V 379 37.27 -50.18 26.39
C ILE V 379 36.59 -48.89 25.97
N LYS V 380 35.39 -48.98 25.40
CA LYS V 380 34.67 -47.78 24.98
C LYS V 380 33.75 -47.38 26.12
N MET V 381 34.14 -46.35 26.88
CA MET V 381 33.33 -45.88 27.99
C MET V 381 32.15 -45.03 27.55
N SER V 382 32.06 -44.69 26.27
CA SER V 382 31.02 -43.87 25.69
C SER V 382 31.05 -44.11 24.19
N PRO V 383 30.05 -43.66 23.46
CA PRO V 383 30.18 -43.66 21.99
C PRO V 383 31.37 -42.85 21.48
N GLY V 384 31.79 -41.83 22.22
CA GLY V 384 32.93 -41.04 21.81
C GLY V 384 34.05 -40.98 22.83
N HIS V 385 34.36 -42.09 23.51
CA HIS V 385 35.41 -42.08 24.53
C HIS V 385 36.07 -43.45 24.56
N TRP V 386 37.34 -43.49 24.16
CA TRP V 386 38.17 -44.68 24.18
C TRP V 386 39.10 -44.68 25.37
N TYR V 387 39.22 -45.83 26.04
CA TYR V 387 40.15 -46.00 27.14
C TYR V 387 41.10 -47.13 26.80
N PHE V 388 42.37 -46.80 26.68
CA PHE V 388 43.39 -47.79 26.37
C PHE V 388 44.11 -48.17 27.65
N PRO V 389 43.91 -49.37 28.19
CA PRO V 389 44.45 -49.70 29.50
C PRO V 389 45.94 -50.01 29.43
N SER V 390 46.57 -49.92 30.60
CA SER V 390 48.00 -50.17 30.74
C SER V 390 48.22 -51.64 31.04
N PRO V 391 48.79 -52.42 30.12
CA PRO V 391 48.98 -53.86 30.33
C PRO V 391 50.12 -54.17 31.29
N ALA W 171 56.08 -59.62 103.57
CA ALA W 171 56.29 -60.89 102.88
C ALA W 171 57.27 -60.72 101.74
N GLU W 172 57.47 -61.79 100.97
CA GLU W 172 58.34 -61.73 99.83
C GLU W 172 57.66 -60.99 98.68
N LEU W 173 58.46 -60.61 97.68
CA LEU W 173 57.93 -59.82 96.58
C LEU W 173 57.10 -60.65 95.61
N ASP W 174 57.41 -61.93 95.47
CA ASP W 174 56.68 -62.77 94.53
C ASP W 174 55.27 -63.09 95.01
N SER W 175 55.00 -62.98 96.30
CA SER W 175 53.66 -63.17 96.82
C SER W 175 52.82 -61.90 96.80
N LEU W 176 53.44 -60.73 96.79
CA LEU W 176 52.72 -59.47 96.79
C LEU W 176 52.10 -59.13 95.45
N LEU W 177 52.53 -59.77 94.37
CA LEU W 177 51.96 -59.55 93.06
C LEU W 177 50.68 -60.38 92.93
N GLY W 178 50.17 -60.53 91.72
CA GLY W 178 48.88 -61.17 91.52
C GLY W 178 48.86 -62.67 91.80
N GLN W 179 47.68 -63.26 91.54
CA GLN W 179 47.49 -64.68 91.79
C GLN W 179 48.27 -65.53 90.80
N GLU W 180 48.24 -65.16 89.52
CA GLU W 180 48.99 -65.88 88.50
C GLU W 180 50.47 -65.58 88.69
N LYS W 181 51.21 -66.55 89.21
CA LYS W 181 52.66 -66.39 89.41
C LYS W 181 53.44 -66.88 88.20
N GLU W 182 53.09 -66.36 87.02
CA GLU W 182 53.72 -66.76 85.78
C GLU W 182 54.07 -65.58 84.89
N ARG W 183 53.45 -64.42 85.07
CA ARG W 183 53.70 -63.31 84.17
C ARG W 183 54.83 -62.41 84.65
N PHE W 184 55.23 -62.51 85.91
CA PHE W 184 56.36 -61.74 86.43
C PHE W 184 57.49 -62.68 86.80
N GLN W 185 58.71 -62.16 86.76
CA GLN W 185 59.91 -62.95 87.03
C GLN W 185 60.88 -62.13 87.86
N VAL W 186 61.02 -62.49 89.13
CA VAL W 186 61.81 -61.73 90.10
C VAL W 186 63.26 -62.20 90.07
N LEU W 187 64.18 -61.27 89.78
CA LEU W 187 65.61 -61.56 89.70
C LEU W 187 66.38 -60.80 90.78
N PRO W 188 67.34 -61.43 91.45
CA PRO W 188 68.14 -60.72 92.45
C PRO W 188 69.29 -59.96 91.80
N GLY W 189 69.39 -58.65 92.08
CA GLY W 189 70.44 -57.82 91.54
C GLY W 189 71.72 -57.97 92.33
N ARG W 190 72.79 -57.43 91.76
CA ARG W 190 74.11 -57.50 92.39
C ARG W 190 74.38 -56.33 93.31
N ASP W 191 73.63 -55.24 93.20
CA ASP W 191 73.75 -54.10 94.09
C ASP W 191 72.72 -54.12 95.22
N LYS W 192 72.34 -55.33 95.67
CA LYS W 192 71.36 -55.57 96.74
C LYS W 192 70.00 -54.94 96.43
N MET W 193 69.60 -54.99 95.16
CA MET W 193 68.28 -54.58 94.72
C MET W 193 67.57 -55.82 94.15
N LEU W 194 66.28 -55.70 93.87
CA LEU W 194 65.49 -56.85 93.45
C LEU W 194 64.63 -56.43 92.26
N TYR W 195 64.93 -56.97 91.09
CA TYR W 195 64.33 -56.53 89.85
C TYR W 195 63.15 -57.42 89.49
N VAL W 196 62.09 -56.81 88.97
CA VAL W 196 60.91 -57.52 88.50
C VAL W 196 60.88 -57.33 87.00
N ALA W 197 60.77 -58.41 86.24
CA ALA W 197 60.86 -58.30 84.79
C ALA W 197 59.47 -58.51 84.20
N ALA W 198 58.84 -57.43 83.79
CA ALA W 198 57.57 -57.57 83.08
C ALA W 198 57.85 -57.74 81.59
N GLN W 199 56.80 -57.76 80.77
CA GLN W 199 57.00 -57.97 79.35
C GLN W 199 56.16 -57.06 78.45
N ASN W 200 55.29 -56.23 79.01
CA ASN W 200 54.61 -55.23 78.21
C ASN W 200 54.25 -54.05 79.10
N GLU W 201 53.69 -53.01 78.48
CA GLU W 201 53.39 -51.79 79.21
C GLU W 201 52.21 -51.95 80.13
N ARG W 202 51.33 -52.91 79.86
CA ARG W 202 50.18 -53.09 80.74
C ARG W 202 50.60 -53.79 82.02
N ASP W 203 51.49 -54.77 81.92
CA ASP W 203 51.96 -55.44 83.12
C ASP W 203 53.08 -54.68 83.82
N THR W 204 53.64 -53.65 83.20
CA THR W 204 54.64 -52.87 83.92
C THR W 204 53.99 -51.96 84.95
N LEU W 205 52.83 -51.37 84.63
CA LEU W 205 52.15 -50.54 85.60
C LEU W 205 51.44 -51.34 86.68
N TRP W 206 51.23 -52.65 86.47
CA TRP W 206 50.69 -53.50 87.51
C TRP W 206 51.74 -53.70 88.60
N ALA W 207 52.98 -53.94 88.22
CA ALA W 207 53.99 -54.14 89.24
C ALA W 207 54.46 -52.80 89.81
N ARG W 208 54.39 -51.73 89.02
CA ARG W 208 54.84 -50.44 89.54
C ARG W 208 53.83 -49.82 90.51
N GLN W 209 52.56 -50.25 90.47
CA GLN W 209 51.62 -49.75 91.46
C GLN W 209 51.90 -50.35 92.83
N VAL W 210 52.36 -51.60 92.87
CA VAL W 210 52.67 -52.25 94.14
C VAL W 210 53.85 -51.57 94.82
N LEU W 211 54.90 -51.26 94.06
CA LEU W 211 56.03 -50.58 94.67
C LEU W 211 55.75 -49.10 94.91
N ALA W 212 54.70 -48.54 94.33
CA ALA W 212 54.41 -47.14 94.55
C ALA W 212 53.49 -46.91 95.74
N ARG W 213 52.55 -47.83 96.01
CA ARG W 213 51.77 -47.72 97.24
C ARG W 213 52.59 -48.06 98.46
N GLY W 214 53.70 -48.76 98.30
CA GLY W 214 54.64 -48.95 99.38
C GLY W 214 54.35 -50.11 100.32
N ASP W 215 53.80 -51.21 99.81
CA ASP W 215 53.68 -52.40 100.65
C ASP W 215 54.86 -53.36 100.46
N TYR W 216 56.07 -52.81 100.53
CA TYR W 216 57.29 -53.61 100.52
C TYR W 216 58.37 -52.77 101.17
N ASP W 217 59.08 -53.35 102.14
CA ASP W 217 59.98 -52.55 102.95
C ASP W 217 61.33 -52.31 102.27
N LYS W 218 61.88 -53.32 101.60
CA LYS W 218 63.20 -53.19 101.00
C LYS W 218 63.08 -52.47 99.65
N ASN W 219 64.19 -52.41 98.92
CA ASN W 219 64.23 -51.73 97.64
C ASN W 219 64.02 -52.72 96.50
N ALA W 220 63.33 -52.25 95.45
CA ALA W 220 63.02 -53.07 94.30
C ALA W 220 62.79 -52.15 93.11
N ARG W 221 62.86 -52.73 91.92
CA ARG W 221 62.63 -51.97 90.69
C ARG W 221 61.93 -52.86 89.68
N VAL W 222 61.25 -52.22 88.73
CA VAL W 222 60.56 -52.93 87.66
C VAL W 222 61.23 -52.63 86.33
N ILE W 223 61.70 -53.66 85.65
CA ILE W 223 62.33 -53.52 84.36
C ILE W 223 61.38 -54.05 83.27
N ASN W 224 61.75 -53.76 82.03
CA ASN W 224 60.98 -54.06 80.84
C ASN W 224 61.96 -54.49 79.75
N GLU W 225 61.51 -54.53 78.51
CA GLU W 225 62.40 -54.81 77.38
C GLU W 225 62.63 -53.61 76.48
N ASN W 226 61.59 -52.87 76.11
CA ASN W 226 61.79 -51.67 75.32
C ASN W 226 62.39 -50.53 76.14
N GLU W 227 62.07 -50.47 77.42
CA GLU W 227 62.63 -49.42 78.26
C GLU W 227 64.09 -49.72 78.53
N GLU W 228 64.42 -50.99 78.75
CA GLU W 228 65.80 -51.34 79.00
C GLU W 228 66.60 -51.26 77.71
N ASN W 229 65.96 -51.31 76.55
CA ASN W 229 66.70 -51.23 75.30
C ASN W 229 66.90 -49.81 74.85
N LYS W 230 66.09 -48.87 75.34
CA LYS W 230 66.34 -47.46 75.09
C LYS W 230 66.97 -46.76 76.29
N ARG W 231 67.39 -47.52 77.29
CA ARG W 231 68.11 -46.96 78.43
C ARG W 231 69.61 -47.17 78.33
N ILE W 232 70.06 -48.33 77.88
CA ILE W 232 71.48 -48.56 77.61
C ILE W 232 71.82 -48.31 76.15
N SER W 233 70.94 -47.62 75.43
CA SER W 233 71.29 -47.01 74.16
C SER W 233 71.60 -45.53 74.27
N ILE W 234 71.24 -44.90 75.40
CA ILE W 234 71.68 -43.54 75.69
C ILE W 234 73.13 -43.54 76.17
N TRP W 235 73.51 -44.54 76.98
CA TRP W 235 74.89 -44.67 77.40
C TRP W 235 75.82 -45.01 76.24
N LEU W 236 75.30 -45.71 75.24
CA LEU W 236 76.10 -46.09 74.08
C LEU W 236 76.16 -44.99 73.04
N ASP W 237 75.56 -43.84 73.31
CA ASP W 237 75.65 -42.72 72.38
C ASP W 237 76.79 -41.81 72.76
N THR W 238 77.15 -41.80 74.04
CA THR W 238 78.22 -40.94 74.52
C THR W 238 79.49 -41.68 74.88
N TYR W 239 79.42 -42.98 75.21
CA TYR W 239 80.67 -43.66 75.54
C TYR W 239 81.20 -44.52 74.41
N TYR W 240 80.37 -44.85 73.42
CA TYR W 240 80.81 -45.56 72.23
C TYR W 240 80.04 -45.04 71.03
N PRO W 241 80.36 -43.85 70.54
CA PRO W 241 79.74 -43.40 69.29
C PRO W 241 80.36 -44.14 68.12
N GLN W 242 79.68 -44.04 66.98
CA GLN W 242 80.00 -44.78 65.75
C GLN W 242 80.06 -46.28 66.00
N LEU W 243 79.04 -46.81 66.66
CA LEU W 243 78.91 -48.23 66.88
C LEU W 243 77.68 -48.71 66.13
N ALA W 244 77.82 -49.80 65.40
CA ALA W 244 76.74 -50.35 64.57
C ALA W 244 76.21 -51.60 65.26
N TYR W 245 75.06 -51.46 65.92
CA TYR W 245 74.38 -52.58 66.56
C TYR W 245 72.92 -52.57 66.12
N TYR W 246 72.18 -53.60 66.54
CA TYR W 246 70.79 -53.75 66.15
C TYR W 246 69.83 -53.68 67.33
N ARG W 247 70.03 -54.53 68.34
CA ARG W 247 69.02 -54.83 69.35
C ARG W 247 69.70 -55.63 70.43
N ILE W 248 69.17 -55.55 71.65
CA ILE W 248 69.58 -56.41 72.76
C ILE W 248 68.41 -57.29 73.13
N HIS W 249 68.63 -58.60 73.13
CA HIS W 249 67.56 -59.57 73.31
C HIS W 249 67.58 -60.12 74.73
N PHE W 250 66.41 -60.12 75.37
CA PHE W 250 66.29 -60.55 76.76
C PHE W 250 65.36 -61.75 76.85
N ASP W 251 65.54 -62.75 75.99
CA ASP W 251 64.73 -63.95 76.06
C ASP W 251 65.10 -64.78 77.27
N GLU W 252 66.34 -64.69 77.74
CA GLU W 252 66.73 -65.16 79.05
C GLU W 252 67.41 -64.00 79.76
N PRO W 253 66.82 -63.46 80.83
CA PRO W 253 67.34 -62.22 81.42
C PRO W 253 68.63 -62.39 82.20
N ARG W 254 69.09 -63.60 82.44
CA ARG W 254 70.37 -63.81 83.09
C ARG W 254 71.52 -63.91 82.12
N LYS W 255 71.25 -63.84 80.82
CA LYS W 255 72.29 -63.80 79.80
C LYS W 255 71.73 -63.15 78.55
N PRO W 256 71.77 -61.83 78.44
CA PRO W 256 71.28 -61.19 77.21
C PRO W 256 72.26 -61.33 76.06
N VAL W 257 71.71 -61.18 74.86
CA VAL W 257 72.44 -61.27 73.60
C VAL W 257 72.51 -59.88 72.99
N PHE W 258 73.70 -59.50 72.52
CA PHE W 258 73.96 -58.22 71.91
C PHE W 258 74.28 -58.49 70.44
N TRP W 259 73.39 -58.03 69.56
CA TRP W 259 73.53 -58.25 68.12
C TRP W 259 74.36 -57.13 67.53
N LEU W 260 75.65 -57.36 67.38
CA LEU W 260 76.55 -56.36 66.84
C LEU W 260 76.75 -56.62 65.36
N SER W 261 76.97 -55.55 64.60
CA SER W 261 77.20 -55.71 63.17
C SER W 261 78.59 -56.26 62.90
N ARG W 262 78.79 -56.77 61.70
CA ARG W 262 80.03 -57.42 61.31
C ARG W 262 80.79 -56.68 60.22
N GLN W 263 80.10 -56.19 59.21
CA GLN W 263 80.76 -55.51 58.12
C GLN W 263 81.05 -54.06 58.39
N ARG W 264 80.48 -53.48 59.45
CA ARG W 264 80.63 -52.06 59.73
C ARG W 264 81.34 -51.78 61.03
N ASN W 265 82.13 -52.73 61.53
CA ASN W 265 82.91 -52.53 62.74
C ASN W 265 84.35 -52.92 62.47
N THR W 266 85.23 -52.55 63.41
CA THR W 266 86.64 -52.91 63.28
C THR W 266 87.24 -53.34 64.61
N MET W 267 86.42 -53.62 65.61
CA MET W 267 86.92 -53.99 66.93
C MET W 267 87.45 -55.41 66.96
N SER W 268 88.57 -55.60 67.65
CA SER W 268 89.16 -56.92 67.82
C SER W 268 88.62 -57.59 69.07
N LYS W 269 89.25 -58.69 69.48
CA LYS W 269 88.75 -59.48 70.59
C LYS W 269 88.99 -58.79 71.92
N LYS W 270 90.06 -58.00 72.02
CA LYS W 270 90.39 -57.39 73.30
C LYS W 270 89.44 -56.24 73.56
N GLU W 271 89.17 -55.41 72.56
CA GLU W 271 88.24 -54.32 72.80
C GLU W 271 86.79 -54.79 72.68
N LEU W 272 86.53 -56.03 72.24
CA LEU W 272 85.19 -56.58 72.38
C LEU W 272 84.95 -57.10 73.79
N GLU W 273 86.01 -57.53 74.47
CA GLU W 273 85.85 -58.04 75.82
C GLU W 273 85.59 -56.90 76.80
N VAL W 274 86.26 -55.77 76.62
CA VAL W 274 86.02 -54.67 77.55
C VAL W 274 84.69 -53.98 77.25
N LEU W 275 84.12 -54.20 76.06
CA LEU W 275 82.76 -53.73 75.82
C LEU W 275 81.76 -54.64 76.48
N SER W 276 82.03 -55.96 76.50
CA SER W 276 81.11 -56.86 77.19
C SER W 276 81.20 -56.67 78.70
N GLN W 277 82.34 -56.22 79.20
CA GLN W 277 82.46 -55.97 80.63
C GLN W 277 81.78 -54.66 81.03
N LYS W 278 81.89 -53.64 80.17
CA LYS W 278 81.22 -52.40 80.50
C LYS W 278 79.71 -52.52 80.30
N LEU W 279 79.26 -53.43 79.43
CA LEU W 279 77.83 -53.67 79.36
C LEU W 279 77.36 -54.58 80.48
N ARG W 280 78.26 -55.37 81.07
CA ARG W 280 77.87 -56.21 82.20
C ARG W 280 77.68 -55.38 83.45
N ALA W 281 78.47 -54.33 83.60
CA ALA W 281 78.33 -53.48 84.78
C ALA W 281 77.11 -52.56 84.75
N LEU W 282 76.44 -52.42 83.61
CA LEU W 282 75.21 -51.63 83.54
C LEU W 282 73.97 -52.41 83.94
N MET W 283 73.97 -53.72 83.77
CA MET W 283 72.84 -54.57 84.15
C MET W 283 73.22 -55.45 85.32
N PRO W 284 72.85 -55.09 86.55
CA PRO W 284 73.29 -55.86 87.72
C PRO W 284 72.61 -57.21 87.86
N TYR W 285 71.54 -57.46 87.11
CA TYR W 285 70.88 -58.76 87.19
C TYR W 285 71.50 -59.79 86.26
N ALA W 286 72.17 -59.35 85.21
CA ALA W 286 72.75 -60.28 84.24
C ALA W 286 74.05 -60.85 84.77
N ASP W 287 74.33 -62.10 84.39
CA ASP W 287 75.58 -62.72 84.79
C ASP W 287 76.69 -62.47 83.77
N SER W 288 76.38 -62.62 82.48
CA SER W 288 77.34 -62.37 81.42
C SER W 288 76.59 -62.02 80.15
N VAL W 289 77.10 -61.03 79.42
CA VAL W 289 76.50 -60.59 78.16
C VAL W 289 77.20 -61.29 77.02
N ASN W 290 76.43 -61.84 76.08
CA ASN W 290 76.97 -62.55 74.94
C ASN W 290 76.86 -61.64 73.74
N ILE W 291 77.96 -61.46 73.00
CA ILE W 291 77.99 -60.57 71.85
C ILE W 291 78.16 -61.43 70.61
N THR W 292 77.14 -61.42 69.74
CA THR W 292 77.20 -62.16 68.49
C THR W 292 77.14 -61.21 67.31
N LEU W 293 78.00 -61.46 66.33
CA LEU W 293 78.08 -60.65 65.13
C LEU W 293 77.09 -61.18 64.11
N MET W 294 76.16 -60.34 63.71
CA MET W 294 75.16 -60.68 62.71
C MET W 294 75.58 -60.14 61.36
N ASP W 295 75.10 -60.79 60.31
CA ASP W 295 75.44 -60.33 58.97
C ASP W 295 74.64 -59.08 58.66
N ASP W 296 75.04 -58.39 57.59
CA ASP W 296 74.44 -57.12 57.23
C ASP W 296 73.59 -57.18 55.98
N VAL W 297 73.80 -58.18 55.11
CA VAL W 297 72.96 -58.33 53.92
C VAL W 297 71.75 -59.20 54.18
N THR W 298 71.67 -59.88 55.31
CA THR W 298 70.47 -60.65 55.61
C THR W 298 69.45 -59.87 56.40
N ALA W 299 69.86 -58.75 57.00
CA ALA W 299 68.90 -57.88 57.66
C ALA W 299 68.07 -57.15 56.63
N ALA W 300 68.61 -56.92 55.44
CA ALA W 300 67.82 -56.32 54.39
C ALA W 300 67.24 -57.36 53.44
N GLY W 301 67.86 -58.53 53.29
CA GLY W 301 67.23 -59.56 52.50
C GLY W 301 66.01 -60.19 53.14
N GLN W 302 65.91 -60.11 54.48
CA GLN W 302 64.71 -60.63 55.10
C GLN W 302 63.59 -59.61 55.07
N ALA W 303 63.93 -58.33 54.99
CA ALA W 303 62.87 -57.33 54.90
C ALA W 303 62.37 -57.21 53.48
N GLU W 304 63.23 -57.47 52.49
CA GLU W 304 62.76 -57.42 51.12
C GLU W 304 61.94 -58.65 50.78
N ALA W 305 62.36 -59.84 51.25
CA ALA W 305 61.59 -61.02 50.96
C ALA W 305 60.27 -61.01 51.73
N GLY W 306 60.24 -60.44 52.94
CA GLY W 306 58.97 -60.34 53.62
C GLY W 306 58.07 -59.25 53.08
N LEU W 307 58.63 -58.25 52.40
CA LEU W 307 57.81 -57.19 51.83
C LEU W 307 57.32 -57.55 50.45
N LYS W 308 57.85 -58.61 49.85
CA LYS W 308 57.35 -59.05 48.56
C LYS W 308 56.31 -60.16 48.67
N GLN W 309 56.26 -60.87 49.80
CA GLN W 309 55.26 -61.91 49.99
C GLN W 309 53.85 -61.35 50.18
N GLN W 310 53.73 -60.16 50.75
CA GLN W 310 52.42 -59.57 50.95
C GLN W 310 51.90 -58.82 49.73
N ALA W 311 52.66 -58.83 48.63
CA ALA W 311 52.31 -58.16 47.37
C ALA W 311 52.06 -56.66 47.56
N LEU W 312 53.06 -56.00 48.13
CA LEU W 312 52.99 -54.58 48.43
C LEU W 312 53.89 -53.81 47.47
N PRO W 313 53.44 -52.68 46.94
CA PRO W 313 54.32 -51.84 46.13
C PRO W 313 55.28 -51.08 47.01
N TYR W 314 56.54 -51.00 46.59
CA TYR W 314 57.57 -50.42 47.42
C TYR W 314 58.70 -49.90 46.55
N SER W 315 59.61 -49.16 47.18
CA SER W 315 60.76 -48.60 46.47
C SER W 315 61.95 -48.59 47.41
N ARG W 316 62.91 -49.48 47.17
CA ARG W 316 64.13 -49.57 47.97
C ARG W 316 65.11 -48.44 47.64
N ARG W 317 65.68 -47.84 48.68
CA ARG W 317 66.67 -46.77 48.57
C ARG W 317 67.90 -47.19 49.37
N ASN W 318 68.89 -47.76 48.69
CA ASN W 318 70.15 -48.14 49.31
C ASN W 318 71.00 -46.90 49.47
N HIS W 319 71.55 -46.70 50.67
CA HIS W 319 72.61 -45.72 50.86
C HIS W 319 73.53 -46.22 51.96
N LYS W 320 74.58 -45.45 52.24
CA LYS W 320 75.65 -45.90 53.11
C LYS W 320 75.20 -45.85 54.57
N GLY W 321 75.19 -47.00 55.22
CA GLY W 321 74.86 -47.09 56.62
C GLY W 321 73.38 -47.13 56.93
N GLY W 322 72.62 -47.90 56.19
CA GLY W 322 71.19 -48.08 56.42
C GLY W 322 70.44 -48.00 55.11
N VAL W 323 69.36 -48.78 55.02
CA VAL W 323 68.52 -48.77 53.84
C VAL W 323 67.13 -48.24 54.16
N THR W 324 66.33 -48.02 53.13
CA THR W 324 65.00 -47.45 53.35
C THR W 324 64.02 -47.95 52.30
N PHE W 325 62.90 -48.51 52.75
CA PHE W 325 61.84 -48.95 51.86
C PHE W 325 60.69 -47.97 51.99
N VAL W 326 60.24 -47.43 50.87
CA VAL W 326 59.20 -46.41 50.84
C VAL W 326 57.96 -47.05 50.22
N ILE W 327 56.89 -47.17 51.01
CA ILE W 327 55.60 -47.69 50.57
C ILE W 327 54.61 -46.53 50.46
N GLN W 328 54.48 -45.97 49.26
CA GLN W 328 53.62 -44.82 49.03
C GLN W 328 52.42 -45.22 48.17
N GLY W 329 51.62 -44.23 47.82
CA GLY W 329 50.44 -44.45 47.00
C GLY W 329 49.19 -44.67 47.83
N ALA W 330 48.06 -44.60 47.15
CA ALA W 330 46.77 -44.78 47.80
C ALA W 330 46.52 -46.27 47.99
N LEU W 331 46.82 -46.77 49.17
CA LEU W 331 46.56 -48.15 49.52
C LEU W 331 45.13 -48.32 50.01
N ASP W 332 44.64 -49.55 49.95
CA ASP W 332 43.33 -49.83 50.50
C ASP W 332 43.46 -50.51 51.87
N ASP W 333 42.32 -50.95 52.41
CA ASP W 333 42.25 -51.37 53.79
C ASP W 333 42.90 -52.72 54.04
N VAL W 334 43.09 -53.53 53.00
CA VAL W 334 43.70 -54.82 53.26
C VAL W 334 45.21 -54.75 53.09
N GLU W 335 45.72 -53.74 52.40
CA GLU W 335 47.16 -53.58 52.37
C GLU W 335 47.67 -52.69 53.47
N ILE W 336 46.80 -51.93 54.13
CA ILE W 336 47.26 -51.20 55.30
C ILE W 336 47.43 -52.17 56.46
N LEU W 337 46.48 -53.09 56.61
CA LEU W 337 46.56 -54.06 57.69
C LEU W 337 47.65 -55.08 57.43
N ARG W 338 47.82 -55.50 56.16
CA ARG W 338 48.80 -56.52 55.88
C ARG W 338 50.22 -55.96 55.91
N ALA W 339 50.40 -54.65 55.72
CA ALA W 339 51.73 -54.09 55.87
C ALA W 339 52.06 -53.75 57.31
N ARG W 340 51.07 -53.27 58.08
CA ARG W 340 51.34 -52.92 59.47
C ARG W 340 51.54 -54.14 60.35
N GLN W 341 50.98 -55.29 59.95
CA GLN W 341 51.21 -56.51 60.73
C GLN W 341 52.58 -57.10 60.47
N PHE W 342 53.25 -56.67 59.40
CA PHE W 342 54.57 -57.16 59.06
C PHE W 342 55.64 -56.23 59.62
N VAL W 343 55.38 -54.92 59.58
CA VAL W 343 56.35 -53.99 60.15
C VAL W 343 56.41 -54.13 61.67
N ASP W 344 55.25 -54.35 62.31
CA ASP W 344 55.26 -54.49 63.76
C ASP W 344 55.85 -55.80 64.25
N SER W 345 55.98 -56.80 63.37
CA SER W 345 56.66 -58.04 63.73
C SER W 345 58.09 -58.10 63.22
N TYR W 346 58.51 -57.19 62.35
CA TYR W 346 59.91 -57.12 61.96
C TYR W 346 60.70 -56.24 62.92
N TYR W 347 60.06 -55.20 63.44
CA TYR W 347 60.71 -54.31 64.40
C TYR W 347 60.99 -55.00 65.73
N ARG W 348 60.24 -56.07 66.04
CA ARG W 348 60.44 -56.77 67.29
C ARG W 348 61.75 -57.54 67.29
N THR W 349 62.16 -58.05 66.14
CA THR W 349 63.31 -58.93 66.07
C THR W 349 64.56 -58.26 65.51
N TRP W 350 64.44 -57.19 64.71
CA TRP W 350 65.63 -56.60 64.13
C TRP W 350 65.93 -55.19 64.58
N GLY W 351 64.97 -54.46 65.13
CA GLY W 351 65.22 -53.10 65.54
C GLY W 351 65.21 -52.12 64.38
N GLY W 352 64.94 -50.86 64.70
CA GLY W 352 64.84 -49.85 63.67
C GLY W 352 66.02 -48.93 63.51
N ARG W 353 67.24 -49.47 63.61
CA ARG W 353 68.42 -48.66 63.49
C ARG W 353 69.15 -48.83 62.16
N TYR W 354 68.80 -49.82 61.35
CA TYR W 354 69.42 -50.05 60.05
C TYR W 354 68.47 -49.87 58.87
N VAL W 355 67.35 -50.58 58.88
CA VAL W 355 66.39 -50.57 57.78
C VAL W 355 65.14 -49.84 58.22
N GLN W 356 64.68 -48.88 57.40
CA GLN W 356 63.55 -48.04 57.77
C GLN W 356 62.39 -48.22 56.80
N PHE W 357 61.20 -48.50 57.32
CA PHE W 357 59.99 -48.59 56.51
C PHE W 357 59.26 -47.26 56.59
N ALA W 358 58.86 -46.73 55.44
CA ALA W 358 58.19 -45.44 55.35
C ALA W 358 56.84 -45.66 54.68
N ILE W 359 55.83 -46.01 55.46
CA ILE W 359 54.47 -46.16 54.96
C ILE W 359 53.80 -44.79 54.91
N GLU W 360 53.28 -44.42 53.75
CA GLU W 360 52.77 -43.07 53.54
C GLU W 360 51.54 -43.15 52.65
N LEU W 361 50.38 -42.86 53.23
CA LEU W 361 49.11 -42.92 52.52
C LEU W 361 48.76 -41.52 52.03
N LYS W 362 48.95 -41.28 50.74
CA LYS W 362 48.61 -39.99 50.15
C LYS W 362 47.93 -40.23 48.81
N ASP W 363 47.18 -39.23 48.38
CA ASP W 363 46.30 -39.35 47.23
C ASP W 363 47.08 -39.23 45.94
N ASP W 364 46.36 -39.17 44.82
CA ASP W 364 46.96 -39.10 43.50
C ASP W 364 47.48 -37.68 43.28
N TRP W 365 48.80 -37.52 43.16
CA TRP W 365 49.38 -36.24 42.80
C TRP W 365 48.99 -35.86 41.38
N LEU W 366 48.76 -34.56 41.15
CA LEU W 366 48.23 -34.02 39.89
C LEU W 366 46.89 -34.69 39.58
N LYS W 367 45.91 -34.30 40.41
CA LYS W 367 44.66 -35.04 40.67
C LYS W 367 43.93 -35.47 39.40
N GLY W 368 43.52 -34.51 38.58
CA GLY W 368 42.85 -34.86 37.35
C GLY W 368 43.51 -34.22 36.16
N ARG W 369 44.83 -34.05 36.26
CA ARG W 369 45.58 -33.32 35.27
C ARG W 369 46.31 -34.28 34.34
N SER W 370 46.43 -33.89 33.08
CA SER W 370 47.16 -34.65 32.09
C SER W 370 48.52 -33.99 31.89
N PHE W 371 49.57 -34.73 32.15
CA PHE W 371 50.94 -34.24 32.12
C PHE W 371 51.76 -34.99 31.08
N GLN W 372 53.00 -34.54 30.89
CA GLN W 372 53.88 -35.07 29.84
C GLN W 372 55.24 -35.32 30.47
N TYR W 373 55.49 -36.56 30.87
CA TYR W 373 56.62 -36.85 31.74
C TYR W 373 57.93 -36.98 30.98
N GLY W 374 59.02 -36.66 31.68
CA GLY W 374 60.36 -37.02 31.25
C GLY W 374 61.16 -35.93 30.60
N ALA W 375 61.99 -35.24 31.39
CA ALA W 375 63.11 -34.39 31.00
C ALA W 375 62.71 -33.10 30.29
N GLU W 376 61.45 -32.98 29.87
CA GLU W 376 60.85 -31.75 29.37
C GLU W 376 59.36 -31.89 29.68
N GLY W 377 58.96 -31.39 30.83
CA GLY W 377 57.65 -31.69 31.40
C GLY W 377 56.76 -30.47 31.43
N TYR W 378 55.46 -30.71 31.30
CA TYR W 378 54.48 -29.67 31.51
C TYR W 378 53.19 -30.29 31.99
N ILE W 379 52.49 -29.57 32.85
CA ILE W 379 51.20 -29.99 33.36
C ILE W 379 50.14 -29.11 32.73
N LYS W 380 49.08 -29.72 32.24
CA LYS W 380 48.01 -28.98 31.60
C LYS W 380 46.91 -28.71 32.61
N MET W 381 46.77 -27.45 33.02
CA MET W 381 45.72 -27.16 34.00
C MET W 381 44.37 -26.94 33.34
N SER W 382 44.36 -26.68 32.05
CA SER W 382 43.16 -26.46 31.28
C SER W 382 43.50 -26.92 29.87
N PRO W 383 42.52 -26.94 28.96
CA PRO W 383 42.89 -27.12 27.55
C PRO W 383 43.79 -26.02 26.99
N GLY W 384 43.76 -24.82 27.56
CA GLY W 384 44.62 -23.78 27.07
C GLY W 384 45.53 -23.18 28.12
N HIS W 385 46.07 -24.00 29.01
CA HIS W 385 46.93 -23.52 30.09
C HIS W 385 48.03 -24.53 30.33
N TRP W 386 49.28 -24.08 30.17
CA TRP W 386 50.48 -24.89 30.33
C TRP W 386 51.26 -24.41 31.55
N TYR W 387 51.70 -25.35 32.38
CA TYR W 387 52.52 -25.07 33.55
C TYR W 387 53.83 -25.79 33.38
N PHE W 388 54.95 -25.10 33.66
CA PHE W 388 56.29 -25.65 33.45
C PHE W 388 57.06 -25.71 34.77
N PRO W 389 56.71 -26.64 35.67
CA PRO W 389 57.51 -26.84 36.88
C PRO W 389 58.63 -27.82 36.60
N SER W 390 59.28 -28.29 37.67
CA SER W 390 60.26 -29.37 37.71
C SER W 390 59.89 -30.57 36.84
N PRO W 391 60.88 -31.23 36.19
CA PRO W 391 60.55 -32.19 35.12
C PRO W 391 59.82 -33.42 35.62
N LEU W 392 58.54 -33.49 35.27
CA LEU W 392 57.65 -34.55 35.72
C LEU W 392 57.92 -35.85 35.00
N ALA X 171 66.75 -36.09 110.08
CA ALA X 171 66.05 -36.37 108.83
C ALA X 171 66.98 -36.19 107.64
N GLU X 172 67.47 -37.29 107.09
CA GLU X 172 68.33 -37.23 105.93
C GLU X 172 67.52 -36.88 104.67
N LEU X 173 68.23 -36.44 103.64
CA LEU X 173 67.57 -35.83 102.48
C LEU X 173 66.91 -36.88 101.58
N ASP X 174 67.55 -38.03 101.38
CA ASP X 174 67.03 -38.98 100.42
C ASP X 174 65.80 -39.74 100.92
N SER X 175 65.35 -39.49 102.15
CA SER X 175 64.07 -39.98 102.62
C SER X 175 62.99 -38.90 102.60
N LEU X 176 63.38 -37.63 102.48
CA LEU X 176 62.43 -36.53 102.36
C LEU X 176 61.84 -36.42 100.97
N LEU X 177 62.45 -37.08 99.99
CA LEU X 177 61.94 -37.13 98.63
C LEU X 177 60.87 -38.21 98.53
N GLY X 178 60.51 -38.63 97.32
CA GLY X 178 59.42 -39.56 97.12
C GLY X 178 59.71 -40.97 97.62
N GLN X 179 58.81 -41.87 97.20
CA GLN X 179 58.85 -43.24 97.68
C GLN X 179 60.01 -44.02 97.05
N GLU X 180 60.18 -43.90 95.75
CA GLU X 180 61.26 -44.59 95.04
C GLU X 180 62.53 -43.77 95.12
N LYS X 181 63.61 -44.37 95.61
CA LYS X 181 64.90 -43.70 95.67
C LYS X 181 65.73 -44.02 94.44
N GLU X 182 65.14 -43.86 93.26
CA GLU X 182 65.82 -44.21 92.02
C GLU X 182 65.83 -43.04 91.05
N ARG X 183 64.80 -42.20 91.11
CA ARG X 183 64.71 -41.04 90.23
C ARG X 183 65.46 -39.83 90.77
N PHE X 184 66.20 -39.99 91.87
CA PHE X 184 66.99 -38.90 92.41
C PHE X 184 68.32 -39.45 92.90
N GLN X 185 69.32 -38.58 92.94
CA GLN X 185 70.66 -38.98 93.38
C GLN X 185 71.32 -37.80 94.07
N VAL X 186 71.72 -37.99 95.32
CA VAL X 186 72.28 -36.96 96.17
C VAL X 186 73.81 -37.07 96.17
N LEU X 187 74.47 -35.98 95.81
CA LEU X 187 75.92 -35.90 95.69
C LEU X 187 76.50 -34.92 96.70
N PRO X 188 77.51 -35.32 97.48
CA PRO X 188 78.14 -34.37 98.40
C PRO X 188 79.13 -33.48 97.67
N GLY X 189 79.05 -32.17 97.92
CA GLY X 189 79.95 -31.23 97.28
C GLY X 189 81.25 -31.07 98.03
N ARG X 190 82.06 -30.15 97.55
CA ARG X 190 83.31 -29.81 98.22
C ARG X 190 83.18 -28.52 99.02
N ASP X 191 82.02 -27.87 98.98
CA ASP X 191 81.76 -26.66 99.73
C ASP X 191 80.67 -26.88 100.77
N LYS X 192 80.58 -28.11 101.31
CA LYS X 192 79.60 -28.53 102.31
C LYS X 192 78.16 -28.28 101.86
N MET X 193 77.77 -28.94 100.78
CA MET X 193 76.45 -28.73 100.22
C MET X 193 76.00 -29.98 99.47
N LEU X 194 74.73 -30.33 99.61
CA LEU X 194 74.20 -31.55 99.01
C LEU X 194 73.48 -31.20 97.72
N TYR X 195 73.84 -31.89 96.64
CA TYR X 195 73.28 -31.65 95.32
C TYR X 195 72.37 -32.79 94.92
N VAL X 196 71.14 -32.48 94.58
CA VAL X 196 70.18 -33.47 94.11
C VAL X 196 70.18 -33.35 92.59
N ALA X 197 70.26 -34.47 91.89
CA ALA X 197 70.39 -34.43 90.43
C ALA X 197 69.15 -35.06 89.83
N ALA X 198 68.27 -34.23 89.27
CA ALA X 198 67.12 -34.76 88.56
C ALA X 198 67.48 -35.06 87.12
N GLN X 199 66.49 -35.41 86.30
CA GLN X 199 66.75 -35.69 84.90
C GLN X 199 65.75 -35.04 83.94
N ASN X 200 64.74 -34.36 84.45
CA ASN X 200 63.86 -33.53 83.62
C ASN X 200 63.25 -32.44 84.49
N GLU X 201 62.40 -31.62 83.88
CA GLU X 201 61.86 -30.47 84.60
C GLU X 201 60.75 -30.85 85.55
N ARG X 202 60.05 -31.96 85.30
CA ARG X 202 58.98 -32.36 86.20
C ARG X 202 59.58 -32.89 87.49
N ASP X 203 60.61 -33.71 87.38
CA ASP X 203 61.25 -34.18 88.58
C ASP X 203 62.18 -33.14 89.18
N THR X 204 62.41 -32.03 88.47
CA THR X 204 63.16 -30.94 89.08
C THR X 204 62.24 -30.08 89.93
N LEU X 205 61.01 -29.84 89.48
CA LEU X 205 60.04 -29.11 90.30
C LEU X 205 59.53 -29.95 91.46
N TRP X 206 59.63 -31.28 91.36
CA TRP X 206 59.26 -32.15 92.49
C TRP X 206 60.25 -32.00 93.62
N ALA X 207 61.50 -31.73 93.31
CA ALA X 207 62.53 -31.59 94.33
C ALA X 207 62.73 -30.14 94.74
N ARG X 208 62.40 -29.18 93.87
CA ARG X 208 62.47 -27.80 94.30
C ARG X 208 61.34 -27.42 95.23
N GLN X 209 60.20 -28.13 95.18
CA GLN X 209 59.14 -27.83 96.12
C GLN X 209 59.49 -28.25 97.54
N VAL X 210 60.28 -29.31 97.69
CA VAL X 210 60.70 -29.78 99.00
C VAL X 210 61.63 -28.76 99.64
N LEU X 211 62.66 -28.33 98.93
CA LEU X 211 63.59 -27.40 99.53
C LEU X 211 62.99 -26.00 99.64
N ALA X 212 61.97 -25.68 98.84
CA ALA X 212 61.38 -24.35 98.92
C ALA X 212 60.48 -24.22 100.14
N ARG X 213 59.76 -25.29 100.50
CA ARG X 213 58.98 -25.18 101.72
C ARG X 213 59.84 -25.33 102.97
N GLY X 214 61.09 -25.75 102.82
CA GLY X 214 62.06 -25.60 103.90
C GLY X 214 62.06 -26.68 104.96
N ASP X 215 61.77 -27.93 104.59
CA ASP X 215 61.89 -29.03 105.54
C ASP X 215 63.25 -29.72 105.45
N TYR X 216 64.32 -28.95 105.54
CA TYR X 216 65.67 -29.50 105.62
C TYR X 216 66.56 -28.49 106.32
N ASP X 217 67.45 -29.01 107.17
CA ASP X 217 68.23 -28.19 108.09
C ASP X 217 69.57 -27.75 107.53
N LYS X 218 69.83 -27.93 106.23
CA LYS X 218 71.11 -27.52 105.67
C LYS X 218 70.86 -26.87 104.32
N ASN X 219 71.95 -26.58 103.61
CA ASN X 219 71.88 -26.03 102.27
C ASN X 219 71.93 -27.15 101.25
N ALA X 220 71.13 -27.02 100.21
CA ALA X 220 71.05 -28.05 99.18
C ALA X 220 70.60 -27.45 97.86
N ARG X 221 71.25 -27.87 96.79
CA ARG X 221 70.90 -27.41 95.46
C ARG X 221 70.36 -28.57 94.64
N VAL X 222 69.58 -28.25 93.63
CA VAL X 222 69.04 -29.23 92.69
C VAL X 222 69.54 -28.92 91.28
N ILE X 223 70.25 -29.87 90.67
CA ILE X 223 70.85 -29.67 89.38
C ILE X 223 70.13 -30.54 88.33
N ASN X 224 70.50 -30.31 87.08
CA ASN X 224 69.86 -30.89 85.91
C ASN X 224 70.88 -30.91 84.79
N GLU X 225 70.56 -31.62 83.72
CA GLU X 225 71.45 -31.70 82.59
C GLU X 225 71.29 -30.55 81.59
N ASN X 226 70.12 -29.91 81.54
CA ASN X 226 69.96 -28.80 80.60
C ASN X 226 70.44 -27.47 81.18
N GLU X 227 69.92 -27.07 82.33
CA GLU X 227 70.24 -25.73 82.78
C GLU X 227 71.64 -25.63 83.38
N GLU X 228 72.27 -26.75 83.71
CA GLU X 228 73.67 -26.64 84.11
C GLU X 228 74.58 -26.93 82.93
N ASN X 229 74.00 -27.07 81.74
CA ASN X 229 74.75 -27.03 80.51
C ASN X 229 74.59 -25.68 79.84
N LYS X 230 73.58 -24.92 80.26
CA LYS X 230 73.43 -23.52 79.88
C LYS X 230 73.97 -22.56 80.92
N ARG X 231 74.40 -23.06 82.07
CA ARG X 231 74.96 -22.23 83.13
C ARG X 231 76.46 -22.05 82.94
N ILE X 232 77.16 -23.14 82.65
CA ILE X 232 78.59 -23.15 82.41
C ILE X 232 78.85 -23.00 80.91
N SER X 233 77.84 -22.60 80.16
CA SER X 233 78.07 -22.10 78.82
C SER X 233 78.00 -20.58 78.74
N ILE X 234 77.54 -19.92 79.79
CA ILE X 234 77.62 -18.46 79.92
C ILE X 234 78.96 -18.02 80.49
N TRP X 235 79.49 -18.77 81.47
CA TRP X 235 80.83 -18.53 81.97
C TRP X 235 81.89 -18.74 80.90
N LEU X 236 81.65 -19.66 79.98
CA LEU X 236 82.71 -20.00 79.04
C LEU X 236 82.87 -18.99 77.92
N ASP X 237 81.87 -18.12 77.70
CA ASP X 237 81.98 -17.10 76.67
C ASP X 237 82.30 -15.73 77.24
N THR X 238 82.97 -15.69 78.34
CA THR X 238 83.52 -14.50 78.93
C THR X 238 84.99 -14.70 79.22
N TYR X 239 85.38 -15.89 79.66
CA TYR X 239 86.76 -16.20 79.91
C TYR X 239 87.42 -17.02 78.81
N TYR X 240 86.66 -17.75 78.00
CA TYR X 240 87.22 -18.50 76.87
C TYR X 240 86.37 -18.28 75.63
N PRO X 241 86.39 -17.09 75.04
CA PRO X 241 85.61 -16.87 73.81
C PRO X 241 86.33 -17.49 72.63
N GLN X 242 85.59 -17.58 71.51
CA GLN X 242 86.02 -18.21 70.26
C GLN X 242 86.47 -19.65 70.51
N LEU X 243 85.66 -20.40 71.24
CA LEU X 243 85.90 -21.80 71.51
C LEU X 243 84.92 -22.65 70.73
N ALA X 244 85.36 -23.86 70.36
CA ALA X 244 84.54 -24.77 69.57
C ALA X 244 84.31 -26.04 70.37
N TYR X 245 83.15 -26.13 71.01
CA TYR X 245 82.75 -27.30 71.76
C TYR X 245 81.34 -27.69 71.36
N TYR X 246 80.90 -28.86 71.81
CA TYR X 246 79.59 -29.36 71.46
C TYR X 246 78.67 -29.43 72.67
N ARG X 247 79.04 -30.19 73.70
CA ARG X 247 78.16 -30.45 74.83
C ARG X 247 78.97 -31.01 75.98
N ILE X 248 78.41 -30.91 77.19
CA ILE X 248 78.96 -31.50 78.39
C ILE X 248 77.99 -32.58 78.84
N HIS X 249 78.44 -33.82 78.89
CA HIS X 249 77.58 -34.97 79.13
C HIS X 249 77.66 -35.40 80.58
N PHE X 250 76.50 -35.56 81.21
CA PHE X 250 76.39 -35.89 82.62
C PHE X 250 75.75 -37.25 82.85
N ASP X 251 76.19 -38.27 82.08
CA ASP X 251 75.65 -39.61 82.26
C ASP X 251 76.04 -40.20 83.61
N GLU X 252 77.22 -39.84 84.11
CA GLU X 252 77.58 -40.10 85.51
C GLU X 252 78.02 -38.76 86.07
N PRO X 253 77.36 -38.26 87.12
CA PRO X 253 77.58 -36.88 87.54
C PRO X 253 78.86 -36.63 88.29
N ARG X 254 79.61 -37.66 88.64
CA ARG X 254 80.88 -37.44 89.31
C ARG X 254 82.05 -37.27 88.36
N LYS X 255 81.89 -37.60 87.07
CA LYS X 255 82.95 -37.41 86.08
C LYS X 255 82.35 -37.09 84.72
N PRO X 256 82.00 -35.83 84.47
CA PRO X 256 81.45 -35.48 83.16
C PRO X 256 82.53 -35.42 82.09
N VAL X 257 82.07 -35.57 80.84
CA VAL X 257 82.92 -35.57 79.65
C VAL X 257 82.60 -34.33 78.82
N PHE X 258 83.65 -33.63 78.41
CA PHE X 258 83.59 -32.38 77.66
C PHE X 258 84.04 -32.66 76.23
N TRP X 259 83.09 -32.56 75.30
CA TRP X 259 83.34 -32.83 73.88
C TRP X 259 83.87 -31.57 73.23
N LEU X 260 85.11 -31.63 72.73
CA LEU X 260 85.77 -30.50 72.13
C LEU X 260 86.02 -30.78 70.65
N SER X 261 86.14 -29.74 69.86
CA SER X 261 86.38 -29.93 68.44
C SER X 261 87.86 -30.12 68.18
N ARG X 262 88.17 -30.99 67.23
CA ARG X 262 89.55 -31.35 66.95
C ARG X 262 90.20 -30.46 65.92
N GLN X 263 89.44 -29.91 64.98
CA GLN X 263 90.01 -29.20 63.86
C GLN X 263 89.88 -27.69 63.97
N ARG X 264 89.15 -27.18 64.96
CA ARG X 264 88.95 -25.75 65.09
C ARG X 264 89.49 -25.21 66.42
N ASN X 265 90.52 -25.86 66.97
CA ASN X 265 91.12 -25.38 68.19
C ASN X 265 92.62 -25.15 68.00
N THR X 266 93.18 -24.30 68.84
CA THR X 266 94.61 -24.03 68.85
C THR X 266 95.29 -24.45 70.14
N MET X 267 94.54 -24.96 71.13
CA MET X 267 95.11 -25.19 72.45
C MET X 267 95.98 -26.44 72.46
N SER X 268 97.10 -26.36 73.18
CA SER X 268 97.94 -27.52 73.37
C SER X 268 97.53 -28.29 74.63
N LYS X 269 98.39 -29.24 75.02
CA LYS X 269 98.08 -30.09 76.15
C LYS X 269 98.31 -29.39 77.47
N LYS X 270 99.03 -28.29 77.48
CA LYS X 270 99.32 -27.64 78.75
C LYS X 270 98.18 -26.72 79.15
N GLU X 271 97.60 -25.99 78.19
CA GLU X 271 96.44 -25.19 78.51
C GLU X 271 95.15 -25.98 78.40
N LEU X 272 95.23 -27.25 78.00
CA LEU X 272 94.02 -28.06 78.14
C LEU X 272 93.85 -28.52 79.56
N GLU X 273 94.96 -28.74 80.28
CA GLU X 273 94.82 -29.06 81.70
C GLU X 273 94.42 -27.83 82.50
N VAL X 274 94.76 -26.64 82.01
CA VAL X 274 94.30 -25.42 82.67
C VAL X 274 92.80 -25.26 82.46
N LEU X 275 92.29 -25.61 81.28
CA LEU X 275 90.84 -25.58 81.08
C LEU X 275 90.14 -26.65 81.89
N SER X 276 90.78 -27.81 82.07
CA SER X 276 90.17 -28.88 82.86
C SER X 276 90.20 -28.57 84.35
N GLN X 277 91.13 -27.72 84.80
CA GLN X 277 91.15 -27.34 86.20
C GLN X 277 90.26 -26.14 86.48
N LYS X 278 89.99 -25.31 85.48
CA LYS X 278 89.09 -24.19 85.69
C LYS X 278 87.64 -24.58 85.49
N LEU X 279 87.36 -25.68 84.78
CA LEU X 279 85.99 -26.18 84.73
C LEU X 279 85.64 -27.00 85.96
N ARG X 280 86.63 -27.59 86.62
CA ARG X 280 86.40 -28.35 87.83
C ARG X 280 86.01 -27.46 89.02
N ALA X 281 86.52 -26.23 89.07
CA ALA X 281 86.15 -25.33 90.16
C ALA X 281 84.74 -24.79 90.03
N LEU X 282 84.14 -24.85 88.84
CA LEU X 282 82.74 -24.45 88.68
C LEU X 282 81.77 -25.50 89.21
N MET X 283 82.13 -26.77 89.14
CA MET X 283 81.24 -27.84 89.55
C MET X 283 81.77 -28.48 90.82
N PRO X 284 81.27 -28.09 91.99
CA PRO X 284 81.83 -28.61 93.25
C PRO X 284 81.41 -30.02 93.60
N TYR X 285 80.58 -30.64 92.78
CA TYR X 285 80.17 -32.02 92.99
C TYR X 285 81.09 -33.00 92.30
N ALA X 286 81.75 -32.58 91.22
CA ALA X 286 82.55 -33.47 90.40
C ALA X 286 83.88 -33.79 91.07
N ASP X 287 84.60 -34.73 90.47
CA ASP X 287 85.93 -35.11 90.92
C ASP X 287 86.99 -34.77 89.89
N SER X 288 86.80 -35.20 88.66
CA SER X 288 87.69 -34.86 87.56
C SER X 288 86.85 -34.77 86.29
N VAL X 289 87.11 -33.75 85.48
CA VAL X 289 86.41 -33.56 84.22
C VAL X 289 87.26 -34.16 83.11
N ASN X 290 86.65 -34.97 82.26
CA ASN X 290 87.35 -35.64 81.17
C ASN X 290 87.13 -34.84 79.90
N ILE X 291 88.21 -34.37 79.27
CA ILE X 291 88.11 -33.57 78.05
C ILE X 291 88.56 -34.42 76.89
N THR X 292 87.63 -34.76 75.99
CA THR X 292 87.98 -35.52 74.81
C THR X 292 87.67 -34.71 73.56
N LEU X 293 88.38 -35.02 72.49
CA LEU X 293 88.33 -34.27 71.23
C LEU X 293 87.60 -35.12 70.19
N MET X 294 86.33 -34.80 69.97
CA MET X 294 85.57 -35.46 68.92
C MET X 294 85.94 -34.88 67.56
N ASP X 295 85.61 -35.63 66.52
CA ASP X 295 85.92 -35.18 65.17
C ASP X 295 84.87 -34.17 64.72
N ASP X 296 85.04 -33.64 63.52
CA ASP X 296 84.15 -32.61 63.00
C ASP X 296 83.46 -32.99 61.71
N VAL X 297 83.96 -33.99 60.98
CA VAL X 297 83.24 -34.46 59.80
C VAL X 297 82.16 -35.45 60.18
N THR X 298 82.38 -36.24 61.23
CA THR X 298 81.38 -37.20 61.65
C THR X 298 80.16 -36.55 62.29
N ALA X 299 80.30 -35.31 62.79
CA ALA X 299 79.17 -34.59 63.33
C ALA X 299 78.20 -34.14 62.24
N ALA X 300 78.70 -33.82 61.05
CA ALA X 300 77.79 -33.49 59.97
C ALA X 300 77.46 -34.71 59.13
N GLY X 301 78.28 -35.76 59.21
CA GLY X 301 77.96 -36.98 58.49
C GLY X 301 76.82 -37.73 59.13
N GLN X 302 76.77 -37.77 60.47
CA GLN X 302 75.63 -38.45 61.09
C GLN X 302 74.37 -37.62 60.98
N ALA X 303 74.51 -36.31 60.78
CA ALA X 303 73.35 -35.43 60.62
C ALA X 303 72.78 -35.54 59.23
N GLU X 304 73.62 -35.88 58.25
CA GLU X 304 73.10 -36.06 56.90
C GLU X 304 72.60 -37.48 56.70
N ALA X 305 73.34 -38.47 57.21
CA ALA X 305 72.94 -39.86 57.03
C ALA X 305 71.68 -40.21 57.82
N GLY X 306 71.42 -39.54 58.94
CA GLY X 306 70.13 -39.78 59.59
C GLY X 306 68.98 -39.04 58.96
N LEU X 307 69.26 -37.98 58.21
CA LEU X 307 68.21 -37.24 57.52
C LEU X 307 67.88 -37.83 56.17
N LYS X 308 68.80 -38.55 55.55
CA LYS X 308 68.48 -39.24 54.30
C LYS X 308 67.75 -40.55 54.54
N GLN X 309 67.88 -41.12 55.74
CA GLN X 309 67.25 -42.40 56.03
C GLN X 309 65.75 -42.26 56.24
N GLN X 310 65.29 -41.11 56.72
CA GLN X 310 63.87 -40.89 56.92
C GLN X 310 63.16 -40.41 55.66
N ALA X 311 63.89 -40.28 54.55
CA ALA X 311 63.37 -39.88 53.23
C ALA X 311 62.69 -38.52 53.30
N LEU X 312 63.45 -37.54 53.78
CA LEU X 312 62.97 -36.18 53.90
C LEU X 312 63.69 -35.27 52.92
N PRO X 313 63.02 -34.28 52.36
CA PRO X 313 63.71 -33.29 51.53
C PRO X 313 64.52 -32.34 52.38
N TYR X 314 65.70 -31.97 51.90
CA TYR X 314 66.57 -31.10 52.67
C TYR X 314 67.51 -30.38 51.74
N SER X 315 68.10 -29.31 52.26
CA SER X 315 69.03 -28.49 51.49
C SER X 315 70.17 -28.07 52.42
N ARG X 316 71.32 -28.71 52.22
CA ARG X 316 72.51 -28.47 53.03
C ARG X 316 73.28 -27.26 52.52
N ARG X 317 73.63 -26.34 53.43
CA ARG X 317 74.35 -25.13 53.06
C ARG X 317 75.66 -25.10 53.86
N ASN X 318 76.75 -25.57 53.25
CA ASN X 318 78.03 -25.60 53.94
C ASN X 318 78.65 -24.22 53.94
N HIS X 319 79.06 -23.76 55.12
CA HIS X 319 79.95 -22.62 55.23
C HIS X 319 80.85 -22.85 56.44
N LYS X 320 81.78 -21.93 56.65
CA LYS X 320 82.79 -22.12 57.67
C LYS X 320 82.23 -21.88 59.06
N GLY X 321 82.60 -22.75 59.99
CA GLY X 321 82.13 -22.65 61.37
C GLY X 321 80.69 -23.01 61.59
N GLY X 322 80.14 -23.95 60.83
CA GLY X 322 78.78 -24.40 61.05
C GLY X 322 78.03 -24.72 59.78
N VAL X 323 77.21 -25.77 59.78
CA VAL X 323 76.39 -26.10 58.63
C VAL X 323 74.91 -25.95 58.97
N THR X 324 74.09 -25.96 57.93
CA THR X 324 72.67 -25.70 58.10
C THR X 324 71.86 -26.51 57.12
N PHE X 325 70.90 -27.26 57.64
CA PHE X 325 69.99 -28.04 56.81
C PHE X 325 68.62 -27.37 56.84
N VAL X 326 68.08 -27.09 55.66
CA VAL X 326 66.80 -26.40 55.56
C VAL X 326 65.79 -27.39 55.01
N ILE X 327 64.68 -27.54 55.72
CA ILE X 327 63.57 -28.42 55.37
C ILE X 327 62.34 -27.55 55.16
N GLN X 328 62.03 -27.23 53.92
CA GLN X 328 60.96 -26.32 53.54
C GLN X 328 59.84 -27.08 52.84
N GLY X 329 58.85 -26.34 52.38
CA GLY X 329 57.83 -26.89 51.51
C GLY X 329 56.50 -27.08 52.23
N ALA X 330 55.57 -27.72 51.51
CA ALA X 330 54.28 -28.10 52.06
C ALA X 330 54.34 -29.56 52.50
N LEU X 331 55.03 -29.77 53.62
CA LEU X 331 55.20 -31.12 54.16
C LEU X 331 53.89 -31.66 54.70
N ASP X 332 53.75 -32.98 54.68
CA ASP X 332 52.54 -33.60 55.22
C ASP X 332 52.76 -34.03 56.66
N ASP X 333 51.80 -34.76 57.20
CA ASP X 333 51.78 -35.05 58.64
C ASP X 333 52.86 -36.05 59.03
N VAL X 334 53.13 -37.03 58.16
CA VAL X 334 54.10 -38.05 58.52
C VAL X 334 55.50 -37.48 58.38
N GLU X 335 55.73 -36.64 57.38
CA GLU X 335 57.07 -36.06 57.23
C GLU X 335 57.34 -35.03 58.31
N ILE X 336 56.29 -34.40 58.86
CA ILE X 336 56.49 -33.49 59.97
C ILE X 336 56.83 -34.28 61.23
N LEU X 337 56.14 -35.41 61.44
CA LEU X 337 56.36 -36.17 62.67
C LEU X 337 57.73 -36.84 62.66
N ARG X 338 58.16 -37.36 61.50
CA ARG X 338 59.48 -37.98 61.41
C ARG X 338 60.58 -36.94 61.49
N ALA X 339 60.35 -35.72 61.00
CA ALA X 339 61.39 -34.72 61.13
C ALA X 339 61.45 -34.16 62.53
N ARG X 340 60.32 -34.13 63.23
CA ARG X 340 60.28 -33.62 64.58
C ARG X 340 60.94 -34.58 65.56
N GLN X 341 60.76 -35.89 65.36
CA GLN X 341 61.36 -36.84 66.29
C GLN X 341 62.86 -37.03 66.09
N PHE X 342 63.43 -36.57 64.99
CA PHE X 342 64.86 -36.74 64.71
C PHE X 342 65.72 -35.61 65.24
N VAL X 343 65.24 -34.37 65.18
CA VAL X 343 65.99 -33.24 65.72
C VAL X 343 66.04 -33.31 67.23
N ASP X 344 65.00 -33.85 67.88
CA ASP X 344 65.00 -33.96 69.33
C ASP X 344 65.95 -35.04 69.81
N SER X 345 66.22 -36.05 68.97
CA SER X 345 67.18 -37.09 69.33
C SER X 345 68.59 -36.73 68.91
N TYR X 346 68.75 -35.78 68.01
CA TYR X 346 70.09 -35.34 67.63
C TYR X 346 70.60 -34.21 68.50
N TYR X 347 69.70 -33.37 69.03
CA TYR X 347 70.09 -32.29 69.91
C TYR X 347 70.55 -32.81 71.26
N ARG X 348 70.09 -34.00 71.66
CA ARG X 348 70.51 -34.53 72.95
C ARG X 348 71.95 -34.99 72.89
N THR X 349 72.34 -35.62 71.79
CA THR X 349 73.69 -36.15 71.68
C THR X 349 74.68 -35.06 71.34
N TRP X 350 74.38 -34.23 70.33
CA TRP X 350 75.38 -33.28 69.86
C TRP X 350 75.14 -31.85 70.31
N GLY X 351 73.90 -31.41 70.40
CA GLY X 351 73.66 -30.03 70.74
C GLY X 351 73.71 -29.13 69.52
N GLY X 352 72.93 -28.06 69.58
CA GLY X 352 72.80 -27.19 68.42
C GLY X 352 73.81 -26.07 68.35
N ARG X 353 75.08 -26.37 68.60
CA ARG X 353 76.12 -25.36 68.50
C ARG X 353 76.72 -25.28 67.10
N TYR X 354 76.88 -26.43 66.45
CA TYR X 354 77.56 -26.52 65.16
C TYR X 354 76.59 -26.63 63.99
N VAL X 355 75.71 -27.61 64.01
CA VAL X 355 74.81 -27.90 62.90
C VAL X 355 73.39 -27.55 63.28
N GLN X 356 72.68 -26.85 62.39
CA GLN X 356 71.37 -26.32 62.73
C GLN X 356 70.34 -26.70 61.68
N PHE X 357 69.16 -27.10 62.15
CA PHE X 357 68.04 -27.51 61.30
C PHE X 357 66.99 -26.41 61.24
N ALA X 358 66.28 -26.36 60.11
CA ALA X 358 65.45 -25.21 59.75
C ALA X 358 64.08 -25.63 59.23
N ILE X 359 63.36 -26.47 59.97
CA ILE X 359 62.04 -26.93 59.55
C ILE X 359 61.04 -25.78 59.50
N GLU X 360 60.49 -25.52 58.32
CA GLU X 360 59.49 -24.47 58.16
C GLU X 360 58.50 -24.86 57.08
N LEU X 361 57.24 -24.45 57.27
CA LEU X 361 56.15 -24.83 56.38
C LEU X 361 55.74 -23.65 55.51
N LYS X 362 55.84 -23.83 54.20
CA LYS X 362 55.32 -22.93 53.20
C LYS X 362 54.31 -23.70 52.35
N ASP X 363 53.82 -23.06 51.29
CA ASP X 363 52.83 -23.65 50.40
C ASP X 363 53.39 -23.75 48.99
N ASP X 364 54.11 -24.85 48.73
CA ASP X 364 54.53 -25.20 47.38
C ASP X 364 54.68 -26.70 47.28
N TRP X 365 54.11 -27.29 46.23
CA TRP X 365 54.15 -28.73 46.08
C TRP X 365 55.54 -29.22 45.74
N LEU X 366 56.35 -28.40 45.10
CA LEU X 366 57.78 -28.65 44.97
C LEU X 366 58.42 -28.31 46.31
N LYS X 367 58.77 -29.32 47.09
CA LYS X 367 59.21 -29.11 48.46
C LYS X 367 60.63 -28.57 48.49
N GLY X 368 60.75 -27.26 48.27
CA GLY X 368 62.03 -26.60 48.46
C GLY X 368 62.82 -26.33 47.21
N ARG X 369 62.82 -27.27 46.28
CA ARG X 369 63.65 -27.16 45.09
C ARG X 369 62.93 -26.36 44.03
N SER X 370 63.70 -25.76 43.13
CA SER X 370 63.13 -24.93 42.08
C SER X 370 64.05 -24.93 40.87
N PHE X 371 63.45 -24.84 39.70
CA PHE X 371 64.17 -24.91 38.44
C PHE X 371 63.75 -23.74 37.55
N GLN X 372 64.59 -23.44 36.55
CA GLN X 372 64.23 -22.53 35.49
C GLN X 372 64.48 -23.22 34.15
N TYR X 373 63.71 -22.82 33.15
CA TYR X 373 63.53 -23.60 31.93
C TYR X 373 63.80 -22.73 30.72
N GLY X 374 64.87 -23.03 29.98
CA GLY X 374 65.03 -22.41 28.68
C GLY X 374 65.96 -23.11 27.72
N ALA X 375 65.43 -23.44 26.54
CA ALA X 375 66.17 -23.76 25.31
C ALA X 375 67.01 -25.04 25.33
N GLU X 376 67.16 -25.67 26.49
CA GLU X 376 67.89 -26.92 26.59
C GLU X 376 67.24 -27.92 27.52
N GLY X 377 66.28 -27.51 28.34
CA GLY X 377 65.76 -28.32 29.41
C GLY X 377 65.65 -27.47 30.66
N TYR X 378 65.70 -28.11 31.82
CA TYR X 378 65.60 -27.40 33.09
C TYR X 378 66.98 -27.23 33.70
N ILE X 379 67.23 -26.07 34.29
CA ILE X 379 68.48 -25.77 34.98
C ILE X 379 68.15 -25.49 36.44
N LYS X 380 68.83 -26.19 37.34
CA LYS X 380 68.56 -26.06 38.77
C LYS X 380 69.13 -24.76 39.31
N MET X 381 68.26 -23.92 39.88
CA MET X 381 68.69 -22.63 40.40
C MET X 381 69.34 -22.79 41.77
N SER X 382 70.03 -21.72 42.18
CA SER X 382 70.68 -21.69 43.47
C SER X 382 69.65 -21.56 44.59
N PRO X 383 69.96 -22.03 45.80
CA PRO X 383 69.06 -21.83 46.94
C PRO X 383 68.96 -20.37 47.35
N GLY X 384 67.73 -19.87 47.37
CA GLY X 384 67.46 -18.50 47.77
C GLY X 384 66.28 -18.48 48.72
N HIS X 385 65.91 -17.28 49.16
CA HIS X 385 64.83 -17.17 50.11
C HIS X 385 63.47 -17.10 49.43
N TRP X 386 63.41 -16.56 48.21
CA TRP X 386 62.14 -16.48 47.49
C TRP X 386 61.82 -17.80 46.81
N TYR X 387 60.55 -18.18 46.91
CA TYR X 387 60.01 -19.40 46.34
C TYR X 387 58.81 -19.07 45.46
N PHE X 388 58.58 -19.91 44.45
CA PHE X 388 57.43 -19.76 43.58
C PHE X 388 56.24 -20.48 44.20
N PRO X 389 55.15 -19.78 44.53
CA PRO X 389 53.98 -20.45 45.12
C PRO X 389 53.29 -21.36 44.10
N SER X 390 52.62 -22.37 44.63
CA SER X 390 52.13 -23.46 43.80
C SER X 390 50.67 -23.27 43.43
N PRO X 391 50.34 -23.20 42.16
CA PRO X 391 48.94 -23.35 41.76
C PRO X 391 48.58 -24.81 41.55
N LEU X 392 47.59 -25.30 42.29
CA LEU X 392 47.09 -26.67 42.10
C LEU X 392 45.57 -26.66 41.97
N ALA Y 171 69.55 -8.48 113.09
CA ALA Y 171 69.92 -9.73 112.45
C ALA Y 171 70.76 -9.46 111.22
N GLU Y 172 71.33 -10.53 110.67
CA GLU Y 172 72.15 -10.46 109.49
C GLU Y 172 71.24 -10.21 108.26
N LEU Y 173 71.85 -9.82 107.14
CA LEU Y 173 71.07 -9.44 105.96
C LEU Y 173 70.63 -10.66 105.16
N ASP Y 174 71.48 -11.68 105.05
CA ASP Y 174 71.10 -12.83 104.21
C ASP Y 174 70.04 -13.71 104.88
N SER Y 175 69.76 -13.52 106.17
CA SER Y 175 68.67 -14.27 106.77
C SER Y 175 67.34 -13.63 106.47
N LEU Y 176 67.31 -12.32 106.24
CA LEU Y 176 66.08 -11.58 105.96
C LEU Y 176 65.54 -11.81 104.56
N LEU Y 177 66.33 -12.37 103.66
CA LEU Y 177 65.85 -12.70 102.33
C LEU Y 177 65.11 -14.04 102.41
N GLY Y 178 64.85 -14.64 101.26
CA GLY Y 178 64.02 -15.84 101.21
C GLY Y 178 64.68 -17.07 101.80
N GLN Y 179 63.96 -18.19 101.69
CA GLN Y 179 64.46 -19.47 102.18
C GLN Y 179 65.62 -19.95 101.31
N GLU Y 180 65.49 -19.80 100.00
CA GLU Y 180 66.54 -20.19 99.06
C GLU Y 180 67.66 -19.16 99.18
N LYS Y 181 68.72 -19.52 99.88
CA LYS Y 181 69.88 -18.63 100.02
C LYS Y 181 70.93 -18.90 98.94
N GLU Y 182 70.50 -18.93 97.72
CA GLU Y 182 71.39 -19.19 96.59
C GLU Y 182 71.30 -18.13 95.51
N ARG Y 183 70.12 -17.58 95.28
CA ARG Y 183 69.90 -16.66 94.17
C ARG Y 183 70.35 -15.24 94.49
N PHE Y 184 70.80 -14.97 95.71
CA PHE Y 184 71.35 -13.68 96.07
C PHE Y 184 72.78 -13.84 96.53
N GLN Y 185 73.50 -12.73 96.64
CA GLN Y 185 74.90 -12.78 97.08
C GLN Y 185 75.25 -11.43 97.71
N VAL Y 186 75.65 -11.47 98.97
CA VAL Y 186 75.90 -10.27 99.76
C VAL Y 186 77.41 -10.01 99.80
N LEU Y 187 77.84 -8.91 99.21
CA LEU Y 187 79.22 -8.47 99.12
C LEU Y 187 79.48 -7.34 100.09
N PRO Y 188 80.52 -7.43 100.92
CA PRO Y 188 80.84 -6.31 101.81
C PRO Y 188 81.54 -5.20 101.04
N GLY Y 189 81.08 -3.97 101.25
CA GLY Y 189 81.62 -2.83 100.54
C GLY Y 189 82.82 -2.22 101.25
N ARG Y 190 83.37 -1.19 100.61
CA ARG Y 190 84.50 -0.46 101.17
C ARG Y 190 84.08 0.84 101.85
N ASP Y 191 82.94 1.40 101.48
CA ASP Y 191 82.43 2.60 102.13
C ASP Y 191 81.51 2.27 103.30
N LYS Y 192 81.66 1.07 103.88
CA LYS Y 192 80.87 0.57 105.01
C LYS Y 192 79.38 0.57 104.69
N MET Y 193 79.03 -0.18 103.65
CA MET Y 193 77.66 -0.31 103.18
C MET Y 193 77.57 -1.58 102.36
N LEU Y 194 76.71 -2.52 102.77
CA LEU Y 194 76.68 -3.83 102.15
C LEU Y 194 75.93 -3.79 100.83
N TYR Y 195 76.36 -4.63 99.89
CA TYR Y 195 75.80 -4.67 98.54
C TYR Y 195 75.20 -6.05 98.28
N VAL Y 196 73.99 -6.07 97.74
CA VAL Y 196 73.31 -7.30 97.36
C VAL Y 196 73.36 -7.39 95.85
N ALA Y 197 73.74 -8.53 95.31
CA ALA Y 197 73.94 -8.65 93.87
C ALA Y 197 72.85 -9.53 93.31
N ALA Y 198 71.79 -8.91 92.79
CA ALA Y 198 70.77 -9.66 92.09
C ALA Y 198 71.11 -9.80 90.62
N GLN Y 199 70.53 -10.81 89.98
CA GLN Y 199 70.90 -11.11 88.60
C GLN Y 199 69.84 -10.78 87.57
N ASN Y 200 68.64 -10.37 87.99
CA ASN Y 200 67.61 -9.92 87.07
C ASN Y 200 66.68 -8.96 87.81
N GLU Y 201 65.69 -8.45 87.08
CA GLU Y 201 64.83 -7.41 87.63
C GLU Y 201 63.81 -7.94 88.63
N ARG Y 202 63.39 -9.20 88.50
CA ARG Y 202 62.39 -9.71 89.43
C ARG Y 202 63.01 -9.94 90.80
N ASP Y 203 64.23 -10.46 90.85
CA ASP Y 203 64.85 -10.57 92.15
C ASP Y 203 65.46 -9.26 92.61
N THR Y 204 65.58 -8.26 91.72
CA THR Y 204 65.99 -6.95 92.20
C THR Y 204 64.83 -6.28 92.93
N LEU Y 205 63.59 -6.50 92.47
CA LEU Y 205 62.48 -5.97 93.23
C LEU Y 205 62.17 -6.82 94.44
N TRP Y 206 62.65 -8.07 94.45
CA TRP Y 206 62.50 -8.92 95.62
C TRP Y 206 63.41 -8.45 96.74
N ALA Y 207 64.63 -8.04 96.40
CA ALA Y 207 65.54 -7.58 97.44
C ALA Y 207 65.38 -6.10 97.70
N ARG Y 208 64.68 -5.36 96.84
CA ARG Y 208 64.44 -3.95 97.12
C ARG Y 208 63.23 -3.72 98.01
N GLN Y 209 62.22 -4.60 97.96
CA GLN Y 209 61.08 -4.44 98.88
C GLN Y 209 61.49 -4.68 100.33
N VAL Y 210 62.48 -5.56 100.55
CA VAL Y 210 62.99 -5.84 101.89
C VAL Y 210 63.66 -4.61 102.46
N LEU Y 211 64.53 -3.96 101.68
CA LEU Y 211 65.20 -2.77 102.20
C LEU Y 211 64.27 -1.57 102.24
N ALA Y 212 63.21 -1.58 101.42
CA ALA Y 212 62.31 -0.44 101.36
C ALA Y 212 61.37 -0.41 102.56
N ARG Y 213 60.88 -1.58 102.99
CA ARG Y 213 60.00 -1.56 104.16
C ARG Y 213 60.77 -1.42 105.47
N GLY Y 214 62.09 -1.49 105.44
CA GLY Y 214 62.89 -1.07 106.58
C GLY Y 214 63.15 -2.10 107.64
N ASP Y 215 63.18 -3.38 107.29
CA ASP Y 215 63.53 -4.40 108.28
C ASP Y 215 65.02 -4.72 108.27
N TYR Y 216 65.85 -3.69 108.31
CA TYR Y 216 67.30 -3.86 108.46
C TYR Y 216 67.84 -2.56 109.04
N ASP Y 217 68.57 -2.68 110.16
CA ASP Y 217 68.95 -1.49 110.92
C ASP Y 217 70.05 -0.70 110.22
N LYS Y 218 70.97 -1.37 109.55
CA LYS Y 218 72.05 -0.69 108.87
C LYS Y 218 71.61 -0.31 107.46
N ASN Y 219 72.57 0.14 106.65
CA ASN Y 219 72.31 0.57 105.28
C ASN Y 219 72.88 -0.41 104.28
N ALA Y 220 72.16 -0.60 103.18
CA ALA Y 220 72.57 -1.55 102.15
C ALA Y 220 72.01 -1.07 100.81
N ARG Y 221 72.49 -1.71 99.74
CA ARG Y 221 72.06 -1.35 98.40
C ARG Y 221 71.91 -2.63 97.58
N VAL Y 222 71.14 -2.53 96.48
CA VAL Y 222 70.93 -3.66 95.59
C VAL Y 222 71.50 -3.31 94.22
N ILE Y 223 72.51 -4.05 93.77
CA ILE Y 223 73.10 -3.83 92.47
C ILE Y 223 72.65 -4.95 91.53
N ASN Y 224 72.95 -4.75 90.25
CA ASN Y 224 72.53 -5.60 89.16
C ASN Y 224 73.66 -5.70 88.15
N GLU Y 225 73.40 -6.43 87.07
CA GLU Y 225 74.31 -6.52 85.94
C GLU Y 225 74.09 -5.38 84.95
N ASN Y 226 72.85 -4.98 84.71
CA ASN Y 226 72.55 -4.00 83.69
C ASN Y 226 72.64 -2.55 84.16
N GLU Y 227 71.99 -2.19 85.27
CA GLU Y 227 72.04 -0.78 85.62
C GLU Y 227 73.35 -0.38 86.29
N GLU Y 228 74.17 -1.35 86.68
CA GLU Y 228 75.53 -1.03 87.05
C GLU Y 228 76.44 -0.99 85.84
N ASN Y 229 75.89 -1.27 84.66
CA ASN Y 229 76.61 -1.14 83.40
C ASN Y 229 76.16 0.11 82.68
N LYS Y 230 74.99 0.64 83.03
CA LYS Y 230 74.53 1.94 82.57
C LYS Y 230 74.89 3.07 83.52
N ARG Y 231 75.30 2.78 84.75
CA ARG Y 231 75.76 3.84 85.63
C ARG Y 231 77.20 4.20 85.33
N ILE Y 232 78.03 3.20 85.06
CA ILE Y 232 79.43 3.47 84.79
C ILE Y 232 79.67 3.89 83.36
N SER Y 233 78.64 3.81 82.51
CA SER Y 233 78.79 4.31 81.16
C SER Y 233 78.20 5.69 81.03
N ILE Y 234 77.50 6.15 82.06
CA ILE Y 234 77.13 7.55 82.16
C ILE Y 234 78.28 8.32 82.80
N TRP Y 235 78.96 7.70 83.76
CA TRP Y 235 80.20 8.29 84.26
C TRP Y 235 81.31 8.31 83.22
N LEU Y 236 81.34 7.33 82.31
CA LEU Y 236 82.50 7.21 81.43
C LEU Y 236 82.50 8.20 80.27
N ASP Y 237 81.35 8.75 79.86
CA ASP Y 237 81.30 9.71 78.78
C ASP Y 237 81.24 11.15 79.25
N THR Y 238 81.83 11.42 80.39
CA THR Y 238 82.08 12.75 80.90
C THR Y 238 83.57 12.91 81.20
N TYR Y 239 84.17 11.90 81.80
CA TYR Y 239 85.59 11.93 82.13
C TYR Y 239 86.46 11.26 81.08
N TYR Y 240 85.94 10.30 80.32
CA TYR Y 240 86.70 9.65 79.25
C TYR Y 240 85.88 9.60 77.97
N PRO Y 241 85.68 10.74 77.30
CA PRO Y 241 84.95 10.71 76.03
C PRO Y 241 85.83 10.14 74.92
N GLN Y 242 85.17 9.76 73.82
CA GLN Y 242 85.81 9.13 72.66
C GLN Y 242 86.55 7.86 73.05
N LEU Y 243 85.89 7.02 73.84
CA LEU Y 243 86.46 5.76 74.26
C LEU Y 243 85.82 4.62 73.47
N ALA Y 244 86.62 3.59 73.19
CA ALA Y 244 86.18 2.43 72.43
C ALA Y 244 86.16 1.23 73.37
N TYR Y 245 84.96 0.90 73.88
CA TYR Y 245 84.79 -0.20 74.81
C TYR Y 245 83.51 -0.93 74.46
N TYR Y 246 83.33 -2.12 75.03
CA TYR Y 246 82.17 -2.95 74.70
C TYR Y 246 81.25 -3.15 75.89
N ARG Y 247 81.74 -3.71 76.99
CA ARG Y 247 80.87 -4.22 78.05
C ARG Y 247 81.72 -4.48 79.29
N ILE Y 248 81.07 -4.48 80.45
CA ILE Y 248 81.65 -4.94 81.69
C ILE Y 248 80.95 -6.22 82.11
N HIS Y 249 81.71 -7.26 82.40
CA HIS Y 249 81.17 -8.56 82.78
C HIS Y 249 81.34 -8.77 84.28
N PHE Y 250 80.26 -9.17 84.94
CA PHE Y 250 80.28 -9.36 86.39
C PHE Y 250 80.05 -10.83 86.73
N ASP Y 251 80.74 -11.73 86.04
CA ASP Y 251 80.59 -13.15 86.33
C ASP Y 251 81.21 -13.50 87.69
N GLU Y 252 82.23 -12.79 88.11
CA GLU Y 252 82.60 -12.75 89.52
C GLU Y 252 82.58 -11.29 89.96
N PRO Y 253 81.66 -10.89 90.83
CA PRO Y 253 81.49 -9.46 91.12
C PRO Y 253 82.59 -8.85 91.96
N ARG Y 254 83.47 -9.64 92.53
CA ARG Y 254 84.61 -9.09 93.26
C ARG Y 254 85.81 -8.82 92.36
N LYS Y 255 85.70 -9.11 91.07
CA LYS Y 255 86.78 -8.86 90.12
C LYS Y 255 86.22 -8.78 88.72
N PRO Y 256 85.63 -7.65 88.32
CA PRO Y 256 85.02 -7.57 87.00
C PRO Y 256 86.04 -7.39 85.90
N VAL Y 257 85.60 -7.75 84.70
CA VAL Y 257 86.42 -7.72 83.49
C VAL Y 257 85.90 -6.63 82.59
N PHE Y 258 86.79 -5.76 82.14
CA PHE Y 258 86.42 -4.64 81.29
C PHE Y 258 87.01 -4.88 79.90
N TRP Y 259 86.14 -4.88 78.90
CA TRP Y 259 86.49 -5.27 77.54
C TRP Y 259 86.71 -4.02 76.69
N LEU Y 260 87.95 -3.58 76.56
CA LEU Y 260 88.26 -2.49 75.65
C LEU Y 260 88.43 -3.01 74.23
N SER Y 261 88.48 -2.08 73.29
CA SER Y 261 88.83 -2.38 71.92
C SER Y 261 90.31 -2.12 71.70
N ARG Y 262 90.89 -2.85 70.74
CA ARG Y 262 92.31 -2.77 70.48
C ARG Y 262 92.67 -1.87 69.31
N GLN Y 263 91.93 -1.98 68.21
CA GLN Y 263 92.26 -1.25 66.99
C GLN Y 263 91.62 0.11 66.92
N ARG Y 264 91.18 0.67 68.05
CA ARG Y 264 90.55 1.98 68.02
C ARG Y 264 90.97 2.87 69.18
N ASN Y 265 92.01 2.52 69.93
CA ASN Y 265 92.47 3.37 71.02
C ASN Y 265 93.97 3.62 70.88
N THR Y 266 94.42 4.69 71.53
CA THR Y 266 95.83 5.09 71.48
C THR Y 266 96.41 5.27 72.87
N MET Y 267 95.76 4.76 73.91
CA MET Y 267 96.27 4.89 75.26
C MET Y 267 97.43 3.93 75.49
N SER Y 268 98.42 4.38 76.25
CA SER Y 268 99.64 3.63 76.49
C SER Y 268 99.42 2.63 77.63
N LYS Y 269 100.51 2.03 78.10
CA LYS Y 269 100.40 1.04 79.17
C LYS Y 269 100.12 1.68 80.52
N LYS Y 270 100.65 2.88 80.78
CA LYS Y 270 100.41 3.52 82.07
C LYS Y 270 99.00 4.09 82.19
N GLU Y 271 98.42 4.54 81.07
CA GLU Y 271 97.08 5.08 81.14
C GLU Y 271 96.02 4.00 81.34
N LEU Y 272 96.36 2.74 81.10
CA LEU Y 272 95.41 1.69 81.41
C LEU Y 272 95.41 1.42 82.92
N GLU Y 273 96.56 1.60 83.57
CA GLU Y 273 96.59 1.41 85.01
C GLU Y 273 95.92 2.59 85.71
N VAL Y 274 95.96 3.77 85.08
CA VAL Y 274 95.23 4.88 85.68
C VAL Y 274 93.73 4.70 85.46
N LEU Y 275 93.34 4.10 84.33
CA LEU Y 275 91.93 3.86 84.10
C LEU Y 275 91.39 2.78 85.04
N SER Y 276 92.22 1.79 85.37
CA SER Y 276 91.75 0.76 86.29
C SER Y 276 91.70 1.27 87.72
N GLN Y 277 92.64 2.14 88.10
CA GLN Y 277 92.57 2.67 89.46
C GLN Y 277 91.47 3.71 89.61
N LYS Y 278 91.08 4.38 88.52
CA LYS Y 278 89.96 5.30 88.60
C LYS Y 278 88.62 4.62 88.36
N LEU Y 279 88.61 3.36 87.92
CA LEU Y 279 87.38 2.57 87.89
C LEU Y 279 87.17 1.77 89.16
N ARG Y 280 88.25 1.43 89.87
CA ARG Y 280 88.12 0.71 91.13
C ARG Y 280 87.47 1.57 92.20
N ALA Y 281 87.71 2.89 92.18
CA ALA Y 281 87.10 3.78 93.17
C ALA Y 281 85.61 3.99 92.95
N LEU Y 282 85.09 3.73 91.75
CA LEU Y 282 83.65 3.83 91.54
C LEU Y 282 82.90 2.65 92.09
N MET Y 283 83.53 1.48 92.13
CA MET Y 283 82.87 0.27 92.57
C MET Y 283 83.46 -0.22 93.88
N PRO Y 284 82.87 0.12 95.03
CA PRO Y 284 83.45 -0.31 96.31
C PRO Y 284 83.26 -1.78 96.59
N TYR Y 285 82.32 -2.44 95.91
CA TYR Y 285 82.12 -3.86 96.11
C TYR Y 285 83.24 -4.67 95.47
N ALA Y 286 83.88 -4.14 94.44
CA ALA Y 286 84.92 -4.84 93.72
C ALA Y 286 86.25 -4.70 94.45
N ASP Y 287 87.26 -5.37 93.93
CA ASP Y 287 88.61 -5.30 94.48
C ASP Y 287 89.64 -4.85 93.46
N SER Y 288 89.52 -5.32 92.22
CA SER Y 288 90.43 -4.94 91.15
C SER Y 288 89.73 -5.19 89.82
N VAL Y 289 89.84 -4.22 88.92
CA VAL Y 289 89.22 -4.34 87.60
C VAL Y 289 90.26 -4.84 86.62
N ASN Y 290 89.92 -5.89 85.88
CA ASN Y 290 90.84 -6.54 84.96
C ASN Y 290 90.50 -6.07 83.56
N ILE Y 291 91.38 -5.26 82.98
CA ILE Y 291 91.16 -4.67 81.66
C ILE Y 291 91.81 -5.56 80.62
N THR Y 292 91.04 -5.99 79.63
CA THR Y 292 91.58 -6.76 78.52
C THR Y 292 91.09 -6.18 77.21
N LEU Y 293 91.89 -6.37 76.16
CA LEU Y 293 91.65 -5.77 74.86
C LEU Y 293 91.17 -6.85 73.91
N MET Y 294 89.91 -6.74 73.48
CA MET Y 294 89.36 -7.68 72.52
C MET Y 294 89.60 -7.17 71.10
N ASP Y 295 89.54 -8.09 70.15
CA ASP Y 295 89.75 -7.75 68.76
C ASP Y 295 88.52 -7.05 68.21
N ASP Y 296 88.65 -6.47 67.02
CA ASP Y 296 87.57 -5.74 66.41
C ASP Y 296 86.98 -6.41 65.19
N VAL Y 297 87.71 -7.31 64.54
CA VAL Y 297 87.18 -8.03 63.39
C VAL Y 297 86.50 -9.32 63.79
N THR Y 298 86.69 -9.77 65.03
CA THR Y 298 85.96 -10.95 65.47
C THR Y 298 84.62 -10.60 66.07
N ALA Y 299 84.47 -9.38 66.59
CA ALA Y 299 83.17 -8.97 67.11
C ALA Y 299 82.21 -8.72 65.97
N ALA Y 300 82.71 -8.36 64.80
CA ALA Y 300 81.90 -8.21 63.61
C ALA Y 300 81.94 -9.43 62.71
N GLY Y 301 82.76 -10.43 63.05
CA GLY Y 301 82.75 -11.67 62.31
C GLY Y 301 81.82 -12.69 62.93
N GLN Y 302 81.77 -12.71 64.27
CA GLN Y 302 80.86 -13.61 64.97
C GLN Y 302 79.40 -13.21 64.82
N ALA Y 303 79.14 -11.94 64.50
CA ALA Y 303 77.79 -11.48 64.29
C ALA Y 303 77.29 -11.80 62.90
N GLU Y 304 78.19 -12.07 61.96
CA GLU Y 304 77.78 -12.48 60.62
C GLU Y 304 77.76 -13.99 60.50
N ALA Y 305 78.73 -14.66 61.13
CA ALA Y 305 78.77 -16.11 61.08
C ALA Y 305 77.64 -16.72 61.89
N GLY Y 306 77.17 -16.05 62.96
CA GLY Y 306 75.98 -16.53 63.63
C GLY Y 306 74.69 -16.13 62.97
N LEU Y 307 74.72 -15.17 62.06
CA LEU Y 307 73.53 -14.71 61.35
C LEU Y 307 73.31 -15.47 60.05
N LYS Y 308 74.37 -15.98 59.44
CA LYS Y 308 74.23 -16.82 58.27
C LYS Y 308 73.82 -18.24 58.63
N GLN Y 309 74.02 -18.65 59.88
CA GLN Y 309 73.66 -19.99 60.29
C GLN Y 309 72.15 -20.15 60.40
N GLN Y 310 71.44 -19.08 60.76
CA GLN Y 310 69.99 -19.14 60.86
C GLN Y 310 69.30 -18.94 59.52
N ALA Y 311 70.06 -18.81 58.43
CA ALA Y 311 69.55 -18.63 57.06
C ALA Y 311 68.64 -17.41 56.94
N LEU Y 312 69.09 -16.29 57.49
CA LEU Y 312 68.31 -15.05 57.43
C LEU Y 312 68.84 -14.13 56.35
N PRO Y 313 67.97 -13.49 55.58
CA PRO Y 313 68.44 -12.52 54.59
C PRO Y 313 68.86 -11.24 55.29
N TYR Y 314 70.04 -10.72 54.92
CA TYR Y 314 70.58 -9.57 55.61
C TYR Y 314 71.36 -8.71 54.62
N SER Y 315 71.84 -7.58 55.11
CA SER Y 315 72.58 -6.64 54.27
C SER Y 315 73.49 -5.85 55.19
N ARG Y 316 74.80 -6.08 55.07
CA ARG Y 316 75.80 -5.51 55.95
C ARG Y 316 76.28 -4.15 55.42
N ARG Y 317 76.31 -3.16 56.29
CA ARG Y 317 76.82 -1.83 55.95
C ARG Y 317 77.99 -1.51 56.86
N ASN Y 318 79.17 -1.36 56.28
CA ASN Y 318 80.39 -1.07 56.99
C ASN Y 318 80.67 0.43 56.95
N HIS Y 319 81.03 0.99 58.10
CA HIS Y 319 81.60 2.32 58.18
C HIS Y 319 82.51 2.35 59.40
N LYS Y 320 83.18 3.47 59.60
CA LYS Y 320 84.15 3.55 60.69
C LYS Y 320 83.46 3.66 62.04
N GLY Y 321 83.97 2.93 63.00
CA GLY Y 321 83.40 2.95 64.35
C GLY Y 321 82.06 2.26 64.45
N GLY Y 322 81.88 1.16 63.73
CA GLY Y 322 80.65 0.39 63.86
C GLY Y 322 80.10 -0.10 62.54
N VAL Y 323 79.55 -1.30 62.56
CA VAL Y 323 78.87 -1.86 61.41
C VAL Y 323 77.40 -1.99 61.75
N THR Y 324 76.59 -2.29 60.73
CA THR Y 324 75.17 -2.42 60.98
C THR Y 324 74.59 -3.44 60.01
N PHE Y 325 73.62 -4.22 60.49
CA PHE Y 325 73.02 -5.27 59.68
C PHE Y 325 71.53 -5.02 59.52
N VAL Y 326 71.08 -4.91 58.28
CA VAL Y 326 69.68 -4.63 57.98
C VAL Y 326 69.01 -5.90 57.49
N ILE Y 327 67.97 -6.33 58.20
CA ILE Y 327 67.18 -7.50 57.86
C ILE Y 327 65.80 -7.02 57.43
N GLN Y 328 65.45 -7.28 56.17
CA GLN Y 328 64.19 -6.81 55.61
C GLN Y 328 63.39 -7.94 54.99
N GLY Y 329 62.29 -7.59 54.32
CA GLY Y 329 61.48 -8.55 53.62
C GLY Y 329 60.29 -8.98 54.42
N ALA Y 330 59.49 -9.86 53.82
CA ALA Y 330 58.30 -10.41 54.47
C ALA Y 330 58.69 -11.71 55.13
N LEU Y 331 59.34 -11.61 56.29
CA LEU Y 331 59.75 -12.78 57.04
C LEU Y 331 58.52 -13.44 57.69
N ASP Y 332 58.56 -14.76 57.77
CA ASP Y 332 57.45 -15.49 58.38
C ASP Y 332 57.67 -15.63 59.89
N ASP Y 333 56.83 -16.47 60.51
CA ASP Y 333 56.76 -16.51 61.97
C ASP Y 333 57.88 -17.31 62.61
N VAL Y 334 58.64 -18.08 61.84
CA VAL Y 334 59.77 -18.79 62.42
C VAL Y 334 61.05 -18.02 62.12
N GLU Y 335 61.02 -17.11 61.14
CA GLU Y 335 62.18 -16.30 60.85
C GLU Y 335 62.21 -15.01 61.64
N ILE Y 336 61.10 -14.62 62.27
CA ILE Y 336 61.16 -13.53 63.22
C ILE Y 336 61.21 -14.05 64.64
N LEU Y 337 61.47 -15.34 64.81
CA LEU Y 337 61.78 -15.96 66.09
C LEU Y 337 63.19 -16.50 66.17
N ARG Y 338 63.75 -16.93 65.04
CA ARG Y 338 65.19 -17.24 65.02
C ARG Y 338 66.02 -15.96 65.13
N ALA Y 339 65.52 -14.86 64.58
CA ALA Y 339 66.25 -13.61 64.70
C ALA Y 339 66.08 -13.00 66.07
N ARG Y 340 64.93 -13.21 66.70
CA ARG Y 340 64.74 -12.68 68.04
C ARG Y 340 65.56 -13.47 69.04
N GLN Y 341 65.69 -14.78 68.83
CA GLN Y 341 66.48 -15.54 69.77
C GLN Y 341 67.97 -15.36 69.52
N PHE Y 342 68.37 -14.84 68.36
CA PHE Y 342 69.80 -14.66 68.12
C PHE Y 342 70.31 -13.28 68.55
N VAL Y 343 69.49 -12.23 68.34
CA VAL Y 343 69.93 -10.88 68.71
C VAL Y 343 70.05 -10.75 70.21
N ASP Y 344 69.09 -11.30 70.96
CA ASP Y 344 69.18 -11.28 72.41
C ASP Y 344 70.26 -12.20 72.95
N SER Y 345 70.67 -13.22 72.19
CA SER Y 345 71.80 -14.04 72.58
C SER Y 345 73.13 -13.43 72.22
N TYR Y 346 73.12 -12.36 71.43
CA TYR Y 346 74.35 -11.65 71.09
C TYR Y 346 74.55 -10.38 71.89
N TYR Y 347 73.46 -9.70 72.23
CA TYR Y 347 73.55 -8.47 73.01
C TYR Y 347 74.00 -8.76 74.43
N ARG Y 348 73.75 -9.96 74.94
CA ARG Y 348 74.24 -10.31 76.28
C ARG Y 348 75.74 -10.49 76.28
N THR Y 349 76.29 -11.03 75.19
CA THR Y 349 77.71 -11.33 75.18
C THR Y 349 78.54 -10.09 74.86
N TRP Y 350 78.22 -9.40 73.76
CA TRP Y 350 79.05 -8.29 73.34
C TRP Y 350 78.50 -6.92 73.68
N GLY Y 351 77.19 -6.76 73.71
CA GLY Y 351 76.67 -5.41 73.95
C GLY Y 351 76.49 -4.63 72.67
N GLY Y 352 75.51 -3.73 72.68
CA GLY Y 352 75.16 -3.00 71.48
C GLY Y 352 75.89 -1.70 71.26
N ARG Y 353 77.20 -1.68 71.52
CA ARG Y 353 77.96 -0.46 71.31
C ARG Y 353 78.60 -0.41 69.93
N TYR Y 354 79.06 -1.55 69.43
CA TYR Y 354 79.75 -1.61 68.14
C TYR Y 354 78.82 -1.96 66.98
N VAL Y 355 78.19 -3.12 67.03
CA VAL Y 355 77.38 -3.65 65.94
C VAL Y 355 75.91 -3.64 66.34
N GLN Y 356 75.07 -3.11 65.45
CA GLN Y 356 73.64 -3.03 65.71
C GLN Y 356 72.83 -3.64 64.57
N PHE Y 357 71.87 -4.49 64.93
CA PHE Y 357 70.96 -5.11 63.98
C PHE Y 357 69.73 -4.24 63.82
N ALA Y 358 69.02 -4.44 62.72
CA ALA Y 358 67.83 -3.66 62.42
C ALA Y 358 66.85 -4.59 61.71
N ILE Y 359 65.78 -4.98 62.41
CA ILE Y 359 64.80 -5.90 61.86
C ILE Y 359 63.58 -5.08 61.49
N GLU Y 360 63.35 -4.90 60.20
CA GLU Y 360 62.15 -4.21 59.74
C GLU Y 360 61.47 -5.07 58.69
N LEU Y 361 60.21 -5.43 58.93
CA LEU Y 361 59.48 -6.33 58.05
C LEU Y 361 58.43 -5.54 57.29
N LYS Y 362 58.36 -5.78 55.98
CA LYS Y 362 57.44 -5.08 55.09
C LYS Y 362 56.70 -6.12 54.26
N ASP Y 363 55.51 -5.75 53.80
CA ASP Y 363 54.72 -6.65 52.98
C ASP Y 363 55.29 -6.76 51.58
N ASP Y 364 55.03 -7.90 50.94
CA ASP Y 364 55.59 -8.21 49.64
C ASP Y 364 54.71 -7.69 48.51
N TRP Y 365 55.35 -7.20 47.45
CA TRP Y 365 54.65 -6.66 46.30
C TRP Y 365 54.32 -7.74 45.27
N LEU Y 366 55.24 -8.66 45.04
CA LEU Y 366 55.12 -9.64 43.97
C LEU Y 366 54.49 -10.95 44.45
N LYS Y 367 53.24 -10.84 44.89
CA LYS Y 367 52.51 -12.03 45.31
C LYS Y 367 51.85 -12.70 44.11
N GLY Y 368 50.98 -11.98 43.42
CA GLY Y 368 50.32 -12.47 42.23
C GLY Y 368 50.77 -11.80 40.96
N ARG Y 369 51.84 -11.02 41.01
CA ARG Y 369 52.36 -10.26 39.89
C ARG Y 369 53.37 -11.08 39.09
N SER Y 370 53.55 -10.69 37.84
CA SER Y 370 54.54 -11.25 36.95
C SER Y 370 55.62 -10.21 36.69
N PHE Y 371 56.88 -10.60 36.84
CA PHE Y 371 57.95 -9.64 36.79
C PHE Y 371 59.16 -10.21 36.07
N GLN Y 372 60.09 -9.34 35.74
CA GLN Y 372 61.33 -9.73 35.08
C GLN Y 372 62.46 -9.25 35.95
N TYR Y 373 63.36 -10.16 36.33
CA TYR Y 373 64.51 -9.84 37.13
C TYR Y 373 65.78 -9.86 36.28
N GLY Y 374 66.86 -9.36 36.85
CA GLY Y 374 68.12 -9.31 36.14
C GLY Y 374 68.61 -7.89 36.00
N ALA Y 375 69.05 -7.51 34.81
CA ALA Y 375 69.52 -6.14 34.62
C ALA Y 375 68.33 -5.20 34.43
N GLU Y 376 67.54 -5.43 33.39
CA GLU Y 376 66.36 -4.62 33.12
C GLU Y 376 65.17 -5.29 33.77
N GLY Y 377 64.94 -4.95 35.03
CA GLY Y 377 63.87 -5.54 35.82
C GLY Y 377 62.64 -4.65 35.80
N TYR Y 378 61.47 -5.28 35.79
CA TYR Y 378 60.23 -4.52 35.94
C TYR Y 378 59.17 -5.42 36.53
N ILE Y 379 58.14 -4.82 37.09
CA ILE Y 379 57.06 -5.57 37.72
C ILE Y 379 55.74 -5.16 37.06
N LYS Y 380 55.01 -6.14 36.53
CA LYS Y 380 53.76 -5.89 35.83
C LYS Y 380 52.62 -5.91 36.84
N MET Y 381 52.12 -4.72 37.17
CA MET Y 381 51.08 -4.61 38.18
C MET Y 381 49.69 -4.96 37.66
N SER Y 382 49.54 -5.17 36.39
CA SER Y 382 48.31 -5.47 35.68
C SER Y 382 48.79 -5.96 34.32
N PRO Y 383 47.95 -6.59 33.49
CA PRO Y 383 48.40 -6.92 32.14
C PRO Y 383 48.81 -5.71 31.31
N GLY Y 384 48.27 -4.53 31.61
CA GLY Y 384 48.67 -3.33 30.89
C GLY Y 384 49.32 -2.27 31.76
N HIS Y 385 50.20 -2.65 32.68
CA HIS Y 385 50.75 -1.72 33.64
C HIS Y 385 52.15 -2.16 34.06
N TRP Y 386 53.11 -1.25 33.93
CA TRP Y 386 54.50 -1.51 34.26
C TRP Y 386 54.95 -0.65 35.44
N TYR Y 387 55.82 -1.21 36.27
CA TYR Y 387 56.48 -0.51 37.37
C TYR Y 387 57.97 -0.70 37.18
N PHE Y 388 58.67 0.38 36.86
CA PHE Y 388 60.12 0.32 36.69
C PHE Y 388 60.76 0.81 37.97
N PRO Y 389 61.35 -0.06 38.78
CA PRO Y 389 61.84 0.36 40.09
C PRO Y 389 63.16 1.12 39.99
N SER Y 390 63.31 2.08 40.89
CA SER Y 390 64.51 2.91 40.91
C SER Y 390 65.67 2.12 41.49
N PRO Y 391 66.74 1.89 40.72
CA PRO Y 391 67.91 1.15 41.21
C PRO Y 391 68.78 1.98 42.15
N ALA Z 171 66.45 15.52 114.11
CA ALA Z 171 65.75 16.35 113.14
C ALA Z 171 66.69 16.77 112.02
N GLU Z 172 67.62 15.87 111.67
CA GLU Z 172 68.53 16.18 110.59
C GLU Z 172 67.84 16.08 109.23
N LEU Z 173 68.47 16.68 108.23
CA LEU Z 173 67.86 16.77 106.91
C LEU Z 173 67.93 15.43 106.21
N ASP Z 174 69.01 14.66 106.43
CA ASP Z 174 69.13 13.39 105.74
C ASP Z 174 68.17 12.35 106.30
N SER Z 175 67.65 12.57 107.52
CA SER Z 175 66.66 11.67 108.07
C SER Z 175 65.23 12.14 107.87
N LEU Z 176 65.02 13.42 107.56
CA LEU Z 176 63.64 13.85 107.28
C LEU Z 176 63.15 13.41 105.91
N LEU Z 177 64.05 13.00 105.02
CA LEU Z 177 63.67 12.46 103.72
C LEU Z 177 63.32 10.99 103.89
N GLY Z 178 63.23 10.26 102.78
CA GLY Z 178 62.76 8.89 102.81
C GLY Z 178 63.71 7.89 103.44
N GLN Z 179 63.31 6.62 103.34
CA GLN Z 179 64.05 5.53 103.97
C GLN Z 179 65.35 5.24 103.24
N GLU Z 180 65.31 5.21 101.91
CA GLU Z 180 66.49 4.89 101.11
C GLU Z 180 67.46 6.07 101.12
N LYS Z 181 68.58 5.93 101.79
CA LYS Z 181 69.55 7.02 101.93
C LYS Z 181 70.58 7.01 100.79
N GLU Z 182 70.12 6.91 99.55
CA GLU Z 182 71.05 6.97 98.45
C GLU Z 182 70.58 7.82 97.28
N ARG Z 183 69.31 8.19 97.21
CA ARG Z 183 68.85 9.00 96.09
C ARG Z 183 69.08 10.48 96.31
N PHE Z 184 69.37 10.90 97.53
CA PHE Z 184 69.60 12.30 97.82
C PHE Z 184 71.00 12.50 98.36
N GLN Z 185 71.51 13.72 98.21
CA GLN Z 185 72.84 14.07 98.68
C GLN Z 185 72.78 15.48 99.23
N VAL Z 186 73.27 15.66 100.46
CA VAL Z 186 73.15 16.93 101.18
C VAL Z 186 74.51 17.62 101.20
N LEU Z 187 74.62 18.75 100.50
CA LEU Z 187 75.86 19.50 100.42
C LEU Z 187 75.78 20.77 101.26
N PRO Z 188 76.76 21.06 102.09
CA PRO Z 188 76.77 22.33 102.82
C PRO Z 188 77.20 23.46 101.89
N GLY Z 189 76.57 24.62 102.04
CA GLY Z 189 76.86 25.77 101.22
C GLY Z 189 77.91 26.64 101.84
N ARG Z 190 78.02 27.85 101.33
CA ARG Z 190 78.92 28.86 101.87
C ARG Z 190 78.17 30.06 102.41
N ASP Z 191 76.91 30.26 102.01
CA ASP Z 191 76.08 31.33 102.52
C ASP Z 191 75.17 30.85 103.64
N LYS Z 192 75.64 29.87 104.44
CA LYS Z 192 74.90 29.26 105.55
C LYS Z 192 73.57 28.67 105.13
N MET Z 193 73.60 27.91 104.04
CA MET Z 193 72.43 27.18 103.55
C MET Z 193 72.80 25.74 103.24
N LEU Z 194 71.79 24.90 103.16
CA LEU Z 194 71.99 23.47 102.95
C LEU Z 194 71.29 23.04 101.68
N TYR Z 195 72.03 22.39 100.78
CA TYR Z 195 71.53 22.08 99.46
C TYR Z 195 71.25 20.58 99.36
N VAL Z 196 70.13 20.24 98.75
CA VAL Z 196 69.74 18.86 98.50
C VAL Z 196 69.86 18.65 97.00
N ALA Z 197 70.53 17.60 96.59
CA ALA Z 197 70.80 17.41 95.17
C ALA Z 197 69.98 16.22 94.69
N ALA Z 198 68.88 16.52 93.99
CA ALA Z 198 68.10 15.42 93.44
C ALA Z 198 68.60 15.04 92.06
N GLN Z 199 68.15 13.89 91.58
CA GLN Z 199 68.61 13.38 90.30
C GLN Z 199 67.67 13.71 89.16
N ASN Z 200 66.36 13.61 89.38
CA ASN Z 200 65.39 13.86 88.34
C ASN Z 200 64.23 14.68 88.92
N GLU Z 201 63.16 14.78 88.14
CA GLU Z 201 62.07 15.65 88.52
C GLU Z 201 61.18 15.02 89.58
N ARG Z 202 61.03 13.71 89.55
CA ARG Z 202 60.16 13.08 90.53
C ARG Z 202 60.79 13.12 91.91
N ASP Z 203 62.11 12.94 91.99
CA ASP Z 203 62.72 13.10 93.30
C ASP Z 203 62.85 14.56 93.69
N THR Z 204 62.77 15.47 92.71
CA THR Z 204 62.78 16.89 93.06
C THR Z 204 61.47 17.28 93.70
N LEU Z 205 60.36 16.79 93.15
CA LEU Z 205 59.06 17.04 93.77
C LEU Z 205 58.86 16.21 95.04
N TRP Z 206 59.67 15.16 95.23
CA TRP Z 206 59.61 14.43 96.49
C TRP Z 206 60.25 15.23 97.60
N ALA Z 207 61.35 15.91 97.30
CA ALA Z 207 62.05 16.68 98.31
C ALA Z 207 61.54 18.11 98.47
N ARG Z 208 60.85 18.66 97.47
CA ARG Z 208 60.29 20.00 97.65
C ARG Z 208 59.06 20.04 98.53
N GLN Z 209 58.37 18.91 98.70
CA GLN Z 209 57.22 18.88 99.59
C GLN Z 209 57.65 18.93 101.05
N VAL Z 210 58.85 18.40 101.35
CA VAL Z 210 59.35 18.41 102.71
C VAL Z 210 59.66 19.84 103.13
N LEU Z 211 60.41 20.57 102.32
CA LEU Z 211 60.79 21.92 102.69
C LEU Z 211 59.59 22.87 102.59
N ALA Z 212 58.62 22.56 101.72
CA ALA Z 212 57.47 23.44 101.58
C ALA Z 212 56.45 23.29 102.71
N ARG Z 213 56.28 22.08 103.24
CA ARG Z 213 55.40 21.93 104.39
C ARG Z 213 56.04 22.41 105.68
N GLY Z 214 57.35 22.62 105.69
CA GLY Z 214 57.97 23.37 106.75
C GLY Z 214 58.33 22.59 108.00
N ASP Z 215 58.67 21.32 107.86
CA ASP Z 215 59.15 20.57 109.02
C ASP Z 215 60.68 20.60 109.11
N TYR Z 216 61.25 21.80 109.02
CA TYR Z 216 62.68 21.99 109.16
C TYR Z 216 62.90 23.44 109.60
N ASP Z 217 63.83 23.64 110.53
CA ASP Z 217 63.99 24.95 111.12
C ASP Z 217 64.82 25.89 110.25
N LYS Z 218 65.97 25.43 109.77
CA LYS Z 218 66.90 26.32 109.06
C LYS Z 218 66.47 26.47 107.60
N ASN Z 219 67.32 27.09 106.80
CA ASN Z 219 67.03 27.33 105.40
C ASN Z 219 67.67 26.24 104.56
N ALA Z 220 66.99 25.86 103.47
CA ALA Z 220 67.50 24.82 102.61
C ALA Z 220 66.98 25.04 101.20
N ARG Z 221 67.64 24.40 100.24
CA ARG Z 221 67.22 24.49 98.85
C ARG Z 221 67.55 23.19 98.16
N VAL Z 222 66.75 22.86 97.16
CA VAL Z 222 66.91 21.65 96.35
C VAL Z 222 67.35 22.01 94.94
N ILE Z 223 68.49 21.48 94.52
CA ILE Z 223 69.00 21.71 93.19
C ILE Z 223 68.83 20.44 92.35
N ASN Z 224 69.08 20.61 91.06
CA ASN Z 224 68.93 19.60 90.03
C ASN Z 224 70.08 19.75 89.06
N GLU Z 225 69.98 19.11 87.91
CA GLU Z 225 70.95 19.31 86.84
C GLU Z 225 70.44 20.15 85.69
N ASN Z 226 69.17 19.98 85.29
CA ASN Z 226 68.63 20.82 84.22
C ASN Z 226 68.38 22.25 84.71
N GLU Z 227 67.79 22.42 85.89
CA GLU Z 227 67.51 23.78 86.32
C GLU Z 227 68.78 24.51 86.74
N GLU Z 228 69.83 23.76 87.10
CA GLU Z 228 71.07 24.43 87.40
C GLU Z 228 71.91 24.65 86.15
N ASN Z 229 71.59 23.96 85.06
CA ASN Z 229 72.27 24.28 83.81
C ASN Z 229 71.56 25.37 83.05
N LYS Z 230 70.31 25.68 83.42
CA LYS Z 230 69.62 26.83 82.84
C LYS Z 230 69.77 28.10 83.67
N ARG Z 231 70.01 27.98 84.97
CA ARG Z 231 70.09 29.17 85.81
C ARG Z 231 71.37 29.93 85.53
N ILE Z 232 72.48 29.23 85.34
CA ILE Z 232 73.71 29.90 84.99
C ILE Z 232 73.98 29.83 83.49
N SER Z 233 72.93 29.61 82.69
CA SER Z 233 72.93 29.98 81.30
C SER Z 233 72.09 31.22 81.05
N ILE Z 234 71.36 31.68 82.07
CA ILE Z 234 70.71 32.99 81.98
C ILE Z 234 71.66 34.12 82.41
N TRP Z 235 72.42 33.91 83.47
CA TRP Z 235 73.45 34.87 83.88
C TRP Z 235 74.56 35.00 82.83
N LEU Z 236 74.84 33.92 82.13
CA LEU Z 236 75.89 33.87 81.14
C LEU Z 236 75.40 34.36 79.78
N ASP Z 237 74.17 34.87 79.70
CA ASP Z 237 73.70 35.55 78.51
C ASP Z 237 73.66 37.05 78.71
N THR Z 238 73.93 37.51 79.93
CA THR Z 238 73.93 38.90 80.30
C THR Z 238 75.34 39.41 80.51
N TYR Z 239 76.16 38.67 81.26
CA TYR Z 239 77.50 39.17 81.55
C TYR Z 239 78.56 38.65 80.60
N TYR Z 240 78.33 37.52 79.94
CA TYR Z 240 79.26 36.99 78.94
C TYR Z 240 78.52 36.59 77.68
N PRO Z 241 78.08 37.55 76.88
CA PRO Z 241 77.45 37.20 75.60
C PRO Z 241 78.52 36.79 74.59
N GLN Z 242 78.04 36.21 73.49
CA GLN Z 242 78.85 35.69 72.38
C GLN Z 242 79.85 34.64 72.85
N LEU Z 243 79.48 33.84 73.85
CA LEU Z 243 80.30 32.77 74.36
C LEU Z 243 79.90 31.45 73.70
N ALA Z 244 80.87 30.58 73.48
CA ALA Z 244 80.64 29.30 72.83
C ALA Z 244 80.93 28.19 73.83
N TYR Z 245 79.88 27.55 74.32
CA TYR Z 245 80.00 26.47 75.29
C TYR Z 245 78.98 25.38 74.99
N TYR Z 246 79.10 24.24 75.67
CA TYR Z 246 78.25 23.09 75.41
C TYR Z 246 77.35 22.73 76.58
N ARG Z 247 77.91 22.46 77.76
CA ARG Z 247 77.17 21.82 78.83
C ARG Z 247 77.97 21.97 80.12
N ILE Z 248 77.28 21.90 81.25
CA ILE Z 248 77.92 21.88 82.57
C ILE Z 248 77.56 20.56 83.23
N HIS Z 249 78.57 19.72 83.48
CA HIS Z 249 78.37 18.37 83.97
C HIS Z 249 78.53 18.31 85.48
N PHE Z 250 77.59 17.63 86.14
CA PHE Z 250 77.57 17.55 87.59
C PHE Z 250 77.66 16.12 88.12
N ASP Z 251 78.56 15.31 87.57
CA ASP Z 251 78.73 13.97 88.10
C ASP Z 251 79.40 13.98 89.47
N GLU Z 252 80.20 14.99 89.76
CA GLU Z 252 80.67 15.24 91.13
C GLU Z 252 80.23 16.65 91.50
N PRO Z 253 79.21 16.80 92.36
CA PRO Z 253 78.61 18.13 92.55
C PRO Z 253 79.48 19.11 93.32
N ARG Z 254 80.56 18.66 93.96
CA ARG Z 254 81.48 19.60 94.57
C ARG Z 254 82.54 20.10 93.61
N LYS Z 255 82.64 19.51 92.42
CA LYS Z 255 83.61 19.93 91.41
C LYS Z 255 83.03 19.73 90.02
N PRO Z 256 82.24 20.68 89.53
CA PRO Z 256 81.67 20.54 88.20
C PRO Z 256 82.70 20.82 87.11
N VAL Z 257 82.33 20.45 85.90
CA VAL Z 257 83.19 20.52 84.73
C VAL Z 257 82.45 21.32 83.66
N PHE Z 258 83.09 22.39 83.19
CA PHE Z 258 82.52 23.32 82.21
C PHE Z 258 83.17 23.09 80.85
N TRP Z 259 82.41 22.48 79.94
CA TRP Z 259 82.89 22.12 78.60
C TRP Z 259 82.83 23.33 77.70
N LEU Z 260 83.98 23.98 77.47
CA LEU Z 260 84.08 25.15 76.63
C LEU Z 260 84.52 24.74 75.23
N SER Z 261 84.17 25.55 74.24
CA SER Z 261 84.57 25.25 72.87
C SER Z 261 85.98 25.75 72.62
N ARG Z 262 86.71 25.04 71.77
CA ARG Z 262 88.11 25.37 71.52
C ARG Z 262 88.30 26.21 70.26
N GLN Z 263 87.63 25.85 69.18
CA GLN Z 263 87.82 26.50 67.89
C GLN Z 263 86.88 27.68 67.68
N ARG Z 264 86.26 28.19 68.74
CA ARG Z 264 85.35 29.32 68.58
C ARG Z 264 85.53 30.40 69.63
N ASN Z 265 86.53 30.30 70.51
CA ASN Z 265 86.76 31.33 71.50
C ASN Z 265 88.12 31.99 71.29
N THR Z 266 88.26 33.18 71.87
CA THR Z 266 89.51 33.93 71.79
C THR Z 266 89.98 34.37 73.18
N MET Z 267 89.53 33.69 74.22
CA MET Z 267 89.89 34.06 75.58
C MET Z 267 91.27 33.53 75.93
N SER Z 268 92.08 34.37 76.56
CA SER Z 268 93.45 33.98 76.89
C SER Z 268 93.48 33.16 78.18
N LYS Z 269 94.71 32.94 78.67
CA LYS Z 269 94.93 32.11 79.84
C LYS Z 269 94.53 32.84 81.11
N LYS Z 270 94.89 34.11 81.22
CA LYS Z 270 94.59 34.84 82.44
C LYS Z 270 93.10 35.16 82.52
N GLU Z 271 92.50 35.50 81.38
CA GLU Z 271 91.08 35.84 81.41
C GLU Z 271 90.18 34.61 81.32
N LEU Z 272 90.74 33.40 81.28
CA LEU Z 272 89.92 32.23 81.53
C LEU Z 272 89.83 31.89 83.01
N GLU Z 273 90.68 32.48 83.84
CA GLU Z 273 90.61 32.27 85.28
C GLU Z 273 89.51 33.10 85.92
N VAL Z 274 89.25 34.31 85.41
CA VAL Z 274 88.20 35.13 85.99
C VAL Z 274 86.82 34.63 85.61
N LEU Z 275 86.71 33.81 84.57
CA LEU Z 275 85.43 33.18 84.28
C LEU Z 275 85.14 32.08 85.28
N SER Z 276 86.16 31.31 85.66
CA SER Z 276 85.93 30.29 86.67
C SER Z 276 85.74 30.90 88.05
N GLN Z 277 86.40 32.04 88.30
CA GLN Z 277 86.20 32.71 89.59
C GLN Z 277 84.86 33.43 89.66
N LYS Z 278 84.21 33.68 88.54
CA LYS Z 278 82.89 34.26 88.57
C LYS Z 278 81.80 33.21 88.49
N LEU Z 279 82.10 32.03 87.94
CA LEU Z 279 81.21 30.89 88.01
C LEU Z 279 81.22 30.23 89.38
N ARG Z 280 82.30 30.38 90.14
CA ARG Z 280 82.33 29.81 91.47
C ARG Z 280 81.43 30.55 92.44
N ALA Z 281 81.25 31.86 92.24
CA ALA Z 281 80.39 32.64 93.12
C ALA Z 281 78.91 32.37 92.91
N LEU Z 282 78.52 31.83 91.75
CA LEU Z 282 77.12 31.50 91.52
C LEU Z 282 76.73 30.14 92.08
N MET Z 283 77.70 29.26 92.33
CA MET Z 283 77.42 27.96 92.92
C MET Z 283 78.04 27.92 94.30
N PRO Z 284 77.29 28.21 95.36
CA PRO Z 284 77.89 28.26 96.70
C PRO Z 284 78.24 26.90 97.28
N TYR Z 285 77.77 25.81 96.70
CA TYR Z 285 78.07 24.49 97.22
C TYR Z 285 79.36 23.93 96.63
N ALA Z 286 79.74 24.36 95.44
CA ALA Z 286 80.89 23.80 94.76
C ALA Z 286 82.19 24.31 95.37
N ASP Z 287 83.25 23.53 95.18
CA ASP Z 287 84.57 23.89 95.68
C ASP Z 287 85.39 24.60 94.61
N SER Z 288 85.44 24.03 93.40
CA SER Z 288 86.17 24.65 92.31
C SER Z 288 85.61 24.14 90.99
N VAL Z 289 85.41 25.05 90.06
CA VAL Z 289 84.91 24.72 88.73
C VAL Z 289 86.10 24.42 87.82
N ASN Z 290 86.04 23.31 87.11
CA ASN Z 290 87.14 22.92 86.22
C ASN Z 290 86.67 23.19 84.80
N ILE Z 291 87.31 24.13 84.12
CA ILE Z 291 86.93 24.50 82.77
C ILE Z 291 87.87 23.77 81.83
N THR Z 292 87.32 22.92 80.98
CA THR Z 292 88.13 22.22 79.99
C THR Z 292 87.59 22.49 78.60
N LEU Z 293 88.47 22.38 77.62
CA LEU Z 293 88.19 22.76 76.24
C LEU Z 293 88.00 21.50 75.42
N MET Z 294 86.81 21.36 74.83
CA MET Z 294 86.48 20.23 73.97
C MET Z 294 86.64 20.63 72.52
N ASP Z 295 86.95 19.64 71.69
CA ASP Z 295 87.14 19.88 70.28
C ASP Z 295 85.79 20.10 69.61
N ASP Z 296 85.82 20.60 68.38
CA ASP Z 296 84.60 21.00 67.70
C ASP Z 296 84.15 20.04 66.62
N VAL Z 297 85.08 19.44 65.86
CA VAL Z 297 84.66 18.49 64.83
C VAL Z 297 84.35 17.13 65.39
N THR Z 298 84.72 16.85 66.63
CA THR Z 298 84.36 15.58 67.24
C THR Z 298 83.03 15.66 67.95
N ALA Z 299 82.46 16.85 68.09
CA ALA Z 299 81.12 16.98 68.61
C ALA Z 299 80.10 16.75 67.51
N ALA Z 300 80.37 17.24 66.31
CA ALA Z 300 79.52 16.98 65.15
C ALA Z 300 79.92 15.72 64.40
N GLY Z 301 80.99 15.05 64.78
CA GLY Z 301 81.34 13.79 64.16
C GLY Z 301 80.66 12.61 64.83
N GLN Z 302 80.47 12.72 66.13
CA GLN Z 302 79.76 11.67 66.85
C GLN Z 302 78.27 11.69 66.58
N ALA Z 303 77.71 12.83 66.18
CA ALA Z 303 76.27 12.87 65.90
C ALA Z 303 75.98 12.17 64.59
N GLU Z 304 76.90 12.25 63.64
CA GLU Z 304 76.69 11.59 62.36
C GLU Z 304 77.06 10.12 62.47
N ALA Z 305 78.16 9.81 63.16
CA ALA Z 305 78.52 8.40 63.28
C ALA Z 305 77.57 7.64 64.18
N GLY Z 306 76.75 8.32 64.99
CA GLY Z 306 75.71 7.61 65.71
C GLY Z 306 74.39 7.66 64.97
N LEU Z 307 74.21 8.62 64.08
CA LEU Z 307 73.00 8.69 63.26
C LEU Z 307 73.05 7.77 62.07
N LYS Z 308 74.22 7.26 61.73
CA LYS Z 308 74.32 6.34 60.61
C LYS Z 308 74.16 4.88 61.02
N GLN Z 309 74.46 4.55 62.27
CA GLN Z 309 74.29 3.18 62.75
C GLN Z 309 72.83 2.80 62.94
N GLN Z 310 71.95 3.77 63.13
CA GLN Z 310 70.54 3.48 63.28
C GLN Z 310 69.82 3.39 61.94
N ALA Z 311 70.54 3.59 60.83
CA ALA Z 311 70.02 3.52 59.47
C ALA Z 311 68.86 4.49 59.25
N LEU Z 312 69.05 5.72 59.71
CA LEU Z 312 68.00 6.71 59.53
C LEU Z 312 68.33 7.60 58.34
N PRO Z 313 67.36 7.91 57.47
CA PRO Z 313 67.62 8.84 56.36
C PRO Z 313 67.66 10.26 56.87
N TYR Z 314 68.77 10.95 56.64
CA TYR Z 314 69.00 12.28 57.19
C TYR Z 314 69.52 13.21 56.11
N SER Z 315 69.77 14.44 56.53
CA SER Z 315 70.31 15.47 55.63
C SER Z 315 71.03 16.50 56.48
N ARG Z 316 72.33 16.64 56.26
CA ARG Z 316 73.19 17.50 57.07
C ARG Z 316 73.30 18.88 56.45
N ARG Z 317 73.13 19.93 57.26
CA ARG Z 317 73.24 21.31 56.83
C ARG Z 317 74.34 21.98 57.64
N ASN Z 318 75.48 22.24 56.99
CA ASN Z 318 76.59 22.93 57.62
C ASN Z 318 76.40 24.43 57.42
N HIS Z 319 76.42 25.17 58.52
CA HIS Z 319 76.50 26.62 58.45
C HIS Z 319 77.35 27.12 59.61
N LYS Z 320 77.60 28.42 59.62
CA LYS Z 320 78.59 29.02 60.51
C LYS Z 320 78.09 29.05 61.96
N GLY Z 321 78.73 28.29 62.82
CA GLY Z 321 78.37 28.28 64.24
C GLY Z 321 77.24 27.34 64.59
N GLY Z 322 77.23 26.14 64.00
CA GLY Z 322 76.20 25.19 64.29
C GLY Z 322 75.82 24.38 63.07
N VAL Z 323 75.58 23.09 63.25
CA VAL Z 323 75.14 22.22 62.16
C VAL Z 323 73.74 21.75 62.48
N THR Z 324 73.05 21.24 61.47
CA THR Z 324 71.66 20.84 61.67
C THR Z 324 71.38 19.55 60.92
N PHE Z 325 70.79 18.58 61.59
CA PHE Z 325 70.44 17.33 60.93
C PHE Z 325 68.94 17.23 60.79
N VAL Z 326 68.47 17.12 59.55
CA VAL Z 326 67.05 17.11 59.23
C VAL Z 326 66.65 15.69 58.86
N ILE Z 327 65.71 15.12 59.61
CA ILE Z 327 65.22 13.77 59.40
C ILE Z 327 63.74 13.89 59.03
N GLN Z 328 63.44 13.86 57.74
CA GLN Z 328 62.09 14.04 57.25
C GLN Z 328 61.62 12.78 56.53
N GLY Z 329 60.43 12.85 55.95
CA GLY Z 329 59.86 11.75 55.21
C GLY Z 329 58.75 11.08 55.98
N ALA Z 330 58.27 9.98 55.40
CA ALA Z 330 57.25 9.15 56.02
C ALA Z 330 57.94 7.96 56.67
N LEU Z 331 58.41 8.16 57.89
CA LEU Z 331 59.12 7.13 58.62
C LEU Z 331 58.15 6.03 59.08
N ASP Z 332 58.69 4.84 59.28
CA ASP Z 332 57.91 3.74 59.83
C ASP Z 332 57.98 3.80 61.35
N ASP Z 333 57.51 2.76 62.04
CA ASP Z 333 57.40 2.84 63.49
C ASP Z 333 58.67 2.47 64.23
N VAL Z 334 59.56 1.68 63.64
CA VAL Z 334 60.81 1.34 64.31
C VAL Z 334 61.76 2.54 64.31
N GLU Z 335 61.71 3.33 63.24
CA GLU Z 335 62.67 4.41 63.10
C GLU Z 335 62.33 5.60 63.97
N ILE Z 336 61.05 5.80 64.32
CA ILE Z 336 60.71 6.87 65.24
C ILE Z 336 61.18 6.52 66.64
N LEU Z 337 61.16 5.23 66.98
CA LEU Z 337 61.63 4.80 68.29
C LEU Z 337 63.14 4.90 68.39
N ARG Z 338 63.83 4.61 67.30
CA ARG Z 338 65.28 4.70 67.37
C ARG Z 338 65.75 6.16 67.32
N ALA Z 339 65.07 7.00 66.54
CA ALA Z 339 65.44 8.41 66.52
C ALA Z 339 65.04 9.12 67.80
N ARG Z 340 64.08 8.57 68.55
CA ARG Z 340 63.75 9.15 69.84
C ARG Z 340 64.69 8.66 70.94
N GLN Z 341 65.32 7.51 70.75
CA GLN Z 341 66.25 7.02 71.75
C GLN Z 341 67.67 7.53 71.56
N PHE Z 342 68.04 7.90 70.34
CA PHE Z 342 69.41 8.39 70.13
C PHE Z 342 69.55 9.87 70.48
N VAL Z 343 68.55 10.68 70.15
CA VAL Z 343 68.61 12.12 70.41
C VAL Z 343 68.58 12.39 71.91
N ASP Z 344 67.76 11.65 72.65
CA ASP Z 344 67.68 11.86 74.08
C ASP Z 344 68.93 11.38 74.82
N SER Z 345 69.74 10.51 74.22
CA SER Z 345 71.00 10.13 74.82
C SER Z 345 72.16 10.98 74.34
N TYR Z 346 71.96 11.75 73.28
CA TYR Z 346 72.99 12.69 72.85
C TYR Z 346 72.84 14.06 73.48
N TYR Z 347 71.59 14.48 73.72
CA TYR Z 347 71.34 15.76 74.38
C TYR Z 347 71.81 15.73 75.82
N ARG Z 348 71.86 14.54 76.42
CA ARG Z 348 72.24 14.43 77.83
C ARG Z 348 73.72 14.75 77.99
N THR Z 349 74.55 14.33 77.06
CA THR Z 349 75.98 14.47 77.22
C THR Z 349 76.57 15.58 76.37
N TRP Z 350 75.77 16.27 75.56
CA TRP Z 350 76.31 17.34 74.73
C TRP Z 350 75.50 18.62 74.72
N GLY Z 351 74.27 18.62 75.21
CA GLY Z 351 73.46 19.83 75.17
C GLY Z 351 72.94 20.11 73.77
N GLY Z 352 72.22 21.22 73.66
CA GLY Z 352 71.63 21.59 72.39
C GLY Z 352 72.14 22.89 71.83
N ARG Z 353 73.37 23.26 72.18
CA ARG Z 353 73.89 24.55 71.77
C ARG Z 353 74.48 24.51 70.36
N TYR Z 354 75.20 23.44 70.02
CA TYR Z 354 75.91 23.39 68.75
C TYR Z 354 75.09 22.70 67.65
N VAL Z 355 74.73 21.44 67.86
CA VAL Z 355 74.09 20.60 66.85
C VAL Z 355 72.66 20.30 67.28
N GLN Z 356 71.73 20.41 66.34
CA GLN Z 356 70.31 20.24 66.63
C GLN Z 356 69.65 19.37 65.57
N PHE Z 357 68.92 18.36 66.05
CA PHE Z 357 68.20 17.43 65.20
C PHE Z 357 66.78 17.93 64.99
N ALA Z 358 66.24 17.67 63.81
CA ALA Z 358 64.90 18.10 63.43
C ALA Z 358 64.16 16.90 62.85
N ILE Z 359 63.53 16.11 63.70
CA ILE Z 359 62.65 15.03 63.24
C ILE Z 359 61.34 15.65 62.77
N GLU Z 360 60.82 15.17 61.65
CA GLU Z 360 59.65 15.80 61.07
C GLU Z 360 58.86 14.73 60.33
N LEU Z 361 57.75 14.31 60.91
CA LEU Z 361 56.91 13.27 60.32
C LEU Z 361 55.86 13.93 59.44
N LYS Z 362 56.02 13.78 58.13
CA LYS Z 362 55.05 14.33 57.19
C LYS Z 362 54.95 13.39 56.00
N ASP Z 363 53.85 13.52 55.26
CA ASP Z 363 53.55 12.64 54.15
C ASP Z 363 54.34 13.05 52.93
N ASP Z 364 54.08 12.40 51.81
CA ASP Z 364 54.82 12.67 50.59
C ASP Z 364 54.30 13.94 49.95
N TRP Z 365 55.22 14.87 49.68
CA TRP Z 365 54.85 16.09 48.95
C TRP Z 365 54.48 15.70 47.53
N LEU Z 366 53.44 16.38 47.00
CA LEU Z 366 52.83 16.07 45.71
C LEU Z 366 52.38 14.60 45.68
N LYS Z 367 51.37 14.32 46.51
CA LYS Z 367 51.06 12.97 46.94
C LYS Z 367 50.70 12.04 45.78
N GLY Z 368 49.61 12.33 45.09
CA GLY Z 368 49.22 11.51 43.96
C GLY Z 368 49.43 12.22 42.65
N ARG Z 369 50.48 13.04 42.60
CA ARG Z 369 50.73 13.92 41.47
C ARG Z 369 52.00 13.49 40.75
N SER Z 370 52.01 13.64 39.44
CA SER Z 370 53.19 13.41 38.63
C SER Z 370 53.79 14.76 38.27
N PHE Z 371 55.10 14.87 38.42
CA PHE Z 371 55.80 16.12 38.22
C PHE Z 371 57.04 15.88 37.37
N GLN Z 372 57.63 16.98 36.89
CA GLN Z 372 58.77 16.94 35.98
C GLN Z 372 59.85 17.79 36.64
N TYR Z 373 60.71 17.14 37.43
CA TYR Z 373 61.60 17.84 38.34
C TYR Z 373 62.81 18.41 37.62
N GLY Z 374 63.37 19.45 38.21
CA GLY Z 374 64.70 19.93 37.87
C GLY Z 374 64.74 21.14 36.97
N ALA Z 375 64.82 22.33 37.56
CA ALA Z 375 65.20 23.61 36.94
C ALA Z 375 64.17 24.18 35.95
N GLU Z 376 63.21 23.36 35.52
CA GLU Z 376 62.07 23.76 34.71
C GLU Z 376 60.97 22.76 35.06
N GLY Z 377 60.15 23.11 36.04
CA GLY Z 377 59.26 22.17 36.67
C GLY Z 377 57.80 22.46 36.39
N TYR Z 378 57.00 21.40 36.34
CA TYR Z 378 55.56 21.57 36.26
C TYR Z 378 54.90 20.37 36.90
N ILE Z 379 53.85 20.63 37.65
CA ILE Z 379 53.06 19.59 38.31
C ILE Z 379 51.78 19.39 37.50
N LYS Z 380 51.38 18.14 37.37
CA LYS Z 380 50.22 17.78 36.57
C LYS Z 380 49.06 17.48 37.50
N MET Z 381 48.14 18.44 37.65
CA MET Z 381 46.96 18.22 38.48
C MET Z 381 45.96 17.26 37.84
N SER Z 382 46.06 17.07 36.53
CA SER Z 382 45.12 16.28 35.75
C SER Z 382 45.79 15.98 34.42
N PRO Z 383 45.29 15.00 33.66
CA PRO Z 383 45.81 14.80 32.30
C PRO Z 383 45.68 16.00 31.36
N GLY Z 384 44.80 16.94 31.66
CA GLY Z 384 44.71 18.14 30.85
C GLY Z 384 44.90 19.42 31.64
N HIS Z 385 45.83 19.41 32.59
CA HIS Z 385 46.03 20.55 33.49
C HIS Z 385 47.50 20.63 33.85
N TRP Z 386 48.08 21.82 33.72
CA TRP Z 386 49.47 22.05 34.05
C TRP Z 386 49.55 23.11 35.14
N TYR Z 387 50.60 23.05 35.96
CA TYR Z 387 50.79 23.99 37.05
C TYR Z 387 52.28 24.30 37.13
N PHE Z 388 52.62 25.60 37.19
CA PHE Z 388 54.01 26.07 37.15
C PHE Z 388 54.37 26.86 38.40
N PRO Z 389 54.60 26.18 39.53
CA PRO Z 389 55.17 26.84 40.70
C PRO Z 389 56.68 26.82 40.60
N SER Z 390 57.35 27.11 41.73
CA SER Z 390 58.79 27.03 41.96
C SER Z 390 59.42 25.78 41.38
N PRO Z 391 60.69 25.84 40.88
CA PRO Z 391 61.26 24.70 40.16
C PRO Z 391 61.42 23.46 41.01
N LEU Z 392 60.63 22.45 40.68
CA LEU Z 392 60.55 21.24 41.46
C LEU Z 392 61.73 20.33 41.20
N ALA AA 171 56.50 41.72 112.96
CA ALA AA 171 55.88 41.38 111.68
C ALA AA 171 56.71 41.92 110.54
N GLU AA 172 57.82 41.24 110.24
CA GLU AA 172 58.71 41.69 109.18
C GLU AA 172 58.18 41.30 107.80
N LEU AA 173 58.70 42.00 106.78
CA LEU AA 173 58.16 41.84 105.44
C LEU AA 173 58.57 40.50 104.85
N ASP AA 174 59.76 40.02 105.20
CA ASP AA 174 60.19 38.73 104.66
C ASP AA 174 59.48 37.58 105.35
N SER AA 175 58.85 37.82 106.50
CA SER AA 175 58.07 36.80 107.19
C SER AA 175 56.62 36.83 106.78
N LEU AA 176 56.12 37.97 106.29
CA LEU AA 176 54.75 38.02 105.81
C LEU AA 176 54.58 37.39 104.43
N LEU AA 177 55.67 37.12 103.73
CA LEU AA 177 55.63 36.35 102.50
C LEU AA 177 55.57 34.85 102.82
N GLY AA 178 55.81 34.00 101.83
CA GLY AA 178 55.64 32.58 102.03
C GLY AA 178 56.69 31.94 102.92
N GLN AA 179 56.60 30.62 103.03
CA GLN AA 179 57.55 29.88 103.85
C GLN AA 179 58.94 29.88 103.22
N GLU AA 180 59.01 29.57 101.93
CA GLU AA 180 60.30 29.50 101.25
C GLU AA 180 60.79 30.92 100.98
N LYS AA 181 61.82 31.33 101.72
CA LYS AA 181 62.42 32.66 101.64
C LYS AA 181 63.60 32.70 100.68
N GLU AA 182 63.40 32.20 99.47
CA GLU AA 182 64.43 32.30 98.45
C GLU AA 182 63.88 32.66 97.07
N ARG AA 183 62.57 32.79 96.92
CA ARG AA 183 61.98 33.23 95.68
C ARG AA 183 61.64 34.71 95.67
N PHE AA 184 61.79 35.40 96.79
CA PHE AA 184 61.62 36.85 96.87
C PHE AA 184 62.90 37.50 97.37
N GLN AA 185 62.98 38.82 97.20
CA GLN AA 185 64.16 39.55 97.65
C GLN AA 185 63.76 40.98 97.97
N VAL AA 186 63.86 41.32 99.25
CA VAL AA 186 63.48 42.65 99.75
C VAL AA 186 64.69 43.57 99.71
N LEU AA 187 64.59 44.66 98.95
CA LEU AA 187 65.63 45.65 98.80
C LEU AA 187 65.26 46.91 99.57
N PRO AA 188 66.19 47.48 100.32
CA PRO AA 188 65.93 48.76 101.00
C PRO AA 188 66.03 49.92 100.04
N GLY AA 189 65.17 50.92 100.20
CA GLY AA 189 65.13 52.04 99.29
C GLY AA 189 65.88 53.23 99.85
N ARG AA 190 65.99 54.24 99.01
CA ARG AA 190 66.60 55.51 99.40
C ARG AA 190 65.55 56.50 99.85
N ASP AA 191 64.33 56.36 99.33
CA ASP AA 191 63.21 57.22 99.68
C ASP AA 191 62.37 56.65 100.82
N LYS AA 192 62.99 55.87 101.72
CA LYS AA 192 62.34 55.25 102.90
C LYS AA 192 61.18 54.34 102.50
N MET AA 193 61.45 53.40 101.59
CA MET AA 193 60.43 52.47 101.15
C MET AA 193 61.08 51.15 100.73
N LEU AA 194 60.47 50.05 101.13
CA LEU AA 194 61.06 48.74 100.88
C LEU AA 194 60.45 48.16 99.61
N TYR AA 195 61.32 47.66 98.72
CA TYR AA 195 60.89 47.10 97.45
C TYR AA 195 61.02 45.59 97.49
N VAL AA 196 60.01 44.91 96.97
CA VAL AA 196 60.02 43.46 96.90
C VAL AA 196 60.17 43.12 95.43
N ALA AA 197 61.26 42.46 95.06
CA ALA AA 197 61.55 42.22 93.65
C ALA AA 197 61.13 40.80 93.35
N ALA AA 198 59.96 40.65 92.73
CA ALA AA 198 59.52 39.31 92.35
C ALA AA 198 60.16 38.92 91.02
N GLN AA 199 59.74 37.78 90.47
CA GLN AA 199 60.35 37.29 89.24
C GLN AA 199 59.36 37.20 88.09
N ASN AA 200 58.17 36.64 88.31
CA ASN AA 200 57.22 36.59 87.21
C ASN AA 200 55.86 37.18 87.60
N GLU AA 201 54.89 37.03 86.70
CA GLU AA 201 53.59 37.62 86.91
C GLU AA 201 52.80 36.87 87.95
N ARG AA 202 53.08 35.59 88.14
CA ARG AA 202 52.33 34.81 89.11
C ARG AA 202 52.76 35.17 90.53
N ASP AA 203 54.06 35.40 90.74
CA ASP AA 203 54.52 35.81 92.06
C ASP AA 203 54.31 37.29 92.35
N THR AA 204 54.05 38.10 91.32
CA THR AA 204 53.80 39.51 91.64
C THR AA 204 52.42 39.68 92.27
N LEU AA 205 51.44 38.88 91.88
CA LEU AA 205 50.14 38.99 92.55
C LEU AA 205 50.11 38.24 93.87
N TRP AA 206 51.07 37.33 94.09
CA TRP AA 206 51.21 36.65 95.37
C TRP AA 206 51.79 37.60 96.38
N ALA AA 207 52.59 38.55 95.92
CA ALA AA 207 53.15 39.52 96.85
C ALA AA 207 52.28 40.77 96.94
N ARG AA 208 51.52 41.09 95.88
CA ARG AA 208 50.60 42.22 95.95
C ARG AA 208 49.39 41.94 96.81
N GLN AA 209 49.03 40.67 97.01
CA GLN AA 209 47.91 40.39 97.91
C GLN AA 209 48.27 40.72 99.36
N VAL AA 210 49.54 40.52 99.73
CA VAL AA 210 49.97 40.81 101.09
C VAL AA 210 49.91 42.31 101.35
N LEU AA 211 50.45 43.10 100.43
CA LEU AA 211 50.41 44.56 100.61
C LEU AA 211 49.05 45.16 100.33
N ALA AA 212 48.11 44.38 99.79
CA ALA AA 212 46.76 44.88 99.56
C ALA AA 212 45.82 44.60 100.72
N ARG AA 213 45.95 43.44 101.37
CA ARG AA 213 45.13 43.17 102.54
C ARG AA 213 45.55 44.01 103.74
N GLY AA 214 46.75 44.58 103.71
CA GLY AA 214 47.12 45.54 104.74
C GLY AA 214 47.66 44.95 106.00
N ASP AA 215 48.29 43.77 105.95
CA ASP AA 215 48.92 43.23 107.14
C ASP AA 215 50.38 43.63 107.25
N TYR AA 216 50.65 44.93 107.11
CA TYR AA 216 51.99 45.45 107.25
C TYR AA 216 51.87 46.91 107.64
N ASP AA 217 52.77 47.38 108.51
CA ASP AA 217 52.63 48.70 109.11
C ASP AA 217 52.99 49.82 108.12
N LYS AA 218 54.22 49.84 107.63
CA LYS AA 218 54.68 50.95 106.81
C LYS AA 218 54.33 50.68 105.35
N ASN AA 219 54.89 51.49 104.45
CA ASN AA 219 54.61 51.39 103.03
C ASN AA 219 55.70 50.60 102.33
N ALA AA 220 55.31 49.93 101.24
CA ALA AA 220 56.23 49.12 100.46
C ALA AA 220 55.71 49.01 99.04
N ARG AA 221 56.62 48.68 98.12
CA ARG AA 221 56.26 48.51 96.72
C ARG AA 221 56.85 47.21 96.21
N VAL AA 222 56.20 46.63 95.22
CA VAL AA 222 56.65 45.41 94.57
C VAL AA 222 57.07 45.72 93.13
N ILE AA 223 58.31 45.36 92.79
CA ILE AA 223 58.81 45.60 91.44
C ILE AA 223 59.01 44.30 90.70
N ASN AA 224 59.38 44.42 89.43
CA ASN AA 224 59.47 43.29 88.52
C ASN AA 224 60.34 43.70 87.33
N GLU AA 225 61.01 42.69 86.76
CA GLU AA 225 61.92 42.92 85.64
C GLU AA 225 61.17 43.31 84.38
N ASN AA 226 59.97 42.77 84.19
CA ASN AA 226 59.24 43.02 82.96
C ASN AA 226 58.56 44.37 82.97
N GLU AA 227 58.15 44.86 84.13
CA GLU AA 227 57.38 46.08 84.19
C GLU AA 227 58.18 47.28 84.70
N GLU AA 228 59.41 47.08 85.17
CA GLU AA 228 60.24 48.26 85.38
C GLU AA 228 60.97 48.69 84.11
N ASN AA 229 60.97 47.82 83.10
CA ASN AA 229 61.50 48.20 81.81
C ASN AA 229 60.43 48.79 80.92
N LYS AA 230 59.16 48.48 81.21
CA LYS AA 230 58.08 49.18 80.54
C LYS AA 230 57.85 50.53 81.18
N ARG AA 231 58.09 50.66 82.49
CA ARG AA 231 57.91 51.95 83.15
C ARG AA 231 59.02 52.93 82.79
N ILE AA 232 60.27 52.46 82.70
CA ILE AA 232 61.36 53.37 82.43
C ILE AA 232 61.43 53.83 80.98
N SER AA 233 60.71 53.18 80.08
CA SER AA 233 60.69 53.65 78.70
C SER AA 233 59.69 54.76 78.46
N ILE AA 234 58.68 54.89 79.33
CA ILE AA 234 57.77 56.03 79.25
C ILE AA 234 58.49 57.29 79.68
N TRP AA 235 59.36 57.19 80.69
CA TRP AA 235 60.16 58.35 81.07
C TRP AA 235 61.23 58.61 80.02
N LEU AA 236 61.75 57.57 79.38
CA LEU AA 236 62.91 57.78 78.54
C LEU AA 236 62.55 58.38 77.19
N ASP AA 237 61.33 58.11 76.69
CA ASP AA 237 60.96 58.65 75.38
C ASP AA 237 60.22 59.98 75.48
N THR AA 238 60.48 60.73 76.51
CA THR AA 238 60.02 62.09 76.69
C THR AA 238 61.17 63.05 76.95
N TYR AA 239 62.14 62.63 77.77
CA TYR AA 239 63.31 63.45 78.04
C TYR AA 239 64.51 63.09 77.20
N TYR AA 240 64.60 61.88 76.66
CA TYR AA 240 65.70 61.51 75.76
C TYR AA 240 65.14 60.83 74.52
N PRO AA 241 64.50 61.58 73.63
CA PRO AA 241 64.00 60.97 72.40
C PRO AA 241 65.13 60.76 71.42
N GLN AA 242 64.83 59.95 70.39
CA GLN AA 242 65.77 59.54 69.34
C GLN AA 242 67.01 58.86 69.92
N LEU AA 243 66.81 58.08 70.98
CA LEU AA 243 67.88 57.33 71.61
C LEU AA 243 67.73 55.86 71.22
N ALA AA 244 68.85 55.22 70.92
CA ALA AA 244 68.86 53.83 70.49
C ALA AA 244 69.38 52.96 71.63
N TYR AA 245 68.55 52.04 72.10
CA TYR AA 245 68.92 51.15 73.19
C TYR AA 245 68.16 49.85 73.02
N TYR AA 246 68.52 48.86 73.83
CA TYR AA 246 67.93 47.52 73.71
C TYR AA 246 67.13 47.11 74.93
N ARG AA 247 67.72 47.08 76.12
CA ARG AA 247 67.13 46.42 77.28
C ARG AA 247 67.86 46.87 78.52
N ILE AA 248 67.20 46.73 79.67
CA ILE AA 248 67.84 46.86 80.97
C ILE AA 248 67.77 45.52 81.66
N HIS AA 249 68.91 45.01 82.13
CA HIS AA 249 68.98 43.71 82.75
C HIS AA 249 69.09 43.89 84.26
N PHE AA 250 68.31 43.11 85.00
CA PHE AA 250 68.25 43.22 86.46
C PHE AA 250 68.68 41.91 87.09
N ASP AA 251 69.78 41.34 86.61
CA ASP AA 251 70.31 40.11 87.20
C ASP AA 251 70.92 40.37 88.57
N GLU AA 252 71.43 41.58 88.79
CA GLU AA 252 71.80 42.04 90.13
C GLU AA 252 71.06 43.34 90.37
N PRO AA 253 70.00 43.33 91.18
CA PRO AA 253 69.07 44.47 91.23
C PRO AA 253 69.63 45.71 91.89
N ARG AA 254 70.73 45.63 92.61
CA ARG AA 254 71.36 46.83 93.15
C ARG AA 254 72.41 47.42 92.22
N LYS AA 255 72.54 46.88 91.02
CA LYS AA 255 73.51 47.38 90.05
C LYS AA 255 73.12 46.95 88.64
N PRO AA 256 72.15 47.58 88.00
CA PRO AA 256 71.71 47.12 86.69
C PRO AA 256 72.65 47.58 85.58
N VAL AA 257 72.47 46.96 84.41
CA VAL AA 257 73.24 47.21 83.20
C VAL AA 257 72.30 47.73 82.11
N PHE AA 258 72.67 48.84 81.49
CA PHE AA 258 71.88 49.49 80.44
C PHE AA 258 72.60 49.30 79.11
N TRP AA 259 71.98 48.55 78.21
CA TRP AA 259 72.56 48.15 76.93
C TRP AA 259 72.23 49.23 75.91
N LEU AA 260 73.22 50.05 75.58
CA LEU AA 260 73.07 51.14 74.62
C LEU AA 260 73.67 50.73 73.28
N SER AA 261 73.20 51.36 72.21
CA SER AA 261 73.68 51.04 70.88
C SER AA 261 74.90 51.91 70.56
N ARG AA 262 75.94 51.30 70.03
CA ARG AA 262 77.18 52.04 69.78
C ARG AA 262 77.13 52.77 68.45
N GLN AA 263 76.61 52.14 67.42
CA GLN AA 263 76.72 52.65 66.07
C GLN AA 263 75.63 53.63 65.70
N ARG AA 264 74.70 53.96 66.60
CA ARG AA 264 73.57 54.79 66.23
C ARG AA 264 73.38 56.01 67.13
N ASN AA 265 74.34 56.34 67.98
CA ASN AA 265 74.28 57.59 68.73
C ASN AA 265 75.68 58.12 68.95
N THR AA 266 75.80 59.42 69.14
CA THR AA 266 77.10 60.07 69.25
C THR AA 266 77.21 60.89 70.53
N MET AA 267 76.69 60.37 71.63
CA MET AA 267 76.86 61.05 72.91
C MET AA 267 78.28 60.91 73.43
N SER AA 268 78.75 61.94 74.14
CA SER AA 268 80.10 61.92 74.67
C SER AA 268 80.13 61.19 76.02
N LYS AA 269 81.28 61.25 76.68
CA LYS AA 269 81.43 60.60 77.98
C LYS AA 269 80.69 61.37 79.07
N LYS AA 270 80.69 62.70 78.99
CA LYS AA 270 80.07 63.45 80.06
C LYS AA 270 78.56 63.35 79.94
N GLU AA 271 78.01 63.43 78.73
CA GLU AA 271 76.57 63.29 78.64
C GLU AA 271 76.14 61.82 78.63
N LEU AA 272 77.08 60.87 78.76
CA LEU AA 272 76.68 59.53 79.16
C LEU AA 272 76.68 59.37 80.68
N GLU AA 273 77.54 60.11 81.38
CA GLU AA 273 77.48 60.06 82.84
C GLU AA 273 76.30 60.84 83.39
N VAL AA 274 75.83 61.85 82.65
CA VAL AA 274 74.63 62.56 83.10
C VAL AA 274 73.41 61.67 82.90
N LEU AA 275 73.41 60.86 81.82
CA LEU AA 275 72.32 59.92 81.62
C LEU AA 275 72.36 58.82 82.66
N SER AA 276 73.55 58.40 83.06
CA SER AA 276 73.68 57.35 84.07
C SER AA 276 73.30 57.85 85.46
N GLN AA 277 73.40 59.15 85.73
CA GLN AA 277 72.96 59.66 87.02
C GLN AA 277 71.48 59.98 87.04
N LYS AA 278 70.93 60.38 85.89
CA LYS AA 278 69.49 60.59 85.84
C LYS AA 278 68.73 59.29 85.73
N LEU AA 279 69.37 58.22 85.28
CA LEU AA 279 68.73 56.91 85.35
C LEU AA 279 68.80 56.34 86.76
N ARG AA 280 69.76 56.80 87.55
CA ARG AA 280 69.91 56.32 88.91
C ARG AA 280 68.91 56.98 89.84
N ALA AA 281 68.64 58.26 89.59
CA ALA AA 281 67.66 58.95 90.43
C ALA AA 281 66.23 58.51 90.15
N LEU AA 282 65.98 57.83 89.03
CA LEU AA 282 64.67 57.27 88.74
C LEU AA 282 64.41 55.97 89.49
N MET AA 283 65.47 55.23 89.82
CA MET AA 283 65.37 53.95 90.52
C MET AA 283 65.94 54.07 91.91
N PRO AA 284 65.12 54.24 92.95
CA PRO AA 284 65.67 54.44 94.30
C PRO AA 284 66.26 53.21 94.94
N TYR AA 285 66.12 52.02 94.34
CA TYR AA 285 66.70 50.83 94.92
C TYR AA 285 68.09 50.53 94.39
N ALA AA 286 68.45 51.08 93.24
CA ALA AA 286 69.75 50.82 92.63
C ALA AA 286 70.83 51.65 93.32
N ASP AA 287 72.08 51.28 93.07
CA ASP AA 287 73.22 52.01 93.59
C ASP AA 287 74.00 52.75 92.51
N SER AA 288 74.22 52.11 91.37
CA SER AA 288 74.91 52.73 90.25
C SER AA 288 74.55 51.99 88.98
N VAL AA 289 73.99 52.69 88.01
CA VAL AA 289 73.62 52.08 86.74
C VAL AA 289 74.84 52.04 85.84
N ASN AA 290 75.16 50.87 85.31
CA ASN AA 290 76.34 50.68 84.47
C ASN AA 290 75.90 50.64 83.01
N ILE AA 291 76.45 51.52 82.19
CA ILE AA 291 76.07 51.63 80.78
C ILE AA 291 77.13 50.94 79.94
N THR AA 292 76.72 49.91 79.21
CA THR AA 292 77.60 49.23 78.27
C THR AA 292 77.06 49.40 76.86
N LEU AA 293 77.98 49.60 75.92
CA LEU AA 293 77.65 49.83 74.52
C LEU AA 293 77.77 48.51 73.79
N MET AA 294 76.65 47.97 73.37
CA MET AA 294 76.58 46.72 72.63
C MET AA 294 76.73 47.00 71.15
N ASP AA 295 77.31 46.03 70.44
CA ASP AA 295 77.44 46.17 69.00
C ASP AA 295 76.08 45.95 68.34
N ASP AA 296 75.95 46.48 67.13
CA ASP AA 296 74.70 46.43 66.41
C ASP AA 296 74.67 45.38 65.31
N VAL AA 297 75.82 44.83 64.94
CA VAL AA 297 75.85 43.77 63.94
C VAL AA 297 75.48 42.43 64.55
N THR AA 298 75.94 42.16 65.77
CA THR AA 298 75.64 40.88 66.40
C THR AA 298 74.19 40.75 66.87
N ALA AA 299 73.45 41.86 66.94
CA ALA AA 299 72.04 41.78 67.29
C ALA AA 299 71.24 41.16 66.16
N ALA AA 300 71.43 41.63 64.93
CA ALA AA 300 70.76 40.97 63.82
C ALA AA 300 71.53 39.76 63.33
N GLY AA 301 72.74 39.51 63.85
CA GLY AA 301 73.46 38.33 63.45
C GLY AA 301 73.05 37.10 64.23
N GLN AA 302 72.77 37.26 65.52
CA GLN AA 302 72.31 36.12 66.29
C GLN AA 302 70.86 35.79 66.05
N ALA AA 303 70.11 36.68 65.42
CA ALA AA 303 68.72 36.41 65.08
C ALA AA 303 68.60 35.67 63.77
N GLU AA 304 69.59 35.82 62.89
CA GLU AA 304 69.62 35.06 61.66
C GLU AA 304 70.29 33.72 61.88
N ALA AA 305 71.40 33.69 62.62
CA ALA AA 305 72.06 32.43 62.89
C ALA AA 305 71.27 31.53 63.82
N GLY AA 306 70.40 32.07 64.68
CA GLY AA 306 69.55 31.18 65.43
C GLY AA 306 68.29 30.77 64.72
N LEU AA 307 67.97 31.44 63.62
CA LEU AA 307 66.81 31.08 62.82
C LEU AA 307 67.15 30.13 61.70
N LYS AA 308 68.42 30.07 61.30
CA LYS AA 308 68.81 29.05 60.34
C LYS AA 308 69.01 27.71 61.01
N GLN AA 309 69.24 27.68 62.31
CA GLN AA 309 69.52 26.43 63.01
C GLN AA 309 68.27 25.59 63.23
N GLN AA 310 67.09 26.21 63.28
CA GLN AA 310 65.85 25.46 63.46
C GLN AA 310 65.22 25.03 62.14
N ALA AA 311 65.89 25.31 61.00
CA ALA AA 311 65.41 25.00 59.65
C ALA AA 311 64.04 25.61 59.36
N LEU AA 312 63.91 26.90 59.67
CA LEU AA 312 62.66 27.61 59.43
C LEU AA 312 62.78 28.50 58.19
N PRO AA 313 61.73 28.62 57.38
CA PRO AA 313 61.78 29.57 56.27
C PRO AA 313 61.56 31.00 56.76
N TYR AA 314 62.33 31.92 56.21
CA TYR AA 314 62.27 33.30 56.66
C TYR AA 314 62.61 34.25 55.52
N SER AA 315 62.38 35.53 55.77
CA SER AA 315 62.63 36.56 54.75
C SER AA 315 63.13 37.81 55.45
N ARG AA 316 64.45 38.01 55.45
CA ARG AA 316 65.07 39.17 56.10
C ARG AA 316 64.85 40.44 55.31
N ARG AA 317 64.31 41.47 55.96
CA ARG AA 317 64.07 42.77 55.37
C ARG AA 317 64.84 43.83 56.15
N ASN AA 318 65.90 44.35 55.53
CA ASN AA 318 66.74 45.38 56.13
C ASN AA 318 66.19 46.76 55.79
N HIS AA 319 66.22 47.66 56.77
CA HIS AA 319 65.98 49.08 56.54
C HIS AA 319 66.76 49.87 57.59
N LYS AA 320 66.67 51.20 57.52
CA LYS AA 320 67.49 52.07 58.35
C LYS AA 320 66.99 52.06 59.79
N GLY AA 321 67.78 51.49 60.70
CA GLY AA 321 67.41 51.51 62.10
C GLY AA 321 66.41 50.44 62.47
N GLY AA 322 66.71 49.21 62.12
CA GLY AA 322 65.84 48.10 62.43
C GLY AA 322 65.94 47.03 61.36
N VAL AA 323 65.42 45.85 61.70
CA VAL AA 323 65.40 44.74 60.77
C VAL AA 323 64.22 43.85 61.13
N THR AA 324 63.60 43.24 60.11
CA THR AA 324 62.44 42.42 60.38
C THR AA 324 62.51 41.09 59.65
N PHE AA 325 62.11 40.03 60.33
CA PHE AA 325 62.11 38.68 59.77
C PHE AA 325 60.68 38.20 59.67
N VAL AA 326 60.27 37.81 58.47
CA VAL AA 326 58.91 37.40 58.18
C VAL AA 326 58.88 35.91 57.92
N ILE AA 327 57.99 35.21 58.61
CA ILE AA 327 57.79 33.77 58.50
C ILE AA 327 56.34 33.53 58.11
N GLN AA 328 56.07 33.38 56.81
CA GLN AA 328 54.74 33.14 56.29
C GLN AA 328 54.56 31.67 55.97
N GLY AA 329 53.44 31.32 55.35
CA GLY AA 329 53.23 30.01 54.80
C GLY AA 329 52.34 29.13 55.66
N ALA AA 330 52.00 27.97 55.10
CA ALA AA 330 51.20 26.98 55.81
C ALA AA 330 52.16 26.05 56.56
N LEU AA 331 52.69 26.58 57.65
CA LEU AA 331 53.66 25.84 58.47
C LEU AA 331 52.98 24.70 59.21
N ASP AA 332 53.73 23.66 59.49
CA ASP AA 332 53.20 22.55 60.26
C ASP AA 332 53.39 22.76 61.77
N ASP AA 333 53.01 21.75 62.54
CA ASP AA 333 52.91 21.89 63.99
C ASP AA 333 54.27 21.84 64.68
N VAL AA 334 55.31 21.41 63.99
CA VAL AA 334 56.63 21.43 64.59
C VAL AA 334 57.32 22.76 64.32
N GLU AA 335 57.09 23.32 63.14
CA GLU AA 335 57.69 24.59 62.80
C GLU AA 335 57.03 25.73 63.56
N ILE AA 336 55.77 25.58 63.93
CA ILE AA 336 55.13 26.59 64.78
C ILE AA 336 55.70 26.53 66.19
N LEU AA 337 55.98 25.32 66.67
CA LEU AA 337 56.46 25.18 68.04
C LEU AA 337 57.90 25.65 68.15
N ARG AA 338 58.73 25.35 67.14
CA ARG AA 338 60.13 25.79 67.22
C ARG AA 338 60.26 27.29 67.02
N ALA AA 339 59.38 27.90 66.22
CA ALA AA 339 59.49 29.34 66.02
C ALA AA 339 59.00 30.08 67.25
N ARG AA 340 57.89 29.64 67.84
CA ARG AA 340 57.38 30.30 69.02
C ARG AA 340 58.31 30.06 70.20
N GLN AA 341 58.96 28.90 70.27
CA GLN AA 341 59.89 28.63 71.35
C GLN AA 341 61.20 29.41 71.19
N PHE AA 342 61.51 29.90 69.99
CA PHE AA 342 62.76 30.62 69.79
C PHE AA 342 62.58 32.12 69.95
N VAL AA 343 61.44 32.66 69.51
CA VAL AA 343 61.20 34.10 69.61
C VAL AA 343 61.10 34.52 71.08
N ASP AA 344 60.50 33.68 71.92
CA ASP AA 344 60.42 33.98 73.36
C ASP AA 344 61.78 33.88 74.06
N SER AA 345 62.73 33.14 73.51
CA SER AA 345 64.07 33.09 74.08
C SER AA 345 64.99 34.16 73.51
N TYR AA 346 64.59 34.79 72.42
CA TYR AA 346 65.36 35.91 71.89
C TYR AA 346 64.87 37.26 72.40
N TYR AA 347 63.57 37.38 72.66
CA TYR AA 347 62.99 38.60 73.17
C TYR AA 347 63.45 38.87 74.61
N ARG AA 348 63.77 37.82 75.35
CA ARG AA 348 64.21 38.01 76.72
C ARG AA 348 65.61 38.61 76.75
N THR AA 349 66.45 38.25 75.80
CA THR AA 349 67.82 38.73 75.79
C THR AA 349 67.92 40.11 75.16
N TRP AA 350 67.33 40.29 73.98
CA TRP AA 350 67.57 41.53 73.25
C TRP AA 350 66.42 42.52 73.31
N GLY AA 351 65.18 42.09 73.33
CA GLY AA 351 64.06 43.01 73.29
C GLY AA 351 63.69 43.39 71.88
N GLY AA 352 62.44 43.83 71.72
CA GLY AA 352 61.91 44.09 70.40
C GLY AA 352 62.04 45.52 69.92
N ARG AA 353 63.12 46.20 70.26
CA ARG AA 353 63.30 47.58 69.84
C ARG AA 353 63.93 47.71 68.47
N TYR AA 354 64.78 46.75 68.08
CA TYR AA 354 65.55 46.79 66.85
C TYR AA 354 65.07 45.79 65.82
N VAL AA 355 64.98 44.52 66.21
CA VAL AA 355 64.64 43.44 65.31
C VAL AA 355 63.29 42.85 65.69
N GLN AA 356 62.42 42.65 64.70
CA GLN AA 356 61.06 42.21 64.96
C GLN AA 356 60.69 41.02 64.07
N PHE AA 357 60.00 40.04 64.65
CA PHE AA 357 59.56 38.84 63.96
C PHE AA 357 58.08 38.91 63.62
N ALA AA 358 57.71 38.26 62.53
CA ALA AA 358 56.41 38.45 61.89
C ALA AA 358 55.79 37.11 61.52
N ILE AA 359 55.69 36.20 62.51
CA ILE AA 359 55.10 34.88 62.27
C ILE AA 359 53.63 35.00 61.91
N GLU AA 360 53.25 34.48 60.75
CA GLU AA 360 51.84 34.52 60.35
C GLU AA 360 51.53 33.33 59.45
N LEU AA 361 50.38 32.72 59.66
CA LEU AA 361 49.97 31.56 58.88
C LEU AA 361 48.95 31.96 57.82
N LYS AA 362 49.17 31.49 56.61
CA LYS AA 362 48.22 31.58 55.51
C LYS AA 362 48.42 30.36 54.65
N ASP AA 363 47.53 30.17 53.68
CA ASP AA 363 47.45 28.90 52.94
C ASP AA 363 48.16 29.01 51.59
N ASP AA 364 49.43 28.63 51.59
CA ASP AA 364 50.21 28.45 50.36
C ASP AA 364 51.34 27.48 50.64
N TRP AA 365 51.50 26.48 49.78
CA TRP AA 365 52.48 25.44 50.03
C TRP AA 365 53.91 25.94 49.81
N LEU AA 366 54.09 26.92 48.94
CA LEU AA 366 55.36 27.66 48.88
C LEU AA 366 55.37 28.61 50.07
N LYS AA 367 56.24 28.34 51.04
CA LYS AA 367 56.18 29.05 52.33
C LYS AA 367 56.84 30.43 52.21
N GLY AA 368 56.15 31.31 51.49
CA GLY AA 368 56.57 32.69 51.39
C GLY AA 368 57.15 33.09 50.05
N ARG AA 369 57.98 32.23 49.46
CA ARG AA 369 58.64 32.59 48.21
C ARG AA 369 57.71 32.39 47.03
N SER AA 370 57.95 33.16 45.97
CA SER AA 370 57.11 33.14 44.78
C SER AA 370 57.96 33.41 43.55
N PHE AA 371 57.53 32.85 42.42
CA PHE AA 371 58.28 32.90 41.17
C PHE AA 371 57.35 33.24 40.01
N GLN AA 372 57.95 33.70 38.92
CA GLN AA 372 57.26 33.88 37.66
C GLN AA 372 58.09 33.27 36.55
N TYR AA 373 57.41 32.69 35.56
CA TYR AA 373 58.02 31.79 34.59
C TYR AA 373 57.90 32.37 33.19
N GLY AA 374 59.02 32.75 32.59
CA GLY AA 374 58.97 33.01 31.18
C GLY AA 374 60.30 32.94 30.45
N ALA AA 375 60.35 32.08 29.43
CA ALA AA 375 61.31 32.08 28.32
C ALA AA 375 62.76 31.81 28.70
N GLU AA 376 63.09 31.75 29.98
CA GLU AA 376 64.45 31.48 30.41
C GLU AA 376 64.53 30.59 31.64
N GLY AA 377 63.40 30.19 32.21
CA GLY AA 377 63.38 29.56 33.52
C GLY AA 377 62.52 30.34 34.48
N TYR AA 378 62.90 30.31 35.75
CA TYR AA 378 62.16 31.01 36.77
C TYR AA 378 62.90 32.25 37.23
N ILE AA 379 62.14 33.25 37.65
CA ILE AA 379 62.68 34.49 38.18
C ILE AA 379 62.15 34.67 39.59
N LYS AA 380 63.05 34.91 40.53
CA LYS AA 380 62.66 35.13 41.92
C LYS AA 380 62.01 36.51 42.05
N MET AA 381 60.74 36.54 42.41
CA MET AA 381 60.03 37.81 42.50
C MET AA 381 60.41 38.55 43.78
N SER AA 382 60.05 39.83 43.81
CA SER AA 382 60.28 40.66 44.98
C SER AA 382 59.31 40.26 46.09
N PRO AA 383 59.71 40.44 47.35
CA PRO AA 383 58.76 40.21 48.46
C PRO AA 383 57.66 41.26 48.46
N GLY AA 384 56.42 40.78 48.50
CA GLY AA 384 55.27 41.64 48.46
C GLY AA 384 54.17 41.12 49.36
N HIS AA 385 53.04 41.83 49.35
CA HIS AA 385 51.93 41.50 50.23
C HIS AA 385 50.95 40.51 49.60
N TRP AA 386 50.75 40.57 48.29
CA TRP AA 386 49.87 39.62 47.62
C TRP AA 386 50.55 38.26 47.49
N TYR AA 387 49.82 37.21 47.87
CA TYR AA 387 50.30 35.84 47.78
C TYR AA 387 49.33 35.05 46.92
N PHE AA 388 49.87 34.09 46.18
CA PHE AA 388 49.04 33.23 45.34
C PHE AA 388 48.51 32.07 46.17
N PRO AA 389 47.20 31.91 46.30
CA PRO AA 389 46.68 30.75 47.03
C PRO AA 389 46.92 29.47 46.26
N SER AA 390 47.23 28.39 46.98
CA SER AA 390 47.82 27.22 46.38
C SER AA 390 46.77 26.17 46.09
N PRO AA 391 46.51 25.83 44.82
CA PRO AA 391 45.72 24.63 44.51
C PRO AA 391 46.61 23.41 44.59
N LEU AA 392 46.41 22.58 45.61
CA LEU AA 392 47.24 21.40 45.78
C LEU AA 392 46.51 20.34 46.60
N ALA BA 171 40.20 63.59 108.15
CA ALA BA 171 41.63 63.36 108.09
C ALA BA 171 42.22 63.96 106.82
N GLU BA 172 43.46 63.58 106.51
CA GLU BA 172 44.11 64.06 105.30
C GLU BA 172 43.51 63.34 104.09
N LEU BA 173 43.76 63.91 102.91
CA LEU BA 173 43.16 63.36 101.70
C LEU BA 173 43.83 62.07 101.29
N ASP BA 174 45.13 61.92 101.55
CA ASP BA 174 45.83 60.71 101.15
C ASP BA 174 45.50 59.53 102.06
N SER BA 175 44.83 59.74 103.18
CA SER BA 175 44.39 58.64 104.01
C SER BA 175 42.97 58.20 103.68
N LEU BA 176 42.17 59.06 103.07
CA LEU BA 176 40.81 58.72 102.67
C LEU BA 176 40.76 57.97 101.35
N LEU BA 177 41.86 57.92 100.61
CA LEU BA 177 41.96 57.13 99.40
C LEU BA 177 42.24 55.68 99.77
N GLY BA 178 42.65 54.87 98.80
CA GLY BA 178 42.86 53.45 99.03
C GLY BA 178 44.01 53.11 99.95
N GLN BA 179 44.23 51.81 100.10
CA GLN BA 179 45.27 51.31 101.00
C GLN BA 179 46.65 51.61 100.46
N GLU BA 180 46.88 51.37 99.18
CA GLU BA 180 48.18 51.58 98.56
C GLU BA 180 48.32 53.05 98.19
N LYS BA 181 49.25 53.73 98.83
CA LYS BA 181 49.48 55.16 98.61
C LYS BA 181 50.53 55.41 97.55
N GLU BA 182 50.35 54.81 96.38
CA GLU BA 182 51.35 54.98 95.32
C GLU BA 182 50.70 55.39 94.01
N ARG BA 183 49.47 54.97 93.78
CA ARG BA 183 48.81 55.25 92.52
C ARG BA 183 48.10 56.59 92.50
N PHE BA 184 48.31 57.44 93.51
CA PHE BA 184 47.73 58.76 93.55
C PHE BA 184 48.76 59.74 94.09
N GLN BA 185 48.81 60.92 93.48
CA GLN BA 185 49.73 61.98 93.88
C GLN BA 185 48.93 63.22 94.23
N VAL BA 186 49.12 63.72 95.43
CA VAL BA 186 48.38 64.87 95.93
C VAL BA 186 49.26 66.11 95.84
N LEU BA 187 48.90 67.05 94.99
CA LEU BA 187 49.62 68.28 94.76
C LEU BA 187 48.94 69.46 95.42
N PRO BA 188 49.71 70.33 96.07
CA PRO BA 188 49.16 71.57 96.62
C PRO BA 188 48.99 72.62 95.53
N GLY BA 189 47.84 73.27 95.51
CA GLY BA 189 47.55 74.26 94.50
C GLY BA 189 48.12 75.61 94.88
N ARG BA 190 47.63 76.62 94.18
CA ARG BA 190 48.01 78.00 94.43
C ARG BA 190 46.81 78.87 94.77
N ASP BA 191 45.60 78.44 94.40
CA ASP BA 191 44.36 79.13 94.73
C ASP BA 191 43.66 78.48 95.92
N LYS BA 192 44.44 77.96 96.88
CA LYS BA 192 43.95 77.27 98.09
C LYS BA 192 43.05 76.09 97.76
N MET BA 193 43.52 75.24 96.84
CA MET BA 193 42.81 74.02 96.49
C MET BA 193 43.81 72.87 96.39
N LEU BA 194 43.30 71.65 96.42
CA LEU BA 194 44.13 70.46 96.39
C LEU BA 194 43.85 69.69 95.11
N TYR BA 195 44.88 69.07 94.53
CA TYR BA 195 44.74 68.39 93.25
C TYR BA 195 45.21 66.95 93.38
N VAL BA 196 44.40 66.02 92.91
CA VAL BA 196 44.73 64.60 92.91
C VAL BA 196 45.02 64.22 91.49
N ALA BA 197 46.18 63.62 91.24
CA ALA BA 197 46.62 63.37 89.87
C ALA BA 197 46.52 61.88 89.63
N ALA BA 198 45.39 61.46 89.06
CA ALA BA 198 45.31 60.08 88.63
C ALA BA 198 46.04 59.89 87.30
N GLN BA 199 46.12 58.65 86.84
CA GLN BA 199 46.87 58.38 85.62
C GLN BA 199 46.05 57.64 84.57
N ASN BA 200 44.82 57.25 84.88
CA ASN BA 200 43.93 56.66 83.88
C ASN BA 200 42.49 56.94 84.30
N GLU BA 201 41.55 56.35 83.57
CA GLU BA 201 40.15 56.64 83.83
C GLU BA 201 39.63 55.83 85.01
N ARG BA 202 40.22 54.68 85.28
CA ARG BA 202 39.72 53.87 86.38
C ARG BA 202 40.11 54.49 87.70
N ASP BA 203 41.31 55.06 87.79
CA ASP BA 203 41.64 55.76 89.02
C ASP BA 203 40.99 57.13 89.07
N THR BA 204 40.59 57.70 87.92
CA THR BA 204 39.89 58.98 87.99
C THR BA 204 38.48 58.80 88.52
N LEU BA 205 37.82 57.70 88.15
CA LEU BA 205 36.51 57.43 88.73
C LEU BA 205 36.63 56.85 90.13
N TRP BA 206 37.80 56.33 90.49
CA TRP BA 206 37.98 55.84 91.85
C TRP BA 206 38.13 57.01 92.80
N ALA BA 207 38.87 58.04 92.39
CA ALA BA 207 39.06 59.20 93.26
C ALA BA 207 37.92 60.20 93.20
N ARG BA 208 37.10 60.19 92.15
CA ARG BA 208 35.97 61.13 92.14
C ARG BA 208 34.81 60.68 93.02
N GLN BA 209 34.70 59.40 93.35
CA GLN BA 209 33.65 58.96 94.26
C GLN BA 209 33.91 59.41 95.68
N VAL BA 210 35.17 59.63 96.06
CA VAL BA 210 35.49 60.11 97.39
C VAL BA 210 35.02 61.55 97.54
N LEU BA 211 35.41 62.41 96.60
CA LEU BA 211 35.05 63.81 96.72
C LEU BA 211 33.59 64.05 96.41
N ALA BA 212 32.96 63.15 95.66
CA ALA BA 212 31.55 63.35 95.34
C ALA BA 212 30.66 62.94 96.49
N ARG BA 213 31.01 61.90 97.24
CA ARG BA 213 30.17 61.53 98.37
C ARG BA 213 30.35 62.49 99.54
N GLY BA 214 31.46 63.23 99.58
CA GLY BA 214 31.58 64.34 100.49
C GLY BA 214 32.26 64.07 101.82
N ASP BA 215 33.17 63.10 101.88
CA ASP BA 215 33.94 62.89 103.10
C ASP BA 215 35.26 63.65 103.08
N TYR BA 216 35.19 64.94 102.78
CA TYR BA 216 36.33 65.83 102.86
C TYR BA 216 35.80 67.24 103.05
N ASP BA 217 36.49 68.00 103.89
CA ASP BA 217 35.98 69.31 104.28
C ASP BA 217 36.20 70.36 103.20
N LYS BA 218 37.46 70.58 102.82
CA LYS BA 218 37.81 71.66 101.91
C LYS BA 218 37.60 71.23 100.47
N ASN BA 219 38.08 72.04 99.53
CA ASN BA 219 37.87 71.78 98.12
C ASN BA 219 39.02 70.95 97.55
N ALA BA 220 38.69 70.10 96.58
CA ALA BA 220 39.68 69.26 95.92
C ALA BA 220 39.20 68.96 94.51
N ARG BA 221 40.16 68.66 93.63
CA ARG BA 221 39.85 68.35 92.24
C ARG BA 221 40.66 67.13 91.82
N VAL BA 222 40.19 66.44 90.79
CA VAL BA 222 40.87 65.27 90.25
C VAL BA 222 41.30 65.57 88.83
N ILE BA 223 42.61 65.55 88.59
CA ILE BA 223 43.14 65.81 87.26
C ILE BA 223 43.61 64.50 86.65
N ASN BA 224 43.95 64.57 85.36
CA ASN BA 224 44.27 63.44 84.52
C ASN BA 224 45.35 63.85 83.53
N GLU BA 225 45.71 62.93 82.66
CA GLU BA 225 46.64 63.20 81.57
C GLU BA 225 45.92 63.62 80.31
N ASN BA 226 44.82 62.94 79.98
CA ASN BA 226 44.10 63.20 78.74
C ASN BA 226 43.21 64.43 78.86
N GLU BA 227 42.32 64.46 79.84
CA GLU BA 227 41.38 65.56 79.89
C GLU BA 227 41.98 66.83 80.47
N GLU BA 228 43.24 66.82 80.88
CA GLU BA 228 43.94 68.06 81.13
C GLU BA 228 44.64 68.56 79.88
N ASN BA 229 45.03 67.67 78.97
CA ASN BA 229 45.49 68.09 77.66
C ASN BA 229 44.35 68.51 76.76
N LYS BA 230 43.13 68.10 77.09
CA LYS BA 230 41.95 68.52 76.36
C LYS BA 230 41.42 69.87 76.82
N ARG BA 231 41.68 70.24 78.08
CA ARG BA 231 41.14 71.47 78.63
C ARG BA 231 41.92 72.69 78.17
N ILE BA 232 43.24 72.60 78.13
CA ILE BA 232 44.07 73.75 77.77
C ILE BA 232 44.40 73.76 76.29
N SER BA 233 43.64 73.01 75.51
CA SER BA 233 43.58 73.25 74.07
C SER BA 233 42.33 74.03 73.66
N ILE BA 234 41.32 74.08 74.52
CA ILE BA 234 40.17 74.94 74.28
C ILE BA 234 40.56 76.39 74.49
N TRP BA 235 41.37 76.68 75.51
CA TRP BA 235 41.86 78.04 75.69
C TRP BA 235 42.85 78.39 74.59
N LEU BA 236 43.55 77.38 74.08
CA LEU BA 236 44.63 77.61 73.15
C LEU BA 236 44.15 77.56 71.71
N ASP BA 237 42.85 77.42 71.49
CA ASP BA 237 42.33 77.64 70.15
C ASP BA 237 41.42 78.87 70.12
N THR BA 238 41.52 79.70 71.14
CA THR BA 238 40.85 80.99 71.21
C THR BA 238 41.83 82.12 71.39
N TYR BA 239 42.76 81.99 72.34
CA TYR BA 239 43.71 83.07 72.57
C TYR BA 239 44.99 82.95 71.76
N TYR BA 240 45.31 81.76 71.26
CA TYR BA 240 46.46 81.57 70.38
C TYR BA 240 46.11 80.65 69.22
N PRO BA 241 45.36 81.13 68.25
CA PRO BA 241 45.07 80.31 67.08
C PRO BA 241 46.27 80.28 66.15
N GLN BA 242 46.19 79.39 65.16
CA GLN BA 242 47.23 79.15 64.15
C GLN BA 242 48.57 78.75 64.76
N LEU BA 243 48.55 78.13 65.93
CA LEU BA 243 49.75 77.73 66.64
C LEU BA 243 50.01 76.25 66.40
N ALA BA 244 51.25 75.92 66.04
CA ALA BA 244 51.62 74.54 65.71
C ALA BA 244 52.34 73.93 66.90
N TYR BA 245 51.69 72.97 67.56
CA TYR BA 245 52.25 72.29 68.71
C TYR BA 245 51.79 70.85 68.69
N TYR BA 246 52.36 70.04 69.59
CA TYR BA 246 52.08 68.61 69.60
C TYR BA 246 51.34 68.17 70.86
N ARG BA 247 51.92 68.39 72.03
CA ARG BA 247 51.46 67.69 73.21
C ARG BA 247 52.05 68.39 74.44
N ILE BA 248 51.35 68.28 75.56
CA ILE BA 248 51.81 68.80 76.83
C ILE BA 248 52.02 67.61 77.75
N HIS BA 249 53.27 67.34 78.09
CA HIS BA 249 53.65 66.12 78.81
C HIS BA 249 53.64 66.35 80.30
N PHE BA 250 53.04 65.39 81.03
CA PHE BA 250 52.93 65.49 82.48
C PHE BA 250 53.61 64.30 83.14
N ASP BA 251 54.84 63.97 82.73
CA ASP BA 251 55.54 62.88 83.37
C ASP BA 251 55.97 63.23 84.78
N GLU BA 252 56.23 64.51 85.05
CA GLU BA 252 56.31 65.02 86.42
C GLU BA 252 55.39 66.23 86.47
N PRO BA 253 54.38 66.23 87.35
CA PRO BA 253 53.32 67.23 87.27
C PRO BA 253 53.68 68.61 87.77
N ARG BA 254 54.84 68.81 88.36
CA ARG BA 254 55.21 70.14 88.82
C ARG BA 254 55.97 70.95 87.80
N LYS BA 255 56.51 70.32 86.76
CA LYS BA 255 57.17 71.02 85.66
C LYS BA 255 56.83 70.33 84.36
N PRO BA 256 55.68 70.65 83.76
CA PRO BA 256 55.32 70.02 82.49
C PRO BA 256 56.13 70.56 81.33
N VAL BA 257 56.19 69.75 80.28
CA VAL BA 257 56.96 70.03 79.07
C VAL BA 257 55.98 70.28 77.94
N PHE BA 258 56.18 71.39 77.24
CA PHE BA 258 55.36 71.79 76.10
C PHE BA 258 56.16 71.55 74.83
N TRP BA 259 55.68 70.65 73.99
CA TRP BA 259 56.37 70.27 72.76
C TRP BA 259 55.83 71.13 71.63
N LEU BA 260 56.55 72.20 71.30
CA LEU BA 260 56.15 73.12 70.25
C LEU BA 260 56.92 72.76 68.98
N SER BA 261 56.40 73.20 67.84
CA SER BA 261 57.05 72.92 66.58
C SER BA 261 58.06 74.01 66.25
N ARG BA 262 59.09 73.63 65.48
CA ARG BA 262 60.20 74.53 65.16
C ARG BA 262 60.05 75.18 63.79
N GLN BA 263 59.65 74.42 62.77
CA GLN BA 263 59.62 74.95 61.42
C GLN BA 263 58.29 75.59 61.06
N ARG BA 264 57.36 75.72 62.00
CA ARG BA 264 56.05 76.29 61.69
C ARG BA 264 55.64 77.44 62.60
N ASN BA 265 56.52 77.94 63.45
CA ASN BA 265 56.17 79.05 64.32
C ASN BA 265 56.91 80.32 63.90
N THR BA 266 56.32 81.46 64.24
CA THR BA 266 56.87 82.78 63.96
C THR BA 266 57.14 83.55 65.24
N MET BA 267 57.51 82.86 66.31
CA MET BA 267 57.65 83.45 67.63
C MET BA 267 59.10 83.74 67.99
N SER BA 268 59.32 84.90 68.59
CA SER BA 268 60.63 85.30 69.06
C SER BA 268 60.85 84.84 70.50
N LYS BA 269 61.90 85.36 71.13
CA LYS BA 269 62.25 84.95 72.49
C LYS BA 269 61.27 85.49 73.53
N LYS BA 270 60.71 86.69 73.30
CA LYS BA 270 59.86 87.34 74.29
C LYS BA 270 58.49 86.68 74.36
N GLU BA 271 57.82 86.52 73.21
CA GLU BA 271 56.46 86.01 73.29
C GLU BA 271 56.39 84.52 73.57
N LEU BA 272 57.52 83.81 73.57
CA LEU BA 272 57.51 82.47 74.13
C LEU BA 272 57.48 82.53 75.64
N GLU BA 273 58.10 83.56 76.23
CA GLU BA 273 58.04 83.68 77.67
C GLU BA 273 56.68 84.17 78.11
N VAL BA 274 56.02 84.99 77.28
CA VAL BA 274 54.68 85.43 77.65
C VAL BA 274 53.70 84.26 77.53
N LEU BA 275 53.89 83.38 76.54
CA LEU BA 275 53.06 82.19 76.44
C LEU BA 275 53.31 81.23 77.61
N SER BA 276 54.55 81.22 78.13
CA SER BA 276 54.83 80.38 79.29
C SER BA 276 54.15 80.95 80.53
N GLN BA 277 54.10 82.28 80.64
CA GLN BA 277 53.47 82.89 81.80
C GLN BA 277 51.96 82.79 81.71
N LYS BA 278 51.41 82.74 80.51
CA LYS BA 278 49.97 82.55 80.38
C LYS BA 278 49.57 81.09 80.49
N LEU BA 279 50.52 80.15 80.39
CA LEU BA 279 50.18 78.76 80.65
C LEU BA 279 50.32 78.42 82.12
N ARG BA 280 51.19 79.16 82.82
CA ARG BA 280 51.33 78.94 84.25
C ARG BA 280 50.09 79.40 84.99
N ALA BA 281 49.40 80.41 84.46
CA ALA BA 281 48.16 80.84 85.09
C ALA BA 281 47.04 79.85 84.82
N LEU BA 282 47.13 79.09 83.72
CA LEU BA 282 46.14 78.06 83.42
C LEU BA 282 46.34 76.79 84.22
N MET BA 283 47.56 76.56 84.71
CA MET BA 283 47.84 75.36 85.51
C MET BA 283 48.25 75.82 86.90
N PRO BA 284 47.31 75.91 87.84
CA PRO BA 284 47.65 76.39 89.19
C PRO BA 284 48.46 75.42 90.01
N TYR BA 285 48.52 74.15 89.63
CA TYR BA 285 49.31 73.18 90.40
C TYR BA 285 50.77 73.17 90.00
N ALA BA 286 51.13 73.85 88.92
CA ALA BA 286 52.47 73.85 88.38
C ALA BA 286 53.28 75.05 88.87
N ASP BA 287 54.60 74.93 88.76
CA ASP BA 287 55.51 76.00 89.13
C ASP BA 287 56.17 76.65 87.93
N SER BA 288 56.54 75.88 86.93
CA SER BA 288 57.07 76.41 85.69
C SER BA 288 56.63 75.51 84.55
N VAL BA 289 56.73 76.03 83.33
CA VAL BA 289 56.39 75.26 82.14
C VAL BA 289 57.60 75.34 81.21
N ASN BA 290 58.19 74.18 80.90
CA ASN BA 290 59.38 74.15 80.05
C ASN BA 290 58.92 73.93 78.63
N ILE BA 291 59.31 74.81 77.71
CA ILE BA 291 58.87 74.76 76.33
C ILE BA 291 60.06 74.40 75.45
N THR BA 292 59.98 73.24 74.80
CA THR BA 292 61.01 72.82 73.85
C THR BA 292 60.44 72.80 72.44
N LEU BA 293 61.33 72.84 71.46
CA LEU BA 293 60.96 72.88 70.05
C LEU BA 293 61.47 71.63 69.35
N MET BA 294 60.57 70.91 68.70
CA MET BA 294 60.89 69.66 68.02
C MET BA 294 60.74 69.81 66.51
N ASP BA 295 61.56 69.09 65.76
CA ASP BA 295 61.49 69.15 64.30
C ASP BA 295 60.33 68.33 63.77
N ASP BA 296 59.80 68.77 62.63
CA ASP BA 296 58.73 68.04 61.96
C ASP BA 296 59.26 66.95 61.05
N VAL BA 297 60.58 66.81 60.89
CA VAL BA 297 61.09 65.71 60.08
C VAL BA 297 61.17 64.42 60.90
N THR BA 298 61.62 64.50 62.15
CA THR BA 298 61.66 63.30 62.99
C THR BA 298 60.28 62.85 63.42
N ALA BA 299 59.29 63.75 63.44
CA ALA BA 299 57.93 63.36 63.78
C ALA BA 299 57.28 62.56 62.68
N ALA BA 300 57.60 62.86 61.42
CA ALA BA 300 57.08 62.10 60.31
C ALA BA 300 58.02 61.00 59.85
N GLY BA 301 59.24 60.98 60.38
CA GLY BA 301 60.20 59.93 60.07
C GLY BA 301 60.04 58.74 60.99
N GLN BA 302 59.81 58.98 62.28
CA GLN BA 302 59.59 57.86 63.18
C GLN BA 302 58.26 57.17 62.93
N ALA BA 303 57.32 57.88 62.33
CA ALA BA 303 56.03 57.33 62.00
C ALA BA 303 56.05 56.52 60.72
N GLU BA 304 57.02 56.76 59.86
CA GLU BA 304 57.15 55.96 58.64
C GLU BA 304 58.08 54.78 58.88
N ALA BA 305 59.14 54.98 59.68
CA ALA BA 305 60.03 53.86 59.96
C ALA BA 305 59.38 52.83 60.87
N GLY BA 306 58.50 53.27 61.79
CA GLY BA 306 57.79 52.28 62.58
C GLY BA 306 56.70 51.60 61.78
N LEU BA 307 56.13 52.29 60.80
CA LEU BA 307 55.12 51.65 59.98
C LEU BA 307 55.74 50.73 58.94
N LYS BA 308 57.04 50.88 58.68
CA LYS BA 308 57.74 49.97 57.79
C LYS BA 308 58.31 48.77 58.53
N GLN BA 309 58.56 48.90 59.84
CA GLN BA 309 59.13 47.78 60.58
C GLN BA 309 58.10 46.69 60.87
N GLN BA 310 56.82 47.02 60.90
CA GLN BA 310 55.77 46.04 61.13
C GLN BA 310 55.31 45.34 59.86
N ALA BA 311 55.88 45.70 58.71
CA ALA BA 311 55.56 45.14 57.40
C ALA BA 311 54.08 45.31 57.06
N LEU BA 312 53.63 46.55 57.09
CA LEU BA 312 52.26 46.92 56.80
C LEU BA 312 52.17 47.67 55.48
N PRO BA 313 51.13 47.43 54.67
CA PRO BA 313 50.97 48.19 53.43
C PRO BA 313 50.44 49.60 53.71
N TYR BA 314 51.15 50.60 53.20
CA TYR BA 314 50.79 51.97 53.52
C TYR BA 314 51.04 52.88 52.33
N SER BA 315 50.44 54.07 52.40
CA SER BA 315 50.60 55.08 51.36
C SER BA 315 50.64 56.45 52.03
N ARG BA 316 51.71 57.20 51.77
CA ARG BA 316 51.94 58.49 52.40
C ARG BA 316 51.42 59.64 51.56
N ARG BA 317 50.72 60.58 52.19
CA ARG BA 317 50.18 61.76 51.52
C ARG BA 317 50.68 62.98 52.26
N ASN BA 318 51.63 63.68 51.66
CA ASN BA 318 52.20 64.90 52.22
C ASN BA 318 51.39 66.11 51.78
N HIS BA 319 51.19 67.04 52.71
CA HIS BA 319 50.71 68.38 52.39
C HIS BA 319 51.21 69.34 53.47
N LYS BA 320 50.84 70.61 53.33
CA LYS BA 320 51.32 71.62 54.26
C LYS BA 320 50.58 71.53 55.58
N GLY BA 321 51.33 71.47 56.68
CA GLY BA 321 50.72 71.41 57.99
C GLY BA 321 49.98 70.13 58.29
N GLY BA 322 50.58 69.00 57.99
CA GLY BA 322 49.99 67.71 58.28
C GLY BA 322 50.50 66.68 57.30
N VAL BA 323 50.38 65.41 57.70
CA VAL BA 323 50.76 64.27 56.86
C VAL BA 323 49.82 63.12 57.22
N THR BA 324 49.39 62.35 56.22
CA THR BA 324 48.48 61.26 56.50
C THR BA 324 48.99 59.97 55.88
N PHE BA 325 48.78 58.87 56.59
CA PHE BA 325 49.14 57.53 56.11
C PHE BA 325 47.86 56.72 55.95
N VAL BA 326 47.69 56.13 54.78
CA VAL BA 326 46.49 55.36 54.47
C VAL BA 326 46.86 53.88 54.39
N ILE BA 327 46.15 53.05 55.15
CA ILE BA 327 46.36 51.61 55.21
C ILE BA 327 45.10 50.92 54.71
N GLN BA 328 45.16 50.38 53.49
CA GLN BA 328 44.02 49.72 52.87
C GLN BA 328 44.39 48.31 52.47
N GLY BA 329 43.37 47.53 52.11
CA GLY BA 329 43.55 46.18 51.62
C GLY BA 329 42.74 45.18 52.40
N ALA BA 330 42.98 43.91 52.11
CA ALA BA 330 42.34 42.80 52.81
C ALA BA 330 43.33 42.30 53.87
N LEU BA 331 43.42 43.06 54.95
CA LEU BA 331 44.34 42.70 56.03
C LEU BA 331 43.82 41.53 56.84
N ASP BA 332 44.74 40.68 57.30
CA ASP BA 332 44.41 39.53 58.12
C ASP BA 332 44.30 39.95 59.58
N ASP BA 333 44.11 38.98 60.47
CA ASP BA 333 43.93 39.28 61.88
C ASP BA 333 45.22 39.51 62.66
N VAL BA 334 46.38 39.34 62.05
CA VAL BA 334 47.65 39.65 62.70
C VAL BA 334 48.04 41.10 62.46
N GLU BA 335 47.78 41.59 61.25
CA GLU BA 335 48.18 42.93 60.90
C GLU BA 335 47.26 44.00 61.48
N ILE BA 336 46.00 43.66 61.80
CA ILE BA 336 45.16 44.68 62.43
C ILE BA 336 45.43 44.77 63.92
N LEU BA 337 46.21 43.85 64.48
CA LEU BA 337 46.68 43.96 65.85
C LEU BA 337 48.06 44.58 65.92
N ARG BA 338 48.88 44.35 64.88
CA ARG BA 338 50.17 45.03 64.81
C ARG BA 338 49.99 46.51 64.51
N ALA BA 339 48.91 46.86 63.81
CA ALA BA 339 48.69 48.27 63.53
C ALA BA 339 48.18 48.98 64.77
N ARG BA 340 47.25 48.36 65.50
CA ARG BA 340 46.70 48.97 66.70
C ARG BA 340 47.72 49.11 67.81
N GLN BA 341 48.69 48.19 67.89
CA GLN BA 341 49.70 48.34 68.94
C GLN BA 341 50.72 49.41 68.61
N PHE BA 342 50.78 49.86 67.37
CA PHE BA 342 51.71 50.90 66.96
C PHE BA 342 51.07 52.27 66.99
N VAL BA 343 49.82 52.37 66.52
CA VAL BA 343 49.11 53.64 66.57
C VAL BA 343 48.83 54.03 68.01
N ASP BA 344 48.53 53.06 68.89
CA ASP BA 344 48.31 53.40 70.29
C ASP BA 344 49.62 53.78 70.97
N SER BA 345 50.75 53.21 70.53
CA SER BA 345 52.03 53.61 71.08
C SER BA 345 52.56 54.90 70.50
N TYR BA 346 52.01 55.37 69.39
CA TYR BA 346 52.45 56.62 68.81
C TYR BA 346 51.60 57.82 69.22
N TYR BA 347 50.30 57.60 69.43
CA TYR BA 347 49.42 58.66 69.88
C TYR BA 347 49.73 59.09 71.31
N ARG BA 348 50.32 58.19 72.10
CA ARG BA 348 50.66 58.53 73.47
C ARG BA 348 51.81 59.51 73.53
N THR BA 349 52.71 59.46 72.55
CA THR BA 349 53.89 60.30 72.55
C THR BA 349 53.66 61.60 71.79
N TRP BA 350 53.18 61.52 70.55
CA TRP BA 350 53.12 62.71 69.72
C TRP BA 350 51.73 63.33 69.59
N GLY BA 351 50.66 62.56 69.70
CA GLY BA 351 49.34 63.11 69.51
C GLY BA 351 48.96 63.28 68.06
N GLY BA 352 47.68 63.52 67.83
CA GLY BA 352 47.16 63.60 66.48
C GLY BA 352 47.05 64.99 65.89
N ARG BA 353 48.04 65.84 66.16
CA ARG BA 353 48.00 67.19 65.63
C ARG BA 353 48.69 67.32 64.28
N TYR BA 354 49.65 66.45 63.97
CA TYR BA 354 50.42 66.55 62.74
C TYR BA 354 50.18 65.40 61.78
N VAL BA 355 50.34 64.17 62.23
CA VAL BA 355 50.30 62.99 61.38
C VAL BA 355 49.13 62.11 61.80
N GLN BA 356 48.35 61.67 60.80
CA GLN BA 356 47.11 60.95 61.05
C GLN BA 356 47.10 59.64 60.27
N PHE BA 357 46.71 58.56 60.95
CA PHE BA 357 46.60 57.23 60.35
C PHE BA 357 45.16 56.91 59.99
N ALA BA 358 44.96 56.31 58.83
CA ALA BA 358 43.63 56.00 58.30
C ALA BA 358 43.59 54.54 57.88
N ILE BA 359 43.22 53.66 58.81
CA ILE BA 359 43.14 52.23 58.55
C ILE BA 359 41.72 51.92 58.11
N GLU BA 360 41.53 51.63 56.83
CA GLU BA 360 40.24 51.11 56.39
C GLU BA 360 40.47 49.84 55.61
N LEU BA 361 39.69 48.80 55.90
CA LEU BA 361 39.90 47.49 55.30
C LEU BA 361 38.75 47.17 54.35
N LYS BA 362 39.11 46.65 53.19
CA LYS BA 362 38.18 46.30 52.13
C LYS BA 362 38.42 44.86 51.72
N ASP BA 363 37.44 44.28 51.04
CA ASP BA 363 37.58 42.93 50.52
C ASP BA 363 38.26 42.94 49.17
N ASP BA 364 38.90 41.84 48.85
CA ASP BA 364 39.67 41.71 47.61
C ASP BA 364 38.83 41.10 46.51
N TRP BA 365 39.02 41.60 45.29
CA TRP BA 365 38.29 41.08 44.15
C TRP BA 365 39.00 39.88 43.55
N LEU BA 366 40.32 39.93 43.47
CA LEU BA 366 41.10 38.91 42.76
C LEU BA 366 41.50 37.78 43.70
N LYS BA 367 40.49 37.17 44.32
CA LYS BA 367 40.75 35.99 45.14
C LYS BA 367 40.82 34.74 44.29
N GLY BA 368 39.81 34.49 43.47
CA GLY BA 368 39.82 33.39 42.54
C GLY BA 368 39.88 33.75 41.08
N ARG BA 369 40.07 35.02 40.75
CA ARG BA 369 40.06 35.47 39.36
C ARG BA 369 41.48 35.45 38.78
N SER BA 370 41.53 35.40 37.46
CA SER BA 370 42.76 35.52 36.69
C SER BA 370 42.82 36.92 36.10
N PHE BA 371 44.01 37.51 36.14
CA PHE BA 371 44.12 38.90 35.74
C PHE BA 371 45.52 39.21 35.23
N GLN BA 372 45.63 40.33 34.53
CA GLN BA 372 46.93 40.80 34.04
C GLN BA 372 47.24 42.11 34.75
N TYR BA 373 48.41 42.19 35.37
CA TYR BA 373 48.86 43.38 36.07
C TYR BA 373 49.98 44.04 35.31
N GLY BA 374 50.29 45.28 35.68
CA GLY BA 374 51.36 46.01 35.03
C GLY BA 374 50.89 47.30 34.42
N ALA BA 375 51.32 47.55 33.18
CA ALA BA 375 50.93 48.77 32.49
C ALA BA 375 49.50 48.66 31.97
N GLU BA 376 49.22 47.61 31.19
CA GLU BA 376 47.90 47.39 30.61
C GLU BA 376 47.21 46.33 31.47
N GLY BA 377 46.53 46.79 32.53
CA GLY BA 377 45.96 45.88 33.51
C GLY BA 377 44.47 45.67 33.32
N TYR BA 378 44.05 44.41 33.49
CA TYR BA 378 42.63 44.10 33.49
C TYR BA 378 42.39 42.88 34.38
N ILE BA 379 41.12 42.64 34.71
CA ILE BA 379 40.72 41.52 35.55
C ILE BA 379 39.66 40.73 34.79
N LYS BA 380 39.86 39.42 34.64
CA LYS BA 380 38.89 38.60 33.93
C LYS BA 380 37.91 38.06 34.96
N MET BA 381 36.73 38.67 35.04
CA MET BA 381 35.75 38.23 36.03
C MET BA 381 35.04 36.96 35.63
N SER BA 382 35.23 36.52 34.40
CA SER BA 382 34.63 35.33 33.82
C SER BA 382 35.40 35.02 32.56
N PRO BA 383 35.23 33.83 31.98
CA PRO BA 383 35.85 33.59 30.67
C PRO BA 383 35.35 34.53 29.57
N GLY BA 384 34.20 35.17 29.74
CA GLY BA 384 33.72 36.13 28.77
C GLY BA 384 33.43 37.49 29.34
N HIS BA 385 34.27 37.99 30.25
CA HIS BA 385 33.98 39.24 30.97
C HIS BA 385 35.28 39.90 31.40
N TRP BA 386 35.55 41.09 30.86
CA TRP BA 386 36.73 41.86 31.19
C TRP BA 386 36.33 43.05 32.07
N TYR BA 387 37.21 43.42 32.99
CA TYR BA 387 37.00 44.56 33.87
C TYR BA 387 38.25 45.42 33.80
N PHE BA 388 38.11 46.63 33.28
CA PHE BA 388 39.23 47.55 33.14
C PHE BA 388 39.12 48.58 34.25
N PRO BA 389 39.92 48.49 35.31
CA PRO BA 389 39.78 49.44 36.41
C PRO BA 389 40.40 50.78 36.09
N SER BA 390 39.87 51.81 36.73
CA SER BA 390 40.33 53.16 36.48
C SER BA 390 41.63 53.44 37.22
N PRO BA 391 42.60 54.12 36.58
CA PRO BA 391 43.87 54.44 37.22
C PRO BA 391 43.73 55.53 38.29
N ALA CA 171 20.48 80.75 102.66
CA ALA CA 171 21.62 80.04 102.09
C ALA CA 171 22.07 80.69 100.80
N GLU CA 172 23.36 80.67 100.53
CA GLU CA 172 23.88 81.28 99.32
C GLU CA 172 23.61 80.40 98.10
N LEU CA 173 23.79 81.01 96.93
CA LEU CA 173 23.48 80.30 95.70
C LEU CA 173 24.54 79.27 95.37
N ASP CA 174 25.80 79.56 95.69
CA ASP CA 174 26.85 78.59 95.37
C ASP CA 174 26.83 77.41 96.33
N SER CA 175 26.09 77.51 97.44
CA SER CA 175 25.91 76.39 98.34
C SER CA 175 24.57 75.69 98.15
N LEU CA 176 23.66 76.30 97.38
CA LEU CA 176 22.41 75.61 97.11
C LEU CA 176 22.52 74.64 95.95
N LEU CA 177 23.60 74.73 95.17
CA LEU CA 177 23.86 73.77 94.10
C LEU CA 177 24.50 72.52 94.71
N GLY CA 178 25.07 71.67 93.86
CA GLY CA 178 25.59 70.40 94.32
C GLY CA 178 26.87 70.51 95.14
N GLN CA 179 27.45 69.34 95.41
CA GLN CA 179 28.64 69.27 96.25
C GLN CA 179 29.87 69.78 95.51
N GLU CA 180 30.03 69.39 94.26
CA GLU CA 180 31.17 69.81 93.44
C GLU CA 180 30.95 71.26 93.06
N LYS CA 181 31.60 72.17 93.77
CA LYS CA 181 31.48 73.60 93.46
C LYS CA 181 32.55 74.07 92.48
N GLU CA 182 32.67 73.32 91.39
CA GLU CA 182 33.64 73.59 90.34
C GLU CA 182 33.00 73.74 88.98
N ARG CA 183 31.86 73.10 88.74
CA ARG CA 183 31.24 73.15 87.43
C ARG CA 183 30.46 74.45 87.21
N PHE CA 184 29.94 75.05 88.28
CA PHE CA 184 29.20 76.29 88.16
C PHE CA 184 30.01 77.49 88.61
N GLN CA 185 29.63 78.65 88.09
CA GLN CA 185 30.32 79.89 88.39
C GLN CA 185 29.29 81.01 88.49
N VAL CA 186 29.19 81.61 89.67
CA VAL CA 186 28.22 82.65 89.97
C VAL CA 186 28.83 84.02 89.70
N LEU CA 187 28.18 84.79 88.83
CA LEU CA 187 28.62 86.12 88.46
C LEU CA 187 27.65 87.17 88.98
N PRO CA 188 28.12 88.16 89.71
CA PRO CA 188 27.23 89.22 90.22
C PRO CA 188 26.80 90.17 89.11
N GLY CA 189 25.51 90.22 88.77
CA GLY CA 189 25.08 91.08 87.69
C GLY CA 189 25.06 92.53 88.10
N ARG CA 190 24.92 93.39 87.10
CA ARG CA 190 24.91 94.83 87.33
C ARG CA 190 23.51 95.38 87.45
N ASP CA 191 22.51 94.63 87.00
CA ASP CA 191 21.12 95.07 87.05
C ASP CA 191 20.42 94.44 88.25
N LYS CA 192 21.14 94.32 89.37
CA LYS CA 192 20.69 93.68 90.62
C LYS CA 192 20.19 92.24 90.40
N MET CA 193 21.02 91.43 89.75
CA MET CA 193 20.68 90.03 89.54
C MET CA 193 21.92 89.17 89.82
N LEU CA 194 21.83 87.89 89.46
CA LEU CA 194 22.90 86.96 89.78
C LEU CA 194 22.88 85.83 88.76
N TYR CA 195 23.90 85.79 87.92
CA TYR CA 195 23.92 84.87 86.79
C TYR CA 195 24.76 83.65 87.14
N VAL CA 196 24.28 82.47 86.80
CA VAL CA 196 25.04 81.24 87.00
C VAL CA 196 25.41 80.76 85.61
N ALA CA 197 26.65 80.35 85.41
CA ALA CA 197 27.10 80.06 84.05
C ALA CA 197 27.46 78.58 83.97
N ALA CA 198 26.54 77.80 83.40
CA ALA CA 198 26.88 76.42 83.10
C ALA CA 198 27.60 76.34 81.77
N GLN CA 199 28.00 75.12 81.40
CA GLN CA 199 28.75 74.94 80.16
C GLN CA 199 28.18 73.85 79.26
N ASN CA 200 27.06 73.24 79.63
CA ASN CA 200 26.36 72.35 78.72
C ASN CA 200 24.87 72.37 79.07
N GLU CA 201 24.11 71.61 78.30
CA GLU CA 201 22.67 71.60 78.47
C GLU CA 201 22.19 70.67 79.58
N ARG CA 202 23.08 69.83 80.11
CA ARG CA 202 22.68 69.01 81.24
C ARG CA 202 22.90 69.76 82.54
N ASP CA 203 23.97 70.55 82.62
CA ASP CA 203 24.14 71.35 83.81
C ASP CA 203 23.26 72.57 83.79
N THR CA 204 22.75 72.95 82.61
CA THR CA 204 21.81 74.06 82.59
C THR CA 204 20.47 73.64 83.17
N LEU CA 205 20.02 72.41 82.90
CA LEU CA 205 18.81 71.94 83.55
C LEU CA 205 19.03 71.56 85.00
N TRP CA 206 20.28 71.27 85.38
CA TRP CA 206 20.60 71.01 86.78
C TRP CA 206 20.50 72.30 87.59
N ALA CA 207 20.86 73.43 86.98
CA ALA CA 207 20.76 74.68 87.70
C ALA CA 207 19.39 75.31 87.57
N ARG CA 208 18.69 75.08 86.46
CA ARG CA 208 17.35 75.62 86.31
C ARG CA 208 16.31 74.94 87.18
N GLN CA 209 16.56 73.69 87.60
CA GLN CA 209 15.60 73.04 88.48
C GLN CA 209 15.59 73.68 89.87
N VAL CA 210 16.74 74.16 90.33
CA VAL CA 210 16.82 74.81 91.64
C VAL CA 210 16.08 76.13 91.61
N LEU CA 211 16.29 76.93 90.57
CA LEU CA 211 15.64 78.22 90.51
C LEU CA 211 14.16 78.09 90.17
N ALA CA 212 13.73 76.97 89.58
CA ALA CA 212 12.33 76.80 89.23
C ALA CA 212 11.50 76.21 90.37
N ARG CA 213 12.08 75.37 91.21
CA ARG CA 213 11.31 74.91 92.37
C ARG CA 213 11.20 75.99 93.43
N GLY CA 214 12.05 77.02 93.37
CA GLY CA 214 11.86 78.20 94.17
C GLY CA 214 12.47 78.19 95.55
N ASP CA 215 13.53 77.43 95.76
CA ASP CA 215 14.24 77.49 97.03
C ASP CA 215 15.40 78.49 97.00
N TYR CA 216 15.10 79.69 96.51
CA TYR CA 216 16.02 80.82 96.58
C TYR CA 216 15.21 82.10 96.60
N ASP CA 217 15.65 83.06 97.41
CA ASP CA 217 14.81 84.23 97.67
C ASP CA 217 14.88 85.24 96.54
N LYS CA 218 16.08 85.66 96.15
CA LYS CA 218 16.25 86.74 95.20
C LYS CA 218 16.12 86.22 93.77
N ASN CA 219 16.38 87.09 92.79
CA ASN CA 219 16.29 86.72 91.39
C ASN CA 219 17.63 86.24 90.89
N ALA CA 220 17.58 85.27 89.97
CA ALA CA 220 18.79 84.70 89.41
C ALA CA 220 18.46 84.11 88.04
N ARG CA 221 19.47 84.03 87.19
CA ARG CA 221 19.30 83.45 85.86
C ARG CA 221 20.41 82.46 85.57
N VAL CA 222 20.17 81.56 84.63
CA VAL CA 222 21.16 80.58 84.21
C VAL CA 222 21.55 80.84 82.77
N ILE CA 223 22.82 81.15 82.54
CA ILE CA 223 23.31 81.42 81.21
C ILE CA 223 24.15 80.23 80.73
N ASN CA 224 24.48 80.28 79.44
CA ASN CA 224 25.13 79.21 78.72
C ASN CA 224 26.01 79.83 77.64
N GLU CA 225 26.66 78.99 76.86
CA GLU CA 225 27.49 79.44 75.74
C GLU CA 225 26.70 79.51 74.44
N ASN CA 226 26.02 78.41 74.09
CA ASN CA 226 25.28 78.35 72.84
C ASN CA 226 23.98 79.12 72.92
N GLU CA 227 23.37 79.17 74.09
CA GLU CA 227 22.09 79.85 74.21
C GLU CA 227 22.30 81.35 74.15
N GLU CA 228 23.31 81.86 74.87
CA GLU CA 228 23.55 83.30 74.84
C GLU CA 228 24.15 83.75 73.53
N ASN CA 229 24.83 82.85 72.80
CA ASN CA 229 25.36 83.23 71.50
C ASN CA 229 24.29 83.16 70.43
N LYS CA 230 23.19 82.47 70.70
CA LYS CA 230 22.06 82.48 69.79
C LYS CA 230 21.12 83.63 70.11
N ARG CA 231 21.04 84.02 71.38
CA ARG CA 231 20.19 85.12 71.79
C ARG CA 231 20.74 86.47 71.32
N ILE CA 232 22.06 86.67 71.36
CA ILE CA 232 22.59 87.98 70.98
C ILE CA 232 22.62 88.19 69.48
N SER CA 233 22.44 87.15 68.69
CA SER CA 233 22.38 87.33 67.25
C SER CA 233 21.00 87.73 66.77
N ILE CA 234 19.98 87.59 67.62
CA ILE CA 234 18.67 88.09 67.25
C ILE CA 234 18.62 89.60 67.42
N TRP CA 235 19.26 90.12 68.46
CA TRP CA 235 19.37 91.57 68.58
C TRP CA 235 20.28 92.14 67.50
N LEU CA 236 21.34 91.41 67.14
CA LEU CA 236 22.24 91.95 66.14
C LEU CA 236 21.70 91.84 64.72
N ASP CA 237 20.68 91.01 64.51
CA ASP CA 237 20.10 90.86 63.19
C ASP CA 237 18.97 91.85 62.96
N THR CA 238 18.76 92.77 63.87
CA THR CA 238 17.78 93.83 63.78
C THR CA 238 18.44 95.18 63.90
N TYR CA 239 19.38 95.34 64.83
CA TYR CA 239 20.03 96.64 64.99
C TYR CA 239 21.32 96.78 64.22
N TYR CA 240 21.91 95.70 63.71
CA TYR CA 240 23.11 95.79 62.87
C TYR CA 240 23.03 94.76 61.77
N PRO CA 241 22.17 94.96 60.78
CA PRO CA 241 22.13 94.01 59.67
C PRO CA 241 23.32 94.24 58.75
N GLN CA 242 23.58 93.23 57.91
CA GLN CA 242 24.72 93.19 57.00
C GLN CA 242 26.05 93.34 57.75
N LEU CA 243 26.22 92.56 58.80
CA LEU CA 243 27.46 92.54 59.57
C LEU CA 243 28.15 91.21 59.37
N ALA CA 244 29.47 91.24 59.25
CA ALA CA 244 30.26 90.04 59.00
C ALA CA 244 31.01 89.72 60.29
N TYR CA 245 30.47 88.79 61.07
CA TYR CA 245 31.09 88.35 62.31
C TYR CA 245 31.06 86.83 62.37
N TYR CA 246 31.76 86.28 63.35
CA TYR CA 246 31.88 84.83 63.46
C TYR CA 246 31.24 84.28 64.73
N ARG CA 247 31.66 84.73 65.91
CA ARG CA 247 31.34 84.04 67.15
C ARG CA 247 31.71 84.93 68.32
N ILE CA 248 30.97 84.79 69.42
CA ILE CA 248 31.32 85.40 70.70
C ILE CA 248 31.86 84.31 71.60
N HIS CA 249 33.08 84.49 72.09
CA HIS CA 249 33.75 83.50 72.91
C HIS CA 249 33.65 83.87 74.39
N PHE CA 250 33.29 82.89 75.21
CA PHE CA 250 33.04 83.12 76.64
C PHE CA 250 33.95 82.28 77.53
N ASP CA 251 35.25 82.26 77.27
CA ASP CA 251 36.16 81.52 78.14
C ASP CA 251 36.30 82.19 79.50
N GLU CA 252 36.57 83.49 79.51
CA GLU CA 252 36.42 84.26 80.72
C GLU CA 252 35.10 85.03 80.61
N PRO CA 253 34.10 84.71 81.44
CA PRO CA 253 32.77 85.28 81.24
C PRO CA 253 32.64 86.73 81.67
N ARG CA 254 33.71 87.38 82.09
CA ARG CA 254 33.69 88.80 82.41
C ARG CA 254 34.23 89.67 81.28
N LYS CA 255 35.10 89.14 80.43
CA LYS CA 255 35.62 89.86 79.27
C LYS CA 255 35.48 88.99 78.04
N PRO CA 256 34.30 88.95 77.41
CA PRO CA 256 34.13 88.11 76.22
C PRO CA 256 34.82 88.71 75.00
N VAL CA 257 35.15 87.83 74.07
CA VAL CA 257 35.84 88.17 72.84
C VAL CA 257 34.87 88.04 71.68
N PHE CA 258 34.80 89.08 70.86
CA PHE CA 258 33.92 89.17 69.69
C PHE CA 258 34.81 89.12 68.45
N TRP CA 259 34.77 88.00 67.74
CA TRP CA 259 35.55 87.81 66.52
C TRP CA 259 34.82 88.45 65.35
N LEU CA 260 35.39 89.52 64.81
CA LEU CA 260 34.79 90.24 63.70
C LEU CA 260 35.62 89.99 62.44
N SER CA 261 34.99 90.07 61.28
CA SER CA 261 35.74 89.90 60.05
C SER CA 261 36.50 91.16 59.69
N ARG CA 262 37.58 91.00 58.94
CA ARG CA 262 38.43 92.13 58.55
C ARG CA 262 38.20 92.57 57.12
N GLN CA 263 38.12 91.62 56.19
CA GLN CA 263 38.06 91.92 54.77
C GLN CA 263 36.63 92.10 54.28
N ARG CA 264 35.69 92.34 55.19
CA ARG CA 264 34.29 92.45 54.81
C ARG CA 264 33.54 93.60 55.47
N ASN CA 265 34.11 94.30 56.44
CA ASN CA 265 33.39 95.36 57.12
C ASN CA 265 33.77 96.74 56.59
N THR CA 266 32.86 97.69 56.81
CA THR CA 266 33.03 99.09 56.43
C THR CA 266 32.97 99.99 57.66
N MET CA 267 33.61 99.56 58.75
CA MET CA 267 33.54 100.28 60.01
C MET CA 267 34.89 100.91 60.35
N SER CA 268 34.85 102.13 60.86
CA SER CA 268 36.03 102.84 61.30
C SER CA 268 36.27 102.54 62.78
N LYS CA 269 37.15 103.31 63.41
CA LYS CA 269 37.52 103.05 64.81
C LYS CA 269 36.52 103.62 65.81
N LYS CA 270 35.61 104.49 65.39
CA LYS CA 270 34.66 105.11 66.31
C LYS CA 270 33.44 104.22 66.53
N GLU CA 271 32.83 103.76 65.45
CA GLU CA 271 31.64 102.94 65.63
C GLU CA 271 31.97 101.54 66.12
N LEU CA 272 33.24 101.12 66.08
CA LEU CA 272 33.57 99.88 66.76
C LEU CA 272 33.53 100.05 68.26
N GLU CA 273 33.87 101.24 68.77
CA GLU CA 273 33.72 101.49 70.20
C GLU CA 273 32.27 101.67 70.57
N VAL CA 274 31.47 102.13 69.61
CA VAL CA 274 30.04 102.27 69.87
C VAL CA 274 29.39 100.89 69.94
N LEU CA 275 29.80 99.98 69.04
CA LEU CA 275 29.31 98.61 69.09
C LEU CA 275 29.82 97.89 70.33
N SER CA 276 31.05 98.19 70.77
CA SER CA 276 31.57 97.55 71.97
C SER CA 276 30.98 98.11 73.25
N GLN CA 277 30.23 99.21 73.17
CA GLN CA 277 29.50 99.68 74.34
C GLN CA 277 28.06 99.23 74.33
N LYS CA 278 27.47 99.11 73.14
CA LYS CA 278 26.12 98.57 73.09
C LYS CA 278 26.09 97.06 73.28
N LEU CA 279 27.20 96.36 73.02
CA LEU CA 279 27.22 94.95 73.37
C LEU CA 279 27.48 94.74 74.86
N ARG CA 280 28.11 95.73 75.51
CA ARG CA 280 28.31 95.66 76.95
C ARG CA 280 27.00 95.89 77.68
N ALA CA 281 26.13 96.71 77.09
CA ALA CA 281 24.84 96.95 77.73
C ALA CA 281 23.88 95.77 77.59
N LEU CA 282 24.14 94.84 76.68
CA LEU CA 282 23.33 93.63 76.55
C LEU CA 282 23.73 92.52 77.50
N MET CA 283 24.94 92.54 78.01
CA MET CA 283 25.43 91.52 78.94
C MET CA 283 25.82 92.17 80.25
N PRO CA 284 24.95 92.15 81.26
CA PRO CA 284 25.26 92.84 82.51
C PRO CA 284 26.33 92.17 83.35
N TYR CA 285 26.65 90.91 83.08
CA TYR CA 285 27.69 90.25 83.87
C TYR CA 285 29.09 90.61 83.40
N ALA CA 286 29.23 91.13 82.18
CA ALA CA 286 30.53 91.44 81.61
C ALA CA 286 30.95 92.84 82.01
N ASP CA 287 32.27 93.06 82.04
CA ASP CA 287 32.85 94.35 82.36
C ASP CA 287 33.33 95.09 81.13
N SER CA 288 33.87 94.39 80.15
CA SER CA 288 34.35 94.98 78.91
C SER CA 288 34.29 93.92 77.83
N VAL CA 289 33.95 94.33 76.61
CA VAL CA 289 33.89 93.42 75.48
C VAL CA 289 35.06 93.72 74.55
N ASN CA 290 35.86 92.71 74.25
CA ASN CA 290 37.03 92.88 73.40
C ASN CA 290 36.67 92.44 71.99
N ILE CA 291 36.95 93.29 71.01
CA ILE CA 291 36.63 93.04 69.62
C ILE CA 291 37.93 92.81 68.87
N THR CA 292 38.16 91.58 68.42
CA THR CA 292 39.34 91.28 67.62
C THR CA 292 38.93 90.90 66.21
N LEU CA 293 39.74 91.32 65.23
CA LEU CA 293 39.44 91.15 63.82
C LEU CA 293 40.20 89.94 63.29
N MET CA 294 39.49 88.84 63.09
CA MET CA 294 40.09 87.64 62.53
C MET CA 294 40.18 87.73 61.02
N ASP CA 295 41.25 87.18 60.47
CA ASP CA 295 41.43 87.20 59.02
C ASP CA 295 40.45 86.24 58.37
N ASP CA 296 40.07 86.55 57.13
CA ASP CA 296 38.99 85.85 56.47
C ASP CA 296 39.46 84.65 55.64
N VAL CA 297 40.73 84.62 55.24
CA VAL CA 297 41.22 83.52 54.40
C VAL CA 297 41.61 82.31 55.24
N THR CA 298 42.12 82.53 56.46
CA THR CA 298 42.50 81.40 57.31
C THR CA 298 41.29 80.65 57.85
N ALA CA 299 40.11 81.27 57.83
CA ALA CA 299 38.90 80.56 58.23
C ALA CA 299 38.51 79.48 57.23
N ALA CA 300 38.84 79.65 55.96
CA ALA CA 300 38.62 78.57 55.01
C ALA CA 300 39.89 77.77 54.75
N GLY CA 301 41.04 78.29 55.16
CA GLY CA 301 42.26 77.53 55.02
C GLY CA 301 42.33 76.45 56.06
N GLN CA 302 41.88 76.73 57.28
CA GLN CA 302 41.85 75.69 58.30
C GLN CA 302 40.75 74.70 58.00
N ALA CA 303 39.68 75.14 57.30
CA ALA CA 303 38.57 74.27 56.99
C ALA CA 303 38.92 73.30 55.88
N GLU CA 304 39.79 73.70 54.97
CA GLU CA 304 40.20 72.80 53.90
C GLU CA 304 41.34 71.90 54.37
N ALA CA 305 42.31 72.46 55.11
CA ALA CA 305 43.42 71.63 55.58
C ALA CA 305 42.98 70.61 56.62
N GLY CA 306 41.96 70.92 57.44
CA GLY CA 306 41.44 69.88 58.30
C GLY CA 306 40.56 68.88 57.60
N LEU CA 307 40.09 69.19 56.41
CA LEU CA 307 39.26 68.25 55.67
C LEU CA 307 40.11 67.38 54.76
N LYS CA 308 41.38 67.72 54.60
CA LYS CA 308 42.24 66.88 53.77
C LYS CA 308 43.03 65.85 54.57
N GLN CA 309 43.29 66.12 55.86
CA GLN CA 309 44.00 65.17 56.70
C GLN CA 309 43.18 63.93 57.02
N GLN CA 310 41.87 64.03 56.96
CA GLN CA 310 41.01 62.88 57.24
C GLN CA 310 40.77 62.01 56.01
N ALA CA 311 41.43 62.34 54.89
CA ALA CA 311 41.34 61.60 53.62
C ALA CA 311 39.91 61.54 53.10
N LEU CA 312 39.17 62.61 53.29
CA LEU CA 312 37.76 62.65 52.90
C LEU CA 312 37.63 63.27 51.51
N PRO CA 313 36.78 62.71 50.65
CA PRO CA 313 36.49 63.39 49.38
C PRO CA 313 35.58 64.56 49.63
N TYR CA 314 35.79 65.62 48.86
CA TYR CA 314 35.03 66.84 49.08
C TYR CA 314 34.97 67.64 47.79
N SER CA 315 34.20 68.72 47.82
CA SER CA 315 34.03 69.55 46.64
C SER CA 315 33.72 70.97 47.11
N ARG CA 316 34.73 71.84 47.00
CA ARG CA 316 34.66 73.22 47.47
C ARG CA 316 33.93 74.10 46.47
N ARG CA 317 33.01 74.93 46.95
CA ARG CA 317 32.30 75.90 46.13
C ARG CA 317 32.54 77.28 46.73
N ASN CA 318 33.10 78.18 45.92
CA ASN CA 318 33.47 79.52 46.34
C ASN CA 318 32.45 80.51 45.79
N HIS CA 319 31.85 81.28 46.68
CA HIS CA 319 31.09 82.46 46.28
C HIS CA 319 31.32 83.53 47.33
N LYS CA 320 30.83 84.72 47.05
CA LYS CA 320 31.12 85.86 47.92
C LYS CA 320 30.34 85.76 49.22
N GLY CA 321 31.03 86.00 50.33
CA GLY CA 321 30.39 85.95 51.64
C GLY CA 321 30.11 84.55 52.14
N GLY CA 322 30.97 83.59 51.83
CA GLY CA 322 30.80 82.24 52.32
C GLY CA 322 31.21 81.14 51.36
N VAL CA 323 31.87 80.11 51.88
CA VAL CA 323 32.23 78.96 51.06
C VAL CA 323 31.41 77.75 51.51
N THR CA 324 31.46 76.70 50.71
CA THR CA 324 30.63 75.54 50.98
C THR CA 324 31.37 74.27 50.57
N PHE CA 325 31.52 73.33 51.51
CA PHE CA 325 32.17 72.07 51.19
C PHE CA 325 31.13 70.97 51.17
N VAL CA 326 31.03 70.27 50.04
CA VAL CA 326 30.04 69.22 49.86
C VAL CA 326 30.77 67.88 49.94
N ILE CA 327 30.28 67.00 50.81
CA ILE CA 327 30.82 65.65 50.99
C ILE CA 327 29.67 64.69 50.72
N GLN CA 328 29.71 64.04 49.56
CA GLN CA 328 28.63 63.14 49.16
C GLN CA 328 29.13 61.77 48.74
N GLY CA 329 28.24 60.96 48.20
CA GLY CA 329 28.59 59.63 47.76
C GLY CA 329 28.28 58.59 48.83
N ALA CA 330 28.73 57.37 48.56
CA ALA CA 330 28.55 56.27 49.50
C ALA CA 330 29.78 56.19 50.39
N LEU CA 331 29.65 56.67 51.62
CA LEU CA 331 30.75 56.71 52.56
C LEU CA 331 30.63 55.55 53.53
N ASP CA 332 31.77 54.99 53.92
CA ASP CA 332 31.76 53.91 54.90
C ASP CA 332 31.68 54.46 56.33
N ASP CA 333 31.77 53.55 57.29
CA ASP CA 333 31.57 53.90 58.67
C ASP CA 333 32.75 54.62 59.29
N VAL CA 334 33.94 54.47 58.70
CA VAL CA 334 35.05 55.24 59.23
C VAL CA 334 35.00 56.65 58.68
N GLU CA 335 34.53 56.80 57.43
CA GLU CA 335 34.43 58.11 56.82
C GLU CA 335 33.21 58.89 57.29
N ILE CA 336 32.32 58.28 58.06
CA ILE CA 336 31.26 59.07 58.68
C ILE CA 336 31.68 59.52 60.07
N LEU CA 337 32.32 58.63 60.82
CA LEU CA 337 32.78 58.95 62.16
C LEU CA 337 33.95 59.93 62.13
N ARG CA 338 34.76 59.91 61.07
CA ARG CA 338 35.82 60.90 60.99
C ARG CA 338 35.29 62.25 60.49
N ALA CA 339 34.24 62.24 59.68
CA ALA CA 339 33.66 63.47 59.16
C ALA CA 339 32.67 64.11 60.10
N ARG CA 340 32.38 63.48 61.23
CA ARG CA 340 31.48 64.13 62.18
C ARG CA 340 32.22 64.75 63.36
N GLN CA 341 33.33 64.12 63.78
CA GLN CA 341 34.14 64.65 64.86
C GLN CA 341 34.94 65.88 64.44
N PHE CA 342 35.08 66.11 63.14
CA PHE CA 342 35.81 67.29 62.70
C PHE CA 342 34.88 68.48 62.58
N VAL CA 343 33.67 68.24 62.08
CA VAL CA 343 32.71 69.32 61.91
C VAL CA 343 32.24 69.83 63.27
N ASP CA 344 32.01 68.91 64.22
CA ASP CA 344 31.62 69.36 65.55
C ASP CA 344 32.76 70.01 66.32
N SER CA 345 34.01 69.73 65.96
CA SER CA 345 35.16 70.43 66.54
C SER CA 345 35.52 71.72 65.84
N TYR CA 346 34.94 71.97 64.67
CA TYR CA 346 35.20 73.19 63.93
C TYR CA 346 34.11 74.24 64.14
N TYR CA 347 32.85 73.81 64.24
CA TYR CA 347 31.77 74.72 64.56
C TYR CA 347 31.89 75.24 65.99
N ARG CA 348 32.55 74.50 66.86
CA ARG CA 348 32.73 74.91 68.24
C ARG CA 348 33.68 76.09 68.36
N THR CA 349 34.59 76.27 67.40
CA THR CA 349 35.60 77.30 67.50
C THR CA 349 35.50 78.33 66.39
N TRP CA 350 34.60 78.18 65.43
CA TRP CA 350 34.49 79.15 64.35
C TRP CA 350 33.08 79.60 64.04
N GLY CA 351 32.06 78.82 64.35
CA GLY CA 351 30.71 79.21 64.03
C GLY CA 351 30.34 78.86 62.60
N GLY CA 352 29.03 78.71 62.37
CA GLY CA 352 28.55 78.33 61.06
C GLY CA 352 28.07 79.51 60.23
N ARG CA 353 28.67 80.68 60.44
CA ARG CA 353 28.27 81.86 59.70
C ARG CA 353 28.92 81.92 58.33
N TYR CA 354 30.20 81.58 58.24
CA TYR CA 354 30.97 81.75 57.00
C TYR CA 354 31.00 80.49 56.14
N VAL CA 355 31.54 79.41 56.67
CA VAL CA 355 31.80 78.18 55.90
C VAL CA 355 30.81 77.11 56.32
N GLN CA 356 30.20 76.46 55.33
CA GLN CA 356 29.16 75.47 55.61
C GLN CA 356 29.52 74.11 55.03
N PHE CA 357 29.47 73.08 55.88
CA PHE CA 357 29.67 71.70 55.45
C PHE CA 357 28.34 71.04 55.12
N ALA CA 358 28.34 70.24 54.06
CA ALA CA 358 27.13 69.57 53.60
C ALA CA 358 27.44 68.08 53.43
N ILE CA 359 27.33 67.32 54.51
CA ILE CA 359 27.48 65.88 54.43
C ILE CA 359 26.16 65.27 53.99
N GLU CA 360 26.22 64.37 53.00
CA GLU CA 360 24.99 63.86 52.40
C GLU CA 360 25.24 62.42 52.00
N LEU CA 361 24.78 61.49 52.83
CA LEU CA 361 24.97 60.07 52.57
C LEU CA 361 23.87 59.58 51.64
N LYS CA 362 24.22 59.35 50.38
CA LYS CA 362 23.29 58.86 49.39
C LYS CA 362 24.03 57.94 48.44
N ASP CA 363 23.27 57.11 47.74
CA ASP CA 363 23.87 56.17 46.80
C ASP CA 363 24.31 56.89 45.54
N ASP CA 364 24.90 56.13 44.62
CA ASP CA 364 25.40 56.71 43.38
C ASP CA 364 24.24 56.99 42.45
N TRP CA 365 24.31 58.13 41.77
CA TRP CA 365 23.33 58.46 40.75
C TRP CA 365 23.52 57.55 39.55
N LEU CA 366 22.40 57.24 38.89
CA LEU CA 366 22.33 56.33 37.73
C LEU CA 366 22.87 54.95 38.11
N LYS CA 367 22.10 54.28 38.98
CA LYS CA 367 22.54 53.15 39.80
C LYS CA 367 23.15 52.01 38.98
N GLY CA 368 22.35 51.38 38.14
CA GLY CA 368 22.86 50.27 37.34
C GLY CA 368 22.78 50.53 35.86
N ARG CA 369 22.76 51.80 35.48
CA ARG CA 369 22.57 52.20 34.10
C ARG CA 369 23.91 52.62 33.50
N SER CA 370 24.15 52.19 32.27
CA SER CA 370 25.29 52.68 31.51
C SER CA 370 24.89 53.95 30.79
N PHE CA 371 25.75 54.97 30.86
CA PHE CA 371 25.46 56.27 30.30
C PHE CA 371 26.65 56.76 29.51
N GLN CA 372 26.43 57.76 28.68
CA GLN CA 372 27.45 58.32 27.79
C GLN CA 372 27.62 59.79 28.13
N TYR CA 373 28.52 60.09 29.06
CA TYR CA 373 28.59 61.40 29.65
C TYR CA 373 29.27 62.42 28.75
N GLY CA 374 28.91 63.68 28.95
CA GLY CA 374 29.61 64.82 28.41
C GLY CA 374 28.97 65.46 27.20
N ALA CA 375 28.16 66.49 27.46
CA ALA CA 375 27.67 67.52 26.53
C ALA CA 375 26.69 67.04 25.47
N GLU CA 376 26.59 65.73 25.26
CA GLU CA 376 25.59 65.07 24.43
C GLU CA 376 25.41 63.70 25.07
N GLY CA 377 24.47 63.58 25.99
CA GLY CA 377 24.39 62.44 26.86
C GLY CA 377 23.09 61.68 26.71
N TYR CA 378 23.15 60.39 27.04
CA TYR CA 378 21.97 59.56 27.08
C TYR CA 378 22.17 58.49 28.15
N ILE CA 379 21.07 57.95 28.61
CA ILE CA 379 21.05 56.87 29.59
C ILE CA 379 20.45 55.64 28.94
N LYS CA 380 21.14 54.52 29.04
CA LYS CA 380 20.66 53.29 28.43
C LYS CA 380 19.76 52.61 29.46
N MET CA 381 18.44 52.78 29.29
CA MET CA 381 17.49 52.16 30.18
C MET CA 381 17.40 50.66 29.99
N SER CA 382 17.87 50.17 28.86
CA SER CA 382 17.80 48.77 28.45
C SER CA 382 18.82 48.61 27.33
N PRO CA 383 19.07 47.37 26.87
CA PRO CA 383 19.85 47.23 25.63
C PRO CA 383 19.24 47.91 24.42
N GLY CA 384 17.94 48.16 24.38
CA GLY CA 384 17.34 48.84 23.25
C GLY CA 384 16.48 50.02 23.62
N HIS CA 385 16.88 50.80 24.64
CA HIS CA 385 16.08 51.92 25.12
C HIS CA 385 17.02 53.06 25.48
N TRP CA 386 16.84 54.19 24.81
CA TRP CA 386 17.61 55.39 25.04
C TRP CA 386 16.75 56.45 25.72
N TYR CA 387 17.29 57.08 26.75
CA TYR CA 387 16.63 58.16 27.46
C TYR CA 387 17.52 59.39 27.35
N PHE CA 388 16.93 60.54 27.04
CA PHE CA 388 17.68 61.76 26.75
C PHE CA 388 17.33 62.88 27.72
N PRO CA 389 17.80 62.82 28.95
CA PRO CA 389 17.64 63.94 29.87
C PRO CA 389 18.76 64.93 29.67
N SER CA 390 18.91 65.85 30.61
CA SER CA 390 19.99 66.82 30.79
C SER CA 390 21.37 66.22 30.57
N PRO CA 391 22.35 67.00 30.03
CA PRO CA 391 23.62 66.40 29.59
C PRO CA 391 24.46 65.88 30.75
N LEU CA 392 24.48 64.55 30.85
CA LEU CA 392 25.14 63.85 31.93
C LEU CA 392 26.64 63.82 31.71
N ALA DA 171 -2.86 92.62 95.25
CA ALA DA 171 -2.00 91.74 94.48
C ALA DA 171 -1.67 92.34 93.11
N GLU DA 172 -0.40 92.63 92.89
CA GLU DA 172 0.05 93.21 91.63
C GLU DA 172 0.12 92.14 90.55
N LEU DA 173 0.47 92.55 89.33
CA LEU DA 173 0.32 91.66 88.19
C LEU DA 173 1.44 90.65 88.07
N ASP DA 174 2.69 91.07 88.25
CA ASP DA 174 3.81 90.19 87.97
C ASP DA 174 4.08 89.17 89.08
N SER DA 175 3.25 89.12 90.11
CA SER DA 175 3.31 88.04 91.08
C SER DA 175 2.32 86.93 90.79
N LEU DA 176 1.23 87.24 90.09
CA LEU DA 176 0.25 86.23 89.69
C LEU DA 176 0.70 85.39 88.51
N LEU DA 177 1.75 85.80 87.83
CA LEU DA 177 2.33 84.99 86.75
C LEU DA 177 3.25 83.94 87.37
N GLY DA 178 4.07 83.31 86.55
CA GLY DA 178 4.90 82.21 87.00
C GLY DA 178 5.99 82.59 87.99
N GLN DA 179 6.74 81.57 88.40
CA GLN DA 179 7.81 81.77 89.38
C GLN DA 179 8.97 82.52 88.76
N GLU DA 180 9.34 82.16 87.53
CA GLU DA 180 10.41 82.84 86.81
C GLU DA 180 9.93 84.21 86.37
N LYS DA 181 10.41 85.25 87.02
CA LYS DA 181 10.02 86.62 86.69
C LYS DA 181 10.97 87.28 85.70
N GLU DA 182 11.25 86.59 84.61
CA GLU DA 182 12.01 87.21 83.52
C GLU DA 182 11.46 86.88 82.15
N ARG DA 183 10.57 85.91 82.01
CA ARG DA 183 10.01 85.58 80.71
C ARG DA 183 8.90 86.53 80.29
N PHE DA 184 8.31 87.26 81.24
CA PHE DA 184 7.29 88.23 80.92
C PHE DA 184 7.81 89.64 81.15
N GLN DA 185 7.04 90.61 80.68
CA GLN DA 185 7.42 92.02 80.80
C GLN DA 185 6.14 92.83 80.80
N VAL DA 186 5.81 93.39 81.95
CA VAL DA 186 4.60 94.17 82.15
C VAL DA 186 4.88 95.63 81.82
N LEU DA 187 4.10 96.20 80.91
CA LEU DA 187 4.24 97.57 80.47
C LEU DA 187 3.01 98.39 80.83
N PRO DA 188 3.19 99.63 81.29
CA PRO DA 188 2.04 100.48 81.59
C PRO DA 188 1.48 101.08 80.32
N GLY DA 189 0.16 101.05 80.14
CA GLY DA 189 -0.46 101.60 78.97
C GLY DA 189 -0.75 103.07 79.12
N ARG DA 190 -1.27 103.65 78.05
CA ARG DA 190 -1.66 105.04 78.04
C ARG DA 190 -3.16 105.22 78.11
N ASP DA 191 -3.92 104.18 77.76
CA ASP DA 191 -5.38 104.19 77.90
C ASP DA 191 -5.83 103.59 79.22
N LYS DA 192 -4.99 103.72 80.26
CA LYS DA 192 -5.21 103.17 81.61
C LYS DA 192 -5.42 101.65 81.57
N MET DA 193 -4.45 100.96 80.98
CA MET DA 193 -4.45 99.51 80.95
C MET DA 193 -3.05 99.01 81.28
N LEU DA 194 -2.86 97.70 81.14
CA LEU DA 194 -1.59 97.09 81.48
C LEU DA 194 -1.33 95.97 80.50
N TYR DA 195 -0.20 96.02 79.81
CA TYR DA 195 0.09 95.10 78.73
C TYR DA 195 1.16 94.12 79.18
N VAL DA 196 0.94 92.85 78.88
CA VAL DA 196 1.91 91.80 79.19
C VAL DA 196 2.49 91.37 77.86
N ALA DA 197 3.80 91.31 77.75
CA ALA DA 197 4.41 91.04 76.45
C ALA DA 197 5.01 89.64 76.50
N ALA DA 198 4.29 88.68 75.92
CA ALA DA 198 4.85 87.34 75.84
C ALA DA 198 5.82 87.25 74.67
N GLN DA 199 6.41 86.07 74.50
CA GLN DA 199 7.39 85.84 73.45
C GLN DA 199 7.00 84.77 72.45
N ASN DA 200 6.07 83.88 72.80
CA ASN DA 200 5.60 82.88 71.87
C ASN DA 200 4.15 82.52 72.18
N GLU DA 201 3.59 81.62 71.39
CA GLU DA 201 2.18 81.27 71.54
C GLU DA 201 1.93 80.39 72.75
N ARG DA 202 2.97 79.75 73.30
CA ARG DA 202 2.77 78.95 74.51
C ARG DA 202 2.71 79.86 75.74
N ASP DA 203 3.58 80.86 75.79
CA ASP DA 203 3.51 81.76 76.93
C ASP DA 203 2.39 82.76 76.79
N THR DA 204 1.79 82.87 75.59
CA THR DA 204 0.62 83.72 75.46
C THR DA 204 -0.58 83.04 76.11
N LEU DA 205 -0.76 81.75 75.89
CA LEU DA 205 -1.86 81.05 76.56
C LEU DA 205 -1.58 80.84 78.04
N TRP DA 206 -0.30 80.88 78.44
CA TRP DA 206 0.04 80.85 79.86
C TRP DA 206 -0.40 82.14 80.53
N ALA DA 207 -0.19 83.27 79.87
CA ALA DA 207 -0.60 84.52 80.49
C ALA DA 207 -2.09 84.76 80.35
N ARG DA 208 -2.71 84.26 79.28
CA ARG DA 208 -4.14 84.47 79.10
C ARG DA 208 -5.00 83.60 79.99
N GLN DA 209 -4.45 82.52 80.55
CA GLN DA 209 -5.26 81.73 81.48
C GLN DA 209 -5.46 82.45 82.80
N VAL DA 210 -4.49 83.29 83.20
CA VAL DA 210 -4.62 84.05 84.43
C VAL DA 210 -5.72 85.10 84.28
N LEU DA 211 -5.67 85.88 83.20
CA LEU DA 211 -6.66 86.92 83.03
C LEU DA 211 -8.02 86.37 82.62
N ALA DA 212 -8.10 85.11 82.22
CA ALA DA 212 -9.39 84.52 81.88
C ALA DA 212 -10.07 83.91 83.09
N ARG DA 213 -9.29 83.31 84.01
CA ARG DA 213 -9.92 82.80 85.22
C ARG DA 213 -10.30 83.92 86.17
N GLY DA 214 -9.73 85.11 85.99
CA GLY DA 214 -10.23 86.30 86.65
C GLY DA 214 -9.64 86.65 88.00
N ASP DA 215 -8.41 86.26 88.26
CA ASP DA 215 -7.76 86.68 89.52
C ASP DA 215 -6.94 87.95 89.35
N TYR DA 216 -7.56 88.98 88.76
CA TYR DA 216 -6.98 90.30 88.67
C TYR DA 216 -8.12 91.30 88.54
N ASP DA 217 -8.07 92.37 89.32
CA ASP DA 217 -9.19 93.29 89.41
C ASP DA 217 -9.25 94.26 88.24
N LYS DA 218 -8.14 94.91 87.91
CA LYS DA 218 -8.12 95.91 86.85
C LYS DA 218 -8.03 95.25 85.48
N ASN DA 219 -7.85 96.06 84.44
CA ASN DA 219 -7.81 95.56 83.08
C ASN DA 219 -6.38 95.20 82.69
N ALA DA 220 -6.26 94.20 81.82
CA ALA DA 220 -4.95 93.73 81.38
C ALA DA 220 -5.10 93.03 80.04
N ARG DA 221 -4.14 93.24 79.15
CA ARG DA 221 -4.12 92.58 77.85
C ARG DA 221 -2.79 91.88 77.65
N VAL DA 222 -2.78 90.87 76.79
CA VAL DA 222 -1.57 90.13 76.44
C VAL DA 222 -1.23 90.40 74.99
N ILE DA 223 -0.01 90.88 74.73
CA ILE DA 223 0.43 91.12 73.38
C ILE DA 223 1.54 90.13 73.02
N ASN DA 224 1.92 90.17 71.74
CA ASN DA 224 2.84 89.23 71.12
C ASN DA 224 3.34 89.87 69.84
N GLU DA 225 4.53 89.47 69.41
CA GLU DA 225 5.12 90.06 68.20
C GLU DA 225 4.38 89.61 66.94
N ASN DA 226 4.02 88.34 66.89
CA ASN DA 226 3.45 87.79 65.67
C ASN DA 226 2.00 88.18 65.46
N GLU DA 227 1.30 88.61 66.51
CA GLU DA 227 -0.08 88.97 66.34
C GLU DA 227 -0.26 90.47 66.41
N GLU DA 228 0.65 91.19 67.08
CA GLU DA 228 0.60 92.63 66.94
C GLU DA 228 1.18 93.10 65.62
N ASN DA 229 1.98 92.28 64.95
CA ASN DA 229 2.37 92.57 63.58
C ASN DA 229 1.26 92.29 62.57
N LYS DA 230 0.23 91.55 62.95
CA LYS DA 230 -0.93 91.33 62.08
C LYS DA 230 -2.08 92.29 62.39
N ARG DA 231 -2.13 92.80 63.62
CA ARG DA 231 -3.23 93.67 64.01
C ARG DA 231 -3.10 95.04 63.38
N ILE DA 232 -1.89 95.56 63.27
CA ILE DA 232 -1.70 96.83 62.61
C ILE DA 232 -1.17 96.64 61.19
N SER DA 233 -1.33 95.44 60.65
CA SER DA 233 -1.26 95.23 59.21
C SER DA 233 -2.64 95.08 58.61
N ILE DA 234 -3.65 94.78 59.43
CA ILE DA 234 -5.03 94.85 58.96
C ILE DA 234 -5.48 96.30 58.88
N TRP DA 235 -5.10 97.10 59.86
CA TRP DA 235 -5.38 98.54 59.84
C TRP DA 235 -4.62 99.26 58.73
N LEU DA 236 -3.46 98.75 58.34
CA LEU DA 236 -2.62 99.51 57.43
C LEU DA 236 -3.08 99.43 55.98
N ASP DA 237 -3.77 98.37 55.59
CA ASP DA 237 -4.26 98.26 54.22
C ASP DA 237 -5.70 98.77 54.08
N THR DA 238 -6.10 99.69 54.94
CA THR DA 238 -7.34 100.43 54.83
C THR DA 238 -7.07 101.92 54.74
N TYR DA 239 -6.20 102.43 55.62
CA TYR DA 239 -5.87 103.84 55.62
C TYR DA 239 -4.63 104.16 54.81
N TYR DA 240 -3.72 103.21 54.61
CA TYR DA 240 -2.54 103.43 53.76
C TYR DA 240 -2.38 102.27 52.80
N PRO DA 241 -3.23 102.16 51.78
CA PRO DA 241 -3.03 101.10 50.79
C PRO DA 241 -1.89 101.49 49.87
N GLN DA 242 -1.43 100.49 49.11
CA GLN DA 242 -0.27 100.59 48.20
C GLN DA 242 0.98 101.07 48.95
N LEU DA 243 1.20 100.53 50.14
CA LEU DA 243 2.38 100.86 50.94
C LEU DA 243 3.35 99.70 50.91
N ALA DA 244 4.63 100.00 50.72
CA ALA DA 244 5.67 98.99 50.62
C ALA DA 244 6.46 98.99 51.93
N TYR DA 245 6.34 97.92 52.69
CA TYR DA 245 7.04 97.78 53.97
C TYR DA 245 7.36 96.31 54.18
N TYR DA 246 8.14 96.03 55.23
CA TYR DA 246 8.61 94.68 55.50
C TYR DA 246 8.06 94.09 56.79
N ARG DA 247 8.31 94.72 57.94
CA ARG DA 247 8.06 94.11 59.23
C ARG DA 247 8.18 95.18 60.30
N ILE DA 248 7.52 94.95 61.43
CA ILE DA 248 7.64 95.80 62.60
C ILE DA 248 8.35 94.99 63.68
N HIS DA 249 9.47 95.50 64.17
CA HIS DA 249 10.29 94.77 65.12
C HIS DA 249 10.04 95.27 66.53
N PHE DA 250 9.98 94.33 67.47
CA PHE DA 250 9.61 94.60 68.85
C PHE DA 250 10.67 94.08 69.79
N ASP DA 251 11.93 94.42 69.53
CA ASP DA 251 13.01 93.98 70.41
C ASP DA 251 12.99 94.71 71.73
N GLU DA 252 12.76 96.02 71.70
CA GLU DA 252 12.38 96.74 72.91
C GLU DA 252 10.99 97.31 72.70
N PRO DA 253 9.98 96.83 73.42
CA PRO DA 253 8.59 97.16 73.09
C PRO DA 253 8.17 98.56 73.48
N ARG DA 254 9.06 99.38 74.02
CA ARG DA 254 8.77 100.78 74.26
C ARG DA 254 9.28 101.66 73.15
N LYS DA 255 9.88 101.09 72.11
CA LYS DA 255 10.34 101.83 70.95
C LYS DA 255 10.48 100.91 69.74
N PRO DA 256 9.39 100.59 69.05
CA PRO DA 256 9.48 99.68 67.92
C PRO DA 256 10.09 100.34 66.69
N VAL DA 257 10.54 99.49 65.76
CA VAL DA 257 11.20 99.89 64.54
C VAL DA 257 10.35 99.45 63.35
N PHE DA 258 10.05 100.38 62.45
CA PHE DA 258 9.25 100.15 61.27
C PHE DA 258 10.18 100.17 60.05
N TRP DA 259 10.20 99.07 59.31
CA TRP DA 259 11.11 98.90 58.17
C TRP DA 259 10.37 99.23 56.88
N LEU DA 260 10.59 100.45 56.35
CA LEU DA 260 10.00 100.83 55.09
C LEU DA 260 10.89 100.41 53.93
N SER DA 261 10.36 100.57 52.72
CA SER DA 261 11.11 100.33 51.50
C SER DA 261 11.59 101.64 50.92
N ARG DA 262 12.81 101.63 50.41
CA ARG DA 262 13.45 102.84 49.90
C ARG DA 262 13.11 103.10 48.43
N GLN DA 263 13.17 102.06 47.60
CA GLN DA 263 13.04 102.23 46.17
C GLN DA 263 11.60 102.15 45.68
N ARG DA 264 10.61 102.11 46.59
CA ARG DA 264 9.23 102.03 46.16
C ARG DA 264 8.29 102.95 46.93
N ASN DA 265 8.81 103.81 47.81
CA ASN DA 265 7.97 104.72 48.57
C ASN DA 265 8.37 106.16 48.26
N THR DA 266 7.37 107.01 48.08
CA THR DA 266 7.57 108.40 47.66
C THR DA 266 6.90 109.37 48.61
N MET DA 267 7.09 109.17 49.91
CA MET DA 267 6.54 110.09 50.91
C MET DA 267 7.63 111.03 51.40
N SER DA 268 7.24 112.28 51.67
CA SER DA 268 8.21 113.27 52.10
C SER DA 268 8.45 113.19 53.61
N LYS DA 269 9.29 114.13 54.08
CA LYS DA 269 9.64 114.15 55.49
C LYS DA 269 8.49 114.66 56.33
N LYS DA 270 7.65 115.52 55.76
CA LYS DA 270 6.55 116.08 56.54
C LYS DA 270 5.47 115.03 56.74
N GLU DA 271 5.18 114.24 55.71
CA GLU DA 271 4.18 113.21 55.80
C GLU DA 271 4.74 111.85 56.21
N LEU DA 272 5.99 111.80 56.66
CA LEU DA 272 6.45 110.60 57.35
C LEU DA 272 6.32 110.71 58.87
N GLU DA 273 6.32 111.93 59.39
CA GLU DA 273 6.00 112.11 60.80
C GLU DA 273 4.51 111.99 61.07
N VAL DA 274 3.65 112.11 60.05
CA VAL DA 274 2.24 111.89 60.29
C VAL DA 274 2.00 110.39 60.43
N LEU DA 275 2.71 109.58 59.65
CA LEU DA 275 2.57 108.13 59.77
C LEU DA 275 3.15 107.65 61.08
N SER DA 276 4.22 108.28 61.56
CA SER DA 276 4.74 107.85 62.86
C SER DA 276 3.84 108.31 64.00
N GLN DA 277 3.18 109.47 63.86
CA GLN DA 277 2.26 109.91 64.91
C GLN DA 277 0.95 109.16 64.87
N LYS DA 278 0.60 108.56 63.75
CA LYS DA 278 -0.61 107.75 63.69
C LYS DA 278 -0.35 106.32 64.10
N LEU DA 279 0.87 105.82 63.90
CA LEU DA 279 1.21 104.50 64.41
C LEU DA 279 1.48 104.53 65.90
N ARG DA 280 1.76 105.71 66.47
CA ARG DA 280 1.93 105.78 67.91
C ARG DA 280 0.60 105.63 68.63
N ALA DA 281 -0.49 106.11 68.03
CA ALA DA 281 -1.81 105.98 68.64
C ALA DA 281 -2.38 104.57 68.57
N LEU DA 282 -1.89 103.73 67.67
CA LEU DA 282 -2.35 102.34 67.63
C LEU DA 282 -1.72 101.50 68.73
N MET DA 283 -0.51 101.83 69.16
CA MET DA 283 0.19 101.05 70.17
C MET DA 283 0.34 101.92 71.41
N PRO DA 284 -0.54 101.78 72.41
CA PRO DA 284 -0.49 102.68 73.57
C PRO DA 284 0.63 102.40 74.54
N TYR DA 285 1.36 101.31 74.38
CA TYR DA 285 2.49 101.05 75.27
C TYR DA 285 3.77 101.70 74.76
N ALA DA 286 3.84 102.02 73.47
CA ALA DA 286 5.04 102.58 72.89
C ALA DA 286 5.11 104.08 73.15
N ASP DA 287 6.32 104.62 73.10
CA ASP DA 287 6.56 106.03 73.29
C ASP DA 287 6.79 106.79 72.00
N SER DA 288 7.61 106.24 71.09
CA SER DA 288 7.84 106.85 69.78
C SER DA 288 8.26 105.74 68.83
N VAL DA 289 7.56 105.64 67.71
CA VAL DA 289 7.84 104.60 66.72
C VAL DA 289 8.92 105.12 65.79
N ASN DA 290 10.03 104.39 65.70
CA ASN DA 290 11.14 104.81 64.85
C ASN DA 290 10.97 104.17 63.49
N ILE DA 291 11.10 104.97 62.44
CA ILE DA 291 10.90 104.51 61.06
C ILE DA 291 12.23 104.60 60.35
N THR DA 292 12.70 103.49 59.79
CA THR DA 292 13.92 103.47 58.99
C THR DA 292 13.64 102.81 57.65
N LEU DA 293 14.42 103.23 56.65
CA LEU DA 293 14.20 102.83 55.26
C LEU DA 293 15.25 101.78 54.87
N MET DA 294 14.86 100.52 54.89
CA MET DA 294 15.78 99.48 54.47
C MET DA 294 15.88 99.44 52.95
N ASP DA 295 17.04 99.04 52.46
CA ASP DA 295 17.28 99.00 51.03
C ASP DA 295 16.61 97.76 50.44
N ASP DA 296 16.37 97.79 49.14
CA ASP DA 296 15.49 96.81 48.53
C ASP DA 296 16.22 95.68 47.83
N VAL DA 297 17.46 95.88 47.40
CA VAL DA 297 18.21 94.79 46.78
C VAL DA 297 18.96 93.96 47.83
N THR DA 298 19.14 94.49 49.03
CA THR DA 298 19.75 93.70 50.09
C THR DA 298 18.81 92.64 50.62
N ALA DA 299 17.50 92.87 50.53
CA ALA DA 299 16.52 91.87 50.96
C ALA DA 299 16.43 90.71 50.00
N ALA DA 300 16.79 90.91 48.74
CA ALA DA 300 16.79 89.81 47.80
C ALA DA 300 18.16 89.16 47.70
N GLY DA 301 19.22 89.93 47.94
CA GLY DA 301 20.55 89.35 47.91
C GLY DA 301 20.83 88.47 49.10
N GLN DA 302 20.29 88.82 50.27
CA GLN DA 302 20.50 87.94 51.42
C GLN DA 302 19.69 86.67 51.30
N ALA DA 303 18.57 86.75 50.58
CA ALA DA 303 17.72 85.57 50.35
C ALA DA 303 18.29 84.69 49.26
N GLU DA 304 19.07 85.25 48.36
CA GLU DA 304 19.67 84.45 47.32
C GLU DA 304 20.98 83.82 47.81
N ALA DA 305 21.85 84.60 48.45
CA ALA DA 305 23.10 84.05 48.93
C ALA DA 305 22.93 83.11 50.12
N GLY DA 306 21.88 83.27 50.93
CA GLY DA 306 21.63 82.26 51.94
C GLY DA 306 21.05 80.99 51.39
N LEU DA 307 20.49 81.04 50.20
CA LEU DA 307 19.96 79.83 49.58
C LEU DA 307 21.01 79.15 48.73
N LYS DA 308 22.01 79.91 48.29
CA LYS DA 308 23.12 79.30 47.58
C LYS DA 308 24.12 78.69 48.54
N GLN DA 309 24.18 79.19 49.78
CA GLN DA 309 25.18 78.67 50.71
C GLN DA 309 24.84 77.28 51.22
N GLN DA 310 23.56 76.91 51.24
CA GLN DA 310 23.17 75.58 51.65
C GLN DA 310 23.22 74.55 50.54
N ALA DA 311 23.60 74.96 49.33
CA ALA DA 311 23.67 74.13 48.12
C ALA DA 311 22.32 73.46 47.84
N LEU DA 312 21.32 74.29 47.60
CA LEU DA 312 19.96 73.83 47.34
C LEU DA 312 19.58 74.16 45.90
N PRO DA 313 19.00 73.22 45.15
CA PRO DA 313 18.59 73.54 43.78
C PRO DA 313 17.34 74.40 43.76
N TYR DA 314 17.50 75.68 43.43
CA TYR DA 314 16.42 76.64 43.46
C TYR DA 314 16.22 77.25 42.08
N SER DA 315 15.28 78.18 42.00
CA SER DA 315 14.99 78.87 40.74
C SER DA 315 14.34 80.20 41.07
N ARG DA 316 14.96 81.29 40.62
CA ARG DA 316 14.53 82.65 40.90
C ARG DA 316 13.67 83.18 39.77
N ARG DA 317 12.57 83.85 40.12
CA ARG DA 317 11.69 84.46 39.12
C ARG DA 317 11.52 85.92 39.47
N ASN DA 318 12.15 86.80 38.71
CA ASN DA 318 12.10 88.24 38.94
C ASN DA 318 10.90 88.87 38.25
N HIS DA 319 10.12 89.62 39.01
CA HIS DA 319 9.08 90.48 38.46
C HIS DA 319 8.94 91.69 39.37
N LYS DA 320 8.11 92.63 38.91
CA LYS DA 320 7.99 93.93 39.55
C LYS DA 320 7.18 93.83 40.84
N GLY DA 321 7.76 94.31 41.94
CA GLY DA 321 7.06 94.35 43.20
C GLY DA 321 7.15 93.12 44.06
N GLY DA 322 8.24 92.37 43.97
CA GLY DA 322 8.43 91.19 44.79
C GLY DA 322 9.11 90.11 43.98
N VAL DA 323 9.89 89.27 44.67
CA VAL DA 323 10.53 88.14 44.01
C VAL DA 323 10.04 86.82 44.60
N THR DA 324 10.40 85.74 43.93
CA THR DA 324 10.02 84.42 44.38
C THR DA 324 11.07 83.39 44.00
N PHE DA 325 11.26 82.44 44.91
CA PHE DA 325 12.21 81.36 44.76
C PHE DA 325 11.47 80.04 44.84
N VAL DA 326 11.65 79.18 43.84
CA VAL DA 326 10.93 77.92 43.75
C VAL DA 326 11.93 76.79 43.94
N ILE DA 327 11.60 75.87 44.83
CA ILE DA 327 12.41 74.68 45.09
C ILE DA 327 11.53 73.47 44.78
N GLN DA 328 11.58 72.99 43.54
CA GLN DA 328 10.79 71.85 43.12
C GLN DA 328 11.62 70.57 43.27
N GLY DA 329 11.13 69.47 42.73
CA GLY DA 329 11.94 68.28 42.58
C GLY DA 329 11.72 67.27 43.69
N ALA DA 330 12.44 66.14 43.55
CA ALA DA 330 12.43 65.08 44.55
C ALA DA 330 13.64 65.27 45.46
N LEU DA 331 13.50 66.19 46.40
CA LEU DA 331 14.56 66.47 47.35
C LEU DA 331 14.67 65.37 48.39
N ASP DA 332 15.86 65.21 48.97
CA ASP DA 332 16.00 64.20 50.01
C ASP DA 332 15.78 64.86 51.37
N ASP DA 333 16.05 64.10 52.45
CA ASP DA 333 15.69 64.57 53.78
C ASP DA 333 16.60 65.67 54.28
N VAL DA 334 17.83 65.70 53.80
CA VAL DA 334 18.74 66.73 54.28
C VAL DA 334 18.42 68.04 53.58
N GLU DA 335 18.05 67.96 52.30
CA GLU DA 335 17.73 69.19 51.60
C GLU DA 335 16.38 69.74 52.01
N ILE DA 336 15.51 68.90 52.58
CA ILE DA 336 14.25 69.44 53.09
C ILE DA 336 14.46 70.07 54.45
N LEU DA 337 15.30 69.46 55.30
CA LEU DA 337 15.49 70.03 56.63
C LEU DA 337 16.32 71.29 56.57
N ARG DA 338 17.22 71.40 55.58
CA ARG DA 338 18.01 72.62 55.49
C ARG DA 338 17.23 73.74 54.83
N ALA DA 339 16.31 73.42 53.91
CA ALA DA 339 15.56 74.48 53.27
C ALA DA 339 14.48 75.00 54.22
N ARG DA 340 13.88 74.10 54.99
CA ARG DA 340 12.85 74.52 55.93
C ARG DA 340 13.47 75.30 57.09
N GLN DA 341 14.71 74.98 57.47
CA GLN DA 341 15.32 75.73 58.56
C GLN DA 341 15.77 77.11 58.09
N PHE DA 342 16.11 77.24 56.80
CA PHE DA 342 16.56 78.56 56.36
C PHE DA 342 15.36 79.47 56.12
N VAL DA 343 14.27 78.91 55.60
CA VAL DA 343 13.08 79.70 55.35
C VAL DA 343 12.51 80.19 56.68
N ASP DA 344 12.46 79.31 57.70
CA ASP DA 344 11.97 79.76 58.99
C ASP DA 344 12.94 80.69 59.71
N SER DA 345 14.23 80.69 59.37
CA SER DA 345 15.16 81.67 59.92
C SER DA 345 15.22 82.96 59.10
N TYR DA 346 14.50 83.02 57.99
CA TYR DA 346 14.44 84.23 57.18
C TYR DA 346 13.13 84.99 57.28
N TYR DA 347 12.03 84.26 57.47
CA TYR DA 347 10.73 84.90 57.67
C TYR DA 347 10.67 85.69 58.96
N ARG DA 348 11.49 85.34 59.95
CA ARG DA 348 11.52 86.07 61.20
C ARG DA 348 12.14 87.46 60.99
N THR DA 349 13.18 87.54 60.16
CA THR DA 349 13.86 88.80 59.98
C THR DA 349 13.13 89.71 59.00
N TRP DA 350 12.82 89.21 57.81
CA TRP DA 350 12.28 90.11 56.80
C TRP DA 350 10.79 89.98 56.54
N GLY DA 351 10.16 88.88 56.92
CA GLY DA 351 8.75 88.70 56.62
C GLY DA 351 8.52 88.26 55.19
N GLY DA 352 7.25 88.08 54.86
CA GLY DA 352 6.91 87.57 53.55
C GLY DA 352 6.17 88.52 52.63
N ARG DA 353 6.40 89.82 52.76
CA ARG DA 353 5.73 90.78 51.90
C ARG DA 353 6.39 90.87 50.54
N TYR DA 354 7.72 90.78 50.51
CA TYR DA 354 8.52 91.00 49.30
C TYR DA 354 8.92 89.71 48.61
N VAL DA 355 9.60 88.82 49.32
CA VAL DA 355 10.16 87.61 48.73
C VAL DA 355 9.44 86.39 49.28
N GLN DA 356 9.02 85.50 48.39
CA GLN DA 356 8.28 84.32 48.80
C GLN DA 356 8.96 83.04 48.32
N PHE DA 357 9.01 82.04 49.21
CA PHE DA 357 9.60 80.74 48.92
C PHE DA 357 8.51 79.73 48.60
N ALA DA 358 8.85 78.77 47.74
CA ALA DA 358 7.87 77.90 47.10
C ALA DA 358 8.31 76.43 47.12
N ILE DA 359 8.67 75.91 48.30
CA ILE DA 359 9.10 74.52 48.43
C ILE DA 359 7.97 73.56 48.09
N GLU DA 360 8.21 72.68 47.12
CA GLU DA 360 7.21 71.69 46.75
C GLU DA 360 7.91 70.46 46.21
N LEU DA 361 7.30 69.29 46.47
CA LEU DA 361 7.89 68.01 46.11
C LEU DA 361 7.12 67.39 44.96
N LYS DA 362 7.81 67.11 43.87
CA LYS DA 362 7.29 66.38 42.73
C LYS DA 362 8.24 65.23 42.42
N ASP DA 363 7.78 64.30 41.60
CA ASP DA 363 8.58 63.10 41.30
C ASP DA 363 9.31 63.26 39.97
N ASP DA 364 10.33 64.12 39.97
CA ASP DA 364 11.26 64.21 38.85
C ASP DA 364 12.67 64.32 39.39
N TRP DA 365 13.59 63.54 38.81
CA TRP DA 365 14.95 63.49 39.33
C TRP DA 365 15.76 64.72 38.97
N LEU DA 366 15.43 65.40 37.87
CA LEU DA 366 15.96 66.73 37.62
C LEU DA 366 15.20 67.69 38.51
N LYS DA 367 15.87 68.29 39.49
CA LYS DA 367 15.17 69.01 40.54
C LYS DA 367 14.82 70.43 40.10
N GLY DA 368 13.92 70.50 39.13
CA GLY DA 368 13.39 71.76 38.67
C GLY DA 368 13.72 72.12 37.24
N ARG DA 369 14.92 71.80 36.79
CA ARG DA 369 15.35 72.21 35.47
C ARG DA 369 14.83 71.26 34.41
N SER DA 370 14.86 71.71 33.15
CA SER DA 370 14.35 70.94 32.04
C SER DA 370 15.05 71.37 30.75
N PHE DA 371 15.29 70.41 29.87
CA PHE DA 371 16.05 70.63 28.65
C PHE DA 371 15.34 69.96 27.48
N GLN DA 372 15.49 70.53 26.31
CA GLN DA 372 15.05 69.91 25.07
C GLN DA 372 16.25 69.79 24.14
N TYR DA 373 16.23 68.76 23.31
CA TYR DA 373 17.41 68.26 22.61
C TYR DA 373 17.15 68.21 21.13
N GLY DA 374 17.82 69.07 20.37
CA GLY DA 374 17.82 68.85 18.93
C GLY DA 374 18.93 69.48 18.13
N ALA DA 375 19.67 68.64 17.41
CA ALA DA 375 20.48 68.95 16.23
C ALA DA 375 21.73 69.78 16.49
N GLU DA 376 21.87 70.34 17.70
CA GLU DA 376 23.06 71.08 18.08
C GLU DA 376 23.52 70.77 19.49
N GLY DA 377 22.73 70.05 20.28
CA GLY DA 377 23.00 69.91 21.69
C GLY DA 377 21.73 70.15 22.47
N TYR DA 378 21.85 70.64 23.69
CA TYR DA 378 20.70 70.93 24.53
C TYR DA 378 20.41 72.41 24.59
N ILE DA 379 19.14 72.73 24.76
CA ILE DA 379 18.67 74.11 24.93
C ILE DA 379 17.88 74.14 26.22
N LYS DA 380 18.25 75.03 27.13
CA LYS DA 380 17.60 75.13 28.43
C LYS DA 380 16.24 75.81 28.29
N MET DA 381 15.18 75.08 28.63
CA MET DA 381 13.84 75.62 28.44
C MET DA 381 13.49 76.62 29.53
N SER DA 382 12.47 77.42 29.25
CA SER DA 382 11.97 78.37 30.22
C SER DA 382 11.22 77.65 31.33
N PRO DA 383 11.25 78.17 32.55
CA PRO DA 383 10.54 77.51 33.67
C PRO DA 383 9.03 77.61 33.49
N GLY DA 384 8.37 76.45 33.50
CA GLY DA 384 6.93 76.36 33.39
C GLY DA 384 6.37 75.46 34.48
N HIS DA 385 5.05 75.30 34.44
CA HIS DA 385 4.39 74.52 35.47
C HIS DA 385 4.45 73.03 35.19
N TRP DA 386 4.40 72.64 33.92
CA TRP DA 386 4.43 71.22 33.55
C TRP DA 386 5.83 70.66 33.71
N TYR DA 387 5.94 69.50 34.35
CA TYR DA 387 7.21 68.82 34.57
C TYR DA 387 7.14 67.45 33.93
N PHE DA 388 8.31 66.95 33.51
CA PHE DA 388 8.37 65.62 32.91
C PHE DA 388 8.51 64.56 34.00
N PRO DA 389 7.65 63.54 34.03
CA PRO DA 389 7.78 62.51 35.06
C PRO DA 389 8.98 61.62 34.78
N SER DA 390 9.70 61.28 35.85
CA SER DA 390 11.02 60.68 35.72
C SER DA 390 10.91 59.16 35.69
N PRO DA 391 11.29 58.51 34.58
CA PRO DA 391 11.44 57.05 34.62
C PRO DA 391 12.83 56.63 35.06
N LEU DA 392 12.94 55.98 36.22
CA LEU DA 392 14.22 55.44 36.65
C LEU DA 392 14.05 54.01 37.17
N ASP EA 20 -103.80 -8.43 51.43
CA ASP EA 20 -103.09 -8.61 52.69
C ASP EA 20 -101.82 -9.42 52.50
N LYS EA 21 -101.71 -10.10 51.36
CA LYS EA 21 -100.53 -10.90 51.07
C LYS EA 21 -99.36 -10.03 50.67
N ASP EA 22 -98.16 -10.50 51.00
CA ASP EA 22 -96.95 -9.83 50.61
C ASP EA 22 -96.41 -10.42 49.32
N LEU EA 23 -95.75 -9.58 48.53
CA LEU EA 23 -95.13 -10.09 47.32
C LEU EA 23 -93.68 -9.63 47.25
N LEU EA 24 -93.38 -8.48 47.85
CA LEU EA 24 -92.02 -7.98 47.91
C LEU EA 24 -91.80 -7.35 49.28
N LYS EA 25 -90.60 -7.55 49.84
CA LYS EA 25 -90.26 -6.89 51.08
C LYS EA 25 -88.75 -6.72 51.13
N GLY EA 26 -88.31 -5.80 51.99
CA GLY EA 26 -86.91 -5.46 52.10
C GLY EA 26 -86.42 -4.46 51.08
N LEU EA 27 -87.32 -3.78 50.39
CA LEU EA 27 -86.96 -2.81 49.36
C LEU EA 27 -86.57 -1.49 50.00
N ASP EA 28 -86.46 -0.44 49.20
CA ASP EA 28 -86.16 0.88 49.74
C ASP EA 28 -87.02 1.91 49.01
N GLN EA 29 -86.61 3.18 49.16
CA GLN EA 29 -87.47 4.32 48.87
C GLN EA 29 -87.72 4.47 47.37
N GLU EA 30 -86.72 4.21 46.54
CA GLU EA 30 -86.91 4.38 45.11
C GLU EA 30 -87.31 3.08 44.44
N GLN EA 31 -86.97 1.94 45.03
CA GLN EA 31 -87.44 0.68 44.47
C GLN EA 31 -88.89 0.40 44.80
N ALA EA 32 -89.49 1.11 45.75
CA ALA EA 32 -90.90 0.85 46.03
C ALA EA 32 -91.83 1.80 45.27
N ASN EA 33 -91.33 2.99 44.95
CA ASN EA 33 -92.11 3.97 44.20
C ASN EA 33 -92.15 3.66 42.71
N GLU EA 34 -91.43 2.65 42.25
CA GLU EA 34 -91.53 2.24 40.88
C GLU EA 34 -92.44 1.02 40.74
N VAL EA 35 -92.46 0.17 41.76
CA VAL EA 35 -93.36 -0.98 41.74
C VAL EA 35 -94.80 -0.53 41.96
N ILE EA 36 -95.01 0.47 42.81
CA ILE EA 36 -96.36 1.02 42.98
C ILE EA 36 -96.81 1.73 41.71
N ALA EA 37 -95.88 2.45 41.07
CA ALA EA 37 -96.21 3.17 39.84
C ALA EA 37 -96.48 2.22 38.68
N VAL EA 38 -95.94 1.01 38.73
CA VAL EA 38 -96.25 0.03 37.69
C VAL EA 38 -97.60 -0.64 37.96
N LEU EA 39 -97.84 -1.05 39.21
CA LEU EA 39 -99.07 -1.78 39.50
C LEU EA 39 -100.31 -0.89 39.41
N GLN EA 40 -100.21 0.38 39.79
CA GLN EA 40 -101.37 1.27 39.68
C GLN EA 40 -101.75 1.58 38.24
N MET EA 41 -100.83 1.40 37.31
CA MET EA 41 -101.16 1.58 35.90
C MET EA 41 -102.08 0.46 35.41
N HIS EA 42 -101.95 -0.74 35.97
CA HIS EA 42 -102.72 -1.90 35.52
C HIS EA 42 -103.85 -2.23 36.47
N ASN EA 43 -104.48 -1.19 37.03
CA ASN EA 43 -105.78 -1.28 37.73
C ASN EA 43 -105.74 -2.12 38.99
N ILE EA 44 -104.57 -2.27 39.62
CA ILE EA 44 -104.50 -2.92 40.92
C ILE EA 44 -103.77 -1.98 41.88
N GLU EA 45 -104.24 -1.94 43.13
CA GLU EA 45 -103.71 -1.02 44.11
C GLU EA 45 -102.89 -1.77 45.14
N ALA EA 46 -101.82 -1.15 45.59
CA ALA EA 46 -100.95 -1.72 46.61
C ALA EA 46 -100.60 -0.64 47.60
N ASN EA 47 -100.18 -1.04 48.80
CA ASN EA 47 -99.84 -0.06 49.82
C ASN EA 47 -98.42 -0.25 50.30
N LYS EA 48 -97.74 0.87 50.56
CA LYS EA 48 -96.35 0.88 51.00
C LYS EA 48 -96.28 0.93 52.52
N ILE EA 49 -95.64 -0.08 53.11
CA ILE EA 49 -95.54 -0.22 54.56
C ILE EA 49 -94.08 -0.09 54.98
N ASP EA 50 -93.82 0.74 55.97
CA ASP EA 50 -92.47 0.93 56.48
C ASP EA 50 -92.11 -0.19 57.46
N SER EA 51 -90.80 -0.46 57.60
CA SER EA 51 -90.34 -1.45 58.56
C SER EA 51 -89.07 -1.01 59.29
N GLY EA 52 -88.88 0.29 59.49
CA GLY EA 52 -87.72 0.76 60.21
C GLY EA 52 -86.45 0.69 59.40
N LYS EA 53 -85.46 -0.07 59.86
CA LYS EA 53 -84.21 -0.19 59.12
C LYS EA 53 -84.22 -1.34 58.13
N LEU EA 54 -85.25 -2.18 58.17
CA LEU EA 54 -85.37 -3.28 57.21
C LEU EA 54 -85.93 -2.84 55.88
N GLY EA 55 -86.31 -1.59 55.71
CA GLY EA 55 -86.82 -1.17 54.44
C GLY EA 55 -88.32 -1.07 54.34
N TYR EA 56 -88.85 -1.26 53.15
CA TYR EA 56 -90.26 -1.14 52.88
C TYR EA 56 -90.85 -2.52 52.61
N SER EA 57 -92.16 -2.53 52.34
CA SER EA 57 -92.86 -3.76 52.03
C SER EA 57 -94.12 -3.38 51.27
N ILE EA 58 -94.45 -4.17 50.26
CA ILE EA 58 -95.56 -3.86 49.38
C ILE EA 58 -96.56 -4.99 49.48
N THR EA 59 -97.82 -4.65 49.76
CA THR EA 59 -98.88 -5.63 49.88
C THR EA 59 -100.01 -5.27 48.94
N VAL EA 60 -100.65 -6.31 48.40
CA VAL EA 60 -101.82 -6.18 47.54
C VAL EA 60 -102.96 -6.95 48.18
N ALA EA 61 -104.12 -6.92 47.56
CA ALA EA 61 -105.30 -7.60 48.08
C ALA EA 61 -105.25 -9.07 47.68
N GLU EA 62 -106.31 -9.80 47.96
CA GLU EA 62 -106.40 -11.22 47.64
C GLU EA 62 -106.63 -11.53 46.16
N PRO EA 63 -107.63 -10.97 45.45
CA PRO EA 63 -107.80 -11.37 44.04
C PRO EA 63 -106.79 -10.78 43.07
N ASP EA 64 -106.08 -9.72 43.44
CA ASP EA 64 -105.09 -9.10 42.57
C ASP EA 64 -103.69 -9.68 42.72
N PHE EA 65 -103.55 -10.80 43.41
CA PHE EA 65 -102.23 -11.38 43.63
C PHE EA 65 -101.72 -12.09 42.40
N THR EA 66 -102.63 -12.68 41.62
CA THR EA 66 -102.22 -13.43 40.44
C THR EA 66 -101.73 -12.48 39.36
N ALA EA 67 -102.40 -11.35 39.19
CA ALA EA 67 -101.96 -10.41 38.17
C ALA EA 67 -100.71 -9.68 38.62
N ALA EA 68 -100.57 -9.44 39.94
CA ALA EA 68 -99.40 -8.69 40.37
C ALA EA 68 -98.13 -9.52 40.29
N VAL EA 69 -98.24 -10.84 40.48
CA VAL EA 69 -97.04 -11.67 40.32
C VAL EA 69 -96.63 -11.74 38.86
N TYR EA 70 -97.61 -11.67 37.96
CA TYR EA 70 -97.31 -11.72 36.53
C TYR EA 70 -96.63 -10.43 36.08
N TRP EA 71 -97.08 -9.28 36.59
CA TRP EA 71 -96.41 -8.06 36.15
C TRP EA 71 -95.08 -7.86 36.84
N ILE EA 72 -94.84 -8.52 37.97
CA ILE EA 72 -93.50 -8.49 38.57
C ILE EA 72 -92.53 -9.27 37.70
N LYS EA 73 -92.97 -10.44 37.22
CA LYS EA 73 -92.10 -11.27 36.40
C LYS EA 73 -91.87 -10.62 35.04
N THR EA 74 -92.88 -9.95 34.50
CA THR EA 74 -92.73 -9.37 33.17
C THR EA 74 -91.83 -8.13 33.21
N TYR EA 75 -92.08 -7.21 34.14
CA TYR EA 75 -91.30 -5.98 34.17
C TYR EA 75 -89.98 -6.11 34.92
N GLN EA 76 -89.60 -7.32 35.38
CA GLN EA 76 -88.33 -7.58 36.08
C GLN EA 76 -88.16 -6.75 37.34
N LEU EA 77 -89.24 -6.44 38.02
CA LEU EA 77 -89.21 -5.64 39.22
C LEU EA 77 -88.73 -6.48 40.40
N PRO EA 78 -88.04 -5.89 41.38
CA PRO EA 78 -87.61 -4.50 41.62
C PRO EA 78 -86.44 -4.05 40.76
N PRO EA 79 -86.35 -2.76 40.48
CA PRO EA 79 -85.28 -2.25 39.62
C PRO EA 79 -83.91 -2.33 40.26
N ARG EA 80 -82.92 -2.55 39.43
CA ARG EA 80 -81.54 -2.58 39.86
C ARG EA 80 -81.00 -1.14 39.90
N PRO EA 81 -79.98 -0.87 40.73
CA PRO EA 81 -79.36 0.45 40.70
C PRO EA 81 -78.59 0.66 39.41
N ARG EA 82 -78.68 1.87 38.87
CA ARG EA 82 -78.11 2.14 37.56
C ARG EA 82 -76.60 2.18 37.64
N VAL EA 83 -75.95 1.69 36.59
CA VAL EA 83 -74.52 1.45 36.58
C VAL EA 83 -73.83 2.57 35.83
N GLU EA 84 -72.69 3.02 36.36
CA GLU EA 84 -71.81 3.94 35.69
C GLU EA 84 -70.44 3.31 35.53
N ILE EA 85 -69.69 3.81 34.56
CA ILE EA 85 -68.39 3.24 34.24
C ILE EA 85 -67.36 3.57 35.33
N ALA EA 86 -67.59 4.67 36.06
CA ALA EA 86 -66.67 5.05 37.13
C ALA EA 86 -66.76 4.15 38.35
N GLN EA 87 -67.79 3.30 38.45
CA GLN EA 87 -67.90 2.42 39.61
C GLN EA 87 -66.90 1.28 39.57
N MET EA 88 -66.47 0.88 38.39
CA MET EA 88 -65.51 -0.21 38.26
C MET EA 88 -64.08 0.23 38.57
N PHE EA 89 -63.80 1.52 38.51
CA PHE EA 89 -62.46 2.06 38.77
C PHE EA 89 -62.56 3.05 39.93
N PRO EA 90 -62.50 2.56 41.16
CA PRO EA 90 -62.54 3.46 42.32
C PRO EA 90 -61.21 4.17 42.47
N ALA EA 91 -61.24 5.27 43.24
CA ALA EA 91 -60.05 6.07 43.47
C ALA EA 91 -59.28 5.64 44.71
N ASP EA 92 -59.49 4.41 45.18
CA ASP EA 92 -58.84 3.92 46.39
C ASP EA 92 -57.53 3.21 46.11
N SER EA 93 -56.98 3.34 44.90
CA SER EA 93 -55.73 2.67 44.60
C SER EA 93 -54.54 3.55 44.95
N LEU EA 94 -53.36 2.94 44.92
CA LEU EA 94 -52.13 3.67 45.21
C LEU EA 94 -51.68 4.48 44.00
N VAL EA 95 -51.51 3.82 42.86
CA VAL EA 95 -51.36 4.50 41.58
C VAL EA 95 -52.55 4.12 40.72
N SER EA 96 -52.76 4.91 39.67
CA SER EA 96 -53.85 4.68 38.73
C SER EA 96 -53.28 4.59 37.33
N SER EA 97 -53.71 3.57 36.58
CA SER EA 97 -53.27 3.40 35.22
C SER EA 97 -53.91 4.48 34.33
N PRO EA 98 -53.32 4.74 33.16
CA PRO EA 98 -54.00 5.65 32.21
C PRO EA 98 -55.31 5.10 31.68
N ARG EA 99 -55.50 3.79 31.70
CA ARG EA 99 -56.79 3.21 31.32
C ARG EA 99 -57.87 3.54 32.33
N ALA EA 100 -57.48 3.69 33.59
CA ALA EA 100 -58.48 3.97 34.61
C ALA EA 100 -58.69 5.45 34.73
N GLU EA 101 -57.68 6.26 34.40
CA GLU EA 101 -57.91 7.70 34.45
C GLU EA 101 -58.75 8.16 33.26
N LYS EA 102 -58.60 7.51 32.10
CA LYS EA 102 -59.45 7.86 30.98
C LYS EA 102 -60.87 7.37 31.21
N ALA EA 103 -61.01 6.11 31.66
CA ALA EA 103 -62.34 5.58 31.88
C ALA EA 103 -63.06 6.29 33.02
N ARG EA 104 -62.33 6.90 33.95
CA ARG EA 104 -62.95 7.72 34.97
C ARG EA 104 -63.17 9.16 34.53
N LEU EA 105 -62.68 9.54 33.35
CA LEU EA 105 -62.90 10.89 32.84
C LEU EA 105 -64.09 11.00 31.90
N TYR EA 106 -64.25 10.01 31.02
CA TYR EA 106 -65.44 9.97 30.17
C TYR EA 106 -66.68 9.74 30.99
N SER EA 107 -66.57 8.92 32.04
CA SER EA 107 -67.74 8.59 32.82
C SER EA 107 -68.24 9.76 33.66
N ALA EA 108 -67.44 10.81 33.83
CA ALA EA 108 -67.96 12.04 34.42
C ALA EA 108 -68.39 13.04 33.37
N ILE EA 109 -67.99 12.82 32.13
CA ILE EA 109 -68.43 13.74 31.08
C ILE EA 109 -69.84 13.35 30.62
N GLU EA 110 -70.07 12.06 30.38
CA GLU EA 110 -71.41 11.66 29.95
C GLU EA 110 -72.43 11.70 31.09
N GLN EA 111 -71.98 11.73 32.34
CA GLN EA 111 -72.89 12.04 33.44
C GLN EA 111 -73.22 13.51 33.52
N ARG EA 112 -72.30 14.40 33.11
CA ARG EA 112 -72.63 15.82 33.19
C ARG EA 112 -73.45 16.29 32.00
N LEU EA 113 -73.27 15.64 30.85
CA LEU EA 113 -74.04 16.04 29.66
C LEU EA 113 -75.50 15.67 29.76
N GLU EA 114 -75.83 14.56 30.42
CA GLU EA 114 -77.24 14.24 30.51
C GLU EA 114 -77.91 15.00 31.65
N GLN EA 115 -77.13 15.58 32.55
CA GLN EA 115 -77.71 16.47 33.53
C GLN EA 115 -77.86 17.86 32.96
N SER EA 116 -77.19 18.15 31.85
CA SER EA 116 -77.40 19.43 31.17
C SER EA 116 -78.44 19.34 30.07
N LEU EA 117 -78.80 18.12 29.66
CA LEU EA 117 -79.87 17.95 28.69
C LEU EA 117 -81.25 18.05 29.30
N GLN EA 118 -81.41 17.71 30.58
CA GLN EA 118 -82.71 17.82 31.24
C GLN EA 118 -83.12 19.26 31.49
N THR EA 119 -82.19 20.21 31.38
CA THR EA 119 -82.50 21.62 31.59
C THR EA 119 -82.84 22.34 30.29
N MET EA 120 -83.21 21.61 29.23
CA MET EA 120 -83.67 22.26 28.02
C MET EA 120 -85.15 22.56 28.15
N GLU EA 121 -85.80 22.95 27.06
CA GLU EA 121 -87.22 23.30 27.09
C GLU EA 121 -88.04 22.13 26.57
N GLY EA 122 -88.69 21.41 27.49
CA GLY EA 122 -89.57 20.33 27.13
C GLY EA 122 -89.01 18.96 27.40
N VAL EA 123 -87.73 18.84 27.72
CA VAL EA 123 -87.11 17.54 27.96
C VAL EA 123 -87.42 17.11 29.38
N LEU EA 124 -87.88 15.87 29.54
CA LEU EA 124 -88.12 15.31 30.87
C LEU EA 124 -86.97 14.44 31.34
N SER EA 125 -86.40 13.62 30.45
CA SER EA 125 -85.26 12.79 30.78
C SER EA 125 -84.45 12.57 29.52
N ALA EA 126 -83.20 12.17 29.72
CA ALA EA 126 -82.26 11.96 28.61
C ALA EA 126 -81.19 10.97 29.03
N ARG EA 127 -80.50 10.41 28.05
CA ARG EA 127 -79.45 9.42 28.29
C ARG EA 127 -78.43 9.45 27.17
N VAL EA 128 -77.17 9.76 27.50
CA VAL EA 128 -76.11 9.95 26.51
C VAL EA 128 -75.05 8.86 26.64
N HIS EA 129 -74.52 8.41 25.49
CA HIS EA 129 -73.43 7.44 25.43
C HIS EA 129 -72.30 8.00 24.58
N ILE EA 130 -71.07 7.72 25.00
CA ILE EA 130 -69.84 8.12 24.33
C ILE EA 130 -69.06 6.86 23.95
N SER EA 131 -68.37 6.93 22.82
CA SER EA 131 -67.50 5.84 22.41
C SER EA 131 -66.21 5.87 23.21
N TYR EA 132 -65.78 4.72 23.72
CA TYR EA 132 -64.61 4.63 24.59
C TYR EA 132 -63.40 4.13 23.83
N ASP EA 133 -62.29 4.87 23.96
CA ASP EA 133 -61.00 4.47 23.42
C ASP EA 133 -59.97 4.57 24.52
N ILE EA 134 -59.32 3.45 24.82
CA ILE EA 134 -58.40 3.36 25.95
C ILE EA 134 -57.01 2.92 25.56
N ASP EA 135 -56.85 2.19 24.45
CA ASP EA 135 -55.57 1.63 24.06
C ASP EA 135 -54.89 2.46 22.98
N ALA EA 136 -55.56 3.50 22.49
CA ALA EA 136 -54.95 4.35 21.47
C ALA EA 136 -53.84 5.22 22.05
N GLY EA 137 -53.82 5.39 23.37
CA GLY EA 137 -52.73 6.16 23.97
C GLY EA 137 -51.45 5.36 23.95
N GLU EA 138 -51.53 4.09 24.36
CA GLU EA 138 -50.36 3.23 24.35
C GLU EA 138 -50.02 2.72 22.96
N ASN EA 139 -50.91 2.89 21.98
CA ASN EA 139 -50.59 2.52 20.61
C ASN EA 139 -50.09 3.74 19.85
N GLY EA 140 -49.13 3.53 18.95
CA GLY EA 140 -48.58 4.61 18.16
C GLY EA 140 -49.49 5.16 17.09
N ARG EA 141 -50.61 4.48 16.82
CA ARG EA 141 -51.56 4.96 15.85
C ARG EA 141 -52.29 6.19 16.37
N PRO EA 142 -52.75 7.07 15.49
CA PRO EA 142 -53.57 8.20 15.93
C PRO EA 142 -54.91 7.71 16.45
N PRO EA 143 -55.53 8.44 17.37
CA PRO EA 143 -56.79 7.98 17.95
C PRO EA 143 -57.93 8.10 16.97
N LYS EA 144 -58.95 7.26 17.16
CA LYS EA 144 -60.08 7.20 16.26
C LYS EA 144 -60.99 8.40 16.48
N PRO EA 145 -61.99 8.57 15.62
CA PRO EA 145 -63.00 9.59 15.88
C PRO EA 145 -63.89 9.17 17.04
N VAL EA 146 -64.57 10.15 17.62
CA VAL EA 146 -65.41 9.94 18.79
C VAL EA 146 -66.88 10.05 18.42
N HIS EA 147 -67.68 9.07 18.85
CA HIS EA 147 -69.08 8.94 18.49
C HIS EA 147 -69.96 9.12 19.70
N LEU EA 148 -71.13 9.70 19.49
CA LEU EA 148 -72.09 9.97 20.55
C LEU EA 148 -73.45 9.42 20.16
N SER EA 149 -74.29 9.16 21.16
CA SER EA 149 -75.65 8.70 20.88
C SER EA 149 -76.53 9.03 22.08
N ALA EA 150 -77.62 9.75 21.86
CA ALA EA 150 -78.46 10.20 22.97
C ALA EA 150 -79.92 9.86 22.75
N LEU EA 151 -80.64 9.71 23.87
CA LEU EA 151 -82.07 9.53 23.88
C LEU EA 151 -82.73 10.60 24.73
N ALA EA 152 -84.01 10.83 24.50
CA ALA EA 152 -84.76 11.84 25.25
C ALA EA 152 -86.24 11.50 25.26
N VAL EA 153 -86.92 11.99 26.29
CA VAL EA 153 -88.37 11.84 26.41
C VAL EA 153 -88.99 13.22 26.54
N TYR EA 154 -89.81 13.59 25.57
CA TYR EA 154 -90.36 14.92 25.44
C TYR EA 154 -91.81 14.98 25.90
N GLU EA 155 -92.19 16.11 26.48
CA GLU EA 155 -93.57 16.35 26.82
C GLU EA 155 -94.40 16.50 25.55
N ARG EA 156 -95.58 15.87 25.53
CA ARG EA 156 -96.39 15.83 24.32
C ARG EA 156 -96.98 17.19 23.99
N GLY EA 157 -97.33 17.35 22.73
CA GLY EA 157 -97.68 18.64 22.18
C GLY EA 157 -96.52 19.38 21.55
N SER EA 158 -95.36 18.76 21.48
CA SER EA 158 -94.08 19.22 20.96
C SER EA 158 -93.87 18.73 19.54
N PRO EA 159 -93.41 19.60 18.64
CA PRO EA 159 -93.02 19.13 17.31
C PRO EA 159 -91.68 18.40 17.34
N LEU EA 160 -91.71 17.11 17.61
CA LEU EA 160 -90.52 16.35 17.96
C LEU EA 160 -89.65 15.98 16.75
N ALA EA 161 -89.91 16.53 15.57
CA ALA EA 161 -89.00 16.38 14.44
C ALA EA 161 -88.02 17.53 14.31
N HIS EA 162 -88.35 18.72 14.84
CA HIS EA 162 -87.46 19.86 14.80
C HIS EA 162 -86.55 19.98 16.02
N GLN EA 163 -86.62 19.05 16.97
CA GLN EA 163 -85.81 19.10 18.18
C GLN EA 163 -84.46 18.41 18.01
N ILE EA 164 -84.30 17.61 16.96
CA ILE EA 164 -83.05 16.88 16.78
C ILE EA 164 -81.95 17.83 16.34
N SER EA 165 -82.32 18.92 15.67
CA SER EA 165 -81.32 19.88 15.24
C SER EA 165 -80.76 20.68 16.40
N ASP EA 166 -81.50 20.78 17.51
CA ASP EA 166 -81.00 21.52 18.65
C ASP EA 166 -80.21 20.63 19.59
N ILE EA 167 -80.61 19.37 19.72
CA ILE EA 167 -79.78 18.49 20.54
C ILE EA 167 -78.48 18.18 19.81
N LYS EA 168 -78.52 18.12 18.48
CA LYS EA 168 -77.29 17.86 17.74
C LYS EA 168 -76.39 19.09 17.70
N ARG EA 169 -76.96 20.31 17.69
CA ARG EA 169 -76.12 21.49 17.72
C ARG EA 169 -75.49 21.66 19.09
N PHE EA 170 -76.18 21.21 20.14
CA PHE EA 170 -75.58 21.33 21.47
C PHE EA 170 -74.50 20.29 21.69
N LEU EA 171 -74.72 19.05 21.22
CA LEU EA 171 -73.75 17.98 21.44
C LEU EA 171 -72.60 17.95 20.46
N LYS EA 172 -72.62 18.77 19.40
CA LYS EA 172 -71.60 18.65 18.37
C LYS EA 172 -70.23 19.11 18.84
N ASN EA 173 -70.12 20.37 19.25
CA ASN EA 173 -68.83 20.94 19.62
C ASN EA 173 -68.61 21.01 21.12
N SER EA 174 -69.01 19.96 21.83
CA SER EA 174 -68.54 19.75 23.19
C SER EA 174 -67.43 18.72 23.25
N PHE EA 175 -66.78 18.42 22.12
CA PHE EA 175 -65.68 17.47 22.03
C PHE EA 175 -64.67 17.99 21.02
N ALA EA 176 -63.72 17.13 20.66
CA ALA EA 176 -62.65 17.55 19.77
C ALA EA 176 -63.13 17.71 18.34
N ASP EA 177 -63.57 16.62 17.72
CA ASP EA 177 -64.05 16.69 16.35
C ASP EA 177 -65.02 15.53 16.08
N VAL EA 178 -66.30 15.84 16.08
CA VAL EA 178 -67.30 14.88 15.63
C VAL EA 178 -67.89 15.42 14.34
N ASP EA 179 -68.58 14.56 13.62
CA ASP EA 179 -69.35 14.96 12.46
C ASP EA 179 -70.82 14.98 12.80
N TYR EA 180 -71.62 15.54 11.90
CA TYR EA 180 -73.05 15.56 12.11
C TYR EA 180 -73.70 14.22 11.81
N ASP EA 181 -72.96 13.26 11.26
CA ASP EA 181 -73.46 11.92 11.05
C ASP EA 181 -72.79 10.90 11.96
N ASN EA 182 -72.07 11.36 12.97
CA ASN EA 182 -71.58 10.50 14.04
C ASN EA 182 -72.37 10.69 15.33
N ILE EA 183 -73.43 11.50 15.29
CA ILE EA 183 -74.33 11.70 16.41
C ILE EA 183 -75.69 11.19 16.02
N SER EA 184 -76.31 10.40 16.90
CA SER EA 184 -77.63 9.83 16.65
C SER EA 184 -78.52 10.12 17.83
N VAL EA 185 -79.61 10.84 17.59
CA VAL EA 185 -80.56 11.23 18.62
C VAL EA 185 -81.86 10.50 18.35
N VAL EA 186 -82.30 9.70 19.31
CA VAL EA 186 -83.56 8.96 19.21
C VAL EA 186 -84.45 9.41 20.36
N LEU EA 187 -85.45 10.22 20.07
CA LEU EA 187 -86.29 10.80 21.10
C LEU EA 187 -87.75 10.46 20.86
N SER EA 188 -88.54 10.53 21.92
CA SER EA 188 -89.94 10.08 21.83
C SER EA 188 -90.79 10.85 22.82
N GLU EA 189 -92.09 10.91 22.53
CA GLU EA 189 -93.03 11.58 23.43
C GLU EA 189 -93.45 10.66 24.56
N ARG EA 190 -93.84 11.26 25.68
CA ARG EA 190 -94.17 10.50 26.87
C ARG EA 190 -95.53 9.84 26.75
N SER EA 191 -95.83 8.93 27.68
CA SER EA 191 -97.05 8.16 27.60
C SER EA 191 -98.23 9.00 28.06
N ASP EA 192 -99.42 8.42 28.00
CA ASP EA 192 -100.62 9.10 28.44
C ASP EA 192 -100.61 9.11 29.97
N ALA EA 193 -101.15 10.17 30.55
CA ALA EA 193 -101.06 10.37 31.99
C ALA EA 193 -102.01 9.44 32.72
N GLN EA 194 -101.57 9.00 33.90
CA GLN EA 194 -102.36 8.16 34.80
C GLN EA 194 -102.72 8.99 36.01
N LEU EA 195 -103.99 9.39 36.12
CA LEU EA 195 -104.43 10.28 37.16
C LEU EA 195 -105.51 9.72 38.06
N GLN EA 196 -106.30 8.75 37.61
CA GLN EA 196 -107.38 8.24 38.43
C GLN EA 196 -106.95 7.03 39.25
N ALA EA 197 -107.71 6.76 40.29
CA ALA EA 197 -107.42 5.72 41.27
C ALA EA 197 -107.77 4.35 40.70
N PRO EA 198 -107.09 3.29 41.17
CA PRO EA 198 -107.43 1.95 40.69
C PRO EA 198 -108.77 1.44 41.19
N GLY EA 199 -109.22 1.83 42.37
CA GLY EA 199 -110.48 1.34 42.86
C GLY EA 199 -110.31 0.01 43.58
N THR EA 200 -110.99 -0.14 44.71
CA THR EA 200 -110.80 -1.32 45.53
C THR EA 200 -111.59 -2.49 44.97
N PRO EA 201 -111.03 -3.71 45.02
CA PRO EA 201 -111.80 -4.89 44.60
C PRO EA 201 -112.93 -5.21 45.56
N VAL EA 202 -114.15 -5.00 45.13
CA VAL EA 202 -115.30 -5.24 45.99
C VAL EA 202 -115.59 -6.73 46.08
N LYS EA 203 -115.99 -7.17 47.27
CA LYS EA 203 -116.27 -8.57 47.52
C LYS EA 203 -117.65 -8.75 48.14
N ALA FA 171 -28.09 95.33 85.66
CA ALA FA 171 -26.81 96.01 85.51
C ALA FA 171 -26.65 96.53 84.08
N GLU FA 172 -25.61 97.32 83.86
CA GLU FA 172 -25.34 97.86 82.54
C GLU FA 172 -24.79 96.77 81.62
N LEU FA 173 -24.80 97.06 80.31
CA LEU FA 173 -24.61 96.02 79.31
C LEU FA 173 -23.17 95.53 79.23
N ASP FA 174 -22.19 96.39 79.45
CA ASP FA 174 -20.81 96.01 79.25
C ASP FA 174 -20.24 95.14 80.36
N SER FA 175 -21.02 94.81 81.38
CA SER FA 175 -20.62 93.84 82.39
C SER FA 175 -21.30 92.49 82.24
N LEU FA 176 -22.38 92.41 81.48
CA LEU FA 176 -23.07 91.15 81.27
C LEU FA 176 -22.39 90.24 80.27
N LEU FA 177 -21.42 90.74 79.52
CA LEU FA 177 -20.63 89.91 78.63
C LEU FA 177 -19.52 89.24 79.43
N GLY FA 178 -18.53 88.67 78.77
CA GLY FA 178 -17.52 87.89 79.45
C GLY FA 178 -16.56 88.71 80.31
N GLN FA 179 -15.59 88.00 80.88
CA GLN FA 179 -14.58 88.62 81.73
C GLN FA 179 -13.63 89.49 80.92
N GLU FA 180 -13.27 89.04 79.73
CA GLU FA 180 -12.39 89.77 78.83
C GLU FA 180 -13.18 90.94 78.26
N LYS FA 181 -12.93 92.15 78.76
CA LYS FA 181 -13.62 93.35 78.30
C LYS FA 181 -12.87 94.04 77.18
N GLU FA 182 -12.50 93.28 76.16
CA GLU FA 182 -11.79 93.82 75.01
C GLU FA 182 -12.34 93.36 73.68
N ARG FA 183 -13.05 92.24 73.62
CA ARG FA 183 -13.48 91.73 72.33
C ARG FA 183 -14.77 92.37 71.84
N PHE FA 184 -15.57 92.94 72.73
CA PHE FA 184 -16.78 93.66 72.36
C PHE FA 184 -16.60 95.15 72.60
N GLN FA 185 -17.33 95.94 71.82
CA GLN FA 185 -17.30 97.40 71.94
C GLN FA 185 -18.72 97.92 71.76
N VAL FA 186 -19.30 98.44 72.84
CA VAL FA 186 -20.66 98.95 72.81
C VAL FA 186 -20.67 100.39 72.30
N LEU FA 187 -21.67 100.72 71.49
CA LEU FA 187 -21.84 102.03 70.90
C LEU FA 187 -23.25 102.51 71.20
N PRO FA 188 -23.42 103.75 71.69
CA PRO FA 188 -24.77 104.27 71.94
C PRO FA 188 -25.43 104.72 70.64
N GLY FA 189 -26.70 104.33 70.45
CA GLY FA 189 -27.39 104.67 69.23
C GLY FA 189 -28.08 106.01 69.32
N ARG FA 190 -28.59 106.47 68.17
CA ARG FA 190 -29.32 107.73 68.12
C ARG FA 190 -30.82 107.53 68.26
N ASP FA 191 -31.32 106.34 67.93
CA ASP FA 191 -32.72 106.00 68.09
C ASP FA 191 -33.01 105.31 69.41
N LYS FA 192 -32.25 105.68 70.46
CA LYS FA 192 -32.37 105.12 71.83
C LYS FA 192 -32.17 103.61 71.84
N MET FA 193 -31.06 103.17 71.26
CA MET FA 193 -30.69 101.76 71.35
C MET FA 193 -29.24 101.64 71.78
N LEU FA 194 -28.71 100.43 71.76
CA LEU FA 194 -27.33 100.20 72.19
C LEU FA 194 -26.77 99.06 71.36
N TYR FA 195 -25.82 99.39 70.50
CA TYR FA 195 -25.27 98.44 69.53
C TYR FA 195 -24.01 97.83 70.10
N VAL FA 196 -23.82 96.54 69.88
CA VAL FA 196 -22.63 95.83 70.30
C VAL FA 196 -21.92 95.43 69.03
N ALA FA 197 -20.63 95.69 68.93
CA ALA FA 197 -19.95 95.45 67.66
C ALA FA 197 -19.04 94.25 67.84
N ALA FA 198 -19.52 93.08 67.40
CA ALA FA 198 -18.65 91.92 67.43
C ALA FA 198 -17.69 91.92 66.25
N GLN FA 199 -16.84 90.91 66.17
CA GLN FA 199 -15.84 90.86 65.11
C GLN FA 199 -15.94 89.65 64.21
N ASN FA 200 -16.60 88.59 64.64
CA ASN FA 200 -16.81 87.42 63.79
C ASN FA 200 -18.10 86.72 64.20
N GLU FA 201 -18.37 85.60 63.54
CA GLU FA 201 -19.58 84.85 63.85
C GLU FA 201 -19.46 84.02 65.11
N ARG FA 202 -18.24 83.82 65.62
CA ARG FA 202 -18.11 83.08 66.86
C ARG FA 202 -18.47 83.95 68.05
N ASP FA 203 -18.21 85.26 67.97
CA ASP FA 203 -18.60 86.17 69.04
C ASP FA 203 -19.95 86.82 68.81
N THR FA 204 -20.50 86.76 67.59
CA THR FA 204 -21.83 87.30 67.38
C THR FA 204 -22.89 86.43 68.05
N LEU FA 205 -22.72 85.10 68.00
CA LEU FA 205 -23.66 84.25 68.70
C LEU FA 205 -23.47 84.28 70.20
N TRP FA 206 -22.28 84.68 70.66
CA TRP FA 206 -22.04 84.87 72.09
C TRP FA 206 -22.80 86.09 72.58
N ALA FA 207 -22.75 87.17 71.81
CA ALA FA 207 -23.44 88.38 72.26
C ALA FA 207 -24.94 88.25 72.05
N ARG FA 208 -25.38 87.50 71.04
CA ARG FA 208 -26.80 87.36 70.80
C ARG FA 208 -27.46 86.36 71.73
N GLN FA 209 -26.69 85.50 72.41
CA GLN FA 209 -27.31 84.63 73.41
C GLN FA 209 -27.72 85.40 74.65
N VAL FA 210 -26.96 86.45 74.99
CA VAL FA 210 -27.27 87.27 76.14
C VAL FA 210 -28.56 88.03 75.90
N LEU FA 211 -28.66 88.68 74.74
CA LEU FA 211 -29.85 89.47 74.45
C LEU FA 211 -31.05 88.59 74.14
N ALA FA 212 -30.83 87.32 73.81
CA ALA FA 212 -31.94 86.45 73.48
C ALA FA 212 -32.53 85.79 74.71
N ARG FA 213 -31.71 85.43 75.70
CA ARG FA 213 -32.27 84.84 76.91
C ARG FA 213 -32.96 85.87 77.78
N GLY FA 214 -32.65 87.15 77.61
CA GLY FA 214 -33.41 88.22 78.20
C GLY FA 214 -32.92 88.78 79.51
N ASP FA 215 -31.62 88.75 79.77
CA ASP FA 215 -31.10 89.39 80.99
C ASP FA 215 -30.64 90.82 80.73
N TYR FA 216 -31.50 91.60 80.10
CA TYR FA 216 -31.26 93.02 79.92
C TYR FA 216 -32.61 93.69 79.71
N ASP FA 217 -32.82 94.82 80.39
CA ASP FA 217 -34.13 95.43 80.44
C ASP FA 217 -34.46 96.30 79.22
N LYS FA 218 -33.48 97.05 78.71
CA LYS FA 218 -33.75 97.94 77.60
C LYS FA 218 -33.48 97.24 76.27
N ASN FA 219 -33.51 97.98 75.18
CA ASN FA 219 -33.31 97.42 73.85
C ASN FA 219 -31.84 97.50 73.46
N ALA FA 220 -31.39 96.50 72.71
CA ALA FA 220 -30.02 96.43 72.25
C ALA FA 220 -29.96 95.58 70.99
N ARG FA 221 -28.87 95.75 70.24
CA ARG FA 221 -28.65 94.97 69.03
C ARG FA 221 -27.20 94.56 68.94
N VAL FA 222 -26.92 93.53 68.14
CA VAL FA 222 -25.56 93.07 67.89
C VAL FA 222 -25.27 93.23 66.41
N ILE FA 223 -24.26 94.02 66.08
CA ILE FA 223 -23.86 94.24 64.71
C ILE FA 223 -22.57 93.48 64.43
N ASN FA 224 -22.22 93.44 63.15
CA ASN FA 224 -21.12 92.64 62.63
C ASN FA 224 -20.52 93.37 61.44
N GLU FA 225 -19.36 92.92 61.02
CA GLU FA 225 -18.69 93.51 59.87
C GLU FA 225 -19.30 93.05 58.55
N ASN FA 226 -19.52 91.74 58.40
CA ASN FA 226 -20.02 91.20 57.14
C ASN FA 226 -21.54 91.28 57.01
N GLU FA 227 -22.27 91.26 58.12
CA GLU FA 227 -23.73 91.31 58.04
C GLU FA 227 -24.22 92.71 57.69
N GLU FA 228 -23.55 93.72 58.24
CA GLU FA 228 -23.88 95.10 57.93
C GLU FA 228 -23.42 95.46 56.54
N ASN FA 229 -22.50 94.70 55.96
CA ASN FA 229 -22.04 94.95 54.61
C ASN FA 229 -22.95 94.32 53.57
N LYS FA 230 -23.93 93.52 53.99
CA LYS FA 230 -24.95 93.04 53.07
C LYS FA 230 -26.29 93.72 53.30
N ARG FA 231 -26.50 94.31 54.48
CA ARG FA 231 -27.78 94.98 54.70
C ARG FA 231 -27.85 96.30 53.95
N ILE FA 232 -26.75 97.06 53.95
CA ILE FA 232 -26.75 98.33 53.25
C ILE FA 232 -26.30 98.12 51.81
N SER FA 233 -26.13 96.86 51.41
CA SER FA 233 -25.98 96.56 50.00
C SER FA 233 -27.27 96.07 49.41
N ILE FA 234 -28.18 95.57 50.24
CA ILE FA 234 -29.53 95.28 49.79
C ILE FA 234 -30.36 96.56 49.70
N TRP FA 235 -30.14 97.49 50.64
CA TRP FA 235 -30.79 98.80 50.52
C TRP FA 235 -30.28 99.62 49.34
N LEU FA 236 -29.02 99.46 48.95
CA LEU FA 236 -28.44 100.35 47.96
C LEU FA 236 -28.87 100.05 46.54
N ASP FA 237 -29.26 98.81 46.24
CA ASP FA 237 -29.70 98.46 44.89
C ASP FA 237 -31.19 98.61 44.68
N THR FA 238 -31.82 99.47 45.46
CA THR FA 238 -33.20 99.87 45.27
C THR FA 238 -33.29 101.38 45.09
N TYR FA 239 -32.56 102.15 45.88
CA TYR FA 239 -32.58 103.59 45.79
C TYR FA 239 -31.43 104.15 44.97
N TYR FA 240 -30.32 103.43 44.84
CA TYR FA 240 -29.18 103.88 44.04
C TYR FA 240 -28.68 102.74 43.16
N PRO FA 241 -29.42 102.37 42.12
CA PRO FA 241 -28.93 101.31 41.24
C PRO FA 241 -27.87 101.87 40.30
N GLN FA 242 -27.17 100.93 39.63
CA GLN FA 242 -26.03 101.21 38.74
C GLN FA 242 -24.95 102.02 39.45
N LEU FA 243 -24.64 101.64 40.68
CA LEU FA 243 -23.58 102.29 41.44
C LEU FA 243 -22.36 101.39 41.46
N ALA FA 244 -21.18 101.98 41.31
CA ALA FA 244 -19.93 101.23 41.28
C ALA FA 244 -19.19 101.47 42.58
N TYR FA 245 -19.15 100.46 43.44
CA TYR FA 245 -18.46 100.55 44.72
C TYR FA 245 -17.86 99.19 45.04
N TYR FA 246 -17.01 99.15 46.07
CA TYR FA 246 -16.34 97.92 46.45
C TYR FA 246 -16.77 97.42 47.82
N ARG FA 247 -16.64 98.24 48.86
CA ARG FA 247 -16.79 97.79 50.23
C ARG FA 247 -16.92 99.01 51.11
N ILE FA 248 -17.60 98.84 52.24
CA ILE FA 248 -17.62 99.83 53.30
C ILE FA 248 -16.85 99.27 54.49
N HIS FA 249 -15.85 100.03 54.96
CA HIS FA 249 -14.92 99.54 55.96
C HIS FA 249 -15.30 100.05 57.34
N PHE FA 250 -15.24 99.15 58.33
CA PHE FA 250 -15.66 99.46 59.68
C PHE FA 250 -14.52 99.30 60.66
N ASP FA 251 -13.35 99.84 60.32
CA ASP FA 251 -12.19 99.73 61.21
C ASP FA 251 -12.34 100.61 62.44
N GLU FA 252 -12.97 101.76 62.30
CA GLU FA 252 -13.47 102.52 63.45
C GLU FA 252 -14.97 102.66 63.28
N PRO FA 253 -15.78 102.08 64.17
CA PRO FA 253 -17.22 101.95 63.89
C PRO FA 253 -18.02 103.23 64.09
N ARG FA 254 -17.41 104.33 64.46
CA ARG FA 254 -18.13 105.59 64.56
C ARG FA 254 -17.92 106.51 63.38
N LYS FA 255 -16.91 106.24 62.55
CA LYS FA 255 -16.69 106.98 61.30
C LYS FA 255 -16.25 105.98 60.24
N PRO FA 256 -17.19 105.28 59.59
CA PRO FA 256 -16.80 104.31 58.58
C PRO FA 256 -16.35 104.98 57.29
N VAL FA 257 -15.67 104.18 56.47
CA VAL FA 257 -15.06 104.64 55.23
C VAL FA 257 -15.67 103.86 54.07
N PHE FA 258 -16.23 104.58 53.11
CA PHE FA 258 -16.91 104.01 51.96
C PHE FA 258 -16.01 104.12 50.74
N TRP FA 259 -15.64 102.97 50.18
CA TRP FA 259 -14.74 102.89 49.02
C TRP FA 259 -15.59 102.93 47.75
N LEU FA 260 -15.74 104.11 47.19
CA LEU FA 260 -16.47 104.30 45.94
C LEU FA 260 -15.50 104.23 44.76
N SER FA 261 -16.00 103.82 43.61
CA SER FA 261 -15.16 103.77 42.42
C SER FA 261 -15.11 105.15 41.79
N ARG FA 262 -14.02 105.42 41.07
CA ARG FA 262 -13.81 106.72 40.44
C ARG FA 262 -14.06 106.70 38.94
N GLN FA 263 -13.52 105.71 38.24
CA GLN FA 263 -13.55 105.66 36.79
C GLN FA 263 -14.80 105.00 36.24
N ARG FA 264 -15.87 104.93 37.03
CA ARG FA 264 -17.07 104.24 36.56
C ARG FA 264 -18.34 104.98 36.94
N ASN FA 265 -18.27 106.21 37.43
CA ASN FA 265 -19.48 106.93 37.80
C ASN FA 265 -19.28 108.41 37.57
N THR FA 266 -20.40 109.13 37.49
CA THR FA 266 -20.40 110.55 37.16
C THR FA 266 -21.27 111.31 38.16
N MET FA 267 -21.03 111.08 39.45
CA MET FA 267 -21.71 111.83 40.48
C MET FA 267 -20.86 113.02 40.88
N SER FA 268 -21.48 114.19 40.97
CA SER FA 268 -20.75 115.40 41.32
C SER FA 268 -20.60 115.51 42.84
N LYS FA 269 -19.97 116.62 43.25
CA LYS FA 269 -19.73 116.86 44.67
C LYS FA 269 -21.02 117.19 45.40
N LYS FA 270 -21.95 117.85 44.72
CA LYS FA 270 -23.20 118.25 45.36
C LYS FA 270 -24.06 117.04 45.68
N GLU FA 271 -23.99 116.01 44.82
CA GLU FA 271 -24.79 114.82 45.04
C GLU FA 271 -24.01 113.69 45.69
N LEU FA 272 -22.74 113.93 46.05
CA LEU FA 272 -22.09 112.98 46.94
C LEU FA 272 -22.37 113.26 48.40
N GLU FA 273 -22.81 114.47 48.74
CA GLU FA 273 -23.24 114.73 50.10
C GLU FA 273 -24.66 114.27 50.36
N VAL FA 274 -25.46 114.11 49.31
CA VAL FA 274 -26.77 113.50 49.49
C VAL FA 274 -26.60 112.03 49.82
N LEU FA 275 -25.65 111.36 49.15
CA LEU FA 275 -25.37 109.96 49.47
C LEU FA 275 -24.71 109.83 50.83
N SER FA 276 -23.87 110.80 51.19
CA SER FA 276 -23.22 110.72 52.49
C SER FA 276 -24.14 111.12 53.63
N GLN FA 277 -25.28 111.72 53.32
CA GLN FA 277 -26.26 112.03 54.35
C GLN FA 277 -27.37 111.00 54.41
N LYS FA 278 -27.62 110.27 53.33
CA LYS FA 278 -28.58 109.18 53.36
C LYS FA 278 -27.97 107.87 53.80
N LEU FA 279 -26.65 107.75 53.79
CA LEU FA 279 -26.02 106.59 54.40
C LEU FA 279 -25.90 106.73 55.91
N ARG FA 280 -25.87 107.95 56.40
CA ARG FA 280 -25.78 108.18 57.84
C ARG FA 280 -27.07 107.79 58.57
N ALA FA 281 -28.22 107.97 57.92
CA ALA FA 281 -29.49 107.61 58.55
C ALA FA 281 -29.73 106.12 58.57
N LEU FA 282 -28.96 105.31 57.85
CA LEU FA 282 -29.07 103.87 57.93
C LEU FA 282 -28.21 103.27 59.03
N MET FA 283 -27.18 103.97 59.47
CA MET FA 283 -26.27 103.51 60.51
C MET FA 283 -26.38 104.49 61.66
N PRO FA 284 -27.27 104.25 62.62
CA PRO FA 284 -27.47 105.23 63.70
C PRO FA 284 -26.33 105.31 64.68
N TYR FA 285 -25.47 104.31 64.75
CA TYR FA 285 -24.33 104.36 65.66
C TYR FA 285 -23.23 105.28 65.16
N ALA FA 286 -23.16 105.54 63.86
CA ALA FA 286 -22.07 106.33 63.30
C ALA FA 286 -22.39 107.82 63.36
N ASP FA 287 -21.34 108.63 63.32
CA ASP FA 287 -21.45 110.08 63.34
C ASP FA 287 -21.37 110.68 61.95
N SER FA 288 -20.51 110.14 61.10
CA SER FA 288 -20.40 110.60 59.72
C SER FA 288 -19.83 109.44 58.89
N VAL FA 289 -20.09 109.49 57.60
CA VAL FA 289 -19.55 108.51 56.65
C VAL FA 289 -18.55 109.21 55.76
N ASN FA 290 -17.35 108.66 55.65
CA ASN FA 290 -16.27 109.27 54.90
C ASN FA 290 -16.15 108.54 53.58
N ILE FA 291 -16.59 109.18 52.50
CA ILE FA 291 -16.59 108.57 51.18
C ILE FA 291 -15.31 108.94 50.47
N THR FA 292 -14.52 107.94 50.08
CA THR FA 292 -13.32 108.18 49.31
C THR FA 292 -13.39 107.40 48.00
N LEU FA 293 -12.78 107.97 46.96
CA LEU FA 293 -12.85 107.44 45.60
C LEU FA 293 -11.56 106.71 45.30
N MET FA 294 -11.61 105.39 45.32
CA MET FA 294 -10.46 104.57 45.03
C MET FA 294 -10.26 104.44 43.53
N ASP FA 295 -9.03 104.12 43.14
CA ASP FA 295 -8.73 103.96 41.74
C ASP FA 295 -9.24 102.61 41.26
N ASP FA 296 -9.28 102.43 39.96
CA ASP FA 296 -9.83 101.21 39.39
C ASP FA 296 -8.78 100.31 38.76
N VAL FA 297 -7.61 100.84 38.43
CA VAL FA 297 -6.56 100.02 37.84
C VAL FA 297 -5.67 99.36 38.90
N THR FA 298 -5.50 99.97 40.07
CA THR FA 298 -4.74 99.33 41.12
C THR FA 298 -5.50 98.19 41.79
N ALA FA 299 -6.84 98.23 41.73
CA ALA FA 299 -7.66 97.16 42.27
C ALA FA 299 -7.53 95.88 41.45
N ALA FA 300 -7.35 96.00 40.15
CA ALA FA 300 -7.13 94.83 39.32
C ALA FA 300 -5.66 94.56 39.06
N GLY FA 301 -4.78 95.49 39.40
CA GLY FA 301 -3.36 95.28 39.27
C GLY FA 301 -2.77 94.56 40.46
N GLN FA 302 -3.38 94.74 41.63
CA GLN FA 302 -2.92 94.01 42.80
C GLN FA 302 -3.37 92.57 42.80
N ALA FA 303 -4.39 92.23 42.04
CA ALA FA 303 -4.81 90.84 41.97
C ALA FA 303 -3.94 90.06 41.01
N GLU FA 304 -3.46 90.72 39.96
CA GLU FA 304 -2.56 90.08 39.02
C GLU FA 304 -1.17 89.98 39.62
N ALA FA 305 -0.69 91.03 40.28
CA ALA FA 305 0.63 90.95 40.86
C ALA FA 305 0.64 90.03 42.08
N GLY FA 306 -0.47 89.94 42.82
CA GLY FA 306 -0.53 88.98 43.90
C GLY FA 306 -0.71 87.55 43.44
N LEU FA 307 -1.22 87.36 42.22
CA LEU FA 307 -1.38 86.02 41.70
C LEU FA 307 -0.14 85.53 40.97
N LYS FA 308 0.73 86.44 40.54
CA LYS FA 308 1.97 85.99 39.91
C LYS FA 308 3.01 85.59 40.94
N GLN FA 309 2.95 86.18 42.14
CA GLN FA 309 3.94 85.89 43.16
C GLN FA 309 3.78 84.52 43.78
N GLN FA 310 2.59 83.94 43.73
CA GLN FA 310 2.36 82.60 44.25
C GLN FA 310 2.67 81.51 43.24
N ALA FA 311 3.11 81.89 42.03
CA ALA FA 311 3.43 80.98 40.92
C ALA FA 311 2.25 80.09 40.55
N LEU FA 312 1.16 80.76 40.21
CA LEU FA 312 -0.06 80.06 39.87
C LEU FA 312 -0.40 80.26 38.40
N PRO FA 313 -0.78 79.22 37.69
CA PRO FA 313 -1.24 79.41 36.31
C PRO FA 313 -2.63 80.02 36.30
N TYR FA 314 -2.84 80.99 35.42
CA TYR FA 314 -4.10 81.70 35.40
C TYR FA 314 -4.36 82.23 33.99
N SER FA 315 -5.51 82.86 33.84
CA SER FA 315 -5.91 83.41 32.54
C SER FA 315 -6.88 84.55 32.80
N ARG FA 316 -6.41 85.77 32.55
CA ARG FA 316 -7.19 86.97 32.81
C ARG FA 316 -8.15 87.25 31.66
N ARG FA 317 -9.42 87.49 31.99
CA ARG FA 317 -10.44 87.85 31.01
C ARG FA 317 -11.00 89.22 31.39
N ASN FA 318 -10.71 90.22 30.58
CA ASN FA 318 -11.16 91.58 30.78
C ASN FA 318 -12.49 91.81 30.09
N HIS FA 319 -13.40 92.50 30.77
CA HIS FA 319 -14.59 93.05 30.13
C HIS FA 319 -14.95 94.34 30.85
N LYS FA 320 -15.99 95.01 30.37
CA LYS FA 320 -16.35 96.31 30.90
C LYS FA 320 -17.06 96.16 32.24
N GLY FA 321 -16.53 96.80 33.27
CA GLY FA 321 -17.15 96.75 34.57
C GLY FA 321 -16.91 95.47 35.33
N GLY FA 322 -15.65 95.06 35.43
CA GLY FA 322 -15.28 93.87 36.15
C GLY FA 322 -14.29 93.07 35.35
N VAL FA 323 -13.37 92.42 36.04
CA VAL FA 323 -12.44 91.49 35.40
C VAL FA 323 -12.59 90.14 36.06
N THR FA 324 -11.99 89.12 35.47
CA THR FA 324 -12.09 87.80 36.07
C THR FA 324 -10.83 87.01 35.79
N PHE FA 325 -10.46 86.16 36.75
CA PHE FA 325 -9.26 85.35 36.62
C PHE FA 325 -9.65 83.90 36.72
N VAL FA 326 -9.24 83.10 35.74
CA VAL FA 326 -9.59 81.69 35.69
C VAL FA 326 -8.35 80.85 35.95
N ILE FA 327 -8.43 80.00 36.96
CA ILE FA 327 -7.34 79.09 37.32
C ILE FA 327 -7.79 77.68 36.99
N GLN FA 328 -7.03 77.01 36.13
CA GLN FA 328 -7.35 75.67 35.66
C GLN FA 328 -6.13 74.79 35.78
N GLY FA 329 -6.33 73.49 35.65
CA GLY FA 329 -5.24 72.54 35.62
C GLY FA 329 -5.36 71.52 36.73
N ALA FA 330 -4.36 70.64 36.78
CA ALA FA 330 -4.26 69.63 37.81
C ALA FA 330 -3.33 70.14 38.91
N LEU FA 331 -3.85 71.08 39.68
CA LEU FA 331 -3.07 71.69 40.75
C LEU FA 331 -2.89 70.71 41.89
N ASP FA 332 -1.70 70.73 42.49
CA ASP FA 332 -1.44 69.90 43.66
C ASP FA 332 -1.78 70.66 44.94
N ASP FA 333 -1.38 70.07 46.07
CA ASP FA 333 -1.88 70.50 47.37
C ASP FA 333 -1.22 71.77 47.87
N VAL FA 334 -0.07 72.16 47.34
CA VAL FA 334 0.52 73.39 47.84
C VAL FA 334 -0.04 74.57 47.06
N GLU FA 335 -0.52 74.34 45.85
CA GLU FA 335 -1.08 75.42 45.07
C GLU FA 335 -2.56 75.60 45.31
N ILE FA 336 -3.26 74.58 45.82
CA ILE FA 336 -4.65 74.84 46.17
C ILE FA 336 -4.75 75.23 47.64
N LEU FA 337 -3.60 75.45 48.28
CA LEU FA 337 -3.58 76.06 49.58
C LEU FA 337 -3.03 77.48 49.53
N ARG FA 338 -2.11 77.75 48.60
CA ARG FA 338 -1.71 79.14 48.37
C ARG FA 338 -2.77 79.91 47.61
N ALA FA 339 -3.68 79.23 46.91
CA ALA FA 339 -4.72 79.98 46.23
C ALA FA 339 -5.81 80.37 47.22
N ARG FA 340 -6.12 79.49 48.17
CA ARG FA 340 -7.11 79.87 49.17
C ARG FA 340 -6.55 80.90 50.12
N GLN FA 341 -5.23 80.85 50.40
CA GLN FA 341 -4.66 81.83 51.30
C GLN FA 341 -4.46 83.18 50.62
N PHE FA 342 -4.55 83.25 49.30
CA PHE FA 342 -4.46 84.55 48.67
C PHE FA 342 -5.84 85.13 48.38
N VAL FA 343 -6.78 84.31 47.93
CA VAL FA 343 -8.12 84.78 47.63
C VAL FA 343 -8.84 85.22 48.90
N ASP FA 344 -8.71 84.46 50.00
CA ASP FA 344 -9.34 84.91 51.23
C ASP FA 344 -8.67 86.12 51.86
N SER FA 345 -7.42 86.41 51.51
CA SER FA 345 -6.78 87.64 51.98
C SER FA 345 -7.08 88.83 51.09
N TYR FA 346 -7.45 88.62 49.85
CA TYR FA 346 -7.80 89.70 48.94
C TYR FA 346 -9.27 90.10 49.05
N TYR FA 347 -10.14 89.11 49.31
CA TYR FA 347 -11.56 89.38 49.47
C TYR FA 347 -11.83 90.19 50.73
N ARG FA 348 -10.95 90.11 51.74
CA ARG FA 348 -11.18 90.84 52.98
C ARG FA 348 -10.99 92.33 52.76
N THR FA 349 -10.18 92.70 51.77
CA THR FA 349 -9.88 94.11 51.54
C THR FA 349 -10.80 94.69 50.48
N TRP FA 350 -10.85 94.09 49.28
CA TRP FA 350 -11.63 94.73 48.22
C TRP FA 350 -13.05 94.19 48.08
N GLY FA 351 -13.29 92.92 48.32
CA GLY FA 351 -14.59 92.34 48.10
C GLY FA 351 -14.78 91.87 46.67
N GLY FA 352 -15.83 91.06 46.47
CA GLY FA 352 -16.06 90.43 45.19
C GLY FA 352 -17.01 91.16 44.27
N ARG FA 353 -16.93 92.47 44.22
CA ARG FA 353 -17.80 93.23 43.33
C ARG FA 353 -17.20 93.44 41.95
N TYR FA 354 -15.89 93.58 41.85
CA TYR FA 354 -15.18 93.91 40.62
C TYR FA 354 -14.45 92.72 40.00
N VAL FA 355 -13.57 92.10 40.78
CA VAL FA 355 -12.69 91.04 40.31
C VAL FA 355 -13.07 89.75 41.01
N GLN FA 356 -13.21 88.68 40.23
CA GLN FA 356 -13.62 87.39 40.75
C GLN FA 356 -12.68 86.30 40.24
N PHE FA 357 -12.21 85.47 41.17
CA PHE FA 357 -11.37 84.33 40.84
C PHE FA 357 -12.24 83.11 40.63
N ALA FA 358 -11.76 82.19 39.82
CA ALA FA 358 -12.55 81.00 39.46
C ALA FA 358 -11.59 79.81 39.45
N ILE FA 359 -11.52 79.11 40.57
CA ILE FA 359 -10.67 77.93 40.70
C ILE FA 359 -11.46 76.72 40.24
N GLU FA 360 -10.97 76.03 39.21
CA GLU FA 360 -11.56 74.77 38.81
C GLU FA 360 -10.42 73.83 38.47
N LEU FA 361 -10.48 72.61 38.97
CA LEU FA 361 -9.38 71.67 38.82
C LEU FA 361 -9.86 70.43 38.09
N LYS FA 362 -9.14 70.09 37.02
CA LYS FA 362 -9.41 68.93 36.20
C LYS FA 362 -8.17 68.05 36.14
N ASP FA 363 -8.34 66.85 35.62
CA ASP FA 363 -7.22 65.91 35.53
C ASP FA 363 -6.47 66.07 34.21
N ASP FA 364 -5.23 65.58 34.21
CA ASP FA 364 -4.34 65.73 33.07
C ASP FA 364 -4.56 64.57 32.09
N TRP FA 365 -4.86 64.92 30.83
CA TRP FA 365 -5.03 63.88 29.83
C TRP FA 365 -3.71 63.35 29.31
N LEU FA 366 -2.60 64.00 29.62
CA LEU FA 366 -1.27 63.59 29.16
C LEU FA 366 -0.44 63.18 30.38
N LYS FA 367 -0.52 61.89 30.73
CA LYS FA 367 0.25 61.34 31.84
C LYS FA 367 1.27 60.32 31.35
N GLY FA 368 0.83 59.28 30.67
CA GLY FA 368 1.73 58.31 30.08
C GLY FA 368 1.70 58.42 28.57
N ARG FA 369 1.19 59.55 28.08
CA ARG FA 369 0.99 59.77 26.67
C ARG FA 369 2.11 60.59 26.06
N SER FA 370 2.38 60.33 24.79
CA SER FA 370 3.29 61.11 23.97
C SER FA 370 2.49 62.07 23.11
N PHE FA 371 2.99 63.27 22.94
CA PHE FA 371 2.22 64.28 22.25
C PHE FA 371 3.13 65.29 21.59
N GLN FA 372 2.58 66.04 20.65
CA GLN FA 372 3.31 67.11 19.99
C GLN FA 372 2.61 68.40 20.36
N TYR FA 373 3.39 69.40 20.80
CA TYR FA 373 2.85 70.67 21.25
C TYR FA 373 3.34 71.79 20.35
N GLY FA 374 2.56 72.86 20.30
CA GLY FA 374 2.91 73.99 19.47
C GLY FA 374 1.76 74.44 18.60
N ALA FA 375 2.06 74.63 17.32
CA ALA FA 375 1.00 75.02 16.39
C ALA FA 375 0.22 73.80 15.94
N GLU FA 376 0.92 72.78 15.45
CA GLU FA 376 0.29 71.53 15.01
C GLU FA 376 0.33 70.55 16.17
N GLY FA 377 -0.61 70.72 17.10
CA GLY FA 377 -0.65 69.90 18.32
C GLY FA 377 -1.55 68.69 18.23
N TYR FA 378 -1.08 67.55 18.74
CA TYR FA 378 -1.93 66.37 18.85
C TYR FA 378 -1.45 65.48 19.99
N ILE FA 379 -2.34 64.63 20.48
CA ILE FA 379 -2.03 63.72 21.58
C ILE FA 379 -2.21 62.29 21.10
N LYS FA 380 -1.16 61.48 21.22
CA LYS FA 380 -1.22 60.08 20.80
C LYS FA 380 -1.72 59.26 21.98
N MET FA 381 -2.99 58.90 21.97
CA MET FA 381 -3.55 58.14 23.09
C MET FA 381 -3.21 56.67 23.06
N SER FA 382 -2.60 56.19 21.99
CA SER FA 382 -2.23 54.81 21.75
C SER FA 382 -1.25 54.85 20.59
N PRO FA 383 -0.51 53.77 20.31
CA PRO FA 383 0.30 53.76 19.08
C PRO FA 383 -0.50 53.91 17.79
N GLY FA 384 -1.78 53.58 17.77
CA GLY FA 384 -2.57 53.75 16.56
C GLY FA 384 -3.79 54.61 16.79
N HIS FA 385 -3.68 55.68 17.57
CA HIS FA 385 -4.85 56.50 17.90
C HIS FA 385 -4.38 57.93 18.15
N TRP FA 386 -4.77 58.85 17.28
CA TRP FA 386 -4.46 60.25 17.39
C TRP FA 386 -5.65 61.03 17.93
N TYR FA 387 -5.38 62.13 18.61
CA TYR FA 387 -6.44 62.99 19.13
C TYR FA 387 -6.04 64.43 18.84
N PHE FA 388 -6.78 65.07 17.95
CA PHE FA 388 -6.54 66.47 17.61
C PHE FA 388 -7.48 67.32 18.44
N PRO FA 389 -7.00 68.07 19.41
CA PRO FA 389 -7.90 68.76 20.33
C PRO FA 389 -8.44 70.05 19.72
N SER FA 390 -9.22 70.76 20.51
CA SER FA 390 -9.84 72.00 20.09
C SER FA 390 -8.81 73.12 20.08
N PRO FA 391 -8.87 74.03 19.09
CA PRO FA 391 -7.94 75.16 19.02
C PRO FA 391 -8.17 76.19 20.12
N ALA GA 171 -52.81 94.74 76.64
CA ALA GA 171 -52.21 93.69 75.84
C ALA GA 171 -51.77 94.22 74.48
N GLU GA 172 -50.56 94.76 74.43
CA GLU GA 172 -50.01 95.30 73.20
C GLU GA 172 -49.61 94.16 72.26
N LEU GA 173 -49.49 94.50 70.97
CA LEU GA 173 -49.14 93.48 69.99
C LEU GA 173 -47.64 93.21 69.96
N ASP GA 174 -46.82 94.23 70.23
CA ASP GA 174 -45.38 94.04 70.14
C ASP GA 174 -44.80 93.20 71.27
N SER GA 175 -45.57 92.96 72.33
CA SER GA 175 -45.11 92.09 73.40
C SER GA 175 -45.56 90.65 73.21
N LEU GA 176 -46.61 90.41 72.42
CA LEU GA 176 -47.08 89.05 72.18
C LEU GA 176 -46.12 88.27 71.28
N LEU GA 177 -45.29 88.95 70.51
CA LEU GA 177 -44.28 88.30 69.69
C LEU GA 177 -43.08 87.95 70.56
N GLY GA 178 -41.95 87.63 69.91
CA GLY GA 178 -40.77 87.16 70.61
C GLY GA 178 -40.09 88.22 71.47
N GLN GA 179 -38.96 87.81 72.03
CA GLN GA 179 -38.22 88.67 72.95
C GLN GA 179 -37.56 89.83 72.20
N GLU GA 180 -36.91 89.54 71.08
CA GLU GA 180 -36.24 90.57 70.30
C GLU GA 180 -37.25 91.32 69.43
N LYS GA 181 -37.36 92.63 69.65
CA LYS GA 181 -38.29 93.47 68.91
C LYS GA 181 -37.64 94.14 67.71
N GLU GA 182 -36.96 93.35 66.88
CA GLU GA 182 -36.27 93.89 65.72
C GLU GA 182 -36.60 93.16 64.43
N ARG GA 183 -37.23 91.99 64.48
CA ARG GA 183 -37.56 91.25 63.27
C ARG GA 183 -38.99 91.48 62.81
N PHE GA 184 -39.84 92.08 63.63
CA PHE GA 184 -41.20 92.40 63.24
C PHE GA 184 -41.43 93.89 63.33
N GLN GA 185 -42.46 94.36 62.64
CA GLN GA 185 -42.78 95.79 62.60
C GLN GA 185 -44.28 95.95 62.39
N VAL GA 186 -44.96 96.58 63.34
CA VAL GA 186 -46.41 96.71 63.33
C VAL GA 186 -46.81 98.05 62.68
N LEU GA 187 -47.56 97.97 61.59
CA LEU GA 187 -48.04 99.14 60.86
C LEU GA 187 -49.54 99.30 61.05
N PRO GA 188 -50.02 100.46 61.48
CA PRO GA 188 -51.47 100.68 61.62
C PRO GA 188 -52.13 100.94 60.27
N GLY GA 189 -53.15 100.14 59.89
CA GLY GA 189 -53.85 100.35 58.63
C GLY GA 189 -54.88 101.46 58.79
N ARG GA 190 -55.54 101.80 57.70
CA ARG GA 190 -56.53 102.88 57.82
C ARG GA 190 -57.93 102.33 57.98
N ASP GA 191 -58.11 101.02 57.89
CA ASP GA 191 -59.42 100.41 58.01
C ASP GA 191 -59.49 99.54 59.27
N LYS GA 192 -58.86 100.07 60.34
CA LYS GA 192 -58.86 99.49 61.69
C LYS GA 192 -58.29 98.07 61.76
N MET GA 193 -57.06 97.91 61.29
CA MET GA 193 -56.45 96.58 61.26
C MET GA 193 -54.93 96.68 61.28
N LEU GA 194 -54.30 96.01 62.24
CA LEU GA 194 -52.86 96.12 62.34
C LEU GA 194 -52.18 95.15 61.38
N TYR GA 195 -50.97 95.50 60.94
CA TYR GA 195 -50.24 94.72 59.97
C TYR GA 195 -48.85 94.43 60.51
N VAL GA 196 -48.46 93.16 60.53
CA VAL GA 196 -47.15 92.77 60.99
C VAL GA 196 -46.33 92.43 59.77
N ALA GA 197 -45.24 93.16 59.53
CA ALA GA 197 -44.46 92.98 58.32
C ALA GA 197 -43.28 92.08 58.65
N ALA GA 198 -43.32 90.84 58.17
CA ALA GA 198 -42.20 89.94 58.40
C ALA GA 198 -41.14 90.13 57.34
N GLN GA 199 -40.17 89.25 57.32
CA GLN GA 199 -39.07 89.31 56.36
C GLN GA 199 -38.99 88.04 55.54
N ASN GA 200 -39.18 86.88 56.16
CA ASN GA 200 -39.18 85.64 55.40
C ASN GA 200 -40.36 84.76 55.80
N GLU GA 201 -40.38 83.53 55.29
CA GLU GA 201 -41.50 82.64 55.55
C GLU GA 201 -41.46 82.08 56.95
N ARG GA 202 -40.27 81.98 57.54
CA ARG GA 202 -40.18 81.46 58.89
C ARG GA 202 -40.72 82.47 59.90
N ASP GA 203 -40.46 83.76 59.67
CA ASP GA 203 -41.04 84.72 60.59
C ASP GA 203 -42.51 84.96 60.29
N THR GA 204 -42.94 84.63 59.06
CA THR GA 204 -44.37 84.72 58.78
C THR GA 204 -45.12 83.62 59.50
N LEU GA 205 -44.51 82.45 59.63
CA LEU GA 205 -45.16 81.39 60.39
C LEU GA 205 -45.04 81.60 61.89
N TRP GA 206 -44.04 82.37 62.31
CA TRP GA 206 -43.91 82.69 63.73
C TRP GA 206 -44.98 83.68 64.15
N ALA GA 207 -45.41 84.54 63.24
CA ALA GA 207 -46.44 85.51 63.62
C ALA GA 207 -47.84 84.98 63.35
N ARG GA 208 -48.00 84.12 62.34
CA ARG GA 208 -49.31 83.56 62.11
C ARG GA 208 -49.68 82.50 63.13
N GLN GA 209 -48.71 81.91 63.85
CA GLN GA 209 -49.10 81.01 64.92
C GLN GA 209 -49.64 81.78 66.11
N VAL GA 210 -49.13 83.00 66.34
CA VAL GA 210 -49.60 83.83 67.43
C VAL GA 210 -51.02 84.27 67.15
N LEU GA 211 -51.27 84.75 65.93
CA LEU GA 211 -52.64 85.19 65.66
C LEU GA 211 -53.61 84.01 65.48
N ALA GA 212 -53.11 82.81 65.19
CA ALA GA 212 -53.99 81.66 65.00
C ALA GA 212 -54.43 81.07 66.33
N ARG GA 213 -53.56 81.07 67.35
CA ARG GA 213 -54.05 80.62 68.66
C ARG GA 213 -54.97 81.65 69.31
N GLY GA 214 -54.88 82.92 68.92
CA GLY GA 214 -55.91 83.89 69.23
C GLY GA 214 -55.73 84.68 70.50
N ASP GA 215 -54.51 85.06 70.83
CA ASP GA 215 -54.30 85.96 71.97
C ASP GA 215 -54.24 87.42 71.54
N TYR GA 216 -55.19 87.87 70.74
CA TYR GA 216 -55.30 89.28 70.37
C TYR GA 216 -56.71 89.50 69.85
N ASP GA 217 -57.51 90.26 70.59
CA ASP GA 217 -58.93 90.37 70.31
C ASP GA 217 -59.27 91.28 69.14
N LYS GA 218 -58.36 92.14 68.70
CA LYS GA 218 -58.64 93.02 67.58
C LYS GA 218 -58.19 92.35 66.27
N ASN GA 219 -58.21 93.09 65.17
CA ASN GA 219 -57.85 92.52 63.88
C ASN GA 219 -56.38 92.75 63.55
N ALA GA 220 -55.77 91.74 62.94
CA ALA GA 220 -54.37 91.82 62.56
C ALA GA 220 -54.12 90.87 61.41
N ARG GA 221 -53.15 91.24 60.58
CA ARG GA 221 -52.73 90.43 59.45
C ARG GA 221 -51.22 90.44 59.39
N VAL GA 222 -50.63 89.37 58.88
CA VAL GA 222 -49.19 89.27 58.71
C VAL GA 222 -48.89 89.36 57.22
N ILE GA 223 -48.05 90.32 56.83
CA ILE GA 223 -47.70 90.51 55.45
C ILE GA 223 -46.25 90.12 55.23
N ASN GA 224 -45.87 90.10 53.96
CA ASN GA 224 -44.56 89.70 53.47
C ASN GA 224 -44.24 90.52 52.24
N GLU GA 225 -43.13 90.19 51.58
CA GLU GA 225 -42.81 90.83 50.32
C GLU GA 225 -43.09 89.95 49.11
N ASN GA 226 -42.81 88.66 49.18
CA ASN GA 226 -43.11 87.76 48.08
C ASN GA 226 -44.58 87.44 47.99
N GLU GA 227 -45.32 87.55 49.08
CA GLU GA 227 -46.73 87.24 49.04
C GLU GA 227 -47.51 88.46 48.60
N GLU GA 228 -47.13 89.62 49.12
CA GLU GA 228 -47.80 90.86 48.76
C GLU GA 228 -47.46 91.30 47.34
N ASN GA 229 -46.34 90.84 46.78
CA ASN GA 229 -46.04 91.15 45.39
C ASN GA 229 -46.75 90.21 44.42
N LYS GA 230 -47.20 89.06 44.89
CA LYS GA 230 -48.04 88.16 44.10
C LYS GA 230 -49.52 88.38 44.34
N ARG GA 231 -49.86 89.16 45.36
CA ARG GA 231 -51.28 89.41 45.62
C ARG GA 231 -51.82 90.51 44.72
N ILE GA 232 -51.04 91.56 44.49
CA ILE GA 232 -51.52 92.68 43.69
C ILE GA 232 -51.01 92.60 42.25
N SER GA 233 -50.60 91.42 41.82
CA SER GA 233 -50.45 91.17 40.40
C SER GA 233 -51.60 90.35 39.83
N ILE GA 234 -52.37 89.69 40.71
CA ILE GA 234 -53.65 89.12 40.30
C ILE GA 234 -54.64 90.22 40.00
N TRP GA 235 -54.67 91.27 40.81
CA TRP GA 235 -55.56 92.40 40.54
C TRP GA 235 -55.10 93.16 39.31
N LEU GA 236 -53.80 93.26 39.12
CA LEU GA 236 -53.25 94.00 38.00
C LEU GA 236 -53.35 93.24 36.68
N ASP GA 237 -53.63 91.93 36.73
CA ASP GA 237 -53.79 91.19 35.48
C ASP GA 237 -55.24 91.08 35.09
N THR GA 238 -56.09 91.84 35.76
CA THR GA 238 -57.52 91.95 35.48
C THR GA 238 -57.91 93.38 35.17
N TYR GA 239 -57.42 94.34 35.95
CA TYR GA 239 -57.83 95.72 35.70
C TYR GA 239 -56.86 96.52 34.84
N TYR GA 240 -55.58 96.17 34.83
CA TYR GA 240 -54.58 96.84 34.02
C TYR GA 240 -53.75 95.83 33.24
N PRO GA 241 -54.32 95.19 32.23
CA PRO GA 241 -53.54 94.22 31.45
C PRO GA 241 -52.62 94.95 30.48
N GLN GA 242 -51.70 94.17 29.89
CA GLN GA 242 -50.66 94.64 28.97
C GLN GA 242 -49.79 95.74 29.58
N LEU GA 243 -49.56 95.70 30.88
CA LEU GA 243 -48.72 96.67 31.54
C LEU GA 243 -47.32 96.10 31.69
N ALA GA 244 -46.31 96.93 31.42
CA ALA GA 244 -44.92 96.50 31.51
C ALA GA 244 -44.34 97.04 32.80
N TYR GA 245 -44.16 96.17 33.78
CA TYR GA 245 -43.58 96.55 35.06
C TYR GA 245 -42.64 95.44 35.52
N TYR GA 246 -41.88 95.73 36.58
CA TYR GA 246 -40.86 94.82 37.06
C TYR GA 246 -41.15 94.29 38.45
N ARG GA 247 -41.29 95.15 39.44
CA ARG GA 247 -41.18 94.75 40.84
C ARG GA 247 -41.69 95.88 41.72
N ILE GA 248 -42.26 95.53 42.86
CA ILE GA 248 -42.72 96.49 43.85
C ILE GA 248 -41.87 96.30 45.10
N HIS GA 249 -41.13 97.34 45.48
CA HIS GA 249 -40.14 97.22 46.54
C HIS GA 249 -40.69 97.77 47.85
N PHE GA 250 -40.42 97.03 48.93
CA PHE GA 250 -40.91 97.38 50.25
C PHE GA 250 -39.77 97.61 51.22
N ASP GA 251 -38.74 98.34 50.81
CA ASP GA 251 -37.66 98.66 51.72
C ASP GA 251 -38.07 99.67 52.78
N GLU GA 252 -39.07 100.48 52.49
CA GLU GA 252 -39.76 101.29 53.50
C GLU GA 252 -41.24 100.97 53.37
N PRO GA 253 -41.84 100.24 54.32
CA PRO GA 253 -43.18 99.68 54.11
C PRO GA 253 -44.30 100.71 54.11
N ARG GA 254 -44.03 101.97 54.43
CA ARG GA 254 -45.04 103.01 54.34
C ARG GA 254 -44.96 103.79 53.03
N LYS GA 255 -43.87 103.64 52.27
CA LYS GA 255 -43.73 104.29 50.97
C LYS GA 255 -43.08 103.31 50.00
N PRO GA 256 -43.86 102.43 49.38
CA PRO GA 256 -43.29 101.49 48.42
C PRO GA 256 -42.93 102.18 47.11
N VAL GA 257 -42.19 101.42 46.30
CA VAL GA 257 -41.67 101.90 45.02
C VAL GA 257 -42.09 100.92 43.94
N PHE GA 258 -42.80 101.43 42.93
CA PHE GA 258 -43.26 100.65 41.80
C PHE GA 258 -42.31 100.86 40.63
N TRP GA 259 -41.70 99.78 40.16
CA TRP GA 259 -40.70 99.87 39.09
C TRP GA 259 -41.42 99.63 37.76
N LEU GA 260 -41.90 100.71 37.14
CA LEU GA 260 -42.56 100.63 35.86
C LEU GA 260 -41.51 100.69 34.76
N SER GA 261 -41.81 100.06 33.63
CA SER GA 261 -40.90 100.11 32.50
C SER GA 261 -41.08 101.41 31.74
N ARG GA 262 -40.03 101.82 31.05
CA ARG GA 262 -40.03 103.11 30.36
C ARG GA 262 -40.25 102.98 28.86
N GLN GA 263 -39.62 102.00 28.22
CA GLN GA 263 -39.63 101.90 26.77
C GLN GA 263 -40.68 100.92 26.26
N ARG GA 264 -41.67 100.57 27.09
CA ARG GA 264 -42.70 99.63 26.66
C ARG GA 264 -44.10 100.05 27.06
N ASN GA 265 -44.31 101.27 27.54
CA ASN GA 265 -45.64 101.75 27.91
C ASN GA 265 -45.93 103.05 27.19
N THR GA 266 -47.21 103.42 27.17
CA THR GA 266 -47.68 104.62 26.48
C THR GA 266 -48.62 105.40 27.41
N MET GA 267 -48.22 105.59 28.65
CA MET GA 267 -49.05 106.29 29.62
C MET GA 267 -48.53 107.71 29.80
N SER GA 268 -49.46 108.66 29.92
CA SER GA 268 -49.12 110.06 30.08
C SER GA 268 -48.95 110.40 31.55
N LYS GA 269 -48.85 111.69 31.86
CA LYS GA 269 -48.64 112.12 33.24
C LYS GA 269 -49.92 112.10 34.06
N LYS GA 270 -51.07 112.23 33.42
CA LYS GA 270 -52.33 112.36 34.16
C LYS GA 270 -52.84 111.01 34.65
N GLU GA 271 -52.86 110.00 33.78
CA GLU GA 271 -53.39 108.70 34.16
C GLU GA 271 -52.42 107.85 34.97
N LEU GA 272 -51.20 108.33 35.21
CA LEU GA 272 -50.34 107.68 36.19
C LEU GA 272 -50.70 108.05 37.62
N GLU GA 273 -51.42 109.15 37.81
CA GLU GA 273 -51.93 109.46 39.14
C GLU GA 273 -53.11 108.57 39.49
N VAL GA 274 -53.84 108.09 38.47
CA VAL GA 274 -54.94 107.18 38.74
C VAL GA 274 -54.40 105.83 39.19
N LEU GA 275 -53.30 105.38 38.58
CA LEU GA 275 -52.68 104.14 39.04
C LEU GA 275 -52.02 104.32 40.40
N SER GA 276 -51.50 105.51 40.69
CA SER GA 276 -50.88 105.73 41.99
C SER GA 276 -51.90 105.95 43.09
N GLN GA 277 -53.18 106.06 42.74
CA GLN GA 277 -54.21 106.14 43.76
C GLN GA 277 -55.02 104.86 43.87
N LYS GA 278 -55.14 104.09 42.80
CA LYS GA 278 -55.76 102.79 42.90
C LYS GA 278 -54.81 101.74 43.44
N LEU GA 279 -53.52 102.03 43.52
CA LEU GA 279 -52.64 101.12 44.23
C LEU GA 279 -52.53 101.51 45.71
N ARG GA 280 -52.73 102.80 46.01
CA ARG GA 280 -52.71 103.24 47.38
C ARG GA 280 -53.97 102.79 48.11
N ALA GA 281 -55.11 102.82 47.43
CA ALA GA 281 -56.32 102.32 48.05
C ALA GA 281 -56.31 100.80 48.18
N LEU GA 282 -55.48 100.12 47.39
CA LEU GA 282 -55.36 98.67 47.45
C LEU GA 282 -54.39 98.21 48.53
N MET GA 283 -53.46 99.07 48.94
CA MET GA 283 -52.55 98.75 50.05
C MET GA 283 -52.80 99.72 51.20
N PRO GA 284 -53.53 99.31 52.25
CA PRO GA 284 -53.97 100.27 53.27
C PRO GA 284 -52.88 100.79 54.18
N TYR GA 285 -51.79 100.05 54.40
CA TYR GA 285 -50.73 100.53 55.25
C TYR GA 285 -49.86 101.58 54.59
N ALA GA 286 -49.86 101.64 53.26
CA ALA GA 286 -48.98 102.55 52.55
C ALA GA 286 -49.54 103.96 52.61
N ASP GA 287 -48.69 104.92 52.95
CA ASP GA 287 -49.11 106.31 52.96
C ASP GA 287 -49.14 106.87 51.54
N SER GA 288 -48.13 106.57 50.75
CA SER GA 288 -48.07 107.00 49.35
C SER GA 288 -47.22 106.00 48.59
N VAL GA 289 -47.52 105.83 47.31
CA VAL GA 289 -46.80 104.92 46.44
C VAL GA 289 -46.02 105.75 45.43
N ASN GA 290 -44.73 105.45 45.27
CA ASN GA 290 -43.90 106.20 44.34
C ASN GA 290 -43.66 105.31 43.13
N ILE GA 291 -43.85 105.87 41.93
CA ILE GA 291 -43.72 105.12 40.69
C ILE GA 291 -42.52 105.67 39.91
N THR GA 292 -41.49 104.86 39.74
CA THR GA 292 -40.32 105.25 38.98
C THR GA 292 -40.23 104.45 37.69
N LEU GA 293 -39.83 105.13 36.62
CA LEU GA 293 -39.70 104.53 35.30
C LEU GA 293 -38.25 104.11 35.11
N MET GA 294 -38.01 102.80 35.09
CA MET GA 294 -36.68 102.24 34.93
C MET GA 294 -36.38 101.95 33.47
N ASP GA 295 -35.11 102.09 33.10
CA ASP GA 295 -34.69 101.84 31.74
C ASP GA 295 -34.69 100.33 31.47
N ASP GA 296 -34.70 99.99 30.18
CA ASP GA 296 -34.89 98.59 29.78
C ASP GA 296 -33.63 97.89 29.30
N VAL GA 297 -32.64 98.62 28.79
CA VAL GA 297 -31.42 97.97 28.34
C VAL GA 297 -30.43 97.78 29.49
N THR GA 298 -30.63 98.45 30.61
CA THR GA 298 -29.82 98.23 31.78
C THR GA 298 -30.34 97.10 32.64
N ALA GA 299 -31.52 96.56 32.32
CA ALA GA 299 -32.01 95.37 32.98
C ALA GA 299 -31.48 94.10 32.34
N ALA GA 300 -31.13 94.16 31.05
CA ALA GA 300 -30.50 93.03 30.40
C ALA GA 300 -28.99 93.16 30.28
N GLY GA 301 -28.44 94.38 30.39
CA GLY GA 301 -27.00 94.47 30.40
C GLY GA 301 -26.39 94.16 31.73
N GLN GA 302 -27.18 94.23 32.79
CA GLN GA 302 -26.67 93.81 34.07
C GLN GA 302 -26.83 92.32 34.25
N ALA GA 303 -27.77 91.73 33.53
CA ALA GA 303 -27.95 90.29 33.60
C ALA GA 303 -26.96 89.58 32.70
N GLU GA 304 -26.43 90.28 31.70
CA GLU GA 304 -25.41 89.67 30.87
C GLU GA 304 -24.02 89.88 31.49
N ALA GA 305 -23.79 91.05 32.10
CA ALA GA 305 -22.49 91.28 32.71
C ALA GA 305 -22.32 90.46 33.98
N GLY GA 306 -23.40 90.19 34.72
CA GLY GA 306 -23.25 89.29 35.86
C GLY GA 306 -23.08 87.84 35.44
N LEU GA 307 -23.64 87.47 34.29
CA LEU GA 307 -23.50 86.10 33.81
C LEU GA 307 -22.16 85.87 33.10
N LYS GA 308 -21.43 86.93 32.83
CA LYS GA 308 -20.12 86.77 32.21
C LYS GA 308 -18.99 86.72 33.23
N GLN GA 309 -19.17 87.28 34.43
CA GLN GA 309 -18.13 87.24 35.45
C GLN GA 309 -17.98 85.87 36.08
N GLN GA 310 -19.02 85.05 36.07
CA GLN GA 310 -18.91 83.72 36.64
C GLN GA 310 -18.35 82.70 35.67
N ALA GA 311 -18.01 83.13 34.45
CA ALA GA 311 -17.41 82.30 33.40
C ALA GA 311 -18.28 81.09 33.05
N LEU GA 312 -19.56 81.35 32.86
CA LEU GA 312 -20.55 80.35 32.53
C LEU GA 312 -20.86 80.39 31.04
N PRO GA 313 -21.04 79.26 30.39
CA PRO GA 313 -21.44 79.28 28.97
C PRO GA 313 -22.93 79.55 28.88
N TYR GA 314 -23.30 80.45 27.96
CA TYR GA 314 -24.69 80.84 27.87
C TYR GA 314 -25.05 81.11 26.43
N SER GA 315 -26.32 81.44 26.21
CA SER GA 315 -26.79 81.77 24.87
C SER GA 315 -28.01 82.67 25.00
N ARG GA 316 -27.83 83.95 24.67
CA ARG GA 316 -28.87 84.95 24.77
C ARG GA 316 -29.83 84.83 23.59
N ARG GA 317 -31.12 84.84 23.86
CA ARG GA 317 -32.14 84.80 22.81
C ARG GA 317 -32.97 86.06 22.99
N ASN GA 318 -32.75 87.03 22.09
CA ASN GA 318 -33.50 88.27 22.06
C ASN GA 318 -34.78 88.05 21.30
N HIS GA 319 -35.91 88.46 21.88
CA HIS GA 319 -37.16 88.53 21.15
C HIS GA 319 -37.99 89.67 21.72
N LYS GA 320 -39.18 89.86 21.17
CA LYS GA 320 -39.99 91.04 21.42
C LYS GA 320 -40.63 90.97 22.81
N GLY GA 321 -40.19 91.85 23.69
CA GLY GA 321 -40.75 91.95 25.02
C GLY GA 321 -40.26 90.90 26.00
N GLY GA 322 -38.94 90.80 26.13
CA GLY GA 322 -38.35 89.87 27.07
C GLY GA 322 -37.18 89.14 26.46
N VAL GA 323 -36.14 88.87 27.24
CA VAL GA 323 -35.01 88.10 26.75
C VAL GA 323 -34.88 86.82 27.57
N THR GA 324 -34.05 85.91 27.07
CA THR GA 324 -33.94 84.62 27.74
C THR GA 324 -32.52 84.10 27.59
N PHE GA 325 -31.89 83.81 28.71
CA PHE GA 325 -30.52 83.31 28.73
C PHE GA 325 -30.57 81.82 29.01
N VAL GA 326 -30.00 81.02 28.11
CA VAL GA 326 -30.06 79.57 28.18
C VAL GA 326 -28.67 79.06 28.52
N ILE GA 327 -28.58 78.36 29.66
CA ILE GA 327 -27.33 77.78 30.15
C ILE GA 327 -27.51 76.27 30.16
N GLN GA 328 -26.94 75.59 29.18
CA GLN GA 328 -27.07 74.14 29.06
C GLN GA 328 -25.69 73.49 29.07
N GLY GA 329 -25.67 72.19 28.90
CA GLY GA 329 -24.44 71.43 28.87
C GLY GA 329 -24.27 70.57 30.10
N ALA GA 330 -23.07 70.02 30.24
CA ALA GA 330 -22.69 69.21 31.39
C ALA GA 330 -21.81 70.06 32.31
N LEU GA 331 -22.46 70.84 33.16
CA LEU GA 331 -21.74 71.70 34.08
C LEU GA 331 -21.14 70.87 35.22
N ASP GA 332 -20.07 71.39 35.82
CA ASP GA 332 -19.46 70.71 36.95
C ASP GA 332 -20.06 71.24 38.26
N ASP GA 333 -19.47 70.86 39.39
CA ASP GA 333 -20.08 71.13 40.68
C ASP GA 333 -19.94 72.59 41.11
N VAL GA 334 -18.91 73.28 40.64
CA VAL GA 334 -18.72 74.66 41.06
C VAL GA 334 -19.56 75.61 40.19
N GLU GA 335 -19.78 75.24 38.93
CA GLU GA 335 -20.57 76.05 38.01
C GLU GA 335 -22.06 75.93 38.23
N ILE GA 336 -22.51 75.05 39.12
CA ILE GA 336 -23.91 75.02 39.50
C ILE GA 336 -24.15 75.90 40.72
N LEU GA 337 -23.24 75.86 41.68
CA LEU GA 337 -23.35 76.73 42.85
C LEU GA 337 -23.13 78.18 42.47
N ARG GA 338 -22.20 78.44 41.56
CA ARG GA 338 -21.93 79.81 41.15
C ARG GA 338 -23.03 80.36 40.25
N ALA GA 339 -23.79 79.49 39.58
CA ALA GA 339 -24.89 79.95 38.77
C ALA GA 339 -26.20 79.97 39.51
N ARG GA 340 -26.27 79.33 40.67
CA ARG GA 340 -27.45 79.40 41.52
C ARG GA 340 -27.37 80.56 42.50
N GLN GA 341 -26.16 81.03 42.79
CA GLN GA 341 -26.05 82.20 43.67
C GLN GA 341 -26.30 83.50 42.94
N PHE GA 342 -26.13 83.55 41.63
CA PHE GA 342 -26.34 84.77 40.88
C PHE GA 342 -27.80 84.96 40.50
N VAL GA 343 -28.48 83.88 40.14
CA VAL GA 343 -29.88 83.97 39.73
C VAL GA 343 -30.76 84.38 40.91
N ASP GA 344 -30.53 83.78 42.08
CA ASP GA 344 -31.31 84.14 43.26
C ASP GA 344 -30.93 85.52 43.81
N SER GA 345 -29.76 86.06 43.47
CA SER GA 345 -29.44 87.44 43.80
C SER GA 345 -29.95 88.43 42.77
N TYR GA 346 -30.31 87.95 41.59
CA TYR GA 346 -30.89 88.81 40.56
C TYR GA 346 -32.41 88.87 40.66
N TYR GA 347 -33.03 87.77 41.09
CA TYR GA 347 -34.46 87.73 41.25
C TYR GA 347 -34.92 88.61 42.41
N ARG GA 348 -34.03 88.85 43.38
CA ARG GA 348 -34.39 89.66 44.54
C ARG GA 348 -34.50 91.13 44.16
N THR GA 349 -33.84 91.56 43.09
CA THR GA 349 -33.80 92.96 42.72
C THR GA 349 -34.53 93.29 41.44
N TRP GA 350 -34.68 92.35 40.51
CA TRP GA 350 -35.32 92.67 39.24
C TRP GA 350 -36.62 91.93 38.98
N GLY GA 351 -36.87 90.80 39.62
CA GLY GA 351 -38.06 90.03 39.35
C GLY GA 351 -37.93 89.18 38.10
N GLY GA 352 -38.75 88.15 38.03
CA GLY GA 352 -38.70 87.24 36.89
C GLY GA 352 -39.70 87.58 35.81
N ARG GA 353 -39.92 88.87 35.58
CA ARG GA 353 -40.93 89.31 34.62
C ARG GA 353 -40.35 89.57 33.23
N TYR GA 354 -39.18 90.18 33.15
CA TYR GA 354 -38.58 90.53 31.86
C TYR GA 354 -37.61 89.50 31.31
N VAL GA 355 -36.55 89.19 32.06
CA VAL GA 355 -35.48 88.32 31.62
C VAL GA 355 -35.58 86.98 32.33
N GLN GA 356 -35.52 85.89 31.58
CA GLN GA 356 -35.69 84.56 32.15
C GLN GA 356 -34.42 83.74 31.98
N PHE GA 357 -33.94 83.17 33.08
CA PHE GA 357 -32.79 82.28 33.07
C PHE GA 357 -33.27 80.84 32.98
N ALA GA 358 -32.72 80.08 32.04
CA ALA GA 358 -33.11 78.71 31.80
C ALA GA 358 -31.85 77.86 31.93
N ILE GA 359 -31.55 77.44 33.15
CA ILE GA 359 -30.41 76.56 33.39
C ILE GA 359 -30.89 75.11 33.34
N GLU GA 360 -30.33 74.33 32.44
CA GLU GA 360 -30.73 72.95 32.23
C GLU GA 360 -29.51 72.05 32.20
N LEU GA 361 -29.50 71.03 33.04
CA LEU GA 361 -28.37 70.11 33.13
C LEU GA 361 -28.72 68.86 32.33
N LYS GA 362 -28.11 68.71 31.15
CA LYS GA 362 -28.33 67.54 30.33
C LYS GA 362 -27.01 67.06 29.76
N ASP GA 363 -26.98 65.78 29.37
CA ASP GA 363 -25.74 65.12 29.03
C ASP GA 363 -25.31 65.48 27.61
N ASP GA 364 -24.33 64.75 27.10
CA ASP GA 364 -23.81 64.94 25.75
C ASP GA 364 -24.86 64.50 24.74
N TRP GA 365 -25.41 65.44 23.99
CA TRP GA 365 -26.33 65.12 22.92
C TRP GA 365 -25.59 64.38 21.82
N LEU GA 366 -26.30 63.44 21.16
CA LEU GA 366 -25.74 62.49 20.18
C LEU GA 366 -24.61 61.70 20.85
N LYS GA 367 -25.06 60.87 21.80
CA LYS GA 367 -24.34 60.53 23.02
C LYS GA 367 -22.96 59.91 22.78
N GLY GA 368 -22.80 59.11 21.74
CA GLY GA 368 -21.51 58.53 21.47
C GLY GA 368 -21.30 58.38 19.98
N ARG GA 369 -22.11 59.12 19.24
CA ARG GA 369 -22.24 58.95 17.80
C ARG GA 369 -21.40 59.98 17.05
N SER GA 370 -20.78 59.55 15.96
CA SER GA 370 -20.12 60.48 15.05
C SER GA 370 -21.13 61.00 14.05
N PHE GA 371 -21.02 62.27 13.69
CA PHE GA 371 -21.98 62.90 12.79
C PHE GA 371 -21.26 63.90 11.91
N GLN GA 372 -21.94 64.30 10.84
CA GLN GA 372 -21.40 65.25 9.87
C GLN GA 372 -22.38 66.42 9.80
N TYR GA 373 -22.12 67.46 10.57
CA TYR GA 373 -23.09 68.52 10.81
C TYR GA 373 -23.15 69.54 9.69
N GLY GA 374 -24.30 70.20 9.58
CA GLY GA 374 -24.44 71.40 8.79
C GLY GA 374 -25.07 71.19 7.44
N ALA GA 375 -26.39 71.42 7.36
CA ALA GA 375 -27.19 71.59 6.15
C ALA GA 375 -27.33 70.32 5.29
N GLU GA 376 -26.54 69.30 5.59
CA GLU GA 376 -26.71 67.94 5.06
C GLU GA 376 -26.10 67.02 6.12
N GLY GA 377 -26.93 66.56 7.04
CA GLY GA 377 -26.47 65.91 8.24
C GLY GA 377 -26.83 64.44 8.24
N TYR GA 378 -25.97 63.63 8.87
CA TYR GA 378 -26.30 62.24 9.08
C TYR GA 378 -25.60 61.76 10.33
N ILE GA 379 -26.29 60.94 11.10
CA ILE GA 379 -25.72 60.33 12.29
C ILE GA 379 -25.27 58.92 11.91
N LYS GA 380 -24.14 58.51 12.45
CA LYS GA 380 -23.57 57.21 12.14
C LYS GA 380 -23.87 56.28 13.31
N MET GA 381 -24.90 55.47 13.15
CA MET GA 381 -25.26 54.54 14.22
C MET GA 381 -24.24 53.43 14.41
N SER GA 382 -23.52 53.09 13.35
CA SER GA 382 -22.55 52.01 13.34
C SER GA 382 -21.57 52.31 12.23
N PRO GA 383 -20.46 51.55 12.12
CA PRO GA 383 -19.62 51.69 10.94
C PRO GA 383 -20.31 51.39 9.61
N GLY GA 384 -21.45 50.70 9.62
CA GLY GA 384 -22.18 50.46 8.39
C GLY GA 384 -23.64 50.84 8.49
N HIS GA 385 -23.95 51.96 9.16
CA HIS GA 385 -25.34 52.33 9.40
C HIS GA 385 -25.47 53.85 9.43
N TRP GA 386 -26.35 54.37 8.60
CA TRP GA 386 -26.62 55.80 8.47
C TRP GA 386 -28.04 56.12 8.89
N TYR GA 387 -28.21 57.24 9.61
CA TYR GA 387 -29.51 57.75 10.01
C TYR GA 387 -29.57 59.18 9.52
N PHE GA 388 -30.71 59.58 8.93
CA PHE GA 388 -30.87 60.91 8.33
C PHE GA 388 -32.00 61.66 9.01
N PRO GA 389 -31.79 62.20 10.20
CA PRO GA 389 -32.77 63.08 10.83
C PRO GA 389 -32.59 64.50 10.37
N SER GA 390 -33.25 65.44 11.06
CA SER GA 390 -33.08 66.89 10.95
C SER GA 390 -31.61 67.29 10.89
N PRO GA 391 -31.23 68.35 10.15
CA PRO GA 391 -29.81 68.63 9.93
C PRO GA 391 -29.08 69.03 11.21
N LEU GA 392 -28.22 68.13 11.66
CA LEU GA 392 -27.50 68.30 12.91
C LEU GA 392 -26.36 69.30 12.75
N ALA HA 171 -76.09 83.25 66.62
CA ALA HA 171 -75.21 84.39 66.42
C ALA HA 171 -75.15 84.76 64.94
N GLU HA 172 -74.18 85.59 64.58
CA GLU HA 172 -73.99 86.01 63.20
C GLU HA 172 -73.14 84.99 62.46
N LEU HA 173 -73.18 85.07 61.13
CA LEU HA 173 -72.50 84.08 60.30
C LEU HA 173 -71.00 84.30 60.29
N ASP HA 174 -70.54 85.54 60.34
CA ASP HA 174 -69.12 85.82 60.24
C ASP HA 174 -68.35 85.57 61.54
N SER HA 175 -69.00 85.00 62.55
CA SER HA 175 -68.32 84.52 63.73
C SER HA 175 -68.42 83.01 63.89
N LEU HA 176 -69.28 82.35 63.13
CA LEU HA 176 -69.37 80.89 63.15
C LEU HA 176 -68.31 80.23 62.30
N LEU HA 177 -67.58 81.01 61.51
CA LEU HA 177 -66.46 80.52 60.72
C LEU HA 177 -65.21 80.52 61.58
N GLY HA 178 -64.04 80.41 60.96
CA GLY HA 178 -62.82 80.22 61.69
C GLY HA 178 -62.35 81.44 62.48
N GLN HA 179 -61.10 81.36 62.92
CA GLN HA 179 -60.54 82.37 63.82
C GLN HA 179 -60.27 83.67 63.08
N GLU HA 180 -59.69 83.59 61.89
CA GLU HA 180 -59.43 84.79 61.10
C GLU HA 180 -60.61 85.06 60.16
N LYS HA 181 -61.12 86.28 60.21
CA LYS HA 181 -62.14 86.70 59.25
C LYS HA 181 -61.51 87.38 58.06
N GLU HA 182 -60.49 86.74 57.48
CA GLU HA 182 -59.75 87.29 56.36
C GLU HA 182 -59.82 86.43 55.11
N ARG HA 183 -60.16 85.15 55.24
CA ARG HA 183 -60.21 84.26 54.08
C ARG HA 183 -61.61 84.07 53.53
N PHE HA 184 -62.63 84.55 54.21
CA PHE HA 184 -64.01 84.44 53.73
C PHE HA 184 -64.61 85.83 53.58
N GLN HA 185 -65.80 85.88 53.01
CA GLN HA 185 -66.44 87.18 52.82
C GLN HA 185 -67.94 86.97 52.71
N VAL HA 186 -68.71 87.63 53.57
CA VAL HA 186 -70.15 87.42 53.64
C VAL HA 186 -70.86 88.57 52.93
N LEU HA 187 -71.54 88.25 51.82
CA LEU HA 187 -72.26 89.16 50.97
C LEU HA 187 -73.77 89.01 51.14
N PRO HA 188 -74.50 90.13 51.25
CA PRO HA 188 -75.96 90.06 51.38
C PRO HA 188 -76.62 89.85 50.02
N GLY HA 189 -77.60 88.94 49.94
CA GLY HA 189 -78.28 88.67 48.69
C GLY HA 189 -79.55 89.48 48.56
N ARG HA 190 -79.98 89.65 47.32
CA ARG HA 190 -81.19 90.42 47.04
C ARG HA 190 -82.44 89.59 47.26
N ASP HA 191 -82.34 88.26 47.15
CA ASP HA 191 -83.46 87.37 47.38
C ASP HA 191 -83.49 86.83 48.81
N LYS HA 192 -82.98 87.63 49.77
CA LYS HA 192 -82.96 87.31 51.20
C LYS HA 192 -82.18 86.03 51.50
N MET HA 193 -81.00 85.91 50.92
CA MET HA 193 -80.04 84.87 51.24
C MET HA 193 -78.71 85.50 51.65
N LEU HA 194 -77.79 84.66 52.12
CA LEU HA 194 -76.51 85.15 52.61
C LEU HA 194 -75.40 84.35 51.94
N TYR HA 195 -74.69 84.97 51.00
CA TYR HA 195 -73.68 84.27 50.24
C TYR HA 195 -72.33 84.40 50.94
N VAL HA 196 -71.59 83.32 50.96
CA VAL HA 196 -70.26 83.26 51.55
C VAL HA 196 -69.31 83.07 50.38
N ALA HA 197 -68.39 83.97 50.23
CA ALA HA 197 -67.50 84.00 49.08
C ALA HA 197 -66.19 83.43 49.59
N ALA HA 198 -65.93 82.17 49.21
CA ALA HA 198 -64.64 81.57 49.49
C ALA HA 198 -63.69 81.92 48.36
N GLN HA 199 -62.51 81.31 48.33
CA GLN HA 199 -61.57 81.59 47.26
C GLN HA 199 -60.97 80.35 46.63
N ASN HA 200 -60.98 79.20 47.29
CA ASN HA 200 -60.46 77.99 46.69
C ASN HA 200 -61.33 76.81 47.12
N GLU HA 201 -60.90 75.62 46.73
CA GLU HA 201 -61.68 74.43 46.99
C GLU HA 201 -61.50 73.96 48.42
N ARG HA 202 -60.32 74.19 49.00
CA ARG HA 202 -60.09 73.74 50.36
C ARG HA 202 -60.89 74.58 51.35
N ASP HA 203 -61.06 75.88 51.09
CA ASP HA 203 -61.90 76.69 51.97
C ASP HA 203 -63.37 76.57 51.62
N THR HA 204 -63.69 75.98 50.46
CA THR HA 204 -65.09 75.78 50.15
C THR HA 204 -65.68 74.67 51.01
N LEU HA 205 -64.93 73.58 51.23
CA LEU HA 205 -65.44 72.54 52.11
C LEU HA 205 -65.37 72.94 53.57
N TRP HA 206 -64.55 73.95 53.90
CA TRP HA 206 -64.48 74.46 55.26
C TRP HA 206 -65.74 75.23 55.60
N ALA HA 207 -66.27 75.98 54.63
CA ALA HA 207 -67.49 76.72 54.95
C ALA HA 207 -68.74 75.90 54.67
N ARG HA 208 -68.65 74.93 53.76
CA ARG HA 208 -69.80 74.08 53.54
C ARG HA 208 -69.99 73.08 54.65
N GLN HA 209 -68.95 72.73 55.42
CA GLN HA 209 -69.17 71.85 56.56
C GLN HA 209 -69.95 72.57 57.65
N VAL HA 210 -69.69 73.87 57.80
CA VAL HA 210 -70.40 74.67 58.81
C VAL HA 210 -71.86 74.78 58.43
N LEU HA 211 -72.14 75.12 57.17
CA LEU HA 211 -73.55 75.25 56.81
C LEU HA 211 -74.25 73.90 56.67
N ALA HA 212 -73.50 72.80 56.52
CA ALA HA 212 -74.13 71.49 56.37
C ALA HA 212 -74.52 70.90 57.71
N ARG HA 213 -73.69 71.07 58.75
CA ARG HA 213 -74.07 70.53 60.05
C ARG HA 213 -75.16 71.35 60.71
N GLY HA 214 -75.39 72.58 60.25
CA GLY HA 214 -76.59 73.30 60.60
C GLY HA 214 -76.54 74.16 61.84
N ASP HA 215 -75.41 74.78 62.13
CA ASP HA 215 -75.36 75.75 63.23
C ASP HA 215 -75.60 77.16 62.73
N TYR HA 216 -76.66 77.35 61.95
CA TYR HA 216 -77.08 78.66 61.48
C TYR HA 216 -78.55 78.56 61.09
N ASP HA 217 -79.40 79.35 61.72
CA ASP HA 217 -80.85 79.21 61.61
C ASP HA 217 -81.45 79.85 60.37
N LYS HA 218 -80.64 80.34 59.43
CA LYS HA 218 -81.18 81.00 58.25
C LYS HA 218 -80.59 80.43 56.96
N ASN HA 219 -80.93 81.02 55.82
CA ASN HA 219 -80.48 80.52 54.54
C ASN HA 219 -79.13 81.12 54.17
N ALA HA 220 -78.26 80.30 53.61
CA ALA HA 220 -76.93 80.72 53.20
C ALA HA 220 -76.42 79.79 52.11
N ARG HA 221 -75.50 80.31 51.30
CA ARG HA 221 -74.89 79.57 50.21
C ARG HA 221 -73.41 79.89 50.17
N VAL HA 222 -72.61 78.95 49.68
CA VAL HA 222 -71.17 79.15 49.55
C VAL HA 222 -70.82 79.21 48.07
N ILE HA 223 -70.35 80.37 47.62
CA ILE HA 223 -69.99 80.54 46.24
C ILE HA 223 -68.48 80.55 46.08
N ASN HA 224 -68.04 80.47 44.83
CA ASN HA 224 -66.65 80.32 44.45
C ASN HA 224 -66.45 80.84 43.04
N GLU HA 225 -65.22 81.31 42.80
CA GLU HA 225 -64.86 81.90 41.50
C GLU HA 225 -64.77 80.85 40.41
N ASN HA 226 -64.36 79.63 40.74
CA ASN HA 226 -64.19 78.64 39.69
C ASN HA 226 -65.50 77.99 39.30
N GLU HA 227 -66.44 77.85 40.23
CA GLU HA 227 -67.64 77.08 39.97
C GLU HA 227 -68.85 77.94 39.71
N GLU HA 228 -68.83 79.23 40.05
CA GLU HA 228 -69.94 80.02 39.58
C GLU HA 228 -69.59 80.67 38.24
N ASN HA 229 -68.36 80.46 37.79
CA ASN HA 229 -68.02 80.72 36.41
C ASN HA 229 -68.42 79.56 35.51
N LYS HA 230 -68.56 78.35 36.06
CA LYS HA 230 -69.09 77.23 35.30
C LYS HA 230 -70.60 77.13 35.40
N ARG HA 231 -71.20 77.76 36.40
CA ARG HA 231 -72.64 77.66 36.57
C ARG HA 231 -73.38 78.53 35.56
N ILE HA 232 -72.91 79.75 35.33
CA ILE HA 232 -73.56 80.65 34.39
C ILE HA 232 -72.91 80.58 33.01
N SER HA 233 -72.19 79.51 32.73
CA SER HA 233 -71.86 79.12 31.37
C SER HA 233 -72.78 78.03 30.85
N ILE HA 234 -73.48 77.34 31.73
CA ILE HA 234 -74.54 76.43 31.32
C ILE HA 234 -75.80 77.19 30.91
N TRP HA 235 -76.09 78.29 31.61
CA TRP HA 235 -77.20 79.14 31.22
C TRP HA 235 -76.92 79.84 29.90
N LEU HA 236 -75.66 80.14 29.65
CA LEU HA 236 -75.30 81.01 28.54
C LEU HA 236 -75.39 80.29 27.22
N ASP HA 237 -75.09 78.98 27.18
CA ASP HA 237 -75.18 78.26 25.92
C ASP HA 237 -76.55 77.62 25.72
N THR HA 238 -77.55 78.09 26.44
CA THR HA 238 -78.94 77.77 26.22
C THR HA 238 -79.70 79.00 25.78
N TYR HA 239 -79.51 80.12 26.48
CA TYR HA 239 -80.22 81.33 26.09
C TYR HA 239 -79.44 82.27 25.17
N TYR HA 240 -78.13 82.12 25.04
CA TYR HA 240 -77.34 82.94 24.12
C TYR HA 240 -76.29 82.09 23.43
N PRO HA 241 -76.68 81.25 22.49
CA PRO HA 241 -75.69 80.42 21.79
C PRO HA 241 -74.92 81.25 20.76
N GLN HA 242 -73.81 80.67 20.31
CA GLN HA 242 -72.86 81.28 19.37
C GLN HA 242 -72.32 82.62 19.89
N LEU HA 243 -72.10 82.69 21.20
CA LEU HA 243 -71.53 83.87 21.83
C LEU HA 243 -70.04 83.67 21.98
N ALA HA 244 -69.27 84.71 21.73
CA ALA HA 244 -67.82 84.65 21.82
C ALA HA 244 -67.40 85.42 23.08
N TYR HA 245 -66.92 84.70 24.08
CA TYR HA 245 -66.54 85.33 25.34
C TYR HA 245 -65.44 84.51 25.99
N TYR HA 246 -64.80 85.09 27.01
CA TYR HA 246 -63.63 84.46 27.61
C TYR HA 246 -63.84 84.01 29.04
N ARG HA 247 -64.20 84.91 29.95
CA ARG HA 247 -64.00 84.68 31.37
C ARG HA 247 -64.74 85.74 32.16
N ILE HA 248 -65.20 85.39 33.36
CA ILE HA 248 -65.83 86.33 34.28
C ILE HA 248 -64.95 86.45 35.52
N HIS HA 249 -64.55 87.67 35.84
CA HIS HA 249 -63.58 87.92 36.90
C HIS HA 249 -64.28 88.45 38.15
N PHE HA 250 -63.99 87.86 39.29
CA PHE HA 250 -64.63 88.18 40.56
C PHE HA 250 -63.64 88.76 41.57
N ASP HA 251 -62.78 89.68 41.14
CA ASP HA 251 -61.86 90.31 42.07
C ASP HA 251 -62.58 91.28 43.00
N GLU HA 252 -63.67 91.89 42.54
CA GLU HA 252 -64.56 92.65 43.40
C GLU HA 252 -65.95 92.06 43.24
N PRO HA 253 -66.41 91.25 44.20
CA PRO HA 253 -67.59 90.40 43.98
C PRO HA 253 -68.93 91.13 43.99
N ARG HA 254 -68.95 92.45 44.04
CA ARG HA 254 -70.18 93.19 43.84
C ARG HA 254 -70.25 93.83 42.47
N LYS HA 255 -69.15 93.81 41.72
CA LYS HA 255 -69.11 94.33 40.36
C LYS HA 255 -68.20 93.46 39.52
N PRO HA 256 -68.69 92.32 39.04
CA PRO HA 256 -67.85 91.43 38.22
C PRO HA 256 -67.65 92.00 36.83
N VAL HA 257 -66.56 91.55 36.21
CA VAL HA 257 -66.15 92.01 34.89
C VAL HA 257 -66.35 90.88 33.89
N PHE HA 258 -67.09 91.15 32.83
CA PHE HA 258 -67.42 90.17 31.81
C PHE HA 258 -66.58 90.46 30.57
N TRP HA 259 -65.54 89.68 30.37
CA TRP HA 259 -64.61 89.83 29.25
C TRP HA 259 -65.24 89.24 28.00
N LEU HA 260 -65.69 90.09 27.08
CA LEU HA 260 -66.34 89.70 25.86
C LEU HA 260 -65.38 89.87 24.69
N SER HA 261 -65.61 89.11 23.63
CA SER HA 261 -64.77 89.22 22.45
C SER HA 261 -65.27 90.37 21.57
N ARG HA 262 -64.33 91.07 20.95
CA ARG HA 262 -64.69 92.22 20.12
C ARG HA 262 -64.80 91.86 18.64
N GLN HA 263 -63.87 91.09 18.11
CA GLN HA 263 -63.83 90.81 16.69
C GLN HA 263 -64.75 89.68 16.25
N ARG HA 264 -65.60 89.15 17.13
CA ARG HA 264 -66.47 88.04 16.75
C ARG HA 264 -67.92 88.21 17.19
N ASN HA 265 -68.31 89.38 17.66
CA ASN HA 265 -69.70 89.62 18.03
C ASN HA 265 -70.34 90.68 17.16
N THR HA 266 -71.67 90.60 17.05
CA THR HA 266 -72.46 91.55 16.27
C THR HA 266 -73.50 92.28 17.11
N MET HA 267 -73.36 92.24 18.44
CA MET HA 267 -74.36 92.82 19.31
C MET HA 267 -74.20 94.33 19.37
N SER HA 268 -75.33 95.04 19.31
CA SER HA 268 -75.31 96.49 19.34
C SER HA 268 -75.31 97.01 20.78
N LYS HA 269 -75.51 98.33 20.92
CA LYS HA 269 -75.53 98.96 22.23
C LYS HA 269 -76.80 98.62 22.98
N LYS HA 270 -77.93 98.53 22.27
CA LYS HA 270 -79.18 98.17 22.94
C LYS HA 270 -79.20 96.69 23.30
N GLU HA 271 -78.50 95.86 22.53
CA GLU HA 271 -78.48 94.43 22.79
C GLU HA 271 -77.49 94.06 23.88
N LEU HA 272 -76.44 94.86 24.10
CA LEU HA 272 -75.54 94.56 25.20
C LEU HA 272 -76.13 94.90 26.57
N GLU HA 273 -77.12 95.80 26.62
CA GLU HA 273 -77.69 96.15 27.91
C GLU HA 273 -78.71 95.12 28.39
N VAL HA 274 -79.31 94.38 27.47
CA VAL HA 274 -80.20 93.31 27.89
C VAL HA 274 -79.39 92.14 28.44
N LEU HA 275 -78.22 91.90 27.86
CA LEU HA 275 -77.35 90.85 28.40
C LEU HA 275 -76.78 91.28 29.74
N SER HA 276 -76.54 92.58 29.92
CA SER HA 276 -76.02 93.07 31.20
C SER HA 276 -77.08 92.98 32.29
N GLN HA 277 -78.35 93.08 31.93
CA GLN HA 277 -79.37 92.93 32.97
C GLN HA 277 -79.72 91.47 33.23
N LYS HA 278 -79.73 90.65 32.19
CA LYS HA 278 -80.05 89.25 32.38
C LYS HA 278 -78.91 88.46 32.98
N LEU HA 279 -77.68 88.98 32.99
CA LEU HA 279 -76.65 88.35 33.80
C LEU HA 279 -76.66 88.85 35.23
N ARG HA 280 -77.21 90.04 35.46
CA ARG HA 280 -77.38 90.55 36.82
C ARG HA 280 -78.44 89.75 37.57
N ALA HA 281 -79.45 89.30 36.84
CA ALA HA 281 -80.53 88.57 37.48
C ALA HA 281 -80.14 87.15 37.92
N LEU HA 282 -79.04 86.60 37.37
CA LEU HA 282 -78.60 85.28 37.80
C LEU HA 282 -77.77 85.33 39.08
N MET HA 283 -77.12 86.45 39.35
CA MET HA 283 -76.27 86.64 40.53
C MET HA 283 -76.92 87.65 41.45
N PRO HA 284 -77.69 87.20 42.45
CA PRO HA 284 -78.42 88.16 43.30
C PRO HA 284 -77.51 88.95 44.23
N TYR HA 285 -76.30 88.49 44.48
CA TYR HA 285 -75.40 89.26 45.33
C TYR HA 285 -74.80 90.45 44.59
N ALA HA 286 -74.68 90.35 43.26
CA ALA HA 286 -74.02 91.39 42.51
C ALA HA 286 -74.94 92.60 42.32
N ASP HA 287 -74.32 93.74 42.06
CA ASP HA 287 -75.04 94.98 41.83
C ASP HA 287 -75.15 95.32 40.35
N SER HA 288 -74.04 95.26 39.63
CA SER HA 288 -74.02 95.53 38.20
C SER HA 288 -72.84 94.81 37.58
N VAL HA 289 -73.06 94.17 36.44
CA VAL HA 289 -72.01 93.46 35.73
C VAL HA 289 -71.43 94.39 34.67
N ASN HA 290 -70.13 94.63 34.75
CA ASN HA 290 -69.48 95.54 33.81
C ASN HA 290 -68.94 94.70 32.66
N ILE HA 291 -69.46 94.92 31.47
CA ILE HA 291 -69.07 94.17 30.29
C ILE HA 291 -68.04 94.99 29.54
N THR HA 292 -66.86 94.40 29.30
CA THR HA 292 -65.85 95.08 28.51
C THR HA 292 -65.39 94.13 27.42
N LEU HA 293 -64.79 94.69 26.38
CA LEU HA 293 -64.43 93.96 25.17
C LEU HA 293 -62.92 93.92 25.02
N MET HA 294 -62.39 92.73 24.84
CA MET HA 294 -60.97 92.51 24.61
C MET HA 294 -60.72 92.08 23.16
N ASP HA 295 -59.50 92.30 22.71
CA ASP HA 295 -59.13 91.95 21.35
C ASP HA 295 -58.75 90.48 21.26
N ASP HA 296 -59.00 89.90 20.09
CA ASP HA 296 -58.73 88.49 19.86
C ASP HA 296 -57.30 88.19 19.45
N VAL HA 297 -56.50 89.20 19.14
CA VAL HA 297 -55.13 88.99 18.71
C VAL HA 297 -54.13 89.23 19.85
N THR HA 298 -54.54 89.96 20.89
CA THR HA 298 -53.71 90.10 22.08
C THR HA 298 -53.95 88.98 23.07
N ALA HA 299 -54.93 88.13 22.81
CA ALA HA 299 -55.14 86.95 23.64
C ALA HA 299 -54.24 85.82 23.19
N ALA HA 300 -53.93 85.76 21.89
CA ALA HA 300 -52.97 84.77 21.39
C ALA HA 300 -51.55 85.31 21.29
N GLY HA 301 -51.36 86.63 21.29
CA GLY HA 301 -50.00 87.15 21.31
C GLY HA 301 -49.34 86.98 22.67
N GLN HA 302 -50.12 87.12 23.74
CA GLN HA 302 -49.54 86.90 25.06
C GLN HA 302 -49.27 85.43 25.30
N ALA HA 303 -50.00 84.54 24.63
CA ALA HA 303 -49.75 83.12 24.80
C ALA HA 303 -48.56 82.67 23.99
N GLU HA 304 -48.29 83.34 22.88
CA GLU HA 304 -47.13 82.92 22.11
C GLU HA 304 -45.86 83.55 22.67
N ALA HA 305 -45.94 84.79 23.17
CA ALA HA 305 -44.75 85.40 23.73
C ALA HA 305 -44.38 84.74 25.06
N GLY HA 306 -45.38 84.27 25.82
CA GLY HA 306 -45.04 83.53 27.02
C GLY HA 306 -44.56 82.14 26.71
N LEU HA 307 -45.02 81.53 25.61
CA LEU HA 307 -44.52 80.20 25.29
C LEU HA 307 -43.13 80.26 24.69
N LYS HA 308 -42.71 81.43 24.20
CA LYS HA 308 -41.37 81.59 23.67
C LYS HA 308 -40.39 82.08 24.72
N GLN HA 309 -40.87 82.69 25.80
CA GLN HA 309 -39.94 83.15 26.83
C GLN HA 309 -39.37 81.99 27.63
N GLN HA 310 -40.10 80.89 27.76
CA GLN HA 310 -39.57 79.73 28.47
C GLN HA 310 -38.70 78.83 27.60
N ALA HA 311 -38.55 79.17 26.30
CA ALA HA 311 -37.75 78.41 25.34
C ALA HA 311 -38.19 76.96 25.22
N LEU HA 312 -39.49 76.76 25.03
CA LEU HA 312 -40.19 75.49 24.89
C LEU HA 312 -40.46 75.17 23.44
N PRO HA 313 -40.25 73.93 23.01
CA PRO HA 313 -40.60 73.56 21.64
C PRO HA 313 -42.10 73.43 21.50
N TYR HA 314 -42.65 74.02 20.46
CA TYR HA 314 -44.10 74.05 20.32
C TYR HA 314 -44.45 74.18 18.85
N SER HA 315 -45.76 74.19 18.58
CA SER HA 315 -46.24 74.37 17.22
C SER HA 315 -47.63 74.98 17.27
N ARG HA 316 -47.81 76.10 16.57
CA ARG HA 316 -49.06 76.84 16.55
C ARG HA 316 -49.92 76.44 15.36
N ARG HA 317 -51.21 76.24 15.60
CA ARG HA 317 -52.17 75.84 14.56
C ARG HA 317 -53.31 76.84 14.51
N ASN HA 318 -53.21 77.83 13.62
CA ASN HA 318 -54.26 78.82 13.47
C ASN HA 318 -55.42 78.23 12.67
N HIS HA 319 -56.63 78.44 13.16
CA HIS HA 319 -57.83 78.24 12.36
C HIS HA 319 -58.89 79.21 12.83
N LYS HA 320 -60.04 79.17 12.18
CA LYS HA 320 -61.10 80.14 12.45
C LYS HA 320 -61.79 79.78 13.75
N GLY HA 321 -61.91 80.76 14.65
CA GLY HA 321 -62.64 80.50 15.88
C GLY HA 321 -61.82 79.84 16.97
N GLY HA 322 -60.53 80.13 17.05
CA GLY HA 322 -59.68 79.56 18.08
C GLY HA 322 -58.32 79.17 17.54
N VAL HA 323 -57.33 79.16 18.43
CA VAL HA 323 -55.97 78.74 18.08
C VAL HA 323 -55.66 77.51 18.94
N THR HA 324 -54.54 76.84 18.64
CA THR HA 324 -54.12 75.68 19.42
C THR HA 324 -52.61 75.58 19.40
N PHE HA 325 -52.03 75.24 20.54
CA PHE HA 325 -50.59 75.08 20.67
C PHE HA 325 -50.30 73.65 21.06
N VAL HA 326 -49.41 72.99 20.34
CA VAL HA 326 -49.12 71.58 20.56
C VAL HA 326 -47.67 71.43 20.97
N ILE HA 327 -47.44 70.76 22.10
CA ILE HA 327 -46.11 70.49 22.61
C ILE HA 327 -45.96 68.97 22.73
N GLN HA 328 -45.15 68.39 21.85
CA GLN HA 328 -44.88 66.97 21.81
C GLN HA 328 -43.42 66.71 22.16
N GLY HA 329 -43.01 65.46 22.03
CA GLY HA 329 -41.60 65.13 22.11
C GLY HA 329 -41.23 64.47 23.43
N ALA HA 330 -39.99 63.98 23.47
CA ALA HA 330 -39.41 63.42 24.68
C ALA HA 330 -38.79 64.56 25.50
N LEU HA 331 -39.66 65.28 26.19
CA LEU HA 331 -39.23 66.40 27.01
C LEU HA 331 -38.53 65.89 28.27
N ASP HA 332 -37.67 66.73 28.83
CA ASP HA 332 -36.98 66.39 30.07
C ASP HA 332 -37.79 66.89 31.26
N ASP HA 333 -37.23 66.80 32.46
CA ASP HA 333 -38.00 67.07 33.66
C ASP HA 333 -38.16 68.56 33.95
N VAL HA 334 -37.30 69.40 33.39
CA VAL HA 334 -37.43 70.84 33.62
C VAL HA 334 -38.46 71.45 32.68
N GLU HA 335 -38.51 70.95 31.44
CA GLU HA 335 -39.44 71.48 30.44
C GLU HA 335 -40.86 71.01 30.64
N ILE HA 336 -41.12 70.12 31.59
CA ILE HA 336 -42.51 69.83 31.94
C ILE HA 336 -42.97 70.76 33.04
N LEU HA 337 -42.08 71.04 34.00
CA LEU HA 337 -42.44 71.93 35.10
C LEU HA 337 -42.54 73.38 34.66
N ARG HA 338 -41.73 73.79 33.69
CA ARG HA 338 -41.85 75.16 33.20
C ARG HA 338 -43.04 75.33 32.30
N ALA HA 339 -43.51 74.26 31.66
CA ALA HA 339 -44.68 74.37 30.81
C ALA HA 339 -45.94 74.32 31.65
N ARG HA 340 -45.98 73.44 32.65
CA ARG HA 340 -47.16 73.28 33.48
C ARG HA 340 -47.31 74.45 34.44
N GLN HA 341 -46.24 75.17 34.76
CA GLN HA 341 -46.40 76.34 35.60
C GLN HA 341 -46.95 77.53 34.83
N PHE HA 342 -46.79 77.52 33.50
CA PHE HA 342 -47.23 78.63 32.66
C PHE HA 342 -48.66 78.43 32.16
N VAL HA 343 -49.04 77.19 31.89
CA VAL HA 343 -50.40 76.94 31.39
C VAL HA 343 -51.42 77.22 32.48
N ASP HA 344 -51.15 76.81 33.71
CA ASP HA 344 -52.07 77.04 34.80
C ASP HA 344 -52.10 78.50 35.25
N SER HA 345 -51.11 79.30 34.87
CA SER HA 345 -51.15 80.73 35.14
C SER HA 345 -51.75 81.52 34.00
N TYR HA 346 -51.80 80.96 32.80
CA TYR HA 346 -52.50 81.60 31.71
C TYR HA 346 -53.98 81.29 31.71
N TYR HA 347 -54.35 80.10 32.19
CA TYR HA 347 -55.75 79.71 32.24
C TYR HA 347 -56.51 80.51 33.29
N ARG HA 348 -55.81 80.97 34.33
CA ARG HA 348 -56.48 81.76 35.36
C ARG HA 348 -56.85 83.14 34.84
N THR HA 349 -56.06 83.66 33.90
CA THR HA 349 -56.33 84.99 33.37
C THR HA 349 -57.37 84.93 32.26
N TRP HA 350 -57.15 84.06 31.27
CA TRP HA 350 -58.02 84.06 30.10
C TRP HA 350 -59.04 82.93 30.06
N GLY HA 351 -58.67 81.73 30.45
CA GLY HA 351 -59.65 80.67 30.29
C GLY HA 351 -59.51 79.99 28.95
N GLY HA 352 -59.93 78.72 28.91
CA GLY HA 352 -59.73 77.90 27.73
C GLY HA 352 -60.83 77.91 26.70
N ARG HA 353 -61.34 79.08 26.32
CA ARG HA 353 -62.36 79.15 25.29
C ARG HA 353 -61.80 79.39 23.90
N TYR HA 354 -60.71 80.15 23.79
CA TYR HA 354 -60.12 80.54 22.51
C TYR HA 354 -58.84 79.77 22.18
N VAL HA 355 -57.87 79.78 23.09
CA VAL HA 355 -56.57 79.13 22.87
C VAL HA 355 -56.43 77.96 23.83
N GLN HA 356 -55.96 76.82 23.31
CA GLN HA 356 -55.83 75.60 24.09
C GLN HA 356 -54.47 74.97 23.88
N PHE HA 357 -53.83 74.56 24.97
CA PHE HA 357 -52.53 73.91 24.94
C PHE HA 357 -52.69 72.40 25.00
N ALA HA 358 -51.76 71.69 24.39
CA ALA HA 358 -51.90 70.26 24.13
C ALA HA 358 -50.62 69.51 24.50
N ILE HA 359 -50.13 69.71 25.72
CA ILE HA 359 -48.90 69.05 26.16
C ILE HA 359 -49.09 67.54 26.23
N GLU HA 360 -48.19 66.81 25.56
CA GLU HA 360 -48.27 65.36 25.53
C GLU HA 360 -46.88 64.78 25.29
N LEU HA 361 -46.59 63.68 25.96
CA LEU HA 361 -45.28 63.03 25.91
C LEU HA 361 -45.33 61.76 25.07
N LYS HA 362 -44.52 61.74 24.02
CA LYS HA 362 -44.22 60.55 23.24
C LYS HA 362 -42.71 60.50 23.07
N ASP HA 363 -42.23 59.51 22.33
CA ASP HA 363 -40.79 59.24 22.27
C ASP HA 363 -40.24 59.56 20.88
N ASP HA 364 -39.75 60.78 20.72
CA ASP HA 364 -38.94 61.19 19.57
C ASP HA 364 -38.08 62.37 19.98
N TRP HA 365 -36.78 62.25 19.75
CA TRP HA 365 -35.85 63.29 20.18
C TRP HA 365 -35.96 64.56 19.36
N LEU HA 366 -36.48 64.48 18.15
CA LEU HA 366 -36.96 65.67 17.45
C LEU HA 366 -38.27 66.08 18.08
N LYS HA 367 -38.24 67.09 18.93
CA LYS HA 367 -39.39 67.46 19.75
C LYS HA 367 -40.41 68.21 18.89
N GLY HA 368 -41.16 67.44 18.10
CA GLY HA 368 -42.25 68.01 17.34
C GLY HA 368 -42.00 68.14 15.85
N ARG HA 369 -40.78 68.55 15.47
CA ARG HA 369 -40.46 68.79 14.08
C ARG HA 369 -40.07 67.49 13.40
N SER HA 370 -40.21 67.46 12.08
CA SER HA 370 -39.90 66.28 11.29
C SER HA 370 -39.65 66.68 9.85
N PHE HA 371 -38.55 66.21 9.28
CA PHE HA 371 -38.12 66.54 7.93
C PHE HA 371 -38.07 65.29 7.06
N GLN HA 372 -38.05 65.49 5.75
CA GLN HA 372 -37.76 64.42 4.79
C GLN HA 372 -36.61 64.86 3.91
N TYR HA 373 -35.81 63.90 3.45
CA TYR HA 373 -34.53 64.20 2.82
C TYR HA 373 -34.51 63.69 1.40
N GLY HA 374 -34.44 64.59 0.43
CA GLY HA 374 -34.14 64.14 -0.90
C GLY HA 374 -33.60 65.16 -1.88
N ALA HA 375 -32.42 64.88 -2.43
CA ALA HA 375 -31.91 65.37 -3.70
C ALA HA 375 -31.56 66.85 -3.77
N GLU HA 376 -31.94 67.63 -2.75
CA GLU HA 376 -31.55 69.04 -2.67
C GLU HA 376 -31.17 69.46 -1.26
N GLY HA 377 -31.48 68.66 -0.24
CA GLY HA 377 -31.38 69.08 1.13
C GLY HA 377 -32.57 68.57 1.93
N TYR HA 378 -33.04 69.33 2.90
CA TYR HA 378 -34.13 68.91 3.76
C TYR HA 378 -35.35 69.77 3.53
N ILE HA 379 -36.53 69.14 3.62
CA ILE HA 379 -37.81 69.83 3.48
C ILE HA 379 -38.59 69.64 4.76
N LYS HA 380 -39.17 70.72 5.27
CA LYS HA 380 -39.94 70.66 6.51
C LYS HA 380 -41.34 70.17 6.20
N MET HA 381 -41.70 69.01 6.76
CA MET HA 381 -43.00 68.45 6.45
C MET HA 381 -44.10 69.20 7.21
N SER HA 382 -45.33 68.97 6.79
CA SER HA 382 -46.48 69.56 7.44
C SER HA 382 -46.68 68.89 8.80
N PRO HA 383 -47.23 69.61 9.78
CA PRO HA 383 -47.53 68.97 11.07
C PRO HA 383 -48.66 67.96 10.91
N GLY HA 384 -48.34 66.71 11.22
CA GLY HA 384 -49.30 65.63 11.11
C GLY HA 384 -49.31 64.80 12.38
N HIS HA 385 -50.25 63.85 12.41
CA HIS HA 385 -50.43 63.03 13.61
C HIS HA 385 -49.43 61.89 13.71
N TRP HA 386 -49.01 61.31 12.59
CA TRP HA 386 -48.02 60.24 12.62
C TRP HA 386 -46.63 60.81 12.88
N TYR HA 387 -45.86 60.12 13.70
CA TYR HA 387 -44.51 60.52 14.06
C TYR HA 387 -43.55 59.35 13.87
N PHE HA 388 -42.30 59.67 13.51
CA PHE HA 388 -41.29 58.65 13.35
C PHE HA 388 -40.69 58.27 14.71
N PRO HA 389 -40.73 57.01 15.11
CA PRO HA 389 -40.15 56.63 16.40
C PRO HA 389 -38.63 56.67 16.33
N SER HA 390 -38.01 57.09 17.44
CA SER HA 390 -36.62 57.52 17.41
C SER HA 390 -35.71 56.39 17.85
N PRO HA 391 -34.78 55.94 17.01
CA PRO HA 391 -33.65 55.15 17.51
C PRO HA 391 -32.48 56.03 17.92
N LEU HA 392 -32.03 55.93 19.16
CA LEU HA 392 -30.91 56.73 19.64
C LEU HA 392 -30.22 56.10 20.84
N ALA IA 171 -96.49 69.24 58.04
CA ALA IA 171 -95.12 69.08 57.57
C ALA IA 171 -95.07 69.13 56.04
N GLU IA 172 -94.39 70.15 55.51
CA GLU IA 172 -94.24 70.27 54.07
C GLU IA 172 -93.07 69.44 53.59
N LEU IA 173 -92.95 69.31 52.26
CA LEU IA 173 -91.96 68.39 51.70
C LEU IA 173 -90.56 68.96 51.75
N ASP IA 174 -90.41 70.28 51.62
CA ASP IA 174 -89.09 70.87 51.61
C ASP IA 174 -88.41 70.79 52.96
N SER IA 175 -89.15 70.54 54.05
CA SER IA 175 -88.51 70.25 55.32
C SER IA 175 -88.30 68.75 55.49
N LEU IA 176 -89.02 67.91 54.74
CA LEU IA 176 -88.80 66.47 54.78
C LEU IA 176 -87.62 66.06 53.92
N LEU IA 177 -87.11 66.96 53.09
CA LEU IA 177 -85.91 66.69 52.33
C LEU IA 177 -84.68 66.98 53.19
N GLY IA 178 -83.52 67.09 52.58
CA GLY IA 178 -82.28 67.25 53.34
C GLY IA 178 -82.15 68.61 54.02
N GLN IA 179 -80.98 68.80 54.63
CA GLN IA 179 -80.73 70.01 55.39
C GLN IA 179 -80.48 71.21 54.48
N GLU IA 180 -79.69 71.01 53.43
CA GLU IA 180 -79.41 72.08 52.47
C GLU IA 180 -80.63 72.30 51.59
N LYS IA 181 -81.35 73.38 51.83
CA LYS IA 181 -82.56 73.71 51.07
C LYS IA 181 -82.22 74.53 49.83
N GLU IA 182 -81.32 73.99 49.02
CA GLU IA 182 -80.85 74.67 47.84
C GLU IA 182 -80.79 73.79 46.60
N ARG IA 183 -80.79 72.47 46.73
CA ARG IA 183 -80.57 71.59 45.59
C ARG IA 183 -81.86 71.00 45.02
N PHE IA 184 -82.96 71.04 45.75
CA PHE IA 184 -84.24 70.55 45.27
C PHE IA 184 -85.21 71.72 45.10
N GLN IA 185 -85.90 71.76 43.98
CA GLN IA 185 -86.88 72.81 43.71
C GLN IA 185 -88.25 72.17 43.57
N VAL IA 186 -89.18 72.60 44.40
CA VAL IA 186 -90.53 72.04 44.45
C VAL IA 186 -91.44 72.88 43.56
N LEU IA 187 -92.12 72.23 42.60
CA LEU IA 187 -93.02 72.91 41.69
C LEU IA 187 -94.43 72.35 41.81
N PRO IA 188 -95.43 73.19 42.04
CA PRO IA 188 -96.82 72.70 42.12
C PRO IA 188 -97.43 72.47 40.74
N GLY IA 189 -98.05 71.31 40.55
CA GLY IA 189 -98.65 70.93 39.28
C GLY IA 189 -100.07 71.42 39.18
N ARG IA 190 -100.72 71.01 38.09
CA ARG IA 190 -102.10 71.42 37.83
C ARG IA 190 -103.09 70.33 38.21
N ASP IA 191 -102.62 69.09 38.40
CA ASP IA 191 -103.47 67.96 38.77
C ASP IA 191 -103.32 67.60 40.24
N LYS IA 192 -103.19 68.61 41.10
CA LYS IA 192 -102.96 68.48 42.56
C LYS IA 192 -101.81 67.54 42.91
N MET IA 193 -100.79 67.47 42.06
CA MET IA 193 -99.59 66.70 42.35
C MET IA 193 -98.40 67.64 42.40
N LEU IA 194 -97.45 67.33 43.28
CA LEU IA 194 -96.38 68.25 43.62
C LEU IA 194 -95.04 67.64 43.20
N TYR IA 195 -94.37 68.28 42.25
CA TYR IA 195 -93.19 67.73 41.62
C TYR IA 195 -91.93 68.24 42.31
N VAL IA 196 -90.90 67.41 42.31
CA VAL IA 196 -89.59 67.75 42.84
C VAL IA 196 -88.61 67.71 41.68
N ALA IA 197 -87.74 68.72 41.57
CA ALA IA 197 -86.87 68.81 40.41
C ALA IA 197 -85.42 68.69 40.86
N ALA IA 198 -84.93 67.45 40.88
CA ALA IA 198 -83.52 67.20 41.10
C ALA IA 198 -82.74 67.46 39.83
N GLN IA 199 -81.41 67.43 39.93
CA GLN IA 199 -80.58 67.78 38.79
C GLN IA 199 -79.61 66.67 38.37
N ASN IA 200 -79.53 65.56 39.09
CA ASN IA 200 -78.75 64.41 38.66
C ASN IA 200 -79.32 63.15 39.29
N GLU IA 201 -78.65 62.02 39.03
CA GLU IA 201 -79.19 60.75 39.48
C GLU IA 201 -78.92 60.48 40.96
N ARG IA 202 -77.89 61.09 41.54
CA ARG IA 202 -77.63 60.86 42.94
C ARG IA 202 -78.64 61.61 43.80
N ASP IA 203 -79.05 62.80 43.36
CA ASP IA 203 -80.09 63.45 44.13
C ASP IA 203 -81.46 62.94 43.74
N THR IA 204 -81.58 62.26 42.60
CA THR IA 204 -82.86 61.64 42.28
C THR IA 204 -83.09 60.44 43.17
N LEU IA 205 -82.04 59.69 43.47
CA LEU IA 205 -82.18 58.60 44.43
C LEU IA 205 -82.23 59.11 45.86
N TRP IA 206 -81.75 60.33 46.12
CA TRP IA 206 -81.90 60.90 47.45
C TRP IA 206 -83.36 61.29 47.70
N ALA IA 207 -84.04 61.75 46.66
CA ALA IA 207 -85.42 62.20 46.83
C ALA IA 207 -86.45 61.09 46.63
N ARG IA 208 -86.12 60.05 45.88
CA ARG IA 208 -87.07 58.95 45.71
C ARG IA 208 -87.20 58.09 46.95
N GLN IA 209 -86.18 58.05 47.81
CA GLN IA 209 -86.26 57.28 49.05
C GLN IA 209 -87.25 57.87 50.03
N VAL IA 210 -87.41 59.20 50.01
CA VAL IA 210 -88.33 59.85 50.93
C VAL IA 210 -89.76 59.48 50.59
N LEU IA 211 -90.14 59.60 49.32
CA LEU IA 211 -91.50 59.26 48.93
C LEU IA 211 -91.72 57.75 48.91
N ALA IA 212 -90.65 56.95 48.83
CA ALA IA 212 -90.84 55.51 48.82
C ALA IA 212 -91.08 54.96 50.21
N ARG IA 213 -90.37 55.48 51.22
CA ARG IA 213 -90.61 55.02 52.59
C ARG IA 213 -91.90 55.58 53.15
N GLY IA 214 -92.45 56.62 52.55
CA GLY IA 214 -93.81 57.04 52.84
C GLY IA 214 -93.99 58.01 53.98
N ASP IA 215 -93.06 58.93 54.20
CA ASP IA 215 -93.28 59.96 55.21
C ASP IA 215 -93.85 61.24 54.59
N TYR IA 216 -94.93 61.09 53.82
CA TYR IA 216 -95.65 62.21 53.23
C TYR IA 216 -97.04 61.72 52.87
N ASP IA 217 -98.05 62.46 53.32
CA ASP IA 217 -99.43 61.99 53.19
C ASP IA 217 -100.00 62.18 51.78
N LYS IA 218 -99.67 63.29 51.12
CA LYS IA 218 -100.23 63.58 49.81
C LYS IA 218 -99.42 62.89 48.72
N ASN IA 219 -99.70 63.23 47.47
CA ASN IA 219 -99.01 62.65 46.33
C ASN IA 219 -97.94 63.59 45.82
N ALA IA 220 -96.85 63.02 45.32
CA ALA IA 220 -95.72 63.79 44.84
C ALA IA 220 -94.95 62.96 43.84
N ARG IA 221 -94.18 63.64 43.00
CA ARG IA 221 -93.35 62.95 42.01
C ARG IA 221 -91.99 63.61 41.91
N VAL IA 222 -91.02 62.87 41.41
CA VAL IA 222 -89.66 63.37 41.23
C VAL IA 222 -89.32 63.34 39.74
N ILE IA 223 -89.06 64.50 39.17
CA ILE IA 223 -88.75 64.63 37.77
C ILE IA 223 -87.27 64.89 37.59
N ASN IA 224 -86.80 64.84 36.34
CA ASN IA 224 -85.39 64.94 36.02
C ASN IA 224 -85.22 65.71 34.73
N GLU IA 225 -83.97 65.85 34.30
CA GLU IA 225 -83.62 66.47 33.03
C GLU IA 225 -83.56 65.43 31.93
N ASN IA 226 -83.00 64.26 32.22
CA ASN IA 226 -82.88 63.20 31.23
C ASN IA 226 -84.14 62.35 31.14
N GLU IA 227 -84.77 62.03 32.28
CA GLU IA 227 -85.92 61.13 32.23
C GLU IA 227 -87.16 61.83 31.68
N GLU IA 228 -87.29 63.13 31.90
CA GLU IA 228 -88.38 63.86 31.28
C GLU IA 228 -88.04 64.28 29.86
N ASN IA 229 -86.87 63.91 29.36
CA ASN IA 229 -86.55 64.08 27.96
C ASN IA 229 -86.63 62.76 27.21
N LYS IA 230 -86.48 61.64 27.90
CA LYS IA 230 -86.74 60.34 27.31
C LYS IA 230 -88.18 59.91 27.51
N ARG IA 231 -88.98 60.70 28.20
CA ARG IA 231 -90.38 60.38 28.38
C ARG IA 231 -91.27 61.03 27.33
N ILE IA 232 -90.99 62.28 26.95
CA ILE IA 232 -91.77 62.97 25.93
C ILE IA 232 -91.13 62.90 24.56
N SER IA 233 -90.22 61.95 24.34
CA SER IA 233 -89.86 61.57 22.99
C SER IA 233 -90.47 60.22 22.60
N ILE IA 234 -90.86 59.42 23.59
CA ILE IA 234 -91.64 58.23 23.36
C ILE IA 234 -93.05 58.63 22.96
N TRP IA 235 -93.60 59.65 23.61
CA TRP IA 235 -94.90 60.16 23.18
C TRP IA 235 -94.79 60.83 21.84
N LEU IA 236 -93.64 61.43 21.55
CA LEU IA 236 -93.53 62.26 20.35
C LEU IA 236 -93.36 61.42 19.09
N ASP IA 237 -92.78 60.23 19.19
CA ASP IA 237 -92.60 59.41 17.99
C ASP IA 237 -93.76 58.44 17.77
N THR IA 238 -94.92 58.76 18.24
CA THR IA 238 -96.16 58.06 17.96
C THR IA 238 -97.22 59.00 17.44
N TYR IA 239 -97.31 60.20 18.00
CA TYR IA 239 -98.28 61.19 17.55
C TYR IA 239 -97.68 62.22 16.60
N TYR IA 240 -96.37 62.45 16.64
CA TYR IA 240 -95.70 63.31 15.67
C TYR IA 240 -94.45 62.63 15.13
N PRO IA 241 -94.60 61.60 14.29
CA PRO IA 241 -93.42 61.06 13.61
C PRO IA 241 -93.03 62.00 12.49
N GLN IA 242 -91.82 61.78 11.97
CA GLN IA 242 -91.16 62.65 10.98
C GLN IA 242 -91.09 64.08 11.49
N LEU IA 243 -90.41 64.25 12.62
CA LEU IA 243 -90.24 65.56 13.24
C LEU IA 243 -88.77 65.74 13.56
N ALA IA 244 -88.21 66.86 13.15
CA ALA IA 244 -86.79 67.14 13.37
C ALA IA 244 -86.64 68.05 14.57
N TYR IA 245 -86.11 67.52 15.66
CA TYR IA 245 -85.89 68.28 16.88
C TYR IA 245 -84.58 67.79 17.51
N TYR IA 246 -84.07 68.58 18.45
CA TYR IA 246 -82.78 68.30 19.06
C TYR IA 246 -82.89 67.96 20.54
N ARG IA 247 -83.47 68.83 21.34
CA ARG IA 247 -83.33 68.74 22.79
C ARG IA 247 -84.41 69.60 23.42
N ILE IA 248 -84.83 69.23 24.63
CA ILE IA 248 -85.74 70.02 25.45
C ILE IA 248 -85.00 70.47 26.70
N HIS IA 249 -84.89 71.78 26.89
CA HIS IA 249 -84.08 72.35 27.94
C HIS IA 249 -84.94 72.78 29.12
N PHE IA 250 -84.47 72.47 30.33
CA PHE IA 250 -85.19 72.76 31.55
C PHE IA 250 -84.38 73.65 32.47
N ASP IA 251 -83.79 74.72 31.95
CA ASP IA 251 -83.05 75.65 32.79
C ASP IA 251 -83.99 76.41 33.72
N GLU IA 252 -85.09 76.94 33.19
CA GLU IA 252 -86.16 77.44 34.02
C GLU IA 252 -87.32 76.45 33.92
N PRO IA 253 -87.61 75.67 34.95
CA PRO IA 253 -88.49 74.50 34.79
C PRO IA 253 -89.96 74.84 34.66
N ARG IA 254 -90.36 76.10 34.82
CA ARG IA 254 -91.74 76.46 34.56
C ARG IA 254 -91.99 76.90 33.14
N LYS IA 255 -90.94 77.15 32.35
CA LYS IA 255 -91.06 77.48 30.93
C LYS IA 255 -89.95 76.79 30.16
N PRO IA 256 -90.14 75.55 29.75
CA PRO IA 256 -89.10 74.87 28.97
C PRO IA 256 -88.99 75.41 27.55
N VAL IA 257 -87.82 75.17 26.96
CA VAL IA 257 -87.48 75.59 25.61
C VAL IA 257 -87.35 74.36 24.73
N PHE IA 258 -88.10 74.33 23.64
CA PHE IA 258 -88.15 73.21 22.71
C PHE IA 258 -87.35 73.60 21.48
N TRP IA 259 -86.12 73.10 21.39
CA TRP IA 259 -85.21 73.41 20.30
C TRP IA 259 -85.60 72.59 19.08
N LEU IA 260 -86.28 73.22 18.13
CA LEU IA 260 -86.72 72.60 16.90
C LEU IA 260 -85.76 72.96 15.76
N SER IA 261 -85.80 72.17 14.71
CA SER IA 261 -84.99 72.43 13.53
C SER IA 261 -85.71 73.37 12.58
N ARG IA 262 -84.98 73.84 11.58
CA ARG IA 262 -85.50 74.81 10.63
C ARG IA 262 -85.47 74.30 9.20
N GLN IA 263 -84.39 73.66 8.77
CA GLN IA 263 -84.25 73.26 7.38
C GLN IA 263 -84.73 71.84 7.12
N ARG IA 264 -85.45 71.23 8.06
CA ARG IA 264 -85.95 69.88 7.84
C ARG IA 264 -87.44 69.70 8.07
N ASN IA 265 -88.15 70.68 8.60
CA ASN IA 265 -89.59 70.57 8.80
C ASN IA 265 -90.28 71.84 8.31
N THR IA 266 -91.50 71.69 7.82
CA THR IA 266 -92.22 72.79 7.19
C THR IA 266 -93.59 73.00 7.81
N MET IA 267 -93.65 73.03 9.14
CA MET IA 267 -94.92 73.29 9.82
C MET IA 267 -95.26 74.78 9.78
N SER IA 268 -96.55 75.07 9.77
CA SER IA 268 -97.00 76.46 9.68
C SER IA 268 -97.04 77.08 11.08
N LYS IA 269 -97.65 78.27 11.18
CA LYS IA 269 -97.76 78.94 12.47
C LYS IA 269 -98.79 78.25 13.34
N LYS IA 270 -99.91 77.85 12.75
CA LYS IA 270 -100.95 77.19 13.52
C LYS IA 270 -100.50 75.79 13.90
N GLU IA 271 -99.77 75.12 13.01
CA GLU IA 271 -99.31 73.78 13.32
C GLU IA 271 -98.19 73.79 14.35
N LEU IA 272 -97.52 74.93 14.55
CA LEU IA 272 -96.61 75.03 15.68
C LEU IA 272 -97.33 75.41 16.96
N GLU IA 273 -98.44 76.13 16.85
CA GLU IA 273 -99.17 76.50 18.05
C GLU IA 273 -99.98 75.34 18.61
N VAL IA 274 -100.42 74.42 17.75
CA VAL IA 274 -101.11 73.26 18.29
C VAL IA 274 -100.10 72.25 18.82
N LEU IA 275 -98.84 72.35 18.41
CA LEU IA 275 -97.83 71.49 18.99
C LEU IA 275 -97.42 72.01 20.35
N SER IA 276 -97.41 73.34 20.51
CA SER IA 276 -97.10 73.88 21.83
C SER IA 276 -98.23 73.60 22.80
N GLN IA 277 -99.48 73.69 22.33
CA GLN IA 277 -100.60 73.40 23.21
C GLN IA 277 -100.79 71.91 23.46
N LYS IA 278 -100.21 71.03 22.63
CA LYS IA 278 -100.27 69.60 22.89
C LYS IA 278 -99.01 69.07 23.56
N LEU IA 279 -98.00 69.92 23.76
CA LEU IA 279 -96.87 69.58 24.61
C LEU IA 279 -97.00 70.15 26.01
N ARG IA 280 -97.76 71.24 26.17
CA ARG IA 280 -98.00 71.79 27.50
C ARG IA 280 -98.88 70.86 28.34
N ALA IA 281 -99.76 70.09 27.70
CA ALA IA 281 -100.62 69.15 28.41
C ALA IA 281 -99.86 67.94 28.96
N LEU IA 282 -98.68 67.65 28.43
CA LEU IA 282 -97.89 66.52 28.90
C LEU IA 282 -97.12 66.83 30.17
N MET IA 283 -96.70 68.08 30.33
CA MET IA 283 -95.98 68.51 31.52
C MET IA 283 -96.92 69.37 32.35
N PRO IA 284 -97.54 68.83 33.42
CA PRO IA 284 -98.52 69.62 34.17
C PRO IA 284 -97.90 70.71 35.01
N TYR IA 285 -96.62 70.61 35.32
CA TYR IA 285 -95.96 71.61 36.15
C TYR IA 285 -95.61 72.88 35.37
N ALA IA 286 -95.54 72.79 34.04
CA ALA IA 286 -95.12 73.93 33.25
C ALA IA 286 -96.27 74.90 33.02
N ASP IA 287 -95.92 76.13 32.67
CA ASP IA 287 -96.90 77.16 32.35
C ASP IA 287 -97.08 77.34 30.85
N SER IA 288 -95.99 77.40 30.10
CA SER IA 288 -96.06 77.51 28.65
C SER IA 288 -94.76 76.98 28.06
N VAL IA 289 -94.86 76.24 26.98
CA VAL IA 289 -93.70 75.70 26.30
C VAL IA 289 -93.31 76.66 25.19
N ASN IA 290 -92.04 77.05 25.15
CA ASN IA 290 -91.56 78.00 24.16
C ASN IA 290 -90.79 77.23 23.11
N ILE IA 291 -91.12 77.42 21.85
CA ILE IA 291 -90.54 76.65 20.75
C ILE IA 291 -89.69 77.58 19.91
N THR IA 292 -88.39 77.30 19.83
CA THR IA 292 -87.49 78.08 18.99
C THR IA 292 -86.90 77.21 17.90
N LEU IA 293 -86.69 77.80 16.73
CA LEU IA 293 -86.12 77.12 15.58
C LEU IA 293 -84.68 77.55 15.38
N MET IA 294 -83.79 76.57 15.22
CA MET IA 294 -82.38 76.87 15.08
C MET IA 294 -81.84 76.38 13.74
N ASP IA 295 -80.69 76.94 13.37
CA ASP IA 295 -80.06 76.56 12.11
C ASP IA 295 -79.47 75.17 12.21
N ASP IA 296 -79.58 74.42 11.12
CA ASP IA 296 -79.04 73.08 11.02
C ASP IA 296 -77.56 73.09 10.64
N VAL IA 297 -77.04 74.22 10.19
CA VAL IA 297 -75.64 74.31 9.78
C VAL IA 297 -74.73 74.53 10.97
N THR IA 298 -75.15 75.36 11.93
CA THR IA 298 -74.31 75.61 13.09
C THR IA 298 -74.28 74.44 14.07
N ALA IA 299 -75.22 73.51 13.95
CA ALA IA 299 -75.19 72.33 14.82
C ALA IA 299 -74.08 71.39 14.40
N ALA IA 300 -73.85 71.26 13.10
CA ALA IA 300 -72.73 70.44 12.64
C ALA IA 300 -71.48 71.26 12.42
N GLY IA 301 -71.57 72.58 12.60
CA GLY IA 301 -70.40 73.42 12.51
C GLY IA 301 -69.67 73.57 13.82
N GLN IA 302 -70.42 73.62 14.93
CA GLN IA 302 -69.76 73.70 16.23
C GLN IA 302 -69.10 72.39 16.60
N ALA IA 303 -69.61 71.29 16.06
CA ALA IA 303 -69.05 69.98 16.33
C ALA IA 303 -67.76 69.76 15.57
N GLU IA 304 -67.56 70.45 14.45
CA GLU IA 304 -66.33 70.34 13.70
C GLU IA 304 -65.33 71.39 14.13
N ALA IA 305 -65.81 72.56 14.54
CA ALA IA 305 -64.91 73.59 15.02
C ALA IA 305 -64.35 73.23 16.38
N GLY IA 306 -65.08 72.44 17.16
CA GLY IA 306 -64.52 71.96 18.41
C GLY IA 306 -63.67 70.72 18.24
N LEU IA 307 -63.91 69.95 17.17
CA LEU IA 307 -63.12 68.77 16.90
C LEU IA 307 -61.79 69.10 16.26
N LYS IA 308 -61.67 70.26 15.62
CA LYS IA 308 -60.38 70.66 15.06
C LYS IA 308 -59.50 71.32 16.11
N GLN IA 309 -60.10 71.89 17.15
CA GLN IA 309 -59.32 72.57 18.17
C GLN IA 309 -58.58 71.59 19.07
N GLN IA 310 -59.14 70.40 19.28
CA GLN IA 310 -58.48 69.41 20.12
C GLN IA 310 -57.42 68.59 19.38
N ALA IA 311 -57.22 68.85 18.08
CA ALA IA 311 -56.20 68.19 17.25
C ALA IA 311 -56.37 66.67 17.23
N LEU IA 312 -57.59 66.24 16.94
CA LEU IA 312 -57.88 64.83 16.84
C LEU IA 312 -58.05 64.42 15.38
N PRO IA 313 -57.52 63.26 14.99
CA PRO IA 313 -57.73 62.80 13.61
C PRO IA 313 -59.16 62.31 13.46
N TYR IA 314 -59.80 62.72 12.37
CA TYR IA 314 -61.22 62.41 12.21
C TYR IA 314 -61.56 62.32 10.73
N SER IA 315 -62.78 61.84 10.47
CA SER IA 315 -63.31 61.76 9.12
C SER IA 315 -64.80 62.01 9.19
N ARG IA 316 -65.29 62.90 8.34
CA ARG IA 316 -66.69 63.32 8.34
C ARG IA 316 -67.46 62.68 7.20
N ARG IA 317 -68.61 62.09 7.51
CA ARG IA 317 -69.42 61.43 6.50
C ARG IA 317 -70.80 62.11 6.45
N ASN IA 318 -70.93 63.08 5.56
CA ASN IA 318 -72.21 63.78 5.39
C ASN IA 318 -73.21 62.92 4.65
N HIS IA 319 -74.45 62.92 5.14
CA HIS IA 319 -75.59 62.41 4.39
C HIS IA 319 -76.83 63.17 4.84
N LYS IA 320 -77.97 62.83 4.24
CA LYS IA 320 -79.21 63.53 4.54
C LYS IA 320 -79.79 63.05 5.87
N GLY IA 321 -80.26 64.00 6.66
CA GLY IA 321 -80.88 63.67 7.93
C GLY IA 321 -79.94 63.38 9.07
N GLY IA 322 -78.72 63.92 9.05
CA GLY IA 322 -77.78 63.74 10.12
C GLY IA 322 -76.37 63.57 9.56
N VAL IA 323 -75.38 63.92 10.37
CA VAL IA 323 -73.99 63.68 10.01
C VAL IA 323 -73.36 62.74 11.02
N THR IA 324 -72.14 62.31 10.71
CA THR IA 324 -71.42 61.39 11.58
C THR IA 324 -69.91 61.60 11.46
N PHE IA 325 -69.24 61.49 12.60
CA PHE IA 325 -67.79 61.68 12.67
C PHE IA 325 -67.14 60.40 13.15
N VAL IA 326 -66.11 59.95 12.45
CA VAL IA 326 -65.41 58.71 12.79
C VAL IA 326 -64.00 59.06 13.23
N ILE IA 327 -63.64 58.63 14.43
CA ILE IA 327 -62.32 58.89 15.00
C ILE IA 327 -61.62 57.54 15.16
N GLN IA 328 -60.69 57.26 14.25
CA GLN IA 328 -59.93 56.01 14.25
C GLN IA 328 -58.47 56.28 14.59
N GLY IA 329 -57.71 55.21 14.69
CA GLY IA 329 -56.28 55.27 14.90
C GLY IA 329 -55.89 54.80 16.29
N ALA IA 330 -54.57 54.63 16.45
CA ALA IA 330 -54.00 54.21 17.73
C ALA IA 330 -53.73 55.46 18.55
N LEU IA 331 -54.80 55.97 19.15
CA LEU IA 331 -54.70 57.16 19.98
C LEU IA 331 -54.01 56.83 21.29
N ASP IA 332 -53.32 57.82 21.84
CA ASP IA 332 -52.63 57.63 23.10
C ASP IA 332 -53.58 58.02 24.25
N ASP IA 333 -53.01 58.16 25.44
CA ASP IA 333 -53.82 58.27 26.66
C ASP IA 333 -54.51 59.63 26.80
N VAL IA 334 -53.83 60.71 26.40
CA VAL IA 334 -54.41 62.03 26.58
C VAL IA 334 -55.39 62.40 25.46
N GLU IA 335 -55.37 61.68 24.34
CA GLU IA 335 -56.28 62.00 23.26
C GLU IA 335 -57.65 61.38 23.45
N ILE IA 336 -57.75 60.33 24.25
CA ILE IA 336 -59.04 59.78 24.57
C ILE IA 336 -59.56 60.32 25.88
N LEU IA 337 -58.79 61.17 26.53
CA LEU IA 337 -59.33 61.93 27.65
C LEU IA 337 -59.90 63.25 27.14
N ARG IA 338 -59.22 63.86 26.17
CA ARG IA 338 -59.81 65.06 25.57
C ARG IA 338 -60.99 64.73 24.66
N ALA IA 339 -61.06 63.51 24.13
CA ALA IA 339 -62.20 63.17 23.29
C ALA IA 339 -63.45 62.93 24.12
N ARG IA 340 -63.30 62.40 25.32
CA ARG IA 340 -64.47 62.21 26.16
C ARG IA 340 -64.89 63.52 26.78
N GLN IA 341 -63.93 64.40 27.07
CA GLN IA 341 -64.31 65.67 27.68
C GLN IA 341 -64.98 66.59 26.68
N PHE IA 342 -64.76 66.38 25.39
CA PHE IA 342 -65.45 67.22 24.42
C PHE IA 342 -66.77 66.61 23.98
N VAL IA 343 -66.82 65.29 23.80
CA VAL IA 343 -68.04 64.64 23.33
C VAL IA 343 -69.12 64.71 24.39
N ASP IA 344 -68.78 64.43 25.66
CA ASP IA 344 -69.80 64.50 26.71
C ASP IA 344 -70.20 65.92 27.07
N SER IA 345 -69.44 66.93 26.65
CA SER IA 345 -69.86 68.31 26.81
C SER IA 345 -70.63 68.84 25.61
N TYR IA 346 -70.53 68.20 24.46
CA TYR IA 346 -71.37 68.56 23.32
C TYR IA 346 -72.73 67.87 23.39
N TYR IA 347 -72.76 66.67 23.95
CA TYR IA 347 -74.01 65.93 24.08
C TYR IA 347 -74.96 66.58 25.07
N ARG IA 348 -74.41 67.31 26.05
CA ARG IA 348 -75.26 68.00 27.01
C ARG IA 348 -75.97 69.17 26.35
N THR IA 349 -75.33 69.84 25.41
CA THR IA 349 -75.91 71.01 24.79
C THR IA 349 -76.88 70.64 23.67
N TRP IA 350 -76.48 69.71 22.79
CA TRP IA 350 -77.27 69.46 21.60
C TRP IA 350 -78.02 68.13 21.58
N GLY IA 351 -77.51 67.09 22.22
CA GLY IA 351 -78.14 65.80 22.13
C GLY IA 351 -77.70 65.02 20.90
N GLY IA 352 -77.92 63.72 20.95
CA GLY IA 352 -77.44 62.85 19.90
C GLY IA 352 -78.44 62.45 18.84
N ARG IA 353 -79.26 63.39 18.39
CA ARG IA 353 -80.26 63.10 17.37
C ARG IA 353 -79.84 63.46 15.96
N TYR IA 354 -78.87 64.35 15.79
CA TYR IA 354 -78.44 64.80 14.47
C TYR IA 354 -77.03 64.34 14.13
N VAL IA 355 -76.07 64.67 14.99
CA VAL IA 355 -74.65 64.38 14.76
C VAL IA 355 -74.18 63.38 15.81
N GLN IA 356 -73.46 62.34 15.37
CA GLN IA 356 -73.01 61.28 16.27
C GLN IA 356 -71.54 60.99 16.04
N PHE IA 357 -70.80 60.90 17.13
CA PHE IA 357 -69.37 60.61 17.11
C PHE IA 357 -69.15 59.12 17.34
N ALA IA 358 -68.14 58.57 16.66
CA ALA IA 358 -67.82 57.14 16.70
C ALA IA 358 -66.32 56.99 16.95
N ILE IA 359 -65.94 56.86 18.20
CA ILE IA 359 -64.53 56.71 18.57
C ILE IA 359 -64.20 55.22 18.62
N GLU IA 360 -63.38 54.76 17.69
CA GLU IA 360 -62.87 53.41 17.72
C GLU IA 360 -61.35 53.44 17.67
N LEU IA 361 -60.71 52.70 18.56
CA LEU IA 361 -59.26 52.70 18.65
C LEU IA 361 -58.71 51.35 18.20
N LYS IA 362 -57.66 51.39 17.39
CA LYS IA 362 -57.06 50.18 16.84
C LYS IA 362 -55.57 50.17 17.14
N ASP IA 363 -54.85 49.22 16.55
CA ASP IA 363 -53.41 49.10 16.75
C ASP IA 363 -52.67 49.32 15.44
N ASP IA 364 -51.45 49.84 15.55
CA ASP IA 364 -50.68 50.27 14.40
C ASP IA 364 -49.89 49.11 13.81
N TRP IA 365 -50.05 48.90 12.51
CA TRP IA 365 -49.29 47.87 11.82
C TRP IA 365 -47.87 48.34 11.52
N LEU IA 366 -47.71 49.63 11.24
CA LEU IA 366 -46.43 50.19 10.82
C LEU IA 366 -45.68 50.74 12.04
N LYS IA 367 -45.31 49.83 12.93
CA LYS IA 367 -44.53 50.19 14.10
C LYS IA 367 -43.04 50.01 13.85
N GLY IA 368 -42.64 48.80 13.48
CA GLY IA 368 -41.27 48.51 13.10
C GLY IA 368 -41.09 48.30 11.61
N ARG IA 369 -42.14 48.51 10.84
CA ARG IA 369 -42.10 48.26 9.40
C ARG IA 369 -41.64 49.49 8.62
N SER IA 370 -41.16 49.22 7.41
CA SER IA 370 -40.80 50.22 6.41
C SER IA 370 -41.83 50.20 5.29
N PHE IA 371 -42.31 51.37 4.92
CA PHE IA 371 -43.41 51.46 3.97
C PHE IA 371 -43.23 52.62 3.00
N GLN IA 372 -43.97 52.57 1.89
CA GLN IA 372 -43.97 53.64 0.92
C GLN IA 372 -45.39 54.20 0.88
N TYR IA 373 -45.52 55.51 1.09
CA TYR IA 373 -46.80 56.17 1.02
C TYR IA 373 -46.88 57.02 -0.24
N GLY IA 374 -48.09 57.45 -0.56
CA GLY IA 374 -48.29 58.32 -1.70
C GLY IA 374 -49.27 57.74 -2.70
N ALA IA 375 -48.82 57.57 -3.94
CA ALA IA 375 -49.71 57.09 -4.99
C ALA IA 375 -49.86 55.57 -4.90
N GLU IA 376 -48.76 54.85 -5.05
CA GLU IA 376 -48.75 53.38 -4.96
C GLU IA 376 -48.15 53.01 -3.61
N GLY IA 377 -49.00 52.92 -2.60
CA GLY IA 377 -48.53 52.67 -1.24
C GLY IA 377 -48.46 51.17 -0.97
N TYR IA 378 -47.41 50.77 -0.26
CA TYR IA 378 -47.32 49.40 0.21
C TYR IA 378 -46.53 49.36 1.50
N ILE IA 379 -46.72 48.30 2.26
CA ILE IA 379 -46.05 48.10 3.54
C ILE IA 379 -45.19 46.86 3.42
N LYS IA 380 -43.87 47.02 3.56
CA LYS IA 380 -42.96 45.89 3.47
C LYS IA 380 -42.93 45.27 4.85
N MET IA 381 -43.71 44.19 5.04
CA MET IA 381 -43.78 43.53 6.34
C MET IA 381 -42.52 42.78 6.72
N SER IA 382 -41.63 42.51 5.78
CA SER IA 382 -40.41 41.74 5.96
C SER IA 382 -39.51 42.04 4.78
N PRO IA 383 -38.22 41.72 4.87
CA PRO IA 383 -37.36 41.85 3.68
C PRO IA 383 -37.84 41.02 2.49
N GLY IA 384 -38.64 39.97 2.70
CA GLY IA 384 -39.19 39.21 1.62
C GLY IA 384 -40.70 39.14 1.63
N HIS IA 385 -41.38 40.24 1.97
CA HIS IA 385 -42.84 40.22 2.08
C HIS IA 385 -43.37 41.61 1.83
N TRP IA 386 -44.28 41.72 0.86
CA TRP IA 386 -44.95 42.97 0.51
C TRP IA 386 -46.44 42.88 0.83
N TYR IA 387 -47.01 44.01 1.23
CA TYR IA 387 -48.44 44.09 1.52
C TYR IA 387 -49.01 45.28 0.76
N PHE IA 388 -49.93 45.02 -0.16
CA PHE IA 388 -50.52 46.08 -0.97
C PHE IA 388 -51.93 46.33 -0.46
N PRO IA 389 -52.19 47.40 0.28
CA PRO IA 389 -53.53 47.61 0.80
C PRO IA 389 -54.44 48.30 -0.19
N SER IA 390 -55.73 48.04 -0.05
CA SER IA 390 -56.76 48.66 -0.88
C SER IA 390 -57.49 49.71 -0.07
N PRO IA 391 -57.27 51.01 -0.31
CA PRO IA 391 -57.96 52.03 0.49
C PRO IA 391 -59.36 52.35 -0.05
N ALA JA 171 -112.35 47.43 50.05
CA ALA JA 171 -111.14 48.20 49.75
C ALA JA 171 -110.95 48.34 48.25
N GLU JA 172 -110.48 49.51 47.83
CA GLU JA 172 -110.26 49.75 46.41
C GLU JA 172 -108.98 49.06 45.94
N LEU JA 173 -108.81 49.03 44.62
CA LEU JA 173 -107.72 48.25 44.03
C LEU JA 173 -106.40 48.98 44.11
N ASP JA 174 -106.38 50.29 43.87
CA ASP JA 174 -105.12 51.03 43.80
C ASP JA 174 -104.44 51.22 45.14
N SER JA 175 -105.13 50.92 46.24
CA SER JA 175 -104.49 50.95 47.55
C SER JA 175 -103.81 49.63 47.89
N LEU JA 176 -104.21 48.54 47.23
CA LEU JA 176 -103.57 47.25 47.46
C LEU JA 176 -102.26 47.11 46.70
N LEU JA 177 -101.99 48.00 45.75
CA LEU JA 177 -100.69 48.04 45.09
C LEU JA 177 -99.70 48.81 45.97
N GLY JA 178 -98.57 49.19 45.40
CA GLY JA 178 -97.51 49.81 46.15
C GLY JA 178 -97.83 51.23 46.63
N GLN JA 179 -96.84 51.83 47.27
CA GLN JA 179 -97.02 53.17 47.80
C GLN JA 179 -97.03 54.21 46.69
N GLU JA 180 -96.10 54.10 45.75
CA GLU JA 180 -96.01 55.03 44.63
C GLU JA 180 -97.13 54.72 43.66
N LYS JA 181 -98.22 55.48 43.74
CA LYS JA 181 -99.40 55.27 42.90
C LYS JA 181 -99.33 56.07 41.60
N GLU JA 182 -98.25 55.92 40.87
CA GLU JA 182 -98.09 56.60 39.59
C GLU JA 182 -97.59 55.66 38.50
N ARG JA 183 -97.31 54.40 38.82
CA ARG JA 183 -96.86 53.46 37.81
C ARG JA 183 -97.96 52.51 37.35
N PHE JA 184 -99.03 52.36 38.13
CA PHE JA 184 -100.14 51.52 37.74
C PHE JA 184 -101.33 52.40 37.39
N GLN JA 185 -102.18 51.89 36.49
CA GLN JA 185 -103.32 52.65 36.01
C GLN JA 185 -104.52 51.72 35.97
N VAL JA 186 -105.53 52.02 36.80
CA VAL JA 186 -106.73 51.19 36.91
C VAL JA 186 -107.79 51.71 35.96
N LEU JA 187 -108.32 50.81 35.12
CA LEU JA 187 -109.25 51.16 34.06
C LEU JA 187 -110.54 50.34 34.18
N PRO JA 188 -111.71 50.95 34.31
CA PRO JA 188 -112.95 50.17 34.33
C PRO JA 188 -113.31 49.69 32.93
N GLY JA 189 -113.64 48.41 32.79
CA GLY JA 189 -113.98 47.82 31.52
C GLY JA 189 -115.47 47.92 31.23
N ARG JA 190 -115.83 47.40 30.07
CA ARG JA 190 -117.22 47.35 29.65
C ARG JA 190 -117.88 46.04 30.02
N ASP JA 191 -117.10 44.98 30.23
CA ASP JA 191 -117.64 43.69 30.63
C ASP JA 191 -117.65 43.50 32.15
N LYS JA 192 -117.74 44.61 32.89
CA LYS JA 192 -117.76 44.65 34.36
C LYS JA 192 -116.52 44.01 34.98
N MET JA 193 -115.36 44.34 34.44
CA MET JA 193 -114.08 43.93 34.97
C MET JA 193 -113.18 45.15 35.17
N LEU JA 194 -112.13 44.97 35.95
CA LEU JA 194 -111.26 46.08 36.34
C LEU JA 194 -109.84 45.75 35.89
N TYR JA 195 -109.33 46.49 34.91
CA TYR JA 195 -108.04 46.21 34.31
C TYR JA 195 -106.95 47.06 34.96
N VAL JA 196 -105.76 46.49 35.08
CA VAL JA 196 -104.57 47.18 35.57
C VAL JA 196 -103.58 47.26 34.43
N ALA JA 197 -102.99 48.44 34.22
CA ALA JA 197 -102.14 48.61 33.05
C ALA JA 197 -100.72 48.92 33.52
N ALA JA 198 -99.87 47.91 33.53
CA ALA JA 198 -98.45 48.07 33.78
C ALA JA 198 -97.75 48.52 32.50
N GLN JA 199 -96.42 48.62 32.55
CA GLN JA 199 -95.66 49.08 31.40
C GLN JA 199 -94.42 48.26 31.09
N ASN JA 200 -94.10 47.24 31.89
CA ASN JA 200 -93.05 46.28 31.58
C ASN JA 200 -93.45 44.96 32.21
N GLU JA 201 -92.50 44.04 32.29
CA GLU JA 201 -92.79 42.70 32.81
C GLU JA 201 -92.43 42.54 34.28
N ARG JA 202 -91.68 43.47 34.86
CA ARG JA 202 -91.40 43.42 36.28
C ARG JA 202 -92.61 43.91 37.08
N ASP JA 203 -93.27 44.94 36.61
CA ASP JA 203 -94.43 45.38 37.35
C ASP JA 203 -95.67 44.59 36.98
N THR JA 204 -95.60 43.82 35.90
CA THR JA 204 -96.69 42.90 35.63
C THR JA 204 -96.66 41.74 36.62
N LEU JA 205 -95.47 41.23 36.96
CA LEU JA 205 -95.41 40.21 37.99
C LEU JA 205 -95.64 40.78 39.38
N TRP JA 206 -95.41 42.10 39.54
CA TRP JA 206 -95.70 42.75 40.82
C TRP JA 206 -97.20 42.84 41.05
N ALA JA 207 -97.96 43.04 39.99
CA ALA JA 207 -99.41 43.13 40.14
C ALA JA 207 -100.07 41.76 40.08
N ARG JA 208 -99.45 40.81 39.38
CA ARG JA 208 -100.04 39.48 39.35
C ARG JA 208 -99.85 38.75 40.66
N GLN JA 209 -98.86 39.12 41.47
CA GLN JA 209 -98.78 38.50 42.80
C GLN JA 209 -99.90 38.99 43.71
N VAL JA 210 -100.34 40.24 43.52
CA VAL JA 210 -101.44 40.78 44.30
C VAL JA 210 -102.73 40.08 43.92
N LEU JA 211 -102.99 40.00 42.62
CA LEU JA 211 -104.26 39.38 42.22
C LEU JA 211 -104.23 37.86 42.33
N ALA JA 212 -103.07 37.25 42.53
CA ALA JA 212 -102.96 35.81 42.67
C ALA JA 212 -103.03 35.35 44.11
N ARG JA 213 -102.55 36.15 45.07
CA ARG JA 213 -102.71 35.75 46.47
C ARG JA 213 -104.13 35.96 46.96
N GLY JA 214 -104.93 36.75 46.27
CA GLY JA 214 -106.34 36.78 46.52
C GLY JA 214 -106.83 37.82 47.49
N ASP JA 215 -106.18 38.98 47.57
CA ASP JA 215 -106.70 40.07 48.38
C ASP JA 215 -107.55 41.04 47.57
N TYR JA 216 -108.48 40.52 46.79
CA TYR JA 216 -109.46 41.35 46.08
C TYR JA 216 -110.66 40.48 45.78
N ASP JA 217 -111.84 40.95 46.17
CA ASP JA 217 -113.05 40.13 46.13
C ASP JA 217 -113.77 40.15 44.81
N LYS JA 218 -113.52 41.12 43.96
CA LYS JA 218 -114.20 41.18 42.67
C LYS JA 218 -113.27 40.67 41.56
N ASN JA 219 -113.73 40.77 40.31
CA ASN JA 219 -112.95 40.31 39.18
C ASN JA 219 -111.98 41.41 38.75
N ALA JA 220 -110.78 41.00 38.36
CA ALA JA 220 -109.77 41.96 37.94
C ALA JA 220 -108.78 41.26 37.01
N ARG JA 221 -108.11 42.06 36.19
CA ARG JA 221 -107.12 41.55 35.26
C ARG JA 221 -106.01 42.56 35.09
N VAL JA 222 -104.85 42.07 34.69
CA VAL JA 222 -103.68 42.89 34.40
C VAL JA 222 -103.32 42.74 32.91
N ILE JA 223 -103.27 43.85 32.20
CA ILE JA 223 -102.90 43.85 30.79
C ILE JA 223 -101.54 44.52 30.66
N ASN JA 224 -101.00 44.47 29.45
CA ASN JA 224 -99.66 44.95 29.16
C ASN JA 224 -99.68 45.58 27.78
N GLU JA 225 -98.50 45.83 27.22
CA GLU JA 225 -98.40 46.31 25.86
C GLU JA 225 -97.87 45.26 24.89
N ASN JA 226 -96.86 44.48 25.25
CA ASN JA 226 -96.41 43.42 24.36
C ASN JA 226 -97.37 42.25 24.37
N GLU JA 227 -97.93 41.90 25.53
CA GLU JA 227 -98.84 40.77 25.56
C GLU JA 227 -100.17 41.14 24.91
N GLU JA 228 -100.53 42.42 24.96
CA GLU JA 228 -101.75 42.81 24.28
C GLU JA 228 -101.50 42.99 22.80
N ASN JA 229 -100.27 43.29 22.39
CA ASN JA 229 -100.03 43.40 20.96
C ASN JA 229 -99.82 42.04 20.33
N LYS JA 230 -99.67 40.99 21.16
CA LYS JA 230 -99.64 39.62 20.65
C LYS JA 230 -100.96 38.88 20.82
N ARG JA 231 -101.85 39.35 21.70
CA ARG JA 231 -103.13 38.68 21.87
C ARG JA 231 -104.07 38.96 20.72
N ILE JA 232 -104.15 40.20 20.27
CA ILE JA 232 -105.03 40.57 19.18
C ILE JA 232 -104.28 40.60 17.85
N SER JA 233 -103.12 39.94 17.79
CA SER JA 233 -102.50 39.59 16.53
C SER JA 233 -102.77 38.14 16.15
N ILE JA 234 -103.14 37.29 17.10
CA ILE JA 234 -103.64 35.96 16.78
C ILE JA 234 -105.04 36.06 16.18
N TRP JA 235 -105.85 36.98 16.68
CA TRP JA 235 -107.21 37.15 16.17
C TRP JA 235 -107.24 37.66 14.74
N LEU JA 236 -106.25 38.47 14.37
CA LEU JA 236 -106.13 38.93 12.99
C LEU JA 236 -105.54 37.88 12.08
N ASP JA 237 -105.01 36.78 12.62
CA ASP JA 237 -104.52 35.70 11.78
C ASP JA 237 -105.62 34.76 11.38
N THR JA 238 -106.81 34.93 11.93
CA THR JA 238 -107.96 34.09 11.65
C THR JA 238 -109.11 34.85 11.00
N TYR JA 239 -109.44 36.04 11.48
CA TYR JA 239 -110.61 36.72 10.94
C TYR JA 239 -110.29 37.76 9.88
N TYR JA 240 -109.06 38.25 9.82
CA TYR JA 240 -108.62 39.16 8.75
C TYR JA 240 -107.24 38.79 8.26
N PRO JA 241 -107.11 37.67 7.56
CA PRO JA 241 -105.79 37.27 7.05
C PRO JA 241 -105.43 38.10 5.85
N GLN JA 242 -104.15 38.01 5.46
CA GLN JA 242 -103.52 38.78 4.38
C GLN JA 242 -103.66 40.29 4.61
N LEU JA 243 -103.57 40.70 5.87
CA LEU JA 243 -103.63 42.11 6.23
C LEU JA 243 -102.22 42.63 6.45
N ALA JA 244 -101.99 43.89 6.10
CA ALA JA 244 -100.68 44.52 6.23
C ALA JA 244 -100.79 45.64 7.25
N TYR JA 245 -100.27 45.41 8.45
CA TYR JA 245 -100.27 46.40 9.51
C TYR JA 245 -98.92 46.38 10.21
N TYR JA 246 -98.71 47.34 11.11
CA TYR JA 246 -97.41 47.50 11.76
C TYR JA 246 -97.48 47.25 13.27
N ARG JA 247 -98.33 47.96 13.99
CA ARG JA 247 -98.19 48.09 15.43
C ARG JA 247 -99.47 48.70 16.00
N ILE JA 248 -99.77 48.36 17.24
CA ILE JA 248 -100.86 48.99 17.99
C ILE JA 248 -100.27 49.73 19.16
N HIS JA 249 -100.54 51.03 19.25
CA HIS JA 249 -99.93 51.89 20.26
C HIS JA 249 -100.90 52.20 21.38
N PHE JA 250 -100.39 52.22 22.61
CA PHE JA 250 -101.20 52.41 23.81
C PHE JA 250 -100.65 53.55 24.65
N ASP JA 251 -100.38 54.70 24.05
CA ASP JA 251 -99.86 55.81 24.82
C ASP JA 251 -100.90 56.40 25.77
N GLU JA 252 -102.17 56.32 25.42
CA GLU JA 252 -103.23 56.37 26.42
C GLU JA 252 -104.12 55.15 26.15
N PRO JA 253 -104.45 54.39 27.19
CA PRO JA 253 -105.14 53.11 26.97
C PRO JA 253 -106.60 53.23 26.63
N ARG JA 254 -107.20 54.41 26.70
CA ARG JA 254 -108.61 54.53 26.38
C ARG JA 254 -108.87 54.80 24.91
N LYS JA 255 -107.90 55.31 24.16
CA LYS JA 255 -108.04 55.50 22.71
C LYS JA 255 -106.77 55.04 22.00
N PRO JA 256 -106.63 53.74 21.78
CA PRO JA 256 -105.43 53.25 21.10
C PRO JA 256 -105.47 53.53 19.60
N VAL JA 257 -104.28 53.71 19.05
CA VAL JA 257 -104.07 54.01 17.64
C VAL JA 257 -103.58 52.76 16.94
N PHE JA 258 -104.14 52.47 15.78
CA PHE JA 258 -103.81 51.27 15.01
C PHE JA 258 -103.09 51.71 13.74
N TRP JA 259 -101.81 51.37 13.62
CA TRP JA 259 -101.00 51.76 12.48
C TRP JA 259 -101.17 50.74 11.38
N LEU JA 260 -101.85 51.12 10.30
CA LEU JA 260 -102.14 50.23 9.19
C LEU JA 260 -101.36 50.70 7.96
N SER JA 261 -100.98 49.78 7.10
CA SER JA 261 -100.24 50.17 5.92
C SER JA 261 -101.18 50.78 4.89
N ARG JA 262 -100.61 51.60 4.00
CA ARG JA 262 -101.37 52.34 3.01
C ARG JA 262 -101.25 51.77 1.61
N GLN JA 263 -100.05 51.43 1.16
CA GLN JA 263 -99.83 51.02 -0.21
C GLN JA 263 -99.96 49.52 -0.41
N ARG JA 264 -100.38 48.79 0.62
CA ARG JA 264 -100.39 47.34 0.56
C ARG JA 264 -101.74 46.71 0.80
N ASN JA 265 -102.82 47.49 0.96
CA ASN JA 265 -104.15 46.92 1.09
C ASN JA 265 -105.15 47.81 0.37
N THR JA 266 -106.34 47.28 0.16
CA THR JA 266 -107.35 47.94 -0.65
C THR JA 266 -108.70 48.04 0.07
N MET JA 267 -108.69 48.05 1.40
CA MET JA 267 -109.92 48.19 2.16
C MET JA 267 -110.52 49.59 1.98
N SER JA 268 -111.84 49.64 1.83
CA SER JA 268 -112.49 50.93 1.61
C SER JA 268 -112.81 51.60 2.94
N LYS JA 269 -113.63 52.65 2.87
CA LYS JA 269 -113.96 53.44 4.04
C LYS JA 269 -114.93 52.68 4.94
N LYS JA 270 -115.84 51.90 4.36
CA LYS JA 270 -116.78 51.19 5.20
C LYS JA 270 -116.11 49.98 5.83
N GLU JA 271 -115.14 49.38 5.13
CA GLU JA 271 -114.45 48.24 5.71
C GLU JA 271 -113.52 48.67 6.83
N LEU JA 272 -113.01 49.91 6.79
CA LEU JA 272 -112.18 50.32 7.91
C LEU JA 272 -113.01 50.69 9.13
N GLU JA 273 -114.30 50.96 8.94
CA GLU JA 273 -115.18 51.16 10.09
C GLU JA 273 -115.62 49.84 10.66
N VAL JA 274 -115.80 48.84 9.81
CA VAL JA 274 -116.16 47.51 10.31
C VAL JA 274 -114.98 46.92 11.08
N LEU JA 275 -113.76 47.15 10.59
CA LEU JA 275 -112.57 46.69 11.30
C LEU JA 275 -112.40 47.40 12.63
N SER JA 276 -112.74 48.70 12.70
CA SER JA 276 -112.65 49.37 13.99
C SER JA 276 -113.75 48.91 14.95
N GLN JA 277 -114.92 48.54 14.42
CA GLN JA 277 -115.98 48.06 15.28
C GLN JA 277 -115.76 46.63 15.73
N LYS JA 278 -114.85 45.92 15.09
CA LYS JA 278 -114.55 44.58 15.57
C LYS JA 278 -113.29 44.55 16.42
N LEU JA 279 -112.41 45.54 16.27
CA LEU JA 279 -111.31 45.67 17.21
C LEU JA 279 -111.75 46.30 18.52
N ARG JA 280 -112.87 47.03 18.53
CA ARG JA 280 -113.35 47.60 19.79
C ARG JA 280 -113.94 46.54 20.71
N ALA JA 281 -114.50 45.46 20.15
CA ALA JA 281 -115.06 44.40 20.97
C ALA JA 281 -114.01 43.52 21.63
N LEU JA 282 -112.79 43.47 21.10
CA LEU JA 282 -111.74 42.67 21.73
C LEU JA 282 -111.13 43.35 22.94
N MET JA 283 -111.15 44.68 22.99
CA MET JA 283 -110.59 45.43 24.11
C MET JA 283 -111.70 46.17 24.84
N PRO JA 284 -112.20 45.62 25.95
CA PRO JA 284 -113.32 46.26 26.65
C PRO JA 284 -112.92 47.52 27.39
N TYR JA 285 -111.65 47.70 27.72
CA TYR JA 285 -111.22 48.91 28.41
C TYR JA 285 -111.20 50.11 27.48
N ALA JA 286 -111.00 49.89 26.19
CA ALA JA 286 -110.90 50.97 25.22
C ALA JA 286 -112.28 51.51 24.89
N ASP JA 287 -112.32 52.79 24.53
CA ASP JA 287 -113.55 53.46 24.15
C ASP JA 287 -113.71 53.58 22.64
N SER JA 288 -112.62 53.78 21.92
CA SER JA 288 -112.63 53.83 20.47
C SER JA 288 -111.23 53.49 19.98
N VAL JA 289 -111.15 53.00 18.74
CA VAL JA 289 -109.89 52.66 18.11
C VAL JA 289 -109.68 53.59 16.92
N ASN JA 290 -108.53 54.25 16.89
CA ASN JA 290 -108.25 55.26 15.85
C ASN JA 290 -107.31 54.64 14.83
N ILE JA 291 -107.87 54.15 13.73
CA ILE JA 291 -107.08 53.52 12.68
C ILE JA 291 -106.48 54.58 11.79
N THR JA 292 -105.15 54.61 11.69
CA THR JA 292 -104.49 55.56 10.81
C THR JA 292 -103.68 54.79 9.79
N LEU JA 293 -103.44 55.42 8.64
CA LEU JA 293 -102.75 54.82 7.51
C LEU JA 293 -101.36 55.43 7.39
N MET JA 294 -100.35 54.67 7.80
CA MET JA 294 -98.97 55.09 7.69
C MET JA 294 -98.41 54.71 6.33
N ASP JA 295 -97.42 55.48 5.88
CA ASP JA 295 -96.80 55.23 4.59
C ASP JA 295 -95.84 54.04 4.69
N ASP JA 296 -95.33 53.62 3.55
CA ASP JA 296 -94.51 52.41 3.46
C ASP JA 296 -93.08 52.67 3.03
N VAL JA 297 -92.76 53.86 2.53
CA VAL JA 297 -91.39 54.16 2.18
C VAL JA 297 -90.63 54.82 3.32
N THR JA 298 -91.32 55.57 4.18
CA THR JA 298 -90.66 56.15 5.35
C THR JA 298 -90.36 55.11 6.41
N ALA JA 299 -91.01 53.95 6.35
CA ALA JA 299 -90.70 52.86 7.26
C ALA JA 299 -89.38 52.21 6.94
N ALA JA 300 -89.03 52.12 5.66
CA ALA JA 300 -87.71 51.59 5.34
C ALA JA 300 -86.67 52.69 5.23
N GLY JA 301 -87.11 53.95 5.05
CA GLY JA 301 -86.15 55.03 5.01
C GLY JA 301 -85.63 55.38 6.38
N GLN JA 302 -86.46 55.25 7.43
CA GLN JA 302 -85.94 55.51 8.76
C GLN JA 302 -85.04 54.38 9.22
N ALA JA 303 -85.31 53.16 8.78
CA ALA JA 303 -84.51 52.01 9.18
C ALA JA 303 -83.18 51.99 8.47
N GLU JA 304 -83.10 52.60 7.29
CA GLU JA 304 -81.83 52.64 6.58
C GLU JA 304 -81.02 53.87 6.99
N ALA JA 305 -81.68 55.02 7.18
CA ALA JA 305 -80.94 56.21 7.57
C ALA JA 305 -80.47 56.13 9.02
N GLY JA 306 -81.17 55.40 9.89
CA GLY JA 306 -80.62 55.21 11.21
C GLY JA 306 -79.46 54.25 11.21
N LEU JA 307 -79.46 53.29 10.28
CA LEU JA 307 -78.36 52.36 10.19
C LEU JA 307 -77.14 52.96 9.54
N LYS JA 308 -77.28 54.11 8.88
CA LYS JA 308 -76.10 54.71 8.27
C LYS JA 308 -75.40 55.71 9.19
N GLN JA 309 -76.11 56.29 10.16
CA GLN JA 309 -75.46 57.19 11.11
C GLN JA 309 -74.54 56.44 12.06
N GLN JA 310 -74.87 55.20 12.38
CA GLN JA 310 -74.11 54.41 13.33
C GLN JA 310 -72.85 53.81 12.73
N ALA JA 311 -72.63 53.98 11.42
CA ALA JA 311 -71.48 53.45 10.68
C ALA JA 311 -71.37 51.93 10.80
N LEU JA 312 -72.46 51.26 10.47
CA LEU JA 312 -72.53 49.81 10.51
C LEU JA 312 -72.54 49.27 9.10
N PRO JA 313 -71.75 48.24 8.79
CA PRO JA 313 -71.80 47.65 7.45
C PRO JA 313 -73.07 46.83 7.29
N TYR JA 314 -73.85 47.15 6.27
CA TYR JA 314 -75.14 46.52 6.10
C TYR JA 314 -75.35 46.15 4.64
N SER JA 315 -76.46 45.46 4.40
CA SER JA 315 -76.77 45.00 3.05
C SER JA 315 -78.28 44.86 2.93
N ARG JA 316 -78.89 45.74 2.15
CA ARG JA 316 -80.34 45.78 1.99
C ARG JA 316 -80.80 44.74 0.98
N ARG JA 317 -81.89 44.05 1.32
CA ARG JA 317 -82.48 43.03 0.45
C ARG JA 317 -83.95 43.39 0.27
N ASN JA 318 -84.25 44.09 -0.81
CA ASN JA 318 -85.63 44.46 -1.12
C ASN JA 318 -86.28 43.27 -1.79
N HIS JA 319 -87.46 42.89 -1.31
CA HIS JA 319 -88.33 41.98 -2.01
C HIS JA 319 -89.75 42.37 -1.69
N LYS JA 320 -90.72 41.66 -2.27
CA LYS JA 320 -92.11 42.03 -2.11
C LYS JA 320 -92.61 41.67 -0.73
N GLY JA 321 -93.37 42.59 -0.13
CA GLY JA 321 -93.92 42.38 1.19
C GLY JA 321 -92.90 42.49 2.30
N GLY JA 322 -91.93 43.38 2.17
CA GLY JA 322 -90.98 43.62 3.25
C GLY JA 322 -89.54 43.63 2.81
N VAL JA 323 -88.70 44.34 3.56
CA VAL JA 323 -87.27 44.41 3.28
C VAL JA 323 -86.49 43.80 4.44
N THR JA 324 -85.20 43.60 4.18
CA THR JA 324 -84.37 42.91 5.16
C THR JA 324 -82.96 43.46 5.14
N PHE JA 325 -82.47 43.89 6.30
CA PHE JA 325 -81.11 44.39 6.40
C PHE JA 325 -80.24 43.33 7.05
N VAL JA 326 -79.13 42.98 6.41
CA VAL JA 326 -78.24 41.94 6.89
C VAL JA 326 -76.95 42.60 7.33
N ILE JA 327 -76.57 42.36 8.58
CA ILE JA 327 -75.32 42.87 9.16
C ILE JA 327 -74.48 41.66 9.55
N GLN JA 328 -73.60 41.24 8.66
CA GLN JA 328 -72.71 40.11 8.88
C GLN JA 328 -71.28 40.59 9.02
N GLY JA 329 -70.38 39.63 9.19
CA GLY JA 329 -68.96 39.93 9.30
C GLY JA 329 -68.48 39.87 10.74
N ALA JA 330 -67.17 40.06 10.88
CA ALA JA 330 -66.53 40.09 12.19
C ALA JA 330 -66.56 41.52 12.70
N LEU JA 331 -67.50 41.80 13.61
CA LEU JA 331 -67.64 43.13 14.18
C LEU JA 331 -66.80 43.26 15.45
N ASP JA 332 -66.56 44.50 15.85
CA ASP JA 332 -65.88 44.79 17.09
C ASP JA 332 -66.91 45.14 18.17
N ASP JA 333 -66.42 45.52 19.34
CA ASP JA 333 -67.27 45.60 20.53
C ASP JA 333 -68.17 46.82 20.55
N VAL JA 334 -67.87 47.86 19.77
CA VAL JA 334 -68.74 49.03 19.77
C VAL JA 334 -69.77 48.95 18.66
N GLU JA 335 -69.55 48.08 17.68
CA GLU JA 335 -70.55 47.89 16.65
C GLU JA 335 -71.65 46.94 17.07
N ILE JA 336 -71.46 46.21 18.15
CA ILE JA 336 -72.56 45.43 18.68
C ILE JA 336 -73.38 46.26 19.65
N LEU JA 337 -72.72 47.13 20.42
CA LEU JA 337 -73.44 47.97 21.37
C LEU JA 337 -74.22 49.08 20.70
N ARG JA 338 -73.83 49.51 19.50
CA ARG JA 338 -74.66 50.51 18.84
C ARG JA 338 -75.77 49.88 18.01
N ALA JA 339 -75.59 48.65 17.57
CA ALA JA 339 -76.62 47.99 16.80
C ALA JA 339 -77.68 47.38 17.70
N ARG JA 340 -77.31 46.91 18.89
CA ARG JA 340 -78.31 46.35 19.80
C ARG JA 340 -79.20 47.44 20.36
N GLN JA 341 -78.74 48.68 20.37
CA GLN JA 341 -79.56 49.77 20.89
C GLN JA 341 -80.36 50.41 19.79
N PHE JA 342 -79.88 50.35 18.54
CA PHE JA 342 -80.69 50.91 17.46
C PHE JA 342 -81.82 49.95 17.09
N VAL JA 343 -81.54 48.65 17.06
CA VAL JA 343 -82.58 47.69 16.69
C VAL JA 343 -83.66 47.66 17.76
N ASP JA 344 -83.26 47.70 19.03
CA ASP JA 344 -84.23 47.71 20.11
C ASP JA 344 -84.97 49.03 20.23
N SER JA 345 -84.43 50.13 19.69
CA SER JA 345 -85.20 51.36 19.69
C SER JA 345 -86.05 51.53 18.44
N TYR JA 346 -85.80 50.71 17.42
CA TYR JA 346 -86.65 50.74 16.24
C TYR JA 346 -87.80 49.75 16.32
N TYR JA 347 -87.58 48.62 16.98
CA TYR JA 347 -88.63 47.61 17.11
C TYR JA 347 -89.74 48.08 18.02
N ARG JA 348 -89.44 48.99 18.95
CA ARG JA 348 -90.48 49.50 19.84
C ARG JA 348 -91.44 50.39 19.08
N THR JA 349 -90.93 51.20 18.16
CA THR JA 349 -91.74 52.20 17.50
C THR JA 349 -92.28 51.75 16.15
N TRP JA 350 -91.82 50.62 15.61
CA TRP JA 350 -92.34 50.17 14.32
C TRP JA 350 -92.71 48.69 14.25
N GLY JA 351 -92.27 47.87 15.19
CA GLY JA 351 -92.58 46.45 15.15
C GLY JA 351 -91.73 45.70 14.13
N GLY JA 352 -91.88 44.38 14.15
CA GLY JA 352 -91.11 43.54 13.24
C GLY JA 352 -91.92 42.87 12.17
N ARG JA 353 -92.90 43.58 11.61
CA ARG JA 353 -93.76 42.99 10.60
C ARG JA 353 -93.29 43.28 9.18
N TYR JA 354 -92.82 44.50 8.91
CA TYR JA 354 -92.41 44.87 7.57
C TYR JA 354 -90.91 44.70 7.31
N VAL JA 355 -90.08 45.38 8.10
CA VAL JA 355 -88.64 45.43 7.89
C VAL JA 355 -87.96 44.64 9.00
N GLN JA 356 -87.00 43.80 8.63
CA GLN JA 356 -86.37 42.92 9.61
C GLN JA 356 -84.85 42.97 9.54
N PHE JA 357 -84.23 43.20 10.70
CA PHE JA 357 -82.78 43.22 10.85
C PHE JA 357 -82.27 41.82 11.18
N ALA JA 358 -81.21 41.41 10.50
CA ALA JA 358 -80.56 40.12 10.71
C ALA JA 358 -79.11 40.39 11.06
N ILE JA 359 -78.83 40.61 12.34
CA ILE JA 359 -77.46 40.82 12.81
C ILE JA 359 -76.86 39.46 13.16
N GLU JA 360 -75.73 39.14 12.55
CA GLU JA 360 -75.10 37.82 12.73
C GLU JA 360 -73.59 38.00 12.77
N LEU JA 361 -72.99 37.71 13.91
CA LEU JA 361 -71.57 37.90 14.10
C LEU JA 361 -70.86 36.58 13.88
N LYS JA 362 -70.00 36.53 12.86
CA LYS JA 362 -69.26 35.32 12.52
C LYS JA 362 -67.94 35.73 11.88
N ASP JA 363 -67.06 34.75 11.72
CA ASP JA 363 -65.71 34.99 11.23
C ASP JA 363 -65.71 35.10 9.71
N ASP JA 364 -64.53 35.16 9.13
CA ASP JA 364 -64.39 35.31 7.69
C ASP JA 364 -64.61 33.99 6.97
N TRP JA 365 -65.45 34.00 5.94
CA TRP JA 365 -65.57 32.85 5.06
C TRP JA 365 -64.26 32.65 4.32
N LEU JA 366 -63.90 31.38 4.09
CA LEU JA 366 -62.63 30.96 3.49
C LEU JA 366 -61.45 31.54 4.28
N LYS JA 367 -61.36 31.03 5.51
CA LYS JA 367 -60.72 31.73 6.63
C LYS JA 367 -59.25 32.07 6.37
N GLY JA 368 -58.41 31.06 6.20
CA GLY JA 368 -57.02 31.34 5.95
C GLY JA 368 -56.58 30.90 4.58
N ARG JA 369 -57.46 31.07 3.59
CA ARG JA 369 -57.23 30.55 2.26
C ARG JA 369 -57.21 31.69 1.26
N SER JA 370 -56.45 31.48 0.19
CA SER JA 370 -56.46 32.37 -0.96
C SER JA 370 -57.37 31.77 -2.02
N PHE JA 371 -58.13 32.63 -2.68
CA PHE JA 371 -59.12 32.18 -3.66
C PHE JA 371 -59.12 33.12 -4.85
N GLN JA 372 -59.73 32.67 -5.94
CA GLN JA 372 -59.77 33.41 -7.20
C GLN JA 372 -61.22 33.68 -7.55
N TYR JA 373 -61.75 34.79 -7.04
CA TYR JA 373 -63.19 35.03 -7.06
C TYR JA 373 -63.70 35.48 -8.42
N GLY JA 374 -64.97 35.20 -8.66
CA GLY JA 374 -65.74 35.76 -9.76
C GLY JA 374 -65.93 34.82 -10.93
N ALA JA 375 -67.05 34.11 -10.95
CA ALA JA 375 -67.65 33.39 -12.08
C ALA JA 375 -66.87 32.16 -12.56
N GLU JA 376 -65.61 32.01 -12.11
CA GLU JA 376 -64.81 30.80 -12.27
C GLU JA 376 -63.86 30.78 -11.09
N GLY JA 377 -64.27 30.12 -10.02
CA GLY JA 377 -63.55 30.24 -8.77
C GLY JA 377 -62.87 28.98 -8.33
N TYR JA 378 -61.84 29.11 -7.52
CA TYR JA 378 -61.22 27.94 -6.91
C TYR JA 378 -60.55 28.37 -5.62
N ILE JA 379 -60.59 27.50 -4.64
CA ILE JA 379 -59.89 27.71 -3.38
C ILE JA 379 -58.59 26.95 -3.44
N LYS JA 380 -57.53 27.53 -2.89
CA LYS JA 380 -56.23 26.87 -2.81
C LYS JA 380 -56.10 26.33 -1.39
N MET JA 381 -56.31 25.03 -1.24
CA MET JA 381 -56.24 24.41 0.08
C MET JA 381 -54.81 24.36 0.59
N SER JA 382 -53.90 23.90 -0.24
CA SER JA 382 -52.49 23.79 0.02
C SER JA 382 -51.77 24.61 -1.05
N PRO JA 383 -50.44 24.74 -1.03
CA PRO JA 383 -49.75 25.27 -2.20
C PRO JA 383 -49.95 24.44 -3.46
N GLY JA 384 -50.24 23.14 -3.33
CA GLY JA 384 -50.48 22.30 -4.48
C GLY JA 384 -51.83 21.61 -4.49
N HIS JA 385 -52.88 22.30 -4.07
CA HIS JA 385 -54.21 21.70 -3.99
C HIS JA 385 -55.25 22.71 -4.43
N TRP JA 386 -56.00 22.37 -5.48
CA TRP JA 386 -57.06 23.20 -6.02
C TRP JA 386 -58.41 22.56 -5.72
N TYR JA 387 -59.36 23.35 -5.25
CA TYR JA 387 -60.69 22.88 -4.93
C TYR JA 387 -61.67 23.76 -5.70
N PHE JA 388 -62.69 23.15 -6.32
CA PHE JA 388 -63.60 23.85 -7.23
C PHE JA 388 -65.04 23.76 -6.76
N PRO JA 389 -65.43 24.55 -5.76
CA PRO JA 389 -66.84 24.67 -5.40
C PRO JA 389 -67.53 25.72 -6.25
N SER JA 390 -68.69 26.19 -5.80
CA SER JA 390 -69.49 27.30 -6.30
C SER JA 390 -68.68 28.53 -6.67
N PRO JA 391 -69.13 29.35 -7.64
CA PRO JA 391 -68.31 30.49 -8.08
C PRO JA 391 -68.16 31.54 -6.99
N LEU JA 392 -66.95 31.60 -6.45
CA LEU JA 392 -66.63 32.43 -5.30
C LEU JA 392 -66.33 33.86 -5.71
N ALA KA 171 -121.86 23.04 44.72
CA ALA KA 171 -120.73 23.86 44.28
C ALA KA 171 -120.59 23.81 42.76
N GLU KA 172 -120.50 24.98 42.15
CA GLU KA 172 -120.34 25.06 40.70
C GLU KA 172 -118.93 24.64 40.29
N LEU KA 173 -118.79 24.29 39.00
CA LEU KA 173 -117.52 23.79 38.50
C LEU KA 173 -116.48 24.90 38.40
N ASP KA 174 -116.89 26.12 38.05
CA ASP KA 174 -115.96 27.21 37.84
C ASP KA 174 -115.28 27.70 39.12
N SER KA 175 -115.79 27.32 40.29
CA SER KA 175 -115.10 27.65 41.54
C SER KA 175 -114.14 26.55 41.97
N LEU KA 176 -114.30 25.34 41.44
CA LEU KA 176 -113.41 24.24 41.80
C LEU KA 176 -112.08 24.31 41.05
N LEU KA 177 -112.01 25.13 40.02
CA LEU KA 177 -110.77 25.37 39.28
C LEU KA 177 -109.93 26.40 40.04
N GLY KA 178 -108.93 26.97 39.38
CA GLY KA 178 -108.02 27.89 40.02
C GLY KA 178 -108.65 29.21 40.48
N GLN KA 179 -107.78 30.05 41.03
CA GLN KA 179 -108.21 31.32 41.61
C GLN KA 179 -108.65 32.30 40.55
N GLU KA 180 -107.84 32.47 39.49
CA GLU KA 180 -108.20 33.36 38.41
C GLU KA 180 -109.21 32.67 37.49
N LYS KA 181 -110.39 33.27 37.34
CA LYS KA 181 -111.37 32.69 36.42
C LYS KA 181 -111.27 33.30 35.04
N GLU KA 182 -110.06 33.37 34.49
CA GLU KA 182 -109.83 33.94 33.18
C GLU KA 182 -109.22 32.96 32.20
N ARG KA 183 -108.50 31.94 32.68
CA ARG KA 183 -107.80 31.03 31.80
C ARG KA 183 -108.60 29.79 31.46
N PHE KA 184 -109.75 29.59 32.08
CA PHE KA 184 -110.60 28.47 31.74
C PHE KA 184 -111.96 29.02 31.33
N GLN KA 185 -112.69 28.23 30.54
CA GLN KA 185 -113.99 28.68 30.04
C GLN KA 185 -114.92 27.48 29.97
N VAL KA 186 -116.02 27.57 30.68
CA VAL KA 186 -116.95 26.47 30.87
C VAL KA 186 -118.13 26.64 29.92
N LEU KA 187 -118.42 25.61 29.13
CA LEU KA 187 -119.46 25.61 28.12
C LEU KA 187 -120.44 24.47 28.37
N PRO KA 188 -121.74 24.70 28.24
CA PRO KA 188 -122.70 23.60 28.36
C PRO KA 188 -122.93 22.94 27.01
N GLY KA 189 -123.07 21.61 27.01
CA GLY KA 189 -123.27 20.88 25.78
C GLY KA 189 -124.72 20.45 25.58
N ARG KA 190 -124.94 19.76 24.47
CA ARG KA 190 -126.27 19.26 24.14
C ARG KA 190 -126.44 17.79 24.49
N ASP KA 191 -125.40 17.16 25.02
CA ASP KA 191 -125.45 15.78 25.46
C ASP KA 191 -125.45 15.71 26.98
N LYS KA 192 -126.08 16.71 27.61
CA LYS KA 192 -126.04 17.03 29.05
C LYS KA 192 -124.66 16.79 29.68
N MET KA 193 -123.65 17.43 29.09
CA MET KA 193 -122.32 17.43 29.66
C MET KA 193 -121.84 18.88 29.81
N LEU KA 194 -120.60 19.03 30.26
CA LEU KA 194 -120.08 20.35 30.59
C LEU KA 194 -118.59 20.40 30.28
N TYR KA 195 -118.24 21.21 29.29
CA TYR KA 195 -116.91 21.21 28.70
C TYR KA 195 -116.09 22.35 29.30
N VAL KA 196 -114.84 22.06 29.64
CA VAL KA 196 -113.88 23.03 30.11
C VAL KA 196 -112.90 23.23 28.96
N ALA KA 197 -112.57 24.46 28.64
CA ALA KA 197 -111.74 24.71 27.46
C ALA KA 197 -110.41 25.29 27.91
N ALA KA 198 -109.35 24.49 27.88
CA ALA KA 198 -108.03 25.02 28.15
C ALA KA 198 -107.40 25.53 26.86
N GLN KA 199 -106.13 25.93 26.92
CA GLN KA 199 -105.45 26.43 25.73
C GLN KA 199 -104.03 25.90 25.58
N ASN KA 200 -103.52 25.13 26.52
CA ASN KA 200 -102.24 24.45 26.38
C ASN KA 200 -102.28 23.19 27.25
N GLU KA 201 -101.20 22.42 27.18
CA GLU KA 201 -101.16 21.16 27.91
C GLU KA 201 -100.99 21.34 29.40
N ARG KA 202 -100.39 22.45 29.84
CA ARG KA 202 -100.22 22.65 31.27
C ARG KA 202 -101.54 22.98 31.93
N ASP KA 203 -102.35 23.83 31.29
CA ASP KA 203 -103.64 24.11 31.88
C ASP KA 203 -104.61 22.96 31.64
N THR KA 204 -104.32 22.11 30.66
CA THR KA 204 -105.16 20.95 30.44
C THR KA 204 -104.95 19.93 31.55
N LEU KA 205 -103.71 19.72 31.97
CA LEU KA 205 -103.48 18.84 33.11
C LEU KA 205 -103.91 19.48 34.43
N TRP KA 206 -103.98 20.82 34.48
CA TRP KA 206 -104.47 21.49 35.68
C TRP KA 206 -105.96 21.31 35.83
N ALA KA 207 -106.69 21.23 34.71
CA ALA KA 207 -108.11 21.03 34.82
C ALA KA 207 -108.48 19.57 34.86
N ARG KA 208 -107.65 18.69 34.29
CA ARG KA 208 -107.93 17.27 34.39
C ARG KA 208 -107.60 16.68 35.75
N GLN KA 209 -106.77 17.35 36.56
CA GLN KA 209 -106.53 16.83 37.90
C GLN KA 209 -107.73 17.04 38.81
N VAL KA 210 -108.53 18.07 38.55
CA VAL KA 210 -109.71 18.35 39.35
C VAL KA 210 -110.75 17.26 39.11
N LEU KA 211 -111.06 16.99 37.84
CA LEU KA 211 -112.07 15.98 37.55
C LEU KA 211 -111.51 14.57 37.70
N ALA KA 212 -110.21 14.41 37.93
CA ALA KA 212 -109.64 13.09 38.17
C ALA KA 212 -109.71 12.70 39.63
N ARG KA 213 -109.44 13.65 40.55
CA ARG KA 213 -109.61 13.33 41.95
C ARG KA 213 -111.08 13.25 42.33
N GLY KA 214 -111.96 13.85 41.54
CA GLY KA 214 -113.38 13.57 41.63
C GLY KA 214 -114.22 14.47 42.51
N ASP KA 215 -113.87 15.74 42.64
CA ASP KA 215 -114.69 16.67 43.42
C ASP KA 215 -115.68 17.44 42.54
N TYR KA 216 -116.45 16.71 41.73
CA TYR KA 216 -117.56 17.31 40.99
C TYR KA 216 -118.54 16.20 40.65
N ASP KA 217 -119.82 16.43 40.95
CA ASP KA 217 -120.84 15.40 40.91
C ASP KA 217 -121.60 15.34 39.59
N LYS KA 218 -121.11 15.98 38.54
CA LYS KA 218 -121.71 15.86 37.21
C LYS KA 218 -120.65 15.38 36.23
N ASN KA 219 -121.05 15.25 34.97
CA ASN KA 219 -120.12 14.83 33.93
C ASN KA 219 -119.45 16.05 33.33
N ALA KA 220 -118.15 15.96 33.10
CA ALA KA 220 -117.40 17.09 32.57
C ALA KA 220 -116.22 16.58 31.77
N ARG KA 221 -115.78 17.39 30.82
CA ARG KA 221 -114.64 17.06 29.98
C ARG KA 221 -113.73 18.26 29.85
N VAL KA 222 -112.48 18.00 29.46
CA VAL KA 222 -111.49 19.04 29.24
C VAL KA 222 -111.05 19.00 27.78
N ILE KA 223 -111.35 20.05 27.03
CA ILE KA 223 -111.02 20.11 25.62
C ILE KA 223 -109.87 21.09 25.40
N ASN KA 224 -109.34 21.07 24.19
CA ASN KA 224 -108.16 21.81 23.77
C ASN KA 224 -108.23 21.98 22.26
N GLU KA 225 -107.57 23.01 21.75
CA GLU KA 225 -107.61 23.25 20.31
C GLU KA 225 -106.80 22.24 19.55
N ASN KA 226 -105.62 21.88 20.05
CA ASN KA 226 -104.77 20.90 19.38
C ASN KA 226 -105.31 19.50 19.56
N GLU KA 227 -106.09 19.27 20.61
CA GLU KA 227 -106.61 17.94 20.86
C GLU KA 227 -107.87 17.72 20.04
N GLU KA 228 -108.78 18.67 20.04
CA GLU KA 228 -109.98 18.46 19.25
C GLU KA 228 -109.77 18.75 17.77
N ASN KA 229 -108.63 19.29 17.38
CA ASN KA 229 -108.27 19.27 15.97
C ASN KA 229 -107.72 17.92 15.54
N LYS KA 230 -107.16 17.16 16.48
CA LYS KA 230 -106.68 15.81 16.20
C LYS KA 230 -107.79 14.78 16.30
N ARG KA 231 -108.86 15.09 17.04
CA ARG KA 231 -109.91 14.11 17.26
C ARG KA 231 -110.81 13.96 16.05
N ILE KA 232 -111.20 15.08 15.46
CA ILE KA 232 -112.07 15.04 14.30
C ILE KA 232 -111.27 15.13 13.01
N SER KA 233 -110.01 14.84 13.05
CA SER KA 233 -109.26 14.47 11.86
C SER KA 233 -109.14 12.96 11.67
N ILE KA 234 -109.33 12.19 12.74
CA ILE KA 234 -109.44 10.74 12.61
C ILE KA 234 -110.78 10.36 12.00
N TRP KA 235 -111.86 11.01 12.44
CA TRP KA 235 -113.18 10.78 11.87
C TRP KA 235 -113.26 11.26 10.43
N LEU KA 236 -112.50 12.29 10.09
CA LEU KA 236 -112.63 12.89 8.77
C LEU KA 236 -111.97 12.06 7.68
N ASP KA 237 -111.13 11.09 8.02
CA ASP KA 237 -110.54 10.22 7.01
C ASP KA 237 -111.16 8.83 7.01
N THR KA 238 -112.40 8.72 7.43
CA THR KA 238 -113.18 7.50 7.33
C THR KA 238 -114.48 7.72 6.59
N TYR KA 239 -115.18 8.81 6.88
CA TYR KA 239 -116.42 9.12 6.20
C TYR KA 239 -116.26 10.14 5.08
N TYR KA 240 -115.18 10.92 5.06
CA TYR KA 240 -114.93 11.90 4.01
C TYR KA 240 -113.48 11.85 3.56
N PRO KA 241 -113.07 10.77 2.90
CA PRO KA 241 -111.68 10.67 2.45
C PRO KA 241 -111.46 11.53 1.20
N GLN KA 242 -110.17 11.69 0.86
CA GLN KA 242 -109.70 12.51 -0.25
C GLN KA 242 -110.19 13.96 -0.13
N LEU KA 243 -110.19 14.49 1.09
CA LEU KA 243 -110.61 15.85 1.34
C LEU KA 243 -109.40 16.73 1.54
N ALA KA 244 -109.46 17.95 1.02
CA ALA KA 244 -108.37 18.92 1.12
C ALA KA 244 -108.80 20.01 2.07
N TYR KA 245 -108.20 20.04 3.26
CA TYR KA 245 -108.51 21.04 4.26
C TYR KA 245 -107.22 21.41 4.98
N TYR KA 246 -107.28 22.45 5.81
CA TYR KA 246 -106.10 22.93 6.51
C TYR KA 246 -106.19 22.75 8.02
N ARG KA 247 -107.20 23.35 8.66
CA ARG KA 247 -107.26 23.40 10.12
C ARG KA 247 -108.66 23.86 10.53
N ILE KA 248 -108.99 23.62 11.79
CA ILE KA 248 -110.21 24.12 12.41
C ILE KA 248 -109.81 25.09 13.51
N HIS KA 249 -110.40 26.28 13.51
CA HIS KA 249 -110.00 27.35 14.40
C HIS KA 249 -111.02 27.55 15.51
N PHE KA 250 -110.54 27.67 16.74
CA PHE KA 250 -111.40 27.78 17.90
C PHE KA 250 -111.15 29.08 18.66
N ASP KA 251 -111.08 30.20 17.95
CA ASP KA 251 -110.90 31.48 18.62
C ASP KA 251 -112.13 31.87 19.43
N GLU KA 252 -113.31 31.41 19.02
CA GLU KA 252 -114.49 31.40 19.87
C GLU KA 252 -115.09 30.00 19.77
N PRO KA 253 -115.18 29.25 20.87
CA PRO KA 253 -115.58 27.84 20.79
C PRO KA 253 -117.05 27.62 20.54
N ARG KA 254 -117.87 28.66 20.59
CA ARG KA 254 -119.28 28.50 20.28
C ARG KA 254 -119.57 28.58 18.79
N LYS KA 255 -118.56 28.89 17.97
CA LYS KA 255 -118.69 28.91 16.53
C LYS KA 255 -117.32 28.71 15.88
N PRO KA 256 -116.90 27.47 15.63
CA PRO KA 256 -115.61 27.25 14.98
C PRO KA 256 -115.67 27.57 13.49
N VAL KA 257 -114.49 27.65 12.91
CA VAL KA 257 -114.30 28.03 11.51
C VAL KA 257 -113.51 26.93 10.82
N PHE KA 258 -114.05 26.38 9.75
CA PHE KA 258 -113.42 25.28 9.02
C PHE KA 258 -112.79 25.85 7.76
N TRP KA 259 -111.46 25.77 7.67
CA TRP KA 259 -110.71 26.31 6.54
C TRP KA 259 -110.56 25.21 5.50
N LEU KA 260 -111.38 25.27 4.45
CA LEU KA 260 -111.37 24.26 3.41
C LEU KA 260 -110.64 24.79 2.18
N SER KA 261 -110.02 23.88 1.43
CA SER KA 261 -109.32 24.30 0.22
C SER KA 261 -110.32 24.54 -0.89
N ARG KA 262 -109.93 25.39 -1.83
CA ARG KA 262 -110.80 25.81 -2.93
C ARG KA 262 -110.45 25.15 -4.25
N GLN KA 263 -109.17 25.10 -4.59
CA GLN KA 263 -108.75 24.60 -5.88
C GLN KA 263 -108.49 23.10 -5.90
N ARG KA 264 -108.95 22.38 -4.87
CA ARG KA 264 -108.72 20.95 -4.82
C ARG KA 264 -109.95 20.16 -4.41
N ASN KA 265 -111.11 20.79 -4.22
CA ASN KA 265 -112.33 20.08 -3.89
C ASN KA 265 -113.37 20.29 -4.99
N THR KA 266 -114.34 19.38 -5.04
CA THR KA 266 -115.40 19.40 -6.05
C THR KA 266 -116.76 19.17 -5.38
N MET KA 267 -117.00 19.87 -4.27
CA MET KA 267 -118.26 19.75 -3.55
C MET KA 267 -119.16 20.94 -3.87
N SER KA 268 -120.45 20.67 -4.00
CA SER KA 268 -121.40 21.72 -4.30
C SER KA 268 -121.87 22.41 -3.02
N LYS KA 269 -122.87 23.28 -3.14
CA LYS KA 269 -123.39 23.99 -1.98
C LYS KA 269 -124.17 23.06 -1.07
N LYS KA 270 -124.86 22.09 -1.67
CA LYS KA 270 -125.64 21.16 -0.86
C LYS KA 270 -124.72 20.24 -0.07
N GLU KA 271 -123.66 19.73 -0.70
CA GLU KA 271 -122.77 18.85 0.03
C GLU KA 271 -121.91 19.63 1.02
N LEU KA 272 -121.73 20.93 0.82
CA LEU KA 272 -121.06 21.73 1.84
C LEU KA 272 -121.98 21.95 3.03
N GLU KA 273 -123.29 22.02 2.80
CA GLU KA 273 -124.20 22.16 3.93
C GLU KA 273 -124.36 20.84 4.67
N VAL KA 274 -124.22 19.73 3.95
CA VAL KA 274 -124.30 18.42 4.61
C VAL KA 274 -123.05 18.18 5.45
N LEU KA 275 -121.89 18.59 4.95
CA LEU KA 275 -120.68 18.46 5.74
C LEU KA 275 -120.72 19.40 6.95
N SER KA 276 -121.30 20.59 6.80
CA SER KA 276 -121.37 21.50 7.93
C SER KA 276 -122.44 21.10 8.92
N GLN KA 277 -123.32 20.17 8.56
CA GLN KA 277 -124.29 19.67 9.53
C GLN KA 277 -123.76 18.42 10.23
N LYS KA 278 -122.95 17.62 9.55
CA LYS KA 278 -122.37 16.45 10.20
C LYS KA 278 -121.16 16.81 11.06
N LEU KA 279 -120.53 17.96 10.82
CA LEU KA 279 -119.51 18.42 11.75
C LEU KA 279 -120.09 18.98 13.05
N ARG KA 280 -121.35 19.41 13.03
CA ARG KA 280 -121.96 19.99 14.21
C ARG KA 280 -122.27 18.93 15.26
N ALA KA 281 -122.63 17.71 14.84
CA ALA KA 281 -122.95 16.66 15.78
C ALA KA 281 -121.71 16.09 16.48
N LEU KA 282 -120.52 16.27 15.92
CA LEU KA 282 -119.32 15.81 16.59
C LEU KA 282 -118.90 16.71 17.73
N MET KA 283 -119.26 18.00 17.66
CA MET KA 283 -118.91 18.96 18.70
C MET KA 283 -120.22 19.43 19.33
N PRO KA 284 -120.65 18.81 20.43
CA PRO KA 284 -121.94 19.19 21.01
C PRO KA 284 -121.92 20.53 21.73
N TYR KA 285 -120.75 21.06 22.04
CA TYR KA 285 -120.68 22.38 22.65
C TYR KA 285 -120.90 23.49 21.64
N ALA KA 286 -120.70 23.21 20.36
CA ALA KA 286 -120.75 24.23 19.34
C ALA KA 286 -122.18 24.50 18.91
N ASP KA 287 -122.36 25.63 18.23
CA ASP KA 287 -123.65 26.03 17.69
C ASP KA 287 -123.75 25.80 16.19
N SER KA 288 -122.76 26.25 15.43
CA SER KA 288 -122.74 26.08 13.98
C SER KA 288 -121.32 26.23 13.49
N VAL KA 289 -120.86 25.26 12.73
CA VAL KA 289 -119.53 25.30 12.14
C VAL KA 289 -119.58 26.13 10.88
N ASN KA 290 -118.67 27.10 10.75
CA ASN KA 290 -118.70 28.06 9.64
C ASN KA 290 -117.60 27.68 8.65
N ILE KA 291 -118.00 27.03 7.57
CA ILE KA 291 -117.06 26.59 6.55
C ILE KA 291 -116.70 27.78 5.66
N THR KA 292 -115.41 28.09 5.57
CA THR KA 292 -114.94 29.11 4.66
C THR KA 292 -113.84 28.52 3.81
N LEU KA 293 -113.76 28.98 2.57
CA LEU KA 293 -112.86 28.41 1.57
C LEU KA 293 -111.65 29.34 1.43
N MET KA 294 -110.51 28.87 1.90
CA MET KA 294 -109.30 29.65 1.75
C MET KA 294 -108.66 29.35 0.40
N ASP KA 295 -107.83 30.28 -0.06
CA ASP KA 295 -107.14 30.08 -1.32
C ASP KA 295 -106.01 29.08 -1.12
N ASP KA 296 -105.48 28.57 -2.23
CA ASP KA 296 -104.44 27.56 -2.16
C ASP KA 296 -103.08 28.05 -2.63
N VAL KA 297 -103.03 29.17 -3.36
CA VAL KA 297 -101.73 29.73 -3.76
C VAL KA 297 -101.13 30.56 -2.65
N THR KA 298 -101.94 31.33 -1.91
CA THR KA 298 -101.42 32.15 -0.82
C THR KA 298 -100.94 31.34 0.36
N ALA KA 299 -101.40 30.09 0.51
CA ALA KA 299 -100.92 29.23 1.58
C ALA KA 299 -99.48 28.79 1.35
N ALA KA 300 -99.06 28.66 0.10
CA ALA KA 300 -97.69 28.34 -0.22
C ALA KA 300 -96.88 29.57 -0.57
N GLY KA 301 -97.55 30.70 -0.81
CA GLY KA 301 -96.84 31.94 -1.03
C GLY KA 301 -96.42 32.65 0.25
N GLN KA 302 -97.24 32.56 1.31
CA GLN KA 302 -96.85 33.16 2.58
C GLN KA 302 -95.72 32.40 3.26
N ALA KA 303 -95.56 31.11 2.98
CA ALA KA 303 -94.47 30.37 3.59
C ALA KA 303 -93.15 30.74 2.95
N GLU KA 304 -93.17 31.10 1.68
CA GLU KA 304 -91.93 31.46 1.03
C GLU KA 304 -91.62 32.93 1.28
N ALA KA 305 -92.65 33.78 1.34
CA ALA KA 305 -92.40 35.18 1.64
C ALA KA 305 -91.97 35.38 3.08
N GLY KA 306 -92.33 34.45 3.98
CA GLY KA 306 -91.81 34.49 5.32
C GLY KA 306 -90.50 33.74 5.50
N LEU KA 307 -90.13 32.88 4.55
CA LEU KA 307 -88.87 32.19 4.62
C LEU KA 307 -87.74 32.96 3.95
N LYS KA 308 -88.08 33.92 3.10
CA LYS KA 308 -87.06 34.78 2.50
C LYS KA 308 -86.75 35.99 3.35
N GLN KA 309 -87.70 36.44 4.18
CA GLN KA 309 -87.47 37.63 4.99
C GLN KA 309 -86.49 37.37 6.12
N GLN KA 310 -86.37 36.13 6.57
CA GLN KA 310 -85.39 35.78 7.60
C GLN KA 310 -84.02 35.43 7.01
N ALA KA 311 -83.86 35.56 5.70
CA ALA KA 311 -82.60 35.27 4.97
C ALA KA 311 -82.11 33.85 5.22
N LEU KA 312 -82.98 32.88 4.96
CA LEU KA 312 -82.65 31.48 5.20
C LEU KA 312 -82.34 30.78 3.89
N PRO KA 313 -81.31 29.95 3.84
CA PRO KA 313 -81.01 29.18 2.62
C PRO KA 313 -81.95 27.99 2.50
N TYR KA 314 -82.87 28.05 1.55
CA TYR KA 314 -83.90 27.04 1.41
C TYR KA 314 -83.90 26.48 0.00
N SER KA 315 -84.79 25.52 -0.22
CA SER KA 315 -84.92 24.87 -1.53
C SER KA 315 -86.34 24.36 -1.65
N ARG KA 316 -87.11 24.97 -2.55
CA ARG KA 316 -88.53 24.67 -2.73
C ARG KA 316 -88.75 23.55 -3.74
N ARG KA 317 -89.55 22.55 -3.36
CA ARG KA 317 -89.90 21.45 -4.25
C ARG KA 317 -91.42 21.40 -4.38
N ASN KA 318 -91.90 21.65 -5.60
CA ASN KA 318 -93.31 21.70 -5.93
C ASN KA 318 -93.75 20.37 -6.52
N HIS KA 319 -94.86 19.83 -6.02
CA HIS KA 319 -95.56 18.73 -6.66
C HIS KA 319 -97.04 18.87 -6.35
N LYS KA 320 -97.84 18.06 -7.02
CA LYS KA 320 -99.29 18.18 -6.88
C LYS KA 320 -99.74 17.59 -5.55
N GLY KA 321 -100.60 18.32 -4.85
CA GLY KA 321 -101.09 17.90 -3.56
C GLY KA 321 -100.31 18.40 -2.36
N GLY KA 322 -99.44 19.37 -2.55
CA GLY KA 322 -98.68 19.94 -1.46
C GLY KA 322 -97.24 20.25 -1.87
N VAL KA 323 -96.66 21.24 -1.22
CA VAL KA 323 -95.28 21.63 -1.48
C VAL KA 323 -94.38 21.32 -0.28
N THR KA 324 -93.08 21.50 -0.50
CA THR KA 324 -92.14 21.25 0.59
C THR KA 324 -90.93 22.15 0.45
N PHE KA 325 -90.34 22.48 1.60
CA PHE KA 325 -89.19 23.38 1.66
C PHE KA 325 -88.12 22.67 2.46
N VAL KA 326 -86.92 22.58 1.91
CA VAL KA 326 -85.82 21.84 2.54
C VAL KA 326 -84.72 22.82 2.89
N ILE KA 327 -84.26 22.74 4.14
CA ILE KA 327 -83.18 23.58 4.68
C ILE KA 327 -82.10 22.64 5.19
N GLN KA 328 -81.13 22.34 4.34
CA GLN KA 328 -80.01 21.48 4.70
C GLN KA 328 -78.85 22.35 5.16
N GLY KA 329 -77.67 21.76 5.30
CA GLY KA 329 -76.45 22.51 5.45
C GLY KA 329 -75.97 22.59 6.88
N ALA KA 330 -74.74 23.10 7.02
CA ALA KA 330 -74.15 23.33 8.33
C ALA KA 330 -74.54 24.74 8.77
N LEU KA 331 -75.77 24.85 9.25
CA LEU KA 331 -76.31 26.11 9.70
C LEU KA 331 -75.67 26.53 11.02
N ASP KA 332 -75.77 27.81 11.35
CA ASP KA 332 -75.27 28.28 12.62
C ASP KA 332 -76.46 28.64 13.52
N ASP KA 333 -76.13 29.09 14.74
CA ASP KA 333 -77.13 29.14 15.80
C ASP KA 333 -78.20 30.18 15.58
N VAL KA 334 -77.89 31.24 14.84
CA VAL KA 334 -78.89 32.26 14.62
C VAL KA 334 -79.88 31.78 13.59
N GLU KA 335 -79.41 31.02 12.60
CA GLU KA 335 -80.31 30.55 11.57
C GLU KA 335 -81.15 29.39 12.07
N ILE KA 336 -80.62 28.60 13.02
CA ILE KA 336 -81.45 27.54 13.59
C ILE KA 336 -82.51 28.14 14.50
N LEU KA 337 -82.18 29.22 15.21
CA LEU KA 337 -83.18 29.81 16.09
C LEU KA 337 -84.24 30.57 15.31
N ARG KA 338 -83.88 31.16 14.17
CA ARG KA 338 -84.89 31.88 13.40
C ARG KA 338 -85.78 30.92 12.62
N ALA KA 339 -85.24 29.78 12.18
CA ALA KA 339 -86.07 28.84 11.45
C ALA KA 339 -87.01 28.12 12.40
N ARG KA 340 -86.51 27.71 13.56
CA ARG KA 340 -87.35 27.03 14.54
C ARG KA 340 -88.39 27.97 15.12
N GLN KA 341 -88.11 29.28 15.15
CA GLN KA 341 -89.11 30.20 15.63
C GLN KA 341 -90.14 30.56 14.56
N PHE KA 342 -89.79 30.44 13.27
CA PHE KA 342 -90.73 30.78 12.22
C PHE KA 342 -91.68 29.64 11.91
N VAL KA 343 -91.19 28.40 11.96
CA VAL KA 343 -92.02 27.25 11.60
C VAL KA 343 -93.14 27.05 12.62
N ASP KA 344 -92.85 27.28 13.90
CA ASP KA 344 -93.87 27.13 14.93
C ASP KA 344 -94.93 28.21 14.83
N SER KA 345 -94.58 29.40 14.35
CA SER KA 345 -95.58 30.43 14.14
C SER KA 345 -96.36 30.22 12.85
N TYR KA 346 -95.84 29.43 11.93
CA TYR KA 346 -96.60 29.16 10.71
C TYR KA 346 -97.51 27.95 10.85
N TYR KA 347 -97.09 26.97 11.64
CA TYR KA 347 -97.90 25.77 11.87
C TYR KA 347 -99.14 26.07 12.69
N ARG KA 348 -99.10 27.12 13.52
CA ARG KA 348 -100.26 27.47 14.32
C ARG KA 348 -101.36 28.05 13.45
N THR KA 349 -101.00 28.61 12.31
CA THR KA 349 -102.00 29.24 11.44
C THR KA 349 -102.48 28.27 10.37
N TRP KA 350 -101.58 27.57 9.69
CA TRP KA 350 -101.99 26.78 8.54
C TRP KA 350 -101.92 25.27 8.72
N GLY KA 351 -101.29 24.76 9.77
CA GLY KA 351 -101.17 23.33 9.91
C GLY KA 351 -100.12 22.75 8.98
N GLY KA 352 -100.09 21.43 8.90
CA GLY KA 352 -99.09 20.75 8.10
C GLY KA 352 -99.62 19.87 7.00
N ARG KA 353 -100.80 20.16 6.48
CA ARG KA 353 -101.39 19.29 5.46
C ARG KA 353 -100.86 19.60 4.07
N TYR KA 354 -100.63 20.87 3.76
CA TYR KA 354 -100.24 21.32 2.43
C TYR KA 354 -98.73 21.48 2.27
N VAL KA 355 -98.13 22.32 3.10
CA VAL KA 355 -96.73 22.68 2.96
C VAL KA 355 -95.95 22.11 4.14
N GLN KA 356 -94.82 21.48 3.86
CA GLN KA 356 -94.04 20.86 4.92
C GLN KA 356 -92.59 21.32 4.87
N PHE KA 357 -92.00 21.55 6.04
CA PHE KA 357 -90.63 22.00 6.14
C PHE KA 357 -89.71 20.85 6.58
N ALA KA 358 -88.46 20.92 6.17
CA ALA KA 358 -87.53 19.80 6.25
C ALA KA 358 -86.17 20.24 6.79
N ILE KA 359 -86.17 20.93 7.92
CA ILE KA 359 -84.93 21.44 8.53
C ILE KA 359 -84.07 20.27 8.99
N GLU KA 360 -82.91 20.08 8.37
CA GLU KA 360 -81.99 19.03 8.80
C GLU KA 360 -80.57 19.58 8.75
N LEU KA 361 -79.70 19.02 9.59
CA LEU KA 361 -78.34 19.52 9.75
C LEU KA 361 -77.35 18.47 9.25
N LYS KA 362 -76.65 18.80 8.18
CA LYS KA 362 -75.56 18.01 7.65
C LYS KA 362 -74.29 18.85 7.71
N ASP KA 363 -73.19 18.29 7.23
CA ASP KA 363 -71.89 18.96 7.32
C ASP KA 363 -71.38 19.28 5.92
N ASP KA 364 -71.79 20.45 5.42
CA ASP KA 364 -71.24 21.03 4.20
C ASP KA 364 -71.38 22.53 4.28
N TRP KA 365 -70.33 23.24 3.88
CA TRP KA 365 -70.33 24.69 4.00
C TRP KA 365 -71.20 25.37 2.96
N LEU KA 366 -71.57 24.67 1.90
CA LEU KA 366 -72.58 25.16 0.96
C LEU KA 366 -73.93 24.68 1.47
N LYS KA 367 -74.73 25.59 1.99
CA LYS KA 367 -75.96 25.19 2.68
C LYS KA 367 -77.03 24.85 1.64
N GLY KA 368 -76.88 23.66 1.05
CA GLY KA 368 -77.92 23.13 0.18
C GLY KA 368 -77.57 23.02 -1.29
N ARG KA 369 -76.89 24.01 -1.84
CA ARG KA 369 -76.68 24.08 -3.28
C ARG KA 369 -75.38 23.40 -3.68
N SER KA 370 -75.30 23.02 -4.96
CA SER KA 370 -74.15 22.28 -5.46
C SER KA 370 -74.05 22.47 -6.97
N PHE KA 371 -72.82 22.62 -7.47
CA PHE KA 371 -72.53 22.89 -8.87
C PHE KA 371 -71.58 21.85 -9.41
N GLN KA 372 -71.43 21.84 -10.74
CA GLN KA 372 -70.41 21.05 -11.42
C GLN KA 372 -69.73 21.92 -12.46
N TYR KA 373 -68.47 21.59 -12.74
CA TYR KA 373 -67.60 22.48 -13.49
C TYR KA 373 -67.07 21.75 -14.71
N GLY KA 374 -67.49 22.18 -15.89
CA GLY KA 374 -66.79 21.72 -17.07
C GLY KA 374 -66.97 22.57 -18.30
N ALA KA 375 -65.83 23.03 -18.85
CA ALA KA 375 -65.65 23.53 -20.21
C ALA KA 375 -66.41 24.81 -20.57
N GLU KA 376 -67.30 25.29 -19.71
CA GLU KA 376 -68.02 26.54 -19.95
C GLU KA 376 -68.17 27.38 -18.71
N GLY KA 377 -67.89 26.85 -17.52
CA GLY KA 377 -68.20 27.53 -16.28
C GLY KA 377 -68.86 26.58 -15.29
N TYR KA 378 -69.89 27.04 -14.59
CA TYR KA 378 -70.59 26.20 -13.62
C TYR KA 378 -72.03 25.97 -14.03
N ILE KA 379 -72.54 24.80 -13.68
CA ILE KA 379 -73.92 24.40 -13.95
C ILE KA 379 -74.58 24.08 -12.62
N LYS KA 380 -75.81 24.54 -12.44
CA LYS KA 380 -76.55 24.30 -11.20
C LYS KA 380 -77.20 22.93 -11.29
N MET KA 381 -76.76 22.01 -10.44
CA MET KA 381 -77.32 20.67 -10.45
C MET KA 381 -78.70 20.63 -9.81
N SER KA 382 -79.46 19.60 -10.14
CA SER KA 382 -80.77 19.39 -9.55
C SER KA 382 -80.62 18.94 -8.10
N PRO KA 383 -81.60 19.26 -7.24
CA PRO KA 383 -81.57 18.75 -5.87
C PRO KA 383 -81.71 17.23 -5.83
N GLY KA 384 -80.82 16.59 -5.08
CA GLY KA 384 -80.80 15.15 -4.99
C GLY KA 384 -80.51 14.69 -3.58
N HIS KA 385 -80.31 13.38 -3.40
CA HIS KA 385 -80.13 12.84 -2.06
C HIS KA 385 -78.71 13.04 -1.55
N TRP KA 386 -77.71 12.79 -2.40
CA TRP KA 386 -76.32 12.78 -1.95
C TRP KA 386 -75.72 14.17 -1.96
N TYR KA 387 -74.96 14.48 -0.91
CA TYR KA 387 -74.25 15.74 -0.76
C TYR KA 387 -72.75 15.47 -0.69
N PHE KA 388 -71.96 16.48 -1.06
CA PHE KA 388 -70.51 16.35 -1.01
C PHE KA 388 -70.02 16.73 0.38
N PRO KA 389 -69.31 15.85 1.09
CA PRO KA 389 -68.71 16.22 2.38
C PRO KA 389 -67.59 17.23 2.17
N SER KA 390 -67.69 18.35 2.87
CA SER KA 390 -66.91 19.53 2.54
C SER KA 390 -65.58 19.52 3.29
N PRO KA 391 -64.44 19.57 2.59
CA PRO KA 391 -63.18 19.82 3.28
C PRO KA 391 -62.86 21.31 3.36
N LEU KA 392 -62.57 21.81 4.56
CA LEU KA 392 -62.11 23.19 4.69
C LEU KA 392 -60.86 23.27 5.53
N ALA LA 171 -124.94 -3.15 41.47
CA ALA LA 171 -123.69 -2.63 40.93
C ALA LA 171 -123.63 -2.82 39.43
N GLU LA 172 -123.84 -1.74 38.67
CA GLU LA 172 -123.79 -1.84 37.23
C GLU LA 172 -122.33 -1.78 36.75
N LEU LA 173 -122.15 -2.08 35.46
CA LEU LA 173 -120.81 -2.19 34.92
C LEU LA 173 -120.15 -0.84 34.71
N ASP LA 174 -120.91 0.16 34.26
CA ASP LA 174 -120.31 1.45 33.93
C ASP LA 174 -119.86 2.22 35.17
N SER LA 175 -120.34 1.86 36.36
CA SER LA 175 -119.87 2.48 37.58
C SER LA 175 -118.69 1.76 38.22
N LEU LA 176 -118.37 0.55 37.75
CA LEU LA 176 -117.26 -0.23 38.28
C LEU LA 176 -115.93 0.10 37.65
N LEU LA 177 -115.92 0.82 36.53
CA LEU LA 177 -114.68 1.29 35.94
C LEU LA 177 -114.26 2.57 36.64
N GLY LA 178 -113.33 3.31 36.04
CA GLY LA 178 -112.77 4.48 36.67
C GLY LA 178 -113.73 5.66 36.80
N GLN LA 179 -113.18 6.74 37.35
CA GLN LA 179 -113.95 7.96 37.58
C GLN LA 179 -114.27 8.65 36.27
N GLU LA 180 -113.34 8.67 35.35
CA GLU LA 180 -113.52 9.27 34.03
C GLU LA 180 -114.44 8.39 33.20
N LYS LA 181 -115.73 8.74 33.18
CA LYS LA 181 -116.74 7.96 32.48
C LYS LA 181 -116.85 8.41 31.03
N GLU LA 182 -115.72 8.48 30.33
CA GLU LA 182 -115.77 8.82 28.92
C GLU LA 182 -114.96 7.83 28.09
N ARG LA 183 -113.87 7.30 28.66
CA ARG LA 183 -112.96 6.48 27.87
C ARG LA 183 -113.47 5.07 27.60
N PHE LA 184 -114.59 4.65 28.18
CA PHE LA 184 -115.16 3.36 27.86
C PHE LA 184 -116.57 3.52 27.33
N GLN LA 185 -117.03 2.51 26.60
CA GLN LA 185 -118.34 2.58 25.96
C GLN LA 185 -118.96 1.19 26.01
N VAL LA 186 -119.94 1.03 26.89
CA VAL LA 186 -120.63 -0.24 27.09
C VAL LA 186 -121.70 -0.41 26.01
N LEU LA 187 -121.70 -1.58 25.36
CA LEU LA 187 -122.58 -1.89 24.24
C LEU LA 187 -123.40 -3.13 24.56
N PRO LA 188 -124.72 -3.09 24.50
CA PRO LA 188 -125.51 -4.30 24.70
C PRO LA 188 -125.49 -5.18 23.45
N GLY LA 189 -125.40 -6.51 23.67
CA GLY LA 189 -125.37 -7.44 22.57
C GLY LA 189 -126.69 -8.16 22.40
N ARG LA 190 -126.74 -9.01 21.38
CA ARG LA 190 -127.93 -9.77 21.07
C ARG LA 190 -127.96 -11.13 21.77
N ASP LA 191 -126.88 -11.53 22.42
CA ASP LA 191 -126.81 -12.81 23.11
C ASP LA 191 -126.71 -12.64 24.62
N LYS LA 192 -127.33 -11.57 25.15
CA LYS LA 192 -127.32 -11.19 26.57
C LYS LA 192 -125.90 -11.08 27.12
N MET LA 193 -125.13 -10.15 26.54
CA MET LA 193 -123.76 -9.93 26.98
C MET LA 193 -123.35 -8.51 26.65
N LEU LA 194 -122.71 -7.84 27.62
CA LEU LA 194 -122.28 -6.47 27.41
C LEU LA 194 -120.83 -6.45 26.94
N TYR LA 195 -120.56 -5.60 25.95
CA TYR LA 195 -119.24 -5.47 25.37
C TYR LA 195 -118.71 -4.09 25.72
N VAL LA 196 -117.51 -4.00 26.24
CA VAL LA 196 -116.89 -2.71 26.53
C VAL LA 196 -115.87 -2.41 25.44
N ALA LA 197 -115.94 -1.22 24.88
CA ALA LA 197 -115.14 -0.90 23.70
C ALA LA 197 -114.11 0.16 24.07
N ALA LA 198 -112.91 -0.29 24.43
CA ALA LA 198 -111.74 0.53 24.67
C ALA LA 198 -111.10 0.92 23.34
N GLN LA 199 -110.00 1.67 23.41
CA GLN LA 199 -109.36 2.14 22.21
C GLN LA 199 -107.85 1.92 22.16
N ASN LA 200 -107.24 1.37 23.21
CA ASN LA 200 -105.84 0.97 23.13
C ASN LA 200 -105.60 -0.22 24.06
N GLU LA 201 -104.34 -0.65 24.12
CA GLU LA 201 -104.02 -1.83 24.91
C GLU LA 201 -103.95 -1.52 26.38
N ARG LA 202 -103.63 -0.27 26.72
CA ARG LA 202 -103.54 0.10 28.11
C ARG LA 202 -104.93 0.18 28.74
N ASP LA 203 -105.93 0.59 27.96
CA ASP LA 203 -107.28 0.57 28.51
C ASP LA 203 -107.91 -0.81 28.37
N THR LA 204 -107.34 -1.66 27.50
CA THR LA 204 -107.85 -3.02 27.40
C THR LA 204 -107.46 -3.82 28.62
N LEU LA 205 -106.26 -3.60 29.15
CA LEU LA 205 -105.92 -4.30 30.38
C LEU LA 205 -106.53 -3.65 31.62
N TRP LA 206 -106.95 -2.38 31.50
CA TRP LA 206 -107.65 -1.71 32.59
C TRP LA 206 -109.07 -2.24 32.70
N ALA LA 207 -109.61 -2.73 31.59
CA ALA LA 207 -110.94 -3.28 31.63
C ALA LA 207 -110.92 -4.78 31.83
N ARG LA 208 -109.84 -5.46 31.42
CA ARG LA 208 -109.75 -6.89 31.67
C ARG LA 208 -109.41 -7.21 33.12
N GLN LA 209 -108.81 -6.28 33.86
CA GLN LA 209 -108.54 -6.57 35.28
C GLN LA 209 -109.82 -6.63 36.10
N VAL LA 210 -110.82 -5.82 35.76
CA VAL LA 210 -112.07 -5.80 36.51
C VAL LA 210 -112.83 -7.11 36.30
N LEU LA 211 -112.96 -7.53 35.04
CA LEU LA 211 -113.67 -8.76 34.78
C LEU LA 211 -112.86 -9.99 35.17
N ALA LA 212 -111.55 -9.84 35.39
CA ALA LA 212 -110.75 -10.99 35.80
C ALA LA 212 -110.81 -11.20 37.31
N ARG LA 213 -110.86 -10.12 38.10
CA ARG LA 213 -110.99 -10.32 39.53
C ARG LA 213 -112.40 -10.74 39.93
N GLY LA 214 -113.39 -10.55 39.06
CA GLY LA 214 -114.68 -11.17 39.25
C GLY LA 214 -115.72 -10.37 40.00
N ASP LA 215 -115.64 -9.05 39.98
CA ASP LA 215 -116.67 -8.24 40.63
C ASP LA 215 -117.74 -7.80 39.64
N TYR LA 216 -118.36 -8.79 39.00
CA TYR LA 216 -119.51 -8.55 38.14
C TYR LA 216 -120.32 -9.83 38.06
N ASP LA 217 -121.64 -9.70 38.03
CA ASP LA 217 -122.52 -10.86 38.07
C ASP LA 217 -122.59 -11.56 36.72
N LYS LA 218 -123.06 -10.85 35.71
CA LYS LA 218 -123.36 -11.46 34.41
C LYS LA 218 -122.09 -11.57 33.57
N ASN LA 219 -122.25 -11.91 32.30
CA ASN LA 219 -121.11 -12.05 31.41
C ASN LA 219 -120.82 -10.73 30.71
N ALA LA 220 -119.56 -10.53 30.37
CA ALA LA 220 -119.14 -9.32 29.68
C ALA LA 220 -117.85 -9.62 28.94
N ARG LA 221 -117.61 -8.87 27.87
CA ARG LA 221 -116.41 -9.01 27.07
C ARG LA 221 -115.87 -7.63 26.73
N VAL LA 222 -114.58 -7.58 26.47
CA VAL LA 222 -113.89 -6.36 26.07
C VAL LA 222 -113.39 -6.51 24.63
N ILE LA 223 -113.89 -5.67 23.74
CA ILE LA 223 -113.48 -5.73 22.36
C ILE LA 223 -112.52 -4.59 22.06
N ASN LA 224 -111.86 -4.66 20.92
CA ASN LA 224 -110.85 -3.69 20.55
C ASN LA 224 -110.87 -3.53 19.05
N GLU LA 225 -110.28 -2.43 18.58
CA GLU LA 225 -110.25 -2.16 17.14
C GLU LA 225 -109.29 -3.09 16.42
N ASN LA 226 -108.14 -3.41 17.03
CA ASN LA 226 -107.20 -4.29 16.34
C ASN LA 226 -107.60 -5.75 16.48
N GLU LA 227 -108.08 -6.13 17.67
CA GLU LA 227 -108.39 -7.54 17.89
C GLU LA 227 -109.67 -7.95 17.19
N GLU LA 228 -110.64 -7.04 17.06
CA GLU LA 228 -111.81 -7.38 16.27
C GLU LA 228 -111.57 -7.20 14.79
N ASN LA 229 -110.37 -6.76 14.40
CA ASN LA 229 -109.97 -6.71 13.01
C ASN LA 229 -109.18 -7.92 12.60
N LYS LA 230 -108.49 -8.57 13.55
CA LYS LA 230 -107.83 -9.83 13.22
C LYS LA 230 -108.71 -11.05 13.46
N ARG LA 231 -109.76 -10.90 14.28
CA ARG LA 231 -110.62 -12.04 14.56
C ARG LA 231 -111.49 -12.37 13.36
N ILE LA 232 -112.02 -11.37 12.68
CA ILE LA 232 -112.84 -11.62 11.52
C ILE LA 232 -112.03 -11.44 10.23
N SER LA 233 -110.71 -11.51 10.33
CA SER LA 233 -109.90 -11.80 9.16
C SER LA 233 -109.39 -13.23 9.19
N ILE LA 234 -109.46 -13.88 10.37
CA ILE LA 234 -109.21 -15.32 10.42
C ILE LA 234 -110.41 -16.08 9.89
N TRP LA 235 -111.63 -15.66 10.26
CA TRP LA 235 -112.83 -16.29 9.72
C TRP LA 235 -112.97 -16.02 8.23
N LEU LA 236 -112.57 -14.82 7.80
CA LEU LA 236 -112.75 -14.44 6.42
C LEU LA 236 -111.76 -15.11 5.50
N ASP LA 237 -110.61 -15.55 6.02
CA ASP LA 237 -109.64 -16.22 5.17
C ASP LA 237 -109.85 -17.73 5.14
N THR LA 238 -111.01 -18.18 5.59
CA THR LA 238 -111.47 -19.56 5.48
C THR LA 238 -112.78 -19.62 4.71
N TYR LA 239 -113.74 -18.78 5.07
CA TYR LA 239 -115.02 -18.85 4.36
C TYR LA 239 -115.07 -18.00 3.10
N TYR LA 240 -114.26 -16.95 3.00
CA TYR LA 240 -114.19 -16.15 1.77
C TYR LA 240 -112.73 -15.95 1.37
N PRO LA 241 -112.07 -16.99 0.88
CA PRO LA 241 -110.68 -16.83 0.46
C PRO LA 241 -110.62 -16.08 -0.86
N GLN LA 242 -109.40 -15.68 -1.21
CA GLN LA 242 -109.05 -14.78 -2.33
C GLN LA 242 -110.04 -13.63 -2.48
N LEU LA 243 -110.19 -12.87 -1.40
CA LEU LA 243 -111.06 -11.70 -1.37
C LEU LA 243 -110.21 -10.46 -1.12
N ALA LA 244 -110.49 -9.40 -1.87
CA ALA LA 244 -109.69 -8.18 -1.79
C ALA LA 244 -110.42 -7.15 -0.94
N TYR LA 245 -109.93 -6.92 0.26
CA TYR LA 245 -110.48 -5.91 1.17
C TYR LA 245 -109.31 -5.23 1.86
N TYR LA 246 -109.59 -4.13 2.56
CA TYR LA 246 -108.54 -3.39 3.23
C TYR LA 246 -108.67 -3.42 4.75
N ARG LA 247 -109.77 -2.92 5.29
CA ARG LA 247 -109.88 -2.68 6.73
C ARG LA 247 -111.35 -2.70 7.12
N ILE LA 248 -111.57 -2.71 8.43
CA ILE LA 248 -112.89 -2.55 9.03
C ILE LA 248 -112.79 -1.43 10.05
N HIS LA 249 -113.58 -0.37 9.86
CA HIS LA 249 -113.45 0.83 10.68
C HIS LA 249 -114.54 0.87 11.75
N PHE LA 250 -114.13 1.24 12.96
CA PHE LA 250 -115.04 1.22 14.10
C PHE LA 250 -115.19 2.60 14.74
N ASP LA 251 -115.39 3.64 13.93
CA ASP LA 251 -115.61 4.97 14.50
C ASP LA 251 -116.98 5.11 15.15
N GLU LA 252 -117.91 4.24 14.82
CA GLU LA 252 -119.09 4.02 15.63
C GLU LA 252 -119.38 2.52 15.64
N PRO LA 253 -119.39 1.88 16.81
CA PRO LA 253 -119.43 0.42 16.85
C PRO LA 253 -120.81 -0.18 16.60
N ARG LA 254 -121.81 0.61 16.25
CA ARG LA 254 -123.11 0.05 15.90
C ARG LA 254 -123.35 0.03 14.39
N LYS LA 255 -122.59 0.78 13.61
CA LYS LA 255 -122.63 0.70 12.16
C LYS LA 255 -121.21 0.75 11.61
N PRO LA 256 -120.48 -0.37 11.67
CA PRO LA 256 -119.13 -0.38 11.13
C PRO LA 256 -119.11 -0.48 9.61
N VAL LA 257 -118.18 0.24 9.00
CA VAL LA 257 -118.05 0.20 7.56
C VAL LA 257 -117.01 -0.83 7.18
N PHE LA 258 -117.10 -1.31 5.95
CA PHE LA 258 -116.25 -2.37 5.44
C PHE LA 258 -115.68 -1.88 4.11
N TRP LA 259 -114.38 -1.67 4.07
CA TRP LA 259 -113.71 -1.13 2.88
C TRP LA 259 -113.34 -2.27 1.95
N LEU LA 260 -114.01 -2.35 0.81
CA LEU LA 260 -113.81 -3.44 -0.15
C LEU LA 260 -113.20 -2.87 -1.42
N SER LA 261 -112.34 -3.66 -2.06
CA SER LA 261 -111.66 -3.20 -3.27
C SER LA 261 -112.59 -3.32 -4.47
N ARG LA 262 -112.60 -2.28 -5.30
CA ARG LA 262 -113.55 -2.25 -6.41
C ARG LA 262 -113.04 -2.97 -7.64
N GLN LA 263 -111.78 -2.79 -8.00
CA GLN LA 263 -111.27 -3.29 -9.26
C GLN LA 263 -110.81 -4.73 -9.21
N ARG LA 264 -110.80 -5.36 -8.03
CA ARG LA 264 -110.28 -6.71 -7.88
C ARG LA 264 -111.34 -7.70 -7.40
N ASN LA 265 -112.61 -7.46 -7.66
CA ASN LA 265 -113.63 -8.45 -7.34
C ASN LA 265 -114.73 -8.43 -8.38
N THR LA 266 -115.61 -9.44 -8.32
CA THR LA 266 -116.69 -9.58 -9.29
C THR LA 266 -118.02 -9.98 -8.64
N MET LA 267 -118.17 -9.83 -7.33
CA MET LA 267 -119.39 -10.27 -6.66
C MET LA 267 -120.56 -9.35 -7.01
N SER LA 268 -121.73 -9.95 -7.17
CA SER LA 268 -122.91 -9.16 -7.53
C SER LA 268 -123.49 -8.49 -6.30
N LYS LA 269 -124.61 -7.78 -6.49
CA LYS LA 269 -125.24 -7.06 -5.39
C LYS LA 269 -125.97 -8.02 -4.45
N LYS LA 270 -126.59 -9.07 -5.00
CA LYS LA 270 -127.27 -10.03 -4.16
C LYS LA 270 -126.24 -10.89 -3.43
N GLU LA 271 -125.09 -11.11 -4.07
CA GLU LA 271 -124.04 -11.91 -3.46
C GLU LA 271 -123.28 -11.09 -2.41
N LEU LA 272 -123.36 -9.77 -2.47
CA LEU LA 272 -122.81 -8.93 -1.40
C LEU LA 272 -123.76 -8.78 -0.22
N GLU LA 273 -125.07 -8.98 -0.45
CA GLU LA 273 -126.00 -8.88 0.70
C GLU LA 273 -125.85 -10.06 1.67
N VAL LA 274 -125.48 -11.24 1.16
CA VAL LA 274 -125.28 -12.36 2.08
C VAL LA 274 -123.99 -12.17 2.87
N LEU LA 275 -122.98 -11.53 2.26
CA LEU LA 275 -121.76 -11.24 3.00
C LEU LA 275 -122.04 -10.18 4.05
N SER LA 276 -122.92 -9.23 3.74
CA SER LA 276 -123.25 -8.20 4.72
C SER LA 276 -124.08 -8.76 5.86
N GLN LA 277 -124.77 -9.88 5.67
CA GLN LA 277 -125.47 -10.48 6.80
C GLN LA 277 -124.59 -11.44 7.59
N LYS LA 278 -123.66 -12.13 6.93
CA LYS LA 278 -122.78 -13.04 7.64
C LYS LA 278 -121.69 -12.30 8.38
N LEU LA 279 -121.37 -11.06 7.99
CA LEU LA 279 -120.47 -10.28 8.83
C LEU LA 279 -121.21 -9.69 10.02
N ARG LA 280 -122.53 -9.53 9.90
CA ARG LA 280 -123.33 -9.01 11.00
C ARG LA 280 -123.52 -10.07 12.07
N ALA LA 281 -123.61 -11.33 11.65
CA ALA LA 281 -123.77 -12.40 12.64
C ALA LA 281 -122.49 -12.66 13.43
N LEU LA 282 -121.33 -12.28 12.90
CA LEU LA 282 -120.07 -12.41 13.62
C LEU LA 282 -119.86 -11.34 14.69
N MET LA 283 -120.55 -10.20 14.58
CA MET LA 283 -120.39 -9.09 15.51
C MET LA 283 -121.73 -8.83 16.19
N PRO LA 284 -122.00 -9.46 17.33
CA PRO LA 284 -123.29 -9.28 18.00
C PRO LA 284 -123.49 -7.91 18.60
N TYR LA 285 -122.44 -7.12 18.77
CA TYR LA 285 -122.60 -5.75 19.22
C TYR LA 285 -123.09 -4.84 18.11
N ALA LA 286 -122.89 -5.24 16.85
CA ALA LA 286 -123.24 -4.41 15.71
C ALA LA 286 -124.73 -4.50 15.41
N ASP LA 287 -125.20 -3.53 14.62
CA ASP LA 287 -126.58 -3.48 14.16
C ASP LA 287 -126.71 -3.74 12.68
N SER LA 288 -125.90 -3.05 11.87
CA SER LA 288 -125.95 -3.20 10.41
C SER LA 288 -124.60 -2.78 9.84
N VAL LA 289 -123.90 -3.72 9.20
CA VAL LA 289 -122.61 -3.43 8.57
C VAL LA 289 -122.84 -2.72 7.25
N ASN LA 290 -122.04 -1.68 7.00
CA ASN LA 290 -122.16 -0.87 5.80
C ASN LA 290 -120.96 -1.15 4.91
N ILE LA 291 -121.18 -1.86 3.81
CA ILE LA 291 -120.11 -2.19 2.88
C ILE LA 291 -119.96 -1.08 1.86
N THR LA 292 -118.76 -0.51 1.76
CA THR LA 292 -118.47 0.50 0.75
C THR LA 292 -117.25 0.06 -0.05
N LEU LA 293 -117.17 0.56 -1.27
CA LEU LA 293 -116.15 0.17 -2.23
C LEU LA 293 -115.17 1.30 -2.44
N MET LA 294 -113.95 1.14 -1.93
CA MET LA 294 -112.91 2.13 -2.12
C MET LA 294 -112.16 1.84 -3.41
N ASP LA 295 -111.73 2.91 -4.07
CA ASP LA 295 -111.00 2.76 -5.32
C ASP LA 295 -109.60 2.24 -5.04
N ASP LA 296 -108.95 1.73 -6.09
CA ASP LA 296 -107.67 1.08 -5.94
C ASP LA 296 -106.49 1.93 -6.39
N VAL LA 297 -106.72 2.91 -7.25
CA VAL LA 297 -105.64 3.79 -7.70
C VAL LA 297 -105.31 4.81 -6.62
N THR LA 298 -106.32 5.33 -5.93
CA THR LA 298 -106.09 6.34 -4.90
C THR LA 298 -105.46 5.76 -3.65
N ALA LA 299 -105.49 4.44 -3.48
CA ALA LA 299 -104.81 3.82 -2.34
C ALA LA 299 -103.30 3.90 -2.50
N ALA LA 300 -102.78 3.62 -3.68
CA ALA LA 300 -101.36 3.81 -3.89
C ALA LA 300 -101.01 5.24 -4.30
N GLY LA 301 -102.01 6.04 -4.64
CA GLY LA 301 -101.77 7.42 -4.96
C GLY LA 301 -101.48 8.21 -3.70
N GLN LA 302 -102.18 7.89 -2.60
CA GLN LA 302 -101.86 8.61 -1.38
C GLN LA 302 -100.57 8.11 -0.77
N ALA LA 303 -100.20 6.87 -1.06
CA ALA LA 303 -98.97 6.30 -0.53
C ALA LA 303 -97.76 6.83 -1.25
N GLU LA 304 -97.90 7.22 -2.51
CA GLU LA 304 -96.76 7.80 -3.22
C GLU LA 304 -96.72 9.32 -3.06
N ALA LA 305 -97.88 9.97 -3.00
CA ALA LA 305 -97.89 11.41 -2.81
C ALA LA 305 -97.55 11.80 -1.37
N GLY LA 306 -97.66 10.87 -0.43
CA GLY LA 306 -97.23 11.20 0.92
C GLY LA 306 -95.76 10.85 1.09
N LEU LA 307 -95.28 9.89 0.30
CA LEU LA 307 -93.87 9.54 0.35
C LEU LA 307 -93.00 10.52 -0.42
N LYS LA 308 -93.60 11.38 -1.24
CA LYS LA 308 -92.80 12.40 -1.90
C LYS LA 308 -92.78 13.71 -1.12
N GLN LA 309 -93.76 13.93 -0.25
CA GLN LA 309 -93.78 15.16 0.53
C GLN LA 309 -92.77 15.16 1.66
N GLN LA 310 -92.41 13.99 2.19
CA GLN LA 310 -91.38 13.92 3.21
C GLN LA 310 -89.97 13.89 2.64
N ALA LA 311 -89.84 13.87 1.32
CA ALA LA 311 -88.56 13.85 0.59
C ALA LA 311 -87.70 12.66 1.00
N LEU LA 312 -88.22 11.48 0.71
CA LEU LA 312 -87.53 10.24 1.04
C LEU LA 312 -87.15 9.52 -0.24
N PRO LA 313 -85.98 8.91 -0.31
CA PRO LA 313 -85.58 8.16 -1.51
C PRO LA 313 -86.23 6.79 -1.54
N TYR LA 314 -87.15 6.60 -2.47
CA TYR LA 314 -87.92 5.38 -2.53
C TYR LA 314 -87.77 4.71 -3.89
N SER LA 315 -88.36 3.53 -4.00
CA SER LA 315 -88.38 2.78 -5.26
C SER LA 315 -89.64 1.95 -5.27
N ARG LA 316 -90.52 2.23 -6.22
CA ARG LA 316 -91.81 1.56 -6.35
C ARG LA 316 -91.68 0.29 -7.20
N ARG LA 317 -92.31 -0.78 -6.74
CA ARG LA 317 -92.34 -2.04 -7.48
C ARG LA 317 -93.80 -2.44 -7.62
N ASN LA 318 -94.31 -2.36 -8.85
CA ASN LA 318 -95.68 -2.68 -9.18
C ASN LA 318 -95.76 -4.13 -9.63
N HIS LA 319 -96.72 -4.87 -9.08
CA HIS LA 319 -97.08 -6.19 -9.57
C HIS LA 319 -98.55 -6.41 -9.27
N LYS LA 320 -99.07 -7.55 -9.71
CA LYS LA 320 -100.51 -7.79 -9.59
C LYS LA 320 -100.92 -8.08 -8.16
N GLY LA 321 -101.94 -7.37 -7.70
CA GLY LA 321 -102.44 -7.57 -6.35
C GLY LA 321 -101.59 -6.98 -5.26
N GLY LA 322 -101.06 -5.78 -5.46
CA GLY LA 322 -100.30 -5.09 -4.45
C GLY LA 322 -99.05 -4.45 -5.03
N VAL LA 323 -98.65 -3.33 -4.44
CA VAL LA 323 -97.42 -2.65 -4.79
C VAL LA 323 -96.54 -2.65 -3.56
N THR LA 324 -95.30 -2.21 -3.73
CA THR LA 324 -94.39 -2.17 -2.58
C THR LA 324 -93.36 -1.07 -2.77
N PHE LA 325 -93.02 -0.40 -1.67
CA PHE LA 325 -92.06 0.69 -1.71
C PHE LA 325 -90.83 0.32 -0.91
N VAL LA 326 -89.66 0.54 -1.50
CA VAL LA 326 -88.39 0.18 -0.88
C VAL LA 326 -87.61 1.46 -0.61
N ILE LA 327 -87.30 1.70 0.66
CA ILE LA 327 -86.52 2.84 1.09
C ILE LA 327 -85.15 2.32 1.51
N GLN LA 328 -84.10 2.85 0.87
CA GLN LA 328 -82.73 2.42 1.09
C GLN LA 328 -81.83 3.62 1.34
N GLY LA 329 -80.56 3.35 1.61
CA GLY LA 329 -79.56 4.38 1.75
C GLY LA 329 -79.03 4.48 3.18
N ALA LA 330 -78.18 5.48 3.37
CA ALA LA 330 -77.64 5.80 4.69
C ALA LA 330 -78.41 6.99 5.21
N LEU LA 331 -79.59 6.71 5.76
CA LEU LA 331 -80.48 7.74 6.24
C LEU LA 331 -79.99 8.30 7.58
N ASP LA 332 -80.22 9.58 7.80
CA ASP LA 332 -79.88 10.19 9.08
C ASP LA 332 -81.09 10.04 10.00
N ASP LA 333 -81.08 10.70 11.15
CA ASP LA 333 -82.12 10.47 12.15
C ASP LA 333 -83.42 11.21 11.85
N VAL LA 334 -83.37 12.27 11.06
CA VAL LA 334 -84.59 12.99 10.73
C VAL LA 334 -85.37 12.24 9.68
N GLU LA 335 -84.67 11.59 8.74
CA GLU LA 335 -85.39 10.85 7.72
C GLU LA 335 -85.99 9.57 8.29
N ILE LA 336 -85.49 9.11 9.43
CA ILE LA 336 -86.06 7.94 10.07
C ILE LA 336 -87.29 8.33 10.86
N LEU LA 337 -87.23 9.47 11.55
CA LEU LA 337 -88.40 9.87 12.33
C LEU LA 337 -89.53 10.33 11.41
N ARG LA 338 -89.17 10.88 10.24
CA ARG LA 338 -90.20 11.27 9.29
C ARG LA 338 -90.78 10.07 8.55
N ALA LA 339 -89.99 9.01 8.32
CA ALA LA 339 -90.59 7.86 7.66
C ALA LA 339 -91.43 7.04 8.63
N ARG LA 340 -91.04 7.02 9.90
CA ARG LA 340 -91.79 6.26 10.87
C ARG LA 340 -93.06 6.96 11.32
N GLN LA 341 -93.13 8.29 11.18
CA GLN LA 341 -94.40 8.92 11.51
C GLN LA 341 -95.39 8.81 10.37
N PHE LA 342 -94.93 8.57 9.14
CA PHE LA 342 -95.82 8.45 7.99
C PHE LA 342 -96.35 7.03 7.82
N VAL LA 343 -95.51 6.03 8.09
CA VAL LA 343 -95.95 4.65 7.92
C VAL LA 343 -97.02 4.30 8.95
N ASP LA 344 -96.84 4.78 10.19
CA ASP LA 344 -97.82 4.54 11.24
C ASP LA 344 -99.12 5.29 10.99
N SER LA 345 -99.05 6.45 10.34
CA SER LA 345 -100.25 7.19 9.97
C SER LA 345 -100.94 6.64 8.74
N TYR LA 346 -100.27 5.79 7.96
CA TYR LA 346 -100.90 5.17 6.80
C TYR LA 346 -101.46 3.80 7.11
N TYR LA 347 -100.83 3.08 8.03
CA TYR LA 347 -101.32 1.77 8.46
C TYR LA 347 -102.64 1.89 9.19
N ARG LA 348 -102.87 3.02 9.88
CA ARG LA 348 -104.10 3.18 10.62
C ARG LA 348 -105.29 3.38 9.68
N THR LA 349 -105.06 4.08 8.57
CA THR LA 349 -106.15 4.38 7.65
C THR LA 349 -106.44 3.20 6.74
N TRP LA 350 -105.41 2.69 6.05
CA TRP LA 350 -105.67 1.71 4.99
C TRP LA 350 -105.33 0.28 5.37
N GLY LA 351 -104.56 0.06 6.44
CA GLY LA 351 -104.12 -1.27 6.79
C GLY LA 351 -102.96 -1.72 5.92
N GLY LA 352 -102.42 -2.89 6.26
CA GLY LA 352 -101.26 -3.37 5.55
C GLY LA 352 -101.52 -4.55 4.63
N ARG LA 353 -102.64 -4.51 3.92
CA ARG LA 353 -103.03 -5.61 3.04
C ARG LA 353 -102.62 -5.40 1.59
N TYR LA 354 -102.67 -4.17 1.10
CA TYR LA 354 -102.43 -3.90 -0.31
C TYR LA 354 -101.01 -3.38 -0.58
N VAL LA 355 -100.66 -2.26 0.03
CA VAL LA 355 -99.39 -1.58 -0.21
C VAL LA 355 -98.53 -1.68 1.05
N GLN LA 356 -97.28 -2.08 0.88
CA GLN LA 356 -96.37 -2.30 2.00
C GLN LA 356 -95.04 -1.60 1.76
N PHE LA 357 -94.58 -0.86 2.77
CA PHE LA 357 -93.31 -0.17 2.74
C PHE LA 357 -92.21 -1.08 3.29
N ALA LA 358 -90.96 -0.66 3.09
CA ALA LA 358 -89.81 -1.44 3.55
C ALA LA 358 -88.65 -0.48 3.80
N ILE LA 359 -88.33 -0.22 5.06
CA ILE LA 359 -87.28 0.74 5.41
C ILE LA 359 -86.05 -0.08 5.77
N GLU LA 360 -85.18 -0.32 4.80
CA GLU LA 360 -83.89 -0.94 5.09
C GLU LA 360 -82.77 0.09 4.94
N LEU LA 361 -81.75 -0.02 5.78
CA LEU LA 361 -80.71 1.00 5.79
C LEU LA 361 -79.35 0.33 5.89
N LYS LA 362 -78.38 0.91 5.20
CA LYS LA 362 -77.03 0.37 5.11
C LYS LA 362 -76.04 1.51 5.06
N ASP LA 363 -74.78 1.18 5.26
CA ASP LA 363 -73.75 2.20 5.32
C ASP LA 363 -73.30 2.60 3.91
N ASP LA 364 -72.68 3.77 3.83
CA ASP LA 364 -72.29 4.35 2.56
C ASP LA 364 -70.89 3.87 2.17
N TRP LA 365 -70.78 3.30 0.96
CA TRP LA 365 -69.49 2.88 0.48
C TRP LA 365 -68.65 4.06 0.04
N LEU LA 366 -69.28 5.03 -0.62
CA LEU LA 366 -68.57 6.16 -1.22
C LEU LA 366 -68.58 7.38 -0.29
N LYS LA 367 -67.92 7.20 0.86
CA LYS LA 367 -67.78 8.32 1.79
C LYS LA 367 -66.59 9.19 1.44
N GLY LA 368 -65.39 8.61 1.41
CA GLY LA 368 -64.19 9.31 1.01
C GLY LA 368 -63.61 8.88 -0.33
N ARG LA 369 -64.34 8.12 -1.12
CA ARG LA 369 -63.87 7.58 -2.39
C ARG LA 369 -64.18 8.54 -3.52
N SER LA 370 -63.40 8.43 -4.59
CA SER LA 370 -63.67 9.11 -5.84
C SER LA 370 -64.28 8.12 -6.81
N PHE LA 371 -65.27 8.57 -7.58
CA PHE LA 371 -66.01 7.67 -8.45
C PHE LA 371 -66.55 8.44 -9.64
N GLN LA 372 -66.96 7.70 -10.66
CA GLN LA 372 -67.55 8.29 -11.85
C GLN LA 372 -68.95 7.72 -11.97
N TYR LA 373 -69.94 8.60 -12.12
CA TYR LA 373 -71.34 8.21 -12.25
C TYR LA 373 -71.80 8.46 -13.66
N GLY LA 374 -72.78 7.66 -14.09
CA GLY LA 374 -73.33 7.81 -15.42
C GLY LA 374 -73.49 6.50 -16.15
N ALA LA 375 -73.21 6.51 -17.45
CA ALA LA 375 -73.34 5.30 -18.25
C ALA LA 375 -72.19 4.35 -17.98
N GLU LA 376 -70.96 4.86 -18.05
CA GLU LA 376 -69.77 4.07 -17.76
C GLU LA 376 -69.35 4.46 -16.35
N GLY LA 377 -69.95 3.81 -15.35
CA GLY LA 377 -69.73 4.17 -13.95
C GLY LA 377 -68.81 3.19 -13.24
N TYR LA 378 -67.94 3.73 -12.39
CA TYR LA 378 -67.12 2.88 -11.54
C TYR LA 378 -66.76 3.62 -10.26
N ILE LA 379 -66.15 2.90 -9.32
CA ILE LA 379 -65.77 3.47 -8.03
C ILE LA 379 -64.32 3.12 -7.76
N LYS LA 380 -63.49 4.12 -7.51
CA LYS LA 380 -62.07 3.93 -7.23
C LYS LA 380 -61.93 3.74 -5.73
N MET LA 381 -61.82 2.49 -5.29
CA MET LA 381 -61.67 2.21 -3.86
C MET LA 381 -60.30 2.59 -3.32
N SER LA 382 -59.34 2.83 -4.19
CA SER LA 382 -57.99 3.19 -3.82
C SER LA 382 -57.38 3.87 -5.04
N PRO LA 383 -56.21 4.51 -4.91
CA PRO LA 383 -55.51 4.97 -6.11
C PRO LA 383 -55.17 3.87 -7.10
N GLY LA 384 -55.08 2.62 -6.67
CA GLY LA 384 -54.85 1.53 -7.60
C GLY LA 384 -55.87 0.43 -7.54
N HIS LA 385 -57.15 0.76 -7.37
CA HIS LA 385 -58.19 -0.27 -7.22
C HIS LA 385 -59.47 0.23 -7.85
N TRP LA 386 -60.03 -0.56 -8.76
CA TRP LA 386 -61.27 -0.21 -9.44
C TRP LA 386 -62.36 -1.21 -9.07
N TYR LA 387 -63.58 -0.70 -8.88
CA TYR LA 387 -64.75 -1.53 -8.58
C TYR LA 387 -65.82 -1.20 -9.60
N PHE LA 388 -66.19 -2.18 -10.43
CA PHE LA 388 -67.18 -2.00 -11.47
C PHE LA 388 -68.46 -2.65 -11.00
N PRO LA 389 -69.45 -1.90 -10.53
CA PRO LA 389 -70.64 -2.52 -9.95
C PRO LA 389 -71.60 -2.99 -11.02
N SER LA 390 -72.10 -4.20 -10.84
CA SER LA 390 -73.14 -4.71 -11.72
C SER LA 390 -74.48 -4.06 -11.38
N PRO LA 391 -75.27 -3.63 -12.38
CA PRO LA 391 -76.53 -2.92 -12.16
C PRO LA 391 -77.61 -3.78 -11.51
N ALA MA 171 -121.66 -30.60 40.03
CA ALA MA 171 -121.13 -29.39 39.43
C ALA MA 171 -120.92 -29.56 37.94
N GLU MA 172 -121.25 -28.53 37.16
CA GLU MA 172 -121.07 -28.60 35.72
C GLU MA 172 -119.60 -28.38 35.36
N LEU MA 173 -119.25 -28.72 34.12
CA LEU MA 173 -117.87 -28.58 33.70
C LEU MA 173 -117.50 -27.15 33.35
N ASP MA 174 -118.45 -26.34 32.88
CA ASP MA 174 -118.12 -24.98 32.48
C ASP MA 174 -117.85 -24.08 33.67
N SER MA 175 -118.27 -24.48 34.87
CA SER MA 175 -117.96 -23.72 36.07
C SER MA 175 -116.67 -24.19 36.74
N LEU MA 176 -116.18 -25.38 36.40
CA LEU MA 176 -114.95 -25.89 36.97
C LEU MA 176 -113.71 -25.39 36.25
N LEU MA 177 -113.87 -24.71 35.12
CA LEU MA 177 -112.77 -24.03 34.47
C LEU MA 177 -112.64 -22.64 35.09
N GLY MA 178 -111.90 -21.75 34.44
CA GLY MA 178 -111.63 -20.44 34.99
C GLY MA 178 -112.83 -19.52 35.02
N GLN MA 179 -112.55 -18.27 35.39
CA GLN MA 179 -113.61 -17.27 35.50
C GLN MA 179 -114.10 -16.84 34.11
N GLU MA 180 -113.18 -16.64 33.17
CA GLU MA 180 -113.54 -16.20 31.83
C GLU MA 180 -114.23 -17.34 31.08
N LYS MA 181 -115.52 -17.22 30.87
CA LYS MA 181 -116.27 -18.26 30.15
C LYS MA 181 -116.33 -17.95 28.66
N GLU MA 182 -115.19 -17.66 28.04
CA GLU MA 182 -115.17 -17.45 26.59
C GLU MA 182 -113.98 -18.09 25.92
N ARG MA 183 -112.96 -18.53 26.64
CA ARG MA 183 -111.80 -19.16 26.05
C ARG MA 183 -111.93 -20.67 26.00
N PHE MA 184 -113.12 -21.20 26.26
CA PHE MA 184 -113.38 -22.63 26.12
C PHE MA 184 -114.79 -22.82 25.59
N GLN MA 185 -115.04 -24.01 25.06
CA GLN MA 185 -116.35 -24.33 24.50
C GLN MA 185 -116.59 -25.82 24.67
N VAL MA 186 -117.62 -26.16 25.45
CA VAL MA 186 -117.92 -27.53 25.79
C VAL MA 186 -118.91 -28.12 24.79
N LEU MA 187 -118.50 -29.17 24.08
CA LEU MA 187 -119.33 -29.83 23.08
C LEU MA 187 -119.71 -31.23 23.56
N PRO MA 188 -120.99 -31.57 23.62
CA PRO MA 188 -121.36 -32.92 24.02
C PRO MA 188 -121.09 -33.90 22.89
N GLY MA 189 -120.45 -35.03 23.22
CA GLY MA 189 -120.09 -36.02 22.23
C GLY MA 189 -121.27 -36.89 21.86
N ARG MA 190 -120.95 -37.96 21.12
CA ARG MA 190 -121.94 -38.92 20.67
C ARG MA 190 -121.64 -40.31 21.22
N ASP MA 191 -120.70 -40.40 22.15
CA ASP MA 191 -120.35 -41.65 22.82
C ASP MA 191 -120.25 -41.42 24.33
N LYS MA 192 -121.23 -40.69 24.87
CA LYS MA 192 -121.36 -40.36 26.30
C LYS MA 192 -120.13 -39.66 26.86
N MET MA 193 -119.58 -38.71 26.10
CA MET MA 193 -118.36 -38.00 26.49
C MET MA 193 -118.59 -36.50 26.32
N LEU MA 194 -117.59 -35.72 26.69
CA LEU MA 194 -117.76 -34.26 26.71
C LEU MA 194 -116.45 -33.62 26.32
N TYR MA 195 -116.39 -33.06 25.11
CA TYR MA 195 -115.16 -32.54 24.57
C TYR MA 195 -115.05 -31.05 24.91
N VAL MA 196 -113.83 -30.61 25.21
CA VAL MA 196 -113.54 -29.22 25.54
C VAL MA 196 -112.65 -28.68 24.44
N ALA MA 197 -113.01 -27.58 23.82
CA ALA MA 197 -112.28 -27.12 22.64
C ALA MA 197 -111.38 -25.96 23.02
N ALA MA 198 -110.08 -26.25 23.24
CA ALA MA 198 -109.14 -25.16 23.45
C ALA MA 198 -108.59 -24.68 22.12
N GLN MA 199 -107.90 -23.54 22.18
CA GLN MA 199 -107.43 -22.90 20.96
C GLN MA 199 -105.92 -22.78 20.84
N ASN MA 200 -105.16 -23.12 21.89
CA ASN MA 200 -103.71 -23.17 21.80
C ASN MA 200 -103.18 -24.16 22.83
N GLU MA 201 -101.86 -24.24 22.93
CA GLU MA 201 -101.24 -25.21 23.83
C GLU MA 201 -101.34 -24.78 25.28
N ARG MA 202 -101.35 -23.47 25.53
CA ARG MA 202 -101.39 -22.99 26.90
C ARG MA 202 -102.77 -23.25 27.49
N ASP MA 203 -103.83 -23.02 26.72
CA ASP MA 203 -105.15 -23.36 27.23
C ASP MA 203 -105.39 -24.85 27.20
N THR MA 204 -104.64 -25.60 26.37
CA THR MA 204 -104.79 -27.05 26.41
C THR MA 204 -104.20 -27.63 27.69
N LEU MA 205 -103.08 -27.08 28.15
CA LEU MA 205 -102.53 -27.52 29.43
C LEU MA 205 -103.32 -26.99 30.61
N TRP MA 206 -104.04 -25.88 30.41
CA TRP MA 206 -104.91 -25.36 31.45
C TRP MA 206 -106.12 -26.27 31.63
N ALA MA 207 -106.67 -26.75 30.53
CA ALA MA 207 -107.86 -27.59 30.66
C ALA MA 207 -107.48 -29.01 31.03
N ARG MA 208 -106.28 -29.47 30.65
CA ARG MA 208 -105.88 -30.80 31.04
C ARG MA 208 -105.48 -30.90 32.50
N GLN MA 209 -105.10 -29.78 33.14
CA GLN MA 209 -104.80 -29.86 34.57
C GLN MA 209 -106.04 -30.11 35.41
N VAL MA 210 -107.19 -29.63 34.94
CA VAL MA 210 -108.44 -29.83 35.68
C VAL MA 210 -108.84 -31.30 35.63
N LEU MA 211 -108.86 -31.89 34.44
CA LEU MA 211 -109.31 -33.27 34.33
C LEU MA 211 -108.25 -34.24 34.83
N ALA MA 212 -106.98 -33.83 34.91
CA ALA MA 212 -105.96 -34.73 35.40
C ALA MA 212 -105.88 -34.73 36.91
N ARG MA 213 -106.17 -33.61 37.56
CA ARG MA 213 -106.18 -33.64 39.02
C ARG MA 213 -107.45 -34.29 39.56
N GLY MA 214 -108.50 -34.43 38.73
CA GLY MA 214 -109.58 -35.31 39.06
C GLY MA 214 -110.78 -34.71 39.76
N ASP MA 215 -111.05 -33.42 39.57
CA ASP MA 215 -112.27 -32.83 40.14
C ASP MA 215 -113.43 -32.85 39.16
N TYR MA 216 -113.69 -34.01 38.57
CA TYR MA 216 -114.86 -34.21 37.72
C TYR MA 216 -115.16 -35.69 37.68
N ASP MA 217 -116.41 -36.04 38.02
CA ASP MA 217 -116.82 -37.42 38.19
C ASP MA 217 -117.26 -38.11 36.90
N LYS MA 218 -117.15 -37.45 35.75
CA LYS MA 218 -117.56 -38.01 34.48
C LYS MA 218 -116.34 -38.11 33.56
N ASN MA 219 -116.58 -38.47 32.30
CA ASN MA 219 -115.51 -38.56 31.32
C ASN MA 219 -115.53 -37.35 30.40
N ALA MA 220 -114.34 -36.84 30.08
CA ALA MA 220 -114.22 -35.65 29.27
C ALA MA 220 -112.85 -35.65 28.60
N ARG MA 221 -112.77 -34.97 27.46
CA ARG MA 221 -111.51 -34.84 26.72
C ARG MA 221 -111.25 -33.37 26.42
N VAL MA 222 -110.01 -33.08 26.03
CA VAL MA 222 -109.61 -31.74 25.63
C VAL MA 222 -109.08 -31.82 24.20
N ILE MA 223 -109.80 -31.23 23.26
CA ILE MA 223 -109.40 -31.24 21.88
C ILE MA 223 -108.74 -29.92 21.52
N ASN MA 224 -108.06 -29.92 20.36
CA ASN MA 224 -107.28 -28.81 19.85
C ASN MA 224 -107.23 -28.96 18.34
N GLU MA 225 -107.13 -27.81 17.65
CA GLU MA 225 -107.16 -27.84 16.19
C GLU MA 225 -105.90 -28.44 15.60
N ASN MA 226 -104.75 -28.12 16.19
CA ASN MA 226 -103.49 -28.65 15.70
C ASN MA 226 -103.34 -30.12 16.04
N GLU MA 227 -103.89 -30.56 17.16
CA GLU MA 227 -103.72 -31.95 17.55
C GLU MA 227 -104.68 -32.84 16.78
N GLU MA 228 -105.93 -32.39 16.62
CA GLU MA 228 -106.89 -33.19 15.88
C GLU MA 228 -106.58 -33.21 14.39
N ASN MA 229 -105.84 -32.20 13.89
CA ASN MA 229 -105.49 -32.23 12.49
C ASN MA 229 -104.44 -33.28 12.17
N LYS MA 230 -103.69 -33.75 13.16
CA LYS MA 230 -102.78 -34.86 12.96
C LYS MA 230 -103.37 -36.17 13.42
N ARG MA 231 -104.44 -36.10 14.23
CA ARG MA 231 -105.10 -37.33 14.64
C ARG MA 231 -105.87 -37.93 13.49
N ILE MA 232 -106.56 -37.09 12.72
CA ILE MA 232 -107.28 -37.62 11.57
C ILE MA 232 -106.49 -37.41 10.29
N SER MA 233 -105.17 -37.20 10.40
CA SER MA 233 -104.25 -37.40 9.30
C SER MA 233 -103.38 -38.63 9.47
N ILE MA 234 -103.42 -39.26 10.64
CA ILE MA 234 -102.81 -40.58 10.82
C ILE MA 234 -103.76 -41.67 10.30
N TRP MA 235 -105.05 -41.56 10.60
CA TRP MA 235 -106.01 -42.50 10.05
C TRP MA 235 -106.13 -42.40 8.53
N LEU MA 236 -105.97 -41.20 7.99
CA LEU MA 236 -106.13 -40.95 6.57
C LEU MA 236 -104.95 -41.37 5.69
N ASP MA 237 -103.78 -41.68 6.22
CA ASP MA 237 -102.71 -42.16 5.37
C ASP MA 237 -102.51 -43.65 5.54
N THR MA 238 -103.50 -44.32 6.13
CA THR MA 238 -103.56 -45.76 6.24
C THR MA 238 -104.80 -46.29 5.54
N TYR MA 239 -105.97 -45.70 5.78
CA TYR MA 239 -107.15 -46.24 5.12
C TYR MA 239 -107.47 -45.53 3.82
N TYR MA 240 -106.85 -44.39 3.54
CA TYR MA 240 -107.04 -43.67 2.28
C TYR MA 240 -105.71 -43.16 1.76
N PRO MA 241 -104.83 -44.05 1.31
CA PRO MA 241 -103.54 -43.58 0.78
C PRO MA 241 -103.73 -43.00 -0.61
N GLN MA 242 -102.68 -42.28 -1.04
CA GLN MA 242 -102.63 -41.56 -2.32
C GLN MA 242 -103.79 -40.57 -2.44
N LEU MA 243 -103.90 -39.69 -1.46
CA LEU MA 243 -104.95 -38.69 -1.42
C LEU MA 243 -104.32 -37.30 -1.35
N ALA MA 244 -104.97 -36.34 -1.99
CA ALA MA 244 -104.46 -34.97 -2.06
C ALA MA 244 -105.42 -34.04 -1.32
N TYR MA 245 -105.00 -33.58 -0.14
CA TYR MA 245 -105.81 -32.67 0.66
C TYR MA 245 -104.88 -31.65 1.33
N TYR MA 246 -105.47 -30.62 1.92
CA TYR MA 246 -104.69 -29.53 2.51
C TYR MA 246 -104.84 -29.43 4.01
N ARG MA 247 -106.06 -29.25 4.53
CA ARG MA 247 -106.25 -28.79 5.89
C ARG MA 247 -107.71 -28.97 6.27
N ILE MA 248 -107.97 -29.18 7.56
CA ILE MA 248 -109.30 -29.22 8.13
C ILE MA 248 -109.48 -28.01 9.03
N HIS MA 249 -110.56 -27.25 8.81
CA HIS MA 249 -110.78 -25.98 9.49
C HIS MA 249 -111.86 -26.13 10.55
N PHE MA 250 -111.57 -25.67 11.76
CA PHE MA 250 -112.44 -25.81 12.92
C PHE MA 250 -112.89 -24.46 13.46
N ASP MA 251 -113.29 -23.54 12.57
CA ASP MA 251 -113.82 -22.27 13.04
C ASP MA 251 -115.22 -22.42 13.64
N GLU MA 252 -115.96 -23.44 13.23
CA GLU MA 252 -117.19 -23.86 13.90
C GLU MA 252 -117.04 -25.33 14.22
N PRO MA 253 -116.82 -25.69 15.49
CA PRO MA 253 -116.39 -27.07 15.82
C PRO MA 253 -117.47 -28.12 15.67
N ARG MA 254 -118.72 -27.75 15.39
CA ARG MA 254 -119.74 -28.73 15.11
C ARG MA 254 -119.88 -29.04 13.63
N LYS MA 255 -119.23 -28.27 12.77
CA LYS MA 255 -119.22 -28.52 11.33
C LYS MA 255 -117.84 -28.21 10.78
N PRO MA 256 -116.92 -29.17 10.81
CA PRO MA 256 -115.62 -28.93 10.19
C PRO MA 256 -115.72 -28.96 8.68
N VAL MA 257 -114.75 -28.30 8.05
CA VAL MA 257 -114.68 -28.15 6.60
C VAL MA 257 -113.41 -28.79 6.10
N PHE MA 258 -113.54 -29.78 5.24
CA PHE MA 258 -112.43 -30.53 4.68
C PHE MA 258 -112.05 -29.94 3.33
N TRP MA 259 -110.85 -29.39 3.25
CA TRP MA 259 -110.34 -28.70 2.07
C TRP MA 259 -109.59 -29.70 1.19
N LEU MA 260 -110.25 -30.22 0.15
CA LEU MA 260 -109.67 -31.20 -0.74
C LEU MA 260 -109.11 -30.53 -1.99
N SER MA 261 -108.27 -31.27 -2.70
CA SER MA 261 -107.71 -30.79 -3.96
C SER MA 261 -108.58 -31.23 -5.11
N ARG MA 262 -108.64 -30.39 -6.14
CA ARG MA 262 -109.50 -30.63 -7.30
C ARG MA 262 -108.75 -31.24 -8.47
N GLN MA 263 -107.56 -30.75 -8.76
CA GLN MA 263 -106.84 -31.18 -9.95
C GLN MA 263 -105.89 -32.32 -9.68
N ARG MA 264 -106.06 -33.03 -8.56
CA ARG MA 264 -105.18 -34.14 -8.26
C ARG MA 264 -105.93 -35.35 -7.67
N ASN MA 265 -107.26 -35.38 -7.73
CA ASN MA 265 -108.00 -36.53 -7.26
C ASN MA 265 -108.91 -37.08 -8.36
N THR MA 266 -109.18 -38.38 -8.29
CA THR MA 266 -110.05 -39.06 -9.24
C THR MA 266 -111.30 -39.62 -8.56
N MET MA 267 -111.83 -38.92 -7.56
CA MET MA 267 -112.96 -39.43 -6.80
C MET MA 267 -114.28 -38.93 -7.36
N SER MA 268 -115.27 -39.82 -7.41
CA SER MA 268 -116.60 -39.41 -7.80
C SER MA 268 -117.39 -38.93 -6.58
N LYS MA 269 -118.65 -38.55 -6.81
CA LYS MA 269 -119.45 -37.99 -5.73
C LYS MA 269 -119.92 -39.07 -4.77
N LYS MA 270 -120.08 -40.30 -5.26
CA LYS MA 270 -120.51 -41.37 -4.38
C LYS MA 270 -119.37 -41.75 -3.45
N GLU MA 271 -118.13 -41.67 -3.92
CA GLU MA 271 -117.00 -41.96 -3.05
C GLU MA 271 -116.74 -40.82 -2.10
N LEU MA 272 -117.11 -39.59 -2.46
CA LEU MA 272 -116.96 -38.50 -1.51
C LEU MA 272 -118.01 -38.57 -0.41
N GLU MA 273 -119.17 -39.17 -0.71
CA GLU MA 273 -120.17 -39.33 0.34
C GLU MA 273 -119.72 -40.36 1.38
N VAL MA 274 -119.01 -41.39 0.93
CA VAL MA 274 -118.49 -42.40 1.85
C VAL MA 274 -117.32 -41.81 2.65
N LEU MA 275 -116.49 -40.98 2.00
CA LEU MA 275 -115.42 -40.34 2.75
C LEU MA 275 -115.96 -39.34 3.78
N SER MA 276 -117.06 -38.64 3.46
CA SER MA 276 -117.69 -37.76 4.42
C SER MA 276 -118.42 -38.51 5.51
N GLN MA 277 -118.71 -39.78 5.30
CA GLN MA 277 -119.37 -40.54 6.35
C GLN MA 277 -118.35 -41.19 7.27
N LYS MA 278 -117.23 -41.64 6.72
CA LYS MA 278 -116.19 -42.25 7.55
C LYS MA 278 -115.39 -41.19 8.32
N LEU MA 279 -115.33 -39.95 7.82
CA LEU MA 279 -114.70 -38.88 8.59
C LEU MA 279 -115.57 -38.39 9.73
N ARG MA 280 -116.87 -38.67 9.71
CA ARG MA 280 -117.75 -38.24 10.78
C ARG MA 280 -117.61 -39.11 12.03
N ALA MA 281 -117.30 -40.40 11.85
CA ALA MA 281 -117.18 -41.28 13.00
C ALA MA 281 -115.91 -41.04 13.80
N LEU MA 282 -114.88 -40.43 13.21
CA LEU MA 282 -113.69 -40.12 13.98
C LEU MA 282 -113.83 -38.86 14.80
N MET MA 283 -114.88 -38.06 14.56
CA MET MA 283 -115.14 -36.83 15.30
C MET MA 283 -116.55 -36.94 15.88
N PRO MA 284 -116.70 -37.52 17.07
CA PRO MA 284 -118.05 -37.68 17.64
C PRO MA 284 -118.69 -36.38 18.07
N TYR MA 285 -117.90 -35.33 18.29
CA TYR MA 285 -118.46 -34.03 18.63
C TYR MA 285 -119.07 -33.34 17.43
N ALA MA 286 -118.61 -33.68 16.23
CA ALA MA 286 -119.08 -33.01 15.03
C ALA MA 286 -120.47 -33.49 14.65
N ASP MA 287 -121.06 -32.79 13.69
CA ASP MA 287 -122.40 -33.12 13.23
C ASP MA 287 -122.42 -33.52 11.77
N SER MA 288 -121.75 -32.77 10.91
CA SER MA 288 -121.72 -33.08 9.48
C SER MA 288 -120.48 -32.43 8.91
N VAL MA 289 -119.55 -33.24 8.42
CA VAL MA 289 -118.33 -32.72 7.83
C VAL MA 289 -118.64 -32.29 6.41
N ASN MA 290 -118.19 -31.09 6.04
CA ASN MA 290 -118.47 -30.54 4.72
C ASN MA 290 -117.19 -30.59 3.91
N ILE MA 291 -117.24 -31.26 2.77
CA ILE MA 291 -116.07 -31.45 1.90
C ILE MA 291 -116.18 -30.50 0.73
N THR MA 292 -115.18 -29.62 0.57
CA THR MA 292 -115.15 -28.69 -0.54
C THR MA 292 -113.80 -28.83 -1.22
N LEU MA 293 -113.78 -28.56 -2.52
CA LEU MA 293 -112.60 -28.74 -3.35
C LEU MA 293 -112.09 -27.37 -3.77
N MET MA 294 -110.78 -27.23 -3.87
CA MET MA 294 -110.21 -25.96 -4.30
C MET MA 294 -109.19 -26.17 -5.40
N ASP MA 295 -108.93 -25.08 -6.12
CA ASP MA 295 -108.00 -25.12 -7.23
C ASP MA 295 -106.58 -25.27 -6.73
N ASP MA 296 -105.79 -26.00 -7.50
CA ASP MA 296 -104.41 -26.29 -7.17
C ASP MA 296 -103.46 -25.17 -7.59
N VAL MA 297 -103.94 -24.18 -8.33
CA VAL MA 297 -103.10 -23.08 -8.83
C VAL MA 297 -103.07 -21.91 -7.86
N THR MA 298 -104.19 -21.57 -7.23
CA THR MA 298 -104.22 -20.45 -6.30
C THR MA 298 -103.49 -20.75 -4.99
N ALA MA 299 -103.22 -22.01 -4.69
CA ALA MA 299 -102.41 -22.38 -3.54
C ALA MA 299 -100.95 -21.97 -3.73
N ALA MA 300 -100.46 -22.01 -4.96
CA ALA MA 300 -99.11 -21.55 -5.20
C ALA MA 300 -99.08 -20.11 -5.69
N GLY MA 301 -100.22 -19.60 -6.16
CA GLY MA 301 -100.27 -18.22 -6.57
C GLY MA 301 -100.26 -17.28 -5.38
N GLN MA 302 -100.97 -17.64 -4.31
CA GLN MA 302 -100.92 -16.80 -3.12
C GLN MA 302 -99.59 -16.94 -2.40
N ALA MA 303 -98.89 -18.04 -2.63
CA ALA MA 303 -97.61 -18.27 -1.99
C ALA MA 303 -96.51 -17.51 -2.68
N GLU MA 304 -96.66 -17.27 -3.98
CA GLU MA 304 -95.65 -16.47 -4.67
C GLU MA 304 -95.99 -14.99 -4.59
N ALA MA 305 -97.28 -14.64 -4.54
CA ALA MA 305 -97.64 -13.24 -4.43
C ALA MA 305 -97.32 -12.69 -3.05
N GLY MA 306 -97.47 -13.50 -1.99
CA GLY MA 306 -97.05 -13.02 -0.70
C GLY MA 306 -95.55 -13.03 -0.53
N LEU MA 307 -94.84 -13.81 -1.34
CA LEU MA 307 -93.39 -13.83 -1.26
C LEU MA 307 -92.76 -12.73 -2.08
N LYS MA 308 -93.55 -12.04 -2.90
CA LYS MA 308 -93.00 -10.92 -3.66
C LYS MA 308 -93.28 -9.57 -3.03
N GLN MA 309 -94.26 -9.47 -2.12
CA GLN MA 309 -94.50 -8.21 -1.45
C GLN MA 309 -93.42 -7.86 -0.43
N GLN MA 310 -92.81 -8.85 0.21
CA GLN MA 310 -91.81 -8.59 1.23
C GLN MA 310 -90.40 -8.39 0.68
N ALA MA 311 -90.24 -8.42 -0.65
CA ALA MA 311 -88.95 -8.24 -1.33
C ALA MA 311 -87.92 -9.28 -0.87
N LEU MA 312 -88.35 -10.49 -0.79
CA LEU MA 312 -87.48 -11.57 -0.38
C LEU MA 312 -86.94 -12.28 -1.60
N PRO MA 313 -85.63 -12.46 -1.73
CA PRO MA 313 -85.10 -13.22 -2.87
C PRO MA 313 -85.40 -14.70 -2.68
N TYR MA 314 -85.97 -15.31 -3.71
CA TYR MA 314 -86.42 -16.69 -3.62
C TYR MA 314 -86.09 -17.43 -4.91
N SER MA 315 -86.49 -18.70 -4.94
CA SER MA 315 -86.24 -19.56 -6.09
C SER MA 315 -87.28 -20.68 -6.09
N ARG MA 316 -88.15 -20.67 -7.10
CA ARG MA 316 -89.26 -21.61 -7.20
C ARG MA 316 -88.86 -22.86 -7.96
N ARG MA 317 -89.20 -24.02 -7.42
CA ARG MA 317 -88.93 -25.32 -8.05
C ARG MA 317 -90.25 -26.05 -8.20
N ASN MA 318 -90.72 -26.16 -9.44
CA ASN MA 318 -91.97 -26.83 -9.74
C ASN MA 318 -91.68 -28.29 -10.05
N HIS MA 319 -92.45 -29.17 -9.43
CA HIS MA 319 -92.47 -30.59 -9.78
C HIS MA 319 -93.85 -31.15 -9.48
N LYS MA 320 -94.01 -32.45 -9.71
CA LYS MA 320 -95.32 -33.08 -9.57
C LYS MA 320 -95.71 -33.24 -8.12
N GLY MA 321 -96.92 -32.82 -7.79
CA GLY MA 321 -97.45 -32.99 -6.45
C GLY MA 321 -96.81 -32.09 -5.41
N GLY MA 322 -96.47 -30.88 -5.77
CA GLY MA 322 -95.92 -29.93 -4.83
C GLY MA 322 -94.90 -29.02 -5.50
N VAL MA 323 -94.80 -27.80 -4.97
CA VAL MA 323 -93.79 -26.85 -5.39
C VAL MA 323 -92.92 -26.55 -4.17
N THR MA 324 -91.83 -25.83 -4.41
CA THR MA 324 -90.91 -25.56 -3.32
C THR MA 324 -90.28 -24.19 -3.51
N PHE MA 325 -90.32 -23.35 -2.47
CA PHE MA 325 -89.68 -22.05 -2.54
C PHE MA 325 -88.45 -22.02 -1.64
N VAL MA 326 -87.30 -21.70 -2.22
CA VAL MA 326 -86.01 -21.74 -1.51
C VAL MA 326 -85.55 -20.30 -1.32
N ILE MA 327 -85.37 -19.91 -0.06
CA ILE MA 327 -84.92 -18.57 0.31
C ILE MA 327 -83.57 -18.71 1.01
N GLN MA 328 -82.48 -18.54 0.27
CA GLN MA 328 -81.13 -18.66 0.80
C GLN MA 328 -80.41 -17.32 0.72
N GLY MA 329 -79.21 -17.29 1.29
CA GLY MA 329 -78.35 -16.12 1.27
C GLY MA 329 -78.11 -15.60 2.67
N ALA MA 330 -77.43 -14.45 2.73
CA ALA MA 330 -77.13 -13.79 3.99
C ALA MA 330 -78.16 -12.68 4.18
N LEU MA 331 -79.28 -13.04 4.80
CA LEU MA 331 -80.37 -12.11 5.00
C LEU MA 331 -80.14 -11.26 6.25
N ASP MA 332 -80.63 -10.03 6.21
CA ASP MA 332 -80.57 -9.17 7.38
C ASP MA 332 -81.75 -9.44 8.32
N ASP MA 333 -81.80 -8.68 9.41
CA ASP MA 333 -82.69 -9.00 10.52
C ASP MA 333 -84.14 -8.68 10.19
N VAL MA 334 -84.39 -7.69 9.34
CA VAL MA 334 -85.80 -7.40 9.04
C VAL MA 334 -86.32 -8.36 8.00
N GLU MA 335 -85.43 -9.07 7.31
CA GLU MA 335 -85.85 -10.03 6.31
C GLU MA 335 -85.90 -11.44 6.87
N ILE MA 336 -85.40 -11.66 8.08
CA ILE MA 336 -85.73 -12.93 8.71
C ILE MA 336 -87.08 -12.79 9.43
N LEU MA 337 -87.40 -11.59 9.91
CA LEU MA 337 -88.67 -11.37 10.59
C LEU MA 337 -89.84 -11.33 9.61
N ARG MA 338 -89.65 -10.71 8.44
CA ARG MA 338 -90.73 -10.71 7.48
C ARG MA 338 -90.89 -12.06 6.79
N ALA MA 339 -89.82 -12.86 6.72
CA ALA MA 339 -89.95 -14.19 6.17
C ALA MA 339 -90.45 -15.20 7.18
N ARG MA 340 -90.54 -14.83 8.45
CA ARG MA 340 -91.15 -15.71 9.42
C ARG MA 340 -92.60 -15.36 9.72
N GLN MA 341 -92.94 -14.07 9.68
CA GLN MA 341 -94.32 -13.65 9.89
C GLN MA 341 -95.23 -14.01 8.74
N PHE MA 342 -94.67 -14.31 7.57
CA PHE MA 342 -95.46 -14.68 6.42
C PHE MA 342 -95.65 -16.19 6.35
N VAL MA 343 -94.60 -16.94 6.69
CA VAL MA 343 -94.67 -18.40 6.65
C VAL MA 343 -95.63 -18.90 7.73
N ASP MA 344 -95.61 -18.30 8.91
CA ASP MA 344 -96.54 -18.75 9.96
C ASP MA 344 -97.99 -18.43 9.60
N SER MA 345 -98.23 -17.28 8.94
CA SER MA 345 -99.59 -16.95 8.52
C SER MA 345 -100.04 -17.75 7.32
N TYR MA 346 -99.12 -18.26 6.51
CA TYR MA 346 -99.55 -19.10 5.40
C TYR MA 346 -99.82 -20.51 5.88
N TYR MA 347 -98.97 -21.02 6.77
CA TYR MA 347 -99.13 -22.36 7.32
C TYR MA 347 -100.37 -22.47 8.18
N ARG MA 348 -100.86 -21.36 8.74
CA ARG MA 348 -102.03 -21.45 9.58
C ARG MA 348 -103.29 -21.72 8.76
N THR MA 349 -103.31 -21.29 7.50
CA THR MA 349 -104.50 -21.39 6.67
C THR MA 349 -104.41 -22.43 5.56
N TRP MA 350 -103.23 -22.79 5.08
CA TRP MA 350 -103.12 -23.74 3.98
C TRP MA 350 -102.45 -25.05 4.35
N GLY MA 351 -101.75 -25.12 5.46
CA GLY MA 351 -101.02 -26.32 5.81
C GLY MA 351 -99.73 -26.44 5.03
N GLY MA 352 -99.05 -27.56 5.24
CA GLY MA 352 -97.78 -27.79 4.58
C GLY MA 352 -97.76 -29.03 3.71
N ARG MA 353 -98.90 -29.41 3.17
CA ARG MA 353 -98.98 -30.62 2.36
C ARG MA 353 -98.46 -30.38 0.96
N TYR MA 354 -98.88 -29.28 0.32
CA TYR MA 354 -98.53 -29.03 -1.08
C TYR MA 354 -97.29 -28.16 -1.27
N VAL MA 355 -97.32 -26.93 -0.79
CA VAL MA 355 -96.26 -25.95 -1.01
C VAL MA 355 -95.43 -25.78 0.26
N GLN MA 356 -94.11 -25.77 0.11
CA GLN MA 356 -93.22 -25.74 1.27
C GLN MA 356 -92.09 -24.74 1.08
N PHE MA 357 -91.93 -23.88 2.09
CA PHE MA 357 -90.88 -22.87 2.12
C PHE MA 357 -89.65 -23.43 2.83
N ALA MA 358 -88.48 -23.15 2.27
CA ALA MA 358 -87.20 -23.61 2.80
C ALA MA 358 -86.33 -22.37 2.98
N ILE MA 359 -86.45 -21.73 4.13
CA ILE MA 359 -85.59 -20.60 4.47
C ILE MA 359 -84.32 -21.15 5.08
N GLU MA 360 -83.17 -20.73 4.55
CA GLU MA 360 -81.89 -21.29 4.96
C GLU MA 360 -80.86 -20.18 5.03
N LEU MA 361 -80.39 -19.87 6.23
CA LEU MA 361 -79.45 -18.77 6.44
C LEU MA 361 -78.03 -19.30 6.38
N LYS MA 362 -77.30 -18.98 5.33
CA LYS MA 362 -75.93 -19.45 5.18
C LYS MA 362 -75.11 -18.35 4.52
N ASP MA 363 -73.79 -18.48 4.66
CA ASP MA 363 -72.89 -17.43 4.17
C ASP MA 363 -72.70 -17.59 2.67
N ASP MA 364 -71.77 -16.80 2.12
CA ASP MA 364 -71.51 -16.82 0.69
C ASP MA 364 -70.67 -18.05 0.35
N TRP MA 365 -71.18 -18.87 -0.56
CA TRP MA 365 -70.40 -19.99 -1.08
C TRP MA 365 -69.22 -19.45 -1.87
N LEU MA 366 -68.11 -20.19 -1.83
CA LEU MA 366 -66.81 -19.79 -2.38
C LEU MA 366 -66.38 -18.45 -1.79
N LYS MA 367 -66.08 -18.55 -0.49
CA LYS MA 367 -66.13 -17.48 0.52
C LYS MA 367 -65.54 -16.15 0.08
N GLY MA 368 -64.26 -16.14 -0.26
CA GLY MA 368 -63.61 -14.95 -0.76
C GLY MA 368 -62.84 -15.28 -2.01
N ARG MA 369 -63.13 -16.45 -2.56
CA ARG MA 369 -62.38 -16.98 -3.68
C ARG MA 369 -62.93 -16.45 -5.00
N SER MA 370 -62.02 -16.12 -5.91
CA SER MA 370 -62.37 -15.77 -7.27
C SER MA 370 -62.58 -17.02 -8.09
N PHE MA 371 -63.56 -17.00 -8.99
CA PHE MA 371 -63.89 -18.18 -9.76
C PHE MA 371 -64.35 -17.77 -11.15
N GLN MA 372 -64.39 -18.75 -12.05
CA GLN MA 372 -64.78 -18.51 -13.45
C GLN MA 372 -65.89 -19.50 -13.76
N TYR MA 373 -67.11 -18.98 -13.91
CA TYR MA 373 -68.30 -19.83 -13.91
C TYR MA 373 -68.75 -20.19 -15.31
N GLY MA 374 -69.50 -21.29 -15.39
CA GLY MA 374 -70.26 -21.65 -16.56
C GLY MA 374 -69.63 -22.71 -17.43
N ALA MA 375 -70.01 -23.97 -17.19
CA ALA MA 375 -69.80 -25.13 -18.06
C ALA MA 375 -68.36 -25.58 -18.22
N GLU MA 376 -67.40 -24.77 -17.80
CA GLU MA 376 -65.99 -25.13 -17.67
C GLU MA 376 -65.45 -24.23 -16.57
N GLY MA 377 -65.46 -24.73 -15.34
CA GLY MA 377 -65.27 -23.90 -14.16
C GLY MA 377 -63.99 -24.25 -13.42
N TYR MA 378 -63.41 -23.24 -12.79
CA TYR MA 378 -62.30 -23.44 -11.89
C TYR MA 378 -62.33 -22.37 -10.81
N ILE MA 379 -61.87 -22.73 -9.63
CA ILE MA 379 -61.74 -21.80 -8.52
C ILE MA 379 -60.27 -21.49 -8.33
N LYS MA 380 -59.95 -20.23 -8.07
CA LYS MA 380 -58.58 -19.83 -7.84
C LYS MA 380 -58.38 -19.80 -6.33
N MET MA 381 -57.77 -20.87 -5.81
CA MET MA 381 -57.51 -20.95 -4.37
C MET MA 381 -56.42 -19.99 -3.91
N SER MA 382 -55.61 -19.49 -4.82
CA SER MA 382 -54.46 -18.63 -4.57
C SER MA 382 -54.08 -18.02 -5.90
N PRO MA 383 -53.24 -16.97 -5.92
CA PRO MA 383 -52.76 -16.47 -7.21
C PRO MA 383 -51.99 -17.48 -8.05
N GLY MA 384 -51.45 -18.54 -7.45
CA GLY MA 384 -50.81 -19.58 -8.24
C GLY MA 384 -51.39 -20.96 -7.99
N HIS MA 385 -52.72 -21.06 -7.85
CA HIS MA 385 -53.34 -22.32 -7.49
C HIS MA 385 -54.72 -22.39 -8.13
N TRP MA 386 -54.94 -23.46 -8.86
CA TRP MA 386 -56.19 -23.72 -9.57
C TRP MA 386 -56.83 -24.98 -9.03
N TYR MA 387 -58.14 -24.94 -8.83
CA TYR MA 387 -58.91 -26.06 -8.32
C TYR MA 387 -60.03 -26.30 -9.31
N PHE MA 388 -60.26 -27.56 -9.68
CA PHE MA 388 -61.22 -27.91 -10.74
C PHE MA 388 -62.29 -28.83 -10.17
N PRO MA 389 -63.26 -28.29 -9.41
CA PRO MA 389 -64.43 -29.07 -9.02
C PRO MA 389 -65.50 -29.00 -10.09
N SER MA 390 -66.72 -29.42 -9.76
CA SER MA 390 -67.94 -29.30 -10.56
C SER MA 390 -68.13 -27.92 -11.18
N PRO MA 391 -68.77 -27.81 -12.37
CA PRO MA 391 -68.78 -26.54 -13.08
C PRO MA 391 -69.60 -25.47 -12.38
N LEU MA 392 -68.89 -24.51 -11.80
CA LEU MA 392 -69.50 -23.46 -10.99
C LEU MA 392 -70.21 -22.45 -11.86
N ALA NA 171 -112.38 -55.37 41.18
CA ALA NA 171 -111.30 -54.52 40.69
C ALA NA 171 -111.01 -54.80 39.22
N GLU NA 172 -111.70 -54.09 38.33
CA GLU NA 172 -111.50 -54.26 36.91
C GLU NA 172 -110.17 -53.64 36.51
N LEU NA 173 -109.68 -54.03 35.33
CA LEU NA 173 -108.33 -53.63 34.91
C LEU NA 173 -108.27 -52.15 34.53
N ASP NA 174 -109.36 -51.59 34.02
CA ASP NA 174 -109.34 -50.20 33.59
C ASP NA 174 -109.32 -49.23 34.77
N SER NA 175 -109.63 -49.68 35.98
CA SER NA 175 -109.54 -48.80 37.14
C SER NA 175 -108.16 -48.79 37.79
N LEU NA 176 -107.35 -49.83 37.61
CA LEU NA 176 -106.02 -49.85 38.21
C LEU NA 176 -105.02 -49.03 37.43
N LEU NA 177 -105.34 -48.61 36.22
CA LEU NA 177 -104.47 -47.70 35.48
C LEU NA 177 -104.75 -46.28 35.95
N GLY NA 178 -104.26 -45.29 35.20
CA GLY NA 178 -104.34 -43.92 35.63
C GLY NA 178 -105.74 -43.33 35.60
N GLN NA 179 -105.80 -42.03 35.88
CA GLN NA 179 -107.07 -41.32 35.92
C GLN NA 179 -107.64 -41.15 34.53
N GLU NA 180 -106.80 -40.79 33.57
CA GLU NA 180 -107.24 -40.59 32.20
C GLU NA 180 -107.51 -41.94 31.54
N LYS NA 181 -108.79 -42.28 31.37
CA LYS NA 181 -109.17 -43.54 30.74
C LYS NA 181 -109.33 -43.37 29.24
N GLU NA 182 -108.32 -42.80 28.60
CA GLU NA 182 -108.37 -42.51 27.17
C GLU NA 182 -107.15 -43.07 26.47
N ARG NA 183 -106.04 -43.15 27.19
CA ARG NA 183 -104.79 -43.56 26.56
C ARG NA 183 -104.64 -45.07 26.48
N PHE NA 184 -105.35 -45.82 27.32
CA PHE NA 184 -105.23 -47.27 27.34
C PHE NA 184 -106.53 -47.92 26.88
N GLN NA 185 -106.41 -49.02 26.15
CA GLN NA 185 -107.55 -49.75 25.62
C GLN NA 185 -107.41 -51.22 25.98
N VAL NA 186 -108.44 -51.79 26.60
CA VAL NA 186 -108.40 -53.17 27.09
C VAL NA 186 -109.24 -54.06 26.18
N LEU NA 187 -108.62 -55.08 25.60
CA LEU NA 187 -109.28 -55.98 24.67
C LEU NA 187 -109.34 -57.40 25.23
N PRO NA 188 -110.48 -58.07 25.17
CA PRO NA 188 -110.55 -59.45 25.65
C PRO NA 188 -109.96 -60.41 24.63
N GLY NA 189 -109.15 -61.36 25.11
CA GLY NA 189 -108.50 -62.30 24.25
C GLY NA 189 -109.29 -63.58 24.09
N ARG NA 190 -108.90 -64.35 23.09
CA ARG NA 190 -109.56 -65.61 22.81
C ARG NA 190 -109.01 -66.75 23.66
N ASP NA 191 -107.80 -66.59 24.19
CA ASP NA 191 -107.16 -67.61 25.02
C ASP NA 191 -107.33 -67.32 26.50
N LYS NA 192 -108.46 -66.72 26.89
CA LYS NA 192 -108.79 -66.36 28.27
C LYS NA 192 -107.73 -65.43 28.90
N MET NA 193 -107.39 -64.38 28.18
CA MET NA 193 -106.43 -63.38 28.64
C MET NA 193 -106.98 -61.98 28.35
N LEU NA 194 -106.26 -60.97 28.83
CA LEU NA 194 -106.72 -59.59 28.71
C LEU NA 194 -105.55 -58.74 28.24
N TYR NA 195 -105.69 -58.10 27.07
CA TYR NA 195 -104.59 -57.38 26.47
C TYR NA 195 -104.78 -55.88 26.63
N VAL NA 196 -103.74 -55.18 27.06
CA VAL NA 196 -103.73 -53.74 27.17
C VAL NA 196 -102.98 -53.19 25.98
N ALA NA 197 -103.54 -52.19 25.32
CA ALA NA 197 -102.96 -51.68 24.07
C ALA NA 197 -102.50 -50.24 24.30
N ALA NA 198 -101.26 -50.09 24.73
CA ALA NA 198 -100.62 -48.79 24.76
C ALA NA 198 -100.18 -48.41 23.35
N GLN NA 199 -99.68 -47.20 23.20
CA GLN NA 199 -99.30 -46.73 21.88
C GLN NA 199 -97.89 -46.16 21.79
N ASN NA 200 -97.13 -46.15 22.88
CA ASN NA 200 -95.72 -45.82 22.81
C ASN NA 200 -94.97 -46.52 23.95
N GLU NA 201 -93.65 -46.32 23.95
CA GLU NA 201 -92.80 -46.96 24.93
C GLU NA 201 -92.96 -46.34 26.31
N ARG NA 202 -93.36 -45.08 26.37
CA ARG NA 202 -93.50 -44.44 27.66
C ARG NA 202 -94.74 -44.93 28.39
N ASP NA 203 -95.81 -45.27 27.66
CA ASP NA 203 -96.99 -45.81 28.32
C ASP NA 203 -97.00 -47.33 28.41
N THR NA 204 -96.08 -47.99 27.71
CA THR NA 204 -95.95 -49.43 27.90
C THR NA 204 -95.32 -49.75 29.25
N LEU NA 205 -94.35 -48.95 29.69
CA LEU NA 205 -93.78 -49.18 31.02
C LEU NA 205 -94.73 -48.77 32.14
N TRP NA 206 -95.67 -47.87 31.85
CA TRP NA 206 -96.68 -47.51 32.83
C TRP NA 206 -97.64 -48.67 33.02
N ALA NA 207 -98.13 -49.23 31.91
CA ALA NA 207 -99.09 -50.31 32.06
C ALA NA 207 -98.41 -51.64 32.42
N ARG NA 208 -97.10 -51.74 32.27
CA ARG NA 208 -96.40 -52.96 32.68
C ARG NA 208 -96.04 -52.94 34.16
N GLN NA 209 -95.93 -51.76 34.77
CA GLN NA 209 -95.65 -51.71 36.20
C GLN NA 209 -96.82 -52.22 37.03
N VAL NA 210 -98.05 -52.02 36.54
CA VAL NA 210 -99.23 -52.51 37.26
C VAL NA 210 -99.25 -54.03 37.26
N LEU NA 211 -99.03 -54.64 36.10
CA LEU NA 211 -99.05 -56.09 36.05
C LEU NA 211 -97.81 -56.72 36.63
N ALA NA 212 -96.74 -55.95 36.83
CA ALA NA 212 -95.53 -56.52 37.43
C ALA NA 212 -95.55 -56.46 38.94
N ARG NA 213 -96.10 -55.40 39.54
CA ARG NA 213 -96.20 -55.37 40.99
C ARG NA 213 -97.31 -56.27 41.50
N GLY NA 214 -98.24 -56.66 40.65
CA GLY NA 214 -99.14 -57.75 40.94
C GLY NA 214 -100.47 -57.39 41.55
N ASP NA 215 -100.97 -56.18 41.34
CA ASP NA 215 -102.29 -55.83 41.86
C ASP NA 215 -103.38 -56.08 40.82
N TYR NA 216 -103.36 -57.28 40.25
CA TYR NA 216 -104.42 -57.79 39.40
C TYR NA 216 -104.41 -59.31 39.49
N ASP NA 217 -105.57 -59.92 39.73
CA ASP NA 217 -105.59 -61.31 40.14
C ASP NA 217 -105.44 -62.29 38.98
N LYS NA 218 -105.95 -61.95 37.80
CA LYS NA 218 -105.94 -62.86 36.67
C LYS NA 218 -104.74 -62.56 35.76
N ASN NA 219 -104.71 -63.21 34.61
CA ASN NA 219 -103.64 -63.00 33.65
C ASN NA 219 -103.92 -61.78 32.79
N ALA NA 220 -102.85 -61.08 32.41
CA ALA NA 220 -102.96 -59.88 31.59
C ALA NA 220 -101.65 -59.67 30.87
N ARG NA 221 -101.71 -59.03 29.70
CA ARG NA 221 -100.53 -58.75 28.90
C ARG NA 221 -100.63 -57.34 28.34
N VAL NA 222 -99.48 -56.78 27.97
CA VAL NA 222 -99.40 -55.47 27.32
C VAL NA 222 -98.81 -55.64 25.94
N ILE NA 223 -99.52 -55.19 24.92
CA ILE NA 223 -99.05 -55.26 23.55
C ILE NA 223 -98.68 -53.86 23.08
N ASN NA 224 -98.03 -53.79 21.92
CA ASN NA 224 -97.54 -52.53 21.38
C ASN NA 224 -97.46 -52.66 19.87
N GLU NA 225 -97.53 -51.51 19.19
CA GLU NA 225 -97.54 -51.52 17.73
C GLU NA 225 -96.17 -51.83 17.16
N ASN NA 226 -95.09 -51.45 17.83
CA ASN NA 226 -93.75 -51.75 17.34
C ASN NA 226 -93.19 -53.02 17.93
N GLU NA 227 -93.87 -53.66 18.87
CA GLU NA 227 -93.46 -54.95 19.40
C GLU NA 227 -94.23 -56.10 18.78
N GLU NA 228 -95.54 -55.95 18.58
CA GLU NA 228 -96.30 -56.96 17.85
C GLU NA 228 -96.03 -56.95 16.37
N ASN NA 229 -95.31 -55.96 15.86
CA ASN NA 229 -94.80 -55.98 14.50
C ASN NA 229 -93.43 -56.62 14.41
N LYS NA 230 -92.64 -56.56 15.48
CA LYS NA 230 -91.36 -57.24 15.51
C LYS NA 230 -91.51 -58.70 15.89
N ARG NA 231 -92.63 -59.08 16.49
CA ARG NA 231 -92.81 -60.46 16.92
C ARG NA 231 -93.30 -61.35 15.79
N ILE NA 232 -94.18 -60.85 14.93
CA ILE NA 232 -94.73 -61.66 13.85
C ILE NA 232 -93.90 -61.52 12.58
N SER NA 233 -92.71 -60.96 12.72
CA SER NA 233 -91.71 -61.00 11.68
C SER NA 233 -90.61 -62.01 11.98
N ILE NA 234 -90.57 -62.52 13.21
CA ILE NA 234 -89.72 -63.67 13.49
C ILE NA 234 -90.43 -64.96 13.14
N TRP NA 235 -91.75 -65.01 13.29
CA TRP NA 235 -92.50 -66.18 12.84
C TRP NA 235 -92.58 -66.24 11.33
N LEU NA 236 -92.61 -65.07 10.69
CA LEU NA 236 -92.90 -65.05 9.27
C LEU NA 236 -91.68 -65.42 8.43
N ASP NA 237 -90.47 -65.13 8.91
CA ASP NA 237 -89.30 -65.52 8.13
C ASP NA 237 -88.76 -66.88 8.55
N THR NA 238 -89.62 -67.70 9.12
CA THR NA 238 -89.37 -69.11 9.37
C THR NA 238 -90.44 -69.95 8.69
N TYR NA 239 -91.71 -69.61 8.87
CA TYR NA 239 -92.76 -70.39 8.23
C TYR NA 239 -93.16 -69.87 6.86
N TYR NA 240 -92.76 -68.67 6.47
CA TYR NA 240 -93.06 -68.13 5.14
C TYR NA 240 -91.88 -67.31 4.64
N PRO NA 241 -90.77 -67.95 4.28
CA PRO NA 241 -89.64 -67.20 3.77
C PRO NA 241 -89.91 -66.71 2.35
N GLN NA 242 -89.15 -65.69 1.96
CA GLN NA 242 -89.27 -65.02 0.66
C GLN NA 242 -90.66 -64.45 0.46
N LEU NA 243 -91.23 -63.87 1.51
CA LEU NA 243 -92.48 -63.15 1.42
C LEU NA 243 -92.21 -61.66 1.32
N ALA NA 244 -92.91 -60.99 0.43
CA ALA NA 244 -92.71 -59.57 0.20
C ALA NA 244 -93.86 -58.84 0.86
N TYR NA 245 -93.58 -58.20 1.99
CA TYR NA 245 -94.58 -57.45 2.73
C TYR NA 245 -93.93 -56.16 3.21
N TYR NA 246 -94.76 -55.28 3.76
CA TYR NA 246 -94.29 -53.98 4.22
C TYR NA 246 -94.45 -53.79 5.73
N ARG NA 247 -95.65 -53.93 6.26
CA ARG NA 247 -95.99 -53.45 7.60
C ARG NA 247 -97.32 -54.06 8.00
N ILE NA 248 -97.56 -54.14 9.30
CA ILE NA 248 -98.87 -54.49 9.85
C ILE NA 248 -99.38 -53.27 10.60
N HIS NA 249 -100.55 -52.76 10.20
CA HIS NA 249 -101.08 -51.54 10.78
C HIS NA 249 -102.14 -51.84 11.83
N PHE NA 250 -102.06 -51.15 12.97
CA PHE NA 250 -102.95 -51.40 14.08
C PHE NA 250 -103.77 -50.18 14.46
N ASP NA 251 -104.36 -49.49 13.48
CA ASP NA 251 -105.20 -48.35 13.79
C ASP NA 251 -106.49 -48.76 14.46
N GLU NA 252 -107.02 -49.93 14.11
CA GLU NA 252 -108.15 -50.54 14.81
C GLU NA 252 -107.71 -51.94 15.20
N PRO NA 253 -107.40 -52.18 16.47
CA PRO NA 253 -106.69 -53.40 16.86
C PRO NA 253 -107.54 -54.66 16.79
N ARG NA 254 -108.84 -54.56 16.59
CA ARG NA 254 -109.64 -55.75 16.37
C ARG NA 254 -109.59 -56.24 14.94
N LYS NA 255 -109.09 -55.43 14.00
CA LYS NA 255 -108.99 -55.84 12.60
C LYS NA 255 -107.78 -55.17 11.95
N PRO NA 256 -106.60 -55.75 12.11
CA PRO NA 256 -105.41 -55.17 11.47
C PRO NA 256 -105.34 -55.46 9.99
N VAL NA 257 -104.64 -54.56 9.27
CA VAL NA 257 -104.48 -54.65 7.83
C VAL NA 257 -103.00 -54.91 7.52
N PHE NA 258 -102.79 -55.85 6.61
CA PHE NA 258 -101.47 -56.39 6.30
C PHE NA 258 -101.15 -55.95 4.89
N TRP NA 259 -100.24 -54.98 4.77
CA TRP NA 259 -99.85 -54.42 3.48
C TRP NA 259 -98.88 -55.40 2.83
N LEU NA 260 -99.36 -56.14 1.83
CA LEU NA 260 -98.56 -57.13 1.14
C LEU NA 260 -98.26 -56.62 -0.26
N SER NA 261 -97.09 -56.97 -0.77
CA SER NA 261 -96.70 -56.47 -2.09
C SER NA 261 -97.43 -57.21 -3.19
N ARG NA 262 -97.59 -56.52 -4.32
CA ARG NA 262 -98.37 -57.05 -5.43
C ARG NA 262 -97.50 -57.64 -6.52
N GLN NA 263 -96.45 -56.94 -6.93
CA GLN NA 263 -95.69 -57.35 -8.10
C GLN NA 263 -94.60 -58.37 -7.78
N ARG NA 264 -94.38 -58.68 -6.51
CA ARG NA 264 -93.28 -59.55 -6.14
C ARG NA 264 -93.70 -60.88 -5.53
N ASN NA 265 -94.99 -61.18 -5.49
CA ASN NA 265 -95.45 -62.47 -4.98
C ASN NA 265 -96.30 -63.18 -6.04
N THR NA 266 -96.40 -64.50 -5.90
CA THR NA 266 -97.15 -65.34 -6.82
C THR NA 266 -98.05 -66.28 -6.03
N MET NA 267 -98.82 -65.74 -5.08
CA MET NA 267 -99.76 -66.53 -4.31
C MET NA 267 -101.17 -66.39 -4.85
N SER NA 268 -101.93 -67.47 -4.79
CA SER NA 268 -103.29 -67.49 -5.30
C SER NA 268 -104.25 -66.99 -4.22
N LYS NA 269 -105.55 -67.13 -4.48
CA LYS NA 269 -106.57 -66.71 -3.52
C LYS NA 269 -106.63 -67.66 -2.32
N LYS NA 270 -106.53 -68.96 -2.59
CA LYS NA 270 -106.61 -69.92 -1.50
C LYS NA 270 -105.36 -69.84 -0.64
N GLU NA 271 -104.21 -69.58 -1.28
CA GLU NA 271 -102.99 -69.45 -0.49
C GLU NA 271 -102.94 -68.12 0.23
N LEU NA 272 -103.74 -67.13 -0.17
CA LEU NA 272 -103.81 -65.92 0.63
C LEU NA 272 -104.85 -66.04 1.74
N GLU NA 273 -105.73 -67.02 1.64
CA GLU NA 273 -106.66 -67.22 2.74
C GLU NA 273 -106.11 -68.14 3.81
N VAL NA 274 -105.17 -69.02 3.42
CA VAL NA 274 -104.51 -69.82 4.44
C VAL NA 274 -103.58 -68.93 5.27
N LEU NA 275 -102.93 -67.96 4.62
CA LEU NA 275 -102.11 -67.01 5.37
C LEU NA 275 -102.97 -66.09 6.23
N SER NA 276 -104.14 -65.67 5.71
CA SER NA 276 -105.00 -64.81 6.52
C SER NA 276 -105.71 -65.56 7.64
N GLN NA 277 -105.67 -66.90 7.65
CA GLN NA 277 -106.20 -67.65 8.76
C GLN NA 277 -105.11 -68.16 9.70
N LYS NA 278 -103.86 -68.16 9.26
CA LYS NA 278 -102.76 -68.53 10.15
C LYS NA 278 -102.11 -67.32 10.80
N LEU NA 279 -102.36 -66.11 10.30
CA LEU NA 279 -101.96 -64.91 11.02
C LEU NA 279 -102.97 -64.52 12.08
N ARG NA 280 -104.22 -64.97 11.96
CA ARG NA 280 -105.24 -64.70 12.97
C ARG NA 280 -104.96 -65.47 14.25
N ALA NA 281 -104.34 -66.64 14.16
CA ALA NA 281 -104.04 -67.41 15.36
C ALA NA 281 -102.86 -66.86 16.15
N LEU NA 282 -102.01 -66.04 15.53
CA LEU NA 282 -100.91 -65.43 16.28
C LEU NA 282 -101.40 -64.32 17.20
N MET NA 283 -102.42 -63.58 16.77
CA MET NA 283 -102.96 -62.47 17.53
C MET NA 283 -104.33 -62.86 18.04
N PRO NA 284 -104.46 -63.29 19.31
CA PRO NA 284 -105.76 -63.74 19.81
C PRO NA 284 -106.74 -62.62 20.06
N TYR NA 285 -106.29 -61.37 20.17
CA TYR NA 285 -107.20 -60.26 20.35
C TYR NA 285 -107.95 -59.90 19.08
N ALA NA 286 -107.40 -60.25 17.92
CA ALA NA 286 -108.00 -59.86 16.66
C ALA NA 286 -109.13 -60.81 16.30
N ASP NA 287 -110.06 -60.29 15.50
CA ASP NA 287 -111.18 -61.07 14.98
C ASP NA 287 -110.94 -61.53 13.55
N SER NA 288 -110.50 -60.63 12.69
CA SER NA 288 -110.16 -60.96 11.32
C SER NA 288 -108.98 -60.10 10.90
N VAL NA 289 -108.16 -60.65 10.02
CA VAL NA 289 -107.01 -59.95 9.46
C VAL NA 289 -107.29 -59.65 8.00
N ASN NA 290 -107.08 -58.41 7.60
CA ASN NA 290 -107.34 -57.98 6.24
C ASN NA 290 -106.02 -57.88 5.52
N ILE NA 291 -105.92 -58.45 4.33
CA ILE NA 291 -104.70 -58.43 3.52
C ILE NA 291 -104.96 -57.56 2.31
N THR NA 292 -104.21 -56.47 2.18
CA THR NA 292 -104.36 -55.59 1.03
C THR NA 292 -103.07 -55.55 0.23
N LEU NA 293 -103.19 -55.70 -1.09
CA LEU NA 293 -102.03 -55.74 -1.98
C LEU NA 293 -101.70 -54.33 -2.43
N MET NA 294 -100.62 -53.79 -1.88
CA MET NA 294 -100.15 -52.45 -2.22
C MET NA 294 -99.27 -52.49 -3.46
N ASP NA 295 -99.25 -51.39 -4.19
CA ASP NA 295 -98.41 -51.31 -5.37
C ASP NA 295 -96.96 -51.06 -4.96
N ASP NA 296 -96.06 -51.21 -5.92
CA ASP NA 296 -94.63 -51.16 -5.65
C ASP NA 296 -93.95 -49.95 -6.26
N VAL NA 297 -94.60 -49.26 -7.20
CA VAL NA 297 -94.02 -48.05 -7.77
C VAL NA 297 -94.42 -46.82 -6.97
N THR NA 298 -95.54 -46.86 -6.27
CA THR NA 298 -95.88 -45.73 -5.41
C THR NA 298 -95.14 -45.76 -4.08
N ALA NA 299 -94.62 -46.92 -3.70
CA ALA NA 299 -93.81 -47.06 -2.49
C ALA NA 299 -92.43 -46.46 -2.67
N ALA NA 300 -91.96 -46.35 -3.90
CA ALA NA 300 -90.70 -45.67 -4.16
C ALA NA 300 -90.90 -44.33 -4.85
N GLY NA 301 -92.11 -44.03 -5.30
CA GLY NA 301 -92.41 -42.73 -5.84
C GLY NA 301 -92.67 -41.72 -4.74
N GLN NA 302 -93.32 -42.16 -3.65
CA GLN NA 302 -93.53 -41.22 -2.55
C GLN NA 302 -92.26 -40.92 -1.79
N ALA NA 303 -91.26 -41.79 -1.87
CA ALA NA 303 -89.99 -41.52 -1.21
C ALA NA 303 -89.19 -40.50 -1.99
N GLU NA 304 -89.24 -40.59 -3.32
CA GLU NA 304 -88.49 -39.61 -4.09
C GLU NA 304 -89.22 -38.29 -4.17
N ALA NA 305 -90.56 -38.29 -4.16
CA ALA NA 305 -91.25 -37.00 -4.18
C ALA NA 305 -91.14 -36.29 -2.84
N GLY NA 306 -91.09 -37.03 -1.74
CA GLY NA 306 -90.88 -36.37 -0.47
C GLY NA 306 -89.44 -36.01 -0.22
N LEU NA 307 -88.52 -36.63 -0.95
CA LEU NA 307 -87.13 -36.26 -0.79
C LEU NA 307 -86.78 -35.11 -1.71
N LYS NA 308 -87.53 -34.93 -2.80
CA LYS NA 308 -87.32 -33.77 -3.66
C LYS NA 308 -88.00 -32.54 -3.10
N GLN NA 309 -89.08 -32.71 -2.34
CA GLN NA 309 -89.82 -31.54 -1.87
C GLN NA 309 -89.11 -30.82 -0.73
N GLN NA 310 -88.28 -31.50 0.04
CA GLN NA 310 -87.56 -30.85 1.11
C GLN NA 310 -86.24 -30.22 0.66
N ALA NA 311 -85.93 -30.28 -0.64
CA ALA NA 311 -84.71 -29.74 -1.24
C ALA NA 311 -83.45 -30.32 -0.60
N LEU NA 312 -83.31 -31.64 -0.73
CA LEU NA 312 -82.20 -32.41 -0.19
C LEU NA 312 -81.41 -33.06 -1.31
N PRO NA 313 -80.09 -33.11 -1.21
CA PRO NA 313 -79.30 -33.84 -2.20
C PRO NA 313 -79.30 -35.33 -1.90
N TYR NA 314 -79.66 -36.14 -2.89
CA TYR NA 314 -79.76 -37.58 -2.69
C TYR NA 314 -79.14 -38.30 -3.86
N SER NA 315 -79.11 -39.63 -3.77
CA SER NA 315 -78.56 -40.46 -4.85
C SER NA 315 -79.30 -41.80 -4.84
N ARG NA 316 -80.28 -41.93 -5.73
CA ARG NA 316 -81.09 -43.14 -5.79
C ARG NA 316 -80.35 -44.27 -6.49
N ARG NA 317 -80.23 -45.42 -5.84
CA ARG NA 317 -79.55 -46.58 -6.42
C ARG NA 317 -80.58 -47.69 -6.60
N ASN NA 318 -81.06 -47.87 -7.83
CA ASN NA 318 -82.05 -48.90 -8.10
C ASN NA 318 -81.37 -50.24 -8.26
N HIS NA 319 -81.87 -51.24 -7.54
CA HIS NA 319 -81.53 -52.63 -7.81
C HIS NA 319 -82.72 -53.51 -7.47
N LYS NA 320 -82.62 -54.77 -7.87
CA LYS NA 320 -83.74 -55.69 -7.78
C LYS NA 320 -83.96 -56.15 -6.34
N GLY NA 321 -85.20 -56.03 -5.87
CA GLY NA 321 -85.54 -56.45 -4.53
C GLY NA 321 -85.47 -55.37 -3.47
N GLY NA 322 -85.49 -54.10 -3.86
CA GLY NA 322 -85.45 -53.01 -2.91
C GLY NA 322 -84.56 -51.91 -3.45
N VAL NA 323 -84.91 -50.67 -3.12
CA VAL NA 323 -84.13 -49.52 -3.56
C VAL NA 323 -83.48 -48.88 -2.34
N THR NA 324 -82.59 -47.94 -2.58
CA THR NA 324 -81.91 -47.24 -1.50
C THR NA 324 -81.58 -45.81 -1.91
N PHE NA 325 -81.63 -44.93 -0.93
CA PHE NA 325 -81.34 -43.51 -1.12
C PHE NA 325 -80.22 -43.10 -0.18
N VAL NA 326 -79.18 -42.51 -0.74
CA VAL NA 326 -77.99 -42.13 0.00
C VAL NA 326 -77.89 -40.61 0.04
N ILE NA 327 -77.74 -40.08 1.25
CA ILE NA 327 -77.60 -38.64 1.50
C ILE NA 327 -76.25 -38.44 2.17
N GLN NA 328 -75.23 -38.14 1.38
CA GLN NA 328 -73.88 -37.96 1.87
C GLN NA 328 -73.58 -36.47 2.01
N GLY NA 329 -72.33 -36.14 2.30
CA GLY NA 329 -71.88 -34.77 2.24
C GLY NA 329 -71.73 -34.12 3.59
N ALA NA 330 -71.35 -32.84 3.55
CA ALA NA 330 -71.26 -32.00 4.73
C ALA NA 330 -72.55 -31.19 4.81
N LEU NA 331 -73.59 -31.83 5.32
CA LEU NA 331 -74.90 -31.20 5.43
C LEU NA 331 -74.88 -30.19 6.57
N ASP NA 332 -75.73 -29.18 6.46
CA ASP NA 332 -75.85 -28.19 7.53
C ASP NA 332 -76.97 -28.58 8.48
N ASP NA 333 -77.24 -27.69 9.44
CA ASP NA 333 -78.14 -28.00 10.54
C ASP NA 333 -79.60 -27.94 10.14
N VAL NA 334 -79.93 -27.27 9.04
CA VAL NA 334 -81.33 -27.24 8.64
C VAL NA 334 -81.66 -28.49 7.84
N GLU NA 335 -80.71 -28.92 7.02
CA GLU NA 335 -80.94 -30.10 6.20
C GLU NA 335 -80.87 -31.39 7.00
N ILE NA 336 -80.14 -31.39 8.12
CA ILE NA 336 -80.13 -32.57 8.96
C ILE NA 336 -81.47 -32.73 9.65
N LEU NA 337 -82.05 -31.62 10.09
CA LEU NA 337 -83.31 -31.66 10.80
C LEU NA 337 -84.45 -32.02 9.85
N ARG NA 338 -84.40 -31.52 8.62
CA ARG NA 338 -85.48 -31.83 7.69
C ARG NA 338 -85.38 -33.25 7.17
N ALA NA 339 -84.17 -33.80 7.08
CA ALA NA 339 -84.05 -35.16 6.57
C ALA NA 339 -84.39 -36.17 7.65
N ARG NA 340 -83.98 -35.92 8.89
CA ARG NA 340 -84.30 -36.83 9.98
C ARG NA 340 -85.80 -36.80 10.28
N GLN NA 341 -86.45 -35.65 10.10
CA GLN NA 341 -87.87 -35.59 10.39
C GLN NA 341 -88.68 -36.23 9.27
N PHE NA 342 -88.15 -36.23 8.03
CA PHE NA 342 -88.93 -36.86 6.97
C PHE NA 342 -88.75 -38.37 7.03
N VAL NA 343 -87.54 -38.83 7.35
CA VAL NA 343 -87.29 -40.26 7.41
C VAL NA 343 -88.11 -40.88 8.54
N ASP NA 344 -88.17 -40.21 9.70
CA ASP NA 344 -88.99 -40.70 10.78
C ASP NA 344 -90.49 -40.58 10.49
N SER NA 345 -90.90 -39.70 9.59
CA SER NA 345 -92.31 -39.66 9.22
C SER NA 345 -92.67 -40.62 8.09
N TYR NA 346 -91.69 -41.16 7.40
CA TYR NA 346 -91.93 -42.16 6.35
C TYR NA 346 -91.84 -43.59 6.83
N TYR NA 347 -90.96 -43.86 7.80
CA TYR NA 347 -90.84 -45.20 8.35
C TYR NA 347 -92.07 -45.60 9.14
N ARG NA 348 -92.79 -44.61 9.68
CA ARG NA 348 -94.00 -44.89 10.44
C ARG NA 348 -95.10 -45.42 9.54
N THR NA 349 -95.08 -45.06 8.26
CA THR NA 349 -96.11 -45.49 7.33
C THR NA 349 -95.71 -46.78 6.61
N TRP NA 350 -94.57 -46.78 5.92
CA TRP NA 350 -94.22 -47.95 5.13
C TRP NA 350 -93.32 -48.96 5.84
N GLY NA 351 -92.28 -48.50 6.50
CA GLY NA 351 -91.34 -49.40 7.13
C GLY NA 351 -90.00 -49.39 6.42
N GLY NA 352 -89.16 -50.35 6.80
CA GLY NA 352 -87.82 -50.43 6.26
C GLY NA 352 -87.49 -51.69 5.48
N ARG NA 353 -88.49 -52.27 4.81
CA ARG NA 353 -88.26 -53.52 4.09
C ARG NA 353 -87.84 -53.30 2.63
N TYR NA 354 -88.36 -52.27 1.98
CA TYR NA 354 -88.11 -52.02 0.56
C TYR NA 354 -87.10 -50.91 0.32
N VAL NA 355 -87.32 -49.75 0.91
CA VAL NA 355 -86.52 -48.57 0.65
C VAL NA 355 -85.83 -48.12 1.94
N GLN NA 356 -84.52 -47.87 1.87
CA GLN NA 356 -83.71 -47.52 3.03
C GLN NA 356 -82.94 -46.25 2.77
N PHE NA 357 -82.96 -45.33 3.73
CA PHE NA 357 -82.21 -44.08 3.66
C PHE NA 357 -80.89 -44.20 4.41
N ALA NA 358 -79.89 -43.45 3.92
CA ALA NA 358 -78.50 -43.67 4.31
C ALA NA 358 -77.80 -42.36 4.65
N ILE NA 359 -78.39 -41.58 5.56
CA ILE NA 359 -77.84 -40.29 5.97
C ILE NA 359 -76.49 -40.43 6.65
N GLU NA 360 -75.44 -39.89 6.03
CA GLU NA 360 -74.12 -39.94 6.64
C GLU NA 360 -73.40 -38.62 6.40
N LEU NA 361 -72.59 -38.21 7.38
CA LEU NA 361 -71.86 -36.96 7.32
C LEU NA 361 -70.38 -37.23 7.09
N LYS NA 362 -69.89 -36.78 5.95
CA LYS NA 362 -68.47 -36.70 5.64
C LYS NA 362 -68.15 -35.23 5.39
N ASP NA 363 -66.93 -34.96 4.97
CA ASP NA 363 -66.47 -33.59 4.80
C ASP NA 363 -66.12 -33.34 3.33
N ASP NA 364 -67.12 -32.94 2.55
CA ASP NA 364 -66.90 -32.45 1.19
C ASP NA 364 -68.00 -31.47 0.82
N TRP NA 365 -67.60 -30.34 0.22
CA TRP NA 365 -68.58 -29.30 -0.05
C TRP NA 365 -69.47 -29.64 -1.24
N LEU NA 366 -69.02 -30.48 -2.15
CA LEU NA 366 -69.92 -31.12 -3.10
C LEU NA 366 -70.64 -32.21 -2.33
N LYS NA 367 -71.97 -32.16 -2.29
CA LYS NA 367 -72.71 -33.08 -1.43
C LYS NA 367 -73.14 -34.33 -2.20
N GLY NA 368 -72.17 -35.22 -2.42
CA GLY NA 368 -72.43 -36.54 -2.96
C GLY NA 368 -71.99 -36.74 -4.39
N ARG NA 369 -72.07 -35.71 -5.21
CA ARG NA 369 -71.74 -35.85 -6.63
C ARG NA 369 -70.28 -35.48 -6.85
N SER NA 370 -69.72 -36.00 -7.93
CA SER NA 370 -68.31 -35.75 -8.23
C SER NA 370 -68.08 -35.91 -9.72
N PHE NA 371 -67.32 -34.98 -10.29
CA PHE NA 371 -67.06 -34.93 -11.73
C PHE NA 371 -65.57 -35.08 -11.98
N GLN NA 372 -65.23 -35.38 -13.24
CA GLN NA 372 -63.86 -35.37 -13.70
C GLN NA 372 -63.76 -34.53 -14.97
N TYR NA 373 -62.59 -33.94 -15.20
CA TYR NA 373 -62.45 -32.88 -16.18
C TYR NA 373 -61.34 -33.24 -17.15
N GLY NA 374 -61.68 -33.47 -18.41
CA GLY NA 374 -60.64 -33.53 -19.40
C GLY NA 374 -61.07 -33.31 -20.84
N ALA NA 375 -60.48 -32.30 -21.48
CA ALA NA 375 -60.38 -32.10 -22.93
C ALA NA 375 -61.70 -31.84 -23.65
N GLU NA 376 -62.83 -31.99 -22.96
CA GLU NA 376 -64.14 -31.75 -23.55
C GLU NA 376 -65.09 -31.04 -22.60
N GLY NA 377 -64.73 -30.84 -21.35
CA GLY NA 377 -65.66 -30.40 -20.34
C GLY NA 377 -65.64 -31.36 -19.17
N TYR NA 378 -66.77 -31.48 -18.48
CA TYR NA 378 -66.88 -32.36 -17.32
C TYR NA 378 -67.67 -33.61 -17.65
N ILE NA 379 -67.34 -34.69 -16.95
CA ILE NA 379 -67.99 -35.98 -17.11
C ILE NA 379 -68.51 -36.39 -15.74
N LYS NA 380 -69.79 -36.71 -15.65
CA LYS NA 380 -70.38 -37.15 -14.40
C LYS NA 380 -69.86 -38.54 -14.06
N MET NA 381 -69.06 -38.62 -13.00
CA MET NA 381 -68.42 -39.88 -12.66
C MET NA 381 -69.42 -40.85 -12.05
N SER NA 382 -69.04 -42.12 -12.03
CA SER NA 382 -69.91 -43.16 -11.51
C SER NA 382 -69.97 -43.06 -9.99
N PRO NA 383 -71.13 -43.31 -9.38
CA PRO NA 383 -71.21 -43.26 -7.91
C PRO NA 383 -70.53 -44.46 -7.28
N GLY NA 384 -69.59 -44.18 -6.39
CA GLY NA 384 -68.87 -45.21 -5.67
C GLY NA 384 -68.73 -44.84 -4.21
N HIS NA 385 -67.94 -45.58 -3.45
CA HIS NA 385 -67.79 -45.30 -2.03
C HIS NA 385 -66.70 -44.28 -1.73
N TRP NA 386 -65.70 -44.15 -2.60
CA TRP NA 386 -64.63 -43.19 -2.35
C TRP NA 386 -65.08 -41.77 -2.62
N TYR NA 387 -64.67 -40.87 -1.73
CA TYR NA 387 -64.97 -39.45 -1.83
C TYR NA 387 -63.68 -38.65 -1.74
N PHE NA 388 -63.70 -37.44 -2.32
CA PHE NA 388 -62.54 -36.57 -2.34
C PHE NA 388 -62.53 -35.68 -1.11
N PRO NA 389 -61.46 -35.66 -0.32
CA PRO NA 389 -61.39 -34.72 0.81
C PRO NA 389 -61.24 -33.29 0.30
N SER NA 390 -62.22 -32.47 0.60
CA SER NA 390 -62.37 -31.18 -0.08
C SER NA 390 -61.50 -30.12 0.55
N PRO NA 391 -60.57 -29.50 -0.17
CA PRO NA 391 -59.94 -28.28 0.33
C PRO NA 391 -60.75 -27.05 -0.05
N LEU NA 392 -61.28 -26.34 0.94
CA LEU NA 392 -62.08 -25.15 0.66
C LEU NA 392 -62.01 -24.22 1.86
N ALA OA 171 -96.09 -77.25 45.57
CA ALA OA 171 -95.88 -76.03 44.80
C ALA OA 171 -95.44 -76.37 43.38
N GLU OA 172 -96.27 -76.01 42.40
CA GLU OA 172 -95.96 -76.30 41.01
C GLU OA 172 -94.88 -75.37 40.47
N LEU OA 173 -94.18 -75.85 39.44
CA LEU OA 173 -93.02 -75.13 38.91
C LEU OA 173 -93.44 -73.87 38.19
N ASP OA 174 -94.61 -73.87 37.55
CA ASP OA 174 -95.02 -72.68 36.81
C ASP OA 174 -95.42 -71.54 37.74
N SER OA 175 -95.73 -71.84 39.01
CA SER OA 175 -95.94 -70.82 40.01
C SER OA 175 -94.68 -70.52 40.79
N LEU OA 176 -93.69 -71.41 40.75
CA LEU OA 176 -92.45 -71.17 41.48
C LEU OA 176 -91.56 -70.15 40.79
N LEU OA 177 -91.77 -69.87 39.52
CA LEU OA 177 -91.02 -68.85 38.80
C LEU OA 177 -91.58 -67.48 39.12
N GLY OA 178 -91.22 -66.48 38.32
CA GLY OA 178 -91.60 -65.11 38.59
C GLY OA 178 -93.09 -64.85 38.41
N GLN OA 179 -93.46 -63.59 38.64
CA GLN OA 179 -94.86 -63.19 38.57
C GLN OA 179 -95.37 -63.20 37.14
N GLU OA 180 -94.58 -62.71 36.19
CA GLU OA 180 -94.98 -62.70 34.79
C GLU OA 180 -94.93 -64.12 34.26
N LYS OA 181 -96.08 -64.77 34.13
CA LYS OA 181 -96.14 -66.13 33.61
C LYS OA 181 -96.33 -66.11 32.10
N GLU OA 182 -95.46 -65.39 31.42
CA GLU OA 182 -95.50 -65.23 29.98
C GLU OA 182 -94.16 -65.41 29.31
N ARG OA 183 -93.05 -65.30 30.04
CA ARG OA 183 -91.73 -65.40 29.43
C ARG OA 183 -91.20 -66.82 29.43
N PHE OA 184 -91.75 -67.71 30.23
CA PHE OA 184 -91.33 -69.10 30.28
C PHE OA 184 -92.44 -70.00 29.78
N GLN OA 185 -92.08 -71.24 29.50
CA GLN OA 185 -93.01 -72.23 28.99
C GLN OA 185 -92.57 -73.58 29.50
N VAL OA 186 -93.47 -74.26 30.22
CA VAL OA 186 -93.15 -75.50 30.91
C VAL OA 186 -93.69 -76.66 30.10
N LEU OA 187 -92.80 -77.45 29.52
CA LEU OA 187 -93.11 -78.56 28.64
C LEU OA 187 -92.91 -79.88 29.38
N PRO OA 188 -93.86 -80.80 29.28
CA PRO OA 188 -93.70 -82.11 29.93
C PRO OA 188 -92.79 -83.01 29.11
N GLY OA 189 -91.79 -83.59 29.75
CA GLY OA 189 -90.86 -84.45 29.05
C GLY OA 189 -91.35 -85.87 28.95
N ARG OA 190 -90.79 -86.59 27.98
CA ARG OA 190 -91.14 -88.00 27.81
C ARG OA 190 -90.33 -88.90 28.72
N ASP OA 191 -89.16 -88.44 29.18
CA ASP OA 191 -88.35 -89.19 30.13
C ASP OA 191 -88.66 -88.82 31.57
N LYS OA 192 -89.89 -88.35 31.83
CA LYS OA 192 -90.38 -87.92 33.14
C LYS OA 192 -89.53 -86.80 33.74
N MET OA 193 -89.31 -85.77 32.94
CA MET OA 193 -88.70 -84.53 33.38
C MET OA 193 -89.63 -83.37 33.04
N LEU OA 194 -89.17 -82.15 33.32
CA LEU OA 194 -90.00 -80.96 33.13
C LEU OA 194 -89.10 -79.87 32.57
N TYR OA 195 -89.22 -79.63 31.27
CA TYR OA 195 -88.32 -78.71 30.59
C TYR OA 195 -88.91 -77.32 30.58
N VAL OA 196 -88.16 -76.35 31.05
CA VAL OA 196 -88.53 -74.95 30.99
C VAL OA 196 -87.82 -74.35 29.80
N ALA OA 197 -88.54 -73.67 28.93
CA ALA OA 197 -87.98 -73.21 27.67
C ALA OA 197 -87.87 -71.70 27.75
N ALA OA 198 -86.68 -71.21 28.09
CA ALA OA 198 -86.45 -69.77 28.09
C ALA OA 198 -86.15 -69.28 26.69
N GLN OA 199 -85.81 -68.01 26.58
CA GLN OA 199 -85.54 -67.40 25.27
C GLN OA 199 -84.13 -66.87 25.13
N ASN OA 200 -83.59 -66.23 26.17
CA ASN OA 200 -82.24 -65.70 26.11
C ASN OA 200 -81.47 -66.12 27.35
N GLU OA 201 -80.22 -65.67 27.44
CA GLU OA 201 -79.37 -66.05 28.56
C GLU OA 201 -79.75 -65.33 29.83
N ARG OA 202 -80.38 -64.16 29.71
CA ARG OA 202 -80.82 -63.43 30.90
C ARG OA 202 -82.00 -64.12 31.56
N ASP OA 203 -82.83 -64.84 30.80
CA ASP OA 203 -83.89 -65.61 31.43
C ASP OA 203 -83.47 -67.03 31.73
N THR OA 204 -82.42 -67.51 31.07
CA THR OA 204 -81.89 -68.83 31.40
C THR OA 204 -81.23 -68.80 32.76
N LEU OA 205 -80.53 -67.71 33.08
CA LEU OA 205 -79.96 -67.62 34.42
C LEU OA 205 -80.98 -67.21 35.46
N TRP OA 206 -82.17 -66.76 35.03
CA TRP OA 206 -83.25 -66.49 35.96
C TRP OA 206 -83.95 -67.76 36.36
N ALA OA 207 -84.08 -68.70 35.44
CA ALA OA 207 -84.73 -69.97 35.76
C ALA OA 207 -83.78 -71.04 36.25
N ARG OA 208 -82.48 -70.89 36.05
CA ARG OA 208 -81.55 -71.86 36.61
C ARG OA 208 -81.26 -71.64 38.08
N GLN OA 209 -81.45 -70.42 38.58
CA GLN OA 209 -81.27 -70.18 40.01
C GLN OA 209 -82.37 -70.83 40.83
N VAL OA 210 -83.57 -70.96 40.26
CA VAL OA 210 -84.67 -71.60 40.97
C VAL OA 210 -84.37 -73.08 41.14
N LEU OA 211 -84.01 -73.76 40.05
CA LEU OA 211 -83.75 -75.18 40.15
C LEU OA 211 -82.41 -75.48 40.81
N ALA OA 212 -81.55 -74.47 40.98
CA ALA OA 212 -80.25 -74.65 41.61
C ALA OA 212 -80.28 -74.43 43.11
N ARG OA 213 -81.14 -73.54 43.61
CA ARG OA 213 -81.24 -73.40 45.06
C ARG OA 213 -82.01 -74.54 45.70
N GLY OA 214 -82.77 -75.29 44.94
CA GLY OA 214 -83.31 -76.55 45.38
C GLY OA 214 -84.74 -76.53 45.86
N ASP OA 215 -85.54 -75.53 45.48
CA ASP OA 215 -86.94 -75.53 45.89
C ASP OA 215 -87.85 -76.19 44.86
N TYR OA 216 -87.48 -77.39 44.43
CA TYR OA 216 -88.34 -78.22 43.59
C TYR OA 216 -87.84 -79.65 43.74
N ASP OA 217 -88.74 -80.55 44.11
CA ASP OA 217 -88.33 -81.90 44.50
C ASP OA 217 -88.07 -82.82 43.32
N LYS OA 218 -88.77 -82.64 42.20
CA LYS OA 218 -88.61 -83.54 41.08
C LYS OA 218 -87.51 -83.02 40.15
N ASN OA 219 -87.36 -83.65 38.98
CA ASN OA 219 -86.32 -83.28 38.05
C ASN OA 219 -86.86 -82.26 37.04
N ALA OA 220 -86.00 -81.31 36.67
CA ALA OA 220 -86.37 -80.27 35.71
C ALA OA 220 -85.11 -79.75 35.06
N ARG OA 221 -85.26 -79.26 33.83
CA ARG OA 221 -84.12 -78.70 33.10
C ARG OA 221 -84.55 -77.40 32.42
N VAL OA 222 -83.55 -76.60 32.05
CA VAL OA 222 -83.79 -75.30 31.41
C VAL OA 222 -83.16 -75.32 30.03
N ILE OA 223 -83.99 -75.32 29.00
CA ILE OA 223 -83.51 -75.36 27.63
C ILE OA 223 -83.57 -73.97 27.04
N ASN OA 224 -82.74 -73.76 26.02
CA ASN OA 224 -82.62 -72.51 25.28
C ASN OA 224 -82.75 -72.81 23.79
N GLU OA 225 -82.42 -71.83 22.95
CA GLU OA 225 -82.34 -72.03 21.52
C GLU OA 225 -80.92 -72.11 21.00
N ASN OA 226 -79.95 -71.49 21.67
CA ASN OA 226 -78.58 -71.59 21.19
C ASN OA 226 -77.89 -72.88 21.64
N GLU OA 227 -77.89 -73.18 22.94
CA GLU OA 227 -77.17 -74.37 23.38
C GLU OA 227 -77.89 -75.67 23.07
N GLU OA 228 -79.17 -75.62 22.77
CA GLU OA 228 -79.83 -76.81 22.23
C GLU OA 228 -79.49 -77.00 20.77
N ASN OA 229 -79.10 -75.94 20.09
CA ASN OA 229 -78.68 -76.04 18.72
C ASN OA 229 -77.22 -76.44 18.61
N LYS OA 230 -76.42 -76.18 19.65
CA LYS OA 230 -75.06 -76.69 19.68
C LYS OA 230 -74.97 -78.12 20.20
N ARG OA 231 -76.00 -78.59 20.91
CA ARG OA 231 -75.94 -79.96 21.45
C ARG OA 231 -76.15 -80.98 20.35
N ILE OA 232 -77.14 -80.79 19.50
CA ILE OA 232 -77.40 -81.76 18.46
C ILE OA 232 -76.74 -81.32 17.16
N SER OA 233 -75.78 -80.40 17.22
CA SER OA 233 -74.81 -80.25 16.16
C SER OA 233 -73.48 -80.87 16.57
N ILE OA 234 -73.26 -81.02 17.88
CA ILE OA 234 -72.15 -81.85 18.33
C ILE OA 234 -72.51 -83.33 18.14
N TRP OA 235 -73.78 -83.67 18.31
CA TRP OA 235 -74.19 -85.06 18.03
C TRP OA 235 -74.22 -85.39 16.55
N LEU OA 236 -74.43 -84.41 15.67
CA LEU OA 236 -74.55 -84.67 14.25
C LEU OA 236 -73.23 -84.67 13.49
N ASP OA 237 -72.09 -84.53 14.15
CA ASP OA 237 -70.81 -84.72 13.47
C ASP OA 237 -70.04 -85.92 14.00
N THR OA 238 -70.76 -86.89 14.52
CA THR OA 238 -70.26 -88.19 14.93
C THR OA 238 -71.07 -89.32 14.32
N TYR OA 239 -72.38 -89.15 14.21
CA TYR OA 239 -73.24 -90.20 13.66
C TYR OA 239 -73.69 -89.92 12.25
N TYR OA 240 -73.74 -88.66 11.83
CA TYR OA 240 -74.09 -88.29 10.47
C TYR OA 240 -73.15 -87.22 9.95
N PRO OA 241 -71.89 -87.55 9.70
CA PRO OA 241 -70.95 -86.55 9.18
C PRO OA 241 -71.21 -86.31 7.70
N GLN OA 242 -70.54 -85.28 7.18
CA GLN OA 242 -70.69 -84.77 5.81
C GLN OA 242 -72.14 -84.39 5.48
N LEU OA 243 -72.87 -83.89 6.46
CA LEU OA 243 -74.26 -83.51 6.28
C LEU OA 243 -74.36 -82.00 6.12
N ALA OA 244 -75.18 -81.56 5.17
CA ALA OA 244 -75.36 -80.14 4.88
C ALA OA 244 -76.71 -79.69 5.42
N TYR OA 245 -76.66 -78.83 6.45
CA TYR OA 245 -77.87 -78.30 7.07
C TYR OA 245 -77.59 -76.86 7.48
N TYR OA 246 -78.63 -76.14 7.88
CA TYR OA 246 -78.46 -74.74 8.24
C TYR OA 246 -78.72 -74.48 9.72
N ARG OA 247 -79.92 -74.76 10.22
CA ARG OA 247 -80.33 -74.37 11.56
C ARG OA 247 -81.45 -75.29 12.01
N ILE OA 248 -81.85 -75.15 13.28
CA ILE OA 248 -83.01 -75.83 13.83
C ILE OA 248 -83.89 -74.79 14.49
N HIS OA 249 -85.11 -74.65 14.01
CA HIS OA 249 -86.00 -73.58 14.43
C HIS OA 249 -86.99 -74.10 15.48
N PHE OA 250 -87.05 -73.40 16.61
CA PHE OA 250 -87.87 -73.78 17.76
C PHE OA 250 -88.96 -72.75 18.02
N ASP OA 251 -89.64 -72.28 16.98
CA ASP OA 251 -90.74 -71.34 17.20
C ASP OA 251 -91.94 -72.01 17.83
N GLU OA 252 -92.16 -73.28 17.53
CA GLU OA 252 -93.11 -74.12 18.27
C GLU OA 252 -92.30 -75.25 18.88
N PRO OA 253 -92.01 -75.20 20.18
CA PRO OA 253 -91.03 -76.14 20.76
C PRO OA 253 -91.53 -77.57 20.90
N ARG OA 254 -92.78 -77.85 20.54
CA ARG OA 254 -93.26 -79.21 20.46
C ARG OA 254 -93.15 -79.78 19.04
N LYS OA 255 -92.88 -78.95 18.05
CA LYS OA 255 -92.71 -79.41 16.67
C LYS OA 255 -91.67 -78.55 15.97
N PRO OA 256 -90.39 -78.84 16.19
CA PRO OA 256 -89.35 -78.03 15.56
C PRO OA 256 -89.20 -78.33 14.07
N VAL OA 257 -88.59 -77.39 13.38
CA VAL OA 257 -88.36 -77.45 11.94
C VAL OA 257 -86.87 -77.55 11.69
N PHE OA 258 -86.46 -78.57 10.98
CA PHE OA 258 -85.05 -78.85 10.69
C PHE OA 258 -84.79 -78.48 9.23
N TRP OA 259 -84.17 -77.32 9.03
CA TRP OA 259 -83.82 -76.87 7.68
C TRP OA 259 -82.64 -77.67 7.17
N LEU OA 260 -82.76 -78.25 5.99
CA LEU OA 260 -81.73 -79.11 5.43
C LEU OA 260 -81.40 -78.60 4.04
N SER OA 261 -80.17 -78.80 3.60
CA SER OA 261 -79.80 -78.36 2.27
C SER OA 261 -80.26 -79.37 1.24
N ARG OA 262 -80.66 -78.87 0.07
CA ARG OA 262 -81.22 -79.68 -0.99
C ARG OA 262 -80.18 -80.12 -2.02
N GLN OA 263 -79.33 -79.19 -2.46
CA GLN OA 263 -78.44 -79.45 -3.57
C GLN OA 263 -77.13 -80.10 -3.15
N ARG OA 264 -76.91 -80.32 -1.87
CA ARG OA 264 -75.63 -80.83 -1.38
C ARG OA 264 -75.80 -82.09 -0.55
N ASN OA 265 -76.84 -82.86 -0.81
CA ASN OA 265 -77.01 -84.13 -0.12
C ASN OA 265 -77.66 -85.12 -1.09
N THR OA 266 -77.39 -86.40 -0.85
CA THR OA 266 -77.90 -87.48 -1.68
C THR OA 266 -78.62 -88.52 -0.83
N MET OA 267 -79.47 -88.02 0.07
CA MET OA 267 -80.29 -88.87 0.92
C MET OA 267 -81.66 -89.05 0.29
N SER OA 268 -82.14 -90.29 0.30
CA SER OA 268 -83.41 -90.61 -0.34
C SER OA 268 -84.57 -90.29 0.62
N LYS OA 269 -85.77 -90.71 0.24
CA LYS OA 269 -86.95 -90.44 1.04
C LYS OA 269 -87.18 -91.48 2.12
N LYS OA 270 -86.27 -92.43 2.25
CA LYS OA 270 -86.35 -93.44 3.30
C LYS OA 270 -85.52 -93.09 4.52
N GLU OA 271 -84.29 -92.59 4.33
CA GLU OA 271 -83.47 -92.21 5.47
C GLU OA 271 -83.81 -90.84 6.02
N LEU OA 272 -84.71 -90.10 5.36
CA LEU OA 272 -85.19 -88.85 5.93
C LEU OA 272 -86.26 -89.07 6.97
N GLU OA 273 -86.76 -90.29 7.11
CA GLU OA 273 -87.59 -90.61 8.25
C GLU OA 273 -86.80 -91.29 9.36
N VAL OA 274 -85.67 -91.91 9.02
CA VAL OA 274 -84.80 -92.46 10.04
C VAL OA 274 -84.08 -91.35 10.78
N LEU OA 275 -83.70 -90.28 10.07
CA LEU OA 275 -83.05 -89.16 10.75
C LEU OA 275 -84.06 -88.41 11.60
N SER OA 276 -85.31 -88.34 11.17
CA SER OA 276 -86.34 -87.69 11.97
C SER OA 276 -86.66 -88.48 13.22
N GLN OA 277 -86.61 -89.81 13.12
CA GLN OA 277 -86.89 -90.62 14.29
C GLN OA 277 -85.70 -90.66 15.23
N LYS OA 278 -84.50 -90.38 14.72
CA LYS OA 278 -83.35 -90.31 15.61
C LYS OA 278 -83.26 -88.96 16.31
N LEU OA 279 -83.67 -87.87 15.65
CA LEU OA 279 -83.72 -86.59 16.34
C LEU OA 279 -84.89 -86.51 17.32
N ARG OA 280 -85.91 -87.35 17.13
CA ARG OA 280 -87.00 -87.36 18.09
C ARG OA 280 -86.56 -88.02 19.38
N ALA OA 281 -85.64 -88.97 19.30
CA ALA OA 281 -85.17 -89.62 20.51
C ALA OA 281 -84.19 -88.74 21.28
N LEU OA 282 -83.59 -87.74 20.62
CA LEU OA 282 -82.71 -86.82 21.31
C LEU OA 282 -83.43 -85.60 21.85
N MET OA 283 -84.65 -85.32 21.39
CA MET OA 283 -85.41 -84.20 21.94
C MET OA 283 -86.70 -84.75 22.55
N PRO OA 284 -86.70 -85.02 23.86
CA PRO OA 284 -87.85 -85.68 24.48
C PRO OA 284 -89.06 -84.79 24.66
N TYR OA 285 -88.94 -83.48 24.49
CA TYR OA 285 -90.10 -82.62 24.60
C TYR OA 285 -90.86 -82.54 23.29
N ALA OA 286 -90.17 -82.75 22.18
CA ALA OA 286 -90.78 -82.63 20.87
C ALA OA 286 -91.64 -83.84 20.55
N ASP OA 287 -92.59 -83.64 19.65
CA ASP OA 287 -93.47 -84.70 19.16
C ASP OA 287 -93.06 -85.18 17.78
N SER OA 288 -92.79 -84.25 16.87
CA SER OA 288 -92.32 -84.60 15.54
C SER OA 288 -91.40 -83.49 15.06
N VAL OA 289 -90.48 -83.85 14.17
CA VAL OA 289 -89.52 -82.92 13.61
C VAL OA 289 -89.83 -82.78 12.11
N ASN OA 290 -90.26 -81.61 11.70
CA ASN OA 290 -90.59 -81.36 10.31
C ASN OA 290 -89.32 -80.96 9.58
N ILE OA 291 -88.84 -81.80 8.68
CA ILE OA 291 -87.63 -81.54 7.92
C ILE OA 291 -88.02 -80.92 6.60
N THR OA 292 -87.56 -79.69 6.36
CA THR OA 292 -87.76 -79.04 5.07
C THR OA 292 -86.42 -78.86 4.37
N LEU OA 293 -86.47 -78.71 3.06
CA LEU OA 293 -85.27 -78.59 2.24
C LEU OA 293 -85.22 -77.17 1.68
N MET OA 294 -84.24 -76.40 2.12
CA MET OA 294 -84.01 -75.05 1.62
C MET OA 294 -82.97 -75.06 0.51
N ASP OA 295 -82.92 -73.97 -0.25
CA ASP OA 295 -82.06 -73.89 -1.41
C ASP OA 295 -80.77 -73.10 -1.15
N ASP OA 296 -79.70 -73.56 -1.79
CA ASP OA 296 -78.42 -72.90 -1.62
C ASP OA 296 -78.30 -71.66 -2.49
N VAL OA 297 -79.14 -71.53 -3.52
CA VAL OA 297 -79.09 -70.31 -4.29
C VAL OA 297 -79.83 -69.19 -3.56
N THR OA 298 -80.91 -69.52 -2.85
CA THR OA 298 -81.67 -68.48 -2.14
C THR OA 298 -80.95 -68.07 -0.87
N ALA OA 299 -80.12 -68.96 -0.31
CA ALA OA 299 -79.42 -68.58 0.92
C ALA OA 299 -78.27 -67.63 0.66
N ALA OA 300 -77.58 -67.75 -0.47
CA ALA OA 300 -76.56 -66.77 -0.79
C ALA OA 300 -77.13 -65.58 -1.55
N GLY OA 301 -78.32 -65.72 -2.13
CA GLY OA 301 -78.95 -64.58 -2.76
C GLY OA 301 -79.50 -63.59 -1.76
N GLN OA 302 -80.03 -64.08 -0.65
CA GLN OA 302 -80.52 -63.12 0.35
C GLN OA 302 -79.37 -62.44 1.07
N ALA OA 303 -78.20 -63.06 1.10
CA ALA OA 303 -77.04 -62.47 1.74
C ALA OA 303 -76.33 -61.50 0.83
N GLU OA 304 -76.54 -61.59 -0.47
CA GLU OA 304 -75.93 -60.58 -1.32
C GLU OA 304 -76.89 -59.43 -1.57
N ALA OA 305 -78.18 -59.73 -1.70
CA ALA OA 305 -79.17 -58.70 -1.90
C ALA OA 305 -79.36 -57.86 -0.65
N GLY OA 306 -79.13 -58.42 0.55
CA GLY OA 306 -79.17 -57.59 1.73
C GLY OA 306 -77.90 -56.80 1.91
N LEU OA 307 -76.78 -57.29 1.38
CA LEU OA 307 -75.52 -56.59 1.53
C LEU OA 307 -75.41 -55.43 0.56
N LYS OA 308 -76.11 -55.50 -0.58
CA LYS OA 308 -76.07 -54.38 -1.51
C LYS OA 308 -77.02 -53.25 -1.09
N GLN OA 309 -78.06 -53.58 -0.33
CA GLN OA 309 -79.05 -52.56 0.02
C GLN OA 309 -78.52 -51.58 1.07
N GLN OA 310 -77.57 -52.00 1.89
CA GLN OA 310 -77.00 -51.10 2.88
C GLN OA 310 -75.81 -50.29 2.35
N ALA OA 311 -75.51 -50.43 1.05
CA ALA OA 311 -74.44 -49.71 0.36
C ALA OA 311 -73.08 -49.94 1.02
N LEU OA 312 -72.65 -51.20 1.02
CA LEU OA 312 -71.41 -51.60 1.65
C LEU OA 312 -70.45 -52.15 0.60
N PRO OA 313 -69.15 -51.86 0.72
CA PRO OA 313 -68.18 -52.46 -0.20
C PRO OA 313 -67.85 -53.87 0.25
N TYR OA 314 -67.96 -54.82 -0.67
CA TYR OA 314 -67.79 -56.23 -0.33
C TYR OA 314 -67.05 -56.94 -1.46
N SER OA 315 -66.78 -58.21 -1.23
CA SER OA 315 -66.06 -59.03 -2.20
C SER OA 315 -66.46 -60.48 -1.97
N ARG OA 316 -67.21 -61.04 -2.92
CA ARG OA 316 -67.74 -62.39 -2.81
C ARG OA 316 -66.74 -63.42 -3.30
N ARG OA 317 -66.53 -64.48 -2.53
CA ARG OA 317 -65.61 -65.56 -2.84
C ARG OA 317 -66.39 -66.87 -2.87
N ASN OA 318 -66.75 -67.31 -4.07
CA ASN OA 318 -67.43 -68.58 -4.29
C ASN OA 318 -66.43 -69.72 -4.23
N HIS OA 319 -66.61 -70.66 -3.31
CA HIS OA 319 -65.88 -71.91 -3.36
C HIS OA 319 -66.84 -73.04 -3.03
N LYS OA 320 -66.31 -74.27 -3.00
CA LYS OA 320 -67.13 -75.46 -2.90
C LYS OA 320 -67.65 -75.61 -1.47
N GLY OA 321 -68.98 -75.64 -1.32
CA GLY OA 321 -69.58 -75.85 -0.02
C GLY OA 321 -69.48 -74.63 0.88
N GLY OA 322 -69.83 -73.48 0.36
CA GLY OA 322 -69.83 -72.25 1.13
C GLY OA 322 -69.31 -71.07 0.34
N VAL OA 323 -69.85 -69.89 0.63
CA VAL OA 323 -69.39 -68.65 0.05
C VAL OA 323 -68.84 -67.79 1.17
N THR OA 324 -68.17 -66.70 0.78
CA THR OA 324 -67.51 -65.86 1.79
C THR OA 324 -67.55 -64.41 1.33
N PHE OA 325 -68.09 -63.53 2.15
CA PHE OA 325 -68.12 -62.11 1.84
C PHE OA 325 -67.09 -61.38 2.66
N VAL OA 326 -66.22 -60.61 2.01
CA VAL OA 326 -65.15 -59.88 2.69
C VAL OA 326 -65.43 -58.39 2.56
N ILE OA 327 -65.43 -57.69 3.69
CA ILE OA 327 -65.71 -56.26 3.78
C ILE OA 327 -64.45 -55.56 4.28
N GLN OA 328 -63.83 -54.76 3.41
CA GLN OA 328 -62.59 -54.04 3.71
C GLN OA 328 -62.80 -52.54 3.57
N GLY OA 329 -61.79 -51.79 4.00
CA GLY OA 329 -61.76 -50.36 3.84
C GLY OA 329 -61.71 -49.63 5.15
N ALA OA 330 -61.65 -48.31 5.06
CA ALA OA 330 -61.72 -47.45 6.24
C ALA OA 330 -63.19 -47.07 6.41
N LEU OA 331 -63.96 -48.01 6.96
CA LEU OA 331 -65.37 -47.79 7.15
C LEU OA 331 -65.61 -46.84 8.32
N ASP OA 332 -66.65 -46.02 8.20
CA ASP OA 332 -67.01 -45.11 9.27
C ASP OA 332 -67.97 -45.75 10.26
N ASP OA 333 -68.51 -44.92 11.15
CA ASP OA 333 -69.28 -45.42 12.27
C ASP OA 333 -70.71 -45.77 11.91
N VAL OA 334 -71.24 -45.25 10.81
CA VAL OA 334 -72.59 -45.66 10.45
C VAL OA 334 -72.54 -46.90 9.57
N GLU OA 335 -71.38 -47.20 8.99
CA GLU OA 335 -71.26 -48.40 8.19
C GLU OA 335 -70.84 -49.60 9.00
N ILE OA 336 -70.19 -49.39 10.14
CA ILE OA 336 -69.91 -50.54 10.97
C ILE OA 336 -71.01 -50.74 12.00
N LEU OA 337 -72.05 -49.92 11.95
CA LEU OA 337 -73.26 -50.16 12.70
C LEU OA 337 -74.35 -50.77 11.84
N ARG OA 338 -74.36 -50.42 10.54
CA ARG OA 338 -75.25 -51.14 9.65
C ARG OA 338 -74.71 -52.53 9.31
N ALA OA 339 -73.41 -52.75 9.51
CA ALA OA 339 -72.91 -54.09 9.26
C ALA OA 339 -73.22 -54.99 10.44
N ARG OA 340 -73.17 -54.46 11.67
CA ARG OA 340 -73.50 -55.30 12.81
C ARG OA 340 -74.99 -55.57 12.86
N GLN OA 341 -75.81 -54.64 12.36
CA GLN OA 341 -77.24 -54.87 12.41
C GLN OA 341 -77.70 -55.79 11.30
N PHE OA 342 -76.93 -55.92 10.23
CA PHE OA 342 -77.37 -56.84 9.20
C PHE OA 342 -76.82 -58.24 9.42
N VAL OA 343 -75.57 -58.35 9.87
CA VAL OA 343 -74.98 -59.67 10.12
C VAL OA 343 -75.66 -60.35 11.31
N ASP OA 344 -75.97 -59.60 12.37
CA ASP OA 344 -76.66 -60.23 13.50
C ASP OA 344 -78.09 -60.60 13.19
N SER OA 345 -78.72 -59.96 12.19
CA SER OA 345 -80.06 -60.34 11.75
C SER OA 345 -80.06 -61.40 10.66
N TYR OA 346 -78.89 -61.75 10.13
CA TYR OA 346 -78.81 -62.86 9.19
C TYR OA 346 -78.36 -64.15 9.85
N TYR OA 347 -77.53 -64.03 10.88
CA TYR OA 347 -77.14 -65.19 11.68
C TYR OA 347 -78.31 -65.78 12.44
N ARG OA 348 -79.32 -64.95 12.75
CA ARG OA 348 -80.50 -65.43 13.46
C ARG OA 348 -81.31 -66.36 12.60
N THR OA 349 -81.34 -66.11 11.29
CA THR OA 349 -82.18 -66.89 10.38
C THR OA 349 -81.42 -68.09 9.81
N TRP OA 350 -80.31 -67.85 9.13
CA TRP OA 350 -79.66 -68.95 8.42
C TRP OA 350 -78.53 -69.61 9.19
N GLY OA 351 -78.00 -68.97 10.23
CA GLY OA 351 -76.88 -69.54 10.94
C GLY OA 351 -75.57 -69.30 10.21
N GLY OA 352 -74.50 -69.82 10.80
CA GLY OA 352 -73.18 -69.59 10.23
C GLY OA 352 -72.52 -70.83 9.66
N ARG OA 353 -73.32 -71.70 9.04
CA ARG OA 353 -72.77 -72.94 8.52
C ARG OA 353 -72.30 -72.80 7.08
N TYR OA 354 -73.04 -72.06 6.26
CA TYR OA 354 -72.79 -71.99 4.83
C TYR OA 354 -72.10 -70.70 4.40
N VAL OA 355 -72.66 -69.56 4.72
CA VAL OA 355 -72.17 -68.25 4.28
C VAL OA 355 -71.65 -67.46 5.47
N GLN OA 356 -70.44 -66.91 5.33
CA GLN OA 356 -69.77 -66.22 6.43
C GLN OA 356 -69.24 -64.87 5.98
N PHE OA 357 -69.55 -63.84 6.77
CA PHE OA 357 -69.09 -62.48 6.52
C PHE OA 357 -67.83 -62.23 7.32
N ALA OA 358 -66.89 -61.53 6.72
CA ALA OA 358 -65.62 -61.17 7.34
C ALA OA 358 -65.45 -59.67 7.23
N ILE OA 359 -65.42 -58.98 8.36
CA ILE OA 359 -65.33 -57.52 8.37
C ILE OA 359 -63.99 -57.15 8.97
N GLU OA 360 -63.05 -56.72 8.13
CA GLU OA 360 -61.83 -56.16 8.64
C GLU OA 360 -61.67 -54.73 8.15
N LEU OA 361 -61.14 -53.87 9.02
CA LEU OA 361 -61.05 -52.45 8.73
C LEU OA 361 -59.61 -52.00 8.85
N LYS OA 362 -59.14 -51.27 7.86
CA LYS OA 362 -57.77 -50.82 7.76
C LYS OA 362 -57.73 -49.31 7.54
N ASP OA 363 -56.61 -48.70 7.89
CA ASP OA 363 -56.43 -47.28 7.64
C ASP OA 363 -56.07 -47.07 6.18
N ASP OA 364 -56.42 -45.89 5.67
CA ASP OA 364 -56.27 -45.59 4.25
C ASP OA 364 -54.88 -45.05 3.95
N TRP OA 365 -54.22 -45.65 2.96
CA TRP OA 365 -52.92 -45.17 2.54
C TRP OA 365 -53.02 -43.83 1.81
N LEU OA 366 -54.13 -43.59 1.13
CA LEU OA 366 -54.28 -42.38 0.31
C LEU OA 366 -55.21 -41.41 1.02
N LYS OA 367 -54.62 -40.43 1.69
CA LYS OA 367 -55.38 -39.34 2.30
C LYS OA 367 -55.02 -38.00 1.68
N GLY OA 368 -53.75 -37.63 1.69
CA GLY OA 368 -53.27 -36.42 1.05
C GLY OA 368 -52.37 -36.76 -0.13
N ARG OA 369 -52.46 -37.99 -0.59
CA ARG OA 369 -51.62 -38.48 -1.66
C ARG OA 369 -52.26 -38.27 -3.02
N SER OA 370 -51.41 -38.05 -4.02
CA SER OA 370 -51.81 -37.96 -5.41
C SER OA 370 -51.50 -39.29 -6.07
N PHE OA 371 -52.44 -39.82 -6.83
CA PHE OA 371 -52.24 -41.16 -7.37
C PHE OA 371 -52.89 -41.31 -8.73
N GLN OA 372 -52.42 -42.29 -9.48
CA GLN OA 372 -53.01 -42.64 -10.77
C GLN OA 372 -53.68 -43.99 -10.64
N TYR OA 373 -54.94 -44.08 -11.04
CA TYR OA 373 -55.67 -45.34 -11.00
C TYR OA 373 -55.88 -45.86 -12.42
N GLY OA 374 -56.47 -47.04 -12.51
CA GLY OA 374 -56.74 -47.67 -13.79
C GLY OA 374 -55.89 -48.90 -14.03
N ALA OA 375 -55.27 -49.01 -15.20
CA ALA OA 375 -54.45 -50.19 -15.47
C ALA OA 375 -53.08 -50.04 -14.81
N GLU OA 376 -52.33 -49.01 -15.23
CA GLU OA 376 -51.03 -48.71 -14.65
C GLU OA 376 -51.26 -47.75 -13.50
N GLY OA 377 -51.39 -48.30 -12.30
CA GLY OA 377 -51.76 -47.55 -11.12
C GLY OA 377 -50.56 -47.40 -10.21
N TYR OA 378 -50.41 -46.21 -9.63
CA TYR OA 378 -49.39 -46.01 -8.61
C TYR OA 378 -49.84 -44.91 -7.67
N ILE OA 379 -49.09 -44.78 -6.58
CA ILE OA 379 -49.38 -43.79 -5.54
C ILE OA 379 -48.12 -43.01 -5.25
N LYS OA 380 -48.17 -41.70 -5.47
CA LYS OA 380 -47.02 -40.84 -5.22
C LYS OA 380 -47.01 -40.50 -3.74
N MET OA 381 -46.16 -41.17 -2.97
CA MET OA 381 -46.09 -40.91 -1.54
C MET OA 381 -45.31 -39.64 -1.20
N SER OA 382 -44.70 -39.03 -2.20
CA SER OA 382 -43.86 -37.85 -2.09
C SER OA 382 -43.68 -37.32 -3.50
N PRO OA 383 -43.22 -36.09 -3.68
CA PRO OA 383 -42.88 -35.63 -5.05
C PRO OA 383 -41.74 -36.41 -5.71
N GLY OA 384 -40.97 -37.21 -4.97
CA GLY OA 384 -39.95 -38.04 -5.58
C GLY OA 384 -40.04 -39.49 -5.11
N HIS OA 385 -41.25 -40.02 -4.92
CA HIS OA 385 -41.39 -41.38 -4.40
C HIS OA 385 -42.65 -42.00 -5.00
N TRP OA 386 -42.45 -43.08 -5.77
CA TRP OA 386 -43.52 -43.82 -6.40
C TRP OA 386 -43.75 -45.15 -5.69
N TYR OA 387 -45.01 -45.56 -5.60
CA TYR OA 387 -45.38 -46.81 -4.97
C TYR OA 387 -46.23 -47.58 -5.96
N PHE OA 388 -45.66 -48.64 -6.55
CA PHE OA 388 -46.35 -49.46 -7.51
C PHE OA 388 -46.90 -50.65 -6.76
N PRO OA 389 -48.20 -50.74 -6.50
CA PRO OA 389 -48.72 -51.83 -5.69
C PRO OA 389 -48.84 -53.11 -6.49
N SER OA 390 -48.64 -54.22 -5.81
CA SER OA 390 -48.74 -55.50 -6.49
C SER OA 390 -50.20 -55.89 -6.67
N PRO OA 391 -50.57 -56.40 -7.85
CA PRO OA 391 -51.96 -56.80 -8.12
C PRO OA 391 -52.36 -58.04 -7.34
N ALA PA 171 -76.58 -94.29 51.40
CA ALA PA 171 -76.23 -93.12 50.62
C ALA PA 171 -75.68 -93.52 49.25
N GLU PA 172 -76.49 -93.37 48.21
CA GLU PA 172 -76.05 -93.72 46.88
C GLU PA 172 -75.11 -92.66 46.33
N LEU PA 173 -74.41 -93.00 45.24
CA LEU PA 173 -73.41 -92.10 44.68
C LEU PA 173 -74.03 -90.93 43.94
N ASP PA 174 -75.20 -91.12 43.35
CA ASP PA 174 -75.84 -90.04 42.60
C ASP PA 174 -76.46 -88.97 43.48
N SER PA 175 -76.50 -89.18 44.80
CA SER PA 175 -76.96 -88.16 45.72
C SER PA 175 -75.83 -87.44 46.44
N LEU PA 176 -74.64 -88.03 46.48
CA LEU PA 176 -73.51 -87.36 47.12
C LEU PA 176 -72.91 -86.27 46.25
N LEU PA 177 -73.24 -86.27 44.95
CA LEU PA 177 -72.79 -85.24 44.03
C LEU PA 177 -73.65 -84.01 44.15
N GLY PA 178 -73.57 -83.11 43.18
CA GLY PA 178 -74.27 -81.84 43.24
C GLY PA 178 -75.79 -81.96 43.18
N GLN PA 179 -76.44 -80.79 43.13
CA GLN PA 179 -77.89 -80.75 43.24
C GLN PA 179 -78.56 -81.25 41.97
N GLU PA 180 -78.12 -80.79 40.82
CA GLU PA 180 -78.72 -81.24 39.57
C GLU PA 180 -78.10 -82.56 39.14
N LYS PA 181 -78.95 -83.57 38.94
CA LYS PA 181 -78.50 -84.91 38.56
C LYS PA 181 -78.53 -85.12 37.06
N GLU PA 182 -77.92 -84.21 36.30
CA GLU PA 182 -77.78 -84.41 34.87
C GLU PA 182 -76.41 -84.05 34.31
N ARG PA 183 -75.54 -83.42 35.08
CA ARG PA 183 -74.20 -83.12 34.60
C ARG PA 183 -73.21 -84.24 34.89
N PHE PA 184 -73.62 -85.28 35.59
CA PHE PA 184 -72.79 -86.46 35.81
C PHE PA 184 -73.55 -87.69 35.38
N GLN PA 185 -72.83 -88.79 35.15
CA GLN PA 185 -73.52 -90.01 34.74
C GLN PA 185 -72.83 -91.21 35.34
N VAL PA 186 -73.53 -91.94 36.19
CA VAL PA 186 -72.97 -93.09 36.90
C VAL PA 186 -73.21 -94.36 36.10
N LEU PA 187 -72.15 -95.12 35.85
CA LEU PA 187 -72.19 -96.35 35.07
C LEU PA 187 -71.66 -97.53 35.90
N PRO PA 188 -72.34 -98.67 35.90
CA PRO PA 188 -71.81 -99.84 36.60
C PRO PA 188 -70.70 -100.49 35.80
N GLY PA 189 -69.69 -101.02 36.49
CA GLY PA 189 -68.56 -101.66 35.86
C GLY PA 189 -68.65 -103.17 35.92
N ARG PA 190 -67.78 -103.81 35.16
CA ARG PA 190 -67.75 -105.26 35.10
C ARG PA 190 -66.84 -105.85 36.17
N ASP PA 191 -65.85 -105.09 36.62
CA ASP PA 191 -64.94 -105.54 37.67
C ASP PA 191 -65.37 -105.07 39.05
N LYS PA 192 -66.69 -104.91 39.26
CA LYS PA 192 -67.30 -104.45 40.51
C LYS PA 192 -66.78 -103.09 40.94
N MET PA 193 -66.65 -102.19 39.97
CA MET PA 193 -66.35 -100.78 40.22
C MET PA 193 -67.49 -99.93 39.67
N LEU PA 194 -67.47 -98.66 40.00
CA LEU PA 194 -68.56 -97.77 39.66
C LEU PA 194 -68.00 -96.49 39.05
N TYR PA 195 -68.16 -96.34 37.74
CA TYR PA 195 -67.52 -95.25 37.03
C TYR PA 195 -68.45 -94.06 37.00
N VAL PA 196 -67.87 -92.86 37.08
CA VAL PA 196 -68.61 -91.61 37.03
C VAL PA 196 -68.10 -90.86 35.82
N ALA PA 197 -69.00 -90.46 34.94
CA ALA PA 197 -68.61 -89.84 33.68
C ALA PA 197 -68.86 -88.36 33.82
N ALA PA 198 -67.78 -87.58 33.73
CA ALA PA 198 -67.85 -86.14 33.65
C ALA PA 198 -67.60 -85.73 32.21
N GLN PA 199 -67.56 -84.42 31.97
CA GLN PA 199 -67.40 -83.97 30.59
C GLN PA 199 -66.43 -82.81 30.42
N ASN PA 200 -65.80 -82.32 31.49
CA ASN PA 200 -64.69 -81.38 31.37
C ASN PA 200 -63.81 -81.53 32.60
N GLU PA 201 -62.78 -80.70 32.69
CA GLU PA 201 -61.87 -80.82 33.81
C GLU PA 201 -62.42 -80.21 35.09
N ARG PA 202 -63.40 -79.32 34.97
CA ARG PA 202 -63.96 -78.73 36.18
C ARG PA 202 -64.92 -79.70 36.85
N ASP PA 203 -65.67 -80.47 36.08
CA ASP PA 203 -66.51 -81.48 36.69
C ASP PA 203 -65.70 -82.74 37.01
N THR PA 204 -64.53 -82.89 36.41
CA THR PA 204 -63.68 -84.00 36.81
C THR PA 204 -63.08 -83.73 38.18
N LEU PA 205 -62.74 -82.48 38.47
CA LEU PA 205 -62.24 -82.19 39.80
C LEU PA 205 -63.37 -82.07 40.82
N TRP PA 206 -64.59 -81.75 40.36
CA TRP PA 206 -65.74 -81.69 41.26
C TRP PA 206 -66.13 -83.09 41.71
N ALA PA 207 -65.85 -84.09 40.90
CA ALA PA 207 -66.21 -85.43 41.30
C ALA PA 207 -65.04 -86.19 41.88
N ARG PA 208 -63.80 -85.79 41.56
CA ARG PA 208 -62.66 -86.42 42.22
C ARG PA 208 -62.51 -85.96 43.65
N GLN PA 209 -63.00 -84.75 43.98
CA GLN PA 209 -62.89 -84.28 45.36
C GLN PA 209 -63.80 -85.09 46.30
N VAL PA 210 -64.97 -85.52 45.82
CA VAL PA 210 -65.89 -86.28 46.66
C VAL PA 210 -65.31 -87.65 46.97
N LEU PA 211 -64.79 -88.35 45.94
CA LEU PA 211 -64.23 -89.67 46.18
C LEU PA 211 -62.90 -89.62 46.91
N ALA PA 212 -62.23 -88.46 46.90
CA ALA PA 212 -60.96 -88.37 47.60
C ALA PA 212 -61.10 -88.00 49.06
N ARG PA 213 -62.13 -87.22 49.42
CA ARG PA 213 -62.30 -86.87 50.83
C ARG PA 213 -62.85 -88.03 51.65
N GLY PA 214 -63.50 -88.99 51.01
CA GLY PA 214 -63.80 -90.27 51.64
C GLY PA 214 -65.23 -90.54 52.01
N ASP PA 215 -66.19 -89.77 51.49
CA ASP PA 215 -67.59 -90.03 51.85
C ASP PA 215 -68.28 -90.97 50.87
N TYR PA 216 -67.66 -92.12 50.59
CA TYR PA 216 -68.30 -93.21 49.86
C TYR PA 216 -67.58 -94.50 50.25
N ASP PA 217 -68.34 -95.58 50.34
CA ASP PA 217 -67.80 -96.83 50.90
C ASP PA 217 -67.11 -97.70 49.85
N LYS PA 218 -67.83 -98.07 48.79
CA LYS PA 218 -67.31 -99.03 47.82
C LYS PA 218 -66.34 -98.35 46.86
N ASN PA 219 -65.88 -99.08 45.86
CA ASN PA 219 -64.91 -98.55 44.93
C ASN PA 219 -65.59 -97.76 43.82
N ALA PA 220 -64.92 -96.70 43.36
CA ALA PA 220 -65.45 -95.87 42.29
C ALA PA 220 -64.29 -95.18 41.59
N ARG PA 221 -64.55 -94.75 40.35
CA ARG PA 221 -63.57 -94.00 39.60
C ARG PA 221 -64.27 -92.90 38.82
N VAL PA 222 -63.52 -91.87 38.44
CA VAL PA 222 -64.03 -90.76 37.66
C VAL PA 222 -63.35 -90.74 36.30
N ILE PA 223 -64.14 -90.88 35.24
CA ILE PA 223 -63.61 -90.88 33.89
C ILE PA 223 -63.98 -89.57 33.20
N ASN PA 224 -63.36 -89.38 32.04
CA ASN PA 224 -63.44 -88.21 31.21
C ASN PA 224 -63.45 -88.69 29.75
N GLU PA 225 -63.29 -87.76 28.82
CA GLU PA 225 -63.16 -88.11 27.40
C GLU PA 225 -61.78 -87.86 26.84
N ASN PA 226 -61.14 -86.75 27.22
CA ASN PA 226 -59.79 -86.48 26.78
C ASN PA 226 -58.75 -87.24 27.59
N GLU PA 227 -59.13 -87.75 28.76
CA GLU PA 227 -58.20 -88.51 29.57
C GLU PA 227 -58.31 -89.98 29.20
N GLU PA 228 -59.54 -90.45 28.99
CA GLU PA 228 -59.72 -91.82 28.55
C GLU PA 228 -59.35 -92.03 27.09
N ASN PA 229 -59.17 -90.96 26.32
CA ASN PA 229 -58.64 -91.12 24.99
C ASN PA 229 -57.12 -91.14 24.95
N LYS PA 230 -56.47 -90.68 26.01
CA LYS PA 230 -55.02 -90.78 26.16
C LYS PA 230 -54.61 -92.06 26.87
N ARG PA 231 -55.48 -92.60 27.71
CA ARG PA 231 -55.14 -93.85 28.39
C ARG PA 231 -55.10 -95.02 27.41
N ILE PA 232 -55.93 -94.99 26.37
CA ILE PA 232 -55.94 -96.07 25.39
C ILE PA 232 -54.92 -95.88 24.29
N SER PA 233 -54.30 -94.71 24.20
CA SER PA 233 -53.24 -94.50 23.23
C SER PA 233 -51.88 -94.90 23.75
N ILE PA 234 -51.79 -95.30 25.01
CA ILE PA 234 -50.54 -95.88 25.50
C ILE PA 234 -50.58 -97.38 25.32
N TRP PA 235 -51.76 -97.98 25.48
CA TRP PA 235 -51.89 -99.41 25.23
C TRP PA 235 -51.81 -99.72 23.75
N LEU PA 236 -52.29 -98.82 22.89
CA LEU PA 236 -52.21 -99.11 21.47
C LEU PA 236 -50.83 -98.87 20.91
N ASP PA 237 -50.03 -98.00 21.53
CA ASP PA 237 -48.69 -97.72 21.03
C ASP PA 237 -47.71 -98.82 21.38
N THR PA 238 -48.11 -99.75 22.25
CA THR PA 238 -47.27 -100.86 22.66
C THR PA 238 -47.76 -102.15 22.03
N TYR PA 239 -49.06 -102.43 22.09
CA TYR PA 239 -49.51 -103.74 21.65
C TYR PA 239 -49.96 -103.75 20.20
N TYR PA 240 -50.38 -102.61 19.64
CA TYR PA 240 -50.76 -102.53 18.24
C TYR PA 240 -50.08 -101.33 17.59
N PRO PA 241 -48.77 -101.39 17.36
CA PRO PA 241 -48.09 -100.28 16.73
C PRO PA 241 -48.38 -100.25 15.23
N GLN PA 242 -47.98 -99.15 14.60
CA GLN PA 242 -48.16 -98.88 13.17
C GLN PA 242 -49.63 -98.92 12.76
N LEU PA 243 -50.50 -98.45 13.65
CA LEU PA 243 -51.94 -98.44 13.40
C LEU PA 243 -52.39 -97.04 13.07
N ALA PA 244 -53.24 -96.92 12.05
CA ALA PA 244 -53.76 -95.63 11.62
C ALA PA 244 -55.20 -95.51 12.11
N TYR PA 245 -55.41 -94.63 13.08
CA TYR PA 245 -56.72 -94.36 13.65
C TYR PA 245 -56.84 -92.87 13.91
N TYR PA 246 -58.04 -92.44 14.28
CA TYR PA 246 -58.30 -91.03 14.52
C TYR PA 246 -58.64 -90.72 15.97
N ARG PA 247 -59.72 -91.29 16.51
CA ARG PA 247 -60.31 -90.82 17.76
C ARG PA 247 -61.37 -91.81 18.19
N ILE PA 248 -61.54 -91.99 19.50
CA ILE PA 248 -62.65 -92.74 20.07
C ILE PA 248 -63.70 -91.76 20.55
N HIS PA 249 -64.95 -91.96 20.13
CA HIS PA 249 -66.05 -91.07 20.47
C HIS PA 249 -66.94 -91.68 21.53
N PHE PA 250 -67.28 -90.89 22.55
CA PHE PA 250 -68.03 -91.39 23.69
C PHE PA 250 -69.36 -90.66 23.86
N ASP PA 251 -70.12 -90.50 22.77
CA ASP PA 251 -71.42 -89.86 22.89
C ASP PA 251 -72.43 -90.75 23.60
N GLU PA 252 -72.29 -92.06 23.47
CA GLU PA 252 -73.02 -93.01 24.30
C GLU PA 252 -72.00 -93.89 24.99
N PRO PA 253 -71.78 -93.72 26.30
CA PRO PA 253 -70.64 -94.38 26.96
C PRO PA 253 -70.78 -95.88 27.14
N ARG PA 254 -71.89 -96.48 26.74
CA ARG PA 254 -71.98 -97.93 26.73
C ARG PA 254 -71.63 -98.52 25.37
N LYS PA 255 -71.59 -97.70 24.32
CA LYS PA 255 -71.20 -98.15 22.98
C LYS PA 255 -70.34 -97.10 22.31
N PRO PA 256 -69.04 -97.09 22.61
CA PRO PA 256 -68.16 -96.12 21.97
C PRO PA 256 -67.85 -96.51 20.53
N VAL PA 257 -67.53 -95.49 19.73
CA VAL PA 257 -67.23 -95.64 18.31
C VAL PA 257 -65.77 -95.31 18.08
N PHE PA 258 -65.06 -96.23 17.45
CA PHE PA 258 -63.63 -96.14 17.16
C PHE PA 258 -63.49 -95.90 15.66
N TRP PA 259 -63.07 -94.69 15.30
CA TRP PA 259 -62.91 -94.32 13.90
C TRP PA 259 -61.57 -94.84 13.42
N LEU PA 260 -61.58 -95.81 12.53
CA LEU PA 260 -60.36 -96.38 12.01
C LEU PA 260 -60.14 -95.79 10.62
N SER PA 261 -58.95 -95.98 10.07
CA SER PA 261 -58.67 -95.51 8.73
C SER PA 261 -58.81 -96.66 7.73
N ARG PA 262 -59.34 -96.34 6.55
CA ARG PA 262 -59.65 -97.35 5.56
C ARG PA 262 -58.51 -97.59 4.58
N GLN PA 263 -57.90 -96.53 4.09
CA GLN PA 263 -56.90 -96.65 3.03
C GLN PA 263 -55.50 -96.91 3.57
N ARG PA 264 -55.32 -97.07 4.87
CA ARG PA 264 -53.99 -97.24 5.43
C ARG PA 264 -53.87 -98.46 6.34
N ASN PA 265 -54.78 -99.43 6.24
CA ASN PA 265 -54.67 -100.64 7.05
C ASN PA 265 -54.82 -101.88 6.17
N THR PA 266 -54.28 -102.98 6.66
CA THR PA 266 -54.35 -104.26 5.96
C THR PA 266 -54.81 -105.36 6.91
N MET PA 267 -55.81 -105.07 7.74
CA MET PA 267 -56.37 -106.06 8.64
C MET PA 267 -57.66 -106.61 8.07
N SER PA 268 -57.88 -107.90 8.28
CA SER PA 268 -59.05 -108.56 7.71
C SER PA 268 -60.27 -108.37 8.60
N LYS PA 269 -61.32 -109.11 8.27
CA LYS PA 269 -62.57 -109.03 9.01
C LYS PA 269 -62.46 -109.76 10.34
N LYS PA 270 -61.67 -110.83 10.40
CA LYS PA 270 -61.49 -111.53 11.67
C LYS PA 270 -60.52 -110.77 12.55
N GLU PA 271 -59.52 -110.14 11.93
CA GLU PA 271 -58.57 -109.37 12.70
C GLU PA 271 -59.20 -108.09 13.25
N LEU PA 272 -60.29 -107.61 12.64
CA LEU PA 272 -60.98 -106.50 13.29
C LEU PA 272 -61.78 -106.97 14.49
N GLU PA 273 -62.22 -108.23 14.47
CA GLU PA 273 -63.02 -108.74 15.57
C GLU PA 273 -62.16 -109.07 16.77
N VAL PA 274 -60.91 -109.47 16.52
CA VAL PA 274 -60.03 -109.74 17.65
C VAL PA 274 -59.48 -108.47 18.26
N LEU PA 275 -59.58 -107.34 17.55
CA LEU PA 275 -59.21 -106.05 18.11
C LEU PA 275 -60.38 -105.46 18.88
N SER PA 276 -61.60 -105.63 18.35
CA SER PA 276 -62.77 -105.10 19.02
C SER PA 276 -63.15 -105.92 20.24
N GLN PA 277 -62.65 -107.15 20.38
CA GLN PA 277 -62.88 -107.89 21.60
C GLN PA 277 -61.79 -107.68 22.64
N LYS PA 278 -60.66 -107.07 22.26
CA LYS PA 278 -59.64 -106.68 23.21
C LYS PA 278 -59.76 -105.22 23.64
N LEU PA 279 -60.41 -104.39 22.83
CA LEU PA 279 -60.74 -103.05 23.28
C LEU PA 279 -61.94 -103.04 24.23
N ARG PA 280 -62.75 -104.10 24.21
CA ARG PA 280 -63.87 -104.21 25.14
C ARG PA 280 -63.38 -104.51 26.54
N ALA PA 281 -62.34 -105.32 26.68
CA ALA PA 281 -61.81 -105.64 28.00
C ALA PA 281 -60.97 -104.52 28.59
N LEU PA 282 -60.55 -103.55 27.79
CA LEU PA 282 -59.79 -102.43 28.33
C LEU PA 282 -60.69 -101.39 28.98
N MET PA 283 -61.93 -101.27 28.53
CA MET PA 283 -62.91 -100.37 29.11
C MET PA 283 -64.01 -101.21 29.74
N PRO PA 284 -63.98 -101.46 31.05
CA PRO PA 284 -64.94 -102.40 31.64
C PRO PA 284 -66.35 -101.86 31.77
N TYR PA 285 -66.58 -100.58 31.53
CA TYR PA 285 -67.91 -100.01 31.61
C TYR PA 285 -68.67 -100.08 30.29
N ALA PA 286 -68.02 -100.50 29.21
CA ALA PA 286 -68.63 -100.52 27.90
C ALA PA 286 -69.30 -101.86 27.65
N ASP PA 287 -70.00 -101.97 26.52
CA ASP PA 287 -70.68 -103.20 26.14
C ASP PA 287 -70.13 -103.78 24.86
N SER PA 288 -69.97 -102.97 23.82
CA SER PA 288 -69.44 -103.44 22.54
C SER PA 288 -68.88 -102.25 21.79
N VAL PA 289 -67.58 -102.28 21.51
CA VAL PA 289 -66.93 -101.20 20.78
C VAL PA 289 -67.26 -101.33 19.30
N ASN PA 290 -67.74 -100.25 18.69
CA ASN PA 290 -68.12 -100.25 17.29
C ASN PA 290 -66.98 -99.62 16.51
N ILE PA 291 -66.42 -100.35 15.55
CA ILE PA 291 -65.30 -99.87 14.75
C ILE PA 291 -65.83 -99.50 13.38
N THR PA 292 -65.71 -98.22 13.02
CA THR PA 292 -66.16 -97.75 11.71
C THR PA 292 -64.98 -97.22 10.91
N LEU PA 293 -64.84 -97.73 9.70
CA LEU PA 293 -63.78 -97.30 8.79
C LEU PA 293 -64.16 -95.98 8.15
N MET PA 294 -63.34 -94.96 8.38
CA MET PA 294 -63.60 -93.63 7.86
C MET PA 294 -62.71 -93.38 6.64
N ASP PA 295 -63.22 -92.57 5.72
CA ASP PA 295 -62.46 -92.23 4.54
C ASP PA 295 -61.32 -91.30 4.91
N ASP PA 296 -60.36 -91.16 3.99
CA ASP PA 296 -59.16 -90.43 4.30
C ASP PA 296 -59.02 -89.12 3.54
N VAL PA 297 -59.74 -88.94 2.44
CA VAL PA 297 -59.71 -87.65 1.75
C VAL PA 297 -60.78 -86.69 2.25
N THR PA 298 -61.78 -87.18 2.99
CA THR PA 298 -62.75 -86.25 3.55
C THR PA 298 -62.24 -85.60 4.83
N ALA PA 299 -61.31 -86.24 5.52
CA ALA PA 299 -60.70 -85.65 6.70
C ALA PA 299 -59.75 -84.53 6.31
N ALA PA 300 -59.04 -84.68 5.19
CA ALA PA 300 -58.17 -83.62 4.75
C ALA PA 300 -58.88 -82.63 3.83
N GLY PA 301 -60.10 -82.94 3.39
CA GLY PA 301 -60.89 -82.01 2.60
C GLY PA 301 -61.67 -81.06 3.47
N GLN PA 302 -62.16 -81.54 4.61
CA GLN PA 302 -62.91 -80.66 5.51
C GLN PA 302 -62.00 -79.65 6.18
N ALA PA 303 -60.73 -79.99 6.39
CA ALA PA 303 -59.81 -79.05 7.03
C ALA PA 303 -59.45 -77.92 6.08
N GLU PA 304 -59.42 -78.20 4.78
CA GLU PA 304 -59.10 -77.15 3.82
C GLU PA 304 -60.34 -76.33 3.54
N ALA PA 305 -61.51 -76.96 3.48
CA ALA PA 305 -62.71 -76.21 3.19
C ALA PA 305 -63.06 -75.30 4.36
N GLY PA 306 -62.85 -75.77 5.59
CA GLY PA 306 -63.02 -74.88 6.72
C GLY PA 306 -61.94 -73.83 6.83
N LEU PA 307 -60.74 -74.10 6.31
CA LEU PA 307 -59.69 -73.10 6.35
C LEU PA 307 -59.85 -72.07 5.25
N LYS PA 308 -60.74 -72.31 4.29
CA LYS PA 308 -60.95 -71.35 3.22
C LYS PA 308 -62.14 -70.44 3.43
N GLN PA 309 -63.09 -70.81 4.29
CA GLN PA 309 -64.22 -69.93 4.57
C GLN PA 309 -63.83 -68.76 5.44
N GLN PA 310 -62.88 -68.95 6.36
CA GLN PA 310 -62.42 -67.86 7.21
C GLN PA 310 -61.45 -66.92 6.50
N ALA PA 311 -61.04 -67.26 5.27
CA ALA PA 311 -60.11 -66.47 4.45
C ALA PA 311 -58.78 -66.25 5.16
N LEU PA 312 -58.16 -67.35 5.54
CA LEU PA 312 -56.88 -67.32 6.22
C LEU PA 312 -55.77 -67.70 5.26
N PRO PA 313 -54.64 -67.00 5.27
CA PRO PA 313 -53.53 -67.39 4.39
C PRO PA 313 -52.85 -68.63 4.95
N TYR PA 314 -52.76 -69.67 4.13
CA TYR PA 314 -52.24 -70.96 4.58
C TYR PA 314 -51.36 -71.55 3.51
N SER PA 315 -50.79 -72.72 3.82
CA SER PA 315 -49.96 -73.43 2.87
C SER PA 315 -50.00 -74.92 3.22
N ARG PA 316 -50.36 -75.73 2.23
CA ARG PA 316 -50.52 -77.17 2.43
C ARG PA 316 -49.25 -77.92 2.06
N ARG PA 317 -48.86 -78.87 2.92
CA ARG PA 317 -47.69 -79.70 2.71
C ARG PA 317 -48.13 -81.15 2.88
N ASN PA 318 -48.24 -81.87 1.75
CA ASN PA 318 -48.65 -83.27 1.76
C ASN PA 318 -47.43 -84.16 1.87
N HIS PA 319 -47.57 -85.23 2.64
CA HIS PA 319 -46.60 -86.32 2.66
C HIS PA 319 -47.32 -87.59 3.06
N LYS PA 320 -46.61 -88.71 3.04
CA LYS PA 320 -47.22 -90.01 3.29
C LYS PA 320 -47.48 -90.16 4.78
N GLY PA 321 -48.76 -90.24 5.14
CA GLY PA 321 -49.14 -90.42 6.53
C GLY PA 321 -49.36 -89.12 7.28
N GLY PA 322 -49.99 -88.16 6.64
CA GLY PA 322 -50.36 -86.91 7.28
C GLY PA 322 -50.14 -85.73 6.35
N VAL PA 323 -50.97 -84.69 6.53
CA VAL PA 323 -50.80 -83.43 5.82
C VAL PA 323 -50.55 -82.35 6.85
N THR PA 324 -50.18 -81.17 6.38
CA THR PA 324 -49.81 -80.11 7.32
C THR PA 324 -50.20 -78.76 6.75
N PHE PA 325 -50.91 -77.96 7.53
CA PHE PA 325 -51.35 -76.63 7.12
C PHE PA 325 -50.58 -75.59 7.92
N VAL PA 326 -49.69 -74.86 7.25
CA VAL PA 326 -48.82 -73.88 7.87
C VAL PA 326 -49.45 -72.51 7.71
N ILE PA 327 -49.76 -71.86 8.83
CA ILE PA 327 -50.25 -70.49 8.88
C ILE PA 327 -49.13 -69.63 9.46
N GLN PA 328 -48.72 -68.62 8.71
CA GLN PA 328 -47.57 -67.81 9.09
C GLN PA 328 -47.92 -66.35 8.85
N GLY PA 329 -46.91 -65.49 8.94
CA GLY PA 329 -47.08 -64.09 8.66
C GLY PA 329 -47.47 -63.29 9.87
N ALA PA 330 -47.77 -62.02 9.62
CA ALA PA 330 -48.17 -61.07 10.66
C ALA PA 330 -49.69 -60.95 10.58
N LEU PA 331 -50.39 -61.82 11.30
CA LEU PA 331 -51.84 -61.78 11.33
C LEU PA 331 -52.33 -60.68 12.27
N ASP PA 332 -53.54 -60.19 12.00
CA ASP PA 332 -54.16 -59.19 12.83
C ASP PA 332 -54.99 -59.86 13.93
N ASP PA 333 -55.81 -59.10 14.64
CA ASP PA 333 -56.44 -59.61 15.85
C ASP PA 333 -57.67 -60.46 15.58
N VAL PA 334 -58.34 -60.29 14.45
CA VAL PA 334 -59.55 -61.09 14.20
C VAL PA 334 -59.21 -62.40 13.49
N GLU PA 335 -58.01 -62.50 12.90
CA GLU PA 335 -57.65 -63.74 12.24
C GLU PA 335 -57.11 -64.76 13.22
N ILE PA 336 -56.66 -64.29 14.37
CA ILE PA 336 -56.20 -65.24 15.38
C ILE PA 336 -57.41 -65.78 16.11
N LEU PA 337 -58.44 -64.95 16.28
CA LEU PA 337 -59.66 -65.41 16.94
C LEU PA 337 -60.40 -66.41 16.07
N ARG PA 338 -60.39 -66.20 14.75
CA ARG PA 338 -61.09 -67.16 13.90
C ARG PA 338 -60.28 -68.44 13.72
N ALA PA 339 -58.94 -68.36 13.83
CA ALA PA 339 -58.17 -69.59 13.74
C ALA PA 339 -58.27 -70.39 15.04
N ARG PA 340 -58.30 -69.72 16.18
CA ARG PA 340 -58.44 -70.43 17.44
C ARG PA 340 -59.84 -70.95 17.63
N GLN PA 341 -60.83 -70.39 16.92
CA GLN PA 341 -62.17 -70.95 17.02
C GLN PA 341 -62.38 -72.10 16.05
N PHE PA 342 -61.59 -72.17 14.97
CA PHE PA 342 -61.77 -73.26 14.04
C PHE PA 342 -60.91 -74.49 14.33
N VAL PA 343 -59.67 -74.29 14.77
CA VAL PA 343 -58.78 -75.42 15.05
C VAL PA 343 -59.29 -76.25 16.23
N ASP PA 344 -59.77 -75.58 17.27
CA ASP PA 344 -60.29 -76.28 18.43
C ASP PA 344 -61.63 -76.96 18.15
N SER PA 345 -62.35 -76.53 17.12
CA SER PA 345 -63.58 -77.21 16.75
C SER PA 345 -63.35 -78.34 15.76
N TYR PA 346 -62.18 -78.36 15.12
CA TYR PA 346 -61.83 -79.50 14.27
C TYR PA 346 -61.15 -80.59 15.06
N TYR PA 347 -60.36 -80.20 16.06
CA TYR PA 347 -59.67 -81.14 16.93
C TYR PA 347 -60.63 -81.93 17.80
N ARG PA 348 -61.84 -81.41 18.03
CA ARG PA 348 -62.81 -82.13 18.84
C ARG PA 348 -63.30 -83.36 18.11
N THR PA 349 -63.57 -83.24 16.81
CA THR PA 349 -64.22 -84.30 16.07
C THR PA 349 -63.24 -85.20 15.34
N TRP PA 350 -62.03 -84.74 15.03
CA TRP PA 350 -61.11 -85.60 14.29
C TRP PA 350 -59.86 -85.97 15.07
N GLY PA 351 -59.36 -85.10 15.93
CA GLY PA 351 -58.13 -85.36 16.64
C GLY PA 351 -56.90 -84.97 15.83
N GLY PA 352 -55.78 -84.87 16.52
CA GLY PA 352 -54.55 -84.44 15.89
C GLY PA 352 -53.61 -85.55 15.46
N ARG PA 353 -54.16 -86.67 15.00
CA ARG PA 353 -53.34 -87.80 14.59
C ARG PA 353 -52.91 -87.73 13.14
N TYR PA 354 -53.69 -87.07 12.28
CA TYR PA 354 -53.43 -87.04 10.85
C TYR PA 354 -53.05 -85.66 10.34
N VAL PA 355 -53.89 -84.66 10.57
CA VAL PA 355 -53.68 -83.32 10.05
C VAL PA 355 -53.46 -82.37 11.21
N GLN PA 356 -52.39 -81.57 11.13
CA GLN PA 356 -52.02 -80.66 12.20
C GLN PA 356 -51.83 -79.26 11.64
N PHE PA 357 -52.49 -78.29 12.28
CA PHE PA 357 -52.36 -76.89 11.90
C PHE PA 357 -51.22 -76.27 12.69
N ALA PA 358 -50.34 -75.57 11.99
CA ALA PA 358 -49.14 -74.98 12.57
C ALA PA 358 -49.29 -73.47 12.46
N ILE PA 359 -49.93 -72.86 13.44
CA ILE PA 359 -50.05 -71.40 13.53
C ILE PA 359 -48.83 -70.83 14.22
N GLU PA 360 -48.15 -69.91 13.56
CA GLU PA 360 -46.97 -69.30 14.18
C GLU PA 360 -46.94 -67.82 13.83
N LEU PA 361 -46.94 -66.98 14.85
CA LEU PA 361 -47.01 -65.54 14.67
C LEU PA 361 -45.60 -64.98 14.68
N LYS PA 362 -45.17 -64.41 13.55
CA LYS PA 362 -43.86 -63.82 13.46
C LYS PA 362 -43.91 -62.62 12.52
N ASP PA 363 -42.91 -61.76 12.65
CA ASP PA 363 -42.85 -60.54 11.84
C ASP PA 363 -42.35 -60.88 10.45
N ASP PA 364 -42.21 -59.86 9.60
CA ASP PA 364 -41.79 -60.12 8.24
C ASP PA 364 -40.30 -60.45 8.18
N TRP PA 365 -39.97 -61.51 7.44
CA TRP PA 365 -38.59 -61.89 7.21
C TRP PA 365 -37.94 -60.85 6.30
N LEU PA 366 -36.62 -60.67 6.48
CA LEU PA 366 -35.82 -59.70 5.73
C LEU PA 366 -36.38 -58.29 5.89
N LYS PA 367 -36.21 -57.81 7.13
CA LYS PA 367 -37.11 -56.85 7.78
C LYS PA 367 -37.30 -55.56 7.01
N GLY PA 368 -36.24 -54.78 6.84
CA GLY PA 368 -36.35 -53.53 6.12
C GLY PA 368 -35.43 -53.49 4.91
N ARG PA 369 -35.22 -54.64 4.30
CA ARG PA 369 -34.18 -54.81 3.29
C ARG PA 369 -34.79 -55.07 1.93
N SER PA 370 -34.13 -54.53 0.90
CA SER PA 370 -34.52 -54.79 -0.48
C SER PA 370 -33.71 -55.96 -0.98
N PHE PA 371 -34.39 -57.06 -1.27
CA PHE PA 371 -33.74 -58.30 -1.65
C PHE PA 371 -34.10 -58.67 -3.09
N GLN PA 372 -33.39 -59.65 -3.61
CA GLN PA 372 -33.51 -60.08 -5.00
C GLN PA 372 -33.73 -61.58 -4.99
N TYR PA 373 -34.95 -62.01 -5.25
CA TYR PA 373 -35.33 -63.40 -5.00
C TYR PA 373 -35.16 -64.29 -6.22
N GLY PA 374 -34.85 -65.56 -5.97
CA GLY PA 374 -34.95 -66.60 -6.96
C GLY PA 374 -33.65 -67.03 -7.60
N ALA PA 375 -33.04 -68.09 -7.05
CA ALA PA 375 -31.98 -68.91 -7.64
C ALA PA 375 -30.64 -68.21 -7.79
N GLU PA 376 -30.60 -66.89 -7.62
CA GLU PA 376 -29.37 -66.10 -7.54
C GLU PA 376 -29.74 -64.91 -6.67
N GLY PA 377 -29.51 -65.04 -5.37
CA GLY PA 377 -30.08 -64.14 -4.39
C GLY PA 377 -29.03 -63.32 -3.69
N TYR PA 378 -29.41 -62.10 -3.32
CA TYR PA 378 -28.59 -61.27 -2.46
C TYR PA 378 -29.49 -60.36 -1.66
N ILE PA 379 -29.06 -60.04 -0.45
CA ILE PA 379 -29.76 -59.12 0.43
C ILE PA 379 -28.93 -57.86 0.52
N LYS PA 380 -29.58 -56.71 0.40
CA LYS PA 380 -28.90 -55.44 0.47
C LYS PA 380 -28.95 -54.95 1.92
N MET PA 381 -27.87 -55.17 2.66
CA MET PA 381 -27.84 -54.74 4.06
C MET PA 381 -27.67 -53.24 4.19
N SER PA 382 -27.27 -52.58 3.10
CA SER PA 382 -27.03 -51.16 3.02
C SER PA 382 -27.12 -50.79 1.55
N PRO PA 383 -27.08 -49.51 1.20
CA PRO PA 383 -26.91 -49.18 -0.22
C PRO PA 383 -25.59 -49.69 -0.81
N GLY PA 384 -24.56 -49.90 0.00
CA GLY PA 384 -23.32 -50.42 -0.53
C GLY PA 384 -22.83 -51.68 0.15
N HIS PA 385 -23.73 -52.61 0.50
CA HIS PA 385 -23.32 -53.82 1.20
C HIS PA 385 -24.20 -54.97 0.72
N TRP PA 386 -23.60 -55.93 0.03
CA TRP PA 386 -24.28 -57.10 -0.49
C TRP PA 386 -23.98 -58.31 0.39
N TYR PA 387 -25.02 -59.06 0.73
CA TYR PA 387 -24.90 -60.28 1.51
C TYR PA 387 -25.44 -61.40 0.64
N PHE PA 388 -24.71 -62.52 0.58
CA PHE PA 388 -25.07 -63.64 -0.30
C PHE PA 388 -25.32 -64.90 0.51
N PRO PA 389 -26.48 -65.00 1.18
CA PRO PA 389 -26.89 -66.27 1.80
C PRO PA 389 -27.60 -67.14 0.79
N SER PA 390 -28.24 -68.19 1.28
CA SER PA 390 -29.16 -69.10 0.59
C SER PA 390 -30.14 -68.38 -0.33
N PRO PA 391 -30.52 -68.98 -1.48
CA PRO PA 391 -31.32 -68.25 -2.48
C PRO PA 391 -32.69 -67.86 -1.98
N LEU PA 392 -32.88 -66.56 -1.82
CA LEU PA 392 -34.12 -66.02 -1.27
C LEU PA 392 -35.22 -66.03 -2.30
N ALA QA 171 -52.71 -105.65 59.14
CA ALA QA 171 -52.89 -104.60 58.15
C ALA QA 171 -52.17 -104.94 56.86
N GLU QA 172 -52.92 -105.07 55.77
CA GLU QA 172 -52.33 -105.34 54.47
C GLU QA 172 -51.70 -104.08 53.88
N LEU QA 173 -50.90 -104.28 52.84
CA LEU QA 173 -50.15 -103.19 52.24
C LEU QA 173 -51.04 -102.26 51.41
N ASP QA 174 -52.07 -102.78 50.76
CA ASP QA 174 -52.91 -101.93 49.94
C ASP QA 174 -53.87 -101.07 50.76
N SER QA 175 -53.96 -101.28 52.06
CA SER QA 175 -54.74 -100.42 52.93
C SER QA 175 -53.91 -99.32 53.60
N LEU QA 176 -52.59 -99.51 53.70
CA LEU QA 176 -51.72 -98.50 54.29
C LEU QA 176 -51.37 -97.37 53.35
N LEU QA 177 -51.67 -97.50 52.06
CA LEU QA 177 -51.51 -96.41 51.12
C LEU QA 177 -52.71 -95.48 51.21
N GLY QA 178 -52.88 -94.60 50.23
CA GLY QA 178 -53.89 -93.58 50.29
C GLY QA 178 -55.31 -94.11 50.12
N GLN QA 179 -56.25 -93.17 50.08
CA GLN QA 179 -57.65 -93.51 49.93
C GLN QA 179 -57.94 -94.02 48.52
N GLU QA 180 -57.33 -93.40 47.51
CA GLU QA 180 -57.51 -93.83 46.13
C GLU QA 180 -56.72 -95.11 45.91
N LYS QA 181 -57.38 -96.26 46.05
CA LYS QA 181 -56.73 -97.55 45.88
C LYS QA 181 -56.75 -98.01 44.42
N GLU QA 182 -56.30 -97.15 43.51
CA GLU QA 182 -56.23 -97.50 42.11
C GLU QA 182 -54.95 -97.05 41.44
N ARG QA 183 -54.11 -96.26 42.10
CA ARG QA 183 -52.87 -95.80 41.50
C ARG QA 183 -51.69 -96.72 41.81
N PHE QA 184 -51.78 -97.53 42.85
CA PHE QA 184 -50.74 -98.50 43.17
C PHE QA 184 -51.28 -99.90 42.98
N GLN QA 185 -50.43 -100.79 42.46
CA GLN QA 185 -50.80 -102.17 42.21
C GLN QA 185 -49.80 -103.08 42.92
N VAL QA 186 -50.28 -103.91 43.82
CA VAL QA 186 -49.45 -104.77 44.66
C VAL QA 186 -49.31 -106.15 44.02
N LEU QA 187 -48.07 -106.54 43.69
CA LEU QA 187 -47.77 -107.81 43.06
C LEU QA 187 -47.03 -108.73 44.02
N PRO QA 188 -47.49 -109.96 44.22
CA PRO QA 188 -46.76 -110.92 45.05
C PRO QA 188 -45.54 -111.45 44.31
N GLY QA 189 -44.39 -111.46 44.97
CA GLY QA 189 -43.16 -111.89 44.34
C GLY QA 189 -42.98 -113.38 44.41
N ARG QA 190 -41.82 -113.82 43.91
CA ARG QA 190 -41.46 -115.23 43.94
C ARG QA 190 -40.39 -115.52 44.96
N ASP QA 191 -39.66 -114.48 45.41
CA ASP QA 191 -38.65 -114.62 46.44
C ASP QA 191 -39.20 -114.19 47.79
N LYS QA 192 -40.50 -114.43 48.03
CA LYS QA 192 -41.21 -114.09 49.27
C LYS QA 192 -41.12 -112.61 49.61
N MET QA 193 -41.42 -111.78 48.62
CA MET QA 193 -41.50 -110.34 48.82
C MET QA 193 -42.77 -109.77 48.19
N LEU QA 194 -42.89 -108.45 48.17
CA LEU QA 194 -44.12 -107.82 47.72
C LEU QA 194 -43.76 -106.51 47.03
N TYR QA 195 -44.12 -106.40 45.75
CA TYR QA 195 -43.68 -105.29 44.91
C TYR QA 195 -44.84 -104.34 44.67
N VAL QA 196 -44.64 -103.08 45.00
CA VAL QA 196 -45.61 -102.03 44.73
C VAL QA 196 -45.24 -101.38 43.41
N ALA QA 197 -46.21 -101.23 42.51
CA ALA QA 197 -45.91 -100.76 41.18
C ALA QA 197 -46.55 -99.40 41.00
N ALA QA 198 -45.75 -98.35 41.18
CA ALA QA 198 -46.17 -96.99 40.92
C ALA QA 198 -46.04 -96.71 39.42
N GLN QA 199 -46.30 -95.47 39.03
CA GLN QA 199 -46.27 -95.10 37.63
C GLN QA 199 -45.50 -93.83 37.32
N ASN QA 200 -45.07 -93.07 38.33
CA ASN QA 200 -44.21 -91.93 38.09
C ASN QA 200 -43.34 -91.68 39.31
N GLU QA 201 -42.59 -90.59 39.26
CA GLU QA 201 -41.62 -90.29 40.29
C GLU QA 201 -42.23 -89.65 41.52
N ARG QA 202 -43.45 -89.13 41.41
CA ARG QA 202 -44.09 -88.55 42.57
C ARG QA 202 -44.77 -89.65 43.38
N ASP QA 203 -45.39 -90.61 42.71
CA ASP QA 203 -46.00 -91.70 43.44
C ASP QA 203 -44.96 -92.68 43.95
N THR QA 204 -43.77 -92.67 43.37
CA THR QA 204 -42.74 -93.56 43.89
C THR QA 204 -42.27 -93.08 45.26
N LEU QA 205 -42.08 -91.77 45.43
CA LEU QA 205 -41.72 -91.27 46.74
C LEU QA 205 -42.89 -91.26 47.72
N TRP QA 206 -44.12 -91.26 47.18
CA TRP QA 206 -45.30 -91.36 48.04
C TRP QA 206 -45.41 -92.75 48.64
N ALA QA 207 -45.02 -93.77 47.89
CA ALA QA 207 -45.13 -95.12 48.42
C ALA QA 207 -43.85 -95.56 49.11
N ARG QA 208 -42.72 -94.93 48.82
CA ARG QA 208 -41.50 -95.26 49.54
C ARG QA 208 -41.47 -94.65 50.93
N GLN QA 209 -42.19 -93.54 51.17
CA GLN QA 209 -42.22 -92.98 52.52
C GLN QA 209 -42.94 -93.90 53.50
N VAL QA 210 -43.93 -94.65 53.01
CA VAL QA 210 -44.65 -95.61 53.85
C VAL QA 210 -43.71 -96.71 54.33
N LEU QA 211 -42.95 -97.31 53.41
CA LEU QA 211 -42.06 -98.38 53.82
C LEU QA 211 -40.81 -97.85 54.51
N ALA QA 212 -40.52 -96.56 54.38
CA ALA QA 212 -39.37 -95.98 55.04
C ALA QA 212 -39.64 -95.72 56.51
N ARG QA 213 -40.84 -95.20 56.84
CA ARG QA 213 -41.15 -95.00 58.25
C ARG QA 213 -41.42 -96.32 58.96
N GLY QA 214 -41.78 -97.36 58.22
CA GLY QA 214 -41.78 -98.72 58.75
C GLY QA 214 -43.06 -99.19 59.37
N ASP QA 215 -44.20 -98.86 58.76
CA ASP QA 215 -45.47 -99.42 59.21
C ASP QA 215 -45.86 -100.66 58.44
N TYR QA 216 -44.94 -101.61 58.33
CA TYR QA 216 -45.21 -102.88 57.66
C TYR QA 216 -44.18 -103.89 58.15
N ASP QA 217 -44.65 -105.06 58.58
CA ASP QA 217 -43.78 -106.02 59.22
C ASP QA 217 -43.05 -106.94 58.25
N LYS QA 218 -43.61 -107.20 57.07
CA LYS QA 218 -42.90 -107.98 56.08
C LYS QA 218 -41.97 -107.08 55.28
N ASN QA 219 -41.38 -107.60 54.21
CA ASN QA 219 -40.55 -106.82 53.31
C ASN QA 219 -41.35 -106.40 52.08
N ALA QA 220 -41.01 -105.24 51.55
CA ALA QA 220 -41.73 -104.70 50.41
C ALA QA 220 -40.81 -103.77 49.62
N ARG QA 221 -40.90 -103.82 48.30
CA ARG QA 221 -40.10 -102.98 47.43
C ARG QA 221 -41.01 -102.20 46.49
N VAL QA 222 -40.56 -101.02 46.09
CA VAL QA 222 -41.27 -100.19 45.13
C VAL QA 222 -40.53 -100.22 43.80
N ILE QA 223 -41.26 -100.53 42.73
CA ILE QA 223 -40.65 -100.60 41.41
C ILE QA 223 -41.21 -99.49 40.53
N ASN QA 224 -40.71 -99.41 39.31
CA ASN QA 224 -41.05 -98.34 38.39
C ASN QA 224 -40.98 -98.90 36.97
N GLU QA 225 -41.14 -98.02 35.99
CA GLU QA 225 -40.89 -98.41 34.61
C GLU QA 225 -39.56 -97.89 34.09
N ASN QA 226 -39.08 -96.76 34.60
CA ASN QA 226 -37.77 -96.23 34.21
C ASN QA 226 -36.66 -96.86 35.03
N GLU QA 227 -36.83 -96.90 36.35
CA GLU QA 227 -35.77 -97.41 37.21
C GLU QA 227 -35.65 -98.92 37.13
N GLU QA 228 -36.70 -99.62 36.69
CA GLU QA 228 -36.59 -101.03 36.40
C GLU QA 228 -36.19 -101.29 34.96
N ASN QA 229 -35.85 -100.25 34.21
CA ASN QA 229 -35.34 -100.38 32.86
C ASN QA 229 -33.89 -99.96 32.76
N LYS QA 230 -33.43 -99.15 33.71
CA LYS QA 230 -32.00 -98.92 33.85
C LYS QA 230 -31.34 -99.92 34.79
N ARG QA 231 -32.12 -100.77 35.44
CA ARG QA 231 -31.54 -101.77 36.31
C ARG QA 231 -31.18 -103.04 35.56
N ILE QA 232 -32.04 -103.50 34.66
CA ILE QA 232 -31.78 -104.71 33.89
C ILE QA 232 -31.17 -104.40 32.53
N SER QA 233 -30.62 -103.20 32.37
CA SER QA 233 -29.70 -102.94 31.27
C SER QA 233 -28.25 -102.90 31.74
N ILE QA 234 -28.03 -102.65 33.03
CA ILE QA 234 -26.71 -102.77 33.65
C ILE QA 234 -26.29 -104.23 33.69
N TRP QA 235 -27.22 -105.14 34.00
CA TRP QA 235 -26.89 -106.55 33.93
C TRP QA 235 -26.67 -107.00 32.49
N LEU QA 236 -27.34 -106.33 31.55
CA LEU QA 236 -27.32 -106.82 30.19
C LEU QA 236 -26.09 -106.37 29.44
N ASP QA 237 -25.38 -105.33 29.88
CA ASP QA 237 -24.16 -104.99 29.15
C ASP QA 237 -22.94 -105.53 29.87
N THR QA 238 -23.14 -106.56 30.66
CA THR QA 238 -22.11 -107.36 31.29
C THR QA 238 -22.28 -108.82 30.92
N TYR QA 239 -23.51 -109.32 30.91
CA TYR QA 239 -23.70 -110.71 30.54
C TYR QA 239 -24.10 -110.92 29.09
N TYR QA 240 -24.74 -109.95 28.45
CA TYR QA 240 -25.07 -110.05 27.02
C TYR QA 240 -24.65 -108.78 26.30
N PRO QA 241 -23.35 -108.54 26.15
CA PRO QA 241 -22.93 -107.36 25.40
C PRO QA 241 -23.12 -107.61 23.91
N GLN QA 242 -22.97 -106.54 23.13
CA GLN QA 242 -23.17 -106.52 21.67
C GLN QA 242 -24.58 -106.99 21.31
N LEU QA 243 -25.56 -106.56 22.10
CA LEU QA 243 -26.96 -106.90 21.89
C LEU QA 243 -27.69 -105.66 21.40
N ALA QA 244 -28.62 -105.85 20.47
CA ALA QA 244 -29.40 -104.75 19.90
C ALA QA 244 -30.83 -104.87 20.38
N TYR QA 245 -31.29 -103.87 21.13
CA TYR QA 245 -32.63 -103.87 21.68
C TYR QA 245 -33.10 -102.45 21.90
N TYR QA 246 -34.39 -102.29 22.20
CA TYR QA 246 -34.99 -100.96 22.31
C TYR QA 246 -35.48 -100.64 23.71
N ARG QA 247 -36.40 -101.43 24.27
CA ARG QA 247 -37.15 -101.01 25.45
C ARG QA 247 -37.85 -102.23 26.03
N ILE QA 248 -38.13 -102.19 27.33
CA ILE QA 248 -38.93 -103.19 28.01
C ILE QA 248 -40.20 -102.52 28.50
N HIS QA 249 -41.36 -103.02 28.08
CA HIS QA 249 -42.63 -102.38 28.35
C HIS QA 249 -43.35 -103.10 29.49
N PHE QA 250 -43.81 -102.33 30.47
CA PHE QA 250 -44.45 -102.87 31.65
C PHE QA 250 -45.90 -102.44 31.79
N ASP QA 251 -46.67 -102.51 30.70
CA ASP QA 251 -48.09 -102.18 30.79
C ASP QA 251 -48.85 -103.21 31.60
N GLU QA 252 -48.66 -104.50 31.31
CA GLU QA 252 -49.12 -105.55 32.18
C GLU QA 252 -47.94 -106.06 32.98
N PRO QA 253 -47.84 -105.74 34.27
CA PRO QA 253 -46.59 -105.96 35.00
C PRO QA 253 -46.30 -107.40 35.32
N ARG QA 254 -47.22 -108.32 35.08
CA ARG QA 254 -46.97 -109.72 35.27
C ARG QA 254 -46.52 -110.42 34.00
N LYS QA 255 -46.47 -109.72 32.87
CA LYS QA 255 -46.02 -110.29 31.60
C LYS QA 255 -45.40 -109.20 30.75
N PRO QA 256 -44.14 -108.86 30.98
CA PRO QA 256 -43.52 -107.76 30.24
C PRO QA 256 -43.15 -108.18 28.82
N VAL QA 257 -43.01 -107.16 27.97
CA VAL QA 257 -42.69 -107.31 26.56
C VAL QA 257 -41.29 -106.74 26.32
N PHE QA 258 -40.43 -107.53 25.70
CA PHE QA 258 -39.05 -107.17 25.43
C PHE QA 258 -38.93 -106.92 23.93
N TRP QA 259 -38.82 -105.66 23.54
CA TRP QA 259 -38.72 -105.27 22.14
C TRP QA 259 -37.29 -105.47 21.69
N LEU QA 260 -37.02 -106.56 20.98
CA LEU QA 260 -35.69 -106.87 20.50
C LEU QA 260 -35.58 -106.44 19.04
N SER QA 261 -34.37 -106.14 18.61
CA SER QA 261 -34.15 -105.71 17.23
C SER QA 261 -33.95 -106.93 16.33
N ARG QA 262 -34.40 -106.81 15.09
CA ARG QA 262 -34.43 -107.94 14.15
C ARG QA 262 -33.21 -107.98 13.24
N GLN QA 263 -32.83 -106.85 12.65
CA GLN QA 263 -31.80 -106.84 11.62
C GLN QA 263 -30.41 -106.57 12.18
N ARG QA 264 -30.19 -106.82 13.46
CA ARG QA 264 -28.87 -106.60 14.03
C ARG QA 264 -28.43 -107.69 14.99
N ASN QA 265 -29.21 -108.75 15.15
CA ASN QA 265 -28.84 -109.87 15.99
C ASN QA 265 -28.81 -111.15 15.18
N THR QA 266 -28.19 -112.18 15.74
CA THR QA 266 -28.05 -113.43 15.01
C THR QA 266 -28.31 -114.66 15.88
N MET QA 267 -28.91 -114.50 17.05
CA MET QA 267 -29.21 -115.65 17.89
C MET QA 267 -30.38 -116.42 17.31
N SER QA 268 -30.39 -117.72 17.55
CA SER QA 268 -31.46 -118.56 17.05
C SER QA 268 -32.60 -118.65 18.05
N LYS QA 269 -33.51 -119.58 17.78
CA LYS QA 269 -34.66 -119.79 18.65
C LYS QA 269 -34.25 -120.42 19.96
N LYS QA 270 -33.18 -121.20 19.96
CA LYS QA 270 -32.78 -121.86 21.20
C LYS QA 270 -32.10 -120.88 22.13
N GLU QA 271 -31.33 -119.94 21.58
CA GLU QA 271 -30.70 -118.92 22.41
C GLU QA 271 -31.68 -117.87 22.88
N LEU QA 272 -32.78 -117.68 22.16
CA LEU QA 272 -33.76 -116.73 22.67
C LEU QA 272 -34.56 -117.28 23.84
N GLU QA 273 -34.67 -118.60 23.98
CA GLU QA 273 -35.32 -119.14 25.17
C GLU QA 273 -34.43 -119.02 26.39
N VAL QA 274 -33.12 -119.04 26.19
CA VAL QA 274 -32.20 -118.88 27.30
C VAL QA 274 -32.19 -117.42 27.75
N LEU QA 275 -32.26 -116.49 26.78
CA LEU QA 275 -32.33 -115.08 27.16
C LEU QA 275 -33.67 -114.76 27.83
N SER QA 276 -34.76 -115.40 27.37
CA SER QA 276 -36.05 -115.18 28.01
C SER QA 276 -36.17 -115.88 29.35
N GLN QA 277 -35.27 -116.78 29.68
CA GLN QA 277 -35.30 -117.37 31.02
C GLN QA 277 -34.40 -116.61 31.97
N LYS QA 278 -33.27 -116.11 31.47
CA LYS QA 278 -32.40 -115.33 32.34
C LYS QA 278 -32.94 -113.93 32.56
N LEU QA 279 -33.86 -113.45 31.71
CA LEU QA 279 -34.53 -112.21 32.06
C LEU QA 279 -35.71 -112.43 32.99
N ARG QA 280 -36.28 -113.64 32.97
CA ARG QA 280 -37.35 -113.98 33.89
C ARG QA 280 -36.82 -114.14 35.30
N ALA QA 281 -35.58 -114.60 35.43
CA ALA QA 281 -34.99 -114.76 36.76
C ALA QA 281 -34.61 -113.43 37.40
N LEU QA 282 -34.43 -112.38 36.61
CA LEU QA 282 -34.11 -111.07 37.16
C LEU QA 282 -35.32 -110.35 37.74
N MET QA 283 -36.51 -110.61 37.19
CA MET QA 283 -37.73 -109.97 37.67
C MET QA 283 -38.59 -111.02 38.35
N PRO QA 284 -38.53 -111.14 39.68
CA PRO QA 284 -39.31 -112.19 40.36
C PRO QA 284 -40.79 -111.90 40.44
N TYR QA 285 -41.23 -110.69 40.14
CA TYR QA 285 -42.66 -110.42 40.13
C TYR QA 285 -43.34 -110.84 38.84
N ALA QA 286 -42.58 -111.16 37.81
CA ALA QA 286 -43.14 -111.50 36.51
C ALA QA 286 -43.37 -113.00 36.39
N ASP QA 287 -44.22 -113.37 35.44
CA ASP QA 287 -44.50 -114.78 35.16
C ASP QA 287 -43.78 -115.28 33.92
N SER QA 288 -43.82 -114.52 32.83
CA SER QA 288 -43.12 -114.92 31.61
C SER QA 288 -42.84 -113.68 30.80
N VAL QA 289 -41.63 -113.58 30.29
CA VAL QA 289 -41.21 -112.43 29.49
C VAL QA 289 -41.40 -112.77 28.02
N ASN QA 290 -42.14 -111.93 27.30
CA ASN QA 290 -42.41 -112.14 25.89
C ASN QA 290 -41.38 -111.35 25.11
N ILE QA 291 -40.76 -111.98 24.12
CA ILE QA 291 -39.71 -111.36 23.32
C ILE QA 291 -40.23 -111.20 21.90
N THR QA 292 -40.44 -109.95 21.48
CA THR QA 292 -40.94 -109.67 20.14
C THR QA 292 -39.88 -108.93 19.34
N LEU QA 293 -39.62 -109.43 18.13
CA LEU QA 293 -38.58 -108.88 17.25
C LEU QA 293 -39.18 -107.77 16.39
N MET QA 294 -39.05 -106.54 16.87
CA MET QA 294 -39.51 -105.39 16.09
C MET QA 294 -38.56 -105.10 14.94
N ASP QA 295 -39.09 -104.41 13.94
CA ASP QA 295 -38.34 -104.08 12.74
C ASP QA 295 -37.39 -102.94 13.04
N ASP QA 296 -36.50 -102.65 12.09
CA ASP QA 296 -35.46 -101.65 12.30
C ASP QA 296 -35.59 -100.44 11.39
N VAL QA 297 -36.31 -100.53 10.28
CA VAL QA 297 -36.50 -99.37 9.42
C VAL QA 297 -37.77 -98.61 9.76
N THR QA 298 -38.72 -99.24 10.43
CA THR QA 298 -39.89 -98.50 10.89
C THR QA 298 -39.60 -97.68 12.13
N ALA QA 299 -38.52 -98.00 12.85
CA ALA QA 299 -38.12 -97.20 13.99
C ALA QA 299 -37.57 -95.85 13.55
N ALA QA 300 -36.94 -95.78 12.39
CA ALA QA 300 -36.50 -94.50 11.87
C ALA QA 300 -37.54 -93.84 10.97
N GLY QA 301 -38.42 -94.63 10.36
CA GLY QA 301 -39.49 -94.04 9.59
C GLY QA 301 -40.52 -93.36 10.44
N GLN QA 302 -40.79 -93.89 11.64
CA GLN QA 302 -41.73 -93.24 12.53
C GLN QA 302 -41.13 -92.02 13.20
N ALA QA 303 -39.81 -91.86 13.15
CA ALA QA 303 -39.18 -90.68 13.72
C ALA QA 303 -39.04 -89.59 12.69
N GLU QA 304 -38.90 -89.97 11.43
CA GLU QA 304 -38.80 -88.93 10.41
C GLU QA 304 -40.17 -88.45 9.97
N ALA QA 305 -41.19 -89.32 9.92
CA ALA QA 305 -42.50 -88.83 9.51
C ALA QA 305 -43.10 -87.96 10.61
N GLY QA 306 -42.79 -88.28 11.86
CA GLY QA 306 -43.23 -87.42 12.94
C GLY QA 306 -42.41 -86.16 13.10
N LEU QA 307 -41.19 -86.14 12.56
CA LEU QA 307 -40.42 -84.91 12.64
C LEU QA 307 -40.72 -84.01 11.46
N LYS QA 308 -41.25 -84.57 10.37
CA LYS QA 308 -41.71 -83.79 9.23
C LYS QA 308 -43.14 -83.30 9.38
N GLN QA 309 -43.93 -83.93 10.25
CA GLN QA 309 -45.31 -83.48 10.39
C GLN QA 309 -45.43 -82.19 11.17
N GLN QA 310 -44.53 -81.94 12.11
CA GLN QA 310 -44.55 -80.69 12.86
C GLN QA 310 -43.85 -79.55 12.13
N ALA QA 311 -43.30 -79.81 10.94
CA ALA QA 311 -42.61 -78.83 10.10
C ALA QA 311 -41.41 -78.20 10.82
N LEU QA 312 -40.49 -79.04 11.22
CA LEU QA 312 -39.28 -78.63 11.91
C LEU QA 312 -38.08 -78.80 11.01
N PRO QA 313 -37.14 -77.86 11.00
CA PRO QA 313 -35.94 -78.00 10.16
C PRO QA 313 -34.97 -78.96 10.80
N TYR QA 314 -34.84 -80.14 10.20
CA TYR QA 314 -34.01 -81.20 10.75
C TYR QA 314 -32.92 -81.62 9.77
N SER QA 315 -32.02 -82.46 10.25
CA SER QA 315 -30.94 -82.97 9.41
C SER QA 315 -30.61 -84.39 9.87
N ARG QA 316 -30.89 -85.36 9.01
CA ARG QA 316 -30.66 -86.77 9.30
C ARG QA 316 -29.22 -87.17 9.03
N ARG QA 317 -28.63 -87.93 9.95
CA ARG QA 317 -27.27 -88.42 9.84
C ARG QA 317 -27.30 -89.93 10.04
N ASN QA 318 -27.43 -90.66 8.93
CA ASN QA 318 -27.44 -92.12 8.95
C ASN QA 318 -26.02 -92.63 9.09
N HIS QA 319 -25.80 -93.53 10.03
CA HIS QA 319 -24.54 -94.28 10.08
C HIS QA 319 -24.84 -95.68 10.60
N LYS QA 320 -23.78 -96.46 10.79
CA LYS QA 320 -23.93 -97.88 11.08
C LYS QA 320 -24.30 -98.07 12.55
N GLY QA 321 -25.46 -98.67 12.79
CA GLY QA 321 -25.88 -98.97 14.14
C GLY QA 321 -26.47 -97.80 14.89
N GLY QA 322 -27.34 -97.02 14.25
CA GLY QA 322 -28.00 -95.90 14.87
C GLY QA 322 -28.05 -94.72 13.91
N VAL QA 323 -29.07 -93.88 14.08
CA VAL QA 323 -29.19 -92.66 13.30
C VAL QA 323 -29.22 -91.46 14.25
N THR QA 324 -29.15 -90.26 13.68
CA THR QA 324 -29.09 -89.07 14.53
C THR QA 324 -29.73 -87.88 13.83
N PHE QA 325 -30.73 -87.27 14.45
CA PHE QA 325 -31.37 -86.10 13.88
C PHE QA 325 -30.93 -84.86 14.64
N VAL QA 326 -30.44 -83.86 13.91
CA VAL QA 326 -29.93 -82.64 14.53
C VAL QA 326 -30.82 -81.48 14.10
N ILE QA 327 -31.21 -80.67 15.07
CA ILE QA 327 -32.02 -79.46 14.89
C ILE QA 327 -31.26 -78.30 15.50
N GLN QA 328 -30.90 -77.31 14.67
CA GLN QA 328 -30.07 -76.19 15.08
C GLN QA 328 -30.72 -74.86 14.78
N GLY QA 329 -29.98 -73.77 14.93
CA GLY QA 329 -30.43 -72.48 14.48
C GLY QA 329 -31.09 -71.65 15.55
N ALA QA 330 -31.50 -70.45 15.16
CA ALA QA 330 -32.23 -69.56 16.07
C ALA QA 330 -33.72 -69.84 15.92
N LEU QA 331 -34.16 -70.90 16.58
CA LEU QA 331 -35.55 -71.31 16.54
C LEU QA 331 -36.40 -70.38 17.40
N ASP QA 332 -37.72 -70.39 17.15
CA ASP QA 332 -38.62 -69.61 17.97
C ASP QA 332 -39.31 -70.52 19.00
N ASP QA 333 -40.24 -69.93 19.75
CA ASP QA 333 -40.80 -70.62 20.91
C ASP QA 333 -41.79 -71.69 20.53
N VAL QA 334 -42.32 -71.64 19.32
CA VAL QA 334 -43.26 -72.66 18.91
C VAL QA 334 -42.51 -73.89 18.48
N GLU QA 335 -41.41 -73.70 17.75
CA GLU QA 335 -40.65 -74.85 17.31
C GLU QA 335 -39.83 -75.46 18.45
N ILE QA 336 -39.64 -74.73 19.55
CA ILE QA 336 -39.02 -75.35 20.70
C ILE QA 336 -40.03 -76.17 21.49
N LEU QA 337 -41.27 -75.66 21.63
CA LEU QA 337 -42.26 -76.40 22.38
C LEU QA 337 -42.75 -77.62 21.60
N ARG QA 338 -42.72 -77.53 20.27
CA ARG QA 338 -43.14 -78.68 19.48
C ARG QA 338 -42.05 -79.73 19.40
N ALA QA 339 -40.76 -79.34 19.40
CA ALA QA 339 -39.73 -80.36 19.37
C ALA QA 339 -39.61 -81.06 20.71
N ARG QA 340 -39.82 -80.34 21.81
CA ARG QA 340 -39.81 -80.98 23.12
C ARG QA 340 -41.01 -81.90 23.30
N GLN QA 341 -42.15 -81.53 22.70
CA GLN QA 341 -43.35 -82.33 22.87
C GLN QA 341 -43.28 -83.59 22.02
N PHE QA 342 -42.54 -83.56 20.91
CA PHE QA 342 -42.50 -84.78 20.12
C PHE QA 342 -41.41 -85.71 20.63
N VAL QA 343 -40.28 -85.14 21.06
CA VAL QA 343 -39.16 -85.96 21.53
C VAL QA 343 -39.53 -86.73 22.79
N ASP QA 344 -40.24 -86.07 23.73
CA ASP QA 344 -40.64 -86.79 24.93
C ASP QA 344 -41.73 -87.82 24.68
N SER QA 345 -42.50 -87.69 23.60
CA SER QA 345 -43.47 -88.71 23.21
C SER QA 345 -42.88 -89.81 22.35
N TYR QA 346 -41.65 -89.63 21.90
CA TYR QA 346 -40.97 -90.69 21.15
C TYR QA 346 -40.03 -91.50 22.02
N TYR QA 347 -39.43 -90.86 23.02
CA TYR QA 347 -38.57 -91.59 23.96
C TYR QA 347 -39.37 -92.57 24.79
N ARG QA 348 -40.65 -92.29 25.03
CA ARG QA 348 -41.46 -93.17 25.86
C ARG QA 348 -41.81 -94.45 25.13
N THR QA 349 -41.80 -94.42 23.80
CA THR QA 349 -42.15 -95.60 23.02
C THR QA 349 -40.90 -96.38 22.62
N TRP QA 350 -39.90 -95.71 22.07
CA TRP QA 350 -38.76 -96.43 21.53
C TRP QA 350 -37.50 -96.35 22.37
N GLY QA 351 -37.32 -95.29 23.15
CA GLY QA 351 -36.09 -95.12 23.89
C GLY QA 351 -34.99 -94.53 23.04
N GLY QA 352 -33.96 -94.01 23.72
CA GLY QA 352 -32.86 -93.37 23.03
C GLY QA 352 -31.69 -94.28 22.72
N ARG QA 353 -31.96 -95.50 22.29
CA ARG QA 353 -30.91 -96.46 22.00
C ARG QA 353 -30.50 -96.49 20.53
N TYR QA 354 -31.42 -96.17 19.62
CA TYR QA 354 -31.22 -96.23 18.18
C TYR QA 354 -31.18 -94.85 17.55
N VAL QA 355 -32.18 -94.02 17.86
CA VAL QA 355 -32.35 -92.71 17.25
C VAL QA 355 -32.23 -91.65 18.33
N GLN QA 356 -31.41 -90.64 18.05
CA GLN QA 356 -31.11 -89.61 19.04
C GLN QA 356 -31.40 -88.25 18.42
N PHE QA 357 -31.85 -87.32 19.26
CA PHE QA 357 -32.21 -85.98 18.83
C PHE QA 357 -31.24 -84.96 19.42
N ALA QA 358 -31.02 -83.88 18.69
CA ALA QA 358 -29.91 -82.97 18.97
C ALA QA 358 -30.35 -81.51 18.92
N ILE QA 359 -31.41 -81.16 19.65
CA ILE QA 359 -31.94 -79.80 19.71
C ILE QA 359 -30.90 -78.87 20.35
N GLU QA 360 -30.36 -77.92 19.58
CA GLU QA 360 -29.41 -76.98 20.12
C GLU QA 360 -29.68 -75.60 19.53
N LEU QA 361 -29.47 -74.57 20.34
CA LEU QA 361 -29.76 -73.19 19.96
C LEU QA 361 -28.47 -72.42 19.73
N LYS QA 362 -28.24 -72.05 18.47
CA LYS QA 362 -27.20 -71.14 18.05
C LYS QA 362 -27.87 -69.88 17.52
N ASP QA 363 -27.08 -68.96 16.99
CA ASP QA 363 -27.59 -67.69 16.48
C ASP QA 363 -27.24 -67.57 15.00
N ASP QA 364 -28.08 -68.15 14.14
CA ASP QA 364 -28.02 -67.92 12.70
C ASP QA 364 -29.43 -68.04 12.15
N TRP QA 365 -29.80 -67.10 11.28
CA TRP QA 365 -31.18 -67.07 10.79
C TRP QA 365 -31.46 -68.21 9.82
N LEU QA 366 -30.44 -68.72 9.14
CA LEU QA 366 -30.58 -70.02 8.50
C LEU QA 366 -30.60 -71.08 9.57
N LYS QA 367 -31.59 -71.96 9.54
CA LYS QA 367 -31.77 -72.92 10.62
C LYS QA 367 -31.02 -74.22 10.31
N GLY QA 368 -29.70 -74.09 10.25
CA GLY QA 368 -28.85 -75.26 10.13
C GLY QA 368 -28.15 -75.41 8.79
N ARG QA 369 -28.85 -75.13 7.70
CA ARG QA 369 -28.30 -75.35 6.37
C ARG QA 369 -27.40 -74.19 5.97
N SER QA 370 -26.53 -74.44 5.00
CA SER QA 370 -25.56 -73.44 4.57
C SER QA 370 -25.11 -73.71 3.15
N PHE QA 371 -25.06 -72.65 2.33
CA PHE QA 371 -24.66 -72.74 0.94
C PHE QA 371 -23.44 -71.89 0.68
N GLN QA 372 -22.75 -72.17 -0.43
CA GLN QA 372 -21.68 -71.33 -0.92
C GLN QA 372 -21.95 -70.94 -2.36
N TYR QA 373 -21.62 -69.72 -2.73
CA TYR QA 373 -22.06 -69.13 -4.00
C TYR QA 373 -20.88 -69.02 -4.94
N GLY QA 374 -20.91 -69.77 -6.04
CA GLY QA 374 -19.93 -69.48 -7.07
C GLY QA 374 -20.25 -69.95 -8.47
N ALA QA 375 -20.27 -69.00 -9.41
CA ALA QA 375 -20.12 -69.16 -10.85
C ALA QA 375 -21.26 -69.87 -11.57
N GLU QA 376 -22.16 -70.51 -10.83
CA GLU QA 376 -23.34 -71.16 -11.42
C GLU QA 376 -24.58 -70.98 -10.57
N GLY QA 377 -24.45 -70.51 -9.33
CA GLY QA 377 -25.53 -70.55 -8.38
C GLY QA 377 -25.02 -71.00 -7.04
N TYR QA 378 -25.87 -71.65 -6.26
CA TYR QA 378 -25.50 -72.12 -4.93
C TYR QA 378 -25.31 -73.62 -4.93
N ILE QA 379 -24.36 -74.09 -4.14
CA ILE QA 379 -24.12 -75.52 -3.93
C ILE QA 379 -24.36 -75.82 -2.47
N LYS QA 380 -25.04 -76.92 -2.18
CA LYS QA 380 -25.35 -77.29 -0.81
C LYS QA 380 -24.13 -77.92 -0.15
N MET QA 381 -23.72 -77.36 0.98
CA MET QA 381 -22.53 -77.85 1.66
C MET QA 381 -22.86 -79.03 2.56
N SER QA 382 -21.83 -79.82 2.85
CA SER QA 382 -21.97 -80.95 3.75
C SER QA 382 -22.14 -80.46 5.19
N PRO QA 383 -22.79 -81.25 6.04
CA PRO QA 383 -22.94 -80.86 7.45
C PRO QA 383 -21.61 -80.92 8.18
N GLY QA 384 -21.18 -79.77 8.71
CA GLY QA 384 -19.96 -79.67 9.47
C GLY QA 384 -20.23 -79.04 10.83
N HIS QA 385 -19.15 -78.84 11.58
CA HIS QA 385 -19.30 -78.32 12.93
C HIS QA 385 -19.46 -76.81 12.95
N TRP QA 386 -18.75 -76.11 12.08
CA TRP QA 386 -18.77 -74.65 12.09
C TRP QA 386 -20.02 -74.10 11.42
N TYR QA 387 -20.63 -73.10 12.05
CA TYR QA 387 -21.77 -72.39 11.51
C TYR QA 387 -21.37 -70.94 11.28
N PHE QA 388 -21.92 -70.33 10.24
CA PHE QA 388 -21.64 -68.93 9.96
C PHE QA 388 -22.59 -68.05 10.76
N PRO QA 389 -22.08 -67.12 11.57
CA PRO QA 389 -22.98 -66.23 12.34
C PRO QA 389 -23.71 -65.28 11.41
N SER QA 390 -24.87 -64.82 11.87
CA SER QA 390 -25.79 -64.14 10.98
C SER QA 390 -25.64 -62.64 11.12
N PRO QA 391 -25.20 -61.92 10.09
CA PRO QA 391 -25.42 -60.47 10.05
C PRO QA 391 -26.79 -60.19 9.47
N LEU QA 392 -27.70 -59.71 10.32
CA LEU QA 392 -29.07 -59.48 9.89
C LEU QA 392 -29.76 -58.49 10.82
N ALA RA 171 -27.80 -109.89 68.26
CA ALA RA 171 -27.69 -108.69 67.42
C ALA RA 171 -26.95 -109.00 66.12
N GLU RA 172 -27.68 -109.55 65.15
CA GLU RA 172 -27.10 -109.91 63.87
C GLU RA 172 -26.86 -108.65 63.04
N LEU RA 173 -25.92 -108.77 62.09
CA LEU RA 173 -25.42 -107.62 61.34
C LEU RA 173 -26.46 -107.05 60.39
N ASP RA 174 -27.35 -107.88 59.86
CA ASP RA 174 -28.32 -107.38 58.89
C ASP RA 174 -29.42 -106.53 59.52
N SER RA 175 -29.53 -106.50 60.86
CA SER RA 175 -30.48 -105.64 61.53
C SER RA 175 -29.85 -104.37 62.07
N LEU RA 176 -28.53 -104.32 62.20
CA LEU RA 176 -27.86 -103.11 62.67
C LEU RA 176 -27.76 -102.04 61.60
N LEU RA 177 -27.98 -102.38 60.34
CA LEU RA 177 -28.04 -101.40 59.27
C LEU RA 177 -29.44 -100.76 59.27
N GLY RA 178 -29.79 -100.07 58.20
CA GLY RA 178 -31.03 -99.34 58.15
C GLY RA 178 -32.27 -100.21 58.09
N GLN RA 179 -33.41 -99.54 57.94
CA GLN RA 179 -34.70 -100.24 57.86
C GLN RA 179 -34.84 -100.99 56.56
N GLU RA 180 -34.43 -100.39 55.44
CA GLU RA 180 -34.51 -101.01 54.13
C GLU RA 180 -33.44 -102.08 54.00
N LYS RA 181 -33.84 -103.34 54.02
CA LYS RA 181 -32.90 -104.45 53.89
C LYS RA 181 -32.74 -104.89 52.44
N GLU RA 182 -32.47 -103.93 51.56
CA GLU RA 182 -32.36 -104.23 50.15
C GLU RA 182 -31.07 -103.65 49.59
N ARG RA 183 -30.62 -102.54 50.16
CA ARG RA 183 -29.47 -101.84 49.60
C ARG RA 183 -28.14 -102.46 50.02
N PHE RA 184 -28.12 -103.33 51.01
CA PHE RA 184 -26.91 -104.01 51.42
C PHE RA 184 -27.06 -105.52 51.22
N GLN RA 185 -25.93 -106.20 51.21
CA GLN RA 185 -25.91 -107.64 51.00
C GLN RA 185 -24.74 -108.21 51.78
N VAL RA 186 -25.04 -109.00 52.81
CA VAL RA 186 -24.03 -109.52 53.72
C VAL RA 186 -23.59 -110.90 53.24
N LEU RA 187 -22.31 -111.04 52.90
CA LEU RA 187 -21.73 -112.27 52.39
C LEU RA 187 -20.79 -112.88 53.42
N PRO RA 188 -20.97 -114.16 53.75
CA PRO RA 188 -20.03 -114.81 54.68
C PRO RA 188 -18.72 -115.12 53.99
N GLY RA 189 -17.61 -114.90 54.70
CA GLY RA 189 -16.29 -115.07 54.15
C GLY RA 189 -15.68 -116.42 54.51
N ARG RA 190 -14.50 -116.65 53.94
CA ARG RA 190 -13.78 -117.89 54.16
C ARG RA 190 -12.78 -117.78 55.30
N ASP RA 191 -12.31 -116.58 55.62
CA ASP RA 191 -11.38 -116.36 56.72
C ASP RA 191 -12.10 -115.97 58.00
N LYS RA 192 -13.34 -116.43 58.16
CA LYS RA 192 -14.21 -116.16 59.31
C LYS RA 192 -14.41 -114.66 59.53
N MET RA 193 -15.03 -114.03 58.54
CA MET RA 193 -15.28 -112.60 58.56
C MET RA 193 -16.46 -112.30 57.66
N LEU RA 194 -17.30 -111.35 58.06
CA LEU RA 194 -18.48 -111.00 57.30
C LEU RA 194 -18.18 -109.80 56.43
N TYR RA 195 -18.70 -109.80 55.21
CA TYR RA 195 -18.49 -108.73 54.25
C TYR RA 195 -19.82 -108.08 53.92
N VAL RA 196 -19.88 -106.76 53.99
CA VAL RA 196 -21.07 -106.01 53.65
C VAL RA 196 -20.78 -105.37 52.29
N ALA RA 197 -21.61 -105.63 51.30
CA ALA RA 197 -21.31 -105.19 49.95
C ALA RA 197 -22.21 -104.01 49.62
N ALA RA 198 -21.66 -102.80 49.75
CA ALA RA 198 -22.40 -101.64 49.30
C ALA RA 198 -22.24 -101.46 47.79
N GLN RA 199 -22.81 -100.38 47.25
CA GLN RA 199 -22.70 -100.15 45.82
C GLN RA 199 -22.34 -98.72 45.44
N ASN RA 200 -22.21 -97.82 46.40
CA ASN RA 200 -21.69 -96.49 46.13
C ASN RA 200 -21.01 -95.97 47.39
N GLU RA 201 -20.55 -94.71 47.35
CA GLU RA 201 -19.82 -94.19 48.49
C GLU RA 201 -20.71 -93.71 49.61
N ARG RA 202 -21.96 -93.37 49.32
CA ARG RA 202 -22.83 -92.90 50.39
C ARG RA 202 -23.27 -94.08 51.23
N ASP RA 203 -23.55 -95.22 50.59
CA ASP RA 203 -23.88 -96.40 51.37
C ASP RA 203 -22.63 -97.02 51.98
N THR RA 204 -21.46 -96.68 51.45
CA THR RA 204 -20.25 -97.20 52.05
C THR RA 204 -19.96 -96.47 53.36
N LEU RA 205 -20.10 -95.14 53.37
CA LEU RA 205 -19.90 -94.43 54.63
C LEU RA 205 -21.05 -94.66 55.61
N TRP RA 206 -22.22 -95.04 55.10
CA TRP RA 206 -23.33 -95.39 55.98
C TRP RA 206 -23.08 -96.70 56.68
N ALA RA 207 -22.44 -97.64 56.00
CA ALA RA 207 -22.19 -98.93 56.63
C ALA RA 207 -20.88 -98.95 57.37
N ARG RA 208 -19.93 -98.08 57.02
CA ARG RA 208 -18.70 -98.01 57.79
C ARG RA 208 -18.86 -97.23 59.08
N GLN RA 209 -19.92 -96.42 59.20
CA GLN RA 209 -20.12 -95.73 60.48
C GLN RA 209 -20.61 -96.71 61.54
N VAL RA 210 -21.35 -97.73 61.14
CA VAL RA 210 -21.85 -98.72 62.09
C VAL RA 210 -20.69 -99.54 62.65
N LEU RA 211 -19.83 -100.05 61.78
CA LEU RA 211 -18.73 -100.87 62.26
C LEU RA 211 -17.64 -100.04 62.92
N ALA RA 212 -17.63 -98.72 62.68
CA ALA RA 212 -16.62 -97.89 63.31
C ALA RA 212 -17.03 -97.43 64.69
N ARG RA 213 -18.32 -97.22 64.93
CA ARG RA 213 -18.73 -96.82 66.27
C ARG RA 213 -18.78 -97.99 67.24
N GLY RA 214 -18.73 -99.23 66.75
CA GLY RA 214 -18.44 -100.36 67.60
C GLY RA 214 -19.63 -101.15 68.10
N ASP RA 215 -20.79 -101.08 67.44
CA ASP RA 215 -21.92 -101.91 67.86
C ASP RA 215 -21.98 -103.22 67.07
N TYR RA 216 -20.86 -103.93 67.02
CA TYR RA 216 -20.81 -105.29 66.50
C TYR RA 216 -19.57 -105.97 67.08
N ASP RA 217 -19.76 -107.18 67.60
CA ASP RA 217 -18.70 -107.82 68.37
C ASP RA 217 -17.65 -108.47 67.49
N LYS RA 218 -18.06 -109.18 66.43
CA LYS RA 218 -17.13 -109.92 65.61
C LYS RA 218 -16.55 -109.02 64.53
N ASN RA 219 -15.82 -109.61 63.58
CA ASN RA 219 -15.16 -108.85 62.54
C ASN RA 219 -16.07 -108.69 61.32
N ALA RA 220 -15.94 -107.54 60.66
CA ALA RA 220 -16.74 -107.24 59.49
C ALA RA 220 -16.00 -106.20 58.66
N ARG RA 221 -16.20 -106.26 57.35
CA ARG RA 221 -15.60 -105.30 56.43
C ARG RA 221 -16.66 -104.83 55.45
N VAL RA 222 -16.42 -103.66 54.86
CA VAL RA 222 -17.33 -103.08 53.88
C VAL RA 222 -16.64 -103.05 52.53
N ILE RA 223 -17.11 -103.86 51.59
CA ILE RA 223 -16.55 -103.87 50.26
C ILE RA 223 -17.41 -103.02 49.33
N ASN RA 224 -16.82 -102.69 48.20
CA ASN RA 224 -17.37 -101.76 47.22
C ASN RA 224 -17.04 -102.26 45.83
N GLU RA 225 -17.69 -101.65 44.83
CA GLU RA 225 -17.40 -101.99 43.45
C GLU RA 225 -16.04 -101.45 43.01
N ASN RA 226 -15.72 -100.20 43.38
CA ASN RA 226 -14.51 -99.54 42.91
C ASN RA 226 -13.29 -99.87 43.76
N GLU RA 227 -13.42 -99.83 45.08
CA GLU RA 227 -12.25 -100.00 45.93
C GLU RA 227 -11.79 -101.44 45.99
N GLU RA 228 -12.59 -102.39 45.54
CA GLU RA 228 -12.12 -103.74 45.29
C GLU RA 228 -11.55 -103.91 43.89
N ASN RA 229 -11.89 -103.01 42.98
CA ASN RA 229 -11.33 -103.03 41.64
C ASN RA 229 -9.98 -102.35 41.57
N LYS RA 230 -9.70 -101.42 42.47
CA LYS RA 230 -8.38 -100.80 42.56
C LYS RA 230 -7.45 -101.49 43.53
N ARG RA 231 -7.87 -102.58 44.16
CA ARG RA 231 -7.02 -103.31 45.09
C ARG RA 231 -6.40 -104.55 44.47
N ILE RA 232 -7.15 -105.25 43.63
CA ILE RA 232 -6.59 -106.39 42.91
C ILE RA 232 -6.00 -105.92 41.60
N SER RA 233 -5.89 -104.61 41.42
CA SER RA 233 -5.05 -104.06 40.36
C SER RA 233 -3.74 -103.50 40.90
N ILE RA 234 -3.68 -103.25 42.22
CA ILE RA 234 -2.42 -103.01 42.89
C ILE RA 234 -1.68 -104.32 43.09
N TRP RA 235 -2.41 -105.38 43.46
CA TRP RA 235 -1.79 -106.68 43.59
C TRP RA 235 -1.39 -107.26 42.25
N LEU RA 236 -2.08 -106.90 41.17
CA LEU RA 236 -1.86 -107.56 39.90
C LEU RA 236 -0.59 -107.10 39.19
N ASP RA 237 -0.22 -105.83 39.33
CA ASP RA 237 0.95 -105.31 38.63
C ASP RA 237 2.23 -105.41 39.45
N THR RA 238 2.29 -106.39 40.35
CA THR RA 238 3.52 -106.77 41.04
C THR RA 238 3.84 -108.23 40.77
N TYR RA 239 2.86 -109.11 40.86
CA TYR RA 239 3.09 -110.53 40.60
C TYR RA 239 2.80 -110.90 39.16
N TYR RA 240 1.92 -110.17 38.47
CA TYR RA 240 1.61 -110.42 37.05
C TYR RA 240 1.75 -109.13 36.24
N PRO RA 241 2.96 -108.66 36.00
CA PRO RA 241 3.13 -107.47 35.16
C PRO RA 241 2.95 -107.83 33.69
N GLN RA 242 2.85 -106.78 32.86
CA GLN RA 242 2.60 -106.87 31.42
C GLN RA 242 1.34 -107.67 31.08
N LEU RA 243 0.26 -107.38 31.79
CA LEU RA 243 -1.02 -108.03 31.54
C LEU RA 243 -1.97 -107.02 30.91
N ALA RA 244 -2.84 -107.50 30.03
CA ALA RA 244 -3.81 -106.66 29.34
C ALA RA 244 -5.20 -107.10 29.77
N TYR RA 245 -5.87 -106.27 30.57
CA TYR RA 245 -7.20 -106.58 31.08
C TYR RA 245 -8.00 -105.29 31.16
N TYR RA 246 -9.30 -105.42 31.39
CA TYR RA 246 -10.19 -104.27 31.40
C TYR RA 246 -10.80 -103.99 32.77
N ARG RA 247 -11.54 -104.92 33.34
CA ARG RA 247 -12.32 -104.68 34.56
C ARG RA 247 -12.48 -106.00 35.30
N ILE RA 248 -13.09 -105.91 36.49
CA ILE RA 248 -13.62 -107.06 37.22
C ILE RA 248 -15.06 -106.72 37.56
N HIS RA 249 -16.00 -107.49 37.05
CA HIS RA 249 -17.42 -107.17 37.16
C HIS RA 249 -18.05 -107.92 38.32
N PHE RA 250 -18.72 -107.18 39.20
CA PHE RA 250 -19.27 -107.70 40.45
C PHE RA 250 -20.78 -107.62 40.48
N ASP RA 251 -21.44 -108.00 39.38
CA ASP RA 251 -22.90 -108.00 39.37
C ASP RA 251 -23.47 -109.12 40.24
N GLU RA 252 -22.81 -110.26 40.26
CA GLU RA 252 -23.10 -111.32 41.24
C GLU RA 252 -21.84 -111.53 42.07
N PRO RA 253 -21.82 -111.07 43.33
CA PRO RA 253 -20.56 -111.01 44.08
C PRO RA 253 -20.00 -112.36 44.51
N ARG RA 254 -20.75 -113.44 44.41
CA ARG RA 254 -20.19 -114.75 44.69
C ARG RA 254 -19.54 -115.39 43.48
N LYS RA 255 -19.54 -114.71 42.33
CA LYS RA 255 -18.90 -115.21 41.13
C LYS RA 255 -18.59 -114.02 40.24
N PRO RA 256 -17.44 -113.36 40.42
CA PRO RA 256 -17.11 -112.22 39.57
C PRO RA 256 -16.60 -112.65 38.22
N VAL RA 257 -16.71 -111.73 37.27
CA VAL RA 257 -16.27 -111.92 35.89
C VAL RA 257 -15.04 -111.06 35.66
N PHE RA 258 -13.99 -111.66 35.14
CA PHE RA 258 -12.72 -111.01 34.89
C PHE RA 258 -12.57 -110.85 33.38
N TRP RA 259 -12.76 -109.63 32.90
CA TRP RA 259 -12.74 -109.36 31.46
C TRP RA 259 -11.29 -109.19 31.02
N LEU RA 260 -10.72 -110.25 30.47
CA LEU RA 260 -9.35 -110.25 29.99
C LEU RA 260 -9.33 -109.96 28.50
N SER RA 261 -8.17 -109.60 28.00
CA SER RA 261 -8.03 -109.35 26.57
C SER RA 261 -7.67 -110.64 25.87
N ARG RA 262 -7.83 -110.64 24.55
CA ARG RA 262 -7.61 -111.81 23.71
C ARG RA 262 -6.42 -111.63 22.77
N GLN RA 263 -6.33 -110.49 22.12
CA GLN RA 263 -5.33 -110.27 21.09
C GLN RA 263 -4.05 -109.66 21.62
N ARG RA 264 -3.88 -109.60 22.94
CA ARG RA 264 -2.71 -108.94 23.50
C ARG RA 264 -1.95 -109.77 24.51
N ASN RA 265 -2.35 -111.02 24.78
CA ASN RA 265 -1.58 -111.88 25.67
C ASN RA 265 -1.73 -113.33 25.23
N THR RA 266 -0.68 -114.12 25.44
CA THR RA 266 -0.62 -115.48 24.93
C THR RA 266 -0.47 -116.50 26.05
N MET RA 267 -1.24 -116.36 27.12
CA MET RA 267 -1.24 -117.37 28.17
C MET RA 267 -1.98 -118.62 27.70
N SER RA 268 -1.55 -119.78 28.19
CA SER RA 268 -2.19 -121.03 27.82
C SER RA 268 -3.33 -121.35 28.79
N LYS RA 269 -3.90 -122.54 28.63
CA LYS RA 269 -5.04 -122.94 29.44
C LYS RA 269 -4.63 -123.30 30.85
N LYS RA 270 -3.35 -123.61 31.07
CA LYS RA 270 -2.94 -123.92 32.44
C LYS RA 270 -2.66 -122.64 33.20
N GLU RA 271 -2.05 -121.66 32.53
CA GLU RA 271 -1.79 -120.40 33.22
C GLU RA 271 -3.06 -119.60 33.43
N LEU RA 272 -4.12 -119.85 32.64
CA LEU RA 272 -5.37 -119.19 32.98
C LEU RA 272 -6.07 -119.88 34.15
N GLU RA 273 -5.74 -121.13 34.44
CA GLU RA 273 -6.29 -121.75 35.63
C GLU RA 273 -5.51 -121.35 36.87
N VAL RA 274 -4.20 -121.10 36.70
CA VAL RA 274 -3.42 -120.64 37.83
C VAL RA 274 -3.82 -119.20 38.17
N LEU RA 275 -4.11 -118.39 37.15
CA LEU RA 275 -4.58 -117.04 37.42
C LEU RA 275 -5.98 -117.06 38.01
N SER RA 276 -6.81 -118.04 37.64
CA SER RA 276 -8.14 -118.11 38.21
C SER RA 276 -8.15 -118.71 39.62
N GLN RA 277 -7.03 -119.27 40.07
CA GLN RA 277 -6.95 -119.70 41.46
C GLN RA 277 -6.29 -118.67 42.35
N LYS RA 278 -5.31 -117.94 41.81
CA LYS RA 278 -4.69 -116.87 42.57
C LYS RA 278 -5.59 -115.65 42.68
N LEU RA 279 -6.58 -115.51 41.79
CA LEU RA 279 -7.52 -114.42 41.97
C LEU RA 279 -8.64 -114.80 42.92
N ARG RA 280 -8.95 -116.11 43.00
CA ARG RA 280 -9.93 -116.59 43.96
C ARG RA 280 -9.39 -116.50 45.38
N ALA RA 281 -8.09 -116.71 45.55
CA ALA RA 281 -7.51 -116.65 46.91
C ALA RA 281 -7.42 -115.24 47.47
N LEU RA 282 -7.55 -114.20 46.65
CA LEU RA 282 -7.60 -112.84 47.16
C LEU RA 282 -8.97 -112.41 47.66
N MET RA 283 -10.04 -113.02 47.14
CA MET RA 283 -11.40 -112.66 47.51
C MET RA 283 -12.06 -113.79 48.28
N PRO RA 284 -12.11 -113.72 49.60
CA PRO RA 284 -12.64 -114.84 50.39
C PRO RA 284 -14.15 -115.00 50.33
N TYR RA 285 -14.87 -114.08 49.71
CA TYR RA 285 -16.32 -114.21 49.55
C TYR RA 285 -16.70 -114.83 48.22
N ALA RA 286 -15.76 -115.02 47.31
CA ALA RA 286 -16.03 -115.52 45.98
C ALA RA 286 -15.82 -117.03 45.92
N ASP RA 287 -16.76 -117.72 45.28
CA ASP RA 287 -16.63 -119.16 45.11
C ASP RA 287 -15.65 -119.49 43.99
N SER RA 288 -15.77 -118.79 42.86
CA SER RA 288 -14.86 -118.97 41.75
C SER RA 288 -14.83 -117.69 40.96
N VAL RA 289 -13.80 -117.55 40.13
CA VAL RA 289 -13.63 -116.39 39.26
C VAL RA 289 -13.80 -116.84 37.82
N ASN RA 290 -14.65 -116.14 37.07
CA ASN RA 290 -14.93 -116.51 35.68
C ASN RA 290 -14.12 -115.59 34.79
N ILE RA 291 -12.99 -116.09 34.30
CA ILE RA 291 -12.13 -115.33 33.41
C ILE RA 291 -12.63 -115.49 31.99
N THR RA 292 -13.02 -114.39 31.36
CA THR RA 292 -13.50 -114.43 29.98
C THR RA 292 -12.60 -113.56 29.12
N LEU RA 293 -12.16 -114.10 27.99
CA LEU RA 293 -11.37 -113.35 27.04
C LEU RA 293 -12.31 -112.61 26.09
N MET RA 294 -11.90 -111.42 25.69
CA MET RA 294 -12.78 -110.59 24.87
C MET RA 294 -12.01 -109.95 23.74
N ASP RA 295 -12.72 -109.69 22.65
CA ASP RA 295 -12.11 -109.12 21.47
C ASP RA 295 -11.68 -107.68 21.73
N ASP RA 296 -10.72 -107.23 20.94
CA ASP RA 296 -10.09 -105.93 21.10
C ASP RA 296 -10.51 -104.91 20.06
N VAL RA 297 -11.18 -105.35 18.99
CA VAL RA 297 -11.66 -104.43 17.98
C VAL RA 297 -12.97 -103.79 18.40
N THR RA 298 -13.86 -104.57 19.01
CA THR RA 298 -15.15 -104.03 19.44
C THR RA 298 -15.04 -103.12 20.65
N ALA RA 299 -13.91 -103.15 21.37
CA ALA RA 299 -13.70 -102.22 22.47
C ALA RA 299 -13.49 -100.80 21.98
N ALA RA 300 -12.94 -100.64 20.77
CA ALA RA 300 -12.77 -99.33 20.19
C ALA RA 300 -13.88 -98.99 19.21
N GLY RA 301 -14.52 -100.01 18.64
CA GLY RA 301 -15.65 -99.75 17.77
C GLY RA 301 -16.86 -99.28 18.55
N GLN RA 302 -17.04 -99.78 19.77
CA GLN RA 302 -18.15 -99.30 20.58
C GLN RA 302 -17.88 -97.92 21.15
N ALA RA 303 -16.62 -97.50 21.21
CA ALA RA 303 -16.28 -96.16 21.66
C ALA RA 303 -16.31 -95.15 20.53
N GLU RA 304 -16.19 -95.60 19.29
CA GLU RA 304 -16.28 -94.67 18.17
C GLU RA 304 -17.69 -94.56 17.61
N ALA RA 305 -18.43 -95.67 17.57
CA ALA RA 305 -19.80 -95.63 17.08
C ALA RA 305 -20.73 -94.94 18.05
N GLY RA 306 -20.37 -94.85 19.32
CA GLY RA 306 -21.15 -94.10 20.27
C GLY RA 306 -20.76 -92.64 20.32
N LEU RA 307 -19.58 -92.33 19.81
CA LEU RA 307 -19.12 -90.95 19.76
C LEU RA 307 -19.51 -90.27 18.47
N LYS RA 308 -19.69 -91.04 17.39
CA LYS RA 308 -20.22 -90.46 16.16
C LYS RA 308 -21.70 -90.17 16.27
N GLN RA 309 -22.40 -90.88 17.16
CA GLN RA 309 -23.84 -90.72 17.29
C GLN RA 309 -24.19 -89.41 17.98
N GLN RA 310 -23.37 -88.96 18.92
CA GLN RA 310 -23.66 -87.74 19.67
C GLN RA 310 -23.22 -86.48 18.96
N ALA RA 311 -22.81 -86.57 17.69
CA ALA RA 311 -22.45 -85.44 16.83
C ALA RA 311 -21.33 -84.59 17.42
N LEU RA 312 -20.31 -85.24 17.94
CA LEU RA 312 -19.18 -84.57 18.57
C LEU RA 312 -17.97 -84.59 17.66
N PRO RA 313 -17.20 -83.50 17.61
CA PRO RA 313 -15.95 -83.53 16.84
C PRO RA 313 -14.89 -84.28 17.62
N TYR RA 314 -14.16 -85.15 16.94
CA TYR RA 314 -13.17 -85.95 17.62
C TYR RA 314 -12.00 -86.21 16.69
N SER RA 315 -11.00 -86.91 17.23
CA SER RA 315 -9.79 -87.21 16.46
C SER RA 315 -9.16 -88.46 17.05
N ARG RA 316 -9.22 -89.57 16.31
CA ARG RA 316 -8.71 -90.84 16.77
C ARG RA 316 -7.20 -90.93 16.60
N ARG RA 317 -6.52 -91.44 17.63
CA ARG RA 317 -5.08 -91.64 17.63
C ARG RA 317 -4.79 -93.09 18.01
N ASN RA 318 -4.71 -93.95 17.00
CA ASN RA 318 -4.37 -95.34 17.22
C ASN RA 318 -2.88 -95.45 17.46
N HIS RA 319 -2.50 -96.23 18.48
CA HIS RA 319 -1.11 -96.63 18.65
C HIS RA 319 -1.09 -97.99 19.31
N LYS RA 320 0.12 -98.51 19.53
CA LYS RA 320 0.32 -99.88 19.98
C LYS RA 320 -0.04 -100.00 21.46
N GLY RA 321 -1.14 -100.70 21.74
CA GLY RA 321 -1.54 -100.99 23.11
C GLY RA 321 -2.40 -99.92 23.75
N GLY RA 322 -3.30 -99.33 23.00
CA GLY RA 322 -4.24 -98.36 23.52
C GLY RA 322 -4.56 -97.34 22.45
N VAL RA 323 -5.78 -96.80 22.50
CA VAL RA 323 -6.16 -95.74 21.58
C VAL RA 323 -6.53 -94.48 22.36
N THR RA 324 -6.67 -93.38 21.63
CA THR RA 324 -6.91 -92.11 22.30
C THR RA 324 -7.76 -91.22 21.42
N PHE RA 325 -8.90 -90.78 21.96
CA PHE RA 325 -9.79 -89.86 21.27
C PHE RA 325 -9.64 -88.47 21.85
N VAL RA 326 -9.44 -87.49 20.98
CA VAL RA 326 -9.22 -86.10 21.39
C VAL RA 326 -10.37 -85.27 20.87
N ILE RA 327 -11.11 -84.64 21.78
CA ILE RA 327 -12.23 -83.76 21.47
C ILE RA 327 -11.80 -82.33 21.71
N GLN RA 328 -11.76 -81.53 20.64
CA GLN RA 328 -11.31 -80.16 20.71
C GLN RA 328 -12.35 -79.22 20.12
N GLY RA 329 -12.18 -77.94 20.37
CA GLY RA 329 -13.02 -76.90 19.83
C GLY RA 329 -13.67 -76.07 20.92
N ALA RA 330 -14.53 -75.14 20.48
CA ALA RA 330 -15.30 -74.32 21.39
C ALA RA 330 -16.71 -74.93 21.48
N LEU RA 331 -16.84 -75.97 22.30
CA LEU RA 331 -18.11 -76.65 22.45
C LEU RA 331 -19.07 -75.84 23.31
N ASP RA 332 -20.36 -75.97 23.02
CA ASP RA 332 -21.37 -75.29 23.81
C ASP RA 332 -21.84 -76.18 24.97
N ASP RA 333 -22.92 -75.76 25.63
CA ASP RA 333 -23.36 -76.42 26.84
C ASP RA 333 -24.08 -77.73 26.57
N VAL RA 334 -24.69 -77.89 25.41
CA VAL RA 334 -25.34 -79.16 25.11
C VAL RA 334 -24.28 -80.20 24.82
N GLU RA 335 -23.20 -79.79 24.16
CA GLU RA 335 -22.20 -80.74 23.70
C GLU RA 335 -21.30 -81.16 24.84
N ILE RA 336 -21.06 -80.27 25.82
CA ILE RA 336 -20.22 -80.70 26.94
C ILE RA 336 -21.02 -81.45 27.99
N LEU RA 337 -22.33 -81.59 27.82
CA LEU RA 337 -23.11 -82.46 28.67
C LEU RA 337 -23.38 -83.80 28.02
N ARG RA 338 -23.45 -83.82 26.69
CA ARG RA 338 -23.54 -85.08 25.98
C ARG RA 338 -22.21 -85.80 25.92
N ALA RA 339 -21.10 -85.09 26.08
CA ALA RA 339 -19.83 -85.80 26.10
C ALA RA 339 -19.60 -86.42 27.46
N ARG RA 340 -19.97 -85.72 28.53
CA ARG RA 340 -19.76 -86.22 29.87
C ARG RA 340 -20.68 -87.39 30.19
N GLN RA 341 -21.90 -87.40 29.65
CA GLN RA 341 -22.75 -88.54 29.95
C GLN RA 341 -22.32 -89.79 29.20
N PHE RA 342 -21.63 -89.63 28.08
CA PHE RA 342 -21.18 -90.78 27.34
C PHE RA 342 -19.88 -91.32 27.90
N VAL RA 343 -18.99 -90.43 28.34
CA VAL RA 343 -17.74 -90.90 28.93
C VAL RA 343 -18.04 -91.59 30.25
N ASP RA 344 -18.95 -91.02 31.05
CA ASP RA 344 -19.30 -91.66 32.32
C ASP RA 344 -20.05 -92.97 32.11
N SER RA 345 -20.84 -93.09 31.03
CA SER RA 345 -21.51 -94.34 30.77
C SER RA 345 -20.64 -95.37 30.07
N TYR RA 346 -19.45 -94.99 29.61
CA TYR RA 346 -18.53 -95.93 28.99
C TYR RA 346 -17.43 -96.41 29.92
N TYR RA 347 -17.02 -95.56 30.88
CA TYR RA 347 -16.03 -95.97 31.86
C TYR RA 347 -16.58 -97.01 32.82
N ARG RA 348 -17.90 -97.05 33.02
CA ARG RA 348 -18.48 -98.04 33.91
C ARG RA 348 -18.34 -99.44 33.33
N THR RA 349 -18.49 -99.56 32.01
CA THR RA 349 -18.45 -100.88 31.40
C THR RA 349 -17.02 -101.31 31.12
N TRP RA 350 -16.23 -100.46 30.46
CA TRP RA 350 -14.94 -100.93 29.99
C TRP RA 350 -13.76 -100.49 30.85
N GLY RA 351 -13.81 -99.34 31.49
CA GLY RA 351 -12.68 -98.84 32.25
C GLY RA 351 -11.66 -98.13 31.38
N GLY RA 352 -10.80 -97.37 32.02
CA GLY RA 352 -9.81 -96.57 31.32
C GLY RA 352 -8.47 -97.24 31.12
N ARG RA 353 -8.46 -98.50 30.71
CA ARG RA 353 -7.23 -99.23 30.50
C ARG RA 353 -6.76 -99.24 29.05
N TYR RA 354 -7.67 -99.36 28.10
CA TYR RA 354 -7.34 -99.43 26.67
C TYR RA 354 -7.57 -98.11 25.95
N VAL RA 355 -8.78 -97.58 26.03
CA VAL RA 355 -9.20 -96.41 25.27
C VAL RA 355 -9.32 -95.22 26.21
N GLN RA 356 -8.69 -94.11 25.85
CA GLN RA 356 -8.64 -92.93 26.69
C GLN RA 356 -9.29 -91.75 25.98
N PHE RA 357 -10.16 -91.02 26.67
CA PHE RA 357 -10.79 -89.83 26.14
C PHE RA 357 -10.09 -88.59 26.67
N ALA RA 358 -10.14 -87.51 25.88
CA ALA RA 358 -9.46 -86.27 26.26
C ALA RA 358 -10.26 -85.10 25.71
N ILE RA 359 -11.04 -84.46 26.57
CA ILE RA 359 -11.85 -83.31 26.20
C ILE RA 359 -11.09 -82.06 26.61
N GLU RA 360 -10.66 -81.27 25.65
CA GLU RA 360 -10.11 -79.97 25.95
C GLU RA 360 -10.82 -78.93 25.10
N LEU RA 361 -11.17 -77.81 25.71
CA LEU RA 361 -11.95 -76.79 25.03
C LEU RA 361 -11.19 -75.48 25.05
N LYS RA 362 -11.31 -74.73 23.95
CA LYS RA 362 -10.56 -73.51 23.77
C LYS RA 362 -11.39 -72.54 22.96
N ASP RA 363 -11.07 -71.26 23.09
CA ASP RA 363 -11.82 -70.21 22.41
C ASP RA 363 -11.50 -70.18 20.93
N ASP RA 364 -12.49 -69.76 20.14
CA ASP RA 364 -12.33 -69.73 18.69
C ASP RA 364 -11.66 -68.44 18.23
N TRP RA 365 -10.62 -68.58 17.41
CA TRP RA 365 -9.93 -67.40 16.92
C TRP RA 365 -10.72 -66.68 15.84
N LEU RA 366 -11.52 -67.41 15.08
CA LEU RA 366 -12.25 -66.85 13.94
C LEU RA 366 -13.74 -66.76 14.27
N LYS RA 367 -14.13 -65.64 14.86
CA LYS RA 367 -15.53 -65.31 15.07
C LYS RA 367 -15.96 -64.19 14.12
N GLY RA 368 -15.30 -63.05 14.17
CA GLY RA 368 -15.54 -61.95 13.26
C GLY RA 368 -14.50 -61.80 12.18
N ARG RA 369 -13.61 -62.76 12.02
CA ARG RA 369 -12.52 -62.69 11.06
C ARG RA 369 -12.90 -63.34 9.73
N SER RA 370 -12.26 -62.88 8.67
CA SER RA 370 -12.39 -63.48 7.34
C SER RA 370 -11.19 -64.34 7.05
N PHE RA 371 -11.43 -65.50 6.44
CA PHE RA 371 -10.36 -66.46 6.25
C PHE RA 371 -10.55 -67.27 4.98
N GLN RA 372 -9.48 -67.90 4.55
CA GLN RA 372 -9.50 -68.79 3.40
C GLN RA 372 -9.12 -70.17 3.89
N TYR RA 373 -9.90 -71.18 3.51
CA TYR RA 373 -9.64 -72.54 3.90
C TYR RA 373 -9.40 -73.41 2.67
N GLY RA 374 -8.81 -74.57 2.90
CA GLY RA 374 -8.47 -75.45 1.79
C GLY RA 374 -7.02 -75.85 1.84
N ALA RA 375 -6.34 -75.78 0.69
CA ALA RA 375 -4.93 -76.11 0.64
C ALA RA 375 -4.09 -74.98 1.23
N GLU RA 376 -4.18 -73.80 0.62
CA GLU RA 376 -3.49 -72.61 1.10
C GLU RA 376 -4.48 -71.82 1.95
N GLY RA 377 -4.38 -71.97 3.27
CA GLY RA 377 -5.32 -71.38 4.20
C GLY RA 377 -4.65 -70.27 4.99
N TYR RA 378 -5.41 -69.20 5.25
CA TYR RA 378 -4.89 -68.12 6.08
C TYR RA 378 -6.04 -67.40 6.74
N ILE RA 379 -5.73 -66.65 7.79
CA ILE RA 379 -6.72 -65.91 8.57
C ILE RA 379 -6.36 -64.43 8.53
N LYS RA 380 -7.35 -63.58 8.26
CA LYS RA 380 -7.16 -62.15 8.18
C LYS RA 380 -7.55 -61.54 9.50
N MET RA 381 -6.55 -61.11 10.28
CA MET RA 381 -6.85 -60.56 11.60
C MET RA 381 -7.18 -59.08 11.59
N SER RA 382 -7.07 -58.45 10.45
CA SER RA 382 -7.26 -57.01 10.26
C SER RA 382 -7.37 -56.87 8.75
N PRO RA 383 -7.78 -55.73 8.22
CA PRO RA 383 -7.65 -55.52 6.76
C PRO RA 383 -6.22 -55.59 6.27
N GLY RA 384 -5.23 -55.34 7.12
CA GLY RA 384 -3.84 -55.42 6.72
C GLY RA 384 -3.02 -56.39 7.54
N HIS RA 385 -3.56 -57.57 7.88
CA HIS RA 385 -2.84 -58.51 8.72
C HIS RA 385 -3.20 -59.92 8.28
N TRP RA 386 -2.18 -60.71 7.97
CA TRP RA 386 -2.32 -62.11 7.59
C TRP RA 386 -1.72 -63.02 8.65
N TYR RA 387 -2.34 -64.18 8.84
CA TYR RA 387 -1.85 -65.20 9.75
C TYR RA 387 -1.82 -66.51 8.99
N PHE RA 388 -0.66 -67.14 8.91
CA PHE RA 388 -0.49 -68.39 8.19
C PHE RA 388 -0.27 -69.49 9.21
N PRO RA 389 -1.28 -70.28 9.55
CA PRO RA 389 -1.10 -71.32 10.57
C PRO RA 389 -0.34 -72.52 10.02
N SER RA 390 0.56 -73.02 10.83
CA SER RA 390 1.30 -74.19 10.43
C SER RA 390 0.44 -75.44 10.59
N PRO RA 391 0.45 -76.36 9.61
CA PRO RA 391 -0.37 -77.57 9.68
C PRO RA 391 0.15 -78.58 10.72
N ALA SA 171 -1.97 -106.49 78.17
CA ALA SA 171 -2.76 -106.03 77.05
C ALA SA 171 -2.03 -106.28 75.73
N GLU SA 172 -2.70 -106.96 74.81
CA GLU SA 172 -2.10 -107.27 73.53
C GLU SA 172 -2.06 -106.05 72.61
N LEU SA 173 -1.09 -106.06 71.70
CA LEU SA 173 -0.91 -104.93 70.80
C LEU SA 173 -2.02 -104.85 69.77
N ASP SA 174 -2.65 -106.00 69.45
CA ASP SA 174 -3.74 -105.98 68.48
C ASP SA 174 -4.96 -105.29 69.05
N SER SA 175 -5.11 -105.27 70.37
CA SER SA 175 -6.23 -104.57 71.00
C SER SA 175 -5.84 -103.17 71.42
N LEU SA 176 -4.55 -102.86 71.52
CA LEU SA 176 -4.16 -101.52 71.90
C LEU SA 176 -4.31 -100.52 70.76
N LEU SA 177 -4.45 -101.00 69.53
CA LEU SA 177 -4.70 -100.13 68.38
C LEU SA 177 -6.20 -99.86 68.29
N GLY SA 178 -6.63 -99.33 67.14
CA GLY SA 178 -8.00 -98.89 67.00
C GLY SA 178 -9.01 -100.02 66.89
N GLN SA 179 -10.25 -99.63 66.59
CA GLN SA 179 -11.33 -100.60 66.47
C GLN SA 179 -11.18 -101.45 65.23
N GLU SA 180 -10.82 -100.84 64.11
CA GLU SA 180 -10.63 -101.55 62.85
C GLU SA 180 -9.38 -102.40 62.95
N LYS SA 181 -9.55 -103.71 63.12
CA LYS SA 181 -8.39 -104.61 63.22
C LYS SA 181 -8.03 -105.18 61.85
N GLU SA 182 -7.92 -104.30 60.85
CA GLU SA 182 -7.44 -104.70 59.54
C GLU SA 182 -6.48 -103.72 58.89
N ARG SA 183 -6.45 -102.45 59.31
CA ARG SA 183 -5.58 -101.49 58.66
C ARG SA 183 -4.15 -101.56 59.14
N PHE SA 184 -3.85 -102.33 60.19
CA PHE SA 184 -2.50 -102.58 60.64
C PHE SA 184 -2.19 -104.07 60.56
N GLN SA 185 -0.94 -104.42 60.78
CA GLN SA 185 -0.60 -105.85 60.73
C GLN SA 185 0.61 -106.12 61.59
N VAL SA 186 0.50 -107.06 62.52
CA VAL SA 186 1.55 -107.33 63.48
C VAL SA 186 2.35 -108.56 63.07
N LEU SA 187 3.67 -108.38 62.90
CA LEU SA 187 4.59 -109.40 62.47
C LEU SA 187 5.55 -109.75 63.60
N PRO SA 188 5.56 -110.99 64.10
CA PRO SA 188 6.52 -111.37 65.14
C PRO SA 188 7.92 -111.45 64.55
N GLY SA 189 8.84 -110.64 65.07
CA GLY SA 189 10.17 -110.59 64.50
C GLY SA 189 11.04 -111.74 64.96
N ARG SA 190 12.24 -111.77 64.40
CA ARG SA 190 13.21 -112.82 64.70
C ARG SA 190 14.17 -112.39 65.79
N ASP SA 191 14.35 -111.09 66.01
CA ASP SA 191 15.29 -110.59 66.99
C ASP SA 191 14.57 -110.25 68.29
N LYS SA 192 13.51 -111.01 68.60
CA LYS SA 192 12.62 -110.82 69.75
C LYS SA 192 12.04 -109.41 69.77
N MET SA 193 11.27 -109.10 68.74
CA MET SA 193 10.62 -107.81 68.60
C MET SA 193 9.27 -108.01 67.94
N LEU SA 194 8.59 -106.91 67.63
CA LEU SA 194 7.23 -106.99 67.11
C LEU SA 194 6.99 -105.81 66.20
N TYR SA 195 6.92 -106.08 64.90
CA TYR SA 195 6.84 -105.04 63.89
C TYR SA 195 5.38 -104.81 63.52
N VAL SA 196 4.98 -103.56 63.43
CA VAL SA 196 3.63 -103.20 63.03
C VAL SA 196 3.74 -102.61 61.65
N ALA SA 197 2.98 -103.13 60.71
CA ALA SA 197 3.09 -102.75 59.31
C ALA SA 197 1.89 -101.89 59.02
N ALA SA 198 2.15 -100.58 58.84
CA ALA SA 198 1.13 -99.62 58.46
C ALA SA 198 1.05 -99.58 56.94
N GLN SA 199 0.28 -98.64 56.40
CA GLN SA 199 0.14 -98.54 54.95
C GLN SA 199 0.43 -97.16 54.38
N ASN SA 200 0.34 -96.09 55.17
CA ASN SA 200 0.72 -94.77 54.67
C ASN SA 200 1.23 -93.95 55.86
N GLU SA 201 1.36 -92.65 55.65
CA GLU SA 201 1.92 -91.79 56.68
C GLU SA 201 0.89 -91.30 57.66
N ARG SA 202 -0.39 -91.30 57.31
CA ARG SA 202 -1.40 -90.91 58.29
C ARG SA 202 -1.60 -92.04 59.29
N ASP SA 203 -1.56 -93.28 58.83
CA ASP SA 203 -1.67 -94.43 59.70
C ASP SA 203 -0.36 -94.80 60.37
N THR SA 204 0.77 -94.26 59.93
CA THR SA 204 2.02 -94.52 60.64
C THR SA 204 2.07 -93.77 61.96
N LEU SA 205 1.67 -92.50 61.98
CA LEU SA 205 1.66 -91.73 63.22
C LEU SA 205 0.56 -92.15 64.19
N TRP SA 206 -0.46 -92.87 63.71
CA TRP SA 206 -1.50 -93.37 64.59
C TRP SA 206 -0.98 -94.50 65.45
N ALA SA 207 -0.07 -95.31 64.94
CA ALA SA 207 0.47 -96.41 65.70
C ALA SA 207 1.84 -96.05 66.28
N ARG SA 208 2.43 -94.94 65.86
CA ARG SA 208 3.62 -94.47 66.54
C ARG SA 208 3.29 -93.69 67.80
N GLN SA 209 2.10 -93.09 67.89
CA GLN SA 209 1.72 -92.41 69.14
C GLN SA 209 1.46 -93.41 70.25
N VAL SA 210 0.97 -94.61 69.89
CA VAL SA 210 0.68 -95.64 70.88
C VAL SA 210 1.99 -96.12 71.49
N LEU SA 211 2.97 -96.42 70.65
CA LEU SA 211 4.21 -96.97 71.18
C LEU SA 211 5.08 -95.90 71.81
N ALA SA 212 4.87 -94.63 71.48
CA ALA SA 212 5.71 -93.59 72.05
C ALA SA 212 5.17 -93.01 73.33
N ARG SA 213 3.85 -93.08 73.57
CA ARG SA 213 3.37 -92.60 74.85
C ARG SA 213 3.44 -93.66 75.95
N GLY SA 214 3.83 -94.88 75.60
CA GLY SA 214 4.28 -95.84 76.60
C GLY SA 214 3.27 -96.84 77.10
N ASP SA 215 2.14 -97.02 76.42
CA ASP SA 215 1.18 -98.02 76.88
C ASP SA 215 1.39 -99.37 76.22
N TYR SA 216 2.63 -99.86 76.27
CA TYR SA 216 2.98 -101.21 75.88
C TYR SA 216 4.27 -101.59 76.59
N ASP SA 217 4.41 -102.86 76.92
CA ASP SA 217 5.49 -103.32 77.79
C ASP SA 217 6.74 -103.72 77.01
N LYS SA 218 6.60 -104.56 75.99
CA LYS SA 218 7.76 -105.10 75.31
C LYS SA 218 8.25 -104.12 74.24
N ASN SA 219 9.17 -104.57 73.39
CA ASN SA 219 9.74 -103.72 72.36
C ASN SA 219 8.97 -103.90 71.07
N ALA SA 220 8.65 -102.79 70.42
CA ALA SA 220 7.89 -102.82 69.18
C ALA SA 220 8.38 -101.71 68.26
N ARG SA 221 8.10 -101.88 66.96
CA ARG SA 221 8.50 -100.91 65.95
C ARG SA 221 7.38 -100.77 64.93
N VAL SA 222 7.29 -99.60 64.30
CA VAL SA 222 6.35 -99.36 63.22
C VAL SA 222 7.11 -99.25 61.90
N ILE SA 223 6.71 -100.05 60.91
CA ILE SA 223 7.35 -100.03 59.61
C ILE SA 223 6.33 -99.61 58.55
N ASN SA 224 6.88 -99.11 57.45
CA ASN SA 224 6.16 -98.60 56.30
C ASN SA 224 6.71 -99.28 55.05
N GLU SA 225 6.32 -98.81 53.86
CA GLU SA 225 6.94 -99.30 52.64
C GLU SA 225 7.92 -98.32 52.01
N ASN SA 226 7.68 -97.02 52.11
CA ASN SA 226 8.64 -96.07 51.58
C ASN SA 226 9.83 -95.89 52.50
N GLU SA 227 9.60 -95.91 53.81
CA GLU SA 227 10.70 -95.76 54.74
C GLU SA 227 11.55 -97.03 54.75
N GLU SA 228 10.91 -98.20 54.63
CA GLU SA 228 11.70 -99.42 54.57
C GLU SA 228 12.34 -99.62 53.22
N ASN SA 229 11.87 -98.92 52.18
CA ASN SA 229 12.57 -98.98 50.91
C ASN SA 229 13.77 -98.05 50.91
N LYS SA 230 13.69 -96.94 51.64
CA LYS SA 230 14.82 -96.05 51.78
C LYS SA 230 15.81 -96.48 52.85
N ARG SA 231 15.45 -97.44 53.70
CA ARG SA 231 16.37 -97.86 54.74
C ARG SA 231 17.36 -98.89 54.26
N ILE SA 232 16.94 -99.86 53.46
CA ILE SA 232 17.85 -100.86 52.90
C ILE SA 232 18.28 -100.51 51.49
N SER SA 233 18.20 -99.24 51.11
CA SER SA 233 18.91 -98.75 49.93
C SER SA 233 20.16 -97.98 50.32
N ILE SA 234 20.24 -97.52 51.57
CA ILE SA 234 21.49 -96.98 52.10
C ILE SA 234 22.51 -98.10 52.23
N TRP SA 235 22.06 -99.29 52.62
CA TRP SA 235 22.96 -100.42 52.79
C TRP SA 235 23.50 -100.93 51.46
N LEU SA 236 22.73 -100.76 50.38
CA LEU SA 236 23.17 -101.12 49.05
C LEU SA 236 23.96 -100.03 48.36
N ASP SA 237 24.28 -98.95 49.06
CA ASP SA 237 25.20 -97.96 48.55
C ASP SA 237 26.55 -98.09 49.21
N THR SA 238 26.69 -99.04 50.13
CA THR SA 238 27.93 -99.28 50.84
C THR SA 238 28.45 -100.68 50.61
N TYR SA 239 27.61 -101.70 50.76
CA TYR SA 239 28.11 -103.05 50.63
C TYR SA 239 27.98 -103.63 49.23
N TYR SA 240 27.07 -103.10 48.41
CA TYR SA 240 26.94 -103.53 47.02
C TYR SA 240 26.81 -102.31 46.13
N PRO SA 241 27.88 -101.55 45.93
CA PRO SA 241 27.79 -100.39 45.04
C PRO SA 241 27.79 -100.84 43.58
N GLN SA 242 27.37 -99.91 42.73
CA GLN SA 242 27.18 -100.13 41.28
C GLN SA 242 26.25 -101.30 41.02
N LEU SA 243 25.15 -101.36 41.78
CA LEU SA 243 24.12 -102.36 41.58
C LEU SA 243 22.94 -101.72 40.86
N ALA SA 244 22.30 -102.48 39.99
CA ALA SA 244 21.19 -102.00 39.18
C ALA SA 244 19.91 -102.70 39.64
N TYR SA 245 19.03 -101.94 40.30
CA TYR SA 245 17.78 -102.50 40.79
C TYR SA 245 16.70 -101.43 40.71
N TYR SA 246 15.45 -101.83 40.94
CA TYR SA 246 14.31 -100.94 40.79
C TYR SA 246 13.60 -100.65 42.09
N ARG SA 247 13.13 -101.67 42.81
CA ARG SA 247 12.17 -101.49 43.88
C ARG SA 247 12.12 -102.77 44.70
N ILE SA 248 11.76 -102.63 45.97
CA ILE SA 248 11.50 -103.78 46.85
C ILE SA 248 10.02 -103.76 47.23
N HIS SA 249 9.30 -104.81 46.86
CA HIS SA 249 7.85 -104.86 47.01
C HIS SA 249 7.45 -105.65 48.25
N PHE SA 250 6.53 -105.09 49.02
CA PHE SA 250 6.08 -105.69 50.27
C PHE SA 250 4.59 -105.97 50.25
N ASP SA 251 4.10 -106.59 49.17
CA ASP SA 251 2.68 -106.90 49.09
C ASP SA 251 2.27 -108.01 50.06
N GLU SA 252 3.20 -108.88 50.42
CA GLU SA 252 3.05 -109.73 51.59
C GLU SA 252 4.32 -109.55 52.40
N PRO SA 253 4.23 -109.09 53.65
CA PRO SA 253 5.43 -108.63 54.35
C PRO SA 253 6.33 -109.75 54.85
N ARG SA 254 5.95 -111.01 54.69
CA ARG SA 254 6.81 -112.11 55.09
C ARG SA 254 7.72 -112.58 53.96
N LYS SA 255 7.38 -112.29 52.71
CA LYS SA 255 8.22 -112.65 51.57
C LYS SA 255 8.30 -111.49 50.59
N PRO SA 256 9.26 -110.60 50.76
CA PRO SA 256 9.41 -109.50 49.80
C PRO SA 256 10.00 -109.99 48.48
N VAL SA 257 9.69 -109.24 47.43
CA VAL SA 257 10.13 -109.53 46.07
C VAL SA 257 11.09 -108.42 45.66
N PHE SA 258 12.31 -108.81 45.34
CA PHE SA 258 13.37 -107.89 44.98
C PHE SA 258 13.51 -107.88 43.47
N TRP SA 259 13.28 -106.72 42.86
CA TRP SA 259 13.33 -106.57 41.41
C TRP SA 259 14.72 -106.11 41.01
N LEU SA 260 15.47 -107.01 40.38
CA LEU SA 260 16.83 -106.72 39.96
C LEU SA 260 16.87 -106.58 38.45
N SER SA 261 17.81 -105.79 37.95
CA SER SA 261 17.88 -105.56 36.51
C SER SA 261 18.60 -106.71 35.84
N ARG SA 262 18.04 -107.15 34.70
CA ARG SA 262 18.56 -108.32 34.01
C ARG SA 262 19.68 -107.98 33.04
N GLN SA 263 19.57 -106.89 32.31
CA GLN SA 263 20.53 -106.54 31.29
C GLN SA 263 21.63 -105.63 31.79
N ARG SA 264 21.80 -105.49 33.10
CA ARG SA 264 22.86 -104.64 33.63
C ARG SA 264 23.57 -105.26 34.82
N ASN SA 265 23.45 -106.57 35.04
CA ASN SA 265 24.13 -107.20 36.14
C ASN SA 265 25.09 -108.26 35.62
N THR SA 266 26.05 -108.63 36.45
CA THR SA 266 27.05 -109.65 36.14
C THR SA 266 27.23 -110.58 37.33
N MET SA 267 26.14 -110.96 37.98
CA MET SA 267 26.20 -111.81 39.16
C MET SA 267 25.76 -113.22 38.82
N SER SA 268 26.45 -114.21 39.41
CA SER SA 268 26.13 -115.60 39.16
C SER SA 268 25.07 -116.11 40.13
N LYS SA 269 24.90 -117.43 40.14
CA LYS SA 269 23.90 -118.06 41.00
C LYS SA 269 24.32 -118.01 42.45
N LYS SA 270 25.62 -118.15 42.71
CA LYS SA 270 26.09 -118.15 44.09
C LYS SA 270 26.05 -116.73 44.65
N GLU SA 271 26.37 -115.74 43.82
CA GLU SA 271 26.36 -114.38 44.30
C GLU SA 271 24.94 -113.86 44.50
N LEU SA 272 23.95 -114.42 43.79
CA LEU SA 272 22.59 -114.01 44.11
C LEU SA 272 22.10 -114.68 45.39
N GLU SA 273 22.70 -115.80 45.76
CA GLU SA 273 22.29 -116.46 46.98
C GLU SA 273 22.91 -115.74 48.18
N VAL SA 274 24.17 -115.32 48.06
CA VAL SA 274 24.75 -114.61 49.19
C VAL SA 274 24.18 -113.19 49.29
N LEU SA 275 23.60 -112.66 48.20
CA LEU SA 275 22.86 -111.40 48.32
C LEU SA 275 21.53 -111.61 49.01
N SER SA 276 20.88 -112.75 48.78
CA SER SA 276 19.61 -113.01 49.45
C SER SA 276 19.83 -113.29 50.93
N GLN SA 277 20.92 -113.99 51.26
CA GLN SA 277 21.23 -114.24 52.66
C GLN SA 277 21.72 -113.00 53.39
N LYS SA 278 22.27 -112.01 52.68
CA LYS SA 278 22.64 -110.78 53.35
C LYS SA 278 21.49 -109.79 53.42
N LEU SA 279 20.51 -109.88 52.53
CA LEU SA 279 19.32 -109.05 52.65
C LEU SA 279 18.28 -109.62 53.60
N ARG SA 280 18.32 -110.92 53.87
CA ARG SA 280 17.38 -111.51 54.83
C ARG SA 280 17.68 -111.08 56.26
N ALA SA 281 18.96 -110.90 56.60
CA ALA SA 281 19.34 -110.52 57.95
C ALA SA 281 19.04 -109.06 58.26
N LEU SA 282 18.85 -108.22 57.26
CA LEU SA 282 18.47 -106.83 57.53
C LEU SA 282 17.01 -106.73 57.95
N MET SA 283 16.15 -107.60 57.44
CA MET SA 283 14.73 -107.57 57.74
C MET SA 283 14.36 -108.76 58.60
N PRO SA 284 14.24 -108.59 59.93
CA PRO SA 284 13.99 -109.74 60.80
C PRO SA 284 12.58 -110.28 60.75
N TYR SA 285 11.64 -109.58 60.12
CA TYR SA 285 10.28 -110.07 60.01
C TYR SA 285 10.06 -110.95 58.79
N ALA SA 286 11.00 -111.00 57.86
CA ALA SA 286 10.83 -111.73 56.63
C ALA SA 286 11.29 -113.17 56.80
N ASP SA 287 10.96 -114.00 55.80
CA ASP SA 287 11.35 -115.40 55.78
C ASP SA 287 12.38 -115.69 54.72
N SER SA 288 12.11 -115.32 53.47
CA SER SA 288 13.04 -115.54 52.38
C SER SA 288 12.79 -114.52 51.29
N VAL SA 289 13.77 -113.67 51.03
CA VAL SA 289 13.65 -112.66 50.00
C VAL SA 289 13.74 -113.32 48.64
N ASN SA 290 12.77 -113.05 47.77
CA ASN SA 290 12.71 -113.68 46.46
C ASN SA 290 13.19 -112.66 45.44
N ILE SA 291 14.29 -112.97 44.77
CA ILE SA 291 14.90 -112.08 43.79
C ILE SA 291 14.48 -112.53 42.40
N THR SA 292 13.84 -111.62 41.65
CA THR SA 292 13.50 -111.86 40.27
C THR SA 292 14.09 -110.76 39.39
N LEU SA 293 14.42 -111.14 38.16
CA LEU SA 293 15.13 -110.27 37.23
C LEU SA 293 14.12 -109.70 36.24
N MET SA 294 13.91 -108.40 36.31
CA MET SA 294 13.01 -107.71 35.41
C MET SA 294 13.76 -107.23 34.19
N ASP SA 295 13.06 -107.16 33.07
CA ASP SA 295 13.68 -106.71 31.83
C ASP SA 295 13.86 -105.19 31.87
N ASP SA 296 14.67 -104.69 30.94
CA ASP SA 296 15.02 -103.28 30.93
C ASP SA 296 14.33 -102.47 29.85
N VAL SA 297 13.97 -103.09 28.73
CA VAL SA 297 13.29 -102.35 27.68
C VAL SA 297 11.79 -102.20 27.98
N THR SA 298 11.22 -103.10 28.80
CA THR SA 298 9.82 -102.97 29.19
C THR SA 298 9.63 -101.85 30.21
N ALA SA 299 10.67 -101.53 30.97
CA ALA SA 299 10.56 -100.45 31.94
C ALA SA 299 10.48 -99.09 31.29
N ALA SA 300 11.09 -98.91 30.11
CA ALA SA 300 10.90 -97.67 29.39
C ALA SA 300 9.79 -97.76 28.36
N GLY SA 301 9.37 -98.97 27.99
CA GLY SA 301 8.25 -99.10 27.09
C GLY SA 301 6.94 -98.83 27.78
N GLN SA 302 6.79 -99.23 29.05
CA GLN SA 302 5.55 -98.91 29.73
C GLN SA 302 5.46 -97.44 30.10
N ALA SA 303 6.59 -96.75 30.16
CA ALA SA 303 6.57 -95.33 30.47
C ALA SA 303 6.29 -94.52 29.23
N GLU SA 304 6.71 -95.02 28.06
CA GLU SA 304 6.44 -94.25 26.87
C GLU SA 304 5.04 -94.54 26.36
N ALA SA 305 4.59 -95.79 26.44
CA ALA SA 305 3.22 -96.08 26.03
C ALA SA 305 2.20 -95.50 26.99
N GLY SA 306 2.56 -95.30 28.28
CA GLY SA 306 1.66 -94.58 29.14
C GLY SA 306 1.70 -93.08 28.93
N LEU SA 307 2.84 -92.55 28.52
CA LEU SA 307 2.92 -91.12 28.27
C LEU SA 307 2.26 -90.72 26.96
N LYS SA 308 2.10 -91.66 26.03
CA LYS SA 308 1.46 -91.32 24.76
C LYS SA 308 -0.06 -91.39 24.83
N GLN SA 309 -0.61 -92.17 25.77
CA GLN SA 309 -2.06 -92.30 25.88
C GLN SA 309 -2.71 -91.05 26.43
N GLN SA 310 -2.03 -90.31 27.30
CA GLN SA 310 -2.60 -89.11 27.89
C GLN SA 310 -2.47 -87.88 27.01
N ALA SA 311 -1.97 -88.03 25.78
CA ALA SA 311 -1.78 -86.95 24.80
C ALA SA 311 -0.91 -85.83 25.35
N LEU SA 312 0.22 -86.20 25.92
CA LEU SA 312 1.14 -85.21 26.47
C LEU SA 312 2.32 -85.02 25.55
N PRO SA 313 2.73 -83.77 25.29
CA PRO SA 313 3.98 -83.58 24.54
C PRO SA 313 5.16 -83.90 25.43
N TYR SA 314 6.18 -84.53 24.85
CA TYR SA 314 7.32 -84.96 25.64
C TYR SA 314 8.55 -85.01 24.75
N SER SA 315 9.66 -85.40 25.34
CA SER SA 315 10.93 -85.50 24.61
C SER SA 315 11.81 -86.49 25.35
N ARG SA 316 12.08 -87.62 24.70
CA ARG SA 316 12.85 -88.72 25.28
C ARG SA 316 14.35 -88.54 25.04
N ARG SA 317 15.14 -88.68 26.10
CA ARG SA 317 16.59 -88.53 26.07
C ARG SA 317 17.22 -89.82 26.58
N ASN SA 318 17.56 -90.72 25.65
CA ASN SA 318 18.24 -91.96 25.99
C ASN SA 318 19.69 -91.65 26.34
N HIS SA 319 20.21 -92.25 27.41
CA HIS SA 319 21.63 -92.24 27.66
C HIS SA 319 22.00 -93.51 28.42
N LYS SA 320 23.27 -93.61 28.79
CA LYS SA 320 23.78 -94.84 29.38
C LYS SA 320 23.31 -94.97 30.82
N GLY SA 321 22.53 -96.01 31.08
CA GLY SA 321 22.09 -96.30 32.44
C GLY SA 321 20.96 -95.41 32.88
N GLY SA 322 19.91 -95.32 32.08
CA GLY SA 322 18.73 -94.54 32.43
C GLY SA 322 18.25 -93.72 31.24
N VAL SA 323 16.95 -93.46 31.22
CA VAL SA 323 16.34 -92.61 30.20
C VAL SA 323 15.74 -91.41 30.91
N THR SA 324 15.33 -90.42 30.12
CA THR SA 324 14.79 -89.20 30.74
C THR SA 324 13.68 -88.64 29.87
N PHE SA 325 12.51 -88.41 30.46
CA PHE SA 325 11.40 -87.81 29.73
C PHE SA 325 11.20 -86.37 30.18
N VAL SA 326 11.18 -85.46 29.22
CA VAL SA 326 11.09 -84.03 29.50
C VAL SA 326 9.75 -83.52 28.97
N ILE SA 327 8.89 -83.07 29.88
CA ILE SA 327 7.59 -82.51 29.58
C ILE SA 327 7.65 -81.02 29.92
N GLN SA 328 7.82 -80.17 28.91
CA GLN SA 328 7.95 -78.73 29.12
C GLN SA 328 6.90 -77.99 28.30
N GLY SA 329 6.98 -76.67 28.33
CA GLY SA 329 6.06 -75.81 27.63
C GLY SA 329 5.08 -75.14 28.57
N ALA SA 330 4.11 -74.47 27.97
CA ALA SA 330 3.03 -73.79 28.70
C ALA SA 330 1.83 -74.73 28.69
N LEU SA 331 1.70 -75.53 29.74
CA LEU SA 331 0.63 -76.51 29.84
C LEU SA 331 -0.60 -75.90 30.50
N ASP SA 332 -1.77 -76.42 30.13
CA ASP SA 332 -3.02 -75.95 30.72
C ASP SA 332 -3.33 -76.79 31.95
N ASP SA 333 -4.54 -76.63 32.49
CA ASP SA 333 -4.87 -77.22 33.78
C ASP SA 333 -5.23 -78.68 33.69
N VAL SA 334 -5.56 -79.19 32.51
CA VAL SA 334 -5.94 -80.58 32.40
C VAL SA 334 -4.74 -81.47 32.09
N GLU SA 335 -3.70 -80.94 31.43
CA GLU SA 335 -2.52 -81.75 31.19
C GLU SA 335 -1.55 -81.73 32.36
N ILE SA 336 -1.85 -80.98 33.42
CA ILE SA 336 -1.12 -81.13 34.66
C ILE SA 336 -1.71 -82.25 35.50
N LEU SA 337 -3.03 -82.25 35.60
CA LEU SA 337 -3.74 -83.26 36.36
C LEU SA 337 -3.68 -84.61 35.69
N ARG SA 338 -3.59 -84.66 34.36
CA ARG SA 338 -3.47 -85.94 33.69
C ARG SA 338 -2.05 -86.48 33.70
N ALA SA 339 -1.06 -85.67 34.03
CA ALA SA 339 0.32 -86.13 34.15
C ALA SA 339 0.74 -86.41 35.59
N ARG SA 340 0.13 -85.73 36.56
CA ARG SA 340 0.41 -86.00 37.95
C ARG SA 340 -0.20 -87.32 38.40
N GLN SA 341 -1.21 -87.80 37.70
CA GLN SA 341 -1.83 -89.05 38.09
C GLN SA 341 -1.13 -90.23 37.44
N PHE SA 342 -0.32 -89.98 36.42
CA PHE SA 342 0.42 -91.04 35.76
C PHE SA 342 1.81 -91.19 36.34
N VAL SA 343 2.47 -90.09 36.70
CA VAL SA 343 3.79 -90.19 37.29
C VAL SA 343 3.72 -90.83 38.68
N ASP SA 344 2.68 -90.49 39.44
CA ASP SA 344 2.48 -91.09 40.75
C ASP SA 344 2.09 -92.56 40.65
N SER SA 345 1.43 -92.96 39.57
CA SER SA 345 1.08 -94.36 39.38
C SER SA 345 2.19 -95.17 38.76
N TYR SA 346 3.21 -94.52 38.22
CA TYR SA 346 4.35 -95.22 37.66
C TYR SA 346 5.50 -95.33 38.65
N TYR SA 347 5.71 -94.29 39.45
CA TYR SA 347 6.76 -94.31 40.48
C TYR SA 347 6.43 -95.29 41.59
N ARG SA 348 5.15 -95.59 41.79
CA ARG SA 348 4.77 -96.50 42.87
C ARG SA 348 5.13 -97.93 42.53
N THR SA 349 5.10 -98.28 41.24
CA THR SA 349 5.33 -99.65 40.83
C THR SA 349 6.69 -99.91 40.21
N TRP SA 350 7.39 -98.89 39.74
CA TRP SA 350 8.69 -99.10 39.11
C TRP SA 350 9.85 -98.44 39.83
N GLY SA 351 9.60 -97.48 40.70
CA GLY SA 351 10.65 -96.79 41.41
C GLY SA 351 11.31 -95.70 40.56
N GLY SA 352 11.89 -94.73 41.26
CA GLY SA 352 12.52 -93.62 40.56
C GLY SA 352 14.01 -93.78 40.40
N ARG SA 353 14.46 -95.02 40.24
CA ARG SA 353 15.88 -95.30 40.16
C ARG SA 353 16.40 -95.25 38.73
N TYR SA 354 15.62 -95.71 37.76
CA TYR SA 354 16.06 -95.84 36.38
C TYR SA 354 15.57 -94.72 35.46
N VAL SA 355 14.26 -94.51 35.42
CA VAL SA 355 13.63 -93.57 34.49
C VAL SA 355 13.01 -92.43 35.27
N GLN SA 356 13.27 -91.19 34.83
CA GLN SA 356 12.82 -90.01 35.54
C GLN SA 356 12.15 -89.01 34.60
N PHE SA 357 11.07 -88.44 35.08
CA PHE SA 357 10.29 -87.44 34.36
C PHE SA 357 10.62 -86.05 34.88
N ALA SA 358 10.47 -85.06 34.01
CA ALA SA 358 10.77 -83.66 34.33
C ALA SA 358 9.60 -82.81 33.84
N ILE SA 359 8.64 -82.55 34.73
CA ILE SA 359 7.47 -81.70 34.41
C ILE SA 359 7.89 -80.27 34.74
N GLU SA 360 8.54 -79.64 33.78
CA GLU SA 360 9.03 -78.27 33.96
C GLU SA 360 8.09 -77.30 33.27
N LEU SA 361 7.23 -76.66 34.05
CA LEU SA 361 6.24 -75.73 33.51
C LEU SA 361 6.86 -74.34 33.44
N LYS SA 362 7.00 -73.81 32.23
CA LYS SA 362 7.60 -72.50 32.05
C LYS SA 362 6.91 -71.80 30.89
N ASP SA 363 7.18 -70.51 30.75
CA ASP SA 363 6.58 -69.70 29.71
C ASP SA 363 7.31 -69.93 28.39
N ASP SA 364 6.93 -69.18 27.37
CA ASP SA 364 7.54 -69.29 26.06
C ASP SA 364 8.89 -68.59 26.11
N TRP SA 365 9.97 -69.33 25.82
CA TRP SA 365 11.26 -68.68 25.63
C TRP SA 365 11.22 -67.84 24.38
N LEU SA 366 11.91 -66.69 24.43
CA LEU SA 366 11.84 -65.63 23.41
C LEU SA 366 10.39 -65.18 23.19
N LYS SA 367 9.85 -64.56 24.25
CA LYS SA 367 8.41 -64.40 24.48
C LYS SA 367 7.67 -63.80 23.29
N GLY SA 368 7.99 -62.58 22.91
CA GLY SA 368 7.34 -61.94 21.80
C GLY SA 368 8.32 -61.46 20.76
N ARG SA 369 9.42 -62.19 20.61
CA ARG SA 369 10.53 -61.79 19.77
C ARG SA 369 10.53 -62.65 18.52
N SER SA 370 10.59 -62.01 17.37
CA SER SA 370 10.77 -62.71 16.11
C SER SA 370 12.22 -63.11 15.94
N PHE SA 371 12.46 -64.37 15.59
CA PHE SA 371 13.80 -64.91 15.49
C PHE SA 371 13.92 -65.72 14.20
N GLN SA 372 15.16 -65.99 13.81
CA GLN SA 372 15.47 -66.70 12.57
C GLN SA 372 16.27 -67.94 12.93
N TYR SA 373 15.59 -69.06 13.11
CA TYR SA 373 16.21 -70.23 13.70
C TYR SA 373 17.07 -71.00 12.70
N GLY SA 374 18.02 -71.74 13.23
CA GLY SA 374 18.74 -72.77 12.50
C GLY SA 374 20.13 -72.41 12.02
N ALA SA 375 21.12 -72.79 12.82
CA ALA SA 375 22.55 -72.92 12.51
C ALA SA 375 23.29 -71.62 12.23
N GLU SA 376 22.55 -70.54 11.98
CA GLU SA 376 23.04 -69.15 11.92
C GLU SA 376 21.84 -68.32 12.35
N GLY SA 377 21.74 -68.05 13.63
CA GLY SA 377 20.51 -67.55 14.21
C GLY SA 377 20.69 -66.15 14.79
N TYR SA 378 19.60 -65.39 14.80
CA TYR SA 378 19.61 -64.11 15.45
C TYR SA 378 18.24 -63.81 16.00
N ILE SA 379 18.19 -62.93 16.99
CA ILE SA 379 16.96 -62.48 17.61
C ILE SA 379 16.79 -61.01 17.27
N LYS SA 380 15.59 -60.62 16.89
CA LYS SA 380 15.27 -59.25 16.55
C LYS SA 380 14.65 -58.63 17.80
N MET SA 381 15.47 -57.91 18.57
CA MET SA 381 14.96 -57.25 19.76
C MET SA 381 14.04 -56.08 19.44
N SER SA 382 14.11 -55.58 18.22
CA SER SA 382 13.35 -54.43 17.76
C SER SA 382 13.35 -54.47 16.25
N PRO SA 383 12.54 -53.64 15.58
CA PRO SA 383 12.71 -53.49 14.14
C PRO SA 383 14.09 -53.03 13.70
N GLY SA 384 14.86 -52.36 14.56
CA GLY SA 384 16.19 -51.98 14.19
C GLY SA 384 17.25 -52.47 15.17
N HIS SA 385 17.12 -53.68 15.68
CA HIS SA 385 18.05 -54.20 16.67
C HIS SA 385 18.21 -55.70 16.48
N TRP SA 386 19.44 -56.14 16.29
CA TRP SA 386 19.78 -57.54 16.14
C TRP SA 386 20.57 -58.02 17.34
N TYR SA 387 20.54 -59.32 17.57
CA TYR SA 387 21.22 -59.92 18.71
C TYR SA 387 21.64 -61.31 18.28
N PHE SA 388 22.90 -61.69 18.51
CA PHE SA 388 23.44 -62.94 18.01
C PHE SA 388 23.92 -63.81 19.18
N PRO SA 389 23.01 -64.50 19.86
CA PRO SA 389 23.41 -65.51 20.84
C PRO SA 389 23.63 -66.85 20.16
N SER SA 390 23.71 -67.91 20.95
CA SER SA 390 23.73 -69.32 20.57
C SER SA 390 22.72 -69.65 19.48
N PRO SA 391 23.01 -70.59 18.55
CA PRO SA 391 22.18 -70.73 17.35
C PRO SA 391 20.78 -71.24 17.64
N LEU SA 392 19.83 -70.34 17.54
CA LEU SA 392 18.44 -70.60 17.86
C LEU SA 392 17.78 -71.43 16.79
N ASP TA 20 28.13 -61.61 96.58
CA ASP TA 20 26.78 -61.09 96.54
C ASP TA 20 26.77 -59.63 96.09
N LYS TA 21 27.89 -59.19 95.51
CA LYS TA 21 28.00 -57.82 95.03
C LYS TA 21 27.20 -57.67 93.75
N ASP TA 22 26.26 -56.73 93.74
CA ASP TA 22 25.45 -56.51 92.57
C ASP TA 22 26.22 -55.75 91.50
N LEU TA 23 25.86 -55.98 90.25
CA LEU TA 23 26.48 -55.27 89.15
C LEU TA 23 25.50 -54.66 88.16
N LEU TA 24 24.28 -55.17 88.04
CA LEU TA 24 23.25 -54.54 87.23
C LEU TA 24 21.91 -54.66 87.95
N LYS TA 25 21.11 -53.59 87.90
CA LYS TA 25 19.79 -53.65 88.50
C LYS TA 25 18.83 -52.78 87.71
N GLY TA 26 17.54 -53.00 87.93
CA GLY TA 26 16.52 -52.30 87.19
C GLY TA 26 16.45 -52.70 85.74
N LEU TA 27 16.74 -53.96 85.44
CA LEU TA 27 16.85 -54.40 84.06
C LEU TA 27 15.48 -54.75 83.49
N ASP TA 28 15.51 -55.39 82.33
CA ASP TA 28 14.32 -55.85 81.64
C ASP TA 28 14.44 -57.37 81.53
N GLN TA 29 13.30 -58.02 81.31
CA GLN TA 29 13.24 -59.47 81.22
C GLN TA 29 14.05 -60.00 80.04
N GLU TA 30 14.04 -59.28 78.92
CA GLU TA 30 14.86 -59.68 77.79
C GLU TA 30 16.32 -59.29 77.92
N GLN TA 31 16.65 -58.32 78.77
CA GLN TA 31 18.03 -57.93 78.95
C GLN TA 31 18.77 -58.83 79.93
N ALA TA 32 18.09 -59.26 81.00
CA ALA TA 32 18.76 -60.04 82.01
C ALA TA 32 19.07 -61.44 81.53
N ASN TA 33 18.29 -61.98 80.60
CA ASN TA 33 18.63 -63.28 80.05
C ASN TA 33 19.81 -63.21 79.10
N GLU TA 34 20.14 -62.02 78.62
CA GLU TA 34 21.31 -61.89 77.77
C GLU TA 34 22.54 -61.68 78.61
N VAL TA 35 22.41 -60.97 79.74
CA VAL TA 35 23.56 -60.84 80.61
C VAL TA 35 23.88 -62.19 81.27
N ILE TA 36 22.85 -62.98 81.57
CA ILE TA 36 23.09 -64.30 82.14
C ILE TA 36 23.71 -65.22 81.09
N ALA TA 37 23.20 -65.19 79.85
CA ALA TA 37 23.73 -66.07 78.83
C ALA TA 37 25.13 -65.67 78.38
N VAL TA 38 25.54 -64.43 78.60
CA VAL TA 38 26.91 -64.05 78.29
C VAL TA 38 27.85 -64.47 79.41
N LEU TA 39 27.46 -64.25 80.67
CA LEU TA 39 28.35 -64.60 81.77
C LEU TA 39 28.48 -66.10 81.99
N GLN TA 40 27.41 -66.87 81.74
CA GLN TA 40 27.50 -68.33 81.90
C GLN TA 40 28.40 -68.99 80.87
N MET TA 41 28.66 -68.34 79.74
CA MET TA 41 29.60 -68.87 78.76
C MET TA 41 31.03 -68.82 79.25
N HIS TA 42 31.34 -67.95 80.21
CA HIS TA 42 32.70 -67.74 80.68
C HIS TA 42 32.92 -68.22 82.11
N ASN TA 43 32.23 -69.30 82.50
CA ASN TA 43 32.48 -70.05 83.74
C ASN TA 43 32.22 -69.24 84.99
N ILE TA 44 31.30 -68.29 84.95
CA ILE TA 44 30.87 -67.59 86.16
C ILE TA 44 29.35 -67.63 86.22
N GLU TA 45 28.81 -67.89 87.40
CA GLU TA 45 27.37 -68.03 87.56
C GLU TA 45 26.79 -66.72 88.06
N ALA TA 46 25.53 -66.48 87.73
CA ALA TA 46 24.85 -65.28 88.16
C ALA TA 46 23.50 -65.66 88.75
N ASN TA 47 22.90 -64.72 89.47
CA ASN TA 47 21.59 -64.96 90.06
C ASN TA 47 20.68 -63.81 89.68
N LYS TA 48 19.52 -64.16 89.14
CA LYS TA 48 18.49 -63.22 88.71
C LYS TA 48 17.49 -63.00 89.84
N ILE TA 49 17.55 -61.84 90.46
CA ILE TA 49 16.70 -61.50 91.60
C ILE TA 49 15.62 -60.55 91.13
N ASP TA 50 14.37 -60.99 91.19
CA ASP TA 50 13.24 -60.16 90.80
C ASP TA 50 12.94 -59.13 91.88
N SER TA 51 12.37 -58.00 91.46
CA SER TA 51 12.03 -56.95 92.42
C SER TA 51 10.65 -56.36 92.16
N GLY TA 52 9.81 -57.02 91.37
CA GLY TA 52 8.46 -56.55 91.19
C GLY TA 52 8.36 -55.39 90.23
N LYS TA 53 8.08 -54.20 90.78
CA LYS TA 53 7.85 -53.03 89.94
C LYS TA 53 9.14 -52.43 89.42
N LEU TA 54 10.24 -52.57 90.16
CA LEU TA 54 11.47 -51.90 89.74
C LEU TA 54 12.13 -52.62 88.58
N GLY TA 55 12.16 -53.94 88.62
CA GLY TA 55 12.78 -54.71 87.56
C GLY TA 55 13.56 -55.89 88.08
N TYR TA 56 14.57 -56.33 87.33
CA TYR TA 56 15.38 -57.46 87.72
C TYR TA 56 16.75 -56.97 88.18
N SER TA 57 17.51 -57.89 88.75
CA SER TA 57 18.85 -57.58 89.21
C SER TA 57 19.69 -58.82 89.04
N ILE TA 58 20.99 -58.63 88.88
CA ILE TA 58 21.89 -59.76 88.65
C ILE TA 58 23.04 -59.64 89.63
N THR TA 59 23.18 -60.64 90.48
CA THR TA 59 24.24 -60.68 91.47
C THR TA 59 25.15 -61.87 91.24
N VAL TA 60 26.44 -61.63 91.23
CA VAL TA 60 27.44 -62.67 91.10
C VAL TA 60 28.18 -62.77 92.42
N ALA TA 61 29.05 -63.78 92.53
CA ALA TA 61 29.79 -63.97 93.76
C ALA TA 61 30.90 -62.92 93.87
N GLU TA 62 31.59 -62.93 95.00
CA GLU TA 62 32.64 -61.93 95.23
C GLU TA 62 33.92 -62.20 94.43
N PRO TA 63 34.47 -63.43 94.34
CA PRO TA 63 35.66 -63.60 93.48
C PRO TA 63 35.38 -63.47 92.00
N ASP TA 64 34.13 -63.63 91.57
CA ASP TA 64 33.77 -63.49 90.16
C ASP TA 64 33.29 -62.09 89.84
N PHE TA 65 33.73 -61.08 90.58
CA PHE TA 65 33.30 -59.72 90.30
C PHE TA 65 34.23 -58.98 89.36
N THR TA 66 35.54 -59.22 89.45
CA THR TA 66 36.48 -58.57 88.55
C THR TA 66 36.33 -59.08 87.12
N ALA TA 67 36.07 -60.38 86.96
CA ALA TA 67 35.91 -60.90 85.61
C ALA TA 67 34.58 -60.50 85.02
N ALA TA 68 33.53 -60.43 85.86
CA ALA TA 68 32.22 -60.14 85.30
C ALA TA 68 32.09 -58.68 84.93
N VAL TA 69 32.82 -57.80 85.62
CA VAL TA 69 32.77 -56.40 85.21
C VAL TA 69 33.52 -56.24 83.88
N TYR TA 70 34.55 -57.06 83.67
CA TYR TA 70 35.33 -56.97 82.43
C TYR TA 70 34.52 -57.48 81.26
N TRP TA 71 33.64 -58.47 81.47
CA TRP TA 71 32.85 -58.89 80.31
C TRP TA 71 31.62 -58.03 80.12
N ILE TA 72 31.21 -57.25 81.13
CA ILE TA 72 30.17 -56.26 80.89
C ILE TA 72 30.73 -55.13 80.03
N LYS TA 73 31.94 -54.68 80.35
CA LYS TA 73 32.57 -53.59 79.60
C LYS TA 73 32.91 -54.05 78.19
N THR TA 74 33.34 -55.31 78.04
CA THR TA 74 33.74 -55.79 76.73
C THR TA 74 32.53 -56.02 75.84
N TYR TA 75 31.53 -56.74 76.32
CA TYR TA 75 30.38 -57.06 75.47
C TYR TA 75 29.33 -55.96 75.43
N GLN TA 76 29.59 -54.78 76.03
CA GLN TA 76 28.69 -53.62 75.99
C GLN TA 76 27.31 -53.90 76.59
N LEU TA 77 27.24 -54.77 77.57
CA LEU TA 77 25.97 -55.10 78.19
C LEU TA 77 25.53 -53.97 79.13
N PRO TA 78 24.22 -53.75 79.30
CA PRO TA 78 23.01 -54.38 78.75
C PRO TA 78 22.68 -54.00 77.32
N PRO TA 79 21.98 -54.88 76.59
CA PRO TA 79 21.69 -54.60 75.18
C PRO TA 79 20.65 -53.49 75.01
N ARG TA 80 20.86 -52.66 73.99
CA ARG TA 80 19.87 -51.66 73.64
C ARG TA 80 18.70 -52.34 72.93
N PRO TA 81 17.50 -51.76 72.99
CA PRO TA 81 16.40 -52.28 72.18
C PRO TA 81 16.65 -52.06 70.69
N ARG TA 82 16.25 -53.04 69.89
CA ARG TA 82 16.58 -53.03 68.47
C ARG TA 82 15.77 -52.00 67.70
N VAL TA 83 16.45 -51.29 66.81
CA VAL TA 83 15.92 -50.11 66.13
C VAL TA 83 15.39 -50.48 64.73
N GLU TA 84 14.24 -49.92 64.38
CA GLU TA 84 13.64 -50.06 63.07
C GLU TA 84 13.29 -48.65 62.59
N ILE TA 85 13.22 -48.49 61.27
CA ILE TA 85 13.05 -47.16 60.68
C ILE TA 85 11.65 -46.63 60.90
N ALA TA 86 10.67 -47.51 61.12
CA ALA TA 86 9.32 -47.05 61.39
C ALA TA 86 9.15 -46.45 62.78
N GLN TA 87 10.13 -46.59 63.67
CA GLN TA 87 10.03 -45.99 64.99
C GLN TA 87 10.24 -44.49 64.97
N MET TA 88 10.88 -43.96 63.93
CA MET TA 88 11.17 -42.54 63.85
C MET TA 88 10.20 -41.79 62.96
N PHE TA 89 9.18 -42.46 62.45
CA PHE TA 89 8.06 -41.83 61.76
C PHE TA 89 6.79 -42.50 62.24
N PRO TA 90 6.30 -42.12 63.42
CA PRO TA 90 5.19 -42.87 64.02
C PRO TA 90 3.87 -42.57 63.31
N ALA TA 91 3.04 -43.62 63.20
CA ALA TA 91 1.77 -43.48 62.49
C ALA TA 91 0.77 -42.65 63.27
N ASP TA 92 0.88 -42.61 64.59
CA ASP TA 92 -0.03 -41.83 65.41
C ASP TA 92 0.32 -40.35 65.43
N SER TA 93 1.42 -39.95 64.79
CA SER TA 93 1.75 -38.55 64.68
C SER TA 93 0.79 -37.86 63.71
N LEU TA 94 0.72 -36.54 63.84
CA LEU TA 94 -0.23 -35.76 63.05
C LEU TA 94 0.33 -35.30 61.72
N VAL TA 95 1.55 -35.69 61.36
CA VAL TA 95 2.13 -35.38 60.06
C VAL TA 95 2.40 -36.66 59.30
N SER TA 96 2.18 -36.62 57.98
CA SER TA 96 2.52 -37.74 57.09
C SER TA 96 2.98 -37.16 55.76
N SER TA 97 4.26 -36.94 55.63
CA SER TA 97 4.83 -36.52 54.36
C SER TA 97 4.98 -37.73 53.46
N PRO TA 98 5.15 -37.54 52.15
CA PRO TA 98 5.47 -38.69 51.28
C PRO TA 98 6.80 -39.33 51.58
N ARG TA 99 7.72 -38.63 52.24
CA ARG TA 99 8.93 -39.27 52.70
C ARG TA 99 8.67 -40.12 53.94
N ALA TA 100 7.74 -39.68 54.78
CA ALA TA 100 7.40 -40.42 55.98
C ALA TA 100 6.35 -41.46 55.72
N GLU TA 101 5.94 -41.64 54.47
CA GLU TA 101 5.11 -42.78 54.10
C GLU TA 101 5.88 -43.79 53.28
N LYS TA 102 6.79 -43.32 52.42
CA LYS TA 102 7.66 -44.22 51.68
C LYS TA 102 8.74 -44.81 52.56
N ALA TA 103 9.04 -44.19 53.70
CA ALA TA 103 9.99 -44.77 54.63
C ALA TA 103 9.30 -45.59 55.71
N ARG TA 104 7.98 -45.52 55.81
CA ARG TA 104 7.23 -46.40 56.69
C ARG TA 104 6.74 -47.66 55.99
N LEU TA 105 6.67 -47.66 54.66
CA LEU TA 105 6.29 -48.88 53.94
C LEU TA 105 7.49 -49.82 53.79
N TYR TA 106 8.65 -49.25 53.50
CA TYR TA 106 9.86 -50.04 53.35
C TYR TA 106 10.30 -50.62 54.67
N SER TA 107 9.95 -49.98 55.78
CA SER TA 107 10.32 -50.49 57.10
C SER TA 107 9.40 -51.59 57.59
N ALA TA 108 8.31 -51.87 56.87
CA ALA TA 108 7.50 -53.03 57.20
C ALA TA 108 7.75 -54.17 56.24
N ILE TA 109 8.34 -53.85 55.09
CA ILE TA 109 8.68 -54.92 54.15
C ILE TA 109 9.91 -55.67 54.65
N GLU TA 110 10.93 -54.96 55.14
CA GLU TA 110 12.13 -55.63 55.61
C GLU TA 110 11.95 -56.31 56.95
N GLN TA 111 10.86 -56.06 57.68
CA GLN TA 111 10.53 -56.88 58.84
C GLN TA 111 9.72 -58.11 58.45
N ARG TA 112 8.86 -58.00 57.44
CA ARG TA 112 8.10 -59.17 57.02
C ARG TA 112 8.96 -60.16 56.26
N LEU TA 113 9.99 -59.67 55.54
CA LEU TA 113 10.90 -60.59 54.88
C LEU TA 113 11.78 -61.31 55.90
N GLU TA 114 12.12 -60.63 57.00
CA GLU TA 114 12.96 -61.24 58.00
C GLU TA 114 12.18 -62.28 58.78
N GLN TA 115 10.91 -62.02 59.06
CA GLN TA 115 10.11 -63.06 59.69
C GLN TA 115 9.81 -64.21 58.73
N SER TA 116 9.84 -63.95 57.41
CA SER TA 116 9.64 -65.01 56.43
C SER TA 116 10.87 -65.86 56.22
N LEU TA 117 12.04 -65.39 56.65
CA LEU TA 117 13.25 -66.18 56.50
C LEU TA 117 13.54 -67.09 57.68
N GLN TA 118 12.95 -66.81 58.84
CA GLN TA 118 13.15 -67.65 60.01
C GLN TA 118 12.35 -68.94 59.96
N THR TA 119 11.49 -69.11 58.97
CA THR TA 119 10.70 -70.33 58.80
C THR TA 119 11.22 -71.21 57.67
N MET TA 120 12.44 -70.98 57.22
CA MET TA 120 13.06 -71.88 56.26
C MET TA 120 13.63 -73.10 56.99
N GLU TA 121 14.18 -74.03 56.24
CA GLU TA 121 14.69 -75.27 56.81
C GLU TA 121 16.12 -75.04 57.29
N GLY TA 122 16.28 -74.87 58.59
CA GLY TA 122 17.59 -74.78 59.20
C GLY TA 122 18.07 -73.40 59.57
N VAL TA 123 17.22 -72.38 59.49
CA VAL TA 123 17.59 -71.02 59.83
C VAL TA 123 17.10 -70.72 61.24
N LEU TA 124 17.97 -70.15 62.07
CA LEU TA 124 17.59 -69.74 63.41
C LEU TA 124 17.35 -68.25 63.51
N SER TA 125 18.14 -67.45 62.80
CA SER TA 125 17.96 -66.01 62.78
C SER TA 125 18.35 -65.48 61.40
N ALA TA 126 17.85 -64.29 61.08
CA ALA TA 126 18.14 -63.65 59.81
C ALA TA 126 17.90 -62.16 59.96
N ARG TA 127 18.53 -61.40 59.08
CA ARG TA 127 18.39 -59.93 59.09
C ARG TA 127 18.51 -59.41 57.67
N VAL TA 128 17.53 -58.61 57.23
CA VAL TA 128 17.44 -58.14 55.85
C VAL TA 128 17.47 -56.62 55.82
N HIS TA 129 18.25 -56.05 54.90
CA HIS TA 129 18.39 -54.62 54.69
C HIS TA 129 18.05 -54.26 53.25
N ILE TA 130 17.13 -53.31 53.08
CA ILE TA 130 16.71 -52.78 51.78
C ILE TA 130 17.32 -51.40 51.57
N SER TA 131 17.68 -51.09 50.32
CA SER TA 131 18.20 -49.77 49.99
C SER TA 131 17.07 -48.76 49.87
N TYR TA 132 17.17 -47.66 50.61
CA TYR TA 132 16.12 -46.66 50.70
C TYR TA 132 16.28 -45.57 49.66
N ASP TA 133 15.21 -45.29 48.92
CA ASP TA 133 15.13 -44.12 48.06
C ASP TA 133 13.94 -43.27 48.53
N ILE TA 134 14.22 -42.00 48.80
CA ILE TA 134 13.22 -41.13 49.41
C ILE TA 134 12.90 -39.89 48.58
N ASP TA 135 13.85 -39.43 47.79
CA ASP TA 135 13.65 -38.24 46.97
C ASP TA 135 13.54 -38.57 45.49
N ALA TA 136 13.39 -39.84 45.14
CA ALA TA 136 13.26 -40.21 43.73
C ALA TA 136 11.87 -39.87 43.19
N GLY TA 137 10.84 -39.99 44.03
CA GLY TA 137 9.49 -39.69 43.60
C GLY TA 137 9.14 -38.22 43.58
N GLU TA 138 9.97 -37.37 44.20
CA GLU TA 138 9.71 -35.94 44.20
C GLU TA 138 10.19 -35.29 42.91
N ASN TA 139 11.29 -35.76 42.36
CA ASN TA 139 11.89 -35.17 41.18
C ASN TA 139 11.56 -35.99 39.93
N GLY TA 140 11.80 -35.36 38.78
CA GLY TA 140 11.49 -35.98 37.49
C GLY TA 140 12.41 -37.11 37.08
N ARG TA 141 13.50 -37.33 37.80
CA ARG TA 141 14.39 -38.43 37.48
C ARG TA 141 13.77 -39.77 37.89
N PRO TA 142 14.03 -40.83 37.13
CA PRO TA 142 13.46 -42.14 37.49
C PRO TA 142 14.13 -42.71 38.72
N PRO TA 143 13.45 -43.57 39.48
CA PRO TA 143 14.07 -44.15 40.66
C PRO TA 143 15.14 -45.17 40.29
N LYS TA 144 16.12 -45.30 41.17
CA LYS TA 144 17.26 -46.18 40.94
C LYS TA 144 16.87 -47.63 41.18
N PRO TA 145 17.77 -48.57 40.95
CA PRO TA 145 17.48 -49.97 41.23
C PRO TA 145 17.51 -50.23 42.73
N VAL TA 146 16.97 -51.38 43.12
CA VAL TA 146 16.85 -51.77 44.52
C VAL TA 146 17.93 -52.78 44.87
N HIS TA 147 18.57 -52.57 46.02
CA HIS TA 147 19.65 -53.41 46.52
C HIS TA 147 19.23 -54.04 47.84
N LEU TA 148 19.62 -55.30 48.06
CA LEU TA 148 19.27 -56.04 49.25
C LEU TA 148 20.49 -56.68 49.86
N SER TA 149 20.45 -56.89 51.17
CA SER TA 149 21.54 -57.61 51.83
C SER TA 149 20.97 -58.39 53.01
N ALA TA 150 21.46 -59.60 53.23
CA ALA TA 150 20.87 -60.47 54.23
C ALA TA 150 21.92 -61.28 54.97
N LEU TA 151 21.74 -61.40 56.29
CA LEU TA 151 22.52 -62.27 57.13
C LEU TA 151 21.67 -63.42 57.64
N ALA TA 152 22.33 -64.51 58.03
CA ALA TA 152 21.60 -65.69 58.49
C ALA TA 152 22.50 -66.54 59.38
N VAL TA 153 21.85 -67.26 60.30
CA VAL TA 153 22.53 -68.20 61.20
C VAL TA 153 21.90 -69.57 61.03
N TYR TA 154 22.69 -70.51 60.54
CA TYR TA 154 22.25 -71.84 60.19
C TYR TA 154 22.62 -72.85 61.26
N GLU TA 155 21.84 -73.93 61.31
CA GLU TA 155 22.17 -75.06 62.17
C GLU TA 155 23.40 -75.79 61.64
N ARG TA 156 24.24 -76.27 62.55
CA ARG TA 156 25.48 -76.91 62.11
C ARG TA 156 25.19 -78.29 61.56
N GLY TA 157 26.12 -78.79 60.76
CA GLY TA 157 25.90 -79.99 59.99
C GLY TA 157 25.29 -79.74 58.63
N SER TA 158 25.11 -78.48 58.24
CA SER TA 158 24.54 -77.98 57.00
C SER TA 158 25.64 -77.56 56.02
N PRO TA 159 25.49 -77.88 54.74
CA PRO TA 159 26.48 -77.42 53.75
C PRO TA 159 26.24 -75.97 53.36
N LEU TA 160 26.79 -75.03 54.12
CA LEU TA 160 26.37 -73.64 54.06
C LEU TA 160 26.89 -72.90 52.82
N ALA TA 161 27.45 -73.58 51.83
CA ALA TA 161 27.74 -72.98 50.54
C ALA TA 161 26.59 -73.08 49.55
N HIS TA 162 25.68 -74.04 49.74
CA HIS TA 162 24.61 -74.30 48.80
C HIS TA 162 23.33 -73.53 49.10
N GLN TA 163 23.11 -73.10 50.34
CA GLN TA 163 21.91 -72.35 50.69
C GLN TA 163 21.96 -70.88 50.29
N ILE TA 164 23.06 -70.41 49.69
CA ILE TA 164 23.10 -69.01 49.27
C ILE TA 164 22.29 -68.81 48.00
N SER TA 165 21.94 -69.89 47.31
CA SER TA 165 21.12 -69.74 46.12
C SER TA 165 19.63 -69.87 46.38
N ASP TA 166 19.24 -70.48 47.49
CA ASP TA 166 17.82 -70.52 47.80
C ASP TA 166 17.34 -69.20 48.37
N ILE TA 167 18.20 -68.50 49.10
CA ILE TA 167 17.82 -67.20 49.61
C ILE TA 167 17.86 -66.17 48.50
N LYS TA 168 18.79 -66.29 47.56
CA LYS TA 168 18.81 -65.35 46.45
C LYS TA 168 17.65 -65.58 45.50
N ARG TA 169 17.19 -66.83 45.38
CA ARG TA 169 16.01 -67.07 44.57
C ARG TA 169 14.77 -66.58 45.28
N PHE TA 170 14.75 -66.65 46.60
CA PHE TA 170 13.55 -66.20 47.31
C PHE TA 170 13.47 -64.69 47.31
N LEU TA 171 14.61 -64.01 47.45
CA LEU TA 171 14.60 -62.56 47.51
C LEU TA 171 14.58 -61.88 46.14
N LYS TA 172 14.74 -62.64 45.05
CA LYS TA 172 14.92 -61.97 43.76
C LYS TA 172 13.62 -61.36 43.24
N ASN TA 173 12.52 -62.07 43.32
CA ASN TA 173 11.27 -61.52 42.80
C ASN TA 173 10.27 -61.30 43.92
N SER TA 174 10.74 -60.71 45.02
CA SER TA 174 9.88 -60.09 46.00
C SER TA 174 9.94 -58.58 45.91
N PHE TA 175 10.42 -58.06 44.79
CA PHE TA 175 10.52 -56.64 44.55
C PHE TA 175 10.30 -56.39 43.07
N ALA TA 176 10.53 -55.15 42.64
CA ALA TA 176 10.20 -54.76 41.26
C ALA TA 176 11.22 -55.33 40.27
N ASP TA 177 12.47 -54.88 40.35
CA ASP TA 177 13.49 -55.35 39.43
C ASP TA 177 14.86 -55.31 40.11
N VAL TA 178 15.28 -56.43 40.67
CA VAL TA 178 16.63 -56.55 41.18
C VAL TA 178 17.37 -57.57 40.33
N ASP TA 179 18.69 -57.49 40.37
CA ASP TA 179 19.52 -58.44 39.66
C ASP TA 179 20.07 -59.46 40.66
N TYR TA 180 20.79 -60.44 40.16
CA TYR TA 180 21.44 -61.36 41.07
C TYR TA 180 22.78 -60.85 41.59
N ASP TA 181 23.23 -59.68 41.14
CA ASP TA 181 24.45 -59.08 41.64
C ASP TA 181 24.21 -57.95 42.63
N ASN TA 182 22.97 -57.52 42.79
CA ASN TA 182 22.63 -56.51 43.77
C ASN TA 182 22.10 -57.12 45.06
N ILE TA 183 22.26 -58.43 45.24
CA ILE TA 183 21.90 -59.15 46.45
C ILE TA 183 23.18 -59.74 47.03
N SER TA 184 23.33 -59.67 48.35
CA SER TA 184 24.49 -60.21 49.02
C SER TA 184 24.04 -60.97 50.24
N VAL TA 185 24.37 -62.25 50.30
CA VAL TA 185 23.98 -63.12 51.40
C VAL TA 185 25.23 -63.53 52.14
N VAL TA 186 25.34 -63.15 53.40
CA VAL TA 186 26.48 -63.53 54.24
C VAL TA 186 25.92 -64.33 55.41
N LEU TA 187 26.15 -65.64 55.41
CA LEU TA 187 25.56 -66.49 56.41
C LEU TA 187 26.64 -67.33 57.08
N SER TA 188 26.32 -67.82 58.28
CA SER TA 188 27.29 -68.55 59.07
C SER TA 188 26.56 -69.58 59.93
N GLU TA 189 27.33 -70.45 60.57
CA GLU TA 189 26.80 -71.50 61.44
C GLU TA 189 26.84 -71.05 62.89
N ARG TA 190 25.96 -71.65 63.69
CA ARG TA 190 25.83 -71.26 65.09
C ARG TA 190 27.00 -71.79 65.89
N SER TA 191 27.17 -71.23 67.09
CA SER TA 191 28.31 -71.57 67.94
C SER TA 191 28.12 -72.93 68.59
N ASP TA 192 29.15 -73.37 69.30
CA ASP TA 192 29.09 -74.62 70.04
C ASP TA 192 28.21 -74.47 71.26
N ALA TA 193 27.44 -75.52 71.57
CA ALA TA 193 26.44 -75.42 72.61
C ALA TA 193 27.06 -75.39 73.99
N GLN TA 194 26.45 -74.63 74.89
CA GLN TA 194 26.86 -74.55 76.29
C GLN TA 194 25.81 -75.27 77.11
N LEU TA 195 26.11 -76.51 77.49
CA LEU TA 195 25.16 -77.34 78.19
C LEU TA 195 25.48 -77.56 79.67
N GLN TA 196 26.75 -77.49 80.06
CA GLN TA 196 27.09 -77.82 81.44
C GLN TA 196 27.10 -76.58 82.33
N ALA TA 197 26.91 -76.83 83.62
CA ALA TA 197 26.86 -75.76 84.60
C ALA TA 197 28.26 -75.19 84.85
N PRO TA 198 28.37 -73.89 85.16
CA PRO TA 198 29.70 -73.30 85.38
C PRO TA 198 30.43 -73.83 86.61
N GLY TA 199 29.79 -73.77 87.77
CA GLY TA 199 30.48 -74.22 88.96
C GLY TA 199 30.64 -73.14 90.01
N THR TA 200 30.54 -73.53 91.26
CA THR TA 200 30.60 -72.61 92.39
C THR TA 200 32.04 -72.46 92.87
N PRO TA 201 32.51 -71.23 93.11
CA PRO TA 201 33.87 -71.05 93.63
C PRO TA 201 34.02 -71.55 95.06
N VAL TA 202 34.79 -72.61 95.25
CA VAL TA 202 35.01 -73.13 96.59
C VAL TA 202 35.99 -72.22 97.32
N LYS TA 203 35.55 -71.68 98.46
CA LYS TA 203 36.37 -70.79 99.25
C LYS TA 203 36.37 -71.22 100.71
N ASP UA 20 38.75 -45.16 101.67
CA ASP UA 20 37.58 -44.56 102.30
C ASP UA 20 37.26 -43.21 101.68
N LYS UA 21 38.28 -42.58 101.10
CA LYS UA 21 38.07 -41.30 100.44
C LYS UA 21 37.31 -41.52 99.14
N ASP UA 22 36.42 -40.59 98.81
CA ASP UA 22 35.55 -40.77 97.66
C ASP UA 22 36.09 -40.05 96.45
N LEU UA 23 35.94 -40.67 95.29
CA LEU UA 23 36.36 -40.08 94.02
C LEU UA 23 35.20 -39.36 93.35
N LEU UA 24 34.15 -40.09 93.04
CA LEU UA 24 32.99 -39.58 92.34
C LEU UA 24 31.73 -40.00 93.08
N LYS UA 25 30.66 -39.25 92.86
CA LYS UA 25 29.37 -39.61 93.41
C LYS UA 25 28.29 -39.08 92.48
N GLY UA 26 27.08 -39.59 92.66
CA GLY UA 26 25.98 -39.23 91.79
C GLY UA 26 26.12 -39.77 90.38
N LEU UA 27 26.82 -40.90 90.22
CA LEU UA 27 27.04 -41.46 88.90
C LEU UA 27 25.82 -42.27 88.47
N ASP UA 28 25.95 -43.01 87.38
CA ASP UA 28 24.88 -43.82 86.88
C ASP UA 28 25.30 -45.29 86.93
N GLN UA 29 24.38 -46.15 86.48
CA GLN UA 29 24.63 -47.59 86.47
C GLN UA 29 25.60 -47.97 85.37
N GLU UA 30 25.50 -47.33 84.21
CA GLU UA 30 26.41 -47.66 83.12
C GLU UA 30 27.73 -46.92 83.23
N GLN UA 31 27.80 -45.84 84.02
CA GLN UA 31 29.05 -45.13 84.22
C GLN UA 31 29.89 -45.72 85.35
N ALA UA 32 29.25 -46.25 86.40
CA ALA UA 32 30.05 -46.79 87.50
C ALA UA 32 30.69 -48.11 87.12
N ASN UA 33 30.07 -48.84 86.21
CA ASN UA 33 30.63 -50.09 85.74
C ASN UA 33 31.73 -49.88 84.70
N GLU UA 34 31.98 -48.63 84.33
CA GLU UA 34 33.07 -48.29 83.45
C GLU UA 34 34.25 -47.75 84.25
N VAL UA 35 33.96 -46.96 85.29
CA VAL UA 35 35.05 -46.48 86.15
C VAL UA 35 35.64 -47.62 86.95
N ILE UA 36 34.83 -48.61 87.35
CA ILE UA 36 35.37 -49.75 88.08
C ILE UA 36 36.22 -50.61 87.15
N ALA UA 37 35.75 -50.85 85.93
CA ALA UA 37 36.49 -51.65 84.96
C ALA UA 37 37.77 -50.98 84.50
N VAL UA 38 37.87 -49.67 84.66
CA VAL UA 38 39.11 -48.99 84.30
C VAL UA 38 40.10 -49.06 85.45
N LEU UA 39 39.63 -48.83 86.68
CA LEU UA 39 40.56 -48.83 87.82
C LEU UA 39 41.06 -50.23 88.16
N GLN UA 40 40.24 -51.27 87.96
CA GLN UA 40 40.68 -52.62 88.27
C GLN UA 40 41.76 -53.15 87.33
N MET UA 41 41.95 -52.53 86.17
CA MET UA 41 43.03 -52.91 85.28
C MET UA 41 44.40 -52.47 85.79
N HIS UA 42 44.45 -51.45 86.64
CA HIS UA 42 45.72 -50.89 87.09
C HIS UA 42 45.97 -51.13 88.58
N ASN UA 43 45.55 -52.28 89.08
CA ASN UA 43 45.92 -52.81 90.39
C ASN UA 43 45.46 -51.93 91.55
N ILE UA 44 44.31 -51.28 91.41
CA ILE UA 44 43.70 -50.58 92.54
C ILE UA 44 42.28 -51.06 92.65
N GLU UA 45 41.78 -51.16 93.87
CA GLU UA 45 40.49 -51.78 94.16
C GLU UA 45 39.51 -50.70 94.59
N ALA UA 46 38.33 -50.69 93.98
CA ALA UA 46 37.33 -49.69 94.29
C ALA UA 46 36.04 -50.34 94.78
N ASN UA 47 35.18 -49.52 95.39
CA ASN UA 47 33.90 -49.95 95.90
C ASN UA 47 32.79 -49.11 95.26
N LYS UA 48 31.67 -49.77 94.99
CA LYS UA 48 30.46 -49.15 94.46
C LYS UA 48 29.38 -49.15 95.52
N ILE UA 49 28.97 -47.98 95.97
CA ILE UA 49 28.03 -47.82 97.07
C ILE UA 49 26.80 -47.11 96.53
N ASP UA 50 25.65 -47.78 96.60
CA ASP UA 50 24.39 -47.20 96.18
C ASP UA 50 23.89 -46.19 97.21
N SER UA 51 23.07 -45.25 96.74
CA SER UA 51 22.49 -44.25 97.64
C SER UA 51 21.02 -43.98 97.33
N GLY UA 52 20.36 -44.83 96.56
CA GLY UA 52 18.94 -44.65 96.32
C GLY UA 52 18.62 -43.68 95.21
N LYS UA 53 18.21 -42.46 95.55
CA LYS UA 53 17.79 -41.50 94.55
C LYS UA 53 18.96 -40.72 93.97
N LEU UA 54 20.03 -40.55 94.74
CA LEU UA 54 21.14 -39.73 94.27
C LEU UA 54 21.97 -40.47 93.23
N GLY UA 55 22.10 -41.78 93.35
CA GLY UA 55 22.89 -42.57 92.43
C GLY UA 55 24.10 -43.19 93.13
N TYR UA 56 24.87 -43.91 92.34
CA TYR UA 56 26.01 -44.66 92.86
C TYR UA 56 27.17 -43.75 93.16
N SER UA 57 28.09 -44.26 93.99
CA SER UA 57 29.30 -43.53 94.35
C SER UA 57 30.44 -44.52 94.44
N ILE UA 58 31.64 -44.05 94.11
CA ILE UA 58 32.80 -44.92 93.97
C ILE UA 58 33.89 -44.45 94.93
N THR UA 59 34.32 -45.33 95.82
CA THR UA 59 35.36 -45.01 96.80
C THR UA 59 36.55 -45.95 96.66
N VAL UA 60 37.76 -45.42 96.89
CA VAL UA 60 38.97 -46.24 96.84
C VAL UA 60 39.65 -46.21 98.20
N ALA UA 61 40.77 -46.91 98.33
CA ALA UA 61 41.53 -46.89 99.57
C ALA UA 61 42.35 -45.61 99.68
N GLU UA 62 43.08 -45.47 100.76
CA GLU UA 62 43.88 -44.27 100.97
C GLU UA 62 45.21 -44.21 100.21
N PRO UA 63 46.06 -45.25 100.14
CA PRO UA 63 47.27 -45.12 99.31
C PRO UA 63 47.00 -45.15 97.81
N ASP UA 64 45.81 -45.55 97.39
CA ASP UA 64 45.42 -45.57 95.98
C ASP UA 64 44.58 -44.37 95.61
N PHE UA 65 44.86 -43.21 96.18
CA PHE UA 65 44.13 -42.00 95.83
C PHE UA 65 44.87 -41.14 94.83
N THR UA 66 46.20 -41.10 94.92
CA THR UA 66 47.00 -40.35 93.97
C THR UA 66 46.97 -41.00 92.59
N ALA UA 67 46.99 -42.33 92.54
CA ALA UA 67 46.97 -43.00 91.25
C ALA UA 67 45.58 -42.92 90.64
N ALA UA 68 44.53 -43.02 91.47
CA ALA UA 68 43.19 -43.02 90.91
C ALA UA 68 42.78 -41.65 90.43
N VAL UA 69 43.28 -40.59 91.07
CA VAL UA 69 42.93 -39.26 90.57
C VAL UA 69 43.76 -38.92 89.34
N TYR UA 70 44.80 -39.70 89.07
CA TYR UA 70 45.56 -39.52 87.84
C TYR UA 70 44.90 -40.27 86.68
N TRP UA 71 44.35 -41.45 86.95
CA TRP UA 71 43.68 -42.13 85.85
C TRP UA 71 42.28 -41.59 85.55
N ILE UA 72 41.69 -40.83 86.48
CA ILE UA 72 40.45 -40.13 86.16
C ILE UA 72 40.74 -39.02 85.16
N LYS UA 73 41.84 -38.30 85.38
CA LYS UA 73 42.23 -37.21 84.48
C LYS UA 73 42.69 -37.76 83.15
N THR UA 74 43.34 -38.93 83.15
CA THR UA 74 43.90 -39.46 81.90
C THR UA 74 42.78 -39.98 81.01
N TYR UA 75 41.91 -40.83 81.54
CA TYR UA 75 40.85 -41.36 80.70
C TYR UA 75 39.63 -40.46 80.57
N GLN UA 76 39.64 -39.28 81.21
CA GLN UA 76 38.53 -38.30 81.17
C GLN UA 76 37.23 -38.90 81.71
N LEU UA 77 37.34 -39.73 82.71
CA LEU UA 77 36.20 -40.35 83.36
C LEU UA 77 35.50 -39.33 84.25
N PRO UA 78 34.17 -39.46 84.44
CA PRO UA 78 33.19 -40.44 83.96
C PRO UA 78 32.77 -40.18 82.53
N PRO UA 79 32.33 -41.22 81.82
CA PRO UA 79 31.92 -41.03 80.43
C PRO UA 79 30.63 -40.23 80.34
N ARG UA 80 30.42 -39.65 79.19
CA ARG UA 80 29.22 -38.94 78.83
C ARG UA 80 28.34 -39.82 77.96
N PRO UA 81 27.03 -39.58 77.93
CA PRO UA 81 26.16 -40.40 77.08
C PRO UA 81 26.44 -40.20 75.60
N ARG UA 82 26.41 -41.30 74.86
CA ARG UA 82 26.81 -41.30 73.46
C ARG UA 82 25.79 -40.57 72.60
N VAL UA 83 26.29 -39.78 71.69
CA VAL UA 83 25.47 -38.87 70.90
C VAL UA 83 25.02 -39.55 69.62
N GLU UA 84 23.73 -39.45 69.32
CA GLU UA 84 23.19 -39.83 68.03
C GLU UA 84 22.76 -38.59 67.28
N ILE UA 85 22.75 -38.68 65.96
CA ILE UA 85 22.45 -37.52 65.14
C ILE UA 85 20.96 -37.18 65.17
N ALA UA 86 20.11 -38.15 65.49
CA ALA UA 86 18.68 -37.89 65.61
C ALA UA 86 18.30 -37.20 66.90
N GLN UA 87 19.24 -37.02 67.83
CA GLN UA 87 18.92 -36.29 69.06
C GLN UA 87 18.80 -34.80 68.82
N MET UA 88 19.49 -34.27 67.82
CA MET UA 88 19.41 -32.85 67.53
C MET UA 88 18.11 -32.46 66.83
N PHE UA 89 17.41 -33.43 66.23
CA PHE UA 89 16.16 -33.19 65.52
C PHE UA 89 15.11 -34.12 66.11
N PRO UA 90 14.49 -33.73 67.21
CA PRO UA 90 13.51 -34.60 67.86
C PRO UA 90 12.19 -34.63 67.10
N ALA UA 91 11.52 -35.78 67.18
CA ALA UA 91 10.21 -35.93 66.56
C ALA UA 91 9.11 -35.28 67.36
N ASP UA 92 9.38 -34.91 68.61
CA ASP UA 92 8.39 -34.26 69.46
C ASP UA 92 8.11 -32.83 69.01
N SER UA 93 9.02 -32.22 68.26
CA SER UA 93 8.89 -30.83 67.83
C SER UA 93 7.74 -30.67 66.84
N LEU UA 94 7.24 -29.44 66.77
CA LEU UA 94 6.02 -29.16 66.03
C LEU UA 94 6.26 -29.07 64.53
N VAL UA 95 7.37 -28.46 64.12
CA VAL UA 95 7.69 -28.22 62.72
C VAL UA 95 8.85 -29.12 62.31
N SER UA 96 8.73 -29.74 61.13
CA SER UA 96 9.77 -30.63 60.62
C SER UA 96 10.18 -30.20 59.22
N SER UA 97 11.45 -29.93 59.03
CA SER UA 97 12.02 -29.56 57.75
C SER UA 97 12.25 -30.81 56.90
N PRO UA 98 12.43 -30.65 55.59
CA PRO UA 98 12.97 -31.79 54.80
C PRO UA 98 14.39 -32.15 55.16
N ARG UA 99 15.15 -31.20 55.69
CA ARG UA 99 16.48 -31.52 56.20
C ARG UA 99 16.38 -32.27 57.51
N ALA UA 100 15.35 -31.98 58.31
CA ALA UA 100 15.25 -32.61 59.61
C ALA UA 100 14.75 -34.03 59.45
N GLU UA 101 13.84 -34.24 58.50
CA GLU UA 101 13.35 -35.60 58.31
C GLU UA 101 14.24 -36.41 57.38
N LYS UA 102 15.26 -35.81 56.75
CA LYS UA 102 16.23 -36.64 56.06
C LYS UA 102 17.39 -37.02 56.97
N ALA UA 103 17.70 -36.15 57.94
CA ALA UA 103 18.71 -36.47 58.92
C ALA UA 103 18.17 -37.36 60.02
N ARG UA 104 16.85 -37.43 60.18
CA ARG UA 104 16.31 -38.39 61.13
C ARG UA 104 16.17 -39.78 60.51
N LEU UA 105 16.23 -39.87 59.18
CA LEU UA 105 16.22 -41.16 58.50
C LEU UA 105 17.61 -41.79 58.46
N TYR UA 106 18.61 -40.96 58.17
CA TYR UA 106 19.97 -41.50 58.09
C TYR UA 106 20.50 -41.94 59.44
N SER UA 107 20.02 -41.34 60.52
CA SER UA 107 20.49 -41.73 61.84
C SER UA 107 19.83 -43.01 62.33
N ALA UA 108 18.83 -43.52 61.63
CA ALA UA 108 18.25 -44.79 61.99
C ALA UA 108 18.77 -45.92 61.11
N ILE UA 109 19.19 -45.58 59.89
CA ILE UA 109 19.92 -46.60 59.13
C ILE UA 109 21.32 -46.78 59.69
N GLU UA 110 21.89 -45.71 60.24
CA GLU UA 110 23.23 -45.77 60.80
C GLU UA 110 23.29 -46.60 62.07
N GLN UA 111 22.18 -46.69 62.81
CA GLN UA 111 22.12 -47.53 64.00
C GLN UA 111 21.71 -48.96 63.67
N ARG UA 112 20.88 -49.15 62.65
CA ARG UA 112 20.48 -50.50 62.29
C ARG UA 112 21.63 -51.27 61.66
N LEU UA 113 22.54 -50.55 60.99
CA LEU UA 113 23.66 -51.25 60.37
C LEU UA 113 24.66 -51.71 61.43
N GLU UA 114 24.90 -50.88 62.46
CA GLU UA 114 25.83 -51.34 63.49
C GLU UA 114 25.20 -52.34 64.43
N GLN UA 115 23.87 -52.42 64.48
CA GLN UA 115 23.27 -53.51 65.22
C GLN UA 115 23.25 -54.79 64.41
N SER UA 116 23.41 -54.70 63.09
CA SER UA 116 23.49 -55.88 62.26
C SER UA 116 24.92 -56.40 62.10
N LEU UA 117 25.91 -55.54 62.31
CA LEU UA 117 27.30 -55.99 62.28
C LEU UA 117 27.71 -56.75 63.53
N GLN UA 118 26.98 -56.65 64.63
CA GLN UA 118 27.31 -57.39 65.84
C GLN UA 118 26.82 -58.82 65.82
N THR UA 119 26.00 -59.20 64.85
CA THR UA 119 25.52 -60.58 64.76
C THR UA 119 26.38 -61.44 63.85
N MET UA 120 27.44 -60.88 63.26
CA MET UA 120 28.42 -61.72 62.58
C MET UA 120 29.24 -62.48 63.61
N GLU UA 121 29.93 -63.52 63.14
CA GLU UA 121 30.71 -64.34 64.05
C GLU UA 121 32.05 -63.68 64.35
N GLY UA 122 32.46 -63.77 65.62
CA GLY UA 122 33.70 -63.19 66.06
C GLY UA 122 33.65 -61.73 66.48
N VAL UA 123 32.58 -61.02 66.15
CA VAL UA 123 32.51 -59.59 66.40
C VAL UA 123 31.92 -59.35 67.79
N LEU UA 124 32.54 -58.43 68.53
CA LEU UA 124 32.07 -58.00 69.84
C LEU UA 124 31.43 -56.63 69.80
N SER UA 125 32.02 -55.69 69.06
CA SER UA 125 31.44 -54.36 68.93
C SER UA 125 31.80 -53.82 67.55
N ALA UA 126 31.00 -52.85 67.09
CA ALA UA 126 31.19 -52.25 65.78
C ALA UA 126 30.52 -50.89 65.76
N ARG UA 127 31.01 -50.03 64.86
CA ARG UA 127 30.44 -48.69 64.69
C ARG UA 127 30.49 -48.28 63.23
N VAL UA 128 29.34 -47.91 62.67
CA VAL UA 128 29.24 -47.52 61.25
C VAL UA 128 28.96 -46.03 61.15
N HIS UA 129 29.54 -45.40 60.13
CA HIS UA 129 29.33 -44.00 59.81
C HIS UA 129 28.92 -43.83 58.35
N ILE UA 130 27.89 -43.01 58.12
CA ILE UA 130 27.33 -42.73 56.81
C ILE UA 130 27.63 -41.28 56.44
N SER UA 131 27.97 -41.04 55.18
CA SER UA 131 28.20 -39.68 54.70
C SER UA 131 26.87 -38.97 54.54
N TYR UA 132 26.67 -37.91 55.32
CA TYR UA 132 25.43 -37.14 55.25
C TYR UA 132 25.53 -36.11 54.14
N ASP UA 133 24.41 -35.87 53.47
CA ASP UA 133 24.32 -34.72 52.58
C ASP UA 133 22.94 -34.09 52.68
N ILE UA 134 22.94 -32.75 52.70
CA ILE UA 134 21.69 -31.99 52.82
C ILE UA 134 21.56 -30.91 51.78
N ASP UA 135 22.67 -30.41 51.23
CA ASP UA 135 22.63 -29.29 50.31
C ASP UA 135 22.28 -29.71 48.90
N ALA UA 136 22.46 -30.98 48.57
CA ALA UA 136 22.16 -31.49 47.24
C ALA UA 136 20.68 -31.75 47.02
N GLY UA 137 19.85 -31.54 48.04
CA GLY UA 137 18.42 -31.77 47.92
C GLY UA 137 17.63 -30.58 47.45
N GLU UA 138 17.76 -29.45 48.15
CA GLU UA 138 16.87 -28.31 47.91
C GLU UA 138 17.28 -27.51 46.68
N ASN UA 139 18.48 -27.68 46.15
CA ASN UA 139 18.87 -27.04 44.91
C ASN UA 139 18.62 -27.97 43.72
N GLY UA 140 19.12 -27.59 42.55
CA GLY UA 140 18.99 -28.38 41.34
C GLY UA 140 20.23 -29.20 41.05
N ARG UA 141 21.07 -29.42 42.04
CA ARG UA 141 22.29 -30.19 41.83
C ARG UA 141 22.02 -31.67 42.13
N PRO UA 142 22.62 -32.57 41.34
CA PRO UA 142 22.44 -34.00 41.58
C PRO UA 142 23.17 -34.42 42.84
N PRO UA 143 22.69 -35.46 43.53
CA PRO UA 143 23.34 -35.88 44.77
C PRO UA 143 24.63 -36.63 44.52
N LYS UA 144 25.52 -36.58 45.50
CA LYS UA 144 26.82 -37.20 45.34
C LYS UA 144 26.76 -38.67 45.74
N PRO UA 145 27.86 -39.40 45.58
CA PRO UA 145 27.85 -40.82 45.95
C PRO UA 145 27.91 -40.98 47.46
N VAL UA 146 27.54 -42.17 47.92
CA VAL UA 146 27.45 -42.48 49.34
C VAL UA 146 28.78 -43.07 49.81
N HIS UA 147 29.21 -42.67 51.00
CA HIS UA 147 30.45 -43.11 51.61
C HIS UA 147 30.17 -43.72 52.96
N LEU UA 148 30.76 -44.87 53.24
CA LEU UA 148 30.57 -45.58 54.50
C LEU UA 148 31.91 -45.82 55.16
N SER UA 149 31.91 -45.94 56.49
CA SER UA 149 33.13 -46.29 57.19
C SER UA 149 32.80 -47.03 58.48
N ALA UA 150 33.48 -48.14 58.74
CA ALA UA 150 33.10 -48.98 59.87
C ALA UA 150 34.30 -49.44 60.67
N LEU UA 151 34.13 -49.49 61.99
CA LEU UA 151 35.11 -50.07 62.90
C LEU UA 151 34.54 -51.34 63.51
N ALA UA 152 35.44 -52.18 64.01
CA ALA UA 152 35.04 -53.46 64.60
C ALA UA 152 36.12 -53.94 65.55
N VAL UA 153 35.67 -54.70 66.54
CA VAL UA 153 36.57 -55.34 67.51
C VAL UA 153 36.29 -56.84 67.47
N TYR UA 154 37.26 -57.60 66.99
CA TYR UA 154 37.12 -59.02 66.77
C TYR UA 154 37.70 -59.79 67.94
N GLU UA 155 37.12 -60.95 68.20
CA GLU UA 155 37.64 -61.86 69.22
C GLU UA 155 38.99 -62.41 68.76
N ARG UA 156 39.94 -62.50 69.69
CA ARG UA 156 41.29 -62.91 69.34
C ARG UA 156 41.34 -64.39 69.01
N GLY UA 157 42.38 -64.77 68.28
CA GLY UA 157 42.49 -66.11 67.74
C GLY UA 157 41.87 -66.28 66.37
N SER UA 158 41.21 -65.28 65.85
CA SER UA 158 40.50 -65.23 64.59
C SER UA 158 41.40 -64.67 63.49
N PRO UA 159 41.22 -65.15 62.25
CA PRO UA 159 42.00 -64.57 61.14
C PRO UA 159 41.45 -63.24 60.70
N LEU UA 160 41.89 -62.16 61.35
CA LEU UA 160 41.31 -60.84 61.11
C LEU UA 160 41.74 -60.22 59.79
N ALA UA 161 42.57 -60.89 58.98
CA ALA UA 161 42.94 -60.34 57.68
C ALA UA 161 41.89 -60.62 56.61
N HIS UA 162 41.16 -61.73 56.71
CA HIS UA 162 40.16 -62.08 55.72
C HIS UA 162 38.76 -61.62 56.08
N GLN UA 163 38.59 -60.94 57.22
CA GLN UA 163 37.26 -60.50 57.64
C GLN UA 163 36.83 -59.21 56.98
N ILE UA 164 37.70 -58.56 56.21
CA ILE UA 164 37.32 -57.32 55.56
C ILE UA 164 36.54 -57.58 54.27
N SER UA 165 36.78 -58.71 53.63
CA SER UA 165 36.07 -59.06 52.41
C SER UA 165 34.64 -59.52 52.66
N ASP UA 166 34.24 -59.69 53.91
CA ASP UA 166 32.86 -60.01 54.22
C ASP UA 166 32.08 -58.79 54.66
N ILE UA 167 32.74 -57.87 55.37
CA ILE UA 167 32.05 -56.64 55.76
C ILE UA 167 31.91 -55.70 54.57
N LYS UA 168 32.86 -55.70 53.64
CA LYS UA 168 32.72 -54.83 52.48
C LYS UA 168 31.66 -55.37 51.53
N ARG UA 169 31.57 -56.70 51.42
CA ARG UA 169 30.56 -57.32 50.58
C ARG UA 169 29.18 -57.17 51.20
N PHE UA 170 29.10 -57.14 52.53
CA PHE UA 170 27.80 -56.95 53.17
C PHE UA 170 27.36 -55.51 53.05
N LEU UA 171 28.29 -54.57 53.16
CA LEU UA 171 27.96 -53.16 53.16
C LEU UA 171 27.82 -52.57 51.78
N LYS UA 172 28.20 -53.29 50.72
CA LYS UA 172 28.24 -52.69 49.39
C LYS UA 172 26.84 -52.43 48.83
N ASN UA 173 26.01 -53.47 48.79
CA ASN UA 173 24.67 -53.33 48.23
C ASN UA 173 23.63 -53.22 49.31
N SER UA 174 23.92 -52.47 50.36
CA SER UA 174 22.91 -52.03 51.30
C SER UA 174 22.50 -50.58 51.06
N PHE UA 175 22.95 -49.97 49.96
CA PHE UA 175 22.59 -48.61 49.62
C PHE UA 175 22.39 -48.55 48.10
N ALA UA 176 22.35 -47.33 47.56
CA ALA UA 176 22.02 -47.14 46.15
C ALA UA 176 23.14 -47.58 45.24
N ASP UA 177 24.29 -46.92 45.30
CA ASP UA 177 25.46 -47.33 44.53
C ASP UA 177 26.71 -46.82 45.23
N VAL UA 178 27.49 -47.75 45.77
CA VAL UA 178 28.78 -47.41 46.34
C VAL UA 178 29.84 -48.18 45.58
N ASP UA 179 31.08 -47.73 45.72
CA ASP UA 179 32.23 -48.39 45.13
C ASP UA 179 33.04 -49.04 46.24
N TYR UA 180 33.93 -49.94 45.86
CA TYR UA 180 34.73 -50.65 46.85
C TYR UA 180 35.85 -49.82 47.43
N ASP UA 181 36.15 -48.65 46.86
CA ASP UA 181 37.13 -47.76 47.45
C ASP UA 181 36.48 -46.61 48.19
N ASN UA 182 35.15 -46.63 48.32
CA ASN UA 182 34.44 -45.67 49.14
C ASN UA 182 33.99 -46.26 50.46
N ILE UA 183 34.36 -47.50 50.75
CA ILE UA 183 34.08 -48.13 52.03
C ILE UA 183 35.42 -48.41 52.69
N SER UA 184 35.55 -48.07 53.97
CA SER UA 184 36.78 -48.29 54.70
C SER UA 184 36.47 -49.01 55.99
N VAL UA 185 37.05 -50.19 56.17
CA VAL UA 185 36.85 -50.99 57.36
C VAL UA 185 38.16 -51.00 58.12
N VAL UA 186 38.15 -50.53 59.35
CA VAL UA 186 39.33 -50.53 60.20
C VAL UA 186 38.97 -51.35 61.44
N LEU UA 187 39.45 -52.59 61.48
CA LEU UA 187 39.10 -53.49 62.56
C LEU UA 187 40.35 -53.93 63.29
N SER UA 188 40.14 -54.44 64.51
CA SER UA 188 41.27 -54.84 65.33
C SER UA 188 40.81 -55.86 66.35
N GLU UA 189 41.76 -56.55 66.96
CA GLU UA 189 41.44 -57.53 67.98
C GLU UA 189 41.24 -56.84 69.32
N ARG UA 190 40.81 -57.63 70.31
CA ARG UA 190 40.56 -57.10 71.64
C ARG UA 190 41.80 -57.28 72.52
N SER UA 191 41.76 -56.66 73.70
CA SER UA 191 42.90 -56.63 74.59
C SER UA 191 43.01 -57.96 75.36
N ASP UA 192 43.99 -58.01 76.25
CA ASP UA 192 44.19 -59.19 77.08
C ASP UA 192 43.18 -59.21 78.22
N ALA UA 193 42.81 -60.43 78.63
CA ALA UA 193 41.79 -60.61 79.65
C ALA UA 193 42.30 -60.25 81.03
N GLN UA 194 41.46 -59.57 81.80
CA GLN UA 194 41.75 -59.21 83.19
C GLN UA 194 40.85 -60.06 84.08
N LEU UA 195 41.45 -61.03 84.76
CA LEU UA 195 40.68 -61.99 85.54
C LEU UA 195 41.10 -62.07 87.01
N GLN UA 196 42.34 -61.77 87.35
CA GLN UA 196 42.76 -61.82 88.74
C GLN UA 196 42.30 -60.59 89.51
N ALA UA 197 42.12 -60.76 90.81
CA ALA UA 197 41.68 -59.66 91.64
C ALA UA 197 42.82 -58.66 91.86
N PRO UA 198 42.50 -57.38 92.03
CA PRO UA 198 43.55 -56.38 92.27
C PRO UA 198 44.32 -56.56 93.57
N GLY UA 199 43.63 -56.59 94.70
CA GLY UA 199 44.31 -56.77 95.95
C GLY UA 199 44.25 -55.55 96.85
N THR UA 200 43.81 -55.74 98.08
CA THR UA 200 43.76 -54.65 99.04
C THR UA 200 45.18 -54.30 99.48
N PRO UA 201 45.55 -53.02 99.51
CA PRO UA 201 46.90 -52.66 99.94
C PRO UA 201 47.11 -52.92 101.42
N VAL UA 202 48.16 -53.66 101.72
CA VAL UA 202 48.53 -53.94 103.11
C VAL UA 202 49.51 -52.89 103.57
N LYS UA 203 49.53 -52.65 104.88
CA LYS UA 203 50.39 -51.64 105.47
C LYS UA 203 50.90 -52.09 106.83
N ASP VA 20 44.87 -25.86 105.83
CA ASP VA 20 43.84 -25.14 106.54
C ASP VA 20 43.41 -23.88 105.79
N LYS VA 21 44.26 -23.41 104.89
CA LYS VA 21 43.93 -22.26 104.06
C LYS VA 21 43.25 -22.73 102.79
N ASP VA 22 42.21 -22.02 102.38
CA ASP VA 22 41.43 -22.41 101.21
C ASP VA 22 41.88 -21.72 99.94
N LEU VA 23 41.86 -22.46 98.83
CA LEU VA 23 42.14 -21.94 97.51
C LEU VA 23 40.87 -21.69 96.73
N LEU VA 24 40.05 -22.72 96.55
CA LEU VA 24 38.82 -22.62 95.80
C LEU VA 24 37.67 -23.21 96.60
N LYS VA 25 36.49 -22.63 96.43
CA LYS VA 25 35.28 -23.14 97.03
C LYS VA 25 34.12 -22.95 96.07
N GLY VA 26 33.05 -23.69 96.32
CA GLY VA 26 31.89 -23.65 95.45
C GLY VA 26 32.13 -24.30 94.10
N LEU VA 27 33.05 -25.25 94.04
CA LEU VA 27 33.42 -25.87 92.78
C LEU VA 27 32.38 -26.90 92.35
N ASP VA 28 32.59 -27.43 91.16
CA ASP VA 28 31.79 -28.52 90.62
C ASP VA 28 32.46 -29.84 91.03
N GLN VA 29 32.01 -30.94 90.43
CA GLN VA 29 32.63 -32.23 90.70
C GLN VA 29 33.84 -32.48 89.79
N GLU VA 30 33.68 -32.24 88.49
CA GLU VA 30 34.77 -32.41 87.55
C GLU VA 30 35.81 -31.31 87.66
N GLN VA 31 35.46 -30.18 88.24
CA GLN VA 31 36.42 -29.11 88.46
C GLN VA 31 37.35 -29.49 89.60
N ALA VA 32 36.76 -29.92 90.72
CA ALA VA 32 37.51 -30.26 91.91
C ALA VA 32 38.28 -31.55 91.70
N ASN VA 33 37.84 -32.39 90.76
CA ASN VA 33 38.60 -33.59 90.48
C ASN VA 33 39.75 -33.34 89.52
N GLU VA 34 39.95 -32.09 89.08
CA GLU VA 34 41.05 -31.75 88.19
C GLU VA 34 42.04 -30.80 88.84
N VAL VA 35 41.59 -29.99 89.80
CA VAL VA 35 42.56 -29.19 90.54
C VAL VA 35 43.44 -30.08 91.41
N ILE VA 36 42.90 -31.17 91.94
CA ILE VA 36 43.72 -32.07 92.75
C ILE VA 36 44.72 -32.81 91.88
N ALA VA 37 44.30 -33.20 90.67
CA ALA VA 37 45.18 -33.92 89.77
C ALA VA 37 46.27 -33.03 89.22
N VAL VA 38 46.09 -31.72 89.28
CA VAL VA 38 47.15 -30.81 88.87
C VAL VA 38 48.09 -30.53 90.05
N LEU VA 39 47.55 -30.37 91.25
CA LEU VA 39 48.39 -30.01 92.39
C LEU VA 39 49.27 -31.19 92.81
N GLN VA 40 48.76 -32.41 92.72
CA GLN VA 40 49.57 -33.57 93.12
C GLN VA 40 50.71 -33.86 92.15
N MET VA 41 50.66 -33.28 90.95
CA MET VA 41 51.79 -33.41 90.04
C MET VA 41 52.99 -32.59 90.50
N HIS VA 42 52.76 -31.53 91.27
CA HIS VA 42 53.81 -30.63 91.70
C HIS VA 42 54.10 -30.70 93.19
N ASN VA 43 54.01 -31.90 93.78
CA ASN VA 43 54.49 -32.22 95.13
C ASN VA 43 53.78 -31.41 96.22
N ILE VA 44 52.53 -31.03 96.01
CA ILE VA 44 51.71 -30.42 97.06
C ILE VA 44 50.38 -31.15 97.07
N GLU VA 45 49.80 -31.33 98.26
CA GLU VA 45 48.59 -32.12 98.41
C GLU VA 45 47.45 -31.24 98.90
N ALA VA 46 46.23 -31.64 98.56
CA ALA VA 46 45.04 -30.87 98.88
C ALA VA 46 43.98 -31.79 99.46
N ASN VA 47 42.82 -31.20 99.79
CA ASN VA 47 41.73 -31.96 100.36
C ASN VA 47 40.44 -31.63 99.63
N LYS VA 48 39.65 -32.66 99.32
CA LYS VA 48 38.37 -32.49 98.64
C LYS VA 48 37.28 -32.52 99.70
N ILE VA 49 36.96 -31.37 100.27
CA ILE VA 49 35.97 -31.28 101.33
C ILE VA 49 34.60 -30.97 100.72
N ASP VA 50 33.66 -31.88 100.93
CA ASP VA 50 32.29 -31.65 100.49
C ASP VA 50 31.60 -30.66 101.42
N SER VA 51 30.56 -30.02 100.91
CA SER VA 51 29.84 -29.02 101.69
C SER VA 51 28.33 -29.14 101.54
N GLY VA 52 27.82 -30.21 100.96
CA GLY VA 52 26.39 -30.37 100.79
C GLY VA 52 25.97 -29.99 99.38
N LYS VA 53 24.94 -29.15 99.28
CA LYS VA 53 24.48 -28.66 97.99
C LYS VA 53 25.22 -27.41 97.55
N LEU VA 54 26.21 -26.95 98.32
CA LEU VA 54 27.00 -25.79 97.97
C LEU VA 54 28.22 -26.13 97.12
N GLY VA 55 28.37 -27.38 96.71
CA GLY VA 55 29.51 -27.80 95.94
C GLY VA 55 30.74 -28.05 96.80
N TYR VA 56 31.78 -28.56 96.14
CA TYR VA 56 33.00 -28.96 96.82
C TYR VA 56 33.87 -27.75 97.15
N SER VA 57 34.94 -28.01 97.89
CA SER VA 57 35.89 -26.98 98.26
C SER VA 57 37.24 -27.64 98.49
N ILE VA 58 38.30 -26.91 98.16
CA ILE VA 58 39.66 -27.45 98.18
C ILE VA 58 40.51 -26.61 99.10
N THR VA 59 41.12 -27.26 100.09
CA THR VA 59 42.04 -26.61 101.02
C THR VA 59 43.43 -27.22 100.90
N VAL VA 60 44.44 -26.36 101.09
CA VAL VA 60 45.84 -26.73 101.02
C VAL VA 60 46.53 -26.24 102.28
N ALA VA 61 47.68 -26.85 102.59
CA ALA VA 61 48.42 -26.50 103.79
C ALA VA 61 49.09 -25.13 103.67
N GLU VA 62 49.55 -24.65 104.82
CA GLU VA 62 50.09 -23.29 104.93
C GLU VA 62 51.47 -23.16 104.28
N PRO VA 63 52.42 -24.10 104.39
CA PRO VA 63 53.63 -23.94 103.56
C PRO VA 63 53.38 -24.20 102.09
N ASP VA 64 52.32 -24.93 101.73
CA ASP VA 64 51.98 -25.18 100.33
C ASP VA 64 50.91 -24.25 99.80
N PHE VA 65 50.79 -23.05 100.35
CA PHE VA 65 49.78 -22.13 99.86
C PHE VA 65 50.33 -21.18 98.80
N THR VA 66 51.59 -20.76 98.96
CA THR VA 66 52.19 -19.81 98.03
C THR VA 66 52.44 -20.45 96.67
N ALA VA 67 52.87 -21.71 96.66
CA ALA VA 67 53.11 -22.39 95.39
C ALA VA 67 51.80 -22.73 94.70
N ALA VA 68 50.76 -23.03 95.50
CA ALA VA 68 49.51 -23.48 94.92
C ALA VA 68 48.77 -22.32 94.27
N VAL VA 69 48.93 -21.09 94.79
CA VAL VA 69 48.29 -19.98 94.09
C VAL VA 69 49.00 -19.70 92.76
N TYR VA 70 50.31 -19.98 92.72
CA TYR VA 70 51.06 -19.79 91.49
C TYR VA 70 50.68 -20.82 90.44
N TRP VA 71 50.37 -22.05 90.85
CA TRP VA 71 49.94 -23.00 89.83
C TRP VA 71 48.47 -22.87 89.49
N ILE VA 72 47.67 -22.19 90.32
CA ILE VA 72 46.30 -21.88 89.95
C ILE VA 72 46.30 -20.82 88.85
N LYS VA 73 47.13 -19.80 89.03
CA LYS VA 73 47.20 -18.71 88.07
C LYS VA 73 47.84 -19.21 86.78
N THR VA 74 48.83 -20.10 86.87
CA THR VA 74 49.52 -20.55 85.67
C THR VA 74 48.62 -21.47 84.85
N TYR VA 75 48.03 -22.50 85.47
CA TYR VA 75 47.25 -23.45 84.68
C TYR VA 75 45.84 -22.98 84.39
N GLN VA 76 45.44 -21.77 84.82
CA GLN VA 76 44.09 -21.21 84.62
C GLN VA 76 42.99 -22.12 85.18
N LEU VA 77 43.06 -22.35 86.40
CA LEU VA 77 42.11 -23.19 87.10
C LEU VA 77 41.12 -22.34 87.88
N PRO VA 78 39.86 -22.78 88.07
CA PRO VA 78 39.17 -24.01 87.67
C PRO VA 78 38.83 -24.09 86.18
N PRO VA 79 38.72 -25.32 85.65
CA PRO VA 79 38.47 -25.47 84.21
C PRO VA 79 37.08 -25.04 83.82
N ARG VA 80 37.00 -24.31 82.72
CA ARG VA 80 35.72 -23.91 82.15
C ARG VA 80 35.03 -25.11 81.52
N PRO VA 81 33.70 -25.12 81.45
CA PRO VA 81 33.01 -26.20 80.74
C PRO VA 81 33.27 -26.13 79.26
N ARG VA 82 33.34 -27.32 78.64
CA ARG VA 82 33.71 -27.40 77.24
C ARG VA 82 32.57 -26.94 76.36
N VAL VA 83 32.92 -26.21 75.30
CA VAL VA 83 31.94 -25.53 74.47
C VAL VA 83 31.73 -26.34 73.20
N GLU VA 84 30.47 -26.53 72.83
CA GLU VA 84 30.07 -27.14 71.59
C GLU VA 84 29.31 -26.12 70.75
N ILE VA 85 29.30 -26.34 69.45
CA ILE VA 85 28.64 -25.40 68.54
C ILE VA 85 27.12 -25.54 68.61
N ALA VA 86 26.61 -26.68 69.07
CA ALA VA 86 25.18 -26.85 69.20
C ALA VA 86 24.57 -26.10 70.36
N GLN VA 87 25.38 -25.48 71.21
CA GLN VA 87 24.84 -24.76 72.34
C GLN VA 87 24.40 -23.35 71.98
N MET VA 88 24.97 -22.77 70.92
CA MET VA 88 24.55 -21.43 70.53
C MET VA 88 23.25 -21.44 69.74
N PHE VA 89 22.96 -22.53 69.02
CA PHE VA 89 21.70 -22.70 68.30
C PHE VA 89 20.94 -23.81 68.99
N PRO VA 90 20.14 -23.51 70.01
CA PRO VA 90 19.52 -24.58 70.79
C PRO VA 90 18.35 -25.21 70.07
N ALA VA 91 18.11 -26.48 70.39
CA ALA VA 91 16.99 -27.22 69.83
C ALA VA 91 15.69 -26.94 70.56
N ASP VA 92 15.73 -26.25 71.69
CA ASP VA 92 14.54 -25.94 72.46
C ASP VA 92 13.76 -24.76 71.90
N SER VA 93 14.32 -24.05 70.92
CA SER VA 93 13.60 -22.97 70.27
C SER VA 93 12.49 -23.53 69.38
N LEU VA 94 11.53 -22.68 69.06
CA LEU VA 94 10.36 -23.13 68.32
C LEU VA 94 10.56 -23.07 66.81
N VAL VA 95 11.07 -21.96 66.29
CA VAL VA 95 11.34 -21.81 64.87
C VAL VA 95 12.84 -21.61 64.67
N SER VA 96 13.42 -22.30 63.68
CA SER VA 96 14.86 -22.29 63.48
C SER VA 96 15.22 -22.12 62.02
N SER VA 97 16.29 -21.35 61.78
CA SER VA 97 16.77 -21.06 60.44
C SER VA 97 17.42 -22.29 59.81
N PRO VA 98 17.49 -22.36 58.48
CA PRO VA 98 18.30 -23.41 57.83
C PRO VA 98 19.80 -23.29 58.12
N ARG VA 99 20.28 -22.09 58.43
CA ARG VA 99 21.66 -21.95 58.85
C ARG VA 99 21.87 -22.55 60.23
N ALA VA 100 20.86 -22.45 61.09
CA ALA VA 100 21.00 -23.01 62.42
C ALA VA 100 20.80 -24.51 62.40
N GLU VA 101 20.02 -25.02 61.45
CA GLU VA 101 19.89 -26.46 61.37
C GLU VA 101 21.13 -27.11 60.76
N LYS VA 102 21.84 -26.36 59.91
CA LYS VA 102 23.06 -26.91 59.33
C LYS VA 102 24.18 -26.87 60.36
N ALA VA 103 24.22 -25.80 61.17
CA ALA VA 103 25.24 -25.71 62.19
C ALA VA 103 24.95 -26.62 63.37
N ARG VA 104 23.70 -27.05 63.53
CA ARG VA 104 23.40 -28.02 64.56
C ARG VA 104 23.66 -29.44 64.09
N LEU VA 105 23.62 -29.68 62.77
CA LEU VA 105 23.94 -31.00 62.25
C LEU VA 105 25.43 -31.28 62.26
N TYR VA 106 26.23 -30.31 61.80
CA TYR VA 106 27.66 -30.54 61.72
C TYR VA 106 28.31 -30.63 63.11
N SER VA 107 27.67 -30.06 64.12
CA SER VA 107 28.19 -30.15 65.47
C SER VA 107 27.82 -31.44 66.18
N ALA VA 108 27.01 -32.29 65.56
CA ALA VA 108 26.73 -33.61 66.09
C ALA VA 108 27.50 -34.68 65.35
N ILE VA 109 27.84 -34.40 64.08
CA ILE VA 109 28.80 -35.29 63.42
C ILE VA 109 30.19 -35.06 63.99
N GLU VA 110 30.46 -33.84 64.46
CA GLU VA 110 31.75 -33.52 65.03
C GLU VA 110 31.98 -34.20 66.36
N GLN VA 111 30.91 -34.48 67.11
CA GLN VA 111 31.04 -35.20 68.38
C GLN VA 111 30.95 -36.70 68.21
N ARG VA 112 30.24 -37.17 67.18
CA ARG VA 112 30.14 -38.61 66.99
C ARG VA 112 31.44 -39.17 66.44
N LEU VA 113 32.15 -38.40 65.60
CA LEU VA 113 33.46 -38.88 65.16
C LEU VA 113 34.49 -38.85 66.27
N GLU VA 114 34.29 -37.99 67.28
CA GLU VA 114 35.22 -37.93 68.39
C GLU VA 114 35.00 -39.11 69.31
N GLN VA 115 33.73 -39.47 69.55
CA GLN VA 115 33.48 -40.63 70.39
C GLN VA 115 33.84 -41.93 69.69
N SER VA 116 33.82 -41.95 68.35
CA SER VA 116 34.23 -43.16 67.64
C SER VA 116 35.73 -43.29 67.55
N LEU VA 117 36.49 -42.20 67.71
CA LEU VA 117 37.95 -42.33 67.71
C LEU VA 117 38.50 -42.90 69.00
N GLN VA 118 37.79 -42.80 70.12
CA GLN VA 118 38.29 -43.34 71.38
C GLN VA 118 38.18 -44.85 71.48
N THR VA 119 37.51 -45.51 70.53
CA THR VA 119 37.38 -46.96 70.53
C THR VA 119 38.47 -47.66 69.71
N MET VA 120 39.45 -46.93 69.22
CA MET VA 120 40.55 -47.57 68.51
C MET VA 120 41.52 -48.20 69.51
N GLU VA 121 42.46 -48.97 69.00
CA GLU VA 121 43.40 -49.71 69.84
C GLU VA 121 44.52 -48.77 70.27
N GLY VA 122 44.39 -48.21 71.47
CA GLY VA 122 45.44 -47.41 72.08
C GLY VA 122 45.05 -45.99 72.41
N VAL VA 123 44.00 -45.46 71.81
CA VAL VA 123 43.63 -44.06 71.98
C VAL VA 123 42.99 -43.85 73.34
N LEU VA 124 43.48 -42.84 74.07
CA LEU VA 124 42.88 -42.46 75.35
C LEU VA 124 41.94 -41.27 75.22
N SER VA 125 42.25 -40.32 74.34
CA SER VA 125 41.37 -39.19 74.09
C SER VA 125 41.67 -38.66 72.70
N ALA VA 126 40.67 -38.03 72.10
CA ALA VA 126 40.79 -37.52 70.75
C ALA VA 126 39.86 -36.34 70.58
N ARG VA 127 40.18 -35.49 69.59
CA ARG VA 127 39.33 -34.35 69.25
C ARG VA 127 39.34 -34.11 67.76
N VAL VA 128 38.16 -33.82 67.21
CA VAL VA 128 37.98 -33.67 65.77
C VAL VA 128 37.32 -32.32 65.50
N HIS VA 129 37.82 -31.62 64.48
CA HIS VA 129 37.27 -30.37 64.00
C HIS VA 129 36.86 -30.52 62.54
N ILE VA 130 35.69 -29.96 62.21
CA ILE VA 130 35.12 -29.98 60.88
C ILE VA 130 35.07 -28.55 60.37
N SER VA 131 35.35 -28.38 59.08
CA SER VA 131 35.26 -27.06 58.46
C SER VA 131 33.80 -26.69 58.23
N TYR VA 132 33.35 -25.61 58.86
CA TYR VA 132 31.96 -25.20 58.77
C TYR VA 132 31.74 -24.32 57.55
N ASP VA 133 30.73 -24.65 56.75
CA ASP VA 133 30.35 -23.87 55.58
C ASP VA 133 28.84 -23.74 55.59
N ILE VA 134 28.33 -22.52 55.76
CA ILE VA 134 26.90 -22.29 55.83
C ILE VA 134 26.42 -21.27 54.81
N ASP VA 135 27.26 -20.36 54.35
CA ASP VA 135 26.88 -19.24 53.52
C ASP VA 135 27.07 -19.50 52.04
N ALA VA 136 27.78 -20.55 51.68
CA ALA VA 136 27.97 -20.95 50.29
C ALA VA 136 26.89 -21.90 49.79
N GLY VA 137 26.01 -22.37 50.68
CA GLY VA 137 24.95 -23.25 50.23
C GLY VA 137 23.77 -22.56 49.60
N GLU VA 138 23.65 -21.24 49.79
CA GLU VA 138 22.48 -20.54 49.27
C GLU VA 138 22.69 -19.98 47.87
N ASN VA 139 23.90 -19.52 47.56
CA ASN VA 139 24.16 -18.89 46.29
C ASN VA 139 24.42 -19.93 45.21
N GLY VA 140 24.56 -19.47 43.97
CA GLY VA 140 24.85 -20.34 42.85
C GLY VA 140 26.25 -20.94 42.87
N ARG VA 141 27.15 -20.40 43.68
CA ARG VA 141 28.46 -21.01 43.85
C ARG VA 141 28.31 -22.34 44.58
N PRO VA 142 29.03 -23.37 44.16
CA PRO VA 142 28.94 -24.67 44.84
C PRO VA 142 29.64 -24.62 46.19
N PRO VA 143 29.27 -25.49 47.12
CA PRO VA 143 29.98 -25.55 48.39
C PRO VA 143 31.38 -26.12 48.19
N LYS VA 144 32.31 -25.64 49.00
CA LYS VA 144 33.70 -26.02 48.89
C LYS VA 144 33.92 -27.42 49.45
N PRO VA 145 35.08 -28.02 49.18
CA PRO VA 145 35.37 -29.32 49.79
C PRO VA 145 35.61 -29.17 51.28
N VAL VA 146 35.16 -30.15 52.04
CA VAL VA 146 35.17 -30.06 53.50
C VAL VA 146 36.50 -30.57 54.03
N HIS VA 147 37.01 -29.91 55.08
CA HIS VA 147 38.30 -30.20 55.68
C HIS VA 147 38.09 -30.74 57.08
N LEU VA 148 39.02 -31.59 57.54
CA LEU VA 148 38.96 -32.18 58.87
C LEU VA 148 40.31 -32.04 59.55
N SER VA 149 40.32 -32.07 60.88
CA SER VA 149 41.59 -32.05 61.61
C SER VA 149 41.41 -32.71 62.98
N ALA VA 150 42.36 -33.54 63.37
CA ALA VA 150 42.19 -34.33 64.58
C ALA VA 150 43.45 -34.38 65.44
N LEU VA 151 43.23 -34.47 66.75
CA LEU VA 151 44.28 -34.69 67.73
C LEU VA 151 43.99 -35.97 68.50
N ALA VA 152 45.05 -36.56 69.08
CA ALA VA 152 44.92 -37.80 69.83
C ALA VA 152 46.07 -37.94 70.81
N VAL VA 153 45.84 -38.74 71.84
CA VAL VA 153 46.87 -39.03 72.84
C VAL VA 153 46.94 -40.56 73.03
N TYR VA 154 48.11 -41.12 72.73
CA TYR VA 154 48.30 -42.56 72.75
C TYR VA 154 49.06 -43.03 73.98
N GLU VA 155 48.82 -44.28 74.36
CA GLU VA 155 49.59 -44.92 75.41
C GLU VA 155 51.00 -45.20 74.92
N ARG VA 156 51.99 -44.97 75.80
CA ARG VA 156 53.38 -45.07 75.39
C ARG VA 156 53.78 -46.52 75.13
N GLY VA 157 54.86 -46.68 74.38
CA GLY VA 157 55.25 -47.98 73.90
C GLY VA 157 54.68 -48.32 72.54
N SER VA 158 53.84 -47.46 71.98
CA SER VA 158 53.16 -47.63 70.70
C SER VA 158 53.96 -46.94 69.59
N PRO VA 159 54.06 -47.57 68.42
CA PRO VA 159 54.76 -46.93 67.31
C PRO VA 159 53.90 -45.91 66.58
N LEU VA 160 53.89 -44.67 67.06
CA LEU VA 160 52.90 -43.70 66.60
C LEU VA 160 53.23 -43.05 65.26
N ALA VA 161 54.16 -43.61 64.49
CA ALA VA 161 54.34 -43.15 63.12
C ALA VA 161 53.48 -43.92 62.11
N HIS VA 162 53.20 -45.18 62.38
CA HIS VA 162 52.36 -45.99 61.50
C HIS VA 162 50.88 -45.88 61.79
N GLN VA 163 50.51 -45.39 62.96
CA GLN VA 163 49.11 -45.28 63.37
C GLN VA 163 48.45 -44.01 62.92
N ILE VA 164 49.14 -43.21 62.10
CA ILE VA 164 48.51 -42.05 61.49
C ILE VA 164 47.84 -42.39 60.16
N SER VA 165 48.06 -43.59 59.64
CA SER VA 165 47.54 -43.93 58.33
C SER VA 165 46.15 -44.54 58.40
N ASP VA 166 45.76 -45.07 59.55
CA ASP VA 166 44.40 -45.58 59.66
C ASP VA 166 43.46 -44.55 60.27
N ILE VA 167 44.00 -43.53 60.93
CA ILE VA 167 43.13 -42.42 61.32
C ILE VA 167 42.73 -41.64 60.09
N LYS VA 168 43.66 -41.45 59.16
CA LYS VA 168 43.31 -40.80 57.90
C LYS VA 168 42.47 -41.72 57.01
N ARG VA 169 42.61 -43.04 57.17
CA ARG VA 169 41.79 -43.95 56.39
C ARG VA 169 40.37 -44.00 56.94
N PHE VA 170 40.21 -43.91 58.26
CA PHE VA 170 38.87 -43.92 58.85
C PHE VA 170 38.19 -42.60 58.58
N LEU VA 171 38.94 -41.51 58.62
CA LEU VA 171 38.32 -40.20 58.45
C LEU VA 171 38.07 -39.81 57.00
N LYS VA 172 38.63 -40.52 56.02
CA LYS VA 172 38.53 -40.03 54.64
C LYS VA 172 37.15 -40.20 54.05
N ASN VA 173 36.65 -41.43 54.00
CA ASN VA 173 35.36 -41.69 53.36
C ASN VA 173 34.25 -41.84 54.38
N SER VA 174 34.30 -41.02 55.43
CA SER VA 174 33.18 -40.76 56.31
C SER VA 174 32.49 -39.45 56.00
N PHE VA 175 32.76 -38.85 54.84
CA PHE VA 175 32.14 -37.60 54.44
C PHE VA 175 31.90 -37.63 52.94
N ALA VA 176 31.58 -36.47 52.37
CA ALA VA 176 31.16 -36.43 50.98
C ALA VA 176 32.35 -36.61 50.05
N ASP VA 177 33.30 -35.66 50.08
CA ASP VA 177 34.46 -35.74 49.19
C ASP VA 177 35.60 -34.98 49.85
N VAL VA 178 36.52 -35.69 50.49
CA VAL VA 178 37.74 -35.09 50.98
C VAL VA 178 38.92 -35.74 50.28
N ASP VA 179 40.07 -35.10 50.38
CA ASP VA 179 41.34 -35.64 49.93
C ASP VA 179 42.19 -36.01 51.14
N TYR VA 180 43.32 -36.64 50.89
CA TYR VA 180 44.24 -36.92 51.98
C TYR VA 180 45.07 -35.71 52.37
N ASP VA 181 45.01 -34.63 51.62
CA ASP VA 181 45.72 -33.41 51.96
C ASP VA 181 44.90 -32.45 52.80
N ASN VA 182 43.60 -32.68 52.88
CA ASN VA 182 42.72 -31.85 53.68
C ASN VA 182 42.48 -32.41 55.07
N ILE VA 183 43.16 -33.49 55.43
CA ILE VA 183 43.07 -34.08 56.76
C ILE VA 183 44.44 -33.95 57.41
N SER VA 184 44.47 -33.43 58.64
CA SER VA 184 45.70 -33.24 59.38
C SER VA 184 45.55 -33.86 60.76
N VAL VA 185 46.46 -34.75 61.11
CA VAL VA 185 46.43 -35.47 62.37
C VAL VA 185 47.68 -35.10 63.16
N VAL VA 186 47.50 -34.54 64.34
CA VAL VA 186 48.60 -34.20 65.24
C VAL VA 186 48.38 -34.95 66.53
N LEU VA 187 49.18 -35.98 66.78
CA LEU VA 187 49.00 -36.84 67.94
C LEU VA 187 50.27 -36.93 68.77
N SER VA 188 50.11 -37.43 70.00
CA SER VA 188 51.25 -37.47 70.92
C SER VA 188 51.02 -38.51 72.00
N GLU VA 189 52.13 -39.04 72.53
CA GLU VA 189 52.05 -40.04 73.59
C GLU VA 189 51.70 -39.39 74.93
N ARG VA 190 51.19 -40.19 75.85
CA ARG VA 190 50.81 -39.65 77.14
C ARG VA 190 52.05 -39.43 78.01
N SER VA 191 51.86 -38.64 79.06
CA SER VA 191 52.96 -38.24 79.93
C SER VA 191 53.35 -39.38 80.87
N ASP VA 192 54.29 -39.10 81.77
CA ASP VA 192 54.73 -40.11 82.70
C ASP VA 192 53.70 -40.31 83.81
N ALA VA 193 53.69 -41.51 84.37
CA ALA VA 193 52.69 -41.86 85.37
C ALA VA 193 53.02 -41.22 86.71
N GLN VA 194 51.97 -40.79 87.41
CA GLN VA 194 52.08 -40.23 88.76
C GLN VA 194 51.42 -41.22 89.69
N LEU VA 195 52.24 -41.93 90.47
CA LEU VA 195 51.74 -42.99 91.32
C LEU VA 195 52.09 -42.85 92.80
N GLN VA 196 53.12 -42.08 93.15
CA GLN VA 196 53.49 -41.96 94.56
C GLN VA 196 52.82 -40.75 95.20
N ALA VA 197 52.65 -40.83 96.52
CA ALA VA 197 51.98 -39.78 97.26
C ALA VA 197 52.91 -38.56 97.39
N PRO VA 198 52.34 -37.35 97.43
CA PRO VA 198 53.17 -36.15 97.55
C PRO VA 198 53.95 -36.01 98.86
N GLY VA 199 53.27 -36.05 99.99
CA GLY VA 199 53.95 -35.88 101.25
C GLY VA 199 53.56 -34.59 101.95
N THR VA 200 53.28 -34.68 103.24
CA THR VA 200 52.85 -33.57 104.08
C THR VA 200 54.04 -32.72 104.50
N PRO VA 201 53.89 -31.41 104.59
CA PRO VA 201 54.99 -30.55 105.05
C PRO VA 201 55.31 -30.72 106.52
N VAL VA 202 56.46 -31.31 106.83
CA VAL VA 202 56.84 -31.56 108.20
C VAL VA 202 57.36 -30.25 108.82
N LYS VA 203 57.13 -30.09 110.11
CA LYS VA 203 57.58 -28.91 110.84
C LYS VA 203 58.05 -29.31 112.24
N ASP WA 20 46.11 -3.86 109.92
CA ASP WA 20 45.86 -4.40 108.59
C ASP WA 20 45.03 -3.46 107.71
N LYS WA 21 45.71 -2.80 106.78
CA LYS WA 21 45.01 -1.91 105.88
C LYS WA 21 44.26 -2.73 104.84
N ASP WA 22 43.15 -2.18 104.35
CA ASP WA 22 42.30 -2.88 103.40
C ASP WA 22 42.54 -2.31 102.00
N LEU WA 23 42.90 -3.20 101.08
CA LEU WA 23 43.12 -2.83 99.69
C LEU WA 23 41.83 -2.92 98.89
N LEU WA 24 41.24 -4.12 98.83
CA LEU WA 24 40.07 -4.39 98.04
C LEU WA 24 39.04 -5.13 98.89
N LYS WA 25 37.78 -4.99 98.49
CA LYS WA 25 36.69 -5.73 99.10
C LYS WA 25 35.57 -5.86 98.09
N GLY WA 26 34.76 -6.89 98.26
CA GLY WA 26 33.68 -7.17 97.35
C GLY WA 26 34.09 -7.88 96.08
N LEU WA 27 35.21 -8.60 96.11
CA LEU WA 27 35.71 -9.26 94.91
C LEU WA 27 34.96 -10.57 94.68
N ASP WA 28 35.26 -11.18 93.54
CA ASP WA 28 34.75 -12.49 93.18
C ASP WA 28 35.71 -13.53 93.73
N GLN WA 29 35.55 -14.79 93.33
CA GLN WA 29 36.45 -15.85 93.79
C GLN WA 29 37.74 -15.87 92.99
N GLU WA 30 37.65 -15.89 91.67
CA GLU WA 30 38.81 -15.90 90.80
C GLU WA 30 39.39 -14.52 90.55
N GLN WA 31 38.76 -13.47 91.07
CA GLN WA 31 39.39 -12.16 91.08
C GLN WA 31 40.39 -12.02 92.22
N ALA WA 32 40.24 -12.80 93.30
CA ALA WA 32 41.14 -12.70 94.43
C ALA WA 32 42.39 -13.55 94.27
N ASN WA 33 42.31 -14.62 93.50
CA ASN WA 33 43.48 -15.44 93.27
C ASN WA 33 44.43 -14.82 92.27
N GLU WA 34 44.01 -13.79 91.55
CA GLU WA 34 44.93 -13.10 90.67
C GLU WA 34 45.67 -12.00 91.42
N VAL WA 35 44.98 -11.32 92.35
CA VAL WA 35 45.63 -10.28 93.13
C VAL WA 35 46.62 -10.87 94.11
N ILE WA 36 46.30 -12.04 94.67
CA ILE WA 36 47.25 -12.67 95.59
C ILE WA 36 48.47 -13.17 94.84
N ALA WA 37 48.25 -13.74 93.65
CA ALA WA 37 49.35 -14.25 92.84
C ALA WA 37 50.20 -13.14 92.27
N VAL WA 38 49.67 -11.92 92.15
CA VAL WA 38 50.49 -10.80 91.70
C VAL WA 38 51.27 -10.23 92.87
N LEU WA 39 50.64 -10.07 94.03
CA LEU WA 39 51.31 -9.46 95.17
C LEU WA 39 52.41 -10.35 95.74
N GLN WA 40 52.23 -11.66 95.73
CA GLN WA 40 53.27 -12.54 96.26
C GLN WA 40 54.50 -12.63 95.36
N MET WA 41 54.40 -12.19 94.10
CA MET WA 41 55.56 -12.12 93.24
C MET WA 41 56.50 -10.98 93.60
N HIS WA 42 56.01 -9.99 94.36
CA HIS WA 42 56.78 -8.81 94.71
C HIS WA 42 57.01 -8.66 96.20
N ASN WA 43 57.15 -9.80 96.90
CA ASN WA 43 57.61 -9.88 98.29
C ASN WA 43 56.70 -9.18 99.28
N ILE WA 44 55.39 -9.15 99.03
CA ILE WA 44 54.44 -8.65 100.00
C ILE WA 44 53.34 -9.67 100.16
N GLU WA 45 52.93 -9.90 101.40
CA GLU WA 45 52.04 -11.01 101.76
C GLU WA 45 50.67 -10.45 102.08
N ALA WA 46 49.65 -11.03 101.45
CA ALA WA 46 48.27 -10.58 101.63
C ALA WA 46 47.42 -11.69 102.21
N ASN WA 47 46.35 -11.29 102.89
CA ASN WA 47 45.43 -12.20 103.53
C ASN WA 47 44.08 -12.11 102.83
N LYS WA 48 43.50 -13.27 102.54
CA LYS WA 48 42.20 -13.38 101.89
C LYS WA 48 41.14 -13.70 102.93
N ILE WA 49 40.12 -12.86 103.03
CA ILE WA 49 39.08 -12.98 104.04
C ILE WA 49 37.73 -13.07 103.34
N ASP WA 50 36.99 -14.15 103.60
CA ASP WA 50 35.65 -14.29 103.08
C ASP WA 50 34.68 -13.50 103.93
N SER WA 51 33.66 -12.92 103.30
CA SER WA 51 32.65 -12.16 104.03
C SER WA 51 31.25 -12.63 103.67
N GLY WA 52 31.11 -13.88 103.26
CA GLY WA 52 29.81 -14.45 102.98
C GLY WA 52 29.21 -13.98 101.68
N LYS WA 53 28.04 -13.35 101.74
CA LYS WA 53 27.35 -12.95 100.52
C LYS WA 53 28.02 -11.74 99.88
N LEU WA 54 28.75 -10.95 100.66
CA LEU WA 54 29.35 -9.72 100.16
C LEU WA 54 30.69 -9.94 99.47
N GLY WA 55 31.04 -11.18 99.14
CA GLY WA 55 32.28 -11.44 98.44
C GLY WA 55 33.50 -11.71 99.30
N TYR WA 56 34.66 -11.37 98.77
CA TYR WA 56 35.93 -11.58 99.44
C TYR WA 56 36.55 -10.23 99.77
N SER WA 57 37.71 -10.26 100.42
CA SER WA 57 38.44 -9.05 100.77
C SER WA 57 39.89 -9.42 100.91
N ILE WA 58 40.77 -8.45 100.69
CA ILE WA 58 42.20 -8.68 100.71
C ILE WA 58 42.84 -7.61 101.57
N THR WA 59 43.54 -8.02 102.62
CA THR WA 59 44.22 -7.09 103.51
C THR WA 59 45.71 -7.37 103.52
N VAL WA 60 46.50 -6.30 103.61
CA VAL WA 60 47.95 -6.42 103.71
C VAL WA 60 48.40 -5.81 105.03
N ALA WA 61 49.70 -5.85 105.28
CA ALA WA 61 50.25 -5.27 106.49
C ALA WA 61 50.38 -3.76 106.33
N GLU WA 62 50.83 -3.10 107.37
CA GLU WA 62 50.96 -1.64 107.35
C GLU WA 62 52.15 -1.13 106.54
N PRO WA 63 53.41 -1.61 106.70
CA PRO WA 63 54.48 -1.04 105.88
C PRO WA 63 54.45 -1.47 104.42
N ASP WA 64 53.70 -2.51 104.06
CA ASP WA 64 53.56 -2.94 102.68
C ASP WA 64 52.40 -2.27 101.95
N PHE WA 65 51.79 -1.25 102.56
CA PHE WA 65 50.61 -0.65 101.96
C PHE WA 65 51.00 0.26 100.80
N THR WA 66 51.94 1.16 101.04
CA THR WA 66 52.29 2.13 100.01
C THR WA 66 53.05 1.50 98.87
N ALA WA 67 53.52 0.26 99.03
CA ALA WA 67 54.10 -0.47 97.92
C ALA WA 67 53.09 -1.41 97.28
N ALA WA 68 51.94 -1.65 97.91
CA ALA WA 68 50.98 -2.55 97.29
C ALA WA 68 49.94 -1.80 96.46
N VAL WA 69 49.69 -0.53 96.78
CA VAL WA 69 48.80 0.25 95.94
C VAL WA 69 49.47 0.59 94.60
N TYR WA 70 50.80 0.62 94.58
CA TYR WA 70 51.51 0.89 93.34
C TYR WA 70 51.38 -0.26 92.36
N TRP WA 71 51.46 -1.50 92.86
CA TRP WA 71 51.29 -2.62 91.95
C TRP WA 71 49.83 -2.88 91.62
N ILE WA 72 48.89 -2.33 92.40
CA ILE WA 72 47.50 -2.40 92.00
C ILE WA 72 47.25 -1.47 90.82
N LYS WA 73 47.80 -0.25 90.90
CA LYS WA 73 47.62 0.72 89.82
C LYS WA 73 48.39 0.29 88.58
N THR WA 74 49.55 -0.35 88.76
CA THR WA 74 50.35 -0.73 87.61
C THR WA 74 49.72 -1.92 86.89
N TYR WA 75 49.40 -2.98 87.62
CA TYR WA 75 48.87 -4.17 86.96
C TYR WA 75 47.38 -4.11 86.68
N GLN WA 76 46.72 -2.97 86.93
CA GLN WA 76 45.29 -2.75 86.62
C GLN WA 76 44.37 -3.74 87.33
N LEU WA 77 44.72 -4.14 88.52
CA LEU WA 77 43.90 -5.07 89.28
C LEU WA 77 42.71 -4.33 89.90
N PRO WA 78 41.56 -5.00 90.07
CA PRO WA 78 41.10 -6.37 89.80
C PRO WA 78 40.82 -6.64 88.33
N PRO WA 79 40.90 -7.89 87.90
CA PRO WA 79 40.74 -8.18 86.47
C PRO WA 79 39.30 -8.07 86.03
N ARG WA 80 39.12 -7.52 84.83
CA ARG WA 80 37.81 -7.52 84.20
C ARG WA 80 37.49 -8.94 83.75
N PRO WA 81 36.21 -9.29 83.61
CA PRO WA 81 35.86 -10.58 83.01
C PRO WA 81 36.19 -10.59 81.53
N ARG WA 82 36.67 -11.74 81.05
CA ARG WA 82 37.10 -11.83 79.67
C ARG WA 82 35.91 -11.81 78.73
N VAL WA 83 36.02 -11.02 77.67
CA VAL WA 83 34.89 -10.72 76.80
C VAL WA 83 34.92 -11.68 75.62
N GLU WA 84 33.74 -11.97 75.09
CA GLU WA 84 33.58 -12.78 73.89
C GLU WA 84 32.67 -12.04 72.91
N ILE WA 85 32.71 -12.50 71.66
CA ILE WA 85 31.87 -11.88 70.63
C ILE WA 85 30.43 -12.39 70.74
N ALA WA 86 30.21 -13.57 71.29
CA ALA WA 86 28.87 -14.12 71.43
C ALA WA 86 28.08 -13.51 72.58
N GLN WA 87 28.69 -12.67 73.41
CA GLN WA 87 27.96 -12.05 74.51
C GLN WA 87 27.19 -10.83 74.05
N MET WA 88 27.62 -10.19 72.97
CA MET WA 88 26.93 -9.01 72.47
C MET WA 88 25.62 -9.37 71.76
N PHE WA 89 25.56 -10.56 71.17
CA PHE WA 89 24.36 -11.03 70.47
C PHE WA 89 23.74 -12.14 71.28
N PRO WA 90 22.77 -11.86 72.13
CA PRO WA 90 22.18 -12.91 72.97
C PRO WA 90 21.24 -13.79 72.17
N ALA WA 91 21.18 -15.06 72.57
CA ALA WA 91 20.37 -16.04 71.86
C ALA WA 91 18.89 -15.90 72.11
N ASP WA 92 18.47 -15.23 73.18
CA ASP WA 92 17.06 -15.12 73.52
C ASP WA 92 16.36 -13.93 72.87
N SER WA 93 16.92 -13.39 71.79
CA SER WA 93 16.24 -12.35 71.05
C SER WA 93 15.11 -12.97 70.22
N LEU WA 94 14.13 -12.12 69.89
CA LEU WA 94 12.96 -12.62 69.16
C LEU WA 94 13.31 -12.91 67.71
N VAL WA 95 14.15 -12.08 67.09
CA VAL WA 95 14.55 -12.25 65.71
C VAL WA 95 16.06 -12.00 65.62
N SER WA 96 16.77 -12.87 64.92
CA SER WA 96 18.22 -12.79 64.80
C SER WA 96 18.59 -12.62 63.34
N SER WA 97 19.41 -11.60 63.07
CA SER WA 97 19.88 -11.31 61.74
C SER WA 97 20.90 -12.34 61.25
N PRO WA 98 21.11 -12.42 59.93
CA PRO WA 98 22.20 -13.28 59.41
C PRO WA 98 23.59 -12.81 59.78
N ARG WA 99 23.75 -11.57 60.24
CA ARG WA 99 25.04 -11.15 60.76
C ARG WA 99 25.25 -11.68 62.17
N ALA WA 100 24.18 -11.67 62.97
CA ALA WA 100 24.30 -12.15 64.34
C ALA WA 100 24.40 -13.67 64.41
N GLU WA 101 23.98 -14.37 63.36
CA GLU WA 101 24.14 -15.81 63.41
C GLU WA 101 25.55 -16.23 62.99
N LYS WA 102 26.20 -15.45 62.14
CA LYS WA 102 27.56 -15.83 61.80
C LYS WA 102 28.55 -15.33 62.82
N ALA WA 103 28.23 -14.23 63.52
CA ALA WA 103 29.10 -13.81 64.61
C ALA WA 103 28.98 -14.76 65.79
N ARG WA 104 27.78 -15.32 66.01
CA ARG WA 104 27.64 -16.30 67.08
C ARG WA 104 28.19 -17.65 66.66
N LEU WA 105 28.41 -17.88 65.37
CA LEU WA 105 29.05 -19.11 64.95
C LEU WA 105 30.55 -19.03 65.17
N TYR WA 106 31.16 -17.95 64.66
CA TYR WA 106 32.60 -17.83 64.73
C TYR WA 106 33.11 -17.63 66.14
N SER WA 107 32.29 -17.10 67.06
CA SER WA 107 32.81 -16.99 68.42
C SER WA 107 32.84 -18.33 69.12
N ALA WA 108 31.98 -19.27 68.74
CA ALA WA 108 32.05 -20.58 69.35
C ALA WA 108 33.06 -21.46 68.67
N ILE WA 109 33.46 -21.10 67.45
CA ILE WA 109 34.51 -21.86 66.81
C ILE WA 109 35.85 -21.45 67.41
N GLU WA 110 36.10 -20.16 67.62
CA GLU WA 110 37.37 -19.81 68.24
C GLU WA 110 37.41 -20.13 69.72
N GLN WA 111 36.25 -20.31 70.37
CA GLN WA 111 36.25 -20.83 71.73
C GLN WA 111 36.48 -22.32 71.79
N ARG WA 112 36.19 -23.04 70.72
CA ARG WA 112 36.42 -24.48 70.76
C ARG WA 112 37.83 -24.82 70.30
N LEU WA 113 38.36 -24.04 69.35
CA LEU WA 113 39.76 -24.22 68.95
C LEU WA 113 40.73 -23.78 70.04
N GLU WA 114 40.33 -22.85 70.92
CA GLU WA 114 41.25 -22.50 71.99
C GLU WA 114 41.33 -23.60 73.03
N GLN WA 115 40.21 -24.25 73.34
CA GLN WA 115 40.25 -25.34 74.29
C GLN WA 115 40.87 -26.59 73.69
N SER WA 116 40.88 -26.71 72.36
CA SER WA 116 41.55 -27.84 71.75
C SER WA 116 43.05 -27.63 71.63
N LEU WA 117 43.51 -26.38 71.69
CA LEU WA 117 44.95 -26.16 71.67
C LEU WA 117 45.61 -26.41 73.02
N GLN WA 118 44.87 -26.35 74.12
CA GLN WA 118 45.45 -26.59 75.44
C GLN WA 118 45.73 -28.05 75.73
N THR WA 119 45.23 -28.97 74.92
CA THR WA 119 45.47 -30.39 75.12
C THR WA 119 46.67 -30.92 74.36
N MET WA 120 47.47 -30.05 73.76
CA MET WA 120 48.67 -30.48 73.07
C MET WA 120 49.76 -30.80 74.10
N GLU WA 121 50.89 -31.30 73.60
CA GLU WA 121 52.01 -31.71 74.44
C GLU WA 121 52.91 -30.52 74.69
N GLY WA 122 52.72 -29.86 75.82
CA GLY WA 122 53.56 -28.75 76.24
C GLY WA 122 52.81 -27.45 76.47
N VAL WA 123 51.62 -27.30 75.89
CA VAL WA 123 50.89 -26.04 75.96
C VAL WA 123 50.25 -25.91 77.33
N LEU WA 124 50.47 -24.78 78.00
CA LEU WA 124 49.77 -24.49 79.24
C LEU WA 124 48.53 -23.64 79.02
N SER WA 125 48.59 -22.66 78.12
CA SER WA 125 47.44 -21.83 77.80
C SER WA 125 47.60 -21.34 76.37
N ALA WA 126 46.48 -20.93 75.77
CA ALA WA 126 46.47 -20.51 74.38
C ALA WA 126 45.31 -19.55 74.14
N ARG WA 127 45.39 -18.85 73.00
CA ARG WA 127 44.35 -17.93 72.56
C ARG WA 127 44.34 -17.88 71.05
N VAL WA 128 43.14 -17.88 70.45
CA VAL WA 128 42.96 -17.99 69.01
C VAL WA 128 42.00 -16.92 68.51
N HIS WA 129 42.40 -16.19 67.46
CA HIS WA 129 41.58 -15.16 66.82
C HIS WA 129 41.31 -15.49 65.36
N ILE WA 130 40.08 -15.24 64.92
CA ILE WA 130 39.63 -15.45 63.54
C ILE WA 130 39.17 -14.11 62.99
N SER WA 131 39.39 -13.89 61.69
CA SER WA 131 38.84 -12.70 61.05
C SER WA 131 37.33 -12.86 60.84
N TYR WA 132 36.57 -11.83 61.17
CA TYR WA 132 35.11 -11.87 61.07
C TYR WA 132 34.67 -11.15 59.82
N ASP WA 133 33.63 -11.67 59.17
CA ASP WA 133 33.00 -10.99 58.05
C ASP WA 133 31.76 -10.21 58.51
N ILE WA 134 31.70 -8.94 58.09
CA ILE WA 134 30.74 -7.99 58.62
C ILE WA 134 29.78 -7.52 57.56
N ASP WA 135 30.28 -7.30 56.36
CA ASP WA 135 29.52 -6.86 55.19
C ASP WA 135 29.30 -8.00 54.20
N ALA WA 136 29.01 -9.20 54.72
CA ALA WA 136 29.03 -10.42 53.93
C ALA WA 136 27.93 -10.44 52.89
N GLY WA 137 26.68 -10.28 53.32
CA GLY WA 137 25.53 -10.37 52.44
C GLY WA 137 25.04 -9.05 51.92
N GLU WA 138 25.45 -7.94 52.54
CA GLU WA 138 24.98 -6.63 52.13
C GLU WA 138 25.58 -6.18 50.81
N ASN WA 139 26.76 -6.70 50.46
CA ASN WA 139 27.30 -6.52 49.13
C ASN WA 139 26.88 -7.68 48.25
N GLY WA 140 27.03 -7.48 46.95
CA GLY WA 140 26.93 -8.60 46.03
C GLY WA 140 28.22 -9.36 45.87
N ARG WA 141 29.29 -8.91 46.53
CA ARG WA 141 30.63 -9.45 46.44
C ARG WA 141 30.73 -10.77 47.21
N PRO WA 142 31.54 -11.71 46.73
CA PRO WA 142 31.80 -12.92 47.51
C PRO WA 142 32.68 -12.61 48.70
N PRO WA 143 32.63 -13.43 49.75
CA PRO WA 143 33.47 -13.16 50.92
C PRO WA 143 34.95 -13.42 50.64
N LYS WA 144 35.79 -12.82 51.49
CA LYS WA 144 37.23 -12.85 51.30
C LYS WA 144 37.85 -14.06 51.99
N PRO WA 145 39.16 -14.24 51.93
CA PRO WA 145 39.78 -15.36 52.61
C PRO WA 145 39.78 -15.16 54.12
N VAL WA 146 40.01 -16.26 54.84
CA VAL WA 146 39.94 -16.29 56.29
C VAL WA 146 41.34 -16.26 56.86
N HIS WA 147 41.59 -15.34 57.80
CA HIS WA 147 42.87 -15.23 58.47
C HIS WA 147 42.72 -15.67 59.92
N LEU WA 148 43.81 -16.22 60.48
CA LEU WA 148 43.81 -16.69 61.86
C LEU WA 148 45.08 -16.24 62.56
N SER WA 149 45.02 -16.17 63.88
CA SER WA 149 46.21 -15.89 64.67
C SER WA 149 46.12 -16.62 65.98
N ALA WA 150 47.28 -16.87 66.60
CA ALA WA 150 47.31 -17.68 67.80
C ALA WA 150 48.46 -17.27 68.70
N LEU WA 151 48.25 -17.45 70.00
CA LEU WA 151 49.24 -17.24 71.03
C LEU WA 151 49.27 -18.47 71.92
N ALA WA 152 50.42 -18.73 72.52
CA ALA WA 152 50.60 -19.91 73.34
C ALA WA 152 51.70 -19.70 74.36
N VAL WA 153 51.60 -20.43 75.46
CA VAL WA 153 52.60 -20.40 76.53
C VAL WA 153 53.02 -21.83 76.80
N TYR WA 154 54.32 -22.12 76.68
CA TYR WA 154 54.83 -23.47 76.76
C TYR WA 154 55.57 -23.70 78.06
N GLU WA 155 55.61 -24.96 78.48
CA GLU WA 155 56.47 -25.41 79.57
C GLU WA 155 57.93 -25.27 79.16
N ARG WA 156 58.77 -24.81 80.09
CA ARG WA 156 60.15 -24.55 79.74
C ARG WA 156 60.95 -25.85 79.60
N GLY WA 157 62.06 -25.76 78.89
CA GLY WA 157 62.83 -26.92 78.51
C GLY WA 157 62.46 -27.49 77.16
N SER WA 158 61.56 -26.83 76.44
CA SER WA 158 61.03 -27.25 75.16
C SER WA 158 61.62 -26.43 74.02
N PRO WA 159 61.94 -27.05 72.89
CA PRO WA 159 62.43 -26.29 71.73
C PRO WA 159 61.31 -25.55 71.02
N LEU WA 160 60.98 -24.34 71.47
CA LEU WA 160 59.79 -23.65 70.99
C LEU WA 160 59.96 -23.02 69.61
N ALA WA 161 61.02 -23.34 68.87
CA ALA WA 161 61.09 -22.93 67.47
C ALA WA 161 60.55 -23.99 66.53
N HIS WA 162 60.73 -25.27 66.86
CA HIS WA 162 60.19 -26.35 66.03
C HIS WA 162 58.72 -26.61 66.29
N GLN WA 163 58.18 -26.13 67.41
CA GLN WA 163 56.80 -26.37 67.76
C GLN WA 163 55.85 -25.33 67.20
N ILE WA 164 56.33 -24.50 66.27
CA ILE WA 164 55.47 -23.56 65.58
C ILE WA 164 54.92 -24.18 64.30
N SER WA 165 55.49 -25.29 63.86
CA SER WA 165 55.06 -25.98 62.65
C SER WA 165 53.97 -27.02 62.91
N ASP WA 166 53.63 -27.29 64.16
CA ASP WA 166 52.52 -28.18 64.46
C ASP WA 166 51.21 -27.45 64.64
N ILE WA 167 51.24 -26.23 65.17
CA ILE WA 167 50.04 -25.44 65.32
C ILE WA 167 49.58 -24.90 63.97
N LYS WA 168 50.50 -24.68 63.05
CA LYS WA 168 50.11 -24.23 61.72
C LYS WA 168 49.49 -25.35 60.93
N ARG WA 169 49.99 -26.58 61.10
CA ARG WA 169 49.41 -27.73 60.43
C ARG WA 169 48.06 -28.06 61.03
N PHE WA 170 47.89 -27.83 62.34
CA PHE WA 170 46.61 -28.12 62.97
C PHE WA 170 45.58 -27.08 62.56
N LEU WA 171 45.99 -25.82 62.45
CA LEU WA 171 45.06 -24.74 62.16
C LEU WA 171 44.78 -24.54 60.68
N LYS WA 172 45.52 -25.17 59.77
CA LYS WA 172 45.33 -24.87 58.35
C LYS WA 172 44.03 -25.42 57.82
N ASN WA 173 43.84 -26.72 57.90
CA ASN WA 173 42.65 -27.37 57.36
C ASN WA 173 41.60 -27.60 58.42
N SER WA 174 41.46 -26.66 59.34
CA SER WA 174 40.28 -26.55 60.18
C SER WA 174 39.26 -25.55 59.66
N PHE WA 175 39.43 -25.07 58.44
CA PHE WA 175 38.53 -24.11 57.81
C PHE WA 175 38.41 -24.47 56.34
N ALA WA 176 37.82 -23.55 55.56
CA ALA WA 176 37.54 -23.84 54.16
C ALA WA 176 38.80 -23.79 53.33
N ASP WA 177 39.44 -22.63 53.25
CA ASP WA 177 40.70 -22.50 52.51
C ASP WA 177 41.50 -21.33 53.09
N VAL WA 178 42.44 -21.64 53.97
CA VAL WA 178 43.38 -20.63 54.43
C VAL WA 178 44.75 -21.03 53.93
N ASP WA 179 45.62 -20.04 53.77
CA ASP WA 179 46.95 -20.29 53.27
C ASP WA 179 47.91 -20.45 54.45
N TYR WA 180 49.16 -20.75 54.15
CA TYR WA 180 50.15 -20.93 55.19
C TYR WA 180 50.81 -19.63 55.61
N ASP WA 181 50.54 -18.54 54.90
CA ASP WA 181 51.05 -17.24 55.30
C ASP WA 181 49.95 -16.31 55.80
N ASN WA 182 48.73 -16.81 55.92
CA ASN WA 182 47.65 -16.09 56.57
C ASN WA 182 47.47 -16.53 58.02
N ILE WA 183 48.39 -17.33 58.54
CA ILE WA 183 48.39 -17.76 59.92
C ILE WA 183 49.66 -17.26 60.59
N SER WA 184 49.52 -16.67 61.77
CA SER WA 184 50.65 -16.14 62.52
C SER WA 184 50.56 -16.67 63.94
N VAL WA 185 51.61 -17.37 64.37
CA VAL WA 185 51.68 -17.96 65.69
C VAL WA 185 52.79 -17.25 66.46
N VAL WA 186 52.44 -16.64 67.59
CA VAL WA 186 53.42 -15.99 68.45
C VAL WA 186 53.36 -16.65 69.81
N LEU WA 187 54.39 -17.40 70.17
CA LEU WA 187 54.36 -18.17 71.40
C LEU WA 187 55.63 -17.96 72.21
N SER WA 188 55.56 -18.34 73.47
CA SER WA 188 56.68 -18.06 74.36
C SER WA 188 56.69 -19.04 75.52
N GLU WA 189 57.84 -19.10 76.21
CA GLU WA 189 57.94 -19.94 77.39
C GLU WA 189 57.41 -19.18 78.61
N ARG WA 190 57.22 -19.90 79.71
CA ARG WA 190 56.66 -19.30 80.90
C ARG WA 190 57.75 -18.69 81.78
N SER WA 191 57.30 -17.86 82.72
CA SER WA 191 58.19 -17.15 83.62
C SER WA 191 58.76 -18.09 84.67
N ASP WA 192 59.70 -17.56 85.46
CA ASP WA 192 60.32 -18.36 86.50
C ASP WA 192 59.33 -18.62 87.64
N ALA WA 193 59.43 -19.80 88.23
CA ALA WA 193 58.46 -20.25 89.21
C ALA WA 193 58.66 -19.56 90.55
N GLN WA 194 57.54 -19.25 91.19
CA GLN WA 194 57.53 -18.69 92.54
C GLN WA 194 57.06 -19.79 93.47
N LEU WA 195 57.96 -20.28 94.31
CA LEU WA 195 57.67 -21.38 95.21
C LEU WA 195 57.89 -21.07 96.68
N GLN WA 196 58.61 -20.01 97.01
CA GLN WA 196 58.92 -19.67 98.39
C GLN WA 196 57.99 -18.59 98.93
N ALA WA 197 57.81 -18.61 100.25
CA ALA WA 197 56.93 -17.66 100.92
C ALA WA 197 57.52 -16.26 100.93
N PRO WA 198 56.67 -15.22 100.90
CA PRO WA 198 57.18 -13.84 100.93
C PRO WA 198 57.90 -13.47 102.22
N GLY WA 199 57.24 -13.62 103.35
CA GLY WA 199 57.86 -13.27 104.61
C GLY WA 199 57.19 -12.09 105.28
N THR WA 200 56.91 -12.21 106.57
CA THR WA 200 56.22 -11.14 107.28
C THR WA 200 57.22 -10.03 107.61
N PRO WA 201 56.81 -8.77 107.51
CA PRO WA 201 57.72 -7.67 107.81
C PRO WA 201 57.96 -7.51 109.31
N VAL WA 202 59.17 -7.81 109.75
CA VAL WA 202 59.50 -7.58 111.15
C VAL WA 202 59.72 -6.09 111.35
N LYS WA 203 59.25 -5.57 112.48
CA LYS WA 203 59.41 -4.15 112.77
C LYS WA 203 59.77 -3.93 114.23
N ASP XA 20 42.61 16.52 109.70
CA ASP XA 20 41.87 15.63 108.81
C ASP XA 20 40.83 16.38 108.00
N LYS XA 21 41.28 17.18 107.05
CA LYS XA 21 40.39 17.92 106.17
C LYS XA 21 40.03 17.04 104.98
N ASP XA 22 38.74 16.81 104.77
CA ASP XA 22 38.32 15.99 103.64
C ASP XA 22 38.45 16.79 102.35
N LEU XA 23 38.76 16.10 101.27
CA LEU XA 23 38.85 16.79 99.99
C LEU XA 23 38.03 16.07 98.94
N LEU XA 24 37.85 14.76 99.12
CA LEU XA 24 37.02 13.95 98.23
C LEU XA 24 36.25 12.94 99.05
N LYS XA 25 34.99 12.73 98.70
CA LYS XA 25 34.19 11.70 99.36
C LYS XA 25 33.13 11.21 98.40
N GLY XA 26 32.57 10.05 98.74
CA GLY XA 26 31.56 9.44 97.89
C GLY XA 26 32.10 8.77 96.66
N LEU XA 27 33.38 8.40 96.66
CA LEU XA 27 33.98 7.72 95.53
C LEU XA 27 33.68 6.22 95.63
N ASP XA 28 34.36 5.43 94.80
CA ASP XA 28 34.24 3.99 94.94
C ASP XA 28 35.60 3.32 95.09
N GLN XA 29 35.59 2.00 94.96
CA GLN XA 29 36.76 1.18 95.28
C GLN XA 29 37.89 1.40 94.29
N GLU XA 30 37.57 1.57 93.01
CA GLU XA 30 38.62 1.70 92.01
C GLU XA 30 39.07 3.13 91.84
N GLN XA 31 38.27 4.11 92.27
CA GLN XA 31 38.72 5.50 92.19
C GLN XA 31 39.57 5.89 93.38
N ALA XA 32 39.24 5.38 94.58
CA ALA XA 32 40.02 5.77 95.74
C ALA XA 32 41.39 5.11 95.73
N ASN XA 33 41.52 3.96 95.09
CA ASN XA 33 42.80 3.29 94.99
C ASN XA 33 43.68 3.92 93.92
N GLU XA 34 43.13 4.87 93.16
CA GLU XA 34 43.88 5.66 92.21
C GLU XA 34 44.30 6.98 92.82
N VAL XA 35 43.41 7.59 93.62
CA VAL XA 35 43.76 8.85 94.25
C VAL XA 35 44.84 8.64 95.32
N ILE XA 36 44.80 7.51 96.03
CA ILE XA 36 45.85 7.24 97.00
C ILE XA 36 47.17 6.90 96.30
N ALA XA 37 47.08 6.18 95.18
CA ALA XA 37 48.29 5.84 94.43
C ALA XA 37 48.91 7.05 93.74
N VAL XA 38 48.14 8.11 93.54
CA VAL XA 38 48.70 9.32 92.95
C VAL XA 38 49.31 10.20 94.04
N LEU XA 39 48.59 10.37 95.15
CA LEU XA 39 49.06 11.27 96.19
C LEU XA 39 50.29 10.71 96.90
N GLN XA 40 50.41 9.39 97.04
CA GLN XA 40 51.57 8.82 97.70
C GLN XA 40 52.85 8.97 96.87
N MET XA 41 52.73 9.19 95.56
CA MET XA 41 53.89 9.45 94.73
C MET XA 41 54.51 10.81 95.00
N HIS XA 42 53.74 11.76 95.53
CA HIS XA 42 54.22 13.12 95.77
C HIS XA 42 54.35 13.43 97.25
N ASN XA 43 54.77 12.43 98.04
CA ASN XA 43 55.24 12.59 99.42
C ASN XA 43 54.16 13.11 100.37
N ILE XA 44 52.89 12.82 100.09
CA ILE XA 44 51.83 13.10 101.03
C ILE XA 44 51.04 11.82 101.21
N GLU XA 45 50.57 11.57 102.43
CA GLU XA 45 49.87 10.33 102.73
C GLU XA 45 48.40 10.63 102.95
N ALA XA 46 47.56 9.68 102.59
CA ALA XA 46 46.13 9.87 102.68
C ALA XA 46 45.53 8.79 103.56
N ASN XA 47 44.23 8.91 103.80
CA ASN XA 47 43.52 7.94 104.63
C ASN XA 47 42.19 7.62 103.99
N LYS XA 48 42.03 6.34 103.63
CA LYS XA 48 40.80 5.81 103.06
C LYS XA 48 39.87 5.39 104.19
N ILE XA 49 38.72 6.03 104.27
CA ILE XA 49 37.73 5.79 105.31
C ILE XA 49 36.48 5.26 104.64
N ASP XA 50 36.05 4.07 105.04
CA ASP XA 50 34.82 3.51 104.51
C ASP XA 50 33.61 4.16 105.18
N SER XA 51 32.48 4.22 104.45
CA SER XA 51 31.28 4.80 105.04
C SER XA 51 30.05 3.99 104.72
N GLY XA 52 30.21 2.69 104.54
CA GLY XA 52 29.08 1.83 104.27
C GLY XA 52 28.49 1.99 102.88
N LYS XA 53 27.24 2.45 102.83
CA LYS XA 53 26.55 2.62 101.57
C LYS XA 53 26.89 3.92 100.87
N LEU XA 54 27.57 4.82 101.57
CA LEU XA 54 27.90 6.13 101.02
C LEU XA 54 29.27 6.15 100.37
N GLY XA 55 29.87 4.99 100.13
CA GLY XA 55 31.15 4.93 99.45
C GLY XA 55 32.34 5.09 100.38
N TYR XA 56 33.41 5.66 99.83
CA TYR XA 56 34.66 5.86 100.54
C TYR XA 56 34.90 7.35 100.71
N SER XA 57 35.94 7.67 101.48
CA SER XA 57 36.32 9.04 101.73
C SER XA 57 37.83 9.08 101.88
N ILE XA 58 38.43 10.21 101.54
CA ILE XA 58 39.88 10.36 101.56
C ILE XA 58 40.21 11.62 102.33
N THR XA 59 40.99 11.49 103.40
CA THR XA 59 41.41 12.65 104.17
C THR XA 59 42.93 12.76 104.18
N VAL XA 60 43.42 14.01 104.16
CA VAL XA 60 44.85 14.32 104.20
C VAL XA 60 45.06 15.26 105.38
N ALA XA 61 46.33 15.43 105.75
CA ALA XA 61 46.71 16.32 106.82
C ALA XA 61 46.60 17.79 106.40
N GLU XA 62 46.58 18.65 107.40
CA GLU XA 62 46.41 20.08 107.22
C GLU XA 62 47.64 20.75 106.59
N PRO XA 63 48.90 20.38 106.92
CA PRO XA 63 49.99 20.90 106.10
C PRO XA 63 49.98 20.40 104.66
N ASP XA 64 49.47 19.20 104.40
CA ASP XA 64 49.45 18.66 103.06
C ASP XA 64 48.16 18.94 102.30
N PHE XA 65 47.33 19.87 102.78
CA PHE XA 65 46.05 20.08 102.11
C PHE XA 65 46.19 20.97 100.89
N THR XA 66 47.08 21.97 100.95
CA THR XA 66 47.21 22.90 99.85
C THR XA 66 47.82 22.21 98.64
N ALA XA 67 48.82 21.35 98.86
CA ALA XA 67 49.40 20.63 97.74
C ALA XA 67 48.47 19.54 97.24
N ALA XA 68 47.61 19.01 98.13
CA ALA XA 68 46.77 17.92 97.68
C ALA XA 68 45.68 18.42 96.76
N VAL XA 69 45.21 19.65 96.96
CA VAL XA 69 44.22 20.19 96.02
C VAL XA 69 44.88 20.49 94.68
N TYR XA 70 46.17 20.82 94.69
CA TYR XA 70 46.85 21.14 93.44
C TYR XA 70 47.09 19.88 92.60
N TRP XA 71 47.40 18.75 93.25
CA TRP XA 71 47.57 17.55 92.45
C TRP XA 71 46.25 16.91 92.08
N ILE XA 72 45.16 17.28 92.76
CA ILE XA 72 43.85 16.84 92.29
C ILE XA 72 43.46 17.59 91.03
N LYS XA 73 43.72 18.91 91.02
CA LYS XA 73 43.38 19.70 89.84
C LYS XA 73 44.29 19.36 88.67
N THR XA 74 45.54 19.01 88.94
CA THR XA 74 46.46 18.74 87.86
C THR XA 74 46.16 17.39 87.22
N TYR XA 75 45.98 16.34 88.03
CA TYR XA 75 45.77 15.03 87.45
C TYR XA 75 44.31 14.72 87.14
N GLN XA 76 43.39 15.70 87.27
CA GLN XA 76 41.96 15.56 86.95
C GLN XA 76 41.27 14.46 87.75
N LEU XA 77 41.71 14.20 88.94
CA LEU XA 77 41.10 13.18 89.79
C LEU XA 77 39.81 13.71 90.41
N PRO XA 78 38.82 12.84 90.64
CA PRO XA 78 38.69 11.39 90.44
C PRO XA 78 38.42 10.99 88.99
N PRO XA 79 38.91 9.82 88.58
CA PRO XA 79 38.81 9.43 87.16
C PRO XA 79 37.39 9.08 86.77
N ARG XA 80 37.04 9.42 85.53
CA ARG XA 80 35.78 8.95 84.98
C ARG XA 80 35.87 7.46 84.66
N PRO XA 81 34.74 6.75 84.63
CA PRO XA 81 34.78 5.36 84.17
C PRO XA 81 35.06 5.28 82.68
N ARG XA 82 35.78 4.23 82.29
CA ARG XA 82 36.24 4.11 80.91
C ARG XA 82 35.07 3.77 79.99
N VAL XA 83 35.10 4.37 78.81
CA VAL XA 83 33.99 4.29 77.87
C VAL XA 83 34.32 3.26 76.81
N GLU XA 84 33.29 2.58 76.31
CA GLU XA 84 33.39 1.71 75.17
C GLU XA 84 32.28 2.07 74.19
N ILE XA 85 32.48 1.67 72.94
CA ILE XA 85 31.55 2.05 71.89
C ILE XA 85 30.26 1.26 72.01
N ALA XA 86 30.32 0.07 72.60
CA ALA XA 86 29.16 -0.79 72.74
C ALA XA 86 28.14 -0.27 73.74
N GLN XA 87 28.50 0.70 74.59
CA GLN XA 87 27.56 1.25 75.55
C GLN XA 87 26.62 2.25 74.93
N MET XA 88 27.01 2.88 73.83
CA MET XA 88 26.12 3.81 73.14
C MET XA 88 25.01 3.10 72.37
N PHE XA 89 25.19 1.82 72.04
CA PHE XA 89 24.19 1.03 71.35
C PHE XA 89 23.89 -0.20 72.19
N PRO XA 90 22.97 -0.09 73.16
CA PRO XA 90 22.72 -1.20 74.06
C PRO XA 90 21.90 -2.30 73.40
N ALA XA 91 22.03 -3.51 73.94
CA ALA XA 91 21.35 -4.66 73.39
C ALA XA 91 19.85 -4.61 73.64
N ASP XA 92 19.42 -3.93 74.70
CA ASP XA 92 18.00 -3.82 75.02
C ASP XA 92 17.26 -2.85 74.11
N SER XA 93 17.97 -2.13 73.25
CA SER XA 93 17.33 -1.35 72.18
C SER XA 93 16.82 -2.35 71.16
N LEU XA 94 15.52 -2.65 71.22
CA LEU XA 94 14.95 -3.74 70.45
C LEU XA 94 14.87 -3.43 68.96
N VAL XA 95 14.94 -2.16 68.58
CA VAL XA 95 15.15 -1.77 67.19
C VAL XA 95 16.66 -1.63 66.96
N SER XA 96 17.22 -2.58 66.22
CA SER XA 96 18.67 -2.66 66.01
C SER XA 96 18.93 -2.51 64.53
N SER XA 97 19.49 -1.36 64.15
CA SER XA 97 19.87 -1.12 62.78
C SER XA 97 21.10 -1.95 62.39
N PRO XA 98 21.28 -2.19 61.09
CA PRO XA 98 22.56 -2.73 60.63
C PRO XA 98 23.71 -1.77 60.84
N ARG XA 99 23.41 -0.48 61.00
CA ARG XA 99 24.43 0.48 61.39
C ARG XA 99 24.85 0.25 62.83
N ALA XA 100 23.95 -0.26 63.66
CA ALA XA 100 24.23 -0.45 65.08
C ALA XA 100 24.60 -1.88 65.42
N GLU XA 101 24.70 -2.77 64.44
CA GLU XA 101 25.20 -4.10 64.76
C GLU XA 101 26.69 -4.25 64.50
N LYS XA 102 27.23 -3.54 63.53
CA LYS XA 102 28.67 -3.54 63.34
C LYS XA 102 29.40 -2.68 64.35
N ALA XA 103 28.72 -1.78 65.05
CA ALA XA 103 29.42 -1.01 66.06
C ALA XA 103 29.64 -1.83 67.32
N ARG XA 104 28.77 -2.79 67.58
CA ARG XA 104 29.02 -3.71 68.68
C ARG XA 104 29.92 -4.86 68.27
N LEU XA 105 29.97 -5.15 66.97
CA LEU XA 105 30.90 -6.20 66.57
C LEU XA 105 32.31 -5.65 66.56
N TYR XA 106 32.51 -4.41 66.13
CA TYR XA 106 33.83 -3.79 66.27
C TYR XA 106 34.20 -3.58 67.72
N SER XA 107 33.25 -3.15 68.54
CA SER XA 107 33.60 -2.80 69.91
C SER XA 107 33.84 -4.01 70.78
N ALA XA 108 33.52 -5.23 70.31
CA ALA XA 108 33.90 -6.39 71.12
C ALA XA 108 35.18 -7.02 70.59
N ILE XA 109 35.58 -6.66 69.38
CA ILE XA 109 36.86 -7.11 68.85
C ILE XA 109 37.98 -6.27 69.40
N GLU XA 110 37.77 -4.94 69.47
CA GLU XA 110 38.82 -4.13 70.06
C GLU XA 110 38.88 -4.28 71.58
N GLN XA 111 37.81 -4.76 72.21
CA GLN XA 111 37.89 -5.14 73.62
C GLN XA 111 38.52 -6.50 73.84
N ARG XA 112 38.61 -7.35 72.81
CA ARG XA 112 39.21 -8.67 72.99
C ARG XA 112 40.66 -8.75 72.53
N LEU XA 113 41.05 -7.92 71.56
CA LEU XA 113 42.44 -7.90 71.12
C LEU XA 113 43.34 -7.28 72.17
N GLU XA 114 42.81 -6.37 72.99
CA GLU XA 114 43.65 -5.80 74.03
C GLU XA 114 43.67 -6.69 75.26
N GLN XA 115 42.73 -7.65 75.36
CA GLN XA 115 42.83 -8.65 76.40
C GLN XA 115 43.76 -9.78 76.00
N SER XA 116 44.03 -9.92 74.71
CA SER XA 116 45.00 -10.90 74.25
C SER XA 116 46.40 -10.32 74.12
N LEU XA 117 46.53 -9.00 74.06
CA LEU XA 117 47.85 -8.38 74.03
C LEU XA 117 48.54 -8.37 75.39
N GLN XA 118 47.78 -8.39 76.48
CA GLN XA 118 48.33 -8.40 77.83
C GLN XA 118 48.90 -9.73 78.26
N THR XA 119 48.68 -10.80 77.49
CA THR XA 119 49.22 -12.10 77.83
C THR XA 119 50.52 -12.40 77.11
N MET XA 120 51.22 -11.37 76.65
CA MET XA 120 52.50 -11.53 76.01
C MET XA 120 53.60 -11.57 77.06
N GLU XA 121 54.86 -11.55 76.62
CA GLU XA 121 56.01 -11.65 77.51
C GLU XA 121 56.53 -10.26 77.82
N GLY XA 122 56.03 -9.70 78.93
CA GLY XA 122 56.49 -8.41 79.40
C GLY XA 122 55.46 -7.32 79.36
N VAL XA 123 54.29 -7.55 78.76
CA VAL XA 123 53.29 -6.50 78.62
C VAL XA 123 52.50 -6.40 79.92
N LEU XA 124 52.37 -5.18 80.44
CA LEU XA 124 51.52 -4.91 81.59
C LEU XA 124 50.18 -4.35 81.20
N SER XA 125 50.14 -3.42 80.25
CA SER XA 125 48.90 -2.83 79.78
C SER XA 125 48.99 -2.62 78.28
N ALA XA 126 47.82 -2.50 77.64
CA ALA XA 126 47.73 -2.31 76.21
C ALA XA 126 46.40 -1.66 75.89
N ARG XA 127 46.31 -1.11 74.68
CA ARG XA 127 45.07 -0.50 74.19
C ARG XA 127 45.07 -0.55 72.67
N VAL XA 128 43.95 -0.97 72.07
CA VAL XA 128 43.87 -1.21 70.63
C VAL XA 128 42.68 -0.44 70.06
N HIS XA 129 42.91 0.33 69.00
CA HIS XA 129 41.89 1.09 68.29
C HIS XA 129 41.78 0.60 66.85
N ILE XA 130 40.55 0.49 66.36
CA ILE XA 130 40.23 0.04 65.01
C ILE XA 130 39.47 1.14 64.30
N SER XA 131 39.72 1.32 63.00
CA SER XA 131 38.95 2.28 62.23
C SER XA 131 37.51 1.78 62.03
N TYR XA 132 36.54 2.68 62.23
CA TYR XA 132 35.12 2.33 62.14
C TYR XA 132 34.56 2.76 60.80
N ASP XA 133 34.07 1.78 60.03
CA ASP XA 133 33.32 2.04 58.81
C ASP XA 133 32.00 1.29 58.91
N ILE XA 134 30.89 2.01 58.83
CA ILE XA 134 29.58 1.44 59.14
C ILE XA 134 28.62 1.61 57.98
N ASP XA 135 28.84 2.63 57.15
CA ASP XA 135 27.97 2.91 56.02
C ASP XA 135 28.46 2.29 54.72
N ALA XA 136 29.42 1.37 54.79
CA ALA XA 136 29.94 0.73 53.60
C ALA XA 136 28.98 -0.29 53.00
N GLY XA 137 27.92 -0.64 53.69
CA GLY XA 137 26.98 -1.64 53.22
C GLY XA 137 25.79 -1.04 52.49
N GLU XA 138 25.52 0.24 52.70
CA GLU XA 138 24.33 0.85 52.11
C GLU XA 138 24.63 1.69 50.88
N ASN XA 139 25.86 2.11 50.68
CA ASN XA 139 26.20 2.84 49.45
C ASN XA 139 26.71 1.88 48.39
N GLY XA 140 26.92 2.42 47.20
CA GLY XA 140 27.42 1.63 46.08
C GLY XA 140 28.92 1.50 46.00
N ARG XA 141 29.65 2.02 46.98
CA ARG XA 141 31.10 1.99 47.00
C ARG XA 141 31.63 0.75 47.71
N PRO XA 142 32.79 0.25 47.30
CA PRO XA 142 33.42 -0.83 48.05
C PRO XA 142 33.97 -0.33 49.37
N PRO XA 143 34.09 -1.18 50.37
CA PRO XA 143 34.64 -0.73 51.65
C PRO XA 143 36.14 -0.51 51.58
N LYS XA 144 36.61 0.36 52.47
CA LYS XA 144 38.01 0.77 52.51
C LYS XA 144 38.83 -0.25 53.29
N PRO XA 145 40.14 -0.04 53.41
CA PRO XA 145 40.95 -0.94 54.23
C PRO XA 145 40.72 -0.68 55.72
N VAL XA 146 41.34 -1.53 56.53
CA VAL XA 146 41.22 -1.47 57.99
C VAL XA 146 42.52 -0.93 58.56
N HIS XA 147 42.41 0.00 59.51
CA HIS XA 147 43.54 0.63 60.15
C HIS XA 147 43.51 0.36 61.65
N LEU XA 148 44.58 -0.22 62.17
CA LEU XA 148 44.71 -0.52 63.59
C LEU XA 148 45.77 0.37 64.22
N SER XA 149 45.68 0.54 65.53
CA SER XA 149 46.68 1.30 66.26
C SER XA 149 46.72 0.81 67.69
N ALA XA 150 47.91 0.76 68.28
CA ALA XA 150 48.04 0.13 69.58
C ALA XA 150 49.08 0.82 70.44
N LEU XA 151 48.78 0.93 71.73
CA LEU XA 151 49.73 1.37 72.74
C LEU XA 151 50.00 0.21 73.69
N ALA XA 152 51.17 0.24 74.33
CA ALA XA 152 51.56 -0.82 75.24
C ALA XA 152 52.56 -0.30 76.27
N VAL XA 153 52.68 -1.06 77.37
CA VAL XA 153 53.63 -0.74 78.44
C VAL XA 153 54.35 -2.02 78.85
N TYR XA 154 55.68 -1.99 78.80
CA TYR XA 154 56.55 -3.14 79.04
C TYR XA 154 57.28 -3.02 80.36
N GLU XA 155 57.91 -4.13 80.75
CA GLU XA 155 58.71 -4.21 81.96
C GLU XA 155 60.08 -3.57 81.73
N ARG XA 156 60.70 -3.14 82.82
CA ARG XA 156 62.02 -2.52 82.75
C ARG XA 156 63.09 -3.57 82.49
N GLY XA 157 63.95 -3.30 81.51
CA GLY XA 157 64.99 -4.23 81.15
C GLY XA 157 64.71 -5.05 79.92
N SER XA 158 63.67 -4.73 79.17
CA SER XA 158 63.31 -5.50 77.99
C SER XA 158 63.85 -4.84 76.74
N PRO XA 159 64.27 -5.61 75.75
CA PRO XA 159 64.64 -5.01 74.46
C PRO XA 159 63.40 -4.59 73.69
N LEU XA 160 62.90 -3.40 74.00
CA LEU XA 160 61.62 -2.92 73.50
C LEU XA 160 61.68 -2.44 72.05
N ALA XA 161 62.82 -2.56 71.39
CA ALA XA 161 62.91 -2.21 69.98
C ALA XA 161 62.56 -3.39 69.06
N HIS XA 162 62.95 -4.60 69.46
CA HIS XA 162 62.67 -5.79 68.66
C HIS XA 162 61.31 -6.41 68.96
N GLN XA 163 60.62 -5.93 69.98
CA GLN XA 163 59.31 -6.43 70.34
C GLN XA 163 58.18 -5.69 69.64
N ILE XA 164 58.49 -4.78 68.71
CA ILE XA 164 57.45 -4.15 67.92
C ILE XA 164 57.13 -4.95 66.67
N SER XA 165 57.93 -5.95 66.34
CA SER XA 165 57.62 -6.80 65.21
C SER XA 165 56.78 -8.00 65.61
N ASP XA 166 56.68 -8.30 66.90
CA ASP XA 166 55.80 -9.37 67.30
C ASP XA 166 54.37 -8.85 67.42
N ILE XA 167 54.21 -7.59 67.83
CA ILE XA 167 52.88 -7.03 67.85
C ILE XA 167 52.46 -6.70 66.44
N LYS XA 168 53.40 -6.29 65.58
CA LYS XA 168 53.02 -6.00 64.21
C LYS XA 168 52.74 -7.26 63.42
N ARG XA 169 53.27 -8.42 63.84
CA ARG XA 169 52.96 -9.66 63.15
C ARG XA 169 51.68 -10.28 63.67
N PHE XA 170 51.43 -10.17 64.98
CA PHE XA 170 50.22 -10.73 65.56
C PHE XA 170 48.99 -9.94 65.12
N LEU XA 171 49.13 -8.62 64.97
CA LEU XA 171 47.98 -7.81 64.61
C LEU XA 171 47.63 -7.87 63.13
N LYS XA 172 48.56 -8.33 62.28
CA LYS XA 172 48.35 -8.22 60.83
C LYS XA 172 47.26 -9.16 60.34
N ASN XA 173 47.47 -10.46 60.47
CA ASN XA 173 46.47 -11.40 59.97
C ASN XA 173 45.51 -11.80 61.09
N SER XA 174 44.83 -10.76 61.60
CA SER XA 174 43.67 -10.93 62.46
C SER XA 174 42.47 -10.22 61.84
N PHE XA 175 42.57 -9.76 60.61
CA PHE XA 175 41.49 -9.07 59.92
C PHE XA 175 41.51 -9.51 58.47
N ALA XA 176 40.80 -8.78 57.61
CA ALA XA 176 40.65 -9.17 56.22
C ALA XA 176 41.94 -8.96 55.44
N ASP XA 177 42.36 -7.70 55.29
CA ASP XA 177 43.59 -7.42 54.55
C ASP XA 177 44.12 -6.06 55.05
N VAL XA 178 45.14 -6.11 55.90
CA VAL XA 178 45.85 -4.92 56.33
C VAL XA 178 47.29 -5.03 55.89
N ASP XA 179 47.97 -3.89 55.82
CA ASP XA 179 49.37 -3.86 55.47
C ASP XA 179 50.19 -3.59 56.73
N TYR XA 180 51.51 -3.60 56.59
CA TYR XA 180 52.37 -3.30 57.72
C TYR XA 180 52.56 -1.81 57.93
N ASP XA 181 52.12 -0.97 57.00
CA ASP XA 181 52.17 0.47 57.16
C ASP XA 181 50.81 1.03 57.55
N ASN XA 182 49.83 0.17 57.81
CA ASN XA 182 48.54 0.56 58.36
C ASN XA 182 48.42 0.24 59.83
N ILE XA 183 49.46 -0.31 60.45
CA ILE XA 183 49.49 -0.61 61.87
C ILE XA 183 50.52 0.30 62.53
N SER XA 184 50.16 0.90 63.64
CA SER XA 184 51.02 1.86 64.33
C SER XA 184 51.11 1.47 65.80
N VAL XA 185 52.30 1.15 66.26
CA VAL XA 185 52.52 0.66 67.62
C VAL XA 185 53.42 1.64 68.36
N VAL XA 186 52.88 2.29 69.39
CA VAL XA 186 53.64 3.24 70.21
C VAL XA 186 53.70 2.63 71.60
N LEU XA 187 54.85 2.07 71.97
CA LEU XA 187 54.98 1.39 73.25
C LEU XA 187 56.07 2.03 74.09
N SER XA 188 56.05 1.72 75.39
CA SER XA 188 56.97 2.38 76.30
C SER XA 188 57.16 1.52 77.54
N GLU XA 189 58.17 1.89 78.33
CA GLU XA 189 58.49 1.20 79.58
C GLU XA 189 57.76 1.84 80.76
N ARG XA 190 57.76 1.12 81.88
CA ARG XA 190 57.07 1.65 83.05
C ARG XA 190 57.97 2.60 83.82
N SER XA 191 57.36 3.32 84.77
CA SER XA 191 58.07 4.34 85.53
C SER XA 191 58.88 3.69 86.64
N ASP XA 192 59.61 4.52 87.39
CA ASP XA 192 60.35 4.01 88.54
C ASP XA 192 59.39 3.67 89.66
N ALA XA 193 59.66 2.54 90.34
CA ALA XA 193 58.72 2.04 91.33
C ALA XA 193 58.72 2.89 92.61
N GLN XA 194 57.55 2.94 93.26
CA GLN XA 194 57.38 3.65 94.51
C GLN XA 194 57.16 2.60 95.61
N LEU XA 195 58.12 2.49 96.51
CA LEU XA 195 58.07 1.45 97.53
C LEU XA 195 58.09 2.00 98.94
N GLN XA 196 58.86 3.04 99.21
CA GLN XA 196 58.97 3.55 100.57
C GLN XA 196 57.75 4.37 100.96
N ALA XA 197 57.64 4.63 102.25
CA ALA XA 197 56.54 5.33 102.87
C ALA XA 197 56.70 6.85 102.71
N PRO XA 198 55.59 7.58 102.63
CA PRO XA 198 55.71 9.04 102.56
C PRO XA 198 56.19 9.69 103.83
N GLY XA 199 55.73 9.23 104.98
CA GLY XA 199 56.17 9.82 106.23
C GLY XA 199 55.23 10.90 106.72
N THR XA 200 55.01 10.95 108.02
CA THR XA 200 54.08 11.88 108.62
C THR XA 200 54.68 13.29 108.68
N PRO XA 201 53.85 14.32 108.52
CA PRO XA 201 54.35 15.68 108.71
C PRO XA 201 54.60 15.98 110.18
N VAL XA 202 55.86 16.04 110.58
CA VAL XA 202 56.19 16.27 111.98
C VAL XA 202 56.09 17.77 112.28
N LYS XA 203 55.44 18.10 113.39
CA LYS XA 203 55.23 19.49 113.79
C LYS XA 203 55.68 19.71 115.23
N ASP YA 20 34.58 35.39 107.06
CA ASP YA 20 33.54 34.39 107.18
C ASP YA 20 32.37 34.67 106.23
N LYS YA 21 32.56 35.65 105.36
CA LYS YA 21 31.54 36.00 104.38
C LYS YA 21 31.52 34.97 103.26
N ASP YA 22 30.40 34.29 103.10
CA ASP YA 22 30.29 33.31 102.04
C ASP YA 22 30.14 34.00 100.70
N LEU YA 23 30.59 33.31 99.66
CA LEU YA 23 30.50 33.83 98.29
C LEU YA 23 29.92 32.78 97.37
N LEU YA 24 30.07 31.50 97.71
CA LEU YA 24 29.44 30.45 96.93
C LEU YA 24 28.89 29.40 97.88
N LYS YA 25 27.78 28.80 97.48
CA LYS YA 25 27.14 27.72 98.22
C LYS YA 25 26.34 26.87 97.25
N GLY YA 26 25.99 25.68 97.69
CA GLY YA 26 25.27 24.76 96.85
C GLY YA 26 26.12 24.14 95.76
N LEU YA 27 27.43 24.18 95.90
CA LEU YA 27 28.31 23.71 94.85
C LEU YA 27 28.43 22.18 94.88
N ASP YA 28 29.17 21.66 93.91
CA ASP YA 28 29.40 20.24 93.75
C ASP YA 28 30.75 19.89 94.39
N GLN YA 29 31.03 18.59 94.44
CA GLN YA 29 32.29 18.10 94.99
C GLN YA 29 33.45 18.47 94.08
N GLU YA 30 33.30 18.27 92.78
CA GLU YA 30 34.35 18.64 91.84
C GLU YA 30 34.35 20.11 91.51
N GLN YA 31 33.26 20.82 91.82
CA GLN YA 31 33.23 22.27 91.64
C GLN YA 31 33.93 23.01 92.77
N ALA YA 32 33.84 22.50 94.01
CA ALA YA 32 34.47 23.22 95.10
C ALA YA 32 35.98 23.02 95.08
N ASN YA 33 36.43 21.91 94.52
CA ASN YA 33 37.86 21.68 94.41
C ASN YA 33 38.46 22.51 93.29
N GLU YA 34 37.62 23.01 92.38
CA GLU YA 34 38.10 23.91 91.35
C GLU YA 34 38.02 25.36 91.79
N VAL YA 35 37.22 25.66 92.82
CA VAL YA 35 37.21 27.02 93.33
C VAL YA 35 38.35 27.24 94.32
N ILE YA 36 38.63 26.23 95.15
CA ILE YA 36 39.69 26.36 96.15
C ILE YA 36 41.06 26.40 95.48
N ALA YA 37 41.28 25.56 94.47
CA ALA YA 37 42.57 25.54 93.81
C ALA YA 37 42.85 26.77 92.97
N VAL YA 38 41.82 27.56 92.65
CA VAL YA 38 42.03 28.84 92.01
C VAL YA 38 42.32 29.92 93.04
N LEU YA 39 41.59 29.93 94.15
CA LEU YA 39 41.84 30.96 95.16
C LEU YA 39 43.17 30.76 95.88
N GLN YA 40 43.55 29.51 96.14
CA GLN YA 40 44.81 29.23 96.81
C GLN YA 40 46.04 29.56 95.98
N MET YA 41 45.90 29.67 94.66
CA MET YA 41 47.02 30.09 93.82
C MET YA 41 47.34 31.57 93.96
N HIS YA 42 46.39 32.37 94.41
CA HIS YA 42 46.54 33.82 94.49
C HIS YA 42 46.57 34.34 95.91
N ASN YA 43 47.15 33.56 96.83
CA ASN YA 43 47.48 33.97 98.20
C ASN YA 43 46.25 34.32 99.03
N ILE YA 44 45.11 33.69 98.79
CA ILE YA 44 43.95 33.83 99.66
C ILE YA 44 43.43 32.44 99.96
N GLU YA 45 43.07 32.21 101.22
CA GLU YA 45 42.67 30.89 101.71
C GLU YA 45 41.17 30.84 101.92
N ALA YA 46 40.59 29.68 101.63
CA ALA YA 46 39.15 29.49 101.69
C ALA YA 46 38.80 28.27 102.53
N ASN YA 47 37.57 28.26 103.03
CA ASN YA 47 37.07 27.17 103.86
C ASN YA 47 35.95 26.48 103.12
N LYS YA 48 36.09 25.16 102.95
CA LYS YA 48 35.07 24.30 102.38
C LYS YA 48 34.20 23.72 103.48
N ILE YA 49 32.91 24.03 103.46
CA ILE YA 49 31.97 23.64 104.51
C ILE YA 49 30.88 22.79 103.87
N ASP YA 50 30.76 21.55 104.33
CA ASP YA 50 29.72 20.65 103.84
C ASP YA 50 28.39 21.00 104.49
N SER YA 51 27.29 20.79 103.75
CA SER YA 51 25.97 21.08 104.29
C SER YA 51 24.99 19.93 104.12
N GLY YA 52 25.48 18.72 103.91
CA GLY YA 52 24.58 17.59 103.82
C GLY YA 52 24.01 17.42 102.45
N LYS YA 53 22.75 17.82 102.27
CA LYS YA 53 22.07 17.63 101.00
C LYS YA 53 22.21 18.83 100.09
N LEU YA 54 22.43 20.01 100.65
CA LEU YA 54 22.52 21.25 99.88
C LEU YA 54 23.93 21.55 99.42
N GLY YA 55 24.81 20.55 99.32
CA GLY YA 55 26.12 20.79 98.77
C GLY YA 55 27.08 21.51 99.70
N TYR YA 56 28.26 21.77 99.15
CA TYR YA 56 29.32 22.43 99.87
C TYR YA 56 29.12 23.94 99.80
N SER YA 57 30.00 24.68 100.47
CA SER YA 57 29.94 26.14 100.48
C SER YA 57 31.34 26.63 100.81
N ILE YA 58 31.75 27.73 100.19
CA ILE YA 58 33.10 28.25 100.35
C ILE YA 58 33.02 29.62 101.01
N THR YA 59 33.67 29.77 102.16
CA THR YA 59 33.75 31.06 102.81
C THR YA 59 35.19 31.57 102.83
N VAL YA 60 35.34 32.90 102.84
CA VAL YA 60 36.65 33.55 102.79
C VAL YA 60 36.61 34.64 103.85
N ALA YA 61 37.79 35.11 104.26
CA ALA YA 61 37.96 36.19 105.22
C ALA YA 61 37.57 37.56 104.65
N GLU YA 62 37.35 38.48 105.57
CA GLU YA 62 36.93 39.85 105.29
C GLU YA 62 37.96 40.70 104.56
N PRO YA 63 39.27 40.67 104.87
CA PRO YA 63 40.19 41.42 104.00
C PRO YA 63 40.38 40.79 102.63
N ASP YA 64 40.03 39.51 102.45
CA ASP YA 64 40.17 38.83 101.18
C ASP YA 64 38.89 38.73 100.37
N PHE YA 65 37.82 39.39 100.80
CA PHE YA 65 36.57 39.26 100.06
C PHE YA 65 36.59 40.05 98.75
N THR YA 66 37.33 41.16 98.73
CA THR YA 66 37.40 41.99 97.53
C THR YA 66 38.21 41.31 96.45
N ALA YA 67 39.27 40.61 96.83
CA ALA YA 67 40.06 39.92 95.82
C ALA YA 67 39.34 38.66 95.34
N ALA YA 68 38.67 37.95 96.26
CA ALA YA 68 38.07 36.70 95.84
C ALA YA 68 36.85 36.92 94.96
N VAL YA 69 36.17 38.06 95.08
CA VAL YA 69 35.07 38.32 94.16
C VAL YA 69 35.62 38.63 92.78
N TYR YA 70 36.79 39.28 92.73
CA TYR YA 70 37.39 39.62 91.45
C TYR YA 70 37.90 38.38 90.73
N TRP YA 71 38.34 37.37 91.47
CA TRP YA 71 38.78 36.18 90.75
C TRP YA 71 37.62 35.24 90.44
N ILE YA 72 36.47 35.41 91.09
CA ILE YA 72 35.29 34.68 90.66
C ILE YA 72 34.79 35.25 89.33
N LYS YA 73 34.81 36.59 89.21
CA LYS YA 73 34.35 37.23 88.00
C LYS YA 73 35.32 36.96 86.85
N THR YA 74 36.62 36.96 87.14
CA THR YA 74 37.60 36.81 86.07
C THR YA 74 37.62 35.38 85.55
N TYR YA 75 37.72 34.39 86.45
CA TYR YA 75 37.84 33.03 85.98
C TYR YA 75 36.51 32.36 85.67
N GLN YA 76 35.38 33.08 85.76
CA GLN YA 76 34.04 32.54 85.44
C GLN YA 76 33.68 31.34 86.33
N LEU YA 77 34.04 31.40 87.57
CA LEU YA 77 33.73 30.32 88.50
C LEU YA 77 32.33 30.51 89.08
N PRO YA 78 31.61 29.43 89.44
CA PRO YA 78 31.89 27.99 89.38
C PRO YA 78 31.83 27.39 87.98
N PRO YA 79 32.59 26.32 87.75
CA PRO YA 79 32.68 25.77 86.39
C PRO YA 79 31.43 25.04 85.96
N ARG YA 80 31.03 25.25 84.70
CA ARG YA 80 29.94 24.47 84.12
C ARG YA 80 30.41 23.03 83.94
N PRO YA 81 29.48 22.07 83.97
CA PRO YA 81 29.86 20.69 83.64
C PRO YA 81 30.20 20.55 82.17
N ARG YA 82 31.17 19.69 81.89
CA ARG YA 82 31.70 19.57 80.54
C ARG YA 82 30.73 18.86 79.61
N VAL YA 83 30.55 19.41 78.41
CA VAL YA 83 29.53 18.99 77.48
C VAL YA 83 30.11 17.95 76.52
N GLU YA 84 29.25 17.02 76.10
CA GLU YA 84 29.60 16.05 75.08
C GLU YA 84 28.53 16.07 74.00
N ILE YA 85 28.91 15.65 72.80
CA ILE YA 85 28.00 15.70 71.67
C ILE YA 85 26.95 14.60 71.75
N ALA YA 86 27.21 13.53 72.50
CA ALA YA 86 26.24 12.45 72.63
C ALA YA 86 25.11 12.77 73.59
N GLN YA 87 25.10 13.96 74.20
CA GLN YA 87 24.03 14.35 75.11
C GLN YA 87 22.89 15.06 74.42
N MET YA 88 23.12 15.61 73.22
CA MET YA 88 22.06 16.23 72.46
C MET YA 88 21.19 15.21 71.74
N PHE YA 89 21.63 13.95 71.67
CA PHE YA 89 20.89 12.89 71.01
C PHE YA 89 20.81 11.71 71.96
N PRO YA 90 19.81 11.69 72.86
CA PRO YA 90 19.74 10.62 73.85
C PRO YA 90 19.27 9.31 73.23
N ALA YA 91 19.82 8.22 73.74
CA ALA YA 91 19.57 6.89 73.19
C ALA YA 91 18.19 6.33 73.55
N ASP YA 92 17.48 6.95 74.49
CA ASP YA 92 16.16 6.45 74.87
C ASP YA 92 15.04 6.90 73.95
N SER YA 93 15.35 7.68 72.91
CA SER YA 93 14.34 8.13 71.97
C SER YA 93 13.88 6.98 71.09
N LEU YA 94 12.61 7.05 70.68
CA LEU YA 94 12.02 5.97 69.90
C LEU YA 94 12.46 6.00 68.44
N VAL YA 95 12.72 7.18 67.90
CA VAL YA 95 13.12 7.33 66.50
C VAL YA 95 14.55 7.86 66.48
N SER YA 96 15.45 7.09 65.87
CA SER YA 96 16.85 7.48 65.75
C SER YA 96 17.20 7.66 64.28
N SER YA 97 17.65 8.85 63.93
CA SER YA 97 18.04 9.15 62.56
C SER YA 97 19.38 8.52 62.25
N PRO YA 98 19.77 8.44 60.97
CA PRO YA 98 21.17 8.14 60.66
C PRO YA 98 22.11 9.23 61.10
N ARG YA 99 21.63 10.46 61.21
CA ARG YA 99 22.47 11.54 61.71
C ARG YA 99 22.65 11.42 63.21
N ALA YA 100 21.62 10.95 63.91
CA ALA YA 100 21.71 10.83 65.34
C ALA YA 100 22.39 9.53 65.74
N GLU YA 101 22.64 8.65 64.78
CA GLU YA 101 23.47 7.48 65.09
C GLU YA 101 24.93 7.71 64.74
N LYS YA 102 25.19 8.45 63.66
CA LYS YA 102 26.58 8.78 63.33
C LYS YA 102 27.17 9.77 64.31
N ALA YA 103 26.33 10.60 64.93
CA ALA YA 103 26.88 11.56 65.89
C ALA YA 103 27.12 10.90 67.23
N ARG YA 104 26.31 9.91 67.59
CA ARG YA 104 26.58 9.19 68.82
C ARG YA 104 27.71 8.19 68.65
N LEU YA 105 28.07 7.86 67.41
CA LEU YA 105 29.24 7.01 67.22
C LEU YA 105 30.50 7.83 67.38
N TYR YA 106 30.57 8.97 66.68
CA TYR YA 106 31.77 9.80 66.78
C TYR YA 106 31.94 10.43 68.15
N SER YA 107 30.85 10.65 68.89
CA SER YA 107 31.00 11.25 70.21
C SER YA 107 31.49 10.28 71.26
N ALA YA 108 31.61 9.00 70.94
CA ALA YA 108 32.23 8.04 71.83
C ALA YA 108 33.62 7.63 71.35
N ILE YA 109 33.87 7.73 70.04
CA ILE YA 109 35.25 7.57 69.58
C ILE YA 109 36.11 8.74 70.03
N GLU YA 110 35.51 9.92 70.10
CA GLU YA 110 36.23 11.12 70.54
C GLU YA 110 36.59 11.06 72.03
N GLN YA 111 35.75 10.40 72.84
CA GLN YA 111 36.08 10.24 74.24
C GLN YA 111 37.04 9.10 74.49
N ARG YA 112 36.97 8.03 73.69
CA ARG YA 112 37.87 6.93 73.91
C ARG YA 112 39.29 7.29 73.47
N LEU YA 113 39.42 8.18 72.47
CA LEU YA 113 40.76 8.56 72.04
C LEU YA 113 41.44 9.47 73.06
N GLU YA 114 40.66 10.35 73.70
CA GLU YA 114 41.29 11.19 74.72
C GLU YA 114 41.44 10.45 76.03
N GLN YA 115 40.83 9.28 76.17
CA GLN YA 115 41.11 8.46 77.34
C GLN YA 115 42.32 7.60 77.13
N SER YA 116 42.65 7.29 75.87
CA SER YA 116 43.86 6.56 75.55
C SER YA 116 45.07 7.46 75.42
N LEU YA 117 44.88 8.76 75.18
CA LEU YA 117 46.03 9.66 75.11
C LEU YA 117 46.65 9.91 76.49
N GLN YA 118 45.89 9.78 77.56
CA GLN YA 118 46.40 10.00 78.91
C GLN YA 118 47.25 8.85 79.46
N THR YA 119 47.29 7.70 78.81
CA THR YA 119 48.14 6.60 79.27
C THR YA 119 49.50 6.58 78.60
N MET YA 120 49.88 7.66 77.91
CA MET YA 120 51.20 7.73 77.33
C MET YA 120 52.23 8.13 78.41
N GLU YA 121 53.49 8.19 78.01
CA GLU YA 121 54.58 8.46 78.95
C GLU YA 121 54.83 9.96 79.03
N GLY YA 122 54.05 10.61 79.89
CA GLY YA 122 54.29 12.01 80.18
C GLY YA 122 53.10 12.92 80.03
N VAL YA 123 51.93 12.37 79.70
CA VAL YA 123 50.74 13.16 79.48
C VAL YA 123 49.92 13.20 80.75
N LEU YA 124 49.46 14.40 81.12
CA LEU YA 124 48.60 14.58 82.29
C LEU YA 124 47.14 14.78 81.88
N SER YA 125 46.90 15.54 80.82
CA SER YA 125 45.55 15.75 80.31
C SER YA 125 45.63 15.85 78.79
N ALA YA 126 44.50 15.61 78.14
CA ALA YA 126 44.41 15.63 76.69
C ALA YA 126 42.99 15.90 76.27
N ARG YA 127 42.84 16.38 75.03
CA ARG YA 127 41.53 16.64 74.45
C ARG YA 127 41.60 16.50 72.95
N VAL YA 128 40.72 15.65 72.39
CA VAL YA 128 40.71 15.34 70.96
C VAL YA 128 39.41 15.84 70.35
N HIS YA 129 39.48 16.30 69.10
CA HIS YA 129 38.33 16.77 68.34
C HIS YA 129 38.30 16.11 66.98
N ILE YA 130 37.26 15.33 66.71
CA ILE YA 130 37.00 14.67 65.44
C ILE YA 130 36.08 15.55 64.61
N SER YA 131 36.38 15.70 63.32
CA SER YA 131 35.49 16.46 62.44
C SER YA 131 34.23 15.65 62.15
N TYR YA 132 33.09 16.32 62.20
CA TYR YA 132 31.80 15.66 62.05
C TYR YA 132 31.30 15.78 60.62
N ASP YA 133 30.76 14.67 60.11
CA ASP YA 133 30.16 14.64 58.78
C ASP YA 133 28.75 14.09 58.92
N ILE YA 134 27.78 14.87 58.44
CA ILE YA 134 26.37 14.58 58.64
C ILE YA 134 25.60 14.51 57.32
N ASP YA 135 25.74 15.53 56.47
CA ASP YA 135 24.90 15.69 55.30
C ASP YA 135 25.46 14.98 54.07
N ALA YA 136 26.34 13.99 54.26
CA ALA YA 136 26.79 13.15 53.16
C ALA YA 136 26.00 11.86 53.04
N GLY YA 137 25.30 11.44 54.09
CA GLY YA 137 24.60 10.18 54.08
C GLY YA 137 23.22 10.21 53.46
N GLU YA 138 22.47 11.30 53.68
CA GLU YA 138 21.10 11.35 53.20
C GLU YA 138 21.02 11.59 51.69
N ASN YA 139 21.96 12.33 51.12
CA ASN YA 139 21.99 12.62 49.70
C ASN YA 139 23.09 11.81 49.03
N GLY YA 140 23.19 11.95 47.72
CA GLY YA 140 24.17 11.21 46.97
C GLY YA 140 25.57 11.80 46.96
N ARG YA 141 25.84 12.78 47.82
CA ARG YA 141 27.17 13.36 47.89
C ARG YA 141 28.12 12.39 48.60
N PRO YA 142 29.33 12.22 48.11
CA PRO YA 142 30.29 11.33 48.76
C PRO YA 142 30.83 11.96 50.02
N PRO YA 143 31.31 11.16 50.97
CA PRO YA 143 31.94 11.73 52.16
C PRO YA 143 33.30 12.31 51.84
N LYS YA 144 33.85 13.02 52.81
CA LYS YA 144 35.11 13.72 52.60
C LYS YA 144 36.14 13.26 53.62
N PRO YA 145 37.36 13.78 53.56
CA PRO YA 145 38.39 13.33 54.50
C PRO YA 145 38.13 13.86 55.90
N VAL YA 146 38.42 13.02 56.89
CA VAL YA 146 38.16 13.36 58.29
C VAL YA 146 39.39 14.02 58.88
N HIS YA 147 39.16 15.08 59.66
CA HIS YA 147 40.21 15.87 60.29
C HIS YA 147 40.19 15.68 61.79
N LEU YA 148 41.37 15.68 62.40
CA LEU YA 148 41.52 15.53 63.84
C LEU YA 148 42.24 16.74 64.41
N SER YA 149 42.10 16.94 65.72
CA SER YA 149 42.79 18.02 66.38
C SER YA 149 43.02 17.62 67.84
N ALA YA 150 44.15 18.03 68.41
CA ALA YA 150 44.48 17.55 69.73
C ALA YA 150 45.09 18.64 70.60
N LEU YA 151 44.98 18.41 71.90
CA LEU YA 151 45.60 19.25 72.90
C LEU YA 151 46.15 18.34 73.99
N ALA YA 152 47.25 18.76 74.62
CA ALA YA 152 47.87 17.94 75.64
C ALA YA 152 48.66 18.80 76.61
N VAL YA 153 48.80 18.29 77.83
CA VAL YA 153 49.59 18.93 78.86
C VAL YA 153 50.64 17.95 79.34
N TYR YA 154 51.90 18.30 79.16
CA TYR YA 154 53.01 17.40 79.46
C TYR YA 154 53.70 17.79 80.75
N GLU YA 155 54.26 16.79 81.42
CA GLU YA 155 55.07 17.03 82.62
C GLU YA 155 56.34 17.78 82.24
N ARG YA 156 56.73 18.74 83.08
CA ARG YA 156 57.86 19.58 82.72
C ARG YA 156 59.18 18.85 82.88
N GLY YA 157 60.20 19.38 82.23
CA GLY YA 157 61.48 18.71 82.12
C GLY YA 157 61.56 17.75 80.96
N SER YA 158 60.55 17.71 80.11
CA SER YA 158 60.42 16.81 78.98
C SER YA 158 60.65 17.57 77.67
N PRO YA 159 61.25 16.92 76.67
CA PRO YA 159 61.43 17.56 75.37
C PRO YA 159 60.15 17.52 74.53
N LEU YA 160 59.28 18.51 74.72
CA LEU YA 160 57.95 18.51 74.11
C LEU YA 160 57.95 18.82 72.62
N ALA YA 161 59.11 18.97 71.98
CA ALA YA 161 59.15 19.12 70.54
C ALA YA 161 59.28 17.79 69.80
N HIS YA 162 59.86 16.78 70.44
CA HIS YA 162 60.01 15.47 69.80
C HIS YA 162 58.77 14.61 69.95
N GLN YA 163 57.83 15.01 70.79
CA GLN YA 163 56.66 14.20 71.09
C GLN YA 163 55.48 14.57 70.22
N ILE YA 164 55.69 15.38 69.18
CA ILE YA 164 54.67 15.62 68.19
C ILE YA 164 54.49 14.38 67.31
N SER YA 165 55.59 13.71 66.96
CA SER YA 165 55.51 12.59 66.04
C SER YA 165 54.93 11.33 66.66
N ASP YA 166 54.93 11.22 67.99
CA ASP YA 166 54.34 10.02 68.59
C ASP YA 166 52.83 10.15 68.67
N ILE YA 167 52.33 11.36 68.91
CA ILE YA 167 50.90 11.56 68.96
C ILE YA 167 50.36 11.56 67.54
N LYS YA 168 51.14 12.07 66.59
CA LYS YA 168 50.67 12.08 65.21
C LYS YA 168 50.67 10.68 64.64
N ARG YA 169 51.64 9.85 65.04
CA ARG YA 169 51.67 8.47 64.54
C ARG YA 169 50.56 7.66 65.17
N PHE YA 170 50.21 7.94 66.42
CA PHE YA 170 49.14 7.17 67.04
C PHE YA 170 47.78 7.57 66.48
N LEU YA 171 47.60 8.85 66.16
CA LEU YA 171 46.30 9.29 65.65
C LEU YA 171 46.14 8.97 64.16
N LYS YA 172 47.22 8.79 63.42
CA LYS YA 172 47.12 8.66 61.98
C LYS YA 172 46.54 7.31 61.58
N ASN YA 173 46.61 6.31 62.43
CA ASN YA 173 46.12 4.98 62.10
C ASN YA 173 44.92 4.58 62.96
N SER YA 174 44.07 5.54 63.32
CA SER YA 174 42.84 5.21 64.01
C SER YA 174 41.62 5.60 63.19
N PHE YA 175 41.80 5.90 61.92
CA PHE YA 175 40.71 6.24 61.03
C PHE YA 175 41.08 5.76 59.63
N ALA YA 176 40.13 5.89 58.72
CA ALA YA 176 40.28 5.28 57.41
C ALA YA 176 41.21 6.07 56.49
N ASP YA 177 41.10 7.40 56.48
CA ASP YA 177 41.90 8.20 55.56
C ASP YA 177 42.19 9.56 56.19
N VAL YA 178 43.34 9.66 56.84
CA VAL YA 178 43.82 10.94 57.34
C VAL YA 178 45.23 11.16 56.82
N ASP YA 179 45.62 12.42 56.70
CA ASP YA 179 46.97 12.74 56.28
C ASP YA 179 47.73 13.35 57.46
N TYR YA 180 49.04 13.46 57.28
CA TYR YA 180 49.86 14.04 58.33
C TYR YA 180 49.75 15.55 58.40
N ASP YA 181 49.14 16.19 57.41
CA ASP YA 181 48.88 17.62 57.46
C ASP YA 181 47.41 17.91 57.70
N ASN YA 182 46.63 16.89 58.02
CA ASN YA 182 45.26 17.02 58.46
C ASN YA 182 45.12 16.81 59.96
N ILE YA 183 46.23 16.61 60.68
CA ILE YA 183 46.22 16.43 62.12
C ILE YA 183 46.93 17.62 62.76
N SER YA 184 46.30 18.24 63.75
CA SER YA 184 46.82 19.44 64.39
C SER YA 184 46.97 19.18 65.89
N VAL YA 185 48.20 19.22 66.38
CA VAL YA 185 48.53 18.97 67.77
C VAL YA 185 49.09 20.24 68.39
N VAL YA 186 48.44 20.75 69.42
CA VAL YA 186 48.93 21.92 70.15
C VAL YA 186 49.08 21.49 71.60
N LEU YA 187 50.31 21.48 72.10
CA LEU YA 187 50.53 20.99 73.45
C LEU YA 187 51.48 21.90 74.21
N SER YA 188 51.47 21.74 75.54
CA SER YA 188 52.23 22.65 76.38
C SER YA 188 52.61 21.99 77.70
N GLU YA 189 53.60 22.56 78.36
CA GLU YA 189 54.05 22.07 79.66
C GLU YA 189 53.20 22.65 80.78
N ARG YA 190 53.26 22.02 81.94
CA ARG YA 190 52.40 22.46 83.02
C ARG YA 190 53.00 23.65 83.76
N SER YA 191 52.18 24.24 84.62
CA SER YA 191 52.57 25.43 85.36
C SER YA 191 53.48 25.08 86.52
N ASP YA 192 53.96 26.12 87.20
CA ASP YA 192 54.79 25.92 88.38
C ASP YA 192 53.92 25.42 89.53
N ALA YA 193 54.49 24.54 90.35
CA ALA YA 193 53.72 23.89 91.41
C ALA YA 193 53.45 24.86 92.57
N GLN YA 194 52.27 24.72 93.17
CA GLN YA 194 51.88 25.50 94.33
C GLN YA 194 51.93 24.59 95.54
N LEU YA 195 53.01 24.68 96.31
CA LEU YA 195 53.24 23.77 97.42
C LEU YA 195 53.13 24.41 98.80
N GLN YA 196 53.28 25.72 98.94
CA GLN YA 196 53.25 26.36 100.25
C GLN YA 196 51.87 26.95 100.54
N ALA YA 197 51.59 27.11 101.83
CA ALA YA 197 50.29 27.56 102.28
C ALA YA 197 50.08 29.04 102.01
N PRO YA 198 48.82 29.48 101.84
CA PRO YA 198 48.55 30.91 101.68
C PRO YA 198 48.92 31.77 102.88
N GLY YA 199 48.39 31.45 104.04
CA GLY YA 199 48.71 32.25 105.21
C GLY YA 199 47.54 33.11 105.66
N THR YA 200 47.35 33.20 106.97
CA THR YA 200 46.22 33.91 107.56
C THR YA 200 46.50 35.42 107.57
N PRO YA 201 45.50 36.23 107.24
CA PRO YA 201 45.68 37.69 107.26
C PRO YA 201 45.61 38.23 108.67
N VAL YA 202 46.75 38.67 109.21
CA VAL YA 202 46.76 39.29 110.53
C VAL YA 202 46.32 40.73 110.38
N LYS YA 203 45.97 41.38 111.49
CA LYS YA 203 45.51 42.75 111.44
C LYS YA 203 46.22 43.62 112.48
N ASP ZA 20 21.80 50.98 103.60
CA ASP ZA 20 20.59 50.30 104.02
C ASP ZA 20 19.50 50.28 102.95
N LYS ZA 21 19.65 51.12 101.94
CA LYS ZA 21 18.68 51.19 100.85
C LYS ZA 21 18.88 50.01 99.92
N ASP ZA 22 17.78 49.36 99.54
CA ASP ZA 22 17.85 48.18 98.70
C ASP ZA 22 17.94 48.55 97.23
N LEU ZA 23 18.84 47.87 96.52
CA LEU ZA 23 18.99 48.07 95.08
C LEU ZA 23 18.28 46.97 94.31
N LEU ZA 24 18.68 45.72 94.52
CA LEU ZA 24 18.11 44.58 93.83
C LEU ZA 24 17.74 43.53 94.86
N LYS ZA 25 16.75 42.71 94.52
CA LYS ZA 25 16.40 41.59 95.38
C LYS ZA 25 15.82 40.49 94.51
N GLY ZA 26 15.84 39.28 95.07
CA GLY ZA 26 15.40 38.12 94.31
C GLY ZA 26 16.38 37.68 93.26
N LEU ZA 27 17.67 37.92 93.48
CA LEU ZA 27 18.68 37.61 92.49
C LEU ZA 27 19.09 36.14 92.60
N ASP ZA 28 20.17 35.80 91.91
CA ASP ZA 28 20.75 34.47 91.91
C ASP ZA 28 22.14 34.57 92.52
N GLN ZA 29 22.72 33.43 92.87
CA GLN ZA 29 24.08 33.39 93.41
C GLN ZA 29 25.09 33.88 92.39
N GLU ZA 30 24.94 33.46 91.13
CA GLU ZA 30 25.85 33.93 90.09
C GLU ZA 30 25.51 35.32 89.61
N GLN ZA 31 24.32 35.81 89.90
CA GLN ZA 31 23.96 37.18 89.55
C GLN ZA 31 24.36 38.20 90.59
N ALA ZA 32 24.54 37.80 91.85
CA ALA ZA 32 24.91 38.78 92.85
C ALA ZA 32 26.41 39.08 92.85
N ASN ZA 33 27.24 38.10 92.49
CA ASN ZA 33 28.68 38.35 92.47
C ASN ZA 33 29.13 39.17 91.28
N GLU ZA 34 28.27 39.40 90.30
CA GLU ZA 34 28.64 40.28 89.21
C GLU ZA 34 28.29 41.71 89.54
N VAL ZA 35 27.19 41.91 90.26
CA VAL ZA 35 26.84 43.26 90.70
C VAL ZA 35 27.84 43.71 91.76
N ILE ZA 36 28.29 42.79 92.61
CA ILE ZA 36 29.29 43.15 93.60
C ILE ZA 36 30.64 43.40 92.93
N ALA ZA 37 30.99 42.59 91.92
CA ALA ZA 37 32.26 42.79 91.23
C ALA ZA 37 32.28 44.05 90.38
N VAL ZA 38 31.13 44.60 90.04
CA VAL ZA 38 31.07 45.86 89.30
C VAL ZA 38 31.07 47.04 90.26
N LEU ZA 39 30.31 46.97 91.36
CA LEU ZA 39 30.26 48.08 92.30
C LEU ZA 39 31.56 48.22 93.08
N GLN ZA 40 32.27 47.13 93.37
CA GLN ZA 40 33.52 47.26 94.11
C GLN ZA 40 34.64 47.84 93.27
N MET ZA 41 34.51 47.85 91.95
CA MET ZA 41 35.50 48.50 91.10
C MET ZA 41 35.42 50.02 91.16
N HIS ZA 42 34.24 50.57 91.49
CA HIS ZA 42 34.03 52.02 91.48
C HIS ZA 42 33.86 52.59 92.89
N ASN ZA 43 34.58 52.03 93.86
CA ASN ZA 43 34.77 52.60 95.20
C ASN ZA 43 33.47 52.71 95.99
N ILE ZA 44 32.51 51.82 95.78
CA ILE ZA 44 31.31 51.78 96.61
C ILE ZA 44 31.09 50.36 97.11
N GLU ZA 45 30.75 50.23 98.39
CA GLU ZA 45 30.59 48.94 99.03
C GLU ZA 45 29.20 48.38 98.75
N ALA ZA 46 29.03 47.10 99.04
CA ALA ZA 46 27.74 46.43 98.86
C ALA ZA 46 27.64 45.30 99.86
N ASN ZA 47 26.40 44.91 100.18
CA ASN ZA 47 26.20 43.86 101.16
C ASN ZA 47 25.30 42.78 100.56
N LYS ZA 48 25.81 41.55 100.50
CA LYS ZA 48 25.07 40.39 100.00
C LYS ZA 48 24.27 39.77 101.14
N ILE ZA 49 22.97 40.04 101.17
CA ILE ZA 49 22.08 39.55 102.21
C ILE ZA 49 21.26 38.41 101.65
N ASP ZA 50 21.35 37.24 102.27
CA ASP ZA 50 20.55 36.10 101.86
C ASP ZA 50 19.16 36.20 102.47
N SER ZA 51 18.15 35.72 101.73
CA SER ZA 51 16.78 35.70 102.23
C SER ZA 51 16.18 34.30 102.18
N GLY ZA 52 17.02 33.27 102.14
CA GLY ZA 52 16.50 31.91 102.15
C GLY ZA 52 15.96 31.50 100.80
N LYS ZA 53 14.63 31.42 100.69
CA LYS ZA 53 14.03 30.95 99.44
C LYS ZA 53 13.89 32.06 98.42
N LEU ZA 54 13.78 33.31 98.86
CA LEU ZA 54 13.52 34.40 97.93
C LEU ZA 54 14.76 34.85 97.18
N GLY ZA 55 15.94 34.34 97.51
CA GLY ZA 55 17.16 34.76 96.84
C GLY ZA 55 17.97 35.76 97.63
N TYR ZA 56 18.97 36.31 96.94
CA TYR ZA 56 19.89 37.27 97.54
C TYR ZA 56 19.35 38.68 97.38
N SER ZA 57 20.04 39.64 98.00
CA SER ZA 57 19.68 41.04 97.91
C SER ZA 57 20.91 41.86 98.19
N ILE ZA 58 21.01 43.02 97.55
CA ILE ZA 58 22.21 43.84 97.62
C ILE ZA 58 21.83 45.24 98.06
N THR ZA 59 22.41 45.69 99.18
CA THR ZA 59 22.15 47.01 99.72
C THR ZA 59 23.43 47.83 99.79
N VAL ZA 60 23.31 49.13 99.50
CA VAL ZA 60 24.38 50.10 99.59
C VAL ZA 60 23.97 51.22 100.54
N ALA ZA 61 24.95 52.05 100.90
CA ALA ZA 61 24.70 53.18 101.78
C ALA ZA 61 23.98 54.32 101.07
N GLU ZA 62 23.40 55.22 101.87
CA GLU ZA 62 22.65 56.34 101.32
C GLU ZA 62 23.52 57.39 100.63
N PRO ZA 63 24.76 57.71 101.05
CA PRO ZA 63 25.59 58.53 100.16
C PRO ZA 63 26.00 57.80 98.90
N ASP ZA 64 26.02 56.48 98.89
CA ASP ZA 64 26.41 55.72 97.71
C ASP ZA 64 25.21 55.10 97.02
N PHE ZA 65 24.07 55.77 97.05
CA PHE ZA 65 22.90 55.29 96.32
C PHE ZA 65 22.73 55.95 94.96
N THR ZA 66 23.21 57.20 94.83
CA THR ZA 66 23.08 57.92 93.57
C THR ZA 66 24.06 57.44 92.53
N ALA ZA 67 25.22 56.96 92.95
CA ALA ZA 67 26.16 56.45 91.97
C ALA ZA 67 25.82 55.02 91.61
N ALA ZA 68 25.28 54.27 92.57
CA ALA ZA 68 25.04 52.87 92.31
C ALA ZA 68 23.84 52.67 91.39
N VAL ZA 69 22.84 53.56 91.43
CA VAL ZA 69 21.74 53.40 90.47
C VAL ZA 69 22.24 53.72 89.07
N TYR ZA 70 23.21 54.64 88.97
CA TYR ZA 70 23.74 55.03 87.67
C TYR ZA 70 24.56 53.91 87.08
N TRP ZA 71 25.30 53.17 87.91
CA TRP ZA 71 26.06 52.07 87.32
C TRP ZA 71 25.19 50.84 87.08
N ILE ZA 72 24.06 50.71 87.77
CA ILE ZA 72 23.12 49.64 87.43
C ILE ZA 72 22.51 49.89 86.06
N LYS ZA 73 22.16 51.16 85.80
CA LYS ZA 73 21.54 51.50 84.52
C LYS ZA 73 22.56 51.43 83.38
N THR ZA 74 23.80 51.84 83.64
CA THR ZA 74 24.79 51.84 82.57
C THR ZA 74 25.23 50.42 82.24
N TYR ZA 75 25.64 49.65 83.25
CA TYR ZA 75 26.17 48.32 83.02
C TYR ZA 75 25.09 47.27 82.79
N GLN ZA 76 23.80 47.67 82.74
CA GLN ZA 76 22.67 46.76 82.46
C GLN ZA 76 22.56 45.60 83.45
N LEU ZA 77 22.83 45.88 84.69
CA LEU ZA 77 22.70 44.86 85.72
C LEU ZA 77 21.24 44.75 86.14
N PRO ZA 78 20.77 43.55 86.52
CA PRO ZA 78 21.41 42.24 86.62
C PRO ZA 78 21.59 41.54 85.27
N PRO ZA 79 22.61 40.70 85.14
CA PRO ZA 79 22.89 40.10 83.84
C PRO ZA 79 21.87 39.03 83.49
N ARG ZA 80 21.44 39.03 82.24
CA ARG ZA 80 20.57 37.98 81.75
C ARG ZA 80 21.39 36.69 81.59
N PRO ZA 81 20.74 35.53 81.67
CA PRO ZA 81 21.46 34.27 81.44
C PRO ZA 81 21.89 34.14 79.99
N ARG ZA 82 23.03 33.47 79.79
CA ARG ZA 82 23.62 33.37 78.47
C ARG ZA 82 22.82 32.42 77.58
N VAL ZA 83 22.56 32.84 76.35
CA VAL ZA 83 21.68 32.13 75.44
C VAL ZA 83 22.51 31.25 74.52
N GLU ZA 84 22.03 30.04 74.26
CA GLU ZA 84 22.67 29.13 73.33
C GLU ZA 84 21.63 28.56 72.38
N ILE ZA 85 22.09 28.13 71.21
CA ILE ZA 85 21.19 27.81 70.10
C ILE ZA 85 20.42 26.52 70.34
N ALA ZA 86 20.94 25.61 71.16
CA ALA ZA 86 20.24 24.36 71.43
C ALA ZA 86 19.04 24.52 72.36
N GLN ZA 87 18.82 25.71 72.91
CA GLN ZA 87 17.64 25.94 73.74
C GLN ZA 87 16.42 26.29 72.92
N MET ZA 88 16.59 26.79 71.71
CA MET ZA 88 15.46 27.10 70.86
C MET ZA 88 14.89 25.86 70.19
N PHE ZA 89 15.59 24.74 70.23
CA PHE ZA 89 15.14 23.47 69.66
C PHE ZA 89 15.34 22.40 70.71
N PRO ZA 90 14.41 22.23 71.63
CA PRO ZA 90 14.61 21.27 72.72
C PRO ZA 90 14.45 19.84 72.23
N ALA ZA 91 15.09 18.92 72.93
CA ALA ZA 91 15.09 17.52 72.56
C ALA ZA 91 13.80 16.78 72.89
N ASP ZA 92 12.88 17.40 73.63
CA ASP ZA 92 11.64 16.75 74.05
C ASP ZA 92 10.54 16.85 73.02
N SER ZA 93 10.86 17.24 71.79
CA SER ZA 93 9.84 17.43 70.76
C SER ZA 93 9.40 16.09 70.19
N LEU ZA 94 8.14 16.05 69.74
CA LEU ZA 94 7.57 14.84 69.16
C LEU ZA 94 8.09 14.59 67.75
N VAL ZA 95 8.30 15.65 66.97
CA VAL ZA 95 8.92 15.55 65.65
C VAL ZA 95 10.19 16.40 65.71
N SER ZA 96 11.17 16.05 64.89
CA SER ZA 96 12.46 16.73 64.88
C SER ZA 96 12.93 16.77 63.42
N SER ZA 97 12.79 17.92 62.79
CA SER ZA 97 13.27 18.12 61.44
C SER ZA 97 14.80 18.07 61.40
N PRO ZA 98 15.39 17.78 60.23
CA PRO ZA 98 16.85 17.83 60.13
C PRO ZA 98 17.43 19.22 60.30
N ARG ZA 99 16.61 20.27 60.16
CA ARG ZA 99 17.07 21.60 60.51
C ARG ZA 99 17.28 21.72 62.01
N ALA ZA 100 16.47 21.03 62.80
CA ALA ZA 100 16.64 21.11 64.24
C ALA ZA 100 17.68 20.13 64.72
N GLU ZA 101 18.01 19.13 63.90
CA GLU ZA 101 19.07 18.24 64.35
C GLU ZA 101 20.44 18.81 63.99
N LYS ZA 102 20.54 19.55 62.89
CA LYS ZA 102 21.81 20.19 62.60
C LYS ZA 102 22.03 21.40 63.48
N ALA ZA 103 20.96 22.12 63.86
CA ALA ZA 103 21.17 23.25 64.74
C ALA ZA 103 21.52 22.80 66.15
N ARG ZA 104 20.95 21.67 66.60
CA ARG ZA 104 21.32 21.14 67.91
C ARG ZA 104 22.68 20.49 67.89
N LEU ZA 105 23.22 20.19 66.72
CA LEU ZA 105 24.55 19.59 66.64
C LEU ZA 105 25.63 20.68 66.62
N TYR ZA 106 25.45 21.70 65.77
CA TYR ZA 106 26.43 22.79 65.70
C TYR ZA 106 26.45 23.58 67.00
N SER ZA 107 25.33 23.62 67.73
CA SER ZA 107 25.33 24.34 68.98
C SER ZA 107 25.98 23.57 70.11
N ALA ZA 108 26.33 22.30 69.89
CA ALA ZA 108 27.13 21.58 70.87
C ALA ZA 108 28.58 21.53 70.47
N ILE ZA 109 28.86 21.77 69.20
CA ILE ZA 109 30.27 21.81 68.80
C ILE ZA 109 30.87 23.15 69.20
N GLU ZA 110 30.11 24.23 69.06
CA GLU ZA 110 30.69 25.50 69.48
C GLU ZA 110 30.68 25.71 70.98
N GLN ZA 111 29.99 24.87 71.76
CA GLN ZA 111 30.18 24.87 73.20
C GLN ZA 111 31.38 24.01 73.62
N ARG ZA 112 31.61 22.90 72.91
CA ARG ZA 112 32.75 22.07 73.29
C ARG ZA 112 34.08 22.69 72.85
N LEU ZA 113 34.08 23.44 71.76
CA LEU ZA 113 35.32 24.07 71.32
C LEU ZA 113 35.71 25.22 72.24
N GLU ZA 114 34.73 25.96 72.77
CA GLU ZA 114 35.09 27.02 73.69
C GLU ZA 114 35.36 26.48 75.08
N GLN ZA 115 34.96 25.24 75.36
CA GLN ZA 115 35.41 24.65 76.61
C GLN ZA 115 36.83 24.11 76.48
N SER ZA 116 37.25 23.77 75.26
CA SER ZA 116 38.61 23.30 75.04
C SER ZA 116 39.61 24.43 74.88
N LEU ZA 117 39.16 25.62 74.52
CA LEU ZA 117 40.09 26.75 74.40
C LEU ZA 117 40.54 27.27 75.75
N GLN ZA 118 39.76 27.06 76.81
CA GLN ZA 118 40.12 27.57 78.12
C GLN ZA 118 41.20 26.75 78.80
N THR ZA 119 41.63 25.64 78.20
CA THR ZA 119 42.68 24.80 78.77
C THR ZA 119 44.04 25.06 78.14
N MET ZA 120 44.17 26.07 77.29
CA MET ZA 120 45.47 26.42 76.76
C MET ZA 120 46.31 27.15 77.80
N GLU ZA 121 47.56 27.43 77.46
CA GLU ZA 121 48.48 28.07 78.40
C GLU ZA 121 48.26 29.57 78.37
N GLY ZA 122 47.54 30.09 79.36
CA GLY ZA 122 47.38 31.52 79.52
C GLY ZA 122 45.98 32.03 79.24
N VAL ZA 123 45.11 31.21 78.67
CA VAL ZA 123 43.77 31.67 78.32
C VAL ZA 123 42.90 31.65 79.57
N LEU ZA 124 42.20 32.76 79.83
CA LEU ZA 124 41.26 32.80 80.94
C LEU ZA 124 39.84 32.53 80.51
N SER ZA 125 39.41 33.07 79.38
CA SER ZA 125 38.08 32.83 78.86
C SER ZA 125 38.14 32.96 77.34
N ALA ZA 126 37.11 32.43 76.68
CA ALA ZA 126 37.06 32.42 75.23
C ALA ZA 126 35.61 32.32 74.78
N ARG ZA 127 35.41 32.51 73.47
CA ARG ZA 127 34.09 32.37 72.87
C ARG ZA 127 34.23 32.09 71.38
N VAL ZA 128 33.55 31.06 70.89
CA VAL ZA 128 33.68 30.60 69.51
C VAL ZA 128 32.32 30.63 68.83
N HIS ZA 129 32.27 31.11 67.59
CA HIS ZA 129 31.07 31.16 66.77
C HIS ZA 129 31.30 30.39 65.47
N ILE ZA 130 30.29 29.60 65.09
CA ILE ZA 130 30.27 28.83 63.86
C ILE ZA 130 29.25 29.46 62.93
N SER ZA 131 29.52 29.46 61.63
CA SER ZA 131 28.56 29.93 60.65
C SER ZA 131 27.49 28.87 60.42
N TYR ZA 132 26.24 29.19 60.76
CA TYR ZA 132 25.17 28.21 60.61
C TYR ZA 132 24.65 28.24 59.18
N ASP ZA 133 24.80 27.13 58.48
CA ASP ZA 133 24.28 26.96 57.11
C ASP ZA 133 23.44 25.69 57.16
N ILE ZA 134 22.12 25.87 57.24
CA ILE ZA 134 21.21 24.77 57.52
C ILE ZA 134 20.49 24.30 56.28
N ASP ZA 135 20.22 25.20 55.34
CA ASP ZA 135 19.48 24.88 54.11
C ASP ZA 135 20.38 24.53 52.94
N ALA ZA 136 21.70 24.75 53.09
CA ALA ZA 136 22.64 24.51 52.00
C ALA ZA 136 22.81 23.02 51.75
N GLY ZA 137 22.89 22.22 52.82
CA GLY ZA 137 22.98 20.79 52.60
C GLY ZA 137 21.66 20.17 52.19
N GLU ZA 138 20.54 20.83 52.50
CA GLU ZA 138 19.24 20.31 52.07
C GLU ZA 138 19.05 20.51 50.58
N ASN ZA 139 19.39 21.70 50.08
CA ASN ZA 139 19.13 22.02 48.68
C ASN ZA 139 20.11 21.29 47.78
N GLY ZA 140 19.80 21.27 46.48
CA GLY ZA 140 20.66 20.60 45.52
C GLY ZA 140 21.97 21.32 45.25
N ARG ZA 141 22.05 22.60 45.61
CA ARG ZA 141 23.31 23.33 45.56
C ARG ZA 141 24.28 22.74 46.57
N PRO ZA 142 25.58 22.73 46.25
CA PRO ZA 142 26.55 22.13 47.17
C PRO ZA 142 26.69 22.98 48.43
N PRO ZA 143 27.03 22.37 49.56
CA PRO ZA 143 27.18 23.15 50.80
C PRO ZA 143 28.40 24.05 50.73
N LYS ZA 144 28.25 25.25 51.26
CA LYS ZA 144 29.28 26.27 51.17
C LYS ZA 144 30.34 26.04 52.23
N PRO ZA 145 31.40 26.85 52.25
CA PRO ZA 145 32.45 26.66 53.24
C PRO ZA 145 31.97 27.12 54.62
N VAL ZA 146 32.63 26.60 55.64
CA VAL ZA 146 32.27 26.91 57.01
C VAL ZA 146 33.26 27.92 57.59
N HIS ZA 147 32.73 28.90 58.29
CA HIS ZA 147 33.50 29.99 58.87
C HIS ZA 147 33.44 29.90 60.39
N LEU ZA 148 34.57 30.17 61.04
CA LEU ZA 148 34.67 30.20 62.48
C LEU ZA 148 35.14 31.58 62.92
N SER ZA 149 34.93 31.88 64.19
CA SER ZA 149 35.43 33.13 64.76
C SER ZA 149 35.58 32.97 66.26
N ALA ZA 150 36.63 33.55 66.83
CA ALA ZA 150 36.92 33.31 68.23
C ALA ZA 150 37.40 34.58 68.90
N LEU ZA 151 37.02 34.71 70.18
CA LEU ZA 151 37.52 35.75 71.06
C LEU ZA 151 38.22 35.12 72.24
N ALA ZA 152 39.15 35.84 72.85
CA ALA ZA 152 39.89 35.30 73.98
C ALA ZA 152 40.39 36.42 74.87
N VAL ZA 153 40.54 36.09 76.15
CA VAL ZA 153 41.10 37.00 77.15
C VAL ZA 153 42.31 36.33 77.77
N TYR ZA 154 43.47 36.93 77.56
CA TYR ZA 154 44.74 36.34 77.96
C TYR ZA 154 45.24 36.94 79.26
N GLU ZA 155 46.01 36.14 79.99
CA GLU ZA 155 46.70 36.62 81.18
C GLU ZA 155 47.78 37.61 80.76
N ARG ZA 156 47.85 38.74 81.46
CA ARG ZA 156 48.74 39.81 81.03
C ARG ZA 156 50.20 39.45 81.27
N GLY ZA 157 51.07 40.16 80.57
CA GLY ZA 157 52.47 39.80 80.48
C GLY ZA 157 52.79 38.87 79.35
N SER ZA 158 51.80 38.47 78.55
CA SER ZA 158 51.89 37.56 77.43
C SER ZA 158 52.09 38.32 76.11
N PRO ZA 159 52.90 37.77 75.20
CA PRO ZA 159 53.01 38.36 73.86
C PRO ZA 159 51.85 37.93 72.97
N LEU ZA 160 50.73 38.66 73.05
CA LEU ZA 160 49.48 38.24 72.44
C LEU ZA 160 49.43 38.46 70.93
N ALA ZA 161 50.52 38.82 70.29
CA ALA ZA 161 50.59 38.86 68.83
C ALA ZA 161 51.01 37.53 68.22
N HIS ZA 162 51.75 36.71 68.95
CA HIS ZA 162 52.19 35.41 68.45
C HIS ZA 162 51.19 34.30 68.71
N GLN ZA 163 50.31 34.47 69.68
CA GLN ZA 163 49.32 33.46 70.02
C GLN ZA 163 48.12 33.42 69.10
N ILE ZA 164 48.05 34.26 68.08
CA ILE ZA 164 46.93 34.18 67.14
C ILE ZA 164 47.12 33.06 66.14
N SER ZA 165 48.33 32.48 66.08
CA SER ZA 165 48.56 31.39 65.16
C SER ZA 165 48.34 30.01 65.79
N ASP ZA 166 48.42 29.91 67.10
CA ASP ZA 166 48.14 28.62 67.73
C ASP ZA 166 46.65 28.35 67.78
N ILE ZA 167 45.83 29.38 67.96
CA ILE ZA 167 44.39 29.18 67.96
C ILE ZA 167 43.89 28.88 66.57
N LYS ZA 168 44.49 29.47 65.54
CA LYS ZA 168 44.11 29.15 64.17
C LYS ZA 168 44.58 27.76 63.79
N ARG ZA 169 45.71 27.31 64.34
CA ARG ZA 169 46.16 25.95 64.05
C ARG ZA 169 45.28 24.94 64.78
N PHE ZA 170 44.75 25.33 65.94
CA PHE ZA 170 43.96 24.39 66.73
C PHE ZA 170 42.61 24.16 66.08
N LEU ZA 171 41.93 25.25 65.68
CA LEU ZA 171 40.59 25.09 65.16
C LEU ZA 171 40.53 25.19 63.64
N LYS ZA 172 41.66 25.05 62.95
CA LYS ZA 172 41.62 24.88 61.49
C LYS ZA 172 41.26 23.46 61.09
N ASN ZA 173 41.76 22.47 61.82
CA ASN ZA 173 41.56 21.06 61.53
C ASN ZA 173 40.46 20.42 62.36
N SER ZA 174 39.51 21.21 62.85
CA SER ZA 174 38.40 20.65 63.60
C SER ZA 174 37.12 20.63 62.78
N PHE ZA 175 37.19 20.92 61.49
CA PHE ZA 175 36.01 20.90 60.64
C PHE ZA 175 36.38 20.37 59.27
N ALA ZA 176 35.44 20.51 58.33
CA ALA ZA 176 35.54 19.81 57.05
C ALA ZA 176 36.58 20.48 56.14
N ASP ZA 177 36.34 21.72 55.74
CA ASP ZA 177 37.28 22.40 54.86
C ASP ZA 177 37.24 23.89 55.18
N VAL ZA 178 38.12 24.31 56.07
CA VAL ZA 178 38.25 25.71 56.44
C VAL ZA 178 39.56 26.22 55.87
N ASP ZA 179 39.63 27.51 55.58
CA ASP ZA 179 40.87 28.14 55.18
C ASP ZA 179 41.34 29.06 56.30
N TYR ZA 180 42.57 29.55 56.17
CA TYR ZA 180 43.08 30.47 57.18
C TYR ZA 180 42.54 31.87 56.99
N ASP ZA 181 41.77 32.11 55.94
CA ASP ZA 181 41.13 33.39 55.71
C ASP ZA 181 39.72 33.43 56.26
N ASN ZA 182 39.14 32.27 56.59
CA ASN ZA 182 37.81 32.19 57.14
C ASN ZA 182 37.82 32.05 58.65
N ILE ZA 183 38.95 32.31 59.29
CA ILE ZA 183 39.07 32.27 60.73
C ILE ZA 183 39.53 33.65 61.20
N SER ZA 184 38.77 34.24 62.11
CA SER ZA 184 39.13 35.56 62.64
C SER ZA 184 39.18 35.48 64.15
N VAL ZA 185 40.35 35.73 64.71
CA VAL ZA 185 40.58 35.66 66.14
C VAL ZA 185 40.83 37.07 66.64
N VAL ZA 186 40.02 37.52 67.59
CA VAL ZA 186 40.17 38.85 68.19
C VAL ZA 186 40.36 38.64 69.67
N LEU ZA 187 41.56 38.93 70.18
CA LEU ZA 187 41.86 38.64 71.57
C LEU ZA 187 42.53 39.82 72.25
N SER ZA 188 42.46 39.82 73.58
CA SER ZA 188 42.96 40.97 74.34
C SER ZA 188 43.40 40.53 75.72
N GLU ZA 189 44.15 41.40 76.39
CA GLU ZA 189 44.63 41.15 77.74
C GLU ZA 189 43.63 41.62 78.78
N ARG ZA 190 43.74 41.08 79.98
CA ARG ZA 190 42.79 41.37 81.03
C ARG ZA 190 43.07 42.73 81.66
N SER ZA 191 42.13 43.17 82.49
CA SER ZA 191 42.21 44.50 83.09
C SER ZA 191 43.17 44.48 84.27
N ASP ZA 192 43.42 45.68 84.80
CA ASP ZA 192 44.25 45.80 85.98
C ASP ZA 192 43.51 45.24 87.19
N ALA ZA 193 44.26 44.58 88.07
CA ALA ZA 193 43.64 43.84 89.16
C ALA ZA 193 43.12 44.78 90.24
N GLN ZA 194 41.97 44.42 90.81
CA GLN ZA 194 41.37 45.14 91.92
C GLN ZA 194 41.55 44.28 93.17
N LEU ZA 195 42.46 44.70 94.04
CA LEU ZA 195 42.79 43.96 95.24
C LEU ZA 195 42.54 44.72 96.53
N GLN ZA 196 42.52 46.05 96.50
CA GLN ZA 196 42.36 46.82 97.72
C GLN ZA 196 40.89 47.01 98.05
N ALA ZA 197 40.61 47.21 99.34
CA ALA ZA 197 39.25 47.37 99.80
C ALA ZA 197 38.71 48.74 99.41
N PRO ZA 198 37.39 48.85 99.16
CA PRO ZA 198 36.81 50.13 98.79
C PRO ZA 198 36.88 51.21 99.86
N GLY ZA 199 36.35 50.95 101.05
CA GLY ZA 199 36.36 51.96 102.09
C GLY ZA 199 34.98 52.46 102.42
N THR ZA 200 34.65 52.50 103.71
CA THR ZA 200 33.33 52.88 104.17
C THR ZA 200 33.19 54.40 104.14
N PRO ZA 201 32.03 54.93 103.77
CA PRO ZA 201 31.83 56.39 103.80
C PRO ZA 201 31.79 56.92 105.23
N VAL ZA 202 32.68 57.84 105.54
CA VAL ZA 202 32.68 58.51 106.83
C VAL ZA 202 31.88 59.80 106.73
N LYS ZA 203 31.03 60.05 107.73
CA LYS ZA 203 30.19 61.24 107.76
C LYS ZA 203 30.41 62.03 109.04
N ASP AB 20 5.62 63.74 98.48
CA ASP AB 20 4.67 62.86 99.13
C ASP AB 20 3.66 62.35 98.12
N LYS AB 21 3.51 63.07 97.01
CA LYS AB 21 2.59 62.66 95.96
C LYS AB 21 3.18 61.50 95.20
N ASP AB 22 2.33 60.54 94.86
CA ASP AB 22 2.76 59.40 94.07
C ASP AB 22 2.53 59.66 92.60
N LEU AB 23 3.40 59.09 91.77
CA LEU AB 23 3.22 59.27 90.34
C LEU AB 23 3.23 57.94 89.61
N LEU AB 24 3.91 56.94 90.17
CA LEU AB 24 3.87 55.60 89.57
C LEU AB 24 3.80 54.57 90.68
N LYS AB 25 2.87 53.64 90.57
CA LYS AB 25 2.80 52.49 91.45
C LYS AB 25 2.76 51.22 90.64
N GLY AB 26 3.01 50.09 91.30
CA GLY AB 26 2.90 48.80 90.67
C GLY AB 26 4.04 48.42 89.76
N LEU AB 27 5.10 49.23 89.72
CA LEU AB 27 6.24 48.94 88.86
C LEU AB 27 7.04 47.78 89.44
N ASP AB 28 7.76 47.10 88.56
CA ASP AB 28 8.65 46.04 89.00
C ASP AB 28 10.03 46.61 89.28
N GLN AB 29 10.99 45.71 89.45
CA GLN AB 29 12.33 46.09 89.90
C GLN AB 29 13.13 46.78 88.80
N GLU AB 30 13.08 46.25 87.59
CA GLU AB 30 13.87 46.82 86.50
C GLU AB 30 13.24 48.11 86.01
N GLN AB 31 11.92 48.24 86.14
CA GLN AB 31 11.28 49.47 85.72
C GLN AB 31 11.55 50.56 86.74
N ALA AB 32 11.60 50.20 88.03
CA ALA AB 32 11.78 51.23 89.04
C ALA AB 32 13.21 51.72 89.07
N ASN AB 33 14.17 50.86 88.72
CA ASN AB 33 15.55 51.32 88.74
C ASN AB 33 15.91 52.14 87.52
N GLU AB 34 15.04 52.18 86.51
CA GLU AB 34 15.28 53.05 85.37
C GLU AB 34 14.39 54.29 85.43
N VAL AB 35 13.40 54.31 86.31
CA VAL AB 35 12.72 55.60 86.53
C VAL AB 35 13.53 56.46 87.49
N ILE AB 36 14.14 55.83 88.50
CA ILE AB 36 14.95 56.58 89.45
C ILE AB 36 16.21 57.13 88.78
N ALA AB 37 16.85 56.33 87.92
CA ALA AB 37 18.06 56.79 87.26
C ALA AB 37 17.81 57.89 86.24
N VAL AB 38 16.58 58.03 85.76
CA VAL AB 38 16.25 59.14 84.87
C VAL AB 38 15.97 60.40 85.67
N LEU AB 39 15.21 60.29 86.77
CA LEU AB 39 14.89 61.49 87.54
C LEU AB 39 16.08 62.03 88.29
N GLN AB 40 17.01 61.18 88.71
CA GLN AB 40 18.12 61.64 89.54
C GLN AB 40 19.14 62.46 88.78
N MET AB 41 19.20 62.37 87.47
CA MET AB 41 20.10 63.22 86.72
C MET AB 41 19.51 64.58 86.39
N HIS AB 42 18.23 64.81 86.68
CA HIS AB 42 17.57 66.08 86.43
C HIS AB 42 17.25 66.80 87.73
N ASN AB 43 18.03 66.52 88.78
CA ASN AB 43 18.02 67.25 90.04
C ASN AB 43 16.69 67.14 90.78
N ILE AB 44 16.06 65.97 90.71
CA ILE AB 44 14.91 65.67 91.56
C ILE AB 44 15.13 64.31 92.21
N GLU AB 45 14.69 64.18 93.45
CA GLU AB 45 14.98 63.01 94.27
C GLU AB 45 13.71 62.18 94.42
N ALA AB 46 13.82 60.89 94.12
CA ALA AB 46 12.69 59.97 94.19
C ALA AB 46 12.87 58.99 95.34
N ASN AB 47 11.77 58.34 95.72
CA ASN AB 47 11.79 57.35 96.78
C ASN AB 47 11.09 56.09 96.29
N LYS AB 48 11.82 54.97 96.33
CA LYS AB 48 11.30 53.67 95.95
C LYS AB 48 10.73 52.95 97.17
N ILE AB 49 9.46 52.58 97.11
CA ILE AB 49 8.76 51.97 98.23
C ILE AB 49 8.26 50.61 97.79
N ASP AB 50 8.71 49.57 98.46
CA ASP AB 50 8.26 48.22 98.17
C ASP AB 50 6.87 48.00 98.76
N SER AB 51 6.10 47.10 98.13
CA SER AB 51 4.80 46.79 98.69
C SER AB 51 4.52 45.29 98.65
N GLY AB 52 5.57 44.48 98.49
CA GLY AB 52 5.42 43.03 98.52
C GLY AB 52 4.87 42.44 97.24
N LYS AB 53 3.61 42.02 97.28
CA LYS AB 53 3.02 41.34 96.12
C LYS AB 53 2.68 42.35 95.03
N LEU AB 54 2.24 43.53 95.42
CA LEU AB 54 1.75 44.52 94.47
C LEU AB 54 2.87 45.30 93.78
N GLY AB 55 4.14 44.97 94.03
CA GLY AB 55 5.22 45.66 93.37
C GLY AB 55 5.66 46.94 94.05
N TYR AB 56 6.57 47.63 93.37
CA TYR AB 56 7.18 48.83 93.90
C TYR AB 56 6.26 50.02 93.64
N SER AB 57 6.69 51.18 94.14
CA SER AB 57 5.97 52.43 93.95
C SER AB 57 6.99 53.54 94.12
N ILE AB 58 6.79 54.63 93.40
CA ILE AB 58 7.78 55.70 93.36
C ILE AB 58 7.07 56.99 93.75
N THR AB 59 7.57 57.65 94.79
CA THR AB 59 6.97 58.88 95.26
C THR AB 59 8.02 59.99 95.25
N VAL AB 60 7.59 61.19 94.88
CA VAL AB 60 8.45 62.35 94.87
C VAL AB 60 7.91 63.40 95.85
N ALA AB 61 8.64 64.49 96.05
CA ALA AB 61 8.21 65.60 96.89
C ALA AB 61 7.17 66.46 96.18
N GLU AB 62 6.66 67.45 96.88
CA GLU AB 62 5.62 68.32 96.34
C GLU AB 62 6.11 69.39 95.35
N PRO AB 63 7.24 70.10 95.55
CA PRO AB 63 7.70 71.00 94.49
C PRO AB 63 8.22 70.32 93.23
N ASP AB 64 8.64 69.06 93.32
CA ASP AB 64 9.19 68.35 92.17
C ASP AB 64 8.16 67.54 91.40
N PHE AB 65 6.89 67.81 91.58
CA PHE AB 65 5.90 67.00 90.88
C PHE AB 65 5.61 67.51 89.48
N THR AB 66 5.66 68.82 89.27
CA THR AB 66 5.39 69.36 87.95
C THR AB 66 6.52 69.02 87.00
N ALA AB 67 7.75 68.95 87.51
CA ALA AB 67 8.86 68.59 86.64
C ALA AB 67 8.95 67.09 86.46
N ALA AB 68 8.57 66.30 87.48
CA ALA AB 68 8.71 64.87 87.33
C ALA AB 68 7.67 64.32 86.39
N VAL AB 69 6.49 64.95 86.33
CA VAL AB 69 5.50 64.48 85.35
C VAL AB 69 5.96 64.83 83.93
N TYR AB 70 6.69 65.94 83.77
CA TYR AB 70 7.17 66.34 82.46
C TYR AB 70 8.27 65.42 81.96
N TRP AB 71 9.09 64.90 82.87
CA TRP AB 71 10.10 63.98 82.37
C TRP AB 71 9.55 62.57 82.21
N ILE AB 72 8.45 62.23 82.91
CA ILE AB 72 7.79 60.95 82.64
C ILE AB 72 7.19 60.98 81.25
N LYS AB 73 6.58 62.11 80.88
CA LYS AB 73 5.94 62.21 79.58
C LYS AB 73 6.98 62.28 78.47
N THR AB 74 8.08 63.01 78.69
CA THR AB 74 9.05 63.17 77.63
C THR AB 74 9.82 61.88 77.40
N TYR AB 75 10.33 61.27 78.48
CA TYR AB 75 11.15 60.08 78.35
C TYR AB 75 10.36 58.79 78.18
N GLN AB 76 9.01 58.84 78.10
CA GLN AB 76 8.15 57.66 77.92
C GLN AB 76 8.33 56.61 79.02
N LEU AB 77 8.40 57.03 80.16
CA LEU AB 77 8.55 56.11 81.27
C LEU AB 77 7.18 55.64 81.76
N PRO AB 78 7.05 54.43 82.32
CA PRO AB 78 7.98 53.33 82.58
C PRO AB 78 8.40 52.56 81.34
N PRO AB 79 9.60 51.97 81.36
CA PRO AB 79 10.09 51.27 80.16
C PRO AB 79 9.33 49.99 79.91
N ARG AB 80 8.88 49.81 78.67
CA ARG AB 80 8.24 48.56 78.28
C ARG AB 80 9.29 47.46 78.15
N PRO AB 81 8.90 46.19 78.29
CA PRO AB 81 9.88 45.11 78.14
C PRO AB 81 10.35 44.96 76.71
N ARG AB 82 11.64 44.63 76.56
CA ARG AB 82 12.25 44.57 75.24
C ARG AB 82 11.81 43.30 74.51
N VAL AB 83 11.42 43.48 73.25
CA VAL AB 83 10.79 42.45 72.45
C VAL AB 83 11.85 41.77 71.60
N GLU AB 84 11.60 40.51 71.27
CA GLU AB 84 12.47 39.74 70.40
C GLU AB 84 11.63 38.89 69.45
N ILE AB 85 12.23 38.52 68.32
CA ILE AB 85 11.53 37.80 67.26
C ILE AB 85 11.17 36.39 67.69
N ALA AB 86 11.98 35.78 68.56
CA ALA AB 86 11.71 34.42 69.03
C ALA AB 86 10.50 34.31 69.92
N GLN AB 87 9.91 35.42 70.36
CA GLN AB 87 8.69 35.39 71.16
C GLN AB 87 7.43 35.31 70.33
N MET AB 88 7.46 35.75 69.08
CA MET AB 88 6.28 35.66 68.22
C MET AB 88 6.06 34.26 67.69
N PHE AB 89 7.05 33.38 67.77
CA PHE AB 89 6.94 32.00 67.29
C PHE AB 89 7.45 31.09 68.40
N PRO AB 90 6.59 30.73 69.34
CA PRO AB 90 7.04 29.89 70.46
C PRO AB 90 7.27 28.47 70.01
N ALA AB 91 8.13 27.76 70.75
CA ALA AB 91 8.48 26.39 70.43
C ALA AB 91 7.50 25.37 71.00
N ASP AB 92 6.39 25.84 71.60
CA ASP AB 92 5.40 24.96 72.20
C ASP AB 92 4.27 24.60 71.27
N SER AB 93 4.31 25.06 70.02
CA SER AB 93 3.27 24.73 69.06
C SER AB 93 3.44 23.30 68.55
N LEU AB 94 2.32 22.68 68.21
CA LEU AB 94 2.37 21.29 67.73
C LEU AB 94 2.97 21.20 66.34
N VAL AB 95 2.68 22.16 65.48
CA VAL AB 95 3.28 22.23 64.15
C VAL AB 95 4.15 23.48 64.06
N SER AB 96 5.24 23.37 63.32
CA SER AB 96 6.18 24.47 63.18
C SER AB 96 6.59 24.59 61.72
N SER AB 97 6.22 25.69 61.08
CA SER AB 97 6.59 25.95 59.70
C SER AB 97 8.10 26.22 59.60
N PRO AB 98 8.69 26.01 58.42
CA PRO AB 98 10.10 26.38 58.24
C PRO AB 98 10.36 27.87 58.33
N ARG AB 99 9.33 28.70 58.14
CA ARG AB 99 9.48 30.13 58.39
C ARG AB 99 9.61 30.39 59.87
N ALA AB 100 9.03 29.52 60.68
CA ALA AB 100 9.08 29.71 62.12
C ALA AB 100 10.38 29.14 62.67
N GLU AB 101 10.89 28.08 62.05
CA GLU AB 101 12.15 27.54 62.55
C GLU AB 101 13.32 28.42 62.15
N LYS AB 102 13.23 29.08 60.98
CA LYS AB 102 14.30 30.00 60.62
C LYS AB 102 14.19 31.30 61.41
N ALA AB 103 12.97 31.68 61.80
CA ALA AB 103 12.85 32.91 62.59
C ALA AB 103 13.27 32.67 64.03
N ARG AB 104 13.13 31.44 64.52
CA ARG AB 104 13.63 31.15 65.85
C ARG AB 104 15.12 30.84 65.84
N LEU AB 105 15.72 30.66 64.67
CA LEU AB 105 17.17 30.43 64.62
C LEU AB 105 17.95 31.74 64.53
N TYR AB 106 17.51 32.66 63.65
CA TYR AB 106 18.24 33.91 63.49
C TYR AB 106 18.10 34.81 64.72
N SER AB 107 17.01 34.66 65.45
CA SER AB 107 16.84 35.47 66.65
C SER AB 107 17.62 34.94 67.83
N ALA AB 108 18.16 33.72 67.75
CA ALA AB 108 19.05 33.26 68.79
C ALA AB 108 20.51 33.46 68.42
N ILE AB 109 20.76 33.65 67.13
CA ILE AB 109 22.12 34.00 66.73
C ILE AB 109 22.39 35.46 67.02
N GLU AB 110 21.43 36.34 66.72
CA GLU AB 110 21.65 37.75 67.02
C GLU AB 110 21.57 38.08 68.51
N GLN AB 111 21.08 37.17 69.35
CA GLN AB 111 21.24 37.35 70.79
C GLN AB 111 22.60 36.85 71.29
N ARG AB 112 23.10 35.78 70.68
CA ARG AB 112 24.41 35.28 71.13
C ARG AB 112 25.53 36.20 70.66
N LEU AB 113 25.33 36.90 69.54
CA LEU AB 113 26.37 37.79 69.06
C LEU AB 113 26.48 39.04 69.92
N GLU AB 114 25.35 39.53 70.45
CA GLU AB 114 25.45 40.71 71.28
C GLU AB 114 25.83 40.34 72.70
N GLN AB 115 25.69 39.07 73.07
CA GLN AB 115 26.23 38.69 74.37
C GLN AB 115 27.71 38.41 74.28
N SER AB 116 28.22 38.18 73.07
CA SER AB 116 29.66 37.99 72.89
C SER AB 116 30.40 39.28 72.60
N LEU AB 117 29.70 40.35 72.21
CA LEU AB 117 30.37 41.63 72.00
C LEU AB 117 30.69 42.35 73.29
N GLN AB 118 29.96 42.09 74.37
CA GLN AB 118 30.25 42.74 75.64
C GLN AB 118 31.50 42.21 76.33
N THR AB 119 32.09 41.14 75.84
CA THR AB 119 33.32 40.62 76.42
C THR AB 119 34.57 41.19 75.78
N MET AB 120 34.44 42.23 74.98
CA MET AB 120 35.58 42.89 74.36
C MET AB 120 36.20 43.88 75.35
N GLU AB 121 37.12 44.71 74.87
CA GLU AB 121 37.83 45.66 75.72
C GLU AB 121 37.18 47.03 75.62
N GLY AB 122 36.35 47.37 76.60
CA GLY AB 122 35.77 48.68 76.69
C GLY AB 122 34.30 48.77 76.36
N VAL AB 123 33.69 47.71 75.86
CA VAL AB 123 32.30 47.76 75.46
C VAL AB 123 31.42 47.56 76.69
N LEU AB 124 30.46 48.46 76.88
CA LEU AB 124 29.48 48.31 77.96
C LEU AB 124 28.15 47.78 77.46
N SER AB 125 27.73 48.17 76.26
CA SER AB 125 26.48 47.69 75.70
C SER AB 125 26.64 47.58 74.19
N ALA AB 126 25.83 46.72 73.61
CA ALA AB 126 25.86 46.49 72.17
C ALA AB 126 24.50 46.00 71.71
N ARG AB 127 24.24 46.14 70.41
CA ARG AB 127 22.98 45.64 69.85
C ARG AB 127 23.20 45.31 68.38
N VAL AB 128 22.96 44.06 68.01
CA VAL AB 128 23.20 43.57 66.65
C VAL AB 128 21.88 43.20 65.98
N HIS AB 129 21.76 43.53 64.70
CA HIS AB 129 20.62 43.21 63.85
C HIS AB 129 21.07 42.43 62.62
N ILE AB 130 20.29 41.41 62.26
CA ILE AB 130 20.54 40.58 61.09
C ILE AB 130 19.36 40.72 60.14
N SER AB 131 19.65 40.76 58.84
CA SER AB 131 18.59 40.74 57.84
C SER AB 131 17.92 39.37 57.81
N TYR AB 132 16.60 39.35 57.85
CA TYR AB 132 15.86 38.08 57.86
C TYR AB 132 15.43 37.70 56.46
N ASP AB 133 15.74 36.45 56.09
CA ASP AB 133 15.35 35.90 54.80
C ASP AB 133 14.55 34.63 55.09
N ILE AB 134 13.30 34.63 54.65
CA ILE AB 134 12.38 33.54 54.99
C ILE AB 134 11.73 32.92 53.76
N ASP AB 135 11.63 33.67 52.69
CA ASP AB 135 10.95 33.23 51.47
C ASP AB 135 11.85 32.51 50.48
N ALA AB 136 13.15 32.43 50.76
CA ALA AB 136 14.06 31.76 49.85
C ALA AB 136 13.94 30.25 49.93
N GLY AB 137 13.52 29.72 51.08
CA GLY AB 137 13.45 28.29 51.27
C GLY AB 137 12.14 27.67 50.82
N GLU AB 138 11.08 28.48 50.74
CA GLU AB 138 9.77 27.90 50.41
C GLU AB 138 9.67 27.57 48.92
N ASN AB 139 10.27 28.37 48.05
CA ASN AB 139 10.25 28.13 46.62
C ASN AB 139 11.67 27.98 46.08
N GLY AB 140 11.78 27.79 44.77
CA GLY AB 140 13.07 27.54 44.15
C GLY AB 140 13.87 28.78 43.80
N ARG AB 141 13.80 29.84 44.65
CA ARG AB 141 14.63 31.01 44.44
C ARG AB 141 15.94 30.87 45.19
N PRO AB 142 17.04 31.40 44.64
CA PRO AB 142 18.29 31.39 45.38
C PRO AB 142 18.26 32.42 46.50
N PRO AB 143 18.98 32.17 47.60
CA PRO AB 143 18.98 33.12 48.71
C PRO AB 143 19.79 34.36 48.38
N LYS AB 144 19.48 35.43 49.09
CA LYS AB 144 20.17 36.71 48.90
C LYS AB 144 21.36 36.78 49.85
N PRO AB 145 22.16 37.83 49.76
CA PRO AB 145 23.22 38.02 50.74
C PRO AB 145 22.64 38.44 52.08
N VAL AB 146 23.42 38.22 53.13
CA VAL AB 146 23.01 38.48 54.50
C VAL AB 146 23.72 39.73 55.01
N HIS AB 147 22.94 40.60 55.67
CA HIS AB 147 23.39 41.89 56.14
C HIS AB 147 23.39 41.97 57.67
N LEU AB 148 24.36 42.69 58.22
CA LEU AB 148 24.53 42.83 59.65
C LEU AB 148 24.65 44.31 60.00
N SER AB 149 24.26 44.67 61.22
CA SER AB 149 24.38 46.05 61.66
C SER AB 149 24.53 46.10 63.18
N ALA AB 150 25.50 46.86 63.68
CA ALA AB 150 25.78 46.83 65.10
C ALA AB 150 25.84 48.23 65.72
N LEU AB 151 25.53 48.28 67.01
CA LEU AB 151 25.68 49.48 67.82
C LEU AB 151 26.52 49.11 69.04
N ALA AB 152 27.18 50.10 69.61
CA ALA AB 152 28.05 49.88 70.75
C ALA AB 152 28.21 51.14 71.57
N VAL AB 153 28.51 50.95 72.85
CA VAL AB 153 28.77 52.05 73.78
C VAL AB 153 30.09 51.79 74.47
N TYR AB 154 31.04 52.72 74.34
CA TYR AB 154 32.41 52.54 74.78
C TYR AB 154 32.70 53.39 76.01
N GLU AB 155 33.70 52.97 76.76
CA GLU AB 155 34.26 53.78 77.84
C GLU AB 155 34.94 55.01 77.26
N ARG AB 156 34.82 56.13 77.96
CA ARG AB 156 35.43 57.35 77.45
C ARG AB 156 36.93 57.34 77.72
N GLY AB 157 37.65 58.10 76.89
CA GLY AB 157 39.10 58.06 76.90
C GLY AB 157 39.71 57.10 75.91
N SER AB 158 38.89 56.33 75.20
CA SER AB 158 39.28 55.32 74.21
C SER AB 158 39.24 55.90 72.80
N PRO AB 159 40.22 55.55 71.97
CA PRO AB 159 40.20 56.00 70.58
C PRO AB 159 39.21 55.21 69.73
N LEU AB 160 37.95 55.63 69.73
CA LEU AB 160 36.88 54.84 69.13
C LEU AB 160 36.82 54.91 67.62
N ALA AB 161 37.83 55.46 66.95
CA ALA AB 161 37.89 55.37 65.49
C ALA AB 161 38.55 54.09 65.03
N HIS AB 162 39.54 53.59 65.77
CA HIS AB 162 40.23 52.36 65.43
C HIS AB 162 39.60 51.13 66.05
N GLN AB 163 38.57 51.31 66.88
CA GLN AB 163 37.84 50.18 67.46
C GLN AB 163 36.78 49.65 66.52
N ILE AB 164 36.61 50.27 65.36
CA ILE AB 164 35.59 49.87 64.41
C ILE AB 164 36.06 48.78 63.46
N SER AB 165 37.37 48.50 63.41
CA SER AB 165 37.88 47.44 62.55
C SER AB 165 37.88 46.08 63.22
N ASP AB 166 37.85 46.03 64.55
CA ASP AB 166 37.81 44.75 65.22
C ASP AB 166 36.40 44.20 65.26
N ILE AB 167 35.40 45.06 65.31
CA ILE AB 167 34.03 44.55 65.26
C ILE AB 167 33.69 44.12 63.85
N LYS AB 168 34.30 44.73 62.84
CA LYS AB 168 34.05 44.30 61.47
C LYS AB 168 34.76 42.97 61.20
N ARG AB 169 35.98 42.80 61.71
CA ARG AB 169 36.68 41.55 61.49
C ARG AB 169 36.04 40.42 62.29
N PHE AB 170 35.46 40.74 63.45
CA PHE AB 170 34.79 39.71 64.23
C PHE AB 170 33.47 39.33 63.56
N LEU AB 171 32.77 40.30 62.97
CA LEU AB 171 31.46 40.04 62.40
C LEU AB 171 31.51 39.50 60.98
N LYS AB 172 32.65 39.54 60.29
CA LYS AB 172 32.67 39.20 58.88
C LYS AB 172 32.50 37.70 58.64
N ASN AB 173 33.20 36.88 59.40
CA ASN AB 173 33.14 35.44 59.19
C ASN AB 173 32.48 34.75 60.38
N SER AB 174 31.37 35.32 60.82
CA SER AB 174 30.44 34.64 61.70
C SER AB 174 29.20 34.16 60.95
N PHE AB 175 29.21 34.26 59.61
CA PHE AB 175 28.11 33.82 58.77
C PHE AB 175 28.69 33.23 57.51
N ALA AB 176 27.84 33.03 56.51
CA ALA AB 176 28.23 32.30 55.31
C ALA AB 176 29.16 33.13 54.43
N ASP AB 177 28.66 34.23 53.90
CA ASP AB 177 29.47 35.10 53.04
C ASP AB 177 28.89 36.51 53.12
N VAL AB 178 29.58 37.39 53.84
CA VAL AB 178 29.22 38.80 53.87
C VAL AB 178 30.39 39.58 53.30
N ASP AB 179 30.13 40.83 52.96
CA ASP AB 179 31.18 41.76 52.57
C ASP AB 179 31.41 42.78 53.67
N TYR AB 180 32.32 43.70 53.40
CA TYR AB 180 32.56 44.82 54.29
C TYR AB 180 31.67 46.00 53.98
N ASP AB 181 30.86 45.91 52.92
CA ASP AB 181 29.90 46.95 52.58
C ASP AB 181 28.51 46.66 53.11
N ASN AB 182 28.27 45.47 53.63
CA ASN AB 182 27.00 45.09 54.23
C ASN AB 182 27.04 45.10 55.74
N ILE AB 183 28.09 45.65 56.34
CA ILE AB 183 28.20 45.76 57.79
C ILE AB 183 28.32 47.23 58.17
N SER AB 184 27.44 47.69 59.04
CA SER AB 184 27.42 49.08 59.47
C SER AB 184 27.50 49.11 60.98
N VAL AB 185 28.56 49.69 61.51
CA VAL AB 185 28.81 49.80 62.94
C VAL AB 185 28.71 51.27 63.32
N VAL AB 186 27.82 51.58 64.24
CA VAL AB 186 27.64 52.94 64.74
C VAL AB 186 27.85 52.88 66.24
N LEU AB 187 28.94 53.45 66.72
CA LEU AB 187 29.29 53.33 68.12
C LEU AB 187 29.58 54.69 68.73
N SER AB 188 29.47 54.76 70.05
CA SER AB 188 29.53 56.05 70.71
C SER AB 188 29.99 55.92 72.16
N GLU AB 189 30.68 56.94 72.64
CA GLU AB 189 31.16 56.95 74.02
C GLU AB 189 29.99 57.15 74.98
N ARG AB 190 30.20 56.77 76.23
CA ARG AB 190 29.12 56.84 77.20
C ARG AB 190 28.97 58.26 77.72
N SER AB 191 27.85 58.50 78.41
CA SER AB 191 27.51 59.82 78.89
C SER AB 191 28.36 60.17 80.11
N ASP AB 192 28.23 61.41 80.58
CA ASP AB 192 28.98 61.86 81.74
C ASP AB 192 28.42 61.21 83.00
N ALA AB 193 29.31 60.95 83.95
CA ALA AB 193 28.95 60.21 85.15
C ALA AB 193 28.20 61.10 86.13
N GLN AB 194 27.15 60.54 86.73
CA GLN AB 194 26.37 61.20 87.77
C GLN AB 194 26.75 60.58 89.10
N LEU AB 195 27.39 61.37 89.96
CA LEU AB 195 27.92 60.88 91.23
C LEU AB 195 27.44 61.64 92.46
N GLN AB 196 26.96 62.86 92.32
CA GLN AB 196 26.56 63.66 93.47
C GLN AB 196 25.07 63.52 93.72
N ALA AB 197 24.69 63.74 94.98
CA ALA AB 197 23.30 63.62 95.41
C ALA AB 197 22.48 64.78 94.85
N PRO AB 198 21.17 64.55 94.60
CA PRO AB 198 20.32 65.62 94.06
C PRO AB 198 20.12 66.83 94.97
N GLY AB 199 19.64 66.62 96.18
CA GLY AB 199 19.39 67.75 97.07
C GLY AB 199 17.94 67.95 97.43
N THR AB 200 17.64 67.89 98.72
CA THR AB 200 16.27 68.04 99.20
C THR AB 200 15.84 69.50 99.15
N PRO AB 201 14.66 69.80 98.63
CA PRO AB 201 14.21 71.21 98.57
C PRO AB 201 13.89 71.75 99.94
N VAL AB 202 14.46 72.91 100.27
CA VAL AB 202 14.09 73.58 101.51
C VAL AB 202 12.76 74.30 101.32
N LYS AB 203 12.07 74.52 102.43
CA LYS AB 203 10.76 75.17 102.38
C LYS AB 203 10.58 76.15 103.53
N ASP BB 20 -14.23 71.51 93.50
CA ASP BB 20 -13.42 70.60 92.70
C ASP BB 20 -14.29 69.70 91.85
N LYS BB 21 -14.66 70.17 90.66
CA LYS BB 21 -15.47 69.40 89.75
C LYS BB 21 -14.63 68.33 89.07
N ASP BB 22 -15.23 67.17 88.85
CA ASP BB 22 -14.49 66.05 88.28
C ASP BB 22 -14.52 66.13 86.77
N LEU BB 23 -13.45 65.63 86.15
CA LEU BB 23 -13.32 65.64 84.71
C LEU BB 23 -13.35 64.24 84.12
N LEU BB 24 -12.45 63.37 84.55
CA LEU BB 24 -12.32 62.03 84.00
C LEU BB 24 -12.28 61.04 85.14
N LYS BB 25 -12.60 59.79 84.84
CA LYS BB 25 -12.41 58.69 85.78
C LYS BB 25 -12.32 57.39 85.00
N GLY BB 26 -11.93 56.33 85.72
CA GLY BB 26 -11.75 55.03 85.11
C GLY BB 26 -10.54 54.91 84.21
N LEU BB 27 -9.52 55.74 84.42
CA LEU BB 27 -8.38 55.81 83.53
C LEU BB 27 -7.33 54.78 83.91
N ASP BB 28 -6.15 54.92 83.31
CA ASP BB 28 -4.99 54.06 83.50
C ASP BB 28 -3.88 54.90 84.14
N GLN BB 29 -2.89 54.21 84.72
CA GLN BB 29 -1.73 54.86 85.31
C GLN BB 29 -0.98 55.70 84.28
N GLU BB 30 -0.87 55.22 83.06
CA GLU BB 30 -0.26 55.99 81.98
C GLU BB 30 -1.24 56.91 81.28
N GLN BB 31 -2.54 56.64 81.37
CA GLN BB 31 -3.52 57.56 80.80
C GLN BB 31 -3.75 58.78 81.67
N ALA BB 32 -3.42 58.73 82.95
CA ALA BB 32 -3.61 59.89 83.81
C ALA BB 32 -2.37 60.76 83.86
N ASN BB 33 -1.21 60.17 83.63
CA ASN BB 33 0.02 60.94 83.56
C ASN BB 33 0.16 61.74 82.28
N GLU BB 34 -0.66 61.46 81.29
CA GLU BB 34 -0.65 62.28 80.09
C GLU BB 34 -1.64 63.42 80.21
N VAL BB 35 -2.73 63.20 80.94
CA VAL BB 35 -3.71 64.26 81.15
C VAL BB 35 -3.14 65.33 82.07
N ILE BB 36 -2.41 64.92 83.10
CA ILE BB 36 -1.83 65.92 84.01
C ILE BB 36 -0.71 66.67 83.30
N ALA BB 37 0.06 65.96 82.45
CA ALA BB 37 1.14 66.60 81.70
C ALA BB 37 0.61 67.54 80.63
N VAL BB 38 -0.61 67.35 80.16
CA VAL BB 38 -1.18 68.29 79.19
C VAL BB 38 -1.75 69.50 79.92
N LEU BB 39 -2.47 69.27 81.01
CA LEU BB 39 -3.11 70.39 81.70
C LEU BB 39 -2.10 71.29 82.40
N GLN BB 40 -1.00 70.74 82.92
CA GLN BB 40 0.00 71.57 83.58
C GLN BB 40 0.80 72.42 82.60
N MET BB 41 0.77 72.09 81.31
CA MET BB 41 1.43 72.94 80.33
C MET BB 41 0.65 74.23 80.09
N HIS BB 42 -0.67 74.21 80.30
CA HIS BB 42 -1.52 75.35 79.99
C HIS BB 42 -2.00 76.06 81.26
N ASN BB 43 -1.16 76.08 82.30
CA ASN BB 43 -1.34 76.89 83.51
C ASN BB 43 -2.60 76.55 84.30
N ILE BB 44 -3.04 75.30 84.27
CA ILE BB 44 -4.14 74.86 85.12
C ILE BB 44 -3.71 73.59 85.84
N GLU BB 45 -4.07 73.50 87.11
CA GLU BB 45 -3.66 72.39 87.95
C GLU BB 45 -4.65 71.23 87.85
N ALA BB 46 -4.25 70.09 88.38
CA ALA BB 46 -5.09 68.91 88.39
C ALA BB 46 -4.81 68.12 89.66
N ASN BB 47 -5.65 67.13 89.93
CA ASN BB 47 -5.51 66.29 91.11
C ASN BB 47 -5.65 64.84 90.71
N LYS BB 48 -4.60 64.04 90.93
CA LYS BB 48 -4.63 62.62 90.64
C LYS BB 48 -5.24 61.89 91.82
N ILE BB 49 -6.57 61.98 91.92
CA ILE BB 49 -7.32 61.35 93.00
C ILE BB 49 -7.49 59.88 92.67
N ASP BB 50 -7.06 59.02 93.58
CA ASP BB 50 -7.24 57.59 93.42
C ASP BB 50 -8.68 57.23 93.80
N SER BB 51 -9.27 56.29 93.08
CA SER BB 51 -10.63 55.88 93.31
C SER BB 51 -10.73 54.48 93.89
N GLY BB 52 -9.60 53.86 94.19
CA GLY BB 52 -9.58 52.51 94.77
C GLY BB 52 -9.46 51.44 93.70
N LYS BB 53 -10.52 50.67 93.51
CA LYS BB 53 -10.53 49.61 92.52
C LYS BB 53 -11.01 50.09 91.15
N LEU BB 54 -11.55 51.31 91.09
CA LEU BB 54 -12.00 51.88 89.82
C LEU BB 54 -10.83 52.34 88.97
N GLY BB 55 -9.89 53.06 89.57
CA GLY BB 55 -8.76 53.58 88.84
C GLY BB 55 -8.35 54.98 89.29
N TYR BB 56 -7.98 55.83 88.35
CA TYR BB 56 -7.58 57.20 88.65
C TYR BB 56 -8.64 58.17 88.17
N SER BB 57 -8.63 59.36 88.75
CA SER BB 57 -9.61 60.38 88.42
C SER BB 57 -8.95 61.74 88.56
N ILE BB 58 -9.20 62.61 87.58
CA ILE BB 58 -8.59 63.93 87.54
C ILE BB 58 -9.66 64.96 87.83
N THR BB 59 -9.45 65.76 88.88
CA THR BB 59 -10.36 66.83 89.25
C THR BB 59 -9.60 68.15 89.16
N VAL BB 60 -10.23 69.11 88.49
CA VAL BB 60 -9.67 70.45 88.34
C VAL BB 60 -10.54 71.44 89.14
N ALA BB 61 -10.02 72.64 89.30
CA ALA BB 61 -10.76 73.68 90.00
C ALA BB 61 -11.93 74.20 89.16
N GLU BB 62 -12.80 74.93 89.84
CA GLU BB 62 -14.03 75.45 89.22
C GLU BB 62 -13.73 76.59 88.24
N PRO BB 63 -12.84 77.58 88.51
CA PRO BB 63 -12.53 78.53 87.44
C PRO BB 63 -11.74 77.90 86.30
N ASP BB 64 -11.03 76.79 86.53
CA ASP BB 64 -10.26 76.16 85.48
C ASP BB 64 -11.02 75.06 84.77
N PHE BB 65 -12.33 74.97 84.98
CA PHE BB 65 -13.08 73.89 84.36
C PHE BB 65 -13.37 74.11 82.88
N THR BB 66 -13.55 75.36 82.46
CA THR BB 66 -13.88 75.63 81.06
C THR BB 66 -12.66 75.41 80.18
N ALA BB 67 -11.49 75.82 80.69
CA ALA BB 67 -10.27 75.64 79.93
C ALA BB 67 -9.89 74.17 79.92
N ALA BB 68 -10.15 73.45 81.01
CA ALA BB 68 -9.73 72.06 81.00
C ALA BB 68 -10.64 71.22 80.11
N VAL BB 69 -11.92 71.59 79.98
CA VAL BB 69 -12.79 70.87 79.06
C VAL BB 69 -12.39 71.18 77.61
N TYR BB 70 -11.98 72.42 77.34
CA TYR BB 70 -11.60 72.75 75.96
C TYR BB 70 -10.29 72.08 75.56
N TRP BB 71 -9.34 71.97 76.48
CA TRP BB 71 -8.11 71.30 76.10
C TRP BB 71 -8.24 69.79 76.09
N ILE BB 72 -9.26 69.24 76.76
CA ILE BB 72 -9.54 67.81 76.62
C ILE BB 72 -10.09 67.53 75.23
N LYS BB 73 -11.01 68.40 74.77
CA LYS BB 73 -11.63 68.20 73.47
C LYS BB 73 -10.61 68.43 72.35
N THR BB 74 -9.70 69.37 72.53
CA THR BB 74 -8.74 69.68 71.48
C THR BB 74 -7.68 68.59 71.38
N TYR BB 75 -7.06 68.23 72.51
CA TYR BB 75 -5.98 67.24 72.46
C TYR BB 75 -6.47 65.79 72.42
N GLN BB 76 -7.78 65.54 72.30
CA GLN BB 76 -8.36 64.19 72.16
C GLN BB 76 -8.05 63.26 73.33
N LEU BB 77 -7.86 63.78 74.51
CA LEU BB 77 -7.56 62.97 75.68
C LEU BB 77 -8.84 62.30 76.18
N PRO BB 78 -8.75 61.12 76.81
CA PRO BB 78 -7.63 60.24 77.19
C PRO BB 78 -7.03 59.46 76.03
N PRO BB 79 -5.74 59.14 76.09
CA PRO BB 79 -5.08 58.49 74.96
C PRO BB 79 -5.53 57.06 74.79
N ARG BB 80 -5.74 56.67 73.53
CA ARG BB 80 -6.01 55.28 73.22
C ARG BB 80 -4.75 54.45 73.43
N PRO BB 81 -4.88 53.15 73.67
CA PRO BB 81 -3.69 52.30 73.69
C PRO BB 81 -3.09 52.18 72.31
N ARG BB 82 -1.76 52.20 72.26
CA ARG BB 82 -1.08 52.21 70.96
C ARG BB 82 -1.17 50.83 70.32
N VAL BB 83 -1.44 50.83 69.02
CA VAL BB 83 -1.74 49.61 68.30
C VAL BB 83 -0.47 49.08 67.66
N GLU BB 84 -0.38 47.77 67.54
CA GLU BB 84 0.66 47.12 66.77
C GLU BB 84 -0.01 46.17 65.79
N ILE BB 85 0.73 45.81 64.74
CA ILE BB 85 0.13 45.01 63.67
C ILE BB 85 -0.02 43.56 64.11
N ALA BB 86 0.84 43.08 65.00
CA ALA BB 86 0.76 41.70 65.47
C ALA BB 86 -0.27 41.49 66.57
N GLN BB 87 -1.18 42.43 66.77
CA GLN BB 87 -2.21 42.29 67.78
C GLN BB 87 -3.50 41.70 67.23
N MET BB 88 -3.72 41.73 65.92
CA MET BB 88 -4.90 41.13 65.34
C MET BB 88 -4.59 39.89 64.51
N PHE BB 89 -3.35 39.42 64.55
CA PHE BB 89 -3.00 38.09 64.06
C PHE BB 89 -2.37 37.35 65.24
N PRO BB 90 -3.17 36.88 66.19
CA PRO BB 90 -2.59 36.27 67.38
C PRO BB 90 -2.08 34.88 67.08
N ALA BB 91 -1.06 34.47 67.83
CA ALA BB 91 -0.41 33.19 67.67
C ALA BB 91 -1.10 32.06 68.42
N ASP BB 92 -2.35 32.24 68.81
CA ASP BB 92 -3.07 31.24 69.59
C ASP BB 92 -3.91 30.32 68.73
N SER BB 93 -4.13 30.66 67.47
CA SER BB 93 -4.96 29.84 66.59
C SER BB 93 -4.21 28.59 66.16
N LEU BB 94 -4.96 27.53 65.87
CA LEU BB 94 -4.35 26.25 65.52
C LEU BB 94 -3.76 26.26 64.12
N VAL BB 95 -4.25 27.12 63.24
CA VAL BB 95 -3.70 27.23 61.90
C VAL BB 95 -3.37 28.70 61.65
N SER BB 96 -2.36 28.94 60.82
CA SER BB 96 -1.91 30.29 60.51
C SER BB 96 -1.45 30.38 59.07
N SER BB 97 -1.98 31.34 58.34
CA SER BB 97 -1.58 31.54 56.96
C SER BB 97 -0.17 32.12 56.90
N PRO BB 98 0.50 31.99 55.74
CA PRO BB 98 1.76 32.71 55.55
C PRO BB 98 1.58 34.22 55.53
N ARG BB 99 0.38 34.68 55.20
CA ARG BB 99 0.08 36.10 55.30
C ARG BB 99 0.02 36.50 56.76
N ALA BB 100 -0.45 35.61 57.62
CA ALA BB 100 -0.55 35.92 59.03
C ALA BB 100 0.73 35.60 59.76
N GLU BB 101 1.75 35.10 59.05
CA GLU BB 101 3.04 34.85 59.67
C GLU BB 101 4.11 35.84 59.22
N LYS BB 102 3.94 36.44 58.04
CA LYS BB 102 4.85 37.50 57.64
C LYS BB 102 4.50 38.83 58.26
N ALA BB 103 3.22 39.08 58.55
CA ALA BB 103 2.83 40.31 59.23
C ALA BB 103 3.21 40.27 60.70
N ARG BB 104 3.30 39.07 61.27
CA ARG BB 104 3.77 38.95 62.64
C ARG BB 104 5.29 38.96 62.72
N LEU BB 105 5.97 38.59 61.64
CA LEU BB 105 7.41 38.71 61.70
C LEU BB 105 7.83 40.16 61.52
N TYR BB 106 7.22 40.87 60.56
CA TYR BB 106 7.57 42.25 60.32
C TYR BB 106 7.13 43.17 61.46
N SER BB 107 6.06 42.80 62.18
CA SER BB 107 5.65 43.64 63.28
C SER BB 107 6.54 43.50 64.50
N ALA BB 108 7.34 42.43 64.56
CA ALA BB 108 8.31 42.34 65.65
C ALA BB 108 9.66 42.89 65.23
N ILE BB 109 9.89 43.01 63.92
CA ILE BB 109 11.11 43.66 63.47
C ILE BB 109 10.97 45.17 63.64
N GLU BB 110 9.80 45.72 63.31
CA GLU BB 110 9.64 47.17 63.45
C GLU BB 110 9.48 47.62 64.89
N GLN BB 111 9.28 46.71 65.84
CA GLN BB 111 9.40 47.05 67.25
C GLN BB 111 10.82 46.90 67.78
N ARG BB 112 11.56 45.89 67.32
CA ARG BB 112 12.93 45.74 67.81
C ARG BB 112 13.83 46.83 67.26
N LEU BB 113 13.57 47.30 66.04
CA LEU BB 113 14.34 48.43 65.53
C LEU BB 113 14.00 49.73 66.24
N GLU BB 114 12.77 49.87 66.72
CA GLU BB 114 12.41 51.05 67.50
C GLU BB 114 13.06 51.01 68.87
N GLN BB 115 13.13 49.83 69.49
CA GLN BB 115 13.85 49.72 70.74
C GLN BB 115 15.35 49.96 70.58
N SER BB 116 15.89 49.65 69.40
CA SER BB 116 17.31 49.84 69.19
C SER BB 116 17.66 51.28 68.83
N LEU BB 117 16.73 52.02 68.23
CA LEU BB 117 17.02 53.42 67.90
C LEU BB 117 17.06 54.33 69.11
N GLN BB 118 16.39 53.97 70.20
CA GLN BB 118 16.39 54.83 71.39
C GLN BB 118 17.70 54.78 72.18
N THR BB 119 18.59 53.85 71.89
CA THR BB 119 19.85 53.77 72.61
C THR BB 119 20.96 54.54 71.93
N MET BB 120 20.64 55.33 70.90
CA MET BB 120 21.62 56.19 70.25
C MET BB 120 21.88 57.42 71.11
N GLU BB 121 22.83 58.24 70.67
CA GLU BB 121 23.27 59.42 71.42
C GLU BB 121 22.38 60.63 71.16
N GLY BB 122 21.43 60.87 72.06
CA GLY BB 122 20.60 62.06 72.00
C GLY BB 122 19.12 61.81 71.76
N VAL BB 123 18.73 60.62 71.37
CA VAL BB 123 17.34 60.33 71.02
C VAL BB 123 16.50 60.12 72.26
N LEU BB 124 15.38 60.84 72.34
CA LEU BB 124 14.43 60.65 73.42
C LEU BB 124 13.35 59.65 73.02
N SER BB 125 12.91 59.68 71.76
CA SER BB 125 11.90 58.76 71.28
C SER BB 125 12.02 58.62 69.77
N ALA BB 126 11.49 57.51 69.26
CA ALA BB 126 11.58 57.22 67.83
C ALA BB 126 10.41 56.33 67.43
N ARG BB 127 10.18 56.25 66.12
CA ARG BB 127 9.13 55.38 65.56
C ARG BB 127 9.52 54.93 64.16
N VAL BB 128 9.41 53.63 63.88
CA VAL BB 128 9.88 53.05 62.63
C VAL BB 128 8.74 52.30 61.94
N HIS BB 129 8.57 52.53 60.64
CA HIS BB 129 7.58 51.85 59.81
C HIS BB 129 8.28 51.10 58.68
N ILE BB 130 7.78 49.90 58.39
CA ILE BB 130 8.30 49.03 57.33
C ILE BB 130 7.16 48.76 56.36
N SER BB 131 7.48 48.71 55.06
CA SER BB 131 6.47 48.39 54.06
C SER BB 131 6.09 46.92 54.13
N TYR BB 132 4.80 46.64 54.29
CA TYR BB 132 4.34 45.28 54.44
C TYR BB 132 4.08 44.64 53.09
N ASP BB 133 4.14 43.30 53.06
CA ASP BB 133 3.98 42.53 51.85
C ASP BB 133 2.77 41.63 51.97
N ILE BB 134 1.84 41.74 51.02
CA ILE BB 134 0.59 40.99 51.09
C ILE BB 134 0.40 40.13 49.84
N ASP BB 135 0.31 40.76 48.68
CA ASP BB 135 -0.13 40.08 47.47
C ASP BB 135 0.94 39.19 46.85
N ALA BB 136 2.22 39.40 47.17
CA ALA BB 136 3.31 38.70 46.50
C ALA BB 136 3.45 37.25 46.91
N GLY BB 137 2.73 36.81 47.95
CA GLY BB 137 2.80 35.42 48.32
C GLY BB 137 2.08 34.54 47.33
N GLU BB 138 1.01 35.05 46.73
CA GLU BB 138 0.17 34.28 45.81
C GLU BB 138 0.13 34.81 44.39
N ASN BB 139 0.34 36.10 44.16
CA ASN BB 139 0.38 36.61 42.79
C ASN BB 139 1.64 36.14 42.07
N GLY BB 140 1.60 36.20 40.75
CA GLY BB 140 2.70 35.80 39.91
C GLY BB 140 3.85 36.79 39.81
N ARG BB 141 3.90 37.79 40.68
CA ARG BB 141 4.95 38.78 40.70
C ARG BB 141 5.97 38.46 41.79
N PRO BB 142 7.24 38.80 41.58
CA PRO BB 142 8.21 38.73 42.67
C PRO BB 142 7.94 39.81 43.68
N PRO BB 143 8.37 39.64 44.94
CA PRO BB 143 8.11 40.67 45.94
C PRO BB 143 8.94 41.92 45.70
N LYS BB 144 8.37 43.06 46.07
CA LYS BB 144 8.94 44.36 45.75
C LYS BB 144 10.06 44.68 46.74
N PRO BB 145 10.71 45.83 46.56
CA PRO BB 145 11.73 46.24 47.53
C PRO BB 145 11.09 46.72 48.82
N VAL BB 146 11.93 46.88 49.84
CA VAL BB 146 11.48 47.23 51.17
C VAL BB 146 11.68 48.73 51.38
N HIS BB 147 10.66 49.39 51.93
CA HIS BB 147 10.70 50.81 52.22
C HIS BB 147 10.58 51.06 53.72
N LEU BB 148 11.39 51.97 54.23
CA LEU BB 148 11.45 52.28 55.65
C LEU BB 148 11.12 53.74 55.89
N SER BB 149 10.66 54.03 57.10
CA SER BB 149 10.32 55.41 57.47
C SER BB 149 10.55 55.59 58.96
N ALA BB 150 11.21 56.66 59.36
CA ALA BB 150 11.55 56.81 60.75
C ALA BB 150 11.32 58.23 61.24
N LEU BB 151 10.88 58.34 62.48
CA LEU BB 151 10.78 59.61 63.17
C LEU BB 151 11.62 59.55 64.42
N ALA BB 152 12.06 60.72 64.89
CA ALA BB 152 12.92 60.78 66.05
C ALA BB 152 12.79 62.14 66.70
N VAL BB 153 12.97 62.17 68.02
CA VAL BB 153 12.97 63.40 68.80
C VAL BB 153 14.30 63.50 69.52
N TYR BB 154 15.05 64.56 69.25
CA TYR BB 154 16.40 64.71 69.75
C TYR BB 154 16.45 65.72 70.89
N GLU BB 155 17.40 65.49 71.79
CA GLU BB 155 17.70 66.46 72.83
C GLU BB 155 18.27 67.72 72.19
N ARG BB 156 17.86 68.88 72.71
CA ARG BB 156 18.23 70.14 72.09
C ARG BB 156 19.71 70.44 72.32
N GLY BB 157 20.24 71.33 71.48
CA GLY BB 157 21.66 71.55 71.42
C GLY BB 157 22.38 70.67 70.44
N SER BB 158 21.66 69.77 69.76
CA SER BB 158 22.18 68.80 68.80
C SER BB 158 22.18 69.39 67.40
N PRO BB 159 23.25 69.23 66.64
CA PRO BB 159 23.22 69.62 65.21
C PRO BB 159 22.52 68.55 64.39
N LEU BB 160 21.19 68.64 64.36
CA LEU BB 160 20.36 67.54 63.88
C LEU BB 160 20.28 67.43 62.36
N ALA BB 161 21.13 68.15 61.63
CA ALA BB 161 21.30 67.92 60.20
C ALA BB 161 22.33 66.85 59.92
N HIS BB 162 23.26 66.62 60.86
CA HIS BB 162 24.26 65.58 60.73
C HIS BB 162 23.81 64.25 61.32
N GLN BB 163 22.75 64.25 62.12
CA GLN BB 163 22.27 62.98 62.69
C GLN BB 163 21.55 62.13 61.66
N ILE BB 164 21.14 62.71 60.52
CA ILE BB 164 20.35 61.95 59.55
C ILE BB 164 21.24 61.02 58.74
N SER BB 165 22.55 61.18 58.82
CA SER BB 165 23.42 60.25 58.14
C SER BB 165 23.83 59.09 59.04
N ASP BB 166 23.59 59.18 60.34
CA ASP BB 166 23.85 58.05 61.22
C ASP BB 166 22.63 57.16 61.39
N ILE BB 167 21.44 57.65 61.09
CA ILE BB 167 20.26 56.79 61.14
C ILE BB 167 20.05 56.05 59.82
N LYS BB 168 20.34 56.70 58.69
CA LYS BB 168 20.20 56.03 57.41
C LYS BB 168 21.26 54.96 57.21
N ARG BB 169 22.44 55.16 57.81
CA ARG BB 169 23.50 54.17 57.71
C ARG BB 169 23.17 52.96 58.57
N PHE BB 170 22.55 53.19 59.72
CA PHE BB 170 22.20 52.07 60.59
C PHE BB 170 21.00 51.32 60.04
N LEU BB 171 20.04 52.02 59.45
CA LEU BB 171 18.84 51.38 58.92
C LEU BB 171 19.04 50.81 57.51
N LYS BB 172 20.18 51.06 56.88
CA LYS BB 172 20.35 50.63 55.49
C LYS BB 172 20.53 49.13 55.38
N ASN BB 173 21.55 48.58 56.04
CA ASN BB 173 21.85 47.16 55.94
C ASN BB 173 21.36 46.39 57.15
N SER BB 174 20.19 46.73 57.65
CA SER BB 174 19.46 45.87 58.57
C SER BB 174 18.37 45.07 57.86
N PHE BB 175 18.38 45.08 56.54
CA PHE BB 175 17.41 44.35 55.73
C PHE BB 175 18.14 43.79 54.54
N ALA BB 176 17.39 43.24 53.58
CA ALA BB 176 17.99 42.54 52.46
C ALA BB 176 18.68 43.51 51.52
N ASP BB 177 17.90 44.40 50.90
CA ASP BB 177 18.46 45.41 50.02
C ASP BB 177 17.50 46.61 49.97
N VAL BB 178 17.84 47.66 50.70
CA VAL BB 178 17.13 48.92 50.56
C VAL BB 178 18.14 49.94 50.06
N ASP BB 179 17.63 50.98 49.43
CA ASP BB 179 18.48 52.06 48.95
C ASP BB 179 18.45 53.21 49.93
N TYR BB 180 19.24 54.24 49.64
CA TYR BB 180 19.18 55.46 50.42
C TYR BB 180 18.05 56.37 49.98
N ASP BB 181 17.39 56.05 48.87
CA ASP BB 181 16.22 56.80 48.44
C ASP BB 181 14.94 56.27 49.04
N ASN BB 182 14.95 55.03 49.52
CA ASN BB 182 13.79 54.39 50.09
C ASN BB 182 13.71 54.55 51.60
N ILE BB 183 14.60 55.34 52.20
CA ILE BB 183 14.59 55.62 53.62
C ILE BB 183 14.32 57.10 53.80
N SER BB 184 13.30 57.43 54.58
CA SER BB 184 12.96 58.82 54.86
C SER BB 184 12.97 59.02 56.37
N VAL BB 185 13.84 59.91 56.84
CA VAL BB 185 13.97 60.21 58.25
C VAL BB 185 13.50 61.62 58.49
N VAL BB 186 12.50 61.78 59.35
CA VAL BB 186 11.97 63.09 59.71
C VAL BB 186 12.11 63.22 61.22
N LEU BB 187 13.06 64.04 61.66
CA LEU BB 187 13.34 64.16 63.07
C LEU BB 187 13.28 65.62 63.51
N SER BB 188 13.16 65.81 64.83
CA SER BB 188 12.96 67.16 65.35
C SER BB 188 13.45 67.24 66.79
N GLU BB 189 13.90 68.43 67.18
CA GLU BB 189 14.32 68.64 68.56
C GLU BB 189 13.10 68.72 69.48
N ARG BB 190 13.34 68.47 70.76
CA ARG BB 190 12.23 68.44 71.70
C ARG BB 190 11.79 69.86 72.05
N SER BB 191 10.66 69.95 72.74
CA SER BB 191 10.03 71.22 73.06
C SER BB 191 10.71 71.85 74.26
N ASP BB 192 10.16 72.97 74.74
CA ASP BB 192 10.71 73.65 75.89
C ASP BB 192 10.39 72.88 77.16
N ALA BB 193 11.18 73.14 78.20
CA ALA BB 193 11.04 72.41 79.45
C ALA BB 193 9.97 73.07 80.31
N GLN BB 194 9.21 72.24 81.02
CA GLN BB 194 8.20 72.69 81.96
C GLN BB 194 8.65 72.31 83.36
N LEU BB 195 9.00 73.30 84.16
CA LEU BB 195 9.58 73.03 85.47
C LEU BB 195 8.81 73.72 86.58
N GLN BB 196 8.26 74.89 86.31
CA GLN BB 196 7.62 75.66 87.36
C GLN BB 196 6.17 75.21 87.56
N ALA BB 197 5.66 75.47 88.77
CA ALA BB 197 4.33 75.05 89.13
C ALA BB 197 3.28 75.93 88.45
N PRO BB 198 2.08 75.38 88.18
CA PRO BB 198 1.02 76.19 87.57
C PRO BB 198 0.52 77.34 88.43
N GLY BB 199 0.07 77.05 89.63
CA GLY BB 199 -0.45 78.08 90.51
C GLY BB 199 -1.95 78.01 90.72
N THR BB 200 -2.36 78.04 91.98
CA THR BB 200 -3.75 77.93 92.34
C THR BB 200 -4.49 79.22 92.02
N PRO BB 201 -5.78 79.13 91.65
CA PRO BB 201 -6.55 80.35 91.38
C PRO BB 201 -6.83 81.12 92.67
N VAL BB 202 -6.62 82.44 92.60
CA VAL BB 202 -6.82 83.31 93.77
C VAL BB 202 -8.31 83.57 93.89
N LYS BB 203 -8.97 82.89 94.83
CA LYS BB 203 -10.39 83.07 95.09
C LYS BB 203 -10.63 83.48 96.54
N ASP CB 20 -33.95 73.05 86.18
CA ASP CB 20 -33.11 72.65 85.05
C ASP CB 20 -33.69 71.43 84.36
N LYS CB 21 -34.19 71.62 83.14
CA LYS CB 21 -34.72 70.51 82.36
C LYS CB 21 -33.57 69.75 81.73
N ASP CB 22 -33.69 68.42 81.69
CA ASP CB 22 -32.62 67.58 81.22
C ASP CB 22 -32.68 67.40 79.70
N LEU CB 23 -31.51 67.51 79.07
CA LEU CB 23 -31.42 67.27 77.64
C LEU CB 23 -31.19 65.80 77.36
N LEU CB 24 -30.09 65.27 77.87
CA LEU CB 24 -29.65 63.91 77.60
C LEU CB 24 -29.33 63.21 78.91
N LYS CB 25 -29.51 61.89 78.91
CA LYS CB 25 -29.08 61.09 80.04
C LYS CB 25 -28.71 59.71 79.53
N GLY CB 26 -27.86 59.04 80.29
CA GLY CB 26 -27.34 57.75 79.91
C GLY CB 26 -26.08 57.81 79.06
N LEU CB 27 -25.53 59.00 78.84
CA LEU CB 27 -24.31 59.12 78.06
C LEU CB 27 -23.12 58.69 78.90
N ASP CB 28 -22.07 58.24 78.23
CA ASP CB 28 -20.85 57.87 78.93
C ASP CB 28 -19.90 59.06 79.05
N GLN CB 29 -18.67 58.75 79.45
CA GLN CB 29 -17.67 59.74 79.80
C GLN CB 29 -17.20 60.54 78.59
N GLU CB 30 -16.90 59.85 77.49
CA GLU CB 30 -16.35 60.54 76.34
C GLU CB 30 -17.42 61.33 75.60
N GLN CB 31 -18.68 60.94 75.73
CA GLN CB 31 -19.74 61.69 75.07
C GLN CB 31 -20.13 62.93 75.86
N ALA CB 32 -20.07 62.86 77.20
CA ALA CB 32 -20.55 64.00 77.97
C ALA CB 32 -19.55 65.15 77.93
N ASN CB 33 -18.27 64.83 77.73
CA ASN CB 33 -17.29 65.89 77.64
C ASN CB 33 -17.22 66.49 76.24
N GLU CB 34 -18.00 65.96 75.32
CA GLU CB 34 -18.15 66.57 74.01
C GLU CB 34 -19.38 67.43 73.96
N VAL CB 35 -20.43 67.03 74.67
CA VAL CB 35 -21.64 67.86 74.70
C VAL CB 35 -21.39 69.11 75.53
N ILE CB 36 -20.62 69.01 76.60
CA ILE CB 36 -20.33 70.20 77.40
C ILE CB 36 -19.39 71.12 76.65
N ALA CB 37 -18.43 70.54 75.91
CA ALA CB 37 -17.49 71.35 75.15
C ALA CB 37 -18.14 72.02 73.95
N VAL CB 38 -19.31 71.54 73.53
CA VAL CB 38 -20.02 72.22 72.45
C VAL CB 38 -20.93 73.31 73.00
N LEU CB 39 -21.63 73.05 74.12
CA LEU CB 39 -22.51 74.06 74.68
C LEU CB 39 -21.77 75.23 75.31
N GLN CB 40 -20.58 75.00 75.89
CA GLN CB 40 -19.83 76.11 76.47
C GLN CB 40 -19.26 77.06 75.44
N MET CB 41 -19.13 76.63 74.19
CA MET CB 41 -18.70 77.52 73.13
C MET CB 41 -19.75 78.56 72.79
N HIS CB 42 -21.02 78.27 73.04
CA HIS CB 42 -22.11 79.16 72.65
C HIS CB 42 -22.80 79.81 73.85
N ASN CB 43 -22.04 80.08 74.92
CA ASN CB 43 -22.44 80.93 76.04
C ASN CB 43 -23.63 80.40 76.83
N ILE CB 44 -23.72 79.08 76.98
CA ILE CB 44 -24.71 78.49 77.87
C ILE CB 44 -24.02 77.49 78.78
N GLU CB 45 -24.51 77.39 80.02
CA GLU CB 45 -23.90 76.52 81.01
C GLU CB 45 -24.44 75.10 80.86
N ALA CB 46 -23.80 74.18 81.56
CA ALA CB 46 -24.22 72.78 81.57
C ALA CB 46 -23.68 72.12 82.83
N ASN CB 47 -24.40 71.11 83.32
CA ASN CB 47 -23.97 70.38 84.50
C ASN CB 47 -23.80 68.91 84.17
N LYS CB 48 -22.70 68.32 84.60
CA LYS CB 48 -22.42 66.90 84.37
C LYS CB 48 -22.77 66.11 85.62
N ILE CB 49 -23.91 65.44 85.61
CA ILE CB 49 -24.39 64.69 86.77
C ILE CB 49 -24.08 63.21 86.56
N ASP CB 50 -23.45 62.59 87.55
CA ASP CB 50 -23.16 61.16 87.52
C ASP CB 50 -24.37 60.38 88.02
N SER CB 51 -24.48 59.12 87.57
CA SER CB 51 -25.60 58.31 88.03
C SER CB 51 -25.18 56.88 88.35
N GLY CB 52 -23.91 56.59 88.39
CA GLY CB 52 -23.45 55.24 88.72
C GLY CB 52 -23.25 54.41 87.45
N LYS CB 53 -23.93 53.27 87.40
CA LYS CB 53 -23.86 52.42 86.22
C LYS CB 53 -24.77 52.89 85.11
N LEU CB 54 -25.63 53.86 85.37
CA LEU CB 54 -26.54 54.39 84.37
C LEU CB 54 -25.95 55.57 83.60
N GLY CB 55 -24.63 55.71 83.60
CA GLY CB 55 -24.03 56.77 82.83
C GLY CB 55 -24.19 58.15 83.44
N TYR CB 56 -23.97 59.14 82.58
CA TYR CB 56 -24.02 60.53 82.96
C TYR CB 56 -25.30 61.18 82.45
N SER CB 57 -25.53 62.40 82.91
CA SER CB 57 -26.64 63.22 82.47
C SER CB 57 -26.14 64.64 82.31
N ILE CB 58 -26.92 65.44 81.61
CA ILE CB 58 -26.56 66.83 81.32
C ILE CB 58 -27.81 67.67 81.46
N THR CB 59 -27.75 68.69 82.31
CA THR CB 59 -28.86 69.60 82.53
C THR CB 59 -28.42 71.02 82.26
N VAL CB 60 -29.27 71.76 81.56
CA VAL CB 60 -29.08 73.18 81.28
C VAL CB 60 -30.25 73.95 81.88
N ALA CB 61 -30.08 75.27 81.96
CA ALA CB 61 -31.10 76.14 82.53
C ALA CB 61 -32.28 76.33 81.57
N GLU CB 62 -33.36 76.89 82.12
CA GLU CB 62 -34.58 77.13 81.36
C GLU CB 62 -34.46 78.20 80.28
N PRO CB 63 -33.82 79.37 80.48
CA PRO CB 63 -33.58 80.23 79.31
C PRO CB 63 -32.57 79.64 78.34
N ASP CB 64 -31.69 78.76 78.82
CA ASP CB 64 -30.72 78.08 77.98
C ASP CB 64 -31.18 76.71 77.51
N PHE CB 65 -32.49 76.48 77.44
CA PHE CB 65 -33.00 75.19 76.97
C PHE CB 65 -33.35 75.19 75.49
N THR CB 66 -33.88 76.31 74.98
CA THR CB 66 -34.23 76.38 73.56
C THR CB 66 -32.99 76.49 72.68
N ALA CB 67 -31.94 77.11 73.18
CA ALA CB 67 -30.72 77.19 72.40
C ALA CB 67 -30.00 75.86 72.42
N ALA CB 68 -29.99 75.18 73.57
CA ALA CB 68 -29.22 73.95 73.66
C ALA CB 68 -29.89 72.81 72.91
N VAL CB 69 -31.22 72.84 72.75
CA VAL CB 69 -31.83 71.79 71.92
C VAL CB 69 -31.49 72.04 70.46
N TYR CB 70 -31.36 73.31 70.05
CA TYR CB 70 -31.04 73.62 68.66
C TYR CB 70 -29.60 73.23 68.35
N TRP CB 71 -28.69 73.43 69.30
CA TRP CB 71 -27.32 73.03 68.99
C TRP CB 71 -27.11 71.53 69.12
N ILE CB 72 -27.98 70.84 69.85
CA ILE CB 72 -27.93 69.38 69.85
C ILE CB 72 -28.37 68.86 68.49
N LYS CB 73 -29.42 69.47 67.93
CA LYS CB 73 -29.93 69.04 66.64
C LYS CB 73 -28.94 69.39 65.54
N THR CB 74 -28.26 70.52 65.67
CA THR CB 74 -27.38 70.97 64.59
C THR CB 74 -26.11 70.13 64.56
N TYR CB 75 -25.45 69.96 65.71
CA TYR CB 75 -24.21 69.21 65.73
C TYR CB 75 -24.40 67.70 65.82
N GLN CB 76 -25.65 67.20 65.76
CA GLN CB 76 -25.96 65.76 65.78
C GLN CB 76 -25.44 65.04 67.03
N LEU CB 77 -25.38 65.74 68.15
CA LEU CB 77 -24.90 65.18 69.40
C LEU CB 77 -25.97 64.27 70.00
N PRO CB 78 -25.57 63.24 70.76
CA PRO CB 78 -24.27 62.73 71.20
C PRO CB 78 -23.50 62.01 70.09
N PRO CB 79 -22.18 62.01 70.15
CA PRO CB 79 -21.38 61.45 69.06
C PRO CB 79 -21.48 59.94 69.01
N ARG CB 80 -21.37 59.41 67.81
CA ARG CB 80 -21.30 57.99 67.58
C ARG CB 80 -19.87 57.51 67.79
N PRO CB 81 -19.68 56.23 68.12
CA PRO CB 81 -18.32 55.70 68.21
C PRO CB 81 -17.66 55.63 66.85
N ARG CB 82 -16.36 55.93 66.82
CA ARG CB 82 -15.64 55.99 65.56
C ARG CB 82 -15.41 54.60 65.00
N VAL CB 83 -15.68 54.43 63.72
CA VAL CB 83 -15.69 53.12 63.08
C VAL CB 83 -14.34 52.83 62.45
N GLU CB 84 -13.83 51.63 62.68
CA GLU CB 84 -12.65 51.12 61.99
C GLU CB 84 -13.06 49.91 61.17
N ILE CB 85 -12.26 49.61 60.15
CA ILE CB 85 -12.59 48.53 59.23
C ILE CB 85 -12.33 47.16 59.83
N ALA CB 86 -11.53 47.08 60.89
CA ALA CB 86 -11.27 45.79 61.53
C ALA CB 86 -12.42 45.31 62.37
N GLN CB 87 -13.44 46.13 62.62
CA GLN CB 87 -14.57 45.69 63.42
C GLN CB 87 -15.60 44.90 62.63
N MET CB 88 -15.58 45.01 61.31
CA MET CB 88 -16.49 44.24 60.49
C MET CB 88 -16.00 42.83 60.25
N PHE CB 89 -14.71 42.59 60.41
CA PHE CB 89 -14.11 41.27 60.22
C PHE CB 89 -13.44 40.87 61.52
N PRO CB 90 -14.18 40.25 62.44
CA PRO CB 90 -13.59 39.89 63.73
C PRO CB 90 -12.65 38.69 63.61
N ALA CB 91 -11.66 38.67 64.50
CA ALA CB 91 -10.62 37.65 64.45
C ALA CB 91 -11.06 36.29 64.97
N ASP CB 92 -12.18 36.23 65.70
CA ASP CB 92 -12.61 35.00 66.34
C ASP CB 92 -13.44 34.10 65.44
N SER CB 93 -13.49 34.38 64.14
CA SER CB 93 -14.23 33.54 63.22
C SER CB 93 -13.45 32.24 62.98
N LEU CB 94 -14.18 31.20 62.60
CA LEU CB 94 -13.56 29.90 62.41
C LEU CB 94 -12.83 29.82 61.07
N VAL CB 95 -13.37 30.44 60.03
CA VAL CB 95 -12.73 30.50 58.73
C VAL CB 95 -12.52 31.97 58.39
N SER CB 96 -11.34 32.29 57.85
CA SER CB 96 -10.99 33.66 57.50
C SER CB 96 -10.57 33.69 56.04
N SER CB 97 -11.24 34.53 55.25
CA SER CB 97 -10.93 34.63 53.85
C SER CB 97 -9.62 35.41 53.63
N PRO CB 98 -9.02 35.26 52.44
CA PRO CB 98 -7.94 36.18 52.07
C PRO CB 98 -8.45 37.58 51.90
N ARG CB 99 -9.72 37.74 51.56
CA ARG CB 99 -10.32 39.07 51.50
C ARG CB 99 -10.50 39.61 52.91
N ALA CB 100 -10.76 38.73 53.87
CA ALA CB 100 -10.99 39.13 55.24
C ALA CB 100 -9.71 39.24 56.06
N GLU CB 101 -8.55 39.08 55.44
CA GLU CB 101 -7.30 39.29 56.16
C GLU CB 101 -6.52 40.51 55.71
N LYS CB 102 -6.63 40.88 54.43
CA LYS CB 102 -6.05 42.15 53.99
C LYS CB 102 -6.83 43.33 54.52
N ALA CB 103 -8.10 43.17 54.86
CA ALA CB 103 -8.84 44.29 55.41
C ALA CB 103 -8.38 44.61 56.82
N ARG CB 104 -8.05 43.58 57.61
CA ARG CB 104 -7.48 43.84 58.93
C ARG CB 104 -6.05 44.34 58.83
N LEU CB 105 -5.31 43.89 57.80
CA LEU CB 105 -3.93 44.34 57.70
C LEU CB 105 -3.87 45.79 57.25
N TYR CB 106 -4.76 46.20 56.33
CA TYR CB 106 -4.82 47.60 55.97
C TYR CB 106 -5.42 48.46 57.07
N SER CB 107 -6.31 47.89 57.89
CA SER CB 107 -6.96 48.69 58.91
C SER CB 107 -6.17 48.71 60.20
N ALA CB 108 -4.96 48.16 60.19
CA ALA CB 108 -4.06 48.35 61.33
C ALA CB 108 -2.86 49.22 60.98
N ILE CB 109 -2.47 49.26 59.70
CA ILE CB 109 -1.50 50.25 59.24
C ILE CB 109 -2.18 51.61 59.16
N GLU CB 110 -3.47 51.63 58.85
CA GLU CB 110 -4.19 52.90 58.75
C GLU CB 110 -4.35 53.56 60.11
N GLN CB 111 -4.37 52.76 61.18
CA GLN CB 111 -4.39 53.31 62.53
C GLN CB 111 -3.00 53.59 63.07
N ARG CB 112 -1.98 52.86 62.59
CA ARG CB 112 -0.65 53.08 63.13
C ARG CB 112 0.01 54.31 62.54
N LEU CB 113 -0.25 54.62 61.26
CA LEU CB 113 0.25 55.87 60.73
C LEU CB 113 -0.50 57.07 61.28
N GLU CB 114 -1.73 56.86 61.76
CA GLU CB 114 -2.48 57.94 62.38
C GLU CB 114 -1.97 58.21 63.78
N GLN CB 115 -1.59 57.17 64.52
CA GLN CB 115 -1.00 57.40 65.82
C GLN CB 115 0.44 57.86 65.70
N SER CB 116 1.07 57.68 64.55
CA SER CB 116 2.45 58.09 64.37
C SER CB 116 2.56 59.48 63.80
N LEU CB 117 1.45 60.06 63.32
CA LEU CB 117 1.51 61.43 62.86
C LEU CB 117 1.38 62.44 63.98
N GLN CB 118 0.81 62.06 65.13
CA GLN CB 118 0.67 62.97 66.26
C GLN CB 118 1.97 63.26 66.97
N THR CB 119 3.02 62.48 66.74
CA THR CB 119 4.29 62.72 67.39
C THR CB 119 5.15 63.76 66.68
N MET CB 120 4.66 64.39 65.63
CA MET CB 120 5.41 65.44 64.96
C MET CB 120 5.31 66.75 65.74
N GLU CB 121 6.01 67.76 65.26
CA GLU CB 121 6.09 69.07 65.92
C GLU CB 121 4.96 69.97 65.47
N GLY CB 122 3.89 70.05 66.26
CA GLY CB 122 2.80 70.97 66.03
C GLY CB 122 1.45 70.34 65.80
N VAL CB 123 1.40 69.04 65.55
CA VAL CB 123 0.17 68.35 65.22
C VAL CB 123 -0.62 68.01 66.48
N LEU CB 124 -1.90 68.35 66.48
CA LEU CB 124 -2.78 67.97 67.57
C LEU CB 124 -3.66 66.79 67.20
N SER CB 125 -4.09 66.70 65.95
CA SER CB 125 -4.92 65.60 65.48
C SER CB 125 -4.58 65.31 64.03
N ALA CB 126 -4.83 64.07 63.62
CA ALA CB 126 -4.53 63.63 62.26
C ALA CB 126 -5.43 62.46 61.90
N ARG CB 127 -5.58 62.22 60.60
CA ARG CB 127 -6.37 61.12 60.07
C ARG CB 127 -5.84 60.66 58.73
N VAL CB 128 -5.60 59.35 58.56
CA VAL CB 128 -5.04 58.81 57.33
C VAL CB 128 -6.04 57.84 56.69
N HIS CB 129 -6.06 57.81 55.36
CA HIS CB 129 -6.93 56.94 54.58
C HIS CB 129 -6.12 56.23 53.50
N ILE CB 130 -6.09 54.90 53.55
CA ILE CB 130 -5.43 54.06 52.56
C ILE CB 130 -6.45 53.60 51.53
N SER CB 131 -6.02 53.42 50.29
CA SER CB 131 -6.90 52.92 49.24
C SER CB 131 -6.94 51.41 49.28
N TYR CB 132 -8.13 50.85 49.53
CA TYR CB 132 -8.30 49.41 49.67
C TYR CB 132 -8.48 48.74 48.32
N ASP CB 133 -7.73 47.66 48.08
CA ASP CB 133 -7.98 46.81 46.91
C ASP CB 133 -8.02 45.36 47.37
N ILE CB 134 -9.12 44.67 47.04
CA ILE CB 134 -9.29 43.28 47.44
C ILE CB 134 -9.63 42.41 46.23
N ASP CB 135 -10.21 43.00 45.19
CA ASP CB 135 -10.61 42.27 44.01
C ASP CB 135 -9.49 42.14 42.99
N ALA CB 136 -8.39 42.86 43.18
CA ALA CB 136 -7.21 42.77 42.33
C ALA CB 136 -6.26 41.67 42.78
N GLY CB 137 -6.66 40.85 43.73
CA GLY CB 137 -5.78 39.82 44.28
C GLY CB 137 -6.00 38.45 43.67
N GLU CB 138 -7.26 38.05 43.54
CA GLU CB 138 -7.57 36.70 43.08
C GLU CB 138 -7.35 36.53 41.58
N ASN CB 139 -7.40 37.62 40.81
CA ASN CB 139 -7.31 37.53 39.36
C ASN CB 139 -5.87 37.45 38.89
N GLY CB 140 -5.70 37.45 37.57
CA GLY CB 140 -4.40 37.53 36.93
C GLY CB 140 -4.02 38.93 36.56
N ARG CB 141 -4.87 39.92 36.86
CA ARG CB 141 -4.53 41.31 36.59
C ARG CB 141 -3.46 41.80 37.56
N PRO CB 142 -2.60 42.72 37.10
CA PRO CB 142 -1.59 43.26 38.00
C PRO CB 142 -2.22 44.15 39.06
N PRO CB 143 -1.62 44.25 40.24
CA PRO CB 143 -2.21 45.08 41.30
C PRO CB 143 -2.07 46.55 40.99
N LYS CB 144 -3.07 47.32 41.41
CA LYS CB 144 -3.13 48.73 41.10
C LYS CB 144 -2.20 49.52 42.01
N PRO CB 145 -1.94 50.78 41.67
CA PRO CB 145 -1.16 51.62 42.56
C PRO CB 145 -1.97 52.00 43.80
N VAL CB 146 -1.26 52.25 44.89
CA VAL CB 146 -1.89 52.52 46.17
C VAL CB 146 -1.90 54.02 46.44
N HIS CB 147 -3.05 54.52 46.89
CA HIS CB 147 -3.26 55.94 47.11
C HIS CB 147 -3.47 56.20 48.60
N LEU CB 148 -3.15 57.41 49.03
CA LEU CB 148 -3.28 57.83 50.42
C LEU CB 148 -3.95 59.18 50.50
N SER CB 149 -4.46 59.50 51.69
CA SER CB 149 -5.12 60.79 51.88
C SER CB 149 -5.11 61.14 53.37
N ALA CB 150 -4.56 62.29 53.73
CA ALA CB 150 -4.38 62.61 55.14
C ALA CB 150 -4.95 63.99 55.47
N LEU CB 151 -5.47 64.09 56.69
CA LEU CB 151 -5.93 65.35 57.27
C LEU CB 151 -5.14 65.61 58.55
N ALA CB 152 -5.04 66.89 58.93
CA ALA CB 152 -4.29 67.25 60.11
C ALA CB 152 -4.77 68.59 60.66
N VAL CB 153 -4.51 68.79 61.95
CA VAL CB 153 -4.82 70.03 62.62
C VAL CB 153 -3.59 70.49 63.39
N TYR CB 154 -3.11 71.69 63.07
CA TYR CB 154 -1.91 72.27 63.63
C TYR CB 154 -2.26 73.35 64.62
N GLU CB 155 -1.38 73.56 65.59
CA GLU CB 155 -1.52 74.70 66.47
C GLU CB 155 -1.25 75.98 65.70
N ARG CB 156 -1.88 77.07 66.14
CA ARG CB 156 -1.78 78.30 65.38
C ARG CB 156 -0.46 78.99 65.66
N GLY CB 157 -0.05 79.83 64.70
CA GLY CB 157 1.26 80.42 64.73
C GLY CB 157 2.30 79.66 63.94
N SER CB 158 1.90 78.71 63.12
CA SER CB 158 2.82 77.88 62.37
C SER CB 158 2.68 78.15 60.87
N PRO CB 159 3.79 78.11 60.13
CA PRO CB 159 3.70 78.25 58.67
C PRO CB 159 3.20 76.97 58.02
N LEU CB 160 1.87 76.82 57.94
CA LEU CB 160 1.25 75.57 57.53
C LEU CB 160 1.32 75.30 56.03
N ALA CB 161 2.06 76.09 55.26
CA ALA CB 161 2.29 75.75 53.87
C ALA CB 161 3.60 75.00 53.66
N HIS CB 162 4.56 75.13 54.57
CA HIS CB 162 5.83 74.43 54.44
C HIS CB 162 5.83 73.07 55.09
N GLN CB 163 4.88 72.79 55.98
CA GLN CB 163 4.79 71.50 56.65
C GLN CB 163 3.98 70.49 55.89
N ILE CB 164 3.57 70.79 54.66
CA ILE CB 164 2.93 69.79 53.82
C ILE CB 164 3.93 68.91 53.10
N SER CB 165 5.21 69.27 53.12
CA SER CB 165 6.23 68.56 52.37
C SER CB 165 6.88 67.45 53.16
N ASP CB 166 6.88 67.53 54.48
CA ASP CB 166 7.46 66.44 55.26
C ASP CB 166 6.44 65.42 55.69
N ILE CB 167 5.15 65.76 55.66
CA ILE CB 167 4.14 64.72 55.80
C ILE CB 167 4.10 63.88 54.53
N LYS CB 168 4.35 64.51 53.38
CA LYS CB 168 4.49 63.75 52.14
C LYS CB 168 5.77 62.93 52.15
N ARG CB 169 6.84 63.47 52.73
CA ARG CB 169 8.10 62.74 52.80
C ARG CB 169 7.99 61.56 53.77
N PHE CB 170 7.20 61.71 54.83
CA PHE CB 170 7.01 60.61 55.76
C PHE CB 170 6.09 59.55 55.19
N LEU CB 171 5.11 59.94 54.39
CA LEU CB 171 4.12 59.00 53.87
C LEU CB 171 4.53 58.35 52.56
N LYS CB 172 5.59 58.83 51.90
CA LYS CB 172 5.90 58.34 50.56
C LYS CB 172 6.46 56.93 50.58
N ASN CB 173 7.40 56.65 51.46
CA ASN CB 173 8.03 55.34 51.51
C ASN CB 173 7.70 54.60 52.80
N SER CB 174 6.43 54.66 53.19
CA SER CB 174 5.87 53.74 54.15
C SER CB 174 5.10 52.63 53.49
N PHE CB 175 5.07 52.60 52.15
CA PHE CB 175 4.38 51.57 51.40
C PHE CB 175 5.27 51.13 50.25
N ALA CB 176 4.69 50.38 49.31
CA ALA CB 176 5.47 49.76 48.25
C ALA CB 176 5.92 50.76 47.21
N ASP CB 177 4.98 51.37 46.50
CA ASP CB 177 5.32 52.31 45.43
C ASP CB 177 4.18 53.32 45.29
N VAL CB 178 4.35 54.49 45.89
CA VAL CB 178 3.42 55.59 45.65
C VAL CB 178 4.18 56.66 44.88
N ASP CB 179 3.43 57.58 44.30
CA ASP CB 179 4.04 58.76 43.72
C ASP CB 179 3.80 59.94 44.64
N TYR CB 180 4.43 61.06 44.31
CA TYR CB 180 4.25 62.27 45.10
C TYR CB 180 2.98 63.03 44.72
N ASP CB 181 2.24 62.57 43.73
CA ASP CB 181 0.97 63.17 43.36
C ASP CB 181 -0.20 62.22 43.55
N ASN CB 182 0.04 61.08 44.21
CA ASN CB 182 -1.01 60.21 44.66
C ASN CB 182 -1.31 60.37 46.14
N ILE CB 183 -0.73 61.39 46.79
CA ILE CB 183 -0.98 61.70 48.19
C ILE CB 183 -1.57 63.09 48.24
N SER CB 184 -2.62 63.27 49.04
CA SER CB 184 -3.25 64.56 49.21
C SER CB 184 -3.37 64.84 50.69
N VAL CB 185 -2.78 65.95 51.11
CA VAL CB 185 -2.77 66.36 52.51
C VAL CB 185 -3.58 67.64 52.62
N VAL CB 186 -4.65 67.61 53.38
CA VAL CB 186 -5.49 68.77 53.62
C VAL CB 186 -5.44 69.05 55.11
N LEU CB 187 -4.79 70.13 55.50
CA LEU CB 187 -4.60 70.41 56.90
C LEU CB 187 -5.02 71.84 57.21
N SER CB 188 -5.19 72.12 58.50
CA SER CB 188 -5.69 73.44 58.90
C SER CB 188 -5.30 73.70 60.35
N GLU CB 189 -5.41 74.96 60.75
CA GLU CB 189 -5.09 75.37 62.10
C GLU CB 189 -6.30 75.25 63.02
N ARG CB 190 -6.03 75.21 64.32
CA ARG CB 190 -7.08 74.99 65.30
C ARG CB 190 -7.89 76.26 65.50
N SER CB 191 -9.06 76.10 66.11
CA SER CB 191 -9.99 77.19 66.35
C SER CB 191 -9.50 78.05 67.51
N ASP CB 192 -10.25 79.12 67.79
CA ASP CB 192 -9.87 80.03 68.86
C ASP CB 192 -10.15 79.42 70.21
N ALA CB 193 -9.31 79.78 71.19
CA ALA CB 193 -9.37 79.17 72.50
C ALA CB 193 -10.53 79.73 73.31
N GLN CB 194 -11.30 78.83 73.92
CA GLN CB 194 -12.40 79.20 74.80
C GLN CB 194 -11.91 79.05 76.23
N LEU CB 195 -11.58 80.17 76.87
CA LEU CB 195 -10.99 80.16 78.19
C LEU CB 195 -11.86 80.77 79.28
N GLN CB 196 -12.80 81.65 78.92
CA GLN CB 196 -13.61 82.32 79.92
C GLN CB 196 -14.89 81.55 80.18
N ALA CB 197 -15.43 81.75 81.38
CA ALA CB 197 -16.61 81.02 81.81
C ALA CB 197 -17.84 81.52 81.06
N PRO CB 198 -18.86 80.66 80.87
CA PRO CB 198 -20.10 81.12 80.22
C PRO CB 198 -20.88 82.14 81.03
N GLY CB 199 -21.11 81.85 82.30
CA GLY CB 199 -21.85 82.79 83.11
C GLY CB 199 -23.31 82.47 83.25
N THR CB 200 -23.81 82.48 84.49
CA THR CB 200 -25.21 82.18 84.76
C THR CB 200 -26.09 83.33 84.30
N PRO CB 201 -27.32 83.04 83.86
CA PRO CB 201 -28.25 84.13 83.56
C PRO CB 201 -28.70 84.82 84.83
N VAL CB 202 -28.65 86.16 84.83
CA VAL CB 202 -29.15 86.94 85.94
C VAL CB 202 -30.62 87.31 85.70
N LYS CB 203 -31.45 87.08 86.71
CA LYS CB 203 -32.89 87.26 86.55
C LYS CB 203 -33.41 88.34 87.49
N ASP DB 20 -53.02 69.42 78.78
CA ASP DB 20 -51.84 68.87 78.12
C ASP DB 20 -52.22 67.67 77.25
N LYS DB 21 -52.57 67.94 76.00
CA LYS DB 21 -52.87 66.87 75.06
C LYS DB 21 -51.59 66.17 74.62
N ASP DB 22 -51.60 64.84 74.66
CA ASP DB 22 -50.42 64.07 74.29
C ASP DB 22 -50.37 63.87 72.77
N LEU DB 23 -49.23 64.17 72.17
CA LEU DB 23 -49.05 63.89 70.76
C LEU DB 23 -48.48 62.50 70.56
N LEU DB 24 -47.31 62.27 71.13
CA LEU DB 24 -46.59 61.02 70.96
C LEU DB 24 -46.12 60.52 72.31
N LYS DB 25 -46.10 59.21 72.47
CA LYS DB 25 -45.55 58.60 73.67
C LYS DB 25 -44.82 57.32 73.27
N GLY DB 26 -43.87 56.95 74.11
CA GLY DB 26 -43.01 55.81 73.84
C GLY DB 26 -41.79 56.14 73.03
N LEU DB 27 -41.52 57.41 72.76
CA LEU DB 27 -40.33 57.78 72.02
C LEU DB 27 -39.12 57.65 72.90
N ASP DB 28 -37.97 57.40 72.27
CA ASP DB 28 -36.73 57.34 73.01
C ASP DB 28 -36.07 58.71 73.07
N GLN DB 29 -34.80 58.69 73.47
CA GLN DB 29 -34.06 59.91 73.79
C GLN DB 29 -33.75 60.72 72.55
N GLU DB 30 -33.24 60.07 71.52
CA GLU DB 30 -32.80 60.82 70.36
C GLU DB 30 -33.96 61.19 69.47
N GLN DB 31 -35.06 60.45 69.55
CA GLN DB 31 -36.25 60.82 68.79
C GLN DB 31 -36.99 61.97 69.43
N ALA DB 32 -36.93 62.12 70.75
CA ALA DB 32 -37.68 63.21 71.38
C ALA DB 32 -37.03 64.58 71.19
N ASN DB 33 -35.70 64.64 71.13
CA ASN DB 33 -35.05 65.93 71.00
C ASN DB 33 -35.18 66.50 69.59
N GLU DB 34 -35.53 65.67 68.61
CA GLU DB 34 -35.76 66.18 67.28
C GLU DB 34 -37.17 66.70 67.15
N VAL DB 35 -38.11 66.10 67.88
CA VAL DB 35 -39.49 66.58 67.83
C VAL DB 35 -39.58 67.92 68.54
N ILE DB 36 -38.89 68.06 69.67
CA ILE DB 36 -38.92 69.35 70.35
C ILE DB 36 -38.14 70.41 69.57
N ALA DB 37 -37.07 70.00 68.87
CA ALA DB 37 -36.32 70.95 68.06
C ALA DB 37 -37.07 71.36 66.81
N VAL DB 38 -38.09 70.60 66.40
CA VAL DB 38 -38.90 70.98 65.25
C VAL DB 38 -40.09 71.83 65.69
N LEU DB 39 -40.74 71.45 66.80
CA LEU DB 39 -41.92 72.18 67.25
C LEU DB 39 -41.58 73.57 67.77
N GLN DB 40 -40.44 73.73 68.44
CA GLN DB 40 -40.08 75.06 68.95
C GLN DB 40 -39.74 76.06 67.86
N MET DB 41 -39.47 75.60 66.65
CA MET DB 41 -39.25 76.49 65.53
C MET DB 41 -40.53 77.19 65.07
N HIS DB 42 -41.70 76.63 65.34
CA HIS DB 42 -42.97 77.19 64.88
C HIS DB 42 -43.83 77.68 66.03
N ASN DB 43 -43.20 78.32 67.03
CA ASN DB 43 -43.87 79.08 68.08
C ASN DB 43 -44.78 78.22 68.95
N ILE DB 44 -44.48 76.95 69.09
CA ILE DB 44 -45.20 76.10 70.03
C ILE DB 44 -44.16 75.35 70.84
N GLU DB 45 -44.44 75.13 72.11
CA GLU DB 45 -43.48 74.48 72.99
C GLU DB 45 -44.05 73.14 73.42
N ALA DB 46 -43.17 72.27 73.87
CA ALA DB 46 -43.56 70.93 74.25
C ALA DB 46 -42.94 70.58 75.59
N ASN DB 47 -43.32 69.43 76.11
CA ASN DB 47 -42.77 68.97 77.38
C ASN DB 47 -42.26 67.55 77.21
N LYS DB 48 -41.00 67.33 77.58
CA LYS DB 48 -40.38 66.02 77.51
C LYS DB 48 -40.51 65.35 78.86
N ILE DB 49 -41.52 64.50 79.01
CA ILE DB 49 -41.83 63.83 80.26
C ILE DB 49 -41.23 62.43 80.20
N ASP DB 50 -40.37 62.12 81.16
CA ASP DB 50 -39.78 60.79 81.27
C ASP DB 50 -40.78 59.82 81.88
N SER DB 51 -40.67 58.54 81.48
CA SER DB 51 -41.56 57.54 82.04
C SER DB 51 -40.81 56.27 82.40
N GLY DB 52 -39.49 56.33 82.53
CA GLY DB 52 -38.71 55.18 82.93
C GLY DB 52 -38.54 54.15 81.83
N LYS DB 53 -39.17 53.00 82.00
CA LYS DB 53 -39.03 51.92 81.03
C LYS DB 53 -39.86 52.17 79.78
N LEU DB 54 -40.90 53.00 79.87
CA LEU DB 54 -41.81 53.24 78.76
C LEU DB 54 -41.37 54.41 77.89
N GLY DB 55 -40.08 54.76 77.92
CA GLY DB 55 -39.59 55.83 77.07
C GLY DB 55 -39.99 57.21 77.55
N TYR DB 56 -40.08 58.12 76.60
CA TYR DB 56 -40.44 59.51 76.85
C TYR DB 56 -41.84 59.78 76.32
N SER DB 57 -42.30 61.00 76.55
CA SER DB 57 -43.61 61.42 76.08
C SER DB 57 -43.58 62.91 75.86
N ILE DB 58 -44.36 63.38 74.90
CA ILE DB 58 -44.33 64.77 74.47
C ILE DB 58 -45.74 65.32 74.45
N THR DB 59 -45.98 66.38 75.22
CA THR DB 59 -47.28 67.01 75.32
C THR DB 59 -47.19 68.47 74.92
N VAL DB 60 -48.26 68.97 74.30
CA VAL DB 60 -48.44 70.37 73.94
C VAL DB 60 -49.79 70.82 74.48
N ALA DB 61 -50.08 72.11 74.31
CA ALA DB 61 -51.32 72.69 74.81
C ALA DB 61 -52.48 72.42 73.86
N GLU DB 62 -53.66 72.94 74.23
CA GLU DB 62 -54.88 72.79 73.46
C GLU DB 62 -54.95 73.73 72.25
N PRO DB 63 -54.63 75.03 72.32
CA PRO DB 63 -54.59 75.80 71.07
C PRO DB 63 -53.41 75.42 70.19
N ASP DB 64 -52.38 74.81 70.76
CA ASP DB 64 -51.23 74.37 70.00
C ASP DB 64 -51.40 72.96 69.43
N PHE DB 65 -52.49 72.28 69.77
CA PHE DB 65 -52.63 70.88 69.37
C PHE DB 65 -52.92 70.74 67.89
N THR DB 66 -53.67 71.69 67.33
CA THR DB 66 -54.02 71.64 65.91
C THR DB 66 -52.81 71.92 65.04
N ALA DB 67 -51.93 72.81 65.48
CA ALA DB 67 -50.75 73.06 64.67
C ALA DB 67 -49.71 71.97 64.86
N ALA DB 68 -49.65 71.39 66.07
CA ALA DB 68 -48.62 70.39 66.30
C ALA DB 68 -48.94 69.10 65.57
N VAL DB 69 -50.23 68.79 65.41
CA VAL DB 69 -50.55 67.56 64.68
C VAL DB 69 -50.40 67.79 63.18
N TYR DB 70 -50.30 69.05 62.75
CA TYR DB 70 -50.03 69.34 61.35
C TYR DB 70 -48.55 69.22 61.05
N TRP DB 71 -47.69 69.71 61.95
CA TRP DB 71 -46.26 69.56 61.66
C TRP DB 71 -45.74 68.17 61.93
N ILE DB 72 -46.48 67.32 62.65
CA ILE DB 72 -46.08 65.91 62.74
C ILE DB 72 -46.28 65.23 61.40
N LYS DB 73 -47.42 65.48 60.76
CA LYS DB 73 -47.73 64.86 59.47
C LYS DB 73 -46.84 65.44 58.38
N THR DB 74 -46.55 66.73 58.44
CA THR DB 74 -45.76 67.34 57.37
C THR DB 74 -44.30 66.92 57.44
N TYR DB 75 -43.68 67.00 58.63
CA TYR DB 75 -42.27 66.66 58.72
C TYR DB 75 -42.01 65.17 58.91
N GLN DB 76 -43.05 64.32 58.91
CA GLN DB 76 -42.93 62.86 59.06
C GLN DB 76 -42.25 62.46 60.36
N LEU DB 77 -42.52 63.19 61.43
CA LEU DB 77 -42.01 62.87 62.74
C LEU DB 77 -42.84 61.74 63.36
N PRO DB 78 -42.23 60.88 64.19
CA PRO DB 78 -40.86 60.75 64.70
C PRO DB 78 -39.88 60.21 63.67
N PRO DB 79 -38.59 60.57 63.80
CA PRO DB 79 -37.62 60.14 62.78
C PRO DB 79 -37.27 58.67 62.94
N ARG DB 80 -37.10 58.00 61.81
CA ARG DB 80 -36.65 56.63 61.77
C ARG DB 80 -35.15 56.54 62.04
N PRO DB 81 -34.67 55.43 62.60
CA PRO DB 81 -33.22 55.26 62.75
C PRO DB 81 -32.54 55.08 61.42
N ARG DB 82 -31.35 55.67 61.29
CA ARG DB 82 -30.69 55.71 60.00
C ARG DB 82 -30.13 54.35 59.61
N VAL DB 83 -30.19 54.05 58.32
CA VAL DB 83 -29.91 52.73 57.80
C VAL DB 83 -28.51 52.70 57.21
N GLU DB 84 -27.79 51.63 57.52
CA GLU DB 84 -26.50 51.34 56.89
C GLU DB 84 -26.61 50.04 56.12
N ILE DB 85 -25.74 49.89 55.12
CA ILE DB 85 -25.77 48.71 54.27
C ILE DB 85 -25.20 47.51 55.00
N ALA DB 86 -24.39 47.72 56.04
CA ALA DB 86 -23.87 46.61 56.82
C ALA DB 86 -24.89 45.95 57.72
N GLN DB 87 -26.08 46.53 57.85
CA GLN DB 87 -27.13 45.90 58.65
C GLN DB 87 -27.86 44.82 57.87
N MET DB 88 -27.93 44.93 56.55
CA MET DB 88 -28.60 43.89 55.77
C MET DB 88 -27.79 42.61 55.69
N PHE DB 89 -26.46 42.70 55.82
CA PHE DB 89 -25.58 41.54 55.77
C PHE DB 89 -24.87 41.45 57.12
N PRO DB 90 -25.42 40.71 58.07
CA PRO DB 90 -24.81 40.65 59.39
C PRO DB 90 -23.55 39.80 59.39
N ALA DB 91 -22.64 40.13 60.28
CA ALA DB 91 -21.38 39.43 60.43
C ALA DB 91 -21.48 38.17 61.28
N ASP DB 92 -22.68 37.80 61.71
CA ASP DB 92 -22.90 36.63 62.51
C ASP DB 92 -23.35 35.42 61.69
N SER DB 93 -23.28 35.53 60.37
CA SER DB 93 -23.66 34.42 59.51
C SER DB 93 -22.60 33.33 59.55
N LEU DB 94 -23.00 32.14 59.10
CA LEU DB 94 -22.09 31.00 59.10
C LEU DB 94 -21.05 31.14 57.99
N VAL DB 95 -21.51 31.27 56.75
CA VAL DB 95 -20.65 31.52 55.61
C VAL DB 95 -21.09 32.82 54.96
N SER DB 96 -20.14 33.54 54.37
CA SER DB 96 -20.41 34.83 53.77
C SER DB 96 -19.91 34.82 52.33
N SER DB 97 -20.79 35.18 51.41
CA SER DB 97 -20.44 35.25 50.01
C SER DB 97 -19.52 36.43 49.71
N PRO DB 98 -18.83 36.40 48.58
CA PRO DB 98 -18.08 37.58 48.14
C PRO DB 98 -18.97 38.78 47.85
N ARG DB 99 -20.25 38.57 47.55
CA ARG DB 99 -21.14 39.71 47.43
C ARG DB 99 -21.44 40.30 48.79
N ALA DB 100 -21.50 39.47 49.83
CA ALA DB 100 -21.80 39.90 51.18
C ALA DB 100 -20.56 40.22 51.98
N GLU DB 101 -19.40 40.36 51.33
CA GLU DB 101 -18.21 40.81 52.03
C GLU DB 101 -17.73 42.17 51.56
N LYS DB 102 -17.84 42.47 50.27
CA LYS DB 102 -17.54 43.80 49.80
C LYS DB 102 -18.66 44.80 50.10
N ALA DB 103 -19.86 44.32 50.41
CA ALA DB 103 -20.88 45.26 50.83
C ALA DB 103 -20.68 45.66 52.29
N ARG DB 104 -20.07 44.79 53.07
CA ARG DB 104 -19.74 45.13 54.44
C ARG DB 104 -18.43 45.89 54.52
N LEU DB 105 -17.58 45.78 53.49
CA LEU DB 105 -16.36 46.59 53.49
C LEU DB 105 -16.67 48.00 53.03
N TYR DB 106 -17.43 48.15 51.94
CA TYR DB 106 -17.75 49.46 51.41
C TYR DB 106 -18.70 50.22 52.33
N SER DB 107 -19.50 49.49 53.13
CA SER DB 107 -20.36 50.21 54.06
C SER DB 107 -19.59 50.73 55.25
N ALA DB 108 -18.41 50.18 55.54
CA ALA DB 108 -17.61 50.76 56.61
C ALA DB 108 -16.69 51.84 56.08
N ILE DB 109 -16.46 51.84 54.77
CA ILE DB 109 -15.63 52.90 54.21
C ILE DB 109 -16.45 54.17 54.09
N GLU DB 110 -17.70 54.07 53.64
CA GLU DB 110 -18.48 55.31 53.52
C GLU DB 110 -18.94 55.85 54.87
N GLN DB 111 -18.92 55.04 55.94
CA GLN DB 111 -19.12 55.56 57.28
C GLN DB 111 -17.86 56.17 57.88
N ARG DB 112 -16.69 55.75 57.43
CA ARG DB 112 -15.47 56.36 57.95
C ARG DB 112 -15.13 57.66 57.21
N LEU DB 113 -15.51 57.73 55.95
CA LEU DB 113 -15.26 58.94 55.16
C LEU DB 113 -16.14 60.11 55.58
N GLU DB 114 -17.30 59.86 56.19
CA GLU DB 114 -18.11 60.99 56.62
C GLU DB 114 -17.79 61.38 58.05
N GLN DB 115 -17.05 60.55 58.78
CA GLN DB 115 -16.54 60.95 60.07
C GLN DB 115 -15.24 61.70 59.93
N SER DB 116 -14.53 61.51 58.82
CA SER DB 116 -13.34 62.31 58.59
C SER DB 116 -13.65 63.62 57.90
N LEU DB 117 -14.89 63.82 57.45
CA LEU DB 117 -15.31 65.10 56.90
C LEU DB 117 -15.85 66.07 57.93
N GLN DB 118 -16.26 65.61 59.10
CA GLN DB 118 -16.70 66.52 60.15
C GLN DB 118 -15.54 67.16 60.89
N THR DB 119 -14.31 66.76 60.63
CA THR DB 119 -13.14 67.33 61.28
C THR DB 119 -12.43 68.36 60.42
N MET DB 120 -13.04 68.78 59.32
CA MET DB 120 -12.55 69.95 58.64
C MET DB 120 -13.07 71.20 59.34
N GLU DB 121 -12.57 72.36 58.95
CA GLU DB 121 -13.00 73.60 59.57
C GLU DB 121 -14.26 74.10 58.87
N GLY DB 122 -15.25 74.48 59.68
CA GLY DB 122 -16.51 74.96 59.17
C GLY DB 122 -17.61 73.92 59.05
N VAL DB 123 -17.25 72.66 58.88
CA VAL DB 123 -18.24 71.62 58.58
C VAL DB 123 -18.97 71.21 59.85
N LEU DB 124 -20.28 71.03 59.74
CA LEU DB 124 -21.09 70.53 60.83
C LEU DB 124 -21.65 69.14 60.58
N SER DB 125 -22.00 68.82 59.34
CA SER DB 125 -22.52 67.51 59.00
C SER DB 125 -22.06 67.16 57.60
N ALA DB 126 -22.10 65.86 57.28
CA ALA DB 126 -21.69 65.37 55.98
C ALA DB 126 -22.33 64.00 55.73
N ARG DB 127 -22.54 63.69 54.45
CA ARG DB 127 -23.02 62.37 54.03
C ARG DB 127 -22.29 61.96 52.76
N VAL DB 128 -21.74 60.74 52.73
CA VAL DB 128 -20.93 60.26 51.61
C VAL DB 128 -21.52 58.96 51.08
N HIS DB 129 -21.64 58.85 49.74
CA HIS DB 129 -22.13 57.67 49.06
C HIS DB 129 -21.10 57.16 48.05
N ILE DB 130 -20.96 55.84 47.99
CA ILE DB 130 -20.05 55.14 47.08
C ILE DB 130 -20.87 54.26 46.16
N SER DB 131 -20.41 54.10 44.91
CA SER DB 131 -21.06 53.17 43.99
C SER DB 131 -20.55 51.75 44.25
N TYR DB 132 -21.47 50.82 44.41
CA TYR DB 132 -21.16 49.45 44.79
C TYR DB 132 -21.06 48.54 43.57
N ASP DB 133 -20.18 47.54 43.66
CA ASP DB 133 -20.06 46.49 42.64
C ASP DB 133 -20.88 45.25 43.00
N ILE DB 134 -21.63 44.75 42.02
CA ILE DB 134 -22.62 43.70 42.27
C ILE DB 134 -22.35 42.50 41.36
N ASP DB 135 -22.34 42.74 40.05
CA ASP DB 135 -22.10 41.67 39.08
C ASP DB 135 -20.65 41.20 39.07
N ALA DB 136 -19.73 42.05 39.53
CA ALA DB 136 -18.32 41.70 39.54
C ALA DB 136 -18.01 40.66 40.59
N GLY DB 137 -18.90 40.48 41.58
CA GLY DB 137 -18.65 39.48 42.60
C GLY DB 137 -18.81 38.07 42.06
N GLU DB 138 -19.71 37.88 41.10
CA GLU DB 138 -19.94 36.56 40.54
C GLU DB 138 -19.35 36.36 39.16
N ASN DB 139 -18.89 37.42 38.50
CA ASN DB 139 -18.38 37.27 37.14
C ASN DB 139 -16.89 37.51 37.08
N GLY DB 140 -16.31 37.13 35.95
CA GLY DB 140 -14.93 37.39 35.63
C GLY DB 140 -14.69 38.68 34.86
N ARG DB 141 -15.71 39.54 34.80
CA ARG DB 141 -15.60 40.82 34.11
C ARG DB 141 -14.79 41.78 34.97
N PRO DB 142 -14.01 42.68 34.36
CA PRO DB 142 -13.27 43.66 35.15
C PRO DB 142 -14.20 44.68 35.74
N PRO DB 143 -13.87 45.25 36.90
CA PRO DB 143 -14.76 46.21 37.54
C PRO DB 143 -14.75 47.54 36.83
N LYS DB 144 -15.77 48.33 37.09
CA LYS DB 144 -15.90 49.63 36.46
C LYS DB 144 -15.31 50.70 37.38
N PRO DB 145 -15.29 51.96 36.95
CA PRO DB 145 -14.78 53.01 37.82
C PRO DB 145 -15.74 53.29 38.95
N VAL DB 146 -15.19 53.70 40.09
CA VAL DB 146 -15.98 53.92 41.30
C VAL DB 146 -16.35 55.40 41.39
N HIS DB 147 -17.61 55.66 41.70
CA HIS DB 147 -18.15 57.01 41.76
C HIS DB 147 -18.47 57.36 43.21
N LEU DB 148 -18.23 58.61 43.58
CA LEU DB 148 -18.52 59.12 44.92
C LEU DB 148 -19.49 60.29 44.85
N SER DB 149 -20.11 60.59 45.97
CA SER DB 149 -20.98 61.76 46.06
C SER DB 149 -21.10 62.20 47.51
N ALA DB 150 -21.09 63.51 47.75
CA ALA DB 150 -21.06 64.00 49.12
C ALA DB 150 -21.98 65.20 49.31
N LEU DB 151 -22.50 65.30 50.53
CA LEU DB 151 -23.27 66.45 50.99
C LEU DB 151 -22.62 67.00 52.24
N ALA DB 152 -22.85 68.28 52.50
CA ALA DB 152 -22.23 68.94 53.64
C ALA DB 152 -23.05 70.13 54.10
N VAL DB 153 -22.88 70.48 55.36
CA VAL DB 153 -23.49 71.66 55.93
C VAL DB 153 -22.40 72.48 56.60
N TYR DB 154 -22.23 73.72 56.14
CA TYR DB 154 -21.15 74.59 56.57
C TYR DB 154 -21.69 75.68 57.48
N GLU DB 155 -20.86 76.06 58.45
CA GLU DB 155 -21.19 77.16 59.35
C GLU DB 155 -21.14 78.47 58.59
N ARG DB 156 -22.13 79.33 58.85
CA ARG DB 156 -22.42 80.44 57.95
C ARG DB 156 -21.37 81.55 58.06
N GLY DB 157 -21.27 82.34 57.00
CA GLY DB 157 -20.21 83.32 56.88
C GLY DB 157 -18.96 82.81 56.20
N SER DB 158 -18.91 81.55 55.88
CA SER DB 158 -17.77 80.88 55.27
C SER DB 158 -17.80 81.01 53.76
N PRO DB 159 -16.63 81.11 53.11
CA PRO DB 159 -16.59 81.13 51.63
C PRO DB 159 -16.83 79.74 51.06
N LEU DB 160 -18.10 79.38 50.92
CA LEU DB 160 -18.47 78.01 50.55
C LEU DB 160 -18.27 77.71 49.07
N ALA DB 161 -17.83 78.68 48.28
CA ALA DB 161 -17.50 78.39 46.88
C ALA DB 161 -16.14 77.71 46.75
N HIS DB 162 -15.15 78.15 47.53
CA HIS DB 162 -13.81 77.58 47.45
C HIS DB 162 -13.64 76.31 48.29
N GLN DB 163 -14.66 75.89 49.00
CA GLN DB 163 -14.57 74.70 49.83
C GLN DB 163 -14.82 73.42 49.07
N ILE DB 164 -15.19 73.50 47.80
CA ILE DB 164 -15.39 72.29 46.99
C ILE DB 164 -14.05 71.72 46.53
N SER DB 165 -13.07 72.59 46.27
CA SER DB 165 -11.77 72.14 45.81
C SER DB 165 -10.97 71.41 46.88
N ASP DB 166 -11.34 71.54 48.15
CA ASP DB 166 -10.68 70.78 49.19
C ASP DB 166 -11.31 69.40 49.38
N ILE DB 167 -12.63 69.32 49.26
CA ILE DB 167 -13.30 68.04 49.44
C ILE DB 167 -13.09 67.16 48.22
N LYS DB 168 -13.03 67.73 47.02
CA LYS DB 168 -12.78 66.89 45.85
C LYS DB 168 -11.34 66.41 45.82
N ARG DB 169 -10.42 67.19 46.40
CA ARG DB 169 -9.03 66.76 46.48
C ARG DB 169 -8.85 65.71 47.55
N PHE DB 170 -9.57 65.84 48.66
CA PHE DB 170 -9.44 64.86 49.73
C PHE DB 170 -10.09 63.55 49.32
N LEU DB 171 -11.22 63.62 48.63
CA LEU DB 171 -11.94 62.41 48.22
C LEU DB 171 -11.35 61.74 47.00
N LYS DB 172 -10.45 62.39 46.26
CA LYS DB 172 -9.99 61.83 44.99
C LYS DB 172 -9.10 60.63 45.20
N ASN DB 173 -7.97 60.82 45.88
CA ASN DB 173 -7.00 59.74 46.04
C ASN DB 173 -7.16 59.02 47.36
N SER DB 174 -8.40 58.82 47.79
CA SER DB 174 -8.71 57.86 48.85
C SER DB 174 -9.28 56.56 48.29
N PHE DB 175 -9.19 56.35 46.98
CA PHE DB 175 -9.66 55.13 46.34
C PHE DB 175 -8.68 54.75 45.25
N ALA DB 176 -9.08 53.80 44.40
CA ALA DB 176 -8.17 53.23 43.41
C ALA DB 176 -7.85 54.22 42.31
N ASP DB 177 -8.85 54.59 41.51
CA ASP DB 177 -8.66 55.63 40.50
C ASP DB 177 -10.00 56.27 40.18
N VAL DB 178 -10.20 57.51 40.62
CA VAL DB 178 -11.36 58.27 40.25
C VAL DB 178 -10.87 59.51 39.51
N ASP DB 179 -11.81 60.23 38.92
CA ASP DB 179 -11.52 61.50 38.29
C ASP DB 179 -12.57 62.51 38.72
N TYR DB 180 -12.25 63.79 38.54
CA TYR DB 180 -13.06 64.86 39.10
C TYR DB 180 -14.43 64.99 38.46
N ASP DB 181 -14.69 64.36 37.32
CA ASP DB 181 -16.01 64.34 36.75
C ASP DB 181 -16.91 63.29 37.38
N ASN DB 182 -16.36 62.42 38.23
CA ASN DB 182 -17.13 61.40 38.88
C ASN DB 182 -17.38 61.68 40.35
N ILE DB 183 -16.87 62.79 40.88
CA ILE DB 183 -17.14 63.21 42.25
C ILE DB 183 -18.06 64.42 42.17
N SER DB 184 -19.11 64.43 42.99
CA SER DB 184 -20.05 65.53 43.04
C SER DB 184 -20.26 65.94 44.48
N VAL DB 185 -20.06 67.21 44.78
CA VAL DB 185 -20.24 67.76 46.12
C VAL DB 185 -21.34 68.79 46.08
N VAL DB 186 -22.34 68.62 46.92
CA VAL DB 186 -23.44 69.59 47.04
C VAL DB 186 -23.51 69.99 48.50
N LEU DB 187 -23.12 71.22 48.79
CA LEU DB 187 -23.04 71.68 50.18
C LEU DB 187 -23.80 72.98 50.35
N SER DB 188 -24.16 73.27 51.60
CA SER DB 188 -24.98 74.44 51.85
C SER DB 188 -24.73 74.98 53.26
N GLU DB 189 -25.08 76.26 53.44
CA GLU DB 189 -24.91 76.89 54.75
C GLU DB 189 -26.10 76.55 55.64
N ARG DB 190 -25.88 76.66 56.94
CA ARG DB 190 -26.90 76.28 57.90
C ARG DB 190 -28.01 77.33 58.00
N SER DB 191 -29.11 76.91 58.61
CA SER DB 191 -30.29 77.74 58.74
C SER DB 191 -30.07 78.81 59.81
N ASP DB 192 -31.04 79.72 59.93
CA ASP DB 192 -30.94 80.78 60.91
C ASP DB 192 -31.13 80.23 62.32
N ALA DB 193 -30.44 80.86 63.27
CA ALA DB 193 -30.40 80.35 64.64
C ALA DB 193 -31.71 80.64 65.36
N GLN DB 194 -32.12 79.70 66.20
CA GLN DB 194 -33.29 79.85 67.05
C GLN DB 194 -32.80 79.94 68.48
N LEU DB 195 -32.90 81.12 69.08
CA LEU DB 195 -32.34 81.36 70.39
C LEU DB 195 -33.33 81.90 71.42
N GLN DB 196 -34.54 82.25 71.03
CA GLN DB 196 -35.51 82.83 71.94
C GLN DB 196 -36.61 81.81 72.24
N ALA DB 197 -37.26 82.01 73.39
CA ALA DB 197 -38.32 81.11 73.81
C ALA DB 197 -39.58 81.31 72.97
N PRO DB 198 -40.39 80.26 72.80
CA PRO DB 198 -41.64 80.41 72.02
C PRO DB 198 -42.68 81.31 72.64
N GLY DB 199 -43.06 81.04 73.89
CA GLY DB 199 -44.09 81.83 74.53
C GLY DB 199 -45.34 81.03 74.83
N THR DB 200 -45.86 81.15 76.05
CA THR DB 200 -46.99 80.36 76.47
C THR DB 200 -48.29 80.95 75.92
N PRO DB 201 -49.24 80.11 75.53
CA PRO DB 201 -50.52 80.61 75.00
C PRO DB 201 -51.41 81.22 76.06
N VAL DB 202 -51.54 82.54 76.04
CA VAL DB 202 -52.43 83.23 76.96
C VAL DB 202 -53.79 83.37 76.29
N LYS DB 203 -54.84 83.39 77.10
CA LYS DB 203 -56.20 83.56 76.60
C LYS DB 203 -57.02 84.45 77.53
N ASP EB 20 -68.84 61.16 70.82
CA ASP EB 20 -69.86 60.16 71.17
C ASP EB 20 -69.62 58.86 70.42
N LYS EB 21 -69.85 58.89 69.11
CA LYS EB 21 -69.75 57.69 68.29
C LYS EB 21 -68.32 57.47 67.83
N ASP EB 22 -67.88 56.22 67.90
CA ASP EB 22 -66.56 55.85 67.42
C ASP EB 22 -66.59 55.51 65.94
N LEU EB 23 -65.44 55.68 65.29
CA LEU EB 23 -65.37 55.32 63.88
C LEU EB 23 -64.13 54.49 63.61
N LEU EB 24 -63.10 54.64 64.43
CA LEU EB 24 -61.93 53.79 64.37
C LEU EB 24 -61.48 53.47 65.78
N LYS EB 25 -60.96 52.26 65.97
CA LYS EB 25 -60.39 51.89 67.25
C LYS EB 25 -59.34 50.82 67.01
N GLY EB 26 -58.47 50.65 68.00
CA GLY EB 26 -57.40 49.70 67.86
C GLY EB 26 -56.30 50.16 66.94
N LEU EB 27 -56.16 51.46 66.76
CA LEU EB 27 -55.17 52.00 65.85
C LEU EB 27 -53.81 52.05 66.52
N ASP EB 28 -52.79 52.36 65.73
CA ASP EB 28 -51.46 52.54 66.26
C ASP EB 28 -51.23 54.01 66.61
N GLN EB 29 -49.97 54.32 66.94
CA GLN EB 29 -49.60 55.68 67.28
C GLN EB 29 -49.49 56.53 66.03
N GLU EB 30 -48.77 56.06 65.03
CA GLU EB 30 -48.60 56.85 63.82
C GLU EB 30 -49.85 56.78 62.95
N GLN EB 31 -50.68 55.76 63.15
CA GLN EB 31 -51.96 55.72 62.45
C GLN EB 31 -52.98 56.65 63.08
N ALA EB 32 -52.83 57.01 64.35
CA ALA EB 32 -53.84 57.89 64.94
C ALA EB 32 -53.63 59.34 64.56
N ASN EB 33 -52.38 59.80 64.48
CA ASN EB 33 -52.11 61.19 64.18
C ASN EB 33 -52.40 61.54 62.73
N GLU EB 34 -52.49 60.53 61.86
CA GLU EB 34 -52.82 60.80 60.47
C GLU EB 34 -54.32 60.98 60.33
N VAL EB 35 -55.10 60.25 61.11
CA VAL EB 35 -56.55 60.39 61.01
C VAL EB 35 -56.97 61.71 61.64
N ILE EB 36 -56.29 62.12 62.71
CA ILE EB 36 -56.60 63.41 63.32
C ILE EB 36 -56.21 64.54 62.38
N ALA EB 37 -55.05 64.43 61.72
CA ALA EB 37 -54.59 65.48 60.83
C ALA EB 37 -55.42 65.56 59.55
N VAL EB 38 -56.08 64.48 59.17
CA VAL EB 38 -56.95 64.54 57.99
C VAL EB 38 -58.29 65.15 58.35
N LEU EB 39 -58.87 64.73 59.47
CA LEU EB 39 -60.19 65.23 59.84
C LEU EB 39 -60.16 66.69 60.26
N GLN EB 40 -59.09 67.16 60.88
CA GLN EB 40 -59.04 68.57 61.27
C GLN EB 40 -58.88 69.52 60.09
N MET EB 41 -58.43 69.03 58.94
CA MET EB 41 -58.36 69.87 57.75
C MET EB 41 -59.75 70.15 57.19
N HIS EB 42 -60.70 69.25 57.39
CA HIS EB 42 -62.04 69.35 56.84
C HIS EB 42 -63.07 69.74 57.90
N ASN EB 43 -62.61 70.48 58.92
CA ASN EB 43 -63.45 71.19 59.89
C ASN EB 43 -64.30 70.24 60.73
N ILE EB 44 -63.75 69.10 61.11
CA ILE EB 44 -64.37 68.26 62.12
C ILE EB 44 -63.32 67.89 63.16
N GLU EB 45 -63.70 67.96 64.43
CA GLU EB 45 -62.77 67.80 65.54
C GLU EB 45 -62.97 66.40 66.11
N ALA EB 46 -61.88 65.66 66.24
CA ALA EB 46 -61.94 64.31 66.76
C ALA EB 46 -61.13 64.22 68.04
N ASN EB 47 -61.29 63.11 68.74
CA ASN EB 47 -60.61 62.92 70.01
C ASN EB 47 -59.92 61.58 70.01
N LYS EB 48 -58.67 61.58 70.46
CA LYS EB 48 -57.82 60.41 70.59
C LYS EB 48 -57.78 59.95 72.03
N ILE EB 49 -58.22 58.71 72.28
CA ILE EB 49 -58.33 58.12 73.60
C ILE EB 49 -57.42 56.91 73.66
N ASP EB 50 -56.61 56.81 74.71
CA ASP EB 50 -55.73 55.67 74.90
C ASP EB 50 -56.48 54.55 75.62
N SER EB 51 -56.14 53.30 75.27
CA SER EB 51 -56.79 52.16 75.91
C SER EB 51 -55.80 51.14 76.45
N GLY EB 52 -54.56 51.55 76.68
CA GLY EB 52 -53.59 50.62 77.25
C GLY EB 52 -52.94 49.77 76.18
N LYS EB 53 -53.10 48.45 76.27
CA LYS EB 53 -52.50 47.57 75.29
C LYS EB 53 -53.35 47.41 74.04
N LEU EB 54 -54.58 47.93 74.06
CA LEU EB 54 -55.48 47.81 72.92
C LEU EB 54 -55.41 49.00 71.99
N GLY EB 55 -54.31 49.75 72.01
CA GLY EB 55 -54.19 50.86 71.09
C GLY EB 55 -55.05 52.07 71.43
N TYR EB 56 -55.11 52.97 70.46
CA TYR EB 56 -55.84 54.21 70.58
C TYR EB 56 -57.21 54.04 69.96
N SER EB 57 -58.04 55.08 70.12
CA SER EB 57 -59.38 55.10 69.56
C SER EB 57 -59.75 56.54 69.27
N ILE EB 58 -60.59 56.74 68.25
CA ILE EB 58 -60.90 58.07 67.76
C ILE EB 58 -62.41 58.23 67.70
N THR EB 59 -62.92 59.25 68.39
CA THR EB 59 -64.34 59.53 68.38
C THR EB 59 -64.62 60.93 67.84
N VAL EB 60 -65.84 61.12 67.33
CA VAL EB 60 -66.33 62.41 66.87
C VAL EB 60 -67.67 62.72 67.54
N ALA EB 61 -68.24 63.86 67.17
CA ALA EB 61 -69.50 64.33 67.72
C ALA EB 61 -70.66 63.75 66.94
N GLU EB 62 -71.87 64.25 67.19
CA GLU EB 62 -73.08 63.79 66.53
C GLU EB 62 -73.26 64.30 65.10
N PRO EB 63 -73.22 65.61 64.78
CA PRO EB 63 -73.47 66.01 63.39
C PRO EB 63 -72.29 65.76 62.46
N ASP EB 64 -71.09 65.54 62.99
CA ASP EB 64 -69.90 65.33 62.19
C ASP EB 64 -69.66 63.88 61.77
N PHE EB 65 -70.57 62.96 62.12
CA PHE EB 65 -70.30 61.55 61.84
C PHE EB 65 -70.51 61.22 60.38
N THR EB 66 -71.48 61.87 59.74
CA THR EB 66 -71.78 61.55 58.35
C THR EB 66 -70.65 62.01 57.45
N ALA EB 67 -70.07 63.16 57.75
CA ALA EB 67 -68.93 63.61 56.97
C ALA EB 67 -67.69 62.83 57.31
N ALA EB 68 -67.60 62.30 58.55
CA ALA EB 68 -66.37 61.63 58.93
C ALA EB 68 -66.26 60.27 58.28
N VAL EB 69 -67.38 59.59 58.03
CA VAL EB 69 -67.26 58.31 57.33
C VAL EB 69 -66.93 58.55 55.86
N TYR EB 70 -67.34 59.71 55.32
CA TYR EB 70 -67.07 59.99 53.93
C TYR EB 70 -65.61 60.32 53.70
N TRP EB 71 -64.95 60.97 54.67
CA TRP EB 71 -63.54 61.22 54.44
C TRP EB 71 -62.67 60.05 54.85
N ILE EB 72 -63.18 59.14 55.68
CA ILE EB 72 -62.45 57.90 55.92
C ILE EB 72 -62.47 57.04 54.66
N LYS EB 73 -63.62 56.98 53.98
CA LYS EB 73 -63.74 56.16 52.79
C LYS EB 73 -62.95 56.77 51.63
N THR EB 74 -62.96 58.10 51.52
CA THR EB 74 -62.29 58.74 50.39
C THR EB 74 -60.77 58.64 50.56
N TYR EB 75 -60.25 59.00 51.73
CA TYR EB 75 -58.81 59.00 51.91
C TYR EB 75 -58.22 57.63 52.25
N GLN EB 76 -59.03 56.56 52.30
CA GLN EB 76 -58.56 55.19 52.57
C GLN EB 76 -57.86 55.07 53.91
N LEU EB 77 -58.33 55.78 54.89
CA LEU EB 77 -57.79 55.68 56.24
C LEU EB 77 -58.34 54.42 56.91
N PRO EB 78 -57.57 53.79 57.80
CA PRO EB 78 -56.22 54.04 58.31
C PRO EB 78 -55.13 53.61 57.33
N PRO EB 79 -53.97 54.27 57.38
CA PRO EB 79 -52.92 53.96 56.41
C PRO EB 79 -52.28 52.61 56.67
N ARG EB 80 -51.95 51.91 55.59
CA ARG EB 80 -51.22 50.68 55.70
C ARG EB 80 -49.77 50.99 56.08
N PRO EB 81 -49.06 50.03 56.68
CA PRO EB 81 -47.62 50.22 56.88
C PRO EB 81 -46.88 50.20 55.56
N ARG EB 82 -45.86 51.05 55.46
CA ARG EB 82 -45.15 51.20 54.19
C ARG EB 82 -44.28 49.99 53.91
N VAL EB 83 -44.20 49.62 52.65
CA VAL EB 83 -43.57 48.39 52.21
C VAL EB 83 -42.17 48.68 51.69
N GLU EB 84 -41.20 47.84 52.04
CA GLU EB 84 -39.88 47.85 51.46
C GLU EB 84 -39.60 46.50 50.81
N ILE EB 85 -38.72 46.50 49.82
CA ILE EB 85 -38.47 45.28 49.04
C ILE EB 85 -37.65 44.27 49.85
N ALA EB 86 -36.91 44.74 50.85
CA ALA EB 86 -36.16 43.85 51.72
C ALA EB 86 -37.03 43.13 52.75
N GLN EB 87 -38.32 43.45 52.83
CA GLN EB 87 -39.20 42.75 53.76
C GLN EB 87 -39.58 41.37 53.25
N MET EB 88 -39.59 41.17 51.94
CA MET EB 88 -40.00 39.92 51.34
C MET EB 88 -38.84 38.98 51.07
N PHE EB 89 -37.63 39.37 51.44
CA PHE EB 89 -36.45 38.50 51.36
C PHE EB 89 -35.76 38.53 52.71
N PRO EB 90 -36.26 37.78 53.68
CA PRO EB 90 -35.73 37.86 55.04
C PRO EB 90 -34.39 37.16 55.17
N ALA EB 91 -33.57 37.69 56.07
CA ALA EB 91 -32.21 37.20 56.28
C ALA EB 91 -32.14 35.95 57.16
N ASP EB 92 -33.24 35.52 57.74
CA ASP EB 92 -33.22 34.35 58.62
C ASP EB 92 -33.12 33.03 57.86
N SER EB 93 -33.35 33.05 56.55
CA SER EB 93 -33.26 31.84 55.75
C SER EB 93 -31.80 31.44 55.57
N LEU EB 94 -31.49 30.17 55.84
CA LEU EB 94 -30.12 29.69 55.76
C LEU EB 94 -29.65 29.54 54.32
N VAL EB 95 -30.55 29.45 53.38
CA VAL EB 95 -30.22 29.53 51.96
C VAL EB 95 -30.42 30.97 51.51
N SER EB 96 -29.66 31.39 50.50
CA SER EB 96 -29.72 32.76 50.01
C SER EB 96 -29.33 32.71 48.54
N SER EB 97 -30.32 32.83 47.68
CA SER EB 97 -30.08 32.89 46.25
C SER EB 97 -29.46 34.24 45.88
N PRO EB 98 -28.76 34.30 44.73
CA PRO EB 98 -28.27 35.59 44.25
C PRO EB 98 -29.38 36.53 43.84
N ARG EB 99 -30.59 36.04 43.61
CA ARG EB 99 -31.72 36.94 43.43
C ARG EB 99 -32.19 37.47 44.78
N ALA EB 100 -31.83 36.79 45.86
CA ALA EB 100 -32.23 37.20 47.19
C ALA EB 100 -31.17 37.99 47.91
N GLU EB 101 -30.00 38.18 47.30
CA GLU EB 101 -29.00 39.04 47.92
C GLU EB 101 -28.87 40.40 47.24
N LYS EB 102 -29.06 40.48 45.93
CA LYS EB 102 -29.07 41.78 45.26
C LYS EB 102 -30.34 42.55 45.56
N ALA EB 103 -31.46 41.88 45.83
CA ALA EB 103 -32.68 42.62 46.12
C ALA EB 103 -32.60 43.24 47.50
N ARG EB 104 -31.91 42.58 48.42
CA ARG EB 104 -31.68 43.16 49.73
C ARG EB 104 -30.56 44.17 49.71
N LEU EB 105 -29.69 44.12 48.69
CA LEU EB 105 -28.68 45.17 48.59
C LEU EB 105 -29.26 46.44 47.99
N TYR EB 106 -30.10 46.32 46.96
CA TYR EB 106 -30.78 47.47 46.37
C TYR EB 106 -31.76 48.13 47.32
N SER EB 107 -32.44 47.34 48.16
CA SER EB 107 -33.46 47.93 49.00
C SER EB 107 -32.89 48.73 50.16
N ALA EB 108 -31.59 48.65 50.44
CA ALA EB 108 -31.00 49.50 51.45
C ALA EB 108 -30.33 50.73 50.86
N ILE EB 109 -30.06 50.70 49.56
CA ILE EB 109 -29.51 51.87 48.91
C ILE EB 109 -30.64 52.85 48.59
N GLU EB 110 -31.80 52.33 48.20
CA GLU EB 110 -32.88 53.28 47.93
C GLU EB 110 -33.61 53.73 49.19
N GLN EB 111 -33.18 53.29 50.37
CA GLN EB 111 -33.57 53.89 51.63
C GLN EB 111 -32.52 54.82 52.21
N ARG EB 112 -31.25 54.58 51.89
CA ARG EB 112 -30.23 55.50 52.37
C ARG EB 112 -30.17 56.74 51.50
N LEU EB 113 -30.51 56.62 50.21
CA LEU EB 113 -30.58 57.82 49.38
C LEU EB 113 -31.80 58.66 49.72
N GLU EB 114 -32.88 58.02 50.18
CA GLU EB 114 -34.07 58.75 50.58
C GLU EB 114 -33.81 59.49 51.89
N GLN EB 115 -33.10 58.84 52.82
CA GLN EB 115 -32.78 59.54 54.05
C GLN EB 115 -31.72 60.62 53.84
N SER EB 116 -30.93 60.52 52.77
CA SER EB 116 -29.95 61.54 52.45
C SER EB 116 -30.52 62.73 51.69
N LEU EB 117 -31.68 62.57 51.04
CA LEU EB 117 -32.29 63.71 50.37
C LEU EB 117 -33.01 64.65 51.32
N GLN EB 118 -33.42 64.19 52.50
CA GLN EB 118 -34.12 65.04 53.45
C GLN EB 118 -33.22 66.02 54.18
N THR EB 119 -31.90 65.90 54.06
CA THR EB 119 -30.99 66.83 54.70
C THR EB 119 -30.55 67.96 53.78
N MET EB 120 -31.22 68.15 52.65
CA MET EB 120 -30.88 69.24 51.75
C MET EB 120 -31.56 70.52 52.21
N GLU EB 121 -31.44 71.58 51.42
CA GLU EB 121 -31.93 72.91 51.78
C GLU EB 121 -33.38 73.03 51.36
N GLY EB 122 -34.29 72.85 52.31
CA GLY EB 122 -35.69 73.08 52.05
C GLY EB 122 -36.50 71.86 51.69
N VAL EB 123 -35.95 70.66 51.81
CA VAL EB 123 -36.68 69.44 51.47
C VAL EB 123 -37.37 68.94 52.73
N LEU EB 124 -38.67 68.68 52.64
CA LEU EB 124 -39.40 68.13 53.77
C LEU EB 124 -39.54 66.63 53.69
N SER EB 125 -39.77 66.08 52.50
CA SER EB 125 -39.87 64.65 52.29
C SER EB 125 -39.34 64.34 50.90
N ALA EB 126 -39.03 63.06 50.68
CA ALA EB 126 -38.50 62.58 49.41
C ALA EB 126 -38.75 61.10 49.30
N ARG EB 127 -38.77 60.60 48.05
CA ARG EB 127 -38.94 59.17 47.78
C ARG EB 127 -38.21 58.79 46.50
N VAL EB 128 -37.31 57.81 46.59
CA VAL EB 128 -36.43 57.41 45.51
C VAL EB 128 -36.70 55.96 45.11
N HIS EB 129 -36.67 55.70 43.80
CA HIS EB 129 -36.85 54.37 43.22
C HIS EB 129 -35.68 54.03 42.30
N ILE EB 130 -35.24 52.77 42.34
CA ILE EB 130 -34.15 52.24 41.52
C ILE EB 130 -34.72 51.14 40.63
N SER EB 131 -34.18 51.00 39.43
CA SER EB 131 -34.56 49.88 38.56
C SER EB 131 -33.88 48.59 39.01
N TYR EB 132 -34.67 47.55 39.23
CA TYR EB 132 -34.18 46.29 39.78
C TYR EB 132 -33.78 45.34 38.67
N ASP EB 133 -32.53 44.87 38.71
CA ASP EB 133 -32.01 43.93 37.72
C ASP EB 133 -31.40 42.76 38.49
N ILE EB 134 -32.00 41.58 38.36
CA ILE EB 134 -31.55 40.40 39.08
C ILE EB 134 -31.20 39.23 38.16
N ASP EB 135 -31.79 39.15 36.96
CA ASP EB 135 -31.65 37.99 36.11
C ASP EB 135 -30.69 38.20 34.94
N ALA EB 136 -29.86 39.23 34.99
CA ALA EB 136 -28.93 39.48 33.88
C ALA EB 136 -27.58 38.81 34.07
N GLY EB 137 -27.18 38.56 35.30
CA GLY EB 137 -25.87 38.00 35.57
C GLY EB 137 -25.84 36.49 35.49
N GLU EB 138 -27.01 35.85 35.56
CA GLU EB 138 -27.05 34.39 35.58
C GLU EB 138 -26.73 33.80 34.22
N ASN EB 139 -27.09 34.47 33.13
CA ASN EB 139 -26.73 34.05 31.79
C ASN EB 139 -25.58 34.92 31.28
N GLY EB 140 -25.24 34.75 30.00
CA GLY EB 140 -24.15 35.47 29.38
C GLY EB 140 -24.49 36.86 28.90
N ARG EB 141 -25.68 37.36 29.23
CA ARG EB 141 -26.11 38.67 28.79
C ARG EB 141 -25.45 39.77 29.61
N PRO EB 142 -25.10 40.91 29.00
CA PRO EB 142 -24.51 41.99 29.76
C PRO EB 142 -25.56 42.67 30.62
N PRO EB 143 -25.14 43.30 31.72
CA PRO EB 143 -26.13 43.99 32.56
C PRO EB 143 -26.62 45.28 31.90
N LYS EB 144 -27.89 45.57 32.11
CA LYS EB 144 -28.52 46.74 31.52
C LYS EB 144 -28.14 47.99 32.30
N PRO EB 145 -28.45 49.17 31.75
CA PRO EB 145 -28.21 50.40 32.50
C PRO EB 145 -29.21 50.53 33.64
N VAL EB 146 -28.88 51.39 34.60
CA VAL EB 146 -29.67 51.56 35.80
C VAL EB 146 -30.39 52.90 35.75
N HIS EB 147 -31.68 52.88 36.11
CA HIS EB 147 -32.54 54.05 36.07
C HIS EB 147 -32.96 54.43 37.48
N LEU EB 148 -33.24 55.71 37.69
CA LEU EB 148 -33.63 56.24 38.99
C LEU EB 148 -34.85 57.13 38.83
N SER EB 149 -35.55 57.36 39.94
CA SER EB 149 -36.64 58.30 39.93
C SER EB 149 -36.86 58.86 41.33
N ALA EB 150 -37.27 60.12 41.42
CA ALA EB 150 -37.36 60.76 42.72
C ALA EB 150 -38.54 61.72 42.79
N LEU EB 151 -39.11 61.80 44.00
CA LEU EB 151 -40.14 62.78 44.36
C LEU EB 151 -39.66 63.56 45.57
N ALA EB 152 -40.19 64.78 45.72
CA ALA EB 152 -39.78 65.64 46.82
C ALA EB 152 -40.85 66.68 47.11
N VAL EB 153 -40.90 67.11 48.35
CA VAL EB 153 -41.81 68.17 48.78
C VAL EB 153 -40.99 69.27 49.40
N TYR EB 154 -40.99 70.43 48.76
CA TYR EB 154 -40.18 71.57 49.18
C TYR EB 154 -41.00 72.56 50.00
N GLU EB 155 -40.31 73.23 50.91
CA GLU EB 155 -40.90 74.34 51.66
C GLU EB 155 -41.21 75.48 50.70
N ARG EB 156 -42.39 76.09 50.87
CA ARG EB 156 -42.83 77.08 49.91
C ARG EB 156 -42.02 78.37 50.06
N GLY EB 157 -42.03 79.15 48.98
CA GLY EB 157 -41.12 80.27 48.84
C GLY EB 157 -39.84 79.94 48.11
N SER EB 158 -39.66 78.69 47.68
CA SER EB 158 -38.48 78.17 46.99
C SER EB 158 -38.68 78.23 45.47
N PRO EB 159 -37.64 78.63 44.74
CA PRO EB 159 -37.70 78.54 43.28
C PRO EB 159 -37.42 77.13 42.81
N LEU EB 160 -38.47 76.32 42.74
CA LEU EB 160 -38.32 74.88 42.56
C LEU EB 160 -38.09 74.46 41.11
N ALA EB 161 -37.70 75.38 40.23
CA ALA EB 161 -37.25 75.03 38.88
C ALA EB 161 -35.74 74.92 38.77
N HIS EB 162 -34.99 75.52 39.70
CA HIS EB 162 -33.53 75.48 39.71
C HIS EB 162 -32.97 74.40 40.63
N GLN EB 163 -33.81 73.79 41.46
CA GLN EB 163 -33.39 72.71 42.35
C GLN EB 163 -33.60 71.34 41.71
N ILE EB 164 -34.01 71.28 40.45
CA ILE EB 164 -34.14 70.02 39.73
C ILE EB 164 -32.80 69.60 39.15
N SER EB 165 -31.78 70.46 39.23
CA SER EB 165 -30.47 70.08 38.75
C SER EB 165 -29.48 69.79 39.87
N ASP EB 166 -29.83 70.09 41.11
CA ASP EB 166 -28.98 69.66 42.20
C ASP EB 166 -29.30 68.26 42.64
N ILE EB 167 -30.56 67.86 42.53
CA ILE EB 167 -30.90 66.47 42.80
C ILE EB 167 -30.41 65.59 41.66
N LYS EB 168 -30.37 66.13 40.44
CA LYS EB 168 -29.82 65.37 39.33
C LYS EB 168 -28.30 65.25 39.43
N ARG EB 169 -27.64 66.27 39.98
CA ARG EB 169 -26.20 66.21 40.13
C ARG EB 169 -25.82 65.31 41.29
N PHE EB 170 -26.62 65.28 42.34
CA PHE EB 170 -26.30 64.43 43.46
C PHE EB 170 -26.60 62.98 43.14
N LEU EB 171 -27.70 62.71 42.44
CA LEU EB 171 -28.08 61.34 42.12
C LEU EB 171 -27.31 60.76 40.94
N LYS EB 172 -26.55 61.56 40.19
CA LYS EB 172 -25.91 61.04 38.98
C LYS EB 172 -24.78 60.07 39.30
N ASN EB 173 -23.76 60.53 40.00
CA ASN EB 173 -22.59 59.70 40.25
C ASN EB 173 -22.61 59.12 41.65
N SER EB 174 -23.78 58.72 42.10
CA SER EB 174 -23.95 57.85 43.25
C SER EB 174 -24.15 56.40 42.84
N PHE EB 175 -24.09 56.09 41.55
CA PHE EB 175 -24.27 54.73 41.06
C PHE EB 175 -23.19 54.47 40.02
N ALA EB 176 -23.35 53.37 39.28
CA ALA EB 176 -22.29 52.91 38.39
C ALA EB 176 -22.13 53.82 37.17
N ASP EB 177 -23.14 53.87 36.32
CA ASP EB 177 -23.10 54.73 35.14
C ASP EB 177 -24.53 55.04 34.71
N VAL EB 178 -25.02 56.22 35.07
CA VAL EB 178 -26.31 56.67 34.59
C VAL EB 178 -26.06 57.83 33.64
N ASP EB 179 -27.09 58.16 32.88
CA ASP EB 179 -27.10 59.38 32.09
C ASP EB 179 -28.08 60.35 32.72
N TYR EB 180 -28.08 61.57 32.23
CA TYR EB 180 -29.03 62.56 32.74
C TYR EB 180 -30.43 62.39 32.20
N ASP EB 181 -30.65 61.51 31.23
CA ASP EB 181 -32.01 61.23 30.79
C ASP EB 181 -32.68 60.18 31.67
N ASN EB 182 -31.91 59.29 32.26
CA ASN EB 182 -32.47 58.21 33.07
C ASN EB 182 -32.94 58.67 34.44
N ILE EB 183 -32.49 59.83 34.91
CA ILE EB 183 -32.95 60.34 36.21
C ILE EB 183 -34.14 61.24 35.94
N SER EB 184 -35.26 60.95 36.60
CA SER EB 184 -36.47 61.74 36.47
C SER EB 184 -36.94 62.13 37.86
N VAL EB 185 -36.82 63.40 38.18
CA VAL EB 185 -37.24 63.94 39.46
C VAL EB 185 -38.41 64.88 39.24
N VAL EB 186 -39.50 64.65 39.97
CA VAL EB 186 -40.68 65.51 39.91
C VAL EB 186 -41.04 65.89 41.33
N LEU EB 187 -41.12 67.19 41.59
CA LEU EB 187 -41.26 67.67 42.96
C LEU EB 187 -42.26 68.82 43.01
N SER EB 188 -42.73 69.10 44.22
CA SER EB 188 -43.78 70.10 44.37
C SER EB 188 -43.61 70.84 45.69
N GLU EB 189 -44.35 71.94 45.84
CA GLU EB 189 -44.34 72.71 47.07
C GLU EB 189 -45.43 72.21 48.01
N ARG EB 190 -45.27 72.49 49.29
CA ARG EB 190 -46.20 71.99 50.28
C ARG EB 190 -47.51 72.77 50.27
N SER EB 191 -48.53 72.18 50.87
CA SER EB 191 -49.87 72.74 50.88
C SER EB 191 -49.97 73.91 51.85
N ASP EB 192 -51.13 74.55 51.86
CA ASP EB 192 -51.36 75.67 52.76
C ASP EB 192 -51.49 75.18 54.19
N ALA EB 193 -50.93 75.95 55.11
CA ALA EB 193 -50.83 75.53 56.50
C ALA EB 193 -52.17 75.61 57.22
N GLN EB 194 -52.46 74.60 58.02
CA GLN EB 194 -53.65 74.58 58.86
C GLN EB 194 -53.24 74.89 60.28
N LEU EB 195 -53.71 76.03 60.81
CA LEU EB 195 -53.25 76.49 62.10
C LEU EB 195 -54.40 76.78 63.06
N GLN EB 196 -55.58 77.11 62.54
CA GLN EB 196 -56.68 77.48 63.41
C GLN EB 196 -57.49 76.26 63.81
N ALA EB 197 -58.19 76.40 64.94
CA ALA EB 197 -58.97 75.31 65.48
C ALA EB 197 -60.22 75.07 64.63
N PRO EB 198 -60.73 73.82 64.61
CA PRO EB 198 -61.94 73.52 63.84
C PRO EB 198 -63.20 74.24 64.30
N GLY EB 199 -63.58 74.07 65.55
CA GLY EB 199 -64.82 74.67 66.01
C GLY EB 199 -65.81 73.60 66.43
N THR EB 200 -66.52 73.87 67.50
CA THR EB 200 -67.42 72.93 68.13
C THR EB 200 -68.81 73.01 67.51
N PRO EB 201 -69.42 71.87 67.19
CA PRO EB 201 -70.77 71.89 66.63
C PRO EB 201 -71.81 72.25 67.68
N VAL EB 202 -72.37 73.43 67.59
CA VAL EB 202 -73.41 73.85 68.51
C VAL EB 202 -74.76 73.47 67.92
N LYS EB 203 -75.74 73.25 68.79
CA LYS EB 203 -77.07 72.83 68.35
C LYS EB 203 -78.14 73.67 69.04
N ASP FB 20 -24.01 -87.47 75.53
CA ASP FB 20 -24.51 -86.12 75.28
C ASP FB 20 -23.37 -85.13 75.39
N LYS FB 21 -22.82 -84.72 74.26
CA LYS FB 21 -21.76 -83.73 74.20
C LYS FB 21 -22.14 -82.70 73.16
N ASP FB 22 -22.10 -81.42 73.53
CA ASP FB 22 -22.42 -80.39 72.56
C ASP FB 22 -21.22 -80.12 71.68
N LEU FB 23 -21.50 -79.71 70.44
CA LEU FB 23 -20.43 -79.34 69.54
C LEU FB 23 -20.68 -77.98 68.90
N LEU FB 24 -21.95 -77.61 68.73
CA LEU FB 24 -22.29 -76.27 68.26
C LEU FB 24 -23.44 -75.74 69.10
N LYS FB 25 -23.33 -74.49 69.53
CA LYS FB 25 -24.39 -73.85 70.29
C LYS FB 25 -24.49 -72.38 69.91
N GLY FB 26 -25.66 -71.80 70.17
CA GLY FB 26 -25.91 -70.43 69.78
C GLY FB 26 -26.17 -70.26 68.31
N LEU FB 27 -26.66 -71.29 67.64
CA LEU FB 27 -26.87 -71.25 66.20
C LEU FB 27 -28.19 -70.58 65.87
N ASP FB 28 -28.45 -70.46 64.58
CA ASP FB 28 -29.69 -69.88 64.08
C ASP FB 28 -30.64 -71.01 63.67
N GLN FB 29 -31.87 -70.62 63.32
CA GLN FB 29 -32.91 -71.58 63.01
C GLN FB 29 -32.64 -72.31 61.71
N GLU FB 30 -32.29 -71.58 60.65
CA GLU FB 30 -32.00 -72.25 59.40
C GLU FB 30 -30.58 -72.78 59.33
N GLN FB 31 -29.72 -72.40 60.28
CA GLN FB 31 -28.40 -73.01 60.36
C GLN FB 31 -28.47 -74.39 61.00
N ALA FB 32 -29.31 -74.54 62.04
CA ALA FB 32 -29.36 -75.82 62.72
C ALA FB 32 -30.06 -76.88 61.88
N ASN FB 33 -30.94 -76.46 60.97
CA ASN FB 33 -31.60 -77.40 60.10
C ASN FB 33 -30.70 -77.84 58.97
N GLU FB 34 -29.58 -77.16 58.77
CA GLU FB 34 -28.60 -77.59 57.79
C GLU FB 34 -27.56 -78.48 58.42
N VAL FB 35 -27.16 -78.18 59.67
CA VAL FB 35 -26.20 -79.04 60.35
C VAL FB 35 -26.84 -80.40 60.67
N ILE FB 36 -28.15 -80.42 60.95
CA ILE FB 36 -28.82 -81.70 61.18
C ILE FB 36 -28.93 -82.48 59.88
N ALA FB 37 -29.29 -81.80 58.79
CA ALA FB 37 -29.45 -82.48 57.51
C ALA FB 37 -28.14 -82.95 56.92
N VAL FB 38 -27.01 -82.41 57.37
CA VAL FB 38 -25.72 -82.91 56.94
C VAL FB 38 -25.30 -84.10 57.79
N LEU FB 39 -25.54 -84.05 59.11
CA LEU FB 39 -25.13 -85.15 59.97
C LEU FB 39 -26.00 -86.39 59.76
N GLN FB 40 -27.30 -86.22 59.50
CA GLN FB 40 -28.17 -87.37 59.30
C GLN FB 40 -27.91 -88.11 58.00
N MET FB 41 -27.19 -87.51 57.06
CA MET FB 41 -26.82 -88.20 55.83
C MET FB 41 -25.73 -89.23 56.08
N HIS FB 42 -24.96 -89.10 57.15
CA HIS FB 42 -23.82 -89.97 57.41
C HIS FB 42 -24.04 -90.82 58.66
N ASN FB 43 -25.29 -91.22 58.89
CA ASN FB 43 -25.68 -92.25 59.88
C ASN FB 43 -25.36 -91.85 61.31
N ILE FB 44 -25.46 -90.56 61.65
CA ILE FB 44 -25.40 -90.13 63.03
C ILE FB 44 -26.61 -89.26 63.33
N GLU FB 45 -27.05 -89.27 64.58
CA GLU FB 45 -28.30 -88.63 64.99
C GLU FB 45 -27.98 -87.48 65.94
N ALA FB 46 -28.49 -86.30 65.61
CA ALA FB 46 -28.27 -85.11 66.42
C ALA FB 46 -29.54 -84.70 67.14
N ASN FB 47 -29.39 -83.80 68.11
CA ASN FB 47 -30.50 -83.32 68.92
C ASN FB 47 -30.45 -81.80 68.95
N LYS FB 48 -31.57 -81.20 68.55
CA LYS FB 48 -31.75 -79.75 68.46
C LYS FB 48 -32.44 -79.23 69.71
N ILE FB 49 -31.73 -78.46 70.52
CA ILE FB 49 -32.26 -77.93 71.77
C ILE FB 49 -32.33 -76.41 71.66
N ASP FB 50 -33.49 -75.84 72.01
CA ASP FB 50 -33.63 -74.40 72.02
C ASP FB 50 -33.07 -73.82 73.32
N SER FB 51 -32.84 -72.50 73.31
CA SER FB 51 -32.46 -71.82 74.54
C SER FB 51 -33.14 -70.47 74.68
N GLY FB 52 -34.12 -70.16 73.83
CA GLY FB 52 -34.82 -68.90 73.95
C GLY FB 52 -34.10 -67.77 73.24
N LYS FB 53 -33.48 -66.89 74.02
CA LYS FB 53 -32.80 -65.75 73.44
C LYS FB 53 -31.38 -66.10 73.00
N LEU FB 54 -30.81 -67.18 73.52
CA LEU FB 54 -29.46 -67.58 73.19
C LEU FB 54 -29.37 -68.41 71.92
N GLY FB 55 -30.48 -68.66 71.24
CA GLY FB 55 -30.42 -69.46 70.04
C GLY FB 55 -30.47 -70.96 70.32
N TYR FB 56 -30.26 -71.69 69.23
CA TYR FB 56 -30.37 -73.14 69.26
C TYR FB 56 -29.03 -73.75 69.65
N SER FB 57 -29.02 -75.06 69.84
CA SER FB 57 -27.82 -75.78 70.20
C SER FB 57 -27.97 -77.22 69.71
N ILE FB 58 -26.84 -77.85 69.41
CA ILE FB 58 -26.83 -79.15 68.78
C ILE FB 58 -25.95 -80.07 69.59
N THR FB 59 -26.51 -81.18 70.06
CA THR FB 59 -25.74 -82.19 70.76
C THR FB 59 -25.79 -83.50 69.99
N VAL FB 60 -24.77 -84.32 70.17
CA VAL FB 60 -24.72 -85.63 69.57
C VAL FB 60 -24.47 -86.64 70.70
N ALA FB 61 -24.42 -87.93 70.36
CA ALA FB 61 -24.14 -88.97 71.33
C ALA FB 61 -22.64 -89.08 71.56
N GLU FB 62 -22.26 -89.97 72.47
CA GLU FB 62 -20.84 -90.15 72.78
C GLU FB 62 -20.03 -90.98 71.78
N PRO FB 63 -20.45 -92.16 71.31
CA PRO FB 63 -19.55 -92.92 70.42
C PRO FB 63 -19.42 -92.36 69.01
N ASP FB 64 -20.26 -91.41 68.60
CA ASP FB 64 -20.15 -90.77 67.30
C ASP FB 64 -19.85 -89.28 67.45
N PHE FB 65 -18.95 -88.94 68.36
CA PHE FB 65 -18.51 -87.56 68.50
C PHE FB 65 -17.32 -87.25 67.61
N THR FB 66 -16.44 -88.21 67.38
CA THR FB 66 -15.28 -87.98 66.52
C THR FB 66 -15.69 -87.85 65.07
N ALA FB 67 -16.67 -88.65 64.62
CA ALA FB 67 -17.14 -88.51 63.25
C ALA FB 67 -17.91 -87.23 63.08
N ALA FB 68 -18.59 -86.77 64.14
CA ALA FB 68 -19.37 -85.54 63.99
C ALA FB 68 -18.43 -84.34 63.92
N VAL FB 69 -17.27 -84.44 64.57
CA VAL FB 69 -16.32 -83.34 64.47
C VAL FB 69 -15.67 -83.37 63.09
N TYR FB 70 -15.46 -84.57 62.54
CA TYR FB 70 -14.79 -84.66 61.25
C TYR FB 70 -15.72 -84.15 60.15
N TRP FB 71 -17.02 -84.44 60.23
CA TRP FB 71 -17.93 -83.92 59.23
C TRP FB 71 -18.31 -82.47 59.48
N ILE FB 72 -17.98 -81.90 60.63
CA ILE FB 72 -18.11 -80.46 60.77
C ILE FB 72 -16.97 -79.78 60.03
N LYS FB 73 -15.75 -80.30 60.20
CA LYS FB 73 -14.57 -79.72 59.57
C LYS FB 73 -14.59 -79.89 58.06
N THR FB 74 -15.11 -81.01 57.57
CA THR FB 74 -15.05 -81.27 56.13
C THR FB 74 -16.03 -80.36 55.39
N TYR FB 75 -17.27 -80.30 55.85
CA TYR FB 75 -18.29 -79.51 55.17
C TYR FB 75 -18.31 -78.04 55.60
N GLN FB 76 -17.33 -77.58 56.39
CA GLN FB 76 -17.20 -76.16 56.81
C GLN FB 76 -18.43 -75.64 57.56
N LEU FB 77 -19.09 -76.49 58.30
CA LEU FB 77 -20.26 -76.12 59.07
C LEU FB 77 -19.85 -75.39 60.35
N PRO FB 78 -20.68 -74.47 60.86
CA PRO FB 78 -21.99 -73.98 60.44
C PRO FB 78 -21.94 -73.00 59.29
N PRO FB 79 -23.00 -72.96 58.47
CA PRO FB 79 -22.97 -72.09 57.29
C PRO FB 79 -23.06 -70.62 57.67
N ARG FB 80 -22.62 -69.83 56.80
CA ARG FB 80 -22.64 -68.38 56.80
C ARG FB 80 -23.78 -67.89 55.90
N PRO FB 81 -24.35 -66.72 56.17
CA PRO FB 81 -25.46 -66.24 55.33
C PRO FB 81 -25.00 -65.86 53.93
N ARG FB 82 -25.95 -65.94 53.00
CA ARG FB 82 -25.63 -65.77 51.59
C ARG FB 82 -25.38 -64.31 51.25
N VAL FB 83 -24.46 -64.08 50.32
CA VAL FB 83 -23.95 -62.76 50.00
C VAL FB 83 -24.67 -62.24 48.76
N GLU FB 84 -25.23 -61.04 48.87
CA GLU FB 84 -25.78 -60.31 47.75
C GLU FB 84 -24.98 -59.03 47.55
N ILE FB 85 -24.96 -58.54 46.31
CA ILE FB 85 -24.16 -57.37 46.00
C ILE FB 85 -24.78 -56.10 46.58
N ALA FB 86 -26.09 -56.12 46.83
CA ALA FB 86 -26.77 -54.96 47.38
C ALA FB 86 -26.58 -54.79 48.88
N GLN FB 87 -25.85 -55.69 49.53
CA GLN FB 87 -25.54 -55.50 50.94
C GLN FB 87 -24.29 -54.66 51.14
N MET FB 88 -23.49 -54.48 50.11
CA MET FB 88 -22.29 -53.66 50.15
C MET FB 88 -22.54 -52.21 49.80
N PHE FB 89 -23.71 -51.89 49.26
CA PHE FB 89 -24.09 -50.53 48.91
C PHE FB 89 -25.48 -50.33 49.48
N PRO FB 90 -25.61 -50.05 50.77
CA PRO FB 90 -26.94 -50.01 51.39
C PRO FB 90 -27.70 -48.76 51.01
N ALA FB 91 -29.02 -48.90 51.03
CA ALA FB 91 -29.92 -47.83 50.59
C ALA FB 91 -30.06 -46.71 51.61
N ASP FB 92 -29.67 -46.92 52.86
CA ASP FB 92 -29.82 -45.90 53.89
C ASP FB 92 -28.60 -45.00 54.00
N SER FB 93 -27.71 -45.01 53.00
CA SER FB 93 -26.55 -44.13 53.03
C SER FB 93 -26.96 -42.72 52.61
N LEU FB 94 -26.16 -41.75 53.04
CA LEU FB 94 -26.46 -40.36 52.75
C LEU FB 94 -26.07 -39.98 51.33
N VAL FB 95 -24.92 -40.45 50.88
CA VAL FB 95 -24.46 -40.19 49.52
C VAL FB 95 -24.67 -41.45 48.69
N SER FB 96 -24.72 -41.27 47.37
CA SER FB 96 -24.97 -42.39 46.47
C SER FB 96 -24.33 -42.06 45.13
N SER FB 97 -23.17 -42.67 44.87
CA SER FB 97 -22.51 -42.51 43.59
C SER FB 97 -23.28 -43.26 42.51
N PRO FB 98 -23.07 -42.91 41.23
CA PRO FB 98 -23.69 -43.68 40.16
C PRO FB 98 -23.18 -45.11 40.04
N ARG FB 99 -22.04 -45.43 40.64
CA ARG FB 99 -21.63 -46.83 40.69
C ARG FB 99 -22.45 -47.60 41.71
N ALA FB 100 -22.86 -46.93 42.79
CA ALA FB 100 -23.66 -47.61 43.79
C ALA FB 100 -25.08 -47.77 43.31
N GLU FB 101 -25.60 -46.79 42.56
CA GLU FB 101 -26.93 -46.96 42.01
C GLU FB 101 -26.94 -47.96 40.87
N LYS FB 102 -25.86 -48.05 40.11
CA LYS FB 102 -25.82 -49.00 39.02
C LYS FB 102 -25.57 -50.43 39.50
N ALA FB 103 -25.01 -50.61 40.70
CA ALA FB 103 -24.80 -51.96 41.19
C ALA FB 103 -25.89 -52.44 42.13
N ARG FB 104 -26.67 -51.52 42.70
CA ARG FB 104 -27.84 -51.92 43.47
C ARG FB 104 -29.03 -52.19 42.58
N LEU FB 105 -28.86 -52.05 41.27
CA LEU FB 105 -29.90 -52.28 40.28
C LEU FB 105 -29.61 -53.55 39.50
N TYR FB 106 -28.35 -53.83 39.20
CA TYR FB 106 -27.97 -55.13 38.69
C TYR FB 106 -28.16 -56.21 39.74
N SER FB 107 -28.00 -55.85 41.01
CA SER FB 107 -28.15 -56.83 42.07
C SER FB 107 -29.58 -57.12 42.44
N ALA FB 108 -30.55 -56.56 41.74
CA ALA FB 108 -31.94 -56.93 41.94
C ALA FB 108 -32.52 -57.72 40.78
N ILE FB 109 -31.98 -57.56 39.57
CA ILE FB 109 -32.34 -58.45 38.50
C ILE FB 109 -31.58 -59.75 38.61
N GLU FB 110 -30.43 -59.73 39.29
CA GLU FB 110 -29.65 -60.94 39.47
C GLU FB 110 -30.35 -61.90 40.42
N GLN FB 111 -31.13 -61.38 41.37
CA GLN FB 111 -31.88 -62.21 42.29
C GLN FB 111 -33.37 -62.13 42.05
N ARG FB 112 -33.80 -61.61 40.91
CA ARG FB 112 -35.18 -61.78 40.50
C ARG FB 112 -35.33 -62.80 39.38
N LEU FB 113 -34.33 -62.91 38.49
CA LEU FB 113 -34.30 -64.03 37.56
C LEU FB 113 -34.11 -65.37 38.27
N GLU FB 114 -33.41 -65.36 39.40
CA GLU FB 114 -33.27 -66.57 40.19
C GLU FB 114 -34.58 -66.97 40.84
N GLN FB 115 -35.38 -65.98 41.26
CA GLN FB 115 -36.70 -66.28 41.82
C GLN FB 115 -37.65 -66.78 40.75
N SER FB 116 -37.49 -66.30 39.51
CA SER FB 116 -38.38 -66.71 38.43
C SER FB 116 -37.96 -68.01 37.77
N LEU FB 117 -36.71 -68.43 37.92
CA LEU FB 117 -36.28 -69.72 37.40
C LEU FB 117 -36.81 -70.87 38.24
N GLN FB 118 -37.18 -70.61 39.49
CA GLN FB 118 -37.70 -71.64 40.38
C GLN FB 118 -39.15 -72.03 40.09
N THR FB 119 -39.84 -71.32 39.23
CA THR FB 119 -41.23 -71.64 38.92
C THR FB 119 -41.38 -72.44 37.64
N MET FB 120 -40.31 -72.94 37.06
CA MET FB 120 -40.42 -73.79 35.89
C MET FB 120 -40.82 -75.21 36.30
N GLU FB 121 -41.06 -76.06 35.31
CA GLU FB 121 -41.49 -77.44 35.57
C GLU FB 121 -40.26 -78.30 35.78
N GLY FB 122 -39.96 -78.61 37.04
CA GLY FB 122 -38.87 -79.50 37.38
C GLY FB 122 -37.74 -78.87 38.16
N VAL FB 123 -37.60 -77.55 38.14
CA VAL FB 123 -36.48 -76.90 38.79
C VAL FB 123 -36.72 -76.86 40.29
N LEU FB 124 -35.72 -77.23 41.08
CA LEU FB 124 -35.78 -77.14 42.53
C LEU FB 124 -35.02 -75.95 43.06
N SER FB 125 -33.85 -75.66 42.50
CA SER FB 125 -33.05 -74.52 42.89
C SER FB 125 -32.32 -74.01 41.66
N ALA FB 126 -31.91 -72.75 41.70
CA ALA FB 126 -31.22 -72.14 40.59
C ALA FB 126 -30.39 -70.99 41.11
N ARG FB 127 -29.35 -70.63 40.36
CA ARG FB 127 -28.49 -69.49 40.70
C ARG FB 127 -28.02 -68.80 39.43
N VAL FB 128 -28.19 -67.48 39.37
CA VAL FB 128 -27.90 -66.69 38.18
C VAL FB 128 -26.84 -65.64 38.51
N HIS FB 129 -25.86 -65.49 37.63
CA HIS FB 129 -24.82 -64.47 37.70
C HIS FB 129 -24.85 -63.63 36.43
N ILE FB 130 -24.61 -62.33 36.59
CA ILE FB 130 -24.55 -61.37 35.50
C ILE FB 130 -23.19 -60.69 35.54
N SER FB 131 -22.64 -60.38 34.37
CA SER FB 131 -21.41 -59.60 34.32
C SER FB 131 -21.67 -58.15 34.68
N TYR FB 132 -20.82 -57.58 35.52
CA TYR FB 132 -21.01 -56.23 36.02
C TYR FB 132 -20.12 -55.29 35.22
N ASP FB 133 -20.75 -54.31 34.57
CA ASP FB 133 -20.06 -53.26 33.82
C ASP FB 133 -20.49 -51.93 34.40
N ILE FB 134 -19.52 -51.17 34.92
CA ILE FB 134 -19.79 -49.96 35.67
C ILE FB 134 -19.18 -48.71 35.04
N ASP FB 135 -17.95 -48.79 34.57
CA ASP FB 135 -17.22 -47.64 34.07
C ASP FB 135 -17.41 -47.40 32.57
N ALA FB 136 -18.37 -48.06 31.94
CA ALA FB 136 -18.62 -47.82 30.53
C ALA FB 136 -19.24 -46.45 30.30
N GLY FB 137 -20.21 -46.06 31.14
CA GLY FB 137 -20.81 -44.74 30.98
C GLY FB 137 -20.00 -43.59 31.52
N GLU FB 138 -18.92 -43.87 32.25
CA GLU FB 138 -18.11 -42.79 32.80
C GLU FB 138 -17.20 -42.17 31.74
N ASN FB 139 -16.43 -42.99 31.05
CA ASN FB 139 -15.49 -42.52 30.05
C ASN FB 139 -16.06 -42.72 28.65
N GLY FB 140 -15.23 -42.48 27.63
CA GLY FB 140 -15.70 -42.48 26.26
C GLY FB 140 -15.73 -43.82 25.55
N ARG FB 141 -15.71 -44.92 26.29
CA ARG FB 141 -15.82 -46.19 25.59
C ARG FB 141 -17.27 -46.60 25.41
N PRO FB 142 -17.59 -47.33 24.33
CA PRO FB 142 -18.91 -47.93 24.21
C PRO FB 142 -19.09 -49.04 25.23
N PRO FB 143 -20.32 -49.34 25.64
CA PRO FB 143 -20.53 -50.39 26.63
C PRO FB 143 -20.32 -51.78 26.03
N LYS FB 144 -19.89 -52.70 26.89
CA LYS FB 144 -19.57 -54.05 26.47
C LYS FB 144 -20.81 -54.92 26.42
N PRO FB 145 -20.70 -56.10 25.82
CA PRO FB 145 -21.86 -57.01 25.79
C PRO FB 145 -22.08 -57.64 27.16
N VAL FB 146 -23.29 -58.13 27.37
CA VAL FB 146 -23.70 -58.70 28.64
C VAL FB 146 -23.55 -60.21 28.61
N HIS FB 147 -23.00 -60.77 29.69
CA HIS FB 147 -22.75 -62.20 29.82
C HIS FB 147 -23.51 -62.72 31.02
N LEU FB 148 -24.18 -63.86 30.85
CA LEU FB 148 -25.00 -64.45 31.90
C LEU FB 148 -24.51 -65.87 32.17
N SER FB 149 -24.80 -66.35 33.39
CA SER FB 149 -24.48 -67.74 33.71
C SER FB 149 -25.47 -68.27 34.75
N ALA FB 150 -25.82 -69.55 34.64
CA ALA FB 150 -26.85 -70.10 35.50
C ALA FB 150 -26.56 -71.55 35.89
N LEU FB 151 -26.96 -71.89 37.11
CA LEU FB 151 -26.94 -73.26 37.61
C LEU FB 151 -28.36 -73.67 37.99
N ALA FB 152 -28.59 -74.98 38.03
CA ALA FB 152 -29.93 -75.48 38.34
C ALA FB 152 -29.84 -76.91 38.87
N VAL FB 153 -30.85 -77.28 39.66
CA VAL FB 153 -30.99 -78.64 40.18
C VAL FB 153 -32.38 -79.15 39.82
N TYR FB 154 -32.43 -80.15 38.95
CA TYR FB 154 -33.68 -80.70 38.44
C TYR FB 154 -34.11 -81.94 39.20
N GLU FB 155 -35.43 -82.15 39.25
CA GLU FB 155 -36.00 -83.38 39.77
C GLU FB 155 -35.65 -84.54 38.85
N ARG FB 156 -35.25 -85.67 39.44
CA ARG FB 156 -34.76 -86.79 38.65
C ARG FB 156 -35.89 -87.46 37.88
N GLY FB 157 -35.53 -88.14 36.80
CA GLY FB 157 -36.48 -88.65 35.85
C GLY FB 157 -36.79 -87.70 34.71
N SER FB 158 -35.99 -86.67 34.52
CA SER FB 158 -36.17 -85.65 33.51
C SER FB 158 -35.10 -85.74 32.43
N PRO FB 159 -35.43 -85.46 31.17
CA PRO FB 159 -34.39 -85.38 30.14
C PRO FB 159 -33.65 -84.05 30.18
N LEU FB 160 -32.63 -83.99 31.04
CA LEU FB 160 -31.96 -82.75 31.40
C LEU FB 160 -31.01 -82.22 30.34
N ALA FB 161 -30.91 -82.87 29.18
CA ALA FB 161 -30.16 -82.33 28.06
C ALA FB 161 -31.03 -81.48 27.13
N HIS FB 162 -32.33 -81.73 27.10
CA HIS FB 162 -33.25 -80.95 26.30
C HIS FB 162 -33.80 -79.74 27.03
N GLN FB 163 -33.44 -79.55 28.29
CA GLN FB 163 -33.87 -78.42 29.09
C GLN FB 163 -32.87 -77.28 29.12
N ILE FB 164 -31.80 -77.37 28.34
CA ILE FB 164 -30.81 -76.29 28.33
C ILE FB 164 -31.18 -75.27 27.26
N SER FB 165 -32.12 -75.58 26.39
CA SER FB 165 -32.53 -74.62 25.39
C SER FB 165 -33.76 -73.83 25.79
N ASP FB 166 -34.41 -74.21 26.89
CA ASP FB 166 -35.52 -73.41 27.38
C ASP FB 166 -35.07 -72.41 28.43
N ILE FB 167 -34.06 -72.76 29.21
CA ILE FB 167 -33.46 -71.78 30.11
C ILE FB 167 -32.72 -70.74 29.30
N LYS FB 168 -32.07 -71.17 28.21
CA LYS FB 168 -31.33 -70.23 27.38
C LYS FB 168 -32.28 -69.36 26.57
N ARG FB 169 -33.46 -69.89 26.20
CA ARG FB 169 -34.43 -69.08 25.48
C ARG FB 169 -35.06 -68.07 26.43
N PHE FB 170 -35.28 -68.46 27.69
CA PHE FB 170 -35.88 -67.55 28.64
C PHE FB 170 -34.89 -66.46 29.04
N LEU FB 171 -33.61 -66.81 29.15
CA LEU FB 171 -32.59 -65.84 29.53
C LEU FB 171 -32.12 -64.97 28.39
N LYS FB 172 -32.48 -65.28 27.13
CA LYS FB 172 -31.85 -64.60 26.01
C LYS FB 172 -32.36 -63.17 25.87
N ASN FB 173 -33.67 -62.96 25.92
CA ASN FB 173 -34.25 -61.63 25.72
C ASN FB 173 -34.88 -61.07 26.98
N SER FB 174 -34.18 -61.22 28.10
CA SER FB 174 -34.44 -60.47 29.32
C SER FB 174 -33.43 -59.36 29.51
N PHE FB 175 -32.55 -59.12 28.54
CA PHE FB 175 -31.56 -58.05 28.62
C PHE FB 175 -31.48 -57.34 27.27
N ALA FB 176 -30.45 -56.51 27.11
CA ALA FB 176 -30.36 -55.66 25.94
C ALA FB 176 -29.99 -56.47 24.70
N ASP FB 177 -28.79 -57.06 24.69
CA ASP FB 177 -28.35 -57.84 23.54
C ASP FB 177 -27.34 -58.87 24.02
N VAL FB 178 -27.79 -60.11 24.20
CA VAL FB 178 -26.88 -61.19 24.46
C VAL FB 178 -26.99 -62.17 23.31
N ASP FB 179 -25.99 -63.02 23.17
CA ASP FB 179 -26.01 -64.08 22.19
C ASP FB 179 -26.23 -65.41 22.88
N TYR FB 180 -26.39 -66.45 22.08
CA TYR FB 180 -26.46 -67.80 22.63
C TYR FB 180 -25.11 -68.38 22.93
N ASP FB 181 -24.03 -67.67 22.60
CA ASP FB 181 -22.68 -68.07 22.96
C ASP FB 181 -22.20 -67.39 24.23
N ASN FB 182 -23.00 -66.51 24.82
CA ASN FB 182 -22.67 -65.84 26.07
C ASN FB 182 -23.52 -66.31 27.24
N ILE FB 183 -24.34 -67.33 27.06
CA ILE FB 183 -25.13 -67.90 28.14
C ILE FB 183 -24.66 -69.33 28.34
N SER FB 184 -24.31 -69.65 29.58
CA SER FB 184 -23.84 -70.98 29.94
C SER FB 184 -24.69 -71.50 31.07
N VAL FB 185 -25.34 -72.63 30.84
CA VAL FB 185 -26.17 -73.30 31.83
C VAL FB 185 -25.48 -74.59 32.22
N VAL FB 186 -25.26 -74.77 33.51
CA VAL FB 186 -24.68 -76.00 34.03
C VAL FB 186 -25.65 -76.52 35.07
N LEU FB 187 -26.31 -77.64 34.77
CA LEU FB 187 -27.37 -78.13 35.62
C LEU FB 187 -27.20 -79.62 35.90
N SER FB 188 -27.88 -80.08 36.95
CA SER FB 188 -27.71 -81.48 37.37
C SER FB 188 -28.95 -81.94 38.11
N GLU FB 189 -29.07 -83.25 38.28
CA GLU FB 189 -30.17 -83.84 39.01
C GLU FB 189 -29.82 -83.98 40.49
N ARG FB 190 -30.85 -84.06 41.33
CA ARG FB 190 -30.61 -84.09 42.76
C ARG FB 190 -30.13 -85.46 43.20
N SER FB 191 -29.67 -85.53 44.44
CA SER FB 191 -29.07 -86.75 44.99
C SER FB 191 -30.14 -87.76 45.34
N ASP FB 192 -29.70 -88.92 45.83
CA ASP FB 192 -30.61 -89.96 46.26
C ASP FB 192 -31.31 -89.53 47.54
N ALA FB 193 -32.57 -89.90 47.67
CA ALA FB 193 -33.40 -89.44 48.77
C ALA FB 193 -33.05 -90.11 50.08
N GLN FB 194 -32.98 -89.32 51.15
CA GLN FB 194 -32.73 -89.83 52.50
C GLN FB 194 -34.05 -89.86 53.25
N LEU FB 195 -34.55 -91.06 53.52
CA LEU FB 195 -35.85 -91.24 54.14
C LEU FB 195 -35.82 -92.03 55.44
N GLN FB 196 -34.90 -92.97 55.60
CA GLN FB 196 -34.88 -93.80 56.79
C GLN FB 196 -34.14 -93.09 57.94
N ALA FB 197 -34.49 -93.50 59.16
CA ALA FB 197 -33.87 -92.96 60.34
C ALA FB 197 -32.44 -93.47 60.50
N PRO FB 198 -31.55 -92.67 61.12
CA PRO FB 198 -30.17 -93.12 61.32
C PRO FB 198 -30.04 -94.35 62.22
N GLY FB 199 -30.56 -94.28 63.43
CA GLY FB 199 -30.43 -95.41 64.32
C GLY FB 199 -29.56 -95.10 65.53
N THR FB 200 -30.07 -95.41 66.70
CA THR FB 200 -29.37 -95.07 67.93
C THR FB 200 -28.18 -96.01 68.15
N PRO FB 201 -27.06 -95.50 68.66
CA PRO FB 201 -25.92 -96.38 68.95
C PRO FB 201 -26.18 -97.24 70.17
N VAL FB 202 -26.26 -98.55 69.98
CA VAL FB 202 -26.40 -99.44 71.10
C VAL FB 202 -25.02 -99.71 71.69
N LYS FB 203 -24.97 -99.84 73.02
CA LYS FB 203 -23.72 -100.08 73.71
C LYS FB 203 -23.91 -101.09 74.86
N ASP GB 20 -44.14 -85.04 68.78
CA ASP GB 20 -43.97 -84.09 67.68
C ASP GB 20 -42.67 -83.31 67.85
N LYS GB 21 -41.82 -83.39 66.84
CA LYS GB 21 -40.54 -82.68 66.82
C LYS GB 21 -40.68 -81.45 65.93
N ASP GB 22 -40.46 -80.27 66.50
CA ASP GB 22 -40.57 -79.05 65.72
C ASP GB 22 -39.35 -78.88 64.83
N LEU GB 23 -39.56 -78.25 63.68
CA LEU GB 23 -38.46 -78.00 62.77
C LEU GB 23 -38.40 -76.55 62.32
N LEU GB 24 -39.54 -75.87 62.27
CA LEU GB 24 -39.55 -74.46 61.94
C LEU GB 24 -40.50 -73.75 62.89
N LYS GB 25 -40.14 -72.53 63.27
CA LYS GB 25 -41.00 -71.69 64.09
C LYS GB 25 -40.66 -70.22 63.84
N GLY GB 26 -41.59 -69.36 64.20
CA GLY GB 26 -41.43 -67.95 63.92
C GLY GB 26 -41.74 -67.55 62.50
N LEU GB 27 -42.45 -68.39 61.76
CA LEU GB 27 -42.83 -68.10 60.40
C LEU GB 27 -44.03 -67.15 60.36
N ASP GB 28 -44.45 -66.78 59.17
CA ASP GB 28 -45.68 -66.04 59.03
C ASP GB 28 -46.70 -66.85 58.22
N GLN GB 29 -47.78 -66.18 57.85
CA GLN GB 29 -48.93 -66.85 57.27
C GLN GB 29 -48.64 -67.34 55.86
N GLU GB 30 -47.92 -66.54 55.07
CA GLU GB 30 -47.66 -66.94 53.69
C GLU GB 30 -46.53 -67.96 53.58
N GLN GB 31 -45.66 -68.04 54.57
CA GLN GB 31 -44.58 -69.01 54.53
C GLN GB 31 -45.05 -70.37 55.05
N ALA GB 32 -45.96 -70.37 56.03
CA ALA GB 32 -46.37 -71.64 56.64
C ALA GB 32 -47.25 -72.44 55.70
N ASN GB 33 -48.02 -71.76 54.85
CA ASN GB 33 -48.88 -72.44 53.91
C ASN GB 33 -48.12 -72.97 52.70
N GLU GB 34 -46.85 -72.65 52.58
CA GLU GB 34 -46.01 -73.20 51.54
C GLU GB 34 -45.17 -74.35 52.05
N VAL GB 35 -44.71 -74.26 53.31
CA VAL GB 35 -44.00 -75.40 53.88
C VAL GB 35 -44.96 -76.57 54.14
N ILE GB 36 -46.20 -76.28 54.54
CA ILE GB 36 -47.15 -77.36 54.78
C ILE GB 36 -47.57 -78.00 53.46
N ALA GB 37 -47.74 -77.18 52.42
CA ALA GB 37 -48.15 -77.70 51.12
C ALA GB 37 -47.03 -78.49 50.47
N VAL GB 38 -45.78 -78.19 50.81
CA VAL GB 38 -44.69 -78.95 50.24
C VAL GB 38 -44.59 -80.31 50.93
N LEU GB 39 -44.70 -80.32 52.28
CA LEU GB 39 -44.54 -81.58 52.99
C LEU GB 39 -45.69 -82.54 52.74
N GLN GB 40 -46.92 -82.04 52.57
CA GLN GB 40 -48.05 -82.94 52.33
C GLN GB 40 -48.02 -83.62 50.97
N MET GB 41 -47.24 -83.12 50.02
CA MET GB 41 -47.08 -83.79 48.74
C MET GB 41 -46.23 -85.04 48.85
N HIS GB 42 -45.40 -85.16 49.88
CA HIS GB 42 -44.46 -86.26 50.03
C HIS GB 42 -44.81 -87.16 51.22
N ASN GB 43 -46.10 -87.33 51.48
CA ASN GB 43 -46.66 -88.33 52.41
C ASN GB 43 -46.22 -88.10 53.85
N ILE GB 44 -45.99 -86.86 54.25
CA ILE GB 44 -45.78 -86.53 55.65
C ILE GB 44 -46.71 -85.40 56.01
N GLU GB 45 -47.24 -85.44 57.22
CA GLU GB 45 -48.26 -84.49 57.65
C GLU GB 45 -47.66 -83.54 58.68
N ALA GB 46 -48.04 -82.28 58.61
CA ALA GB 46 -47.54 -81.28 59.52
C ALA GB 46 -48.70 -80.65 60.29
N ASN GB 47 -48.35 -79.90 61.33
CA ASN GB 47 -49.33 -79.26 62.19
C ASN GB 47 -48.93 -77.80 62.35
N LYS GB 48 -49.85 -76.91 62.00
CA LYS GB 48 -49.66 -75.47 62.13
C LYS GB 48 -50.12 -74.99 63.50
N ILE GB 49 -49.25 -74.27 64.19
CA ILE GB 49 -49.53 -73.81 65.55
C ILE GB 49 -49.32 -72.31 65.60
N ASP GB 50 -50.36 -71.58 65.94
CA ASP GB 50 -50.29 -70.12 66.06
C ASP GB 50 -49.79 -69.77 67.45
N SER GB 51 -48.62 -69.14 67.54
CA SER GB 51 -48.10 -68.68 68.81
C SER GB 51 -48.39 -67.22 69.08
N GLY GB 52 -49.39 -66.66 68.40
CA GLY GB 52 -49.82 -65.30 68.67
C GLY GB 52 -48.91 -64.27 68.05
N LYS GB 53 -48.14 -63.59 68.88
CA LYS GB 53 -47.31 -62.49 68.42
C LYS GB 53 -46.01 -62.99 67.80
N LEU GB 54 -45.51 -64.14 68.27
CA LEU GB 54 -44.22 -64.64 67.81
C LEU GB 54 -44.30 -65.16 66.38
N GLY GB 55 -45.42 -65.77 66.01
CA GLY GB 55 -45.60 -66.29 64.66
C GLY GB 55 -46.10 -67.71 64.66
N TYR GB 56 -46.20 -68.26 63.45
CA TYR GB 56 -46.71 -69.61 63.31
C TYR GB 56 -45.59 -70.61 63.56
N SER GB 57 -45.96 -71.88 63.57
CA SER GB 57 -44.99 -72.94 63.80
C SER GB 57 -45.49 -74.20 63.11
N ILE GB 58 -44.57 -75.11 62.83
CA ILE GB 58 -44.87 -76.31 62.07
C ILE GB 58 -44.22 -77.49 62.75
N THR GB 59 -44.99 -78.51 63.08
CA THR GB 59 -44.46 -79.68 63.75
C THR GB 59 -44.83 -80.94 62.98
N VAL GB 60 -43.87 -81.86 62.88
CA VAL GB 60 -44.08 -83.14 62.22
C VAL GB 60 -43.85 -84.25 63.25
N ALA GB 61 -44.13 -85.47 62.84
CA ALA GB 61 -43.91 -86.60 63.72
C ALA GB 61 -42.42 -86.99 63.76
N GLU GB 62 -42.10 -87.89 64.68
CA GLU GB 62 -40.72 -88.33 64.89
C GLU GB 62 -40.25 -89.31 63.81
N PRO GB 63 -41.07 -90.26 63.31
CA PRO GB 63 -40.62 -90.98 62.11
C PRO GB 63 -40.58 -90.09 60.88
N ASP GB 64 -41.38 -89.03 60.82
CA ASP GB 64 -41.32 -88.13 59.68
C ASP GB 64 -40.36 -86.97 59.89
N PHE GB 65 -39.50 -87.04 60.89
CA PHE GB 65 -38.62 -85.91 61.13
C PHE GB 65 -37.37 -85.99 60.27
N THR GB 66 -36.81 -87.19 60.10
CA THR GB 66 -35.61 -87.33 59.30
C THR GB 66 -35.93 -87.08 57.84
N ALA GB 67 -37.13 -87.46 57.40
CA ALA GB 67 -37.49 -87.21 56.02
C ALA GB 67 -37.89 -85.76 55.83
N ALA GB 68 -38.42 -85.11 56.88
CA ALA GB 68 -38.87 -83.74 56.69
C ALA GB 68 -37.71 -82.76 56.64
N VAL GB 69 -36.61 -83.06 57.33
CA VAL GB 69 -35.46 -82.16 57.22
C VAL GB 69 -34.81 -82.27 55.84
N TYR GB 70 -34.94 -83.43 55.19
CA TYR GB 70 -34.37 -83.56 53.85
C TYR GB 70 -35.12 -82.75 52.81
N TRP GB 71 -36.43 -82.58 52.96
CA TRP GB 71 -37.13 -81.74 52.00
C TRP GB 71 -37.09 -80.29 52.38
N ILE GB 72 -36.81 -79.96 53.64
CA ILE GB 72 -36.55 -78.57 53.99
C ILE GB 72 -35.23 -78.12 53.35
N LYS GB 73 -34.22 -79.01 53.41
CA LYS GB 73 -32.92 -78.68 52.83
C LYS GB 73 -33.01 -78.65 51.32
N THR GB 74 -33.83 -79.51 50.73
CA THR GB 74 -33.88 -79.59 49.28
C THR GB 74 -34.62 -78.39 48.71
N TYR GB 75 -35.82 -78.11 49.21
CA TYR GB 75 -36.60 -77.04 48.62
C TYR GB 75 -36.25 -75.65 49.17
N GLN GB 76 -35.21 -75.53 50.01
CA GLN GB 76 -34.76 -74.24 50.59
C GLN GB 76 -35.88 -73.52 51.35
N LEU GB 77 -36.70 -74.27 52.05
CA LEU GB 77 -37.76 -73.68 52.83
C LEU GB 77 -37.21 -73.12 54.14
N PRO GB 78 -37.81 -72.04 54.67
CA PRO GB 78 -38.95 -71.21 54.27
C PRO GB 78 -38.65 -70.24 53.13
N PRO GB 79 -39.65 -69.86 52.34
CA PRO GB 79 -39.40 -69.04 51.15
C PRO GB 79 -39.08 -67.60 51.50
N ARG GB 80 -38.10 -67.04 50.80
CA ARG GB 80 -37.80 -65.63 50.90
C ARG GB 80 -38.91 -64.81 50.26
N PRO GB 81 -39.10 -63.56 50.68
CA PRO GB 81 -40.07 -62.70 50.00
C PRO GB 81 -39.61 -62.30 48.61
N ARG GB 82 -40.57 -62.19 47.70
CA ARG GB 82 -40.27 -61.94 46.30
C ARG GB 82 -39.82 -60.50 46.10
N VAL GB 83 -38.69 -60.33 45.43
CA VAL GB 83 -38.04 -59.03 45.31
C VAL GB 83 -38.49 -58.33 44.04
N GLU GB 84 -38.79 -57.05 44.17
CA GLU GB 84 -39.07 -56.20 43.03
C GLU GB 84 -38.00 -55.11 42.93
N ILE GB 85 -37.87 -54.55 41.73
CA ILE GB 85 -36.84 -53.56 41.48
C ILE GB 85 -37.19 -52.21 42.11
N ALA GB 86 -38.45 -51.95 42.41
CA ALA GB 86 -38.84 -50.70 43.04
C ALA GB 86 -38.66 -50.71 44.54
N GLN GB 87 -38.02 -51.72 45.12
CA GLN GB 87 -37.70 -51.71 46.54
C GLN GB 87 -36.32 -51.15 46.82
N MET GB 88 -35.39 -51.30 45.87
CA MET GB 88 -34.05 -50.76 46.02
C MET GB 88 -34.02 -49.25 45.85
N PHE GB 89 -35.06 -48.68 45.26
CA PHE GB 89 -35.18 -47.23 45.07
C PHE GB 89 -36.52 -46.81 45.65
N PRO GB 90 -36.60 -46.61 46.96
CA PRO GB 90 -37.88 -46.30 47.58
C PRO GB 90 -38.34 -44.89 47.27
N ALA GB 91 -39.65 -44.69 47.30
CA ALA GB 91 -40.24 -43.41 46.93
C ALA GB 91 -40.05 -42.35 48.00
N ASP GB 92 -39.77 -42.75 49.24
CA ASP GB 92 -39.64 -41.82 50.35
C ASP GB 92 -38.17 -41.51 50.65
N SER GB 93 -37.34 -41.46 49.61
CA SER GB 93 -35.96 -41.06 49.76
C SER GB 93 -35.82 -39.57 49.49
N LEU GB 94 -34.64 -39.04 49.80
CA LEU GB 94 -34.38 -37.62 49.58
C LEU GB 94 -34.04 -37.35 48.12
N VAL GB 95 -33.01 -38.01 47.61
CA VAL GB 95 -32.60 -37.85 46.21
C VAL GB 95 -33.50 -38.73 45.33
N SER GB 96 -33.80 -38.23 44.13
CA SER GB 96 -34.53 -39.02 43.13
C SER GB 96 -33.86 -38.78 41.79
N SER GB 97 -32.88 -39.63 41.47
CA SER GB 97 -32.15 -39.53 40.23
C SER GB 97 -33.02 -40.03 39.07
N PRO GB 98 -32.70 -39.62 37.84
CA PRO GB 98 -33.45 -40.16 36.69
C PRO GB 98 -33.27 -41.64 36.48
N ARG GB 99 -32.14 -42.21 36.92
CA ARG GB 99 -31.99 -43.65 36.88
C ARG GB 99 -32.87 -44.32 37.92
N ALA GB 100 -33.10 -43.64 39.03
CA ALA GB 100 -33.97 -44.17 40.07
C ALA GB 100 -35.41 -43.78 39.84
N GLU GB 101 -35.70 -43.12 38.73
CA GLU GB 101 -37.07 -42.84 38.34
C GLU GB 101 -37.50 -43.75 37.20
N LYS GB 102 -36.61 -43.99 36.23
CA LYS GB 102 -36.94 -44.97 35.20
C LYS GB 102 -36.85 -46.41 35.71
N ALA GB 103 -36.07 -46.65 36.76
CA ALA GB 103 -36.07 -47.98 37.36
C ALA GB 103 -37.29 -48.22 38.22
N ARG GB 104 -37.97 -47.16 38.65
CA ARG GB 104 -39.20 -47.31 39.40
C ARG GB 104 -40.41 -47.31 38.50
N LEU GB 105 -40.31 -46.72 37.31
CA LEU GB 105 -41.41 -46.80 36.34
C LEU GB 105 -41.48 -48.18 35.70
N TYR GB 106 -40.32 -48.70 35.28
CA TYR GB 106 -40.32 -50.00 34.60
C TYR GB 106 -40.66 -51.15 35.52
N SER GB 107 -40.56 -50.97 36.84
CA SER GB 107 -40.92 -52.07 37.73
C SER GB 107 -42.42 -52.15 37.93
N ALA GB 108 -43.11 -51.01 37.90
CA ALA GB 108 -44.55 -51.06 38.02
C ALA GB 108 -45.20 -51.45 36.71
N ILE GB 109 -44.45 -51.35 35.60
CA ILE GB 109 -45.05 -51.80 34.35
C ILE GB 109 -45.06 -53.32 34.32
N GLU GB 110 -43.96 -53.96 34.71
CA GLU GB 110 -43.94 -55.42 34.73
C GLU GB 110 -44.72 -56.00 35.92
N GLN GB 111 -45.06 -55.19 36.91
CA GLN GB 111 -46.01 -55.67 37.91
C GLN GB 111 -47.45 -55.52 37.45
N ARG GB 112 -47.72 -54.64 36.49
CA ARG GB 112 -49.10 -54.48 36.01
C ARG GB 112 -49.40 -55.41 34.84
N LEU GB 113 -48.41 -55.67 33.98
CA LEU GB 113 -48.58 -56.63 32.91
C LEU GB 113 -48.75 -58.06 33.40
N GLU GB 114 -48.22 -58.39 34.57
CA GLU GB 114 -48.41 -59.73 35.12
C GLU GB 114 -49.83 -59.90 35.64
N GLN GB 115 -50.38 -58.85 36.25
CA GLN GB 115 -51.74 -58.93 36.73
C GLN GB 115 -52.72 -58.88 35.59
N SER GB 116 -52.33 -58.33 34.44
CA SER GB 116 -53.20 -58.43 33.29
C SER GB 116 -53.05 -59.76 32.58
N LEU GB 117 -51.92 -60.45 32.77
CA LEU GB 117 -51.77 -61.78 32.20
C LEU GB 117 -52.53 -62.83 32.99
N GLN GB 118 -52.78 -62.58 34.26
CA GLN GB 118 -53.55 -63.56 35.04
C GLN GB 118 -55.03 -63.52 34.74
N THR GB 119 -55.52 -62.52 34.01
CA THR GB 119 -56.92 -62.39 33.71
C THR GB 119 -57.26 -62.98 32.33
N MET GB 120 -56.37 -63.77 31.75
CA MET GB 120 -56.75 -64.42 30.52
C MET GB 120 -57.55 -65.69 30.83
N GLU GB 121 -57.96 -66.41 29.79
CA GLU GB 121 -58.83 -67.58 29.98
C GLU GB 121 -57.96 -68.82 30.16
N GLY GB 122 -57.81 -69.26 31.41
CA GLY GB 122 -57.11 -70.49 31.69
C GLY GB 122 -55.70 -70.36 32.20
N VAL GB 123 -55.29 -69.17 32.64
CA VAL GB 123 -53.95 -68.91 33.13
C VAL GB 123 -54.02 -68.89 34.65
N LEU GB 124 -53.11 -69.61 35.30
CA LEU GB 124 -53.07 -69.65 36.75
C LEU GB 124 -52.00 -68.72 37.33
N SER GB 125 -50.82 -68.67 36.73
CA SER GB 125 -49.76 -67.79 37.22
C SER GB 125 -48.95 -67.31 36.02
N ALA GB 126 -48.24 -66.19 36.21
CA ALA GB 126 -47.42 -65.61 35.16
C ALA GB 126 -46.35 -64.73 35.78
N ARG GB 127 -45.25 -64.55 35.05
CA ARG GB 127 -44.16 -63.66 35.45
C ARG GB 127 -43.55 -62.98 34.23
N VAL GB 128 -43.41 -61.66 34.28
CA VAL GB 128 -42.93 -60.85 33.15
C VAL GB 128 -41.64 -60.12 33.53
N HIS GB 129 -40.70 -60.06 32.58
CA HIS GB 129 -39.40 -59.40 32.73
C HIS GB 129 -39.18 -58.42 31.59
N ILE GB 130 -39.01 -57.13 31.92
CA ILE GB 130 -38.70 -56.07 30.97
C ILE GB 130 -37.19 -55.82 30.97
N SER GB 131 -36.61 -55.53 29.81
CA SER GB 131 -35.18 -55.24 29.72
C SER GB 131 -34.93 -53.82 30.23
N TYR GB 132 -34.27 -53.71 31.37
CA TYR GB 132 -33.96 -52.41 31.99
C TYR GB 132 -32.78 -51.75 31.28
N ASP GB 133 -32.93 -50.47 30.96
CA ASP GB 133 -31.84 -49.70 30.37
C ASP GB 133 -31.42 -48.57 31.30
N ILE GB 134 -30.12 -48.39 31.43
CA ILE GB 134 -29.56 -47.57 32.49
C ILE GB 134 -28.73 -46.40 31.95
N ASP GB 135 -27.68 -46.70 31.19
CA ASP GB 135 -26.83 -45.67 30.62
C ASP GB 135 -27.25 -45.30 29.21
N ALA GB 136 -28.40 -45.79 28.76
CA ALA GB 136 -28.86 -45.52 27.40
C ALA GB 136 -29.36 -44.10 27.22
N GLY GB 137 -29.73 -43.44 28.31
CA GLY GB 137 -30.27 -42.09 28.23
C GLY GB 137 -29.23 -41.00 28.38
N GLU GB 138 -28.28 -41.19 29.29
CA GLU GB 138 -27.35 -40.11 29.63
C GLU GB 138 -26.25 -39.91 28.59
N ASN GB 139 -25.93 -40.91 27.79
CA ASN GB 139 -24.99 -40.69 26.70
C ASN GB 139 -25.70 -40.06 25.50
N GLY GB 140 -24.91 -39.73 24.49
CA GLY GB 140 -25.45 -39.23 23.23
C GLY GB 140 -26.17 -40.30 22.43
N ARG GB 141 -25.89 -41.57 22.69
CA ARG GB 141 -26.48 -42.65 21.92
C ARG GB 141 -27.97 -42.79 22.22
N PRO GB 142 -28.78 -43.13 21.23
CA PRO GB 142 -30.20 -43.36 21.47
C PRO GB 142 -30.41 -44.65 22.24
N PRO GB 143 -31.53 -44.79 22.96
CA PRO GB 143 -31.78 -46.03 23.70
C PRO GB 143 -32.10 -47.17 22.76
N LYS GB 144 -31.79 -48.39 23.21
CA LYS GB 144 -31.95 -49.58 22.40
C LYS GB 144 -33.41 -50.00 22.38
N PRO GB 145 -33.73 -51.09 21.66
CA PRO GB 145 -35.09 -51.60 21.68
C PRO GB 145 -35.40 -52.28 23.01
N VAL GB 146 -36.66 -52.62 23.19
CA VAL GB 146 -37.15 -53.22 24.42
C VAL GB 146 -37.32 -54.71 24.22
N HIS GB 147 -36.82 -55.50 25.17
CA HIS GB 147 -36.94 -56.95 25.16
C HIS GB 147 -37.80 -57.39 26.34
N LEU GB 148 -38.68 -58.36 26.11
CA LEU GB 148 -39.61 -58.85 27.11
C LEU GB 148 -39.49 -60.35 27.24
N SER GB 149 -39.89 -60.88 28.40
CA SER GB 149 -39.90 -62.32 28.58
C SER GB 149 -40.96 -62.72 29.59
N ALA GB 150 -41.61 -63.86 29.38
CA ALA GB 150 -42.73 -64.21 30.23
C ALA GB 150 -42.82 -65.71 30.45
N LEU GB 151 -43.15 -66.08 31.68
CA LEU GB 151 -43.49 -67.44 32.04
C LEU GB 151 -44.97 -67.52 32.39
N ALA GB 152 -45.54 -68.71 32.27
CA ALA GB 152 -46.96 -68.92 32.56
C ALA GB 152 -47.20 -70.36 32.95
N VAL GB 153 -48.22 -70.56 33.77
CA VAL GB 153 -48.66 -71.89 34.19
C VAL GB 153 -50.14 -72.02 33.84
N TYR GB 154 -50.44 -72.93 32.93
CA TYR GB 154 -51.79 -73.13 32.41
C TYR GB 154 -52.49 -74.29 33.09
N GLU GB 155 -53.81 -74.27 33.03
CA GLU GB 155 -54.62 -75.39 33.50
C GLU GB 155 -54.58 -76.50 32.46
N ARG GB 156 -54.51 -77.74 32.93
CA ARG GB 156 -54.36 -78.88 32.04
C ARG GB 156 -55.65 -79.15 31.29
N GLY GB 157 -55.52 -79.84 30.16
CA GLY GB 157 -56.61 -80.04 29.22
C GLY GB 157 -56.68 -79.02 28.11
N SER GB 158 -55.88 -77.97 28.16
CA SER GB 158 -55.88 -76.93 27.15
C SER GB 158 -54.77 -77.17 26.13
N PRO GB 159 -55.03 -76.91 24.85
CA PRO GB 159 -53.98 -77.10 23.84
C PRO GB 159 -52.94 -75.99 23.91
N LEU GB 160 -51.96 -76.17 24.81
CA LEU GB 160 -51.05 -75.11 25.24
C LEU GB 160 -50.08 -74.65 24.15
N ALA GB 161 -50.03 -75.33 23.00
CA ALA GB 161 -49.19 -74.85 21.92
C ALA GB 161 -49.81 -73.65 21.20
N HIS GB 162 -51.12 -73.48 21.27
CA HIS GB 162 -51.80 -72.44 20.52
C HIS GB 162 -51.99 -71.15 21.30
N GLN GB 163 -51.93 -71.20 22.63
CA GLN GB 163 -52.03 -69.97 23.41
C GLN GB 163 -50.71 -69.21 23.52
N ILE GB 164 -49.68 -69.64 22.79
CA ILE GB 164 -48.42 -68.92 22.76
C ILE GB 164 -48.45 -67.80 21.74
N SER GB 165 -49.47 -67.74 20.89
CA SER GB 165 -49.63 -66.67 19.93
C SER GB 165 -50.64 -65.63 20.35
N ASP GB 166 -51.18 -65.73 21.56
CA ASP GB 166 -52.01 -64.67 22.13
C ASP GB 166 -51.28 -63.85 23.18
N ILE GB 167 -50.36 -64.47 23.91
CA ILE GB 167 -49.50 -63.69 24.79
C ILE GB 167 -48.53 -62.87 23.97
N LYS GB 168 -48.08 -63.41 22.84
CA LYS GB 168 -47.18 -62.67 21.97
C LYS GB 168 -47.90 -61.55 21.24
N ARG GB 169 -49.21 -61.64 21.10
CA ARG GB 169 -49.97 -60.57 20.49
C ARG GB 169 -50.37 -59.52 21.51
N PHE GB 170 -50.64 -59.93 22.75
CA PHE GB 170 -51.01 -58.96 23.78
C PHE GB 170 -49.80 -58.17 24.25
N LEU GB 171 -48.63 -58.80 24.31
CA LEU GB 171 -47.43 -58.12 24.78
C LEU GB 171 -46.74 -57.30 23.70
N LYS GB 172 -47.12 -57.45 22.43
CA LYS GB 172 -46.33 -56.85 21.36
C LYS GB 172 -46.52 -55.34 21.28
N ASN GB 173 -47.76 -54.87 21.13
CA ASN GB 173 -48.01 -53.44 21.01
C ASN GB 173 -48.51 -52.84 22.32
N SER GB 174 -47.94 -53.28 23.44
CA SER GB 174 -48.05 -52.60 24.72
C SER GB 174 -46.80 -51.81 25.05
N PHE GB 175 -45.89 -51.64 24.09
CA PHE GB 175 -44.66 -50.89 24.30
C PHE GB 175 -44.37 -50.08 23.03
N ALA GB 176 -43.18 -49.50 22.97
CA ALA GB 176 -42.86 -48.57 21.89
C ALA GB 176 -42.66 -49.30 20.57
N ASP GB 177 -41.62 -50.13 20.48
CA ASP GB 177 -41.38 -50.94 19.28
C ASP GB 177 -40.62 -52.20 19.65
N VAL GB 178 -41.33 -53.34 19.65
CA VAL GB 178 -40.69 -54.63 19.81
C VAL GB 178 -40.99 -55.48 18.60
N ASP GB 179 -40.16 -56.48 18.36
CA ASP GB 179 -40.40 -57.42 17.28
C ASP GB 179 -40.86 -58.74 17.88
N TYR GB 180 -41.36 -59.63 17.03
CA TYR GB 180 -41.78 -60.94 17.52
C TYR GB 180 -40.61 -61.85 17.85
N ASP GB 181 -39.42 -61.57 17.34
CA ASP GB 181 -38.26 -62.36 17.71
C ASP GB 181 -37.66 -61.95 19.04
N ASN GB 182 -38.10 -60.84 19.62
CA ASN GB 182 -37.58 -60.33 20.88
C ASN GB 182 -38.51 -60.61 22.05
N ILE GB 183 -39.58 -61.37 21.85
CA ILE GB 183 -40.46 -61.79 22.93
C ILE GB 183 -40.36 -63.31 23.04
N SER GB 184 -40.20 -63.80 24.27
CA SER GB 184 -40.08 -65.22 24.51
C SER GB 184 -41.08 -65.63 25.57
N VAL GB 185 -41.95 -66.58 25.22
CA VAL GB 185 -42.97 -67.10 26.11
C VAL GB 185 -42.61 -68.55 26.41
N VAL GB 186 -42.50 -68.89 27.68
CA VAL GB 186 -42.22 -70.26 28.11
C VAL GB 186 -43.33 -70.64 29.08
N LEU GB 187 -44.24 -71.49 28.65
CA LEU GB 187 -45.40 -71.81 29.46
C LEU GB 187 -45.53 -73.31 29.63
N SER GB 188 -46.27 -73.71 30.66
CA SER GB 188 -46.33 -75.12 30.99
C SER GB 188 -47.59 -75.44 31.77
N GLU GB 189 -48.10 -76.66 31.57
CA GLU GB 189 -49.29 -77.08 32.29
C GLU GB 189 -48.95 -77.34 33.75
N ARG GB 190 -49.97 -77.31 34.59
CA ARG GB 190 -49.75 -77.46 36.02
C ARG GB 190 -49.54 -78.94 36.38
N SER GB 191 -49.11 -79.16 37.62
CA SER GB 191 -48.80 -80.49 38.08
C SER GB 191 -50.09 -81.25 38.41
N ASP GB 192 -49.95 -82.49 38.84
CA ASP GB 192 -51.09 -83.30 39.18
C ASP GB 192 -51.68 -82.86 40.51
N ALA GB 193 -53.00 -83.02 40.64
CA ALA GB 193 -53.70 -82.53 41.81
C ALA GB 193 -53.50 -83.46 43.00
N GLN GB 194 -53.30 -82.86 44.17
CA GLN GB 194 -53.14 -83.60 45.42
C GLN GB 194 -54.37 -83.38 46.27
N LEU GB 195 -55.21 -84.41 46.39
CA LEU GB 195 -56.49 -84.28 47.05
C LEU GB 195 -56.69 -85.17 48.27
N GLN GB 196 -55.87 -86.20 48.45
CA GLN GB 196 -56.08 -87.13 49.55
C GLN GB 196 -55.14 -86.83 50.70
N ALA GB 197 -55.51 -87.34 51.88
CA ALA GB 197 -54.74 -87.10 53.08
C ALA GB 197 -53.46 -87.94 53.09
N PRO GB 198 -52.41 -87.46 53.77
CA PRO GB 198 -51.17 -88.24 53.87
C PRO GB 198 -51.33 -89.55 54.62
N GLY GB 199 -51.81 -89.50 55.85
CA GLY GB 199 -51.93 -90.76 56.57
C GLY GB 199 -51.07 -90.74 57.82
N THR GB 200 -51.67 -91.13 58.92
CA THR GB 200 -50.98 -91.09 60.19
C THR GB 200 -50.02 -92.27 60.29
N PRO GB 201 -48.82 -92.05 60.82
CA PRO GB 201 -47.86 -93.16 60.95
C PRO GB 201 -48.23 -94.15 62.05
N VAL GB 202 -48.69 -95.32 61.66
CA VAL GB 202 -48.99 -96.35 62.65
C VAL GB 202 -47.68 -97.11 62.91
N LYS GB 203 -47.61 -97.76 64.07
CA LYS GB 203 -46.43 -98.56 64.39
C LYS GB 203 -46.84 -99.89 65.00
N GLY HB 32 35.06 66.21 28.94
CA GLY HB 32 35.12 65.71 27.58
C GLY HB 32 33.99 64.74 27.24
N SER HB 33 34.37 63.53 26.84
CA SER HB 33 33.38 62.51 26.52
C SER HB 33 33.75 61.20 27.18
N GLY HB 34 33.05 60.13 26.86
CA GLY HB 34 33.35 58.83 27.45
C GLY HB 34 32.10 57.99 27.55
N PHE HB 35 32.26 56.82 28.16
CA PHE HB 35 31.16 55.87 28.28
C PHE HB 35 31.42 54.97 29.48
N VAL HB 36 30.61 55.14 30.53
CA VAL HB 36 30.72 54.30 31.72
C VAL HB 36 29.93 53.02 31.44
N ALA HB 37 30.60 51.94 31.08
CA ALA HB 37 29.92 50.68 30.80
C ALA HB 37 29.82 49.85 32.05
N LYS HB 38 28.64 49.28 32.28
CA LYS HB 38 28.38 48.40 33.42
C LYS HB 38 27.70 47.15 32.87
N ASP HB 39 28.50 46.11 32.65
CA ASP HB 39 28.09 44.79 32.16
C ASP HB 39 27.43 44.86 30.78
N ASP HB 40 27.92 45.78 29.94
CA ASP HB 40 27.47 45.87 28.56
C ASP HB 40 28.08 44.75 27.74
N SER HB 41 27.55 44.53 26.54
CA SER HB 41 27.81 43.28 25.84
C SER HB 41 28.30 43.50 24.42
N LEU HB 42 29.17 44.48 24.21
CA LEU HB 42 30.00 44.64 23.00
C LEU HB 42 29.24 44.95 21.72
N ARG HB 43 27.92 44.95 21.75
CA ARG HB 43 27.11 45.48 20.67
C ARG HB 43 26.52 46.82 21.05
N THR HB 44 26.14 46.97 22.31
CA THR HB 44 25.78 48.26 22.87
C THR HB 44 26.99 49.06 23.30
N PHE HB 45 28.20 48.51 23.20
CA PHE HB 45 29.40 49.27 23.53
C PHE HB 45 30.04 49.93 22.33
N PHE HB 46 30.11 49.26 21.19
CA PHE HB 46 30.77 49.85 20.03
C PHE HB 46 29.86 50.83 19.31
N ASP HB 47 28.56 50.77 19.56
CA ASP HB 47 27.70 51.82 19.04
C ASP HB 47 27.89 53.11 19.82
N ALA HB 48 28.36 53.01 21.07
CA ALA HB 48 28.68 54.22 21.80
C ALA HB 48 29.95 54.87 21.26
N MET HB 49 30.85 54.08 20.66
CA MET HB 49 32.04 54.64 20.02
C MET HB 49 31.80 54.98 18.56
N ALA HB 50 30.59 54.72 18.07
CA ALA HB 50 30.24 54.94 16.68
C ALA HB 50 29.87 56.38 16.37
N LEU HB 51 30.10 57.30 17.29
CA LEU HB 51 29.96 58.73 17.02
C LEU HB 51 31.29 59.43 16.99
N GLN HB 52 32.24 59.00 17.84
CA GLN HB 52 33.59 59.52 17.75
C GLN HB 52 34.29 58.95 16.52
N LEU HB 53 34.17 57.65 16.28
CA LEU HB 53 34.34 57.19 14.91
C LEU HB 53 33.16 57.66 14.09
N LYS HB 54 33.41 58.17 12.88
CA LYS HB 54 32.32 58.74 12.10
C LYS HB 54 31.69 57.74 11.14
N GLU HB 55 31.80 56.44 11.42
CA GLU HB 55 31.24 55.40 10.58
C GLU HB 55 30.38 54.47 11.43
N PRO HB 56 29.33 53.89 10.86
CA PRO HB 56 28.55 52.90 11.63
C PRO HB 56 29.30 51.60 11.80
N VAL HB 57 29.10 50.99 12.97
CA VAL HB 57 29.83 49.80 13.40
C VAL HB 57 28.87 48.62 13.41
N ILE HB 58 29.28 47.53 12.75
CA ILE HB 58 28.50 46.29 12.66
C ILE HB 58 29.25 45.20 13.39
N VAL HB 59 28.63 44.66 14.43
CA VAL HB 59 29.22 43.61 15.26
C VAL HB 59 28.50 42.31 14.94
N SER HB 60 29.27 41.23 14.86
CA SER HB 60 28.73 39.93 14.47
C SER HB 60 28.02 39.28 15.65
N LYS HB 61 27.65 38.01 15.49
CA LYS HB 61 26.89 37.32 16.52
C LYS HB 61 27.79 36.63 17.54
N MET HB 62 28.94 36.12 17.12
CA MET HB 62 29.84 35.45 18.04
C MET HB 62 30.62 36.45 18.88
N ALA HB 63 30.86 37.65 18.35
CA ALA HB 63 31.58 38.67 19.08
C ALA HB 63 30.67 39.53 19.95
N ALA HB 64 29.38 39.22 20.02
CA ALA HB 64 28.45 39.95 20.86
C ALA HB 64 28.11 39.21 22.14
N ARG HB 65 28.76 38.07 22.39
CA ARG HB 65 28.58 37.36 23.65
C ARG HB 65 29.55 37.81 24.72
N LYS HB 66 30.70 38.37 24.35
CA LYS HB 66 31.65 38.85 25.33
C LYS HB 66 31.15 40.16 25.91
N LYS HB 67 31.49 40.39 27.17
CA LYS HB 67 31.02 41.55 27.91
C LYS HB 67 32.19 42.36 28.40
N ILE HB 68 31.94 43.61 28.78
CA ILE HB 68 33.01 44.52 29.20
C ILE HB 68 32.42 45.55 30.15
N THR HB 69 33.19 45.94 31.17
CA THR HB 69 32.81 46.99 32.11
C THR HB 69 33.92 48.02 32.17
N GLY HB 70 33.68 49.07 32.94
CA GLY HB 70 34.69 50.08 33.17
C GLY HB 70 34.28 51.44 32.63
N ASN HB 71 35.09 52.43 32.97
CA ASN HB 71 34.91 53.79 32.49
C ASN HB 71 35.87 54.07 31.35
N PHE HB 72 35.35 54.29 30.14
CA PHE HB 72 36.22 54.54 29.01
C PHE HB 72 36.09 56.00 28.58
N GLU HB 73 37.10 56.46 27.86
CA GLU HB 73 37.19 57.87 27.44
C GLU HB 73 37.60 57.87 25.99
N PHE HB 74 36.75 58.44 25.15
CA PHE HB 74 36.98 58.48 23.71
C PHE HB 74 37.55 59.85 23.32
N HIS HB 75 38.83 59.87 22.97
CA HIS HB 75 39.41 61.08 22.39
C HIS HB 75 40.21 60.74 21.14
N ASP HB 76 40.68 59.50 21.04
CA ASP HB 76 41.20 58.96 19.80
C ASP HB 76 40.75 57.50 19.69
N PRO HB 77 39.74 57.23 18.89
CA PRO HB 77 39.15 55.89 18.89
C PRO HB 77 39.92 54.88 18.06
N ASN HB 78 40.61 55.36 17.03
CA ASN HB 78 41.34 54.45 16.15
C ASN HB 78 42.60 53.91 16.79
N ALA HB 79 43.10 54.57 17.84
CA ALA HB 79 44.19 54.02 18.63
C ALA HB 79 43.72 53.15 19.79
N LEU HB 80 42.45 53.26 20.19
CA LEU HB 80 41.90 52.44 21.25
C LEU HB 80 41.29 51.15 20.74
N LEU HB 81 40.68 51.17 19.56
CA LEU HB 81 40.08 49.96 18.99
C LEU HB 81 41.15 48.99 18.53
N GLU HB 82 42.32 49.49 18.17
CA GLU HB 82 43.42 48.61 17.80
C GLU HB 82 43.94 47.86 19.03
N LYS HB 83 44.02 48.53 20.16
CA LYS HB 83 44.52 47.88 21.37
C LYS HB 83 43.46 46.96 21.97
N LEU HB 84 42.18 47.36 21.91
CA LEU HB 84 41.15 46.53 22.50
C LEU HB 84 40.78 45.34 21.62
N SER HB 85 41.14 45.36 20.33
CA SER HB 85 40.86 44.19 19.51
C SER HB 85 41.89 43.11 19.69
N LEU HB 86 42.96 43.40 20.44
CA LEU HB 86 43.99 42.44 20.78
C LEU HB 86 43.86 41.99 22.22
N GLN HB 87 43.46 42.90 23.12
CA GLN HB 87 43.24 42.45 24.48
C GLN HB 87 41.98 41.60 24.61
N LEU HB 88 40.97 41.86 23.77
CA LEU HB 88 39.77 41.03 23.84
C LEU HB 88 39.83 39.82 22.92
N GLY HB 89 40.37 40.01 21.73
CA GLY HB 89 40.50 38.97 20.74
C GLY HB 89 39.39 39.15 19.74
N LEU HB 90 39.70 39.86 18.66
CA LEU HB 90 38.73 40.32 17.68
C LEU HB 90 39.50 40.65 16.41
N ILE HB 91 38.77 40.72 15.30
CA ILE HB 91 39.32 41.23 14.06
C ILE HB 91 38.32 42.24 13.52
N TRP HB 92 38.83 43.26 12.85
CA TRP HB 92 37.96 44.31 12.35
C TRP HB 92 38.42 44.72 10.97
N TYR HB 93 37.54 45.45 10.28
CA TYR HB 93 37.82 45.83 8.91
C TYR HB 93 36.98 47.04 8.53
N PHE HB 94 37.59 47.99 7.82
CA PHE HB 94 36.91 49.20 7.38
C PHE HB 94 37.00 49.26 5.87
N ASP HB 95 35.86 49.15 5.20
CA ASP HB 95 35.82 49.04 3.75
C ASP HB 95 35.54 50.35 3.05
N GLY HB 96 35.27 51.41 3.80
CA GLY HB 96 34.99 52.73 3.25
C GLY HB 96 33.64 53.28 3.63
N GLN HB 97 32.71 52.44 4.06
CA GLN HB 97 31.38 52.89 4.48
C GLN HB 97 30.97 52.41 5.86
N ALA HB 98 31.55 51.35 6.40
CA ALA HB 98 31.21 50.88 7.72
C ALA HB 98 32.42 50.17 8.32
N ILE HB 99 32.32 49.85 9.61
CA ILE HB 99 33.37 49.13 10.31
C ILE HB 99 32.79 47.82 10.79
N TYR HB 100 33.32 46.70 10.30
CA TYR HB 100 32.86 45.38 10.68
C TYR HB 100 33.77 44.82 11.77
N ILE HB 101 33.17 44.06 12.70
CA ILE HB 101 33.90 43.48 13.82
C ILE HB 101 33.47 42.04 14.01
N TYR HB 102 34.42 41.12 13.94
CA TYR HB 102 34.22 39.70 14.22
C TYR HB 102 35.16 39.31 15.35
N ASP HB 103 35.05 38.07 15.81
CA ASP HB 103 36.03 37.58 16.75
C ASP HB 103 37.07 36.76 15.99
N ALA HB 104 38.12 36.34 16.71
CA ALA HB 104 39.30 35.80 16.06
C ALA HB 104 39.07 34.44 15.44
N SER HB 105 38.12 33.67 15.95
CA SER HB 105 37.86 32.34 15.45
C SER HB 105 36.92 32.31 14.26
N GLU HB 106 36.72 33.44 13.60
CA GLU HB 106 35.87 33.53 12.42
C GLU HB 106 36.66 33.83 11.15
N MET HB 107 37.99 33.82 11.22
CA MET HB 107 38.82 34.12 10.08
C MET HB 107 38.80 32.98 9.07
N ARG HB 108 38.63 33.29 7.79
CA ARG HB 108 38.64 32.30 6.73
C ARG HB 108 39.70 32.65 5.71
N ASN HB 109 40.22 31.62 5.03
CA ASN HB 109 41.32 31.73 4.10
C ASN HB 109 40.91 31.31 2.69
N ALA HB 110 41.77 31.63 1.72
CA ALA HB 110 41.51 31.30 0.33
C ALA HB 110 42.80 31.32 -0.46
N VAL HB 111 42.92 30.39 -1.40
CA VAL HB 111 44.03 30.35 -2.37
C VAL HB 111 43.39 30.46 -3.73
N VAL HB 112 43.59 31.59 -4.40
CA VAL HB 112 42.92 31.80 -5.68
C VAL HB 112 43.95 32.07 -6.77
N SER HB 113 43.57 31.72 -8.00
CA SER HB 113 44.42 31.79 -9.17
C SER HB 113 43.80 32.68 -10.25
N LEU HB 114 44.68 33.32 -11.01
CA LEU HB 114 44.34 34.18 -12.13
C LEU HB 114 44.98 33.63 -13.39
N ARG HB 115 44.36 33.92 -14.53
CA ARG HB 115 44.80 33.33 -15.79
C ARG HB 115 45.56 34.31 -16.67
N ASN HB 116 45.10 35.56 -16.77
CA ASN HB 116 45.69 36.50 -17.70
C ASN HB 116 46.05 37.86 -17.10
N VAL HB 117 45.80 38.08 -15.81
CA VAL HB 117 46.30 39.25 -15.11
C VAL HB 117 47.17 38.79 -13.95
N SER HB 118 48.14 39.62 -13.59
CA SER HB 118 49.10 39.23 -12.56
C SER HB 118 48.70 39.84 -11.23
N LEU HB 119 49.58 39.71 -10.24
CA LEU HB 119 49.34 40.30 -8.93
C LEU HB 119 49.47 41.82 -8.94
N ASN HB 120 50.28 42.37 -9.85
CA ASN HB 120 50.46 43.83 -9.87
C ASN HB 120 49.24 44.57 -10.40
N GLU HB 121 48.45 43.92 -11.27
CA GLU HB 121 47.22 44.54 -11.73
C GLU HB 121 46.17 44.54 -10.63
N PHE HB 122 46.12 43.48 -9.83
CA PHE HB 122 45.10 43.41 -8.80
C PHE HB 122 45.48 44.28 -7.62
N ASN HB 123 46.77 44.37 -7.29
CA ASN HB 123 47.17 45.24 -6.21
C ASN HB 123 47.06 46.71 -6.61
N ASN HB 124 47.22 47.02 -7.90
CA ASN HB 124 46.98 48.40 -8.29
C ASN HB 124 45.50 48.71 -8.40
N PHE HB 125 44.66 47.70 -8.65
CA PHE HB 125 43.23 47.93 -8.63
C PHE HB 125 42.75 48.19 -7.22
N LEU HB 126 43.38 47.54 -6.23
CA LEU HB 126 42.94 47.75 -4.87
C LEU HB 126 43.45 49.09 -4.35
N LYS HB 127 44.65 49.50 -4.76
CA LYS HB 127 45.16 50.79 -4.28
C LYS HB 127 44.43 51.94 -4.94
N ARG HB 128 43.96 51.76 -6.18
CA ARG HB 128 43.24 52.85 -6.82
C ARG HB 128 41.78 52.89 -6.39
N SER HB 129 41.19 51.73 -6.07
CA SER HB 129 39.82 51.74 -5.58
C SER HB 129 39.73 52.22 -4.14
N GLY HB 130 40.73 51.92 -3.31
CA GLY HB 130 40.68 52.29 -1.92
C GLY HB 130 40.29 51.20 -0.95
N LEU HB 131 40.27 49.94 -1.40
CA LEU HB 131 39.95 48.81 -0.54
C LEU HB 131 41.20 48.09 -0.07
N TYR HB 132 42.37 48.66 -0.31
CA TYR HB 132 43.64 48.05 0.07
C TYR HB 132 43.85 48.18 1.58
N ASN HB 133 43.93 47.05 2.27
CA ASN HB 133 44.14 47.02 3.71
C ASN HB 133 45.59 46.61 3.96
N LYS HB 134 46.34 47.45 4.65
CA LYS HB 134 47.77 47.22 4.85
C LYS HB 134 48.07 46.19 5.91
N ASN HB 135 47.08 45.76 6.69
CA ASN HB 135 47.34 44.77 7.73
C ASN HB 135 47.11 43.35 7.25
N TYR HB 136 46.22 43.16 6.27
CA TYR HB 136 45.96 41.86 5.66
C TYR HB 136 46.26 41.95 4.17
N PRO HB 137 47.52 41.90 3.77
CA PRO HB 137 47.87 42.01 2.36
C PRO HB 137 47.74 40.65 1.67
N LEU HB 138 48.10 40.63 0.40
CA LEU HB 138 48.08 39.41 -0.39
C LEU HB 138 49.50 38.86 -0.48
N ARG HB 139 49.68 37.62 -0.05
CA ARG HB 139 50.97 36.96 -0.10
C ARG HB 139 51.04 36.12 -1.37
N GLY HB 140 52.09 36.32 -2.15
CA GLY HB 140 52.26 35.54 -3.36
C GLY HB 140 53.41 36.10 -4.16
N ASP HB 141 53.68 35.44 -5.28
CA ASP HB 141 54.71 35.92 -6.19
C ASP HB 141 54.19 37.17 -6.87
N ASN HB 142 55.09 38.11 -7.13
CA ASN HB 142 54.67 39.40 -7.64
C ASN HB 142 54.31 39.34 -9.12
N ARG HB 143 54.85 38.38 -9.85
CA ARG HB 143 54.50 38.18 -11.26
C ARG HB 143 54.14 36.71 -11.44
N LYS HB 144 52.89 36.39 -11.10
CA LYS HB 144 52.36 35.04 -11.22
C LYS HB 144 50.84 35.19 -11.21
N GLY HB 145 50.13 34.08 -11.15
CA GLY HB 145 48.69 34.13 -11.14
C GLY HB 145 48.05 33.77 -9.82
N THR HB 146 48.77 33.08 -8.94
CA THR HB 146 48.18 32.55 -7.72
C THR HB 146 48.64 33.38 -6.53
N PHE HB 147 47.74 33.53 -5.55
CA PHE HB 147 48.15 34.16 -4.30
C PHE HB 147 47.32 33.57 -3.16
N TYR HB 148 47.47 34.16 -1.97
CA TYR HB 148 46.89 33.63 -0.74
C TYR HB 148 46.30 34.77 0.07
N VAL HB 149 45.00 34.68 0.36
CA VAL HB 149 44.27 35.69 1.11
C VAL HB 149 43.85 35.09 2.44
N SER HB 150 43.92 35.88 3.50
CA SER HB 150 43.43 35.46 4.81
C SER HB 150 43.08 36.70 5.61
N GLY HB 151 41.83 36.79 6.05
CA GLY HB 151 41.37 37.92 6.81
C GLY HB 151 39.95 37.76 7.27
N PRO HB 152 39.25 38.87 7.49
CA PRO HB 152 37.84 38.81 7.86
C PRO HB 152 36.97 38.28 6.72
N PRO HB 153 35.81 37.69 7.05
CA PRO HB 153 34.98 37.07 6.01
C PRO HB 153 34.31 38.05 5.07
N VAL HB 154 34.28 39.35 5.37
CA VAL HB 154 33.75 40.29 4.38
C VAL HB 154 34.87 40.79 3.47
N TYR HB 155 36.13 40.62 3.88
CA TYR HB 155 37.25 41.00 3.04
C TYR HB 155 37.61 39.89 2.08
N VAL HB 156 37.55 38.63 2.54
CA VAL HB 156 37.92 37.53 1.67
C VAL HB 156 36.83 37.29 0.63
N ASP HB 157 35.56 37.53 0.99
CA ASP HB 157 34.47 37.34 0.05
C ASP HB 157 34.44 38.43 -1.02
N MET HB 158 35.15 39.52 -0.81
CA MET HB 158 35.27 40.55 -1.83
C MET HB 158 36.47 40.28 -2.71
N VAL HB 159 37.59 39.85 -2.12
CA VAL HB 159 38.81 39.63 -2.90
C VAL HB 159 38.66 38.41 -3.81
N VAL HB 160 37.99 37.36 -3.34
CA VAL HB 160 37.81 36.17 -4.18
C VAL HB 160 36.84 36.45 -5.32
N ASN HB 161 35.79 37.23 -5.05
CA ASN HB 161 34.82 37.52 -6.10
C ASN HB 161 35.39 38.49 -7.11
N ALA HB 162 36.12 39.50 -6.65
CA ALA HB 162 36.65 40.46 -7.60
C ALA HB 162 37.91 39.94 -8.28
N ALA HB 163 38.41 38.77 -7.89
CA ALA HB 163 39.53 38.21 -8.64
C ALA HB 163 39.06 37.18 -9.65
N THR HB 164 38.02 36.42 -9.35
CA THR HB 164 37.49 35.49 -10.34
C THR HB 164 36.47 36.10 -11.26
N MET HB 165 36.01 37.33 -11.01
CA MET HB 165 35.12 38.03 -11.90
C MET HB 165 35.81 39.11 -12.73
N MET HB 166 37.10 39.33 -12.52
CA MET HB 166 37.90 40.29 -13.28
C MET HB 166 38.72 39.65 -14.39
N ASP HB 167 39.32 38.48 -14.14
CA ASP HB 167 40.08 37.81 -15.18
C ASP HB 167 39.17 37.22 -16.24
N LYS HB 168 37.93 36.89 -15.89
CA LYS HB 168 36.98 36.40 -16.89
C LYS HB 168 36.46 37.51 -17.79
N GLN HB 169 36.65 38.77 -17.41
CA GLN HB 169 36.25 39.88 -18.26
C GLN HB 169 37.16 39.99 -19.47
N ASN HB 170 38.41 39.56 -19.35
CA ASN HB 170 39.35 39.65 -20.46
C ASN HB 170 39.39 38.34 -21.23
N LEU HB 175 42.35 32.20 -28.53
CA LEU HB 175 42.36 32.12 -29.99
C LEU HB 175 43.54 32.90 -30.55
N GLY HB 176 43.85 32.64 -31.83
CA GLY HB 176 44.94 33.33 -32.49
C GLY HB 176 44.49 34.15 -33.69
N ARG HB 177 44.91 35.41 -33.73
CA ARG HB 177 44.57 36.27 -34.85
C ARG HB 177 45.39 35.89 -36.07
N GLN HB 178 44.77 36.04 -37.25
CA GLN HB 178 45.49 35.80 -38.49
C GLN HB 178 46.45 36.94 -38.77
N LYS HB 179 47.44 36.66 -39.61
CA LYS HB 179 48.51 37.61 -39.90
C LYS HB 179 49.10 37.27 -41.26
N ILE HB 180 49.35 38.29 -42.07
CA ILE HB 180 49.92 38.11 -43.41
C ILE HB 180 51.36 38.61 -43.37
N GLY HB 181 52.29 37.75 -43.77
CA GLY HB 181 53.70 38.10 -43.82
C GLY HB 181 54.20 38.08 -45.26
N VAL HB 182 55.11 39.00 -45.56
CA VAL HB 182 55.72 39.13 -46.87
C VAL HB 182 57.20 38.86 -46.72
N MET HB 183 57.71 37.85 -47.44
CA MET HB 183 59.09 37.41 -47.31
C MET HB 183 59.77 37.54 -48.68
N ARG HB 184 60.65 38.53 -48.82
CA ARG HB 184 61.36 38.73 -50.07
C ARG HB 184 62.54 37.77 -50.17
N LEU HB 185 62.70 37.18 -51.34
CA LEU HB 185 63.79 36.24 -51.60
C LEU HB 185 64.90 36.95 -52.35
N ASN HB 186 66.13 36.82 -51.85
CA ASN HB 186 67.25 37.55 -52.41
C ASN HB 186 68.13 36.71 -53.32
N ASN HB 187 68.11 35.39 -53.20
CA ASN HB 187 69.06 34.54 -53.91
C ASN HB 187 68.40 33.44 -54.73
N THR HB 188 67.11 33.55 -55.01
CA THR HB 188 66.42 32.55 -55.81
C THR HB 188 65.21 33.17 -56.49
N PHE HB 189 64.53 32.37 -57.29
CA PHE HB 189 63.36 32.78 -58.05
C PHE HB 189 62.12 32.05 -57.55
N VAL HB 190 61.02 32.79 -57.39
CA VAL HB 190 59.70 32.18 -57.26
C VAL HB 190 59.21 31.83 -58.65
N GLY HB 191 58.42 30.77 -58.75
CA GLY HB 191 57.84 30.38 -60.01
C GLY HB 191 58.71 29.38 -60.76
N ASP HB 192 58.08 28.72 -61.72
CA ASP HB 192 58.69 27.62 -62.43
C ASP HB 192 59.54 28.11 -63.58
N ARG HB 193 60.53 27.30 -63.96
CA ARG HB 193 61.39 27.55 -65.09
C ARG HB 193 61.10 26.52 -66.17
N THR HB 194 61.09 26.95 -67.43
CA THR HB 194 60.73 26.10 -68.54
C THR HB 194 61.80 26.18 -69.63
N TYR HB 195 62.13 25.03 -70.21
CA TYR HB 195 63.03 24.94 -71.35
C TYR HB 195 62.57 23.79 -72.24
N ASN HB 196 63.24 23.61 -73.38
CA ASN HB 196 62.84 22.63 -74.38
C ASN HB 196 64.01 21.80 -74.84
N LEU HB 197 63.75 20.52 -75.16
CA LEU HB 197 64.72 19.69 -75.88
C LEU HB 197 64.04 19.27 -77.20
N ARG HB 198 64.04 20.21 -78.14
CA ARG HB 198 63.72 20.06 -79.56
C ARG HB 198 62.28 19.69 -79.90
N ASP HB 199 61.53 19.10 -78.96
CA ASP HB 199 60.09 18.92 -79.16
C ASP HB 199 59.31 19.03 -77.85
N GLN HB 200 59.95 18.73 -76.74
CA GLN HB 200 59.26 18.50 -75.47
C GLN HB 200 59.64 19.56 -74.46
N LYS HB 201 58.69 19.87 -73.58
CA LYS HB 201 58.85 20.93 -72.60
C LYS HB 201 59.12 20.32 -71.23
N MET HB 202 60.11 20.86 -70.52
CA MET HB 202 60.41 20.45 -69.16
C MET HB 202 60.12 21.59 -68.22
N VAL HB 203 59.44 21.29 -67.11
CA VAL HB 203 59.04 22.29 -66.12
C VAL HB 203 59.65 21.89 -64.79
N ILE HB 204 60.36 22.82 -64.16
CA ILE HB 204 61.00 22.60 -62.88
C ILE HB 204 60.22 23.37 -61.83
N PRO HB 205 59.77 22.72 -60.74
CA PRO HB 205 59.00 23.44 -59.73
C PRO HB 205 59.87 24.36 -58.89
N GLY HB 206 59.36 25.54 -58.61
CA GLY HB 206 60.08 26.56 -57.86
C GLY HB 206 59.93 26.37 -56.37
N ILE HB 207 60.18 27.46 -55.63
CA ILE HB 207 60.07 27.42 -54.18
C ILE HB 207 58.62 27.54 -53.73
N ALA HB 208 57.74 28.09 -54.56
CA ALA HB 208 56.37 28.30 -54.14
C ALA HB 208 55.49 27.08 -54.40
N THR HB 209 55.97 26.13 -55.19
CA THR HB 209 55.27 24.88 -55.41
C THR HB 209 55.74 23.80 -54.46
N ALA HB 210 56.98 23.90 -53.99
CA ALA HB 210 57.51 22.90 -53.07
C ALA HB 210 56.93 23.04 -51.67
N ILE HB 211 56.79 24.26 -51.18
CA ILE HB 211 56.22 24.45 -49.84
C ILE HB 211 54.70 24.33 -49.88
N GLU HB 212 54.08 24.56 -51.04
CA GLU HB 212 52.63 24.42 -51.13
C GLU HB 212 52.22 22.96 -51.09
N ARG HB 213 53.04 22.07 -51.68
CA ARG HB 213 52.77 20.64 -51.60
C ARG HB 213 53.17 20.05 -50.26
N LEU HB 214 54.02 20.74 -49.50
CA LEU HB 214 54.40 20.24 -48.19
C LEU HB 214 53.30 20.45 -47.17
N LEU HB 215 52.52 21.53 -47.33
CA LEU HB 215 51.46 21.89 -46.40
C LEU HB 215 50.08 21.51 -46.95
N GLN HB 216 50.04 20.55 -47.86
CA GLN HB 216 48.79 20.15 -48.49
C GLN HB 216 48.11 19.08 -47.65
N GLY HB 217 46.78 19.18 -47.51
CA GLY HB 217 46.06 18.33 -46.59
C GLY HB 217 46.42 18.70 -45.17
N GLU HB 218 47.18 17.82 -44.50
CA GLU HB 218 47.97 18.13 -43.30
C GLU HB 218 47.12 18.63 -42.13
N GLU HB 219 46.27 17.75 -41.62
CA GLU HB 219 45.54 18.04 -40.40
C GLU HB 219 46.45 17.81 -39.19
N GLN HB 220 47.41 18.71 -38.98
CA GLN HB 220 48.45 18.52 -37.99
C GLN HB 220 48.61 19.76 -37.12
N PRO HB 221 48.81 19.60 -35.80
CA PRO HB 221 48.88 20.77 -34.91
C PRO HB 221 50.20 21.52 -35.00
N LEU HB 222 50.35 22.35 -36.04
CA LEU HB 222 51.57 23.13 -36.19
C LEU HB 222 51.50 24.41 -35.36
N GLY HB 223 52.58 24.66 -34.62
CA GLY HB 223 52.70 25.87 -33.83
C GLY HB 223 54.08 26.48 -33.91
N ALA HB 262 46.59 26.87 -34.64
CA ALA HB 262 45.58 26.05 -35.29
C ALA HB 262 46.19 24.79 -35.89
N ALA HB 263 45.83 24.49 -37.14
CA ALA HB 263 46.30 23.30 -37.83
C ALA HB 263 47.36 23.68 -38.84
N ALA HB 264 47.98 22.66 -39.46
CA ALA HB 264 48.95 22.92 -40.51
C ALA HB 264 48.27 23.00 -41.88
N GLY HB 265 46.98 22.68 -41.95
CA GLY HB 265 46.26 22.64 -43.20
C GLY HB 265 45.56 23.92 -43.60
N ASN HB 266 45.55 24.94 -42.74
CA ASN HB 266 44.93 26.21 -43.07
C ASN HB 266 45.93 27.31 -43.38
N ILE HB 267 47.19 26.95 -43.64
CA ILE HB 267 48.18 27.94 -44.08
C ILE HB 267 48.10 28.08 -45.59
N LYS HB 268 48.00 29.32 -46.07
CA LYS HB 268 47.92 29.61 -47.49
C LYS HB 268 49.23 30.28 -47.91
N ILE HB 269 49.83 29.76 -48.98
CA ILE HB 269 51.07 30.29 -49.53
C ILE HB 269 50.85 30.59 -51.00
N VAL HB 270 51.03 31.87 -51.38
CA VAL HB 270 50.77 32.34 -52.73
C VAL HB 270 52.00 33.11 -53.21
N ALA HB 271 52.48 32.74 -54.39
CA ALA HB 271 53.63 33.40 -55.01
C ALA HB 271 53.21 34.76 -55.56
N TYR HB 272 54.01 35.78 -55.28
CA TYR HB 272 53.80 37.10 -55.86
C TYR HB 272 55.04 37.46 -56.67
N PRO HB 273 55.08 37.20 -57.98
CA PRO HB 273 56.31 37.38 -58.74
C PRO HB 273 56.65 38.82 -59.06
N ASP HB 274 55.77 39.77 -58.78
CA ASP HB 274 56.00 41.14 -59.22
C ASP HB 274 57.04 41.83 -58.35
N THR HB 275 57.24 41.34 -57.12
CA THR HB 275 58.34 41.80 -56.27
C THR HB 275 59.19 40.65 -55.76
N ASN HB 276 59.00 39.44 -56.30
CA ASN HB 276 59.79 38.24 -55.99
C ASN HB 276 59.72 37.90 -54.49
N SER HB 277 58.52 37.60 -54.03
CA SER HB 277 58.30 37.39 -52.61
C SER HB 277 57.12 36.46 -52.41
N LEU HB 278 57.11 35.79 -51.26
CA LEU HB 278 56.05 34.88 -50.87
C LEU HB 278 55.03 35.60 -49.99
N LEU HB 279 53.79 35.15 -50.04
CA LEU HB 279 52.72 35.66 -49.20
C LEU HB 279 52.18 34.52 -48.35
N VAL HB 280 52.41 34.58 -47.05
CA VAL HB 280 51.98 33.54 -46.12
C VAL HB 280 50.89 34.11 -45.22
N LYS HB 281 49.78 33.38 -45.10
CA LYS HB 281 48.68 33.79 -44.24
C LYS HB 281 48.44 32.71 -43.20
N GLY HB 282 48.59 33.08 -41.94
CA GLY HB 282 48.35 32.14 -40.86
C GLY HB 282 48.36 32.87 -39.53
N THR HB 283 48.53 32.12 -38.45
CA THR HB 283 48.64 32.72 -37.14
C THR HB 283 50.01 33.36 -36.96
N ALA HB 284 50.23 33.99 -35.81
CA ALA HB 284 51.50 34.65 -35.55
C ALA HB 284 52.63 33.67 -35.27
N GLU HB 285 52.31 32.40 -35.01
CA GLU HB 285 53.33 31.38 -34.78
C GLU HB 285 53.62 30.57 -36.02
N GLN HB 286 52.67 30.45 -36.94
CA GLN HB 286 52.92 29.74 -38.19
C GLN HB 286 53.63 30.61 -39.21
N VAL HB 287 53.46 31.94 -39.14
CA VAL HB 287 54.16 32.83 -40.05
C VAL HB 287 55.65 32.86 -39.70
N HIS HB 288 55.98 32.90 -38.41
CA HIS HB 288 57.37 32.79 -37.97
C HIS HB 288 57.95 31.42 -38.24
N PHE HB 289 57.12 30.39 -38.40
CA PHE HB 289 57.61 29.05 -38.64
C PHE HB 289 58.05 28.88 -40.10
N ILE HB 290 57.37 29.54 -41.03
CA ILE HB 290 57.76 29.46 -42.44
C ILE HB 290 58.91 30.43 -42.74
N GLU HB 291 59.00 31.52 -41.98
CA GLU HB 291 60.07 32.49 -42.19
C GLU HB 291 61.44 31.92 -41.82
N MET HB 292 61.49 30.98 -40.88
CA MET HB 292 62.74 30.33 -40.54
C MET HB 292 63.11 29.22 -41.52
N LEU HB 293 62.13 28.67 -42.24
CA LEU HB 293 62.42 27.67 -43.26
C LEU HB 293 62.95 28.33 -44.53
N VAL HB 294 62.40 29.50 -44.87
CA VAL HB 294 62.76 30.20 -46.10
C VAL HB 294 64.20 30.69 -46.04
N LYS HB 295 64.66 31.16 -44.89
CA LYS HB 295 66.02 31.63 -44.75
C LYS HB 295 67.06 30.50 -44.75
N ALA HB 296 66.63 29.24 -44.71
CA ALA HB 296 67.54 28.12 -44.86
C ALA HB 296 67.59 27.59 -46.28
N LEU HB 297 66.57 27.86 -47.09
CA LEU HB 297 66.55 27.50 -48.49
C LEU HB 297 67.02 28.61 -49.40
N ASP HB 298 67.45 29.74 -48.85
CA ASP HB 298 67.81 30.91 -49.65
C ASP HB 298 69.31 31.18 -49.50
N VAL HB 299 70.09 30.52 -50.34
CA VAL HB 299 71.54 30.67 -50.33
C VAL HB 299 72.03 31.03 -51.73
N ALA HB 300 73.20 31.67 -51.77
CA ALA HB 300 73.80 32.06 -53.04
C ALA HB 300 74.50 30.88 -53.68
N LYS HB 301 74.44 30.84 -55.01
CA LYS HB 301 74.95 29.72 -55.79
C LYS HB 301 76.31 30.04 -56.39
N ARG HB 302 76.98 29.00 -56.87
CA ARG HB 302 78.27 29.11 -57.51
C ARG HB 302 78.15 28.74 -58.99
N HIS HB 303 79.10 29.22 -59.78
CA HIS HB 303 79.07 29.05 -61.23
C HIS HB 303 79.99 27.92 -61.67
N VAL HB 304 79.50 27.13 -62.61
CA VAL HB 304 80.27 26.03 -63.21
C VAL HB 304 80.33 26.29 -64.71
N GLU HB 305 81.53 26.21 -65.28
CA GLU HB 305 81.71 26.30 -66.72
C GLU HB 305 82.18 24.94 -67.23
N LEU HB 306 81.40 24.35 -68.14
CA LEU HB 306 81.65 23.02 -68.64
C LEU HB 306 82.22 23.10 -70.05
N SER HB 307 83.37 22.46 -70.26
CA SER HB 307 84.02 22.43 -71.55
C SER HB 307 84.16 20.98 -72.01
N LEU HB 308 83.69 20.68 -73.21
CA LEU HB 308 83.67 19.34 -73.75
C LEU HB 308 84.50 19.29 -75.02
N TRP HB 309 85.44 18.34 -75.09
CA TRP HB 309 86.31 18.18 -76.24
C TRP HB 309 85.86 16.99 -77.07
N ILE HB 310 85.79 17.18 -78.38
CA ILE HB 310 85.46 16.11 -79.32
C ILE HB 310 86.60 16.05 -80.34
N VAL HB 311 87.47 15.06 -80.21
CA VAL HB 311 88.63 14.89 -81.07
C VAL HB 311 88.34 13.78 -82.06
N ASP HB 312 88.65 14.01 -83.33
CA ASP HB 312 88.33 13.06 -84.39
C ASP HB 312 89.50 13.01 -85.35
N LEU HB 313 90.11 11.84 -85.50
CA LEU HB 313 91.25 11.67 -86.38
C LEU HB 313 90.95 10.57 -87.39
N ASN HB 314 91.60 10.66 -88.55
CA ASN HB 314 91.47 9.67 -89.60
C ASN HB 314 92.82 9.45 -90.26
N LYS HB 315 92.89 8.38 -91.04
CA LYS HB 315 94.07 7.99 -91.81
C LYS HB 315 93.63 6.93 -92.81
N SER HB 316 94.31 6.87 -93.95
CA SER HB 316 93.90 5.93 -94.98
C SER HB 316 95.08 5.60 -95.87
N ASP HB 317 94.86 4.59 -96.72
CA ASP HB 317 95.86 4.12 -97.67
C ASP HB 317 95.13 3.27 -98.69
N LEU HB 318 95.59 3.26 -99.94
CA LEU HB 318 94.92 2.57 -101.02
C LEU HB 318 95.88 2.41 -102.19
N GLU HB 319 95.82 1.26 -102.85
CA GLU HB 319 96.65 1.01 -104.03
C GLU HB 319 96.01 -0.07 -104.88
N ARG HB 320 95.69 0.25 -106.14
CA ARG HB 320 95.23 -0.74 -107.10
C ARG HB 320 96.17 -0.74 -108.30
N LEU HB 321 96.47 -1.93 -108.81
CA LEU HB 321 97.36 -2.05 -109.97
C LEU HB 321 97.10 -3.38 -110.66
N GLY HB 322 96.57 -3.34 -111.87
CA GLY HB 322 96.35 -4.55 -112.62
C GLY HB 322 95.21 -4.40 -113.59
N THR HB 323 95.02 -5.44 -114.40
CA THR HB 323 93.99 -5.48 -115.43
C THR HB 323 92.96 -6.56 -115.12
N SER HB 324 91.88 -6.57 -115.90
CA SER HB 324 90.80 -7.53 -115.74
C SER HB 324 90.06 -7.66 -117.05
N TRP HB 325 90.12 -8.85 -117.67
CA TRP HB 325 89.57 -9.08 -119.00
C TRP HB 325 88.15 -9.63 -118.90
N SER HB 326 87.23 -9.02 -119.66
CA SER HB 326 85.84 -9.46 -119.68
C SER HB 326 85.20 -8.94 -120.97
N GLY HB 327 84.87 -9.83 -121.89
CA GLY HB 327 84.27 -9.42 -123.14
C GLY HB 327 83.73 -10.58 -123.94
N SER HB 328 83.10 -10.24 -125.06
CA SER HB 328 82.54 -11.21 -126.00
C SER HB 328 83.11 -11.01 -127.39
N ILE HB 329 82.86 -11.99 -128.27
CA ILE HB 329 83.39 -11.96 -129.63
C ILE HB 329 82.42 -12.75 -130.50
N THR HB 330 82.53 -12.59 -131.82
CA THR HB 330 81.76 -13.35 -132.79
C THR HB 330 82.68 -13.83 -133.89
N ILE HB 331 82.73 -15.14 -134.11
CA ILE HB 331 83.69 -15.76 -135.02
C ILE HB 331 82.90 -16.39 -136.16
N GLY HB 332 82.78 -15.66 -137.28
CA GLY HB 332 82.26 -16.22 -138.51
C GLY HB 332 80.81 -16.65 -138.49
N ASP HB 333 79.96 -15.93 -137.73
CA ASP HB 333 78.49 -16.06 -137.62
C ASP HB 333 77.98 -17.50 -137.45
N LYS HB 334 78.82 -18.37 -136.89
CA LYS HB 334 78.44 -19.74 -136.56
C LYS HB 334 78.85 -20.18 -135.17
N LEU HB 335 79.84 -19.54 -134.56
CA LEU HB 335 80.22 -19.83 -133.19
C LEU HB 335 80.78 -18.57 -132.55
N GLY HB 336 80.47 -18.40 -131.27
CA GLY HB 336 80.93 -17.23 -130.54
C GLY HB 336 81.54 -17.65 -129.22
N VAL HB 337 82.49 -16.84 -128.76
CA VAL HB 337 83.25 -17.12 -127.55
C VAL HB 337 83.03 -15.97 -126.56
N SER HB 338 82.61 -16.30 -125.36
CA SER HB 338 82.50 -15.34 -124.28
C SER HB 338 83.70 -15.52 -123.33
N LEU HB 339 83.83 -14.60 -122.38
CA LEU HB 339 84.91 -14.65 -121.40
C LEU HB 339 84.48 -13.90 -120.16
N ASN HB 340 84.31 -14.64 -119.06
CA ASN HB 340 84.03 -14.11 -117.71
C ASN HB 340 82.75 -13.26 -117.68
N GLN HB 341 81.69 -13.76 -118.31
CA GLN HB 341 80.44 -13.04 -118.38
C GLN HB 341 79.28 -13.97 -118.05
N SER HB 342 78.09 -13.37 -117.92
CA SER HB 342 76.86 -14.12 -117.72
C SER HB 342 75.89 -13.93 -118.89
N SER HB 343 75.71 -12.70 -119.34
CA SER HB 343 74.87 -12.38 -120.48
C SER HB 343 75.75 -12.12 -121.70
N ILE HB 344 75.42 -12.76 -122.82
CA ILE HB 344 76.26 -12.73 -124.01
C ILE HB 344 75.46 -12.10 -125.15
N SER HB 345 74.13 -12.27 -125.10
CA SER HB 345 73.27 -11.89 -126.22
C SER HB 345 73.17 -10.37 -126.35
N THR HB 346 72.98 -9.66 -125.25
CA THR HB 346 72.90 -8.21 -125.31
C THR HB 346 74.27 -7.55 -125.45
N LEU HB 347 75.36 -8.30 -125.25
CA LEU HB 347 76.71 -7.83 -125.55
C LEU HB 347 77.32 -8.60 -126.73
N ASP HB 348 76.50 -8.99 -127.70
CA ASP HB 348 77.00 -9.78 -128.82
C ASP HB 348 77.74 -8.92 -129.84
N GLY HB 349 77.29 -7.69 -130.05
CA GLY HB 349 77.95 -6.78 -130.97
C GLY HB 349 79.14 -6.04 -130.41
N SER HB 350 79.50 -6.29 -129.16
CA SER HB 350 80.61 -5.61 -128.52
C SER HB 350 81.90 -6.41 -128.71
N ARG HB 351 82.94 -6.04 -127.95
CA ARG HB 351 84.26 -6.63 -128.10
C ARG HB 351 84.85 -6.99 -126.75
N PHE HB 352 86.13 -7.35 -126.72
CA PHE HB 352 86.81 -7.60 -125.46
C PHE HB 352 87.15 -6.29 -124.76
N ILE HB 353 87.05 -6.30 -123.44
CA ILE HB 353 87.34 -5.12 -122.61
C ILE HB 353 88.45 -5.49 -121.65
N ALA HB 354 89.51 -4.69 -121.62
CA ALA HB 354 90.63 -4.88 -120.70
C ALA HB 354 90.65 -3.68 -119.75
N ALA HB 355 89.90 -3.77 -118.66
CA ALA HB 355 89.80 -2.67 -117.71
C ALA HB 355 91.07 -2.59 -116.87
N VAL HB 356 91.81 -1.51 -117.01
CA VAL HB 356 93.07 -1.29 -116.31
C VAL HB 356 92.81 -0.34 -115.16
N ASN HB 357 93.44 -0.59 -114.02
CA ASN HB 357 93.36 0.27 -112.85
C ASN HB 357 94.77 0.60 -112.37
N ALA HB 358 94.98 1.88 -112.04
CA ALA HB 358 96.25 2.32 -111.49
C ALA HB 358 95.98 3.51 -110.58
N LEU HB 359 96.31 3.37 -109.29
CA LEU HB 359 96.00 4.39 -108.30
C LEU HB 359 96.87 4.13 -107.07
N GLU HB 360 97.15 5.21 -106.35
CA GLU HB 360 97.94 5.12 -105.11
C GLU HB 360 97.59 6.35 -104.28
N GLU HB 361 96.84 6.16 -103.20
CA GLU HB 361 96.21 7.26 -102.49
C GLU HB 361 96.62 7.26 -101.02
N LYS HB 362 96.89 8.44 -100.49
CA LYS HB 362 97.07 8.67 -99.06
C LYS HB 362 96.04 9.69 -98.60
N LYS HB 363 95.80 9.71 -97.29
CA LYS HB 363 94.77 10.58 -96.74
C LYS HB 363 95.03 10.81 -95.25
N GLN HB 364 94.53 11.92 -94.74
CA GLN HB 364 94.63 12.27 -93.33
C GLN HB 364 93.63 13.39 -93.06
N ALA HB 365 93.01 13.35 -91.88
CA ALA HB 365 92.00 14.35 -91.52
C ALA HB 365 91.88 14.43 -90.01
N THR HB 366 92.00 15.65 -89.47
CA THR HB 366 91.82 15.90 -88.05
C THR HB 366 90.73 16.93 -87.86
N VAL HB 367 89.88 16.73 -86.85
CA VAL HB 367 88.81 17.66 -86.50
C VAL HB 367 88.75 17.74 -84.99
N VAL HB 368 88.86 18.95 -84.44
CA VAL HB 368 88.75 19.18 -83.00
C VAL HB 368 87.66 20.22 -82.78
N SER HB 369 86.56 19.81 -82.16
CA SER HB 369 85.44 20.70 -81.88
C SER HB 369 85.24 20.79 -80.37
N ARG HB 370 84.70 21.92 -79.90
CA ARG HB 370 84.63 22.21 -78.48
C ARG HB 370 83.47 23.15 -78.17
N PRO HB 371 82.40 22.66 -77.55
CA PRO HB 371 81.37 23.56 -77.00
C PRO HB 371 81.62 23.92 -75.54
N VAL HB 372 81.29 25.16 -75.20
CA VAL HB 372 81.48 25.70 -73.86
C VAL HB 372 80.13 26.22 -73.36
N LEU HB 373 79.81 25.93 -72.10
CA LEU HB 373 78.53 26.33 -71.51
C LEU HB 373 78.73 26.70 -70.05
N LEU HB 374 78.00 27.73 -69.59
CA LEU HB 374 78.12 28.23 -68.23
C LEU HB 374 76.77 28.17 -67.53
N THR HB 375 76.75 27.65 -66.31
CA THR HB 375 75.53 27.55 -65.52
C THR HB 375 75.88 27.59 -64.04
N GLN HB 376 74.87 27.39 -63.21
CA GLN HB 376 75.01 27.43 -61.76
C GLN HB 376 74.85 26.03 -61.18
N GLU HB 377 74.95 25.93 -59.86
CA GLU HB 377 74.71 24.66 -59.18
C GLU HB 377 73.24 24.26 -59.31
N ASN HB 378 73.01 22.96 -59.51
CA ASN HB 378 71.68 22.33 -59.48
C ASN HB 378 70.71 22.95 -60.48
N VAL HB 379 71.21 23.48 -61.59
CA VAL HB 379 70.39 24.12 -62.60
C VAL HB 379 70.66 23.43 -63.93
N PRO HB 380 69.64 22.87 -64.59
CA PRO HB 380 69.87 22.25 -65.89
C PRO HB 380 70.07 23.29 -66.98
N ALA HB 381 71.07 23.07 -67.82
CA ALA HB 381 71.40 23.98 -68.91
C ALA HB 381 71.47 23.20 -70.21
N ILE HB 382 71.31 23.91 -71.32
CA ILE HB 382 71.29 23.31 -72.65
C ILE HB 382 72.11 24.17 -73.60
N PHE HB 383 73.05 23.53 -74.29
CA PHE HB 383 73.68 24.08 -75.48
C PHE HB 383 73.24 23.25 -76.67
N ASP HB 384 72.89 23.90 -77.77
CA ASP HB 384 72.35 23.22 -78.93
C ASP HB 384 72.82 23.93 -80.19
N ASN HB 385 73.32 23.15 -81.15
CA ASN HB 385 73.76 23.69 -82.44
C ASN HB 385 73.31 22.70 -83.51
N ASN HB 386 72.12 22.92 -84.06
CA ASN HB 386 71.48 21.92 -84.89
C ASN HB 386 71.24 22.44 -86.30
N ARG HB 387 70.57 21.61 -87.10
CA ARG HB 387 70.23 21.89 -88.48
C ARG HB 387 68.94 21.18 -88.82
N THR HB 388 68.00 21.88 -89.43
CA THR HB 388 66.66 21.35 -89.67
C THR HB 388 66.47 21.18 -91.18
N PHE HB 389 65.83 20.08 -91.57
CA PHE HB 389 65.60 19.73 -92.96
C PHE HB 389 64.11 19.56 -93.17
N TYR HB 390 63.51 20.44 -93.96
CA TYR HB 390 62.06 20.45 -94.15
C TYR HB 390 61.70 19.75 -95.45
N THR HB 391 60.65 18.92 -95.40
CA THR HB 391 60.21 18.17 -96.56
C THR HB 391 58.72 18.41 -96.77
N LYS HB 392 58.27 18.17 -98.00
CA LYS HB 392 56.90 18.45 -98.42
C LYS HB 392 56.18 17.13 -98.68
N LEU HB 393 55.46 16.64 -97.67
CA LEU HB 393 54.63 15.45 -97.78
C LEU HB 393 53.30 15.88 -98.38
N ILE HB 394 53.13 15.65 -99.68
CA ILE HB 394 51.94 16.15 -100.38
C ILE HB 394 50.80 15.17 -100.14
N GLY HB 395 50.11 15.34 -99.02
CA GLY HB 395 48.90 14.62 -98.72
C GLY HB 395 47.69 15.48 -99.04
N GLU HB 396 46.55 15.06 -98.51
CA GLU HB 396 45.32 15.83 -98.70
C GLU HB 396 44.67 16.31 -97.41
N ARG HB 397 44.79 15.55 -96.31
CA ARG HB 397 44.03 15.87 -95.10
C ARG HB 397 44.90 16.47 -94.01
N ASN HB 398 45.84 15.69 -93.54
CA ASN HB 398 46.72 16.07 -92.44
C ASN HB 398 48.04 16.46 -93.08
N VAL HB 399 47.96 17.46 -93.97
CA VAL HB 399 49.13 18.00 -94.64
C VAL HB 399 50.03 18.64 -93.59
N ALA HB 400 51.33 18.37 -93.68
CA ALA HB 400 52.22 18.78 -92.63
C ALA HB 400 53.61 19.00 -93.21
N LEU HB 401 54.36 19.87 -92.55
CA LEU HB 401 55.78 20.04 -92.84
C LEU HB 401 56.51 19.16 -91.83
N GLU HB 402 57.01 18.03 -92.29
CA GLU HB 402 57.77 17.14 -91.44
C GLU HB 402 59.24 17.51 -91.52
N HIS HB 403 59.96 17.32 -90.42
CA HIS HB 403 61.33 17.78 -90.34
C HIS HB 403 62.17 16.82 -89.53
N VAL HB 404 63.46 16.79 -89.86
CA VAL HB 404 64.45 16.07 -89.08
C VAL HB 404 65.44 17.09 -88.54
N THR HB 405 66.19 16.70 -87.51
CA THR HB 405 67.09 17.62 -86.81
C THR HB 405 68.32 16.85 -86.38
N TYR HB 406 69.50 17.44 -86.59
CA TYR HB 406 70.74 16.81 -86.20
C TYR HB 406 71.77 17.89 -85.87
N GLY HB 407 72.58 17.62 -84.86
CA GLY HB 407 73.64 18.56 -84.50
C GLY HB 407 74.17 18.27 -83.12
N THR HB 408 75.09 19.12 -82.67
CA THR HB 408 75.72 18.99 -81.37
C THR HB 408 74.76 19.46 -80.28
N MET HB 409 74.74 18.77 -79.15
CA MET HB 409 73.78 19.07 -78.10
C MET HB 409 74.30 18.53 -76.77
N ILE HB 410 74.35 19.39 -75.75
CA ILE HB 410 74.73 19.00 -74.40
C ILE HB 410 73.61 19.41 -73.45
N ARG HB 411 73.27 18.52 -72.51
CA ARG HB 411 72.39 18.87 -71.40
C ARG HB 411 73.04 18.36 -70.12
N VAL HB 412 73.38 19.29 -69.23
CA VAL HB 412 74.18 18.97 -68.06
C VAL HB 412 73.46 19.46 -66.82
N LEU HB 413 73.77 18.84 -65.68
CA LEU HB 413 73.19 19.22 -64.39
C LEU HB 413 74.30 19.12 -63.36
N PRO HB 414 75.05 20.19 -63.14
CA PRO HB 414 76.22 20.13 -62.26
C PRO HB 414 75.83 20.24 -60.80
N ARG HB 415 76.74 19.76 -59.95
CA ARG HB 415 76.50 19.69 -58.52
C ARG HB 415 77.84 19.51 -57.81
N PHE HB 416 78.08 20.29 -56.77
CA PHE HB 416 79.31 20.18 -56.00
C PHE HB 416 79.16 19.11 -54.92
N SER HB 417 80.19 18.28 -54.77
CA SER HB 417 80.20 17.28 -53.72
C SER HB 417 80.75 17.89 -52.43
N ALA HB 418 81.01 17.05 -51.44
CA ALA HB 418 81.50 17.54 -50.15
C ALA HB 418 82.99 17.84 -50.16
N ASP HB 419 83.74 17.22 -51.07
CA ASP HB 419 85.18 17.38 -51.14
C ASP HB 419 85.61 18.50 -52.07
N GLY HB 420 84.70 19.03 -52.88
CA GLY HB 420 85.04 20.00 -53.88
C GLY HB 420 85.07 19.48 -55.30
N GLN HB 421 84.64 18.25 -55.52
CA GLN HB 421 84.54 17.69 -56.86
C GLN HB 421 83.17 17.98 -57.46
N ILE HB 422 83.11 17.94 -58.79
CA ILE HB 422 81.91 18.33 -59.53
C ILE HB 422 81.33 17.10 -60.20
N GLU HB 423 80.14 16.68 -59.76
CA GLU HB 423 79.44 15.58 -60.40
C GLU HB 423 78.44 16.11 -61.41
N MET HB 424 78.37 15.44 -62.56
CA MET HB 424 77.56 15.90 -63.67
C MET HB 424 76.70 14.77 -64.20
N SER HB 425 75.51 15.13 -64.69
CA SER HB 425 74.60 14.19 -65.32
C SER HB 425 74.48 14.56 -66.79
N LEU HB 426 75.16 13.81 -67.66
CA LEU HB 426 75.41 14.22 -69.03
C LEU HB 426 74.42 13.59 -70.00
N ASP HB 427 74.16 14.29 -71.10
CA ASP HB 427 73.39 13.81 -72.23
C ASP HB 427 73.97 14.44 -73.48
N ILE HB 428 74.89 13.73 -74.14
CA ILE HB 428 75.68 14.27 -75.23
C ILE HB 428 75.18 13.67 -76.53
N GLU HB 429 75.00 14.51 -77.55
CA GLU HB 429 74.70 14.08 -78.91
C GLU HB 429 75.58 14.84 -79.88
N ASP HB 430 76.22 14.12 -80.79
CA ASP HB 430 77.04 14.73 -81.83
C ASP HB 430 76.72 14.04 -83.15
N GLY HB 431 76.00 14.73 -84.02
CA GLY HB 431 75.59 14.18 -85.29
C GLY HB 431 76.03 15.04 -86.45
N ASN HB 432 76.08 14.44 -87.64
CA ASN HB 432 76.37 15.15 -88.87
C ASN HB 432 75.66 14.45 -90.01
N ASP HB 433 75.85 14.95 -91.22
CA ASP HB 433 75.12 14.49 -92.39
C ASP HB 433 76.05 13.65 -93.26
N LYS HB 434 75.74 12.36 -93.39
CA LYS HB 434 76.46 11.49 -94.29
C LYS HB 434 75.89 11.62 -95.69
N THR HB 435 76.78 11.67 -96.69
CA THR HB 435 76.38 11.93 -98.05
C THR HB 435 76.58 10.70 -98.91
N PRO HB 436 75.54 10.21 -99.60
CA PRO HB 436 75.74 9.16 -100.61
C PRO HB 436 76.28 9.73 -101.91
N GLN HB 437 76.32 8.90 -102.96
CA GLN HB 437 76.86 9.30 -104.25
C GLN HB 437 75.99 10.39 -104.87
N SER HB 438 76.64 11.46 -105.34
CA SER HB 438 75.91 12.62 -105.87
C SER HB 438 75.37 12.41 -107.27
N ASP HB 439 75.90 11.45 -108.03
CA ASP HB 439 75.52 11.27 -109.42
C ASP HB 439 74.16 10.60 -109.59
N THR HB 440 73.70 9.84 -108.60
CA THR HB 440 72.43 9.14 -108.69
C THR HB 440 71.29 10.04 -108.21
N THR HB 441 70.07 9.66 -108.59
CA THR HB 441 68.86 10.45 -108.45
C THR HB 441 68.47 10.71 -106.98
N THR HB 442 68.89 9.86 -106.05
CA THR HB 442 68.48 9.99 -104.64
C THR HB 442 69.16 11.15 -103.91
N SER HB 443 69.93 11.99 -104.58
CA SER HB 443 70.49 13.19 -103.98
C SER HB 443 69.57 14.40 -104.08
N VAL HB 444 68.47 14.30 -104.83
CA VAL HB 444 67.55 15.43 -104.97
C VAL HB 444 66.27 15.27 -104.15
N ASP HB 445 66.00 14.07 -103.63
CA ASP HB 445 64.84 13.87 -102.78
C ASP HB 445 65.22 14.03 -101.31
N ALA HB 446 64.27 13.74 -100.43
CA ALA HB 446 64.45 13.95 -98.98
C ALA HB 446 65.12 12.73 -98.36
N LEU HB 447 66.38 12.53 -98.73
CA LEU HB 447 67.23 11.49 -98.12
C LEU HB 447 68.53 12.11 -97.64
N PRO HB 448 68.51 12.83 -96.49
CA PRO HB 448 69.77 13.10 -95.79
C PRO HB 448 70.11 11.99 -94.81
N GLU HB 449 70.88 10.98 -95.21
CA GLU HB 449 71.31 9.95 -94.27
C GLU HB 449 72.08 10.55 -93.10
N VAL HB 450 71.46 10.53 -91.92
CA VAL HB 450 71.99 11.15 -90.71
C VAL HB 450 72.69 10.07 -89.89
N GLY HB 451 73.91 10.37 -89.45
CA GLY HB 451 74.61 9.54 -88.49
C GLY HB 451 74.85 10.32 -87.21
N ARG HB 452 74.44 9.73 -86.09
CA ARG HB 452 74.50 10.37 -84.79
C ARG HB 452 75.42 9.59 -83.86
N THR HB 453 75.65 10.15 -82.68
CA THR HB 453 76.46 9.53 -81.64
C THR HB 453 75.94 10.00 -80.29
N LEU HB 454 75.37 9.07 -79.52
CA LEU HB 454 74.67 9.40 -78.28
C LEU HB 454 75.41 8.79 -77.10
N ILE HB 455 75.52 9.56 -76.02
CA ILE HB 455 76.19 9.13 -74.79
C ILE HB 455 75.38 9.66 -73.62
N SER HB 456 75.04 8.78 -72.68
CA SER HB 456 74.29 9.17 -71.49
C SER HB 456 74.89 8.46 -70.29
N THR HB 457 75.47 9.21 -69.36
CA THR HB 457 76.19 8.62 -68.24
C THR HB 457 76.24 9.64 -67.09
N ILE HB 458 76.98 9.30 -66.04
CA ILE HB 458 77.22 10.18 -64.89
C ILE HB 458 78.68 10.06 -64.49
N ALA HB 459 79.37 11.20 -64.41
CA ALA HB 459 80.79 11.21 -64.05
C ALA HB 459 81.04 12.26 -62.98
N ARG HB 460 82.17 12.13 -62.30
CA ARG HB 460 82.54 13.02 -61.20
C ARG HB 460 84.02 13.37 -61.30
N VAL HB 461 84.30 14.64 -61.61
CA VAL HB 461 85.65 15.12 -61.90
C VAL HB 461 86.05 16.09 -60.80
N PRO HB 462 87.32 16.14 -60.38
CA PRO HB 462 87.76 17.25 -59.52
C PRO HB 462 87.80 18.56 -60.29
N HIS HB 463 88.05 19.64 -59.55
CA HIS HB 463 88.04 20.97 -60.12
C HIS HB 463 89.32 21.20 -60.91
N GLY HB 464 89.19 21.33 -62.23
CA GLY HB 464 90.31 21.59 -63.09
C GLY HB 464 90.89 20.38 -63.80
N LYS HB 465 90.56 19.18 -63.36
CA LYS HB 465 91.04 17.96 -63.98
C LYS HB 465 90.07 17.53 -65.07
N SER HB 466 90.27 16.34 -65.63
CA SER HB 466 89.47 15.90 -66.77
C SER HB 466 89.26 14.40 -66.72
N LEU HB 467 88.27 13.95 -67.48
CA LEU HB 467 87.91 12.54 -67.56
C LEU HB 467 87.53 12.19 -68.99
N LEU HB 468 87.78 10.94 -69.37
CA LEU HB 468 87.38 10.42 -70.67
C LEU HB 468 86.05 9.72 -70.53
N VAL HB 469 85.04 10.22 -71.22
CA VAL HB 469 83.68 9.72 -71.08
C VAL HB 469 83.36 8.65 -72.11
N GLY HB 470 83.60 8.93 -73.39
CA GLY HB 470 83.31 7.97 -74.43
C GLY HB 470 84.53 7.63 -75.25
N GLY HB 471 84.35 6.99 -76.40
CA GLY HB 471 85.47 6.64 -77.23
C GLY HB 471 85.07 5.63 -78.27
N TYR HB 472 85.89 5.55 -79.32
CA TYR HB 472 85.70 4.62 -80.43
C TYR HB 472 86.95 4.53 -81.27
N THR HB 473 87.45 3.32 -81.53
CA THR HB 473 88.54 3.11 -82.46
C THR HB 473 88.12 2.05 -83.49
N ARG HB 474 88.80 2.05 -84.64
CA ARG HB 474 88.55 1.06 -85.67
C ARG HB 474 89.77 0.93 -86.56
N ASP HB 475 90.21 -0.30 -86.79
CA ASP HB 475 91.35 -0.59 -87.66
C ASP HB 475 90.93 -1.63 -88.69
N ALA HB 476 91.46 -1.52 -89.90
CA ALA HB 476 91.09 -2.44 -90.97
C ALA HB 476 92.25 -2.59 -91.95
N ASN HB 477 92.29 -3.74 -92.61
CA ASN HB 477 93.31 -4.03 -93.62
C ASN HB 477 92.80 -5.15 -94.50
N THR HB 478 92.49 -4.85 -95.76
CA THR HB 478 92.08 -5.85 -96.73
C THR HB 478 93.05 -5.86 -97.90
N ASP HB 479 93.12 -6.99 -98.60
CA ASP HB 479 93.93 -7.13 -99.80
C ASP HB 479 93.45 -8.31 -100.64
N THR HB 480 93.23 -8.07 -101.93
CA THR HB 480 92.80 -9.11 -102.86
C THR HB 480 93.88 -9.32 -103.92
N VAL HB 481 93.91 -10.52 -104.50
CA VAL HB 481 94.81 -10.85 -105.59
C VAL HB 481 94.02 -11.69 -106.60
N GLN HB 482 93.92 -11.22 -107.84
CA GLN HB 482 93.31 -11.98 -108.91
C GLN HB 482 94.33 -12.20 -110.03
N SER HB 483 94.11 -13.24 -110.82
CA SER HB 483 95.00 -13.55 -111.94
C SER HB 483 94.27 -14.46 -112.92
N ILE HB 484 94.88 -14.63 -114.08
CA ILE HB 484 94.55 -15.68 -115.04
C ILE HB 484 95.41 -16.87 -114.62
N PRO HB 485 94.90 -18.11 -114.65
CA PRO HB 485 95.63 -19.24 -114.04
C PRO HB 485 96.99 -19.55 -114.65
N PHE HB 486 97.14 -19.54 -115.96
CA PHE HB 486 98.43 -19.86 -116.56
C PHE HB 486 99.17 -18.63 -117.09
N LEU HB 487 98.45 -17.66 -117.66
CA LEU HB 487 99.11 -16.50 -118.24
C LEU HB 487 99.61 -15.53 -117.19
N GLY HB 488 99.16 -15.66 -115.95
CA GLY HB 488 99.59 -14.76 -114.89
C GLY HB 488 100.95 -15.06 -114.29
N LYS HB 489 101.61 -16.12 -114.75
CA LYS HB 489 102.93 -16.49 -114.24
C LYS HB 489 104.03 -16.33 -115.28
N LEU HB 490 103.74 -15.67 -116.40
CA LEU HB 490 104.76 -15.41 -117.40
C LEU HB 490 105.75 -14.36 -116.87
N PRO HB 491 107.04 -14.43 -117.29
CA PRO HB 491 108.06 -13.53 -116.72
C PRO HB 491 107.85 -12.05 -117.02
N LEU HB 492 107.73 -11.68 -118.29
CA LEU HB 492 107.62 -10.27 -118.67
C LEU HB 492 106.28 -9.93 -119.30
N ILE HB 493 105.48 -10.92 -119.67
CA ILE HB 493 104.15 -10.68 -120.20
C ILE HB 493 103.06 -10.84 -119.13
N GLY HB 494 103.32 -11.56 -118.06
CA GLY HB 494 102.31 -11.90 -117.06
C GLY HB 494 101.83 -10.75 -116.20
N SER HB 495 102.42 -9.56 -116.34
CA SER HB 495 101.93 -8.41 -115.59
C SER HB 495 100.64 -7.86 -116.15
N LEU HB 496 100.30 -8.20 -117.39
CA LEU HB 496 99.07 -7.72 -118.03
C LEU HB 496 97.84 -8.52 -117.63
N PHE HB 497 97.98 -9.52 -116.78
CA PHE HB 497 96.86 -10.37 -116.41
C PHE HB 497 96.58 -10.44 -114.91
N ARG HB 498 97.53 -10.05 -114.06
CA ARG HB 498 97.31 -10.07 -112.63
C ARG HB 498 96.54 -8.82 -112.19
N TYR HB 499 96.16 -8.82 -110.91
CA TYR HB 499 95.46 -7.70 -110.30
C TYR HB 499 95.66 -7.80 -108.80
N SER HB 500 95.80 -6.66 -108.13
CA SER HB 500 96.04 -6.65 -106.70
C SER HB 500 95.61 -5.31 -106.12
N SER HB 501 94.89 -5.37 -105.00
CA SER HB 501 94.42 -4.18 -104.32
C SER HB 501 94.80 -4.24 -102.86
N LYS HB 502 94.75 -3.08 -102.19
CA LYS HB 502 95.01 -2.98 -100.77
C LYS HB 502 94.09 -1.92 -100.19
N ASN HB 503 94.02 -1.89 -98.86
CA ASN HB 503 93.22 -0.89 -98.14
C ASN HB 503 93.67 -0.88 -96.69
N LYS HB 504 93.53 0.27 -96.03
CA LYS HB 504 93.91 0.43 -94.63
C LYS HB 504 93.24 1.68 -94.09
N SER HB 505 92.77 1.62 -92.85
CA SER HB 505 92.15 2.78 -92.22
C SER HB 505 92.34 2.72 -90.72
N ASN HB 506 92.39 3.90 -90.09
CA ASN HB 506 92.54 4.00 -88.63
C ASN HB 506 91.75 5.21 -88.16
N VAL HB 507 90.65 4.97 -87.45
CA VAL HB 507 89.74 6.02 -86.99
C VAL HB 507 89.80 6.07 -85.47
N VAL HB 508 89.81 7.28 -84.91
CA VAL HB 508 89.80 7.49 -83.47
C VAL HB 508 88.85 8.64 -83.16
N ARG HB 509 87.85 8.39 -82.30
CA ARG HB 509 86.99 9.44 -81.76
C ARG HB 509 86.98 9.33 -80.25
N VAL HB 510 87.07 10.47 -79.55
CA VAL HB 510 87.00 10.49 -78.10
C VAL HB 510 86.16 11.67 -77.64
N PHE HB 511 85.65 11.57 -76.41
CA PHE HB 511 84.86 12.62 -75.78
C PHE HB 511 85.46 12.87 -74.40
N MET HB 512 85.81 14.12 -74.11
CA MET HB 512 86.45 14.46 -72.85
C MET HB 512 85.71 15.62 -72.18
N ILE HB 513 85.73 15.63 -70.85
CA ILE HB 513 84.99 16.56 -70.02
C ILE HB 513 85.96 17.27 -69.10
N GLU HB 514 85.88 18.59 -69.03
CA GLU HB 514 86.77 19.38 -68.18
C GLU HB 514 86.00 20.52 -67.54
N PRO HB 515 85.47 20.33 -66.34
CA PRO HB 515 84.74 21.40 -65.66
C PRO HB 515 85.63 22.23 -64.75
N LYS HB 516 85.19 23.47 -64.52
CA LYS HB 516 85.89 24.38 -63.62
C LYS HB 516 84.89 25.37 -63.06
N GLU HB 517 85.31 26.07 -62.01
CA GLU HB 517 84.45 26.97 -61.25
C GLU HB 517 84.79 28.42 -61.57
N ILE HB 518 83.76 29.22 -61.81
CA ILE HB 518 83.91 30.62 -62.20
C ILE HB 518 83.60 31.48 -60.99
N VAL HB 519 84.56 32.33 -60.60
CA VAL HB 519 84.36 33.25 -59.49
C VAL HB 519 84.54 34.71 -59.89
N ASP HB 520 85.18 35.01 -61.01
CA ASP HB 520 85.48 36.37 -61.42
C ASP HB 520 84.88 36.65 -62.80
N PRO HB 521 84.53 37.90 -63.09
CA PRO HB 521 84.05 38.26 -64.43
C PRO HB 521 85.22 38.33 -65.41
N LEU HB 522 84.89 38.67 -66.66
CA LEU HB 522 85.89 38.69 -67.72
C LEU HB 522 86.82 39.88 -67.56
N THR HB 523 88.10 39.66 -67.88
CA THR HB 523 89.09 40.74 -67.90
C THR HB 523 89.96 40.58 -69.14
N PRO HB 524 90.03 41.59 -70.03
CA PRO HB 524 89.30 42.86 -70.07
C PRO HB 524 87.83 42.68 -70.45
N ASP HB 525 87.06 43.77 -70.45
CA ASP HB 525 85.62 43.69 -70.57
C ASP HB 525 85.20 43.21 -71.95
N ALA HB 526 83.93 42.80 -72.05
CA ALA HB 526 83.40 42.29 -73.31
C ALA HB 526 83.26 43.40 -74.34
N SER HB 527 83.04 44.64 -73.90
CA SER HB 527 82.95 45.76 -74.82
C SER HB 527 84.31 46.32 -75.19
N GLU HB 528 85.38 45.84 -74.54
CA GLU HB 528 86.73 46.28 -74.88
C GLU HB 528 87.43 45.33 -75.83
N SER HB 529 87.13 44.03 -75.76
CA SER HB 529 87.72 43.09 -76.70
C SER HB 529 87.03 43.13 -78.06
N VAL HB 530 85.80 43.63 -78.12
CA VAL HB 530 85.11 43.73 -79.39
C VAL HB 530 85.59 44.95 -80.18
N ASN HB 531 85.90 46.05 -79.49
CA ASN HB 531 86.42 47.23 -80.15
C ASN HB 531 87.82 47.04 -80.70
N ASN HB 532 88.56 46.02 -80.25
CA ASN HB 532 89.83 45.69 -80.86
C ASN HB 532 89.67 44.74 -82.05
N ILE HB 533 88.58 44.00 -82.10
CA ILE HB 533 88.32 43.13 -83.25
C ILE HB 533 87.85 43.97 -84.43
N LEU HB 534 86.97 44.94 -84.18
CA LEU HB 534 86.43 45.76 -85.26
C LEU HB 534 87.48 46.70 -85.83
N LYS HB 535 88.44 47.14 -85.02
CA LYS HB 535 89.49 48.02 -85.53
C LYS HB 535 90.53 47.24 -86.33
N GLN HB 536 90.80 45.99 -85.96
CA GLN HB 536 91.80 45.21 -86.68
C GLN HB 536 91.27 44.66 -88.00
N SER HB 537 90.04 44.14 -87.99
CA SER HB 537 89.47 43.59 -89.22
C SER HB 537 88.97 44.64 -90.17
N GLY HB 538 88.83 45.89 -89.73
CA GLY HB 538 88.40 46.96 -90.60
C GLY HB 538 86.90 47.16 -90.71
N ALA HB 539 86.12 46.52 -89.84
CA ALA HB 539 84.66 46.66 -89.86
C ALA HB 539 84.16 47.74 -88.92
N TRP HB 540 85.05 48.53 -88.33
CA TRP HB 540 84.68 49.51 -87.33
C TRP HB 540 84.05 50.73 -87.98
N SER HB 541 82.93 51.19 -87.43
CA SER HB 541 82.24 52.38 -87.93
C SER HB 541 81.77 53.24 -86.78
N GLY HB 542 82.62 53.43 -85.77
CA GLY HB 542 82.31 54.37 -84.70
C GLY HB 542 82.76 55.79 -84.98
N ASP HB 543 83.46 56.00 -86.09
CA ASP HB 543 83.91 57.32 -86.49
C ASP HB 543 83.04 57.93 -87.58
N ASP HB 544 81.88 57.34 -87.87
CA ASP HB 544 81.02 57.84 -88.93
C ASP HB 544 80.35 59.13 -88.51
N LYS HB 545 80.15 60.02 -89.48
CA LYS HB 545 79.54 61.31 -89.18
C LYS HB 545 78.05 61.19 -88.98
N LEU HB 546 77.41 60.24 -89.65
CA LEU HB 546 75.95 60.11 -89.62
C LEU HB 546 75.47 59.13 -88.56
N GLN HB 547 76.20 58.05 -88.30
CA GLN HB 547 75.76 57.04 -87.36
C GLN HB 547 76.19 57.31 -85.92
N LYS HB 548 77.00 58.34 -85.68
CA LYS HB 548 77.43 58.63 -84.32
C LYS HB 548 76.37 59.35 -83.50
N TRP HB 549 75.30 59.83 -84.12
CA TRP HB 549 74.24 60.49 -83.38
C TRP HB 549 73.37 59.49 -82.63
N VAL HB 550 73.34 58.24 -83.06
CA VAL HB 550 72.54 57.22 -82.42
C VAL HB 550 73.39 56.17 -81.69
N ARG HB 551 74.55 55.82 -82.24
CA ARG HB 551 75.48 54.91 -81.57
C ARG HB 551 76.13 55.48 -80.31
N VAL HB 552 75.90 56.76 -80.00
CA VAL HB 552 76.41 57.32 -78.76
C VAL HB 552 75.54 56.93 -77.57
N TYR HB 553 74.33 56.44 -77.82
CA TYR HB 553 73.50 55.92 -76.73
C TYR HB 553 73.92 54.52 -76.34
N LEU HB 554 74.26 53.68 -77.32
CA LEU HB 554 74.56 52.28 -77.06
C LEU HB 554 75.95 52.09 -76.51
N ASP HB 555 76.90 52.91 -76.94
CA ASP HB 555 78.30 52.82 -76.54
C ASP HB 555 78.63 53.81 -75.43
N ARG HB 556 77.67 53.99 -74.50
CA ARG HB 556 77.80 54.96 -73.42
C ARG HB 556 78.92 54.57 -72.44
N GLY HB 557 79.13 53.28 -72.22
CA GLY HB 557 80.18 52.83 -71.34
C GLY HB 557 81.48 52.55 -72.07
N LYS IB 27 -5.12 73.21 25.82
CA LYS IB 27 -5.20 72.32 26.97
C LYS IB 27 -4.02 71.35 26.98
N ILE IB 28 -3.03 71.65 26.15
CA ILE IB 28 -1.77 70.91 26.13
C ILE IB 28 -0.73 71.87 26.69
N PRO IB 29 -0.52 71.95 28.00
CA PRO IB 29 0.30 73.03 28.53
C PRO IB 29 1.79 72.78 28.39
N VAL IB 30 2.38 73.34 27.31
CA VAL IB 30 3.81 73.57 27.16
C VAL IB 30 3.88 74.87 26.37
N THR IB 31 5.00 75.58 26.48
CA THR IB 31 5.07 76.88 25.82
C THR IB 31 5.65 76.81 24.42
N GLY IB 32 6.75 76.09 24.23
CA GLY IB 32 7.48 76.16 22.98
C GLY IB 32 6.96 75.21 21.92
N SER IB 33 7.88 74.63 21.14
CA SER IB 33 7.56 73.67 20.10
C SER IB 33 8.46 72.46 20.26
N GLY IB 34 7.94 71.28 19.97
CA GLY IB 34 8.74 70.07 20.07
C GLY IB 34 7.87 68.86 20.28
N PHE IB 35 8.53 67.70 20.25
CA PHE IB 35 7.85 66.42 20.42
C PHE IB 35 8.34 65.76 21.70
N VAL IB 36 7.40 65.43 22.60
CA VAL IB 36 7.73 64.74 23.84
C VAL IB 36 7.38 63.26 23.67
N ALA IB 37 8.38 62.39 23.80
CA ALA IB 37 8.19 60.96 23.63
C ALA IB 37 8.38 60.27 24.96
N LYS IB 38 7.37 59.53 25.39
CA LYS IB 38 7.41 58.75 26.62
C LYS IB 38 7.31 57.28 26.23
N ASP IB 39 8.48 56.64 26.07
CA ASP IB 39 8.63 55.23 25.72
C ASP IB 39 7.94 54.95 24.37
N ASP IB 40 8.37 55.70 23.36
CA ASP IB 40 7.93 55.49 21.99
C ASP IB 40 8.69 54.34 21.37
N SER IB 41 8.17 53.82 20.27
CA SER IB 41 8.68 52.59 19.69
C SER IB 41 9.49 52.83 18.42
N LEU IB 42 10.05 54.03 18.25
CA LEU IB 42 10.96 54.44 17.18
C LEU IB 42 10.31 54.43 15.79
N ARG IB 43 9.02 54.13 15.72
CA ARG IB 43 8.24 54.28 14.51
CA ARG IB 43 8.24 54.28 14.51
C ARG IB 43 7.29 55.45 14.56
N THR IB 44 6.60 55.64 15.69
CA THR IB 44 5.79 56.82 15.87
C THR IB 44 6.64 58.05 16.14
N PHE IB 45 7.91 57.88 16.48
CA PHE IB 45 8.79 59.03 16.61
C PHE IB 45 9.15 59.57 15.23
N PHE IB 46 9.62 58.67 14.34
CA PHE IB 46 9.99 59.13 13.02
C PHE IB 46 8.78 59.45 12.16
N ASP IB 47 7.59 58.96 12.52
CA ASP IB 47 6.40 59.49 11.85
C ASP IB 47 6.07 60.89 12.32
N ALA IB 48 6.49 61.25 13.53
CA ALA IB 48 6.28 62.61 14.01
C ALA IB 48 7.28 63.58 13.42
N MET IB 49 8.42 63.09 12.98
CA MET IB 49 9.36 63.95 12.26
C MET IB 49 9.08 64.01 10.76
N ALA IB 50 7.99 63.38 10.31
CA ALA IB 50 7.67 63.25 8.90
C ALA IB 50 6.88 64.42 8.34
N LEU IB 51 6.71 65.49 9.09
CA LEU IB 51 6.16 66.72 8.53
C LEU IB 51 7.23 67.79 8.39
N GLN IB 52 8.17 67.83 9.32
CA GLN IB 52 9.32 68.71 9.15
C GLN IB 52 10.20 68.20 8.03
N LEU IB 53 10.52 66.91 8.03
CA LEU IB 53 10.88 66.28 6.77
C LEU IB 53 9.67 66.28 5.87
N LYS IB 54 9.83 66.75 4.63
CA LYS IB 54 8.67 66.86 3.75
C LYS IB 54 8.39 65.58 2.96
N GLU IB 55 8.92 64.45 3.41
CA GLU IB 55 8.78 63.15 2.76
C GLU IB 55 8.34 62.12 3.79
N PRO IB 56 7.59 61.10 3.38
CA PRO IB 56 7.20 60.05 4.33
C PRO IB 56 8.38 59.15 4.69
N VAL IB 57 8.32 58.61 5.91
CA VAL IB 57 9.39 57.81 6.50
C VAL IB 57 8.93 56.37 6.58
N ILE IB 58 9.77 55.44 6.14
CA ILE IB 58 9.49 54.01 6.13
C ILE IB 58 10.53 53.34 7.02
N VAL IB 59 10.11 52.96 8.22
CA VAL IB 59 10.97 52.31 9.19
C VAL IB 59 10.84 50.81 9.01
N SER IB 60 11.95 50.10 9.07
CA SER IB 60 11.97 48.66 8.83
C SER IB 60 11.43 47.91 10.04
N LYS IB 61 11.49 46.59 10.00
CA LYS IB 61 10.87 45.81 11.06
C LYS IB 61 11.82 45.60 12.24
N MET IB 62 13.10 45.33 11.97
CA MET IB 62 14.05 45.12 13.04
C MET IB 62 14.46 46.42 13.71
N ALA IB 63 14.50 47.51 12.96
CA ALA IB 63 14.86 48.81 13.53
C ALA IB 63 13.69 49.48 14.24
N ALA IB 64 12.53 48.84 14.32
CA ALA IB 64 11.40 49.35 15.06
C ALA IB 64 11.22 48.66 16.40
N ARG IB 65 12.20 47.86 16.82
CA ARG IB 65 12.18 47.24 18.13
C ARG IB 65 12.88 48.07 19.18
N LYS IB 66 13.61 49.10 18.78
CA LYS IB 66 14.27 49.97 19.73
C LYS IB 66 13.32 51.06 20.19
N LYS IB 67 13.68 51.73 21.28
CA LYS IB 67 12.82 52.71 21.92
C LYS IB 67 13.61 53.98 22.20
N ILE IB 68 12.89 55.07 22.45
CA ILE IB 68 13.49 56.36 22.71
C ILE IB 68 12.59 57.12 23.66
N THR IB 69 13.17 57.95 24.50
CA THR IB 69 12.41 58.70 25.49
C THR IB 69 13.08 60.04 25.73
N GLY IB 70 12.32 61.12 25.60
CA GLY IB 70 12.87 62.43 25.88
C GLY IB 70 12.03 63.51 25.21
N ASN IB 71 12.53 64.73 25.34
CA ASN IB 71 11.90 65.90 24.74
C ASN IB 71 12.78 66.40 23.62
N PHE IB 72 12.26 66.42 22.40
CA PHE IB 72 13.06 66.76 21.23
C PHE IB 72 12.50 68.01 20.55
N GLU IB 73 13.25 68.48 19.57
CA GLU IB 73 12.98 69.75 18.90
C GLU IB 73 13.62 69.73 17.53
N PHE IB 74 12.82 69.85 16.48
CA PHE IB 74 13.26 69.77 15.09
C PHE IB 74 13.22 71.15 14.45
N HIS IB 75 14.31 71.89 14.55
CA HIS IB 75 14.38 73.13 13.78
C HIS IB 75 15.06 72.91 12.43
N ASP IB 76 15.98 71.95 12.35
CA ASP IB 76 16.37 71.38 11.07
C ASP IB 76 16.53 69.86 11.20
N PRO IB 77 15.83 69.09 10.38
CA PRO IB 77 15.72 67.66 10.62
C PRO IB 77 16.86 66.83 10.04
N ASN IB 78 17.49 67.31 8.97
CA ASN IB 78 18.52 66.53 8.32
C ASN IB 78 19.82 66.44 9.11
N ALA IB 79 20.04 67.34 10.07
CA ALA IB 79 21.17 67.19 10.98
C ALA IB 79 20.85 66.36 12.20
N LEU IB 80 19.60 66.42 12.67
CA LEU IB 80 19.18 65.56 13.77
C LEU IB 80 19.10 64.11 13.34
N LEU IB 81 18.72 63.87 12.08
CA LEU IB 81 18.59 62.49 11.63
C LEU IB 81 19.96 61.86 11.47
N GLU IB 82 20.95 62.67 11.11
CA GLU IB 82 22.31 62.16 10.95
C GLU IB 82 22.94 61.89 12.31
N LYS IB 83 22.68 62.77 13.29
CA LYS IB 83 23.29 62.56 14.59
C LYS IB 83 22.61 61.42 15.34
N LEU IB 84 21.29 61.30 15.19
CA LEU IB 84 20.57 60.20 15.82
C LEU IB 84 20.85 58.87 15.14
N SER IB 85 21.27 58.87 13.87
CA SER IB 85 21.55 57.59 13.23
C SER IB 85 22.85 56.99 13.71
N LEU IB 86 23.74 57.79 14.28
CA LEU IB 86 25.00 57.30 14.76
C LEU IB 86 24.94 57.05 16.26
N GLN IB 87 24.15 57.82 16.99
CA GLN IB 87 24.05 57.50 18.41
C GLN IB 87 23.18 56.27 18.61
N LEU IB 88 22.08 56.13 17.87
CA LEU IB 88 21.28 54.92 18.00
C LEU IB 88 21.89 53.75 17.25
N GLY IB 89 22.42 53.99 16.06
CA GLY IB 89 23.02 52.96 15.25
C GLY IB 89 22.01 52.53 14.21
N LEU IB 90 22.11 53.13 13.03
CA LEU IB 90 21.10 53.01 11.99
C LEU IB 90 21.75 53.38 10.66
N ILE IB 91 21.07 53.04 9.59
CA ILE IB 91 21.42 53.55 8.26
C ILE IB 91 20.14 54.03 7.62
N TRP IB 92 20.27 55.00 6.72
CA TRP IB 92 19.10 55.59 6.12
C TRP IB 92 19.43 56.05 4.71
N TYR IB 93 18.39 56.16 3.89
CA TYR IB 93 18.60 56.52 2.49
C TYR IB 93 17.38 57.26 1.96
N PHE IB 94 17.64 58.29 1.16
CA PHE IB 94 16.58 59.14 0.61
C PHE IB 94 16.65 59.07 -0.91
N ASP IB 95 15.61 58.51 -1.52
CA ASP IB 95 15.56 58.30 -2.97
C ASP IB 95 14.62 59.26 -3.67
N GLY IB 96 14.45 60.47 -3.13
CA GLY IB 96 13.66 61.48 -3.79
C GLY IB 96 12.19 61.47 -3.41
N GLN IB 97 11.66 60.36 -2.93
CA GLN IB 97 10.25 60.26 -2.59
C GLN IB 97 9.98 59.84 -1.16
N ALA IB 98 10.85 59.05 -0.54
CA ALA IB 98 10.64 58.62 0.83
C ALA IB 98 11.97 58.44 1.50
N ILE IB 99 11.95 58.21 2.81
CA ILE IB 99 13.16 58.00 3.58
C ILE IB 99 13.10 56.60 4.17
N TYR IB 100 13.96 55.72 3.70
CA TYR IB 100 14.03 54.36 4.23
C TYR IB 100 15.04 54.29 5.36
N ILE IB 101 14.62 53.75 6.50
CA ILE IB 101 15.47 53.66 7.69
C ILE IB 101 15.61 52.19 8.06
N TYR IB 102 16.85 51.72 8.10
CA TYR IB 102 17.21 50.38 8.55
C TYR IB 102 18.13 50.54 9.74
N ASP IB 103 18.57 49.42 10.31
CA ASP IB 103 19.62 49.46 11.31
C ASP IB 103 20.94 48.96 10.71
N ALA IB 104 21.98 48.96 11.53
CA ALA IB 104 23.33 48.72 11.01
C ALA IB 104 23.54 47.27 10.63
N SER IB 105 22.82 46.34 11.24
CA SER IB 105 23.04 44.92 11.00
C SER IB 105 22.26 44.40 9.80
N GLU IB 106 21.78 45.30 8.94
CA GLU IB 106 21.10 44.93 7.71
C GLU IB 106 21.81 45.44 6.47
N MET IB 107 23.03 45.95 6.60
CA MET IB 107 23.77 46.46 5.46
C MET IB 107 24.31 45.31 4.62
N ARG IB 108 23.95 45.29 3.34
CA ARG IB 108 24.36 44.25 2.41
C ARG IB 108 25.24 44.84 1.33
N ASN IB 109 26.04 43.98 0.70
CA ASN IB 109 27.01 44.43 -0.29
C ASN IB 109 27.09 43.43 -1.43
N ALA IB 110 27.61 43.89 -2.57
CA ALA IB 110 27.72 43.05 -3.75
C ALA IB 110 28.79 43.58 -4.68
N VAL IB 111 29.34 42.67 -5.50
CA VAL IB 111 30.32 43.01 -6.53
C VAL IB 111 29.68 42.72 -7.89
N VAL IB 112 29.76 43.71 -8.79
CA VAL IB 112 29.13 43.60 -10.10
C VAL IB 112 30.17 43.91 -11.18
N SER IB 113 30.10 43.18 -12.30
CA SER IB 113 31.07 43.29 -13.39
C SER IB 113 30.36 43.70 -14.68
N LEU IB 114 30.65 44.90 -15.16
CA LEU IB 114 30.07 45.36 -16.40
C LEU IB 114 30.88 44.82 -17.58
N ARG IB 115 30.38 45.05 -18.77
CA ARG IB 115 31.02 44.53 -19.96
C ARG IB 115 31.31 45.60 -21.00
N ASN IB 116 30.43 46.57 -21.16
CA ASN IB 116 30.59 47.56 -22.21
C ASN IB 116 30.31 48.99 -21.78
N VAL IB 117 30.08 49.24 -20.49
CA VAL IB 117 29.95 50.58 -19.96
C VAL IB 117 30.91 50.75 -18.81
N SER IB 118 31.47 51.94 -18.68
CA SER IB 118 32.45 52.23 -17.65
C SER IB 118 31.79 52.74 -16.38
N LEU IB 119 32.57 52.76 -15.30
CA LEU IB 119 32.09 53.30 -14.04
C LEU IB 119 31.97 54.81 -14.14
N ASN IB 120 32.82 55.44 -14.94
CA ASN IB 120 32.82 56.89 -15.07
C ASN IB 120 31.58 57.40 -15.80
N GLU IB 121 30.94 56.56 -16.60
CA GLU IB 121 29.70 56.96 -17.24
C GLU IB 121 28.46 56.35 -16.60
N PHE IB 122 28.59 55.24 -15.86
CA PHE IB 122 27.45 54.82 -15.03
C PHE IB 122 27.26 55.76 -13.85
N ASN IB 123 28.35 56.35 -13.35
CA ASN IB 123 28.23 57.35 -12.31
C ASN IB 123 27.58 58.62 -12.83
N ASN IB 124 27.69 58.88 -14.14
CA ASN IB 124 26.95 60.00 -14.71
C ASN IB 124 25.48 59.69 -14.81
N PHE IB 125 25.11 58.41 -14.88
CA PHE IB 125 23.69 58.07 -14.84
C PHE IB 125 23.13 58.29 -13.45
N LEU IB 126 23.93 58.01 -12.43
CA LEU IB 126 23.45 58.23 -11.08
C LEU IB 126 23.42 59.72 -10.73
N LYS IB 127 24.32 60.50 -11.34
CA LYS IB 127 24.34 61.93 -11.07
C LYS IB 127 23.24 62.64 -11.83
N ARG IB 128 22.93 62.18 -13.04
CA ARG IB 128 21.89 62.83 -13.82
C ARG IB 128 20.52 62.46 -13.28
N SER IB 129 20.37 61.24 -12.76
CA SER IB 129 19.06 60.83 -12.28
C SER IB 129 18.77 61.42 -10.91
N GLY IB 130 19.67 61.24 -9.95
CA GLY IB 130 19.40 61.79 -8.63
C GLY IB 130 19.52 60.77 -7.53
N LEU IB 131 20.10 59.62 -7.86
CA LEU IB 131 20.31 58.55 -6.89
C LEU IB 131 21.73 58.52 -6.39
N TYR IB 132 22.52 59.55 -6.69
CA TYR IB 132 23.89 59.62 -6.21
C TYR IB 132 23.88 59.95 -4.74
N ASN IB 133 24.57 59.14 -3.94
CA ASN IB 133 24.66 59.31 -2.50
C ASN IB 133 26.14 59.37 -2.12
N LYS IB 134 26.57 60.51 -1.59
CA LYS IB 134 27.98 60.66 -1.27
C LYS IB 134 28.41 59.90 -0.03
N ASN IB 135 27.47 59.43 0.79
CA ASN IB 135 27.84 58.67 1.96
C ASN IB 135 28.19 57.24 1.61
N TYR IB 136 27.58 56.69 0.57
CA TYR IB 136 27.85 55.33 0.10
C TYR IB 136 28.20 55.34 -1.37
N PRO IB 137 29.44 55.70 -1.72
CA PRO IB 137 29.82 55.77 -3.13
C PRO IB 137 30.18 54.38 -3.64
N LEU IB 138 30.60 54.33 -4.90
CA LEU IB 138 31.02 53.09 -5.55
C LEU IB 138 32.53 53.04 -5.58
N ARG IB 139 33.10 52.02 -4.96
CA ARG IB 139 34.55 51.87 -4.91
C ARG IB 139 34.99 51.00 -6.08
N GLY IB 140 35.84 51.52 -6.94
CA GLY IB 140 36.32 50.75 -8.06
C GLY IB 140 37.18 51.61 -8.98
N ASP IB 141 37.75 50.93 -9.98
CA ASP IB 141 38.57 51.63 -10.94
C ASP IB 141 37.71 52.49 -11.85
N ASN IB 142 38.30 53.58 -12.35
CA ASN IB 142 37.51 54.59 -13.04
C ASN IB 142 37.12 54.14 -14.43
N ARG IB 143 38.03 53.50 -15.17
CA ARG IB 143 37.73 52.96 -16.48
C ARG IB 143 37.91 51.44 -16.45
N LYS IB 144 36.88 50.76 -15.96
CA LYS IB 144 36.89 49.31 -15.82
C LYS IB 144 35.44 48.85 -15.80
N GLY IB 145 35.22 47.62 -15.38
CA GLY IB 145 33.87 47.10 -15.35
C GLY IB 145 33.44 46.53 -14.00
N THR IB 146 34.39 46.32 -13.11
CA THR IB 146 34.10 45.73 -11.80
C THR IB 146 34.26 46.77 -10.70
N PHE IB 147 33.26 46.85 -9.82
CA PHE IB 147 33.35 47.71 -8.65
C PHE IB 147 32.62 47.06 -7.49
N TYR IB 148 32.60 47.76 -6.36
CA TYR IB 148 32.11 47.22 -5.10
C TYR IB 148 31.19 48.25 -4.48
N VAL IB 149 30.00 47.82 -4.07
CA VAL IB 149 28.99 48.70 -3.52
C VAL IB 149 28.49 48.12 -2.19
N SER IB 150 28.23 48.99 -1.23
CA SER IB 150 27.72 48.58 0.06
C SER IB 150 26.87 49.69 0.64
N GLY IB 151 25.67 49.36 1.11
CA GLY IB 151 24.78 50.34 1.68
C GLY IB 151 23.48 49.71 2.14
N PRO IB 152 22.41 50.49 2.19
CA PRO IB 152 21.11 49.95 2.54
C PRO IB 152 20.57 49.02 1.47
N PRO IB 153 19.66 48.11 1.83
CA PRO IB 153 19.15 47.14 0.86
C PRO IB 153 18.25 47.71 -0.22
N VAL IB 154 17.77 48.94 -0.09
CA VAL IB 154 16.99 49.52 -1.19
C VAL IB 154 17.91 50.23 -2.16
N TYR IB 155 19.13 50.57 -1.75
CA TYR IB 155 20.11 51.19 -2.61
C TYR IB 155 20.93 50.17 -3.37
N VAL IB 156 21.26 49.06 -2.72
CA VAL IB 156 22.09 48.06 -3.39
C VAL IB 156 21.27 47.30 -4.42
N ASP IB 157 20.02 46.96 -4.09
CA ASP IB 157 19.19 46.21 -5.02
C ASP IB 157 18.69 47.04 -6.17
N MET IB 158 18.92 48.35 -6.16
CA MET IB 158 18.67 49.20 -7.31
C MET IB 158 19.92 49.32 -8.17
N VAL IB 159 21.09 49.50 -7.53
CA VAL IB 159 22.33 49.67 -8.29
C VAL IB 159 22.69 48.39 -9.04
N VAL IB 160 22.46 47.23 -8.42
CA VAL IB 160 22.75 45.96 -9.08
C VAL IB 160 21.78 45.72 -10.25
N ASN IB 161 20.50 46.01 -10.04
CA ASN IB 161 19.52 45.74 -11.08
C ASN IB 161 19.58 46.75 -12.21
N ALA IB 162 20.17 47.92 -12.00
CA ALA IB 162 20.24 48.84 -13.12
C ALA IB 162 21.57 48.68 -13.86
N ALA IB 163 22.61 48.24 -13.15
CA ALA IB 163 23.88 48.03 -13.82
C ALA IB 163 23.81 46.78 -14.68
N THR IB 164 23.16 45.72 -14.21
CA THR IB 164 23.04 44.56 -15.08
C THR IB 164 21.87 44.67 -16.05
N MET IB 165 21.16 45.80 -16.09
CA MET IB 165 20.18 46.07 -17.13
C MET IB 165 20.66 47.10 -18.13
N MET IB 166 21.81 47.73 -17.90
CA MET IB 166 22.35 48.60 -18.93
C MET IB 166 23.28 47.88 -19.89
N ASP IB 167 23.88 46.76 -19.46
CA ASP IB 167 24.71 45.97 -20.36
C ASP IB 167 23.87 45.29 -21.43
N LYS IB 168 22.69 44.79 -21.07
CA LYS IB 168 21.83 44.24 -22.11
C LYS IB 168 21.20 45.33 -22.96
N GLN IB 169 21.17 46.56 -22.47
CA GLN IB 169 20.71 47.66 -23.30
C GLN IB 169 21.75 48.02 -24.35
N ASN IB 170 23.02 47.91 -23.98
CA ASN IB 170 24.10 48.21 -24.93
C ASN IB 170 24.70 46.93 -25.48
N LEU IB 175 28.29 43.43 -33.14
CA LEU IB 175 28.43 43.16 -34.56
C LEU IB 175 29.25 44.23 -35.25
N GLY IB 176 29.72 43.93 -36.46
CA GLY IB 176 30.51 44.87 -37.22
C GLY IB 176 29.86 45.28 -38.53
N ARG IB 177 29.78 46.58 -38.78
CA ARG IB 177 29.22 47.08 -40.02
C ARG IB 177 30.20 46.87 -41.17
N GLN IB 178 29.65 46.60 -42.35
CA GLN IB 178 30.48 46.46 -43.53
C GLN IB 178 30.95 47.84 -44.00
N LYS IB 179 32.04 47.83 -44.77
CA LYS IB 179 32.68 49.06 -45.21
C LYS IB 179 33.44 48.77 -46.49
N ILE IB 180 33.35 49.68 -47.46
CA ILE IB 180 34.02 49.55 -48.74
C ILE IB 180 35.16 50.55 -48.78
N GLY IB 181 36.38 50.06 -49.04
CA GLY IB 181 37.55 50.90 -49.14
C GLY IB 181 38.12 50.86 -50.55
N VAL IB 182 38.63 52.01 -50.99
CA VAL IB 182 39.23 52.17 -52.31
C VAL IB 182 40.69 52.51 -52.12
N MET IB 183 41.58 51.68 -52.65
CA MET IB 183 43.02 51.81 -52.46
C MET IB 183 43.68 51.99 -53.82
N ARG IB 184 44.13 53.21 -54.12
CA ARG IB 184 44.80 53.47 -55.37
C ARG IB 184 46.26 53.03 -55.33
N LEU IB 185 46.70 52.38 -56.39
CA LEU IB 185 48.08 51.89 -56.49
C LEU IB 185 48.89 52.85 -57.34
N ASN IB 186 50.03 53.28 -56.81
CA ASN IB 186 50.84 54.29 -57.49
C ASN IB 186 52.02 53.72 -58.25
N ASN IB 187 52.49 52.52 -57.92
CA ASN IB 187 53.73 52.01 -58.49
C ASN IB 187 53.58 50.63 -59.12
N THR IB 188 52.36 50.20 -59.42
CA THR IB 188 52.15 48.90 -60.05
C THR IB 188 50.84 48.91 -60.82
N PHE IB 189 50.57 47.80 -61.49
CA PHE IB 189 49.38 47.63 -62.31
C PHE IB 189 48.47 46.57 -61.71
N VAL IB 190 47.17 46.85 -61.67
CA VAL IB 190 46.16 45.81 -61.44
C VAL IB 190 45.92 45.10 -62.76
N GLY IB 191 45.60 43.82 -62.69
CA GLY IB 191 45.29 43.06 -63.89
C GLY IB 191 46.51 42.38 -64.47
N ASP IB 192 46.23 41.39 -65.31
CA ASP IB 192 47.25 40.51 -65.83
C ASP IB 192 47.94 41.11 -67.05
N ARG IB 193 49.18 40.69 -67.28
CA ARG IB 193 49.95 41.09 -68.45
C ARG IB 193 50.14 39.88 -69.35
N THR IB 194 50.03 40.08 -70.66
CA THR IB 194 50.09 39.00 -71.63
C THR IB 194 51.12 39.32 -72.70
N TYR IB 195 51.89 38.30 -73.09
CA TYR IB 195 52.83 38.41 -74.21
C TYR IB 195 52.90 37.06 -74.91
N ASN IB 196 53.66 36.99 -76.00
CA ASN IB 196 53.70 35.78 -76.83
C ASN IB 196 55.14 35.41 -77.15
N LEU IB 197 55.39 34.09 -77.27
CA LEU IB 197 56.64 33.58 -77.85
C LEU IB 197 56.25 32.77 -79.07
N ARG IB 198 55.95 33.47 -80.16
CA ARG IB 198 55.81 33.02 -81.55
C ARG IB 198 54.64 32.08 -81.82
N ASP IB 199 54.11 31.40 -80.81
CA ASP IB 199 52.86 30.66 -80.97
C ASP IB 199 52.00 30.65 -79.71
N GLN IB 200 52.64 30.78 -78.55
CA GLN IB 200 52.02 30.50 -77.27
C GLN IB 200 51.89 31.76 -76.43
N LYS IB 201 50.86 31.82 -75.62
CA LYS IB 201 50.53 32.99 -74.81
C LYS IB 201 50.93 32.72 -73.37
N MET IB 202 51.60 33.68 -72.76
CA MET IB 202 51.96 33.63 -71.34
C MET IB 202 51.19 34.70 -70.59
N VAL IB 203 50.60 34.33 -69.46
CA VAL IB 203 49.80 35.23 -68.64
C VAL IB 203 50.43 35.29 -67.26
N ILE IB 204 50.71 36.50 -66.78
CA ILE IB 204 51.30 36.74 -65.47
C ILE IB 204 50.22 37.29 -64.56
N PRO IB 205 49.98 36.69 -63.39
CA PRO IB 205 48.93 37.20 -62.50
C PRO IB 205 49.34 38.49 -61.82
N GLY IB 206 48.41 39.43 -61.73
CA GLY IB 206 48.65 40.72 -61.14
C GLY IB 206 48.48 40.72 -59.64
N ILE IB 207 48.27 41.92 -59.10
CA ILE IB 207 48.09 42.04 -57.66
C ILE IB 207 46.67 41.68 -57.24
N ALA IB 208 45.70 41.73 -58.14
CA ALA IB 208 44.33 41.45 -57.75
C ALA IB 208 43.98 39.98 -57.84
N THR IB 209 44.84 39.17 -58.47
CA THR IB 209 44.67 37.73 -58.49
C THR IB 209 45.46 37.06 -57.37
N ALA IB 210 46.53 37.68 -56.92
CA ALA IB 210 47.34 37.10 -55.86
C ALA IB 210 46.66 37.22 -54.49
N ILE IB 211 46.04 38.36 -54.20
CA ILE IB 211 45.36 38.51 -52.92
C ILE IB 211 44.00 37.82 -52.94
N GLU IB 212 43.41 37.63 -54.12
CA GLU IB 212 42.13 36.93 -54.20
C GLU IB 212 42.30 35.44 -53.93
N ARG IB 213 43.42 34.86 -54.36
CA ARG IB 213 43.69 33.46 -54.06
C ARG IB 213 44.20 33.27 -52.64
N LEU IB 214 44.68 34.34 -51.99
CA LEU IB 214 45.15 34.21 -50.62
C LEU IB 214 43.98 34.14 -49.65
N LEU IB 215 42.88 34.81 -49.98
CA LEU IB 215 41.69 34.85 -49.12
C LEU IB 215 40.59 33.92 -49.61
N GLN IB 216 40.97 32.89 -50.36
CA GLN IB 216 40.00 31.95 -50.93
C GLN IB 216 39.72 30.85 -49.93
N GLY IB 217 38.45 30.47 -49.81
CA GLY IB 217 38.04 29.54 -48.77
C GLY IB 217 38.15 30.23 -47.43
N GLU IB 218 39.13 29.80 -46.62
CA GLU IB 218 39.68 30.55 -45.48
C GLU IB 218 38.63 30.86 -44.41
N GLU IB 219 38.13 29.80 -43.77
CA GLU IB 219 37.28 29.98 -42.61
C GLU IB 219 38.12 30.29 -41.38
N GLN IB 220 38.66 31.51 -41.31
CA GLN IB 220 39.63 31.87 -40.29
C GLN IB 220 39.26 33.19 -39.64
N PRO IB 221 39.42 33.30 -38.31
CA PRO IB 221 39.01 34.53 -37.61
C PRO IB 221 39.94 35.71 -37.82
N LEU IB 222 39.83 36.37 -38.96
CA LEU IB 222 40.68 37.52 -39.25
C LEU IB 222 40.09 38.78 -38.62
N GLY IB 223 40.95 39.53 -37.93
CA GLY IB 223 40.57 40.79 -37.34
C GLY IB 223 41.62 41.86 -37.52
N ALA IB 262 34.59 39.28 -38.32
CA ALA IB 262 33.99 38.05 -38.83
C ALA IB 262 35.07 37.04 -39.23
N ALA IB 263 34.93 36.45 -40.41
CA ALA IB 263 35.86 35.44 -40.90
C ALA IB 263 36.76 36.05 -41.96
N ALA IB 264 37.74 35.26 -42.41
CA ALA IB 264 38.62 35.71 -43.49
C ALA IB 264 38.04 35.34 -44.85
N GLY IB 265 36.98 34.54 -44.87
CA GLY IB 265 36.40 34.06 -46.09
C GLY IB 265 35.30 34.89 -46.70
N ASN IB 266 34.86 35.95 -46.01
CA ASN IB 266 33.83 36.82 -46.54
C ASN IB 266 34.37 38.16 -47.02
N ILE IB 267 35.68 38.28 -47.22
CA ILE IB 267 36.25 39.48 -47.80
C ILE IB 267 36.23 39.37 -49.32
N LYS IB 268 35.69 40.39 -49.98
CA LYS IB 268 35.61 40.43 -51.43
C LYS IB 268 36.60 41.46 -51.96
N ILE IB 269 37.41 41.07 -52.93
CA ILE IB 269 38.40 41.94 -53.55
C ILE IB 269 38.17 41.92 -55.05
N VAL IB 270 37.89 43.10 -55.62
CA VAL IB 270 37.55 43.24 -57.03
C VAL IB 270 38.43 44.33 -57.62
N ALA IB 271 39.10 44.01 -58.74
CA ALA IB 271 39.95 44.96 -59.44
C ALA IB 271 39.09 45.96 -60.20
N TYR IB 272 39.43 47.23 -60.08
CA TYR IB 272 38.78 48.28 -60.86
C TYR IB 272 39.83 48.97 -61.72
N PRO IB 273 40.04 48.55 -62.97
CA PRO IB 273 41.18 49.07 -63.75
C PRO IB 273 40.98 50.47 -64.29
N ASP IB 274 39.79 51.04 -64.17
CA ASP IB 274 39.52 52.31 -64.81
C ASP IB 274 40.17 53.46 -64.06
N THR IB 275 40.45 53.27 -62.76
CA THR IB 275 41.24 54.23 -62.00
C THR IB 275 42.44 53.59 -61.32
N ASN IB 276 42.75 52.33 -61.66
CA ASN IB 276 43.89 51.57 -61.15
C ASN IB 276 43.87 51.46 -59.62
N SER IB 277 42.84 50.80 -59.12
CA SER IB 277 42.62 50.73 -57.69
C SER IB 277 41.86 49.45 -57.35
N LEU IB 278 42.04 49.01 -56.11
CA LEU IB 278 41.37 47.83 -55.58
C LEU IB 278 40.11 48.24 -54.83
N LEU IB 279 39.13 47.34 -54.81
CA LEU IB 279 37.89 47.53 -54.07
C LEU IB 279 37.77 46.40 -53.06
N VAL IB 280 37.87 46.72 -51.77
CA VAL IB 280 37.81 45.74 -50.68
C VAL IB 280 36.54 45.99 -49.90
N LYS IB 281 35.77 44.93 -49.67
CA LYS IB 281 34.54 45.00 -48.89
C LYS IB 281 34.66 44.07 -47.69
N GLY IB 282 34.57 44.65 -46.50
CA GLY IB 282 34.64 43.86 -45.28
C GLY IB 282 34.29 44.73 -44.09
N THR IB 283 34.66 44.26 -42.91
CA THR IB 283 34.46 45.04 -41.70
C THR IB 283 35.47 46.18 -41.63
N ALA IB 284 35.37 46.99 -40.58
CA ALA IB 284 36.28 48.11 -40.43
C ALA IB 284 37.67 47.69 -40.00
N GLU IB 285 37.83 46.45 -39.54
CA GLU IB 285 39.15 45.93 -39.15
C GLU IB 285 39.80 45.13 -40.25
N GLN IB 286 39.02 44.52 -41.14
CA GLN IB 286 39.60 43.79 -42.26
C GLN IB 286 40.00 44.70 -43.39
N VAL IB 287 39.34 45.85 -43.54
CA VAL IB 287 39.71 46.81 -44.57
C VAL IB 287 41.05 47.46 -44.24
N HIS IB 288 41.27 47.79 -42.97
CA HIS IB 288 42.56 48.29 -42.51
C HIS IB 288 43.63 47.21 -42.56
N PHE IB 289 43.25 45.94 -42.55
CA PHE IB 289 44.22 44.86 -42.59
C PHE IB 289 44.79 44.66 -43.98
N ILE IB 290 43.98 44.88 -45.02
CA ILE IB 290 44.46 44.74 -46.39
C ILE IB 290 45.16 46.01 -46.84
N GLU IB 291 44.80 47.16 -46.25
CA GLU IB 291 45.45 48.42 -46.62
C GLU IB 291 46.90 48.47 -46.16
N MET IB 292 47.23 47.77 -45.08
CA MET IB 292 48.62 47.70 -44.64
C MET IB 292 49.43 46.69 -45.43
N LEU IB 293 48.77 45.70 -46.05
CA LEU IB 293 49.49 44.76 -46.90
C LEU IB 293 49.80 45.36 -48.27
N VAL IB 294 48.89 46.19 -48.79
CA VAL IB 294 49.03 46.78 -50.11
C VAL IB 294 50.19 47.79 -50.13
N LYS IB 295 50.36 48.55 -49.06
CA LYS IB 295 51.44 49.52 -48.98
C LYS IB 295 52.81 48.88 -48.81
N ALA IB 296 52.89 47.57 -48.56
CA ALA IB 296 54.15 46.86 -48.53
C ALA IB 296 54.49 46.20 -49.86
N LEU IB 297 53.49 45.95 -50.70
CA LEU IB 297 53.70 45.40 -52.03
C LEU IB 297 53.78 46.47 -53.11
N ASP IB 298 53.72 47.74 -52.74
CA ASP IB 298 53.66 48.84 -53.71
C ASP IB 298 54.94 49.67 -53.59
N VAL IB 299 55.96 49.24 -54.33
CA VAL IB 299 57.25 49.92 -54.32
C VAL IB 299 57.65 50.24 -55.76
N ALA IB 300 58.51 51.25 -55.90
CA ALA IB 300 58.99 51.66 -57.21
C ALA IB 300 60.13 50.75 -57.66
N LYS IB 301 60.16 50.49 -58.97
CA LYS IB 301 61.11 49.56 -59.56
C LYS IB 301 62.27 50.27 -60.21
N ARG IB 302 63.31 49.51 -60.51
CA ARG IB 302 64.51 50.00 -61.15
C ARG IB 302 64.63 49.40 -62.55
N HIS IB 303 65.39 50.09 -63.40
CA HIS IB 303 65.50 49.72 -64.80
C HIS IB 303 66.80 48.97 -65.06
N VAL IB 304 66.72 47.91 -65.86
CA VAL IB 304 67.87 47.13 -66.29
C VAL IB 304 67.92 47.15 -67.81
N GLU IB 305 69.09 47.47 -68.36
CA GLU IB 305 69.33 47.40 -69.79
C GLU IB 305 70.29 46.26 -70.08
N LEU IB 306 69.85 45.30 -70.88
CA LEU IB 306 70.62 44.09 -71.16
C LEU IB 306 71.20 44.17 -72.56
N SER IB 307 72.52 44.01 -72.67
CA SER IB 307 73.22 44.03 -73.94
C SER IB 307 73.91 42.70 -74.15
N LEU IB 308 73.66 42.08 -75.30
CA LEU IB 308 74.18 40.76 -75.62
C LEU IB 308 75.06 40.85 -76.87
N TRP IB 309 76.27 40.32 -76.77
CA TRP IB 309 77.21 40.34 -77.89
C TRP IB 309 77.30 38.95 -78.52
N ILE IB 310 77.24 38.90 -79.84
CA ILE IB 310 77.40 37.67 -80.61
C ILE IB 310 78.53 37.90 -81.60
N VAL IB 311 79.71 37.35 -81.30
CA VAL IB 311 80.89 37.52 -82.13
C VAL IB 311 81.10 36.23 -82.93
N ASP IB 312 81.38 36.38 -84.22
CA ASP IB 312 81.51 35.24 -85.11
C ASP IB 312 82.66 35.50 -86.06
N LEU IB 313 83.68 34.63 -86.01
CA LEU IB 313 84.85 34.78 -86.85
C LEU IB 313 85.06 33.52 -87.67
N ASN IB 314 85.69 33.68 -88.83
CA ASN IB 314 86.01 32.57 -89.72
C ASN IB 314 87.39 32.78 -90.32
N LYS IB 315 87.89 31.73 -90.94
CA LYS IB 315 89.18 31.70 -91.62
C LYS IB 315 89.23 30.43 -92.43
N SER IB 316 89.95 30.45 -93.55
CA SER IB 316 89.99 29.29 -94.42
C SER IB 316 91.26 29.30 -95.25
N ASP IB 317 91.49 28.18 -95.93
CA ASP IB 317 92.66 27.98 -96.79
C ASP IB 317 92.35 26.79 -97.67
N LEU IB 318 92.87 26.78 -98.89
CA LEU IB 318 92.56 25.72 -99.86
C LEU IB 318 93.58 25.78 -100.98
N GLU IB 319 94.01 24.60 -101.45
CA GLU IB 319 94.94 24.53 -102.58
C GLU IB 319 94.81 23.17 -103.24
N ARG IB 320 94.48 23.16 -104.54
CA ARG IB 320 94.48 21.94 -105.34
C ARG IB 320 95.42 22.12 -106.52
N LEU IB 321 96.18 21.08 -106.84
CA LEU IB 321 97.12 21.13 -107.96
C LEU IB 321 97.42 19.72 -108.42
N GLY IB 322 96.99 19.37 -109.62
CA GLY IB 322 97.29 18.07 -110.18
C GLY IB 322 96.23 17.65 -111.17
N THR IB 323 96.49 16.50 -111.80
CA THR IB 323 95.62 15.93 -112.81
C THR IB 323 95.05 14.60 -112.34
N SER IB 324 94.11 14.07 -113.12
CA SER IB 324 93.46 12.79 -112.80
C SER IB 324 92.90 12.21 -114.09
N TRP IB 325 93.43 11.06 -114.50
CA TRP IB 325 93.10 10.44 -115.78
C TRP IB 325 91.99 9.43 -115.61
N SER IB 326 90.95 9.52 -116.45
CA SER IB 326 89.83 8.59 -116.41
C SER IB 326 89.12 8.64 -117.77
N GLY IB 327 89.21 7.56 -118.54
CA GLY IB 327 88.58 7.53 -119.84
C GLY IB 327 88.56 6.14 -120.44
N SER IB 328 87.93 6.05 -121.61
CA SER IB 328 87.83 4.82 -122.38
C SER IB 328 88.38 5.02 -123.79
N ILE IB 329 88.56 3.90 -124.49
CA ILE IB 329 89.12 3.93 -125.84
C ILE IB 329 88.57 2.72 -126.58
N THR IB 330 88.71 2.71 -127.91
CA THR IB 330 88.33 1.58 -128.74
C THR IB 330 89.43 1.33 -129.76
N ILE IB 331 89.99 0.13 -129.77
CA ILE IB 331 91.16 -0.21 -130.57
C ILE IB 331 90.74 -1.25 -131.59
N GLY IB 332 90.43 -0.80 -132.81
CA GLY IB 332 90.23 -1.68 -133.95
C GLY IB 332 89.05 -2.62 -133.85
N ASP IB 333 87.95 -2.18 -133.22
CA ASP IB 333 86.63 -2.83 -133.10
C ASP IB 333 86.69 -4.33 -132.72
N LYS IB 334 87.75 -4.72 -132.01
CA LYS IB 334 87.89 -6.07 -131.48
C LYS IB 334 88.35 -6.10 -130.03
N LEU IB 335 88.99 -5.05 -129.53
CA LEU IB 335 89.36 -4.98 -128.13
C LEU IB 335 89.37 -3.53 -127.69
N GLY IB 336 88.93 -3.30 -126.46
CA GLY IB 336 88.86 -1.96 -125.92
C GLY IB 336 89.52 -1.91 -124.55
N VAL IB 337 90.06 -0.75 -124.22
CA VAL IB 337 90.80 -0.53 -122.97
C VAL IB 337 90.10 0.57 -122.19
N SER IB 338 89.75 0.29 -120.94
CA SER IB 338 89.24 1.28 -120.03
C SER IB 338 90.34 1.71 -119.07
N LEU IB 339 90.06 2.74 -118.27
CA LEU IB 339 91.02 3.24 -117.30
C LEU IB 339 90.25 3.95 -116.18
N ASN IB 340 90.32 3.36 -114.97
CA ASN IB 340 89.77 3.94 -113.74
C ASN IB 340 88.27 4.23 -113.84
N GLN IB 341 87.52 3.28 -114.39
CA GLN IB 341 86.09 3.46 -114.58
C GLN IB 341 85.34 2.22 -114.11
N SER IB 342 84.01 2.33 -114.08
CA SER IB 342 83.14 1.20 -113.77
C SER IB 342 82.25 0.85 -114.95
N SER IB 343 81.64 1.84 -115.59
CA SER IB 343 80.82 1.65 -116.78
C SER IB 343 81.62 2.05 -118.02
N ILE IB 344 81.62 1.16 -119.01
CA ILE IB 344 82.46 1.34 -120.20
C ILE IB 344 81.56 1.44 -121.42
N SER IB 345 80.39 0.79 -121.35
CA SER IB 345 79.52 0.66 -122.51
C SER IB 345 78.88 1.98 -122.90
N THR IB 346 78.35 2.73 -121.92
CA THR IB 346 77.75 4.02 -122.20
C THR IB 346 78.77 5.11 -122.44
N LEU IB 347 80.05 4.86 -122.13
CA LEU IB 347 81.14 5.76 -122.49
C LEU IB 347 82.07 5.12 -123.53
N ASP IB 348 81.52 4.30 -124.43
CA ASP IB 348 82.34 3.63 -125.41
C ASP IB 348 82.77 4.54 -126.55
N GLY IB 349 81.91 5.47 -126.96
CA GLY IB 349 82.24 6.41 -128.01
C GLY IB 349 83.02 7.62 -127.56
N SER IB 350 83.38 7.71 -126.29
CA SER IB 350 84.11 8.85 -125.76
C SER IB 350 85.62 8.58 -125.82
N ARG IB 351 86.39 9.41 -125.12
CA ARG IB 351 87.85 9.35 -125.17
C ARG IB 351 88.44 9.45 -123.78
N PHE IB 352 89.76 9.61 -123.69
CA PHE IB 352 90.41 9.82 -122.40
C PHE IB 352 90.18 11.24 -121.92
N ILE IB 353 90.00 11.40 -120.61
CA ILE IB 353 89.79 12.69 -119.99
C ILE IB 353 90.89 12.91 -118.96
N ALA IB 354 91.57 14.06 -119.06
CA ALA IB 354 92.61 14.44 -118.13
C ALA IB 354 92.13 15.68 -117.38
N ALA IB 355 91.40 15.47 -116.28
CA ALA IB 355 90.83 16.58 -115.52
C ALA IB 355 91.93 17.25 -114.70
N VAL IB 356 92.22 18.51 -115.01
CA VAL IB 356 93.27 19.28 -114.35
C VAL IB 356 92.59 20.23 -113.37
N ASN IB 357 93.20 20.39 -112.19
CA ASN IB 357 92.73 21.33 -111.19
C ASN IB 357 93.88 22.23 -110.75
N ALA IB 358 93.58 23.52 -110.63
CA ALA IB 358 94.56 24.49 -110.15
C ALA IB 358 93.80 25.61 -109.44
N LEU IB 359 94.08 25.79 -108.15
CA LEU IB 359 93.35 26.74 -107.33
C LEU IB 359 94.17 27.02 -106.07
N GLU IB 360 94.00 28.22 -105.52
CA GLU IB 360 94.66 28.61 -104.29
C GLU IB 360 93.83 29.72 -103.66
N GLU IB 361 93.15 29.41 -102.57
CA GLU IB 361 92.11 30.29 -102.04
C GLU IB 361 92.39 30.65 -100.59
N LYS IB 362 92.17 31.93 -100.26
CA LYS IB 362 92.16 32.40 -98.88
C LYS IB 362 90.80 33.01 -98.58
N LYS IB 363 90.48 33.14 -97.29
CA LYS IB 363 89.17 33.62 -96.89
C LYS IB 363 89.23 34.14 -95.47
N GLN IB 364 88.32 35.05 -95.14
CA GLN IB 364 88.19 35.62 -93.81
C GLN IB 364 86.84 36.29 -93.71
N ALA IB 365 86.20 36.19 -92.54
CA ALA IB 365 84.88 36.77 -92.36
C ALA IB 365 84.64 37.02 -90.87
N THR IB 366 84.25 38.25 -90.54
CA THR IB 366 83.91 38.63 -89.17
C THR IB 366 82.50 39.18 -89.15
N VAL IB 367 81.73 38.82 -88.13
CA VAL IB 367 80.37 39.33 -87.94
C VAL IB 367 80.18 39.59 -86.45
N VAL IB 368 79.80 40.81 -86.10
CA VAL IB 368 79.52 41.19 -84.71
C VAL IB 368 78.11 41.76 -84.65
N SER IB 369 77.20 41.07 -84.00
CA SER IB 369 75.82 41.49 -83.85
C SER IB 369 75.51 41.72 -82.38
N ARG IB 370 74.56 42.61 -82.11
CA ARG IB 370 74.30 43.06 -80.73
C ARG IB 370 72.85 43.53 -80.58
N PRO IB 371 72.01 42.76 -79.90
CA PRO IB 371 70.69 43.28 -79.51
C PRO IB 371 70.68 43.91 -78.12
N VAL IB 372 69.89 44.98 -77.98
CA VAL IB 372 69.78 45.74 -76.74
C VAL IB 372 68.31 45.77 -76.33
N LEU IB 373 68.04 45.57 -75.04
CA LEU IB 373 66.67 45.52 -74.53
C LEU IB 373 66.63 46.16 -73.15
N LEU IB 374 65.54 46.88 -72.86
CA LEU IB 374 65.38 47.59 -71.60
C LEU IB 374 64.10 47.13 -70.91
N THR IB 375 64.20 46.81 -69.61
CA THR IB 375 63.06 46.37 -68.83
C THR IB 375 63.28 46.76 -67.37
N GLN IB 376 62.36 46.33 -66.51
CA GLN IB 376 62.39 46.62 -65.08
C GLN IB 376 62.73 45.35 -64.30
N GLU IB 377 62.78 45.49 -62.97
CA GLU IB 377 62.98 44.34 -62.11
C GLU IB 377 61.79 43.41 -62.17
N ASN IB 378 62.06 42.10 -62.18
CA ASN IB 378 61.07 41.03 -62.05
C ASN IB 378 60.00 41.07 -63.13
N VAL IB 379 60.33 41.60 -64.31
CA VAL IB 379 59.40 41.73 -65.42
C VAL IB 379 59.99 40.99 -66.61
N PRO IB 380 59.30 40.01 -67.18
CA PRO IB 380 59.83 39.33 -68.37
C PRO IB 380 59.69 40.20 -69.60
N ALA IB 381 60.75 40.26 -70.39
CA ALA IB 381 60.78 41.05 -71.61
C ALA IB 381 61.22 40.18 -72.78
N ILE IB 382 60.87 40.60 -73.99
CA ILE IB 382 61.17 39.86 -75.21
C ILE IB 382 61.67 40.82 -76.28
N PHE IB 383 62.82 40.50 -76.86
CA PHE IB 383 63.27 41.07 -78.12
C PHE IB 383 63.24 39.96 -79.16
N ASP IB 384 62.76 40.27 -80.35
CA ASP IB 384 62.58 39.27 -81.39
C ASP IB 384 62.84 39.90 -82.74
N ASN IB 385 63.64 39.25 -83.57
CA ASN IB 385 63.94 39.73 -84.92
C ASN IB 385 63.95 38.49 -85.83
N ASN IB 386 62.80 38.16 -86.41
CA ASN IB 386 62.64 36.88 -87.07
C ASN IB 386 62.30 37.06 -88.54
N ARG IB 387 62.05 35.93 -89.21
CA ARG IB 387 61.72 35.86 -90.62
C ARG IB 387 60.81 34.67 -90.83
N THR IB 388 59.71 34.87 -91.56
CA THR IB 388 58.69 33.85 -91.72
C THR IB 388 58.67 33.40 -93.18
N PHE IB 389 58.51 32.10 -93.39
CA PHE IB 389 58.53 31.49 -94.72
C PHE IB 389 57.22 30.73 -94.90
N TYR IB 390 56.38 31.19 -95.82
CA TYR IB 390 55.06 30.62 -96.02
C TYR IB 390 55.07 29.66 -97.19
N THR IB 391 54.40 28.52 -97.01
CA THR IB 391 54.33 27.49 -98.03
C THR IB 391 52.88 27.11 -98.29
N LYS IB 392 52.64 26.55 -99.46
CA LYS IB 392 51.28 26.22 -99.93
C LYS IB 392 51.12 24.71 -99.97
N LEU IB 393 50.59 24.14 -98.90
CA LEU IB 393 50.28 22.71 -98.83
C LEU IB 393 48.92 22.52 -99.50
N ILE IB 394 48.92 22.05 -100.74
CA ILE IB 394 47.68 21.96 -101.51
C ILE IB 394 46.98 20.67 -101.13
N GLY IB 395 46.20 20.73 -100.06
CA GLY IB 395 45.33 19.66 -99.64
C GLY IB 395 43.91 19.93 -100.10
N GLU IB 396 42.97 19.19 -99.51
CA GLU IB 396 41.57 19.41 -99.83
C GLU IB 396 40.71 19.78 -98.63
N ARG IB 397 41.03 19.30 -97.42
CA ARG IB 397 40.14 19.48 -96.29
C ARG IB 397 40.64 20.51 -95.31
N ASN IB 398 41.78 20.22 -94.72
CA ASN IB 398 42.38 21.06 -93.69
C ASN IB 398 43.48 21.83 -94.38
N VAL IB 399 43.11 22.59 -95.40
CA VAL IB 399 44.03 23.43 -96.15
C VAL IB 399 44.56 24.50 -95.22
N ALA IB 400 45.87 24.73 -95.26
CA ALA IB 400 46.48 25.60 -94.28
C ALA IB 400 47.71 26.24 -94.88
N LEU IB 401 48.04 27.42 -94.37
CA LEU IB 401 49.30 28.06 -94.67
C LEU IB 401 50.24 27.69 -93.54
N GLU IB 402 51.16 26.77 -93.81
CA GLU IB 402 52.15 26.37 -92.83
C GLU IB 402 53.37 27.26 -92.96
N HIS IB 403 54.03 27.51 -91.84
CA HIS IB 403 55.13 28.48 -91.83
C HIS IB 403 56.21 28.02 -90.87
N VAL IB 404 57.44 28.43 -91.18
CA VAL IB 404 58.59 28.26 -90.30
C VAL IB 404 59.08 29.65 -89.93
N THR IB 405 59.85 29.73 -88.86
CA THR IB 405 60.30 31.01 -88.30
C THR IB 405 61.70 30.84 -87.75
N TYR IB 406 62.58 31.79 -88.05
CA TYR IB 406 63.94 31.74 -87.55
C TYR IB 406 64.46 33.16 -87.40
N GLY IB 407 65.27 33.38 -86.36
CA GLY IB 407 65.85 34.69 -86.15
C GLY IB 407 66.37 34.82 -84.74
N THR IB 408 66.87 36.01 -84.42
CA THR IB 408 67.44 36.32 -83.12
C THR IB 408 66.30 36.55 -82.12
N MET IB 409 66.47 36.08 -80.90
CA MET IB 409 65.41 36.14 -79.89
C MET IB 409 66.01 36.04 -78.50
N ILE IB 410 65.67 36.98 -77.63
CA ILE IB 410 66.07 36.97 -76.23
C ILE IB 410 64.83 37.05 -75.37
N ARG IB 411 64.78 36.26 -74.30
CA ARG IB 411 63.76 36.40 -73.26
C ARG IB 411 64.47 36.37 -71.92
N VAL IB 412 64.39 37.47 -71.18
CA VAL IB 412 65.18 37.65 -69.98
C VAL IB 412 64.25 38.01 -68.82
N LEU IB 413 64.69 37.72 -67.60
CA LEU IB 413 63.94 38.04 -66.39
C LEU IB 413 64.94 38.52 -65.35
N PRO IB 414 65.21 39.82 -65.31
CA PRO IB 414 66.26 40.32 -64.44
C PRO IB 414 65.77 40.49 -63.01
N ARG IB 415 66.74 40.53 -62.09
CA ARG IB 415 66.46 40.57 -60.65
C ARG IB 415 67.71 41.01 -59.93
N PHE IB 416 67.57 41.98 -59.02
CA PHE IB 416 68.72 42.44 -58.25
C PHE IB 416 68.91 41.59 -57.00
N SER IB 417 70.16 41.23 -56.73
CA SER IB 417 70.48 40.47 -55.53
C SER IB 417 70.68 41.43 -54.35
N ALA IB 418 71.18 40.90 -53.23
CA ALA IB 418 71.36 41.72 -52.04
C ALA IB 418 72.63 42.55 -52.10
N ASP IB 419 73.61 42.14 -52.90
CA ASP IB 419 74.88 42.83 -52.98
C ASP IB 419 74.93 43.87 -54.08
N GLY IB 420 73.93 43.90 -54.96
CA GLY IB 420 73.96 44.77 -56.10
C GLY IB 420 74.27 44.10 -57.42
N GLN IB 421 74.33 42.78 -57.45
CA GLN IB 421 74.54 42.03 -58.68
C GLN IB 421 73.20 41.70 -59.32
N ILE IB 422 73.23 41.43 -60.62
CA ILE IB 422 72.03 41.24 -61.42
C ILE IB 422 72.00 39.79 -61.89
N GLU IB 423 71.04 39.03 -61.40
CA GLU IB 423 70.83 37.66 -61.85
C GLU IB 423 69.77 37.62 -62.94
N MET IB 424 70.02 36.81 -63.97
CA MET IB 424 69.17 36.76 -65.15
C MET IB 424 68.83 35.33 -65.50
N SER IB 425 67.63 35.13 -66.04
CA SER IB 425 67.18 33.83 -66.52
C SER IB 425 67.01 33.91 -68.03
N LEU IB 426 67.99 33.37 -68.76
CA LEU IB 426 68.15 33.65 -70.18
C LEU IB 426 67.53 32.55 -71.04
N ASP IB 427 67.10 32.94 -72.23
CA ASP IB 427 66.62 32.03 -73.28
C ASP IB 427 67.02 32.65 -74.61
N ILE IB 428 68.17 32.25 -75.15
CA ILE IB 428 68.77 32.89 -76.30
C ILE IB 428 68.61 31.95 -77.50
N GLU IB 429 68.20 32.52 -78.64
CA GLU IB 429 68.16 31.80 -79.91
C GLU IB 429 68.75 32.69 -80.99
N ASP IB 430 69.67 32.14 -81.78
CA ASP IB 430 70.27 32.87 -82.89
C ASP IB 430 70.32 31.92 -84.08
N GLY IB 431 69.45 32.14 -85.06
CA GLY IB 431 69.35 31.30 -86.23
C GLY IB 431 69.51 32.10 -87.51
N ASN IB 432 69.85 31.39 -88.59
CA ASN IB 432 69.94 31.98 -89.91
C ASN IB 432 69.61 30.89 -90.92
N ASP IB 433 69.69 31.25 -92.21
CA ASP IB 433 69.25 30.38 -93.29
C ASP IB 433 70.48 29.84 -94.02
N LYS IB 434 70.68 28.54 -93.94
CA LYS IB 434 71.74 27.87 -94.68
C LYS IB 434 71.25 27.57 -96.10
N THR IB 435 72.10 27.82 -97.07
CA THR IB 435 71.72 27.70 -98.47
C THR IB 435 72.43 26.52 -99.12
N PRO IB 436 71.69 25.59 -99.73
CA PRO IB 436 72.33 24.56 -100.55
C PRO IB 436 72.70 25.09 -101.93
N GLN IB 437 73.12 24.19 -102.83
CA GLN IB 437 73.55 24.57 -104.17
C GLN IB 437 72.38 25.16 -104.96
N SER IB 438 72.60 26.31 -105.60
CA SER IB 438 71.53 27.01 -106.29
C SER IB 438 71.19 26.40 -107.64
N ASP IB 439 72.09 25.63 -108.24
CA ASP IB 439 71.89 25.12 -109.59
C ASP IB 439 70.89 23.96 -109.66
N THR IB 440 70.69 23.24 -108.57
CA THR IB 440 69.78 22.11 -108.54
C THR IB 440 68.37 22.56 -108.21
N THR IB 441 67.39 21.70 -108.54
CA THR IB 441 65.97 21.99 -108.53
C THR IB 441 65.43 22.30 -107.13
N THR IB 442 66.08 21.81 -106.06
CA THR IB 442 65.57 21.97 -104.70
C THR IB 442 65.71 23.39 -104.15
N SER IB 443 66.15 24.36 -104.95
CA SER IB 443 66.18 25.76 -104.54
C SER IB 443 64.88 26.50 -104.83
N VAL IB 444 63.95 25.89 -105.56
CA VAL IB 444 62.69 26.56 -105.88
C VAL IB 444 61.51 26.03 -105.05
N ASP IB 445 61.67 24.91 -104.35
CA ASP IB 445 60.62 24.42 -103.48
C ASP IB 445 60.83 24.91 -102.06
N ALA IB 446 59.99 24.42 -101.14
CA ALA IB 446 59.99 24.89 -99.75
C ALA IB 446 61.03 24.12 -98.94
N LEU IB 447 62.30 24.37 -99.26
CA LEU IB 447 63.42 23.82 -98.49
C LEU IB 447 64.37 24.96 -98.11
N PRO IB 448 64.02 25.76 -97.10
CA PRO IB 448 65.03 26.59 -96.44
C PRO IB 448 65.69 25.85 -95.30
N GLU IB 449 66.81 25.17 -95.53
CA GLU IB 449 67.54 24.52 -94.44
C GLU IB 449 67.95 25.52 -93.38
N VAL IB 450 67.30 25.44 -92.21
CA VAL IB 450 67.49 26.38 -91.11
C VAL IB 450 68.50 25.79 -90.13
N GLY IB 451 69.48 26.58 -89.73
CA GLY IB 451 70.39 26.23 -88.65
C GLY IB 451 70.23 27.21 -87.51
N ARG IB 452 70.00 26.68 -86.32
CA ARG IB 452 69.74 27.48 -85.13
C ARG IB 452 70.81 27.25 -84.08
N THR IB 453 70.75 28.03 -83.00
CA THR IB 453 71.66 27.92 -81.88
C THR IB 453 70.92 28.34 -80.62
N LEU IB 454 70.69 27.39 -79.71
CA LEU IB 454 69.85 27.61 -78.55
C LEU IB 454 70.68 27.50 -77.29
N ILE IB 455 70.44 28.40 -76.34
CA ILE IB 455 71.13 28.44 -75.06
C ILE IB 455 70.12 28.80 -73.99
N SER IB 456 70.06 28.00 -72.92
CA SER IB 456 69.15 28.25 -71.81
C SER IB 456 69.89 27.99 -70.51
N THR IB 457 70.10 29.03 -69.70
CA THR IB 457 70.91 28.93 -68.50
C THR IB 457 70.51 30.05 -67.54
N ILE IB 458 71.26 30.18 -66.44
CA ILE IB 458 71.06 31.22 -65.45
C ILE IB 458 72.44 31.74 -65.04
N ALA IB 459 72.66 33.05 -65.12
CA ALA IB 459 73.93 33.64 -64.77
C ALA IB 459 73.71 34.85 -63.88
N ARG IB 460 74.77 35.26 -63.18
CA ARG IB 460 74.71 36.37 -62.24
C ARG IB 460 75.94 37.24 -62.39
N VAL IB 461 75.76 38.46 -62.89
CA VAL IB 461 76.84 39.37 -63.24
C VAL IB 461 76.78 40.58 -62.31
N PRO IB 462 77.90 41.16 -61.90
CA PRO IB 462 77.86 42.46 -61.23
C PRO IB 462 77.45 43.57 -62.19
N HIS IB 463 77.23 44.75 -61.63
CA HIS IB 463 76.76 45.89 -62.40
C HIS IB 463 77.91 46.47 -63.23
N GLY IB 464 77.81 46.34 -64.54
CA GLY IB 464 78.81 46.88 -65.44
C GLY IB 464 79.85 45.89 -65.93
N LYS IB 465 79.96 44.72 -65.31
CA LYS IB 465 80.90 43.71 -65.73
C LYS IB 465 80.22 42.79 -66.75
N SER IB 466 80.90 41.70 -67.12
CA SER IB 466 80.40 40.83 -68.16
C SER IB 466 80.76 39.38 -67.88
N LEU IB 467 80.05 38.48 -68.56
CA LEU IB 467 80.26 37.05 -68.42
C LEU IB 467 80.12 36.37 -69.77
N LEU IB 468 80.84 35.27 -69.94
CA LEU IB 468 80.76 34.46 -71.15
C LEU IB 468 79.76 33.33 -70.91
N VAL IB 469 78.69 33.31 -71.68
CA VAL IB 469 77.61 32.36 -71.46
C VAL IB 469 77.78 31.10 -72.32
N GLY IB 470 77.98 31.27 -73.62
CA GLY IB 470 78.14 30.13 -74.50
C GLY IB 470 79.45 30.16 -75.25
N GLY IB 471 79.58 29.35 -76.27
CA GLY IB 471 80.81 29.33 -77.04
C GLY IB 471 80.88 28.10 -77.91
N TYR IB 472 81.74 28.18 -78.93
CA TYR IB 472 81.97 27.10 -79.89
C TYR IB 472 83.22 27.38 -80.70
N THR IB 473 84.15 26.41 -80.75
CA THR IB 473 85.30 26.50 -81.64
C THR IB 473 85.37 25.23 -82.48
N ARG IB 474 86.06 25.31 -83.61
CA ARG IB 474 86.27 24.16 -84.48
C ARG IB 474 87.50 24.38 -85.33
N ASP IB 475 88.39 23.39 -85.36
CA ASP IB 475 89.60 23.42 -86.18
C ASP IB 475 89.67 22.17 -87.03
N ALA IB 476 90.20 22.30 -88.24
CA ALA IB 476 90.26 21.17 -89.15
C ALA IB 476 91.45 21.32 -90.09
N ASN IB 477 91.96 20.18 -90.56
CA ASN IB 477 93.07 20.17 -91.51
C ASN IB 477 93.09 18.82 -92.20
N THR IB 478 92.75 18.79 -93.50
CA THR IB 478 92.81 17.58 -94.30
C THR IB 478 93.80 17.78 -95.45
N ASP IB 479 94.32 16.66 -95.96
CA ASP IB 479 95.20 16.67 -97.13
C ASP IB 479 95.25 15.29 -97.76
N THR IB 480 95.04 15.23 -99.08
CA THR IB 480 95.09 13.99 -99.83
C THR IB 480 96.23 14.05 -100.84
N VAL IB 481 96.74 12.88 -101.23
CA VAL IB 481 97.77 12.76 -102.25
C VAL IB 481 97.42 11.54 -103.11
N GLN IB 482 97.21 11.76 -104.41
CA GLN IB 482 97.01 10.68 -105.35
C GLN IB 482 98.11 10.71 -106.41
N SER IB 483 98.34 9.55 -107.03
CA SER IB 483 99.34 9.45 -108.09
C SER IB 483 99.09 8.19 -108.91
N ILE IB 484 99.79 8.10 -110.03
CA ILE IB 484 99.93 6.87 -110.82
C ILE IB 484 101.13 6.17 -110.20
N PRO IB 485 101.13 4.84 -110.04
CA PRO IB 485 102.19 4.17 -109.26
C PRO IB 485 103.61 4.31 -109.80
N PHE IB 486 103.83 4.19 -111.10
CA PHE IB 486 105.18 4.30 -111.64
C PHE IB 486 105.43 5.62 -112.35
N LEU IB 487 104.44 6.15 -113.07
CA LEU IB 487 104.65 7.38 -113.83
C LEU IB 487 104.70 8.61 -112.94
N GLY IB 488 104.24 8.51 -111.69
CA GLY IB 488 104.24 9.65 -110.79
C GLY IB 488 105.57 9.98 -110.16
N LYS IB 489 106.61 9.19 -110.43
CA LYS IB 489 107.93 9.43 -109.87
C LYS IB 489 108.96 9.83 -110.92
N LEU IB 490 108.51 10.17 -112.12
CA LEU IB 490 109.42 10.65 -113.15
C LEU IB 490 109.92 12.05 -112.78
N PRO IB 491 111.16 12.42 -113.19
CA PRO IB 491 111.73 13.71 -112.77
C PRO IB 491 111.01 14.94 -113.30
N LEU IB 492 110.83 15.05 -114.62
CA LEU IB 492 110.23 16.24 -115.21
C LEU IB 492 108.90 15.95 -115.90
N ILE IB 493 108.56 14.68 -116.10
CA ILE IB 493 107.27 14.33 -116.67
C ILE IB 493 106.25 13.93 -115.59
N GLY IB 494 106.70 13.52 -114.41
CA GLY IB 494 105.83 12.97 -113.38
C GLY IB 494 104.90 13.98 -112.71
N SER IB 495 105.00 15.26 -113.04
CA SER IB 495 104.08 16.23 -112.48
C SER IB 495 102.71 16.16 -113.13
N LEU IB 496 102.60 15.54 -114.30
CA LEU IB 496 101.33 15.43 -115.01
C LEU IB 496 100.47 14.29 -114.50
N PHE IB 497 100.91 13.55 -113.49
CA PHE IB 497 100.17 12.40 -113.00
C PHE IB 497 99.84 12.45 -111.51
N ARG IB 498 100.52 13.29 -110.73
CA ARG IB 498 100.23 13.39 -109.31
C ARG IB 498 99.03 14.30 -109.07
N TYR IB 499 98.60 14.35 -107.82
CA TYR IB 499 97.49 15.20 -107.39
C TYR IB 499 97.62 15.40 -105.89
N SER IB 500 97.27 16.60 -105.42
CA SER IB 500 97.41 16.91 -104.01
C SER IB 500 96.48 18.05 -103.64
N SER IB 501 95.76 17.89 -102.53
CA SER IB 501 94.84 18.90 -102.06
C SER IB 501 95.11 19.19 -100.59
N LYS IB 502 94.60 20.32 -100.12
CA LYS IB 502 94.71 20.73 -98.73
C LYS IB 502 93.43 21.44 -98.33
N ASN IB 503 93.26 21.63 -97.01
CA ASN IB 503 92.11 22.34 -96.47
C ASN IB 503 92.43 22.73 -95.03
N LYS IB 504 91.82 23.82 -94.57
CA LYS IB 504 92.04 24.32 -93.21
C LYS IB 504 90.91 25.28 -92.88
N SER IB 505 90.42 25.24 -91.64
CA SER IB 505 89.37 26.16 -91.22
C SER IB 505 89.48 26.39 -89.71
N ASN IB 506 89.05 27.57 -89.28
CA ASN IB 506 89.05 27.93 -87.86
C ASN IB 506 87.84 28.81 -87.58
N VAL IB 507 86.87 28.27 -86.85
CA VAL IB 507 85.61 28.95 -86.57
C VAL IB 507 85.54 29.25 -85.07
N VAL IB 508 85.07 30.44 -84.71
CA VAL IB 508 84.89 30.85 -83.31
C VAL IB 508 83.55 31.58 -83.20
N ARG IB 509 82.68 31.10 -82.32
CA ARG IB 509 81.46 31.80 -81.96
C ARG IB 509 81.39 31.92 -80.44
N VAL IB 510 81.00 33.09 -79.94
CA VAL IB 510 80.84 33.31 -78.50
C VAL IB 510 79.58 34.13 -78.24
N PHE IB 511 79.08 34.03 -77.02
CA PHE IB 511 77.91 34.78 -76.55
C PHE IB 511 78.29 35.43 -75.24
N MET IB 512 78.13 36.75 -75.14
CA MET IB 512 78.52 37.48 -73.95
C MET IB 512 77.36 38.35 -73.47
N ILE IB 513 77.28 38.56 -72.16
CA ILE IB 513 76.19 39.26 -71.50
C ILE IB 513 76.78 40.41 -70.69
N GLU IB 514 76.21 41.60 -70.84
CA GLU IB 514 76.69 42.79 -70.12
C GLU IB 514 75.50 43.62 -69.67
N PRO IB 515 75.01 43.43 -68.45
CA PRO IB 515 73.89 44.22 -67.96
C PRO IB 515 74.35 45.45 -67.18
N LYS IB 516 73.47 46.45 -67.16
CA LYS IB 516 73.71 47.67 -66.41
C LYS IB 516 72.39 48.29 -66.01
N GLU IB 517 72.45 49.24 -65.08
CA GLU IB 517 71.27 49.85 -64.48
C GLU IB 517 71.06 51.25 -65.03
N ILE IB 518 69.82 51.56 -65.40
CA ILE IB 518 69.46 52.84 -66.00
C ILE IB 518 68.79 53.69 -64.95
N VAL IB 519 69.33 54.88 -64.69
CA VAL IB 519 68.73 55.81 -63.74
C VAL IB 519 68.37 57.15 -64.36
N ASP IB 520 68.92 57.50 -65.51
CA ASP IB 520 68.71 58.80 -66.14
C ASP IB 520 68.15 58.63 -67.54
N PRO IB 521 67.37 59.60 -68.02
CA PRO IB 521 66.88 59.55 -69.41
C PRO IB 521 68.00 59.91 -70.39
N LEU IB 522 67.64 59.92 -71.67
CA LEU IB 522 68.63 60.16 -72.72
C LEU IB 522 69.04 61.63 -72.75
N THR IB 523 70.31 61.86 -73.03
CA THR IB 523 70.84 63.22 -73.22
C THR IB 523 71.78 63.24 -74.41
N PRO IB 524 71.52 64.06 -75.44
CA PRO IB 524 70.38 64.93 -75.69
C PRO IB 524 69.10 64.16 -76.04
N ASP IB 525 67.99 64.85 -76.21
CA ASP IB 525 66.69 64.22 -76.32
C ASP IB 525 66.57 63.42 -77.62
N ALA IB 526 65.55 62.54 -77.65
CA ALA IB 526 65.34 61.70 -78.82
C ALA IB 526 64.86 62.51 -80.01
N SER IB 527 64.15 63.61 -79.77
CA SER IB 527 63.71 64.47 -80.86
C SER IB 527 64.80 65.44 -81.31
N GLU IB 528 65.92 65.52 -80.60
CA GLU IB 528 67.02 66.38 -80.98
C GLU IB 528 68.09 65.64 -81.78
N SER IB 529 68.29 64.35 -81.51
CA SER IB 529 69.24 63.57 -82.28
C SER IB 529 68.67 63.15 -83.63
N VAL IB 530 67.35 63.15 -83.77
CA VAL IB 530 66.75 62.78 -85.04
C VAL IB 530 66.80 63.96 -86.02
N ASN IB 531 66.63 65.19 -85.50
CA ASN IB 531 66.71 66.37 -86.35
C ASN IB 531 68.12 66.65 -86.86
N ASN IB 532 69.15 66.06 -86.25
CA ASN IB 532 70.49 66.14 -86.79
C ASN IB 532 70.77 65.06 -87.81
N ILE IB 533 70.04 63.94 -87.75
CA ILE IB 533 70.19 62.89 -88.75
C ILE IB 533 69.53 63.30 -90.05
N LEU IB 534 68.33 63.89 -89.96
CA LEU IB 534 67.59 64.29 -91.16
C LEU IB 534 68.25 65.47 -91.87
N LYS IB 535 68.92 66.35 -91.13
CA LYS IB 535 69.60 67.46 -91.78
C LYS IB 535 70.90 67.04 -92.43
N GLN IB 536 71.59 66.05 -91.88
CA GLN IB 536 72.86 65.60 -92.46
C GLN IB 536 72.66 64.71 -93.66
N SER IB 537 71.71 63.78 -93.59
CA SER IB 537 71.47 62.87 -94.71
C SER IB 537 70.66 63.51 -95.83
N GLY IB 538 70.04 64.66 -95.58
CA GLY IB 538 69.30 65.35 -96.62
C GLY IB 538 67.86 64.94 -96.76
N ALA IB 539 67.31 64.20 -95.81
CA ALA IB 539 65.92 63.77 -95.85
C ALA IB 539 64.98 64.70 -95.08
N TRP IB 540 65.48 65.85 -94.64
CA TRP IB 540 64.70 66.75 -93.79
C TRP IB 540 63.70 67.54 -94.64
N SER IB 541 62.46 67.60 -94.17
CA SER IB 541 61.41 68.36 -94.86
C SER IB 541 60.58 69.15 -93.86
N GLY IB 542 61.23 69.77 -92.88
CA GLY IB 542 60.53 70.67 -91.99
C GLY IB 542 60.43 72.09 -92.48
N ASP IB 543 61.06 72.39 -93.60
CA ASP IB 543 61.03 73.72 -94.21
C ASP IB 543 60.05 73.79 -95.38
N ASP IB 544 59.23 72.77 -95.58
CA ASP IB 544 58.32 72.74 -96.71
C ASP IB 544 57.17 73.73 -96.50
N LYS IB 545 56.72 74.32 -97.60
CA LYS IB 545 55.66 75.32 -97.51
C LYS IB 545 54.30 74.67 -97.30
N LEU IB 546 54.11 73.46 -97.82
CA LEU IB 546 52.81 72.79 -97.76
C LEU IB 546 52.67 71.87 -96.56
N GLN IB 547 53.73 71.21 -96.14
CA GLN IB 547 53.64 70.25 -95.05
C GLN IB 547 53.85 70.86 -93.67
N LYS IB 548 54.20 72.15 -93.59
CA LYS IB 548 54.40 72.78 -92.29
C LYS IB 548 53.10 73.15 -91.60
N TRP IB 549 51.97 73.10 -92.30
CA TRP IB 549 50.69 73.40 -91.67
C TRP IB 549 50.21 72.27 -90.77
N VAL IB 550 50.68 71.06 -91.00
CA VAL IB 550 50.27 69.91 -90.21
C VAL IB 550 51.41 69.39 -89.33
N ARG IB 551 52.66 69.42 -89.80
CA ARG IB 551 53.81 69.03 -88.99
C ARG IB 551 54.11 69.99 -87.84
N VAL IB 552 53.40 71.12 -87.74
CA VAL IB 552 53.59 72.01 -86.60
C VAL IB 552 52.86 71.49 -85.37
N TYR IB 553 51.94 70.53 -85.53
CA TYR IB 553 51.29 69.92 -84.38
C TYR IB 553 52.18 68.84 -83.77
N LEU IB 554 52.86 68.07 -84.61
CA LEU IB 554 53.64 66.93 -84.13
C LEU IB 554 54.99 67.37 -83.55
N ASP IB 555 55.59 68.42 -84.11
CA ASP IB 555 56.89 68.93 -83.69
C ASP IB 555 56.74 70.12 -82.75
N ARG IB 556 55.74 70.04 -81.86
CA ARG IB 556 55.43 71.15 -80.95
C ARG IB 556 56.54 71.36 -79.92
N GLY IB 557 57.20 70.29 -79.49
CA GLY IB 557 58.30 70.40 -78.55
C GLY IB 557 59.65 70.53 -79.23
N GLY JB 32 -19.93 75.63 8.57
CA GLY JB 32 -21.05 75.26 7.72
C GLY JB 32 -21.10 73.78 7.43
N SER JB 33 -19.94 73.13 7.49
CA SER JB 33 -19.83 71.69 7.28
C SER JB 33 -18.84 71.15 8.30
N GLY JB 34 -18.52 69.87 8.19
CA GLY JB 34 -17.50 69.29 9.06
C GLY JB 34 -17.91 68.00 9.75
N PHE JB 35 -16.91 67.17 10.01
CA PHE JB 35 -17.10 65.88 10.67
C PHE JB 35 -16.63 65.92 12.12
N VAL JB 36 -17.38 65.27 12.99
CA VAL JB 36 -17.02 65.16 14.40
C VAL JB 36 -16.66 63.70 14.65
N ALA JB 37 -15.37 63.39 14.59
CA ALA JB 37 -14.91 62.01 14.69
C ALA JB 37 -14.77 61.62 16.15
N LYS JB 38 -15.33 60.48 16.53
CA LYS JB 38 -15.17 59.91 17.87
C LYS JB 38 -14.79 58.45 17.69
N ASP JB 39 -13.48 58.19 17.60
CA ASP JB 39 -12.87 56.86 17.54
C ASP JB 39 -13.35 56.10 16.30
N ASP JB 40 -13.05 56.68 15.14
CA ASP JB 40 -13.34 56.06 13.85
C ASP JB 40 -12.16 55.22 13.40
N SER JB 41 -12.17 54.77 12.15
CA SER JB 41 -11.21 53.76 11.74
C SER JB 41 -10.57 54.08 10.39
N LEU JB 42 -10.51 55.35 10.02
CA LEU JB 42 -9.87 55.87 8.80
C LEU JB 42 -10.50 55.37 7.49
N ARG JB 43 -11.56 54.58 7.58
CA ARG JB 43 -12.44 54.29 6.47
C ARG JB 43 -13.80 54.90 6.70
N THR JB 44 -14.23 54.92 7.96
CA THR JB 44 -15.36 55.74 8.37
C THR JB 44 -15.05 57.21 8.20
N PHE JB 45 -13.80 57.62 8.42
CA PHE JB 45 -13.45 59.03 8.40
C PHE JB 45 -13.35 59.57 6.98
N PHE JB 46 -12.60 58.89 6.12
CA PHE JB 46 -12.30 59.43 4.80
C PHE JB 46 -13.46 59.34 3.81
N ASP JB 47 -14.49 58.56 4.11
CA ASP JB 47 -15.69 58.61 3.30
C ASP JB 47 -16.52 59.84 3.60
N ALA JB 48 -16.36 60.44 4.77
CA ALA JB 48 -17.03 61.70 5.06
C ALA JB 48 -16.42 62.85 4.29
N MET JB 49 -15.15 62.75 3.90
CA MET JB 49 -14.49 63.73 3.06
C MET JB 49 -14.71 63.48 1.58
N ALA JB 50 -15.43 62.41 1.23
CA ALA JB 50 -15.65 62.02 -0.15
C ALA JB 50 -16.80 62.77 -0.79
N LEU JB 51 -17.37 63.76 -0.11
CA LEU JB 51 -18.34 64.64 -0.73
C LEU JB 51 -17.72 65.99 -1.05
N GLN JB 52 -16.87 66.49 -0.16
CA GLN JB 52 -16.15 67.73 -0.44
C GLN JB 52 -15.07 67.50 -1.49
N LEU JB 53 -14.31 66.42 -1.39
CA LEU JB 53 -13.64 65.92 -2.57
C LEU JB 53 -14.67 65.28 -3.49
N LYS JB 54 -14.56 65.56 -4.78
CA LYS JB 54 -15.61 65.14 -5.70
C LYS JB 54 -15.39 63.73 -6.26
N GLU JB 55 -14.50 62.96 -5.66
CA GLU JB 55 -14.18 61.60 -6.09
C GLU JB 55 -14.33 60.63 -4.94
N PRO JB 56 -14.66 59.37 -5.21
CA PRO JB 56 -14.71 58.39 -4.13
C PRO JB 56 -13.32 58.02 -3.60
N VAL JB 57 -13.28 57.66 -2.33
CA VAL JB 57 -12.05 57.35 -1.62
C VAL JB 57 -11.99 55.87 -1.31
N ILE JB 58 -10.85 55.24 -1.58
CA ILE JB 58 -10.64 53.81 -1.36
C ILE JB 58 -9.49 53.68 -0.36
N VAL JB 59 -9.80 53.22 0.84
CA VAL JB 59 -8.83 53.08 1.91
C VAL JB 59 -8.42 51.61 2.00
N SER JB 60 -7.12 51.36 2.08
CA SER JB 60 -6.66 49.98 2.18
C SER JB 60 -6.93 49.40 3.56
N LYS JB 61 -6.66 48.11 3.69
CA LYS JB 61 -7.01 47.41 4.91
C LYS JB 61 -5.90 47.43 5.93
N MET JB 62 -4.69 47.86 5.55
CA MET JB 62 -3.66 48.06 6.55
C MET JB 62 -3.68 49.48 7.05
N ALA JB 63 -4.14 50.42 6.22
CA ALA JB 63 -4.34 51.79 6.64
C ALA JB 63 -5.73 52.03 7.17
N ALA JB 64 -6.49 50.96 7.37
CA ALA JB 64 -7.82 51.07 7.97
C ALA JB 64 -7.80 50.67 9.44
N ARG JB 65 -6.62 50.37 10.01
CA ARG JB 65 -6.50 50.08 11.43
C ARG JB 65 -6.25 51.29 12.30
N LYS JB 66 -5.69 52.36 11.76
CA LYS JB 66 -5.43 53.56 12.54
C LYS JB 66 -6.72 54.33 12.81
N LYS JB 67 -6.75 55.02 13.94
CA LYS JB 67 -7.95 55.66 14.46
C LYS JB 67 -7.72 57.16 14.65
N ILE JB 68 -8.81 57.90 14.80
CA ILE JB 68 -8.74 59.35 14.91
C ILE JB 68 -9.95 59.86 15.69
N THR JB 69 -9.76 60.96 16.41
CA THR JB 69 -10.83 61.71 17.06
C THR JB 69 -10.64 63.18 16.80
N GLY JB 70 -11.72 63.94 17.00
CA GLY JB 70 -11.60 65.38 16.91
C GLY JB 70 -12.69 66.05 16.09
N ASN JB 71 -12.82 67.36 16.24
CA ASN JB 71 -13.76 68.14 15.46
C ASN JB 71 -13.02 68.74 14.27
N PHE JB 72 -13.40 68.32 13.07
CA PHE JB 72 -12.76 68.79 11.85
C PHE JB 72 -13.70 69.72 11.10
N GLU JB 73 -13.19 70.28 10.02
CA GLU JB 73 -13.94 71.28 9.26
C GLU JB 73 -13.47 71.22 7.82
N PHE JB 74 -14.35 70.74 6.94
CA PHE JB 74 -13.97 70.49 5.55
C PHE JB 74 -14.30 71.73 4.73
N HIS JB 75 -13.36 72.67 4.75
CA HIS JB 75 -13.44 73.85 3.90
C HIS JB 75 -12.33 73.88 2.86
N ASP JB 76 -11.21 73.21 3.11
CA ASP JB 76 -10.14 73.07 2.12
C ASP JB 76 -9.55 71.68 2.23
N PRO JB 77 -10.19 70.69 1.59
CA PRO JB 77 -9.83 69.30 1.86
C PRO JB 77 -8.59 68.86 1.13
N ASN JB 78 -8.20 69.54 0.05
CA ASN JB 78 -7.02 69.09 -0.66
C ASN JB 78 -5.75 69.45 0.10
N ALA JB 79 -5.82 70.41 1.01
CA ALA JB 79 -4.72 70.67 1.94
C ALA JB 79 -4.91 69.94 3.25
N LEU JB 80 -6.14 69.53 3.56
CA LEU JB 80 -6.30 68.76 4.79
C LEU JB 80 -5.85 67.32 4.58
N LEU JB 81 -6.04 66.78 3.38
CA LEU JB 81 -5.59 65.43 3.08
C LEU JB 81 -4.07 65.39 3.02
N GLU JB 82 -3.45 66.47 2.55
CA GLU JB 82 -2.00 66.52 2.51
C GLU JB 82 -1.40 66.66 3.89
N LYS JB 83 -2.06 67.41 4.77
CA LYS JB 83 -1.49 67.60 6.10
C LYS JB 83 -1.68 66.34 6.95
N LEU JB 84 -2.84 65.69 6.81
CA LEU JB 84 -3.10 64.49 7.57
C LEU JB 84 -2.28 63.30 7.08
N SER JB 85 -1.93 63.26 5.79
CA SER JB 85 -1.20 62.08 5.33
C SER JB 85 0.25 62.10 5.79
N LEU JB 86 0.76 63.25 6.21
CA LEU JB 86 2.11 63.35 6.74
C LEU JB 86 2.13 63.26 8.24
N GLN JB 87 1.05 63.69 8.90
CA GLN JB 87 1.06 63.51 10.34
C GLN JB 87 0.74 62.06 10.69
N LEU JB 88 -0.26 61.47 10.05
CA LEU JB 88 -0.60 60.07 10.31
C LEU JB 88 0.42 59.13 9.68
N GLY JB 89 0.89 59.44 8.47
CA GLY JB 89 1.84 58.61 7.77
C GLY JB 89 1.10 57.78 6.76
N LEU JB 90 1.02 58.27 5.53
CA LEU JB 90 0.19 57.70 4.48
C LEU JB 90 0.74 58.16 3.14
N ILE JB 91 0.38 57.44 2.10
CA ILE JB 91 0.65 57.86 0.74
C ILE JB 91 -0.65 57.73 -0.04
N TRP JB 92 -0.91 58.69 -0.93
CA TRP JB 92 -2.18 58.73 -1.63
C TRP JB 92 -1.95 59.05 -3.09
N TYR JB 93 -2.86 58.56 -3.94
CA TYR JB 93 -2.71 58.74 -5.37
C TYR JB 93 -4.09 58.87 -6.00
N PHE JB 94 -4.25 59.90 -6.83
CA PHE JB 94 -5.51 60.18 -7.53
C PHE JB 94 -5.26 60.07 -9.02
N ASP JB 95 -5.86 59.07 -9.65
CA ASP JB 95 -5.61 58.80 -11.06
C ASP JB 95 -6.60 59.50 -11.99
N GLY JB 96 -7.78 59.84 -11.50
CA GLY JB 96 -8.76 60.51 -12.35
C GLY JB 96 -10.16 60.04 -12.08
N GLN JB 97 -10.29 58.96 -11.31
CA GLN JB 97 -11.59 58.40 -11.00
C GLN JB 97 -11.78 58.22 -9.51
N ALA JB 98 -10.70 57.96 -8.78
CA ALA JB 98 -10.79 57.67 -7.36
C ALA JB 98 -9.52 58.13 -6.66
N ILE JB 99 -9.55 58.10 -5.34
CA ILE JB 99 -8.40 58.48 -4.53
C ILE JB 99 -8.02 57.26 -3.70
N TYR JB 100 -6.89 56.65 -4.03
CA TYR JB 100 -6.40 55.50 -3.29
C TYR JB 100 -5.53 55.99 -2.15
N ILE JB 101 -5.76 55.42 -0.96
CA ILE JB 101 -5.01 55.78 0.25
C ILE JB 101 -4.38 54.53 0.84
N TYR JB 102 -3.06 54.49 0.90
CA TYR JB 102 -2.31 53.42 1.53
C TYR JB 102 -1.55 53.99 2.70
N ASP JB 103 -1.11 53.11 3.60
CA ASP JB 103 -0.16 53.54 4.61
C ASP JB 103 1.24 53.44 4.05
N ALA JB 104 2.18 54.15 4.69
CA ALA JB 104 3.50 54.39 4.10
C ALA JB 104 4.36 53.14 4.01
N SER JB 105 4.02 52.07 4.73
CA SER JB 105 4.82 50.85 4.70
C SER JB 105 4.46 49.94 3.55
N GLU JB 106 3.62 50.39 2.63
CA GLU JB 106 3.25 49.62 1.45
C GLU JB 106 3.85 50.18 0.18
N MET JB 107 4.81 51.09 0.30
CA MET JB 107 5.45 51.68 -0.87
C MET JB 107 6.38 50.69 -1.54
N ARG JB 108 6.19 50.49 -2.84
CA ARG JB 108 7.00 49.54 -3.60
C ARG JB 108 7.80 50.30 -4.64
N ASN JB 109 8.85 49.65 -5.15
CA ASN JB 109 9.72 50.28 -6.13
C ASN JB 109 10.16 49.25 -7.16
N ALA JB 110 10.49 49.75 -8.35
CA ALA JB 110 10.91 48.87 -9.43
C ALA JB 110 11.72 49.65 -10.45
N VAL JB 111 12.64 48.94 -11.09
CA VAL JB 111 13.48 49.47 -12.16
C VAL JB 111 13.13 48.74 -13.45
N VAL JB 112 12.86 49.50 -14.51
CA VAL JB 112 12.48 48.89 -15.78
C VAL JB 112 13.33 49.50 -16.89
N SER JB 113 13.52 48.71 -17.96
CA SER JB 113 14.35 49.07 -19.08
C SER JB 113 13.54 48.97 -20.37
N LEU JB 114 13.62 50.00 -21.18
CA LEU JB 114 12.89 50.11 -22.43
C LEU JB 114 13.85 49.92 -23.60
N ARG JB 115 13.49 49.06 -24.55
CA ARG JB 115 14.39 48.73 -25.64
C ARG JB 115 14.45 49.84 -26.68
N ASN JB 116 13.33 50.13 -27.33
CA ASN JB 116 13.31 50.99 -28.51
C ASN JB 116 12.48 52.25 -28.32
N VAL JB 117 12.43 52.77 -27.10
CA VAL JB 117 11.81 54.07 -26.83
C VAL JB 117 12.52 54.65 -25.62
N SER JB 118 12.60 55.97 -25.57
CA SER JB 118 13.33 56.66 -24.51
C SER JB 118 12.37 57.13 -23.43
N LEU JB 119 12.93 57.78 -22.41
CA LEU JB 119 12.13 58.23 -21.28
C LEU JB 119 11.28 59.43 -21.63
N ASN JB 120 11.72 60.24 -22.60
CA ASN JB 120 11.03 61.50 -22.87
C ASN JB 120 9.69 61.28 -23.57
N GLU JB 121 9.57 60.27 -24.40
CA GLU JB 121 8.27 60.00 -25.01
C GLU JB 121 7.33 59.26 -24.07
N PHE JB 122 7.86 58.48 -23.12
CA PHE JB 122 6.97 57.86 -22.15
C PHE JB 122 6.48 58.90 -21.13
N ASN JB 123 7.32 59.87 -20.80
CA ASN JB 123 6.86 60.94 -19.93
C ASN JB 123 5.96 61.92 -20.67
N ASN JB 124 6.15 62.04 -21.99
CA ASN JB 124 5.21 62.84 -22.76
C ASN JB 124 3.89 62.11 -22.93
N PHE JB 125 3.91 60.78 -22.83
CA PHE JB 125 2.66 60.03 -22.83
C PHE JB 125 1.91 60.29 -21.54
N LEU JB 126 2.63 60.36 -20.42
CA LEU JB 126 1.93 60.56 -19.15
C LEU JB 126 1.44 61.99 -18.99
N LYS JB 127 2.11 62.95 -19.64
CA LYS JB 127 1.69 64.34 -19.53
C LYS JB 127 0.41 64.58 -20.31
N ARG JB 128 0.20 63.84 -21.39
CA ARG JB 128 -1.02 64.01 -22.16
C ARG JB 128 -2.11 63.06 -21.69
N SER JB 129 -1.75 61.95 -21.05
CA SER JB 129 -2.78 61.05 -20.54
C SER JB 129 -3.29 61.48 -19.18
N GLY JB 130 -2.67 62.48 -18.56
CA GLY JB 130 -3.16 62.89 -17.26
C GLY JB 130 -2.78 62.01 -16.09
N LEU JB 131 -1.88 61.04 -16.29
CA LEU JB 131 -1.44 60.16 -15.23
C LEU JB 131 -0.11 60.62 -14.64
N TYR JB 132 0.32 61.84 -14.93
CA TYR JB 132 1.58 62.37 -14.47
C TYR JB 132 1.44 62.89 -13.04
N ASN JB 133 2.17 62.28 -12.11
CA ASN JB 133 2.14 62.64 -10.70
C ASN JB 133 3.46 63.30 -10.35
N LYS JB 134 3.40 64.56 -9.93
CA LYS JB 134 4.61 65.32 -9.65
C LYS JB 134 5.25 64.95 -8.32
N ASN JB 135 4.51 64.27 -7.44
CA ASN JB 135 5.10 63.87 -6.16
C ASN JB 135 6.00 62.67 -6.30
N TYR JB 136 5.69 61.75 -7.21
CA TYR JB 136 6.49 60.56 -7.47
C TYR JB 136 6.84 60.55 -8.95
N PRO JB 137 7.85 61.30 -9.38
CA PRO JB 137 8.22 61.33 -10.79
C PRO JB 137 9.07 60.13 -11.15
N LEU JB 138 9.54 60.12 -12.40
CA LEU JB 138 10.40 59.06 -12.91
C LEU JB 138 11.85 59.47 -12.80
N ARG JB 139 12.66 58.66 -12.13
CA ARG JB 139 14.07 58.92 -11.93
C ARG JB 139 14.87 58.15 -12.98
N GLY JB 140 15.63 58.87 -13.80
CA GLY JB 140 16.42 58.22 -14.81
C GLY JB 140 17.03 59.23 -15.77
N ASP JB 141 17.84 58.71 -16.69
CA ASP JB 141 18.45 59.52 -17.71
C ASP JB 141 17.40 59.97 -18.72
N ASN JB 142 17.57 61.18 -19.23
CA ASN JB 142 16.48 61.82 -19.98
C ASN JB 142 16.28 61.22 -21.36
N ARG JB 143 17.32 60.66 -21.99
CA ARG JB 143 17.11 59.92 -23.23
C ARG JB 143 17.81 58.55 -23.09
N LYS JB 144 17.12 57.63 -22.44
CA LYS JB 144 17.64 56.29 -22.19
C LYS JB 144 16.48 55.36 -21.96
N GLY JB 145 16.79 54.09 -21.79
CA GLY JB 145 15.76 53.09 -21.55
C GLY JB 145 15.58 52.70 -20.11
N THR JB 146 16.61 52.81 -19.30
CA THR JB 146 16.54 52.37 -17.92
C THR JB 146 16.09 53.52 -17.02
N PHE JB 147 15.11 53.26 -16.15
CA PHE JB 147 14.75 54.25 -15.15
C PHE JB 147 14.22 53.55 -13.91
N TYR JB 148 13.86 54.34 -12.92
CA TYR JB 148 13.49 53.89 -11.59
C TYR JB 148 12.18 54.55 -11.18
N VAL JB 149 11.30 53.80 -10.53
CA VAL JB 149 9.99 54.30 -10.16
C VAL JB 149 9.61 53.75 -8.80
N SER JB 150 8.98 54.59 -7.98
CA SER JB 150 8.51 54.16 -6.67
C SER JB 150 7.30 55.00 -6.29
N GLY JB 151 6.35 54.37 -5.61
CA GLY JB 151 5.16 55.04 -5.19
C GLY JB 151 4.13 54.08 -4.64
N PRO JB 152 2.86 54.43 -4.76
CA PRO JB 152 1.79 53.53 -4.34
C PRO JB 152 1.70 52.31 -5.23
N PRO JB 153 1.15 51.19 -4.70
CA PRO JB 153 1.13 49.95 -5.47
C PRO JB 153 0.17 49.95 -6.63
N VAL JB 154 -0.68 50.96 -6.77
CA VAL JB 154 -1.51 51.06 -7.96
C VAL JB 154 -0.85 51.94 -9.02
N TYR JB 155 0.12 52.77 -8.63
CA TYR JB 155 0.83 53.59 -9.58
C TYR JB 155 2.00 52.85 -10.19
N VAL JB 156 2.70 52.04 -9.38
CA VAL JB 156 3.85 51.33 -9.91
C VAL JB 156 3.41 50.19 -10.81
N ASP JB 157 2.33 49.51 -10.45
CA ASP JB 157 1.85 48.39 -11.25
C ASP JB 157 1.21 48.86 -12.54
N MET JB 158 0.81 50.13 -12.63
CA MET JB 158 0.32 50.67 -13.89
C MET JB 158 1.47 51.12 -14.77
N VAL JB 159 2.47 51.77 -14.16
CA VAL JB 159 3.59 52.32 -14.93
C VAL JB 159 4.46 51.21 -15.51
N VAL JB 160 4.65 50.11 -14.79
CA VAL JB 160 5.46 49.01 -15.31
C VAL JB 160 4.74 48.31 -16.46
N ASN JB 161 3.44 48.09 -16.34
CA ASN JB 161 2.72 47.40 -17.39
C ASN JB 161 2.54 48.30 -18.60
N ALA JB 162 2.45 49.62 -18.41
CA ALA JB 162 2.30 50.48 -19.56
C ALA JB 162 3.63 50.68 -20.25
N ALA JB 163 4.72 50.57 -19.50
CA ALA JB 163 6.03 50.75 -20.10
C ALA JB 163 6.39 49.53 -20.92
N THR JB 164 6.09 48.34 -20.40
CA THR JB 164 6.40 47.12 -21.12
C THR JB 164 5.38 46.80 -22.22
N MET JB 165 4.23 47.47 -22.25
CA MET JB 165 3.28 47.23 -23.32
C MET JB 165 3.43 48.20 -24.50
N MET JB 166 4.45 49.06 -24.51
CA MET JB 166 4.74 49.84 -25.71
C MET JB 166 5.90 49.29 -26.53
N ASP JB 167 6.88 48.67 -25.88
CA ASP JB 167 7.99 48.08 -26.62
C ASP JB 167 7.58 46.80 -27.32
N LYS JB 168 6.68 46.04 -26.71
CA LYS JB 168 6.15 44.87 -27.40
C LYS JB 168 5.29 45.30 -28.57
N GLN JB 169 4.63 46.46 -28.45
CA GLN JB 169 3.88 47.00 -29.58
C GLN JB 169 4.80 47.53 -30.66
N ASN JB 170 6.02 47.91 -30.32
CA ASN JB 170 6.98 48.37 -31.32
C ASN JB 170 7.97 47.27 -31.65
N LEU JB 175 11.42 47.66 -39.54
CA LEU JB 175 11.74 47.25 -40.91
C LEU JB 175 12.15 48.45 -41.75
N GLY JB 176 12.77 48.18 -42.90
CA GLY JB 176 13.20 49.24 -43.79
C GLY JB 176 12.53 49.17 -45.15
N ARG JB 177 11.98 50.29 -45.60
CA ARG JB 177 11.36 50.35 -46.91
C ARG JB 177 12.41 50.36 -48.01
N GLN JB 178 12.08 49.73 -49.13
CA GLN JB 178 12.97 49.76 -50.28
C GLN JB 178 12.92 51.13 -50.95
N LYS JB 179 13.98 51.42 -51.72
CA LYS JB 179 14.14 52.72 -52.33
C LYS JB 179 15.04 52.56 -53.55
N ILE JB 180 14.67 53.22 -54.65
CA ILE JB 180 15.42 53.17 -55.89
C ILE JB 180 16.11 54.51 -56.09
N GLY JB 181 17.43 54.49 -56.25
CA GLY JB 181 18.22 55.68 -56.49
C GLY JB 181 18.84 55.66 -57.87
N VAL JB 182 18.91 56.84 -58.49
CA VAL JB 182 19.49 57.01 -59.81
C VAL JB 182 20.71 57.91 -59.66
N MET JB 183 21.87 57.40 -60.07
CA MET JB 183 23.15 58.11 -59.90
C MET JB 183 23.78 58.32 -61.26
N ARG JB 184 23.76 59.57 -61.74
CA ARG JB 184 24.35 59.88 -63.02
C ARG JB 184 25.86 60.03 -62.90
N LEU JB 185 26.59 59.45 -63.85
CA LEU JB 185 28.04 59.51 -63.86
C LEU JB 185 28.50 60.57 -64.85
N ASN JB 186 29.37 61.48 -64.39
CA ASN JB 186 29.77 62.61 -65.21
C ASN JB 186 31.13 62.43 -65.88
N ASN JB 187 31.99 61.56 -65.36
CA ASN JB 187 33.36 61.47 -65.83
C ASN JB 187 33.78 60.06 -66.24
N THR JB 188 32.83 59.16 -66.47
CA THR JB 188 33.16 57.82 -66.90
C THR JB 188 31.99 57.21 -67.66
N PHE JB 189 32.19 56.00 -68.15
CA PHE JB 189 31.20 55.27 -68.93
C PHE JB 189 30.73 54.05 -68.17
N VAL JB 190 29.42 53.82 -68.19
CA VAL JB 190 28.86 52.51 -67.81
C VAL JB 190 28.99 51.58 -69.00
N GLY JB 191 29.17 50.30 -68.73
CA GLY JB 191 29.23 49.32 -69.79
C GLY JB 191 30.65 49.07 -70.25
N ASP JB 192 30.81 47.94 -70.92
CA ASP JB 192 32.13 47.44 -71.29
C ASP JB 192 32.61 48.08 -72.59
N ARG JB 193 33.93 48.13 -72.75
CA ARG JB 193 34.57 48.61 -73.96
C ARG JB 193 35.26 47.45 -74.66
N THR JB 194 35.16 47.41 -75.98
CA THR JB 194 35.67 46.31 -76.77
C THR JB 194 36.58 46.83 -77.88
N TYR JB 195 37.70 46.14 -78.10
CA TYR JB 195 38.60 46.42 -79.22
C TYR JB 195 39.21 45.11 -79.69
N ASN JB 196 40.01 45.18 -80.75
CA ASN JB 196 40.55 43.98 -81.39
C ASN JB 196 42.05 44.13 -81.65
N LEU JB 197 42.77 43.00 -81.55
CA LEU JB 197 44.15 42.93 -82.03
C LEU JB 197 44.18 41.86 -83.12
N ARG JB 198 43.71 42.25 -84.31
CA ARG JB 198 43.83 41.58 -85.60
C ARG JB 198 43.11 40.23 -85.73
N ASP JB 199 42.82 39.55 -84.62
CA ASP JB 199 41.94 38.38 -84.68
C ASP JB 199 41.08 38.23 -83.43
N GLN JB 200 41.55 38.76 -82.30
CA GLN JB 200 40.99 38.44 -80.99
C GLN JB 200 40.36 39.68 -80.38
N LYS JB 201 39.33 39.45 -79.58
CA LYS JB 201 38.54 40.51 -78.97
C LYS JB 201 38.92 40.63 -77.50
N MET JB 202 39.13 41.86 -77.04
CA MET JB 202 39.40 42.14 -75.64
C MET JB 202 38.24 42.94 -75.06
N VAL JB 203 37.76 42.55 -73.89
CA VAL JB 203 36.64 43.18 -73.22
C VAL JB 203 37.10 43.68 -71.87
N ILE JB 204 36.88 44.95 -71.59
CA ILE JB 204 37.26 45.58 -70.33
C ILE JB 204 35.99 45.81 -69.52
N PRO JB 205 35.92 45.34 -68.28
CA PRO JB 205 34.70 45.54 -67.48
C PRO JB 205 34.57 46.97 -67.01
N GLY JB 206 33.34 47.48 -67.07
CA GLY JB 206 33.05 48.85 -66.70
C GLY JB 206 32.79 49.00 -65.22
N ILE JB 207 32.11 50.09 -64.87
CA ILE JB 207 31.81 50.35 -63.47
C ILE JB 207 30.61 49.54 -63.00
N ALA JB 208 29.75 49.09 -63.90
CA ALA JB 208 28.56 48.37 -63.48
C ALA JB 208 28.80 46.88 -63.33
N THR JB 209 29.92 46.38 -63.82
CA THR JB 209 30.31 44.98 -63.61
C THR JB 209 31.22 44.83 -62.41
N ALA JB 210 31.94 45.88 -62.05
CA ALA JB 210 32.84 45.80 -60.91
C ALA JB 210 32.10 45.85 -59.58
N ILE JB 211 31.07 46.70 -59.47
CA ILE JB 211 30.31 46.77 -58.23
C ILE JB 211 29.31 45.61 -58.15
N GLU JB 212 28.91 45.05 -59.29
CA GLU JB 212 27.99 43.92 -59.27
C GLU JB 212 28.68 42.65 -58.76
N ARG JB 213 29.96 42.48 -59.10
CA ARG JB 213 30.72 41.36 -58.56
C ARG JB 213 31.18 41.59 -57.14
N LEU JB 214 31.18 42.83 -56.67
CA LEU JB 214 31.57 43.09 -55.28
C LEU JB 214 30.45 42.71 -54.32
N LEU JB 215 29.20 42.86 -54.75
CA LEU JB 215 28.04 42.59 -53.92
C LEU JB 215 27.41 41.24 -54.26
N GLN JB 216 28.18 40.34 -54.84
CA GLN JB 216 27.67 39.04 -55.26
C GLN JB 216 27.76 38.05 -54.09
N GLY JB 217 26.72 37.25 -53.92
CA GLY JB 217 26.63 36.39 -52.75
C GLY JB 217 26.39 37.26 -51.52
N GLU JB 218 27.40 37.36 -50.66
CA GLU JB 218 27.55 38.41 -49.67
C GLU JB 218 26.40 38.46 -48.66
N GLU JB 219 26.30 37.40 -47.86
CA GLU JB 219 25.37 37.39 -46.74
C GLU JB 219 25.95 38.18 -45.57
N GLN JB 220 25.99 39.51 -45.70
CA GLN JB 220 26.69 40.35 -44.75
C GLN JB 220 25.82 41.52 -44.30
N PRO JB 221 25.84 41.88 -43.01
CA PRO JB 221 24.94 42.94 -42.51
C PRO JB 221 25.39 44.34 -42.91
N LEU JB 222 25.11 44.74 -44.14
CA LEU JB 222 25.49 46.07 -44.60
C LEU JB 222 24.43 47.09 -44.18
N GLY JB 223 24.90 48.19 -43.61
CA GLY JB 223 24.03 49.29 -43.22
C GLY JB 223 24.62 50.64 -43.56
N ALA JB 262 19.13 45.50 -43.98
CA ALA JB 262 19.07 44.08 -44.30
C ALA JB 262 20.47 43.51 -44.53
N ALA JB 263 20.63 42.75 -45.60
CA ALA JB 263 21.90 42.10 -45.93
C ALA JB 263 22.57 42.84 -47.06
N ALA JB 264 23.80 42.43 -47.37
CA ALA JB 264 24.51 43.02 -48.51
C ALA JB 264 24.22 42.27 -49.79
N GLY JB 265 23.53 41.13 -49.69
CA GLY JB 265 23.24 40.29 -50.83
C GLY JB 265 21.96 40.55 -51.56
N ASN JB 266 21.10 41.44 -51.05
CA ASN JB 266 19.86 41.78 -51.71
C ASN JB 266 19.90 43.14 -52.40
N ILE JB 267 21.08 43.71 -52.61
CA ILE JB 267 21.18 44.94 -53.37
C ILE JB 267 21.30 44.61 -54.85
N LYS JB 268 20.47 45.25 -55.67
CA LYS JB 268 20.47 45.05 -57.11
C LYS JB 268 21.03 46.29 -57.78
N ILE JB 269 21.99 46.09 -58.68
CA ILE JB 269 22.63 47.17 -59.43
C ILE JB 269 22.51 46.85 -60.91
N VAL JB 270 21.85 47.74 -61.66
CA VAL JB 270 21.58 47.54 -63.07
C VAL JB 270 22.02 48.79 -63.83
N ALA JB 271 22.82 48.59 -64.87
CA ALA JB 271 23.30 49.68 -65.71
C ALA JB 271 22.18 50.15 -66.63
N TYR JB 272 22.01 51.46 -66.71
CA TYR JB 272 21.06 52.06 -67.66
C TYR JB 272 21.85 52.96 -68.59
N PRO JB 273 22.27 52.48 -69.76
CA PRO JB 273 23.18 53.27 -70.61
C PRO JB 273 22.51 54.40 -71.37
N ASP JB 274 21.18 54.49 -71.34
CA ASP JB 274 20.49 55.46 -72.18
C ASP JB 274 20.61 56.86 -71.60
N THR JB 275 20.87 56.98 -70.30
CA THR JB 275 21.19 58.26 -69.70
C THR JB 275 22.49 58.23 -68.91
N ASN JB 276 23.28 57.15 -69.05
CA ASN JB 276 24.59 56.96 -68.43
C ASN JB 276 24.52 57.07 -66.91
N SER JB 277 23.78 56.14 -66.31
CA SER JB 277 23.51 56.20 -64.88
C SER JB 277 23.26 54.81 -64.34
N LEU JB 278 23.51 54.65 -63.06
CA LEU JB 278 23.30 53.39 -62.34
C LEU JB 278 21.94 53.39 -61.67
N LEU JB 279 21.37 52.20 -61.52
CA LEU JB 279 20.09 52.02 -60.82
C LEU JB 279 20.34 51.08 -59.64
N VAL JB 280 20.24 51.61 -58.43
CA VAL JB 280 20.48 50.85 -57.20
C VAL JB 280 19.16 50.70 -56.47
N LYS JB 281 18.83 49.47 -56.07
CA LYS JB 281 17.62 49.18 -55.31
C LYS JB 281 18.00 48.56 -53.98
N GLY JB 282 17.63 49.22 -52.90
CA GLY JB 282 17.90 48.70 -51.58
C GLY JB 282 17.19 49.53 -50.55
N THR JB 283 17.64 49.42 -49.29
CA THR JB 283 17.07 50.23 -48.23
C THR JB 283 17.59 51.66 -48.33
N ALA JB 284 17.12 52.52 -47.43
CA ALA JB 284 17.54 53.92 -47.46
C ALA JB 284 18.96 54.12 -46.95
N GLU JB 285 19.54 53.11 -46.31
CA GLU JB 285 20.91 53.19 -45.83
C GLU JB 285 21.90 52.54 -46.79
N GLN JB 286 21.45 51.57 -47.58
CA GLN JB 286 22.33 50.95 -48.56
C GLN JB 286 22.43 51.78 -49.83
N VAL JB 287 21.40 52.55 -50.15
CA VAL JB 287 21.46 53.42 -51.33
C VAL JB 287 22.43 54.57 -51.10
N HIS JB 288 22.42 55.15 -49.89
CA HIS JB 288 23.40 56.15 -49.51
C HIS JB 288 24.81 55.57 -49.39
N PHE JB 289 24.92 54.26 -49.18
CA PHE JB 289 26.23 53.64 -49.04
C PHE JB 289 26.92 53.47 -50.39
N ILE JB 290 26.15 53.21 -51.44
CA ILE JB 290 26.73 53.07 -52.78
C ILE JB 290 26.94 54.44 -53.42
N GLU JB 291 26.13 55.43 -53.02
CA GLU JB 291 26.29 56.77 -53.57
C GLU JB 291 27.58 57.43 -53.13
N MET JB 292 28.08 57.08 -51.95
CA MET JB 292 29.37 57.60 -51.49
C MET JB 292 30.55 56.87 -52.12
N LEU JB 293 30.35 55.63 -52.58
CA LEU JB 293 31.41 54.91 -53.27
C LEU JB 293 31.56 55.40 -54.70
N VAL JB 294 30.44 55.71 -55.36
CA VAL JB 294 30.44 56.13 -56.75
C VAL JB 294 31.13 57.47 -56.92
N LYS JB 295 30.93 58.40 -55.98
CA LYS JB 295 31.57 59.70 -56.07
C LYS JB 295 33.07 59.66 -55.78
N ALA JB 296 33.61 58.53 -55.34
CA ALA JB 296 35.05 58.37 -55.19
C ALA JB 296 35.69 57.70 -56.40
N LEU JB 297 34.91 56.97 -57.19
CA LEU JB 297 35.40 56.35 -58.41
C LEU JB 297 35.14 57.20 -59.65
N ASP JB 298 34.58 58.40 -59.49
CA ASP JB 298 34.18 59.23 -60.61
C ASP JB 298 35.04 60.49 -60.63
N VAL JB 299 36.20 60.39 -61.29
CA VAL JB 299 37.13 61.50 -61.38
C VAL JB 299 37.49 61.73 -62.85
N ALA JB 300 37.90 62.96 -63.15
CA ALA JB 300 38.28 63.33 -64.50
C ALA JB 300 39.70 62.86 -64.80
N LYS JB 301 39.91 62.46 -66.05
CA LYS JB 301 41.17 61.87 -66.47
C LYS JB 301 42.03 62.88 -67.23
N ARG JB 302 43.30 62.53 -67.40
CA ARG JB 302 44.26 63.34 -68.11
C ARG JB 302 44.68 62.64 -69.40
N HIS JB 303 45.18 63.42 -70.35
CA HIS JB 303 45.52 62.92 -71.67
C HIS JB 303 47.01 62.69 -71.79
N VAL JB 304 47.38 61.58 -72.43
CA VAL JB 304 48.76 61.23 -72.71
C VAL JB 304 48.90 61.07 -74.21
N GLU JB 305 49.90 61.70 -74.80
CA GLU JB 305 50.23 61.53 -76.22
C GLU JB 305 51.56 60.82 -76.31
N LEU JB 306 51.57 59.66 -76.95
CA LEU JB 306 52.75 58.80 -77.04
C LEU JB 306 53.34 58.90 -78.44
N SER JB 307 54.63 59.22 -78.50
CA SER JB 307 55.35 59.33 -79.77
C SER JB 307 56.50 58.33 -79.76
N LEU JB 308 56.57 57.50 -80.80
CA LEU JB 308 57.57 56.45 -80.90
C LEU JB 308 58.42 56.69 -82.14
N TRP JB 309 59.74 56.68 -81.97
CA TRP JB 309 60.68 56.90 -83.06
C TRP JB 309 61.31 55.57 -83.47
N ILE JB 310 61.36 55.32 -84.77
CA ILE JB 310 62.02 54.13 -85.34
C ILE JB 310 63.04 54.62 -86.34
N VAL JB 311 64.31 54.61 -85.95
CA VAL JB 311 65.41 55.10 -86.79
C VAL JB 311 66.13 53.89 -87.38
N ASP JB 312 66.41 53.93 -88.67
CA ASP JB 312 67.01 52.81 -89.39
C ASP JB 312 68.05 53.35 -90.36
N LEU JB 313 69.30 52.96 -90.16
CA LEU JB 313 70.39 53.41 -91.02
C LEU JB 313 71.09 52.21 -91.63
N ASN JB 314 71.70 52.43 -92.79
CA ASN JB 314 72.47 51.41 -93.49
C ASN JB 314 73.69 52.04 -94.12
N LYS JB 315 74.61 51.17 -94.55
CA LYS JB 315 75.84 51.55 -95.22
C LYS JB 315 76.42 50.28 -95.83
N SER JB 316 77.14 50.42 -96.93
CA SER JB 316 77.67 49.24 -97.61
C SER JB 316 78.90 49.61 -98.42
N ASP JB 317 79.57 48.58 -98.92
CA ASP JB 317 80.77 48.71 -99.73
C ASP JB 317 81.00 47.37 -100.40
N LEU JB 318 81.55 47.39 -101.61
CA LEU JB 318 81.72 46.18 -102.41
C LEU JB 318 82.72 46.44 -103.51
N GLU JB 319 83.59 45.47 -103.80
CA GLU JB 319 84.55 45.59 -104.89
C GLU JB 319 84.97 44.20 -105.33
N ARG JB 320 84.75 43.87 -106.61
CA ARG JB 320 85.26 42.65 -107.21
C ARG JB 320 86.14 42.99 -108.40
N LEU JB 321 87.25 42.28 -108.55
CA LEU JB 321 88.17 42.53 -109.65
C LEU JB 321 89.01 41.29 -109.90
N GLY JB 322 88.81 40.63 -111.03
CA GLY JB 322 89.61 39.47 -111.38
C GLY JB 322 88.85 38.54 -112.29
N THR JB 323 89.56 37.50 -112.73
CA THR JB 323 89.03 36.50 -113.65
C THR JB 323 88.98 35.14 -112.97
N SER JB 324 88.35 34.18 -113.65
CA SER JB 324 88.20 32.82 -113.15
C SER JB 324 87.99 31.89 -114.33
N TRP JB 325 88.93 30.98 -114.54
CA TRP JB 325 88.94 30.10 -115.72
C TRP JB 325 88.27 28.77 -115.39
N SER JB 326 87.34 28.35 -116.24
CA SER JB 326 86.64 27.07 -116.05
C SER JB 326 86.05 26.66 -117.40
N GLY JB 327 86.59 25.59 -118.00
CA GLY JB 327 86.10 25.14 -119.28
C GLY JB 327 86.63 23.78 -119.65
N SER JB 328 86.16 23.29 -120.80
CA SER JB 328 86.57 22.02 -121.36
C SER JB 328 87.10 22.20 -122.78
N ILE JB 329 87.73 21.15 -123.31
CA ILE JB 329 88.33 21.18 -124.63
C ILE JB 329 88.32 19.76 -125.18
N THR JB 330 88.53 19.63 -126.49
CA THR JB 330 88.65 18.32 -127.14
C THR JB 330 89.83 18.37 -128.10
N ILE JB 331 90.78 17.47 -127.91
CA ILE JB 331 92.05 17.49 -128.64
C ILE JB 331 92.11 16.23 -129.50
N GLY JB 332 91.73 16.36 -130.76
CA GLY JB 332 91.95 15.31 -131.74
C GLY JB 332 91.21 14.01 -131.52
N ASP JB 333 89.97 14.10 -130.98
CA ASP JB 333 88.99 13.00 -130.75
C ASP JB 333 89.58 11.73 -130.13
N LYS JB 334 90.66 11.87 -129.37
CA LYS JB 334 91.26 10.77 -128.63
C LYS JB 334 91.62 11.11 -127.19
N LEU JB 335 91.78 12.39 -126.85
CA LEU JB 335 92.02 12.80 -125.48
C LEU JB 335 91.44 14.19 -125.28
N GLY JB 336 90.88 14.42 -124.10
CA GLY JB 336 90.29 15.70 -123.78
C GLY JB 336 90.78 16.18 -122.43
N VAL JB 337 90.84 17.51 -122.29
CA VAL JB 337 91.35 18.16 -121.09
C VAL JB 337 90.25 19.02 -120.50
N SER JB 338 89.96 18.80 -119.22
CA SER JB 338 89.05 19.66 -118.47
C SER JB 338 89.85 20.59 -117.58
N LEU JB 339 89.16 21.55 -116.98
CA LEU JB 339 89.79 22.52 -116.08
C LEU JB 339 88.76 23.04 -115.09
N ASN JB 340 88.94 22.69 -113.81
CA ASN JB 340 88.16 23.19 -112.69
C ASN JB 340 86.66 22.87 -112.83
N GLN JB 341 86.36 21.65 -113.23
CA GLN JB 341 84.97 21.23 -113.45
C GLN JB 341 84.72 19.89 -112.79
N SER JB 342 83.45 19.50 -112.79
CA SER JB 342 83.03 18.18 -112.31
C SER JB 342 82.42 17.34 -113.42
N SER JB 343 81.54 17.94 -114.21
CA SER JB 343 80.92 17.27 -115.35
C SER JB 343 81.58 17.75 -116.64
N ILE JB 344 81.99 16.81 -117.48
CA ILE JB 344 82.77 17.12 -118.67
C ILE JB 344 81.97 16.69 -119.91
N SER JB 345 81.13 15.67 -119.74
CA SER JB 345 80.44 15.04 -120.88
C SER JB 345 79.38 15.95 -121.46
N THR JB 346 78.56 16.58 -120.62
CA THR JB 346 77.53 17.49 -121.10
C THR JB 346 78.09 18.85 -121.51
N LEU JB 347 79.34 19.15 -121.15
CA LEU JB 347 80.05 20.32 -121.64
C LEU JB 347 81.20 19.95 -122.57
N ASP JB 348 81.06 18.85 -123.33
CA ASP JB 348 82.14 18.40 -124.19
C ASP JB 348 82.26 19.24 -125.46
N GLY JB 349 81.14 19.70 -126.01
CA GLY JB 349 81.16 20.54 -127.19
C GLY JB 349 81.41 22.01 -126.95
N SER JB 350 81.62 22.41 -125.70
CA SER JB 350 81.84 23.80 -125.35
C SER JB 350 83.34 24.11 -125.36
N ARG JB 351 83.70 25.27 -124.80
CA ARG JB 351 85.07 25.76 -124.84
C ARG JB 351 85.50 26.27 -123.47
N PHE JB 352 86.65 26.93 -123.40
CA PHE JB 352 87.09 27.55 -122.16
C PHE JB 352 86.32 28.84 -121.92
N ILE JB 353 86.02 29.10 -120.64
CA ILE JB 353 85.29 30.30 -120.24
C ILE JB 353 86.17 31.07 -119.26
N ALA JB 354 86.37 32.35 -119.54
CA ALA JB 354 87.13 33.23 -118.66
C ALA JB 354 86.18 34.30 -118.12
N ALA JB 355 85.52 33.98 -117.01
CA ALA JB 355 84.54 34.89 -116.43
C ALA JB 355 85.25 36.04 -115.72
N VAL JB 356 85.05 37.25 -116.23
CA VAL JB 356 85.70 38.45 -115.70
C VAL JB 356 84.66 39.21 -114.87
N ASN JB 357 85.09 39.75 -113.74
CA ASN JB 357 84.24 40.58 -112.89
C ASN JB 357 84.93 41.90 -112.61
N ALA JB 358 84.17 42.99 -112.68
CA ALA JB 358 84.68 44.32 -112.36
C ALA JB 358 83.52 45.14 -111.84
N LEU JB 359 83.63 45.61 -110.59
CA LEU JB 359 82.54 46.32 -109.93
C LEU JB 359 83.12 47.06 -108.74
N GLU JB 360 82.48 48.17 -108.39
CA GLU JB 360 82.87 48.97 -107.22
C GLU JB 360 81.65 49.76 -106.79
N GLU JB 361 81.05 49.37 -105.66
CA GLU JB 361 79.74 49.86 -105.28
C GLU JB 361 79.77 50.50 -103.90
N LYS JB 362 79.07 51.63 -103.77
CA LYS JB 362 78.80 52.27 -102.49
C LYS JB 362 77.30 52.35 -102.30
N LYS JB 363 76.86 52.53 -101.05
CA LYS JB 363 75.44 52.53 -100.73
C LYS JB 363 75.23 53.23 -99.40
N GLN JB 364 74.03 53.77 -99.23
CA GLN JB 364 73.61 54.43 -97.99
C GLN JB 364 72.09 54.55 -98.01
N ALA JB 365 71.47 54.39 -96.85
CA ALA JB 365 70.01 54.45 -96.76
C ALA JB 365 69.61 54.79 -95.34
N THR JB 366 68.78 55.83 -95.20
CA THR JB 366 68.23 56.24 -93.91
C THR JB 366 66.70 56.21 -93.99
N VAL JB 367 66.07 55.73 -92.92
CA VAL JB 367 64.61 55.71 -92.82
C VAL JB 367 64.24 56.10 -91.39
N VAL JB 368 63.41 57.12 -91.24
CA VAL JB 368 62.92 57.56 -89.93
C VAL JB 368 61.41 57.56 -89.98
N SER JB 369 60.78 56.67 -89.22
CA SER JB 369 59.33 56.55 -89.14
C SER JB 369 58.87 56.86 -87.72
N ARG JB 370 57.64 57.36 -87.60
CA ARG JB 370 57.14 57.86 -86.32
C ARG JB 370 55.62 57.77 -86.25
N PRO JB 371 55.08 56.84 -85.45
CA PRO JB 371 53.64 56.87 -85.15
C PRO JB 371 53.31 57.65 -83.89
N VAL JB 372 52.18 58.34 -83.92
CA VAL JB 372 51.71 59.18 -82.81
C VAL JB 372 50.31 58.70 -82.42
N LEU JB 373 50.05 58.61 -81.12
CA LEU JB 373 48.77 58.12 -80.61
C LEU JB 373 48.41 58.89 -79.34
N LEU JB 374 47.12 59.18 -79.18
CA LEU JB 374 46.61 59.95 -78.04
C LEU JB 374 45.56 59.14 -77.29
N THR JB 375 45.70 59.08 -75.97
CA THR JB 375 44.75 58.36 -75.12
C THR JB 375 44.72 59.00 -73.74
N GLN JB 376 43.98 58.38 -72.83
CA GLN JB 376 43.81 58.86 -71.47
C GLN JB 376 44.54 57.96 -70.50
N GLU JB 377 44.45 58.30 -69.20
CA GLU JB 377 45.01 57.45 -68.17
C GLU JB 377 44.26 56.13 -68.09
N ASN JB 378 45.01 55.04 -67.89
CA ASN JB 378 44.48 53.70 -67.59
C ASN JB 378 43.54 53.17 -68.68
N VAL JB 379 43.74 53.61 -69.91
CA VAL JB 379 42.89 53.22 -71.03
C VAL JB 379 43.79 52.60 -72.09
N PRO JB 380 43.55 51.35 -72.51
CA PRO JB 380 44.37 50.76 -73.57
C PRO JB 380 43.99 51.32 -74.93
N ALA JB 381 45.01 51.67 -75.72
CA ALA JB 381 44.81 52.23 -77.04
C ALA JB 381 45.61 51.44 -78.05
N ILE JB 382 45.21 51.52 -79.31
CA ILE JB 382 45.83 50.77 -80.40
C ILE JB 382 46.01 51.68 -81.60
N PHE JB 383 47.24 51.74 -82.12
CA PHE JB 383 47.52 52.24 -83.45
C PHE JB 383 47.97 51.07 -84.31
N ASP JB 384 47.48 51.00 -85.54
CA ASP JB 384 47.75 49.87 -86.41
C ASP JB 384 47.84 50.35 -87.85
N ASN JB 385 48.88 49.93 -88.55
CA ASN JB 385 49.06 50.28 -89.97
C ASN JB 385 49.59 49.04 -90.66
N ASN JB 386 48.69 48.22 -91.19
CA ASN JB 386 49.06 46.88 -91.64
C ASN JB 386 48.77 46.71 -93.13
N ARG JB 387 49.00 45.48 -93.60
CA ARG JB 387 48.81 45.09 -94.99
C ARG JB 387 48.43 43.62 -95.02
N THR JB 388 47.38 43.29 -95.76
CA THR JB 388 46.83 41.94 -95.77
C THR JB 388 47.07 41.32 -97.14
N PHE JB 389 47.43 40.04 -97.14
CA PHE JB 389 47.74 39.29 -98.36
C PHE JB 389 46.83 38.07 -98.42
N TYR JB 390 45.94 38.05 -99.41
CA TYR JB 390 44.94 37.00 -99.51
C TYR JB 390 45.39 35.95 -100.52
N THR JB 391 45.18 34.68 -100.16
CA THR JB 391 45.57 33.57 -101.02
C THR JB 391 44.39 32.64 -101.21
N LYS JB 392 44.44 31.85 -102.29
CA LYS JB 392 43.34 30.98 -102.70
C LYS JB 392 43.76 29.53 -102.50
N LEU JB 393 43.41 28.97 -101.36
CA LEU JB 393 43.65 27.55 -101.06
C LEU JB 393 42.51 26.77 -101.70
N ILE JB 394 42.76 26.16 -102.85
CA ILE JB 394 41.70 25.50 -103.60
C ILE JB 394 41.51 24.10 -103.03
N GLY JB 395 40.69 24.01 -101.97
CA GLY JB 395 40.26 22.77 -101.41
C GLY JB 395 38.88 22.41 -101.90
N GLU JB 396 38.25 21.48 -101.21
CA GLU JB 396 36.89 21.08 -101.56
C GLU JB 396 35.88 21.27 -100.43
N ARG JB 397 36.27 21.14 -99.17
CA ARG JB 397 35.31 21.11 -98.07
C ARG JB 397 35.33 22.40 -97.27
N ASN JB 398 36.46 22.65 -96.64
CA ASN JB 398 36.63 23.79 -95.76
C ASN JB 398 37.41 24.82 -96.55
N VAL JB 399 36.85 25.22 -97.69
CA VAL JB 399 37.43 26.22 -98.56
C VAL JB 399 37.46 27.54 -97.80
N ALA JB 400 38.59 28.23 -97.87
CA ALA JB 400 38.77 29.41 -97.03
C ALA JB 400 39.71 30.37 -97.73
N LEU JB 401 39.55 31.64 -97.41
CA LEU JB 401 40.48 32.68 -97.80
C LEU JB 401 41.43 32.85 -96.61
N GLU JB 402 42.63 32.33 -96.75
CA GLU JB 402 43.64 32.48 -95.71
C GLU JB 402 44.45 33.72 -95.98
N HIS JB 403 44.90 34.37 -94.91
CA HIS JB 403 45.55 35.66 -95.04
C HIS JB 403 46.67 35.80 -94.02
N VAL JB 404 47.66 36.60 -94.39
CA VAL JB 404 48.73 37.00 -93.49
C VAL JB 404 48.65 38.52 -93.34
N THR JB 405 49.26 39.04 -92.29
CA THR JB 405 49.16 40.45 -91.94
C THR JB 405 50.49 40.91 -91.36
N TYR JB 406 50.97 42.07 -91.81
CA TYR JB 406 52.21 42.62 -91.31
C TYR JB 406 52.16 44.13 -91.37
N GLY JB 407 52.76 44.78 -90.37
CA GLY JB 407 52.80 46.23 -90.37
C GLY JB 407 53.14 46.75 -89.00
N THR JB 408 53.14 48.08 -88.88
CA THR JB 408 53.45 48.76 -87.63
C THR JB 408 52.26 48.68 -86.69
N MET JB 409 52.51 48.49 -85.40
CA MET JB 409 51.45 48.29 -84.43
C MET JB 409 51.96 48.63 -83.03
N ILE JB 410 51.23 49.49 -82.32
CA ILE JB 410 51.53 49.83 -80.94
C ILE JB 410 50.28 49.56 -80.11
N ARG JB 411 50.47 48.97 -78.93
CA ARG JB 411 49.42 48.87 -77.93
C ARG JB 411 49.99 49.30 -76.60
N VAL JB 412 49.46 50.38 -76.03
CA VAL JB 412 50.05 51.02 -74.87
C VAL JB 412 48.98 51.17 -73.80
N LEU JB 413 49.41 51.25 -72.55
CA LEU JB 413 48.53 51.42 -71.40
C LEU JB 413 49.21 52.40 -70.45
N PRO JB 414 48.97 53.69 -70.61
CA PRO JB 414 49.70 54.68 -69.81
C PRO JB 414 49.10 54.85 -68.44
N ARG JB 415 49.92 55.38 -67.53
CA ARG JB 415 49.55 55.53 -66.14
C ARG JB 415 50.51 56.51 -65.48
N PHE JB 416 49.96 57.46 -64.73
CA PHE JB 416 50.79 58.44 -64.03
C PHE JB 416 51.21 57.91 -62.68
N SER JB 417 52.48 58.10 -62.33
CA SER JB 417 52.99 57.70 -61.04
C SER JB 417 52.74 58.82 -60.02
N ALA JB 418 53.33 58.68 -58.83
CA ALA JB 418 53.11 59.67 -57.78
C ALA JB 418 53.97 60.91 -57.97
N ASP JB 419 55.09 60.78 -58.68
CA ASP JB 419 56.02 61.89 -58.87
C ASP JB 419 55.74 62.70 -60.12
N GLY JB 420 54.87 62.23 -61.00
CA GLY JB 420 54.63 62.86 -62.27
C GLY JB 420 55.26 62.17 -63.46
N GLN JB 421 55.81 60.98 -63.27
CA GLN JB 421 56.36 60.21 -64.38
C GLN JB 421 55.28 59.30 -64.97
N ILE JB 422 55.50 58.89 -66.21
CA ILE JB 422 54.51 58.13 -66.97
C ILE JB 422 55.05 56.74 -67.20
N GLU JB 423 54.41 55.74 -66.61
CA GLU JB 423 54.77 54.35 -66.83
C GLU JB 423 53.86 53.75 -67.91
N MET JB 424 54.46 52.96 -68.79
CA MET JB 424 53.77 52.42 -69.95
C MET JB 424 54.01 50.93 -70.07
N SER JB 425 53.01 50.22 -70.58
CA SER JB 425 53.10 48.79 -70.84
C SER JB 425 53.02 48.59 -72.36
N LEU JB 426 54.16 48.35 -72.98
CA LEU JB 426 54.31 48.45 -74.43
C LEU JB 426 54.20 47.10 -75.11
N ASP JB 427 53.73 47.11 -76.35
CA ASP JB 427 53.69 45.96 -77.24
C ASP JB 427 53.91 46.48 -78.66
N ILE JB 428 55.15 46.48 -79.11
CA ILE JB 428 55.54 47.12 -80.37
C ILE JB 428 55.83 46.03 -81.40
N GLU JB 429 55.31 46.22 -82.61
CA GLU JB 429 55.61 45.38 -83.75
C GLU JB 429 55.91 46.25 -84.95
N ASP JB 430 57.01 45.99 -85.64
CA ASP JB 430 57.36 46.71 -86.86
C ASP JB 430 57.83 45.70 -87.89
N GLY JB 431 57.00 45.43 -88.89
CA GLY JB 431 57.31 44.45 -89.91
C GLY JB 431 57.23 45.05 -91.30
N ASN JB 432 57.88 44.38 -92.25
CA ASN JB 432 57.83 44.76 -93.65
C ASN JB 432 57.99 43.49 -94.48
N ASP JB 433 58.00 43.67 -95.80
CA ASP JB 433 58.00 42.54 -96.74
C ASP JB 433 59.39 42.41 -97.36
N LYS JB 434 60.05 41.31 -97.08
CA LYS JB 434 61.32 40.99 -97.71
C LYS JB 434 61.07 40.33 -99.05
N THR JB 435 61.84 40.74 -100.06
CA THR JB 435 61.61 40.28 -101.41
C THR JB 435 62.75 39.37 -101.87
N PRO JB 436 62.45 38.16 -102.32
CA PRO JB 436 63.49 37.34 -102.98
C PRO JB 436 63.71 37.77 -104.42
N GLN JB 437 64.49 36.98 -105.16
CA GLN JB 437 64.82 37.30 -106.55
C GLN JB 437 63.58 37.27 -107.43
N SER JB 438 63.39 38.31 -108.23
CA SER JB 438 62.18 38.45 -109.03
C SER JB 438 62.18 37.57 -110.28
N ASP JB 439 63.35 37.12 -110.74
CA ASP JB 439 63.44 36.38 -111.99
C ASP JB 439 62.95 34.94 -111.88
N THR JB 440 62.96 34.36 -110.69
CA THR JB 440 62.54 32.98 -110.49
C THR JB 440 61.04 32.91 -110.24
N THR JB 441 60.48 31.71 -110.43
CA THR JB 441 59.05 31.43 -110.47
C THR JB 441 58.36 31.71 -109.14
N THR JB 442 59.07 31.66 -108.01
CA THR JB 442 58.45 31.82 -106.69
C THR JB 442 58.01 33.25 -106.37
N SER JB 443 58.11 34.19 -107.31
CA SER JB 443 57.60 35.54 -107.13
C SER JB 443 56.13 35.68 -107.54
N VAL JB 444 55.53 34.66 -108.16
CA VAL JB 444 54.15 34.74 -108.59
C VAL JB 444 53.20 33.94 -107.68
N ASP JB 445 53.72 33.08 -106.81
CA ASP JB 445 52.87 32.35 -105.89
C ASP JB 445 52.79 33.09 -104.56
N ALA JB 446 52.15 32.46 -103.58
CA ALA JB 446 51.89 33.08 -102.29
C ALA JB 446 53.08 32.89 -101.35
N LEU JB 447 54.18 33.55 -101.70
CA LEU JB 447 55.38 33.59 -100.86
C LEU JB 447 55.81 35.04 -100.66
N PRO JB 448 55.12 35.79 -99.79
CA PRO JB 448 55.70 37.04 -99.27
C PRO JB 448 56.53 36.77 -98.01
N GLU JB 449 57.83 36.53 -98.14
CA GLU JB 449 58.69 36.37 -96.95
C GLU JB 449 58.61 37.61 -96.06
N VAL JB 450 57.97 37.45 -94.89
CA VAL JB 450 57.73 38.54 -93.96
C VAL JB 450 58.81 38.53 -92.89
N GLY JB 451 59.41 39.68 -92.62
CA GLY JB 451 60.31 39.85 -91.50
C GLY JB 451 59.73 40.86 -90.53
N ARG JB 452 59.63 40.46 -89.26
CA ARG JB 452 59.03 41.27 -88.22
C ARG JB 452 60.04 41.62 -87.15
N THR JB 453 59.61 42.45 -86.20
CA THR JB 453 60.43 42.87 -85.07
C THR JB 453 59.51 43.14 -83.90
N LEU JB 454 59.59 42.33 -82.86
CA LEU JB 454 58.66 42.37 -81.74
C LEU JB 454 59.39 42.77 -80.48
N ILE JB 455 58.76 43.65 -79.68
CA ILE JB 455 59.32 44.12 -78.42
C ILE JB 455 58.17 44.22 -77.41
N SER JB 456 58.36 43.63 -76.24
CA SER JB 456 57.35 43.67 -75.19
C SER JB 456 58.05 43.90 -73.86
N THR JB 457 57.80 45.04 -73.23
CA THR JB 457 58.51 45.44 -72.02
C THR JB 457 57.66 46.44 -71.24
N ILE JB 458 58.24 47.00 -70.18
CA ILE JB 458 57.61 48.04 -69.36
C ILE JB 458 58.67 49.08 -69.04
N ALA JB 459 58.38 50.35 -69.33
CA ALA JB 459 59.32 51.43 -69.06
C ALA JB 459 58.60 52.57 -68.38
N ARG JB 460 59.38 53.46 -67.75
CA ARG JB 460 58.85 54.59 -66.99
C ARG JB 460 59.68 55.83 -67.28
N VAL JB 461 59.08 56.79 -67.97
CA VAL JB 461 59.77 57.99 -68.45
C VAL JB 461 59.20 59.20 -67.72
N PRO JB 462 60.00 60.22 -67.41
CA PRO JB 462 59.44 61.49 -66.95
C PRO JB 462 58.69 62.21 -68.07
N HIS JB 463 58.02 63.29 -67.71
CA HIS JB 463 57.21 64.03 -68.66
C HIS JB 463 58.10 64.88 -69.55
N GLY JB 464 58.15 64.54 -70.83
CA GLY JB 464 58.94 65.28 -71.80
C GLY JB 464 60.28 64.69 -72.13
N LYS JB 465 60.79 63.77 -71.32
CA LYS JB 465 62.06 63.13 -71.57
C LYS JB 465 61.84 61.89 -72.44
N SER JB 466 62.90 61.10 -72.62
CA SER JB 466 62.83 59.96 -73.53
C SER JB 466 63.68 58.81 -73.02
N LEU JB 467 63.41 57.62 -73.56
CA LEU JB 467 64.13 56.41 -73.19
C LEU JB 467 64.34 55.54 -74.42
N LEU JB 468 65.43 54.79 -74.41
CA LEU JB 468 65.73 53.83 -75.48
C LEU JB 468 65.22 52.46 -75.06
N VAL JB 469 64.28 51.93 -75.83
CA VAL JB 469 63.63 50.68 -75.46
C VAL JB 469 64.30 49.48 -76.10
N GLY JB 470 64.50 49.51 -77.41
CA GLY JB 470 65.14 48.40 -78.10
C GLY JB 470 66.38 48.83 -78.84
N GLY JB 471 66.88 47.98 -79.73
CA GLY JB 471 68.06 48.32 -80.48
C GLY JB 471 68.64 47.09 -81.15
N TYR JB 472 69.48 47.35 -82.16
CA TYR JB 472 70.15 46.31 -82.93
C TYR JB 472 71.26 46.91 -83.77
N THR JB 473 72.48 46.38 -83.68
CA THR JB 473 73.56 46.75 -84.56
C THR JB 473 74.15 45.51 -85.19
N ARG JB 474 74.84 45.69 -86.32
CA ARG JB 474 75.51 44.58 -86.99
C ARG JB 474 76.63 45.13 -87.87
N ASP JB 475 77.83 44.56 -87.74
CA ASP JB 475 78.98 44.93 -88.54
C ASP JB 475 79.57 43.68 -89.18
N ALA JB 476 80.08 43.83 -90.40
CA ALA JB 476 80.63 42.68 -91.12
C ALA JB 476 81.72 43.14 -92.07
N ASN JB 477 82.65 42.22 -92.34
CA ASN JB 477 83.75 42.50 -93.27
C ASN JB 477 84.31 41.17 -93.76
N THR JB 478 84.10 40.83 -95.02
CA THR JB 478 84.65 39.63 -95.62
C THR JB 478 85.56 40.01 -96.78
N ASP JB 479 86.49 39.11 -97.11
CA ASP JB 479 87.38 39.29 -98.26
C ASP JB 479 87.98 37.95 -98.68
N THR JB 480 87.89 37.63 -99.97
CA THR JB 480 88.44 36.41 -100.52
C THR JB 480 89.54 36.75 -101.52
N VAL JB 481 90.47 35.81 -101.72
CA VAL JB 481 91.54 35.94 -102.70
C VAL JB 481 91.72 34.58 -103.36
N GLN JB 482 91.54 34.52 -104.67
CA GLN JB 482 91.82 33.30 -105.44
C GLN JB 482 92.89 33.59 -106.48
N SER JB 483 93.58 32.54 -106.91
CA SER JB 483 94.61 32.67 -107.93
C SER JB 483 94.88 31.30 -108.55
N ILE JB 484 95.64 31.33 -109.64
CA ILE JB 484 96.27 30.15 -110.23
C ILE JB 484 97.61 30.05 -109.50
N PRO JB 485 98.10 28.85 -109.14
CA PRO JB 485 99.28 28.76 -108.25
C PRO JB 485 100.57 29.34 -108.81
N PHE JB 486 100.90 29.12 -110.07
CA PHE JB 486 102.14 29.66 -110.62
C PHE JB 486 101.93 30.87 -111.52
N LEU JB 487 100.87 30.87 -112.32
CA LEU JB 487 100.64 31.96 -113.26
C LEU JB 487 100.17 33.24 -112.57
N GLY JB 488 99.71 33.15 -111.33
CA GLY JB 488 99.22 34.32 -110.62
C GLY JB 488 100.30 35.21 -110.04
N LYS JB 489 101.56 34.85 -110.19
CA LYS JB 489 102.67 35.65 -109.66
C LYS JB 489 103.53 36.25 -110.76
N LEU JB 490 103.07 36.22 -112.01
CA LEU JB 490 103.79 36.86 -113.09
C LEU JB 490 103.70 38.38 -112.95
N PRO JB 491 104.74 39.12 -113.40
CA PRO JB 491 104.77 40.58 -113.19
C PRO JB 491 103.67 41.36 -113.90
N LEU JB 492 103.55 41.20 -115.22
CA LEU JB 492 102.59 41.97 -116.01
C LEU JB 492 101.50 41.10 -116.64
N ILE JB 493 101.67 39.79 -116.64
CA ILE JB 493 100.65 38.89 -117.15
C ILE JB 493 99.79 38.30 -116.04
N GLY JB 494 100.29 38.26 -114.80
CA GLY JB 494 99.62 37.59 -113.69
C GLY JB 494 98.35 38.24 -113.20
N SER JB 495 97.99 39.41 -113.72
CA SER JB 495 96.72 40.02 -113.32
C SER JB 495 95.52 39.35 -113.96
N LEU JB 496 95.73 38.58 -115.02
CA LEU JB 496 94.64 37.90 -115.70
C LEU JB 496 94.23 36.59 -115.03
N PHE JB 497 94.86 36.23 -113.91
CA PHE JB 497 94.56 34.97 -113.25
C PHE JB 497 94.15 35.11 -111.79
N ARG JB 498 94.42 36.24 -111.15
CA ARG JB 498 94.02 36.44 -109.77
C ARG JB 498 92.56 36.85 -109.68
N TYR JB 499 92.05 36.90 -108.45
CA TYR JB 499 90.69 37.32 -108.17
C TYR JB 499 90.65 37.78 -106.71
N SER JB 500 89.84 38.80 -106.44
CA SER JB 500 89.76 39.35 -105.09
C SER JB 500 88.45 40.10 -104.91
N SER JB 501 87.78 39.82 -103.80
CA SER JB 501 86.52 40.48 -103.49
C SER JB 501 86.57 41.06 -102.09
N LYS JB 502 85.65 41.97 -101.80
CA LYS JB 502 85.50 42.58 -100.49
C LYS JB 502 84.03 42.80 -100.21
N ASN JB 503 83.72 43.10 -98.95
CA ASN JB 503 82.36 43.39 -98.52
C ASN JB 503 82.42 44.09 -97.17
N LYS JB 504 81.42 44.91 -96.88
CA LYS JB 504 81.34 45.65 -95.63
C LYS JB 504 79.92 46.15 -95.45
N SER JB 505 79.40 46.10 -94.22
CA SER JB 505 78.07 46.61 -93.95
C SER JB 505 77.99 47.08 -92.50
N ASN JB 506 77.12 48.06 -92.26
CA ASN JB 506 76.89 48.59 -90.92
C ASN JB 506 75.43 48.98 -90.79
N VAL JB 507 74.68 48.23 -89.98
CA VAL JB 507 73.25 48.41 -89.81
C VAL JB 507 72.97 48.87 -88.38
N VAL JB 508 72.07 49.84 -88.21
CA VAL JB 508 71.67 50.33 -86.90
C VAL JB 508 70.16 50.52 -86.91
N ARG JB 509 69.46 49.87 -85.97
CA ARG JB 509 68.04 50.11 -85.73
C ARG JB 509 67.85 50.40 -84.25
N VAL JB 510 67.02 51.41 -83.92
CA VAL JB 510 66.70 51.75 -82.55
C VAL JB 510 65.22 52.07 -82.43
N PHE JB 511 64.71 51.96 -81.20
CA PHE JB 511 63.32 52.27 -80.87
C PHE JB 511 63.34 53.20 -79.67
N MET JB 512 62.70 54.35 -79.79
CA MET JB 512 62.70 55.35 -78.72
C MET JB 512 61.28 55.77 -78.40
N ILE JB 513 61.05 56.12 -77.13
CA ILE JB 513 59.73 56.45 -76.60
C ILE JB 513 59.81 57.84 -75.98
N GLU JB 514 58.83 58.68 -76.30
CA GLU JB 514 58.79 60.05 -75.78
C GLU JB 514 57.35 60.43 -75.47
N PRO JB 515 56.89 60.24 -74.24
CA PRO JB 515 55.53 60.62 -73.88
C PRO JB 515 55.44 62.03 -73.32
N LYS JB 516 54.25 62.61 -73.45
CA LYS JB 516 53.98 63.93 -72.90
C LYS JB 516 52.48 64.05 -72.60
N GLU JB 517 52.14 65.08 -71.85
CA GLU JB 517 50.78 65.28 -71.35
C GLU JB 517 50.10 66.40 -72.11
N ILE JB 518 48.86 66.16 -72.52
CA ILE JB 518 48.09 67.10 -73.32
C ILE JB 518 47.06 67.78 -72.42
N VAL JB 519 47.12 69.10 -72.35
CA VAL JB 519 46.16 69.87 -71.57
C VAL JB 519 45.36 70.87 -72.39
N ASP JB 520 45.82 71.23 -73.59
CA ASP JB 520 45.18 72.25 -74.40
C ASP JB 520 44.80 71.68 -75.77
N PRO JB 521 43.75 72.19 -76.40
CA PRO JB 521 43.41 71.77 -77.76
C PRO JB 521 44.37 72.38 -78.78
N LEU JB 522 44.12 72.06 -80.05
CA LEU JB 522 45.00 72.51 -81.12
C LEU JB 522 44.84 74.00 -81.38
N THR JB 523 45.95 74.66 -81.69
CA THR JB 523 45.93 76.06 -82.08
C THR JB 523 46.88 76.27 -83.26
N PRO JB 524 46.40 76.77 -84.42
CA PRO JB 524 45.03 77.10 -84.80
C PRO JB 524 44.17 75.86 -85.03
N ASP JB 525 42.88 76.06 -85.31
CA ASP JB 525 41.91 74.96 -85.32
C ASP JB 525 42.19 74.00 -86.48
N ALA JB 526 41.57 72.82 -86.37
CA ALA JB 526 41.76 71.79 -87.39
C ALA JB 526 41.10 72.18 -88.70
N SER JB 527 40.02 72.96 -88.65
CA SER JB 527 39.36 73.42 -89.85
C SER JB 527 40.02 74.65 -90.45
N GLU JB 528 40.98 75.24 -89.75
CA GLU JB 528 41.71 76.39 -90.27
C GLU JB 528 43.03 76.00 -90.93
N SER JB 529 43.67 74.93 -90.45
CA SER JB 529 44.90 74.48 -91.09
C SER JB 529 44.62 73.69 -92.36
N VAL JB 530 43.41 73.15 -92.51
CA VAL JB 530 43.07 72.42 -93.72
C VAL JB 530 42.73 73.37 -94.86
N ASN JB 531 42.09 74.50 -94.54
CA ASN JB 531 41.76 75.49 -95.56
C ASN JB 531 43.00 76.20 -96.11
N ASN JB 532 44.14 76.14 -95.40
CA ASN JB 532 45.38 76.65 -95.95
C ASN JB 532 46.11 75.61 -96.79
N ILE JB 533 45.85 74.32 -96.55
CA ILE JB 533 46.44 73.27 -97.37
C ILE JB 533 45.75 73.21 -98.73
N LEU JB 534 44.42 73.31 -98.74
CA LEU JB 534 43.67 73.23 -99.98
C LEU JB 534 43.89 74.44 -100.86
N LYS JB 535 44.12 75.61 -100.28
CA LYS JB 535 44.38 76.79 -101.08
C LYS JB 535 45.78 76.81 -101.66
N GLN JB 536 46.75 76.23 -100.95
CA GLN JB 536 48.13 76.24 -101.45
C GLN JB 536 48.35 75.17 -102.51
N SER JB 537 47.82 73.96 -102.29
CA SER JB 537 48.00 72.88 -103.25
C SER JB 537 47.09 73.00 -104.45
N GLY JB 538 46.07 73.84 -104.40
CA GLY JB 538 45.20 74.05 -105.53
C GLY JB 538 44.01 73.12 -105.61
N ALA JB 539 43.72 72.36 -104.56
CA ALA JB 539 42.60 71.44 -104.54
C ALA JB 539 41.34 72.05 -103.94
N TRP JB 540 41.34 73.34 -103.67
CA TRP JB 540 40.23 74.00 -102.99
C TRP JB 540 39.08 74.22 -103.94
N SER JB 541 37.87 73.87 -103.51
CA SER JB 541 36.66 74.07 -104.29
C SER JB 541 35.53 74.61 -103.44
N GLY JB 542 35.84 75.58 -102.58
CA GLY JB 542 34.80 76.26 -101.83
C GLY JB 542 34.20 77.45 -102.54
N ASP JB 543 34.75 77.81 -103.70
CA ASP JB 543 34.26 78.92 -104.51
C ASP JB 543 33.40 78.44 -105.68
N ASP JB 544 33.03 77.17 -105.72
CA ASP JB 544 32.27 76.63 -106.82
C ASP JB 544 30.84 77.13 -106.78
N LYS JB 545 30.26 77.35 -107.97
CA LYS JB 545 28.90 77.87 -108.04
C LYS JB 545 27.87 76.79 -107.73
N LEU JB 546 28.17 75.54 -108.05
CA LEU JB 546 27.23 74.45 -107.90
C LEU JB 546 27.35 73.71 -106.57
N GLN JB 547 28.56 73.58 -106.04
CA GLN JB 547 28.77 72.82 -104.81
C GLN JB 547 28.65 73.67 -103.54
N LYS JB 548 28.49 74.98 -103.67
CA LYS JB 548 28.35 75.82 -102.49
C LYS JB 548 26.97 75.77 -101.86
N TRP JB 549 25.98 75.19 -102.56
CA TRP JB 549 24.65 75.08 -101.98
C TRP JB 549 24.57 74.00 -100.92
N VAL JB 550 25.47 73.03 -100.96
CA VAL JB 550 25.48 71.93 -100.00
C VAL JB 550 26.66 72.02 -99.03
N ARG JB 551 27.84 72.45 -99.51
CA ARG JB 551 29.01 72.65 -98.65
C ARG JB 551 28.85 73.81 -97.65
N VAL JB 552 27.76 74.59 -97.73
CA VAL JB 552 27.54 75.64 -96.74
C VAL JB 552 26.97 75.06 -95.46
N TYR JB 553 26.49 73.82 -95.47
CA TYR JB 553 26.05 73.18 -94.24
C TYR JB 553 27.24 72.62 -93.46
N LEU JB 554 28.21 72.05 -94.16
CA LEU JB 554 29.32 71.37 -93.51
C LEU JB 554 30.37 72.36 -93.00
N ASP JB 555 30.56 73.48 -93.72
CA ASP JB 555 31.55 74.49 -93.37
C ASP JB 555 30.91 75.66 -92.64
N ARG JB 556 29.96 75.35 -91.76
CA ARG JB 556 29.21 76.37 -91.02
C ARG JB 556 30.09 77.13 -90.04
N GLY JB 557 31.07 76.46 -89.45
CA GLY JB 557 31.98 77.12 -88.52
C GLY JB 557 33.22 77.65 -89.22
N LYS KB 27 -55.09 53.19 6.46
CA LYS KB 27 -54.16 52.28 7.13
C LYS KB 27 -52.75 52.86 7.18
N ILE KB 28 -52.39 53.63 6.16
CA ILE KB 28 -51.07 54.27 6.08
C ILE KB 28 -51.27 55.79 6.08
N PRO KB 29 -51.56 56.43 7.21
CA PRO KB 29 -51.83 57.87 7.17
C PRO KB 29 -50.57 58.71 7.19
N VAL KB 30 -50.17 59.21 6.01
CA VAL KB 30 -49.29 60.36 5.81
C VAL KB 30 -49.87 61.09 4.60
N THR KB 31 -49.80 62.43 4.61
CA THR KB 31 -50.45 63.20 3.55
C THR KB 31 -49.69 63.16 2.22
N GLY KB 32 -48.36 63.34 2.24
CA GLY KB 32 -47.60 63.51 1.02
C GLY KB 32 -47.24 62.20 0.34
N SER KB 33 -46.08 62.19 -0.33
CA SER KB 33 -45.56 61.01 -1.00
C SER KB 33 -44.09 60.85 -0.67
N GLY KB 34 -43.67 59.63 -0.34
CA GLY KB 34 -42.29 59.40 0.00
C GLY KB 34 -42.10 58.01 0.59
N PHE KB 35 -40.84 57.65 0.77
CA PHE KB 35 -40.44 56.35 1.29
C PHE KB 35 -39.84 56.53 2.68
N VAL KB 36 -40.32 55.75 3.65
CA VAL KB 36 -39.79 55.76 5.00
C VAL KB 36 -39.07 54.45 5.23
N ALA KB 37 -37.76 54.52 5.52
CA ALA KB 37 -36.97 53.32 5.72
C ALA KB 37 -36.61 53.21 7.20
N LYS KB 38 -36.98 52.11 7.82
CA LYS KB 38 -36.57 51.78 9.18
C LYS KB 38 -35.66 50.57 9.10
N ASP KB 39 -34.35 50.81 9.15
CA ASP KB 39 -33.30 49.79 9.13
C ASP KB 39 -33.36 48.94 7.85
N ASP KB 40 -33.60 49.59 6.72
CA ASP KB 40 -33.51 48.90 5.44
C ASP KB 40 -32.05 48.69 5.10
N SER KB 41 -31.78 47.67 4.30
CA SER KB 41 -30.42 47.17 4.13
C SER KB 41 -29.92 47.32 2.71
N LEU KB 42 -30.22 48.46 2.08
CA LEU KB 42 -29.63 48.97 0.83
C LEU KB 42 -29.96 48.15 -0.41
N ARG KB 43 -30.64 47.02 -0.28
CA ARG KB 43 -31.19 46.31 -1.43
C ARG KB 43 -32.69 46.48 -1.50
N THR KB 44 -33.35 46.44 -0.34
CA THR KB 44 -34.76 46.77 -0.24
C THR KB 44 -34.98 48.26 -0.33
N PHE KB 45 -33.92 49.06 -0.17
CA PHE KB 45 -34.07 50.49 -0.26
C PHE KB 45 -33.98 50.94 -1.72
N PHE KB 46 -33.04 50.38 -2.48
CA PHE KB 46 -32.87 50.77 -3.87
C PHE KB 46 -33.90 50.10 -4.78
N ASP KB 47 -34.49 48.99 -4.36
CA ASP KB 47 -35.59 48.48 -5.15
C ASP KB 47 -36.82 49.37 -5.02
N ALA KB 48 -36.93 50.12 -3.92
CA ALA KB 48 -38.00 51.09 -3.82
C ALA KB 48 -37.75 52.30 -4.70
N MET KB 49 -36.49 52.59 -5.03
CA MET KB 49 -36.19 53.66 -5.97
C MET KB 49 -36.25 53.18 -7.41
N ALA KB 50 -36.51 51.90 -7.62
CA ALA KB 50 -36.46 51.31 -8.94
C ALA KB 50 -37.75 51.48 -9.72
N LEU KB 51 -38.66 52.35 -9.28
CA LEU KB 51 -39.83 52.73 -10.06
C LEU KB 51 -39.73 54.16 -10.56
N GLN KB 52 -39.21 55.06 -9.73
CA GLN KB 52 -38.92 56.41 -10.19
C GLN KB 52 -37.74 56.39 -11.17
N LEU KB 53 -36.67 55.69 -10.83
CA LEU KB 53 -35.78 55.23 -11.89
C LEU KB 53 -36.56 54.19 -12.69
N LYS KB 54 -36.54 54.29 -14.01
CA LYS KB 54 -37.37 53.41 -14.82
C LYS KB 54 -36.66 52.12 -15.20
N GLU KB 55 -35.57 51.78 -14.51
CA GLU KB 55 -34.77 50.61 -14.77
C GLU KB 55 -34.58 49.81 -13.48
N PRO KB 56 -34.42 48.49 -13.57
CA PRO KB 56 -34.16 47.70 -12.37
C PRO KB 56 -32.76 47.94 -11.83
N VAL KB 57 -32.64 47.87 -10.51
CA VAL KB 57 -31.40 48.12 -9.79
C VAL KB 57 -30.83 46.81 -9.28
N ILE KB 58 -29.54 46.61 -9.47
CA ILE KB 58 -28.82 45.42 -9.05
C ILE KB 58 -27.76 45.83 -8.03
N VAL KB 59 -27.98 45.49 -6.78
CA VAL KB 59 -27.06 45.82 -5.69
C VAL KB 59 -26.19 44.61 -5.42
N SER KB 60 -24.90 44.84 -5.24
CA SER KB 60 -23.94 43.76 -5.11
C SER KB 60 -24.05 43.12 -3.72
N LYS KB 61 -23.17 42.15 -3.47
CA LYS KB 61 -23.25 41.41 -2.22
C LYS KB 61 -22.54 42.14 -1.08
N MET KB 62 -21.42 42.80 -1.38
CA MET KB 62 -20.71 43.51 -0.32
C MET KB 62 -21.34 44.85 0.01
N ALA KB 63 -22.02 45.47 -0.95
CA ALA KB 63 -22.69 46.74 -0.71
C ALA KB 63 -24.10 46.58 -0.17
N ALA KB 64 -24.50 45.37 0.23
CA ALA KB 64 -25.80 45.15 0.81
C ALA KB 64 -25.73 44.89 2.30
N ARG KB 65 -24.55 44.96 2.90
CA ARG KB 65 -24.38 44.85 4.33
C ARG KB 65 -24.53 46.17 5.04
N LYS KB 66 -24.59 47.27 4.32
CA LYS KB 66 -24.78 48.59 4.90
C LYS KB 66 -26.27 48.89 5.01
N LYS KB 67 -26.63 49.69 6.01
CA LYS KB 67 -28.02 49.98 6.30
C LYS KB 67 -28.27 51.48 6.26
N ILE KB 68 -29.52 51.86 6.09
CA ILE KB 68 -29.91 53.27 6.00
C ILE KB 68 -31.33 53.40 6.55
N THR KB 69 -31.58 54.49 7.28
CA THR KB 69 -32.90 54.76 7.83
C THR KB 69 -33.21 56.24 7.81
N GLY KB 70 -34.46 56.56 7.54
CA GLY KB 70 -34.89 57.94 7.42
C GLY KB 70 -36.00 58.11 6.41
N ASN KB 71 -36.52 59.32 6.36
CA ASN KB 71 -37.62 59.71 5.49
C ASN KB 71 -37.06 60.32 4.21
N PHE KB 72 -37.30 59.67 3.07
CA PHE KB 72 -36.78 60.08 1.78
C PHE KB 72 -37.91 60.36 0.81
N GLU KB 73 -37.59 61.07 -0.26
CA GLU KB 73 -38.54 61.34 -1.33
C GLU KB 73 -37.77 61.46 -2.64
N PHE KB 74 -38.36 60.95 -3.71
CA PHE KB 74 -37.69 60.90 -5.00
C PHE KB 74 -38.47 61.73 -6.00
N HIS KB 75 -37.85 62.79 -6.52
CA HIS KB 75 -38.39 63.51 -7.65
C HIS KB 75 -37.38 63.72 -8.77
N ASP KB 76 -36.08 63.55 -8.52
CA ASP KB 76 -35.10 63.39 -9.60
C ASP KB 76 -34.01 62.42 -9.12
N PRO KB 77 -34.25 61.13 -9.28
CA PRO KB 77 -33.43 60.13 -8.58
C PRO KB 77 -32.06 59.96 -9.21
N ASN KB 78 -31.84 60.43 -10.44
CA ASN KB 78 -30.50 60.37 -10.98
C ASN KB 78 -29.58 61.38 -10.31
N ALA KB 79 -30.15 62.45 -9.77
CA ALA KB 79 -29.41 63.37 -8.94
C ALA KB 79 -29.38 62.97 -7.49
N LEU KB 80 -30.36 62.17 -7.03
CA LEU KB 80 -30.30 61.71 -5.64
C LEU KB 80 -29.34 60.54 -5.46
N LEU KB 81 -29.19 59.71 -6.49
CA LEU KB 81 -28.29 58.57 -6.44
C LEU KB 81 -26.84 59.01 -6.46
N GLU KB 82 -26.55 60.14 -7.10
CA GLU KB 82 -25.16 60.59 -7.15
C GLU KB 82 -24.74 61.13 -5.80
N LYS KB 83 -25.65 61.82 -5.10
CA LYS KB 83 -25.27 62.39 -3.82
C LYS KB 83 -25.18 61.30 -2.76
N LEU KB 84 -26.12 60.34 -2.75
CA LEU KB 84 -26.00 59.29 -1.76
C LEU KB 84 -24.90 58.29 -2.08
N SER KB 85 -24.42 58.24 -3.32
CA SER KB 85 -23.30 57.35 -3.61
C SER KB 85 -21.96 57.95 -3.18
N LEU KB 86 -21.94 59.22 -2.81
CA LEU KB 86 -20.74 59.83 -2.29
C LEU KB 86 -20.80 59.96 -0.78
N GLN KB 87 -22.01 60.15 -0.22
CA GLN KB 87 -22.09 60.19 1.24
C GLN KB 87 -21.97 58.79 1.83
N LEU KB 88 -22.55 57.78 1.20
CA LEU KB 88 -22.41 56.43 1.74
C LEU KB 88 -21.10 55.78 1.30
N GLY KB 89 -20.70 56.03 0.06
CA GLY KB 89 -19.49 55.47 -0.51
C GLY KB 89 -19.87 54.29 -1.36
N LEU KB 90 -20.04 54.54 -2.65
CA LEU KB 90 -20.56 53.58 -3.61
C LEU KB 90 -20.12 54.05 -5.00
N ILE KB 91 -20.17 53.13 -5.96
CA ILE KB 91 -20.00 53.44 -7.37
C ILE KB 91 -21.13 52.78 -8.12
N TRP KB 92 -21.62 53.44 -9.16
CA TRP KB 92 -22.78 52.97 -9.89
C TRP KB 92 -22.55 53.10 -11.39
N TYR KB 93 -23.33 52.35 -12.16
CA TYR KB 93 -23.18 52.34 -13.61
C TYR KB 93 -24.50 51.97 -14.25
N PHE KB 94 -24.84 52.65 -15.33
CA PHE KB 94 -26.08 52.40 -16.06
C PHE KB 94 -25.75 52.06 -17.51
N ASP KB 95 -26.06 50.82 -17.91
CA ASP KB 95 -25.65 50.30 -19.20
C ASP KB 95 -26.82 50.18 -20.18
N GLY KB 96 -27.90 50.92 -19.95
CA GLY KB 96 -29.02 50.94 -20.87
C GLY KB 96 -30.18 50.04 -20.50
N GLN KB 97 -29.95 49.04 -19.65
CA GLN KB 97 -31.03 48.13 -19.28
C GLN KB 97 -31.21 48.05 -17.78
N ALA KB 98 -30.14 48.22 -17.02
CA ALA KB 98 -30.21 48.10 -15.57
C ALA KB 98 -29.21 49.07 -14.95
N ILE KB 99 -29.25 49.17 -13.64
CA ILE KB 99 -28.35 50.04 -12.88
C ILE KB 99 -27.61 49.17 -11.89
N TYR KB 100 -26.30 49.02 -12.09
CA TYR KB 100 -25.47 48.23 -11.20
C TYR KB 100 -24.84 49.11 -10.15
N ILE KB 101 -24.86 48.64 -8.90
CA ILE KB 101 -24.33 49.38 -7.77
C ILE KB 101 -23.35 48.49 -7.00
N TYR KB 102 -22.11 48.95 -6.89
CA TYR KB 102 -21.08 48.31 -6.10
C TYR KB 102 -20.60 49.29 -5.06
N ASP KB 103 -19.93 48.79 -4.03
CA ASP KB 103 -19.30 49.76 -3.14
C ASP KB 103 -17.94 50.16 -3.70
N ALA KB 104 -17.31 51.13 -3.04
CA ALA KB 104 -16.14 51.79 -3.59
C ALA KB 104 -14.91 50.90 -3.58
N SER KB 105 -14.86 49.90 -2.71
CA SER KB 105 -13.70 49.04 -2.58
C SER KB 105 -13.71 47.88 -3.55
N GLU KB 106 -14.57 47.90 -4.55
CA GLU KB 106 -14.63 46.87 -5.58
C GLU KB 106 -14.20 47.40 -6.94
N MET KB 107 -13.61 48.59 -6.98
CA MET KB 107 -13.16 49.18 -8.24
C MET KB 107 -11.85 48.55 -8.69
N ARG KB 108 -11.80 48.14 -9.95
CA ARG KB 108 -10.65 47.44 -10.51
C ARG KB 108 -10.08 48.21 -11.69
N ASN KB 109 -8.80 47.95 -11.98
CA ASN KB 109 -8.04 48.68 -12.98
C ASN KB 109 -7.50 47.71 -14.02
N ALA KB 110 -7.24 48.24 -15.21
CA ALA KB 110 -6.69 47.44 -16.29
C ALA KB 110 -5.99 48.36 -17.28
N VAL KB 111 -5.01 47.80 -17.99
CA VAL KB 111 -4.30 48.50 -19.05
C VAL KB 111 -4.12 47.52 -20.21
N VAL KB 112 -4.56 47.94 -21.40
CA VAL KB 112 -4.56 47.09 -22.59
C VAL KB 112 -4.03 47.87 -23.78
N SER KB 113 -3.51 47.13 -24.75
CA SER KB 113 -2.86 47.71 -25.91
C SER KB 113 -3.59 47.29 -27.19
N LEU KB 114 -3.79 48.26 -28.07
CA LEU KB 114 -4.44 48.04 -29.36
C LEU KB 114 -3.38 48.09 -30.45
N ARG KB 115 -3.24 47.00 -31.19
CA ARG KB 115 -2.16 46.93 -32.17
C ARG KB 115 -2.51 47.67 -33.45
N ASN KB 116 -3.77 47.69 -33.84
CA ASN KB 116 -4.12 48.23 -35.15
C ASN KB 116 -5.37 49.10 -35.20
N VAL KB 117 -5.90 49.56 -34.06
CA VAL KB 117 -6.94 50.57 -34.05
C VAL KB 117 -6.53 51.64 -33.04
N SER KB 118 -7.12 52.83 -33.18
CA SER KB 118 -6.78 53.92 -32.29
C SER KB 118 -7.77 54.06 -31.13
N LEU KB 119 -7.37 54.89 -30.16
CA LEU KB 119 -8.25 55.19 -29.04
C LEU KB 119 -9.39 56.07 -29.50
N ASN KB 120 -9.13 56.98 -30.43
CA ASN KB 120 -10.21 57.80 -30.97
C ASN KB 120 -11.15 56.98 -31.83
N GLU KB 121 -10.69 55.86 -32.36
CA GLU KB 121 -11.59 54.94 -33.05
C GLU KB 121 -12.42 54.15 -32.07
N PHE KB 122 -11.87 53.80 -30.91
CA PHE KB 122 -12.63 53.03 -29.93
C PHE KB 122 -13.66 53.91 -29.20
N ASN KB 123 -13.35 55.19 -29.03
CA ASN KB 123 -14.30 56.09 -28.39
C ASN KB 123 -15.48 56.38 -29.29
N ASN KB 124 -15.33 56.24 -30.61
CA ASN KB 124 -16.48 56.42 -31.47
C ASN KB 124 -17.40 55.21 -31.41
N PHE KB 125 -16.83 54.03 -31.10
CA PHE KB 125 -17.68 52.86 -30.92
C PHE KB 125 -18.47 52.96 -29.63
N LEU KB 126 -17.84 53.51 -28.60
CA LEU KB 126 -18.57 53.65 -27.34
C LEU KB 126 -19.59 54.77 -27.40
N LYS KB 127 -19.29 55.85 -28.13
CA LYS KB 127 -20.22 56.96 -28.19
C LYS KB 127 -21.39 56.62 -29.09
N ARG KB 128 -21.14 55.88 -30.18
CA ARG KB 128 -22.23 55.57 -31.09
C ARG KB 128 -23.12 54.48 -30.51
N SER KB 129 -22.54 53.52 -29.77
CA SER KB 129 -23.38 52.48 -29.21
C SER KB 129 -24.18 53.01 -28.02
N GLY KB 130 -23.54 53.78 -27.13
CA GLY KB 130 -24.26 54.28 -25.98
C GLY KB 130 -23.73 53.80 -24.64
N LEU KB 131 -22.50 53.29 -24.63
CA LEU KB 131 -21.88 52.82 -23.41
C LEU KB 131 -20.85 53.80 -22.87
N TYR KB 132 -20.75 54.98 -23.46
CA TYR KB 132 -19.77 55.97 -23.03
C TYR KB 132 -20.22 56.58 -21.72
N ASN KB 133 -19.36 56.50 -20.71
CA ASN KB 133 -19.62 57.00 -19.37
C ASN KB 133 -18.64 58.13 -19.09
N LYS KB 134 -19.15 59.34 -18.89
CA LYS KB 134 -18.29 60.50 -18.73
C LYS KB 134 -17.71 60.63 -17.33
N ASN KB 135 -18.10 59.79 -16.39
CA ASN KB 135 -17.48 59.81 -15.07
C ASN KB 135 -16.24 58.95 -15.01
N TYR KB 136 -16.17 57.87 -15.78
CA TYR KB 136 -15.00 56.99 -15.87
C TYR KB 136 -14.53 56.95 -17.31
N PRO KB 137 -13.82 57.97 -17.78
CA PRO KB 137 -13.36 58.00 -19.16
C PRO KB 137 -12.12 57.13 -19.33
N LEU KB 138 -11.66 57.05 -20.56
CA LEU KB 138 -10.47 56.26 -20.91
C LEU KB 138 -9.27 57.18 -20.99
N ARG KB 139 -8.21 56.84 -20.26
CA ARG KB 139 -7.03 57.69 -20.14
C ARG KB 139 -5.93 57.16 -21.05
N GLY KB 140 -5.56 57.95 -22.04
CA GLY KB 140 -4.48 57.58 -22.92
C GLY KB 140 -4.23 58.64 -23.97
N ASP KB 141 -3.17 58.41 -24.74
CA ASP KB 141 -2.85 59.30 -25.85
C ASP KB 141 -3.86 59.14 -26.98
N ASN KB 142 -4.09 60.24 -27.69
CA ASN KB 142 -5.27 60.35 -28.57
C ASN KB 142 -5.13 59.50 -29.81
N ARG KB 143 -3.93 59.33 -30.35
CA ARG KB 143 -3.72 58.45 -31.50
C ARG KB 143 -2.57 57.50 -31.19
N LYS KB 144 -2.86 56.46 -30.41
CA LYS KB 144 -1.91 55.41 -30.06
C LYS KB 144 -2.70 54.13 -29.85
N GLY KB 145 -2.09 53.16 -29.19
CA GLY KB 145 -2.75 51.89 -28.96
C GLY KB 145 -3.00 51.54 -27.51
N THR KB 146 -2.29 52.18 -26.59
CA THR KB 146 -2.41 51.88 -25.17
C THR KB 146 -3.31 52.91 -24.50
N PHE KB 147 -4.09 52.45 -23.52
CA PHE KB 147 -4.83 53.35 -22.66
C PHE KB 147 -4.98 52.70 -21.30
N TYR KB 148 -5.70 53.38 -20.41
CA TYR KB 148 -5.88 52.95 -19.03
C TYR KB 148 -7.33 53.20 -18.64
N VAL KB 149 -8.03 52.14 -18.28
CA VAL KB 149 -9.45 52.21 -17.93
C VAL KB 149 -9.59 51.72 -16.50
N SER KB 150 -10.50 52.34 -15.75
CA SER KB 150 -10.76 51.94 -14.37
C SER KB 150 -12.17 52.35 -13.99
N GLY KB 151 -12.85 51.50 -13.25
CA GLY KB 151 -14.20 51.78 -12.83
C GLY KB 151 -14.86 50.58 -12.19
N PRO KB 152 -16.18 50.47 -12.35
CA PRO KB 152 -16.89 49.30 -11.85
C PRO KB 152 -16.55 48.05 -12.63
N PRO KB 153 -16.71 46.87 -12.01
CA PRO KB 153 -16.31 45.61 -12.66
C PRO KB 153 -17.15 45.20 -13.85
N VAL KB 154 -18.35 45.76 -14.05
CA VAL KB 154 -19.08 45.44 -15.27
C VAL KB 154 -18.70 46.39 -16.39
N TYR KB 155 -18.09 47.54 -16.07
CA TYR KB 155 -17.62 48.45 -17.09
C TYR KB 155 -16.25 48.04 -17.61
N VAL KB 156 -15.40 47.56 -16.70
CA VAL KB 156 -14.04 47.20 -17.11
C VAL KB 156 -14.07 45.90 -17.90
N ASP KB 157 -14.83 44.91 -17.45
CA ASP KB 157 -14.83 43.63 -18.14
C ASP KB 157 -15.56 43.67 -19.48
N MET KB 158 -16.32 44.74 -19.75
CA MET KB 158 -16.83 44.95 -21.10
C MET KB 158 -15.82 45.68 -21.97
N VAL KB 159 -15.12 46.67 -21.41
CA VAL KB 159 -14.17 47.46 -22.20
C VAL KB 159 -12.96 46.62 -22.63
N VAL KB 160 -12.47 45.77 -21.73
CA VAL KB 160 -11.33 44.90 -22.04
C VAL KB 160 -11.74 43.85 -23.06
N ASN KB 161 -12.94 43.30 -22.91
CA ASN KB 161 -13.36 42.23 -23.81
C ASN KB 161 -13.72 42.75 -25.19
N ALA KB 162 -14.17 44.00 -25.31
CA ALA KB 162 -14.44 44.48 -26.66
C ALA KB 162 -13.18 45.00 -27.32
N ALA KB 163 -12.20 45.43 -26.52
CA ALA KB 163 -10.95 45.92 -27.10
C ALA KB 163 -10.12 44.76 -27.63
N THR KB 164 -10.12 43.63 -26.93
CA THR KB 164 -9.40 42.50 -27.49
C THR KB 164 -10.24 41.68 -28.46
N MET KB 165 -11.48 42.10 -28.75
CA MET KB 165 -12.30 41.47 -29.77
C MET KB 165 -12.52 42.37 -30.98
N MET KB 166 -11.88 43.52 -31.02
CA MET KB 166 -11.85 44.28 -32.26
C MET KB 166 -10.52 44.19 -32.99
N ASP KB 167 -9.43 43.93 -32.26
CA ASP KB 167 -8.15 43.74 -32.91
C ASP KB 167 -8.07 42.40 -33.61
N LYS KB 168 -8.67 41.36 -33.03
CA LYS KB 168 -8.69 40.07 -33.70
C LYS KB 168 -9.59 40.09 -34.92
N GLN KB 169 -10.58 40.97 -34.95
CA GLN KB 169 -11.39 41.13 -36.15
C GLN KB 169 -10.63 41.94 -37.19
N ASN KB 170 -9.92 42.97 -36.77
CA ASN KB 170 -9.17 43.80 -37.69
C ASN KB 170 -7.78 43.20 -37.94
N LEU KB 175 -5.36 44.22 -46.59
CA LEU KB 175 -4.83 43.76 -47.87
C LEU KB 175 -4.84 44.90 -48.90
N GLY KB 176 -4.10 44.71 -49.98
CA GLY KB 176 -4.04 45.71 -51.03
C GLY KB 176 -4.54 45.20 -52.36
N ARG KB 177 -5.45 45.96 -52.99
CA ARG KB 177 -5.96 45.58 -54.29
C ARG KB 177 -4.93 45.83 -55.37
N GLN KB 178 -4.92 44.97 -56.38
CA GLN KB 178 -4.04 45.16 -57.52
C GLN KB 178 -4.55 46.30 -58.40
N LYS KB 179 -3.63 46.86 -59.20
CA LYS KB 179 -3.93 48.02 -60.01
C LYS KB 179 -2.97 48.04 -61.18
N ILE KB 180 -3.48 48.35 -62.37
CA ILE KB 180 -2.68 48.40 -63.59
C ILE KB 180 -2.53 49.86 -63.99
N GLY KB 181 -1.29 50.31 -64.14
CA GLY KB 181 -1.00 51.67 -64.57
C GLY KB 181 -0.34 51.69 -65.92
N VAL KB 182 -0.66 52.70 -66.72
CA VAL KB 182 -0.11 52.89 -68.06
C VAL KB 182 0.68 54.19 -68.05
N MET KB 183 1.96 54.11 -68.36
CA MET KB 183 2.87 55.25 -68.29
C MET KB 183 3.46 55.50 -69.67
N ARG KB 184 3.01 56.56 -70.34
CA ARG KB 184 3.52 56.88 -71.66
C ARG KB 184 4.85 57.62 -71.55
N LEU KB 185 5.80 57.22 -72.39
CA LEU KB 185 7.13 57.83 -72.42
C LEU KB 185 7.20 58.83 -73.56
N ASN KB 186 7.65 60.04 -73.25
CA ASN KB 186 7.66 61.12 -74.23
C ASN KB 186 9.02 61.37 -74.86
N ASN KB 187 10.11 60.97 -74.20
CA ASN KB 187 11.44 61.35 -74.66
C ASN KB 187 12.38 60.16 -74.84
N THR KB 188 11.85 58.94 -74.93
CA THR KB 188 12.69 57.77 -75.13
C THR KB 188 11.87 56.67 -75.79
N PHE KB 189 12.55 55.56 -76.09
CA PHE KB 189 11.96 54.41 -76.75
C PHE KB 189 11.92 53.22 -75.80
N VAL KB 190 10.80 52.51 -75.78
CA VAL KB 190 10.74 51.17 -75.21
C VAL KB 190 11.28 50.20 -76.24
N GLY KB 191 11.90 49.13 -75.76
CA GLY KB 191 12.40 48.09 -76.66
C GLY KB 191 13.84 48.34 -77.07
N ASP KB 192 14.45 47.28 -77.56
CA ASP KB 192 15.88 47.26 -77.84
C ASP KB 192 16.17 47.84 -79.22
N ARG KB 193 17.38 48.36 -79.37
CA ARG KB 193 17.87 48.88 -80.65
C ARG KB 193 18.98 47.97 -81.15
N THR KB 194 19.00 47.71 -82.46
CA THR KB 194 19.94 46.78 -83.06
C THR KB 194 20.65 47.43 -84.23
N TYR KB 195 21.96 47.20 -84.34
CA TYR KB 195 22.75 47.64 -85.47
C TYR KB 195 23.84 46.60 -85.73
N ASN KB 196 24.61 46.81 -86.80
CA ASN KB 196 25.60 45.83 -87.24
C ASN KB 196 26.95 46.49 -87.50
N LEU KB 197 28.04 45.76 -87.22
CA LEU KB 197 29.37 46.14 -87.69
C LEU KB 197 29.87 45.03 -88.60
N ARG KB 198 29.36 45.01 -89.83
CA ARG KB 198 29.81 44.26 -90.99
C ARG KB 198 29.66 42.75 -90.92
N ASP KB 199 29.56 42.17 -89.72
CA ASP KB 199 29.20 40.76 -89.58
C ASP KB 199 28.37 40.47 -88.33
N GLN KB 200 28.54 41.30 -87.30
CA GLN KB 200 28.06 40.99 -85.97
C GLN KB 200 26.98 41.97 -85.55
N LYS KB 201 26.05 41.49 -84.74
CA LYS KB 201 24.89 42.25 -84.30
C LYS KB 201 25.10 42.71 -82.87
N MET KB 202 24.82 43.98 -82.61
CA MET KB 202 24.87 44.54 -81.27
C MET KB 202 23.46 44.92 -80.83
N VAL KB 203 23.10 44.54 -79.61
CA VAL KB 203 21.76 44.80 -79.05
C VAL KB 203 21.93 45.62 -77.79
N ILE KB 204 21.23 46.75 -77.73
CA ILE KB 204 21.27 47.64 -76.57
C ILE KB 204 19.95 47.49 -75.81
N PRO KB 205 19.98 47.22 -74.51
CA PRO KB 205 18.73 47.05 -73.77
C PRO KB 205 18.04 48.38 -73.52
N GLY KB 206 16.73 48.37 -73.67
CA GLY KB 206 15.92 49.56 -73.52
C GLY KB 206 15.54 49.82 -72.08
N ILE KB 207 14.48 50.61 -71.90
CA ILE KB 207 14.02 50.93 -70.56
C ILE KB 207 13.17 49.81 -69.98
N ALA KB 208 12.60 48.93 -70.81
CA ALA KB 208 11.74 47.89 -70.29
C ALA KB 208 12.51 46.63 -69.90
N THR KB 209 13.77 46.54 -70.29
CA THR KB 209 14.63 45.44 -69.87
C THR KB 209 15.46 45.82 -68.65
N ALA KB 210 15.72 47.11 -68.47
CA ALA KB 210 16.51 47.54 -67.32
C ALA KB 210 15.71 47.49 -66.02
N ILE KB 211 14.43 47.90 -66.06
CA ILE KB 211 13.63 47.85 -64.84
C ILE KB 211 13.12 46.43 -64.57
N GLU KB 212 13.03 45.59 -65.61
CA GLU KB 212 12.61 44.21 -65.42
C GLU KB 212 13.69 43.40 -64.72
N ARG KB 213 14.96 43.68 -65.02
CA ARG KB 213 16.05 43.02 -64.32
C ARG KB 213 16.30 43.59 -62.94
N LEU KB 214 15.81 44.81 -62.67
CA LEU KB 214 15.98 45.39 -61.35
C LEU KB 214 15.03 44.77 -60.34
N LEU KB 215 13.85 44.36 -60.79
CA LEU KB 215 12.81 43.79 -59.94
C LEU KB 215 12.75 42.27 -60.05
N GLN KB 216 13.85 41.66 -60.49
CA GLN KB 216 13.88 40.21 -60.69
C GLN KB 216 14.26 39.52 -59.38
N GLY KB 217 13.59 38.40 -59.10
CA GLY KB 217 13.75 37.77 -57.80
C GLY KB 217 13.12 38.64 -56.74
N GLU KB 218 13.98 39.24 -55.89
CA GLU KB 218 13.66 40.41 -55.07
C GLU KB 218 12.51 40.16 -54.09
N GLU KB 219 12.76 39.26 -53.13
CA GLU KB 219 11.83 39.07 -52.04
C GLU KB 219 12.00 40.18 -51.00
N GLN KB 220 11.56 41.38 -51.33
CA GLN KB 220 11.83 42.56 -50.52
C GLN KB 220 10.55 43.36 -50.28
N PRO KB 221 10.36 43.88 -49.05
CA PRO KB 221 9.11 44.58 -48.74
C PRO KB 221 9.02 45.98 -49.34
N LEU KB 222 8.69 46.06 -50.62
CA LEU KB 222 8.57 47.35 -51.28
C LEU KB 222 7.18 47.95 -51.03
N GLY KB 223 7.17 49.22 -50.64
CA GLY KB 223 5.93 49.95 -50.44
C GLY KB 223 6.00 51.36 -50.99
N ALA KB 262 2.86 44.52 -50.61
CA ALA KB 262 3.35 43.15 -50.69
C ALA KB 262 4.87 43.13 -50.82
N ALA KB 263 5.38 42.33 -51.77
CA ALA KB 263 6.81 42.18 -51.98
C ALA KB 263 7.23 42.95 -53.22
N ALA KB 264 8.54 42.98 -53.45
CA ALA KB 264 9.05 43.63 -54.67
C ALA KB 264 9.14 42.65 -55.82
N GLY KB 265 8.93 41.36 -55.54
CA GLY KB 265 9.05 40.31 -56.53
C GLY KB 265 7.80 39.96 -57.30
N ASN KB 266 6.65 40.53 -56.94
CA ASN KB 266 5.41 40.26 -57.66
C ASN KB 266 4.98 41.43 -58.54
N ILE KB 267 5.87 42.37 -58.84
CA ILE KB 267 5.56 43.43 -59.78
C ILE KB 267 5.89 42.95 -61.19
N LYS KB 268 4.93 43.11 -62.10
CA LYS KB 268 5.09 42.71 -63.49
C LYS KB 268 5.19 43.96 -64.35
N ILE KB 269 6.22 44.02 -65.20
CA ILE KB 269 6.43 45.14 -66.11
C ILE KB 269 6.54 44.59 -67.53
N VAL KB 270 5.65 45.04 -68.40
CA VAL KB 270 5.56 44.55 -69.77
C VAL KB 270 5.56 45.75 -70.71
N ALA KB 271 6.43 45.72 -71.71
CA ALA KB 271 6.52 46.77 -72.71
C ALA KB 271 5.37 46.65 -73.69
N TYR KB 272 4.72 47.77 -73.97
CA TYR KB 272 3.70 47.82 -75.01
C TYR KB 272 4.14 48.81 -76.08
N PRO KB 273 4.78 48.35 -77.15
CA PRO KB 273 5.38 49.30 -78.11
C PRO KB 273 4.38 49.96 -79.04
N ASP KB 274 3.13 49.54 -79.03
CA ASP KB 274 2.18 50.05 -80.02
C ASP KB 274 1.73 51.46 -79.68
N THR KB 275 1.84 51.87 -78.41
CA THR KB 275 1.62 53.25 -78.01
C THR KB 275 2.79 53.81 -77.22
N ASN KB 276 3.92 53.11 -77.18
CA ASN KB 276 5.17 53.53 -76.53
C ASN KB 276 4.96 53.82 -75.05
N SER KB 277 4.59 52.78 -74.32
CA SER KB 277 4.24 52.94 -72.92
C SER KB 277 4.49 51.64 -72.17
N LEU KB 278 4.70 51.77 -70.87
CA LEU KB 278 4.92 50.64 -69.98
C LEU KB 278 3.63 50.24 -69.31
N LEU KB 279 3.53 48.95 -68.97
CA LEU KB 279 2.38 48.41 -68.26
C LEU KB 279 2.88 47.81 -66.95
N VAL KB 280 2.51 48.43 -65.83
CA VAL KB 280 2.94 48.00 -64.50
C VAL KB 280 1.73 47.47 -63.76
N LYS KB 281 1.85 46.29 -63.17
CA LYS KB 281 0.80 45.67 -62.39
C LYS KB 281 1.30 45.43 -60.98
N GLY KB 282 0.64 46.06 -60.01
CA GLY KB 282 1.01 45.89 -58.62
C GLY KB 282 -0.03 46.51 -57.73
N THR KB 283 0.34 46.76 -56.48
CA THR KB 283 -0.55 47.45 -55.56
C THR KB 283 -0.59 48.93 -55.88
N ALA KB 284 -1.41 49.67 -55.13
CA ALA KB 284 -1.54 51.10 -55.37
C ALA KB 284 -0.33 51.89 -54.90
N GLU KB 285 0.54 51.29 -54.09
CA GLU KB 285 1.75 51.95 -53.65
C GLU KB 285 2.96 51.59 -54.48
N GLN KB 286 2.96 50.41 -55.11
CA GLN KB 286 4.07 50.04 -55.97
C GLN KB 286 3.94 50.65 -57.36
N VAL KB 287 2.71 50.93 -57.81
CA VAL KB 287 2.51 51.58 -59.11
C VAL KB 287 2.98 53.03 -59.05
N HIS KB 288 2.67 53.72 -57.95
CA HIS KB 288 3.18 55.07 -57.73
C HIS KB 288 4.70 55.09 -57.51
N PHE KB 289 5.27 53.97 -57.09
CA PHE KB 289 6.71 53.91 -56.86
C PHE KB 289 7.50 53.82 -58.16
N ILE KB 290 6.95 53.13 -59.17
CA ILE KB 290 7.62 53.03 -60.45
C ILE KB 290 7.34 54.27 -61.31
N GLU KB 291 6.21 54.94 -61.07
CA GLU KB 291 5.88 56.14 -61.83
C GLU KB 291 6.80 57.31 -61.48
N MET KB 292 7.32 57.34 -60.26
CA MET KB 292 8.29 58.37 -59.90
C MET KB 292 9.69 58.06 -60.40
N LEU KB 293 9.99 56.79 -60.66
CA LEU KB 293 11.29 56.43 -61.22
C LEU KB 293 11.35 56.72 -62.71
N VAL KB 294 10.22 56.49 -63.41
CA VAL KB 294 10.16 56.67 -64.86
C VAL KB 294 10.31 58.14 -65.23
N LYS KB 295 9.72 59.04 -64.45
CA LYS KB 295 9.83 60.46 -64.73
C LYS KB 295 11.22 61.04 -64.44
N ALA KB 296 12.11 60.27 -63.82
CA ALA KB 296 13.49 60.69 -63.64
C ALA KB 296 14.41 60.15 -64.73
N LEU KB 297 14.01 59.07 -65.40
CA LEU KB 297 14.77 58.51 -66.51
C LEU KB 297 14.30 59.02 -67.87
N ASP KB 298 13.32 59.92 -67.90
CA ASP KB 298 12.71 60.37 -69.14
C ASP KB 298 13.04 61.84 -69.36
N VAL KB 299 14.18 62.09 -69.98
CA VAL KB 299 14.65 63.44 -70.25
C VAL KB 299 14.96 63.58 -71.73
N ALA KB 300 14.92 64.81 -72.21
CA ALA KB 300 15.22 65.10 -73.61
C ALA KB 300 16.72 65.17 -73.83
N LYS KB 301 17.15 64.70 -74.99
CA LYS KB 301 18.56 64.57 -75.32
C LYS KB 301 19.02 65.71 -76.22
N ARG KB 302 20.34 65.85 -76.33
CA ARG KB 302 20.97 66.86 -77.16
C ARG KB 302 21.71 66.19 -78.31
N HIS KB 303 21.94 66.95 -79.38
CA HIS KB 303 22.51 66.43 -80.60
C HIS KB 303 23.99 66.77 -80.69
N VAL KB 304 24.78 65.80 -81.14
CA VAL KB 304 26.22 65.97 -81.36
C VAL KB 304 26.50 65.65 -82.81
N GLU KB 305 27.23 66.53 -83.49
CA GLU KB 305 27.68 66.29 -84.85
C GLU KB 305 29.19 66.13 -84.83
N LEU KB 306 29.67 64.98 -85.28
CA LEU KB 306 31.08 64.63 -85.23
C LEU KB 306 31.69 64.74 -86.62
N SER KB 307 32.77 65.51 -86.74
CA SER KB 307 33.47 65.71 -87.99
C SER KB 307 34.91 65.23 -87.83
N LEU KB 308 35.35 64.36 -88.72
CA LEU KB 308 36.67 63.74 -88.66
C LEU KB 308 37.45 64.11 -89.92
N TRP KB 309 38.67 64.63 -89.74
CA TRP KB 309 39.52 65.02 -90.85
C TRP KB 309 40.62 63.99 -91.04
N ILE KB 310 40.85 63.59 -92.28
CA ILE KB 310 41.93 62.68 -92.64
C ILE KB 310 42.76 63.37 -93.72
N VAL KB 311 43.92 63.89 -93.33
CA VAL KB 311 44.80 64.62 -94.23
C VAL KB 311 45.95 63.71 -94.62
N ASP KB 312 46.28 63.67 -95.91
CA ASP KB 312 47.31 62.77 -96.43
C ASP KB 312 48.12 63.51 -97.46
N LEU KB 313 49.42 63.66 -97.21
CA LEU KB 313 50.31 64.36 -98.13
C LEU KB 313 51.45 63.45 -98.53
N ASN KB 314 52.00 63.71 -99.72
CA ASN KB 314 53.13 62.96 -100.24
C ASN KB 314 54.07 63.91 -100.95
N LYS KB 315 55.27 63.41 -101.24
CA LYS KB 315 56.32 64.11 -101.95
C LYS KB 315 57.36 63.09 -102.35
N SER KB 316 58.05 63.33 -103.46
CA SER KB 316 59.02 62.36 -103.94
C SER KB 316 60.07 63.04 -104.81
N ASP KB 317 61.10 62.28 -105.12
CA ASP KB 317 62.22 62.75 -105.94
C ASP KB 317 62.97 61.50 -106.40
N LEU KB 318 63.55 61.55 -107.60
CA LEU KB 318 64.22 60.40 -108.18
C LEU KB 318 65.11 60.85 -109.32
N GLU KB 319 66.29 60.25 -109.44
CA GLU KB 319 67.21 60.56 -110.53
C GLU KB 319 68.15 59.39 -110.75
N ARG KB 320 68.14 58.83 -111.95
CA ARG KB 320 69.11 57.81 -112.35
C ARG KB 320 69.86 58.29 -113.58
N LEU KB 321 71.17 58.04 -113.61
CA LEU KB 321 71.99 58.45 -114.74
C LEU KB 321 73.25 57.60 -114.78
N GLY KB 322 73.39 56.76 -115.79
CA GLY KB 322 74.59 55.96 -115.96
C GLY KB 322 74.29 54.68 -116.71
N THR KB 323 75.36 53.93 -116.97
CA THR KB 323 75.30 52.69 -117.72
C THR KB 323 75.71 51.52 -116.84
N SER KB 324 75.53 50.32 -117.38
CA SER KB 324 75.87 49.08 -116.66
C SER KB 324 76.10 47.98 -117.68
N TRP KB 325 77.33 47.47 -117.75
CA TRP KB 325 77.73 46.50 -118.77
C TRP KB 325 77.60 45.08 -118.24
N SER KB 326 76.94 44.22 -119.01
CA SER KB 326 76.75 42.82 -118.63
C SER KB 326 76.45 42.03 -119.90
N GLY KB 327 77.39 41.17 -120.31
CA GLY KB 327 77.19 40.38 -121.51
C GLY KB 327 78.21 39.29 -121.67
N SER KB 328 78.03 38.49 -122.72
CA SER KB 328 78.92 37.40 -123.07
C SER KB 328 79.42 37.56 -124.50
N ILE KB 329 80.44 36.76 -124.85
CA ILE KB 329 81.06 36.83 -126.17
C ILE KB 329 81.61 35.45 -126.48
N THR KB 330 81.94 35.21 -127.75
CA THR KB 330 82.60 33.98 -128.18
C THR KB 330 83.72 34.32 -129.14
N ILE KB 331 84.94 33.90 -128.81
CA ILE KB 331 86.14 34.30 -129.53
C ILE KB 331 86.73 33.04 -130.17
N GLY KB 332 86.40 32.82 -131.44
CA GLY KB 332 87.07 31.81 -132.26
C GLY KB 332 86.83 30.38 -131.83
N ASP KB 333 85.64 30.06 -131.30
CA ASP KB 333 85.12 28.73 -130.91
C ASP KB 333 86.10 27.88 -130.10
N LYS KB 334 87.01 28.52 -129.36
CA LYS KB 334 87.92 27.85 -128.46
C LYS KB 334 88.03 28.51 -127.09
N LEU KB 335 87.69 29.78 -126.97
CA LEU KB 335 87.67 30.44 -125.67
C LEU KB 335 86.60 31.53 -125.69
N GLY KB 336 85.92 31.69 -124.57
CA GLY KB 336 84.88 32.69 -124.45
C GLY KB 336 85.07 33.51 -123.20
N VAL KB 337 84.61 34.76 -123.27
CA VAL KB 337 84.77 35.72 -122.19
C VAL KB 337 83.39 36.18 -121.74
N SER KB 338 83.12 36.06 -120.43
CA SER KB 338 81.91 36.60 -119.84
C SER KB 338 82.26 37.89 -119.11
N LEU KB 339 81.21 38.59 -118.66
CA LEU KB 339 81.38 39.84 -117.92
C LEU KB 339 80.18 40.06 -117.03
N ASN KB 340 80.40 40.01 -115.71
CA ASN KB 340 79.40 40.33 -114.68
C ASN KB 340 78.15 39.46 -114.79
N GLN KB 341 78.35 38.16 -114.99
CA GLN KB 341 77.24 37.23 -115.14
C GLN KB 341 77.47 35.99 -114.29
N SER KB 342 76.43 35.16 -114.22
CA SER KB 342 76.51 33.87 -113.54
C SER KB 342 76.33 32.71 -114.51
N SER KB 343 75.33 32.80 -115.39
CA SER KB 343 75.08 31.79 -116.41
C SER KB 343 75.60 32.30 -117.75
N ILE KB 344 76.38 31.47 -118.44
CA ILE KB 344 77.05 31.87 -119.66
C ILE KB 344 76.56 31.00 -120.81
N SER KB 345 76.15 29.76 -120.49
CA SER KB 345 75.82 28.78 -121.51
C SER KB 345 74.53 29.12 -122.24
N THR KB 346 73.49 29.50 -121.50
CA THR KB 346 72.23 29.87 -122.13
C THR KB 346 72.27 31.27 -122.75
N LEU KB 347 73.29 32.08 -122.44
CA LEU KB 347 73.53 33.34 -123.11
C LEU KB 347 74.80 33.30 -123.95
N ASP KB 348 75.11 32.14 -124.53
CA ASP KB 348 76.35 32.01 -125.31
C ASP KB 348 76.23 32.64 -126.70
N GLY KB 349 75.05 32.55 -127.32
CA GLY KB 349 74.83 33.15 -128.62
C GLY KB 349 74.50 34.63 -128.61
N SER KB 350 74.47 35.25 -127.44
CA SER KB 350 74.13 36.66 -127.31
C SER KB 350 75.40 37.51 -127.36
N ARG KB 351 75.27 38.79 -127.00
CA ARG KB 351 76.35 39.75 -127.10
C ARG KB 351 76.47 40.58 -125.83
N PHE KB 352 77.29 41.63 -125.86
CA PHE KB 352 77.39 42.55 -124.73
C PHE KB 352 76.18 43.46 -124.70
N ILE KB 353 75.71 43.78 -123.49
CA ILE KB 353 74.57 44.65 -123.27
C ILE KB 353 75.03 45.82 -122.43
N ALA KB 354 74.76 47.04 -122.90
CA ALA KB 354 75.08 48.26 -122.17
C ALA KB 354 73.77 48.95 -121.81
N ALA KB 355 73.20 48.58 -120.67
CA ALA KB 355 71.92 49.11 -120.24
C ALA KB 355 72.11 50.53 -119.73
N VAL KB 356 71.50 51.50 -120.41
CA VAL KB 356 71.61 52.91 -120.07
C VAL KB 356 70.32 53.33 -119.38
N ASN KB 357 70.45 54.16 -118.35
CA ASN KB 357 69.30 54.71 -117.64
C ASN KB 357 69.43 56.22 -117.57
N ALA KB 358 68.32 56.92 -117.82
CA ALA KB 358 68.28 58.37 -117.70
C ALA KB 358 66.86 58.77 -117.33
N LEU KB 359 66.70 59.41 -116.18
CA LEU KB 359 65.40 59.75 -115.64
C LEU KB 359 65.58 60.82 -114.58
N GLU KB 360 64.54 61.64 -114.40
CA GLU KB 360 64.54 62.69 -113.38
C GLU KB 360 63.09 63.00 -113.07
N GLU KB 361 62.61 62.60 -111.91
CA GLU KB 361 61.19 62.59 -111.61
C GLU KB 361 60.89 63.40 -110.36
N LYS KB 362 59.81 64.18 -110.40
CA LYS KB 362 59.24 64.84 -109.24
C LYS KB 362 57.80 64.37 -109.06
N LYS KB 363 57.27 64.56 -107.86
CA LYS KB 363 55.93 64.07 -107.56
C LYS KB 363 55.38 64.82 -106.36
N GLN KB 364 54.05 64.88 -106.27
CA GLN KB 364 53.35 65.50 -105.17
C GLN KB 364 51.90 65.04 -105.20
N ALA KB 365 51.30 64.82 -104.04
CA ALA KB 365 49.93 64.33 -103.95
C ALA KB 365 49.34 64.71 -102.61
N THR KB 366 48.17 65.35 -102.64
CA THR KB 366 47.43 65.71 -101.43
C THR KB 366 46.04 65.09 -101.51
N VAL KB 367 45.56 64.58 -100.38
CA VAL KB 367 44.22 64.01 -100.27
C VAL KB 367 43.64 64.43 -98.93
N VAL KB 368 42.48 65.08 -98.94
CA VAL KB 368 41.78 65.48 -97.73
C VAL KB 368 40.38 64.90 -97.78
N SER KB 369 40.09 63.96 -96.88
CA SER KB 369 38.78 63.31 -96.80
C SER KB 369 38.15 63.63 -95.45
N ARG KB 370 36.81 63.64 -95.42
CA ARG KB 370 36.09 64.10 -94.23
C ARG KB 370 34.71 63.44 -94.15
N PRO KB 371 34.50 62.51 -93.22
CA PRO KB 371 33.14 62.02 -92.94
C PRO KB 371 32.47 62.80 -91.81
N VAL KB 372 31.16 62.99 -91.95
CA VAL KB 372 30.35 63.75 -90.99
C VAL KB 372 29.20 62.84 -90.53
N LEU KB 373 28.92 62.84 -89.24
CA LEU KB 373 27.89 61.99 -88.66
C LEU KB 373 27.18 62.73 -87.54
N LEU KB 374 25.87 62.53 -87.42
CA LEU KB 374 25.05 63.21 -86.42
C LEU KB 374 24.33 62.18 -85.55
N THR KB 375 24.39 62.37 -84.24
CA THR KB 375 23.73 61.48 -83.29
C THR KB 375 23.37 62.25 -82.03
N GLN KB 376 22.87 61.53 -81.04
CA GLN KB 376 22.43 62.10 -79.77
C GLN KB 376 23.40 61.69 -78.66
N GLU KB 377 23.10 62.15 -77.44
CA GLU KB 377 23.88 61.74 -76.28
C GLU KB 377 23.66 60.26 -76.00
N ASN KB 378 24.75 59.58 -75.63
CA ASN KB 378 24.74 58.20 -75.12
C ASN KB 378 24.14 57.20 -76.12
N VAL KB 379 24.23 57.50 -77.40
CA VAL KB 379 23.66 56.66 -78.45
C VAL KB 379 24.80 56.28 -79.40
N PRO KB 380 25.07 54.99 -79.61
CA PRO KB 380 26.11 54.60 -80.56
C PRO KB 380 25.64 54.78 -81.99
N ALA KB 381 26.50 55.37 -82.83
CA ALA KB 381 26.19 55.61 -84.22
C ALA KB 381 27.30 55.04 -85.09
N ILE KB 382 26.97 54.78 -86.35
CA ILE KB 382 27.90 54.19 -87.31
C ILE KB 382 27.80 54.90 -88.64
N PHE KB 383 28.94 55.35 -89.15
CA PHE KB 383 29.10 55.72 -90.55
C PHE KB 383 30.01 54.70 -91.20
N ASP KB 384 29.65 54.27 -92.41
CA ASP KB 384 30.39 53.21 -93.09
C ASP KB 384 30.38 53.48 -94.59
N ASN KB 385 31.54 53.39 -95.22
CA ASN KB 385 31.67 53.57 -96.66
C ASN KB 385 32.67 52.54 -97.16
N ASN KB 386 32.17 51.36 -97.55
CA ASN KB 386 33.05 50.22 -97.78
C ASN KB 386 32.93 49.75 -99.22
N ARG KB 387 33.64 48.64 -99.50
CA ARG KB 387 33.69 48.00 -100.80
C ARG KB 387 33.89 46.51 -100.61
N THR KB 388 33.09 45.71 -101.30
CA THR KB 388 33.09 44.27 -101.09
C THR KB 388 33.63 43.59 -102.34
N PHE KB 389 34.44 42.55 -102.14
CA PHE KB 389 35.09 41.82 -103.22
C PHE KB 389 34.70 40.35 -103.10
N TYR KB 390 33.94 39.84 -104.06
CA TYR KB 390 33.42 38.50 -104.01
C TYR KB 390 34.28 37.56 -104.84
N THR KB 391 34.54 36.37 -104.29
CA THR KB 391 35.38 35.38 -104.95
C THR KB 391 34.64 34.04 -105.01
N LYS KB 392 35.05 33.20 -105.95
CA LYS KB 392 34.39 31.92 -106.21
C LYS KB 392 35.30 30.79 -105.79
N LEU KB 393 35.11 30.30 -104.57
CA LEU KB 393 35.85 29.15 -104.07
C LEU KB 393 35.13 27.91 -104.56
N ILE KB 394 35.67 27.28 -105.60
CA ILE KB 394 34.98 26.15 -106.25
C ILE KB 394 35.28 24.89 -105.46
N GLY KB 395 34.49 24.66 -104.41
CA GLY KB 395 34.53 23.44 -103.65
C GLY KB 395 33.40 22.52 -104.10
N GLU KB 396 33.13 21.52 -103.26
CA GLU KB 396 32.05 20.59 -103.56
C GLU KB 396 30.96 20.55 -102.48
N ARG KB 397 31.31 20.75 -101.20
CA ARG KB 397 30.35 20.54 -100.12
C ARG KB 397 29.83 21.83 -99.53
N ASN KB 398 30.75 22.58 -98.94
CA ASN KB 398 30.42 23.81 -98.25
C ASN KB 398 30.82 24.93 -99.19
N VAL KB 399 30.22 24.93 -100.38
CA VAL KB 399 30.44 25.94 -101.40
C VAL KB 399 29.92 27.25 -100.85
N ALA KB 400 30.71 28.31 -101.02
CA ALA KB 400 30.39 29.57 -100.39
C ALA KB 400 30.94 30.71 -101.22
N LEU KB 401 30.29 31.86 -101.11
CA LEU KB 401 30.80 33.10 -101.66
C LEU KB 401 31.54 33.79 -100.51
N GLU KB 402 32.86 33.75 -100.55
CA GLU KB 402 33.67 34.41 -99.54
C GLU KB 402 33.97 35.82 -100.00
N HIS KB 403 34.08 36.74 -99.04
CA HIS KB 403 34.20 38.15 -99.38
C HIS KB 403 35.12 38.85 -98.39
N VAL KB 404 35.76 39.89 -98.88
CA VAL KB 404 36.54 40.81 -98.05
C VAL KB 404 35.89 42.18 -98.15
N THR KB 405 36.20 43.03 -97.18
CA THR KB 405 35.56 44.34 -97.06
C THR KB 405 36.58 45.34 -96.56
N TYR KB 406 36.62 46.52 -97.18
CA TYR KB 406 37.53 47.57 -96.76
C TYR KB 406 36.92 48.92 -97.06
N GLY KB 407 37.16 49.88 -96.18
CA GLY KB 407 36.67 51.23 -96.41
C GLY KB 407 36.70 52.04 -95.13
N THR KB 408 36.20 53.26 -95.22
CA THR KB 408 36.16 54.18 -94.10
C THR KB 408 35.02 53.79 -93.17
N MET KB 409 35.25 53.90 -91.86
CA MET KB 409 34.27 53.46 -90.87
C MET KB 409 34.52 54.16 -89.55
N ILE KB 410 33.48 54.77 -88.99
CA ILE KB 410 33.55 55.40 -87.68
C ILE KB 410 32.44 54.81 -86.81
N ARG KB 411 32.76 54.51 -85.55
CA ARG KB 411 31.76 54.16 -84.55
C ARG KB 411 32.05 54.96 -83.30
N VAL KB 412 31.12 55.83 -82.92
CA VAL KB 412 31.35 56.81 -81.87
C VAL KB 412 30.24 56.69 -80.84
N LEU KB 413 30.54 57.11 -79.61
CA LEU KB 413 29.58 57.09 -78.50
C LEU KB 413 29.78 58.38 -77.72
N PRO KB 414 29.10 59.46 -78.09
CA PRO KB 414 29.35 60.75 -77.46
C PRO KB 414 28.64 60.88 -76.12
N ARG KB 415 29.15 61.80 -75.31
CA ARG KB 415 28.66 62.00 -73.96
C ARG KB 415 29.14 63.35 -73.46
N PHE KB 416 28.23 64.14 -72.88
CA PHE KB 416 28.58 65.43 -72.33
C PHE KB 416 29.09 65.30 -70.90
N SER KB 417 30.17 66.01 -70.60
CA SER KB 417 30.71 66.03 -69.25
C SER KB 417 30.00 67.10 -68.43
N ALA KB 418 30.52 67.37 -67.22
CA ALA KB 418 29.88 68.34 -66.35
C ALA KB 418 30.24 69.78 -66.72
N ASP KB 419 31.35 69.99 -67.40
CA ASP KB 419 31.82 71.32 -67.76
C ASP KB 419 31.33 71.77 -69.13
N GLY KB 420 30.76 70.88 -69.92
CA GLY KB 420 30.38 71.19 -71.28
C GLY KB 420 31.29 70.62 -72.34
N GLN KB 421 32.24 69.77 -71.98
CA GLN KB 421 33.10 69.12 -72.93
C GLN KB 421 32.49 67.79 -73.37
N ILE KB 422 32.91 67.31 -74.53
CA ILE KB 422 32.33 66.14 -75.17
C ILE KB 422 33.36 65.03 -75.18
N GLU KB 423 33.11 63.97 -74.44
CA GLU KB 423 33.97 62.79 -74.44
C GLU KB 423 33.44 61.75 -75.41
N MET KB 424 34.34 61.13 -76.16
CA MET KB 424 33.97 60.21 -77.22
C MET KB 424 34.76 58.91 -77.10
N SER KB 425 34.13 57.82 -77.50
CA SER KB 425 34.76 56.50 -77.53
C SER KB 425 34.86 56.07 -78.99
N LEU KB 426 36.04 56.19 -79.57
CA LEU KB 426 36.23 56.14 -81.01
C LEU KB 426 36.67 54.76 -81.46
N ASP KB 427 36.31 54.41 -82.70
CA ASP KB 427 36.76 53.22 -83.40
C ASP KB 427 36.86 53.56 -84.88
N ILE KB 428 38.05 53.97 -85.33
CA ILE KB 428 38.25 54.52 -86.66
C ILE KB 428 38.98 53.48 -87.51
N GLU KB 429 38.51 53.28 -88.73
CA GLU KB 429 39.18 52.47 -89.73
C GLU KB 429 39.19 53.21 -91.05
N ASP KB 430 40.36 53.28 -91.69
CA ASP KB 430 40.49 53.90 -93.00
C ASP KB 430 41.37 53.00 -93.85
N GLY KB 431 40.77 52.30 -94.81
CA GLY KB 431 41.48 51.38 -95.66
C GLY KB 431 41.27 51.69 -97.13
N ASN KB 432 42.18 51.19 -97.95
CA ASN KB 432 42.08 51.31 -99.40
C ASN KB 432 42.75 50.10 -100.02
N ASP KB 433 42.78 50.07 -101.35
CA ASP KB 433 43.26 48.91 -102.10
C ASP KB 433 44.63 49.22 -102.69
N LYS KB 434 45.64 48.50 -102.23
CA LYS KB 434 46.98 48.61 -102.80
C LYS KB 434 47.07 47.71 -104.02
N THR KB 435 47.70 48.23 -105.08
CA THR KB 435 47.75 47.53 -106.35
C THR KB 435 49.17 47.07 -106.65
N PRO KB 436 49.37 45.78 -106.91
CA PRO KB 436 50.67 45.33 -107.42
C PRO KB 436 50.82 45.60 -108.91
N GLN KB 437 51.87 45.05 -109.52
CA GLN KB 437 52.16 45.29 -110.93
C GLN KB 437 51.07 44.65 -111.80
N SER KB 438 50.55 45.42 -112.76
CA SER KB 438 49.43 44.97 -113.58
C SER KB 438 49.84 43.99 -114.67
N ASP KB 439 51.12 43.95 -115.05
CA ASP KB 439 51.55 43.13 -116.17
C ASP KB 439 51.64 41.64 -115.83
N THR KB 440 51.79 41.28 -114.56
CA THR KB 440 51.90 39.90 -114.15
C THR KB 440 50.52 39.30 -113.90
N THR KB 441 50.48 37.96 -113.90
CA THR KB 441 49.26 37.16 -113.90
C THR KB 441 48.41 37.35 -112.63
N THR KB 442 49.02 37.74 -111.50
CA THR KB 442 48.31 37.83 -110.23
C THR KB 442 47.35 39.02 -110.15
N SER KB 443 47.15 39.79 -111.22
CA SER KB 443 46.16 40.85 -111.25
C SER KB 443 44.77 40.36 -111.69
N VAL KB 444 44.64 39.11 -112.15
CA VAL KB 444 43.35 38.60 -112.58
C VAL KB 444 42.72 37.65 -111.58
N ASP KB 445 43.47 37.19 -110.58
CA ASP KB 445 42.90 36.32 -109.55
C ASP KB 445 42.46 37.16 -108.35
N ALA KB 446 42.05 36.48 -107.28
CA ALA KB 446 41.49 37.15 -106.10
C ALA KB 446 42.60 37.55 -105.15
N LEU KB 447 43.40 38.52 -105.60
CA LEU KB 447 44.44 39.13 -104.77
C LEU KB 447 44.28 40.66 -104.79
N PRO KB 448 43.31 41.21 -104.06
CA PRO KB 448 43.36 42.63 -103.73
C PRO KB 448 44.14 42.88 -102.46
N GLU KB 449 45.44 43.15 -102.53
CA GLU KB 449 46.21 43.49 -101.33
C GLU KB 449 45.62 44.73 -100.64
N VAL KB 450 45.01 44.51 -99.47
CA VAL KB 450 44.33 45.55 -98.72
C VAL KB 450 45.26 46.10 -97.66
N GLY KB 451 45.38 47.42 -97.58
CA GLY KB 451 46.07 48.09 -96.49
C GLY KB 451 45.09 48.92 -95.69
N ARG KB 452 45.08 48.70 -94.38
CA ARG KB 452 44.15 49.36 -93.48
C ARG KB 452 44.89 50.21 -92.47
N THR KB 453 44.13 50.95 -91.67
CA THR KB 453 44.66 51.81 -90.62
C THR KB 453 43.62 51.88 -89.50
N LEU KB 454 43.94 51.32 -88.36
CA LEU KB 454 42.99 51.16 -87.26
C LEU KB 454 43.44 51.99 -86.07
N ILE KB 455 42.49 52.67 -85.42
CA ILE KB 455 42.74 53.50 -84.26
C ILE KB 455 41.58 53.30 -83.29
N SER KB 456 41.89 53.00 -82.02
CA SER KB 456 40.88 52.81 -81.00
C SER KB 456 41.36 53.47 -79.72
N THR KB 457 40.66 54.51 -79.27
CA THR KB 457 41.09 55.32 -78.15
C THR KB 457 39.89 56.02 -77.54
N ILE KB 458 40.14 56.91 -76.57
CA ILE KB 458 39.12 57.74 -75.94
C ILE KB 458 39.69 59.14 -75.77
N ALA KB 459 38.97 60.15 -76.26
CA ALA KB 459 39.42 61.53 -76.17
C ALA KB 459 38.28 62.41 -75.67
N ARG KB 460 38.64 63.60 -75.18
CA ARG KB 460 37.67 64.54 -74.62
C ARG KB 460 38.00 65.94 -75.09
N VAL KB 461 37.13 66.51 -75.92
CA VAL KB 461 37.35 67.78 -76.59
C VAL KB 461 36.33 68.78 -76.07
N PRO KB 462 36.66 70.07 -75.91
CA PRO KB 462 35.63 71.08 -75.67
C PRO KB 462 34.75 71.29 -76.89
N HIS KB 463 33.70 72.08 -76.70
CA HIS KB 463 32.73 72.31 -77.76
C HIS KB 463 33.30 73.29 -78.77
N GLY KB 464 33.55 72.82 -79.99
CA GLY KB 464 34.06 73.65 -81.05
C GLY KB 464 35.55 73.58 -81.28
N LYS KB 465 36.32 73.04 -80.34
CA LYS KB 465 37.75 72.90 -80.48
C LYS KB 465 38.07 71.56 -81.13
N SER KB 466 39.35 71.21 -81.19
CA SER KB 466 39.76 70.01 -81.91
C SER KB 466 40.95 69.36 -81.22
N LEU KB 467 41.18 68.09 -81.56
CA LEU KB 467 42.27 67.30 -81.01
C LEU KB 467 42.86 66.42 -82.08
N LEU KB 468 44.16 66.14 -81.96
CA LEU KB 468 44.86 65.23 -82.86
C LEU KB 468 44.87 63.85 -82.23
N VAL KB 469 44.24 62.89 -82.90
CA VAL KB 469 44.09 61.55 -82.35
C VAL KB 469 45.20 60.61 -82.79
N GLY KB 470 45.46 60.54 -84.09
CA GLY KB 470 46.50 59.66 -84.60
C GLY KB 470 47.54 60.41 -85.39
N GLY KB 471 48.37 59.70 -86.13
CA GLY KB 471 49.40 60.35 -86.93
C GLY KB 471 50.43 59.35 -87.38
N TYR KB 472 51.17 59.75 -88.42
CA TYR KB 472 52.23 58.94 -89.02
C TYR KB 472 53.08 59.80 -89.93
N THR KB 473 54.40 59.78 -89.75
CA THR KB 473 55.32 60.42 -90.68
C THR KB 473 56.38 59.41 -91.10
N ARG KB 474 57.02 59.66 -92.25
CA ARG KB 474 58.09 58.82 -92.73
C ARG KB 474 58.98 59.60 -93.68
N ASP KB 475 60.29 59.56 -93.45
CA ASP KB 475 61.27 60.22 -94.30
C ASP KB 475 62.33 59.21 -94.74
N ALA KB 476 62.82 59.37 -95.96
CA ALA KB 476 63.79 58.42 -96.49
C ALA KB 476 64.70 59.11 -97.50
N ASN KB 477 65.92 58.59 -97.62
CA ASN KB 477 66.89 59.11 -98.58
C ASN KB 477 67.94 58.04 -98.84
N THR KB 478 67.94 57.47 -100.05
CA THR KB 478 68.94 56.49 -100.45
C THR KB 478 69.71 57.02 -101.65
N ASP KB 479 70.93 56.51 -101.83
CA ASP KB 479 71.76 56.84 -102.99
C ASP KB 479 72.84 55.78 -103.18
N THR KB 480 72.96 55.27 -104.40
CA THR KB 480 73.96 54.28 -104.75
C THR KB 480 74.92 54.86 -105.79
N VAL KB 481 76.13 54.33 -105.83
CA VAL KB 481 77.15 54.72 -106.82
C VAL KB 481 77.87 53.44 -107.26
N GLN KB 482 77.80 53.12 -108.55
CA GLN KB 482 78.55 52.01 -109.12
C GLN KB 482 79.50 52.53 -110.18
N SER KB 483 80.56 51.76 -110.44
CA SER KB 483 81.53 52.12 -111.46
C SER KB 483 82.33 50.89 -111.86
N ILE KB 484 83.10 51.04 -112.94
CA ILE KB 484 84.16 50.12 -113.32
C ILE KB 484 85.40 50.65 -112.59
N PRO KB 485 86.26 49.79 -112.04
CA PRO KB 485 87.34 50.28 -111.15
C PRO KB 485 88.34 51.22 -111.78
N PHE KB 486 88.82 50.96 -112.99
CA PHE KB 486 89.80 51.84 -113.61
C PHE KB 486 89.22 52.74 -114.69
N LEU KB 487 88.28 52.22 -115.49
CA LEU KB 487 87.71 53.00 -116.59
C LEU KB 487 86.75 54.08 -116.12
N GLY KB 488 86.29 54.00 -114.87
CA GLY KB 488 85.36 54.99 -114.36
C GLY KB 488 85.98 56.30 -113.92
N LYS KB 489 87.30 56.43 -114.01
CA LYS KB 489 87.99 57.65 -113.61
C LYS KB 489 88.64 58.37 -114.79
N LEU KB 490 88.29 57.99 -116.02
CA LEU KB 490 88.80 58.69 -117.18
C LEU KB 490 88.14 60.06 -117.29
N PRO KB 491 88.84 61.08 -117.85
CA PRO KB 491 88.31 62.45 -117.87
C PRO KB 491 87.05 62.64 -118.70
N LEU KB 492 87.08 62.26 -119.98
CA LEU KB 492 85.96 62.49 -120.87
C LEU KB 492 85.32 61.19 -121.36
N ILE KB 493 85.96 60.05 -121.16
CA ILE KB 493 85.38 58.77 -121.53
C ILE KB 493 84.74 58.07 -120.33
N GLY KB 494 85.14 58.40 -119.10
CA GLY KB 494 84.70 57.68 -117.91
C GLY KB 494 83.25 57.88 -117.53
N SER KB 495 82.50 58.73 -118.23
CA SER KB 495 81.08 58.87 -117.93
C SER KB 495 80.27 57.71 -118.46
N LEU KB 496 80.81 56.93 -119.39
CA LEU KB 496 80.10 55.79 -119.97
C LEU KB 496 80.16 54.55 -119.09
N PHE KB 497 80.81 54.61 -117.92
CA PHE KB 497 80.97 53.45 -117.07
C PHE KB 497 80.44 53.62 -115.67
N ARG KB 498 80.22 54.86 -115.21
CA ARG KB 498 79.70 55.09 -113.87
C ARG KB 498 78.18 54.92 -113.86
N TYR KB 499 77.63 54.96 -112.66
CA TYR KB 499 76.18 54.87 -112.44
C TYR KB 499 75.88 55.48 -111.08
N SER KB 500 74.74 56.15 -110.97
CA SER KB 500 74.38 56.81 -109.72
C SER KB 500 72.87 57.01 -109.68
N SER KB 501 72.28 56.68 -108.54
CA SER KB 501 70.85 56.84 -108.34
C SER KB 501 70.60 57.60 -107.04
N LYS KB 502 69.38 58.12 -106.91
CA LYS KB 502 68.94 58.81 -105.71
C LYS KB 502 67.47 58.50 -105.47
N ASN KB 503 67.00 58.85 -104.28
CA ASN KB 503 65.60 58.65 -103.90
C ASN KB 503 65.31 59.50 -102.68
N LYS KB 504 64.06 59.93 -102.53
CA LYS KB 504 63.63 60.74 -101.40
C LYS KB 504 62.11 60.70 -101.32
N SER KB 505 61.58 60.64 -100.09
CA SER KB 505 60.13 60.63 -99.91
C SER KB 505 59.80 61.24 -98.56
N ASN KB 506 58.61 61.84 -98.47
CA ASN KB 506 58.12 62.44 -97.24
C ASN KB 506 56.61 62.24 -97.17
N VAL KB 507 56.15 61.40 -96.26
CA VAL KB 507 54.74 61.05 -96.13
C VAL KB 507 54.24 61.58 -94.79
N VAL KB 508 53.02 62.13 -94.79
CA VAL KB 508 52.37 62.63 -93.56
C VAL KB 508 50.91 62.21 -93.60
N ARG KB 509 50.45 61.50 -92.57
CA ARG KB 509 49.04 61.22 -92.38
C ARG KB 509 48.65 61.63 -90.97
N VAL KB 510 47.50 62.28 -90.81
CA VAL KB 510 46.98 62.67 -89.50
C VAL KB 510 45.48 62.41 -89.45
N PHE KB 511 44.97 62.29 -88.22
CA PHE KB 511 43.55 62.11 -87.94
C PHE KB 511 43.15 63.15 -86.90
N MET KB 512 42.12 63.93 -87.21
CA MET KB 512 41.69 64.99 -86.31
C MET KB 512 40.19 64.90 -86.05
N ILE KB 513 39.77 65.31 -84.87
CA ILE KB 513 38.40 65.19 -84.39
C ILE KB 513 37.90 66.57 -84.00
N GLU KB 514 36.72 66.93 -84.47
CA GLU KB 514 36.13 68.25 -84.16
C GLU KB 514 34.64 68.09 -83.92
N PRO KB 515 34.21 67.92 -82.68
CA PRO KB 515 32.78 67.80 -82.39
C PRO KB 515 32.13 69.13 -82.05
N LYS KB 516 30.82 69.20 -82.28
CA LYS KB 516 30.05 70.38 -81.95
C LYS KB 516 28.61 69.97 -81.68
N GLU KB 517 27.84 70.89 -81.09
CA GLU KB 517 26.49 70.62 -80.64
C GLU KB 517 25.49 71.28 -81.56
N ILE KB 518 24.46 70.54 -81.95
CA ILE KB 518 23.43 70.99 -82.89
C ILE KB 518 22.18 71.35 -82.10
N VAL KB 519 21.73 72.60 -82.25
CA VAL KB 519 20.50 73.03 -81.60
C VAL KB 519 19.45 73.53 -82.57
N ASP KB 520 19.82 73.86 -83.81
CA ASP KB 520 18.89 74.43 -84.77
C ASP KB 520 18.84 73.58 -86.04
N PRO KB 521 17.72 73.55 -86.74
CA PRO KB 521 17.65 72.84 -88.02
C PRO KB 521 18.36 73.61 -89.12
N LEU KB 522 18.33 73.05 -90.32
CA LEU KB 522 19.05 73.63 -91.44
C LEU KB 522 18.36 74.89 -91.93
N THR KB 523 19.16 75.88 -92.35
CA THR KB 523 18.65 77.10 -92.96
C THR KB 523 19.52 77.47 -94.15
N PRO KB 524 18.96 77.58 -95.37
CA PRO KB 524 17.59 77.31 -95.80
C PRO KB 524 17.27 75.82 -95.83
N ASP KB 525 16.03 75.47 -96.16
CA ASP KB 525 15.55 74.10 -96.00
C ASP KB 525 16.23 73.16 -96.98
N ALA KB 526 16.10 71.86 -96.69
CA ALA KB 526 16.71 70.84 -97.55
C ALA KB 526 16.04 70.75 -98.89
N SER KB 527 14.75 71.06 -98.97
CA SER KB 527 14.04 71.06 -100.24
C SER KB 527 14.24 72.35 -101.01
N GLU KB 528 14.86 73.36 -100.42
CA GLU KB 528 15.13 74.62 -101.11
C GLU KB 528 16.54 74.66 -101.69
N SER KB 529 17.51 74.01 -101.06
CA SER KB 529 18.85 73.96 -101.60
C SER KB 529 18.96 72.94 -102.74
N VAL KB 530 18.06 71.97 -102.80
CA VAL KB 530 18.09 70.99 -103.87
C VAL KB 530 17.50 71.57 -105.15
N ASN KB 531 16.46 72.41 -105.02
CA ASN KB 531 15.86 73.04 -106.19
C ASN KB 531 16.77 74.09 -106.84
N ASN KB 532 17.79 74.56 -106.13
CA ASN KB 532 18.79 75.42 -106.75
C ASN KB 532 19.91 74.62 -107.40
N ILE KB 533 20.13 73.38 -106.97
CA ILE KB 533 21.12 72.53 -107.61
C ILE KB 533 20.59 72.02 -108.94
N LEU KB 534 19.32 71.60 -108.97
CA LEU KB 534 18.74 71.05 -110.19
C LEU KB 534 18.54 72.13 -111.26
N LYS KB 535 18.29 73.36 -110.86
CA LYS KB 535 18.13 74.43 -111.84
C LYS KB 535 19.47 74.89 -112.41
N GLN KB 536 20.54 74.84 -111.62
CA GLN KB 536 21.83 75.28 -112.10
C GLN KB 536 22.51 74.24 -112.97
N SER KB 537 22.46 72.97 -112.57
CA SER KB 537 23.09 71.92 -113.35
C SER KB 537 22.28 71.51 -114.56
N GLY KB 538 21.01 71.90 -114.64
CA GLY KB 538 20.19 71.58 -115.80
C GLY KB 538 19.45 70.26 -115.74
N ALA KB 539 19.41 69.62 -114.57
CA ALA KB 539 18.71 68.35 -114.42
C ALA KB 539 17.28 68.53 -113.92
N TRP KB 540 16.78 69.75 -113.86
CA TRP KB 540 15.47 70.03 -113.29
C TRP KB 540 14.36 69.65 -114.27
N SER KB 541 13.35 68.94 -113.79
CA SER KB 541 12.21 68.55 -114.61
C SER KB 541 10.91 68.75 -113.86
N GLY KB 542 10.78 69.86 -113.15
CA GLY KB 542 9.51 70.21 -112.53
C GLY KB 542 8.56 70.97 -113.42
N ASP KB 543 9.00 71.33 -114.62
CA ASP KB 543 8.19 72.03 -115.59
C ASP KB 543 7.65 71.12 -116.68
N ASP KB 544 7.79 69.81 -116.51
CA ASP KB 544 7.35 68.86 -117.52
C ASP KB 544 5.83 68.78 -117.57
N LYS KB 545 5.29 68.59 -118.78
CA LYS KB 545 3.85 68.55 -118.93
C LYS KB 545 3.28 67.22 -118.46
N LEU KB 546 4.05 66.14 -118.58
CA LEU KB 546 3.57 64.80 -118.26
C LEU KB 546 3.87 64.37 -116.83
N GLN KB 547 5.01 64.78 -116.28
CA GLN KB 547 5.41 64.35 -114.95
C GLN KB 547 4.90 65.25 -113.84
N LYS KB 548 4.26 66.38 -114.17
CA LYS KB 548 3.75 67.27 -113.13
C LYS KB 548 2.45 66.78 -112.51
N TRP KB 549 1.80 65.79 -113.11
CA TRP KB 549 0.58 65.26 -112.53
C TRP KB 549 0.83 64.39 -111.31
N VAL KB 550 2.04 63.85 -111.19
CA VAL KB 550 2.39 62.99 -110.07
C VAL KB 550 3.40 63.66 -109.12
N ARG KB 551 4.35 64.42 -109.65
CA ARG KB 551 5.30 65.17 -108.84
C ARG KB 551 4.66 66.31 -108.05
N VAL KB 552 3.37 66.61 -108.25
CA VAL KB 552 2.71 67.62 -107.43
C VAL KB 552 2.32 67.07 -106.07
N TYR KB 553 2.33 65.75 -105.89
CA TYR KB 553 2.09 65.17 -104.58
C TYR KB 553 3.35 65.21 -103.71
N LEU KB 554 4.51 64.96 -104.32
CA LEU KB 554 5.75 64.87 -103.56
C LEU KB 554 6.31 66.24 -103.21
N ASP KB 555 6.13 67.22 -104.09
CA ASP KB 555 6.64 68.58 -103.91
C ASP KB 555 5.57 69.51 -103.37
N ARG KB 556 4.74 68.99 -102.45
CA ARG KB 556 3.62 69.75 -101.90
C ARG KB 556 4.09 70.92 -101.04
N GLY KB 557 5.21 70.77 -100.35
CA GLY KB 557 5.75 71.85 -99.54
C GLY KB 557 6.75 72.70 -100.30
N GLY LB 32 -66.36 41.22 -10.99
CA GLY LB 32 -65.60 40.78 -12.14
C GLY LB 32 -64.77 39.55 -11.87
N SER LB 33 -63.47 39.75 -11.70
CA SER LB 33 -62.54 38.66 -11.40
C SER LB 33 -61.52 39.20 -10.40
N GLY LB 34 -60.46 38.45 -10.18
CA GLY LB 34 -59.41 38.87 -9.27
C GLY LB 34 -58.81 37.70 -8.54
N PHE LB 35 -58.03 38.03 -7.51
CA PHE LB 35 -57.31 37.03 -6.72
C PHE LB 35 -57.00 37.64 -5.37
N VAL LB 36 -57.45 37.02 -4.30
CA VAL LB 36 -57.22 37.51 -2.95
C VAL LB 36 -56.01 36.77 -2.41
N ALA LB 37 -54.83 37.37 -2.51
CA ALA LB 37 -53.61 36.70 -2.08
C ALA LB 37 -53.42 36.89 -0.58
N LYS LB 38 -53.21 35.79 0.13
CA LYS LB 38 -52.89 35.84 1.56
C LYS LB 38 -51.65 34.99 1.77
N ASP LB 39 -50.50 35.65 1.80
CA ASP LB 39 -49.19 35.05 2.08
C ASP LB 39 -48.84 33.96 1.07
N ASP LB 40 -49.07 34.28 -0.20
CA ASP LB 40 -48.65 33.40 -1.29
C ASP LB 40 -47.16 33.59 -1.54
N SER LB 41 -46.61 32.81 -2.47
CA SER LB 41 -45.16 32.74 -2.61
C SER LB 41 -44.70 33.01 -4.03
N LEU LB 42 -45.39 33.89 -4.76
CA LEU LB 42 -45.03 34.39 -6.11
C LEU LB 42 -44.96 33.31 -7.19
N ARG LB 43 -45.29 32.07 -6.86
CA ARG LB 43 -45.50 31.01 -7.82
C ARG LB 43 -46.94 30.58 -7.90
N THR LB 44 -47.68 30.67 -6.80
CA THR LB 44 -49.12 30.50 -6.85
C THR LB 44 -49.85 31.78 -7.22
N PHE LB 45 -49.15 32.90 -7.30
CA PHE LB 45 -49.74 34.16 -7.73
C PHE LB 45 -49.64 34.31 -9.24
N PHE LB 46 -48.45 34.14 -9.79
CA PHE LB 46 -48.27 34.33 -11.22
C PHE LB 46 -48.84 33.18 -12.03
N ASP LB 47 -49.21 32.06 -11.40
CA ASP LB 47 -49.99 31.06 -12.12
C ASP LB 47 -51.45 31.46 -12.18
N ALA LB 48 -51.94 32.17 -11.16
CA ALA LB 48 -53.30 32.68 -11.18
C ALA LB 48 -53.45 33.83 -12.15
N MET LB 49 -52.35 34.55 -12.43
CA MET LB 49 -52.41 35.59 -13.45
C MET LB 49 -52.31 35.03 -14.86
N ALA LB 50 -51.92 33.75 -15.00
CA ALA LB 50 -51.62 33.11 -16.26
C ALA LB 50 -52.85 32.65 -17.02
N LEU LB 51 -54.04 33.09 -16.63
CA LEU LB 51 -55.24 32.88 -17.44
C LEU LB 51 -55.60 34.16 -18.18
N GLN LB 52 -55.50 35.29 -17.51
CA GLN LB 52 -55.71 36.57 -18.17
C GLN LB 52 -54.57 36.86 -19.13
N LEU LB 53 -53.32 36.72 -18.69
CA LEU LB 53 -52.25 36.49 -19.64
C LEU LB 53 -52.51 35.16 -20.33
N LYS LB 54 -52.43 35.14 -21.66
CA LYS LB 54 -52.84 33.94 -22.38
C LYS LB 54 -51.70 32.95 -22.58
N GLU LB 55 -50.66 33.01 -21.76
CA GLU LB 55 -49.48 32.17 -21.85
C GLU LB 55 -49.15 31.57 -20.48
N PRO LB 56 -48.49 30.42 -20.44
CA PRO LB 56 -48.00 29.93 -19.15
C PRO LB 56 -46.86 30.79 -18.63
N VAL LB 57 -46.68 30.75 -17.31
CA VAL LB 57 -45.73 31.58 -16.60
C VAL LB 57 -44.74 30.69 -15.84
N ILE LB 58 -43.44 30.92 -16.06
CA ILE LB 58 -42.37 30.12 -15.50
C ILE LB 58 -41.58 31.01 -14.54
N VAL LB 59 -41.88 30.90 -13.25
CA VAL LB 59 -41.19 31.68 -12.23
C VAL LB 59 -40.01 30.88 -11.71
N SER LB 60 -38.83 31.50 -11.65
CA SER LB 60 -37.67 30.82 -11.13
C SER LB 60 -37.72 30.65 -9.61
N LYS LB 61 -36.79 29.86 -9.11
CA LYS LB 61 -36.82 29.49 -7.70
C LYS LB 61 -35.99 30.44 -6.85
N MET LB 62 -35.35 31.44 -7.45
CA MET LB 62 -34.75 32.49 -6.64
C MET LB 62 -35.70 33.67 -6.50
N ALA LB 63 -36.66 33.77 -7.41
CA ALA LB 63 -37.74 34.74 -7.33
C ALA LB 63 -39.03 34.10 -6.85
N ALA LB 64 -38.96 32.88 -6.34
CA ALA LB 64 -40.11 32.21 -5.76
C ALA LB 64 -40.10 32.24 -4.24
N ARG LB 65 -39.08 32.84 -3.64
CA ARG LB 65 -38.99 33.01 -2.20
C ARG LB 65 -39.59 34.32 -1.70
N LYS LB 66 -39.84 35.28 -2.58
CA LYS LB 66 -40.53 36.49 -2.19
C LYS LB 66 -42.02 36.23 -2.13
N LYS LB 67 -42.71 37.01 -1.30
CA LYS LB 67 -44.11 36.79 -0.99
C LYS LB 67 -44.92 38.03 -1.30
N ILE LB 68 -46.24 37.86 -1.36
CA ILE LB 68 -47.14 38.95 -1.70
C ILE LB 68 -48.49 38.65 -1.05
N THR LB 69 -49.23 39.71 -0.73
CA THR LB 69 -50.57 39.59 -0.19
C THR LB 69 -51.37 40.84 -0.53
N GLY LB 70 -52.68 40.69 -0.63
CA GLY LB 70 -53.55 41.78 -1.03
C GLY LB 70 -54.56 41.40 -2.08
N ASN LB 71 -55.60 42.21 -2.20
CA ASN LB 71 -56.71 41.95 -3.11
C ASN LB 71 -56.34 42.51 -4.48
N PHE LB 72 -56.05 41.64 -5.44
CA PHE LB 72 -55.65 42.08 -6.78
C PHE LB 72 -56.76 41.84 -7.78
N GLU LB 73 -56.94 42.78 -8.68
CA GLU LB 73 -57.98 42.70 -9.71
C GLU LB 73 -57.30 42.77 -11.07
N PHE LB 74 -57.46 41.73 -11.87
CA PHE LB 74 -56.81 41.63 -13.17
C PHE LB 74 -57.74 42.17 -14.25
N HIS LB 75 -57.61 43.47 -14.52
CA HIS LB 75 -58.30 44.07 -15.66
C HIS LB 75 -57.35 44.70 -16.66
N ASP LB 76 -56.05 44.76 -16.37
CA ASP LB 76 -55.04 45.15 -17.35
C ASP LB 76 -53.73 44.48 -16.96
N PRO LB 77 -53.54 43.22 -17.38
CA PRO LB 77 -52.46 42.41 -16.81
C PRO LB 77 -51.10 42.80 -17.36
N ASN LB 78 -51.06 43.28 -18.60
CA ASN LB 78 -49.77 43.61 -19.18
C ASN LB 78 -49.16 44.86 -18.56
N ALA LB 79 -49.98 45.72 -17.98
CA ALA LB 79 -49.45 46.85 -17.22
C ALA LB 79 -49.30 46.52 -15.75
N LEU LB 80 -50.01 45.51 -15.26
CA LEU LB 80 -49.81 45.12 -13.87
C LEU LB 80 -48.52 44.35 -13.70
N LEU LB 81 -48.14 43.54 -14.70
CA LEU LB 81 -46.88 42.81 -14.63
C LEU LB 81 -45.70 43.76 -14.81
N GLU LB 82 -45.86 44.80 -15.63
CA GLU LB 82 -44.81 45.79 -15.81
C GLU LB 82 -44.63 46.63 -14.56
N LYS LB 83 -45.70 46.93 -13.83
CA LYS LB 83 -45.54 47.73 -12.63
C LYS LB 83 -45.00 46.88 -11.48
N LEU LB 84 -45.47 45.65 -11.35
CA LEU LB 84 -45.01 44.81 -10.25
C LEU LB 84 -43.60 44.31 -10.46
N SER LB 85 -43.08 44.33 -11.69
CA SER LB 85 -41.69 43.92 -11.86
C SER LB 85 -40.73 44.97 -11.35
N LEU LB 86 -41.18 46.22 -11.26
CA LEU LB 86 -40.34 47.29 -10.79
C LEU LB 86 -40.55 47.53 -9.32
N GLN LB 87 -41.75 47.25 -8.82
CA GLN LB 87 -41.96 47.43 -7.40
C GLN LB 87 -41.35 46.27 -6.62
N LEU LB 88 -41.33 45.06 -7.17
CA LEU LB 88 -40.70 43.96 -6.46
C LEU LB 88 -39.23 43.82 -6.80
N GLY LB 89 -38.85 44.11 -8.04
CA GLY LB 89 -37.47 44.01 -8.48
C GLY LB 89 -37.40 42.69 -9.18
N LEU LB 90 -37.58 42.71 -10.49
CA LEU LB 90 -37.76 41.49 -11.27
C LEU LB 90 -37.42 41.80 -12.71
N ILE LB 91 -37.12 40.76 -13.47
CA ILE LB 91 -36.95 40.86 -14.90
C ILE LB 91 -37.76 39.73 -15.53
N TRP LB 92 -38.35 40.02 -16.69
CA TRP LB 92 -39.25 39.08 -17.33
C TRP LB 92 -39.05 39.13 -18.83
N TYR LB 93 -39.53 38.09 -19.51
CA TYR LB 93 -39.32 37.99 -20.94
C TYR LB 93 -40.37 37.07 -21.54
N PHE LB 94 -40.89 37.45 -22.71
CA PHE LB 94 -41.94 36.69 -23.39
C PHE LB 94 -41.49 36.39 -24.81
N ASP LB 95 -41.18 35.13 -25.09
CA ASP LB 95 -40.59 34.72 -26.35
C ASP LB 95 -41.60 34.23 -27.37
N GLY LB 96 -42.89 34.28 -27.05
CA GLY LB 96 -43.92 33.85 -27.98
C GLY LB 96 -44.63 32.58 -27.56
N GLN LB 97 -44.15 31.90 -26.52
CA GLN LB 97 -44.78 30.68 -26.06
C GLN LB 97 -45.03 30.70 -24.56
N ALA LB 98 -44.21 31.44 -23.81
CA ALA LB 98 -44.34 31.46 -22.37
C ALA LB 98 -43.77 32.78 -21.85
N ILE LB 99 -43.98 33.03 -20.56
CA ILE LB 99 -43.45 34.22 -19.90
C ILE LB 99 -42.51 33.76 -18.80
N TYR LB 100 -41.22 34.06 -18.95
CA TYR LB 100 -40.25 33.72 -17.93
C TYR LB 100 -40.09 34.89 -16.98
N ILE LB 101 -39.94 34.58 -15.68
CA ILE LB 101 -39.81 35.60 -14.65
C ILE LB 101 -38.64 35.22 -13.75
N TYR LB 102 -37.63 36.08 -13.69
CA TYR LB 102 -36.49 35.94 -12.80
C TYR LB 102 -36.43 37.16 -11.89
N ASP LB 103 -35.63 37.06 -10.84
CA ASP LB 103 -35.36 38.26 -10.07
C ASP LB 103 -34.19 39.00 -10.70
N ALA LB 104 -34.01 40.26 -10.28
CA ALA LB 104 -33.11 41.17 -10.98
C ALA LB 104 -31.64 40.81 -10.82
N SER LB 105 -31.27 40.06 -9.79
CA SER LB 105 -29.88 39.73 -9.56
C SER LB 105 -29.41 38.52 -10.35
N GLU LB 106 -30.22 38.02 -11.29
CA GLU LB 106 -29.83 36.91 -12.14
C GLU LB 106 -29.57 37.36 -13.57
N MET LB 107 -29.55 38.65 -13.82
CA MET LB 107 -29.33 39.18 -15.17
C MET LB 107 -27.87 39.04 -15.54
N ARG LB 108 -27.60 38.37 -16.66
CA ARG LB 108 -26.24 38.18 -17.15
C ARG LB 108 -26.07 38.90 -18.48
N ASN LB 109 -24.81 39.11 -18.85
CA ASN LB 109 -24.48 39.85 -20.05
C ASN LB 109 -23.28 39.25 -20.75
N ALA LB 110 -23.17 39.52 -22.04
CA ALA LB 110 -22.04 39.03 -22.83
C ALA LB 110 -21.79 39.94 -24.02
N VAL LB 111 -20.54 39.86 -24.51
CA VAL LB 111 -20.13 40.55 -25.73
C VAL LB 111 -19.59 39.51 -26.69
N VAL LB 112 -20.14 39.48 -27.90
CA VAL LB 112 -19.83 38.44 -28.88
C VAL LB 112 -19.52 39.10 -30.22
N SER LB 113 -18.57 38.52 -30.95
CA SER LB 113 -18.08 39.09 -32.20
C SER LB 113 -18.53 38.26 -33.38
N LEU LB 114 -19.14 38.92 -34.35
CA LEU LB 114 -19.56 38.34 -35.62
C LEU LB 114 -18.50 38.62 -36.67
N ARG LB 115 -17.94 37.57 -37.25
CA ARG LB 115 -16.81 37.77 -38.17
C ARG LB 115 -17.28 38.30 -39.51
N ASN LB 116 -18.38 37.76 -40.04
CA ASN LB 116 -18.78 38.07 -41.42
C ASN LB 116 -20.28 38.33 -41.56
N VAL LB 117 -20.92 38.93 -40.57
CA VAL LB 117 -22.34 39.31 -40.69
C VAL LB 117 -22.58 40.56 -39.86
N SER LB 118 -23.27 41.54 -40.45
CA SER LB 118 -23.50 42.80 -39.79
C SER LB 118 -24.59 42.72 -38.72
N LEU LB 119 -24.54 43.72 -37.83
CA LEU LB 119 -25.50 43.80 -36.74
C LEU LB 119 -26.86 44.21 -37.28
N ASN LB 120 -26.89 45.06 -38.30
CA ASN LB 120 -28.16 45.49 -38.87
C ASN LB 120 -28.86 44.36 -39.62
N GLU LB 121 -28.11 43.35 -40.06
CA GLU LB 121 -28.71 42.16 -40.65
C GLU LB 121 -29.18 41.17 -39.59
N PHE LB 122 -28.40 41.02 -38.50
CA PHE LB 122 -28.86 40.14 -37.43
C PHE LB 122 -30.07 40.73 -36.70
N ASN LB 123 -30.13 42.05 -36.61
CA ASN LB 123 -31.28 42.68 -35.99
C ASN LB 123 -32.51 42.58 -36.87
N ASN LB 124 -32.32 42.39 -38.19
CA ASN LB 124 -33.47 42.14 -39.02
C ASN LB 124 -33.87 40.69 -38.97
N PHE LB 125 -32.95 39.82 -38.54
CA PHE LB 125 -33.33 38.43 -38.31
C PHE LB 125 -34.19 38.34 -37.07
N LEU LB 126 -33.88 39.15 -36.05
CA LEU LB 126 -34.70 39.12 -34.86
C LEU LB 126 -36.04 39.82 -35.08
N LYS LB 127 -36.07 40.83 -35.96
CA LYS LB 127 -37.33 41.50 -36.24
C LYS LB 127 -38.22 40.63 -37.10
N ARG LB 128 -37.64 39.82 -37.97
CA ARG LB 128 -38.45 38.98 -38.83
C ARG LB 128 -38.84 37.69 -38.13
N SER LB 129 -38.10 37.28 -37.11
CA SER LB 129 -38.47 36.07 -36.40
C SER LB 129 -39.52 36.35 -35.33
N GLY LB 130 -39.24 37.29 -34.43
CA GLY LB 130 -40.22 37.56 -33.41
C GLY LB 130 -39.64 37.59 -32.01
N LEU LB 131 -38.31 37.54 -31.94
CA LEU LB 131 -37.60 37.55 -30.68
C LEU LB 131 -37.06 38.92 -30.31
N TYR LB 132 -37.41 39.95 -31.08
CA TYR LB 132 -36.92 41.28 -30.81
C TYR LB 132 -37.66 41.87 -29.62
N ASN LB 133 -36.91 42.18 -28.57
CA ASN LB 133 -37.43 42.75 -27.33
C ASN LB 133 -36.86 44.16 -27.19
N LYS LB 134 -37.73 45.16 -27.24
CA LYS LB 134 -37.28 46.54 -27.22
C LYS LB 134 -36.83 47.01 -25.85
N ASN LB 135 -37.11 46.25 -24.78
CA ASN LB 135 -36.61 46.62 -23.47
C ASN LB 135 -35.13 46.33 -23.33
N TYR LB 136 -34.65 45.22 -23.90
CA TYR LB 136 -33.24 44.85 -23.89
C TYR LB 136 -32.74 44.76 -25.32
N PRO LB 137 -32.39 45.88 -25.95
CA PRO LB 137 -31.94 45.83 -27.33
C PRO LB 137 -30.46 45.47 -27.40
N LEU LB 138 -29.89 45.50 -28.59
CA LEU LB 138 -28.51 45.12 -28.82
C LEU LB 138 -27.67 46.38 -28.97
N ARG LB 139 -26.81 46.66 -28.01
CA ARG LB 139 -25.97 47.85 -28.03
C ARG LB 139 -24.71 47.54 -28.82
N GLY LB 140 -24.46 48.30 -29.87
CA GLY LB 140 -23.28 48.10 -30.69
C GLY LB 140 -23.30 49.01 -31.89
N ASP LB 141 -22.20 48.97 -32.64
CA ASP LB 141 -22.09 49.75 -33.87
C ASP LB 141 -22.99 49.14 -34.95
N ASN LB 142 -23.55 50.02 -35.79
CA ASN LB 142 -24.61 49.57 -36.69
C ASN LB 142 -24.10 48.72 -37.85
N ARG LB 143 -22.87 48.95 -38.31
CA ARG LB 143 -22.29 48.09 -39.35
C ARG LB 143 -20.89 47.66 -38.87
N LYS LB 144 -20.88 46.63 -38.05
CA LYS LB 144 -19.66 46.10 -37.45
C LYS LB 144 -19.93 44.65 -37.08
N GLY LB 145 -19.07 44.10 -36.24
CA GLY LB 145 -19.23 42.74 -35.81
C GLY LB 145 -19.34 42.60 -34.32
N THR LB 146 -19.02 43.63 -33.55
CA THR LB 146 -19.06 43.52 -32.12
C THR LB 146 -20.24 44.28 -31.56
N PHE LB 147 -20.91 43.69 -30.56
CA PHE LB 147 -22.00 44.33 -29.85
C PHE LB 147 -22.03 43.77 -28.44
N TYR LB 148 -22.94 44.33 -27.63
CA TYR LB 148 -23.07 44.00 -26.22
C TYR LB 148 -24.52 43.69 -25.92
N VAL LB 149 -24.78 42.52 -25.35
CA VAL LB 149 -26.14 42.10 -25.07
C VAL LB 149 -26.26 41.78 -23.58
N SER LB 150 -27.42 42.10 -23.01
CA SER LB 150 -27.71 41.89 -21.60
C SER LB 150 -29.21 41.75 -21.44
N GLY LB 151 -29.60 40.91 -20.50
CA GLY LB 151 -31.00 40.70 -20.22
C GLY LB 151 -31.21 39.44 -19.41
N PRO LB 152 -32.37 38.81 -19.57
CA PRO LB 152 -32.63 37.54 -18.91
C PRO LB 152 -31.73 36.44 -19.44
N PRO LB 153 -31.47 35.40 -18.65
CA PRO LB 153 -30.55 34.35 -19.08
C PRO LB 153 -31.08 33.50 -20.22
N VAL LB 154 -32.39 33.48 -20.47
CA VAL LB 154 -32.91 32.73 -21.60
C VAL LB 154 -32.85 33.56 -22.87
N TYR LB 155 -32.69 34.87 -22.77
CA TYR LB 155 -32.59 35.73 -23.94
C TYR LB 155 -31.14 35.93 -24.35
N VAL LB 156 -30.24 35.96 -23.37
CA VAL LB 156 -28.81 36.12 -23.67
C VAL LB 156 -28.28 34.83 -24.28
N ASP LB 157 -28.63 33.69 -23.69
CA ASP LB 157 -28.14 32.42 -24.20
C ASP LB 157 -28.84 31.99 -25.47
N MET LB 158 -29.87 32.71 -25.92
CA MET LB 158 -30.39 32.48 -27.25
C MET LB 158 -29.73 33.39 -28.28
N VAL LB 159 -29.47 34.64 -27.92
CA VAL LB 159 -28.85 35.57 -28.86
C VAL LB 159 -27.39 35.19 -29.13
N VAL LB 160 -26.66 34.77 -28.10
CA VAL LB 160 -25.27 34.36 -28.30
C VAL LB 160 -25.19 33.09 -29.14
N ASN LB 161 -26.09 32.13 -28.90
CA ASN LB 161 -26.03 30.89 -29.63
C ASN LB 161 -26.51 31.06 -31.06
N ALA LB 162 -27.43 31.98 -31.30
CA ALA LB 162 -27.91 32.18 -32.66
C ALA LB 162 -27.05 33.17 -33.42
N ALA LB 163 -26.04 33.74 -32.76
CA ALA LB 163 -25.10 34.59 -33.45
C ALA LB 163 -23.84 33.81 -33.79
N THR LB 164 -23.40 32.94 -32.89
CA THR LB 164 -22.31 32.05 -33.23
C THR LB 164 -22.74 30.91 -34.13
N MET LB 165 -24.05 30.66 -34.27
CA MET LB 165 -24.54 29.77 -35.31
C MET LB 165 -24.89 30.50 -36.59
N MET LB 166 -24.61 31.80 -36.67
CA MET LB 166 -24.67 32.54 -37.92
C MET LB 166 -23.30 32.96 -38.40
N ASP LB 167 -22.28 32.82 -37.56
CA ASP LB 167 -20.92 32.87 -38.09
C ASP LB 167 -20.50 31.52 -38.66
N LYS LB 168 -21.05 30.43 -38.11
CA LYS LB 168 -20.75 29.10 -38.62
C LYS LB 168 -21.42 28.83 -39.97
N GLN LB 169 -22.56 29.47 -40.24
CA GLN LB 169 -23.21 29.30 -41.54
C GLN LB 169 -22.47 30.04 -42.65
N ASN LB 170 -21.89 31.20 -42.35
CA ASN LB 170 -21.15 31.95 -43.35
C ASN LB 170 -19.69 31.50 -43.43
N LEU LB 175 -19.16 33.69 -53.07
CA LEU LB 175 -18.43 33.29 -54.26
C LEU LB 175 -18.79 34.17 -55.45
N GLY LB 176 -17.96 34.13 -56.49
CA GLY LB 176 -18.22 34.91 -57.68
C GLY LB 176 -18.42 34.06 -58.93
N ARG LB 177 -19.48 34.32 -59.66
CA ARG LB 177 -19.75 33.60 -60.89
C ARG LB 177 -18.81 34.06 -62.00
N GLN LB 178 -18.42 33.12 -62.86
CA GLN LB 178 -17.60 33.47 -64.01
C GLN LB 178 -18.45 34.20 -65.06
N LYS LB 179 -17.77 34.93 -65.93
CA LYS LB 179 -18.42 35.77 -66.92
C LYS LB 179 -17.45 35.98 -68.07
N ILE LB 180 -17.97 35.90 -69.30
CA ILE LB 180 -17.18 36.07 -70.51
C ILE LB 180 -17.56 37.39 -71.14
N GLY LB 181 -16.58 38.26 -71.35
CA GLY LB 181 -16.78 39.55 -71.98
C GLY LB 181 -16.09 39.62 -73.33
N VAL LB 182 -16.71 40.31 -74.27
CA VAL LB 182 -16.20 40.50 -75.61
C VAL LB 182 -15.95 41.99 -75.81
N MET LB 183 -14.72 42.36 -76.10
CA MET LB 183 -14.31 43.76 -76.22
C MET LB 183 -13.77 44.01 -77.61
N ARG LB 184 -14.53 44.71 -78.44
CA ARG LB 184 -14.09 45.00 -79.80
C ARG LB 184 -13.14 46.20 -79.80
N LEU LB 185 -12.06 46.08 -80.56
CA LEU LB 185 -11.06 47.13 -80.68
C LEU LB 185 -11.29 47.90 -81.96
N ASN LB 186 -11.35 49.22 -81.84
CA ASN LB 186 -11.68 50.07 -82.98
C ASN LB 186 -10.49 50.73 -83.63
N ASN LB 187 -9.36 50.87 -82.92
CA ASN LB 187 -8.24 51.65 -83.42
C ASN LB 187 -6.92 50.90 -83.41
N THR LB 188 -6.95 49.57 -83.31
CA THR LB 188 -5.73 48.78 -83.32
C THR LB 188 -6.02 47.38 -83.81
N PHE LB 189 -4.97 46.58 -83.92
CA PHE LB 189 -5.05 45.21 -84.39
C PHE LB 189 -4.69 44.24 -83.27
N VAL LB 190 -5.47 43.17 -83.15
CA VAL LB 190 -5.05 42.01 -82.36
C VAL LB 190 -4.13 41.16 -83.23
N GLY LB 191 -3.17 40.50 -82.59
CA GLY LB 191 -2.28 39.62 -83.31
C GLY LB 191 -1.01 40.33 -83.75
N ASP LB 192 -0.01 39.51 -84.06
CA ASP LB 192 1.33 40.00 -84.34
C ASP LB 192 1.46 40.44 -85.79
N ARG LB 193 2.40 41.35 -86.02
CA ARG LB 193 2.74 41.82 -87.35
C ARG LB 193 4.14 41.35 -87.70
N THR LB 194 4.33 40.92 -88.95
CA THR LB 194 5.59 40.34 -89.39
C THR LB 194 6.08 41.04 -90.65
N TYR LB 195 7.38 41.31 -90.72
CA TYR LB 195 8.03 41.84 -91.91
C TYR LB 195 9.44 41.27 -92.00
N ASN LB 196 10.14 41.60 -93.07
CA ASN LB 196 11.46 41.02 -93.35
C ASN LB 196 12.46 42.09 -93.71
N LEU LB 197 13.73 41.87 -93.32
CA LEU LB 197 14.85 42.67 -93.83
C LEU LB 197 15.78 41.70 -94.55
N ARG LB 198 15.39 41.32 -95.76
CA ARG LB 198 16.16 40.63 -96.80
C ARG LB 198 16.58 39.20 -96.48
N ASP LB 199 16.64 38.81 -95.21
CA ASP LB 199 16.82 37.40 -94.86
C ASP LB 199 16.09 37.01 -93.58
N GLN LB 200 15.86 37.98 -92.69
CA GLN LB 200 15.45 37.71 -91.32
C GLN LB 200 14.05 38.25 -91.07
N LYS LB 201 13.33 37.56 -90.19
CA LYS LB 201 11.94 37.90 -89.88
C LYS LB 201 11.88 38.60 -88.54
N MET LB 202 11.12 39.70 -88.49
CA MET LB 202 10.87 40.42 -87.25
C MET LB 202 9.40 40.29 -86.88
N VAL LB 203 9.13 39.98 -85.63
CA VAL LB 203 7.77 39.80 -85.12
C VAL LB 203 7.53 40.79 -84.00
N ILE LB 204 6.46 41.57 -84.11
CA ILE LB 204 6.09 42.57 -83.12
C ILE LB 204 4.88 42.05 -82.35
N PRO LB 205 4.94 41.99 -81.03
CA PRO LB 205 3.79 41.48 -80.26
C PRO LB 205 2.63 42.47 -80.24
N GLY LB 206 1.43 41.94 -80.39
CA GLY LB 206 0.23 42.74 -80.43
C GLY LB 206 -0.31 43.03 -79.05
N ILE LB 207 -1.60 43.39 -79.01
CA ILE LB 207 -2.23 43.70 -77.73
C ILE LB 207 -2.63 42.43 -76.98
N ALA LB 208 -2.78 41.30 -77.66
CA ALA LB 208 -3.21 40.10 -76.98
C ALA LB 208 -2.07 39.30 -76.40
N THR LB 209 -0.83 39.62 -76.78
CA THR LB 209 0.34 39.01 -76.19
C THR LB 209 0.89 39.85 -75.04
N ALA LB 210 0.64 41.15 -75.05
CA ALA LB 210 1.14 42.01 -73.99
C ALA LB 210 0.34 41.86 -72.70
N ILE LB 211 -0.99 41.74 -72.80
CA ILE LB 211 -1.79 41.56 -71.60
C ILE LB 211 -1.75 40.11 -71.11
N GLU LB 212 -1.45 39.17 -72.01
CA GLU LB 212 -1.35 37.77 -71.59
C GLU LB 212 -0.08 37.54 -70.77
N ARG LB 213 1.01 38.23 -71.11
CA ARG LB 213 2.22 38.13 -70.31
C ARG LB 213 2.14 38.96 -69.04
N LEU LB 214 1.22 39.92 -68.97
CA LEU LB 214 1.08 40.71 -67.75
C LEU LB 214 0.37 39.93 -66.66
N LEU LB 215 -0.55 39.04 -67.06
CA LEU LB 215 -1.34 38.25 -66.12
C LEU LB 215 -0.82 36.83 -65.99
N GLN LB 216 0.44 36.61 -66.32
CA GLN LB 216 1.03 35.27 -66.29
C GLN LB 216 1.56 34.98 -64.90
N GLY LB 217 1.33 33.74 -64.43
CA GLY LB 217 1.63 33.41 -63.06
C GLY LB 217 0.66 34.12 -62.14
N GLU LB 218 1.17 35.11 -61.40
CA GLU LB 218 0.39 36.18 -60.77
C GLU LB 218 -0.63 35.66 -59.77
N GLU LB 219 -0.13 35.07 -58.69
CA GLU LB 219 -1.00 34.70 -57.57
C GLU LB 219 -1.30 35.93 -56.72
N GLN LB 220 -2.15 36.82 -57.24
CA GLN LB 220 -2.39 38.11 -56.63
C GLN LB 220 -3.89 38.40 -56.51
N PRO LB 221 -4.34 38.97 -55.39
CA PRO LB 221 -5.78 39.20 -55.20
C PRO LB 221 -6.34 40.35 -56.01
N LEU LB 222 -6.60 40.11 -57.30
CA LEU LB 222 -7.16 41.15 -58.15
C LEU LB 222 -8.67 41.21 -58.00
N GLY LB 223 -9.19 42.42 -57.81
CA GLY LB 223 -10.61 42.64 -57.73
C GLY LB 223 -11.05 43.89 -58.50
N ALA LB 262 -11.42 36.50 -57.06
CA ALA LB 262 -10.45 35.42 -56.92
C ALA LB 262 -9.02 35.95 -57.05
N ALA LB 263 -8.19 35.29 -57.84
CA ALA LB 263 -6.81 35.66 -58.03
C ALA LB 263 -6.62 36.34 -59.37
N ALA LB 264 -5.41 36.84 -59.61
CA ALA LB 264 -5.10 37.45 -60.90
C ALA LB 264 -4.57 36.41 -61.88
N GLY LB 265 -4.32 35.19 -61.41
CA GLY LB 265 -3.75 34.14 -62.22
C GLY LB 265 -4.73 33.23 -62.92
N ASN LB 266 -6.02 33.38 -62.67
CA ASN LB 266 -7.02 32.56 -63.33
C ASN LB 266 -7.80 33.33 -64.39
N ILE LB 267 -7.31 34.48 -64.83
CA ILE LB 267 -7.93 35.20 -65.94
C ILE LB 267 -7.36 34.68 -67.25
N LYS LB 268 -8.25 34.33 -68.18
CA LYS LB 268 -7.86 33.83 -69.49
C LYS LB 268 -8.19 34.89 -70.53
N ILE LB 269 -7.20 35.20 -71.38
CA ILE LB 269 -7.36 36.17 -72.45
C ILE LB 269 -6.96 35.51 -73.76
N VAL LB 270 -7.91 35.45 -74.70
CA VAL LB 270 -7.72 34.77 -75.97
C VAL LB 270 -8.11 35.73 -77.09
N ALA LB 271 -7.23 35.89 -78.07
CA ALA LB 271 -7.48 36.74 -79.22
C ALA LB 271 -8.43 36.06 -80.18
N TYR LB 272 -9.43 36.79 -80.64
CA TYR LB 272 -10.34 36.31 -81.66
C TYR LB 272 -10.23 37.22 -82.87
N PRO LB 273 -9.39 36.89 -83.87
CA PRO LB 273 -9.14 37.84 -84.96
C PRO LB 273 -10.25 37.94 -85.98
N ASP LB 274 -11.27 37.08 -85.92
CA ASP LB 274 -12.26 37.04 -86.98
C ASP LB 274 -13.23 38.22 -86.86
N THR LB 275 -13.35 38.82 -85.67
CA THR LB 275 -14.10 40.05 -85.50
C THR LB 275 -13.28 41.13 -84.80
N ASN LB 276 -11.96 40.91 -84.65
CA ASN LB 276 -11.00 41.86 -84.07
C ASN LB 276 -11.41 42.26 -82.65
N SER LB 277 -11.41 41.28 -81.76
CA SER LB 277 -11.89 41.49 -80.41
C SER LB 277 -11.21 40.51 -79.47
N LEU LB 278 -11.14 40.90 -78.20
CA LEU LB 278 -10.57 40.08 -77.14
C LEU LB 278 -11.66 39.31 -76.42
N LEU LB 279 -11.29 38.15 -75.89
CA LEU LB 279 -12.20 37.32 -75.10
C LEU LB 279 -11.59 37.16 -73.71
N VAL LB 280 -12.24 37.73 -72.71
CA VAL LB 280 -11.78 37.70 -71.32
C VAL LB 280 -12.75 36.87 -70.51
N LYS LB 281 -12.21 35.91 -69.75
CA LYS LB 281 -13.02 35.06 -68.88
C LYS LB 281 -12.56 35.25 -67.44
N GLY LB 282 -13.45 35.71 -66.59
CA GLY LB 282 -13.14 35.88 -65.19
C GLY LB 282 -14.39 36.19 -64.41
N THR LB 283 -14.21 36.75 -63.21
CA THR LB 283 -15.35 37.17 -62.41
C THR LB 283 -15.94 38.46 -62.97
N ALA LB 284 -17.01 38.93 -62.35
CA ALA LB 284 -17.65 40.16 -62.82
C ALA LB 284 -16.86 41.41 -62.47
N GLU LB 285 -15.88 41.30 -61.58
CA GLU LB 285 -15.03 42.44 -61.23
C GLU LB 285 -13.72 42.45 -61.99
N GLN LB 286 -13.24 41.28 -62.43
CA GLN LB 286 -12.02 41.23 -63.22
C GLN LB 286 -12.28 41.55 -64.69
N VAL LB 287 -13.50 41.26 -65.18
CA VAL LB 287 -13.84 41.59 -66.56
C VAL LB 287 -13.96 43.10 -66.73
N HIS LB 288 -14.57 43.78 -65.75
CA HIS LB 288 -14.61 45.24 -65.75
C HIS LB 288 -13.24 45.85 -65.54
N PHE LB 289 -12.30 45.11 -64.95
CA PHE LB 289 -10.97 45.64 -64.70
C PHE LB 289 -10.13 45.66 -65.97
N ILE LB 290 -10.31 44.69 -66.85
CA ILE LB 290 -9.57 44.66 -68.10
C ILE LB 290 -10.24 45.56 -69.14
N GLU LB 291 -11.55 45.78 -69.02
CA GLU LB 291 -12.26 46.64 -69.97
C GLU LB 291 -11.86 48.11 -69.80
N MET LB 292 -11.47 48.51 -68.59
CA MET LB 292 -10.98 49.87 -68.40
C MET LB 292 -9.53 50.04 -68.83
N LEU LB 293 -8.76 48.96 -68.89
CA LEU LB 293 -7.39 49.04 -69.38
C LEU LB 293 -7.36 49.11 -70.90
N VAL LB 294 -8.26 48.38 -71.56
CA VAL LB 294 -8.30 48.31 -73.02
C VAL LB 294 -8.69 49.65 -73.62
N LYS LB 295 -9.62 50.36 -72.99
CA LYS LB 295 -10.03 51.67 -73.49
C LYS LB 295 -8.98 52.76 -73.30
N ALA LB 296 -7.90 52.49 -72.56
CA ALA LB 296 -6.80 53.43 -72.45
C ALA LB 296 -5.68 53.11 -73.43
N LEU LB 297 -5.60 51.88 -73.92
CA LEU LB 297 -4.62 51.49 -74.92
C LEU LB 297 -5.17 51.58 -76.34
N ASP LB 298 -6.39 52.03 -76.52
CA ASP LB 298 -7.06 52.04 -77.82
C ASP LB 298 -7.29 53.47 -78.26
N VAL LB 299 -6.28 54.04 -78.92
CA VAL LB 299 -6.34 55.42 -79.40
C VAL LB 299 -5.99 55.45 -80.88
N ALA LB 300 -6.47 56.49 -81.55
CA ALA LB 300 -6.22 56.67 -82.98
C ALA LB 300 -4.84 57.26 -83.19
N LYS LB 301 -4.19 56.83 -84.27
CA LYS LB 301 -2.82 57.20 -84.56
C LYS LB 301 -2.76 58.29 -85.63
N ARG LB 302 -1.58 58.90 -85.76
CA ARG LB 302 -1.33 59.93 -86.74
C ARG LB 302 -0.32 59.44 -87.76
N HIS LB 303 -0.33 60.07 -88.93
CA HIS LB 303 0.48 59.64 -90.06
C HIS LB 303 1.72 60.50 -90.19
N VAL LB 304 2.85 59.84 -90.47
CA VAL LB 304 4.13 60.50 -90.72
C VAL LB 304 4.59 60.11 -92.10
N GLU LB 305 4.99 61.09 -92.91
CA GLU LB 305 5.58 60.85 -94.22
C GLU LB 305 7.04 61.27 -94.16
N LEU LB 306 7.94 60.34 -94.43
CA LEU LB 306 9.37 60.57 -94.31
C LEU LB 306 9.98 60.69 -95.70
N SER LB 307 10.70 61.79 -95.94
CA SER LB 307 11.36 62.05 -97.20
C SER LB 307 12.86 62.19 -96.96
N LEU LB 308 13.64 61.42 -97.70
CA LEU LB 308 15.09 61.38 -97.54
C LEU LB 308 15.76 61.83 -98.84
N TRP LB 309 16.67 62.78 -98.74
CA TRP LB 309 17.39 63.30 -99.90
C TRP LB 309 18.81 62.75 -99.91
N ILE LB 310 19.24 62.29 -101.07
CA ILE LB 310 20.61 61.81 -101.29
C ILE LB 310 21.18 62.60 -102.46
N VAL LB 311 22.05 63.57 -102.15
CA VAL LB 311 22.64 64.45 -103.15
C VAL LB 311 24.07 64.00 -103.38
N ASP LB 312 24.47 63.91 -104.65
CA ASP LB 312 25.78 63.39 -105.01
C ASP LB 312 26.33 64.24 -106.15
N LEU LB 313 27.46 64.89 -105.93
CA LEU LB 313 28.08 65.73 -106.93
C LEU LB 313 29.50 65.28 -107.19
N ASN LB 314 29.99 65.55 -108.39
CA ASN LB 314 31.35 65.23 -108.80
C ASN LB 314 31.91 66.34 -109.64
N LYS LB 315 33.22 66.30 -109.84
CA LYS LB 315 33.97 67.23 -110.66
C LYS LB 315 35.35 66.63 -110.88
N SER LB 316 35.97 66.96 -112.01
CA SER LB 316 37.25 66.36 -112.33
C SER LB 316 38.02 67.26 -113.29
N ASP LB 317 39.29 66.91 -113.48
CA ASP LB 317 40.20 67.63 -114.36
C ASP LB 317 41.39 66.73 -114.61
N LEU LB 318 41.98 66.81 -115.80
CA LEU LB 318 43.07 65.92 -116.19
C LEU LB 318 43.80 66.52 -117.39
N GLU LB 319 45.12 66.40 -117.41
CA GLU LB 319 45.92 66.88 -118.53
C GLU LB 319 47.24 66.13 -118.55
N ARG LB 320 47.53 65.43 -119.66
CA ARG LB 320 48.82 64.82 -119.89
C ARG LB 320 49.42 65.36 -121.17
N LEU LB 321 50.73 65.62 -121.16
CA LEU LB 321 51.41 66.15 -122.34
C LEU LB 321 52.89 65.84 -122.23
N GLY LB 322 53.39 64.97 -123.10
CA GLY LB 322 54.81 64.68 -123.13
C GLY LB 322 55.06 63.28 -123.68
N THR LB 323 56.35 62.97 -123.82
CA THR LB 323 56.80 61.70 -124.36
C THR LB 323 57.57 60.91 -123.31
N SER LB 324 57.88 59.67 -123.64
CA SER LB 324 58.62 58.78 -122.73
C SER LB 324 59.30 57.70 -123.56
N TRP LB 325 60.63 57.70 -123.56
CA TRP LB 325 61.42 56.82 -124.40
C TRP LB 325 61.80 55.55 -123.66
N SER LB 326 61.57 54.39 -124.29
CA SER LB 326 61.90 53.10 -123.69
C SER LB 326 62.00 52.07 -124.82
N GLY LB 327 63.20 51.59 -125.09
CA GLY LB 327 63.38 50.62 -126.15
C GLY LB 327 64.75 49.98 -126.13
N SER LB 328 64.95 49.03 -127.04
CA SER LB 328 66.21 48.32 -127.22
C SER LB 328 66.70 48.46 -128.65
N ILE LB 329 67.96 48.06 -128.86
CA ILE LB 329 68.59 48.16 -130.17
C ILE LB 329 69.64 47.07 -130.27
N THR LB 330 70.11 46.79 -131.48
CA THR LB 330 71.20 45.85 -131.71
C THR LB 330 72.17 46.45 -132.71
N ILE LB 331 73.44 46.56 -132.30
CA ILE LB 331 74.45 47.28 -133.07
C ILE LB 331 75.50 46.26 -133.51
N GLY LB 332 75.37 45.76 -134.74
CA GLY LB 332 76.40 44.96 -135.37
C GLY LB 332 76.70 43.63 -134.73
N ASP LB 333 75.68 42.97 -134.16
CA ASP LB 333 75.67 41.61 -133.57
C ASP LB 333 76.85 41.31 -132.63
N LYS LB 334 77.39 42.36 -132.00
CA LYS LB 334 78.44 42.21 -131.00
C LYS LB 334 78.20 43.06 -129.75
N LEU LB 335 77.40 44.12 -129.82
CA LEU LB 335 77.06 44.90 -128.65
C LEU LB 335 75.67 45.49 -128.86
N GLY LB 336 74.91 45.54 -127.77
CA GLY LB 336 73.56 46.07 -127.81
C GLY LB 336 73.35 47.08 -126.71
N VAL LB 337 72.47 48.03 -126.97
CA VAL LB 337 72.19 49.13 -126.05
C VAL LB 337 70.71 49.09 -125.68
N SER LB 338 70.43 49.06 -124.38
CA SER LB 338 69.06 49.19 -123.89
C SER LB 338 68.85 50.60 -123.36
N LEU LB 339 67.60 50.91 -123.04
CA LEU LB 339 67.25 52.23 -122.51
C LEU LB 339 65.98 52.10 -121.67
N ASN LB 340 66.12 52.33 -120.36
CA ASN LB 340 65.02 52.40 -119.39
C ASN LB 340 64.20 51.11 -119.36
N GLN LB 341 64.87 49.97 -119.36
CA GLN LB 341 64.22 48.67 -119.36
C GLN LB 341 64.83 47.75 -118.31
N SER LB 342 64.18 46.61 -118.13
CA SER LB 342 64.69 45.56 -117.25
C SER LB 342 65.02 44.28 -118.03
N SER LB 343 64.12 43.87 -118.91
CA SER LB 343 64.33 42.70 -119.77
C SER LB 343 64.70 43.18 -121.17
N ILE LB 344 65.77 42.60 -121.71
CA ILE LB 344 66.33 43.06 -122.98
C ILE LB 344 66.27 41.90 -123.98
N SER LB 345 66.32 40.67 -123.47
CA SER LB 345 66.46 39.49 -124.33
C SER LB 345 65.18 39.21 -125.11
N THR LB 346 64.03 39.28 -124.44
CA THR LB 346 62.76 39.04 -125.12
C THR LB 346 62.31 40.24 -125.95
N LEU LB 347 62.94 41.41 -125.77
CA LEU LB 347 62.73 42.56 -126.63
C LEU LB 347 63.97 42.88 -127.46
N ASP LB 348 64.74 41.86 -127.85
CA ASP LB 348 65.98 42.09 -128.59
C ASP LB 348 65.72 42.42 -130.05
N GLY LB 349 64.70 41.81 -130.66
CA GLY LB 349 64.36 42.09 -132.04
C GLY LB 349 63.49 43.31 -132.26
N SER LB 350 63.16 44.05 -131.20
CA SER LB 350 62.32 45.22 -131.30
C SER LB 350 63.17 46.47 -131.48
N ARG LB 351 62.55 47.64 -131.33
CA ARG LB 351 63.20 48.92 -131.58
C ARG LB 351 62.91 49.90 -130.45
N PHE LB 352 63.29 51.17 -130.64
CA PHE LB 352 62.97 52.20 -129.68
C PHE LB 352 61.50 52.59 -129.79
N ILE LB 353 60.89 52.88 -128.64
CA ILE LB 353 59.48 53.27 -128.57
C ILE LB 353 59.42 54.65 -127.92
N ALA LB 354 58.74 55.59 -128.58
CA ALA LB 354 58.54 56.93 -128.05
C ALA LB 354 57.05 57.11 -127.81
N ALA LB 355 56.58 56.72 -126.63
CA ALA LB 355 55.16 56.78 -126.30
C ALA LB 355 54.77 58.22 -126.01
N VAL LB 356 53.90 58.79 -126.85
CA VAL LB 356 53.45 60.17 -126.72
C VAL LB 356 52.06 60.16 -126.12
N ASN LB 357 51.80 61.12 -125.22
CA ASN LB 357 50.49 61.29 -124.62
C ASN LB 357 50.03 62.73 -124.79
N ALA LB 358 48.77 62.91 -125.15
CA ALA LB 358 48.18 64.23 -125.26
C ALA LB 358 46.70 64.11 -124.96
N LEU LB 359 46.25 64.81 -123.92
CA LEU LB 359 44.87 64.71 -123.45
C LEU LB 359 44.57 65.90 -122.56
N GLU LB 360 43.30 66.28 -122.53
CA GLU LB 360 42.84 67.38 -121.68
C GLU LB 360 41.36 67.17 -121.44
N GLU LB 361 40.99 66.79 -120.22
CA GLU LB 361 39.65 66.28 -119.93
C GLU LB 361 39.00 67.09 -118.83
N LYS LB 362 37.71 67.39 -118.99
CA LYS LB 362 36.86 67.96 -117.95
C LYS LB 362 35.69 67.00 -117.72
N LYS LB 363 35.05 67.14 -116.56
CA LYS LB 363 33.98 66.23 -116.18
C LYS LB 363 33.12 66.89 -115.12
N GLN LB 364 31.87 66.45 -115.05
CA GLN LB 364 30.91 66.91 -114.06
C GLN LB 364 29.75 65.93 -114.03
N ALA LB 365 29.20 65.67 -112.84
CA ALA LB 365 28.12 64.72 -112.69
C ALA LB 365 27.34 65.04 -111.42
N THR LB 366 26.02 65.18 -111.56
CA THR LB 366 25.13 65.40 -110.42
C THR LB 366 24.07 64.30 -110.41
N VAL LB 367 23.74 63.81 -109.21
CA VAL LB 367 22.71 62.80 -109.02
C VAL LB 367 21.93 63.16 -107.76
N VAL LB 368 20.62 63.30 -107.89
CA VAL LB 368 19.74 63.59 -106.75
C VAL LB 368 18.66 62.52 -106.71
N SER LB 369 18.69 61.68 -105.69
CA SER LB 369 17.72 60.60 -105.51
C SER LB 369 16.93 60.84 -104.22
N ARG LB 370 15.69 60.36 -104.19
CA ARG LB 370 14.77 60.66 -103.09
C ARG LB 370 13.73 59.56 -102.93
N PRO LB 371 13.84 58.76 -101.85
CA PRO LB 371 12.74 57.86 -101.50
C PRO LB 371 11.76 58.46 -100.52
N VAL LB 372 10.48 58.13 -100.68
CA VAL LB 372 9.39 58.65 -99.86
C VAL LB 372 8.64 57.45 -99.28
N LEU LB 373 8.29 57.53 -98.00
CA LEU LB 373 7.62 56.44 -97.29
C LEU LB 373 6.62 57.01 -96.31
N LEU LB 374 5.47 56.35 -96.16
CA LEU LB 374 4.40 56.81 -95.28
C LEU LB 374 4.05 55.72 -94.27
N THR LB 375 3.96 56.10 -93.00
CA THR LB 375 3.62 55.18 -91.93
C THR LB 375 2.92 55.93 -90.81
N GLN LB 376 2.66 55.22 -89.72
CA GLN LB 376 1.97 55.76 -88.55
C GLN LB 376 2.94 55.92 -87.39
N GLU LB 377 2.43 56.40 -86.27
CA GLU LB 377 3.22 56.49 -85.05
C GLU LB 377 3.55 55.10 -84.53
N ASN LB 378 4.79 54.94 -84.06
CA ASN LB 378 5.27 53.74 -83.34
C ASN LB 378 5.15 52.47 -84.17
N VAL LB 379 5.21 52.59 -85.49
CA VAL LB 379 5.06 51.45 -86.39
C VAL LB 379 6.30 51.39 -87.27
N PRO LB 380 7.05 50.29 -87.27
CA PRO LB 380 8.23 50.19 -88.15
C PRO LB 380 7.81 49.96 -89.59
N ALA LB 381 8.44 50.70 -90.49
CA ALA LB 381 8.15 50.61 -91.92
C ALA LB 381 9.45 50.39 -92.68
N ILE LB 382 9.32 49.84 -93.88
CA ILE LB 382 10.46 49.51 -94.73
C ILE LB 382 10.19 49.94 -96.16
N PHE LB 383 11.11 50.70 -96.74
CA PHE LB 383 11.19 50.90 -98.17
C PHE LB 383 12.46 50.22 -98.65
N ASP LB 384 12.38 49.52 -99.78
CA ASP LB 384 13.49 48.73 -100.27
C ASP LB 384 13.48 48.75 -101.79
N ASN LB 385 14.63 49.02 -102.40
CA ASN LB 385 14.77 49.02 -103.86
C ASN LB 385 16.12 48.39 -104.18
N ASN LB 386 16.12 47.08 -104.37
CA ASN LB 386 17.36 46.33 -104.43
C ASN LB 386 17.53 45.63 -105.78
N ARG LB 387 18.61 44.85 -105.87
CA ARG LB 387 18.98 44.10 -107.06
C ARG LB 387 19.71 42.85 -106.63
N THR LB 388 19.32 41.71 -107.18
CA THR LB 388 19.83 40.41 -106.76
C THR LB 388 20.67 39.83 -107.88
N PHE LB 389 21.78 39.20 -107.52
CA PHE LB 389 22.74 38.63 -108.47
C PHE LB 389 22.92 37.16 -108.12
N TYR LB 390 22.46 36.27 -108.99
CA TYR LB 390 22.49 34.84 -108.73
C TYR LB 390 23.69 34.20 -109.39
N THR LB 391 24.34 33.29 -108.67
CA THR LB 391 25.52 32.59 -109.16
C THR LB 391 25.34 31.09 -109.00
N LYS LB 392 26.09 30.35 -109.80
CA LYS LB 392 25.97 28.88 -109.87
C LYS LB 392 27.23 28.26 -109.27
N LEU LB 393 27.15 27.91 -107.98
CA LEU LB 393 28.23 27.21 -107.30
C LEU LB 393 28.06 25.73 -107.59
N ILE LB 394 28.85 25.21 -108.52
CA ILE LB 394 28.68 23.83 -108.99
C ILE LB 394 29.38 22.90 -108.01
N GLY LB 395 28.67 22.55 -106.94
CA GLY LB 395 29.11 21.55 -105.99
C GLY LB 395 28.44 20.22 -106.29
N GLU LB 396 28.51 19.32 -105.31
CA GLU LB 396 27.87 18.02 -105.46
C GLU LB 396 26.81 17.74 -104.40
N ARG LB 397 26.97 18.23 -103.17
CA ARG LB 397 26.10 17.82 -102.07
C ARG LB 397 25.11 18.89 -101.68
N ASN LB 398 25.64 20.01 -101.22
CA ASN LB 398 24.83 21.12 -100.74
C ASN LB 398 24.84 22.16 -101.84
N VAL LB 399 24.35 21.75 -103.01
CA VAL LB 399 24.25 22.61 -104.17
C VAL LB 399 23.24 23.71 -103.85
N ALA LB 400 23.59 24.93 -104.19
CA ALA LB 400 22.78 26.06 -103.76
C ALA LB 400 22.92 27.20 -104.76
N LEU LB 401 21.89 28.02 -104.82
CA LEU LB 401 21.93 29.26 -105.56
C LEU LB 401 22.27 30.33 -104.54
N GLU LB 402 23.53 30.79 -104.57
CA GLU LB 402 23.95 31.85 -103.67
C GLU LB 402 23.73 33.19 -104.34
N HIS LB 403 23.43 34.21 -103.55
CA HIS LB 403 23.04 35.49 -104.10
C HIS LB 403 23.57 36.62 -103.23
N VAL LB 404 23.80 37.76 -103.87
CA VAL LB 404 24.13 39.00 -103.20
C VAL LB 404 23.02 40.00 -103.50
N THR LB 405 22.93 41.04 -102.69
CA THR LB 405 21.84 42.00 -102.78
C THR LB 405 22.38 43.38 -102.44
N TYR LB 406 22.01 44.38 -103.24
CA TYR LB 406 22.44 45.74 -102.99
C TYR LB 406 21.39 46.71 -103.51
N GLY LB 407 21.20 47.81 -102.79
CA GLY LB 407 20.26 48.81 -103.22
C GLY LB 407 19.90 49.74 -102.09
N THR LB 408 18.99 50.67 -102.37
CA THR LB 408 18.53 51.66 -101.41
C THR LB 408 17.56 51.00 -100.43
N MET LB 409 17.66 51.38 -99.15
CA MET LB 409 16.86 50.74 -98.11
C MET LB 409 16.74 51.67 -96.92
N ILE LB 410 15.52 51.92 -96.45
CA ILE LB 410 15.25 52.71 -95.26
C ILE LB 410 14.40 51.88 -94.33
N ARG LB 411 14.73 51.90 -93.03
CA ARG LB 411 13.87 51.34 -92.00
C ARG LB 411 13.76 52.38 -90.88
N VAL LB 412 12.55 52.86 -90.65
CA VAL LB 412 12.34 54.00 -89.77
C VAL LB 412 11.28 53.62 -88.72
N LEU LB 413 11.33 54.29 -87.58
CA LEU LB 413 10.37 54.08 -86.49
C LEU LB 413 10.03 55.46 -85.92
N PRO LB 414 9.02 56.11 -86.45
CA PRO LB 414 8.72 57.49 -86.03
C PRO LB 414 7.94 57.52 -84.74
N ARG LB 415 8.01 58.69 -84.08
CA ARG LB 415 7.40 58.88 -82.77
C ARG LB 415 7.31 60.36 -82.49
N PHE LB 416 6.15 60.82 -82.05
CA PHE LB 416 5.95 62.21 -81.71
C PHE LB 416 6.37 62.49 -80.28
N SER LB 417 7.09 63.60 -80.09
CA SER LB 417 7.51 64.01 -78.75
C SER LB 417 6.39 64.84 -78.12
N ALA LB 418 6.69 65.45 -76.97
CA ALA LB 418 5.68 66.23 -76.26
C ALA LB 418 5.50 67.63 -76.85
N ASP LB 419 6.51 68.14 -77.56
CA ASP LB 419 6.45 69.48 -78.12
C ASP LB 419 5.92 69.52 -79.54
N GLY LB 420 5.78 68.36 -80.18
CA GLY LB 420 5.40 68.31 -81.57
C GLY LB 420 6.51 67.99 -82.53
N GLN LB 421 7.69 67.62 -82.03
CA GLN LB 421 8.80 67.20 -82.88
C GLN LB 421 8.74 65.70 -83.10
N ILE LB 422 9.39 65.25 -84.17
CA ILE LB 422 9.33 63.87 -84.61
C ILE LB 422 10.71 63.25 -84.45
N GLU LB 423 10.81 62.28 -83.54
CA GLU LB 423 12.05 61.54 -83.36
C GLU LB 423 12.01 60.25 -84.15
N MET LB 424 13.13 59.91 -84.79
CA MET LB 424 13.19 58.78 -85.70
C MET LB 424 14.39 57.91 -85.37
N SER LB 425 14.25 56.61 -85.60
CA SER LB 425 15.33 55.64 -85.42
C SER LB 425 15.67 55.07 -86.78
N LEU LB 426 16.76 55.55 -87.37
CA LEU LB 426 17.04 55.36 -88.79
C LEU LB 426 18.00 54.21 -89.02
N ASP LB 427 17.87 53.57 -90.19
CA ASP LB 427 18.78 52.55 -90.69
C ASP LB 427 18.84 52.69 -92.20
N ILE LB 428 19.81 53.44 -92.70
CA ILE LB 428 19.87 53.83 -94.10
C ILE LB 428 20.98 53.04 -94.78
N GLU LB 429 20.70 52.50 -95.96
CA GLU LB 429 21.70 51.86 -96.80
C GLU LB 429 21.51 52.35 -98.23
N ASP LB 430 22.60 52.77 -98.86
CA ASP LB 430 22.57 53.20 -100.26
C ASP LB 430 23.79 52.59 -100.96
N GLY LB 431 23.54 51.58 -101.79
CA GLY LB 431 24.60 50.88 -102.48
C GLY LB 431 24.39 50.88 -103.98
N ASN LB 432 25.47 50.64 -104.71
CA ASN LB 432 25.42 50.51 -106.16
C ASN LB 432 26.54 49.57 -106.58
N ASP LB 433 26.65 49.36 -107.89
CA ASP LB 433 27.58 48.37 -108.44
C ASP LB 433 28.76 49.08 -109.08
N LYS LB 434 29.94 48.88 -108.51
CA LYS LB 434 31.17 49.39 -109.08
C LYS LB 434 31.68 48.44 -110.14
N THR LB 435 32.13 48.99 -111.26
CA THR LB 435 32.51 48.19 -112.41
C THR LB 435 34.02 48.27 -112.63
N PRO LB 436 34.71 47.13 -112.68
CA PRO LB 436 36.12 47.13 -113.11
C PRO LB 436 36.24 47.21 -114.63
N GLN LB 437 37.46 47.04 -115.13
CA GLN LB 437 37.73 47.14 -116.57
C GLN LB 437 37.01 46.03 -117.33
N SER LB 438 36.31 46.40 -118.40
CA SER LB 438 35.49 45.45 -119.14
C SER LB 438 36.30 44.55 -120.06
N ASP LB 439 37.52 44.94 -120.43
CA ASP LB 439 38.30 44.19 -121.40
C ASP LB 439 38.91 42.91 -120.83
N THR LB 440 39.11 42.83 -119.52
CA THR LB 440 39.70 41.66 -118.90
C THR LB 440 38.63 40.63 -118.56
N THR LB 441 39.09 39.39 -118.35
CA THR LB 441 38.26 38.19 -118.23
C THR LB 441 37.33 38.23 -117.00
N THR LB 442 37.68 38.97 -115.95
CA THR LB 442 36.90 38.97 -114.71
C THR LB 442 35.56 39.72 -114.82
N SER LB 443 35.16 40.17 -116.01
CA SER LB 443 33.85 40.76 -116.21
C SER LB 443 32.77 39.74 -116.56
N VAL LB 444 33.15 38.48 -116.81
CA VAL LB 444 32.17 37.46 -117.18
C VAL LB 444 31.88 36.50 -116.03
N ASP LB 445 32.69 36.50 -114.97
CA ASP LB 445 32.42 35.66 -113.82
C ASP LB 445 31.63 36.42 -112.77
N ALA LB 446 31.42 35.80 -111.61
CA ALA LB 446 30.59 36.36 -110.56
C ALA LB 446 31.41 37.30 -109.68
N LEU LB 447 31.81 38.42 -110.27
CA LEU LB 447 32.49 39.50 -109.54
C LEU LB 447 31.78 40.83 -109.81
N PRO LB 448 30.63 41.06 -109.17
CA PRO LB 448 30.11 42.43 -109.07
C PRO LB 448 30.66 43.14 -107.85
N GLU LB 449 31.78 43.86 -107.95
CA GLU LB 449 32.28 44.64 -106.83
C GLU LB 449 31.24 45.65 -106.34
N VAL LB 450 30.69 45.39 -105.16
CA VAL LB 450 29.61 46.19 -104.58
C VAL LB 450 30.21 47.20 -103.62
N GLY LB 451 29.81 48.46 -103.74
CA GLY LB 451 30.13 49.48 -102.78
C GLY LB 451 28.87 50.00 -102.12
N ARG LB 452 28.85 49.98 -100.78
CA ARG LB 452 27.69 50.35 -100.01
C ARG LB 452 27.99 51.57 -99.14
N THR LB 453 26.95 52.07 -98.47
CA THR LB 453 27.06 53.21 -97.56
C THR LB 453 26.01 53.04 -96.48
N LEU LB 454 26.44 52.81 -95.24
CA LEU LB 454 25.54 52.47 -94.15
C LEU LB 454 25.58 53.57 -93.10
N ILE LB 455 24.40 53.91 -92.58
CA ILE LB 455 24.26 54.94 -91.55
C ILE LB 455 23.20 54.46 -90.56
N SER LB 456 23.52 54.49 -89.28
CA SER LB 456 22.59 54.08 -88.23
C SER LB 456 22.71 55.06 -87.08
N THR LB 457 21.64 55.80 -86.81
CA THR LB 457 21.67 56.87 -85.81
C THR LB 457 20.25 57.14 -85.34
N ILE LB 458 20.10 58.20 -84.52
CA ILE LB 458 18.80 58.65 -84.03
C ILE LB 458 18.79 60.17 -84.08
N ALA LB 459 17.78 60.76 -84.72
CA ALA LB 459 17.68 62.20 -84.85
C ALA LB 459 16.26 62.64 -84.50
N ARG LB 460 16.11 63.94 -84.21
CA ARG LB 460 14.84 64.51 -83.80
C ARG LB 460 14.64 65.85 -84.48
N VAL LB 461 13.68 65.91 -85.41
CA VAL LB 461 13.44 67.07 -86.27
C VAL LB 461 12.10 67.67 -85.90
N PRO LB 462 11.93 69.00 -85.95
CA PRO LB 462 10.57 69.57 -85.87
C PRO LB 462 9.75 69.25 -87.11
N HIS LB 463 8.47 69.60 -87.05
CA HIS LB 463 7.56 69.29 -88.14
C HIS LB 463 7.79 70.26 -89.30
N GLY LB 464 8.27 69.74 -90.42
CA GLY LB 464 8.49 70.55 -91.60
C GLY LB 464 9.92 71.01 -91.80
N LYS LB 465 10.77 70.93 -90.80
CA LYS LB 465 12.16 71.33 -90.91
C LYS LB 465 12.99 70.14 -91.34
N SER LB 466 14.31 70.29 -91.33
CA SER LB 466 15.19 69.25 -91.85
C SER LB 466 16.49 69.20 -91.06
N LEU LB 467 17.19 68.08 -91.20
CA LEU LB 467 18.46 67.86 -90.53
C LEU LB 467 19.41 67.12 -91.45
N LEU LB 468 20.70 67.37 -91.27
CA LEU LB 468 21.74 66.67 -92.02
C LEU LB 468 22.24 65.50 -91.18
N VAL LB 469 22.06 64.29 -91.70
CA VAL LB 469 22.38 63.09 -90.93
C VAL LB 469 23.79 62.59 -91.22
N GLY LB 470 24.13 62.43 -92.49
CA GLY LB 470 25.46 61.95 -92.85
C GLY LB 470 26.19 62.91 -93.75
N GLY LB 471 27.27 62.48 -94.36
CA GLY LB 471 28.03 63.34 -95.25
C GLY LB 471 29.39 62.75 -95.53
N TYR LB 472 29.99 63.25 -96.62
CA TYR LB 472 31.31 62.83 -97.07
C TYR LB 472 31.83 63.80 -98.12
N THR LB 473 33.05 64.31 -97.93
CA THR LB 473 33.72 65.10 -98.95
C THR LB 473 35.11 64.52 -99.20
N ARG LB 474 35.67 64.83 -100.36
CA ARG LB 474 37.01 64.40 -100.71
C ARG LB 474 37.60 65.31 -101.77
N ASP LB 475 38.81 65.81 -101.52
CA ASP LB 475 39.54 66.65 -102.47
C ASP LB 475 40.91 66.07 -102.73
N ALA LB 476 41.39 66.22 -103.96
CA ALA LB 476 42.68 65.64 -104.34
C ALA LB 476 43.32 66.48 -105.43
N ASN LB 477 44.65 66.44 -105.47
CA ASN LB 477 45.42 67.16 -106.49
C ASN LB 477 46.80 66.54 -106.58
N THR LB 478 47.09 65.84 -107.69
CA THR LB 478 48.42 65.27 -107.92
C THR LB 478 49.00 65.87 -109.19
N ASP LB 479 50.34 65.84 -109.27
CA ASP LB 479 51.05 66.28 -110.47
C ASP LB 479 52.45 65.70 -110.50
N THR LB 480 52.84 65.10 -111.62
CA THR LB 480 54.16 64.52 -111.81
C THR LB 480 54.88 65.26 -112.92
N VAL LB 481 56.22 65.24 -112.87
CA VAL LB 481 57.07 65.82 -113.91
C VAL LB 481 58.24 64.87 -114.14
N GLN LB 482 58.38 64.37 -115.36
CA GLN LB 482 59.52 63.56 -115.74
C GLN LB 482 60.28 64.24 -116.87
N SER LB 483 61.56 63.90 -117.00
CA SER LB 483 62.39 64.44 -118.07
C SER LB 483 63.62 63.57 -118.26
N ILE LB 484 64.33 63.84 -119.35
CA ILE LB 484 65.69 63.35 -119.58
C ILE LB 484 66.58 64.40 -118.92
N PRO LB 485 67.68 64.02 -118.24
CA PRO LB 485 68.43 65.00 -117.44
C PRO LB 485 69.05 66.16 -118.20
N PHE LB 486 69.66 65.92 -119.37
CA PHE LB 486 70.28 67.01 -120.11
C PHE LB 486 69.47 67.45 -121.32
N LEU LB 487 68.85 66.51 -122.03
CA LEU LB 487 68.11 66.85 -123.24
C LEU LB 487 66.79 67.54 -122.95
N GLY LB 488 66.31 67.47 -121.71
CA GLY LB 488 65.04 68.11 -121.37
C GLY LB 488 65.09 69.60 -121.14
N LYS LB 489 66.28 70.20 -121.23
CA LYS LB 489 66.43 71.63 -121.03
C LYS LB 489 66.84 72.37 -122.30
N LEU LB 490 66.74 71.72 -123.46
CA LEU LB 490 67.02 72.38 -124.72
C LEU LB 490 65.90 73.37 -125.05
N PRO LB 491 66.22 74.49 -125.75
CA PRO LB 491 65.21 75.53 -125.99
C PRO LB 491 64.02 75.11 -126.85
N LEU LB 492 64.28 74.59 -128.05
CA LEU LB 492 63.20 74.23 -128.98
C LEU LB 492 63.13 72.75 -129.26
N ILE LB 493 64.14 71.97 -128.87
CA ILE LB 493 64.10 70.52 -129.04
C ILE LB 493 63.70 69.81 -127.75
N GLY LB 494 63.86 70.44 -126.59
CA GLY LB 494 63.65 69.80 -125.30
C GLY LB 494 62.21 69.48 -124.95
N SER LB 495 61.24 69.88 -125.79
CA SER LB 495 59.86 69.52 -125.53
C SER LB 495 59.57 68.06 -125.87
N LEU LB 496 60.43 67.42 -126.65
CA LEU LB 496 60.23 66.03 -127.04
C LEU LB 496 60.70 65.04 -125.99
N PHE LB 497 61.20 65.51 -124.84
CA PHE LB 497 61.73 64.64 -123.82
C PHE LB 497 61.08 64.80 -122.45
N ARG LB 498 60.39 65.91 -122.20
CA ARG LB 498 59.74 66.12 -120.91
C ARG LB 498 58.40 65.38 -120.88
N TYR LB 499 57.78 65.39 -119.70
CA TYR LB 499 56.48 64.79 -119.48
C TYR LB 499 55.88 65.42 -118.23
N SER LB 500 54.57 65.63 -118.24
CA SER LB 500 53.91 66.27 -117.12
C SER LB 500 52.43 65.90 -117.10
N SER LB 501 51.94 65.53 -115.92
CA SER LB 501 50.54 65.17 -115.76
C SER LB 501 49.95 65.95 -114.60
N LYS LB 502 48.61 65.98 -114.56
CA LYS LB 502 47.87 66.63 -113.49
C LYS LB 502 46.62 65.82 -113.21
N ASN LB 503 45.98 66.12 -112.08
CA ASN LB 503 44.73 65.47 -111.68
C ASN LB 503 44.06 66.32 -110.61
N LYS LB 504 42.74 66.26 -110.54
CA LYS LB 504 41.96 67.01 -109.55
C LYS LB 504 40.57 66.40 -109.47
N SER LB 505 40.03 66.31 -108.26
CA SER LB 505 38.68 65.79 -108.08
C SER LB 505 38.06 66.41 -106.84
N ASN LB 506 36.73 66.52 -106.86
CA ASN LB 506 35.97 67.06 -105.72
C ASN LB 506 34.64 66.33 -105.64
N VAL LB 507 34.48 65.51 -104.60
CA VAL LB 507 33.29 64.68 -104.42
C VAL LB 507 32.55 65.16 -103.19
N VAL LB 508 31.22 65.21 -103.27
CA VAL LB 508 30.36 65.59 -102.15
C VAL LB 508 29.15 64.66 -102.13
N ARG LB 509 28.93 63.98 -101.01
CA ARG LB 509 27.71 63.21 -100.77
C ARG LB 509 27.12 63.65 -99.44
N VAL LB 510 25.78 63.82 -99.40
CA VAL LB 510 25.09 64.17 -98.17
C VAL LB 510 23.79 63.38 -98.07
N PHE LB 511 23.29 63.26 -96.85
CA PHE LB 511 22.03 62.59 -96.55
C PHE LB 511 21.20 63.53 -95.69
N MET LB 512 19.98 63.83 -96.12
CA MET LB 512 19.12 64.76 -95.40
C MET LB 512 17.76 64.14 -95.14
N ILE LB 513 17.14 64.53 -94.03
CA ILE LB 513 15.89 63.97 -93.55
C ILE LB 513 14.89 65.09 -93.39
N GLU LB 514 13.68 64.91 -93.89
CA GLU LB 514 12.63 65.94 -93.81
C GLU LB 514 11.29 65.27 -93.56
N PRO LB 515 10.87 65.13 -92.30
CA PRO LB 515 9.58 64.51 -92.00
C PRO LB 515 8.46 65.54 -91.89
N LYS LB 516 7.24 65.07 -92.13
CA LYS LB 516 6.06 65.90 -91.98
C LYS LB 516 4.86 65.02 -91.66
N GLU LB 517 3.78 65.66 -91.22
CA GLU LB 517 2.60 64.96 -90.74
C GLU LB 517 1.47 65.06 -91.76
N ILE LB 518 0.82 63.93 -92.03
CA ILE LB 518 -0.22 63.82 -93.03
C ILE LB 518 -1.57 63.79 -92.32
N VAL LB 519 -2.44 64.73 -92.66
CA VAL LB 519 -3.78 64.77 -92.08
C VAL LB 519 -4.89 64.68 -93.14
N ASP LB 520 -4.60 64.95 -94.40
CA ASP LB 520 -5.60 64.98 -95.46
C ASP LB 520 -5.24 63.99 -96.56
N PRO LB 521 -6.24 63.45 -97.27
CA PRO LB 521 -5.95 62.57 -98.41
C PRO LB 521 -5.51 63.40 -99.62
N LEU LB 522 -5.25 62.69 -100.72
CA LEU LB 522 -4.74 63.33 -101.92
C LEU LB 522 -5.81 64.16 -102.60
N THR LB 523 -5.41 65.30 -103.16
CA THR LB 523 -6.31 66.14 -103.96
C THR LB 523 -5.55 66.63 -105.19
N PRO LB 524 -6.04 66.35 -106.41
CA PRO LB 524 -7.18 65.51 -106.80
C PRO LB 524 -6.92 64.03 -106.60
N ASP LB 525 -7.92 63.19 -106.87
CA ASP LB 525 -7.87 61.78 -106.49
C ASP LB 525 -6.82 61.03 -107.31
N ALA LB 526 -6.47 59.84 -106.83
CA ALA LB 526 -5.47 59.02 -107.50
C ALA LB 526 -5.97 58.48 -108.83
N SER LB 527 -7.28 58.28 -108.95
CA SER LB 527 -7.85 57.82 -110.21
C SER LB 527 -8.11 58.96 -111.18
N GLU LB 528 -7.94 60.21 -110.74
CA GLU LB 528 -8.11 61.35 -111.62
C GLU LB 528 -6.79 61.84 -112.20
N SER LB 529 -5.70 61.70 -111.46
CA SER LB 529 -4.39 62.08 -111.99
C SER LB 529 -3.84 61.04 -112.96
N VAL LB 530 -4.32 59.80 -112.87
CA VAL LB 530 -3.86 58.76 -113.77
C VAL LB 530 -4.54 58.88 -115.13
N ASN LB 531 -5.82 59.27 -115.14
CA ASN LB 531 -6.54 59.46 -116.39
C ASN LB 531 -6.04 60.66 -117.20
N ASN LB 532 -5.32 61.59 -116.56
CA ASN LB 532 -4.68 62.65 -117.31
C ASN LB 532 -3.30 62.26 -117.82
N ILE LB 533 -2.67 61.27 -117.20
CA ILE LB 533 -1.38 60.78 -117.69
C ILE LB 533 -1.60 59.92 -118.93
N LEU LB 534 -2.62 59.05 -118.90
CA LEU LB 534 -2.88 58.15 -120.02
C LEU LB 534 -3.39 58.89 -121.24
N LYS LB 535 -4.11 60.00 -121.05
CA LYS LB 535 -4.60 60.77 -122.19
C LYS LB 535 -3.49 61.61 -122.81
N GLN LB 536 -2.54 62.08 -122.02
CA GLN LB 536 -1.47 62.92 -122.57
C GLN LB 536 -0.40 62.08 -123.26
N SER LB 537 -0.01 60.97 -122.65
CA SER LB 537 1.03 60.13 -123.26
C SER LB 537 0.51 59.28 -124.40
N GLY LB 538 -0.80 59.14 -124.54
CA GLY LB 538 -1.37 58.38 -125.63
C GLY LB 538 -1.57 56.90 -125.37
N ALA LB 539 -1.44 56.46 -124.11
CA ALA LB 539 -1.63 55.06 -123.76
C ALA LB 539 -3.05 54.75 -123.30
N TRP LB 540 -3.98 55.69 -123.44
CA TRP LB 540 -5.33 55.52 -122.93
C TRP LB 540 -6.14 54.63 -123.85
N SER LB 541 -6.85 53.67 -123.26
CA SER LB 541 -7.70 52.75 -124.01
C SER LB 541 -9.03 52.55 -123.30
N GLY LB 542 -9.61 53.63 -122.79
CA GLY LB 542 -10.95 53.55 -122.23
C GLY LB 542 -12.06 53.75 -123.23
N ASP LB 543 -11.70 54.08 -124.47
CA ASP LB 543 -12.66 54.28 -125.55
C ASP LB 543 -12.75 53.07 -126.48
N ASP LB 544 -12.14 51.95 -126.10
CA ASP LB 544 -12.13 50.77 -126.96
C ASP LB 544 -13.51 50.12 -127.00
N LYS LB 545 -13.86 49.57 -128.16
CA LYS LB 545 -15.17 48.95 -128.31
C LYS LB 545 -15.23 47.59 -127.64
N LEU LB 546 -14.11 46.88 -127.58
CA LEU LB 546 -14.07 45.53 -127.05
C LEU LB 546 -13.72 45.45 -125.57
N GLN LB 547 -12.85 46.34 -125.09
CA GLN LB 547 -12.41 46.28 -123.71
C GLN LB 547 -13.29 47.09 -122.75
N LYS LB 548 -14.27 47.83 -123.26
CA LYS LB 548 -15.14 48.60 -122.38
C LYS LB 548 -16.20 47.75 -121.70
N TRP LB 549 -16.40 46.50 -122.13
CA TRP LB 549 -17.38 45.64 -121.48
C TRP LB 549 -16.89 45.12 -120.14
N VAL LB 550 -15.58 45.09 -119.92
CA VAL LB 550 -15.00 44.60 -118.69
C VAL LB 550 -14.38 45.73 -117.86
N ARG LB 551 -13.74 46.72 -118.49
CA ARG LB 551 -13.20 47.88 -117.80
C ARG LB 551 -14.26 48.80 -117.20
N VAL LB 552 -15.55 48.54 -117.45
CA VAL LB 552 -16.60 49.33 -116.82
C VAL LB 552 -16.84 48.88 -115.39
N TYR LB 553 -16.34 47.71 -115.00
CA TYR LB 553 -16.44 47.28 -113.61
C TYR LB 553 -15.35 47.93 -112.76
N LEU LB 554 -14.14 48.04 -113.31
CA LEU LB 554 -13.00 48.54 -112.54
C LEU LB 554 -13.02 50.06 -112.41
N ASP LB 555 -13.50 50.75 -113.43
CA ASP LB 555 -13.55 52.22 -113.47
C ASP LB 555 -14.93 52.74 -113.08
N ARG LB 556 -15.55 52.08 -112.10
CA ARG LB 556 -16.90 52.43 -111.67
C ARG LB 556 -16.96 53.80 -111.01
N GLY LB 557 -15.90 54.19 -110.31
CA GLY LB 557 -15.86 55.50 -109.68
C GLY LB 557 -15.22 56.54 -110.55
N LYS MB 27 -76.65 2.78 -5.41
CA LYS MB 27 -75.76 3.27 -4.36
C LYS MB 27 -74.91 4.42 -4.89
N ILE MB 28 -75.11 4.76 -6.16
CA ILE MB 28 -74.33 5.80 -6.82
C ILE MB 28 -75.26 7.01 -6.99
N PRO MB 29 -74.76 8.24 -6.78
CA PRO MB 29 -75.63 9.43 -6.81
C PRO MB 29 -76.17 9.82 -8.17
N VAL MB 30 -76.72 11.04 -8.21
CA VAL MB 30 -77.68 11.63 -9.14
C VAL MB 30 -77.39 11.25 -10.59
N THR MB 31 -78.43 10.97 -11.37
CA THR MB 31 -78.35 10.10 -12.54
C THR MB 31 -77.79 10.84 -13.80
N GLY MB 32 -77.11 11.98 -13.60
CA GLY MB 32 -76.41 12.64 -14.68
C GLY MB 32 -75.11 11.94 -15.02
N SER MB 33 -74.19 12.71 -15.59
CA SER MB 33 -72.87 12.21 -15.95
C SER MB 33 -71.80 13.14 -15.40
N GLY MB 34 -70.76 12.57 -14.80
CA GLY MB 34 -69.68 13.38 -14.27
C GLY MB 34 -68.77 12.55 -13.40
N PHE MB 35 -67.61 13.15 -13.10
CA PHE MB 35 -66.60 12.51 -12.26
C PHE MB 35 -66.40 13.31 -10.99
N VAL MB 36 -66.57 12.66 -9.84
CA VAL MB 36 -66.40 13.30 -8.54
C VAL MB 36 -65.00 13.00 -8.03
N ALA MB 37 -64.20 14.03 -7.80
CA ALA MB 37 -62.80 13.90 -7.40
C ALA MB 37 -62.67 14.34 -5.95
N LYS MB 38 -62.39 13.40 -5.06
CA LYS MB 38 -62.14 13.67 -3.65
C LYS MB 38 -60.66 13.45 -3.39
N ASP MB 39 -59.86 14.49 -3.66
CA ASP MB 39 -58.41 14.54 -3.43
C ASP MB 39 -57.70 13.44 -4.24
N ASP MB 40 -57.75 13.62 -5.55
CA ASP MB 40 -56.92 12.85 -6.46
C ASP MB 40 -55.64 13.63 -6.74
N SER MB 41 -54.73 13.03 -7.50
CA SER MB 41 -53.38 13.58 -7.63
C SER MB 41 -52.97 13.73 -9.08
N LEU MB 42 -53.91 14.18 -9.93
CA LEU MB 42 -53.72 14.54 -11.33
C LEU MB 42 -53.25 13.41 -12.25
N ARG MB 43 -53.12 12.21 -11.73
CA ARG MB 43 -52.80 11.02 -12.50
CA ARG MB 43 -52.80 11.02 -12.51
C ARG MB 43 -53.96 10.04 -12.54
N THR MB 44 -54.66 9.90 -11.43
CA THR MB 44 -55.90 9.16 -11.39
C THR MB 44 -57.07 10.02 -11.84
N PHE MB 45 -56.84 11.32 -12.04
CA PHE MB 45 -57.87 12.22 -12.52
C PHE MB 45 -57.92 12.27 -14.05
N PHE MB 46 -56.77 12.36 -14.70
CA PHE MB 46 -56.75 12.45 -16.15
C PHE MB 46 -57.00 11.11 -16.83
N ASP MB 47 -56.81 10.00 -16.13
CA ASP MB 47 -57.21 8.73 -16.70
C ASP MB 47 -58.70 8.54 -16.69
N ALA MB 48 -59.43 9.24 -15.81
CA ALA MB 48 -60.87 9.22 -15.94
C ALA MB 48 -61.33 10.01 -17.15
N MET MB 49 -60.56 11.03 -17.56
CA MET MB 49 -60.85 11.76 -18.79
C MET MB 49 -60.29 11.10 -20.02
N ALA MB 50 -59.59 9.99 -19.84
CA ALA MB 50 -58.89 9.34 -20.95
C ALA MB 50 -59.78 8.41 -21.77
N LEU MB 51 -61.10 8.46 -21.60
CA LEU MB 51 -62.01 7.79 -22.50
C LEU MB 51 -62.85 8.78 -23.29
N GLN MB 52 -63.14 9.93 -22.69
CA GLN MB 52 -63.77 11.01 -23.46
C GLN MB 52 -62.77 11.58 -24.45
N LEU MB 53 -61.54 11.86 -24.01
CA LEU MB 53 -60.43 11.90 -24.94
C LEU MB 53 -60.19 10.48 -25.42
N LYS MB 54 -60.06 10.26 -26.72
CA LYS MB 54 -59.94 8.90 -27.22
C LYS MB 54 -58.50 8.42 -27.30
N GLU MB 55 -57.60 9.03 -26.54
CA GLU MB 55 -56.19 8.69 -26.50
C GLU MB 55 -55.77 8.46 -25.05
N PRO MB 56 -54.76 7.64 -24.81
CA PRO MB 56 -54.21 7.53 -23.45
C PRO MB 56 -53.46 8.79 -23.06
N VAL MB 57 -53.44 9.05 -21.75
CA VAL MB 57 -52.85 10.27 -21.18
C VAL MB 57 -51.64 9.88 -20.36
N ILE MB 58 -50.51 10.54 -20.62
CA ILE MB 58 -49.26 10.28 -19.92
C ILE MB 58 -48.91 11.51 -19.12
N VAL MB 59 -48.95 11.39 -17.79
CA VAL MB 59 -48.66 12.49 -16.88
C VAL MB 59 -47.27 12.27 -16.30
N SER MB 60 -46.48 13.35 -16.24
CA SER MB 60 -45.10 13.26 -15.79
C SER MB 60 -45.03 13.06 -14.29
N LYS MB 61 -43.80 12.89 -13.79
CA LYS MB 61 -43.62 12.63 -12.36
C LYS MB 61 -43.70 13.91 -11.54
N MET MB 62 -43.28 15.03 -12.10
CA MET MB 62 -43.31 16.30 -11.38
C MET MB 62 -44.69 16.93 -11.38
N ALA MB 63 -45.51 16.62 -12.39
CA ALA MB 63 -46.86 17.13 -12.49
C ALA MB 63 -47.89 16.21 -11.89
N ALA MB 64 -47.45 15.20 -11.13
CA ALA MB 64 -48.36 14.31 -10.42
C ALA MB 64 -48.38 14.59 -8.92
N ARG MB 65 -47.72 15.65 -8.48
CA ARG MB 65 -47.75 16.02 -7.08
C ARG MB 65 -48.83 17.05 -6.76
N LYS MB 66 -49.43 17.67 -7.77
CA LYS MB 66 -50.52 18.58 -7.50
C LYS MB 66 -51.80 17.78 -7.31
N LYS MB 67 -52.79 18.40 -6.66
CA LYS MB 67 -54.02 17.70 -6.33
C LYS MB 67 -55.21 18.54 -6.78
N ILE MB 68 -56.35 17.87 -6.97
CA ILE MB 68 -57.56 18.54 -7.42
C ILE MB 68 -58.75 17.91 -6.70
N THR MB 69 -59.79 18.70 -6.49
CA THR MB 69 -60.98 18.23 -5.77
C THR MB 69 -62.20 18.97 -6.28
N GLY MB 70 -63.23 18.23 -6.68
CA GLY MB 70 -64.45 18.84 -7.12
C GLY MB 70 -65.28 17.90 -7.96
N ASN MB 71 -66.39 18.44 -8.46
CA ASN MB 71 -67.33 17.70 -9.32
C ASN MB 71 -67.16 18.19 -10.75
N PHE MB 72 -66.68 17.33 -11.64
CA PHE MB 72 -66.37 17.73 -13.00
C PHE MB 72 -67.29 17.03 -14.00
N GLU MB 73 -67.31 17.55 -15.22
CA GLU MB 73 -68.26 17.10 -16.23
C GLU MB 73 -67.64 17.29 -17.61
N PHE MB 74 -67.31 16.17 -18.27
CA PHE MB 74 -66.69 16.17 -19.58
C PHE MB 74 -67.75 15.97 -20.66
N HIS MB 75 -67.99 16.98 -21.48
CA HIS MB 75 -68.80 16.79 -22.67
C HIS MB 75 -68.13 17.27 -23.94
N ASP MB 76 -67.14 18.16 -23.85
CA ASP MB 76 -66.11 18.28 -24.88
C ASP MB 76 -64.82 18.53 -24.13
N PRO MB 77 -63.93 17.56 -24.07
CA PRO MB 77 -62.81 17.62 -23.13
C PRO MB 77 -61.61 18.41 -23.62
N ASN MB 78 -61.51 18.70 -24.91
CA ASN MB 78 -60.36 19.43 -25.42
C ASN MB 78 -60.40 20.91 -25.05
N ALA MB 79 -61.55 21.45 -24.69
CA ALA MB 79 -61.60 22.80 -24.14
C ALA MB 79 -61.44 22.80 -22.63
N LEU MB 80 -61.84 21.73 -21.97
CA LEU MB 80 -61.66 21.63 -20.53
C LEU MB 80 -60.18 21.42 -20.20
N LEU MB 81 -59.48 20.66 -21.03
CA LEU MB 81 -58.06 20.45 -20.81
C LEU MB 81 -57.28 21.72 -21.11
N GLU MB 82 -57.77 22.51 -22.06
CA GLU MB 82 -57.13 23.78 -22.38
C GLU MB 82 -57.33 24.77 -21.25
N LYS MB 83 -58.46 24.70 -20.55
CA LYS MB 83 -58.69 25.66 -19.49
C LYS MB 83 -57.95 25.24 -18.22
N LEU MB 84 -57.91 23.94 -17.94
CA LEU MB 84 -57.22 23.51 -16.74
C LEU MB 84 -55.70 23.56 -16.89
N SER MB 85 -55.17 23.51 -18.12
CA SER MB 85 -53.73 23.60 -18.27
C SER MB 85 -53.24 25.01 -18.02
N LEU MB 86 -54.12 26.00 -18.09
CA LEU MB 86 -53.75 27.36 -17.77
C LEU MB 86 -54.06 27.69 -16.32
N GLN MB 87 -55.14 27.13 -15.76
CA GLN MB 87 -55.44 27.45 -14.36
C GLN MB 87 -54.54 26.73 -13.37
N LEU MB 88 -54.17 25.48 -13.65
CA LEU MB 88 -53.28 24.78 -12.74
C LEU MB 88 -51.82 25.07 -13.01
N GLY MB 89 -51.47 25.28 -14.27
CA GLY MB 89 -50.11 25.54 -14.67
C GLY MB 89 -49.53 24.25 -15.19
N LEU MB 90 -49.63 24.08 -16.52
CA LEU MB 90 -49.34 22.82 -17.19
C LEU MB 90 -49.12 23.13 -18.65
N ILE MB 91 -48.41 22.24 -19.33
CA ILE MB 91 -48.28 22.26 -20.77
C ILE MB 91 -48.55 20.85 -21.27
N TRP MB 92 -49.06 20.75 -22.49
CA TRP MB 92 -49.45 19.44 -22.98
C TRP MB 92 -49.22 19.35 -24.48
N TYR MB 93 -49.12 18.12 -24.96
CA TYR MB 93 -48.82 17.90 -26.37
C TYR MB 93 -49.43 16.60 -26.83
N PHE MB 94 -50.18 16.66 -27.93
CA PHE MB 94 -50.80 15.48 -28.51
C PHE MB 94 -50.05 15.13 -29.78
N ASP MB 95 -49.30 14.02 -29.74
CA ASP MB 95 -48.40 13.64 -30.82
C ASP MB 95 -49.03 12.68 -31.81
N GLY MB 96 -50.32 12.42 -31.69
CA GLY MB 96 -51.02 11.51 -32.59
C GLY MB 96 -51.41 10.19 -31.97
N GLN MB 97 -50.72 9.76 -30.90
CA GLN MB 97 -51.03 8.50 -30.26
C GLN MB 97 -51.24 8.59 -28.76
N ALA MB 98 -50.86 9.69 -28.11
CA ALA MB 98 -51.04 9.87 -26.68
C ALA MB 98 -51.07 11.36 -26.40
N ILE MB 99 -51.41 11.71 -25.16
CA ILE MB 99 -51.45 13.10 -24.73
C ILE MB 99 -50.48 13.24 -23.58
N TYR MB 100 -49.29 13.78 -23.86
CA TYR MB 100 -48.33 14.04 -22.81
C TYR MB 100 -48.68 15.30 -22.04
N ILE MB 101 -48.51 15.28 -20.73
CA ILE MB 101 -48.80 16.42 -19.86
C ILE MB 101 -47.62 16.65 -18.93
N TYR MB 102 -47.00 17.82 -19.02
CA TYR MB 102 -45.93 18.25 -18.14
C TYR MB 102 -46.39 19.49 -17.41
N ASP MB 103 -45.63 19.92 -16.41
CA ASP MB 103 -45.90 21.23 -15.84
C ASP MB 103 -45.03 22.28 -16.53
N ALA MB 104 -45.33 23.55 -16.24
CA ALA MB 104 -44.71 24.65 -16.96
C ALA MB 104 -43.25 24.85 -16.61
N SER MB 105 -42.77 24.26 -15.51
CA SER MB 105 -41.37 24.39 -15.14
C SER MB 105 -40.48 23.38 -15.84
N GLU MB 106 -41.04 22.56 -16.73
CA GLU MB 106 -40.25 21.61 -17.50
C GLU MB 106 -40.17 21.99 -18.97
N MET MB 107 -40.60 23.19 -19.33
CA MET MB 107 -40.53 23.62 -20.72
C MET MB 107 -39.10 23.92 -21.09
N ARG MB 108 -38.57 23.19 -22.06
CA ARG MB 108 -37.19 23.37 -22.50
C ARG MB 108 -37.18 23.93 -23.91
N ASN MB 109 -36.05 24.50 -24.29
CA ASN MB 109 -35.90 25.15 -25.59
C ASN MB 109 -34.52 24.86 -26.13
N ALA MB 110 -34.39 25.04 -27.45
CA ALA MB 110 -33.13 24.78 -28.11
C ALA MB 110 -33.07 25.57 -29.40
N VAL MB 111 -31.85 25.83 -29.85
CA VAL MB 111 -31.58 26.49 -31.12
C VAL MB 111 -30.79 25.51 -31.99
N VAL MB 112 -31.31 25.26 -33.19
CA VAL MB 112 -30.70 24.31 -34.11
C VAL MB 112 -30.62 24.95 -35.49
N SER MB 113 -29.48 24.75 -36.16
CA SER MB 113 -29.23 25.33 -37.47
C SER MB 113 -29.26 24.23 -38.51
N LEU MB 114 -30.03 24.44 -39.57
CA LEU MB 114 -30.16 23.48 -40.65
C LEU MB 114 -29.13 23.80 -41.73
N ARG MB 115 -28.42 22.78 -42.18
CA ARG MB 115 -27.35 23.00 -43.14
C ARG MB 115 -27.84 22.92 -44.58
N ASN MB 116 -28.55 21.83 -44.94
CA ASN MB 116 -28.86 21.56 -46.34
C ASN MB 116 -30.35 21.60 -46.66
N VAL MB 117 -31.21 22.14 -45.78
CA VAL MB 117 -32.63 22.23 -46.07
C VAL MB 117 -33.17 23.48 -45.36
N SER MB 118 -34.21 24.07 -45.94
CA SER MB 118 -34.76 25.31 -45.41
C SER MB 118 -35.84 25.08 -44.36
N LEU MB 119 -36.32 26.20 -43.81
CA LEU MB 119 -37.37 26.16 -42.81
C LEU MB 119 -38.72 25.87 -43.43
N ASN MB 120 -39.01 26.41 -44.61
CA ASN MB 120 -40.29 26.11 -45.24
C ASN MB 120 -40.31 24.67 -45.74
N GLU MB 121 -39.16 24.13 -46.10
CA GLU MB 121 -39.06 22.73 -46.47
C GLU MB 121 -38.98 21.82 -45.27
N PHE MB 122 -38.95 22.36 -44.06
CA PHE MB 122 -39.10 21.53 -42.88
C PHE MB 122 -40.51 21.65 -42.30
N ASN MB 123 -41.12 22.82 -42.47
CA ASN MB 123 -42.52 22.99 -42.08
C ASN MB 123 -43.45 22.23 -42.99
N ASN MB 124 -43.05 21.95 -44.24
CA ASN MB 124 -43.91 21.09 -45.05
C ASN MB 124 -43.83 19.65 -44.59
N PHE MB 125 -42.68 19.26 -44.02
CA PHE MB 125 -42.58 17.93 -43.41
C PHE MB 125 -43.40 17.84 -42.14
N LEU MB 126 -43.51 18.94 -41.41
CA LEU MB 126 -44.29 18.88 -40.18
C LEU MB 126 -45.79 18.94 -40.47
N LYS MB 127 -46.17 19.60 -41.56
CA LYS MB 127 -47.59 19.68 -41.88
C LYS MB 127 -48.04 18.37 -42.49
N ARG MB 128 -47.21 17.77 -43.35
CA ARG MB 128 -47.62 16.53 -43.97
C ARG MB 128 -47.55 15.37 -42.99
N SER MB 129 -46.71 15.47 -41.95
CA SER MB 129 -46.63 14.38 -41.00
C SER MB 129 -47.59 14.54 -39.84
N GLY MB 130 -48.22 15.70 -39.69
CA GLY MB 130 -49.17 15.86 -38.60
C GLY MB 130 -48.59 16.07 -37.23
N LEU MB 131 -47.31 16.43 -37.14
CA LEU MB 131 -46.67 16.75 -35.88
C LEU MB 131 -46.58 18.25 -35.67
N TYR MB 132 -47.18 19.03 -36.55
CA TYR MB 132 -47.16 20.48 -36.44
C TYR MB 132 -48.11 20.93 -35.34
N ASN MB 133 -47.64 21.85 -34.50
CA ASN MB 133 -48.41 22.34 -33.36
C ASN MB 133 -48.43 23.85 -33.41
N LYS MB 134 -49.62 24.44 -33.52
CA LYS MB 134 -49.75 25.88 -33.67
C LYS MB 134 -49.51 26.64 -32.38
N ASN MB 135 -49.53 25.96 -31.23
CA ASN MB 135 -49.29 26.64 -29.97
C ASN MB 135 -47.81 26.96 -29.79
N TYR MB 136 -46.95 26.06 -30.25
CA TYR MB 136 -45.50 26.23 -30.17
C TYR MB 136 -44.93 26.08 -31.57
N PRO MB 137 -44.97 27.13 -32.38
CA PRO MB 137 -44.43 27.05 -33.74
C PRO MB 137 -42.93 27.27 -33.72
N LEU MB 138 -42.35 27.26 -34.91
CA LEU MB 138 -40.92 27.48 -35.08
C LEU MB 138 -40.71 28.95 -35.40
N ARG MB 139 -39.86 29.61 -34.61
CA ARG MB 139 -39.56 31.02 -34.79
C ARG MB 139 -38.25 31.16 -35.54
N GLY MB 140 -38.28 31.87 -36.66
CA GLY MB 140 -37.08 32.07 -37.44
C GLY MB 140 -37.42 32.74 -38.74
N ASP MB 141 -36.36 33.13 -39.46
CA ASP MB 141 -36.53 33.69 -40.78
C ASP MB 141 -37.03 32.60 -41.74
N ASN MB 142 -37.81 33.03 -42.74
CA ASN MB 142 -38.67 32.10 -43.45
C ASN MB 142 -37.87 31.18 -44.38
N ARG MB 143 -36.80 31.69 -45.01
CA ARG MB 143 -35.94 30.84 -45.81
C ARG MB 143 -34.48 31.02 -45.34
N LYS MB 144 -34.15 30.32 -44.27
CA LYS MB 144 -32.81 30.34 -43.70
C LYS MB 144 -32.54 28.95 -43.11
N GLY MB 145 -31.53 28.84 -42.27
CA GLY MB 145 -31.17 27.57 -41.70
C GLY MB 145 -31.34 27.51 -40.20
N THR MB 146 -31.32 28.65 -39.55
CA THR MB 146 -31.41 28.69 -38.09
C THR MB 146 -32.81 29.11 -37.66
N PHE MB 147 -33.30 28.46 -36.61
CA PHE MB 147 -34.59 28.81 -36.03
C PHE MB 147 -34.54 28.48 -34.54
N TYR MB 148 -35.69 28.55 -33.88
CA TYR MB 148 -35.75 28.45 -32.42
C TYR MB 148 -37.00 27.70 -32.02
N VAL MB 149 -36.85 26.61 -31.26
CA VAL MB 149 -37.96 25.80 -30.80
C VAL MB 149 -38.07 25.90 -29.29
N SER MB 150 -39.30 25.73 -28.78
CA SER MB 150 -39.54 25.67 -27.35
C SER MB 150 -40.87 24.98 -27.12
N GLY MB 151 -40.94 24.19 -26.05
CA GLY MB 151 -42.15 23.48 -25.70
C GLY MB 151 -41.88 22.34 -24.75
N PRO MB 152 -42.74 21.33 -24.79
CA PRO MB 152 -42.53 20.14 -23.97
C PRO MB 152 -41.32 19.35 -24.44
N PRO MB 153 -40.71 18.55 -23.55
CA PRO MB 153 -39.47 17.85 -23.93
C PRO MB 153 -39.65 16.76 -24.97
N VAL MB 154 -40.88 16.28 -25.18
CA VAL MB 154 -41.09 15.31 -26.24
C VAL MB 154 -41.26 16.02 -27.58
N TYR MB 155 -41.59 17.29 -27.57
CA TYR MB 155 -41.69 18.01 -28.82
C TYR MB 155 -40.31 18.53 -29.22
N VAL MB 156 -39.51 18.93 -28.22
CA VAL MB 156 -38.18 19.45 -28.54
C VAL MB 156 -37.24 18.31 -28.93
N ASP MB 157 -37.34 17.15 -28.26
CA ASP MB 157 -36.47 16.05 -28.63
C ASP MB 157 -36.87 15.40 -29.94
N MET MB 158 -38.07 15.68 -30.44
CA MET MB 158 -38.44 15.19 -31.75
C MET MB 158 -38.00 16.15 -32.85
N VAL MB 159 -38.19 17.45 -32.64
CA VAL MB 159 -37.82 18.41 -33.68
C VAL MB 159 -36.31 18.53 -33.83
N VAL MB 160 -35.55 18.38 -32.74
CA VAL MB 160 -34.09 18.44 -32.84
C VAL MB 160 -33.55 17.23 -33.60
N ASN MB 161 -34.04 16.03 -33.26
CA ASN MB 161 -33.50 14.84 -33.89
C ASN MB 161 -34.03 14.67 -35.31
N ALA MB 162 -35.20 15.22 -35.61
CA ALA MB 162 -35.74 15.10 -36.95
C ALA MB 162 -35.22 16.18 -37.85
N ALA MB 163 -34.59 17.22 -37.30
CA ALA MB 163 -33.96 18.20 -38.16
C ALA MB 163 -32.48 17.91 -38.32
N THR MB 164 -31.84 17.29 -37.33
CA THR MB 164 -30.46 16.83 -37.50
C THR MB 164 -30.39 15.66 -38.47
N MET MB 165 -31.31 14.69 -38.36
CA MET MB 165 -31.31 13.53 -39.23
C MET MB 165 -31.83 13.79 -40.64
N MET MB 166 -32.29 15.00 -40.94
CA MET MB 166 -32.72 15.31 -42.30
C MET MB 166 -31.62 15.94 -43.13
N ASP MB 167 -30.70 16.67 -42.49
CA ASP MB 167 -29.56 17.20 -43.20
C ASP MB 167 -28.59 16.09 -43.61
N LYS MB 168 -28.43 15.08 -42.76
CA LYS MB 168 -27.61 13.95 -43.18
C LYS MB 168 -28.32 13.08 -44.21
N GLN MB 169 -29.63 13.23 -44.36
CA GLN MB 169 -30.33 12.56 -45.45
C GLN MB 169 -30.10 13.28 -46.77
N ASN MB 170 -30.30 14.59 -46.79
CA ASN MB 170 -30.13 15.36 -48.03
C ASN MB 170 -28.65 15.60 -48.33
N LEU MB 175 -27.60 17.90 -57.86
CA LEU MB 175 -26.69 17.64 -58.97
C LEU MB 175 -27.29 18.13 -60.29
N GLY MB 176 -26.44 18.26 -61.30
CA GLY MB 176 -26.89 18.71 -62.60
C GLY MB 176 -26.68 17.68 -63.69
N ARG MB 177 -27.72 17.40 -64.46
CA ARG MB 177 -27.61 16.46 -65.57
C ARG MB 177 -26.85 17.08 -66.73
N GLN MB 178 -26.09 16.25 -67.43
CA GLN MB 178 -25.38 16.71 -68.62
C GLN MB 178 -26.37 16.90 -69.77
N LYS MB 179 -25.95 17.71 -70.75
CA LYS MB 179 -26.81 18.08 -71.86
C LYS MB 179 -25.93 18.48 -73.04
N ILE MB 180 -26.29 18.02 -74.23
CA ILE MB 180 -25.54 18.31 -75.44
C ILE MB 180 -26.36 19.29 -76.28
N GLY MB 181 -25.76 20.41 -76.62
CA GLY MB 181 -26.40 21.43 -77.44
C GLY MB 181 -25.69 21.56 -78.78
N VAL MB 182 -26.47 21.81 -79.82
CA VAL MB 182 -25.97 21.99 -81.18
C VAL MB 182 -26.29 23.42 -81.61
N MET MB 183 -25.27 24.18 -81.95
CA MET MB 183 -25.41 25.60 -82.28
C MET MB 183 -24.90 25.82 -83.70
N ARG MB 184 -25.83 26.06 -84.63
CA ARG MB 184 -25.45 26.30 -86.02
C ARG MB 184 -25.01 27.74 -86.19
N LEU MB 185 -23.92 27.94 -86.93
CA LEU MB 185 -23.38 29.26 -87.20
C LEU MB 185 -23.80 29.70 -88.60
N ASN MB 186 -24.36 30.90 -88.70
CA ASN MB 186 -24.91 31.37 -89.96
C ASN MB 186 -24.00 32.34 -90.69
N ASN MB 187 -23.06 33.00 -90.01
CA ASN MB 187 -22.29 34.07 -90.63
C ASN MB 187 -20.79 33.88 -90.49
N THR MB 188 -20.32 32.67 -90.18
CA THR MB 188 -18.89 32.41 -90.06
C THR MB 188 -18.61 30.95 -90.32
N PHE MB 189 -17.33 30.60 -90.30
CA PHE MB 189 -16.86 29.24 -90.55
C PHE MB 189 -16.24 28.66 -89.30
N VAL MB 190 -16.56 27.40 -89.01
CA VAL MB 190 -15.80 26.61 -88.05
C VAL MB 190 -14.58 26.07 -88.76
N GLY MB 191 -13.49 25.91 -88.03
CA GLY MB 191 -12.28 25.35 -88.59
C GLY MB 191 -11.35 26.41 -89.13
N ASP MB 192 -10.10 26.00 -89.31
CA ASP MB 192 -9.03 26.91 -89.65
C ASP MB 192 -8.97 27.15 -91.15
N ARG MB 193 -8.42 28.31 -91.53
CA ARG MB 193 -8.20 28.68 -92.91
C ARG MB 193 -6.70 28.73 -93.18
N THR MB 194 -6.29 28.23 -94.34
CA THR MB 194 -4.89 28.11 -94.69
C THR MB 194 -4.61 28.75 -96.04
N TYR MB 195 -3.50 29.47 -96.14
CA TYR MB 195 -3.04 30.04 -97.40
C TYR MB 195 -1.51 30.03 -97.39
N ASN MB 196 -0.91 30.44 -98.50
CA ASN MB 196 0.54 30.37 -98.68
C ASN MB 196 1.09 31.68 -99.20
N LEU MB 197 2.32 32.01 -98.78
CA LEU MB 197 3.10 33.10 -99.41
C LEU MB 197 4.37 32.46 -99.96
N ARG MB 198 4.22 31.79 -101.10
CA ARG MB 198 5.26 31.30 -102.01
C ARG MB 198 6.17 30.20 -101.47
N ASP MB 199 6.28 30.04 -100.14
CA ASP MB 199 6.94 28.88 -99.58
C ASP MB 199 6.33 28.43 -98.26
N GLN MB 200 5.71 29.36 -97.54
CA GLN MB 200 5.35 29.15 -96.14
C GLN MB 200 3.84 29.15 -95.98
N LYS MB 201 3.36 28.39 -95.01
CA LYS MB 201 1.94 28.20 -94.77
C LYS MB 201 1.53 29.01 -93.55
N MET MB 202 0.42 29.74 -93.67
CA MET MB 202 -0.16 30.48 -92.56
C MET MB 202 -1.50 29.86 -92.19
N VAL MB 203 -1.72 29.67 -90.89
CA VAL MB 203 -2.93 29.05 -90.38
C VAL MB 203 -3.60 30.03 -89.42
N ILE MB 204 -4.87 30.32 -89.66
CA ILE MB 204 -5.65 31.24 -88.85
C ILE MB 204 -6.62 30.41 -88.01
N PRO MB 205 -6.64 30.58 -86.69
CA PRO MB 205 -7.55 29.78 -85.86
C PRO MB 205 -8.99 30.25 -85.99
N GLY MB 206 -9.90 29.29 -86.06
CA GLY MB 206 -11.30 29.56 -86.23
C GLY MB 206 -12.01 29.83 -84.91
N ILE MB 207 -13.33 29.67 -84.93
CA ILE MB 207 -14.11 29.89 -83.73
C ILE MB 207 -14.05 28.70 -82.79
N ALA MB 208 -13.72 27.51 -83.28
CA ALA MB 208 -13.73 26.34 -82.43
C ALA MB 208 -12.39 26.13 -81.72
N THR MB 209 -11.35 26.85 -82.13
CA THR MB 209 -10.07 26.80 -81.45
C THR MB 209 -9.95 27.95 -80.45
N ALA MB 210 -10.67 29.04 -80.66
CA ALA MB 210 -10.60 30.17 -79.75
C ALA MB 210 -11.36 29.91 -78.45
N ILE MB 211 -12.54 29.29 -78.55
CA ILE MB 211 -13.30 29.00 -77.33
C ILE MB 211 -12.74 27.76 -76.63
N GLU MB 212 -12.06 26.88 -77.36
CA GLU MB 212 -11.46 25.70 -76.73
C GLU MB 212 -10.26 26.08 -75.88
N ARG MB 213 -9.49 27.08 -76.32
CA ARG MB 213 -8.38 27.57 -75.50
C ARG MB 213 -8.85 28.48 -74.38
N LEU MB 214 -10.06 29.02 -74.46
CA LEU MB 214 -10.56 29.86 -73.39
C LEU MB 214 -10.99 29.03 -72.20
N LEU MB 215 -11.49 27.82 -72.44
CA LEU MB 215 -11.99 26.93 -71.39
C LEU MB 215 -10.99 25.84 -71.05
N GLN MB 216 -9.70 26.08 -71.33
CA GLN MB 216 -8.67 25.09 -71.09
C GLN MB 216 -8.15 25.21 -69.67
N GLY MB 217 -7.93 24.08 -69.01
CA GLY MB 217 -7.62 24.07 -67.60
C GLY MB 217 -8.84 24.49 -66.81
N GLU MB 218 -8.78 25.70 -66.23
CA GLU MB 218 -9.95 26.47 -65.79
C GLU MB 218 -10.77 25.75 -64.72
N GLU MB 219 -10.15 25.57 -63.55
CA GLU MB 219 -10.88 25.06 -62.39
C GLU MB 219 -11.68 26.19 -61.75
N GLN MB 220 -12.76 26.60 -62.41
CA GLN MB 220 -13.51 27.78 -62.01
C GLN MB 220 -15.00 27.50 -61.95
N PRO MB 221 -15.70 28.02 -60.93
CA PRO MB 221 -17.13 27.69 -60.78
C PRO MB 221 -18.04 28.42 -61.77
N LEU MB 222 -18.10 27.92 -63.00
CA LEU MB 222 -18.95 28.54 -64.00
C LEU MB 222 -20.38 28.03 -63.87
N GLY MB 223 -21.32 28.97 -63.89
CA GLY MB 223 -22.74 28.65 -63.85
C GLY MB 223 -23.55 29.51 -64.79
N ALA MB 262 -21.23 22.83 -62.20
CA ALA MB 262 -19.94 22.23 -61.90
C ALA MB 262 -18.81 23.24 -62.10
N ALA MB 263 -17.74 22.82 -62.78
CA ALA MB 263 -16.58 23.66 -63.02
C ALA MB 263 -16.58 24.16 -64.46
N ALA MB 264 -15.63 25.05 -64.76
CA ALA MB 264 -15.49 25.53 -66.13
C ALA MB 264 -14.56 24.63 -66.93
N GLY MB 265 -13.90 23.69 -66.28
CA GLY MB 265 -12.92 22.83 -66.91
C GLY MB 265 -13.45 21.53 -67.47
N ASN MB 266 -14.72 21.20 -67.24
CA ASN MB 266 -15.29 19.99 -67.77
C ASN MB 266 -16.23 20.23 -68.94
N ILE MB 267 -16.19 21.42 -69.56
CA ILE MB 267 -16.95 21.67 -70.76
C ILE MB 267 -16.16 21.22 -71.97
N LYS MB 268 -16.79 20.43 -72.83
CA LYS MB 268 -16.16 19.93 -74.05
C LYS MB 268 -16.78 20.63 -75.25
N ILE MB 269 -15.94 21.17 -76.13
CA ILE MB 269 -16.39 21.84 -77.34
C ILE MB 269 -15.69 21.19 -78.53
N VAL MB 270 -16.47 20.65 -79.46
CA VAL MB 270 -15.97 19.92 -80.60
C VAL MB 270 -16.62 20.47 -81.85
N ALA MB 271 -15.79 20.82 -82.84
CA ALA MB 271 -16.27 21.34 -84.12
C ALA MB 271 -16.84 20.21 -84.97
N TYR MB 272 -18.01 20.44 -85.53
CA TYR MB 272 -18.60 19.50 -86.48
C TYR MB 272 -18.77 20.20 -87.82
N PRO MB 273 -17.81 20.08 -88.74
CA PRO MB 273 -17.86 20.88 -89.97
C PRO MB 273 -18.86 20.40 -91.00
N ASP MB 274 -19.48 19.24 -90.79
CA ASP MB 274 -20.33 18.67 -91.84
C ASP MB 274 -21.67 19.40 -91.92
N THR MB 275 -22.08 20.07 -90.83
CA THR MB 275 -23.24 20.94 -90.86
C THR MB 275 -22.92 22.33 -90.34
N ASN MB 276 -21.64 22.66 -90.15
CA ASN MB 276 -21.15 23.98 -89.73
C ASN MB 276 -21.75 24.40 -88.39
N SER MB 277 -21.45 23.62 -87.36
CA SER MB 277 -22.05 23.83 -86.06
C SER MB 277 -21.12 23.33 -84.97
N LEU MB 278 -21.29 23.89 -83.77
CA LEU MB 278 -20.51 23.52 -82.61
C LEU MB 278 -21.29 22.50 -81.78
N LEU MB 279 -20.55 21.65 -81.07
CA LEU MB 279 -21.13 20.67 -80.16
C LEU MB 279 -20.58 20.95 -78.76
N VAL MB 280 -21.46 21.39 -77.86
CA VAL MB 280 -21.10 21.73 -76.50
C VAL MB 280 -21.74 20.71 -75.55
N LYS MB 281 -20.95 20.15 -74.65
CA LYS MB 281 -21.43 19.20 -73.66
C LYS MB 281 -21.16 19.75 -72.27
N GLY MB 282 -22.22 19.95 -71.51
CA GLY MB 282 -22.08 20.43 -70.15
C GLY MB 282 -23.41 20.36 -69.43
N THR MB 283 -23.52 21.10 -68.34
CA THR MB 283 -24.79 21.17 -67.62
C THR MB 283 -25.77 22.06 -68.38
N ALA MB 284 -26.99 22.17 -67.84
CA ALA MB 284 -28.00 22.98 -68.49
C ALA MB 284 -27.76 24.47 -68.35
N GLU MB 285 -26.86 24.88 -67.45
CA GLU MB 285 -26.53 26.28 -67.28
C GLU MB 285 -25.27 26.68 -68.03
N GLN MB 286 -24.36 25.73 -68.27
CA GLN MB 286 -23.16 26.03 -69.05
C GLN MB 286 -23.43 26.01 -70.54
N VAL MB 287 -24.41 25.22 -70.99
CA VAL MB 287 -24.77 25.19 -72.40
C VAL MB 287 -25.43 26.49 -72.81
N HIS MB 288 -26.32 27.03 -71.97
CA HIS MB 288 -26.89 28.34 -72.19
C HIS MB 288 -25.86 29.46 -72.06
N PHE MB 289 -24.76 29.22 -71.36
CA PHE MB 289 -23.75 30.25 -71.19
C PHE MB 289 -22.90 30.41 -72.44
N ILE MB 290 -22.65 29.31 -73.17
CA ILE MB 290 -21.87 29.39 -74.40
C ILE MB 290 -22.77 29.82 -75.56
N GLU MB 291 -24.06 29.52 -75.49
CA GLU MB 291 -24.98 29.91 -76.56
C GLU MB 291 -25.17 31.42 -76.63
N MET MB 292 -25.02 32.12 -75.50
CA MET MB 292 -25.11 33.58 -75.52
C MET MB 292 -23.80 34.22 -75.96
N LEU MB 293 -22.68 33.52 -75.85
CA LEU MB 293 -21.41 34.04 -76.35
C LEU MB 293 -21.31 33.89 -77.86
N VAL MB 294 -21.84 32.79 -78.39
CA VAL MB 294 -21.75 32.50 -79.82
C VAL MB 294 -22.57 33.49 -80.63
N LYS MB 295 -23.74 33.88 -80.12
CA LYS MB 295 -24.58 34.84 -80.83
C LYS MB 295 -24.02 36.27 -80.80
N ALA MB 296 -22.97 36.53 -80.03
CA ALA MB 296 -22.31 37.83 -80.06
C ALA MB 296 -21.08 37.83 -80.98
N LEU MB 297 -20.53 36.65 -81.27
CA LEU MB 297 -19.41 36.53 -82.19
C LEU MB 297 -19.85 36.20 -83.61
N ASP MB 298 -21.16 36.12 -83.86
CA ASP MB 298 -21.68 35.67 -85.15
C ASP MB 298 -22.41 36.85 -85.81
N VAL MB 299 -21.65 37.66 -86.54
CA VAL MB 299 -22.19 38.81 -87.23
C VAL MB 299 -21.79 38.75 -88.70
N ALA MB 300 -22.58 39.43 -89.53
CA ALA MB 300 -22.32 39.49 -90.97
C ALA MB 300 -21.25 40.51 -91.28
N LYS MB 301 -20.42 40.22 -92.26
CA LYS MB 301 -19.26 41.03 -92.61
C LYS MB 301 -19.55 41.89 -93.83
N ARG MB 302 -18.68 42.87 -94.04
CA ARG MB 302 -18.77 43.78 -95.18
C ARG MB 302 -17.59 43.56 -96.11
N HIS MB 303 -17.76 43.97 -97.36
CA HIS MB 303 -16.78 43.71 -98.40
C HIS MB 303 -15.94 44.94 -98.66
N VAL MB 304 -14.63 44.74 -98.84
CA VAL MB 304 -13.68 45.78 -99.17
C VAL MB 304 -13.01 45.40 -100.49
N GLU MB 305 -12.97 46.33 -101.43
CA GLU MB 305 -12.25 46.15 -102.68
C GLU MB 305 -11.06 47.10 -102.70
N LEU MB 306 -9.87 46.55 -102.80
CA LEU MB 306 -8.63 47.31 -102.72
C LEU MB 306 -8.02 47.46 -104.11
N SER MB 307 -7.76 48.70 -104.51
CA SER MB 307 -7.16 49.01 -105.80
C SER MB 307 -5.85 49.73 -105.59
N LEU MB 308 -4.78 49.22 -106.19
CA LEU MB 308 -3.44 49.76 -106.01
C LEU MB 308 -2.90 50.23 -107.36
N TRP MB 309 -2.42 51.46 -107.42
CA TRP MB 309 -1.88 52.04 -108.63
C TRP MB 309 -0.36 52.08 -108.56
N ILE MB 310 0.29 51.65 -109.64
CA ILE MB 310 1.75 51.70 -109.77
C ILE MB 310 2.06 52.46 -111.04
N VAL MB 311 2.47 53.73 -110.89
CA VAL MB 311 2.76 54.61 -112.02
C VAL MB 311 4.27 54.71 -112.17
N ASP MB 312 4.75 54.59 -113.40
CA ASP MB 312 6.18 54.56 -113.68
C ASP MB 312 6.44 55.37 -114.93
N LEU MB 313 7.23 56.44 -114.80
CA LEU MB 313 7.55 57.29 -115.93
C LEU MB 313 9.06 57.38 -116.10
N ASN MB 314 9.48 57.64 -117.34
CA ASN MB 314 10.89 57.80 -117.67
C ASN MB 314 11.04 58.91 -118.69
N LYS MB 315 12.28 59.33 -118.87
CA LYS MB 315 12.68 60.37 -119.83
C LYS MB 315 14.19 60.30 -119.95
N SER MB 316 14.71 60.66 -121.11
CA SER MB 316 16.15 60.56 -121.33
C SER MB 316 16.58 61.54 -122.40
N ASP MB 317 17.89 61.67 -122.54
CA ASP MB 317 18.52 62.56 -123.52
C ASP MB 317 19.98 62.13 -123.61
N LEU MB 318 20.58 62.27 -124.80
CA LEU MB 318 21.94 61.81 -125.04
C LEU MB 318 22.46 62.46 -126.32
N GLU MB 319 23.73 62.85 -126.31
CA GLU MB 319 24.37 63.42 -127.50
C GLU MB 319 25.87 63.23 -127.40
N ARG MB 320 26.46 62.54 -128.37
CA ARG MB 320 27.91 62.44 -128.51
C ARG MB 320 28.33 62.98 -129.86
N LEU MB 321 29.45 63.71 -129.88
CA LEU MB 321 29.96 64.28 -131.12
C LEU MB 321 31.44 64.58 -130.96
N GLY MB 322 32.27 63.85 -131.68
CA GLY MB 322 33.70 64.10 -131.66
C GLY MB 322 34.49 62.86 -131.98
N THR MB 323 35.80 63.04 -132.07
CA THR MB 323 36.74 61.97 -132.40
C THR MB 323 37.67 61.70 -131.23
N SER MB 324 38.45 60.63 -131.36
CA SER MB 324 39.40 60.21 -130.33
C SER MB 324 40.49 59.38 -130.98
N TRP MB 325 41.73 59.88 -130.96
CA TRP MB 325 42.84 59.26 -131.66
C TRP MB 325 43.61 58.34 -130.72
N SER MB 326 43.87 57.10 -131.16
CA SER MB 326 44.62 56.13 -130.36
C SER MB 326 45.16 55.07 -131.32
N GLY MB 327 46.48 55.04 -131.50
CA GLY MB 327 47.08 54.08 -132.40
C GLY MB 327 48.58 54.01 -132.27
N SER MB 328 49.17 53.08 -133.02
CA SER MB 328 50.62 52.89 -133.08
C SER MB 328 51.11 52.98 -134.52
N ILE MB 329 52.44 53.07 -134.66
CA ILE MB 329 53.06 53.22 -135.96
C ILE MB 329 54.45 52.60 -135.88
N THR MB 330 55.08 52.35 -137.03
CA THR MB 330 56.45 51.87 -137.11
C THR MB 330 57.19 52.65 -138.19
N ILE MB 331 58.29 53.29 -137.80
CA ILE MB 331 59.01 54.21 -138.67
C ILE MB 331 60.38 53.62 -138.93
N GLY MB 332 60.52 52.93 -140.06
CA GLY MB 332 61.82 52.51 -140.56
C GLY MB 332 62.56 51.50 -139.71
N ASP MB 333 61.82 50.58 -139.05
CA ASP MB 333 62.29 49.42 -138.25
C ASP MB 333 63.42 49.73 -137.28
N LYS MB 334 63.50 50.98 -136.82
CA LYS MB 334 64.46 51.40 -135.80
C LYS MB 334 63.85 52.25 -134.70
N LEU MB 335 62.72 52.91 -134.95
CA LEU MB 335 62.03 53.66 -133.92
C LEU MB 335 60.54 53.65 -134.21
N GLY MB 336 59.75 53.57 -133.15
CA GLY MB 336 58.30 53.53 -133.29
C GLY MB 336 57.66 54.53 -132.36
N VAL MB 337 56.50 55.04 -132.77
CA VAL MB 337 55.77 56.07 -132.03
C VAL MB 337 54.41 55.51 -131.67
N SER MB 338 54.07 55.57 -130.38
CA SER MB 338 52.73 55.25 -129.92
C SER MB 338 51.97 56.54 -129.62
N LEU MB 339 50.68 56.39 -129.35
CA LEU MB 339 49.82 57.54 -129.03
C LEU MB 339 48.65 57.07 -128.19
N ASN MB 340 48.61 57.51 -126.93
CA ASN MB 340 47.50 57.29 -126.00
C ASN MB 340 47.23 55.81 -125.77
N GLN MB 341 48.28 55.03 -125.58
CA GLN MB 341 48.15 53.59 -125.38
C GLN MB 341 48.99 53.14 -124.20
N SER MB 342 48.81 51.87 -123.84
CA SER MB 342 49.63 51.23 -122.81
C SER MB 342 50.45 50.08 -123.37
N SER MB 343 49.83 49.23 -124.18
CA SER MB 343 50.51 48.12 -124.84
C SER MB 343 50.76 48.48 -126.30
N ILE MB 344 52.01 48.29 -126.74
CA ILE MB 344 52.43 48.74 -128.07
C ILE MB 344 52.86 47.51 -128.87
N SER MB 345 53.36 46.48 -128.17
CA SER MB 345 53.97 45.33 -128.83
C SER MB 345 52.94 44.48 -129.56
N THR MB 346 51.81 44.19 -128.92
CA THR MB 346 50.76 43.41 -129.56
C THR MB 346 49.95 44.21 -130.57
N LEU MB 347 50.09 45.54 -130.57
CA LEU MB 347 49.51 46.39 -131.60
C LEU MB 347 50.60 47.04 -132.46
N ASP MB 348 51.71 46.34 -132.69
CA ASP MB 348 52.81 46.90 -133.45
C ASP MB 348 52.54 46.90 -134.95
N GLY MB 349 51.87 45.88 -135.45
CA GLY MB 349 51.54 45.80 -136.86
C GLY MB 349 50.30 46.56 -137.28
N SER MB 350 49.64 47.25 -136.35
CA SER MB 350 48.42 47.99 -136.63
C SER MB 350 48.76 49.43 -137.01
N ARG MB 351 47.74 50.29 -137.04
CA ARG MB 351 47.90 51.66 -137.48
C ARG MB 351 47.19 52.62 -136.53
N PHE MB 352 47.07 53.89 -136.92
CA PHE MB 352 46.32 54.86 -136.12
C PHE MB 352 44.83 54.64 -136.30
N ILE MB 353 44.09 54.83 -135.22
CA ILE MB 353 42.63 54.68 -135.23
C ILE MB 353 42.02 55.99 -134.80
N ALA MB 354 41.08 56.50 -135.60
CA ALA MB 354 40.36 57.73 -135.29
C ALA MB 354 38.89 57.36 -135.08
N ALA MB 355 38.54 57.00 -133.85
CA ALA MB 355 37.18 56.58 -133.54
C ALA MB 355 36.26 57.79 -133.49
N VAL MB 356 35.30 57.85 -134.40
CA VAL MB 356 34.36 58.96 -134.50
C VAL MB 356 33.03 58.51 -133.90
N ASN MB 357 32.38 59.41 -133.18
CA ASN MB 357 31.06 59.16 -132.62
C ASN MB 357 30.12 60.29 -133.01
N ALA MB 358 28.91 59.92 -133.39
CA ALA MB 358 27.87 60.89 -133.72
C ALA MB 358 26.52 60.27 -133.40
N LEU MB 359 25.77 60.88 -132.49
CA LEU MB 359 24.51 60.33 -132.01
C LEU MB 359 23.73 61.44 -131.33
N GLU MB 360 22.41 61.31 -131.37
CA GLU MB 360 21.52 62.27 -130.71
C GLU MB 360 20.21 61.55 -130.43
N GLU MB 361 19.94 61.23 -129.17
CA GLU MB 361 18.88 60.31 -128.80
C GLU MB 361 17.90 60.96 -127.85
N LYS MB 362 16.60 60.72 -128.07
CA LYS MB 362 15.55 61.06 -127.13
C LYS MB 362 14.81 59.78 -126.75
N LYS MB 363 14.10 59.84 -125.63
CA LYS MB 363 13.41 58.66 -125.12
C LYS MB 363 12.30 59.08 -124.17
N GLN MB 364 11.30 58.21 -124.04
CA GLN MB 364 10.17 58.42 -123.14
C GLN MB 364 9.46 57.09 -122.96
N ALA MB 365 8.99 56.82 -121.75
CA ALA MB 365 8.31 55.55 -121.46
C ALA MB 365 7.40 55.72 -120.26
N THR MB 366 6.14 55.34 -120.41
CA THR MB 366 5.16 55.37 -119.34
C THR MB 366 4.59 53.97 -119.15
N VAL MB 367 4.41 53.56 -117.90
CA VAL MB 367 3.80 52.28 -117.55
C VAL MB 367 2.88 52.50 -116.37
N VAL MB 368 1.61 52.11 -116.52
CA VAL MB 368 0.62 52.21 -115.45
C VAL MB 368 0.02 50.83 -115.23
N SER MB 369 0.30 50.22 -114.09
CA SER MB 369 -0.22 48.89 -113.75
C SER MB 369 -1.11 48.99 -112.53
N ARG MB 370 -2.08 48.08 -112.42
CA ARG MB 370 -3.12 48.18 -111.39
C ARG MB 370 -3.68 46.80 -111.05
N PRO MB 371 -3.34 46.27 -109.87
CA PRO MB 371 -4.05 45.07 -109.38
C PRO MB 371 -5.25 45.40 -108.51
N VAL MB 372 -6.30 44.58 -108.63
CA VAL MB 372 -7.54 44.76 -107.90
C VAL MB 372 -7.83 43.47 -107.13
N LEU MB 373 -8.26 43.60 -105.88
CA LEU MB 373 -8.52 42.45 -105.02
C LEU MB 373 -9.73 42.74 -104.14
N LEU MB 374 -10.55 41.72 -103.90
CA LEU MB 374 -11.77 41.85 -103.10
C LEU MB 374 -11.75 40.88 -101.93
N THR MB 375 -12.06 41.37 -100.74
CA THR MB 375 -12.08 40.55 -99.54
C THR MB 375 -13.09 41.14 -98.55
N GLN MB 376 -13.14 40.55 -97.36
CA GLN MB 376 -14.05 40.95 -96.30
C GLN MB 376 -13.28 41.63 -95.17
N GLU MB 377 -14.01 42.04 -94.14
CA GLU MB 377 -13.38 42.60 -92.95
C GLU MB 377 -12.58 41.53 -92.22
N ASN MB 378 -11.41 41.92 -91.72
CA ASN MB 378 -10.57 41.11 -90.82
C ASN MB 378 -10.15 39.78 -91.44
N VAL MB 379 -10.06 39.71 -92.76
CA VAL MB 379 -9.71 38.50 -93.48
C VAL MB 379 -8.48 38.79 -94.32
N PRO MB 380 -7.38 38.06 -94.15
CA PRO MB 380 -6.20 38.29 -95.00
C PRO MB 380 -6.41 37.72 -96.38
N ALA MB 381 -6.05 38.50 -97.40
CA ALA MB 381 -6.19 38.11 -98.78
C ALA MB 381 -4.86 38.27 -99.50
N ILE MB 382 -4.70 37.55 -100.61
CA ILE MB 382 -3.46 37.56 -101.38
C ILE MB 382 -3.80 37.64 -102.86
N PHE MB 383 -3.18 38.61 -103.55
CA PHE MB 383 -3.09 38.61 -105.00
C PHE MB 383 -1.63 38.40 -105.36
N ASP MB 384 -1.38 37.57 -106.36
CA ASP MB 384 -0.02 37.19 -106.73
C ASP MB 384 0.05 36.98 -108.23
N ASN MB 385 1.06 37.58 -108.87
CA ASN MB 385 1.28 37.42 -110.31
C ASN MB 385 2.78 37.31 -110.51
N ASN MB 386 3.29 36.08 -110.51
CA ASN MB 386 4.72 35.86 -110.44
C ASN MB 386 5.22 35.10 -111.66
N ARG MB 387 6.51 34.77 -111.62
CA ARG MB 387 7.21 34.06 -112.68
C ARG MB 387 8.33 33.25 -112.05
N THR MB 388 8.43 31.98 -112.43
CA THR MB 388 9.36 31.06 -111.79
C THR MB 388 10.43 30.66 -112.80
N PHE MB 389 11.67 30.58 -112.35
CA PHE MB 389 12.82 30.27 -113.18
C PHE MB 389 13.52 29.05 -112.61
N TYR MB 390 13.48 27.94 -113.34
CA TYR MB 390 14.02 26.68 -112.85
C TYR MB 390 15.42 26.45 -113.40
N THR MB 391 16.31 25.97 -112.55
CA THR MB 391 17.70 25.72 -112.91
C THR MB 391 18.08 24.29 -112.53
N LYS MB 392 19.11 23.78 -113.18
CA LYS MB 392 19.55 22.40 -113.02
C LYS MB 392 20.89 22.38 -112.33
N LEU MB 393 20.88 22.22 -111.01
CA LEU MB 393 22.10 22.09 -110.21
C LEU MB 393 22.51 20.63 -110.28
N ILE MB 394 23.51 20.31 -111.10
CA ILE MB 394 23.88 18.92 -111.35
C ILE MB 394 24.82 18.48 -110.23
N GLY MB 395 24.23 18.05 -109.13
CA GLY MB 395 24.95 17.43 -108.03
C GLY MB 395 24.85 15.92 -108.12
N GLU MB 396 25.18 15.27 -107.01
CA GLU MB 396 25.08 13.82 -106.95
C GLU MB 396 24.14 13.31 -105.86
N ARG MB 397 24.04 14.00 -104.72
CA ARG MB 397 23.31 13.46 -103.58
C ARG MB 397 21.96 14.12 -103.37
N ASN MB 398 22.01 15.41 -103.09
CA ASN MB 398 20.81 16.19 -102.79
C ASN MB 398 20.50 16.98 -104.04
N VAL MB 399 20.29 16.24 -105.14
CA VAL MB 399 19.93 16.83 -106.42
C VAL MB 399 18.58 17.49 -106.28
N ALA MB 400 18.45 18.71 -106.80
CA ALA MB 400 17.26 19.49 -106.56
C ALA MB 400 17.03 20.43 -107.73
N LEU MB 401 15.78 20.77 -107.92
CA LEU MB 401 15.39 21.83 -108.85
C LEU MB 401 15.25 23.08 -108.00
N GLU MB 402 16.23 23.97 -108.10
CA GLU MB 402 16.19 25.23 -107.37
C GLU MB 402 15.52 26.28 -108.26
N HIS MB 403 14.81 27.21 -107.63
CA HIS MB 403 14.01 28.15 -108.39
C HIS MB 403 14.02 29.51 -107.70
N VAL MB 404 13.85 30.55 -108.51
CA VAL MB 404 13.65 31.90 -108.04
C VAL MB 404 12.27 32.35 -108.50
N THR MB 405 11.74 33.39 -107.86
CA THR MB 405 10.38 33.83 -108.11
C THR MB 405 10.34 35.35 -107.99
N TYR MB 406 9.68 36.02 -108.94
CA TYR MB 406 9.56 37.46 -108.90
C TYR MB 406 8.26 37.87 -109.57
N GLY MB 407 7.62 38.90 -109.03
CA GLY MB 407 6.39 39.41 -109.63
C GLY MB 407 5.65 40.28 -108.66
N THR MB 408 4.48 40.74 -109.08
CA THR MB 408 3.62 41.61 -108.28
C THR MB 408 2.91 40.79 -107.22
N MET MB 409 2.78 41.35 -106.02
CA MET MB 409 2.21 40.62 -104.90
C MET MB 409 1.68 41.60 -103.86
N ILE MB 410 0.42 41.43 -103.45
CA ILE MB 410 -0.19 42.22 -102.39
C ILE MB 410 -0.72 41.27 -101.33
N ARG MB 411 -0.52 41.61 -100.07
CA ARG MB 411 -1.16 40.92 -98.96
C ARG MB 411 -1.72 41.98 -98.03
N VAL MB 412 -3.04 42.01 -97.87
CA VAL MB 412 -3.73 43.09 -97.18
C VAL MB 412 -4.62 42.50 -96.10
N LEU MB 413 -4.90 43.29 -95.07
CA LEU MB 413 -5.78 42.90 -93.97
C LEU MB 413 -6.63 44.10 -93.62
N PRO MB 414 -7.79 44.24 -94.26
CA PRO MB 414 -8.59 45.45 -94.06
C PRO MB 414 -9.42 45.38 -92.79
N ARG MB 415 -9.83 46.55 -92.33
CA ARG MB 415 -10.55 46.69 -91.06
C ARG MB 415 -11.21 48.06 -91.02
N PHE MB 416 -12.49 48.09 -90.66
CA PHE MB 416 -13.21 49.35 -90.55
C PHE MB 416 -13.01 49.97 -89.18
N SER MB 417 -12.77 51.28 -89.16
CA SER MB 417 -12.63 52.00 -87.90
C SER MB 417 -14.01 52.44 -87.41
N ALA MB 418 -14.03 53.28 -86.37
CA ALA MB 418 -15.30 53.71 -85.80
C ALA MB 418 -15.95 54.82 -86.60
N ASP MB 419 -15.17 55.57 -87.37
CA ASP MB 419 -15.68 56.70 -88.14
C ASP MB 419 -16.09 56.32 -89.55
N GLY MB 420 -15.76 55.12 -90.01
CA GLY MB 420 -16.01 54.73 -91.37
C GLY MB 420 -14.78 54.72 -92.26
N GLN MB 421 -13.60 54.90 -91.71
CA GLN MB 421 -12.37 54.82 -92.47
C GLN MB 421 -11.84 53.39 -92.46
N ILE MB 422 -11.01 53.08 -93.45
CA ILE MB 422 -10.51 51.72 -93.67
C ILE MB 422 -9.02 51.69 -93.40
N GLU MB 423 -8.61 50.99 -92.35
CA GLU MB 423 -7.20 50.80 -92.04
C GLU MB 423 -6.71 49.48 -92.63
N MET MB 424 -5.51 49.51 -93.20
CA MET MB 424 -4.97 48.36 -93.92
C MET MB 424 -3.56 48.07 -93.46
N SER MB 425 -3.18 46.80 -93.46
CA SER MB 425 -1.84 46.36 -93.14
C SER MB 425 -1.23 45.77 -94.40
N LEU MB 426 -0.36 46.53 -95.05
CA LEU MB 426 0.07 46.26 -96.42
C LEU MB 426 1.40 45.54 -96.46
N ASP MB 427 1.59 44.74 -97.51
CA ASP MB 427 2.84 44.07 -97.84
C ASP MB 427 2.94 44.00 -99.36
N ILE MB 428 3.58 44.99 -99.97
CA ILE MB 428 3.59 45.17 -101.41
C ILE MB 428 4.96 44.77 -101.95
N GLU MB 429 4.97 43.99 -103.03
CA GLU MB 429 6.18 43.65 -103.76
C GLU MB 429 5.92 43.84 -105.25
N ASP MB 430 6.82 44.54 -105.94
CA ASP MB 430 6.71 44.71 -107.38
C ASP MB 430 8.11 44.52 -107.97
N GLY MB 431 8.31 43.38 -108.64
CA GLY MB 431 9.60 43.05 -109.20
C GLY MB 431 9.50 42.74 -110.69
N ASN MB 432 10.63 42.84 -111.37
CA ASN MB 432 10.72 42.47 -112.78
C ASN MB 432 12.14 41.98 -113.05
N ASP MB 433 12.41 41.65 -114.30
CA ASP MB 433 13.67 41.01 -114.68
C ASP MB 433 14.53 42.02 -115.42
N LYS MB 434 15.68 42.37 -114.82
CA LYS MB 434 16.65 43.23 -115.46
C LYS MB 434 17.54 42.39 -116.36
N THR MB 435 17.82 42.90 -117.55
CA THR MB 435 18.55 42.15 -118.56
C THR MB 435 19.93 42.75 -118.78
N PRO MB 436 21.00 41.97 -118.64
CA PRO MB 436 22.32 42.44 -119.07
C PRO MB 436 22.51 42.35 -120.58
N GLN MB 437 23.73 42.57 -121.05
CA GLN MB 437 24.03 42.56 -122.47
C GLN MB 437 23.83 41.17 -123.05
N SER MB 438 23.11 41.08 -124.17
CA SER MB 438 22.75 39.80 -124.76
C SER MB 438 23.90 39.14 -125.52
N ASP MB 439 24.90 39.92 -125.95
CA ASP MB 439 25.97 39.38 -126.78
C ASP MB 439 26.97 38.53 -126.01
N THR MB 440 27.10 38.72 -124.71
CA THR MB 440 28.05 37.96 -123.91
C THR MB 440 27.43 36.66 -123.42
N THR MB 441 28.30 35.73 -123.01
CA THR MB 441 27.97 34.34 -122.70
C THR MB 441 27.02 34.20 -121.51
N THR MB 442 27.00 35.17 -120.58
CA THR MB 442 26.20 35.05 -119.36
C THR MB 442 24.69 35.20 -119.59
N SER MB 443 24.23 35.31 -120.83
CA SER MB 443 22.80 35.32 -121.13
C SER MB 443 22.22 33.92 -121.32
N VAL MB 444 23.05 32.89 -121.38
CA VAL MB 444 22.54 31.53 -121.57
C VAL MB 444 22.56 30.69 -120.28
N ASP MB 445 23.24 31.16 -119.24
CA ASP MB 445 23.24 30.45 -117.97
C ASP MB 445 22.15 31.01 -117.05
N ALA MB 446 22.11 30.52 -115.82
CA ALA MB 446 21.06 30.87 -114.87
C ALA MB 446 21.42 32.17 -114.14
N LEU MB 447 21.41 33.26 -114.90
CA LEU MB 447 21.60 34.61 -114.35
C LEU MB 447 20.46 35.52 -114.83
N PRO MB 448 19.27 35.39 -114.24
CA PRO MB 448 18.27 36.45 -114.36
C PRO MB 448 18.44 37.49 -113.27
N GLU MB 449 19.21 38.56 -113.48
CA GLU MB 449 19.31 39.63 -112.49
C GLU MB 449 17.94 40.22 -112.16
N VAL MB 450 17.45 39.95 -110.96
CA VAL MB 450 16.12 40.36 -110.52
C VAL MB 450 16.23 41.63 -109.72
N GLY MB 451 15.40 42.63 -110.05
CA GLY MB 451 15.26 43.83 -109.25
C GLY MB 451 13.84 43.91 -108.69
N ARG MB 452 13.76 44.08 -107.38
CA ARG MB 452 12.50 44.09 -106.67
C ARG MB 452 12.26 45.45 -106.00
N THR MB 453 11.08 45.61 -105.42
CA THR MB 453 10.70 46.82 -104.71
C THR MB 453 9.72 46.42 -103.62
N LEU MB 454 10.12 46.55 -102.36
CA LEU MB 454 9.36 46.06 -101.23
C LEU MB 454 8.90 47.23 -100.36
N ILE MB 455 7.66 47.18 -99.90
CA ILE MB 455 7.07 48.21 -99.05
C ILE MB 455 6.21 47.52 -98.01
N SER MB 456 6.42 47.84 -96.74
CA SER MB 456 5.65 47.27 -95.64
C SER MB 456 5.31 48.37 -94.65
N THR MB 457 4.03 48.69 -94.52
CA THR MB 457 3.60 49.83 -93.70
C THR MB 457 2.15 49.61 -93.28
N ILE MB 458 1.57 50.62 -92.64
CA ILE MB 458 0.16 50.62 -92.22
C ILE MB 458 -0.41 52.00 -92.52
N ALA MB 459 -1.52 52.05 -93.25
CA ALA MB 459 -2.16 53.32 -93.60
C ALA MB 459 -3.65 53.24 -93.33
N ARG MB 460 -4.29 54.42 -93.24
CA ARG MB 460 -5.71 54.51 -92.94
C ARG MB 460 -6.34 55.56 -93.83
N VAL MB 461 -7.20 55.12 -94.75
CA VAL MB 461 -7.79 55.97 -95.78
C VAL MB 461 -9.29 56.05 -95.53
N PRO MB 462 -9.94 57.19 -95.78
CA PRO MB 462 -11.41 57.22 -95.80
C PRO MB 462 -11.97 56.44 -96.98
N HIS MB 463 -13.29 56.28 -96.98
CA HIS MB 463 -13.95 55.49 -98.01
C HIS MB 463 -14.04 56.30 -99.30
N GLY MB 464 -13.32 55.85 -100.33
CA GLY MB 464 -13.34 56.49 -101.62
C GLY MB 464 -12.19 57.43 -101.90
N LYS MB 465 -11.43 57.83 -100.87
CA LYS MB 465 -10.29 58.70 -101.05
C LYS MB 465 -9.04 57.86 -101.28
N SER MB 466 -7.88 58.50 -101.29
CA SER MB 466 -6.64 57.82 -101.64
C SER MB 466 -5.47 58.37 -100.84
N LEU MB 467 -4.39 57.59 -100.81
CA LEU MB 467 -3.18 57.97 -100.10
C LEU MB 467 -1.97 57.52 -100.89
N LEU MB 468 -0.87 58.26 -100.75
CA LEU MB 468 0.40 57.91 -101.38
C LEU MB 468 1.24 57.15 -100.36
N VAL MB 469 1.56 55.91 -100.68
CA VAL MB 469 2.26 55.04 -99.73
C VAL MB 469 3.76 55.07 -99.94
N GLY MB 470 4.23 54.87 -101.16
CA GLY MB 470 5.65 54.88 -101.43
C GLY MB 470 6.03 55.91 -102.47
N GLY MB 471 7.23 55.83 -103.01
CA GLY MB 471 7.66 56.78 -104.01
C GLY MB 471 9.15 56.72 -104.20
N TYR MB 472 9.60 57.23 -105.35
CA TYR MB 472 11.00 57.28 -105.73
C TYR MB 472 11.20 58.22 -106.90
N THR MB 473 12.11 59.19 -106.80
CA THR MB 473 12.51 60.02 -107.92
C THR MB 473 14.02 59.97 -108.07
N ARG MB 474 14.50 60.30 -109.27
CA ARG MB 474 15.93 60.36 -109.54
C ARG MB 474 16.19 61.27 -110.73
N ASP MB 475 17.11 62.21 -110.56
CA ASP MB 475 17.53 63.12 -111.62
C ASP MB 475 19.03 63.07 -111.79
N ALA MB 476 19.51 63.21 -113.03
CA ALA MB 476 20.93 63.12 -113.30
C ALA MB 476 21.28 63.97 -114.51
N ASN MB 477 22.52 64.44 -114.54
CA ASN MB 477 23.04 65.23 -115.66
C ASN MB 477 24.55 65.17 -115.64
N THR MB 478 25.16 64.49 -116.62
CA THR MB 478 26.60 64.43 -116.76
C THR MB 478 27.00 65.02 -118.10
N ASP MB 479 28.26 65.48 -118.18
CA ASP MB 479 28.82 65.98 -119.43
C ASP MB 479 30.35 65.99 -119.35
N THR MB 480 30.99 65.42 -120.37
CA THR MB 480 32.44 65.36 -120.46
C THR MB 480 32.91 66.15 -121.67
N VAL MB 481 34.15 66.64 -121.62
CA VAL MB 481 34.78 67.35 -122.73
C VAL MB 481 36.23 66.89 -122.79
N GLN MB 482 36.64 66.31 -123.92
CA GLN MB 482 38.02 65.94 -124.17
C GLN MB 482 38.54 66.68 -125.39
N SER MB 483 39.86 66.84 -125.46
CA SER MB 483 40.49 67.51 -126.60
C SER MB 483 41.96 67.14 -126.64
N ILE MB 484 42.59 67.50 -127.75
CA ILE MB 484 44.04 67.53 -127.90
C ILE MB 484 44.44 68.92 -127.42
N PRO MB 485 45.55 69.09 -126.68
CA PRO MB 485 45.82 70.39 -126.04
C PRO MB 485 46.02 71.57 -126.99
N PHE MB 486 46.74 71.42 -128.09
CA PHE MB 486 46.96 72.55 -129.00
C PHE MB 486 46.13 72.46 -130.26
N LEU MB 487 45.94 71.26 -130.82
CA LEU MB 487 45.21 71.12 -132.07
C LEU MB 487 43.71 71.29 -131.90
N GLY MB 488 43.20 71.22 -130.66
CA GLY MB 488 41.78 71.37 -130.43
C GLY MB 488 41.26 72.79 -130.43
N LYS MB 489 42.13 73.79 -130.62
CA LYS MB 489 41.73 75.18 -130.65
C LYS MB 489 41.91 75.83 -132.01
N LEU MB 490 42.14 75.02 -133.05
CA LEU MB 490 42.23 75.55 -134.40
C LEU MB 490 40.84 75.99 -134.88
N PRO MB 491 40.76 77.02 -135.76
CA PRO MB 491 39.45 77.55 -136.16
C PRO MB 491 38.57 76.60 -136.95
N LEU MB 492 39.07 76.05 -138.06
CA LEU MB 492 38.27 75.19 -138.91
C LEU MB 492 38.78 73.75 -138.96
N ILE MB 493 39.98 73.48 -138.45
CA ILE MB 493 40.50 72.13 -138.38
C ILE MB 493 40.30 71.51 -137.00
N GLY MB 494 40.14 72.31 -135.95
CA GLY MB 494 40.11 71.84 -134.58
C GLY MB 494 38.88 71.04 -134.20
N SER MB 495 37.89 70.92 -135.08
CA SER MB 495 36.72 70.10 -134.77
C SER MB 495 37.02 68.62 -134.88
N LEU MB 496 38.10 68.24 -135.56
CA LEU MB 496 38.47 66.84 -135.72
C LEU MB 496 39.20 66.27 -134.52
N PHE MB 497 39.41 67.05 -133.46
CA PHE MB 497 40.17 66.59 -132.31
C PHE MB 497 39.42 66.71 -130.99
N ARG MB 498 38.35 67.50 -130.92
CA ARG MB 498 37.59 67.61 -129.68
C ARG MB 498 36.61 66.45 -129.54
N TYR MB 499 35.98 66.38 -128.37
CA TYR MB 499 34.98 65.38 -128.07
C TYR MB 499 34.11 65.92 -126.94
N SER MB 500 32.82 65.60 -126.98
CA SER MB 500 31.89 66.11 -125.98
C SER MB 500 30.67 65.21 -125.92
N SER MB 501 30.27 64.86 -124.69
CA SER MB 501 29.10 64.01 -124.47
C SER MB 501 28.19 64.67 -123.45
N LYS MB 502 26.94 64.19 -123.42
CA LYS MB 502 25.94 64.67 -122.46
C LYS MB 502 25.07 63.49 -122.07
N ASN MB 503 24.29 63.69 -121.01
CA ASN MB 503 23.35 62.68 -120.53
C ASN MB 503 22.36 63.35 -119.60
N LYS MB 504 21.15 62.81 -119.51
CA LYS MB 504 20.10 63.34 -118.67
C LYS MB 504 19.03 62.28 -118.50
N SER MB 505 18.47 62.16 -117.28
CA SER MB 505 17.42 61.20 -117.03
C SER MB 505 16.52 61.71 -115.91
N ASN MB 506 15.26 61.30 -115.94
CA ASN MB 506 14.28 61.68 -114.92
C ASN MB 506 13.32 60.51 -114.72
N VAL MB 507 13.40 59.86 -113.57
CA VAL MB 507 12.62 58.67 -113.27
C VAL MB 507 11.66 59.00 -112.13
N VAL MB 508 10.42 58.54 -112.22
CA VAL MB 508 9.41 58.72 -111.18
C VAL MB 508 8.64 57.42 -111.01
N ARG MB 509 8.62 56.88 -109.80
CA ARG MB 509 7.76 55.75 -109.45
C ARG MB 509 6.96 56.11 -108.21
N VAL MB 510 5.67 55.78 -108.20
CA VAL MB 510 4.81 56.00 -107.05
C VAL MB 510 3.91 54.80 -106.83
N PHE MB 511 3.41 54.68 -105.60
CA PHE MB 511 2.46 53.63 -105.21
C PHE MB 511 1.30 54.30 -104.51
N MET MB 512 0.09 54.05 -104.97
CA MET MB 512 -1.10 54.68 -104.42
C MET MB 512 -2.15 53.64 -104.07
N ILE MB 513 -2.94 53.92 -103.03
CA ILE MB 513 -3.92 53.00 -102.48
C ILE MB 513 -5.27 53.68 -102.50
N GLU MB 514 -6.30 52.98 -102.98
CA GLU MB 514 -7.65 53.52 -103.06
C GLU MB 514 -8.66 52.44 -102.71
N PRO MB 515 -9.07 52.34 -101.45
CA PRO MB 515 -10.05 51.33 -101.06
C PRO MB 515 -11.48 51.87 -101.11
N LYS MB 516 -12.42 50.93 -101.27
CA LYS MB 516 -13.84 51.27 -101.27
C LYS MB 516 -14.63 50.06 -100.82
N GLU MB 517 -15.91 50.30 -100.50
CA GLU MB 517 -16.77 49.28 -99.91
C GLU MB 517 -17.77 48.80 -100.94
N ILE MB 518 -17.93 47.47 -101.03
CA ILE MB 518 -18.81 46.84 -102.00
C ILE MB 518 -20.08 46.40 -101.30
N VAL MB 519 -21.23 46.88 -101.78
CA VAL MB 519 -22.52 46.49 -101.24
C VAL MB 519 -23.43 45.85 -102.26
N ASP MB 520 -23.19 46.01 -103.55
CA ASP MB 520 -24.06 45.50 -104.59
C ASP MB 520 -23.29 44.58 -105.54
N PRO MB 521 -23.96 43.60 -106.14
CA PRO MB 521 -23.30 42.76 -107.14
C PRO MB 521 -23.13 43.50 -108.46
N LEU MB 522 -22.56 42.80 -109.43
CA LEU MB 522 -22.23 43.40 -110.71
C LEU MB 522 -23.50 43.64 -111.53
N THR MB 523 -23.53 44.76 -112.26
CA THR MB 523 -24.61 45.08 -113.18
C THR MB 523 -24.03 45.63 -114.47
N PRO MB 524 -24.29 45.02 -115.63
CA PRO MB 524 -25.01 43.76 -115.90
C PRO MB 524 -24.22 42.53 -115.47
N ASP MB 525 -24.82 41.35 -115.59
CA ASP MB 525 -24.27 40.13 -115.00
C ASP MB 525 -22.96 39.73 -115.69
N ALA MB 526 -22.23 38.84 -115.03
CA ALA MB 526 -20.95 38.37 -115.56
C ALA MB 526 -21.14 37.50 -116.78
N SER MB 527 -22.26 36.79 -116.88
CA SER MB 527 -22.54 35.98 -118.04
C SER MB 527 -23.14 36.78 -119.19
N GLU MB 528 -23.49 38.05 -118.95
CA GLU MB 528 -24.02 38.91 -120.00
C GLU MB 528 -22.95 39.77 -120.65
N SER MB 529 -21.92 40.16 -119.89
CA SER MB 529 -20.82 40.93 -120.47
C SER MB 529 -19.86 40.05 -121.25
N VAL MB 530 -19.85 38.74 -120.97
CA VAL MB 530 -18.96 37.84 -121.70
C VAL MB 530 -19.56 37.50 -123.06
N ASN MB 531 -20.89 37.36 -123.13
CA ASN MB 531 -21.55 37.08 -124.41
C ASN MB 531 -21.48 38.25 -125.38
N ASN MB 532 -21.20 39.46 -124.90
CA ASN MB 532 -20.96 40.58 -125.80
C ASN MB 532 -19.51 40.66 -126.25
N ILE MB 533 -18.59 40.10 -125.47
CA ILE MB 533 -17.19 40.05 -125.88
C ILE MB 533 -16.99 39.00 -126.97
N LEU MB 534 -17.60 37.83 -126.81
CA LEU MB 534 -17.45 36.74 -127.77
C LEU MB 534 -18.12 37.06 -129.10
N LYS MB 535 -19.21 37.82 -129.08
CA LYS MB 535 -19.87 38.18 -130.32
C LYS MB 535 -19.14 39.28 -131.07
N GLN MB 536 -18.47 40.18 -130.36
CA GLN MB 536 -17.77 41.27 -131.02
C GLN MB 536 -16.42 40.81 -131.58
N SER MB 537 -15.68 40.03 -130.81
CA SER MB 537 -14.37 39.57 -131.26
C SER MB 537 -14.45 38.42 -132.25
N GLY MB 538 -15.62 37.78 -132.38
CA GLY MB 538 -15.78 36.71 -133.34
C GLY MB 538 -15.43 35.33 -132.85
N ALA MB 539 -15.23 35.15 -131.54
CA ALA MB 539 -14.90 33.86 -130.97
C ALA MB 539 -16.12 33.10 -130.47
N TRP MB 540 -17.33 33.58 -130.76
CA TRP MB 540 -18.54 33.00 -130.24
C TRP MB 540 -18.91 31.74 -131.00
N SER MB 541 -19.24 30.67 -130.27
CA SER MB 541 -19.64 29.41 -130.88
C SER MB 541 -20.84 28.82 -130.15
N GLY MB 542 -21.81 29.66 -129.81
CA GLY MB 542 -23.05 29.16 -129.25
C GLY MB 542 -24.10 28.78 -130.28
N ASP MB 543 -23.81 29.04 -131.56
CA ASP MB 543 -24.71 28.69 -132.65
C ASP MB 543 -24.28 27.43 -133.38
N ASP MB 544 -23.32 26.69 -132.83
CA ASP MB 544 -22.82 25.49 -133.49
C ASP MB 544 -23.84 24.37 -133.42
N LYS MB 545 -23.88 23.57 -134.49
CA LYS MB 545 -24.86 22.49 -134.55
C LYS MB 545 -24.45 21.32 -133.67
N LEU MB 546 -23.14 21.10 -133.49
CA LEU MB 546 -22.64 19.95 -132.76
C LEU MB 546 -22.38 20.23 -131.30
N GLN MB 547 -21.94 21.44 -130.95
CA GLN MB 547 -21.60 21.76 -129.58
C GLN MB 547 -22.77 22.30 -128.76
N LYS MB 548 -23.93 22.52 -129.38
CA LYS MB 548 -25.08 23.02 -128.64
C LYS MB 548 -25.79 21.95 -127.83
N TRP MB 549 -25.48 20.67 -128.06
CA TRP MB 549 -26.09 19.60 -127.29
C TRP MB 549 -25.54 19.51 -125.88
N VAL MB 550 -24.32 20.01 -125.67
CA VAL MB 550 -23.69 19.97 -124.36
C VAL MB 550 -23.58 21.35 -123.71
N ARG MB 551 -23.33 22.41 -124.50
CA ARG MB 551 -23.30 23.78 -124.00
C ARG MB 551 -24.66 24.29 -123.55
N VAL MB 552 -25.74 23.54 -123.76
CA VAL MB 552 -27.06 23.96 -123.26
C VAL MB 552 -27.21 23.66 -121.78
N TYR MB 553 -26.32 22.83 -121.21
CA TYR MB 553 -26.34 22.60 -119.77
C TYR MB 553 -25.62 23.72 -119.03
N LEU MB 554 -24.51 24.22 -119.59
CA LEU MB 554 -23.70 25.21 -118.91
C LEU MB 554 -24.29 26.61 -119.02
N ASP MB 555 -24.93 26.91 -120.14
CA ASP MB 555 -25.51 28.23 -120.40
C ASP MB 555 -27.00 28.24 -120.11
N ARG MB 556 -27.40 27.55 -119.04
CA ARG MB 556 -28.82 27.41 -118.68
C ARG MB 556 -29.42 28.74 -118.24
N GLY MB 557 -28.64 29.60 -117.60
CA GLY MB 557 -29.12 30.90 -117.17
C GLY MB 557 -28.86 31.97 -118.21
N GLY NB 32 -73.80 -19.35 -19.28
CA GLY NB 32 -72.83 -18.47 -19.90
C GLY NB 32 -71.56 -18.37 -19.08
N SER NB 33 -70.47 -17.93 -19.72
CA SER NB 33 -69.18 -17.83 -19.06
C SER NB 33 -69.10 -16.50 -18.30
N GLY NB 34 -67.94 -16.20 -17.76
CA GLY NB 34 -67.75 -14.98 -17.00
C GLY NB 34 -66.78 -15.19 -15.87
N PHE NB 35 -66.32 -14.08 -15.31
CA PHE NB 35 -65.30 -14.10 -14.27
C PHE NB 35 -65.74 -13.21 -13.13
N VAL NB 36 -65.58 -13.68 -11.91
CA VAL NB 36 -65.97 -12.96 -10.70
C VAL NB 36 -64.70 -12.59 -9.96
N ALA NB 37 -64.22 -11.36 -10.15
CA ALA NB 37 -62.96 -10.94 -9.55
C ALA NB 37 -63.22 -10.31 -8.18
N LYS NB 38 -62.46 -10.74 -7.18
CA LYS NB 38 -62.49 -10.18 -5.84
C LYS NB 38 -61.05 -9.81 -5.49
N ASP NB 39 -60.71 -8.53 -5.73
CA ASP NB 39 -59.38 -7.96 -5.43
C ASP NB 39 -58.28 -8.72 -6.19
N ASP NB 40 -58.54 -9.06 -7.45
CA ASP NB 40 -57.52 -9.67 -8.26
C ASP NB 40 -56.49 -8.65 -8.71
N SER NB 41 -55.33 -9.15 -9.12
CA SER NB 41 -54.15 -8.32 -9.29
C SER NB 41 -53.80 -8.05 -10.74
N LEU NB 42 -54.79 -8.11 -11.63
CA LEU NB 42 -54.73 -7.66 -13.03
C LEU NB 42 -53.80 -8.48 -13.90
N ARG NB 43 -53.07 -9.42 -13.32
CA ARG NB 43 -52.37 -10.45 -14.07
C ARG NB 43 -53.15 -11.75 -14.08
N THR NB 44 -53.75 -12.08 -12.93
CA THR NB 44 -54.67 -13.21 -12.84
C THR NB 44 -56.02 -12.89 -13.43
N PHE NB 45 -56.29 -11.63 -13.73
CA PHE NB 45 -57.54 -11.28 -14.39
C PHE NB 45 -57.41 -11.41 -15.88
N PHE NB 46 -56.32 -10.92 -16.45
CA PHE NB 46 -56.10 -11.04 -17.88
C PHE NB 46 -55.62 -12.41 -18.29
N ASP NB 47 -55.18 -13.26 -17.35
CA ASP NB 47 -54.91 -14.64 -17.71
C ASP NB 47 -56.19 -15.44 -17.90
N ALA NB 48 -57.26 -15.06 -17.21
CA ALA NB 48 -58.54 -15.74 -17.37
C ALA NB 48 -59.26 -15.39 -18.65
N MET NB 49 -58.97 -14.24 -19.25
CA MET NB 49 -59.54 -13.88 -20.54
C MET NB 49 -58.79 -14.47 -21.72
N ALA NB 50 -57.73 -15.25 -21.47
CA ALA NB 50 -56.91 -15.83 -22.52
C ALA NB 50 -57.50 -17.09 -23.13
N LEU NB 51 -58.70 -17.48 -22.74
CA LEU NB 51 -59.43 -18.56 -23.40
C LEU NB 51 -60.53 -18.02 -24.29
N GLN NB 52 -61.18 -16.94 -23.88
CA GLN NB 52 -62.16 -16.31 -24.76
C GLN NB 52 -61.47 -15.48 -25.83
N LEU NB 53 -60.37 -14.81 -25.50
CA LEU NB 53 -59.40 -14.46 -26.53
C LEU NB 53 -58.63 -15.71 -26.90
N LYS NB 54 -58.21 -15.80 -28.15
CA LYS NB 54 -57.63 -17.05 -28.62
C LYS NB 54 -56.11 -17.07 -28.51
N GLU NB 55 -55.51 -16.06 -27.88
CA GLU NB 55 -54.07 -15.90 -27.75
C GLU NB 55 -53.69 -15.74 -26.30
N PRO NB 56 -52.47 -16.10 -25.92
CA PRO NB 56 -52.00 -15.81 -24.57
C PRO NB 56 -51.78 -14.32 -24.36
N VAL NB 57 -51.87 -13.90 -23.10
CA VAL NB 57 -51.80 -12.50 -22.71
C VAL NB 57 -50.58 -12.33 -21.81
N ILE NB 58 -49.72 -11.36 -22.14
CA ILE NB 58 -48.47 -11.13 -21.39
C ILE NB 58 -48.55 -9.75 -20.75
N VAL NB 59 -48.77 -9.74 -19.44
CA VAL NB 59 -48.87 -8.49 -18.68
C VAL NB 59 -47.51 -8.16 -18.08
N SER NB 60 -47.15 -6.88 -18.10
CA SER NB 60 -45.84 -6.43 -17.66
C SER NB 60 -45.78 -6.35 -16.14
N LYS NB 61 -44.64 -5.85 -15.62
CA LYS NB 61 -44.43 -5.83 -14.18
C LYS NB 61 -45.08 -4.61 -13.51
N MET NB 62 -45.01 -3.44 -14.14
CA MET NB 62 -45.62 -2.25 -13.56
C MET NB 62 -47.13 -2.25 -13.71
N ALA NB 63 -47.64 -2.92 -14.74
CA ALA NB 63 -49.08 -2.98 -14.95
C ALA NB 63 -49.76 -4.06 -14.13
N ALA NB 64 -49.01 -4.88 -13.41
CA ALA NB 64 -49.60 -5.91 -12.58
C ALA NB 64 -49.71 -5.46 -11.13
N ARG NB 65 -49.55 -4.18 -10.86
CA ARG NB 65 -49.73 -3.65 -9.52
C ARG NB 65 -51.12 -3.11 -9.30
N LYS NB 66 -51.82 -2.72 -10.36
CA LYS NB 66 -53.18 -2.27 -10.19
C LYS NB 66 -54.09 -3.46 -9.92
N LYS NB 67 -55.28 -3.19 -9.40
CA LYS NB 67 -56.19 -4.23 -8.99
C LYS NB 67 -57.58 -3.92 -9.53
N ILE NB 68 -58.39 -4.97 -9.65
CA ILE NB 68 -59.74 -4.84 -10.16
C ILE NB 68 -60.65 -5.80 -9.39
N THR NB 69 -61.93 -5.46 -9.30
CA THR NB 69 -62.93 -6.31 -8.67
C THR NB 69 -64.30 -6.04 -9.29
N GLY NB 70 -65.12 -7.08 -9.31
CA GLY NB 70 -66.43 -7.00 -9.92
C GLY NB 70 -66.72 -8.22 -10.79
N ASN NB 71 -67.96 -8.27 -11.24
CA ASN NB 71 -68.47 -9.37 -12.06
C ASN NB 71 -68.40 -8.97 -13.52
N PHE NB 72 -67.62 -9.70 -14.30
CA PHE NB 72 -67.47 -9.42 -15.73
C PHE NB 72 -67.99 -10.61 -16.52
N GLU NB 73 -68.55 -10.32 -17.69
CA GLU NB 73 -69.09 -11.34 -18.58
C GLU NB 73 -68.40 -11.25 -19.92
N PHE NB 74 -67.67 -12.30 -20.27
CA PHE NB 74 -66.87 -12.33 -21.50
C PHE NB 74 -67.72 -12.91 -22.62
N HIS NB 75 -68.29 -12.04 -23.45
CA HIS NB 75 -68.87 -12.48 -24.71
C HIS NB 75 -68.45 -11.61 -25.89
N ASP NB 76 -67.87 -10.43 -25.66
CA ASP NB 76 -67.28 -9.64 -26.72
C ASP NB 76 -65.97 -9.12 -26.15
N PRO NB 77 -64.90 -9.93 -26.23
CA PRO NB 77 -63.68 -9.64 -25.47
C PRO NB 77 -62.88 -8.52 -26.09
N ASN NB 78 -62.83 -8.44 -27.42
CA ASN NB 78 -62.03 -7.40 -28.03
C ASN NB 78 -62.67 -6.04 -27.90
N ALA NB 79 -63.98 -5.99 -27.66
CA ALA NB 79 -64.65 -4.74 -27.34
C ALA NB 79 -64.59 -4.41 -25.86
N LEU NB 80 -64.33 -5.40 -25.01
CA LEU NB 80 -64.16 -5.10 -23.59
C LEU NB 80 -62.71 -4.79 -23.23
N LEU NB 81 -61.77 -5.32 -24.00
CA LEU NB 81 -60.35 -5.06 -23.76
C LEU NB 81 -59.98 -3.62 -24.07
N GLU NB 82 -60.59 -3.02 -25.08
CA GLU NB 82 -60.27 -1.62 -25.37
C GLU NB 82 -60.94 -0.68 -24.39
N LYS NB 83 -62.15 -1.03 -23.94
CA LYS NB 83 -62.85 -0.16 -23.01
C LYS NB 83 -62.19 -0.22 -21.64
N LEU NB 84 -61.67 -1.39 -21.26
CA LEU NB 84 -60.95 -1.43 -19.99
C LEU NB 84 -59.56 -0.83 -20.11
N SER NB 85 -58.94 -0.91 -21.30
CA SER NB 85 -57.61 -0.35 -21.46
C SER NB 85 -57.61 1.16 -21.55
N LEU NB 86 -58.77 1.78 -21.74
CA LEU NB 86 -58.82 3.23 -21.71
C LEU NB 86 -59.22 3.75 -20.34
N GLN NB 87 -59.94 2.97 -19.54
CA GLN NB 87 -60.36 3.40 -18.21
C GLN NB 87 -59.31 3.13 -17.15
N LEU NB 88 -58.57 2.03 -17.24
CA LEU NB 88 -57.53 1.81 -16.25
C LEU NB 88 -56.27 2.59 -16.60
N GLY NB 89 -55.97 2.71 -17.87
CA GLY NB 89 -54.80 3.40 -18.36
C GLY NB 89 -53.76 2.35 -18.68
N LEU NB 90 -53.73 1.93 -19.93
CA LEU NB 90 -52.92 0.82 -20.38
C LEU NB 90 -52.72 0.98 -21.87
N ILE NB 91 -51.70 0.32 -22.40
CA ILE NB 91 -51.53 0.20 -23.83
C ILE NB 91 -51.33 -1.26 -24.14
N TRP NB 92 -51.75 -1.68 -25.33
CA TRP NB 92 -51.65 -3.09 -25.67
C TRP NB 92 -51.34 -3.24 -27.15
N TYR NB 93 -50.80 -4.40 -27.50
CA TYR NB 93 -50.41 -4.65 -28.88
C TYR NB 93 -50.41 -6.14 -29.13
N PHE NB 94 -51.19 -6.58 -30.11
CA PHE NB 94 -51.30 -7.97 -30.51
C PHE NB 94 -50.58 -8.15 -31.83
N ASP NB 95 -49.56 -9.02 -31.84
CA ASP NB 95 -48.67 -9.14 -32.99
C ASP NB 95 -48.84 -10.44 -33.75
N GLY NB 96 -49.80 -11.27 -33.37
CA GLY NB 96 -50.04 -12.53 -34.05
C GLY NB 96 -49.77 -13.76 -33.23
N GLN NB 97 -49.13 -13.62 -32.07
CA GLN NB 97 -48.81 -14.77 -31.25
C GLN NB 97 -49.27 -14.57 -29.81
N ALA NB 98 -49.29 -13.33 -29.35
CA ALA NB 98 -49.71 -13.01 -28.00
C ALA NB 98 -50.23 -11.59 -27.98
N ILE NB 99 -50.74 -11.18 -26.82
CA ILE NB 99 -51.26 -9.83 -26.61
C ILE NB 99 -50.45 -9.21 -25.49
N TYR NB 100 -49.47 -8.37 -25.84
CA TYR NB 100 -48.69 -7.69 -24.81
C TYR NB 100 -49.46 -6.52 -24.24
N ILE NB 101 -49.43 -6.40 -22.91
CA ILE NB 101 -50.16 -5.34 -22.22
C ILE NB 101 -49.19 -4.61 -21.30
N TYR NB 102 -49.00 -3.31 -21.53
CA TYR NB 102 -48.21 -2.43 -20.70
C TYR NB 102 -49.13 -1.37 -20.11
N ASP NB 103 -48.57 -0.45 -19.33
CA ASP NB 103 -49.33 0.72 -18.92
C ASP NB 103 -48.83 1.95 -19.68
N ALA NB 104 -49.51 3.08 -19.46
CA ALA NB 104 -49.28 4.26 -20.27
C ALA NB 104 -47.95 4.93 -20.00
N SER NB 105 -47.34 4.71 -18.84
CA SER NB 105 -46.09 5.37 -18.53
C SER NB 105 -44.88 4.69 -19.17
N GLU NB 106 -45.07 3.55 -19.82
CA GLU NB 106 -43.98 2.82 -20.46
C GLU NB 106 -43.92 3.05 -21.96
N MET NB 107 -44.72 3.97 -22.50
CA MET NB 107 -44.72 4.21 -23.93
C MET NB 107 -43.47 4.98 -24.32
N ARG NB 108 -42.74 4.46 -25.31
CA ARG NB 108 -41.52 5.07 -25.80
C ARG NB 108 -41.67 5.43 -27.26
N ASN NB 109 -40.74 6.24 -27.76
CA ASN NB 109 -40.81 6.74 -29.13
C ASN NB 109 -39.41 6.89 -29.71
N ALA NB 110 -39.35 6.94 -31.04
CA ALA NB 110 -38.08 7.04 -31.73
C ALA NB 110 -38.28 7.65 -33.11
N VAL NB 111 -37.17 8.11 -33.68
CA VAL NB 111 -37.12 8.62 -35.04
C VAL NB 111 -35.94 7.94 -35.74
N VAL NB 112 -36.17 7.47 -36.97
CA VAL NB 112 -35.22 6.63 -37.69
C VAL NB 112 -35.14 7.09 -39.14
N SER NB 113 -33.92 7.18 -39.65
CA SER NB 113 -33.66 7.66 -41.01
C SER NB 113 -33.28 6.49 -41.89
N LEU NB 114 -33.95 6.36 -43.02
CA LEU NB 114 -33.63 5.36 -44.03
C LEU NB 114 -32.95 6.02 -45.22
N ARG NB 115 -31.93 5.36 -45.75
CA ARG NB 115 -31.10 5.98 -46.78
C ARG NB 115 -31.54 5.63 -48.20
N ASN NB 116 -32.03 4.42 -48.41
CA ASN NB 116 -32.31 3.93 -49.75
C ASN NB 116 -33.69 3.33 -49.93
N VAL NB 117 -34.56 3.37 -48.92
CA VAL NB 117 -35.95 2.97 -49.05
C VAL NB 117 -36.81 4.06 -48.45
N SER NB 118 -38.02 4.22 -48.96
CA SER NB 118 -38.91 5.24 -48.48
C SER NB 118 -39.91 4.65 -47.50
N LEU NB 119 -40.82 5.50 -47.02
CA LEU NB 119 -41.80 5.07 -46.04
C LEU NB 119 -42.87 4.18 -46.65
N ASN NB 120 -43.14 4.33 -47.94
CA ASN NB 120 -44.31 3.68 -48.54
C ASN NB 120 -44.09 2.18 -48.72
N GLU NB 121 -42.90 1.77 -49.16
CA GLU NB 121 -42.70 0.33 -49.27
C GLU NB 121 -42.34 -0.29 -47.93
N PHE NB 122 -41.92 0.50 -46.93
CA PHE NB 122 -41.80 -0.08 -45.60
C PHE NB 122 -43.18 -0.30 -44.99
N ASN NB 123 -44.14 0.57 -45.32
CA ASN NB 123 -45.51 0.31 -44.90
C ASN NB 123 -46.09 -0.87 -45.67
N ASN NB 124 -45.63 -1.08 -46.91
CA ASN NB 124 -46.07 -2.28 -47.62
C ASN NB 124 -45.43 -3.53 -47.06
N PHE NB 125 -44.27 -3.40 -46.40
CA PHE NB 125 -43.71 -4.54 -45.68
C PHE NB 125 -44.51 -4.85 -44.43
N LEU NB 126 -45.08 -3.82 -43.79
CA LEU NB 126 -45.85 -4.11 -42.59
C LEU NB 126 -47.24 -4.61 -42.94
N LYS NB 127 -47.76 -4.21 -44.09
CA LYS NB 127 -49.08 -4.69 -44.47
C LYS NB 127 -48.97 -6.10 -45.03
N ARG NB 128 -47.88 -6.40 -45.74
CA ARG NB 128 -47.74 -7.75 -46.27
C ARG NB 128 -47.31 -8.73 -45.20
N SER NB 129 -46.71 -8.25 -44.10
CA SER NB 129 -46.30 -9.20 -43.08
C SER NB 129 -47.37 -9.42 -42.03
N GLY NB 130 -48.17 -8.40 -41.71
CA GLY NB 130 -49.17 -8.54 -40.68
C GLY NB 130 -48.86 -7.86 -39.38
N LEU NB 131 -47.88 -6.95 -39.36
CA LEU NB 131 -47.49 -6.23 -38.17
C LEU NB 131 -48.03 -4.81 -38.16
N TYR NB 132 -48.87 -4.48 -39.13
CA TYR NB 132 -49.43 -3.13 -39.24
C TYR NB 132 -50.45 -2.88 -38.16
N ASN NB 133 -50.21 -1.88 -37.32
CA ASN NB 133 -51.11 -1.49 -36.25
C ASN NB 133 -51.64 -0.11 -36.58
N LYS NB 134 -52.96 -0.02 -36.79
CA LYS NB 134 -53.56 1.24 -37.20
C LYS NB 134 -53.76 2.20 -36.05
N ASN NB 135 -53.56 1.77 -34.80
CA ASN NB 135 -53.68 2.69 -33.68
C ASN NB 135 -52.42 3.51 -33.50
N TYR NB 136 -51.24 2.93 -33.78
CA TYR NB 136 -49.98 3.64 -33.69
C TYR NB 136 -49.28 3.52 -35.05
N PRO NB 137 -49.67 4.34 -36.03
CA PRO NB 137 -49.03 4.29 -37.34
C PRO NB 137 -47.74 5.09 -37.33
N LEU NB 138 -47.08 5.11 -38.49
CA LEU NB 138 -45.86 5.87 -38.67
C LEU NB 138 -46.18 7.24 -39.25
N ARG NB 139 -45.67 8.29 -38.61
CA ARG NB 139 -45.89 9.66 -39.01
C ARG NB 139 -44.68 10.16 -39.78
N GLY NB 140 -44.90 10.57 -41.02
CA GLY NB 140 -43.81 11.06 -41.84
C GLY NB 140 -44.29 11.31 -43.24
N ASP NB 141 -43.43 11.96 -44.02
CA ASP NB 141 -43.71 12.20 -45.43
C ASP NB 141 -43.67 10.90 -46.21
N ASN NB 142 -44.49 10.83 -47.26
CA ASN NB 142 -44.86 9.55 -47.84
C ASN NB 142 -43.72 8.91 -48.63
N ARG NB 143 -42.87 9.69 -49.29
CA ARG NB 143 -41.70 9.12 -49.95
C ARG NB 143 -40.46 9.93 -49.53
N LYS NB 144 -39.97 9.64 -48.33
CA LYS NB 144 -38.78 10.28 -47.77
C LYS NB 144 -38.11 9.27 -46.85
N GLY NB 145 -37.05 9.71 -46.19
CA GLY NB 145 -36.31 8.80 -45.34
C GLY NB 145 -36.67 8.83 -43.87
N THR NB 146 -37.26 9.92 -43.38
CA THR NB 146 -37.47 10.09 -41.94
C THR NB 146 -38.93 9.88 -41.59
N PHE NB 147 -39.16 9.26 -40.43
CA PHE NB 147 -40.49 9.17 -39.87
C PHE NB 147 -40.40 9.00 -38.36
N TYR NB 148 -41.54 9.10 -37.69
CA TYR NB 148 -41.62 9.15 -36.23
C TYR NB 148 -42.51 8.01 -35.76
N VAL NB 149 -42.01 7.18 -34.86
CA VAL NB 149 -42.72 6.02 -34.36
C VAL NB 149 -42.94 6.21 -32.85
N SER NB 150 -44.13 5.85 -32.36
CA SER NB 150 -44.40 5.86 -30.94
C SER NB 150 -45.46 4.82 -30.62
N GLY NB 151 -45.22 4.02 -29.59
CA GLY NB 151 -46.13 2.98 -29.19
C GLY NB 151 -45.58 2.14 -28.06
N PRO NB 152 -46.03 0.90 -27.93
CA PRO NB 152 -45.51 0.00 -26.90
C PRO NB 152 -44.07 -0.41 -27.17
N PRO NB 153 -43.34 -0.80 -26.13
CA PRO NB 153 -41.91 -1.13 -26.31
C PRO NB 153 -41.64 -2.39 -27.11
N VAL NB 154 -42.62 -3.27 -27.28
CA VAL NB 154 -42.41 -4.43 -28.12
C VAL NB 154 -42.69 -4.10 -29.58
N TYR NB 155 -43.33 -2.96 -29.84
CA TYR NB 155 -43.58 -2.49 -31.19
C TYR NB 155 -42.44 -1.61 -31.67
N VAL NB 156 -42.00 -0.66 -30.84
CA VAL NB 156 -40.97 0.26 -31.29
C VAL NB 156 -39.62 -0.42 -31.44
N ASP NB 157 -39.34 -1.40 -30.57
CA ASP NB 157 -38.07 -2.12 -30.68
C ASP NB 157 -38.05 -3.08 -31.85
N MET NB 158 -39.20 -3.36 -32.46
CA MET NB 158 -39.26 -4.14 -33.68
C MET NB 158 -39.14 -3.24 -34.89
N VAL NB 159 -39.84 -2.10 -34.88
CA VAL NB 159 -39.79 -1.20 -36.03
C VAL NB 159 -38.42 -0.56 -36.21
N VAL NB 160 -37.69 -0.32 -35.11
CA VAL NB 160 -36.34 0.22 -35.22
C VAL NB 160 -35.38 -0.83 -35.80
N ASN NB 161 -35.47 -2.07 -35.32
CA ASN NB 161 -34.55 -3.09 -35.78
C ASN NB 161 -34.91 -3.61 -37.16
N ALA NB 162 -36.15 -3.46 -37.58
CA ALA NB 162 -36.50 -3.89 -38.93
C ALA NB 162 -36.21 -2.81 -39.93
N ALA NB 163 -36.26 -1.55 -39.51
CA ALA NB 163 -35.96 -0.48 -40.44
C ALA NB 163 -34.47 -0.35 -40.68
N THR NB 164 -33.65 -0.49 -39.64
CA THR NB 164 -32.21 -0.38 -39.84
C THR NB 164 -31.59 -1.64 -40.46
N MET NB 165 -32.32 -2.74 -40.56
CA MET NB 165 -31.84 -3.93 -41.26
C MET NB 165 -32.37 -4.07 -42.67
N MET NB 166 -33.02 -3.04 -43.22
CA MET NB 166 -33.37 -3.05 -44.62
C MET NB 166 -32.48 -2.16 -45.46
N ASP NB 167 -31.88 -1.14 -44.85
CA ASP NB 167 -30.90 -0.33 -45.57
C ASP NB 167 -29.63 -1.13 -45.84
N LYS NB 168 -29.19 -1.94 -44.87
CA LYS NB 168 -28.01 -2.76 -45.09
C LYS NB 168 -28.29 -3.90 -46.05
N GLN NB 169 -29.56 -4.29 -46.20
CA GLN NB 169 -29.90 -5.27 -47.22
C GLN NB 169 -30.02 -4.63 -48.59
N ASN NB 170 -30.39 -3.35 -48.63
CA ASN NB 170 -30.47 -2.65 -49.91
C ASN NB 170 -29.21 -1.84 -50.17
N LEU NB 175 -29.21 -0.42 -60.13
CA LEU NB 175 -28.20 -0.47 -61.18
C LEU NB 175 -28.85 -0.44 -62.56
N GLY NB 176 -28.05 -0.14 -63.58
CA GLY NB 176 -28.55 -0.09 -64.94
C GLY NB 176 -27.90 -1.12 -65.86
N ARG NB 177 -28.72 -1.88 -66.57
CA ARG NB 177 -28.19 -2.85 -67.51
C ARG NB 177 -27.64 -2.16 -68.76
N GLN NB 178 -26.59 -2.74 -69.31
CA GLN NB 178 -26.04 -2.23 -70.56
C GLN NB 178 -26.94 -2.59 -71.73
N LYS NB 179 -26.81 -1.84 -72.82
CA LYS NB 179 -27.66 -1.98 -73.98
C LYS NB 179 -26.91 -1.45 -75.19
N ILE NB 180 -27.01 -2.18 -76.31
CA ILE NB 180 -26.35 -1.81 -77.55
C ILE NB 180 -27.42 -1.36 -78.52
N GLY NB 181 -27.26 -0.14 -79.05
CA GLY NB 181 -28.17 0.42 -80.01
C GLY NB 181 -27.49 0.62 -81.36
N VAL NB 182 -28.24 0.41 -82.43
CA VAL NB 182 -27.75 0.56 -83.80
C VAL NB 182 -28.56 1.68 -84.45
N MET NB 183 -27.87 2.72 -84.90
CA MET NB 183 -28.51 3.91 -85.45
C MET NB 183 -28.04 4.11 -86.88
N ARG NB 184 -28.93 3.83 -87.84
CA ARG NB 184 -28.57 4.00 -89.25
C ARG NB 184 -28.71 5.46 -89.66
N LEU NB 185 -27.72 5.94 -90.41
CA LEU NB 185 -27.70 7.32 -90.88
C LEU NB 185 -28.16 7.36 -92.33
N ASN NB 186 -29.12 8.23 -92.61
CA ASN NB 186 -29.73 8.28 -93.93
C ASN NB 186 -29.20 9.40 -94.81
N ASN NB 187 -28.62 10.46 -94.24
CA ASN NB 187 -28.27 11.64 -95.01
C ASN NB 187 -26.81 12.05 -94.85
N THR NB 188 -25.96 11.17 -94.35
CA THR NB 188 -24.54 11.49 -94.19
C THR NB 188 -23.72 10.21 -94.21
N PHE NB 189 -22.40 10.38 -94.13
CA PHE NB 189 -21.44 9.29 -94.17
C PHE NB 189 -20.73 9.17 -92.82
N VAL NB 190 -20.58 7.94 -92.35
CA VAL NB 190 -19.65 7.65 -91.27
C VAL NB 190 -18.26 7.52 -91.88
N GLY NB 191 -17.24 7.88 -91.13
CA GLY NB 191 -15.87 7.74 -91.60
C GLY NB 191 -15.37 8.99 -92.29
N ASP NB 192 -14.06 9.07 -92.39
CA ASP NB 192 -13.38 10.25 -92.88
C ASP NB 192 -13.31 10.28 -94.40
N ARG NB 193 -13.23 11.49 -94.94
CA ARG NB 193 -13.07 11.70 -96.37
C ARG NB 193 -11.68 12.27 -96.64
N THR NB 194 -11.04 11.81 -97.71
CA THR NB 194 -9.68 12.18 -98.02
C THR NB 194 -9.58 12.68 -99.46
N TYR NB 195 -8.82 13.74 -99.67
CA TYR NB 195 -8.51 14.26 -101.00
C TYR NB 195 -7.11 14.83 -100.98
N ASN NB 196 -6.63 15.28 -102.15
CA ASN NB 196 -5.25 15.74 -102.29
C ASN NB 196 -5.20 17.07 -103.02
N LEU NB 197 -4.21 17.90 -102.65
CA LEU NB 197 -3.85 19.09 -103.43
C LEU NB 197 -2.41 18.91 -103.87
N ARG NB 198 -2.22 18.08 -104.90
CA ARG NB 198 -1.01 17.89 -105.72
C ARG NB 198 0.20 17.31 -105.00
N ASP NB 199 0.28 17.40 -103.68
CA ASP NB 199 1.29 16.67 -102.93
C ASP NB 199 0.81 16.22 -101.56
N GLN NB 200 -0.15 16.93 -101.00
CA GLN NB 200 -0.51 16.81 -99.59
C GLN NB 200 -1.92 16.27 -99.43
N LYS NB 201 -2.13 15.52 -98.36
CA LYS NB 201 -3.40 14.85 -98.10
C LYS NB 201 -4.15 15.61 -97.02
N MET NB 202 -5.44 15.83 -97.26
CA MET NB 202 -6.33 16.45 -96.29
C MET NB 202 -7.35 15.44 -95.82
N VAL NB 203 -7.57 15.36 -94.51
CA VAL NB 203 -8.50 14.41 -93.91
C VAL NB 203 -9.54 15.20 -93.13
N ILE NB 204 -10.80 14.95 -93.41
CA ILE NB 204 -11.93 15.60 -92.76
C ILE NB 204 -12.57 14.61 -91.79
N PRO NB 205 -12.72 14.93 -90.52
CA PRO NB 205 -13.32 13.98 -89.58
C PRO NB 205 -14.82 13.86 -89.79
N GLY NB 206 -15.30 12.61 -89.71
CA GLY NB 206 -16.69 12.31 -89.92
C GLY NB 206 -17.52 12.48 -88.67
N ILE NB 207 -18.69 11.82 -88.67
CA ILE NB 207 -19.57 11.91 -87.52
C ILE NB 207 -19.13 10.97 -86.40
N ALA NB 208 -18.35 9.94 -86.70
CA ALA NB 208 -17.97 8.99 -85.66
C ALA NB 208 -16.71 9.41 -84.93
N THR NB 209 -15.98 10.39 -85.45
CA THR NB 209 -14.83 10.95 -84.77
C THR NB 209 -15.20 12.19 -83.96
N ALA NB 210 -16.26 12.88 -84.34
CA ALA NB 210 -16.67 14.07 -83.62
C ALA NB 210 -17.37 13.72 -82.31
N ILE NB 211 -18.21 12.70 -82.29
CA ILE NB 211 -18.88 12.32 -81.06
C ILE NB 211 -17.96 11.51 -80.16
N GLU NB 212 -16.95 10.85 -80.74
CA GLU NB 212 -16.01 10.09 -79.94
C GLU NB 212 -15.08 11.02 -79.15
N ARG NB 213 -14.72 12.16 -79.73
CA ARG NB 213 -13.92 13.15 -79.01
C ARG NB 213 -14.76 13.96 -78.04
N LEU NB 214 -16.08 13.98 -78.22
CA LEU NB 214 -16.93 14.72 -77.29
C LEU NB 214 -17.09 13.97 -75.98
N LEU NB 215 -17.09 12.64 -76.03
CA LEU NB 215 -17.28 11.80 -74.86
C LEU NB 215 -15.97 11.23 -74.34
N GLN NB 216 -14.85 11.89 -74.66
CA GLN NB 216 -13.54 11.41 -74.26
C GLN NB 216 -13.20 11.92 -72.87
N GLY NB 217 -12.61 11.05 -72.04
CA GLY NB 217 -12.41 11.38 -70.65
C GLY NB 217 -13.74 11.42 -69.94
N GLU NB 218 -14.17 12.62 -69.56
CA GLU NB 218 -15.58 12.96 -69.24
C GLU NB 218 -16.13 12.14 -68.08
N GLU NB 219 -15.56 12.37 -66.90
CA GLU NB 219 -16.12 11.80 -65.68
C GLU NB 219 -17.32 12.62 -65.22
N GLN NB 220 -18.44 12.50 -65.94
CA GLN NB 220 -19.60 13.36 -65.73
C GLN NB 220 -20.87 12.53 -65.63
N PRO NB 221 -21.79 12.89 -64.71
CA PRO NB 221 -22.99 12.08 -64.51
C PRO NB 221 -24.04 12.25 -65.62
N LEU NB 222 -23.84 11.59 -66.75
CA LEU NB 222 -24.79 11.69 -67.85
C LEU NB 222 -25.93 10.70 -67.64
N GLY NB 223 -27.15 11.21 -67.81
CA GLY NB 223 -28.34 10.39 -67.71
C GLY NB 223 -29.36 10.72 -68.79
N ALA NB 262 -24.87 5.86 -65.17
CA ALA NB 262 -23.47 5.86 -64.77
C ALA NB 262 -22.80 7.17 -65.13
N ALA NB 263 -21.62 7.09 -65.74
CA ALA NB 263 -20.84 8.28 -66.09
C ALA NB 263 -20.94 8.52 -67.59
N ALA NB 264 -20.36 9.64 -68.02
CA ALA NB 264 -20.33 9.95 -69.46
C ALA NB 264 -19.08 9.37 -70.10
N GLY NB 265 -18.15 8.85 -69.30
CA GLY NB 265 -16.89 8.33 -69.79
C GLY NB 265 -16.86 6.87 -70.13
N ASN NB 266 -17.93 6.12 -69.87
CA ASN NB 266 -17.97 4.71 -70.20
C ASN NB 266 -18.86 4.41 -71.40
N ILE NB 267 -19.22 5.43 -72.19
CA ILE NB 267 -19.95 5.20 -73.43
C ILE NB 267 -18.97 4.91 -74.55
N LYS NB 268 -19.20 3.83 -75.28
CA LYS NB 268 -18.35 3.43 -76.39
C LYS NB 268 -19.11 3.65 -77.69
N ILE NB 269 -18.49 4.33 -78.65
CA ILE NB 269 -19.07 4.61 -79.94
C ILE NB 269 -18.11 4.11 -81.01
N VAL NB 270 -18.58 3.18 -81.84
CA VAL NB 270 -17.76 2.53 -82.87
C VAL NB 270 -18.50 2.62 -84.19
N ALA NB 271 -17.80 3.11 -85.22
CA ALA NB 271 -18.34 3.22 -86.56
C ALA NB 271 -18.41 1.84 -87.22
N TYR NB 272 -19.54 1.53 -87.82
CA TYR NB 272 -19.67 0.31 -88.61
C TYR NB 272 -20.01 0.69 -90.04
N PRO NB 273 -19.01 0.81 -90.93
CA PRO NB 273 -19.28 1.35 -92.26
C PRO NB 273 -19.96 0.39 -93.22
N ASP NB 274 -20.12 -0.88 -92.84
CA ASP NB 274 -20.63 -1.88 -93.78
C ASP NB 274 -22.13 -1.73 -93.97
N THR NB 275 -22.83 -1.12 -93.01
CA THR NB 275 -24.23 -0.76 -93.18
C THR NB 275 -24.50 0.71 -92.89
N ASN NB 276 -23.44 1.52 -92.75
CA ASN NB 276 -23.50 2.97 -92.54
C ASN NB 276 -24.30 3.31 -91.29
N SER NB 277 -23.79 2.87 -90.14
CA SER NB 277 -24.52 3.03 -88.89
C SER NB 277 -23.53 3.07 -87.73
N LEU NB 278 -23.97 3.70 -86.64
CA LEU NB 278 -23.19 3.82 -85.42
C LEU NB 278 -23.57 2.72 -84.44
N LEU NB 279 -22.62 2.33 -83.61
CA LEU NB 279 -22.84 1.34 -82.56
C LEU NB 279 -22.54 2.00 -81.22
N VAL NB 280 -23.57 2.19 -80.41
CA VAL NB 280 -23.45 2.84 -79.10
C VAL NB 280 -23.72 1.81 -78.02
N LYS NB 281 -22.83 1.73 -77.04
CA LYS NB 281 -22.99 0.81 -75.92
C LYS NB 281 -23.03 1.62 -74.63
N GLY NB 282 -24.13 1.52 -73.90
CA GLY NB 282 -24.27 2.21 -72.64
C GLY NB 282 -25.51 1.73 -71.93
N THR NB 283 -25.97 2.54 -70.96
CA THR NB 283 -27.20 2.22 -70.27
C THR NB 283 -28.40 2.54 -71.16
N ALA NB 284 -29.60 2.27 -70.66
CA ALA NB 284 -30.80 2.53 -71.43
C ALA NB 284 -31.15 4.01 -71.53
N GLU NB 285 -30.53 4.85 -70.70
CA GLU NB 285 -30.76 6.29 -70.75
C GLU NB 285 -29.68 7.01 -71.55
N GLN NB 286 -28.47 6.45 -71.64
CA GLN NB 286 -27.43 7.07 -72.45
C GLN NB 286 -27.58 6.73 -73.92
N VAL NB 287 -28.17 5.57 -74.23
CA VAL NB 287 -28.39 5.21 -75.63
C VAL NB 287 -29.47 6.10 -76.25
N HIS NB 288 -30.53 6.37 -75.48
CA HIS NB 288 -31.56 7.32 -75.92
C HIS NB 288 -31.02 8.75 -75.97
N PHE NB 289 -29.96 9.05 -75.24
CA PHE NB 289 -29.41 10.40 -75.22
C PHE NB 289 -28.60 10.69 -76.49
N ILE NB 290 -27.92 9.67 -77.02
CA ILE NB 290 -27.16 9.86 -78.25
C ILE NB 290 -28.06 9.74 -79.48
N GLU NB 291 -29.17 8.99 -79.36
CA GLU NB 291 -30.09 8.85 -80.47
C GLU NB 291 -30.83 10.15 -80.78
N MET NB 292 -31.03 11.00 -79.78
CA MET NB 292 -31.65 12.30 -80.03
C MET NB 292 -30.64 13.32 -80.56
N LEU NB 293 -29.34 13.11 -80.34
CA LEU NB 293 -28.34 14.00 -80.90
C LEU NB 293 -28.10 13.69 -82.37
N VAL NB 294 -28.14 12.40 -82.73
CA VAL NB 294 -27.86 11.96 -84.09
C VAL NB 294 -28.94 12.44 -85.05
N LYS NB 295 -30.19 12.43 -84.62
CA LYS NB 295 -31.30 12.89 -85.47
C LYS NB 295 -31.31 14.40 -85.66
N ALA NB 296 -30.48 15.15 -84.94
CA ALA NB 296 -30.34 16.58 -85.17
C ALA NB 296 -29.17 16.91 -86.07
N LEU NB 297 -28.19 16.02 -86.17
CA LEU NB 297 -27.05 16.19 -87.07
C LEU NB 297 -27.25 15.52 -88.41
N ASP NB 298 -28.41 14.91 -88.65
CA ASP NB 298 -28.66 14.12 -89.86
C ASP NB 298 -29.72 14.82 -90.69
N VAL NB 299 -29.28 15.74 -91.55
CA VAL NB 299 -30.16 16.50 -92.42
C VAL NB 299 -29.68 16.39 -93.85
N ALA NB 300 -30.61 16.58 -94.78
CA ALA NB 300 -30.29 16.52 -96.20
C ALA NB 300 -29.67 17.83 -96.67
N LYS NB 301 -28.72 17.72 -97.59
CA LYS NB 301 -27.95 18.85 -98.06
C LYS NB 301 -28.45 19.36 -99.41
N ARG NB 302 -28.00 20.55 -99.77
CA ARG NB 302 -28.35 21.19 -101.03
C ARG NB 302 -27.12 21.29 -101.91
N HIS NB 303 -27.35 21.42 -103.21
CA HIS NB 303 -26.28 21.41 -104.19
C HIS NB 303 -25.95 22.81 -104.65
N VAL NB 304 -24.65 23.09 -104.78
CA VAL NB 304 -24.15 24.37 -105.27
C VAL NB 304 -23.29 24.09 -106.50
N GLU NB 305 -23.54 24.81 -107.58
CA GLU NB 305 -22.73 24.73 -108.78
C GLU NB 305 -21.98 26.06 -108.95
N LEU NB 306 -20.65 25.99 -108.97
CA LEU NB 306 -19.81 27.17 -109.00
C LEU NB 306 -19.22 27.33 -110.39
N SER NB 307 -19.41 28.50 -110.98
CA SER NB 307 -18.89 28.82 -112.30
C SER NB 307 -17.96 30.01 -112.20
N LEU NB 308 -16.73 29.87 -112.71
CA LEU NB 308 -15.71 30.89 -112.62
C LEU NB 308 -15.30 31.32 -114.01
N TRP NB 309 -15.32 32.63 -114.26
CA TRP NB 309 -14.96 33.19 -115.56
C TRP NB 309 -13.57 33.80 -115.49
N ILE NB 310 -12.73 33.50 -116.48
CA ILE NB 310 -11.41 34.08 -116.61
C ILE NB 310 -11.32 34.72 -117.99
N VAL NB 311 -11.42 36.05 -118.04
CA VAL NB 311 -11.41 36.81 -119.29
C VAL NB 311 -10.03 37.44 -119.45
N ASP NB 312 -9.47 37.34 -120.64
CA ASP NB 312 -8.12 37.82 -120.90
C ASP NB 312 -8.10 38.47 -122.27
N LEU NB 313 -7.78 39.76 -122.31
CA LEU NB 313 -7.73 40.51 -123.56
C LEU NB 313 -6.36 41.13 -123.73
N ASN NB 314 -5.99 41.35 -125.00
CA ASN NB 314 -4.73 41.98 -125.35
C ASN NB 314 -4.94 42.91 -126.53
N LYS NB 315 -3.93 43.74 -126.77
CA LYS NB 315 -3.88 44.70 -127.86
C LYS NB 315 -2.46 45.19 -127.97
N SER NB 316 -2.04 45.56 -129.18
CA SER NB 316 -0.66 45.98 -129.37
C SER NB 316 -0.55 46.87 -130.59
N ASP NB 317 0.62 47.48 -130.74
CA ASP NB 317 0.94 48.37 -131.84
C ASP NB 317 2.45 48.53 -131.87
N LEU NB 318 3.03 48.71 -133.05
CA LEU NB 318 4.47 48.77 -133.22
C LEU NB 318 4.79 49.36 -134.57
N GLU NB 319 5.83 50.21 -134.63
CA GLU NB 319 6.28 50.80 -135.89
C GLU NB 319 7.73 51.21 -135.76
N ARG NB 320 8.60 50.67 -136.61
CA ARG NB 320 9.98 51.10 -136.71
C ARG NB 320 10.26 51.57 -138.13
N LEU NB 321 11.02 52.65 -138.26
CA LEU NB 321 11.35 53.19 -139.58
C LEU NB 321 12.60 54.04 -139.46
N GLY NB 322 13.70 53.59 -140.06
CA GLY NB 322 14.92 54.36 -140.07
C GLY NB 322 16.13 53.48 -140.18
N THR NB 323 17.29 54.12 -140.30
CA THR NB 323 18.57 53.46 -140.45
C THR NB 323 19.47 53.73 -139.25
N SER NB 324 20.60 53.03 -139.21
CA SER NB 324 21.56 53.16 -138.12
C SER NB 324 22.92 52.72 -138.62
N TRP NB 325 23.89 53.64 -138.68
CA TRP NB 325 25.19 53.40 -139.26
C TRP NB 325 26.19 52.99 -138.19
N SER NB 326 26.91 51.89 -138.44
CA SER NB 326 27.92 51.40 -137.49
C SER NB 326 28.88 50.50 -138.26
N GLY NB 327 30.12 50.94 -138.43
CA GLY NB 327 31.10 50.15 -139.17
C GLY NB 327 32.50 50.69 -139.03
N SER NB 328 33.44 49.96 -139.62
CA SER NB 328 34.85 50.32 -139.64
C SER NB 328 35.36 50.39 -141.07
N ILE NB 329 36.57 50.95 -141.22
CA ILE NB 329 37.18 51.13 -142.54
C ILE NB 329 38.69 51.10 -142.35
N THR NB 330 39.43 50.94 -143.44
CA THR NB 330 40.88 51.00 -143.44
C THR NB 330 41.35 51.84 -144.61
N ILE NB 331 42.10 52.90 -144.33
CA ILE NB 331 42.48 53.89 -145.34
C ILE NB 331 43.99 53.83 -145.50
N GLY NB 332 44.44 53.09 -146.51
CA GLY NB 332 45.84 53.13 -146.93
C GLY NB 332 46.84 52.60 -145.93
N ASP NB 333 46.46 51.58 -145.14
CA ASP NB 333 47.27 50.81 -144.17
C ASP NB 333 48.15 51.68 -143.24
N LYS NB 334 47.73 52.91 -142.99
CA LYS NB 334 48.39 53.80 -142.04
C LYS NB 334 47.44 54.51 -141.11
N LEU NB 335 46.16 54.64 -141.46
CA LEU NB 335 45.18 55.22 -140.55
C LEU NB 335 43.82 54.60 -140.84
N GLY NB 336 43.05 54.37 -139.79
CA GLY NB 336 41.73 53.78 -139.92
C GLY NB 336 40.71 54.59 -139.15
N VAL NB 337 39.48 54.54 -139.65
CA VAL NB 337 38.38 55.32 -139.09
C VAL NB 337 37.29 54.36 -138.65
N SER NB 338 36.87 54.46 -137.39
CA SER NB 338 35.73 53.73 -136.88
C SER NB 338 34.53 54.65 -136.80
N LEU NB 339 33.36 54.08 -136.52
CA LEU NB 339 32.12 54.85 -136.39
C LEU NB 339 31.17 54.09 -135.49
N ASN NB 340 30.88 54.67 -134.31
CA ASN NB 340 29.88 54.19 -133.35
C ASN NB 340 30.16 52.76 -132.89
N GLN NB 341 31.42 52.46 -132.58
CA GLN NB 341 31.82 51.14 -132.17
C GLN NB 341 32.70 51.21 -130.92
N SER NB 342 32.98 50.04 -130.36
CA SER NB 342 33.90 49.91 -129.24
C SER NB 342 35.13 49.08 -129.62
N SER NB 343 34.92 47.95 -130.28
CA SER NB 343 36.01 47.10 -130.76
C SER NB 343 36.21 47.32 -132.25
N ILE NB 344 37.45 47.55 -132.66
CA ILE NB 344 37.77 47.93 -134.03
C ILE NB 344 38.68 46.86 -134.63
N SER NB 345 39.47 46.20 -133.77
CA SER NB 345 40.51 45.29 -134.25
C SER NB 345 39.92 44.01 -134.83
N THR NB 346 38.94 43.42 -134.16
CA THR NB 346 38.31 42.20 -134.67
C THR NB 346 37.32 42.49 -135.80
N LEU NB 347 36.95 43.75 -136.01
CA LEU NB 347 36.16 44.17 -137.17
C LEU NB 347 36.98 45.05 -138.11
N ASP NB 348 38.30 44.79 -138.21
CA ASP NB 348 39.14 45.63 -139.06
C ASP NB 348 38.99 45.30 -140.53
N GLY NB 349 38.79 44.03 -140.87
CA GLY NB 349 38.59 43.63 -142.26
C GLY NB 349 37.19 43.80 -142.79
N SER NB 350 36.26 44.32 -141.98
CA SER NB 350 34.89 44.49 -142.39
C SER NB 350 34.68 45.88 -142.98
N ARG NB 351 33.42 46.27 -143.15
CA ARG NB 351 33.06 47.53 -143.81
C ARG NB 351 32.00 48.27 -143.02
N PHE NB 352 31.44 49.33 -143.61
CA PHE NB 352 30.34 50.05 -142.98
C PHE NB 352 29.05 49.25 -143.12
N ILE NB 353 28.22 49.30 -142.08
CA ILE NB 353 26.93 48.61 -142.06
C ILE NB 353 25.84 49.64 -141.85
N ALA NB 354 24.84 49.64 -142.73
CA ALA NB 354 23.69 50.53 -142.63
C ALA NB 354 22.46 49.67 -142.37
N ALA NB 355 22.19 49.38 -141.10
CA ALA NB 355 21.07 48.53 -140.73
C ALA NB 355 19.76 49.29 -140.86
N VAL NB 356 18.90 48.85 -141.78
CA VAL NB 356 17.63 49.50 -142.07
C VAL NB 356 16.53 48.68 -141.41
N ASN NB 357 15.54 49.36 -140.84
CA ASN NB 357 14.39 48.71 -140.24
C ASN NB 357 13.12 49.32 -140.81
N ALA NB 358 12.15 48.47 -141.14
CA ALA NB 358 10.85 48.92 -141.62
C ALA NB 358 9.82 47.88 -141.22
N LEU NB 359 8.84 48.30 -140.41
CA LEU NB 359 7.85 47.39 -139.86
C LEU NB 359 6.67 48.19 -139.36
N GLU NB 360 5.50 47.58 -139.38
CA GLU NB 360 4.27 48.21 -138.87
C GLU NB 360 3.31 47.09 -138.50
N GLU NB 361 3.10 46.89 -137.20
CA GLU NB 361 2.44 45.69 -136.71
C GLU NB 361 1.23 46.05 -135.87
N LYS NB 362 0.14 45.32 -136.05
CA LYS NB 362 -1.03 45.36 -135.18
C LYS NB 362 -1.27 43.97 -134.61
N LYS NB 363 -2.02 43.91 -133.51
CA LYS NB 363 -2.23 42.64 -132.82
C LYS NB 363 -3.48 42.75 -131.96
N GLN NB 364 -4.09 41.59 -131.70
CA GLN NB 364 -5.27 41.49 -130.83
C GLN NB 364 -5.44 40.03 -130.46
N ALA NB 365 -5.85 39.77 -129.22
CA ALA NB 365 -6.02 38.41 -128.74
C ALA NB 365 -7.01 38.40 -127.58
N THR NB 366 -8.03 37.54 -127.68
CA THR NB 366 -9.01 37.35 -126.62
C THR NB 366 -9.02 35.88 -126.22
N VAL NB 367 -9.12 35.62 -124.92
CA VAL NB 367 -9.22 34.27 -124.38
C VAL NB 367 -10.24 34.29 -123.25
N VAL NB 368 -11.26 33.44 -123.34
CA VAL NB 368 -12.27 33.30 -122.29
C VAL NB 368 -12.33 31.84 -121.88
N SER NB 369 -11.92 31.55 -120.65
CA SER NB 369 -11.91 30.21 -120.11
C SER NB 369 -12.86 30.13 -118.92
N ARG NB 370 -13.43 28.95 -118.68
CA ARG NB 370 -14.48 28.80 -117.67
C ARG NB 370 -14.50 27.37 -117.12
N PRO NB 371 -14.08 27.18 -115.88
CA PRO NB 371 -14.30 25.89 -115.20
C PRO NB 371 -15.60 25.87 -114.39
N VAL NB 372 -16.26 24.70 -114.40
CA VAL NB 372 -17.52 24.49 -113.70
C VAL NB 372 -17.35 23.31 -112.75
N LEU NB 373 -17.88 23.44 -111.53
CA LEU NB 373 -17.75 22.42 -110.50
C LEU NB 373 -19.03 22.36 -109.67
N LEU NB 374 -19.42 21.15 -109.28
CA LEU NB 374 -20.65 20.92 -108.52
C LEU NB 374 -20.33 20.22 -107.22
N THR NB 375 -20.89 20.73 -106.12
CA THR NB 375 -20.68 20.13 -104.80
C THR NB 375 -21.88 20.43 -103.92
N GLN NB 376 -21.80 20.06 -102.66
CA GLN NB 376 -22.86 20.22 -101.68
C GLN NB 376 -22.46 21.30 -100.66
N GLU NB 377 -23.36 21.55 -99.71
CA GLU NB 377 -23.06 22.46 -98.63
C GLU NB 377 -21.97 21.89 -97.73
N ASN NB 378 -21.07 22.77 -97.29
CA ASN NB 378 -20.04 22.48 -96.28
C ASN NB 378 -19.11 21.34 -96.68
N VAL NB 379 -18.92 21.11 -97.97
CA VAL NB 379 -18.10 20.03 -98.48
C VAL NB 379 -17.02 20.64 -99.36
N PRO NB 380 -15.74 20.41 -99.06
CA PRO NB 380 -14.68 20.95 -99.93
C PRO NB 380 -14.57 20.15 -101.23
N ALA NB 381 -14.47 20.85 -102.34
CA ALA NB 381 -14.37 20.24 -103.65
C ALA NB 381 -13.15 20.79 -104.38
N ILE NB 382 -12.66 20.04 -105.36
CA ILE NB 382 -11.46 20.40 -106.12
C ILE NB 382 -11.71 20.13 -107.59
N PHE NB 383 -11.46 21.14 -108.42
CA PHE NB 383 -11.29 20.98 -109.85
C PHE NB 383 -9.83 21.28 -110.18
N ASP NB 384 -9.22 20.47 -111.03
CA ASP NB 384 -7.81 20.60 -111.33
C ASP NB 384 -7.57 20.21 -112.78
N ASN NB 385 -6.82 21.04 -113.50
CA ASN NB 385 -6.47 20.78 -114.90
C ASN NB 385 -5.02 21.22 -115.07
N ASN NB 386 -4.09 20.28 -114.87
CA ASN NB 386 -2.69 20.63 -114.76
C ASN NB 386 -1.86 19.95 -115.85
N ARG NB 387 -0.55 20.15 -115.76
CA ARG NB 387 0.43 19.61 -116.69
C ARG NB 387 1.72 19.38 -115.93
N THR NB 388 2.32 18.21 -116.10
CA THR NB 388 3.48 17.80 -115.33
C THR NB 388 4.69 17.70 -116.26
N PHE NB 389 5.84 18.17 -115.80
CA PHE NB 389 7.07 18.20 -116.57
C PHE NB 389 8.14 17.42 -115.80
N TYR NB 390 8.56 16.30 -116.35
CA TYR NB 390 9.50 15.41 -115.66
C TYR NB 390 10.91 15.65 -116.17
N THR NB 391 11.87 15.68 -115.24
CA THR NB 391 13.27 15.92 -115.57
C THR NB 391 14.13 14.83 -114.95
N LYS NB 392 15.31 14.65 -115.51
CA LYS NB 392 16.22 13.56 -115.14
C LYS NB 392 17.44 14.17 -114.45
N LEU NB 393 17.40 14.20 -113.11
CA LEU NB 393 18.53 14.66 -112.30
C LEU NB 393 19.45 13.47 -112.14
N ILE NB 394 20.54 13.44 -112.90
CA ILE NB 394 21.42 12.27 -112.93
C ILE NB 394 22.39 12.39 -111.75
N GLY NB 395 21.94 11.93 -110.58
CA GLY NB 395 22.76 11.80 -109.41
C GLY NB 395 23.24 10.36 -109.26
N GLU NB 396 23.72 10.06 -108.05
CA GLU NB 396 24.16 8.71 -107.77
C GLU NB 396 23.43 8.04 -106.62
N ARG NB 397 22.99 8.80 -105.60
CA ARG NB 397 22.45 8.19 -104.39
C ARG NB 397 20.94 8.31 -104.30
N ASN NB 398 20.48 9.55 -104.22
CA ASN NB 398 19.07 9.85 -104.05
C ASN NB 398 18.57 10.27 -105.41
N VAL NB 399 18.71 9.37 -106.37
CA VAL NB 399 18.24 9.58 -107.74
C VAL NB 399 16.74 9.70 -107.70
N ALA NB 400 16.21 10.68 -108.42
CA ALA NB 400 14.78 10.98 -108.30
C ALA NB 400 14.30 11.58 -109.60
N LEU NB 401 13.02 11.40 -109.86
CA LEU NB 401 12.33 12.08 -110.94
C LEU NB 401 11.67 13.30 -110.30
N GLU NB 402 12.26 14.47 -110.53
CA GLU NB 402 11.69 15.70 -110.02
C GLU NB 402 10.75 16.28 -111.06
N HIS NB 403 9.71 16.95 -110.60
CA HIS NB 403 8.65 17.40 -111.48
C HIS NB 403 8.11 18.75 -111.03
N VAL NB 404 7.63 19.51 -111.99
CA VAL NB 404 6.89 20.75 -111.74
C VAL NB 404 5.49 20.56 -112.27
N THR NB 405 4.58 21.40 -111.80
CA THR NB 405 3.15 21.27 -112.13
C THR NB 405 2.55 22.66 -112.25
N TYR NB 406 1.75 22.87 -113.29
CA TYR NB 406 1.09 24.15 -113.48
C TYR NB 406 -0.23 23.93 -114.21
N GLY NB 407 -1.23 24.72 -113.85
CA GLY NB 407 -2.52 24.63 -114.52
C GLY NB 407 -3.60 25.29 -113.70
N THR NB 408 -4.83 25.20 -114.20
CA THR NB 408 -5.99 25.79 -113.55
C THR NB 408 -6.41 24.93 -112.38
N MET NB 409 -6.82 25.56 -111.28
CA MET NB 409 -7.14 24.84 -110.06
C MET NB 409 -8.06 25.69 -109.19
N ILE NB 410 -9.19 25.11 -108.76
CA ILE NB 410 -10.11 25.76 -107.84
C ILE NB 410 -10.33 24.84 -106.65
N ARG NB 411 -10.34 25.40 -105.45
CA ARG NB 411 -10.75 24.70 -104.25
C ARG NB 411 -11.73 25.59 -103.49
N VAL NB 412 -12.97 25.14 -103.35
CA VAL NB 412 -14.04 25.97 -102.84
C VAL NB 412 -14.72 25.24 -101.69
N LEU NB 413 -15.35 26.01 -100.80
CA LEU NB 413 -16.07 25.47 -99.66
C LEU NB 413 -17.33 26.30 -99.50
N PRO NB 414 -18.43 25.90 -100.16
CA PRO NB 414 -19.63 26.73 -100.15
C PRO NB 414 -20.45 26.53 -98.89
N ARG NB 415 -21.29 27.52 -98.62
CA ARG NB 415 -22.08 27.55 -97.39
C ARG NB 415 -23.22 28.56 -97.57
N PHE NB 416 -24.43 28.16 -97.22
CA PHE NB 416 -25.58 29.05 -97.32
C PHE NB 416 -25.71 29.90 -96.06
N SER NB 417 -25.97 31.18 -96.25
CA SER NB 417 -26.19 32.07 -95.12
C SER NB 417 -27.67 32.02 -94.71
N ALA NB 418 -28.06 32.93 -93.82
CA ALA NB 418 -29.44 32.93 -93.32
C ALA NB 418 -30.40 33.58 -94.30
N ASP NB 419 -29.91 34.46 -95.17
CA ASP NB 419 -30.77 35.18 -96.11
C ASP NB 419 -30.91 34.48 -97.45
N GLY NB 420 -30.13 33.44 -97.70
CA GLY NB 420 -30.12 32.79 -98.99
C GLY NB 420 -28.93 33.12 -99.86
N GLN NB 421 -27.94 33.81 -99.34
CA GLN NB 421 -26.72 34.09 -100.08
C GLN NB 421 -25.69 32.99 -99.83
N ILE NB 422 -24.74 32.87 -100.75
CA ILE NB 422 -23.77 31.79 -100.75
C ILE NB 422 -22.40 32.37 -100.48
N GLU NB 423 -21.82 32.03 -99.34
CA GLU NB 423 -20.46 32.44 -99.00
C GLU NB 423 -19.48 31.34 -99.37
N MET NB 424 -18.35 31.73 -99.93
CA MET NB 424 -17.37 30.79 -100.46
C MET NB 424 -15.98 31.12 -99.95
N SER NB 425 -15.16 30.09 -99.75
CA SER NB 425 -13.77 30.25 -99.37
C SER NB 425 -12.90 29.76 -100.51
N LEU NB 426 -12.34 30.69 -101.27
CA LEU NB 426 -11.77 30.40 -102.58
C LEU NB 426 -10.25 30.24 -102.50
N ASP NB 427 -9.72 29.43 -103.41
CA ASP NB 427 -8.28 29.25 -103.63
C ASP NB 427 -8.08 29.01 -105.11
N ILE NB 428 -7.80 30.06 -105.87
CA ILE NB 428 -7.78 30.02 -107.32
C ILE NB 428 -6.33 30.10 -107.79
N GLU NB 429 -5.96 29.23 -108.74
CA GLU NB 429 -4.67 29.28 -109.40
C GLU NB 429 -4.89 29.13 -110.90
N ASP NB 430 -4.28 30.02 -111.69
CA ASP NB 430 -4.34 29.93 -113.14
C ASP NB 430 -2.95 30.18 -113.68
N GLY NB 431 -2.29 29.13 -114.15
CA GLY NB 431 -0.93 29.23 -114.66
C GLY NB 431 -0.82 28.70 -116.07
N ASN NB 432 0.23 29.12 -116.76
CA ASN NB 432 0.54 28.62 -118.09
C ASN NB 432 2.05 28.67 -118.28
N ASP NB 433 2.51 28.29 -119.46
CA ASP NB 433 3.93 28.12 -119.74
C ASP NB 433 4.40 29.27 -120.62
N LYS NB 434 5.29 30.10 -120.08
CA LYS NB 434 5.92 31.16 -120.84
C LYS NB 434 7.12 30.60 -121.59
N THR NB 435 7.26 31.00 -122.86
CA THR NB 435 8.28 30.45 -123.72
C THR NB 435 9.33 31.49 -124.03
N PRO NB 436 10.60 31.20 -123.77
CA PRO NB 436 11.68 32.06 -124.26
C PRO NB 436 11.98 31.84 -125.74
N GLN NB 437 13.06 32.43 -126.23
CA GLN NB 437 13.43 32.34 -127.64
C GLN NB 437 13.81 30.90 -127.99
N SER NB 438 13.25 30.39 -129.08
CA SER NB 438 13.43 28.99 -129.46
C SER NB 438 14.79 28.72 -130.11
N ASP NB 439 15.45 29.74 -130.65
CA ASP NB 439 16.69 29.54 -131.39
C ASP NB 439 17.89 29.25 -130.49
N THR NB 440 17.86 29.66 -129.22
CA THR NB 440 18.96 29.44 -128.31
C THR NB 440 18.84 28.10 -127.63
N THR NB 441 19.97 27.63 -127.07
CA THR NB 441 20.16 26.28 -126.55
C THR NB 441 19.27 25.97 -125.35
N THR NB 442 18.82 26.98 -124.59
CA THR NB 442 18.04 26.74 -123.37
C THR NB 442 16.61 26.28 -123.62
N SER NB 443 16.21 26.02 -124.86
CA SER NB 443 14.92 25.44 -125.17
C SER NB 443 14.91 23.92 -125.14
N VAL NB 444 16.07 23.27 -125.03
CA VAL NB 444 16.12 21.82 -125.01
C VAL NB 444 16.37 21.25 -123.61
N ASP NB 445 16.76 22.08 -122.65
CA ASP NB 445 16.94 21.61 -121.29
C ASP NB 445 15.67 21.84 -120.47
N ALA NB 446 15.75 21.57 -119.18
CA ALA NB 446 14.58 21.62 -118.29
C ALA NB 446 14.38 23.06 -117.77
N LEU NB 447 14.01 23.93 -118.70
CA LEU NB 447 13.65 25.31 -118.37
C LEU NB 447 12.29 25.65 -118.99
N PRO NB 448 11.19 25.16 -118.38
CA PRO NB 448 9.88 25.74 -118.68
C PRO NB 448 9.57 26.91 -117.76
N GLU NB 449 9.90 28.14 -118.14
CA GLU NB 449 9.54 29.31 -117.33
C GLU NB 449 8.03 29.38 -117.11
N VAL NB 450 7.60 29.11 -115.88
CA VAL NB 450 6.18 29.05 -115.51
C VAL NB 450 5.76 30.39 -114.93
N GLY NB 451 4.65 30.92 -115.41
CA GLY NB 451 4.01 32.09 -114.81
C GLY NB 451 2.64 31.70 -114.27
N ARG NB 452 2.42 32.02 -113.00
CA ARG NB 452 1.19 31.65 -112.31
C ARG NB 452 0.44 32.89 -111.86
N THR NB 453 -0.76 32.68 -111.32
CA THR NB 453 -1.61 33.74 -110.81
C THR NB 453 -2.45 33.17 -109.68
N LEU NB 454 -2.19 33.63 -108.45
CA LEU NB 454 -2.80 33.05 -107.26
C LEU NB 454 -3.70 34.07 -106.59
N ILE NB 455 -4.86 33.62 -106.14
CA ILE NB 455 -5.84 34.46 -105.46
C ILE NB 455 -6.44 33.65 -104.32
N SER NB 456 -6.45 34.21 -103.11
CA SER NB 456 -7.03 33.55 -101.94
C SER NB 456 -7.81 34.58 -101.15
N THR NB 457 -9.13 34.41 -101.06
CA THR NB 457 -10.00 35.39 -100.44
C THR NB 457 -11.28 34.71 -99.99
N ILE NB 458 -12.25 35.51 -99.52
CA ILE NB 458 -13.57 35.04 -99.13
C ILE NB 458 -14.59 36.04 -99.63
N ALA NB 459 -15.60 35.56 -100.37
CA ALA NB 459 -16.63 36.43 -100.92
C ALA NB 459 -18.00 35.83 -100.64
N ARG NB 460 -19.03 36.67 -100.75
CA ARG NB 460 -20.41 36.26 -100.46
C ARG NB 460 -21.33 36.86 -101.51
N VAL NB 461 -21.90 36.00 -102.35
CA VAL NB 461 -22.70 36.40 -103.51
C VAL NB 461 -24.14 35.95 -103.27
N PRO NB 462 -25.15 36.70 -103.71
CA PRO NB 462 -26.52 36.16 -103.73
C PRO NB 462 -26.67 35.07 -104.78
N HIS NB 463 -27.84 34.43 -104.76
CA HIS NB 463 -28.09 33.31 -105.66
C HIS NB 463 -28.38 33.82 -107.06
N GLY NB 464 -27.49 33.54 -108.00
CA GLY NB 464 -27.67 33.94 -109.37
C GLY NB 464 -26.93 35.18 -109.79
N LYS NB 465 -26.45 35.98 -108.85
CA LYS NB 465 -25.71 37.19 -109.15
C LYS NB 465 -24.22 36.86 -109.24
N SER NB 466 -23.38 37.89 -109.35
CA SER NB 466 -21.96 37.67 -109.58
C SER NB 466 -21.14 38.74 -108.88
N LEU NB 467 -19.85 38.45 -108.71
CA LEU NB 467 -18.92 39.35 -108.07
C LEU NB 467 -17.57 39.28 -108.78
N LEU NB 468 -16.85 40.39 -108.75
CA LEU NB 468 -15.50 40.47 -109.30
C LEU NB 468 -14.50 40.24 -108.18
N VAL NB 469 -13.72 39.17 -108.29
CA VAL NB 469 -12.81 38.78 -107.23
C VAL NB 469 -11.42 39.35 -107.43
N GLY NB 470 -10.84 39.17 -108.61
CA GLY NB 470 -9.50 39.67 -108.87
C GLY NB 470 -9.48 40.61 -110.05
N GLY NB 471 -8.29 40.92 -110.56
CA GLY NB 471 -8.19 41.80 -111.70
C GLY NB 471 -6.77 42.28 -111.88
N TYR NB 472 -6.49 42.76 -113.09
CA TYR NB 472 -5.18 43.28 -113.47
C TYR NB 472 -5.28 44.05 -114.79
N THR NB 473 -4.79 45.28 -114.83
CA THR NB 473 -4.66 46.04 -116.07
C THR NB 473 -3.24 46.54 -116.20
N ARG NB 474 -2.85 46.84 -117.43
CA ARG NB 474 -1.53 47.41 -117.69
C ARG NB 474 -1.55 48.16 -119.01
N ASP NB 475 -1.05 49.39 -119.00
CA ASP NB 475 -0.95 50.24 -120.19
C ASP NB 475 0.48 50.73 -120.34
N ALA NB 476 0.94 50.87 -121.58
CA ALA NB 476 2.31 51.28 -121.83
C ALA NB 476 2.39 52.01 -123.16
N ASN NB 477 3.38 52.91 -123.26
CA ASN NB 477 3.63 53.66 -124.49
C ASN NB 477 5.04 54.19 -124.45
N THR NB 478 5.92 53.65 -125.30
CA THR NB 478 7.29 54.13 -125.43
C THR NB 478 7.53 54.62 -126.84
N ASP NB 479 8.52 55.51 -127.00
CA ASP NB 479 8.94 56.00 -128.31
C ASP NB 479 10.34 56.59 -128.22
N THR NB 480 11.21 56.17 -129.13
CA THR NB 480 12.58 56.66 -129.21
C THR NB 480 12.79 57.38 -130.53
N VAL NB 481 13.75 58.31 -130.55
CA VAL NB 481 14.15 59.03 -131.76
C VAL NB 481 15.66 59.15 -131.74
N GLN NB 482 16.33 58.60 -132.77
CA GLN NB 482 17.75 58.76 -132.95
C GLN NB 482 18.04 59.46 -134.27
N SER NB 483 19.20 60.10 -134.36
CA SER NB 483 19.61 60.77 -135.58
C SER NB 483 21.12 60.99 -135.56
N ILE NB 484 21.64 61.40 -136.72
CA ILE NB 484 22.97 61.96 -136.86
C ILE NB 484 22.78 63.45 -136.61
N PRO NB 485 23.71 64.13 -135.91
CA PRO NB 485 23.44 65.52 -135.47
C PRO NB 485 23.24 66.54 -136.58
N PHE NB 486 24.04 66.50 -137.64
CA PHE NB 486 23.87 67.48 -138.73
C PHE NB 486 23.21 66.91 -139.96
N LEU NB 487 23.52 65.66 -140.32
CA LEU NB 487 22.97 65.07 -141.54
C LEU NB 487 21.51 64.70 -141.40
N GLY NB 488 20.99 64.62 -140.18
CA GLY NB 488 19.61 64.24 -139.97
C GLY NB 488 18.59 65.35 -140.20
N LYS NB 489 19.04 66.55 -140.54
CA LYS NB 489 18.15 67.68 -140.78
C LYS NB 489 18.16 68.13 -142.24
N LEU NB 490 18.74 67.34 -143.14
CA LEU NB 490 18.71 67.66 -144.55
C LEU NB 490 17.30 67.46 -145.10
N PRO NB 491 16.90 68.25 -146.13
CA PRO NB 491 15.50 68.19 -146.61
C PRO NB 491 15.10 66.86 -147.24
N LEU NB 492 15.84 66.39 -148.25
CA LEU NB 492 15.46 65.17 -148.96
C LEU NB 492 16.48 64.04 -148.77
N ILE NB 493 17.65 64.33 -148.23
CA ILE NB 493 18.64 63.30 -147.95
C ILE NB 493 18.61 62.86 -146.48
N GLY NB 494 18.08 63.69 -145.58
CA GLY NB 494 18.15 63.43 -144.15
C GLY NB 494 17.27 62.29 -143.65
N SER NB 495 16.46 61.68 -144.51
CA SER NB 495 15.67 60.54 -144.07
C SER NB 495 16.51 59.28 -143.95
N LEU NB 496 17.69 59.24 -144.56
CA LEU NB 496 18.56 58.08 -144.50
C LEU NB 496 19.37 58.00 -143.21
N PHE NB 497 19.22 58.96 -142.29
CA PHE NB 497 20.02 58.99 -141.08
C PHE NB 497 19.20 59.00 -139.79
N ARG NB 498 17.91 59.33 -139.85
CA ARG NB 498 17.09 59.33 -138.66
C ARG NB 498 16.61 57.92 -138.34
N TYR NB 499 15.96 57.78 -137.18
CA TYR NB 499 15.40 56.52 -136.72
C TYR NB 499 14.33 56.85 -135.70
N SER NB 500 13.25 56.07 -135.69
CA SER NB 500 12.14 56.33 -134.78
C SER NB 500 11.34 55.05 -134.58
N SER NB 501 11.03 54.75 -133.32
CA SER NB 501 10.25 53.58 -132.99
C SER NB 501 9.09 53.98 -132.08
N LYS NB 502 8.11 53.08 -131.98
CA LYS NB 502 6.95 53.27 -131.11
C LYS NB 502 6.56 51.92 -130.53
N ASN NB 503 5.69 51.96 -129.51
CA ASN NB 503 5.18 50.75 -128.89
C ASN NB 503 3.94 51.13 -128.08
N LYS NB 504 3.02 50.18 -127.92
CA LYS NB 504 1.79 50.39 -127.16
C LYS NB 504 1.19 49.03 -126.83
N SER NB 505 0.65 48.91 -125.63
CA SER NB 505 0.01 47.65 -125.22
C SER NB 505 -1.08 47.95 -124.20
N ASN NB 506 -2.09 47.09 -124.17
CA ASN NB 506 -3.20 47.20 -123.23
C ASN NB 506 -3.67 45.81 -122.85
N VAL NB 507 -3.42 45.41 -121.61
CA VAL NB 507 -3.72 44.07 -121.13
C VAL NB 507 -4.81 44.18 -120.06
N VAL NB 508 -5.78 43.26 -120.08
CA VAL NB 508 -6.84 43.20 -119.08
C VAL NB 508 -7.07 41.74 -118.72
N ARG NB 509 -6.97 41.42 -117.43
CA ARG NB 509 -7.36 40.11 -116.92
C ARG NB 509 -8.32 40.31 -115.74
N VAL NB 510 -9.40 39.52 -115.69
CA VAL NB 510 -10.35 39.57 -114.59
C VAL NB 510 -10.75 38.16 -114.19
N PHE NB 511 -11.25 38.04 -112.96
CA PHE NB 511 -11.75 36.78 -112.40
C PHE NB 511 -13.12 37.05 -111.82
N MET NB 512 -14.13 36.30 -112.25
CA MET NB 512 -15.49 36.51 -111.81
C MET NB 512 -16.08 35.21 -111.30
N ILE NB 513 -16.99 35.32 -110.34
CA ILE NB 513 -17.58 34.19 -109.64
C ILE NB 513 -19.09 34.29 -109.77
N GLU NB 514 -19.74 33.19 -110.14
CA GLU NB 514 -21.20 33.17 -110.31
C GLU NB 514 -21.75 31.84 -109.80
N PRO NB 515 -22.17 31.78 -108.54
CA PRO NB 515 -22.73 30.54 -107.99
C PRO NB 515 -24.25 30.48 -108.13
N LYS NB 516 -24.76 29.25 -108.15
CA LYS NB 516 -26.20 29.03 -108.20
C LYS NB 516 -26.51 27.68 -107.57
N GLU NB 517 -27.80 27.46 -107.30
CA GLU NB 517 -28.25 26.29 -106.56
C GLU NB 517 -28.94 25.32 -107.51
N ILE NB 518 -28.59 24.03 -107.38
CA ILE NB 518 -29.09 22.98 -108.25
C ILE NB 518 -30.16 22.20 -107.49
N VAL NB 519 -31.37 22.13 -108.05
CA VAL NB 519 -32.44 21.38 -107.45
C VAL NB 519 -32.99 20.28 -108.36
N ASP NB 520 -32.74 20.34 -109.67
CA ASP NB 520 -33.29 19.39 -110.62
C ASP NB 520 -32.18 18.71 -111.40
N PRO NB 521 -32.40 17.47 -111.85
CA PRO NB 521 -31.41 16.80 -112.69
C PRO NB 521 -31.44 17.36 -114.11
N LEU NB 522 -30.58 16.79 -114.96
CA LEU NB 522 -30.43 17.28 -116.33
C LEU NB 522 -31.65 16.91 -117.17
N THR NB 523 -32.04 17.82 -118.07
CA THR NB 523 -33.10 17.55 -119.03
C THR NB 523 -32.69 18.10 -120.39
N PRO NB 524 -32.63 17.27 -121.44
CA PRO NB 524 -32.81 15.81 -121.50
C PRO NB 524 -31.65 15.04 -120.88
N ASP NB 525 -31.75 13.71 -120.83
CA ASP NB 525 -30.83 12.90 -120.05
C ASP NB 525 -29.42 12.93 -120.66
N ALA NB 526 -28.45 12.49 -119.86
CA ALA NB 526 -27.07 12.47 -120.31
C ALA NB 526 -26.84 11.42 -121.38
N SER NB 527 -27.60 10.33 -121.37
CA SER NB 527 -27.49 9.31 -122.39
C SER NB 527 -28.27 9.66 -123.65
N GLU NB 528 -29.07 10.72 -123.62
CA GLU NB 528 -29.82 11.15 -124.79
C GLU NB 528 -29.11 12.26 -125.56
N SER NB 529 -28.36 13.11 -124.87
CA SER NB 529 -27.59 14.14 -125.56
C SER NB 529 -26.33 13.59 -126.19
N VAL NB 530 -25.84 12.44 -125.70
CA VAL NB 530 -24.64 11.85 -126.29
C VAL NB 530 -24.98 11.11 -127.58
N ASN NB 531 -26.15 10.47 -127.63
CA ASN NB 531 -26.58 9.79 -128.84
C ASN NB 531 -26.89 10.73 -129.99
N ASN NB 532 -27.11 12.02 -129.71
CA ASN NB 532 -27.26 13.01 -130.78
C ASN NB 532 -25.91 13.56 -131.23
N ILE NB 533 -24.89 13.51 -130.36
CA ILE NB 533 -23.56 13.94 -130.75
C ILE NB 533 -22.91 12.90 -131.66
N LEU NB 534 -23.05 11.61 -131.31
CA LEU NB 534 -22.44 10.55 -132.10
C LEU NB 534 -23.10 10.38 -133.46
N LYS NB 535 -24.40 10.67 -133.56
CA LYS NB 535 -25.07 10.56 -134.86
C LYS NB 535 -24.74 11.74 -135.76
N GLN NB 536 -24.52 12.93 -135.20
CA GLN NB 536 -24.22 14.09 -136.02
C GLN NB 536 -22.77 14.10 -136.49
N SER NB 537 -21.84 13.78 -135.61
CA SER NB 537 -20.43 13.79 -135.98
C SER NB 537 -20.02 12.55 -136.77
N GLY NB 538 -20.84 11.52 -136.81
CA GLY NB 538 -20.54 10.34 -137.59
C GLY NB 538 -19.73 9.28 -136.88
N ALA NB 539 -19.56 9.38 -135.56
CA ALA NB 539 -18.80 8.40 -134.79
C ALA NB 539 -19.68 7.32 -134.19
N TRP NB 540 -20.96 7.27 -134.56
CA TRP NB 540 -21.91 6.34 -133.95
C TRP NB 540 -21.72 4.95 -134.50
N SER NB 541 -21.67 3.95 -133.61
CA SER NB 541 -21.54 2.56 -134.02
C SER NB 541 -22.47 1.67 -133.20
N GLY NB 542 -23.71 2.12 -133.01
CA GLY NB 542 -24.71 1.27 -132.38
C GLY NB 542 -25.47 0.38 -133.34
N ASP NB 543 -25.22 0.54 -134.65
CA ASP NB 543 -25.85 -0.27 -135.67
C ASP NB 543 -24.93 -1.38 -136.19
N ASP NB 544 -23.81 -1.61 -135.53
CA ASP NB 544 -22.85 -2.60 -135.99
C ASP NB 544 -23.39 -4.01 -135.75
N LYS NB 545 -23.06 -4.91 -136.68
CA LYS NB 545 -23.55 -6.28 -136.57
C LYS NB 545 -22.79 -7.07 -135.51
N LEU NB 546 -21.52 -6.75 -135.31
CA LEU NB 546 -20.67 -7.50 -134.40
C LEU NB 546 -20.63 -6.93 -132.99
N GLN NB 547 -20.68 -5.62 -132.84
CA GLN NB 547 -20.58 -4.99 -131.53
C GLN NB 547 -21.92 -4.83 -130.82
N LYS NB 548 -23.03 -5.15 -131.47
CA LYS NB 548 -24.33 -5.02 -130.82
C LYS NB 548 -24.63 -6.15 -129.86
N TRP NB 549 -23.86 -7.24 -129.88
CA TRP NB 549 -24.08 -8.34 -128.95
C TRP NB 549 -23.61 -8.01 -127.54
N VAL NB 550 -22.69 -7.05 -127.41
CA VAL NB 550 -22.17 -6.67 -126.10
C VAL NB 550 -22.63 -5.27 -125.69
N ARG NB 551 -22.75 -4.33 -126.63
CA ARG NB 551 -23.26 -2.99 -126.35
C ARG NB 551 -24.74 -2.96 -125.99
N VAL NB 552 -25.44 -4.10 -126.08
CA VAL NB 552 -26.85 -4.14 -125.67
C VAL NB 552 -26.96 -4.25 -124.15
N TYR NB 553 -25.87 -4.59 -123.46
CA TYR NB 553 -25.89 -4.60 -122.00
C TYR NB 553 -25.70 -3.19 -121.44
N LEU NB 554 -24.83 -2.41 -122.07
CA LEU NB 554 -24.48 -1.09 -121.55
C LEU NB 554 -25.54 -0.06 -121.88
N ASP NB 555 -26.18 -0.18 -123.04
CA ASP NB 555 -27.19 0.76 -123.51
C ASP NB 555 -28.60 0.25 -123.23
N ARG NB 556 -28.78 -0.37 -122.06
CA ARG NB 556 -30.04 -0.98 -121.69
C ARG NB 556 -31.13 0.06 -121.47
N GLY NB 557 -30.77 1.24 -120.96
CA GLY NB 557 -31.73 2.31 -120.76
C GLY NB 557 -31.82 3.25 -121.95
N LYS OB 27 -57.06 -51.89 -3.70
CA LYS OB 27 -56.32 -51.03 -2.78
C LYS OB 27 -56.56 -49.56 -3.12
N ILE OB 28 -56.74 -49.29 -4.42
CA ILE OB 28 -56.98 -47.93 -4.91
C ILE OB 28 -58.37 -47.90 -5.54
N PRO OB 29 -59.44 -47.72 -4.76
CA PRO OB 29 -60.77 -47.82 -5.37
C PRO OB 29 -61.28 -46.54 -6.04
N VAL OB 30 -61.17 -46.51 -7.37
CA VAL OB 30 -61.95 -45.67 -8.28
C VAL OB 30 -62.16 -46.52 -9.53
N THR OB 31 -63.37 -46.52 -10.08
CA THR OB 31 -63.68 -47.44 -11.18
C THR OB 31 -63.20 -46.97 -12.54
N GLY OB 32 -62.75 -45.74 -12.69
CA GLY OB 32 -62.36 -45.18 -13.97
C GLY OB 32 -60.89 -45.35 -14.27
N SER OB 33 -60.36 -44.43 -15.09
CA SER OB 33 -58.94 -44.43 -15.44
C SER OB 33 -58.54 -42.98 -15.63
N GLY OB 34 -57.80 -42.44 -14.67
CA GLY OB 34 -57.46 -41.03 -14.68
C GLY OB 34 -56.55 -40.71 -13.52
N PHE OB 35 -56.16 -39.43 -13.45
CA PHE OB 35 -55.21 -38.96 -12.46
C PHE OB 35 -55.87 -38.02 -11.48
N VAL OB 36 -55.74 -38.30 -10.18
CA VAL OB 36 -56.25 -37.42 -9.14
C VAL OB 36 -55.07 -36.62 -8.58
N ALA OB 37 -55.14 -35.29 -8.68
CA ALA OB 37 -54.07 -34.43 -8.21
C ALA OB 37 -54.54 -33.70 -6.96
N LYS OB 38 -53.79 -33.83 -5.88
CA LYS OB 38 -54.07 -33.13 -4.63
C LYS OB 38 -52.89 -32.22 -4.33
N ASP OB 39 -53.00 -30.97 -4.78
CA ASP OB 39 -52.00 -29.91 -4.59
C ASP OB 39 -50.66 -30.33 -5.21
N ASP OB 40 -50.71 -30.60 -6.51
CA ASP OB 40 -49.52 -30.93 -7.28
C ASP OB 40 -48.80 -29.66 -7.69
N SER OB 41 -47.72 -29.79 -8.45
CA SER OB 41 -46.84 -28.65 -8.71
C SER OB 41 -46.51 -28.47 -10.18
N LEU OB 42 -47.38 -28.93 -11.08
CA LEU OB 42 -47.29 -28.80 -12.54
C LEU OB 42 -46.09 -29.49 -13.19
N ARG OB 43 -45.26 -30.14 -12.40
CA ARG OB 43 -44.18 -30.97 -12.91
CA ARG OB 43 -44.18 -30.97 -12.91
C ARG OB 43 -44.42 -32.44 -12.65
N THR OB 44 -44.95 -32.76 -11.47
CA THR OB 44 -45.41 -34.09 -11.18
C THR OB 44 -46.75 -34.34 -11.84
N PHE OB 45 -47.43 -33.28 -12.25
CA PHE OB 45 -48.70 -33.44 -12.94
C PHE OB 45 -48.43 -33.80 -14.39
N PHE OB 46 -47.58 -33.03 -15.08
CA PHE OB 46 -47.33 -33.29 -16.49
C PHE OB 46 -46.46 -34.54 -16.68
N ASP OB 47 -45.72 -34.98 -15.65
CA ASP OB 47 -45.07 -36.26 -15.81
C ASP OB 47 -46.06 -37.41 -15.78
N ALA OB 48 -47.22 -37.22 -15.15
CA ALA OB 48 -48.25 -38.24 -15.24
C ALA OB 48 -48.89 -38.28 -16.62
N MET OB 49 -48.91 -37.16 -17.34
CA MET OB 49 -49.40 -37.14 -18.70
C MET OB 49 -48.33 -37.49 -19.73
N ALA OB 50 -47.11 -37.74 -19.29
CA ALA OB 50 -46.01 -38.02 -20.20
C ALA OB 50 -45.99 -39.46 -20.69
N LEU OB 51 -46.96 -40.28 -20.31
CA LEU OB 51 -47.11 -41.62 -20.87
C LEU OB 51 -48.22 -41.67 -21.90
N GLN OB 52 -49.31 -40.94 -21.66
CA GLN OB 52 -50.37 -40.85 -22.64
C GLN OB 52 -49.94 -40.00 -23.83
N LEU OB 53 -49.27 -38.88 -23.57
CA LEU OB 53 -48.39 -38.33 -24.60
C LEU OB 53 -47.24 -39.30 -24.78
N LYS OB 54 -46.86 -39.57 -26.01
CA LYS OB 54 -45.83 -40.57 -26.21
C LYS OB 54 -44.42 -40.03 -26.06
N GLU OB 55 -44.26 -38.77 -25.68
CA GLU OB 55 -42.95 -38.14 -25.60
C GLU OB 55 -42.75 -37.56 -24.20
N PRO OB 56 -41.50 -37.47 -23.72
CA PRO OB 56 -41.28 -36.86 -22.42
C PRO OB 56 -41.51 -35.35 -22.43
N VAL OB 57 -41.86 -34.83 -21.26
CA VAL OB 57 -42.23 -33.44 -21.06
C VAL OB 57 -41.19 -32.77 -20.19
N ILE OB 58 -40.76 -31.57 -20.58
CA ILE OB 58 -39.77 -30.81 -19.84
C ILE OB 58 -40.41 -29.51 -19.40
N VAL OB 59 -40.53 -29.32 -18.09
CA VAL OB 59 -41.19 -28.15 -17.51
C VAL OB 59 -40.12 -27.26 -16.91
N SER OB 60 -40.21 -25.95 -17.19
CA SER OB 60 -39.21 -25.00 -16.77
C SER OB 60 -39.34 -24.71 -15.28
N LYS OB 61 -38.50 -23.79 -14.79
CA LYS OB 61 -38.46 -23.50 -13.36
C LYS OB 61 -39.54 -22.52 -12.95
N MET OB 62 -39.75 -21.46 -13.72
CA MET OB 62 -40.76 -20.47 -13.35
C MET OB 62 -42.18 -20.94 -13.61
N ALA OB 63 -42.37 -21.90 -14.51
CA ALA OB 63 -43.69 -22.45 -14.80
C ALA OB 63 -44.01 -23.67 -13.98
N ALA OB 64 -43.17 -24.02 -13.01
CA ALA OB 64 -43.41 -25.11 -12.08
C ALA OB 64 -43.73 -24.62 -10.69
N ARG OB 65 -43.89 -23.31 -10.51
CA ARG OB 65 -44.31 -22.75 -9.24
C ARG OB 65 -45.83 -22.66 -9.12
N LYS OB 66 -46.56 -22.96 -10.18
CA LYS OB 66 -48.01 -22.98 -10.10
C LYS OB 66 -48.47 -24.36 -9.65
N LYS OB 67 -49.72 -24.42 -9.18
CA LYS OB 67 -50.24 -25.62 -8.56
C LYS OB 67 -51.60 -25.97 -9.14
N ILE OB 68 -51.93 -27.25 -9.12
CA ILE OB 68 -53.16 -27.77 -9.72
C ILE OB 68 -53.75 -28.82 -8.79
N THR OB 69 -55.08 -28.85 -8.71
CA THR OB 69 -55.77 -29.89 -7.94
C THR OB 69 -57.12 -30.19 -8.55
N GLY OB 70 -57.49 -31.47 -8.50
CA GLY OB 70 -58.72 -31.94 -9.10
C GLY OB 70 -58.57 -33.30 -9.75
N ASN OB 71 -59.69 -33.88 -10.21
CA ASN OB 71 -59.71 -35.18 -10.84
C ASN OB 71 -59.69 -34.99 -12.34
N PHE OB 72 -58.65 -35.49 -13.02
CA PHE OB 72 -58.51 -35.30 -14.44
C PHE OB 72 -58.54 -36.65 -15.15
N GLU OB 73 -58.61 -36.58 -16.48
CA GLU OB 73 -58.76 -37.78 -17.30
C GLU OB 73 -58.23 -37.48 -18.69
N PHE OB 74 -57.16 -38.17 -19.08
CA PHE OB 74 -56.49 -37.91 -20.35
C PHE OB 74 -56.96 -38.91 -21.40
N HIS OB 75 -58.10 -38.59 -22.03
CA HIS OB 75 -58.55 -39.40 -23.15
C HIS OB 75 -57.80 -39.00 -24.42
N ASP OB 76 -57.69 -37.70 -24.68
CA ASP OB 76 -56.78 -37.24 -25.72
C ASP OB 76 -55.97 -36.04 -25.24
N PRO OB 77 -54.66 -36.22 -25.13
CA PRO OB 77 -53.86 -35.26 -24.41
C PRO OB 77 -53.48 -34.07 -25.26
N ASN OB 78 -53.40 -34.25 -26.58
CA ASN OB 78 -53.00 -33.15 -27.42
C ASN OB 78 -54.09 -32.11 -27.54
N ALA OB 79 -55.34 -32.48 -27.27
CA ALA OB 79 -56.43 -31.52 -27.12
C ALA OB 79 -56.64 -31.07 -25.69
N LEU OB 80 -56.20 -31.85 -24.70
CA LEU OB 80 -56.31 -31.38 -23.32
C LEU OB 80 -55.23 -30.35 -22.99
N LEU OB 81 -54.06 -30.49 -23.61
CA LEU OB 81 -52.94 -29.60 -23.32
C LEU OB 81 -53.14 -28.21 -23.90
N GLU OB 82 -53.90 -28.10 -24.99
CA GLU OB 82 -54.17 -26.78 -25.55
C GLU OB 82 -55.14 -26.02 -24.66
N LYS OB 83 -56.10 -26.72 -24.05
CA LYS OB 83 -57.08 -26.05 -23.22
C LYS OB 83 -56.46 -25.64 -21.88
N LEU OB 84 -55.62 -26.51 -21.30
CA LEU OB 84 -54.99 -26.13 -20.04
C LEU OB 84 -53.91 -25.07 -20.24
N SER OB 85 -53.31 -25.00 -21.43
CA SER OB 85 -52.29 -23.98 -21.64
C SER OB 85 -52.91 -22.61 -21.85
N LEU OB 86 -54.21 -22.54 -22.12
CA LEU OB 86 -54.88 -21.26 -22.24
C LEU OB 86 -55.54 -20.87 -20.94
N GLN OB 87 -55.96 -21.83 -20.12
CA GLN OB 87 -56.54 -21.44 -18.86
C GLN OB 87 -55.47 -21.09 -17.83
N LEU OB 88 -54.41 -21.90 -17.73
CA LEU OB 88 -53.37 -21.62 -16.74
C LEU OB 88 -52.47 -20.47 -17.17
N GLY OB 89 -52.19 -20.37 -18.46
CA GLY OB 89 -51.33 -19.35 -19.01
C GLY OB 89 -49.97 -19.94 -19.19
N LEU OB 90 -49.70 -20.44 -20.40
CA LEU OB 90 -48.53 -21.26 -20.67
C LEU OB 90 -48.28 -21.26 -22.17
N ILE OB 91 -47.03 -21.55 -22.54
CA ILE OB 91 -46.70 -21.80 -23.93
C ILE OB 91 -45.97 -23.12 -23.98
N TRP OB 92 -46.08 -23.82 -25.11
CA TRP OB 92 -45.48 -25.13 -25.21
C TRP OB 92 -45.01 -25.35 -26.64
N TYR OB 93 -44.17 -26.36 -26.80
CA TYR OB 93 -43.57 -26.61 -28.10
C TYR OB 93 -43.10 -28.06 -28.18
N PHE OB 94 -43.36 -28.69 -29.33
CA PHE OB 94 -43.00 -30.09 -29.57
C PHE OB 94 -42.05 -30.15 -30.75
N ASP OB 95 -40.78 -30.49 -30.49
CA ASP OB 95 -39.73 -30.46 -31.49
C ASP OB 95 -39.38 -31.84 -32.05
N GLY OB 96 -40.27 -32.82 -31.91
CA GLY OB 96 -40.05 -34.14 -32.46
C GLY OB 96 -39.59 -35.16 -31.45
N GLN OB 97 -38.93 -34.73 -30.37
CA GLN OB 97 -38.43 -35.63 -29.34
C GLN OB 97 -38.97 -35.34 -27.95
N ALA OB 98 -39.34 -34.10 -27.64
CA ALA OB 98 -39.83 -33.77 -26.31
C ALA OB 98 -40.87 -32.68 -26.44
N ILE OB 99 -41.55 -32.40 -25.33
CA ILE OB 99 -42.56 -31.34 -25.27
C ILE OB 99 -42.11 -30.37 -24.19
N TYR OB 100 -41.53 -29.26 -24.61
CA TYR OB 100 -41.12 -28.21 -23.70
C TYR OB 100 -42.32 -27.37 -23.28
N ILE OB 101 -42.33 -26.95 -22.02
CA ILE OB 101 -43.42 -26.14 -21.47
C ILE OB 101 -42.81 -24.98 -20.72
N TYR OB 102 -43.18 -23.75 -21.10
CA TYR OB 102 -42.79 -22.53 -20.42
C TYR OB 102 -44.04 -21.80 -20.00
N ASP OB 103 -43.87 -20.77 -19.18
CA ASP OB 103 -45.00 -19.87 -18.94
C ASP OB 103 -44.93 -18.71 -19.91
N ALA OB 104 -46.05 -17.98 -20.01
CA ALA OB 104 -46.19 -16.96 -21.04
C ALA OB 104 -45.34 -15.73 -20.80
N SER OB 105 -44.78 -15.57 -19.61
CA SER OB 105 -43.90 -14.44 -19.34
C SER OB 105 -42.46 -14.72 -19.74
N GLU OB 106 -42.19 -15.87 -20.35
CA GLU OB 106 -40.86 -16.24 -20.81
C GLU OB 106 -40.77 -16.25 -22.33
N MET OB 107 -41.74 -15.65 -23.01
CA MET OB 107 -41.75 -15.65 -24.46
C MET OB 107 -40.72 -14.67 -24.99
N ARG OB 108 -39.82 -15.15 -25.84
CA ARG OB 108 -38.76 -14.35 -26.41
C ARG OB 108 -39.06 -14.10 -27.89
N ASN OB 109 -38.65 -12.93 -28.38
CA ASN OB 109 -38.84 -12.56 -29.77
C ASN OB 109 -37.55 -11.95 -30.31
N ALA OB 110 -37.36 -12.09 -31.62
CA ALA OB 110 -36.18 -11.55 -32.29
C ALA OB 110 -36.47 -11.37 -33.76
N VAL OB 111 -35.80 -10.40 -34.36
CA VAL OB 111 -35.88 -10.15 -35.80
C VAL OB 111 -34.48 -10.34 -36.36
N VAL OB 112 -34.39 -11.08 -37.46
CA VAL OB 112 -33.10 -11.45 -38.03
C VAL OB 112 -33.18 -11.34 -39.55
N SER OB 113 -32.06 -10.98 -40.16
CA SER OB 113 -31.99 -10.76 -41.60
C SER OB 113 -31.12 -11.81 -42.27
N LEU OB 114 -31.43 -12.09 -43.51
CA LEU OB 114 -30.68 -13.05 -44.32
C LEU OB 114 -30.12 -12.34 -45.54
N ARG OB 115 -28.92 -12.74 -45.94
CA ARG OB 115 -28.25 -12.08 -47.05
C ARG OB 115 -28.70 -12.67 -48.38
N ASN OB 116 -28.53 -13.97 -48.57
CA ASN OB 116 -28.72 -14.58 -49.87
C ASN OB 116 -29.63 -15.81 -49.85
N VAL OB 117 -30.41 -16.01 -48.80
CA VAL OB 117 -31.48 -17.00 -48.78
C VAL OB 117 -32.78 -16.27 -48.50
N SER OB 118 -33.81 -16.55 -49.29
CA SER OB 118 -35.07 -15.87 -49.09
C SER OB 118 -35.87 -16.54 -47.97
N LEU OB 119 -37.04 -15.95 -47.69
CA LEU OB 119 -37.92 -16.51 -46.67
C LEU OB 119 -38.58 -17.77 -47.19
N ASN OB 120 -38.90 -17.82 -48.49
CA ASN OB 120 -39.56 -19.00 -49.01
C ASN OB 120 -38.61 -20.18 -49.11
N GLU OB 121 -37.32 -19.93 -49.20
CA GLU OB 121 -36.35 -21.03 -49.16
C GLU OB 121 -36.04 -21.45 -47.74
N PHE OB 122 -36.05 -20.51 -46.79
CA PHE OB 122 -35.82 -20.93 -45.42
C PHE OB 122 -37.03 -21.62 -44.80
N ASN OB 123 -38.23 -21.21 -45.21
CA ASN OB 123 -39.44 -21.80 -44.67
C ASN OB 123 -39.70 -23.20 -45.20
N ASN OB 124 -39.05 -23.60 -46.29
CA ASN OB 124 -39.15 -24.99 -46.74
C ASN OB 124 -38.19 -25.92 -46.00
N PHE OB 125 -37.15 -25.37 -45.38
CA PHE OB 125 -36.30 -26.17 -44.50
C PHE OB 125 -37.04 -26.59 -43.25
N LEU OB 126 -37.96 -25.76 -42.76
CA LEU OB 126 -38.68 -26.11 -41.55
C LEU OB 126 -39.74 -27.15 -41.85
N LYS OB 127 -40.38 -27.05 -43.01
CA LYS OB 127 -41.43 -27.99 -43.35
C LYS OB 127 -40.83 -29.35 -43.69
N ARG OB 128 -39.71 -29.35 -44.41
CA ARG OB 128 -39.09 -30.62 -44.76
C ARG OB 128 -38.39 -31.27 -43.59
N SER OB 129 -37.97 -30.48 -42.60
CA SER OB 129 -37.32 -31.07 -41.44
C SER OB 129 -38.34 -31.61 -40.44
N GLY OB 130 -39.38 -30.83 -40.15
CA GLY OB 130 -40.38 -31.28 -39.20
C GLY OB 130 -40.48 -30.37 -37.99
N LEU OB 131 -40.08 -29.11 -38.17
CA LEU OB 131 -40.07 -28.13 -37.10
C LEU OB 131 -41.03 -26.97 -37.35
N TYR OB 132 -41.82 -27.03 -38.42
CA TYR OB 132 -42.72 -25.95 -38.77
C TYR OB 132 -43.92 -25.96 -37.84
N ASN OB 133 -43.96 -24.99 -36.93
CA ASN OB 133 -45.06 -24.83 -35.99
C ASN OB 133 -46.04 -23.82 -36.57
N LYS OB 134 -47.26 -24.26 -36.85
CA LYS OB 134 -48.25 -23.40 -37.46
C LYS OB 134 -48.89 -22.44 -36.47
N ASN OB 135 -48.59 -22.55 -35.18
CA ASN OB 135 -49.11 -21.61 -34.20
C ASN OB 135 -48.17 -20.44 -33.97
N TYR OB 136 -46.88 -20.61 -34.22
CA TYR OB 136 -45.90 -19.52 -34.15
C TYR OB 136 -45.19 -19.44 -35.49
N PRO OB 137 -45.82 -18.86 -36.49
CA PRO OB 137 -45.22 -18.82 -37.83
C PRO OB 137 -44.20 -17.68 -37.91
N LEU OB 138 -43.63 -17.55 -39.10
CA LEU OB 138 -42.64 -16.51 -39.38
C LEU OB 138 -43.30 -15.38 -40.14
N ARG OB 139 -43.30 -14.19 -39.56
CA ARG OB 139 -43.96 -13.03 -40.16
C ARG OB 139 -42.96 -12.26 -41.00
N GLY OB 140 -43.31 -12.00 -42.25
CA GLY OB 140 -42.42 -11.24 -43.12
C GLY OB 140 -42.88 -11.30 -44.55
N ASP OB 141 -42.20 -10.50 -45.37
CA ASP OB 141 -42.47 -10.49 -46.81
C ASP OB 141 -41.93 -11.75 -47.44
N ASN OB 142 -42.60 -12.21 -48.51
CA ASN OB 142 -42.43 -13.58 -48.97
C ASN OB 142 -41.09 -13.83 -49.63
N ARG OB 143 -40.49 -12.83 -50.28
CA ARG OB 143 -39.17 -13.01 -50.88
C ARG OB 143 -38.29 -11.81 -50.44
N LYS OB 144 -37.72 -11.94 -49.25
CA LYS OB 144 -36.88 -10.89 -48.68
C LYS OB 144 -35.82 -11.53 -47.80
N GLY OB 145 -35.16 -10.71 -47.00
CA GLY OB 145 -34.18 -11.20 -46.07
C GLY OB 145 -34.63 -11.11 -44.63
N THR OB 146 -35.48 -10.14 -44.32
CA THR OB 146 -35.89 -9.88 -42.94
C THR OB 146 -37.22 -10.55 -42.64
N PHE OB 147 -37.36 -11.04 -41.41
CA PHE OB 147 -38.61 -11.61 -40.94
C PHE OB 147 -38.64 -11.51 -39.43
N TYR OB 148 -39.82 -11.64 -38.85
CA TYR OB 148 -40.04 -11.46 -37.42
C TYR OB 148 -40.55 -12.76 -36.83
N VAL OB 149 -39.81 -13.33 -35.89
CA VAL OB 149 -40.17 -14.60 -35.25
C VAL OB 149 -40.36 -14.37 -33.75
N SER OB 150 -41.32 -15.06 -33.15
CA SER OB 150 -41.58 -14.98 -31.73
C SER OB 150 -42.18 -16.29 -31.26
N GLY OB 151 -41.86 -16.67 -30.03
CA GLY OB 151 -42.40 -17.89 -29.48
C GLY OB 151 -41.63 -18.35 -28.26
N PRO OB 152 -41.61 -19.65 -28.01
CA PRO OB 152 -40.85 -20.19 -26.89
C PRO OB 152 -39.36 -20.06 -27.13
N PRO OB 153 -38.55 -20.05 -26.07
CA PRO OB 153 -37.11 -19.87 -26.26
C PRO OB 153 -36.39 -21.01 -26.95
N VAL OB 154 -36.93 -22.24 -26.92
CA VAL OB 154 -36.26 -23.32 -27.64
C VAL OB 154 -36.59 -23.24 -29.12
N TYR OB 155 -37.65 -22.54 -29.49
CA TYR OB 155 -37.97 -22.37 -30.89
C TYR OB 155 -37.25 -21.16 -31.44
N VAL OB 156 -37.03 -20.15 -30.61
CA VAL OB 156 -36.42 -18.92 -31.07
C VAL OB 156 -34.91 -19.10 -31.20
N ASP OB 157 -34.28 -19.69 -30.17
CA ASP OB 157 -32.85 -19.92 -30.28
C ASP OB 157 -32.49 -21.07 -31.22
N MET OB 158 -33.46 -21.79 -31.77
CA MET OB 158 -33.17 -22.68 -32.87
C MET OB 158 -33.33 -22.00 -34.22
N VAL OB 159 -34.32 -21.13 -34.35
CA VAL OB 159 -34.56 -20.48 -35.63
C VAL OB 159 -33.49 -19.43 -35.94
N VAL OB 160 -33.05 -18.67 -34.93
CA VAL OB 160 -32.04 -17.63 -35.18
C VAL OB 160 -30.71 -18.26 -35.56
N ASN OB 161 -30.36 -19.38 -34.92
CA ASN OB 161 -29.08 -20.02 -35.21
C ASN OB 161 -29.14 -20.75 -36.55
N ALA OB 162 -30.25 -21.43 -36.85
CA ALA OB 162 -30.33 -22.15 -38.09
C ALA OB 162 -30.56 -21.23 -39.27
N ALA OB 163 -30.89 -19.96 -39.03
CA ALA OB 163 -30.98 -19.00 -40.11
C ALA OB 163 -29.66 -18.27 -40.30
N THR OB 164 -28.87 -18.12 -39.24
CA THR OB 164 -27.54 -17.53 -39.38
C THR OB 164 -26.58 -18.51 -40.05
N MET OB 165 -26.71 -19.79 -39.75
CA MET OB 165 -25.83 -20.81 -40.33
C MET OB 165 -26.22 -21.25 -41.73
N MET OB 166 -27.15 -20.57 -42.39
CA MET OB 166 -27.44 -20.80 -43.79
C MET OB 166 -26.87 -19.74 -44.71
N ASP OB 167 -26.38 -18.62 -44.17
CA ASP OB 167 -25.70 -17.63 -44.98
C ASP OB 167 -24.19 -17.78 -44.98
N LYS OB 168 -23.62 -18.36 -43.92
CA LYS OB 168 -22.20 -18.69 -43.98
C LYS OB 168 -21.92 -19.79 -44.99
N GLN OB 169 -22.87 -20.71 -45.16
CA GLN OB 169 -22.74 -21.71 -46.20
C GLN OB 169 -22.91 -21.10 -47.59
N ASN OB 170 -23.78 -20.12 -47.73
CA ASN OB 170 -23.99 -19.48 -49.02
C ASN OB 170 -23.17 -18.21 -49.14
N LEU OB 175 -23.75 -18.06 -59.48
CA LEU OB 175 -22.72 -17.88 -60.51
C LEU OB 175 -23.25 -18.30 -61.87
N GLY OB 176 -22.55 -17.88 -62.92
CA GLY OB 176 -22.93 -18.22 -64.27
C GLY OB 176 -21.89 -19.03 -65.00
N ARG OB 177 -22.30 -20.15 -65.60
CA ARG OB 177 -21.38 -20.98 -66.36
C ARG OB 177 -21.06 -20.32 -67.70
N GLN OB 178 -19.83 -20.51 -68.15
CA GLN OB 178 -19.43 -20.02 -69.46
C GLN OB 178 -20.04 -20.87 -70.56
N LYS OB 179 -20.13 -20.29 -71.75
CA LYS OB 179 -20.79 -20.92 -72.88
C LYS OB 179 -20.22 -20.33 -74.16
N ILE OB 180 -19.95 -21.19 -75.14
CA ILE OB 180 -19.40 -20.79 -76.43
C ILE OB 180 -20.49 -20.93 -77.48
N GLY OB 181 -20.77 -19.82 -78.19
CA GLY OB 181 -21.75 -19.81 -79.24
C GLY OB 181 -21.11 -19.56 -80.59
N VAL OB 182 -21.64 -20.21 -81.62
CA VAL OB 182 -21.17 -20.08 -82.99
C VAL OB 182 -22.29 -19.47 -83.82
N MET OB 183 -22.02 -18.32 -84.43
CA MET OB 183 -23.02 -17.56 -85.16
C MET OB 183 -22.58 -17.41 -86.60
N ARG OB 184 -23.22 -18.15 -87.52
CA ARG OB 184 -22.86 -18.07 -88.93
C ARG OB 184 -23.50 -16.85 -89.57
N LEU OB 185 -22.72 -16.13 -90.38
CA LEU OB 185 -23.19 -14.94 -91.07
C LEU OB 185 -23.54 -15.30 -92.50
N ASN OB 186 -24.74 -14.92 -92.94
CA ASN OB 186 -25.23 -15.30 -94.25
C ASN OB 186 -25.10 -14.21 -95.30
N ASN OB 187 -25.01 -12.94 -94.89
CA ASN OB 187 -25.07 -11.84 -95.85
C ASN OB 187 -23.90 -10.87 -95.73
N THR OB 188 -22.81 -11.28 -95.10
CA THR OB 188 -21.64 -10.41 -94.98
C THR OB 188 -20.39 -11.27 -94.80
N PHE OB 189 -19.25 -10.58 -94.73
CA PHE OB 189 -17.95 -11.22 -94.59
C PHE OB 189 -17.34 -10.85 -93.24
N VAL OB 190 -16.76 -11.84 -92.56
CA VAL OB 190 -15.86 -11.59 -91.45
C VAL OB 190 -14.49 -11.27 -92.03
N GLY OB 191 -13.74 -10.43 -91.34
CA GLY OB 191 -12.40 -10.10 -91.75
C GLY OB 191 -12.36 -8.87 -92.65
N ASP OB 192 -11.17 -8.32 -92.76
CA ASP OB 192 -10.96 -7.04 -93.42
C ASP OB 192 -10.82 -7.22 -94.93
N ARG OB 193 -11.15 -6.16 -95.65
CA ARG OB 193 -11.00 -6.11 -97.10
C ARG OB 193 -9.91 -5.09 -97.44
N THR OB 194 -9.07 -5.43 -98.42
CA THR OB 194 -7.93 -4.60 -98.79
C THR OB 194 -7.93 -4.33 -100.28
N TYR OB 195 -7.62 -3.09 -100.65
CA TYR OB 195 -7.44 -2.71 -102.05
C TYR OB 195 -6.35 -1.64 -102.11
N ASN OB 196 -6.01 -1.22 -103.33
CA ASN OB 196 -4.90 -0.29 -103.55
C ASN OB 196 -5.30 0.84 -104.48
N LEU OB 197 -4.74 2.03 -104.24
CA LEU OB 197 -4.81 3.13 -105.21
C LEU OB 197 -3.37 3.46 -105.60
N ARG OB 198 -2.81 2.63 -106.47
CA ARG OB 198 -1.58 2.80 -107.25
C ARG OB 198 -0.28 2.84 -106.44
N ASP OB 199 -0.34 3.15 -105.15
CA ASP OB 199 0.83 2.99 -104.29
C ASP OB 199 0.46 2.59 -102.85
N GLN OB 200 -0.75 2.95 -102.42
CA GLN OB 200 -1.11 2.91 -101.02
C GLN OB 200 -2.22 1.90 -100.79
N LYS OB 201 -2.21 1.28 -99.60
CA LYS OB 201 -3.13 0.23 -99.25
C LYS OB 201 -4.20 0.78 -98.31
N MET OB 202 -5.46 0.46 -98.59
CA MET OB 202 -6.58 0.82 -97.74
C MET OB 202 -7.18 -0.43 -97.13
N VAL OB 203 -7.42 -0.39 -95.82
CA VAL OB 203 -7.96 -1.52 -95.08
C VAL OB 203 -9.28 -1.09 -94.44
N ILE OB 204 -10.33 -1.85 -94.69
CA ILE OB 204 -11.65 -1.59 -94.16
C ILE OB 204 -11.94 -2.60 -93.06
N PRO OB 205 -12.30 -2.18 -91.84
CA PRO OB 205 -12.54 -3.14 -90.77
C PRO OB 205 -13.87 -3.87 -90.96
N GLY OB 206 -13.84 -5.16 -90.69
CA GLY OB 206 -15.00 -6.01 -90.86
C GLY OB 206 -15.91 -6.00 -89.66
N ILE OB 207 -16.74 -7.04 -89.56
CA ILE OB 207 -17.67 -7.13 -88.44
C ILE OB 207 -16.99 -7.65 -87.18
N ALA OB 208 -15.86 -8.33 -87.30
CA ALA OB 208 -15.21 -8.90 -86.12
C ALA OB 208 -14.25 -7.93 -85.47
N THR OB 209 -13.92 -6.82 -86.13
CA THR OB 209 -13.12 -5.77 -85.53
C THR OB 209 -13.98 -4.68 -84.94
N ALA OB 210 -15.20 -4.51 -85.44
CA ALA OB 210 -16.09 -3.48 -84.92
C ALA OB 210 -16.68 -3.86 -83.57
N ILE OB 211 -17.08 -5.13 -83.40
CA ILE OB 211 -17.63 -5.55 -82.12
C ILE OB 211 -16.52 -5.80 -81.10
N GLU OB 212 -15.31 -6.10 -81.56
CA GLU OB 212 -14.20 -6.30 -80.63
C GLU OB 212 -13.75 -4.98 -80.00
N ARG OB 213 -13.81 -3.89 -80.77
CA ARG OB 213 -13.50 -2.59 -80.20
C ARG OB 213 -14.65 -2.01 -79.38
N LEU OB 214 -15.87 -2.53 -79.57
CA LEU OB 214 -16.99 -2.05 -78.78
C LEU OB 214 -16.95 -2.61 -77.37
N LEU OB 215 -16.43 -3.82 -77.21
CA LEU OB 215 -16.37 -4.51 -75.92
C LEU OB 215 -14.98 -4.43 -75.31
N GLN OB 216 -14.19 -3.45 -75.71
CA GLN OB 216 -12.82 -3.32 -75.24
C GLN OB 216 -12.80 -2.52 -73.94
N GLY OB 217 -11.97 -2.95 -72.99
CA GLY OB 217 -12.00 -2.38 -71.65
C GLY OB 217 -13.30 -2.75 -70.97
N GLU OB 218 -14.19 -1.77 -70.80
CA GLU OB 218 -15.62 -1.95 -70.55
C GLU OB 218 -15.90 -2.74 -69.27
N GLU OB 219 -15.54 -2.14 -68.14
CA GLU OB 219 -15.93 -2.70 -66.84
C GLU OB 219 -17.38 -2.35 -66.54
N GLN OB 220 -18.32 -3.00 -67.23
CA GLN OB 220 -19.72 -2.63 -67.17
C GLN OB 220 -20.59 -3.86 -66.95
N PRO OB 221 -21.63 -3.75 -66.10
CA PRO OB 221 -22.46 -4.93 -65.79
C PRO OB 221 -23.42 -5.34 -66.90
N LEU OB 222 -22.90 -6.02 -67.92
CA LEU OB 222 -23.73 -6.46 -69.02
C LEU OB 222 -24.44 -7.77 -68.67
N GLY OB 223 -25.74 -7.81 -68.92
CA GLY OB 223 -26.54 -9.00 -68.71
C GLY OB 223 -27.53 -9.24 -69.83
N ALA OB 262 -21.79 -11.40 -65.44
CA ALA OB 262 -20.52 -10.82 -65.04
C ALA OB 262 -20.37 -9.40 -65.60
N ALA OB 263 -19.21 -9.11 -66.17
CA ALA OB 263 -18.92 -7.79 -66.72
C ALA OB 263 -19.00 -7.82 -68.23
N ALA OB 264 -18.87 -6.65 -68.84
CA ALA OB 264 -18.85 -6.56 -70.30
C ALA OB 264 -17.44 -6.71 -70.84
N GLY OB 265 -16.44 -6.71 -69.95
CA GLY OB 265 -15.05 -6.76 -70.35
C GLY OB 265 -14.43 -8.13 -70.45
N ASN OB 266 -15.15 -9.19 -70.07
CA ASN OB 266 -14.64 -10.54 -70.18
C ASN OB 266 -15.27 -11.33 -71.32
N ILE OB 267 -15.92 -10.65 -72.26
CA ILE OB 267 -16.44 -11.33 -73.45
C ILE OB 267 -15.34 -11.37 -74.51
N LYS OB 268 -15.09 -12.56 -75.05
CA LYS OB 268 -14.08 -12.75 -76.08
C LYS OB 268 -14.79 -13.04 -77.41
N ILE OB 269 -14.40 -12.32 -78.45
CA ILE OB 269 -14.95 -12.48 -79.79
C ILE OB 269 -13.80 -12.72 -80.75
N VAL OB 270 -13.83 -13.87 -81.42
CA VAL OB 270 -12.76 -14.29 -82.31
C VAL OB 270 -13.38 -14.69 -83.65
N ALA OB 271 -12.86 -14.13 -84.74
CA ALA OB 271 -13.31 -14.44 -86.08
C ALA OB 271 -12.80 -15.81 -86.51
N TYR OB 272 -13.68 -16.62 -87.06
CA TYR OB 272 -13.29 -17.90 -87.64
C TYR OB 272 -13.64 -17.89 -89.11
N PRO OB 273 -12.71 -17.53 -90.01
CA PRO OB 273 -13.07 -17.33 -91.42
C PRO OB 273 -13.27 -18.62 -92.20
N ASP OB 274 -12.96 -19.78 -91.62
CA ASP OB 274 -12.98 -21.01 -92.40
C ASP OB 274 -14.42 -21.49 -92.62
N THR OB 275 -15.35 -21.06 -91.78
CA THR OB 275 -16.77 -21.30 -92.01
C THR OB 275 -17.59 -20.02 -91.96
N ASN OB 276 -16.93 -18.86 -91.94
CA ASN OB 276 -17.55 -17.53 -91.96
C ASN OB 276 -18.52 -17.34 -90.80
N SER OB 277 -17.95 -17.37 -89.59
CA SER OB 277 -18.76 -17.33 -88.39
C SER OB 277 -17.95 -16.74 -87.25
N LEU OB 278 -18.67 -16.18 -86.28
CA LEU OB 278 -18.08 -15.60 -85.08
C LEU OB 278 -18.08 -16.60 -83.95
N LEU OB 279 -17.11 -16.47 -83.06
CA LEU OB 279 -17.01 -17.29 -81.85
C LEU OB 279 -17.08 -16.39 -80.65
N VAL OB 280 -18.15 -16.49 -79.88
CA VAL OB 280 -18.38 -15.65 -78.69
C VAL OB 280 -18.32 -16.54 -77.46
N LYS OB 281 -17.53 -16.12 -76.47
CA LYS OB 281 -17.40 -16.85 -75.21
C LYS OB 281 -17.83 -15.95 -74.07
N GLY OB 282 -18.86 -16.36 -73.35
CA GLY OB 282 -19.33 -15.60 -72.22
C GLY OB 282 -20.35 -16.40 -71.45
N THR OB 283 -21.14 -15.72 -70.63
CA THR OB 283 -22.21 -16.37 -69.90
C THR OB 283 -23.38 -16.67 -70.84
N ALA OB 284 -24.42 -17.31 -70.31
CA ALA OB 284 -25.57 -17.65 -71.12
C ALA OB 284 -26.44 -16.44 -71.45
N GLU OB 285 -26.24 -15.32 -70.77
CA GLU OB 285 -27.00 -14.11 -71.05
C GLU OB 285 -26.24 -13.15 -71.95
N GLN OB 286 -24.89 -13.20 -71.93
CA GLN OB 286 -24.12 -12.36 -72.83
C GLN OB 286 -24.02 -12.95 -74.23
N VAL OB 287 -24.11 -14.27 -74.36
CA VAL OB 287 -24.07 -14.90 -75.68
C VAL OB 287 -25.37 -14.59 -76.43
N HIS OB 288 -26.51 -14.64 -75.74
CA HIS OB 288 -27.78 -14.24 -76.33
C HIS OB 288 -27.82 -12.73 -76.61
N PHE OB 289 -27.00 -11.94 -75.92
CA PHE OB 289 -27.01 -10.50 -76.13
C PHE OB 289 -26.29 -10.11 -77.41
N ILE OB 290 -25.24 -10.85 -77.78
CA ILE OB 290 -24.52 -10.57 -79.02
C ILE OB 290 -25.23 -11.20 -80.21
N GLU OB 291 -25.97 -12.29 -79.97
CA GLU OB 291 -26.69 -12.94 -81.06
C GLU OB 291 -27.84 -12.09 -81.58
N MET OB 292 -28.42 -11.24 -80.72
CA MET OB 292 -29.46 -10.34 -81.19
C MET OB 292 -28.89 -9.10 -81.87
N LEU OB 293 -27.64 -8.75 -81.60
CA LEU OB 293 -27.00 -7.64 -82.30
C LEU OB 293 -26.57 -8.05 -83.70
N VAL OB 294 -26.08 -9.28 -83.84
CA VAL OB 294 -25.57 -9.78 -85.12
C VAL OB 294 -26.68 -9.91 -86.15
N LYS OB 295 -27.87 -10.34 -85.74
CA LYS OB 295 -29.00 -10.45 -86.66
C LYS OB 295 -29.58 -9.12 -87.08
N ALA OB 296 -29.14 -8.01 -86.48
CA ALA OB 296 -29.54 -6.68 -86.95
C ALA OB 296 -28.52 -6.07 -87.88
N LEU OB 297 -27.28 -6.52 -87.82
CA LEU OB 297 -26.23 -6.05 -88.73
C LEU OB 297 -26.07 -6.95 -89.95
N ASP OB 298 -26.88 -7.98 -90.10
CA ASP OB 298 -26.73 -8.96 -91.16
C ASP OB 298 -27.92 -8.86 -92.11
N VAL OB 299 -27.80 -7.97 -93.10
CA VAL OB 299 -28.85 -7.76 -94.08
C VAL OB 299 -28.26 -7.88 -95.47
N ALA OB 300 -29.12 -8.20 -96.44
CA ALA OB 300 -28.72 -8.34 -97.82
C ALA OB 300 -28.61 -6.98 -98.49
N LYS OB 301 -27.64 -6.85 -99.38
CA LYS OB 301 -27.31 -5.58 -100.02
C LYS OB 301 -27.89 -5.52 -101.43
N ARG OB 302 -27.89 -4.31 -101.97
CA ARG OB 302 -28.37 -4.04 -103.33
C ARG OB 302 -27.21 -3.61 -104.20
N HIS OB 303 -27.38 -3.77 -105.51
CA HIS OB 303 -26.33 -3.52 -106.47
C HIS OB 303 -26.52 -2.16 -107.14
N VAL OB 304 -25.42 -1.43 -107.31
CA VAL OB 304 -25.40 -0.16 -108.01
C VAL OB 304 -24.43 -0.27 -109.17
N GLU OB 305 -24.86 0.15 -110.35
CA GLU OB 305 -24.00 0.21 -111.52
C GLU OB 305 -23.80 1.68 -111.89
N LEU OB 306 -22.55 2.12 -111.88
CA LEU OB 306 -22.21 3.52 -112.11
C LEU OB 306 -21.63 3.69 -113.49
N SER OB 307 -22.21 4.60 -114.27
CA SER OB 307 -21.77 4.89 -115.62
C SER OB 307 -21.37 6.36 -115.70
N LEU OB 308 -20.16 6.62 -116.18
CA LEU OB 308 -19.60 7.96 -116.25
C LEU OB 308 -19.30 8.31 -117.70
N TRP OB 309 -19.79 9.46 -118.16
CA TRP OB 309 -19.58 9.91 -119.52
C TRP OB 309 -18.53 11.02 -119.54
N ILE OB 310 -17.58 10.93 -120.46
CA ILE OB 310 -16.57 11.95 -120.67
C ILE OB 310 -16.64 12.36 -122.14
N VAL OB 311 -17.23 13.52 -122.40
CA VAL OB 311 -17.42 14.03 -123.76
C VAL OB 311 -16.39 15.11 -124.01
N ASP OB 312 -15.74 15.07 -125.17
CA ASP OB 312 -14.66 15.98 -125.50
C ASP OB 312 -14.80 16.40 -126.96
N LEU OB 313 -14.99 17.69 -127.20
CA LEU OB 313 -15.14 18.19 -128.55
C LEU OB 313 -14.10 19.27 -128.82
N ASN OB 314 -13.75 19.42 -130.09
CA ASN OB 314 -12.80 20.43 -130.53
C ASN OB 314 -13.28 21.02 -131.85
N LYS OB 315 -12.64 22.13 -132.21
CA LYS OB 315 -12.88 22.86 -133.45
C LYS OB 315 -11.76 23.85 -133.63
N SER OB 316 -11.41 24.16 -134.87
CA SER OB 316 -10.30 25.05 -135.12
C SER OB 316 -10.45 25.72 -136.47
N ASP OB 317 -9.59 26.71 -136.70
CA ASP OB 317 -9.56 27.49 -137.94
C ASP OB 317 -8.23 28.20 -137.98
N LEU OB 318 -7.68 28.41 -139.18
CA LEU OB 318 -6.36 29.01 -139.34
C LEU OB 318 -6.20 29.49 -140.77
N GLU OB 319 -5.56 30.64 -140.95
CA GLU OB 319 -5.29 31.16 -142.29
C GLU OB 319 -4.11 32.12 -142.22
N ARG OB 320 -3.04 31.83 -142.97
CA ARG OB 320 -1.93 32.74 -143.13
C ARG OB 320 -1.74 33.07 -144.60
N LEU OB 321 -1.45 34.33 -144.90
CA LEU OB 321 -1.25 34.75 -146.28
C LEU OB 321 -0.43 36.02 -146.30
N GLY OB 322 0.78 35.95 -146.81
CA GLY OB 322 1.62 37.13 -146.93
C GLY OB 322 3.09 36.77 -146.90
N THR OB 323 3.92 37.79 -147.11
CA THR OB 323 5.37 37.66 -147.15
C THR OB 323 6.00 38.42 -146.00
N SER OB 324 7.31 38.22 -145.84
CA SER OB 324 8.08 38.88 -144.78
C SER OB 324 9.54 38.92 -145.19
N TRP OB 325 10.07 40.13 -145.40
CA TRP OB 325 11.42 40.32 -145.93
C TRP OB 325 12.42 40.49 -144.79
N SER OB 326 13.52 39.74 -144.85
CA SER OB 326 14.57 39.82 -143.84
C SER OB 326 15.86 39.25 -144.44
N GLY OB 327 16.84 40.11 -144.67
CA GLY OB 327 18.08 39.65 -145.26
C GLY OB 327 19.17 40.70 -145.21
N SER OB 328 20.35 40.31 -145.67
CA SER OB 328 21.52 41.19 -145.73
C SER OB 328 22.06 41.24 -147.16
N ILE OB 329 22.97 42.18 -147.39
CA ILE OB 329 23.56 42.40 -148.70
C ILE OB 329 24.95 42.99 -148.50
N THR OB 330 25.76 42.96 -149.55
CA THR OB 330 27.09 43.59 -149.55
C THR OB 330 27.27 44.35 -150.85
N ILE OB 331 27.55 45.65 -150.74
CA ILE OB 331 27.59 46.55 -151.89
C ILE OB 331 29.02 47.05 -152.03
N GLY OB 332 29.79 46.41 -152.90
CA GLY OB 332 31.09 46.91 -153.31
C GLY OB 332 32.15 46.97 -152.23
N ASP OB 333 32.13 46.00 -151.29
CA ASP OB 333 33.10 45.76 -150.20
C ASP OB 333 33.52 47.02 -149.42
N LYS OB 334 32.64 48.02 -149.37
CA LYS OB 334 32.86 49.22 -148.58
C LYS OB 334 31.65 49.64 -147.77
N LEU OB 335 30.44 49.22 -148.15
CA LEU OB 335 29.25 49.50 -147.36
C LEU OB 335 28.26 48.37 -147.56
N GLY OB 336 27.56 48.03 -146.49
CA GLY OB 336 26.58 46.95 -146.52
C GLY OB 336 25.27 47.41 -145.91
N VAL OB 337 24.18 46.82 -146.40
CA VAL OB 337 22.83 47.19 -145.98
C VAL OB 337 22.17 45.95 -145.39
N SER OB 338 21.66 46.08 -144.17
CA SER OB 338 20.84 45.04 -143.55
C SER OB 338 19.38 45.43 -143.64
N LEU OB 339 18.51 44.50 -143.26
CA LEU OB 339 17.06 44.74 -143.27
C LEU OB 339 16.40 43.81 -142.27
N ASN OB 340 15.84 44.41 -141.21
CA ASN OB 340 15.04 43.72 -140.18
C ASN OB 340 15.81 42.59 -139.50
N GLN OB 341 17.06 42.85 -139.14
CA GLN OB 341 17.91 41.86 -138.51
C GLN OB 341 18.60 42.44 -137.29
N SER OB 342 19.27 41.56 -136.54
CA SER OB 342 20.09 41.97 -135.42
C SER OB 342 21.57 41.64 -135.64
N SER OB 343 21.85 40.43 -136.12
CA SER OB 343 23.21 40.01 -136.45
C SER OB 343 23.41 40.07 -137.95
N ILE OB 344 24.50 40.69 -138.37
CA ILE OB 344 24.74 40.95 -139.79
C ILE OB 344 26.02 40.25 -140.21
N SER OB 345 26.94 40.08 -139.25
CA SER OB 345 28.28 39.58 -139.56
C SER OB 345 28.27 38.10 -139.94
N THR OB 346 27.54 37.28 -139.18
CA THR OB 346 27.45 35.86 -139.50
C THR OB 346 26.50 35.57 -140.66
N LEU OB 347 25.70 36.55 -141.07
CA LEU OB 347 24.90 36.45 -142.29
C LEU OB 347 25.38 37.43 -143.36
N ASP OB 348 26.69 37.69 -143.41
CA ASP OB 348 27.22 38.65 -144.37
C ASP OB 348 27.31 38.08 -145.78
N GLY OB 349 27.62 36.80 -145.92
CA GLY OB 349 27.68 36.15 -147.21
C GLY OB 349 26.36 35.68 -147.78
N SER OB 350 25.26 35.92 -147.06
CA SER OB 350 23.95 35.49 -147.50
C SER OB 350 23.27 36.59 -148.32
N ARG OB 351 21.97 36.43 -148.55
CA ARG OB 351 21.22 37.34 -149.41
C ARG OB 351 19.89 37.72 -148.76
N PHE OB 352 19.02 38.39 -149.51
CA PHE OB 352 17.69 38.71 -149.01
C PHE OB 352 16.80 37.47 -149.04
N ILE OB 353 15.95 37.34 -148.03
CA ILE OB 353 15.03 36.22 -147.90
C ILE OB 353 13.61 36.78 -147.87
N ALA OB 354 12.75 36.26 -148.73
CA ALA OB 354 11.34 36.65 -148.78
C ALA OB 354 10.51 35.42 -148.40
N ALA OB 355 10.29 35.24 -147.11
CA ALA OB 355 9.56 34.08 -146.61
C ALA OB 355 8.06 34.26 -146.88
N VAL OB 356 7.51 33.40 -147.71
CA VAL OB 356 6.11 33.45 -148.11
C VAL OB 356 5.36 32.37 -147.33
N ASN OB 357 4.15 32.69 -146.88
CA ASN OB 357 3.28 31.75 -146.20
C ASN OB 357 1.93 31.73 -146.87
N ALA OB 358 1.38 30.53 -147.06
CA ALA OB 358 0.04 30.37 -147.61
C ALA OB 358 -0.55 29.08 -147.06
N LEU OB 359 -1.65 29.20 -146.34
CA LEU OB 359 -2.26 28.07 -145.65
C LEU OB 359 -3.69 28.43 -145.30
N GLU OB 360 -4.54 27.41 -145.22
CA GLU OB 360 -5.94 27.59 -144.84
C GLU OB 360 -6.43 26.26 -144.29
N GLU OB 361 -6.63 26.18 -142.98
CA GLU OB 361 -6.83 24.91 -142.31
C GLU OB 361 -8.14 24.89 -141.53
N LYS OB 362 -8.86 23.77 -141.60
CA LYS OB 362 -10.01 23.49 -140.77
C LYS OB 362 -9.74 22.22 -139.98
N LYS OB 363 -10.48 22.03 -138.88
CA LYS OB 363 -10.25 20.89 -138.00
C LYS OB 363 -11.50 20.64 -137.17
N GLN OB 364 -11.64 19.39 -136.73
CA GLN OB 364 -12.74 18.97 -135.88
C GLN OB 364 -12.38 17.63 -135.27
N ALA OB 365 -12.75 17.42 -134.01
CA ALA OB 365 -12.42 16.18 -133.31
C ALA OB 365 -13.40 15.96 -132.17
N THR OB 366 -14.01 14.77 -132.14
CA THR OB 366 -14.91 14.37 -131.07
C THR OB 366 -14.40 13.09 -130.44
N VAL OB 367 -14.48 13.01 -129.11
CA VAL OB 367 -14.09 11.82 -128.36
C VAL OB 367 -15.12 11.60 -127.26
N VAL OB 368 -15.73 10.42 -127.22
CA VAL OB 368 -16.69 10.07 -126.17
C VAL OB 368 -16.21 8.78 -125.52
N SER OB 369 -15.80 8.85 -124.25
CA SER OB 369 -15.33 7.70 -123.51
C SER OB 369 -16.26 7.44 -122.33
N ARG OB 370 -16.35 6.18 -121.89
CA ARG OB 370 -17.32 5.79 -120.89
C ARG OB 370 -16.84 4.56 -120.12
N PRO OB 371 -16.46 4.73 -118.85
CA PRO OB 371 -16.23 3.57 -117.98
C PRO OB 371 -17.46 3.17 -117.19
N VAL OB 372 -17.63 1.86 -117.00
CA VAL OB 372 -18.77 1.27 -116.29
C VAL OB 372 -18.23 0.41 -115.17
N LEU OB 373 -18.85 0.51 -113.98
CA LEU OB 373 -18.41 -0.22 -112.81
C LEU OB 373 -19.62 -0.65 -111.99
N LEU OB 374 -19.55 -1.85 -111.41
CA LEU OB 374 -20.65 -2.42 -110.64
C LEU OB 374 -20.18 -2.75 -109.22
N THR OB 375 -20.96 -2.34 -108.23
CA THR OB 375 -20.64 -2.60 -106.83
C THR OB 375 -21.93 -2.67 -106.02
N GLN OB 376 -21.78 -2.79 -104.71
CA GLN OB 376 -22.90 -2.90 -103.77
C GLN OB 376 -23.02 -1.63 -102.95
N GLU OB 377 -24.00 -1.60 -102.05
CA GLU OB 377 -24.14 -0.49 -101.13
C GLU OB 377 -22.98 -0.46 -100.15
N ASN OB 378 -22.49 0.75 -99.84
CA ASN OB 378 -21.52 1.03 -98.80
C ASN OB 378 -20.20 0.28 -99.00
N VAL OB 379 -19.85 -0.03 -100.23
CA VAL OB 379 -18.65 -0.79 -100.56
C VAL OB 379 -17.82 0.07 -101.52
N PRO OB 380 -16.57 0.40 -101.18
CA PRO OB 380 -15.74 1.16 -102.12
C PRO OB 380 -15.25 0.29 -103.26
N ALA OB 381 -15.34 0.81 -104.48
CA ALA OB 381 -14.92 0.09 -105.67
C ALA OB 381 -13.97 0.96 -106.47
N ILE OB 382 -13.16 0.31 -107.31
CA ILE OB 382 -12.15 0.99 -108.11
C ILE OB 382 -12.17 0.45 -109.53
N PHE OB 383 -12.26 1.34 -110.50
CA PHE OB 383 -11.95 1.04 -111.90
C PHE OB 383 -10.70 1.84 -112.25
N ASP OB 384 -9.77 1.20 -112.95
CA ASP OB 384 -8.48 1.82 -113.26
C ASP OB 384 -8.02 1.35 -114.63
N ASN OB 385 -7.60 2.29 -115.47
CA ASN OB 385 -7.09 1.98 -116.80
C ASN OB 385 -5.90 2.91 -117.05
N ASN OB 386 -4.70 2.45 -116.69
CA ASN OB 386 -3.54 3.32 -116.63
C ASN OB 386 -2.45 2.86 -117.58
N ARG OB 387 -1.33 3.57 -117.52
CA ARG OB 387 -0.15 3.31 -118.34
C ARG OB 387 1.08 3.71 -117.55
N THR OB 388 2.09 2.84 -117.52
CA THR OB 388 3.26 3.05 -116.69
C THR OB 388 4.47 3.28 -117.58
N PHE OB 389 5.33 4.21 -117.19
CA PHE OB 389 6.51 4.60 -117.95
C PHE OB 389 7.72 4.43 -117.07
N TYR OB 390 8.59 3.48 -117.42
CA TYR OB 390 9.74 3.13 -116.60
C TYR OB 390 10.99 3.83 -117.12
N THR OB 391 11.80 4.36 -116.20
CA THR OB 391 13.02 5.06 -116.55
C THR OB 391 14.18 4.48 -115.77
N LYS OB 392 15.39 4.70 -116.29
CA LYS OB 392 16.61 4.12 -115.73
C LYS OB 392 17.46 5.24 -115.13
N LEU OB 393 17.32 5.46 -113.83
CA LEU OB 393 18.13 6.42 -113.10
C LEU OB 393 19.43 5.72 -112.74
N ILE OB 394 20.49 6.00 -113.48
CA ILE OB 394 21.74 5.28 -113.30
C ILE OB 394 22.52 5.93 -112.16
N GLY OB 395 22.19 5.50 -110.94
CA GLY OB 395 22.92 5.87 -109.76
C GLY OB 395 23.89 4.77 -109.37
N GLU OB 396 24.37 4.86 -108.13
CA GLU OB 396 25.28 3.84 -107.62
C GLU OB 396 24.78 3.11 -106.39
N ARG OB 397 24.01 3.78 -105.51
CA ARG OB 397 23.66 3.20 -104.22
C ARG OB 397 22.22 2.74 -104.15
N ASN OB 398 21.33 3.71 -104.28
CA ASN OB 398 19.90 3.46 -104.17
C ASN OB 398 19.36 3.45 -105.59
N VAL OB 399 19.89 2.54 -106.39
CA VAL OB 399 19.49 2.36 -107.78
C VAL OB 399 18.05 1.88 -107.77
N ALA OB 400 17.22 2.47 -108.64
CA ALA OB 400 15.81 2.21 -108.58
C ALA OB 400 15.21 2.38 -109.97
N LEU OB 401 14.12 1.68 -110.20
CA LEU OB 401 13.29 1.87 -111.38
C LEU OB 401 12.19 2.83 -110.96
N GLU OB 402 12.29 4.09 -111.36
CA GLU OB 402 11.27 5.08 -111.06
C GLU OB 402 10.25 5.08 -112.19
N HIS OB 403 9.00 5.36 -111.83
CA HIS OB 403 7.92 5.23 -112.79
C HIS OB 403 6.88 6.32 -112.56
N VAL OB 404 6.21 6.69 -113.64
CA VAL OB 404 5.04 7.57 -113.60
C VAL OB 404 3.86 6.78 -114.10
N THR OB 405 2.65 7.26 -113.78
CA THR OB 405 1.43 6.54 -114.09
C THR OB 405 0.34 7.55 -114.43
N TYR OB 406 -0.40 7.29 -115.50
CA TYR OB 406 -1.48 8.18 -115.91
C TYR OB 406 -2.56 7.37 -116.59
N GLY OB 407 -3.81 7.74 -116.37
CA GLY OB 407 -4.92 7.07 -117.03
C GLY OB 407 -6.22 7.37 -116.33
N THR OB 408 -7.29 6.74 -116.82
CA THR OB 408 -8.63 6.93 -116.28
C THR OB 408 -8.77 6.14 -114.99
N MET OB 409 -9.47 6.73 -114.00
CA MET OB 409 -9.57 6.12 -112.69
C MET OB 409 -10.80 6.67 -111.97
N ILE OB 410 -11.65 5.77 -111.47
CA ILE OB 410 -12.81 6.14 -110.67
C ILE OB 410 -12.74 5.40 -109.35
N ARG OB 411 -13.05 6.09 -108.26
CA ARG OB 411 -13.24 5.46 -106.96
C ARG OB 411 -14.53 6.01 -106.36
N VAL OB 412 -15.51 5.14 -106.16
CA VAL OB 412 -16.86 5.56 -105.80
C VAL OB 412 -17.28 4.80 -104.54
N LEU OB 413 -18.21 5.40 -103.80
CA LEU OB 413 -18.75 4.79 -102.58
C LEU OB 413 -20.25 5.09 -102.57
N PRO OB 414 -21.06 4.21 -103.16
CA PRO OB 414 -22.48 4.49 -103.30
C PRO OB 414 -23.25 4.18 -102.03
N ARG OB 415 -24.43 4.79 -101.92
CA ARG OB 415 -25.25 4.70 -100.73
C ARG OB 415 -26.66 5.16 -101.07
N PHE OB 416 -27.66 4.37 -100.67
CA PHE OB 416 -29.05 4.72 -100.92
C PHE OB 416 -29.58 5.63 -99.82
N SER OB 417 -30.29 6.67 -100.20
CA SER OB 417 -30.91 7.57 -99.25
C SER OB 417 -32.28 7.02 -98.83
N ALA OB 418 -33.05 7.82 -98.11
CA ALA OB 418 -34.35 7.37 -97.63
C ALA OB 418 -35.43 7.45 -98.70
N ASP OB 419 -35.25 8.30 -99.70
CA ASP OB 419 -36.24 8.49 -100.75
C ASP OB 419 -36.02 7.60 -101.95
N GLY OB 420 -34.89 6.92 -102.04
CA GLY OB 420 -34.54 6.14 -103.20
C GLY OB 420 -33.51 6.76 -104.11
N GLN OB 421 -32.89 7.86 -103.69
CA GLN OB 421 -31.82 8.48 -104.45
C GLN OB 421 -30.48 7.90 -104.04
N ILE OB 422 -29.49 8.03 -104.92
CA ILE OB 422 -28.19 7.41 -104.74
C ILE OB 422 -27.16 8.51 -104.55
N GLU OB 423 -26.58 8.60 -103.37
CA GLU OB 423 -25.50 9.54 -103.10
C GLU OB 423 -24.15 8.86 -103.27
N MET OB 424 -23.21 9.57 -103.88
CA MET OB 424 -21.92 9.01 -104.24
C MET OB 424 -20.80 9.93 -103.78
N SER OB 425 -19.67 9.33 -103.43
CA SER OB 425 -18.47 10.07 -103.05
C SER OB 425 -17.40 9.79 -104.10
N LEU OB 426 -17.19 10.74 -105.00
CA LEU OB 426 -16.46 10.51 -106.23
C LEU OB 426 -15.01 10.96 -106.12
N ASP OB 427 -14.14 10.30 -106.89
CA ASP OB 427 -12.74 10.66 -107.06
C ASP OB 427 -12.35 10.29 -108.49
N ILE OB 428 -12.45 11.24 -109.40
CA ILE OB 428 -12.31 11.00 -110.83
C ILE OB 428 -10.97 11.56 -111.29
N GLU OB 429 -10.24 10.79 -112.09
CA GLU OB 429 -9.03 11.23 -112.75
C GLU OB 429 -9.06 10.78 -114.20
N ASP OB 430 -8.78 11.71 -115.11
CA ASP OB 430 -8.71 11.39 -116.53
C ASP OB 430 -7.48 12.09 -117.11
N GLY OB 431 -6.44 11.31 -117.40
CA GLY OB 431 -5.20 11.85 -117.90
C GLY OB 431 -4.80 11.20 -119.22
N ASN OB 432 -3.93 11.89 -119.95
CA ASN OB 432 -3.37 11.36 -121.18
C ASN OB 432 -1.98 11.96 -121.36
N ASP OB 433 -1.33 11.61 -122.47
CA ASP OB 433 0.06 11.97 -122.70
C ASP OB 433 0.12 13.07 -123.76
N LYS OB 434 0.59 14.24 -123.35
CA LYS OB 434 0.81 15.34 -124.27
C LYS OB 434 2.18 15.18 -124.92
N THR OB 435 2.24 15.42 -126.22
CA THR OB 435 3.45 15.17 -126.98
C THR OB 435 4.06 16.50 -127.46
N PRO OB 436 5.32 16.75 -127.14
CA PRO OB 436 6.03 17.89 -127.76
C PRO OB 436 6.49 17.57 -129.17
N GLN OB 437 7.28 18.47 -129.75
CA GLN OB 437 7.77 18.31 -131.12
C GLN OB 437 8.68 17.10 -131.24
N SER OB 438 8.43 16.25 -132.24
CA SER OB 438 9.16 14.99 -132.38
C SER OB 438 10.56 15.18 -132.97
N ASP OB 439 10.82 16.29 -133.66
CA ASP OB 439 12.09 16.48 -134.35
C ASP OB 439 13.24 16.80 -133.41
N THR OB 440 12.97 17.34 -132.23
CA THR OB 440 14.01 17.71 -131.29
C THR OB 440 14.36 16.53 -130.38
N THR OB 441 15.55 16.63 -129.76
CA THR OB 441 16.20 15.55 -129.02
C THR OB 441 15.41 15.09 -127.80
N THR OB 442 14.57 15.95 -127.21
CA THR OB 442 13.85 15.62 -125.98
C THR OB 442 12.72 14.61 -126.15
N SER OB 443 12.54 14.04 -127.35
CA SER OB 443 11.58 12.96 -127.56
C SER OB 443 12.15 11.58 -127.29
N VAL OB 444 13.46 11.46 -127.06
CA VAL OB 444 14.06 10.15 -126.81
C VAL OB 444 14.41 9.93 -125.33
N ASP OB 445 14.38 10.99 -124.52
CA ASP OB 445 14.64 10.82 -123.09
C ASP OB 445 13.32 10.66 -122.34
N ALA OB 446 13.41 10.64 -121.01
CA ALA OB 446 12.25 10.37 -120.16
C ALA OB 446 11.49 11.67 -119.89
N LEU OB 447 10.87 12.19 -120.95
CA LEU OB 447 9.99 13.35 -120.84
C LEU OB 447 8.66 13.04 -121.50
N PRO OB 448 7.79 12.27 -120.84
CA PRO OB 448 6.38 12.25 -121.24
C PRO OB 448 5.59 13.33 -120.52
N GLU OB 449 5.45 14.52 -121.09
CA GLU OB 449 4.62 15.56 -120.48
C GLU OB 449 3.18 15.07 -120.29
N VAL OB 450 2.80 14.85 -119.03
CA VAL OB 450 1.50 14.30 -118.67
C VAL OB 450 0.56 15.44 -118.31
N GLY OB 451 -0.64 15.43 -118.88
CA GLY OB 451 -1.70 16.33 -118.49
C GLY OB 451 -2.87 15.54 -117.90
N ARG OB 452 -3.28 15.92 -116.70
CA ARG OB 452 -4.31 15.22 -115.96
C ARG OB 452 -5.52 16.13 -115.73
N THR OB 453 -6.58 15.54 -115.17
CA THR OB 453 -7.79 16.26 -114.84
C THR OB 453 -8.42 15.59 -113.63
N LEU OB 454 -8.45 16.28 -112.50
CA LEU OB 454 -8.87 15.69 -111.23
C LEU OB 454 -10.13 16.37 -110.74
N ILE OB 455 -11.07 15.58 -110.22
CA ILE OB 455 -12.34 16.07 -109.71
C ILE OB 455 -12.66 15.26 -108.45
N SER OB 456 -12.97 15.95 -107.35
CA SER OB 456 -13.33 15.30 -106.10
C SER OB 456 -14.49 16.05 -105.48
N THR OB 457 -15.65 15.39 -105.37
CA THR OB 457 -16.87 16.06 -104.92
C THR OB 457 -17.83 15.00 -104.38
N ILE OB 458 -19.05 15.42 -104.05
CA ILE OB 458 -20.12 14.55 -103.59
C ILE OB 458 -21.41 14.99 -104.26
N ALA OB 459 -22.11 14.05 -104.92
CA ALA OB 459 -23.34 14.37 -105.61
C ALA OB 459 -24.41 13.34 -105.25
N ARG OB 460 -25.67 13.69 -105.49
CA ARG OB 460 -26.80 12.83 -105.16
C ARG OB 460 -27.81 12.86 -106.29
N VAL OB 461 -27.95 11.74 -106.99
CA VAL OB 461 -28.76 11.62 -108.20
C VAL OB 461 -29.94 10.69 -107.90
N PRO OB 462 -31.12 10.92 -108.46
CA PRO OB 462 -32.17 9.90 -108.40
C PRO OB 462 -31.83 8.70 -109.26
N HIS OB 463 -32.66 7.67 -109.14
CA HIS OB 463 -32.42 6.42 -109.85
C HIS OB 463 -32.78 6.57 -111.32
N GLY OB 464 -31.79 6.50 -112.19
CA GLY OB 464 -32.01 6.60 -113.61
C GLY OB 464 -31.78 7.96 -114.22
N LYS OB 465 -31.70 9.02 -113.42
CA LYS OB 465 -31.45 10.36 -113.91
C LYS OB 465 -29.95 10.62 -113.94
N SER OB 466 -29.55 11.85 -114.21
CA SER OB 466 -28.15 12.18 -114.39
C SER OB 466 -27.84 13.57 -113.87
N LEU OB 467 -26.55 13.82 -113.64
CA LEU OB 467 -26.07 15.11 -113.15
C LEU OB 467 -24.76 15.46 -113.83
N LEU OB 468 -24.52 16.75 -113.98
CA LEU OB 468 -23.27 17.25 -114.53
C LEU OB 468 -22.33 17.59 -113.37
N VAL OB 469 -21.19 16.90 -113.31
CA VAL OB 469 -20.28 17.06 -112.18
C VAL OB 469 -19.20 18.08 -112.47
N GLY OB 470 -18.51 17.97 -113.60
CA GLY OB 470 -17.46 18.91 -113.93
C GLY OB 470 -17.71 19.60 -115.25
N GLY OB 471 -16.70 20.26 -115.80
CA GLY OB 471 -16.86 20.93 -117.07
C GLY OB 471 -15.72 21.90 -117.30
N TYR OB 472 -15.56 22.26 -118.58
CA TYR OB 472 -14.52 23.19 -119.02
C TYR OB 472 -14.82 23.65 -120.45
N THR OB 473 -14.84 24.96 -120.68
CA THR OB 473 -14.91 25.51 -122.03
C THR OB 473 -13.78 26.50 -122.23
N ARG OB 474 -13.46 26.75 -123.50
CA ARG OB 474 -12.43 27.73 -123.85
C ARG OB 474 -12.65 28.22 -125.27
N ASP OB 475 -12.66 29.54 -125.45
CA ASP OB 475 -12.80 30.16 -126.75
C ASP OB 475 -11.66 31.15 -126.97
N ALA OB 476 -11.20 31.26 -128.22
CA ALA OB 476 -10.08 32.14 -128.52
C ALA OB 476 -10.19 32.64 -129.95
N ASN OB 477 -9.62 33.82 -130.19
CA ASN OB 477 -9.59 34.42 -131.52
C ASN OB 477 -8.48 35.45 -131.56
N THR OB 478 -7.42 35.17 -132.31
CA THR OB 478 -6.33 36.12 -132.50
C THR OB 478 -6.19 36.45 -133.98
N ASP OB 479 -5.61 37.62 -134.26
CA ASP OB 479 -5.32 38.04 -135.63
C ASP OB 479 -4.26 39.13 -135.64
N THR OB 480 -3.22 38.94 -136.46
CA THR OB 480 -2.15 39.91 -136.61
C THR OB 480 -2.14 40.45 -138.03
N VAL OB 481 -1.60 41.67 -138.18
CA VAL OB 481 -1.43 42.30 -139.50
C VAL OB 481 -0.07 42.99 -139.50
N GLN OB 482 0.81 42.60 -140.41
CA GLN OB 482 2.09 43.27 -140.61
C GLN OB 482 2.17 43.82 -142.02
N SER OB 483 3.01 44.84 -142.20
CA SER OB 483 3.21 45.43 -143.52
C SER OB 483 4.52 46.21 -143.53
N ILE OB 484 4.92 46.61 -144.73
CA ILE OB 484 5.96 47.62 -144.95
C ILE OB 484 5.20 48.94 -144.95
N PRO OB 485 5.75 50.02 -144.35
CA PRO OB 485 4.94 51.24 -144.15
C PRO OB 485 4.44 51.93 -145.42
N PHE OB 486 5.26 52.06 -146.46
CA PHE OB 486 4.81 52.73 -147.67
C PHE OB 486 4.51 51.76 -148.81
N LEU OB 487 5.29 50.70 -148.96
CA LEU OB 487 5.09 49.78 -150.07
C LEU OB 487 3.87 48.88 -149.88
N GLY OB 488 3.34 48.80 -148.66
CA GLY OB 488 2.19 47.95 -148.41
C GLY OB 488 0.86 48.54 -148.83
N LYS OB 489 0.83 49.76 -149.34
CA LYS OB 489 -0.40 50.40 -149.78
C LYS OB 489 -0.47 50.60 -151.29
N LEU OB 490 0.43 49.97 -152.04
CA LEU OB 490 0.38 50.04 -153.49
C LEU OB 490 -0.81 49.24 -154.01
N PRO OB 491 -1.41 49.65 -155.15
CA PRO OB 491 -2.64 48.99 -155.62
C PRO OB 491 -2.47 47.52 -156.04
N LEU OB 492 -1.54 47.24 -156.94
CA LEU OB 492 -1.36 45.88 -157.46
C LEU OB 492 -0.03 45.26 -157.09
N ILE OB 493 0.92 46.06 -156.58
CA ILE OB 493 2.19 45.54 -156.13
C ILE OB 493 2.23 45.35 -154.62
N GLY OB 494 1.38 46.03 -153.86
CA GLY OB 494 1.44 46.04 -152.40
C GLY OB 494 1.03 44.74 -151.73
N SER OB 495 0.57 43.74 -152.49
CA SER OB 495 0.24 42.46 -151.89
C SER OB 495 1.49 41.64 -151.56
N LEU OB 496 2.63 41.98 -152.14
CA LEU OB 496 3.88 41.26 -151.88
C LEU OB 496 4.57 41.70 -150.60
N PHE OB 497 4.00 42.64 -149.85
CA PHE OB 497 4.63 43.17 -148.65
C PHE OB 497 3.79 43.04 -147.39
N ARG OB 498 2.49 42.84 -147.51
CA ARG OB 498 1.64 42.69 -146.34
C ARG OB 498 1.72 41.27 -145.79
N TYR OB 499 1.09 41.07 -144.63
CA TYR OB 499 1.02 39.78 -143.98
C TYR OB 499 -0.17 39.81 -143.03
N SER OB 500 -0.86 38.68 -142.91
CA SER OB 500 -2.05 38.62 -142.05
C SER OB 500 -2.31 37.17 -141.65
N SER OB 501 -2.58 36.98 -140.37
CA SER OB 501 -2.88 35.65 -139.85
C SER OB 501 -4.15 35.70 -139.04
N LYS OB 502 -4.72 34.53 -138.79
CA LYS OB 502 -5.93 34.37 -137.97
C LYS OB 502 -5.82 33.07 -137.19
N ASN OB 503 -6.70 32.93 -136.20
CA ASN OB 503 -6.77 31.72 -135.39
C ASN OB 503 -8.10 31.70 -134.66
N LYS OB 504 -8.60 30.51 -134.35
CA LYS OB 504 -9.86 30.34 -133.65
C LYS OB 504 -9.93 28.92 -133.10
N SER OB 505 -10.45 28.77 -131.89
CA SER OB 505 -10.60 27.45 -131.29
C SER OB 505 -11.78 27.44 -130.34
N ASN OB 506 -12.40 26.27 -130.18
CA ASN OB 506 -13.53 26.10 -129.28
C ASN OB 506 -13.46 24.70 -128.69
N VAL OB 507 -13.16 24.61 -127.39
CA VAL OB 507 -12.97 23.33 -126.70
C VAL OB 507 -14.07 23.17 -125.66
N VAL OB 508 -14.62 21.97 -125.55
CA VAL OB 508 -15.66 21.65 -124.56
C VAL OB 508 -15.34 20.28 -123.97
N ARG OB 509 -15.20 20.21 -122.65
CA ARG OB 509 -15.10 18.95 -121.92
C ARG OB 509 -16.14 18.95 -120.82
N VAL OB 510 -16.84 17.81 -120.64
CA VAL OB 510 -17.81 17.66 -119.56
C VAL OB 510 -17.67 16.27 -118.95
N PHE OB 511 -18.17 16.15 -117.71
CA PHE OB 511 -18.19 14.89 -116.98
C PHE OB 511 -19.60 14.69 -116.45
N MET OB 512 -20.21 13.56 -116.76
CA MET OB 512 -21.58 13.29 -116.35
C MET OB 512 -21.68 11.94 -115.65
N ILE OB 513 -22.62 11.84 -114.72
CA ILE OB 513 -22.78 10.68 -113.85
C ILE OB 513 -24.21 10.17 -114.01
N GLU OB 514 -24.37 8.86 -114.20
CA GLU OB 514 -25.69 8.26 -114.37
C GLU OB 514 -25.73 6.92 -113.65
N PRO OB 515 -26.18 6.88 -112.40
CA PRO OB 515 -26.26 5.61 -111.68
C PRO OB 515 -27.63 4.96 -111.82
N LYS OB 516 -27.63 3.64 -111.64
CA LYS OB 516 -28.87 2.87 -111.67
C LYS OB 516 -28.69 1.61 -110.82
N GLU OB 517 -29.81 0.96 -110.52
CA GLU OB 517 -29.84 -0.17 -109.61
C GLU OB 517 -30.03 -1.47 -110.39
N ILE OB 518 -29.24 -2.48 -110.05
CA ILE OB 518 -29.24 -3.76 -110.74
C ILE OB 518 -29.99 -4.77 -109.88
N VAL OB 519 -31.03 -5.38 -110.43
CA VAL OB 519 -31.78 -6.40 -109.71
C VAL OB 519 -31.81 -7.74 -110.44
N ASP OB 520 -31.51 -7.78 -111.74
CA ASP OB 520 -31.60 -8.99 -112.54
C ASP OB 520 -30.26 -9.31 -113.18
N PRO OB 521 -29.95 -10.58 -113.43
CA PRO OB 521 -28.73 -10.94 -114.15
C PRO OB 521 -28.87 -10.64 -115.65
N LEU OB 522 -27.81 -10.96 -116.38
CA LEU OB 522 -27.77 -10.66 -117.81
C LEU OB 522 -28.69 -11.58 -118.58
N THR OB 523 -29.33 -11.05 -119.62
CA THR OB 523 -30.15 -11.84 -120.53
C THR OB 523 -29.88 -11.37 -121.96
N PRO OB 524 -29.44 -12.27 -122.86
CA PRO OB 524 -29.05 -13.67 -122.69
C PRO OB 524 -27.73 -13.84 -121.94
N ASP OB 525 -27.32 -15.07 -121.67
CA ASP OB 525 -26.21 -15.35 -120.77
C ASP OB 525 -24.89 -14.87 -121.37
N ALA OB 526 -23.88 -14.78 -120.50
CA ALA OB 526 -22.57 -14.33 -120.94
C ALA OB 526 -21.88 -15.35 -121.82
N SER OB 527 -22.18 -16.63 -121.63
CA SER OB 527 -21.61 -17.66 -122.49
C SER OB 527 -22.38 -17.84 -123.79
N GLU OB 528 -23.53 -17.17 -123.93
CA GLU OB 528 -24.30 -17.24 -125.17
C GLU OB 528 -24.01 -16.08 -126.09
N SER OB 529 -23.68 -14.90 -125.55
CA SER OB 529 -23.33 -13.78 -126.39
C SER OB 529 -21.90 -13.88 -126.91
N VAL OB 530 -21.05 -14.66 -126.25
CA VAL OB 530 -19.68 -14.84 -126.71
C VAL OB 530 -19.63 -15.83 -127.88
N ASN OB 531 -20.46 -16.86 -127.83
CA ASN OB 531 -20.51 -17.83 -128.92
C ASN OB 531 -21.09 -17.26 -130.21
N ASN OB 532 -21.80 -16.14 -130.14
CA ASN OB 532 -22.22 -15.45 -131.35
C ASN OB 532 -21.17 -14.49 -131.88
N ILE OB 533 -20.26 -14.02 -131.01
CA ILE OB 533 -19.18 -13.17 -131.46
C ILE OB 533 -18.12 -14.00 -132.18
N LEU OB 534 -17.79 -15.17 -131.63
CA LEU OB 534 -16.76 -16.02 -132.23
C LEU OB 534 -17.22 -16.63 -133.55
N LYS OB 535 -18.52 -16.88 -133.70
CA LYS OB 535 -19.00 -17.42 -134.97
C LYS OB 535 -19.08 -16.36 -136.05
N GLN OB 536 -19.37 -15.11 -135.69
CA GLN OB 536 -19.49 -14.06 -136.69
C GLN OB 536 -18.12 -13.56 -137.14
N SER OB 537 -17.19 -13.36 -136.21
CA SER OB 537 -15.87 -12.86 -136.57
C SER OB 537 -14.97 -13.94 -137.15
N GLY OB 538 -15.34 -15.22 -137.02
CA GLY OB 538 -14.56 -16.28 -137.60
C GLY OB 538 -13.45 -16.83 -136.72
N ALA OB 539 -13.43 -16.49 -135.44
CA ALA OB 539 -12.41 -16.97 -134.52
C ALA OB 539 -12.85 -18.21 -133.76
N TRP OB 540 -13.98 -18.80 -134.12
CA TRP OB 540 -14.55 -19.92 -133.36
C TRP OB 540 -13.81 -21.21 -133.70
N SER OB 541 -13.44 -21.96 -132.66
CA SER OB 541 -12.77 -23.24 -132.83
C SER OB 541 -13.34 -24.28 -131.89
N GLY OB 542 -14.67 -24.32 -131.78
CA GLY OB 542 -15.32 -25.39 -131.03
C GLY OB 542 -15.61 -26.63 -131.83
N ASP OB 543 -15.35 -26.59 -133.14
CA ASP OB 543 -15.55 -27.72 -134.04
C ASP OB 543 -14.26 -28.44 -134.36
N ASP OB 544 -13.17 -28.13 -133.66
CA ASP OB 544 -11.88 -28.73 -133.95
C ASP OB 544 -11.85 -30.19 -133.49
N LYS OB 545 -11.15 -31.02 -134.25
CA LYS OB 545 -11.09 -32.44 -133.93
C LYS OB 545 -10.17 -32.70 -132.75
N LEU OB 546 -9.13 -31.89 -132.60
CA LEU OB 546 -8.12 -32.12 -131.57
C LEU OB 546 -8.39 -31.38 -130.27
N GLN OB 547 -8.96 -30.18 -130.34
CA GLN OB 547 -9.18 -29.37 -129.15
C GLN OB 547 -10.53 -29.64 -128.48
N LYS OB 548 -11.39 -30.46 -129.07
CA LYS OB 548 -12.68 -30.74 -128.46
C LYS OB 548 -12.60 -31.75 -127.33
N TRP OB 549 -11.47 -32.45 -127.17
CA TRP OB 549 -11.32 -33.39 -126.09
C TRP OB 549 -11.11 -32.71 -124.75
N VAL OB 550 -10.63 -31.46 -124.76
CA VAL OB 550 -10.39 -30.73 -123.53
C VAL OB 550 -11.36 -29.56 -123.35
N ARG OB 551 -11.77 -28.88 -124.42
CA ARG OB 551 -12.77 -27.83 -124.37
C ARG OB 551 -14.17 -28.32 -124.04
N VAL OB 552 -14.39 -29.64 -123.95
CA VAL OB 552 -15.70 -30.15 -123.54
C VAL OB 552 -15.86 -30.08 -122.03
N TYR OB 553 -14.77 -29.88 -121.28
CA TYR OB 553 -14.89 -29.67 -119.84
C TYR OB 553 -15.28 -28.23 -119.52
N LEU OB 554 -14.73 -27.27 -120.25
CA LEU OB 554 -14.94 -25.86 -119.95
C LEU OB 554 -16.30 -25.37 -120.45
N ASP OB 555 -16.76 -25.91 -121.58
CA ASP OB 555 -18.02 -25.51 -122.20
C ASP OB 555 -19.14 -26.47 -121.85
N ARG OB 556 -19.15 -26.94 -120.60
CA ARG OB 556 -20.11 -27.93 -120.14
C ARG OB 556 -21.53 -27.36 -120.10
N GLY OB 557 -21.68 -26.08 -119.78
CA GLY OB 557 -22.99 -25.45 -119.76
C GLY OB 557 -23.34 -24.81 -121.09
N GLY PB 32 -39.57 -67.63 -10.55
CA GLY PB 32 -38.69 -66.93 -11.46
C GLY PB 32 -37.74 -66.00 -10.77
N SER PB 33 -37.59 -64.80 -11.31
CA SER PB 33 -36.71 -63.78 -10.76
C SER PB 33 -37.53 -62.56 -10.36
N GLY PB 34 -36.86 -61.50 -9.94
CA GLY PB 34 -37.56 -60.30 -9.55
C GLY PB 34 -36.72 -59.46 -8.62
N PHE PB 35 -37.36 -58.43 -8.06
CA PHE PB 35 -36.67 -57.53 -7.14
C PHE PB 35 -37.72 -56.84 -6.28
N VAL PB 36 -37.55 -56.89 -4.96
CA VAL PB 36 -38.49 -56.27 -4.04
C VAL PB 36 -37.89 -54.99 -3.48
N ALA PB 37 -38.18 -53.84 -4.09
CA ALA PB 37 -37.60 -52.59 -3.64
C ALA PB 37 -38.43 -52.00 -2.51
N LYS PB 38 -37.77 -51.60 -1.44
CA LYS PB 38 -38.42 -50.95 -0.30
C LYS PB 38 -37.66 -49.67 -0.05
N ASP PB 39 -38.11 -48.58 -0.69
CA ASP PB 39 -37.50 -47.25 -0.63
C ASP PB 39 -36.03 -47.31 -1.09
N ASP PB 40 -35.86 -47.64 -2.35
CA ASP PB 40 -34.55 -47.60 -2.98
C ASP PB 40 -34.34 -46.20 -3.55
N SER PB 41 -33.31 -46.01 -4.37
CA SER PB 41 -33.01 -44.65 -4.80
C SER PB 41 -32.62 -44.59 -6.27
N LEU PB 42 -33.17 -45.49 -7.09
CA LEU PB 42 -33.02 -45.55 -8.54
C LEU PB 42 -31.61 -45.80 -9.04
N ARG PB 43 -30.64 -45.95 -8.13
CA ARG PB 43 -29.31 -46.40 -8.51
C ARG PB 43 -29.08 -47.84 -8.11
N THR PB 44 -29.58 -48.21 -6.94
CA THR PB 44 -29.59 -49.60 -6.53
C THR PB 44 -30.77 -50.35 -7.11
N PHE PB 45 -31.77 -49.66 -7.63
CA PHE PB 45 -32.86 -50.34 -8.30
C PHE PB 45 -32.46 -50.72 -9.71
N PHE PB 46 -31.86 -49.78 -10.44
CA PHE PB 46 -31.40 -50.07 -11.79
C PHE PB 46 -30.10 -50.87 -11.81
N ASP PB 47 -29.40 -50.99 -10.68
CA ASP PB 47 -28.28 -51.91 -10.62
C ASP PB 47 -28.74 -53.36 -10.63
N ALA PB 48 -29.89 -53.64 -10.02
CA ALA PB 48 -30.44 -55.00 -10.01
C ALA PB 48 -31.04 -55.42 -11.34
N MET PB 49 -31.43 -54.47 -12.20
CA MET PB 49 -31.90 -54.80 -13.53
C MET PB 49 -30.77 -55.04 -14.52
N ALA PB 50 -29.52 -54.80 -14.10
CA ALA PB 50 -28.36 -54.82 -14.97
C ALA PB 50 -27.80 -56.20 -15.19
N LEU PB 51 -28.54 -57.27 -14.89
CA LEU PB 51 -28.16 -58.60 -15.31
C LEU PB 51 -29.13 -59.16 -16.32
N GLN PB 52 -30.41 -58.82 -16.19
CA GLN PB 52 -31.37 -59.17 -17.22
C GLN PB 52 -31.12 -58.33 -18.47
N LEU PB 53 -30.91 -57.03 -18.31
CA LEU PB 53 -30.18 -56.30 -19.34
C LEU PB 53 -28.71 -56.69 -19.26
N LYS PB 54 -28.12 -57.09 -20.39
CA LYS PB 54 -26.79 -57.68 -20.34
C LYS PB 54 -25.67 -56.64 -20.42
N GLU PB 55 -25.94 -55.39 -20.06
CA GLU PB 55 -25.02 -54.27 -20.09
C GLU PB 55 -25.07 -53.54 -18.76
N PRO PB 56 -23.99 -52.87 -18.36
CA PRO PB 56 -24.07 -52.04 -17.15
C PRO PB 56 -24.93 -50.81 -17.35
N VAL PB 57 -25.42 -50.28 -16.23
CA VAL PB 57 -26.31 -49.13 -16.21
C VAL PB 57 -25.64 -48.00 -15.45
N ILE PB 58 -25.65 -46.80 -16.03
CA ILE PB 58 -25.01 -45.62 -15.45
C ILE PB 58 -26.08 -44.58 -15.18
N VAL PB 59 -26.48 -44.45 -13.92
CA VAL PB 59 -27.55 -43.55 -13.49
C VAL PB 59 -26.91 -42.25 -13.00
N SER PB 60 -27.36 -41.12 -13.55
CA SER PB 60 -26.83 -39.82 -13.15
C SER PB 60 -27.25 -39.46 -11.72
N LYS PB 61 -26.54 -38.46 -11.19
CA LYS PB 61 -26.72 -38.10 -9.80
C LYS PB 61 -27.93 -37.21 -9.57
N MET PB 62 -28.50 -36.62 -10.62
CA MET PB 62 -29.74 -35.87 -10.42
C MET PB 62 -30.92 -36.79 -10.54
N ALA PB 63 -30.82 -37.81 -11.39
CA ALA PB 63 -31.86 -38.84 -11.50
C ALA PB 63 -31.64 -39.97 -10.51
N ALA PB 64 -30.75 -39.78 -9.53
CA ALA PB 64 -30.59 -40.74 -8.45
C ALA PB 64 -31.16 -40.23 -7.14
N ARG PB 65 -31.87 -39.09 -7.17
CA ARG PB 65 -32.55 -38.56 -6.00
C ARG PB 65 -33.99 -39.05 -5.86
N LYS PB 66 -34.54 -39.69 -6.87
CA LYS PB 66 -35.90 -40.19 -6.82
C LYS PB 66 -35.92 -41.63 -6.32
N LYS PB 67 -37.03 -42.01 -5.68
CA LYS PB 67 -37.15 -43.28 -4.99
C LYS PB 67 -38.25 -44.12 -5.62
N ILE PB 68 -38.24 -45.41 -5.27
CA ILE PB 68 -39.24 -46.35 -5.78
C ILE PB 68 -39.48 -47.41 -4.72
N THR PB 69 -40.70 -47.97 -4.72
CA THR PB 69 -41.14 -48.97 -3.76
C THR PB 69 -42.06 -49.95 -4.46
N GLY PB 70 -41.86 -51.24 -4.27
CA GLY PB 70 -42.76 -52.23 -4.81
C GLY PB 70 -42.05 -53.46 -5.37
N ASN PB 71 -42.82 -54.53 -5.50
CA ASN PB 71 -42.35 -55.77 -6.08
C ASN PB 71 -42.27 -55.62 -7.60
N PHE PB 72 -41.13 -55.94 -8.19
CA PHE PB 72 -40.98 -55.92 -9.63
C PHE PB 72 -40.56 -57.30 -10.10
N GLU PB 73 -40.61 -57.50 -11.40
CA GLU PB 73 -40.24 -58.78 -11.99
C GLU PB 73 -39.57 -58.52 -13.32
N PHE PB 74 -38.43 -59.14 -13.52
CA PHE PB 74 -37.62 -58.92 -14.71
C PHE PB 74 -37.68 -60.15 -15.60
N HIS PB 75 -38.71 -60.21 -16.45
CA HIS PB 75 -38.76 -61.24 -17.48
C HIS PB 75 -38.77 -60.68 -18.88
N ASP PB 76 -39.20 -59.43 -19.07
CA ASP PB 76 -39.05 -58.72 -20.34
C ASP PB 76 -38.61 -57.30 -19.97
N PRO PB 77 -37.31 -57.06 -19.85
CA PRO PB 77 -36.86 -55.80 -19.24
C PRO PB 77 -36.71 -54.64 -20.21
N ASN PB 78 -36.67 -54.92 -21.50
CA ASN PB 78 -36.47 -53.86 -22.48
C ASN PB 78 -37.71 -53.01 -22.67
N ALA PB 79 -38.89 -53.56 -22.39
CA ALA PB 79 -40.09 -52.75 -22.45
C ALA PB 79 -40.47 -52.20 -21.09
N LEU PB 80 -40.03 -52.85 -20.01
CA LEU PB 80 -40.27 -52.29 -18.69
C LEU PB 80 -39.43 -51.05 -18.46
N LEU PB 81 -38.24 -50.98 -19.06
CA LEU PB 81 -37.47 -49.74 -18.99
C LEU PB 81 -38.10 -48.66 -19.84
N GLU PB 82 -38.72 -49.04 -20.95
CA GLU PB 82 -39.38 -48.07 -21.81
C GLU PB 82 -40.64 -47.50 -21.16
N LYS PB 83 -41.31 -48.29 -20.34
CA LYS PB 83 -42.52 -47.80 -19.71
C LYS PB 83 -42.22 -47.06 -18.41
N LEU PB 84 -41.19 -47.51 -17.68
CA LEU PB 84 -40.82 -46.83 -16.44
C LEU PB 84 -40.14 -45.50 -16.72
N SER PB 85 -39.51 -45.34 -17.88
CA SER PB 85 -38.83 -44.09 -18.15
C SER PB 85 -39.79 -42.99 -18.55
N LEU PB 86 -41.04 -43.33 -18.80
CA LEU PB 86 -42.07 -42.36 -19.13
C LEU PB 86 -42.99 -42.13 -17.96
N GLN PB 87 -43.18 -43.14 -17.11
CA GLN PB 87 -43.99 -42.88 -15.93
C GLN PB 87 -43.21 -42.10 -14.88
N LEU PB 88 -41.90 -42.23 -14.85
CA LEU PB 88 -41.13 -41.48 -13.86
C LEU PB 88 -40.64 -40.15 -14.40
N GLY PB 89 -40.26 -40.12 -15.66
CA GLY PB 89 -39.72 -38.96 -16.33
C GLY PB 89 -38.21 -39.12 -16.36
N LEU PB 90 -37.74 -39.66 -17.47
CA LEU PB 90 -36.35 -40.07 -17.63
C LEU PB 90 -36.07 -40.15 -19.12
N ILE PB 91 -34.79 -40.11 -19.45
CA ILE PB 91 -34.31 -40.35 -20.81
C ILE PB 91 -33.14 -41.31 -20.68
N TRP PB 92 -32.99 -42.18 -21.66
CA TRP PB 92 -31.95 -43.19 -21.62
C TRP PB 92 -31.38 -43.41 -23.01
N TYR PB 93 -30.20 -44.00 -23.04
CA TYR PB 93 -29.51 -44.17 -24.32
C TYR PB 93 -28.48 -45.29 -24.22
N PHE PB 94 -28.53 -46.23 -25.17
CA PHE PB 94 -27.67 -47.41 -25.18
C PHE PB 94 -26.75 -47.36 -26.38
N ASP PB 95 -25.44 -47.25 -26.12
CA ASP PB 95 -24.46 -47.01 -27.17
C ASP PB 95 -23.66 -48.25 -27.54
N GLY PB 96 -24.06 -49.43 -27.07
CA GLY PB 96 -23.38 -50.68 -27.37
C GLY PB 96 -22.58 -51.25 -26.23
N GLN PB 97 -22.23 -50.44 -25.23
CA GLN PB 97 -21.45 -50.90 -24.10
C GLN PB 97 -22.08 -50.62 -22.74
N ALA PB 98 -22.95 -49.61 -22.63
CA ALA PB 98 -23.60 -49.29 -21.38
C ALA PB 98 -24.93 -48.64 -21.67
N ILE PB 99 -25.74 -48.45 -20.63
CA ILE PB 99 -27.04 -47.79 -20.74
C ILE PB 99 -27.02 -46.57 -19.83
N TYR PB 100 -26.92 -45.39 -20.44
CA TYR PB 100 -26.97 -44.18 -19.64
C TYR PB 100 -28.40 -43.80 -19.34
N ILE PB 101 -28.61 -43.21 -18.16
CA ILE PB 101 -29.94 -42.79 -17.71
C ILE PB 101 -29.79 -41.39 -17.11
N TYR PB 102 -30.53 -40.44 -17.66
CA TYR PB 102 -30.61 -39.08 -17.14
C TYR PB 102 -32.06 -38.77 -16.84
N ASP PB 103 -32.32 -37.78 -15.98
CA ASP PB 103 -33.69 -37.36 -15.89
C ASP PB 103 -34.04 -36.48 -17.08
N ALA PB 104 -35.34 -36.23 -17.26
CA ALA PB 104 -35.81 -35.60 -18.49
C ALA PB 104 -35.41 -34.13 -18.59
N SER PB 105 -35.11 -33.49 -17.47
CA SER PB 105 -34.78 -32.07 -17.48
C SER PB 105 -33.31 -31.81 -17.76
N GLU PB 106 -32.56 -32.84 -18.15
CA GLU PB 106 -31.17 -32.68 -18.54
C GLU PB 106 -30.98 -32.90 -20.03
N MET PB 107 -32.06 -32.77 -20.79
CA MET PB 107 -32.00 -32.94 -22.23
C MET PB 107 -31.30 -31.76 -22.86
N ARG PB 108 -30.32 -32.04 -23.70
CA ARG PB 108 -29.50 -31.01 -24.32
C ARG PB 108 -29.76 -31.02 -25.81
N ASN PB 109 -29.69 -29.86 -26.44
CA ASN PB 109 -29.94 -29.77 -27.86
C ASN PB 109 -28.91 -28.88 -28.53
N ALA PB 110 -28.72 -29.11 -29.83
CA ALA PB 110 -27.74 -28.33 -30.57
C ALA PB 110 -28.06 -28.33 -32.05
N VAL PB 111 -27.66 -27.25 -32.71
CA VAL PB 111 -27.76 -27.10 -34.15
C VAL PB 111 -26.35 -27.01 -34.70
N VAL PB 112 -26.06 -27.77 -35.75
CA VAL PB 112 -24.72 -27.84 -36.31
C VAL PB 112 -24.82 -27.86 -37.83
N SER PB 113 -23.95 -27.07 -38.47
CA SER PB 113 -23.90 -26.92 -39.92
C SER PB 113 -22.62 -27.53 -40.47
N LEU PB 114 -22.76 -28.39 -41.48
CA LEU PB 114 -21.62 -29.07 -42.08
C LEU PB 114 -21.17 -28.32 -43.32
N ARG PB 115 -19.86 -28.29 -43.56
CA ARG PB 115 -19.34 -27.54 -44.68
C ARG PB 115 -19.41 -28.33 -45.97
N ASN PB 116 -18.82 -29.51 -46.00
CA ASN PB 116 -18.69 -30.28 -47.24
C ASN PB 116 -19.06 -31.75 -47.09
N VAL PB 117 -19.78 -32.11 -46.04
CA VAL PB 117 -20.33 -33.46 -45.87
C VAL PB 117 -21.85 -33.33 -45.79
N SER PB 118 -22.56 -34.11 -46.59
CA SER PB 118 -24.00 -34.04 -46.51
C SER PB 118 -24.54 -34.75 -45.27
N LEU PB 119 -25.85 -34.52 -45.04
CA LEU PB 119 -26.51 -35.16 -43.92
C LEU PB 119 -26.69 -36.64 -44.18
N ASN PB 120 -26.98 -37.01 -45.42
CA ASN PB 120 -27.22 -38.42 -45.71
C ASN PB 120 -25.93 -39.23 -45.63
N GLU PB 121 -24.78 -38.56 -45.68
CA GLU PB 121 -23.51 -39.24 -45.46
C GLU PB 121 -23.18 -39.35 -43.98
N PHE PB 122 -23.46 -38.32 -43.19
CA PHE PB 122 -23.22 -38.51 -41.76
C PHE PB 122 -24.25 -39.45 -41.15
N ASN PB 123 -25.46 -39.48 -41.70
CA ASN PB 123 -26.47 -40.43 -41.31
C ASN PB 123 -26.22 -41.83 -41.86
N ASN PB 124 -25.33 -41.95 -42.85
CA ASN PB 124 -24.94 -43.29 -43.26
C ASN PB 124 -23.74 -43.76 -42.47
N PHE PB 125 -22.96 -42.83 -41.91
CA PHE PB 125 -21.90 -43.21 -40.99
C PHE PB 125 -22.47 -43.69 -39.67
N LEU PB 126 -23.59 -43.12 -39.23
CA LEU PB 126 -24.19 -43.58 -37.98
C LEU PB 126 -24.82 -44.95 -38.14
N LYS PB 127 -25.38 -45.25 -39.31
CA LYS PB 127 -25.95 -46.57 -39.54
C LYS PB 127 -24.84 -47.60 -39.74
N ARG PB 128 -23.73 -47.19 -40.33
CA ARG PB 128 -22.65 -48.13 -40.57
C ARG PB 128 -21.95 -48.48 -39.26
N SER PB 129 -21.77 -47.49 -38.37
CA SER PB 129 -21.12 -47.77 -37.11
C SER PB 129 -22.06 -48.52 -36.15
N GLY PB 130 -23.27 -48.01 -35.97
CA GLY PB 130 -24.17 -48.66 -35.05
C GLY PB 130 -24.61 -47.76 -33.91
N LEU PB 131 -24.59 -46.45 -34.16
CA LEU PB 131 -24.98 -45.46 -33.17
C LEU PB 131 -26.28 -44.77 -33.52
N TYR PB 132 -26.94 -45.19 -34.59
CA TYR PB 132 -28.17 -44.55 -35.02
C TYR PB 132 -29.32 -44.90 -34.08
N ASN PB 133 -29.86 -43.87 -33.44
CA ASN PB 133 -30.96 -44.03 -32.49
C ASN PB 133 -32.26 -43.69 -33.21
N LYS PB 134 -33.19 -44.63 -33.21
CA LYS PB 134 -34.46 -44.40 -33.88
C LYS PB 134 -35.33 -43.41 -33.11
N ASN PB 135 -35.21 -43.39 -31.79
CA ASN PB 135 -36.05 -42.53 -30.96
C ASN PB 135 -35.64 -41.06 -31.06
N TYR PB 136 -34.35 -40.76 -31.21
CA TYR PB 136 -33.85 -39.40 -31.31
C TYR PB 136 -33.13 -39.25 -32.65
N PRO PB 137 -33.84 -39.05 -33.74
CA PRO PB 137 -33.20 -38.93 -35.05
C PRO PB 137 -32.68 -37.50 -35.27
N LEU PB 138 -32.05 -37.32 -36.41
CA LEU PB 138 -31.55 -36.00 -36.80
C LEU PB 138 -32.58 -35.30 -37.67
N ARG PB 139 -32.91 -34.07 -37.29
CA ARG PB 139 -33.91 -33.27 -38.00
C ARG PB 139 -33.20 -32.31 -38.94
N GLY PB 140 -33.59 -32.33 -40.21
CA GLY PB 140 -33.00 -31.44 -41.19
C GLY PB 140 -33.29 -31.92 -42.59
N ASP PB 141 -32.86 -31.11 -43.55
CA ASP PB 141 -33.02 -31.45 -44.96
C ASP PB 141 -32.05 -32.56 -45.33
N ASN PB 142 -32.49 -33.41 -46.25
CA ASN PB 142 -31.77 -34.67 -46.50
C ASN PB 142 -30.46 -34.44 -47.24
N ARG PB 143 -30.42 -33.49 -48.16
CA ARG PB 143 -29.20 -33.15 -48.87
C ARG PB 143 -28.95 -31.66 -48.69
N LYS PB 144 -28.38 -31.30 -47.55
CA LYS PB 144 -27.99 -29.93 -47.22
C LYS PB 144 -26.93 -29.99 -46.13
N GLY PB 145 -26.62 -28.83 -45.54
CA GLY PB 145 -25.58 -28.75 -44.54
C GLY PB 145 -26.00 -28.78 -43.08
N THR PB 146 -27.00 -27.99 -42.71
CA THR PB 146 -27.36 -27.84 -41.31
C THR PB 146 -28.33 -28.91 -40.88
N PHE PB 147 -28.30 -29.26 -39.59
CA PHE PB 147 -29.33 -30.13 -39.02
C PHE PB 147 -29.48 -29.80 -37.54
N TYR PB 148 -30.36 -30.53 -36.87
CA TYR PB 148 -30.75 -30.27 -35.49
C TYR PB 148 -30.79 -31.58 -34.73
N VAL PB 149 -30.15 -31.63 -33.56
CA VAL PB 149 -30.04 -32.83 -32.76
C VAL PB 149 -30.48 -32.53 -31.34
N SER PB 150 -31.16 -33.49 -30.70
CA SER PB 150 -31.55 -33.35 -29.31
C SER PB 150 -31.60 -34.72 -28.67
N GLY PB 151 -31.18 -34.79 -27.40
CA GLY PB 151 -31.19 -36.04 -26.68
C GLY PB 151 -30.38 -35.98 -25.40
N PRO PB 152 -29.88 -37.13 -24.97
CA PRO PB 152 -29.05 -37.18 -23.77
C PRO PB 152 -27.70 -36.54 -23.99
N PRO PB 153 -27.07 -36.05 -22.91
CA PRO PB 153 -25.79 -35.33 -23.05
C PRO PB 153 -24.60 -36.19 -23.41
N VAL PB 154 -24.76 -37.49 -23.62
CA VAL PB 154 -23.69 -38.32 -24.16
C VAL PB 154 -23.93 -38.57 -25.64
N TYR PB 155 -25.15 -38.37 -26.13
CA TYR PB 155 -25.48 -38.50 -27.53
C TYR PB 155 -25.25 -37.21 -28.28
N VAL PB 156 -25.55 -36.07 -27.64
CA VAL PB 156 -25.31 -34.81 -28.34
C VAL PB 156 -23.83 -34.47 -28.35
N ASP PB 157 -23.10 -34.81 -27.28
CA ASP PB 157 -21.67 -34.53 -27.23
C ASP PB 157 -20.85 -35.45 -28.11
N MET PB 158 -21.49 -36.46 -28.69
CA MET PB 158 -20.85 -37.31 -29.68
C MET PB 158 -21.18 -36.89 -31.09
N VAL PB 159 -22.44 -36.53 -31.35
CA VAL PB 159 -22.81 -36.14 -32.71
C VAL PB 159 -22.18 -34.80 -33.10
N VAL PB 160 -22.06 -33.86 -32.14
CA VAL PB 160 -21.39 -32.59 -32.44
C VAL PB 160 -19.90 -32.79 -32.69
N ASN PB 161 -19.25 -33.68 -31.94
CA ASN PB 161 -17.82 -33.84 -32.08
C ASN PB 161 -17.47 -34.67 -33.31
N ALA PB 162 -18.33 -35.62 -33.68
CA ALA PB 162 -18.00 -36.44 -34.84
C ALA PB 162 -18.27 -35.65 -36.11
N ALA PB 163 -19.30 -34.80 -36.12
CA ALA PB 163 -19.54 -34.02 -37.32
C ALA PB 163 -18.55 -32.89 -37.43
N THR PB 164 -17.99 -32.41 -36.31
CA THR PB 164 -16.96 -31.39 -36.40
C THR PB 164 -15.63 -32.00 -36.84
N MET PB 165 -15.35 -33.25 -36.46
CA MET PB 165 -14.12 -33.89 -36.89
C MET PB 165 -14.23 -34.62 -38.22
N MET PB 166 -15.38 -34.61 -38.87
CA MET PB 166 -15.52 -35.31 -40.14
C MET PB 166 -15.38 -34.39 -41.34
N ASP PB 167 -15.89 -33.15 -41.26
CA ASP PB 167 -15.68 -32.25 -42.39
C ASP PB 167 -14.24 -31.75 -42.44
N LYS PB 168 -13.52 -31.77 -41.33
CA LYS PB 168 -12.10 -31.48 -41.41
C LYS PB 168 -11.34 -32.62 -42.09
N GLN PB 169 -11.86 -33.84 -42.01
CA GLN PB 169 -11.30 -34.94 -42.76
C GLN PB 169 -11.86 -35.03 -44.17
N ASN PB 170 -12.81 -34.17 -44.52
CA ASN PB 170 -13.33 -34.13 -45.88
C ASN PB 170 -13.09 -32.76 -46.50
N LEU PB 175 -12.28 -32.19 -56.02
CA LEU PB 175 -11.34 -31.78 -57.05
C LEU PB 175 -11.58 -32.55 -58.35
N GLY PB 176 -11.02 -32.05 -59.44
CA GLY PB 176 -11.17 -32.71 -60.73
C GLY PB 176 -9.85 -33.16 -61.32
N ARG PB 177 -9.78 -34.42 -61.74
CA ARG PB 177 -8.57 -34.94 -62.37
C ARG PB 177 -8.43 -34.40 -63.78
N GLN PB 178 -7.20 -34.19 -64.19
CA GLN PB 178 -6.93 -33.76 -65.56
C GLN PB 178 -7.11 -34.94 -66.51
N LYS PB 179 -7.33 -34.60 -67.79
CA LYS PB 179 -7.63 -35.59 -68.81
C LYS PB 179 -7.25 -35.01 -70.16
N ILE PB 180 -6.62 -35.84 -70.99
CA ILE PB 180 -6.18 -35.44 -72.32
C ILE PB 180 -7.08 -36.12 -73.34
N GLY PB 181 -7.69 -35.32 -74.22
CA GLY PB 181 -8.55 -35.84 -75.26
C GLY PB 181 -7.97 -35.55 -76.63
N VAL PB 182 -8.16 -36.49 -77.55
CA VAL PB 182 -7.68 -36.39 -78.92
C VAL PB 182 -8.89 -36.37 -79.84
N MET PB 183 -9.03 -35.30 -80.62
CA MET PB 183 -10.20 -35.09 -81.47
C MET PB 183 -9.74 -34.99 -82.92
N ARG PB 184 -10.01 -36.03 -83.71
CA ARG PB 184 -9.63 -36.02 -85.12
C ARG PB 184 -10.63 -35.23 -85.94
N LEU PB 185 -10.12 -34.41 -86.84
CA LEU PB 185 -10.95 -33.59 -87.71
C LEU PB 185 -11.05 -34.24 -89.08
N ASN PB 186 -12.28 -34.42 -89.56
CA ASN PB 186 -12.51 -35.14 -90.81
C ASN PB 186 -12.74 -34.23 -92.01
N ASN PB 187 -13.14 -32.99 -91.81
CA ASN PB 187 -13.55 -32.13 -92.93
C ASN PB 187 -12.84 -30.79 -92.96
N THR PB 188 -11.71 -30.66 -92.25
CA THR PB 188 -10.95 -29.41 -92.27
C THR PB 188 -9.50 -29.69 -91.95
N PHE PB 189 -8.69 -28.63 -91.99
CA PHE PB 189 -7.26 -28.70 -91.74
C PHE PB 189 -6.91 -27.95 -90.46
N VAL PB 190 -6.05 -28.55 -89.64
CA VAL PB 190 -5.38 -27.82 -88.57
C VAL PB 190 -4.19 -27.09 -89.18
N GLY PB 191 -3.86 -25.94 -88.63
CA GLY PB 191 -2.70 -25.20 -89.10
C GLY PB 191 -3.07 -24.18 -90.16
N ASP PB 192 -2.16 -23.23 -90.35
CA ASP PB 192 -2.41 -22.08 -91.20
C ASP PB 192 -2.11 -22.41 -92.65
N ARG PB 193 -2.77 -21.66 -93.54
CA ARG PB 193 -2.55 -21.76 -94.98
C ARG PB 193 -1.90 -20.47 -95.47
N THR PB 194 -0.94 -20.61 -96.38
CA THR PB 194 -0.17 -19.47 -96.85
C THR PB 194 -0.18 -19.43 -98.39
N TYR PB 195 -0.33 -18.23 -98.94
CA TYR PB 195 -0.22 -18.01 -100.37
C TYR PB 195 0.39 -16.64 -100.61
N ASN PB 196 0.64 -16.29 -101.87
CA ASN PB 196 1.34 -15.06 -102.22
C ASN PB 196 0.60 -14.31 -103.31
N LEU PB 197 0.67 -12.97 -103.27
CA LEU PB 197 0.25 -12.12 -104.39
C LEU PB 197 1.49 -11.34 -104.82
N ARG PB 198 2.37 -12.01 -105.56
CA ARG PB 198 3.49 -11.50 -106.33
C ARG PB 198 4.63 -10.86 -105.54
N ASP PB 199 4.38 -10.41 -104.31
CA ASP PB 199 5.47 -10.00 -103.43
C ASP PB 199 5.18 -10.30 -101.96
N GLN PB 200 3.91 -10.36 -101.59
CA GLN PB 200 3.49 -10.34 -100.20
C GLN PB 200 2.84 -11.66 -99.82
N LYS PB 201 3.00 -12.04 -98.56
CA LYS PB 201 2.50 -13.30 -98.04
C LYS PB 201 1.25 -13.06 -97.21
N MET PB 202 0.23 -13.88 -97.44
CA MET PB 202 -0.99 -13.84 -96.66
C MET PB 202 -1.12 -15.13 -95.86
N VAL PB 203 -1.45 -15.00 -94.59
CA VAL PB 203 -1.57 -16.14 -93.67
C VAL PB 203 -2.99 -16.15 -93.12
N ILE PB 204 -3.67 -17.27 -93.25
CA ILE PB 204 -5.03 -17.46 -92.76
C ILE PB 204 -4.98 -18.34 -91.53
N PRO PB 205 -5.55 -17.91 -90.40
CA PRO PB 205 -5.50 -18.73 -89.19
C PRO PB 205 -6.44 -19.93 -89.27
N GLY PB 206 -5.94 -21.07 -88.80
CA GLY PB 206 -6.69 -22.30 -88.85
C GLY PB 206 -7.62 -22.46 -87.67
N ILE PB 207 -8.01 -23.72 -87.41
CA ILE PB 207 -8.91 -23.99 -86.29
C ILE PB 207 -8.15 -24.03 -84.97
N ALA PB 208 -6.85 -24.25 -84.98
CA ALA PB 208 -6.11 -24.35 -83.72
C ALA PB 208 -5.63 -23.01 -83.21
N THR PB 209 -5.69 -21.98 -84.04
CA THR PB 209 -5.36 -20.62 -83.61
C THR PB 209 -6.61 -19.86 -83.20
N ALA PB 210 -7.77 -20.23 -83.73
CA ALA PB 210 -9.00 -19.55 -83.38
C ALA PB 210 -9.50 -19.94 -81.99
N ILE PB 211 -9.41 -21.22 -81.62
CA ILE PB 211 -9.84 -21.63 -80.30
C ILE PB 211 -8.79 -21.31 -79.25
N GLU PB 212 -7.53 -21.17 -79.64
CA GLU PB 212 -6.48 -20.82 -78.69
C GLU PB 212 -6.60 -19.36 -78.28
N ARG PB 213 -7.01 -18.48 -79.20
CA ARG PB 213 -7.24 -17.09 -78.84
C ARG PB 213 -8.57 -16.89 -78.13
N LEU PB 214 -9.49 -17.84 -78.23
CA LEU PB 214 -10.77 -17.72 -77.54
C LEU PB 214 -10.60 -18.01 -76.06
N LEU PB 215 -9.69 -18.90 -75.71
CA LEU PB 215 -9.46 -19.32 -74.32
C LEU PB 215 -8.22 -18.65 -73.72
N GLN PB 216 -7.83 -17.51 -74.28
CA GLN PB 216 -6.64 -16.81 -73.81
C GLN PB 216 -7.00 -15.87 -72.66
N GLY PB 217 -6.14 -15.84 -71.64
CA GLY PB 217 -6.46 -15.13 -70.42
C GLY PB 217 -7.56 -15.87 -69.70
N GLU PB 218 -8.77 -15.27 -69.68
CA GLU PB 218 -10.03 -15.95 -69.41
C GLU PB 218 -10.09 -16.59 -68.02
N GLU PB 219 -10.05 -15.75 -66.99
CA GLU PB 219 -10.28 -16.22 -65.64
C GLU PB 219 -11.77 -16.41 -65.39
N GLN PB 220 -12.36 -17.45 -65.99
CA GLN PB 220 -13.80 -17.63 -65.99
C GLN PB 220 -14.16 -19.06 -65.58
N PRO PB 221 -15.22 -19.23 -64.76
CA PRO PB 221 -15.57 -20.57 -64.27
C PRO PB 221 -16.23 -21.46 -65.32
N LEU PB 222 -15.44 -22.03 -66.22
CA LEU PB 222 -15.98 -22.91 -67.24
C LEU PB 222 -16.17 -24.33 -66.69
N GLY PB 223 -17.35 -24.88 -66.94
CA GLY PB 223 -17.65 -26.24 -66.55
C GLY PB 223 -18.41 -27.00 -67.63
N ALA PB 262 -12.57 -26.20 -62.93
CA ALA PB 262 -11.63 -25.13 -62.62
C ALA PB 262 -11.99 -23.86 -63.39
N ALA PB 263 -10.98 -23.23 -64.00
CA ALA PB 263 -11.17 -21.99 -64.74
C ALA PB 263 -11.13 -22.27 -66.23
N ALA PB 264 -11.41 -21.22 -67.01
CA ALA PB 264 -11.33 -21.35 -68.46
C ALA PB 264 -9.94 -21.03 -68.97
N GLY PB 265 -9.08 -20.52 -68.09
CA GLY PB 265 -7.74 -20.10 -68.47
C GLY PB 265 -6.65 -21.14 -68.35
N ASN PB 266 -6.95 -22.32 -67.82
CA ASN PB 266 -5.97 -23.38 -67.71
C ASN PB 266 -6.19 -24.51 -68.72
N ILE PB 267 -6.99 -24.27 -69.76
CA ILE PB 267 -7.12 -25.25 -70.83
C ILE PB 267 -6.04 -25.03 -71.86
N LYS PB 268 -5.33 -26.10 -72.21
CA LYS PB 268 -4.26 -26.04 -73.20
C LYS PB 268 -4.73 -26.75 -74.46
N ILE PB 269 -4.57 -26.09 -75.61
CA ILE PB 269 -4.93 -26.64 -76.90
C ILE PB 269 -3.72 -26.56 -77.81
N VAL PB 270 -3.28 -27.72 -78.30
CA VAL PB 270 -2.08 -27.83 -79.12
C VAL PB 270 -2.42 -28.62 -80.38
N ALA PB 271 -2.06 -28.06 -81.53
CA ALA PB 271 -2.29 -28.71 -82.81
C ALA PB 271 -1.28 -29.82 -83.02
N TYR PB 272 -1.77 -30.99 -83.45
CA TYR PB 272 -0.89 -32.09 -83.82
C TYR PB 272 -1.13 -32.42 -85.29
N PRO PB 273 -0.34 -31.86 -86.22
CA PRO PB 273 -0.67 -32.02 -87.64
C PRO PB 273 -0.33 -33.38 -88.22
N ASP PB 274 0.35 -34.24 -87.47
CA ASP PB 274 0.83 -35.50 -88.04
C ASP PB 274 -0.30 -36.50 -88.19
N THR PB 275 -1.38 -36.34 -87.43
CA THR PB 275 -2.59 -37.13 -87.63
C THR PB 275 -3.83 -36.26 -87.78
N ASN PB 276 -3.65 -34.94 -87.94
CA ASN PB 276 -4.71 -33.96 -88.18
C ASN PB 276 -5.75 -33.98 -87.05
N SER PB 277 -5.29 -33.64 -85.85
CA SER PB 277 -6.13 -33.73 -84.68
C SER PB 277 -5.67 -32.73 -83.63
N LEU PB 278 -6.61 -32.34 -82.76
CA LEU PB 278 -6.35 -31.42 -81.67
C LEU PB 278 -6.05 -32.18 -80.39
N LEU PB 279 -5.26 -31.56 -79.53
CA LEU PB 279 -4.93 -32.11 -78.22
C LEU PB 279 -5.40 -31.13 -77.16
N VAL PB 280 -6.41 -31.53 -76.39
CA VAL PB 280 -7.00 -30.68 -75.35
C VAL PB 280 -6.69 -31.29 -74.00
N LYS PB 281 -6.17 -30.48 -73.08
CA LYS PB 281 -5.86 -30.91 -71.73
C LYS PB 281 -6.67 -30.09 -70.74
N GLY PB 282 -7.52 -30.75 -69.98
CA GLY PB 282 -8.31 -30.08 -68.97
C GLY PB 282 -9.00 -31.08 -68.09
N THR PB 283 -10.04 -30.63 -67.39
CA THR PB 283 -10.83 -31.54 -66.57
C THR PB 283 -11.75 -32.38 -67.46
N ALA PB 284 -12.50 -33.28 -66.83
CA ALA PB 284 -13.39 -34.15 -67.59
C ALA PB 284 -14.63 -33.41 -68.11
N GLU PB 285 -14.90 -32.21 -67.61
CA GLU PB 285 -16.03 -31.42 -68.08
C GLU PB 285 -15.63 -30.39 -69.11
N GLN PB 286 -14.37 -29.94 -69.09
CA GLN PB 286 -13.90 -29.00 -70.09
C GLN PB 286 -13.51 -29.70 -71.39
N VAL PB 287 -13.09 -30.96 -71.31
CA VAL PB 287 -12.75 -31.70 -72.52
C VAL PB 287 -14.01 -32.02 -73.32
N HIS PB 288 -15.09 -32.39 -72.63
CA HIS PB 288 -16.38 -32.58 -73.28
C HIS PB 288 -16.97 -31.27 -73.78
N PHE PB 289 -16.54 -30.13 -73.22
CA PHE PB 289 -17.07 -28.85 -73.65
C PHE PB 289 -16.46 -28.40 -74.98
N ILE PB 290 -15.20 -28.73 -75.22
CA ILE PB 290 -14.56 -28.38 -76.48
C ILE PB 290 -14.90 -29.40 -77.56
N GLU PB 291 -15.20 -30.64 -77.17
CA GLU PB 291 -15.56 -31.67 -78.15
C GLU PB 291 -16.91 -31.39 -78.80
N MET PB 292 -17.82 -30.71 -78.09
CA MET PB 292 -19.09 -30.33 -78.68
C MET PB 292 -18.98 -29.09 -79.56
N LEU PB 293 -17.95 -28.26 -79.34
CA LEU PB 293 -17.75 -27.09 -80.20
C LEU PB 293 -17.09 -27.51 -81.51
N VAL PB 294 -16.18 -28.47 -81.46
CA VAL PB 294 -15.44 -28.91 -82.64
C VAL PB 294 -16.36 -29.59 -83.65
N LYS PB 295 -17.33 -30.38 -83.17
CA LYS PB 295 -18.27 -31.04 -84.07
C LYS PB 295 -19.28 -30.10 -84.71
N ALA PB 296 -19.33 -28.83 -84.28
CA ALA PB 296 -20.16 -27.84 -84.95
C ALA PB 296 -19.38 -27.01 -85.96
N LEU PB 297 -18.06 -26.95 -85.83
CA LEU PB 297 -17.21 -26.27 -86.79
C LEU PB 297 -16.65 -27.19 -87.85
N ASP PB 298 -17.02 -28.46 -87.85
CA ASP PB 298 -16.44 -29.45 -88.74
C ASP PB 298 -17.52 -29.95 -89.70
N VAL PB 299 -17.68 -29.23 -90.81
CA VAL PB 299 -18.67 -29.56 -91.82
C VAL PB 299 -17.99 -29.66 -93.18
N ALA PB 300 -18.63 -30.41 -94.08
CA ALA PB 300 -18.11 -30.58 -95.43
C ALA PB 300 -18.47 -29.39 -96.30
N LYS PB 301 -17.55 -29.02 -97.19
CA LYS PB 301 -17.68 -27.84 -98.02
C LYS PB 301 -18.15 -28.19 -99.42
N ARG PB 302 -18.57 -27.17 -100.15
CA ARG PB 302 -19.03 -27.29 -101.53
C ARG PB 302 -18.06 -26.58 -102.45
N HIS PB 303 -18.08 -26.98 -103.72
CA HIS PB 303 -17.14 -26.48 -104.71
C HIS PB 303 -17.78 -25.41 -105.58
N VAL PB 304 -17.01 -24.36 -105.86
CA VAL PB 304 -17.44 -23.28 -106.74
C VAL PB 304 -16.42 -23.18 -107.86
N GLU PB 305 -16.90 -23.14 -109.10
CA GLU PB 305 -16.05 -22.90 -110.26
C GLU PB 305 -16.39 -21.55 -110.85
N LEU PB 306 -15.40 -20.66 -110.91
CA LEU PB 306 -15.59 -19.28 -111.34
C LEU PB 306 -15.02 -19.10 -112.74
N SER PB 307 -15.85 -18.61 -113.65
CA SER PB 307 -15.47 -18.36 -115.03
C SER PB 307 -15.63 -16.88 -115.33
N LEU PB 308 -14.58 -16.25 -115.84
CA LEU PB 308 -14.55 -14.82 -116.11
C LEU PB 308 -14.32 -14.60 -117.59
N TRP PB 309 -15.17 -13.79 -118.23
CA TRP PB 309 -15.06 -13.49 -119.64
C TRP PB 309 -14.50 -12.09 -119.82
N ILE PB 310 -13.53 -11.95 -120.72
CA ILE PB 310 -12.95 -10.65 -121.09
C ILE PB 310 -13.08 -10.51 -122.60
N VAL PB 311 -14.04 -9.71 -123.04
CA VAL PB 311 -14.32 -9.51 -124.45
C VAL PB 311 -13.75 -8.16 -124.87
N ASP PB 312 -13.07 -8.13 -126.01
CA ASP PB 312 -12.38 -6.93 -126.46
C ASP PB 312 -12.57 -6.82 -127.96
N LEU PB 313 -13.21 -5.73 -128.41
CA LEU PB 313 -13.46 -5.52 -129.82
C LEU PB 313 -12.88 -4.18 -130.25
N ASN PB 314 -12.54 -4.08 -131.53
CA ASN PB 314 -11.99 -2.87 -132.12
C ASN PB 314 -12.57 -2.69 -133.51
N LYS PB 315 -12.38 -1.49 -134.04
CA LYS PB 315 -12.79 -1.09 -135.37
C LYS PB 315 -12.10 0.22 -135.69
N SER PB 316 -11.83 0.46 -136.97
CA SER PB 316 -11.10 1.66 -137.35
C SER PB 316 -11.42 2.02 -138.79
N ASP PB 317 -10.96 3.22 -139.17
CA ASP PB 317 -11.15 3.76 -140.51
C ASP PB 317 -10.18 4.92 -140.66
N LEU PB 318 -9.68 5.15 -141.87
CA LEU PB 318 -8.66 6.17 -142.11
C LEU PB 318 -8.60 6.46 -143.61
N GLU PB 319 -8.43 7.73 -143.96
CA GLU PB 319 -8.28 8.13 -145.35
C GLU PB 319 -7.55 9.45 -145.43
N ARG PB 320 -6.41 9.49 -146.11
CA ARG PB 320 -5.70 10.71 -146.41
C ARG PB 320 -5.57 10.88 -147.92
N LEU PB 321 -5.75 12.10 -148.40
CA LEU PB 321 -5.63 12.36 -149.85
C LEU PB 321 -5.34 13.84 -150.05
N GLY PB 322 -4.15 14.16 -150.53
CA GLY PB 322 -3.81 15.53 -150.84
C GLY PB 322 -2.32 15.76 -150.74
N THR PB 323 -1.91 16.97 -151.09
CA THR PB 323 -0.52 17.39 -151.11
C THR PB 323 -0.28 18.49 -150.09
N SER PB 324 0.99 18.82 -149.89
CA SER PB 324 1.38 19.87 -148.94
C SER PB 324 2.75 20.40 -149.35
N TRP PB 325 2.82 21.68 -149.74
CA TRP PB 325 4.01 22.29 -150.29
C TRP PB 325 4.81 22.98 -149.18
N SER PB 326 6.11 22.69 -149.12
CA SER PB 326 6.99 23.31 -148.13
C SER PB 326 8.43 23.18 -148.63
N GLY PB 327 9.04 24.31 -148.99
CA GLY PB 327 10.41 24.28 -149.50
C GLY PB 327 11.01 25.65 -149.60
N SER PB 328 12.28 25.68 -149.99
CA SER PB 328 13.04 26.90 -150.18
C SER PB 328 13.62 26.95 -151.59
N ILE PB 329 14.13 28.13 -151.96
CA ILE PB 329 14.67 28.36 -153.29
C ILE PB 329 15.73 29.44 -153.18
N THR PB 330 16.56 29.59 -154.21
CA THR PB 330 17.55 30.65 -154.30
C THR PB 330 17.53 31.25 -155.69
N ILE PB 331 17.28 32.55 -155.79
CA ILE PB 331 17.06 33.23 -157.06
C ILE PB 331 18.21 34.21 -157.27
N GLY PB 332 19.22 33.79 -158.03
CA GLY PB 332 20.26 34.67 -158.50
C GLY PB 332 21.15 35.28 -157.44
N ASP PB 333 21.43 34.52 -156.37
CA ASP PB 333 22.36 34.83 -155.25
C ASP PB 333 22.23 36.24 -154.67
N LYS PB 334 21.04 36.84 -154.78
CA LYS PB 334 20.74 38.13 -154.19
C LYS PB 334 19.41 38.17 -153.46
N LEU PB 335 18.48 37.28 -153.77
CA LEU PB 335 17.23 37.19 -153.03
C LEU PB 335 16.74 35.76 -153.06
N GLY PB 336 16.15 35.33 -151.95
CA GLY PB 336 15.64 33.97 -151.83
C GLY PB 336 14.23 34.00 -151.30
N VAL PB 337 13.46 32.98 -151.70
CA VAL PB 337 12.05 32.86 -151.34
C VAL PB 337 11.86 31.56 -150.58
N SER PB 338 11.26 31.65 -149.39
CA SER PB 338 10.86 30.48 -148.63
C SER PB 338 9.36 30.28 -148.78
N LEU PB 339 8.87 29.16 -148.27
CA LEU PB 339 7.45 28.83 -148.32
C LEU PB 339 7.11 27.88 -147.18
N ASN PB 340 6.31 28.36 -146.23
CA ASN PB 340 5.76 27.57 -145.12
C ASN PB 340 6.84 26.91 -144.26
N GLN PB 341 7.88 27.68 -143.94
CA GLN PB 341 9.00 27.18 -143.16
C GLN PB 341 9.35 28.15 -142.04
N SER PB 342 10.25 27.70 -141.18
CA SER PB 342 10.79 28.54 -140.11
C SER PB 342 12.29 28.77 -140.28
N SER PB 343 13.03 27.69 -140.56
CA SER PB 343 14.47 27.78 -140.82
C SER PB 343 14.73 27.69 -142.31
N ILE PB 344 15.53 28.61 -142.83
CA ILE PB 344 15.75 28.74 -144.26
C ILE PB 344 17.23 28.52 -144.55
N SER PB 345 18.08 28.85 -143.58
CA SER PB 345 19.52 28.85 -143.81
C SER PB 345 20.08 27.44 -143.95
N THR PB 346 19.67 26.52 -143.08
CA THR PB 346 20.12 25.14 -143.17
C THR PB 346 19.43 24.36 -144.27
N LEU PB 347 18.35 24.90 -144.85
CA LEU PB 347 17.72 24.33 -146.03
C LEU PB 347 17.87 25.26 -147.24
N ASP PB 348 18.99 25.98 -147.32
CA ASP PB 348 19.19 26.92 -148.41
C ASP PB 348 19.57 26.23 -149.72
N GLY PB 349 20.34 25.15 -149.65
CA GLY PB 349 20.72 24.41 -150.83
C GLY PB 349 19.70 23.40 -151.32
N SER PB 350 18.55 23.30 -150.67
CA SER PB 350 17.52 22.34 -151.03
C SER PB 350 16.54 22.99 -152.02
N ARG PB 351 15.40 22.32 -152.23
CA ARG PB 351 14.42 22.75 -153.22
C ARG PB 351 13.02 22.69 -152.65
N PHE PB 352 12.01 22.87 -153.49
CA PHE PB 352 10.62 22.73 -153.05
C PHE PB 352 10.27 21.26 -152.89
N ILE PB 353 9.45 20.97 -151.88
CA ILE PB 353 9.01 19.61 -151.59
C ILE PB 353 7.49 19.59 -151.64
N ALA PB 354 6.94 18.66 -152.43
CA ALA PB 354 5.50 18.48 -152.54
C ALA PB 354 5.15 17.11 -151.98
N ALA PB 355 4.93 17.04 -150.66
CA ALA PB 355 4.65 15.78 -150.00
C ALA PB 355 3.23 15.34 -150.30
N VAL PB 356 3.08 14.22 -151.00
CA VAL PB 356 1.79 13.68 -151.39
C VAL PB 356 1.45 12.52 -150.47
N ASN PB 357 0.18 12.43 -150.08
CA ASN PB 357 -0.31 11.34 -149.27
C ASN PB 357 -1.53 10.71 -149.93
N ALA PB 358 -1.58 9.38 -149.94
CA ALA PB 358 -2.72 8.66 -150.47
C ALA PB 358 -2.82 7.34 -149.72
N LEU PB 359 -3.95 7.12 -149.03
CA LEU PB 359 -4.13 5.96 -148.18
C LEU PB 359 -5.61 5.80 -147.89
N GLU PB 360 -6.02 4.55 -147.67
CA GLU PB 360 -7.41 4.25 -147.32
C GLU PB 360 -7.40 2.91 -146.58
N GLU PB 361 -7.65 2.96 -145.28
CA GLU PB 361 -7.39 1.82 -144.40
C GLU PB 361 -8.65 1.42 -143.65
N LYS PB 362 -8.90 0.11 -143.55
CA LYS PB 362 -9.91 -0.46 -142.68
C LYS PB 362 -9.23 -1.41 -141.70
N LYS PB 363 -9.92 -1.71 -140.61
CA LYS PB 363 -9.34 -2.54 -139.56
C LYS PB 363 -10.45 -3.13 -138.71
N GLN PB 364 -10.15 -4.26 -138.08
CA GLN PB 364 -11.07 -4.94 -137.17
C GLN PB 364 -10.26 -5.95 -136.36
N ALA PB 365 -10.61 -6.10 -135.09
CA ALA PB 365 -9.89 -7.00 -134.20
C ALA PB 365 -10.79 -7.42 -133.05
N THR PB 366 -10.91 -8.73 -132.83
CA THR PB 366 -11.67 -9.28 -131.72
C THR PB 366 -10.76 -10.17 -130.89
N VAL PB 367 -10.89 -10.10 -129.57
CA VAL PB 367 -10.13 -10.94 -128.64
C VAL PB 367 -11.07 -11.36 -127.53
N VAL PB 368 -11.19 -12.66 -127.31
CA VAL PB 368 -12.02 -13.21 -126.23
C VAL PB 368 -11.13 -14.11 -125.38
N SER PB 369 -10.87 -13.72 -124.14
CA SER PB 369 -10.05 -14.48 -123.22
C SER PB 369 -10.89 -14.90 -122.02
N ARG PB 370 -10.53 -16.02 -121.40
CA ARG PB 370 -11.35 -16.62 -120.35
C ARG PB 370 -10.50 -17.45 -119.40
N PRO PB 371 -10.30 -16.97 -118.17
CA PRO PB 371 -9.70 -17.83 -117.13
C PRO PB 371 -10.75 -18.55 -116.29
N VAL PB 372 -10.42 -19.79 -115.91
CA VAL PB 372 -11.30 -20.65 -115.12
C VAL PB 372 -10.55 -21.07 -113.86
N LEU PB 373 -11.24 -21.06 -112.72
CA LEU PB 373 -10.63 -21.38 -111.44
C LEU PB 373 -11.64 -22.12 -110.57
N LEU PB 374 -11.18 -23.11 -109.82
CA LEU PB 374 -12.03 -23.93 -108.96
C LEU PB 374 -11.55 -23.87 -107.52
N THR PB 375 -12.49 -23.64 -106.60
CA THR PB 375 -12.19 -23.56 -105.17
C THR PB 375 -13.41 -23.99 -104.37
N GLN PB 376 -13.30 -23.86 -103.06
CA GLN PB 376 -14.35 -24.25 -102.13
C GLN PB 376 -14.99 -23.02 -101.51
N GLU PB 377 -15.96 -23.24 -100.63
CA GLU PB 377 -16.57 -22.13 -99.89
C GLU PB 377 -15.57 -21.54 -98.92
N ASN PB 378 -15.59 -20.20 -98.80
CA ASN PB 378 -14.85 -19.43 -97.80
C ASN PB 378 -13.33 -19.64 -97.88
N VAL PB 379 -12.83 -19.97 -99.05
CA VAL PB 379 -11.41 -20.26 -99.25
C VAL PB 379 -10.89 -19.30 -100.32
N PRO PB 380 -9.89 -18.48 -100.05
CA PRO PB 380 -9.34 -17.60 -101.08
C PRO PB 380 -8.49 -18.38 -102.07
N ALA PB 381 -8.69 -18.11 -103.36
CA ALA PB 381 -7.96 -18.77 -104.42
C ALA PB 381 -7.35 -17.74 -105.34
N ILE PB 382 -6.31 -18.14 -106.07
CA ILE PB 382 -5.58 -17.25 -106.96
C ILE PB 382 -5.30 -17.97 -108.28
N PHE PB 383 -5.67 -17.32 -109.38
CA PHE PB 383 -5.17 -17.66 -110.70
C PHE PB 383 -4.29 -16.52 -111.18
N ASP PB 384 -3.15 -16.85 -111.77
CA ASP PB 384 -2.17 -15.85 -112.16
C ASP PB 384 -1.48 -16.29 -113.44
N ASN PB 385 -1.39 -15.39 -114.41
CA ASN PB 385 -0.71 -15.67 -115.68
C ASN PB 385 0.07 -14.40 -116.05
N ASN PB 386 1.32 -14.33 -115.62
CA ASN PB 386 2.06 -13.08 -115.70
C ASN PB 386 3.31 -13.23 -116.56
N ARG PB 387 4.09 -12.16 -116.60
CA ARG PB 387 5.31 -12.05 -117.37
C ARG PB 387 6.26 -11.11 -116.64
N THR PB 388 7.52 -11.53 -116.48
CA THR PB 388 8.48 -10.78 -115.68
C THR PB 388 9.56 -10.24 -116.60
N PHE PB 389 9.99 -9.01 -116.34
CA PHE PB 389 10.98 -8.32 -117.15
C PHE PB 389 12.13 -7.90 -116.24
N TYR PB 390 13.30 -8.49 -116.44
CA TYR PB 390 14.43 -8.25 -115.57
C TYR PB 390 15.38 -7.22 -116.20
N THR PB 391 15.87 -6.30 -115.36
CA THR PB 391 16.76 -5.25 -115.81
C THR PB 391 18.01 -5.23 -114.94
N LYS PB 392 19.07 -4.65 -115.48
CA LYS PB 392 20.39 -4.64 -114.83
C LYS PB 392 20.72 -3.21 -114.43
N LEU PB 393 20.42 -2.88 -113.16
CA LEU PB 393 20.78 -1.60 -112.59
C LEU PB 393 22.22 -1.69 -112.11
N ILE PB 394 23.14 -1.15 -112.88
CA ILE PB 394 24.57 -1.31 -112.60
C ILE PB 394 24.96 -0.26 -111.55
N GLY PB 395 24.74 -0.60 -110.29
CA GLY PB 395 25.21 0.19 -109.17
C GLY PB 395 26.50 -0.40 -108.62
N GLU PB 396 26.83 0.03 -107.41
CA GLU PB 396 28.02 -0.49 -106.74
C GLU PB 396 27.74 -1.17 -105.41
N ARG PB 397 26.74 -0.72 -104.65
CA ARG PB 397 26.55 -1.20 -103.29
C ARG PB 397 25.37 -2.15 -103.16
N ASN PB 398 24.19 -1.63 -103.44
CA ASN PB 398 22.95 -2.37 -103.30
C ASN PB 398 22.55 -2.78 -104.70
N VAL PB 399 23.43 -3.53 -105.35
CA VAL PB 399 23.21 -4.05 -106.69
C VAL PB 399 22.05 -5.03 -106.62
N ALA PB 400 21.12 -4.92 -107.57
CA ALA PB 400 19.90 -5.68 -107.49
C ALA PB 400 19.37 -5.94 -108.88
N LEU PB 401 18.64 -7.03 -109.00
CA LEU PB 401 17.86 -7.33 -110.20
C LEU PB 401 16.47 -6.81 -109.93
N GLU PB 402 16.13 -5.68 -110.54
CA GLU PB 402 14.80 -5.12 -110.40
C GLU PB 402 13.92 -5.65 -111.51
N HIS PB 403 12.63 -5.82 -111.21
CA HIS PB 403 11.74 -6.48 -112.15
C HIS PB 403 10.36 -5.84 -112.09
N VAL PB 404 9.67 -5.91 -113.22
CA VAL PB 404 8.26 -5.54 -113.31
C VAL PB 404 7.48 -6.78 -113.70
N THR PB 405 6.18 -6.75 -113.46
CA THR PB 405 5.32 -7.91 -113.66
C THR PB 405 3.96 -7.44 -114.16
N TYR PB 406 3.44 -8.11 -115.18
CA TYR PB 406 2.12 -7.76 -115.72
C TYR PB 406 1.47 -9.01 -116.28
N GLY PB 407 0.16 -9.10 -116.12
CA GLY PB 407 -0.58 -10.23 -116.67
C GLY PB 407 -1.94 -10.34 -116.04
N THR PB 408 -2.66 -11.39 -116.43
CA THR PB 408 -4.01 -11.64 -115.93
C THR PB 408 -3.93 -12.23 -114.52
N MET PB 409 -4.85 -11.82 -113.66
CA MET PB 409 -4.81 -12.23 -112.26
C MET PB 409 -6.19 -12.09 -111.65
N ILE PB 410 -6.67 -13.16 -111.02
CA ILE PB 410 -7.94 -13.15 -110.29
C ILE PB 410 -7.68 -13.61 -108.87
N ARG PB 411 -8.29 -12.94 -107.89
CA ARG PB 411 -8.32 -13.41 -106.52
C ARG PB 411 -9.75 -13.30 -106.02
N VAL PB 412 -10.35 -14.45 -105.68
CA VAL PB 412 -11.77 -14.52 -105.41
C VAL PB 412 -11.97 -15.19 -104.05
N LEU PB 413 -13.09 -14.90 -103.41
CA LEU PB 413 -13.45 -15.48 -102.11
C LEU PB 413 -14.94 -15.77 -102.16
N PRO PB 414 -15.32 -16.96 -102.61
CA PRO PB 414 -16.75 -17.26 -102.80
C PRO PB 414 -17.42 -17.65 -101.49
N ARG PB 415 -18.75 -17.52 -101.49
CA ARG PB 415 -19.55 -17.75 -100.30
C ARG PB 415 -21.00 -17.91 -100.72
N PHE PB 416 -21.66 -18.95 -100.20
CA PHE PB 416 -23.06 -19.18 -100.50
C PHE PB 416 -23.96 -18.39 -99.56
N SER PB 417 -24.99 -17.77 -100.10
CA SER PB 417 -25.96 -17.04 -99.30
C SER PB 417 -27.04 -18.00 -98.82
N ALA PB 418 -28.11 -17.45 -98.23
CA ALA PB 418 -29.16 -18.29 -97.69
C ALA PB 418 -30.12 -18.77 -98.76
N ASP PB 419 -30.20 -18.07 -99.89
CA ASP PB 419 -31.14 -18.41 -100.95
C ASP PB 419 -30.53 -19.32 -102.00
N GLY PB 420 -29.22 -19.52 -101.98
CA GLY PB 420 -28.54 -20.28 -103.00
C GLY PB 420 -27.75 -19.44 -104.00
N GLN PB 421 -27.61 -18.15 -103.75
CA GLN PB 421 -26.81 -17.29 -104.60
C GLN PB 421 -25.37 -17.25 -104.08
N ILE PB 422 -24.46 -16.89 -104.98
CA ILE PB 422 -23.02 -16.93 -104.70
C ILE PB 422 -22.50 -15.51 -104.68
N GLU PB 423 -22.06 -15.05 -103.51
CA GLU PB 423 -21.43 -13.74 -103.39
C GLU PB 423 -19.92 -13.88 -103.44
N MET PB 424 -19.27 -12.96 -104.16
CA MET PB 424 -17.85 -13.04 -104.42
C MET PB 424 -17.17 -11.71 -104.11
N SER PB 425 -15.93 -11.78 -103.65
CA SER PB 425 -15.12 -10.61 -103.39
C SER PB 425 -13.95 -10.61 -104.38
N LEU PB 426 -14.06 -9.78 -105.41
CA LEU PB 426 -13.22 -9.89 -106.60
C LEU PB 426 -12.05 -8.92 -106.55
N ASP PB 427 -10.95 -9.31 -107.20
CA ASP PB 427 -9.77 -8.48 -107.42
C ASP PB 427 -9.19 -8.87 -108.78
N ILE PB 428 -9.58 -8.15 -109.82
CA ILE PB 428 -9.27 -8.53 -111.20
C ILE PB 428 -8.21 -7.58 -111.73
N GLU PB 429 -7.19 -8.13 -112.39
CA GLU PB 429 -6.19 -7.36 -113.11
C GLU PB 429 -5.97 -7.98 -114.47
N ASP PB 430 -6.00 -7.16 -115.51
CA ASP PB 430 -5.73 -7.62 -116.88
C ASP PB 430 -4.81 -6.61 -117.54
N GLY PB 431 -3.54 -6.97 -117.71
CA GLY PB 431 -2.55 -6.08 -118.28
C GLY PB 431 -1.87 -6.71 -119.47
N ASN PB 432 -1.26 -5.86 -120.30
CA ASN PB 432 -0.47 -6.31 -121.43
C ASN PB 432 0.61 -5.26 -121.70
N ASP PB 433 1.41 -5.49 -122.73
CA ASP PB 433 2.57 -4.67 -123.01
C ASP PB 433 2.28 -3.79 -124.22
N LYS PB 434 2.25 -2.48 -124.00
CA LYS PB 434 2.12 -1.51 -125.09
C LYS PB 434 3.49 -1.25 -125.69
N THR PB 435 3.54 -1.19 -127.02
CA THR PB 435 4.79 -1.07 -127.73
C THR PB 435 4.90 0.31 -128.39
N PRO PB 436 5.96 1.06 -128.12
CA PRO PB 436 6.22 2.29 -128.90
C PRO PB 436 6.85 1.96 -130.24
N GLN PB 437 7.30 3.00 -130.94
CA GLN PB 437 7.88 2.85 -132.28
C GLN PB 437 9.19 2.07 -132.20
N SER PB 438 9.34 1.05 -133.06
CA SER PB 438 10.48 0.17 -133.00
C SER PB 438 11.74 0.77 -133.60
N ASP PB 439 11.62 1.79 -134.45
CA ASP PB 439 12.77 2.33 -135.15
C ASP PB 439 13.66 3.21 -134.27
N THR PB 440 13.14 3.76 -133.19
CA THR PB 440 13.90 4.63 -132.32
C THR PB 440 14.61 3.81 -131.24
N THR PB 441 15.63 4.43 -130.63
CA THR PB 441 16.59 3.79 -129.74
C THR PB 441 15.95 3.25 -128.46
N THR PB 442 14.81 3.80 -128.01
CA THR PB 442 14.20 3.41 -126.75
C THR PB 442 13.54 2.02 -126.78
N SER PB 443 13.67 1.26 -127.87
CA SER PB 443 13.18 -0.11 -127.92
C SER PB 443 14.21 -1.12 -127.43
N VAL PB 444 15.45 -0.71 -127.18
CA VAL PB 444 16.48 -1.65 -126.73
C VAL PB 444 16.79 -1.50 -125.23
N ASP PB 445 16.32 -0.44 -124.58
CA ASP PB 445 16.53 -0.28 -123.16
C ASP PB 445 15.32 -0.82 -122.39
N ALA PB 446 15.33 -0.62 -121.07
CA ALA PB 446 14.30 -1.19 -120.19
C ALA PB 446 13.10 -0.25 -120.13
N LEU PB 447 12.40 -0.14 -121.26
CA LEU PB 447 11.14 0.60 -121.34
C LEU PB 447 10.06 -0.28 -121.95
N PRO PB 448 9.50 -1.22 -121.19
CA PRO PB 448 8.22 -1.83 -121.58
C PRO PB 448 7.06 -1.03 -121.04
N GLU PB 449 6.51 -0.07 -121.79
CA GLU PB 449 5.32 0.65 -121.35
C GLU PB 449 4.16 -0.31 -121.10
N VAL PB 450 3.81 -0.48 -119.81
CA VAL PB 450 2.79 -1.43 -119.38
C VAL PB 450 1.47 -0.68 -119.21
N GLY PB 451 0.40 -1.23 -119.77
CA GLY PB 451 -0.95 -0.75 -119.52
C GLY PB 451 -1.76 -1.82 -118.83
N ARG PB 452 -2.36 -1.46 -117.71
CA ARG PB 452 -3.11 -2.39 -116.88
C ARG PB 452 -4.57 -1.97 -116.79
N THR PB 453 -5.36 -2.83 -116.15
CA THR PB 453 -6.79 -2.58 -115.94
C THR PB 453 -7.20 -3.27 -114.65
N LEU PB 454 -7.55 -2.49 -113.63
CA LEU PB 454 -7.79 -2.99 -112.30
C LEU PB 454 -9.26 -2.78 -111.92
N ILE PB 455 -9.86 -3.78 -111.30
CA ILE PB 455 -11.24 -3.74 -110.86
C ILE PB 455 -11.32 -4.42 -109.50
N SER PB 456 -11.94 -3.75 -108.52
CA SER PB 456 -12.09 -4.31 -107.18
C SER PB 456 -13.50 -3.98 -106.69
N THR PB 457 -14.34 -5.00 -106.50
CA THR PB 457 -15.74 -4.79 -106.16
C THR PB 457 -16.27 -6.03 -105.46
N ILE PB 458 -17.58 -6.06 -105.21
CA ILE PB 458 -18.26 -7.20 -104.62
C ILE PB 458 -19.59 -7.38 -105.35
N ALA PB 459 -19.85 -8.59 -105.86
CA ALA PB 459 -21.07 -8.86 -106.60
C ALA PB 459 -21.69 -10.16 -106.09
N ARG PB 460 -22.97 -10.35 -106.40
CA ARG PB 460 -23.72 -11.51 -105.94
C ARG PB 460 -24.61 -12.02 -107.07
N VAL PB 461 -24.27 -13.21 -107.58
CA VAL PB 461 -24.91 -13.79 -108.76
C VAL PB 461 -25.66 -15.03 -108.33
N PRO PB 462 -26.82 -15.35 -108.92
CA PRO PB 462 -27.42 -16.67 -108.71
C PRO PB 462 -26.59 -17.77 -109.38
N HIS PB 463 -26.98 -19.01 -109.11
CA HIS PB 463 -26.25 -20.16 -109.61
C HIS PB 463 -26.56 -20.37 -111.09
N GLY PB 464 -25.56 -20.17 -111.94
CA GLY PB 464 -25.71 -20.36 -113.36
C GLY PB 464 -25.96 -19.12 -114.17
N LYS PB 465 -26.33 -18.01 -113.53
CA LYS PB 465 -26.58 -16.76 -114.22
C LYS PB 465 -25.27 -15.96 -114.28
N SER PB 466 -25.35 -14.72 -114.74
CA SER PB 466 -24.15 -13.92 -114.96
C SER PB 466 -24.42 -12.46 -114.65
N LEU PB 467 -23.34 -11.71 -114.47
CA LEU PB 467 -23.40 -10.28 -114.18
C LEU PB 467 -22.28 -9.56 -114.90
N LEU PB 468 -22.52 -8.31 -115.25
CA LEU PB 468 -21.51 -7.45 -115.86
C LEU PB 468 -20.84 -6.63 -114.77
N VAL PB 469 -19.54 -6.82 -114.59
CA VAL PB 469 -18.82 -6.18 -113.50
C VAL PB 469 -18.18 -4.87 -113.93
N GLY PB 470 -17.43 -4.88 -115.03
CA GLY PB 470 -16.79 -3.67 -115.50
C GLY PB 470 -17.19 -3.31 -116.91
N GLY PB 471 -16.46 -2.41 -117.55
CA GLY PB 471 -16.79 -2.03 -118.90
C GLY PB 471 -16.08 -0.75 -119.28
N TYR PB 472 -15.98 -0.54 -120.60
CA TYR PB 472 -15.34 0.63 -121.18
C TYR PB 472 -15.69 0.75 -122.65
N THR PB 473 -16.18 1.91 -123.09
CA THR PB 473 -16.37 2.19 -124.51
C THR PB 473 -15.68 3.49 -124.85
N ARG PB 474 -15.39 3.67 -126.15
CA ARG PB 474 -14.78 4.90 -126.64
C ARG PB 474 -15.08 5.06 -128.12
N ASP PB 475 -15.57 6.24 -128.50
CA ASP PB 475 -15.85 6.58 -129.88
C ASP PB 475 -15.14 7.88 -130.25
N ALA PB 476 -14.69 7.97 -131.49
CA ALA PB 476 -13.95 9.15 -131.93
C ALA PB 476 -14.14 9.37 -133.41
N ASN PB 477 -14.04 10.63 -133.83
CA ASN PB 477 -14.15 11.01 -135.24
C ASN PB 477 -13.51 12.37 -135.44
N THR PB 478 -12.37 12.40 -136.12
CA THR PB 478 -11.70 13.65 -136.45
C THR PB 478 -11.61 13.80 -137.96
N ASP PB 479 -11.48 15.05 -138.43
CA ASP PB 479 -11.28 15.35 -139.84
C ASP PB 479 -10.70 16.74 -140.01
N THR PB 480 -9.63 16.85 -140.80
CA THR PB 480 -8.97 18.12 -141.08
C THR PB 480 -9.08 18.43 -142.57
N VAL PB 481 -9.01 19.71 -142.91
CA VAL PB 481 -9.01 20.17 -144.29
C VAL PB 481 -8.01 21.31 -144.39
N GLN PB 482 -7.00 21.16 -145.24
CA GLN PB 482 -6.06 22.23 -145.52
C GLN PB 482 -6.09 22.56 -147.01
N SER PB 483 -5.68 23.78 -147.34
CA SER PB 483 -5.63 24.21 -148.73
C SER PB 483 -4.72 25.42 -148.85
N ILE PB 484 -4.41 25.77 -150.10
CA ILE PB 484 -3.81 27.05 -150.47
C ILE PB 484 -5.00 27.98 -150.68
N PRO PB 485 -4.93 29.25 -150.26
CA PRO PB 485 -6.14 30.10 -150.25
C PRO PB 485 -6.78 30.36 -151.61
N PHE PB 486 -6.00 30.64 -152.65
CA PHE PB 486 -6.60 30.90 -153.95
C PHE PB 486 -6.45 29.76 -154.93
N LEU PB 487 -5.32 29.05 -154.92
CA LEU PB 487 -5.09 27.97 -155.87
C LEU PB 487 -5.90 26.73 -155.55
N GLY PB 488 -6.43 26.62 -154.34
CA GLY PB 488 -7.21 25.44 -153.96
C GLY PB 488 -8.63 25.42 -154.46
N LYS PB 489 -9.07 26.46 -155.16
CA LYS PB 489 -10.43 26.51 -155.70
C LYS PB 489 -10.47 26.47 -157.23
N LEU PB 490 -9.36 26.12 -157.86
CA LEU PB 490 -9.34 25.96 -159.31
C LEU PB 490 -10.11 24.70 -159.70
N PRO PB 491 -10.75 24.69 -160.89
CA PRO PB 491 -11.62 23.55 -161.27
C PRO PB 491 -10.89 22.22 -161.46
N LEU PB 492 -9.86 22.18 -162.30
CA LEU PB 492 -9.17 20.93 -162.60
C LEU PB 492 -7.72 20.93 -162.13
N ILE PB 493 -7.17 22.08 -161.75
CA ILE PB 493 -5.82 22.14 -161.21
C ILE PB 493 -5.81 22.20 -159.69
N GLY PB 494 -6.91 22.61 -159.05
CA GLY PB 494 -6.94 22.84 -157.62
C GLY PB 494 -6.88 21.59 -156.75
N SER PB 495 -6.89 20.40 -157.35
CA SER PB 495 -6.75 19.19 -156.55
C SER PB 495 -5.33 18.96 -156.09
N LEU PB 496 -4.35 19.63 -156.71
CA LEU PB 496 -2.94 19.46 -156.35
C LEU PB 496 -2.55 20.31 -155.15
N PHE PB 497 -3.47 21.06 -154.55
CA PHE PB 497 -3.15 21.95 -153.45
C PHE PB 497 -3.96 21.70 -152.19
N ARG PB 498 -5.09 21.00 -152.27
CA ARG PB 498 -5.89 20.72 -151.10
C ARG PB 498 -5.33 19.52 -150.34
N TYR PB 499 -5.90 19.26 -149.16
CA TYR PB 499 -5.53 18.14 -148.32
C TYR PB 499 -6.71 17.86 -147.40
N SER PB 500 -6.93 16.58 -147.10
CA SER PB 500 -8.07 16.20 -146.26
C SER PB 500 -7.80 14.84 -145.64
N SER PB 501 -8.05 14.74 -144.33
CA SER PB 501 -7.86 13.49 -143.63
C SER PB 501 -9.12 13.17 -142.82
N LYS PB 502 -9.23 11.91 -142.41
CA LYS PB 502 -10.33 11.43 -141.59
C LYS PB 502 -9.80 10.40 -140.61
N ASN PB 503 -10.62 10.07 -139.62
CA ASN PB 503 -10.28 9.05 -138.62
C ASN PB 503 -11.57 8.64 -137.91
N LYS PB 504 -11.60 7.40 -137.43
CA LYS PB 504 -12.76 6.87 -136.71
C LYS PB 504 -12.32 5.62 -135.95
N SER PB 505 -12.83 5.45 -134.73
CA SER PB 505 -12.51 4.28 -133.94
C SER PB 505 -13.66 3.96 -133.01
N ASN PB 506 -13.81 2.68 -132.68
CA ASN PB 506 -14.85 2.22 -131.75
C ASN PB 506 -14.30 1.06 -130.95
N VAL PB 507 -14.07 1.27 -129.66
CA VAL PB 507 -13.46 0.27 -128.78
C VAL PB 507 -14.50 -0.15 -127.74
N VAL PB 508 -14.57 -1.44 -127.44
CA VAL PB 508 -15.46 -1.98 -126.43
C VAL PB 508 -14.70 -3.03 -125.62
N ARG PB 509 -14.64 -2.86 -124.30
CA ARG PB 509 -14.12 -3.87 -123.40
C ARG PB 509 -15.14 -4.12 -122.31
N VAL PB 510 -15.38 -5.39 -121.96
CA VAL PB 510 -16.29 -5.75 -120.87
C VAL PB 510 -15.69 -6.87 -120.05
N PHE PB 511 -16.17 -7.00 -118.82
CA PHE PB 511 -15.78 -8.05 -117.89
C PHE PB 511 -17.05 -8.69 -117.35
N MET PB 512 -17.17 -10.01 -117.48
CA MET PB 512 -18.36 -10.71 -117.05
C MET PB 512 -17.99 -11.87 -116.14
N ILE PB 513 -18.89 -12.20 -115.21
CA ILE PB 513 -18.66 -13.20 -114.17
C ILE PB 513 -19.78 -14.22 -114.26
N GLU PB 514 -19.43 -15.51 -114.25
CA GLU PB 514 -20.42 -16.58 -114.33
C GLU PB 514 -20.01 -17.72 -113.41
N PRO PB 515 -20.49 -17.75 -112.17
CA PRO PB 515 -20.14 -18.84 -111.26
C PRO PB 515 -21.16 -19.98 -111.30
N LYS PB 516 -20.68 -21.15 -110.93
CA LYS PB 516 -21.54 -22.33 -110.83
C LYS PB 516 -20.96 -23.29 -109.80
N GLU PB 517 -21.77 -24.28 -109.42
CA GLU PB 517 -21.44 -25.20 -108.34
C GLU PB 517 -21.09 -26.56 -108.92
N ILE PB 518 -20.00 -27.14 -108.42
CA ILE PB 518 -19.48 -28.41 -108.91
C ILE PB 518 -19.84 -29.49 -107.90
N VAL PB 519 -20.56 -30.52 -108.35
CA VAL PB 519 -20.92 -31.64 -107.50
C VAL PB 519 -20.40 -32.97 -108.00
N ASP PB 520 -20.03 -33.08 -109.28
CA ASP PB 520 -19.61 -34.35 -109.88
C ASP PB 520 -18.22 -34.22 -110.47
N PRO PB 521 -17.44 -35.30 -110.51
CA PRO PB 521 -16.13 -35.27 -111.16
C PRO PB 521 -16.28 -35.27 -112.68
N LEU PB 522 -15.13 -35.26 -113.36
CA LEU PB 522 -15.12 -35.16 -114.81
C LEU PB 522 -15.58 -36.47 -115.44
N THR PB 523 -16.31 -36.37 -116.54
CA THR PB 523 -16.72 -37.53 -117.34
C THR PB 523 -16.55 -37.21 -118.81
N PRO PB 524 -15.75 -37.99 -119.56
CA PRO PB 524 -14.88 -39.10 -119.18
C PRO PB 524 -13.65 -38.65 -118.41
N ASP PB 525 -12.82 -39.59 -117.95
CA ASP PB 525 -11.76 -39.30 -117.01
C ASP PB 525 -10.66 -38.44 -117.67
N ALA PB 526 -9.82 -37.85 -116.82
CA ALA PB 526 -8.74 -37.01 -117.31
C ALA PB 526 -7.67 -37.81 -118.03
N SER PB 527 -7.48 -39.07 -117.65
CA SER PB 527 -6.52 -39.92 -118.33
C SER PB 527 -7.09 -40.56 -119.58
N GLU PB 528 -8.39 -40.41 -119.84
CA GLU PB 528 -9.00 -40.93 -121.05
C GLU PB 528 -9.11 -39.88 -122.15
N SER PB 529 -9.28 -38.62 -121.79
CA SER PB 529 -9.30 -37.56 -122.79
C SER PB 529 -7.92 -37.20 -123.28
N VAL PB 530 -6.88 -37.51 -122.51
CA VAL PB 530 -5.52 -37.21 -122.93
C VAL PB 530 -5.02 -38.26 -123.92
N ASN PB 531 -5.42 -39.52 -123.72
CA ASN PB 531 -5.04 -40.59 -124.65
C ASN PB 531 -5.70 -40.45 -126.02
N ASN PB 532 -6.78 -39.68 -126.13
CA ASN PB 532 -7.36 -39.38 -127.43
C ASN PB 532 -6.71 -38.18 -128.09
N ILE PB 533 -6.10 -37.29 -127.30
CA ILE PB 533 -5.37 -36.16 -127.88
C ILE PB 533 -4.04 -36.63 -128.46
N LEU PB 534 -3.33 -37.50 -127.73
CA LEU PB 534 -2.03 -37.98 -128.18
C LEU PB 534 -2.14 -38.89 -129.39
N LYS PB 535 -3.24 -39.63 -129.52
CA LYS PB 535 -3.42 -40.49 -130.69
C LYS PB 535 -3.82 -39.70 -131.92
N GLN PB 536 -4.56 -38.61 -131.76
CA GLN PB 536 -5.00 -37.83 -132.91
C GLN PB 536 -3.89 -36.93 -133.42
N SER PB 537 -3.17 -36.26 -132.52
CA SER PB 537 -2.11 -35.36 -132.96
C SER PB 537 -0.84 -36.10 -133.36
N GLY PB 538 -0.71 -37.38 -133.03
CA GLY PB 538 0.45 -38.14 -133.44
C GLY PB 538 1.61 -38.10 -132.48
N ALA PB 539 1.43 -37.60 -131.27
CA ALA PB 539 2.50 -37.53 -130.28
C ALA PB 539 2.50 -38.72 -129.33
N TRP PB 540 1.69 -39.75 -129.61
CA TRP PB 540 1.54 -40.87 -128.70
C TRP PB 540 2.73 -41.81 -128.82
N SER PB 541 3.27 -42.22 -127.67
CA SER PB 541 4.38 -43.16 -127.64
C SER PB 541 4.18 -44.20 -126.56
N GLY PB 542 2.96 -44.73 -126.44
CA GLY PB 542 2.71 -45.84 -125.55
C GLY PB 542 2.95 -47.20 -126.15
N ASP PB 543 3.25 -47.25 -127.45
CA ASP PB 543 3.54 -48.49 -128.15
C ASP PB 543 5.03 -48.71 -128.36
N ASP PB 544 5.88 -47.91 -127.71
CA ASP PB 544 7.32 -48.02 -127.90
C ASP PB 544 7.85 -49.27 -127.22
N LYS PB 545 8.86 -49.88 -127.84
CA LYS PB 545 9.41 -51.11 -127.30
C LYS PB 545 10.30 -50.84 -126.09
N LEU PB 546 10.96 -49.69 -126.06
CA LEU PB 546 11.91 -49.37 -125.00
C LEU PB 546 11.29 -48.61 -123.84
N GLN PB 547 10.34 -47.74 -124.09
CA GLN PB 547 9.76 -46.91 -123.04
C GLN PB 547 8.57 -47.57 -122.35
N LYS PB 548 8.11 -48.72 -122.81
CA LYS PB 548 6.98 -49.38 -122.17
C LYS PB 548 7.36 -50.12 -120.89
N TRP PB 549 8.66 -50.31 -120.63
CA TRP PB 549 9.07 -50.96 -119.40
C TRP PB 549 8.93 -50.06 -118.18
N VAL PB 550 8.91 -48.76 -118.38
CA VAL PB 550 8.78 -47.81 -117.29
C VAL PB 550 7.44 -47.09 -117.29
N ARG PB 551 6.89 -46.77 -118.46
CA ARG PB 551 5.57 -46.17 -118.58
C ARG PB 551 4.43 -47.11 -118.18
N VAL PB 552 4.71 -48.39 -117.89
CA VAL PB 552 3.66 -49.28 -117.41
C VAL PB 552 3.39 -49.06 -115.93
N TYR PB 553 4.27 -48.36 -115.22
CA TYR PB 553 4.00 -48.02 -113.83
C TYR PB 553 3.09 -46.80 -113.73
N LEU PB 554 3.28 -45.82 -114.60
CA LEU PB 554 2.54 -44.57 -114.52
C LEU PB 554 1.14 -44.70 -115.10
N ASP PB 555 0.98 -45.51 -116.14
CA ASP PB 555 -0.30 -45.72 -116.81
C ASP PB 555 -1.00 -46.97 -116.33
N ARG PB 556 -0.91 -47.22 -115.01
CA ARG PB 556 -1.47 -48.43 -114.41
C ARG PB 556 -2.99 -48.43 -114.47
N GLY PB 557 -3.63 -47.27 -114.36
CA GLY PB 557 -5.06 -47.18 -114.44
C GLY PB 557 -5.56 -46.92 -115.85
N LYS QB 27 -7.48 -76.01 13.28
CA LYS QB 27 -7.54 -74.65 13.79
C LYS QB 27 -8.57 -73.85 13.00
N ILE QB 28 -8.73 -74.20 11.72
CA ILE QB 28 -9.76 -73.60 10.87
C ILE QB 28 -10.73 -74.71 10.45
N PRO QB 29 -11.74 -75.04 11.26
CA PRO QB 29 -12.58 -76.19 10.88
C PRO QB 29 -13.61 -75.81 9.83
N VAL QB 30 -13.32 -76.11 8.55
CA VAL QB 30 -14.32 -76.21 7.49
C VAL QB 30 -13.86 -77.37 6.62
N THR QB 31 -14.80 -78.18 6.12
CA THR QB 31 -14.41 -79.41 5.43
C THR QB 31 -13.95 -79.16 4.00
N GLY QB 32 -14.55 -78.20 3.30
CA GLY QB 32 -14.32 -78.01 1.88
C GLY QB 32 -13.19 -77.05 1.56
N SER QB 33 -13.35 -76.33 0.43
CA SER QB 33 -12.43 -75.29 0.02
C SER QB 33 -13.22 -74.07 -0.41
N GLY QB 34 -12.86 -72.90 0.08
CA GLY QB 34 -13.60 -71.69 -0.23
C GLY QB 34 -13.13 -70.53 0.60
N PHE QB 35 -13.64 -69.35 0.27
CA PHE QB 35 -13.29 -68.12 0.96
C PHE QB 35 -14.51 -67.58 1.70
N VAL QB 36 -14.37 -67.31 2.99
CA VAL QB 36 -15.46 -66.74 3.78
C VAL QB 36 -15.13 -65.29 4.06
N ALA QB 37 -16.03 -64.40 3.66
CA ALA QB 37 -15.84 -62.96 3.83
C ALA QB 37 -16.90 -62.45 4.79
N LYS QB 38 -16.47 -61.88 5.90
CA LYS QB 38 -17.38 -61.26 6.86
C LYS QB 38 -17.13 -59.75 6.85
N ASP QB 39 -17.89 -59.05 6.01
CA ASP QB 39 -17.85 -57.60 5.80
C ASP QB 39 -16.44 -57.19 5.37
N ASP QB 40 -16.05 -57.67 4.18
CA ASP QB 40 -14.86 -57.20 3.50
C ASP QB 40 -15.19 -55.92 2.73
N SER QB 41 -14.24 -55.41 1.95
CA SER QB 41 -14.45 -54.11 1.34
C SER QB 41 -14.02 -54.06 -0.11
N LEU QB 42 -14.15 -55.18 -0.84
CA LEU QB 42 -13.90 -55.32 -2.27
C LEU QB 42 -12.47 -55.04 -2.73
N ARG QB 43 -11.57 -54.72 -1.81
CA ARG QB 43 -10.14 -54.71 -2.08
CA ARG QB 43 -10.15 -54.70 -2.08
C ARG QB 43 -9.43 -55.88 -1.44
N THR QB 44 -9.77 -56.19 -0.20
CA THR QB 44 -9.30 -57.39 0.45
C THR QB 44 -9.90 -58.63 -0.19
N PHE QB 45 -11.11 -58.51 -0.73
CA PHE QB 45 -11.81 -59.66 -1.30
C PHE QB 45 -11.19 -60.10 -2.62
N PHE QB 46 -10.92 -59.17 -3.53
CA PHE QB 46 -10.42 -59.57 -4.85
C PHE QB 46 -8.96 -60.02 -4.81
N ASP QB 47 -8.25 -59.74 -3.73
CA ASP QB 47 -6.93 -60.33 -3.59
C ASP QB 47 -7.01 -61.79 -3.21
N ALA QB 48 -8.14 -62.25 -2.67
CA ALA QB 48 -8.27 -63.68 -2.45
C ALA QB 48 -8.51 -64.41 -3.76
N MET QB 49 -9.11 -63.73 -4.75
CA MET QB 49 -9.28 -64.31 -6.08
C MET QB 49 -8.09 -64.05 -6.97
N ALA QB 50 -7.07 -63.37 -6.46
CA ALA QB 50 -5.90 -63.00 -7.25
C ALA QB 50 -4.87 -64.12 -7.32
N LEU QB 51 -5.18 -65.30 -6.79
CA LEU QB 51 -4.34 -66.47 -6.95
C LEU QB 51 -4.98 -67.49 -7.87
N GLN QB 52 -6.31 -67.60 -7.84
CA GLN QB 52 -7.01 -68.42 -8.81
C GLN QB 52 -6.97 -67.78 -10.18
N LEU QB 53 -7.32 -66.49 -10.27
CA LEU QB 53 -6.84 -65.71 -11.40
C LEU QB 53 -5.33 -65.58 -11.27
N LYS QB 54 -4.59 -65.88 -12.33
CA LYS QB 54 -3.15 -65.93 -12.17
C LYS QB 54 -2.47 -64.56 -12.23
N GLU QB 55 -3.23 -63.48 -12.35
CA GLU QB 55 -2.69 -62.15 -12.48
C GLU QB 55 -3.14 -61.28 -11.30
N PRO QB 56 -2.33 -60.30 -10.89
CA PRO QB 56 -2.75 -59.43 -9.78
C PRO QB 56 -3.89 -58.51 -10.15
N VAL QB 57 -4.66 -58.14 -9.13
CA VAL QB 57 -5.86 -57.33 -9.28
C VAL QB 57 -5.63 -55.95 -8.69
N ILE QB 58 -6.01 -54.92 -9.43
CA ILE QB 58 -5.85 -53.53 -9.03
C ILE QB 58 -7.24 -52.90 -8.94
N VAL QB 59 -7.70 -52.65 -7.71
CA VAL QB 59 -9.04 -52.12 -7.46
C VAL QB 59 -8.92 -50.62 -7.22
N SER QB 60 -9.79 -49.84 -7.86
CA SER QB 60 -9.74 -48.39 -7.77
C SER QB 60 -10.22 -47.91 -6.41
N LYS QB 61 -10.18 -46.60 -6.22
CA LYS QB 61 -10.47 -46.03 -4.90
C LYS QB 61 -11.96 -45.88 -4.64
N MET QB 62 -12.73 -45.55 -5.67
CA MET QB 62 -14.15 -45.34 -5.50
C MET QB 62 -14.94 -46.63 -5.61
N ALA QB 63 -14.33 -47.70 -6.09
CA ALA QB 63 -14.92 -49.04 -6.11
C ALA QB 63 -14.61 -49.82 -4.86
N ALA QB 64 -13.76 -49.31 -3.98
CA ALA QB 64 -13.41 -49.96 -2.73
C ALA QB 64 -14.26 -49.48 -1.57
N ARG QB 65 -15.34 -48.76 -1.85
CA ARG QB 65 -16.27 -48.33 -0.82
C ARG QB 65 -17.44 -49.27 -0.63
N LYS QB 66 -17.55 -50.30 -1.47
CA LYS QB 66 -18.63 -51.28 -1.33
C LYS QB 66 -18.12 -52.49 -0.57
N LYS QB 67 -19.05 -53.26 -0.03
CA LYS QB 67 -18.74 -54.38 0.82
C LYS QB 67 -19.37 -55.65 0.28
N ILE QB 68 -18.94 -56.79 0.80
CA ILE QB 68 -19.47 -58.08 0.41
C ILE QB 68 -19.37 -59.02 1.61
N THR QB 69 -20.28 -59.99 1.68
CA THR QB 69 -20.33 -60.90 2.81
C THR QB 69 -20.93 -62.22 2.35
N GLY QB 70 -20.22 -63.32 2.60
CA GLY QB 70 -20.76 -64.62 2.28
C GLY QB 70 -19.67 -65.66 2.17
N ASN QB 71 -20.08 -66.85 1.74
CA ASN QB 71 -19.20 -67.98 1.52
C ASN QB 71 -19.08 -68.19 0.02
N PHE QB 72 -17.87 -68.09 -0.51
CA PHE QB 72 -17.62 -68.13 -1.95
C PHE QB 72 -16.70 -69.27 -2.31
N GLU QB 73 -16.66 -69.54 -3.62
CA GLU QB 73 -15.86 -70.64 -4.16
C GLU QB 73 -15.45 -70.27 -5.58
N PHE QB 74 -14.14 -70.28 -5.84
CA PHE QB 74 -13.62 -69.91 -7.16
C PHE QB 74 -13.03 -71.14 -7.82
N HIS QB 75 -13.86 -71.89 -8.54
CA HIS QB 75 -13.34 -72.97 -9.36
C HIS QB 75 -13.16 -72.56 -10.80
N ASP QB 76 -13.94 -71.58 -11.29
CA ASP QB 76 -13.51 -70.91 -12.50
C ASP QB 76 -13.75 -69.41 -12.32
N PRO QB 77 -12.67 -68.66 -12.08
CA PRO QB 77 -12.84 -67.29 -11.60
C PRO QB 77 -13.13 -66.30 -12.69
N ASN QB 78 -12.77 -66.57 -13.93
CA ASN QB 78 -13.09 -65.63 -15.00
C ASN QB 78 -14.59 -65.67 -15.31
N ALA QB 79 -15.25 -66.78 -15.00
CA ALA QB 79 -16.70 -66.85 -15.10
C ALA QB 79 -17.37 -66.34 -13.83
N LEU QB 80 -16.67 -66.35 -12.70
CA LEU QB 80 -17.30 -65.76 -11.51
C LEU QB 80 -17.18 -64.24 -11.50
N LEU QB 81 -16.11 -63.70 -12.10
CA LEU QB 81 -15.90 -62.27 -12.11
C LEU QB 81 -16.86 -61.56 -13.04
N GLU QB 82 -17.30 -62.24 -14.09
CA GLU QB 82 -18.27 -61.65 -15.01
C GLU QB 82 -19.64 -61.54 -14.36
N LYS QB 83 -20.00 -62.50 -13.52
CA LYS QB 83 -21.29 -62.45 -12.86
C LYS QB 83 -21.26 -61.42 -11.73
N LEU QB 84 -20.16 -61.37 -10.98
CA LEU QB 84 -20.08 -60.45 -9.87
C LEU QB 84 -19.96 -59.01 -10.35
N SER QB 85 -19.41 -58.81 -11.54
CA SER QB 85 -19.26 -57.46 -12.06
C SER QB 85 -20.56 -56.93 -12.63
N LEU QB 86 -21.57 -57.76 -12.74
CA LEU QB 86 -22.88 -57.32 -13.18
C LEU QB 86 -23.81 -57.18 -12.00
N GLN QB 87 -23.68 -58.03 -10.99
CA GLN QB 87 -24.53 -57.90 -9.82
C GLN QB 87 -24.13 -56.76 -8.90
N LEU QB 88 -22.87 -56.35 -8.91
CA LEU QB 88 -22.45 -55.26 -8.03
C LEU QB 88 -22.43 -53.92 -8.72
N GLY QB 89 -22.11 -53.90 -10.01
CA GLY QB 89 -22.03 -52.69 -10.80
C GLY QB 89 -20.57 -52.37 -10.88
N LEU QB 90 -19.92 -52.84 -11.93
CA LEU QB 90 -18.48 -52.82 -12.03
C LEU QB 90 -18.11 -53.01 -13.50
N ILE QB 91 -16.94 -52.52 -13.86
CA ILE QB 91 -16.34 -52.76 -15.17
C ILE QB 91 -14.90 -53.18 -14.91
N TRP QB 92 -14.40 -54.11 -15.71
CA TRP QB 92 -13.07 -54.65 -15.49
C TRP QB 92 -12.38 -54.83 -16.83
N TYR QB 93 -11.05 -54.79 -16.80
CA TYR QB 93 -10.29 -54.89 -18.04
C TYR QB 93 -8.95 -55.54 -17.76
N PHE QB 94 -8.57 -56.49 -18.60
CA PHE QB 94 -7.35 -57.27 -18.44
C PHE QB 94 -6.43 -56.95 -19.60
N ASP QB 95 -5.31 -56.29 -19.32
CA ASP QB 95 -4.42 -55.80 -20.37
C ASP QB 95 -3.24 -56.73 -20.62
N GLY QB 96 -3.21 -57.89 -19.99
CA GLY QB 96 -2.14 -58.86 -20.19
C GLY QB 96 -1.18 -58.98 -19.03
N GLN QB 97 -1.21 -58.06 -18.07
CA GLN QB 97 -0.30 -58.11 -16.94
C GLN QB 97 -1.05 -58.01 -15.62
N ALA QB 98 -2.18 -57.31 -15.61
CA ALA QB 98 -2.95 -57.14 -14.40
C ALA QB 98 -4.42 -57.00 -14.76
N ILE QB 99 -5.28 -57.07 -13.75
CA ILE QB 99 -6.71 -56.95 -13.94
C ILE QB 99 -7.16 -55.69 -13.21
N TYR QB 100 -7.52 -54.66 -13.97
CA TYR QB 100 -8.00 -53.43 -13.39
C TYR QB 100 -9.50 -53.51 -13.20
N ILE QB 101 -9.98 -52.98 -12.07
CA ILE QB 101 -11.41 -53.01 -11.72
C ILE QB 101 -11.86 -51.61 -11.32
N TYR QB 102 -12.84 -51.08 -12.05
CA TYR QB 102 -13.49 -49.81 -11.77
C TYR QB 102 -14.97 -50.08 -11.56
N ASP QB 103 -15.71 -49.10 -11.04
CA ASP QB 103 -17.15 -49.24 -11.07
C ASP QB 103 -17.71 -48.53 -12.31
N ALA QB 104 -19.01 -48.67 -12.52
CA ALA QB 104 -19.61 -48.24 -13.78
C ALA QB 104 -19.69 -46.72 -13.93
N SER QB 105 -19.57 -45.97 -12.86
CA SER QB 105 -19.66 -44.52 -12.96
C SER QB 105 -18.35 -43.87 -13.37
N GLU QB 106 -17.30 -44.66 -13.59
CA GLU QB 106 -16.01 -44.13 -14.01
C GLU QB 106 -15.73 -44.44 -15.48
N MET QB 107 -16.70 -44.97 -16.21
CA MET QB 107 -16.51 -45.25 -17.61
C MET QB 107 -16.51 -43.96 -18.41
N ARG QB 108 -15.45 -43.73 -19.17
CA ARG QB 108 -15.31 -42.52 -19.96
C ARG QB 108 -15.27 -42.89 -21.44
N ASN QB 109 -15.41 -41.88 -22.28
CA ASN QB 109 -15.45 -42.10 -23.72
C ASN QB 109 -14.88 -40.89 -24.44
N ALA QB 110 -14.41 -41.14 -25.67
CA ALA QB 110 -13.84 -40.09 -26.50
C ALA QB 110 -13.92 -40.53 -27.95
N VAL QB 111 -14.07 -39.55 -28.84
CA VAL QB 111 -14.05 -39.76 -30.27
C VAL QB 111 -12.79 -39.13 -30.84
N VAL QB 112 -12.07 -39.88 -31.68
CA VAL QB 112 -10.80 -39.42 -32.21
C VAL QB 112 -10.72 -39.79 -33.69
N SER QB 113 -10.00 -38.98 -34.45
CA SER QB 113 -9.93 -39.10 -35.90
C SER QB 113 -8.50 -39.34 -36.35
N LEU QB 114 -8.33 -40.29 -37.25
CA LEU QB 114 -7.03 -40.62 -37.82
C LEU QB 114 -6.95 -40.02 -39.21
N ARG QB 115 -5.85 -39.31 -39.50
CA ARG QB 115 -5.76 -38.62 -40.77
C ARG QB 115 -5.46 -39.54 -41.94
N ASN QB 116 -4.59 -40.55 -41.74
CA ASN QB 116 -4.21 -41.38 -42.87
C ASN QB 116 -4.15 -42.86 -42.50
N VAL QB 117 -4.75 -43.26 -41.38
CA VAL QB 117 -4.82 -44.65 -40.97
C VAL QB 117 -6.29 -45.04 -40.92
N SER QB 118 -6.62 -46.19 -41.49
CA SER QB 118 -8.00 -46.63 -41.45
C SER QB 118 -8.28 -47.33 -40.13
N LEU QB 119 -9.52 -47.76 -39.96
CA LEU QB 119 -9.90 -48.49 -38.76
C LEU QB 119 -9.38 -49.92 -38.77
N ASN QB 120 -9.21 -50.52 -39.96
CA ASN QB 120 -8.79 -51.92 -40.00
C ASN QB 120 -7.31 -52.11 -39.66
N GLU QB 121 -6.44 -51.15 -39.96
CA GLU QB 121 -5.06 -51.33 -39.52
C GLU QB 121 -4.89 -51.06 -38.04
N PHE QB 122 -5.81 -50.34 -37.41
CA PHE QB 122 -5.69 -50.19 -35.96
C PHE QB 122 -6.33 -51.35 -35.24
N ASN QB 123 -7.36 -51.96 -35.83
CA ASN QB 123 -7.89 -53.17 -35.25
C ASN QB 123 -6.94 -54.34 -35.45
N ASN QB 124 -6.14 -54.31 -36.52
CA ASN QB 124 -5.13 -55.34 -36.68
C ASN QB 124 -3.96 -55.13 -35.74
N PHE QB 125 -3.73 -53.89 -35.29
CA PHE QB 125 -2.70 -53.65 -34.31
C PHE QB 125 -3.14 -54.13 -32.95
N LEU QB 126 -4.42 -53.95 -32.64
CA LEU QB 126 -4.89 -54.44 -31.34
C LEU QB 126 -5.05 -55.94 -31.33
N LYS QB 127 -5.37 -56.55 -32.49
CA LYS QB 127 -5.49 -57.98 -32.55
C LYS QB 127 -4.13 -58.66 -32.52
N ARG QB 128 -3.11 -58.00 -33.07
CA ARG QB 128 -1.80 -58.64 -33.08
C ARG QB 128 -1.07 -58.39 -31.77
N SER QB 129 -1.38 -57.28 -31.08
CA SER QB 129 -0.70 -57.04 -29.82
C SER QB 129 -1.35 -57.83 -28.69
N GLY QB 130 -2.67 -57.80 -28.60
CA GLY QB 130 -3.31 -58.50 -27.51
C GLY QB 130 -4.17 -57.63 -26.62
N LEU QB 131 -4.34 -56.36 -26.99
CA LEU QB 131 -5.14 -55.43 -26.23
C LEU QB 131 -6.57 -55.32 -26.76
N TYR QB 132 -6.94 -56.14 -27.73
CA TYR QB 132 -8.28 -56.13 -28.30
C TYR QB 132 -9.26 -56.75 -27.32
N ASN QB 133 -10.19 -55.94 -26.81
CA ASN QB 133 -11.22 -56.40 -25.91
C ASN QB 133 -12.53 -56.43 -26.68
N LYS QB 134 -13.11 -57.62 -26.83
CA LYS QB 134 -14.32 -57.78 -27.63
C LYS QB 134 -15.57 -57.27 -26.93
N ASN QB 135 -15.48 -56.94 -25.64
CA ASN QB 135 -16.64 -56.41 -24.94
C ASN QB 135 -16.83 -54.93 -25.19
N TYR QB 136 -15.74 -54.17 -25.36
CA TYR QB 136 -15.79 -52.74 -25.65
C TYR QB 136 -15.05 -52.50 -26.96
N PRO QB 137 -15.68 -52.75 -28.10
CA PRO QB 137 -14.98 -52.56 -29.37
C PRO QB 137 -15.02 -51.12 -29.83
N LEU QB 138 -14.52 -50.88 -31.04
CA LEU QB 138 -14.54 -49.55 -31.63
C LEU QB 138 -15.74 -49.44 -32.55
N ARG QB 139 -16.37 -48.28 -32.56
CA ARG QB 139 -17.55 -48.02 -33.36
C ARG QB 139 -17.16 -47.06 -34.47
N GLY QB 140 -17.23 -47.52 -35.71
CA GLY QB 140 -16.91 -46.65 -36.84
C GLY QB 140 -16.93 -47.43 -38.13
N ASP QB 141 -16.74 -46.69 -39.22
CA ASP QB 141 -16.67 -47.31 -40.53
C ASP QB 141 -15.32 -47.96 -40.74
N ASN QB 142 -15.33 -49.06 -41.50
CA ASN QB 142 -14.15 -49.91 -41.57
C ASN QB 142 -13.03 -49.30 -42.39
N ARG QB 143 -13.32 -48.36 -43.29
CA ARG QB 143 -12.26 -47.60 -43.96
C ARG QB 143 -12.59 -46.10 -43.87
N LYS QB 144 -12.24 -45.52 -42.73
CA LYS QB 144 -12.47 -44.10 -42.47
C LYS QB 144 -11.38 -43.65 -41.51
N GLY QB 145 -11.59 -42.49 -40.89
CA GLY QB 145 -10.62 -41.99 -39.93
C GLY QB 145 -11.19 -41.83 -38.54
N THR QB 146 -12.49 -41.59 -38.43
CA THR QB 146 -13.13 -41.33 -37.15
C THR QB 146 -13.70 -42.61 -36.58
N PHE QB 147 -13.65 -42.74 -35.26
CA PHE QB 147 -14.30 -43.83 -34.57
C PHE QB 147 -14.60 -43.40 -33.14
N TYR QB 148 -15.42 -44.18 -32.46
CA TYR QB 148 -15.89 -43.89 -31.12
C TYR QB 148 -15.53 -45.04 -30.21
N VAL QB 149 -15.03 -44.73 -29.02
CA VAL QB 149 -14.57 -45.74 -28.07
C VAL QB 149 -15.07 -45.38 -26.68
N SER QB 150 -15.48 -46.40 -25.92
CA SER QB 150 -15.94 -46.22 -24.55
C SER QB 150 -15.58 -47.46 -23.75
N GLY QB 151 -15.09 -47.26 -22.54
CA GLY QB 151 -14.73 -48.37 -21.68
C GLY QB 151 -14.07 -47.91 -20.41
N PRO QB 152 -13.24 -48.76 -19.81
CA PRO QB 152 -12.51 -48.37 -18.62
C PRO QB 152 -11.44 -47.34 -18.95
N PRO QB 153 -11.04 -46.53 -17.96
CA PRO QB 153 -10.08 -45.45 -18.22
C PRO QB 153 -8.67 -45.89 -18.53
N VAL QB 154 -8.32 -47.15 -18.39
CA VAL QB 154 -7.02 -47.59 -18.90
C VAL QB 154 -7.12 -47.86 -20.39
N TYR QB 155 -8.25 -48.43 -20.82
CA TYR QB 155 -8.44 -48.78 -22.21
C TYR QB 155 -8.64 -47.54 -23.07
N VAL QB 156 -9.36 -46.55 -22.56
CA VAL QB 156 -9.62 -45.38 -23.39
C VAL QB 156 -8.36 -44.51 -23.47
N ASP QB 157 -7.66 -44.34 -22.35
CA ASP QB 157 -6.46 -43.53 -22.35
C ASP QB 157 -5.28 -44.24 -23.01
N MET QB 158 -5.40 -45.55 -23.28
CA MET QB 158 -4.37 -46.22 -24.07
C MET QB 158 -4.68 -46.10 -25.55
N VAL QB 159 -5.94 -46.27 -25.94
CA VAL QB 159 -6.30 -46.20 -27.36
C VAL QB 159 -6.15 -44.79 -27.91
N VAL QB 160 -6.44 -43.76 -27.10
CA VAL QB 160 -6.28 -42.38 -27.57
C VAL QB 160 -4.81 -42.04 -27.79
N ASN QB 161 -3.95 -42.45 -26.86
CA ASN QB 161 -2.54 -42.11 -26.98
C ASN QB 161 -1.85 -42.98 -28.02
N ALA QB 162 -2.30 -44.22 -28.20
CA ALA QB 162 -1.65 -45.07 -29.17
C ALA QB 162 -2.16 -44.79 -30.57
N ALA QB 163 -3.24 -44.04 -30.71
CA ALA QB 163 -3.67 -43.67 -32.03
C ALA QB 163 -3.07 -42.33 -32.43
N THR QB 164 -2.94 -41.41 -31.49
CA THR QB 164 -2.26 -40.15 -31.79
C THR QB 164 -0.77 -40.35 -32.04
N MET QB 165 -0.12 -41.26 -31.30
CA MET QB 165 1.30 -41.50 -31.56
C MET QB 165 1.57 -42.43 -32.73
N MET QB 166 0.52 -42.83 -33.44
CA MET QB 166 0.58 -43.59 -34.68
C MET QB 166 0.31 -42.69 -35.86
N ASP QB 167 -0.64 -41.78 -35.70
CA ASP QB 167 -0.88 -40.82 -36.74
C ASP QB 167 0.20 -39.75 -36.79
N LYS QB 168 0.91 -39.51 -35.68
CA LYS QB 168 2.10 -38.67 -35.78
C LYS QB 168 3.23 -39.40 -36.49
N GLN QB 169 3.31 -40.72 -36.32
CA GLN QB 169 4.32 -41.52 -37.00
C GLN QB 169 4.06 -41.63 -38.49
N ASN QB 170 2.80 -41.62 -38.90
CA ASN QB 170 2.48 -41.74 -40.32
C ASN QB 170 2.28 -40.37 -40.98
N LEU QB 175 3.89 -39.87 -50.35
CA LEU QB 175 4.67 -39.30 -51.45
C LEU QB 175 4.81 -40.29 -52.60
N GLY QB 176 5.20 -39.79 -53.77
CA GLY QB 176 5.39 -40.63 -54.93
C GLY QB 176 6.80 -40.64 -55.45
N ARG QB 177 7.34 -41.84 -55.66
CA ARG QB 177 8.69 -41.96 -56.20
C ARG QB 177 8.71 -41.63 -57.67
N GLN QB 178 9.81 -41.03 -58.12
CA GLN QB 178 9.98 -40.75 -59.53
C GLN QB 178 10.29 -42.03 -60.30
N LYS QB 179 10.04 -42.00 -61.60
CA LYS QB 179 10.18 -43.17 -62.45
C LYS QB 179 10.41 -42.70 -63.88
N ILE QB 180 11.34 -43.35 -64.57
CA ILE QB 180 11.68 -43.02 -65.94
C ILE QB 180 11.16 -44.13 -66.85
N GLY QB 181 10.34 -43.76 -67.83
CA GLY QB 181 9.79 -44.71 -68.78
C GLY QB 181 10.32 -44.43 -70.18
N VAL QB 182 10.53 -45.50 -70.94
CA VAL QB 182 11.02 -45.44 -72.31
C VAL QB 182 9.94 -46.00 -73.21
N MET QB 183 9.45 -45.19 -74.15
CA MET QB 183 8.35 -45.56 -75.02
C MET QB 183 8.82 -45.51 -76.47
N ARG QB 184 9.00 -46.68 -77.09
CA ARG QB 184 9.43 -46.75 -78.47
C ARG QB 184 8.25 -46.52 -79.40
N LEU QB 185 8.47 -45.71 -80.43
CA LEU QB 185 7.46 -45.39 -81.42
C LEU QB 185 7.68 -46.24 -82.67
N ASN QB 186 6.63 -46.92 -83.12
CA ASN QB 186 6.75 -47.85 -84.23
C ASN QB 186 6.27 -47.29 -85.56
N ASN QB 187 5.43 -46.26 -85.56
CA ASN QB 187 4.80 -45.81 -86.80
C ASN QB 187 4.98 -44.31 -87.04
N THR QB 188 5.93 -43.67 -86.37
CA THR QB 188 6.18 -42.25 -86.59
C THR QB 188 7.62 -41.92 -86.23
N PHE QB 189 7.98 -40.65 -86.45
CA PHE QB 189 9.32 -40.15 -86.19
C PHE QB 189 9.29 -39.14 -85.05
N VAL QB 190 10.26 -39.24 -84.15
CA VAL QB 190 10.56 -38.16 -83.21
C VAL QB 190 11.43 -37.16 -83.93
N GLY QB 191 11.30 -35.89 -83.58
CA GLY QB 191 12.12 -34.85 -84.15
C GLY QB 191 11.46 -34.21 -85.36
N ASP QB 192 11.96 -33.04 -85.70
CA ASP QB 192 11.36 -32.20 -86.73
C ASP QB 192 11.84 -32.61 -88.11
N ARG QB 193 11.01 -32.30 -89.10
CA ARG QB 193 11.34 -32.53 -90.51
C ARG QB 193 11.49 -31.18 -91.20
N THR QB 194 12.49 -31.08 -92.08
CA THR QB 194 12.82 -29.82 -92.73
C THR QB 194 12.88 -30.02 -94.24
N TYR QB 195 12.33 -29.06 -94.99
CA TYR QB 195 12.43 -29.03 -96.45
C TYR QB 195 12.51 -27.57 -96.89
N ASN QB 196 12.68 -27.36 -98.20
CA ASN QB 196 12.90 -26.02 -98.74
C ASN QB 196 12.00 -25.78 -99.94
N LEU QB 197 11.57 -24.50 -100.10
CA LEU QB 197 10.94 -24.05 -101.35
C LEU QB 197 11.82 -22.94 -101.91
N ARG QB 198 12.93 -23.35 -102.52
CA ARG QB 198 13.83 -22.57 -103.37
C ARG QB 198 14.61 -21.45 -102.70
N ASP QB 199 14.14 -20.94 -101.55
CA ASP QB 199 14.95 -20.03 -100.75
C ASP QB 199 14.72 -20.19 -99.25
N GLN QB 200 13.53 -20.67 -98.87
CA GLN QB 200 13.06 -20.60 -97.50
C GLN QB 200 12.91 -21.99 -96.91
N LYS QB 201 13.13 -22.09 -95.61
CA LYS QB 201 13.10 -23.35 -94.90
C LYS QB 201 11.81 -23.47 -94.11
N MET QB 202 11.16 -24.64 -94.21
CA MET QB 202 9.97 -24.94 -93.44
C MET QB 202 10.28 -26.05 -92.45
N VAL QB 203 9.85 -25.86 -91.20
CA VAL QB 203 10.10 -26.81 -90.12
C VAL QB 203 8.76 -27.27 -89.58
N ILE QB 204 8.55 -28.57 -89.52
CA ILE QB 204 7.32 -29.17 -89.01
C ILE QB 204 7.62 -29.78 -87.64
N PRO QB 205 6.87 -29.42 -86.60
CA PRO QB 205 7.16 -29.97 -85.27
C PRO QB 205 6.72 -31.43 -85.17
N GLY QB 206 7.56 -32.22 -84.51
CA GLY QB 206 7.33 -33.65 -84.35
C GLY QB 206 6.46 -33.96 -83.17
N ILE QB 207 6.55 -35.20 -82.71
CA ILE QB 207 5.75 -35.63 -81.56
C ILE QB 207 6.38 -35.18 -80.25
N ALA QB 208 7.69 -34.90 -80.23
CA ALA QB 208 8.34 -34.54 -78.98
C ALA QB 208 8.27 -33.05 -78.70
N THR QB 209 7.87 -32.25 -79.67
CA THR QB 209 7.65 -30.82 -79.47
C THR QB 209 6.19 -30.52 -79.18
N ALA QB 210 5.27 -31.38 -79.63
CA ALA QB 210 3.86 -31.16 -79.40
C ALA QB 210 3.47 -31.49 -77.96
N ILE QB 211 3.99 -32.58 -77.40
CA ILE QB 211 3.66 -32.92 -76.02
C ILE QB 211 4.46 -32.06 -75.04
N GLU QB 212 5.62 -31.55 -75.47
CA GLU QB 212 6.41 -30.68 -74.58
C GLU QB 212 5.73 -29.33 -74.40
N ARG QB 213 5.08 -28.82 -75.44
CA ARG QB 213 4.34 -27.57 -75.32
C ARG QB 213 2.99 -27.77 -74.64
N LEU QB 214 2.49 -29.01 -74.59
CA LEU QB 214 1.22 -29.25 -73.92
C LEU QB 214 1.39 -29.24 -72.41
N LEU QB 215 2.55 -29.67 -71.92
CA LEU QB 215 2.84 -29.76 -70.49
C LEU QB 215 3.70 -28.60 -70.02
N GLN QB 216 3.68 -27.49 -70.74
CA GLN QB 216 4.50 -26.33 -70.41
C GLN QB 216 3.76 -25.45 -69.41
N GLY QB 217 4.49 -24.94 -68.42
CA GLY QB 217 3.85 -24.23 -67.32
C GLY QB 217 3.06 -25.20 -66.49
N GLU QB 218 1.73 -25.10 -66.56
CA GLU QB 218 0.78 -26.16 -66.18
C GLU QB 218 0.89 -26.55 -64.71
N GLU QB 219 0.56 -25.61 -63.83
CA GLU QB 219 0.43 -25.93 -62.41
C GLU QB 219 -0.90 -26.62 -62.15
N GLN QB 220 -1.02 -27.87 -62.55
CA GLN QB 220 -2.29 -28.59 -62.53
C GLN QB 220 -2.13 -29.96 -61.89
N PRO QB 221 -3.10 -30.39 -61.07
CA PRO QB 221 -2.96 -31.67 -60.37
C PRO QB 221 -3.18 -32.89 -61.26
N LEU QB 222 -2.18 -33.26 -62.04
CA LEU QB 222 -2.31 -34.42 -62.92
C LEU QB 222 -1.99 -35.70 -62.15
N GLY QB 223 -2.87 -36.68 -62.30
CA GLY QB 223 -2.67 -37.99 -61.70
C GLY QB 223 -3.04 -39.12 -62.64
N ALA QB 262 1.82 -35.52 -58.15
CA ALA QB 262 2.27 -34.14 -58.01
C ALA QB 262 1.52 -33.22 -58.97
N ALA QB 263 2.26 -32.37 -59.68
CA ALA QB 263 1.68 -31.40 -60.60
C ALA QB 263 1.89 -31.88 -62.03
N ALA QB 264 1.30 -31.14 -62.97
CA ALA QB 264 1.50 -31.44 -64.38
C ALA QB 264 2.71 -30.70 -64.94
N GLY QB 265 3.28 -29.79 -64.16
CA GLY QB 265 4.38 -28.97 -64.60
C GLY QB 265 5.76 -29.50 -64.32
N ASN QB 266 5.89 -30.61 -63.60
CA ASN QB 266 7.19 -31.20 -63.33
C ASN QB 266 7.45 -32.46 -64.14
N ILE QB 267 6.68 -32.70 -65.21
CA ILE QB 267 6.98 -33.81 -66.10
C ILE QB 267 7.96 -33.36 -67.17
N LYS QB 268 9.03 -34.13 -67.34
CA LYS QB 268 10.07 -33.82 -68.33
C LYS QB 268 9.97 -34.84 -69.45
N ILE QB 269 9.93 -34.34 -70.69
CA ILE QB 269 9.86 -35.18 -71.89
C ILE QB 269 11.02 -34.79 -72.79
N VAL QB 270 11.88 -35.76 -73.09
CA VAL QB 270 13.09 -35.54 -73.88
C VAL QB 270 13.13 -36.57 -74.99
N ALA QB 271 13.32 -36.11 -76.23
CA ALA QB 271 13.42 -36.98 -77.39
C ALA QB 271 14.77 -37.65 -77.42
N TYR QB 272 14.78 -38.96 -77.65
CA TYR QB 272 16.02 -39.70 -77.85
C TYR QB 272 16.00 -40.32 -79.24
N PRO QB 273 16.58 -39.65 -80.24
CA PRO QB 273 16.43 -40.13 -81.62
C PRO QB 273 17.27 -41.34 -81.97
N ASP QB 274 18.18 -41.76 -81.10
CA ASP QB 274 19.12 -42.82 -81.47
C ASP QB 274 18.44 -44.18 -81.46
N THR QB 275 17.33 -44.32 -80.72
CA THR QB 275 16.52 -45.53 -80.80
C THR QB 275 15.06 -45.21 -81.08
N ASN QB 276 14.75 -43.95 -81.45
CA ASN QB 276 13.41 -43.49 -81.84
C ASN QB 276 12.39 -43.72 -80.71
N SER QB 277 12.63 -43.06 -79.59
CA SER QB 277 11.81 -43.28 -78.42
C SER QB 277 11.80 -42.03 -77.55
N LEU QB 278 10.74 -41.90 -76.75
CA LEU QB 278 10.59 -40.79 -75.83
C LEU QB 278 11.07 -41.19 -74.43
N LEU QB 279 11.53 -40.20 -73.68
CA LEU QB 279 11.96 -40.39 -72.30
C LEU QB 279 11.10 -39.50 -71.42
N VAL QB 280 10.26 -40.13 -70.59
CA VAL QB 280 9.34 -39.41 -69.71
C VAL QB 280 9.79 -39.66 -68.27
N LYS QB 281 9.91 -38.59 -67.49
CA LYS QB 281 10.28 -38.67 -66.08
C LYS QB 281 9.17 -38.06 -65.24
N GLY QB 282 8.58 -38.87 -64.37
CA GLY QB 282 7.54 -38.40 -63.49
C GLY QB 282 7.22 -39.44 -62.46
N THR QB 283 6.05 -39.31 -61.84
CA THR QB 283 5.60 -40.31 -60.89
C THR QB 283 5.11 -41.56 -61.63
N ALA QB 284 4.69 -42.57 -60.87
CA ALA QB 284 4.23 -43.80 -61.47
C ALA QB 284 2.85 -43.67 -62.10
N GLU QB 285 2.13 -42.60 -61.79
CA GLU QB 285 0.81 -42.36 -62.38
C GLU QB 285 0.87 -41.42 -63.57
N GLN QB 286 1.87 -40.53 -63.62
CA GLN QB 286 2.02 -39.65 -64.77
C GLN QB 286 2.71 -40.33 -65.93
N VAL QB 287 3.56 -41.33 -65.66
CA VAL QB 287 4.22 -42.06 -66.72
C VAL QB 287 3.21 -42.93 -67.46
N HIS QB 288 2.31 -43.58 -66.71
CA HIS QB 288 1.21 -44.33 -67.33
C HIS QB 288 0.21 -43.42 -68.04
N PHE QB 289 0.16 -42.14 -67.67
CA PHE QB 289 -0.78 -41.22 -68.29
C PHE QB 289 -0.30 -40.79 -69.67
N ILE QB 290 1.02 -40.65 -69.86
CA ILE QB 290 1.55 -40.28 -71.16
C ILE QB 290 1.66 -41.50 -72.07
N GLU QB 291 1.82 -42.70 -71.49
CA GLU QB 291 1.92 -43.92 -72.29
C GLU QB 291 0.59 -44.26 -72.97
N MET QB 292 -0.53 -43.87 -72.38
CA MET QB 292 -1.82 -44.08 -73.02
C MET QB 292 -2.12 -43.03 -74.08
N LEU QB 293 -1.49 -41.85 -74.00
CA LEU QB 293 -1.67 -40.84 -75.03
C LEU QB 293 -0.85 -41.17 -76.27
N VAL QB 294 0.36 -41.72 -76.06
CA VAL QB 294 1.28 -42.02 -77.15
C VAL QB 294 0.73 -43.14 -78.04
N LYS QB 295 0.09 -44.14 -77.44
CA LYS QB 295 -0.48 -45.23 -78.22
C LYS QB 295 -1.74 -44.83 -79.00
N ALA QB 296 -2.26 -43.64 -78.78
CA ALA QB 296 -3.36 -43.13 -79.59
C ALA QB 296 -2.89 -42.24 -80.73
N LEU QB 297 -1.69 -41.67 -80.61
CA LEU QB 297 -1.10 -40.86 -81.67
C LEU QB 297 -0.17 -41.66 -82.58
N ASP QB 298 -0.06 -42.97 -82.36
CA ASP QB 298 0.90 -43.80 -83.10
C ASP QB 298 0.13 -44.79 -83.96
N VAL QB 299 -0.22 -44.36 -85.16
CA VAL QB 299 -0.96 -45.19 -86.10
C VAL QB 299 -0.22 -45.22 -87.43
N ALA QB 300 -0.47 -46.28 -88.20
CA ALA QB 300 0.15 -46.45 -89.50
C ALA QB 300 -0.58 -45.62 -90.55
N LYS QB 301 0.19 -45.08 -91.50
CA LYS QB 301 -0.32 -44.16 -92.50
C LYS QB 301 -0.54 -44.87 -93.83
N ARG QB 302 -1.26 -44.19 -94.72
CA ARG QB 302 -1.56 -44.69 -96.05
C ARG QB 302 -0.87 -43.81 -97.09
N HIS QB 303 -0.67 -44.38 -98.27
CA HIS QB 303 0.08 -43.72 -99.32
C HIS QB 303 -0.86 -43.11 -100.36
N VAL QB 304 -0.53 -41.90 -100.80
CA VAL QB 304 -1.25 -41.20 -101.84
C VAL QB 304 -0.28 -40.89 -102.97
N GLU QB 305 -0.68 -41.22 -104.20
CA GLU QB 305 0.10 -40.87 -105.39
C GLU QB 305 -0.68 -39.84 -106.18
N LEU QB 306 -0.08 -38.67 -106.38
CA LEU QB 306 -0.75 -37.54 -107.03
C LEU QB 306 -0.21 -37.38 -108.44
N SER QB 307 -1.10 -37.36 -109.41
CA SER QB 307 -0.76 -37.20 -110.82
C SER QB 307 -1.44 -35.95 -111.35
N LEU QB 308 -0.66 -35.07 -111.96
CA LEU QB 308 -1.14 -33.78 -112.45
C LEU QB 308 -0.92 -33.71 -113.95
N TRP QB 309 -1.97 -33.38 -114.70
CA TRP QB 309 -1.90 -33.27 -116.15
C TRP QB 309 -1.88 -31.81 -116.56
N ILE QB 310 -0.98 -31.45 -117.47
CA ILE QB 310 -0.89 -30.11 -118.04
C ILE QB 310 -0.98 -30.26 -119.55
N VAL QB 311 -2.14 -29.94 -120.12
CA VAL QB 311 -2.40 -30.07 -121.54
C VAL QB 311 -2.34 -28.70 -122.16
N ASP QB 312 -1.65 -28.58 -123.29
CA ASP QB 312 -1.42 -27.29 -123.94
C ASP QB 312 -1.56 -27.48 -125.45
N LEU QB 313 -2.53 -26.80 -126.05
CA LEU QB 313 -2.75 -26.90 -127.47
C LEU QB 313 -2.67 -25.52 -128.11
N ASN QB 314 -2.32 -25.50 -129.39
CA ASN QB 314 -2.24 -24.27 -130.17
C ASN QB 314 -2.76 -24.53 -131.58
N LYS QB 315 -2.98 -23.43 -132.30
CA LYS QB 315 -3.43 -23.42 -133.68
C LYS QB 315 -3.26 -22.02 -134.20
N SER QB 316 -3.02 -21.89 -135.50
CA SER QB 316 -2.76 -20.58 -136.07
C SER QB 316 -3.10 -20.56 -137.55
N ASP QB 317 -3.10 -19.36 -138.12
CA ASP QB 317 -3.40 -19.13 -139.52
C ASP QB 317 -2.91 -17.73 -139.85
N LEU QB 318 -2.47 -17.52 -141.09
CA LEU QB 318 -1.88 -16.25 -141.49
C LEU QB 318 -1.84 -16.18 -143.02
N GLU QB 319 -2.12 -15.01 -143.56
CA GLU QB 319 -2.06 -14.80 -145.01
C GLU QB 319 -1.86 -13.32 -145.29
N ARG QB 320 -0.78 -12.97 -145.98
CA ARG QB 320 -0.56 -11.62 -146.47
C ARG QB 320 -0.40 -11.65 -147.99
N LEU QB 321 -0.98 -10.67 -148.66
CA LEU QB 321 -0.89 -10.60 -150.12
C LEU QB 321 -1.15 -9.17 -150.57
N GLY QB 322 -0.13 -8.51 -151.10
CA GLY QB 322 -0.31 -7.17 -151.62
C GLY QB 322 0.99 -6.40 -151.56
N THR QB 323 0.94 -5.18 -152.10
CA THR QB 323 2.08 -4.29 -152.19
C THR QB 323 1.83 -3.03 -151.36
N SER QB 324 2.89 -2.22 -151.23
CA SER QB 324 2.82 -0.99 -150.46
C SER QB 324 3.91 -0.05 -150.94
N TRP QB 325 3.52 1.09 -151.53
CA TRP QB 325 4.46 2.01 -152.17
C TRP QB 325 4.87 3.10 -151.20
N SER QB 326 6.19 3.33 -151.10
CA SER QB 326 6.72 4.37 -150.21
C SER QB 326 8.13 4.72 -150.69
N GLY QB 327 8.30 5.92 -151.23
CA GLY QB 327 9.60 6.33 -151.73
C GLY QB 327 9.67 7.80 -152.04
N SER QB 328 10.87 8.23 -152.43
CA SER QB 328 11.14 9.61 -152.82
C SER QB 328 11.73 9.67 -154.23
N ILE QB 329 11.79 10.88 -154.78
CA ILE QB 329 12.29 11.08 -156.14
C ILE QB 329 12.86 12.49 -156.20
N THR QB 330 13.64 12.77 -157.24
CA THR QB 330 14.18 14.10 -157.50
C THR QB 330 14.02 14.42 -158.98
N ILE QB 331 13.32 15.52 -159.28
CA ILE QB 331 12.94 15.87 -160.64
C ILE QB 331 13.66 17.16 -161.01
N GLY QB 332 14.79 17.03 -161.70
CA GLY QB 332 15.46 18.17 -162.30
C GLY QB 332 16.01 19.21 -161.36
N ASP QB 333 16.48 18.79 -160.17
CA ASP QB 333 17.17 19.58 -159.12
C ASP QB 333 16.49 20.90 -158.77
N LYS QB 334 15.18 20.99 -158.98
CA LYS QB 334 14.40 22.15 -158.60
C LYS QB 334 13.10 21.81 -157.88
N LEU QB 335 12.57 20.59 -158.04
CA LEU QB 335 11.40 20.16 -157.30
C LEU QB 335 11.47 18.66 -157.10
N GLY QB 336 11.03 18.22 -155.93
CA GLY QB 336 11.05 16.81 -155.60
C GLY QB 336 9.70 16.38 -155.07
N VAL QB 337 9.38 15.10 -155.29
CA VAL QB 337 8.10 14.52 -154.93
C VAL QB 337 8.34 13.38 -153.96
N SER QB 338 7.68 13.42 -152.81
CA SER QB 338 7.70 12.31 -151.86
C SER QB 338 6.39 11.55 -151.97
N LEU QB 339 6.32 10.41 -151.29
CA LEU QB 339 5.12 9.58 -151.29
C LEU QB 339 5.10 8.75 -150.02
N ASN QB 340 4.12 9.03 -149.15
CA ASN QB 340 3.83 8.27 -147.92
C ASN QB 340 5.02 8.21 -146.98
N GLN QB 341 5.69 9.34 -146.78
CA GLN QB 341 6.87 9.40 -145.93
C GLN QB 341 6.78 10.60 -144.99
N SER QB 342 7.72 10.65 -144.06
CA SER QB 342 7.86 11.78 -143.15
C SER QB 342 9.18 12.52 -143.35
N SER QB 343 10.28 11.77 -143.46
CA SER QB 343 11.60 12.33 -143.72
C SER QB 343 11.95 12.13 -145.19
N ILE QB 344 12.39 13.20 -145.85
CA ILE QB 344 12.62 13.18 -147.29
C ILE QB 344 14.09 13.48 -147.54
N SER QB 345 14.72 14.25 -146.63
CA SER QB 345 16.07 14.75 -146.86
C SER QB 345 17.12 13.65 -146.78
N THR QB 346 17.01 12.78 -145.77
CA THR QB 346 17.95 11.68 -145.64
C THR QB 346 17.66 10.53 -146.61
N LEU QB 347 16.49 10.54 -147.25
CA LEU QB 347 16.18 9.60 -148.33
C LEU QB 347 16.05 10.33 -149.67
N ASP QB 348 16.83 11.39 -149.87
CA ASP QB 348 16.73 12.17 -151.10
C ASP QB 348 17.40 11.48 -152.28
N GLY QB 349 18.52 10.80 -152.04
CA GLY QB 349 19.20 10.08 -153.09
C GLY QB 349 18.67 8.70 -153.40
N SER QB 350 17.60 8.29 -152.74
CA SER QB 350 17.01 6.97 -152.95
C SER QB 350 15.92 7.04 -154.02
N ARG QB 351 15.12 5.98 -154.12
CA ARG QB 351 14.11 5.86 -155.16
C ARG QB 351 12.79 5.37 -154.58
N PHE QB 352 11.84 5.03 -155.45
CA PHE QB 352 10.58 4.45 -155.00
C PHE QB 352 10.78 3.01 -154.59
N ILE QB 353 10.07 2.58 -153.54
CA ILE QB 353 10.15 1.22 -153.04
C ILE QB 353 8.75 0.62 -153.09
N ALA QB 354 8.61 -0.55 -153.71
CA ALA QB 354 7.35 -1.27 -153.79
C ALA QB 354 7.50 -2.56 -153.01
N ALA QB 355 7.24 -2.51 -151.72
CA ALA QB 355 7.41 -3.67 -150.85
C ALA QB 355 6.26 -4.65 -151.07
N VAL QB 356 6.59 -5.84 -151.58
CA VAL QB 356 5.60 -6.87 -151.89
C VAL QB 356 5.66 -7.92 -150.78
N ASN QB 357 4.50 -8.42 -150.38
CA ASN QB 357 4.39 -9.48 -149.40
C ASN QB 357 3.53 -10.60 -149.96
N ALA QB 358 3.98 -11.83 -149.75
CA ALA QB 358 3.21 -13.01 -150.15
C ALA QB 358 3.55 -14.15 -149.20
N LEU QB 359 2.55 -14.65 -148.49
CA LEU QB 359 2.76 -15.66 -147.46
C LEU QB 359 1.42 -16.32 -147.15
N GLU QB 360 1.48 -17.58 -146.73
CA GLU QB 360 0.29 -18.32 -146.34
C GLU QB 360 0.74 -19.43 -145.39
N GLU QB 361 0.43 -19.29 -144.11
CA GLU QB 361 1.04 -20.10 -143.06
C GLU QB 361 -0.03 -20.82 -142.25
N LYS QB 362 0.21 -22.09 -141.94
CA LYS QB 362 -0.57 -22.86 -140.99
C LYS QB 362 0.35 -23.34 -139.87
N LYS QB 363 -0.25 -23.70 -138.75
CA LYS QB 363 0.54 -24.09 -137.58
C LYS QB 363 -0.33 -24.92 -136.64
N GLN QB 364 0.34 -25.75 -135.84
CA GLN QB 364 -0.31 -26.58 -134.84
C GLN QB 364 0.75 -27.08 -133.87
N ALA QB 365 0.41 -27.16 -132.58
CA ALA QB 365 1.37 -27.59 -131.57
C ALA QB 365 0.61 -28.13 -130.36
N THR QB 366 0.96 -29.35 -129.94
CA THR QB 366 0.41 -29.97 -128.76
C THR QB 366 1.53 -30.32 -127.81
N VAL QB 367 1.31 -30.10 -126.51
CA VAL QB 367 2.26 -30.45 -125.46
C VAL QB 367 1.48 -31.01 -124.28
N VAL QB 368 1.82 -32.23 -123.86
CA VAL QB 368 1.20 -32.87 -122.70
C VAL QB 368 2.30 -33.25 -121.73
N SER QB 369 2.33 -32.60 -120.57
CA SER QB 369 3.32 -32.86 -119.53
C SER QB 369 2.63 -33.37 -118.28
N ARG QB 370 3.34 -34.18 -117.49
CA ARG QB 370 2.74 -34.87 -116.36
C ARG QB 370 3.77 -35.17 -115.28
N PRO QB 371 3.72 -34.47 -114.14
CA PRO QB 371 4.53 -34.88 -112.99
C PRO QB 371 3.77 -35.80 -112.04
N VAL QB 372 4.50 -36.76 -111.46
CA VAL QB 372 3.95 -37.76 -110.55
C VAL QB 372 4.73 -37.68 -109.25
N LEU QB 373 4.02 -37.75 -108.11
CA LEU QB 373 4.64 -37.64 -106.80
C LEU QB 373 3.92 -38.56 -105.82
N LEU QB 374 4.67 -39.18 -104.91
CA LEU QB 374 4.13 -40.13 -103.95
C LEU QB 374 4.46 -39.66 -102.53
N THR QB 375 3.46 -39.67 -101.66
CA THR QB 375 3.63 -39.26 -100.27
C THR QB 375 2.61 -40.00 -99.41
N GLN QB 376 2.58 -39.64 -98.12
CA GLN QB 376 1.69 -40.26 -97.14
C GLN QB 376 0.62 -39.26 -96.73
N GLU QB 377 -0.26 -39.70 -95.82
CA GLU QB 377 -1.26 -38.80 -95.26
C GLU QB 377 -0.61 -37.74 -94.40
N ASN QB 378 -1.13 -36.51 -94.51
CA ASN QB 378 -0.78 -35.37 -93.65
C ASN QB 378 0.71 -35.02 -93.69
N VAL QB 379 1.37 -35.31 -94.79
CA VAL QB 379 2.80 -35.07 -94.94
C VAL QB 379 2.99 -34.17 -96.17
N PRO QB 380 3.61 -33.00 -96.02
CA PRO QB 380 3.86 -32.14 -97.18
C PRO QB 380 4.99 -32.69 -98.04
N ALA QB 381 4.77 -32.71 -99.35
CA ALA QB 381 5.75 -33.21 -100.29
C ALA QB 381 6.00 -32.16 -101.37
N ILE QB 382 7.16 -32.26 -102.03
CA ILE QB 382 7.56 -31.30 -103.05
C ILE QB 382 8.15 -32.06 -104.24
N PHE QB 383 7.64 -31.77 -105.43
CA PHE QB 383 8.30 -32.10 -106.68
C PHE QB 383 8.73 -30.78 -107.33
N ASP QB 384 9.94 -30.75 -107.86
CA ASP QB 384 10.50 -29.53 -108.42
C ASP QB 384 11.38 -29.88 -109.61
N ASN QB 385 11.19 -29.16 -110.72
CA ASN QB 385 12.00 -29.35 -111.92
C ASN QB 385 12.27 -27.96 -112.49
N ASN QB 386 13.39 -27.36 -112.09
CA ASN QB 386 13.62 -25.95 -112.36
C ASN QB 386 14.88 -25.75 -113.19
N ARG QB 387 15.21 -24.48 -113.40
CA ARG QB 387 16.37 -24.06 -114.18
C ARG QB 387 16.85 -22.74 -113.62
N THR QB 388 18.16 -22.62 -113.39
CA THR QB 388 18.74 -21.46 -112.72
C THR QB 388 19.60 -20.71 -113.71
N PHE QB 389 19.52 -19.38 -113.67
CA PHE QB 389 20.24 -18.49 -114.58
C PHE QB 389 21.09 -17.54 -113.75
N TYR QB 390 22.41 -17.68 -113.86
CA TYR QB 390 23.33 -16.91 -113.03
C TYR QB 390 23.86 -15.71 -113.81
N THR QB 391 23.93 -14.57 -113.14
CA THR QB 391 24.40 -13.33 -113.76
C THR QB 391 25.50 -12.72 -112.91
N LYS QB 392 26.31 -11.88 -113.54
CA LYS QB 392 27.49 -11.29 -112.90
C LYS QB 392 27.26 -9.79 -112.72
N LEU QB 393 26.79 -9.42 -111.54
CA LEU QB 393 26.61 -8.02 -111.17
C LEU QB 393 27.96 -7.50 -110.68
N ILE QB 394 28.66 -6.77 -111.54
CA ILE QB 394 30.02 -6.34 -111.24
C ILE QB 394 29.94 -5.08 -110.38
N GLY QB 395 29.80 -5.29 -109.08
CA GLY QB 395 29.87 -4.23 -108.10
C GLY QB 395 31.24 -4.20 -107.46
N GLU QB 396 31.33 -3.50 -106.33
CA GLU QB 396 32.59 -3.44 -105.60
C GLU QB 396 32.50 -3.97 -104.17
N ARG QB 397 31.36 -3.81 -103.50
CA ARG QB 397 31.28 -4.12 -102.07
C ARG QB 397 30.54 -5.41 -101.78
N ASN QB 398 29.26 -5.42 -102.14
CA ASN QB 398 28.38 -6.53 -101.88
C ASN QB 398 28.24 -7.26 -103.20
N VAL QB 399 29.37 -7.72 -103.72
CA VAL QB 399 29.42 -8.48 -104.96
C VAL QB 399 28.70 -9.79 -104.73
N ALA QB 400 27.86 -10.18 -105.69
CA ALA QB 400 26.99 -11.32 -105.48
C ALA QB 400 26.69 -11.97 -106.81
N LEU QB 401 26.40 -13.26 -106.76
CA LEU QB 401 25.88 -13.99 -107.90
C LEU QB 401 24.36 -13.99 -107.71
N GLU QB 402 23.67 -13.17 -108.48
CA GLU QB 402 22.22 -13.13 -108.43
C GLU QB 402 21.66 -14.12 -109.44
N HIS QB 403 20.52 -14.70 -109.12
CA HIS QB 403 19.97 -15.78 -109.94
C HIS QB 403 18.46 -15.70 -109.98
N VAL QB 404 17.90 -16.19 -111.09
CA VAL QB 404 16.47 -16.38 -111.23
C VAL QB 404 16.23 -17.86 -111.41
N THR QB 405 14.98 -18.29 -111.18
CA THR QB 405 14.63 -19.70 -111.19
C THR QB 405 13.23 -19.85 -111.75
N TYR QB 406 13.04 -20.82 -112.65
CA TYR QB 406 11.74 -21.05 -113.24
C TYR QB 406 11.61 -22.53 -113.59
N GLY QB 407 10.42 -23.08 -113.42
CA GLY QB 407 10.18 -24.46 -113.78
C GLY QB 407 8.91 -24.98 -113.13
N THR QB 408 8.65 -26.26 -113.35
CA THR QB 408 7.47 -26.93 -112.81
C THR QB 408 7.68 -27.22 -111.33
N MET QB 409 6.63 -27.06 -110.53
CA MET QB 409 6.74 -27.21 -109.09
C MET QB 409 5.36 -27.50 -108.50
N ILE QB 410 5.27 -28.57 -107.70
CA ILE QB 410 4.04 -28.92 -106.99
C ILE QB 410 4.38 -29.04 -105.51
N ARG QB 411 3.51 -28.51 -104.66
CA ARG QB 411 3.58 -28.74 -103.23
C ARG QB 411 2.18 -29.11 -102.74
N VAL QB 412 2.02 -30.33 -102.24
CA VAL QB 412 0.71 -30.88 -101.94
C VAL QB 412 0.70 -31.36 -100.49
N LEU QB 413 -0.49 -31.41 -99.91
CA LEU QB 413 -0.69 -31.88 -98.53
C LEU QB 413 -1.96 -32.71 -98.53
N PRO QB 414 -1.85 -34.01 -98.78
CA PRO QB 414 -3.05 -34.83 -98.91
C PRO QB 414 -3.61 -35.25 -97.57
N ARG QB 415 -4.89 -35.61 -97.59
CA ARG QB 415 -5.62 -35.95 -96.37
C ARG QB 415 -6.88 -36.70 -96.74
N PHE QB 416 -7.14 -37.82 -96.07
CA PHE QB 416 -8.35 -38.60 -96.34
C PHE QB 416 -9.51 -38.06 -95.52
N SER QB 417 -10.68 -37.96 -96.16
CA SER QB 417 -11.88 -37.53 -95.48
C SER QB 417 -12.56 -38.75 -94.85
N ALA QB 418 -13.79 -38.55 -94.35
CA ALA QB 418 -14.49 -39.63 -93.68
C ALA QB 418 -15.15 -40.59 -94.66
N ASP QB 419 -15.42 -40.15 -95.88
CA ASP QB 419 -16.09 -40.96 -96.88
C ASP QB 419 -15.14 -41.73 -97.78
N GLY QB 420 -13.85 -41.42 -97.72
CA GLY QB 420 -12.88 -42.01 -98.61
C GLY QB 420 -12.41 -41.11 -99.73
N GLN QB 421 -12.76 -39.82 -99.69
CA GLN QB 421 -12.28 -38.87 -100.66
C GLN QB 421 -10.99 -38.23 -100.17
N ILE QB 422 -10.22 -37.69 -101.11
CA ILE QB 422 -8.89 -37.15 -100.83
C ILE QB 422 -8.92 -35.65 -101.05
N GLU QB 423 -8.75 -34.89 -99.97
CA GLU QB 423 -8.65 -33.44 -100.05
C GLU QB 423 -7.19 -33.02 -100.09
N MET QB 424 -6.89 -32.04 -100.95
CA MET QB 424 -5.52 -31.62 -101.19
C MET QB 424 -5.41 -30.11 -101.10
N SER QB 425 -4.25 -29.64 -100.65
CA SER QB 425 -3.94 -28.22 -100.57
C SER QB 425 -2.81 -27.94 -101.55
N LEU QB 426 -3.15 -27.37 -102.71
CA LEU QB 426 -2.26 -27.35 -103.85
C LEU QB 426 -1.53 -26.01 -103.97
N ASP QB 427 -0.34 -26.06 -104.55
CA ASP QB 427 0.47 -24.89 -104.90
C ASP QB 427 1.23 -25.24 -106.17
N ILE QB 428 0.67 -24.89 -107.33
CA ILE QB 428 1.17 -25.32 -108.62
C ILE QB 428 1.83 -24.14 -109.30
N GLU QB 429 3.02 -24.36 -109.87
CA GLU QB 429 3.71 -23.39 -110.69
C GLU QB 429 4.22 -24.08 -111.95
N ASP QB 430 3.96 -23.50 -113.12
CA ASP QB 430 4.46 -24.02 -114.38
C ASP QB 430 4.98 -22.84 -115.20
N GLY QB 431 6.29 -22.74 -115.31
CA GLY QB 431 6.92 -21.63 -116.02
C GLY QB 431 7.86 -22.13 -117.09
N ASN QB 432 8.15 -21.27 -118.05
CA ASN QB 432 9.11 -21.54 -119.10
C ASN QB 432 9.75 -20.23 -119.54
N ASP QB 433 10.63 -20.30 -120.51
CA ASP QB 433 11.43 -19.15 -120.94
C ASP QB 433 10.91 -18.63 -122.26
N LYS QB 434 10.39 -17.41 -122.25
CA LYS QB 434 9.97 -16.74 -123.48
C LYS QB 434 11.17 -16.07 -124.12
N THR QB 435 11.27 -16.20 -125.45
CA THR QB 435 12.44 -15.72 -126.17
C THR QB 435 12.07 -14.53 -127.04
N PRO QB 436 12.76 -13.40 -126.89
CA PRO QB 436 12.60 -12.31 -127.86
C PRO QB 436 13.38 -12.56 -129.14
N GLN QB 437 13.46 -11.54 -130.00
CA GLN QB 437 14.13 -11.68 -131.29
C GLN QB 437 15.63 -11.89 -131.09
N SER QB 438 16.18 -12.90 -131.77
CA SER QB 438 17.58 -13.28 -131.58
C SER QB 438 18.56 -12.34 -132.27
N ASP QB 439 18.12 -11.58 -133.27
CA ASP QB 439 19.03 -10.77 -134.06
C ASP QB 439 19.49 -9.50 -133.33
N THR QB 440 18.73 -9.02 -132.35
CA THR QB 440 19.08 -7.81 -131.63
C THR QB 440 19.98 -8.14 -130.44
N THR QB 441 20.66 -7.11 -129.94
CA THR QB 441 21.74 -7.20 -128.96
C THR QB 441 21.26 -7.74 -127.61
N THR QB 442 19.97 -7.59 -127.26
CA THR QB 442 19.48 -7.99 -125.94
C THR QB 442 19.37 -9.51 -125.75
N SER QB 443 19.83 -10.32 -126.70
CA SER QB 443 19.89 -11.76 -126.52
C SER QB 443 21.18 -12.24 -125.88
N VAL QB 444 22.18 -11.36 -125.70
CA VAL QB 444 23.44 -11.77 -125.11
C VAL QB 444 23.60 -11.30 -123.67
N ASP QB 445 22.73 -10.40 -123.19
CA ASP QB 445 22.79 -9.97 -121.80
C ASP QB 445 21.82 -10.80 -120.96
N ALA QB 446 21.68 -10.41 -119.70
CA ALA QB 446 20.89 -11.18 -118.73
C ALA QB 446 19.41 -10.75 -118.82
N LEU QB 447 18.80 -11.09 -119.94
CA LEU QB 447 17.36 -10.88 -120.15
C LEU QB 447 16.72 -12.19 -120.61
N PRO QB 448 16.50 -13.15 -119.70
CA PRO QB 448 15.56 -14.24 -119.98
C PRO QB 448 14.14 -13.86 -119.58
N GLU QB 449 13.33 -13.29 -120.47
CA GLU QB 449 11.93 -13.01 -120.15
C GLU QB 449 11.19 -14.27 -119.74
N VAL QB 450 10.86 -14.37 -118.45
CA VAL QB 450 10.23 -15.55 -117.86
C VAL QB 450 8.73 -15.33 -117.81
N GLY QB 451 7.97 -16.32 -118.28
CA GLY QB 451 6.53 -16.34 -118.11
C GLY QB 451 6.13 -17.53 -117.25
N ARG QB 452 5.36 -17.25 -116.19
CA ARG QB 452 4.97 -18.26 -115.22
C ARG QB 452 3.45 -18.41 -115.21
N THR QB 453 2.99 -19.39 -114.43
CA THR QB 453 1.56 -19.65 -114.26
C THR QB 453 1.37 -20.24 -112.88
N LEU QB 454 0.70 -19.50 -112.01
CA LEU QB 454 0.58 -19.86 -110.60
C LEU QB 454 -0.88 -20.16 -110.26
N ILE QB 455 -1.11 -21.20 -109.48
CA ILE QB 455 -2.45 -21.61 -109.05
C ILE QB 455 -2.34 -22.07 -107.60
N SER QB 456 -3.20 -21.53 -106.74
CA SER QB 456 -3.24 -21.90 -105.34
C SER QB 456 -4.69 -22.04 -104.90
N THR QB 457 -5.09 -23.26 -104.54
CA THR QB 457 -6.49 -23.53 -104.23
C THR QB 457 -6.57 -24.77 -103.35
N ILE QB 458 -7.80 -25.24 -103.09
CA ILE QB 458 -8.05 -26.46 -102.32
C ILE QB 458 -9.16 -27.23 -103.02
N ALA QB 459 -8.93 -28.50 -103.33
CA ALA QB 459 -9.93 -29.32 -104.01
C ALA QB 459 -10.06 -30.66 -103.30
N ARG QB 460 -11.17 -31.35 -103.56
CA ARG QB 460 -11.46 -32.63 -102.92
C ARG QB 460 -12.02 -33.60 -103.95
N VAL QB 461 -11.25 -34.63 -104.27
CA VAL QB 461 -11.55 -35.58 -105.34
C VAL QB 461 -11.83 -36.94 -104.72
N PRO QB 462 -12.75 -37.74 -105.25
CA PRO QB 462 -12.84 -39.14 -104.82
C PRO QB 462 -11.64 -39.94 -105.31
N HIS QB 463 -11.55 -41.18 -104.84
CA HIS QB 463 -10.42 -42.04 -105.16
C HIS QB 463 -10.54 -42.57 -106.57
N GLY QB 464 -9.64 -42.14 -107.45
CA GLY QB 464 -9.63 -42.59 -108.82
C GLY QB 464 -10.28 -41.66 -109.83
N LYS QB 465 -11.06 -40.69 -109.37
CA LYS QB 465 -11.70 -39.73 -110.26
C LYS QB 465 -10.78 -38.53 -110.44
N SER QB 466 -11.29 -37.49 -111.10
CA SER QB 466 -10.45 -36.35 -111.45
C SER QB 466 -11.26 -35.06 -111.38
N LEU QB 467 -10.53 -33.94 -111.32
CA LEU QB 467 -11.14 -32.62 -111.26
C LEU QB 467 -10.31 -31.65 -112.09
N LEU QB 468 -10.98 -30.64 -112.63
CA LEU QB 468 -10.31 -29.58 -113.38
C LEU QB 468 -10.07 -28.40 -112.43
N VAL QB 469 -8.80 -28.07 -112.23
CA VAL QB 469 -8.43 -27.05 -111.25
C VAL QB 469 -8.29 -25.68 -111.90
N GLY QB 470 -7.52 -25.58 -112.97
CA GLY QB 470 -7.34 -24.30 -113.63
C GLY QB 470 -7.77 -24.34 -115.08
N GLY QB 471 -7.39 -23.34 -115.86
CA GLY QB 471 -7.75 -23.30 -117.26
C GLY QB 471 -7.54 -21.93 -117.83
N TYR QB 472 -7.45 -21.89 -119.16
CA TYR QB 472 -7.25 -20.67 -119.93
C TYR QB 472 -7.53 -20.92 -121.41
N THR QB 473 -8.38 -20.10 -122.02
CA THR QB 473 -8.59 -20.13 -123.47
C THR QB 473 -8.40 -18.73 -124.02
N ARG QB 474 -8.13 -18.65 -125.32
CA ARG QB 474 -7.98 -17.37 -126.00
C ARG QB 474 -8.23 -17.54 -127.49
N ASP QB 475 -9.10 -16.71 -128.05
CA ASP QB 475 -9.41 -16.71 -129.47
C ASP QB 475 -9.20 -15.31 -130.04
N ALA QB 476 -8.74 -15.23 -131.29
CA ALA QB 476 -8.47 -13.95 -131.90
C ALA QB 476 -8.65 -14.04 -133.41
N ASN QB 477 -8.99 -12.91 -134.02
CA ASN QB 477 -9.14 -12.82 -135.47
C ASN QB 477 -9.04 -11.36 -135.88
N THR QB 478 -7.96 -11.02 -136.57
CA THR QB 478 -7.76 -9.67 -137.10
C THR QB 478 -7.66 -9.73 -138.62
N ASP QB 479 -7.96 -8.60 -139.27
CA ASP QB 479 -7.81 -8.47 -140.72
C ASP QB 479 -7.78 -7.00 -141.11
N THR QB 480 -6.77 -6.61 -141.90
CA THR QB 480 -6.61 -5.26 -142.39
C THR QB 480 -6.74 -5.23 -143.91
N VAL QB 481 -7.14 -4.08 -144.45
CA VAL QB 481 -7.21 -3.87 -145.89
C VAL QB 481 -6.71 -2.47 -146.18
N GLN QB 482 -5.66 -2.36 -146.98
CA GLN QB 482 -5.15 -1.07 -147.44
C GLN QB 482 -5.22 -1.00 -148.96
N SER QB 483 -5.27 0.22 -149.49
CA SER QB 483 -5.30 0.43 -150.93
C SER QB 483 -4.89 1.85 -151.24
N ILE QB 484 -4.66 2.10 -152.53
CA ILE QB 484 -4.55 3.44 -153.10
C ILE QB 484 -5.99 3.82 -153.45
N PRO QB 485 -6.42 5.08 -153.24
CA PRO QB 485 -7.85 5.40 -153.36
C PRO QB 485 -8.47 5.20 -154.75
N PHE QB 486 -7.79 5.59 -155.82
CA PHE QB 486 -8.36 5.42 -157.15
C PHE QB 486 -7.74 4.27 -157.94
N LEU QB 487 -6.43 4.05 -157.80
CA LEU QB 487 -5.77 3.01 -158.57
C LEU QB 487 -6.08 1.61 -158.05
N GLY QB 488 -6.61 1.49 -156.84
CA GLY QB 488 -6.92 0.18 -156.28
C GLY QB 488 -8.20 -0.44 -156.77
N LYS QB 489 -8.96 0.24 -157.63
CA LYS QB 489 -10.20 -0.29 -158.16
C LYS QB 489 -10.14 -0.57 -159.66
N LEU QB 490 -8.94 -0.58 -160.23
CA LEU QB 490 -8.78 -0.93 -161.63
C LEU QB 490 -9.02 -2.43 -161.82
N PRO QB 491 -9.54 -2.86 -162.99
CA PRO QB 491 -9.90 -4.27 -163.18
C PRO QB 491 -8.73 -5.25 -163.15
N LEU QB 492 -7.71 -5.03 -163.98
CA LEU QB 492 -6.59 -5.97 -164.08
C LEU QB 492 -5.27 -5.37 -163.62
N ILE QB 493 -5.21 -4.04 -163.44
CA ILE QB 493 -4.00 -3.41 -162.92
C ILE QB 493 -4.10 -3.13 -161.42
N GLY QB 494 -5.30 -3.05 -160.85
CA GLY QB 494 -5.51 -2.65 -159.47
C GLY QB 494 -5.04 -3.64 -158.42
N SER QB 495 -4.58 -4.83 -158.82
CA SER QB 495 -4.05 -5.77 -157.84
C SER QB 495 -2.67 -5.37 -157.35
N LEU QB 496 -1.97 -4.49 -158.07
CA LEU QB 496 -0.63 -4.07 -157.69
C LEU QB 496 -0.63 -2.96 -156.64
N PHE QB 497 -1.81 -2.53 -156.18
CA PHE QB 497 -1.89 -1.43 -155.22
C PHE QB 497 -2.63 -1.78 -153.94
N ARG QB 498 -3.42 -2.85 -153.91
CA ARG QB 498 -4.13 -3.23 -152.70
C ARG QB 498 -3.20 -4.00 -151.76
N TYR QB 499 -3.72 -4.27 -150.57
CA TYR QB 499 -3.01 -5.05 -149.56
C TYR QB 499 -4.05 -5.59 -148.59
N SER QB 500 -3.81 -6.81 -148.09
CA SER QB 500 -4.77 -7.45 -147.20
C SER QB 500 -4.06 -8.50 -146.37
N SER QB 501 -4.32 -8.49 -145.07
CA SER QB 501 -3.74 -9.47 -144.16
C SER QB 501 -4.83 -10.11 -143.33
N LYS QB 502 -4.49 -11.24 -142.70
CA LYS QB 502 -5.39 -11.96 -141.81
C LYS QB 502 -4.57 -12.57 -140.69
N ASN QB 503 -5.27 -13.03 -139.65
CA ASN QB 503 -4.65 -13.68 -138.50
C ASN QB 503 -5.72 -14.43 -137.73
N LYS QB 504 -5.33 -15.50 -137.06
CA LYS QB 504 -6.25 -16.31 -136.27
C LYS QB 504 -5.43 -17.18 -135.32
N SER QB 505 -5.92 -17.34 -134.09
CA SER QB 505 -5.22 -18.19 -133.12
C SER QB 505 -6.24 -18.77 -132.15
N ASN QB 506 -5.92 -19.95 -131.60
CA ASN QB 506 -6.77 -20.61 -130.63
C ASN QB 506 -5.88 -21.36 -129.65
N VAL QB 507 -5.81 -20.88 -128.41
CA VAL QB 507 -4.94 -21.44 -127.38
C VAL QB 507 -5.81 -22.04 -126.29
N VAL QB 508 -5.41 -23.22 -125.78
CA VAL QB 508 -6.10 -23.89 -124.69
C VAL QB 508 -5.05 -24.45 -123.73
N ARG QB 509 -5.13 -24.07 -122.46
CA ARG QB 509 -4.34 -24.68 -121.40
C ARG QB 509 -5.26 -25.12 -120.28
N VAL QB 510 -5.03 -26.31 -119.73
CA VAL QB 510 -5.81 -26.82 -118.60
C VAL QB 510 -4.89 -27.50 -117.61
N PHE QB 511 -5.37 -27.62 -116.38
CA PHE QB 511 -4.66 -28.30 -115.29
C PHE QB 511 -5.64 -29.27 -114.65
N MET QB 512 -5.25 -30.55 -114.57
CA MET QB 512 -6.14 -31.57 -114.03
C MET QB 512 -5.41 -32.37 -112.95
N ILE QB 513 -6.18 -32.85 -111.98
CA ILE QB 513 -5.66 -33.52 -110.80
C ILE QB 513 -6.33 -34.90 -110.71
N GLU QB 514 -5.54 -35.94 -110.49
CA GLU QB 514 -6.05 -37.31 -110.40
C GLU QB 514 -5.30 -38.06 -109.32
N PRO QB 515 -5.81 -38.08 -108.09
CA PRO QB 515 -5.14 -38.81 -107.01
C PRO QB 515 -5.66 -40.24 -106.87
N LYS QB 516 -4.81 -41.09 -106.31
CA LYS QB 516 -5.17 -42.47 -106.03
C LYS QB 516 -4.35 -42.98 -104.86
N GLU QB 517 -4.76 -44.12 -104.32
CA GLU QB 517 -4.18 -44.68 -103.11
C GLU QB 517 -3.32 -45.89 -103.46
N ILE QB 518 -2.12 -45.94 -102.88
CA ILE QB 518 -1.15 -46.98 -103.15
C ILE QB 518 -1.16 -47.96 -101.98
N VAL QB 519 -1.41 -49.23 -102.27
CA VAL QB 519 -1.38 -50.26 -101.25
C VAL QB 519 -0.38 -51.37 -101.54
N ASP QB 520 0.08 -51.53 -102.78
CA ASP QB 520 0.96 -52.61 -103.16
C ASP QB 520 2.25 -52.07 -103.77
N PRO QB 521 3.37 -52.78 -103.63
CA PRO QB 521 4.60 -52.37 -104.29
C PRO QB 521 4.56 -52.65 -105.79
N LEU QB 522 5.66 -52.31 -106.46
CA LEU QB 522 5.72 -52.43 -107.91
C LEU QB 522 5.81 -53.91 -108.32
N THR QB 523 5.15 -54.24 -109.43
CA THR QB 523 5.24 -55.57 -110.02
C THR QB 523 5.37 -55.44 -111.53
N PRO QB 524 6.43 -55.97 -112.16
CA PRO QB 524 7.64 -56.62 -111.59
C PRO QB 524 8.57 -55.62 -110.90
N ASP QB 525 9.66 -56.11 -110.31
CA ASP QB 525 10.49 -55.30 -109.43
C ASP QB 525 11.23 -54.22 -110.21
N ALA QB 526 11.74 -53.24 -109.47
CA ALA QB 526 12.46 -52.14 -110.10
C ALA QB 526 13.79 -52.58 -110.68
N SER QB 527 14.40 -53.60 -110.10
CA SER QB 527 15.65 -54.13 -110.64
C SER QB 527 15.42 -55.11 -111.78
N GLU QB 528 14.18 -55.49 -112.05
CA GLU QB 528 13.88 -56.39 -113.16
C GLU QB 528 13.45 -55.63 -114.41
N SER QB 529 12.81 -54.48 -114.26
CA SER QB 529 12.45 -53.67 -115.42
C SER QB 529 13.64 -52.89 -115.97
N VAL QB 530 14.67 -52.67 -115.15
CA VAL QB 530 15.85 -51.96 -115.62
C VAL QB 530 16.75 -52.89 -116.44
N ASN QB 531 16.83 -54.16 -116.04
CA ASN QB 531 17.63 -55.13 -116.77
C ASN QB 531 17.05 -55.45 -118.14
N ASN QB 532 15.77 -55.17 -118.37
CA ASN QB 532 15.19 -55.31 -119.71
C ASN QB 532 15.40 -54.06 -120.56
N ILE QB 533 15.60 -52.91 -119.92
CA ILE QB 533 15.89 -51.69 -120.66
C ILE QB 533 17.33 -51.71 -121.16
N LEU QB 534 18.26 -52.13 -120.31
CA LEU QB 534 19.67 -52.15 -120.68
C LEU QB 534 19.97 -53.21 -121.74
N LYS QB 535 19.23 -54.32 -121.74
CA LYS QB 535 19.45 -55.35 -122.75
C LYS QB 535 18.86 -54.96 -124.09
N GLN QB 536 17.76 -54.21 -124.10
CA GLN QB 536 17.13 -53.83 -125.37
C GLN QB 536 17.86 -52.67 -126.03
N SER QB 537 18.24 -51.66 -125.25
CA SER QB 537 18.92 -50.49 -125.82
C SER QB 537 20.39 -50.75 -126.10
N GLY QB 538 20.96 -51.84 -125.57
CA GLY QB 538 22.33 -52.17 -125.86
C GLY QB 538 23.36 -51.56 -124.92
N ALA QB 539 22.92 -50.98 -123.81
CA ALA QB 539 23.83 -50.38 -122.84
C ALA QB 539 24.22 -51.33 -121.72
N TRP QB 540 23.86 -52.61 -121.83
CA TRP QB 540 24.08 -53.56 -120.74
C TRP QB 540 25.53 -54.00 -120.71
N SER QB 541 26.12 -54.00 -119.52
CA SER QB 541 27.50 -54.44 -119.33
C SER QB 541 27.64 -55.31 -118.10
N GLY QB 542 26.68 -56.23 -117.91
CA GLY QB 542 26.81 -57.20 -116.84
C GLY QB 542 27.56 -58.46 -117.22
N ASP QB 543 27.94 -58.58 -118.49
CA ASP QB 543 28.70 -59.71 -118.99
C ASP QB 543 30.18 -59.39 -119.16
N ASP QB 544 30.63 -58.25 -118.65
CA ASP QB 544 32.02 -57.85 -118.81
C ASP QB 544 32.93 -58.69 -117.95
N LYS QB 545 34.13 -58.96 -118.47
CA LYS QB 545 35.06 -59.81 -117.74
C LYS QB 545 35.73 -59.05 -116.59
N LEU QB 546 35.90 -57.75 -116.74
CA LEU QB 546 36.62 -56.95 -115.76
C LEU QB 546 35.70 -56.30 -114.73
N GLN QB 547 34.50 -55.90 -115.11
CA GLN QB 547 33.59 -55.20 -114.20
C GLN QB 547 32.69 -56.14 -113.41
N LYS QB 548 32.72 -57.44 -113.68
CA LYS QB 548 31.88 -58.36 -112.95
C LYS QB 548 32.43 -58.70 -111.57
N TRP QB 549 33.68 -58.35 -111.28
CA TRP QB 549 34.24 -58.62 -109.96
C TRP QB 549 33.71 -57.66 -108.91
N VAL QB 550 33.22 -56.50 -109.32
CA VAL QB 550 32.70 -55.51 -108.38
C VAL QB 550 31.19 -55.36 -108.50
N ARG QB 551 30.62 -55.44 -109.70
CA ARG QB 551 29.17 -55.41 -109.91
C ARG QB 551 28.44 -56.63 -109.36
N VAL QB 552 29.15 -57.65 -108.88
CA VAL QB 552 28.49 -58.79 -108.25
C VAL QB 552 28.07 -58.47 -106.82
N TYR QB 553 28.59 -57.39 -106.24
CA TYR QB 553 28.13 -56.97 -104.92
C TYR QB 553 26.83 -56.17 -105.02
N LEU QB 554 26.70 -55.33 -106.04
CA LEU QB 554 25.54 -54.45 -106.16
C LEU QB 554 24.32 -55.18 -106.70
N ASP QB 555 24.54 -56.14 -107.59
CA ASP QB 555 23.47 -56.91 -108.23
C ASP QB 555 23.24 -58.24 -107.55
N ARG QB 556 23.35 -58.24 -106.21
CA ARG QB 556 23.23 -59.47 -105.43
C ARG QB 556 21.83 -60.05 -105.47
N GLY QB 557 20.81 -59.20 -105.55
CA GLY QB 557 19.44 -59.67 -105.64
C GLY QB 557 18.97 -59.82 -107.08
N GLY RB 32 16.73 -77.03 9.96
CA GLY RB 32 17.41 -76.40 8.84
C GLY RB 32 17.49 -74.89 8.94
N SER RB 33 16.52 -74.21 8.34
CA SER RB 33 16.44 -72.76 8.38
C SER RB 33 15.00 -72.36 8.62
N GLY RB 34 14.72 -71.06 8.50
CA GLY RB 34 13.36 -70.58 8.66
C GLY RB 34 13.27 -69.31 9.48
N PHE RB 35 12.14 -68.64 9.42
CA PHE RB 35 11.91 -67.39 10.15
C PHE RB 35 10.57 -67.47 10.85
N VAL RB 36 10.53 -67.10 12.12
CA VAL RB 36 9.30 -67.14 12.90
C VAL RB 36 8.86 -65.70 13.10
N ALA RB 37 7.87 -65.25 12.32
CA ALA RB 37 7.42 -63.87 12.43
C ALA RB 37 6.26 -63.78 13.40
N LYS RB 38 6.33 -62.85 14.34
CA LYS RB 38 5.24 -62.58 15.27
C LYS RB 38 4.91 -61.10 15.15
N ASP RB 39 3.97 -60.80 14.25
CA ASP RB 39 3.51 -59.44 13.92
C ASP RB 39 4.70 -58.59 13.45
N ASP RB 40 5.22 -59.01 12.30
CA ASP RB 40 6.28 -58.27 11.63
C ASP RB 40 5.66 -57.28 10.66
N SER RB 41 6.46 -56.66 9.80
CA SER RB 41 5.94 -55.56 9.01
C SER RB 41 6.39 -55.58 7.56
N LEU RB 42 6.60 -56.78 7.00
CA LEU RB 42 6.89 -57.02 5.58
C LEU RB 42 8.18 -56.39 5.06
N ARG RB 43 8.92 -55.74 5.91
CA ARG RB 43 10.25 -55.25 5.60
C ARG RB 43 11.28 -55.96 6.44
N THR RB 44 10.98 -56.16 7.72
CA THR RB 44 11.79 -57.00 8.56
C THR RB 44 11.57 -58.47 8.28
N PHE RB 45 10.50 -58.79 7.54
CA PHE RB 45 10.27 -60.18 7.15
C PHE RB 45 11.02 -60.47 5.87
N PHE RB 46 10.94 -59.57 4.90
CA PHE RB 46 11.60 -59.81 3.63
C PHE RB 46 13.11 -59.58 3.70
N ASP RB 47 13.64 -58.92 4.74
CA ASP RB 47 15.08 -58.90 4.91
C ASP RB 47 15.63 -60.20 5.48
N ALA RB 48 14.80 -61.00 6.13
CA ALA RB 48 15.27 -62.32 6.56
C ALA RB 48 15.40 -63.27 5.39
N MET RB 49 14.66 -63.05 4.32
CA MET RB 49 14.78 -63.84 3.10
C MET RB 49 15.88 -63.35 2.18
N ALA RB 50 16.61 -62.30 2.57
CA ALA RB 50 17.66 -61.72 1.74
C ALA RB 50 18.96 -62.47 1.81
N LEU RB 51 19.02 -63.58 2.52
CA LEU RB 51 20.20 -64.42 2.54
C LEU RB 51 19.97 -65.69 1.73
N GLN RB 52 18.77 -66.26 1.82
CA GLN RB 52 18.42 -67.39 1.00
C GLN RB 52 18.26 -66.97 -0.45
N LEU RB 53 17.50 -65.90 -0.70
CA LEU RB 53 17.68 -65.18 -1.96
C LEU RB 53 19.04 -64.52 -1.91
N LYS RB 54 19.82 -64.65 -2.98
CA LYS RB 54 21.21 -64.17 -2.92
C LYS RB 54 21.36 -62.71 -3.30
N GLU RB 55 20.29 -61.93 -3.27
CA GLU RB 55 20.30 -60.52 -3.62
C GLU RB 55 19.68 -59.69 -2.51
N PRO RB 56 20.06 -58.43 -2.36
CA PRO RB 56 19.36 -57.57 -1.40
C PRO RB 56 18.00 -57.17 -1.92
N VAL RB 57 17.05 -57.07 -0.98
CA VAL RB 57 15.66 -56.77 -1.27
C VAL RB 57 15.34 -55.34 -0.85
N ILE RB 58 14.60 -54.62 -1.71
CA ILE RB 58 14.24 -53.23 -1.43
C ILE RB 58 12.73 -53.17 -1.43
N VAL RB 59 12.14 -52.93 -0.27
CA VAL RB 59 10.69 -52.88 -0.09
C VAL RB 59 10.26 -51.43 0.01
N SER RB 60 9.21 -51.06 -0.73
CA SER RB 60 8.75 -49.69 -0.79
C SER RB 60 8.02 -49.30 0.50
N LYS RB 61 7.49 -48.07 0.51
CA LYS RB 61 6.89 -47.53 1.73
C LYS RB 61 5.45 -48.00 1.91
N MET RB 62 4.67 -48.06 0.83
CA MET RB 62 3.28 -48.45 0.95
C MET RB 62 3.15 -49.96 1.16
N ALA RB 63 4.13 -50.74 0.73
CA ALA RB 63 4.11 -52.17 0.96
C ALA RB 63 4.78 -52.54 2.27
N ALA RB 64 5.17 -51.55 3.06
CA ALA RB 64 5.70 -51.77 4.40
C ALA RB 64 4.67 -51.53 5.47
N ARG RB 65 3.40 -51.35 5.09
CA ARG RB 65 2.34 -51.17 6.07
C ARG RB 65 1.61 -52.46 6.39
N LYS RB 66 1.59 -53.42 5.48
CA LYS RB 66 0.96 -54.68 5.76
C LYS RB 66 1.84 -55.54 6.66
N LYS RB 67 1.19 -56.41 7.42
CA LYS RB 67 1.84 -57.18 8.45
C LYS RB 67 1.65 -58.67 8.17
N ILE RB 68 2.51 -59.48 8.77
CA ILE RB 68 2.49 -60.92 8.56
C ILE RB 68 2.99 -61.60 9.82
N THR RB 69 2.46 -62.80 10.08
CA THR RB 69 2.86 -63.60 11.23
C THR RB 69 2.70 -65.07 10.90
N GLY RB 70 3.48 -65.90 11.58
CA GLY RB 70 3.47 -67.32 11.34
C GLY RB 70 4.86 -67.88 11.10
N ASN RB 71 4.99 -69.20 11.30
CA ASN RB 71 6.25 -69.89 11.10
C ASN RB 71 6.48 -70.09 9.61
N PHE RB 72 7.63 -69.67 9.11
CA PHE RB 72 7.96 -69.85 7.71
C PHE RB 72 9.27 -70.63 7.61
N GLU RB 73 9.45 -71.31 6.50
CA GLU RB 73 10.62 -72.14 6.27
C GLU RB 73 11.12 -71.87 4.86
N PHE RB 74 12.42 -71.64 4.72
CA PHE RB 74 13.01 -71.22 3.46
C PHE RB 74 13.80 -72.39 2.87
N HIS RB 75 13.17 -73.11 1.94
CA HIS RB 75 13.87 -74.09 1.14
C HIS RB 75 13.63 -73.92 -0.35
N ASP RB 76 12.66 -73.09 -0.75
CA ASP RB 76 12.47 -72.74 -2.16
C ASP RB 76 11.95 -71.31 -2.21
N PRO RB 77 12.87 -70.33 -2.12
CA PRO RB 77 12.42 -68.95 -1.90
C PRO RB 77 11.91 -68.30 -3.16
N ASN RB 78 12.27 -68.81 -4.34
CA ASN RB 78 11.75 -68.21 -5.56
C ASN RB 78 10.30 -68.59 -5.78
N ALA RB 79 9.90 -69.79 -5.33
CA ALA RB 79 8.50 -70.16 -5.43
C ALA RB 79 7.70 -69.61 -4.27
N LEU RB 80 8.35 -69.31 -3.16
CA LEU RB 80 7.59 -68.76 -2.06
C LEU RB 80 7.37 -67.26 -2.24
N LEU RB 81 8.28 -66.59 -2.95
CA LEU RB 81 8.05 -65.18 -3.23
C LEU RB 81 6.94 -65.01 -4.27
N GLU RB 82 6.87 -65.93 -5.22
CA GLU RB 82 5.82 -65.85 -6.24
C GLU RB 82 4.47 -66.26 -5.68
N LYS RB 83 4.44 -67.06 -4.61
CA LYS RB 83 3.13 -67.42 -4.10
C LYS RB 83 2.66 -66.42 -3.04
N LEU RB 84 3.59 -65.89 -2.24
CA LEU RB 84 3.21 -64.91 -1.24
C LEU RB 84 2.92 -63.55 -1.84
N SER RB 85 3.43 -63.24 -3.04
CA SER RB 85 3.10 -61.95 -3.60
C SER RB 85 1.74 -61.94 -4.26
N LEU RB 86 1.14 -63.11 -4.44
CA LEU RB 86 -0.20 -63.21 -5.00
C LEU RB 86 -1.21 -63.40 -3.90
N GLN RB 87 -0.82 -64.03 -2.80
CA GLN RB 87 -1.79 -64.10 -1.71
C GLN RB 87 -1.85 -62.79 -0.96
N LEU RB 88 -0.78 -62.00 -0.97
CA LEU RB 88 -0.82 -60.71 -0.29
C LEU RB 88 -1.22 -59.57 -1.22
N GLY RB 89 -0.77 -59.62 -2.48
CA GLY RB 89 -1.08 -58.59 -3.44
C GLY RB 89 0.15 -57.71 -3.47
N LEU RB 90 1.05 -57.98 -4.41
CA LEU RB 90 2.37 -57.40 -4.44
C LEU RB 90 2.91 -57.58 -5.84
N ILE RB 91 3.86 -56.74 -6.23
CA ILE RB 91 4.59 -56.92 -7.46
C ILE RB 91 6.07 -56.78 -7.16
N TRP RB 92 6.88 -57.57 -7.84
CA TRP RB 92 8.31 -57.58 -7.58
C TRP RB 92 9.05 -57.63 -8.90
N TYR RB 93 10.32 -57.24 -8.86
CA TYR RB 93 11.13 -57.18 -10.07
C TYR RB 93 12.59 -57.30 -9.71
N PHE RB 94 13.27 -58.26 -10.32
CA PHE RB 94 14.69 -58.52 -10.09
C PHE RB 94 15.46 -58.10 -11.33
N ASP RB 95 16.22 -57.01 -11.23
CA ASP RB 95 16.88 -56.42 -12.39
C ASP RB 95 18.31 -56.90 -12.55
N GLY RB 96 18.78 -57.81 -11.71
CA GLY RB 96 20.14 -58.31 -11.80
C GLY RB 96 21.01 -57.94 -10.63
N GLN RB 97 20.59 -57.00 -9.79
CA GLN RB 97 21.37 -56.58 -8.64
C GLN RB 97 20.56 -56.55 -7.35
N ALA RB 98 19.25 -56.37 -7.46
CA ALA RB 98 18.41 -56.27 -6.28
C ALA RB 98 17.01 -56.76 -6.62
N ILE RB 99 16.19 -56.93 -5.58
CA ILE RB 99 14.81 -57.37 -5.75
C ILE RB 99 13.90 -56.27 -5.24
N TYR RB 100 13.39 -55.45 -6.14
CA TYR RB 100 12.44 -54.41 -5.77
C TYR RB 100 11.05 -54.99 -5.55
N ILE RB 101 10.40 -54.55 -4.48
CA ILE RB 101 9.07 -55.01 -4.12
C ILE RB 101 8.16 -53.80 -3.91
N TYR RB 102 7.10 -53.72 -4.67
CA TYR RB 102 6.04 -52.74 -4.53
C TYR RB 102 4.75 -53.46 -4.22
N ASP RB 103 3.71 -52.70 -3.91
CA ASP RB 103 2.38 -53.29 -3.81
C ASP RB 103 1.68 -53.10 -5.13
N ALA RB 104 0.55 -53.80 -5.30
CA ALA RB 104 -0.06 -53.94 -6.61
C ALA RB 104 -0.71 -52.66 -7.12
N SER RB 105 -1.01 -51.71 -6.26
CA SER RB 105 -1.65 -50.47 -6.66
C SER RB 105 -0.65 -49.39 -7.05
N GLU RB 106 0.62 -49.74 -7.23
CA GLU RB 106 1.64 -48.80 -7.66
C GLU RB 106 2.11 -49.06 -9.08
N MET RB 107 1.47 -50.00 -9.78
CA MET RB 107 1.90 -50.35 -11.12
C MET RB 107 1.52 -49.24 -12.09
N ARG RB 108 2.51 -48.73 -12.84
CA ARG RB 108 2.26 -47.65 -13.79
C ARG RB 108 2.51 -48.16 -15.19
N ASN RB 109 1.91 -47.48 -16.16
CA ASN RB 109 1.97 -47.90 -17.55
C ASN RB 109 2.32 -46.73 -18.47
N ALA RB 110 2.77 -47.08 -19.67
CA ALA RB 110 3.21 -46.09 -20.63
C ALA RB 110 3.12 -46.66 -22.03
N VAL RB 111 2.92 -45.77 -22.99
CA VAL RB 111 2.88 -46.10 -24.40
C VAL RB 111 3.99 -45.28 -25.06
N VAL RB 112 4.89 -45.94 -25.76
CA VAL RB 112 6.05 -45.25 -26.33
C VAL RB 112 6.14 -45.54 -27.82
N SER RB 113 6.32 -44.47 -28.60
CA SER RB 113 6.43 -44.54 -30.05
C SER RB 113 7.86 -44.23 -30.45
N LEU RB 114 8.56 -45.23 -30.93
CA LEU RB 114 9.92 -45.16 -31.41
C LEU RB 114 9.96 -44.51 -32.78
N ARG RB 115 11.06 -43.81 -33.07
CA ARG RB 115 11.15 -43.07 -34.31
C ARG RB 115 11.75 -43.93 -35.41
N ASN RB 116 12.98 -44.42 -35.21
CA ASN RB 116 13.68 -45.10 -36.29
C ASN RB 116 14.27 -46.45 -35.87
N VAL RB 117 13.75 -47.07 -34.82
CA VAL RB 117 14.14 -48.43 -34.49
C VAL RB 117 12.87 -49.19 -34.12
N SER RB 118 12.84 -50.48 -34.43
CA SER RB 118 11.62 -51.25 -34.24
C SER RB 118 11.64 -52.01 -32.92
N LEU RB 119 10.55 -52.74 -32.69
CA LEU RB 119 10.38 -53.51 -31.49
C LEU RB 119 11.26 -54.75 -31.52
N ASN RB 120 11.47 -55.33 -32.70
CA ASN RB 120 12.30 -56.53 -32.75
C ASN RB 120 13.78 -56.20 -32.55
N GLU RB 121 14.19 -54.95 -32.76
CA GLU RB 121 15.55 -54.54 -32.41
C GLU RB 121 15.66 -54.00 -30.99
N PHE RB 122 14.56 -53.61 -30.36
CA PHE RB 122 14.69 -53.23 -28.96
C PHE RB 122 14.52 -54.40 -28.02
N ASN RB 123 13.72 -55.39 -28.41
CA ASN RB 123 13.55 -56.58 -27.59
C ASN RB 123 14.81 -57.42 -27.58
N ASN RB 124 15.59 -57.35 -28.65
CA ASN RB 124 16.87 -58.05 -28.61
C ASN RB 124 17.89 -57.30 -27.78
N PHE RB 125 17.69 -55.99 -27.56
CA PHE RB 125 18.56 -55.27 -26.65
C PHE RB 125 18.26 -55.67 -25.22
N LEU RB 126 16.99 -55.89 -24.91
CA LEU RB 126 16.66 -56.32 -23.55
C LEU RB 126 17.06 -57.77 -23.32
N LYS RB 127 17.03 -58.59 -24.38
CA LYS RB 127 17.40 -59.99 -24.22
C LYS RB 127 18.91 -60.13 -24.12
N ARG RB 128 19.66 -59.31 -24.86
CA ARG RB 128 21.11 -59.43 -24.83
C ARG RB 128 21.66 -58.80 -23.56
N SER RB 129 21.06 -57.70 -23.09
CA SER RB 129 21.55 -57.07 -21.87
C SER RB 129 21.22 -57.92 -20.65
N GLY RB 130 19.97 -58.36 -20.51
CA GLY RB 130 19.62 -59.13 -19.35
C GLY RB 130 18.49 -58.55 -18.51
N LEU RB 131 17.85 -57.51 -19.02
CA LEU RB 131 16.74 -56.87 -18.34
C LEU RB 131 15.40 -57.34 -18.89
N TYR RB 132 15.39 -58.44 -19.62
CA TYR RB 132 14.17 -58.98 -20.20
C TYR RB 132 13.41 -59.77 -19.15
N ASN RB 133 12.17 -59.35 -18.90
CA ASN RB 133 11.29 -59.99 -17.93
C ASN RB 133 10.09 -60.57 -18.67
N LYS RB 134 9.94 -61.89 -18.63
CA LYS RB 134 8.87 -62.55 -19.36
C LYS RB 134 7.53 -62.46 -18.66
N ASN RB 135 7.48 -61.96 -17.43
CA ASN RB 135 6.18 -61.80 -16.77
C ASN RB 135 5.50 -60.51 -17.17
N TYR RB 136 6.26 -59.46 -17.46
CA TYR RB 136 5.72 -58.19 -17.96
C TYR RB 136 6.39 -57.88 -19.30
N PRO RB 137 5.97 -58.52 -20.38
CA PRO RB 137 6.59 -58.27 -21.68
C PRO RB 137 6.01 -57.02 -22.33
N LEU RB 138 6.52 -56.70 -23.51
CA LEU RB 138 6.04 -55.56 -24.28
C LEU RB 138 4.96 -56.01 -25.25
N ARG RB 139 3.88 -55.22 -25.32
CA ARG RB 139 2.75 -55.50 -26.20
C ARG RB 139 2.80 -54.54 -27.38
N GLY RB 140 2.84 -55.09 -28.59
CA GLY RB 140 2.84 -54.26 -29.78
C GLY RB 140 3.04 -55.09 -31.03
N ASP RB 141 2.95 -54.39 -32.16
CA ASP RB 141 3.18 -55.02 -33.45
C ASP RB 141 4.67 -55.28 -33.64
N ASN RB 142 4.98 -56.29 -34.45
CA ASN RB 142 6.35 -56.79 -34.51
C ASN RB 142 7.29 -55.88 -35.28
N ARG RB 143 6.83 -55.24 -36.35
CA ARG RB 143 7.69 -54.27 -37.05
C ARG RB 143 6.91 -52.95 -37.17
N LYS RB 144 6.95 -52.18 -36.09
CA LYS RB 144 6.31 -50.88 -36.02
C LYS RB 144 7.15 -50.02 -35.08
N GLY RB 145 6.59 -48.91 -34.65
CA GLY RB 145 7.29 -48.08 -33.70
C GLY RB 145 6.59 -47.91 -32.38
N THR RB 146 5.31 -48.22 -32.28
CA THR RB 146 4.56 -47.96 -31.07
C THR RB 146 4.31 -49.24 -30.31
N PHE RB 147 4.52 -49.19 -29.00
CA PHE RB 147 4.18 -50.32 -28.16
C PHE RB 147 3.82 -49.85 -26.75
N TYR RB 148 3.29 -50.78 -25.96
CA TYR RB 148 2.70 -50.53 -24.66
C TYR RB 148 3.42 -51.34 -23.61
N VAL RB 149 3.75 -50.72 -22.48
CA VAL RB 149 4.48 -51.35 -21.39
C VAL RB 149 3.80 -51.02 -20.08
N SER RB 150 3.72 -52.02 -19.19
CA SER RB 150 3.17 -51.81 -17.86
C SER RB 150 3.83 -52.78 -16.90
N GLY RB 151 4.12 -52.31 -15.70
CA GLY RB 151 4.75 -53.11 -14.69
C GLY RB 151 5.16 -52.26 -13.51
N PRO RB 152 6.17 -52.69 -12.78
CA PRO RB 152 6.66 -51.89 -11.66
C PRO RB 152 7.33 -50.63 -12.15
N PRO RB 153 7.39 -49.58 -11.31
CA PRO RB 153 7.92 -48.30 -11.76
C PRO RB 153 9.40 -48.29 -12.07
N VAL RB 154 10.19 -49.23 -11.58
CA VAL RB 154 11.59 -49.25 -11.96
C VAL RB 154 11.77 -49.99 -13.28
N TYR RB 155 10.79 -50.78 -13.69
CA TYR RB 155 10.90 -51.41 -15.00
C TYR RB 155 10.42 -50.44 -16.06
N VAL RB 156 9.36 -49.68 -15.75
CA VAL RB 156 8.82 -48.76 -16.74
C VAL RB 156 9.74 -47.56 -16.92
N ASP RB 157 10.33 -47.07 -15.82
CA ASP RB 157 11.21 -45.91 -15.90
C ASP RB 157 12.53 -46.23 -16.58
N MET RB 158 12.85 -47.50 -16.74
CA MET RB 158 14.03 -47.89 -17.51
C MET RB 158 13.69 -48.09 -18.97
N VAL RB 159 12.57 -48.75 -19.30
CA VAL RB 159 12.26 -48.99 -20.71
C VAL RB 159 11.91 -47.69 -21.44
N VAL RB 160 11.27 -46.74 -20.75
CA VAL RB 160 10.96 -45.46 -21.39
C VAL RB 160 12.23 -44.65 -21.65
N ASN RB 161 13.16 -44.62 -20.70
CA ASN RB 161 14.35 -43.79 -20.86
C ASN RB 161 15.33 -44.45 -21.83
N ALA RB 162 15.37 -45.78 -21.87
CA ALA RB 162 16.27 -46.45 -22.78
C ALA RB 162 15.75 -46.36 -24.20
N ALA RB 163 14.45 -46.51 -24.40
CA ALA RB 163 13.93 -46.41 -25.75
C ALA RB 163 13.96 -44.97 -26.27
N THR RB 164 13.88 -43.98 -25.38
CA THR RB 164 14.06 -42.60 -25.83
C THR RB 164 15.52 -42.33 -26.21
N MET RB 165 16.47 -42.81 -25.41
CA MET RB 165 17.86 -42.58 -25.77
C MET RB 165 18.37 -43.52 -26.86
N MET RB 166 17.56 -44.48 -27.31
CA MET RB 166 17.99 -45.28 -28.44
C MET RB 166 17.48 -44.71 -29.75
N ASP RB 167 16.70 -43.63 -29.69
CA ASP RB 167 16.35 -42.87 -30.86
C ASP RB 167 17.13 -41.57 -30.92
N LYS RB 168 17.43 -40.99 -29.77
CA LYS RB 168 18.37 -39.88 -29.80
C LYS RB 168 19.79 -40.36 -30.12
N GLN RB 169 20.12 -41.62 -29.79
CA GLN RB 169 21.38 -42.19 -30.25
C GLN RB 169 21.37 -42.41 -31.75
N ASN RB 170 20.32 -43.03 -32.27
CA ASN RB 170 20.18 -43.25 -33.70
C ASN RB 170 19.65 -41.99 -34.38
N LEU RB 175 20.95 -40.35 -43.52
CA LEU RB 175 21.54 -39.70 -44.68
C LEU RB 175 22.11 -40.71 -45.66
N GLY RB 176 22.36 -40.27 -46.89
CA GLY RB 176 22.92 -41.14 -47.90
C GLY RB 176 24.28 -40.68 -48.40
N ARG RB 177 25.24 -41.59 -48.42
CA ARG RB 177 26.57 -41.27 -48.92
C ARG RB 177 26.55 -41.17 -50.44
N GLN RB 178 27.37 -40.27 -50.97
CA GLN RB 178 27.51 -40.15 -52.41
C GLN RB 178 28.33 -41.31 -52.96
N LYS RB 179 28.17 -41.56 -54.25
CA LYS RB 179 28.80 -42.70 -54.92
C LYS RB 179 28.93 -42.39 -56.40
N ILE RB 180 30.07 -42.73 -56.97
CA ILE RB 180 30.36 -42.49 -58.37
C ILE RB 180 30.34 -43.83 -59.09
N GLY RB 181 29.52 -43.95 -60.13
CA GLY RB 181 29.42 -45.15 -60.93
C GLY RB 181 29.89 -44.90 -62.34
N VAL RB 182 30.54 -45.91 -62.92
CA VAL RB 182 31.06 -45.85 -64.28
C VAL RB 182 30.33 -46.91 -65.09
N MET RB 183 29.65 -46.49 -66.16
CA MET RB 183 28.81 -47.37 -66.97
C MET RB 183 29.32 -47.35 -68.39
N ARG RB 184 29.97 -48.44 -68.82
CA ARG RB 184 30.48 -48.53 -70.17
C ARG RB 184 29.37 -48.91 -71.14
N LEU RB 185 29.34 -48.22 -72.28
CA LEU RB 185 28.34 -48.46 -73.32
C LEU RB 185 28.95 -49.34 -74.41
N ASN RB 186 28.27 -50.42 -74.76
CA ASN RB 186 28.80 -51.38 -75.71
C ASN RB 186 28.24 -51.24 -77.11
N ASN RB 187 27.07 -50.62 -77.28
CA ASN RB 187 26.40 -50.62 -78.58
C ASN RB 187 26.01 -49.22 -79.05
N THR RB 188 26.61 -48.17 -78.49
CA THR RB 188 26.32 -46.81 -78.92
C THR RB 188 27.50 -45.91 -78.61
N PHE RB 189 27.37 -44.65 -79.01
CA PHE RB 189 28.41 -43.64 -78.83
C PHE RB 189 27.94 -42.57 -77.87
N VAL RB 190 28.81 -42.17 -76.94
CA VAL RB 190 28.61 -40.94 -76.19
C VAL RB 190 29.09 -39.78 -77.06
N GLY RB 191 28.46 -38.63 -76.90
CA GLY RB 191 28.86 -37.45 -77.63
C GLY RB 191 28.10 -37.29 -78.93
N ASP RB 192 28.15 -36.07 -79.45
CA ASP RB 192 27.34 -35.68 -80.59
C ASP RB 192 28.02 -36.06 -81.90
N ARG RB 193 27.21 -36.25 -82.93
CA ARG RB 193 27.69 -36.53 -84.28
C ARG RB 193 27.37 -35.33 -85.18
N THR RB 194 28.31 -34.99 -86.05
CA THR RB 194 28.19 -33.81 -86.89
C THR RB 194 28.41 -34.18 -88.35
N TYR RB 195 27.60 -33.62 -89.24
CA TYR RB 195 27.78 -33.75 -90.68
C TYR RB 195 27.33 -32.47 -91.34
N ASN RB 196 27.49 -32.39 -92.67
CA ASN RB 196 27.22 -31.17 -93.41
C ASN RB 196 26.38 -31.45 -94.64
N LEU RB 197 25.52 -30.48 -95.00
CA LEU RB 197 24.85 -30.49 -96.30
C LEU RB 197 25.28 -29.20 -97.03
N ARG RB 198 26.49 -29.24 -97.57
CA ARG RB 198 27.09 -28.32 -98.53
C ARG RB 198 27.35 -26.89 -98.02
N ASP RB 199 26.65 -26.45 -96.98
CA ASP RB 199 27.01 -25.19 -96.32
C ASP RB 199 26.75 -25.22 -94.82
N GLN RB 200 25.81 -26.05 -94.39
CA GLN RB 200 25.26 -25.97 -93.05
C GLN RB 200 25.59 -27.21 -92.24
N LYS RB 201 25.75 -27.04 -90.94
CA LYS RB 201 26.16 -28.10 -90.03
C LYS RB 201 24.96 -28.59 -89.25
N MET RB 202 24.80 -29.91 -89.17
CA MET RB 202 23.77 -30.53 -88.37
C MET RB 202 24.40 -31.29 -87.22
N VAL RB 203 23.86 -31.10 -86.02
CA VAL RB 203 24.38 -31.72 -84.80
C VAL RB 203 23.27 -32.57 -84.19
N ILE RB 204 23.57 -33.83 -83.93
CA ILE RB 204 22.62 -34.78 -83.35
C ILE RB 204 23.04 -35.02 -81.90
N PRO RB 205 22.15 -34.83 -80.92
CA PRO RB 205 22.53 -35.05 -79.53
C PRO RB 205 22.67 -36.53 -79.19
N GLY RB 206 23.70 -36.84 -78.43
CA GLY RB 206 24.01 -38.20 -78.05
C GLY RB 206 23.25 -38.65 -76.83
N ILE RB 207 23.76 -39.68 -76.18
CA ILE RB 207 23.12 -40.21 -74.99
C ILE RB 207 23.45 -39.39 -73.76
N ALA RB 208 24.54 -38.62 -73.77
CA ALA RB 208 24.92 -37.87 -72.60
C ALA RB 208 24.28 -36.50 -72.54
N THR RB 209 23.68 -36.05 -73.64
CA THR RB 209 22.92 -34.81 -73.66
C THR RB 209 21.44 -35.05 -73.43
N ALA RB 210 20.96 -36.24 -73.75
CA ALA RB 210 19.54 -36.55 -73.55
C ALA RB 210 19.20 -36.79 -72.09
N ILE RB 211 20.08 -37.50 -71.36
CA ILE RB 211 19.80 -37.74 -69.95
C ILE RB 211 20.16 -36.53 -69.11
N GLU RB 212 21.06 -35.66 -69.61
CA GLU RB 212 21.40 -34.45 -68.86
C GLU RB 212 20.27 -33.45 -68.90
N ARG RB 213 19.54 -33.38 -70.02
CA ARG RB 213 18.37 -32.50 -70.09
C ARG RB 213 17.17 -33.11 -69.40
N LEU RB 214 17.16 -34.41 -69.16
CA LEU RB 214 16.04 -35.04 -68.46
C LEU RB 214 16.09 -34.74 -66.97
N LEU RB 215 17.30 -34.62 -66.42
CA LEU RB 215 17.51 -34.40 -64.99
C LEU RB 215 17.83 -32.93 -64.70
N GLN RB 216 17.43 -32.02 -65.58
CA GLN RB 216 17.75 -30.61 -65.43
C GLN RB 216 16.67 -29.95 -64.60
N GLY RB 217 17.08 -29.06 -63.68
CA GLY RB 217 16.15 -28.50 -62.72
C GLY RB 217 15.73 -29.58 -61.74
N GLU RB 218 14.47 -30.00 -61.84
CA GLU RB 218 13.97 -31.26 -61.31
C GLU RB 218 14.12 -31.38 -59.79
N GLU RB 219 13.39 -30.52 -59.08
CA GLU RB 219 13.31 -30.66 -57.62
C GLU RB 219 12.32 -31.75 -57.26
N GLN RB 220 12.70 -33.01 -57.47
CA GLN RB 220 11.79 -34.14 -57.34
C GLN RB 220 12.42 -35.24 -56.50
N PRO RB 221 11.64 -35.88 -55.61
CA PRO RB 221 12.20 -36.90 -54.72
C PRO RB 221 12.50 -38.23 -55.41
N LEU RB 222 13.62 -38.30 -56.13
CA LEU RB 222 13.99 -39.52 -56.81
C LEU RB 222 14.71 -40.47 -55.85
N GLY RB 223 14.29 -41.72 -55.85
CA GLY RB 223 14.92 -42.76 -55.05
C GLY RB 223 15.07 -44.06 -55.80
N ALA RB 262 17.92 -38.28 -51.90
CA ALA RB 262 17.81 -36.83 -51.97
C ALA RB 262 16.84 -36.41 -53.07
N ALA RB 263 17.24 -35.45 -53.91
CA ALA RB 263 16.40 -34.93 -54.97
C ALA RB 263 16.87 -35.48 -56.31
N ALA RB 264 16.10 -35.16 -57.35
CA ALA RB 264 16.50 -35.57 -58.70
C ALA RB 264 17.37 -34.51 -59.35
N GLY RB 265 17.51 -33.35 -58.72
CA GLY RB 265 18.25 -32.23 -59.27
C GLY RB 265 19.71 -32.16 -58.92
N ASN RB 266 20.19 -33.03 -58.03
CA ASN RB 266 21.59 -33.03 -57.66
C ASN RB 266 22.36 -34.19 -58.27
N ILE RB 267 21.81 -34.86 -59.29
CA ILE RB 267 22.56 -35.89 -60.00
C ILE RB 267 23.37 -35.25 -61.11
N LYS RB 268 24.66 -35.57 -61.15
CA LYS RB 268 25.56 -35.04 -62.17
C LYS RB 268 25.92 -36.16 -63.13
N ILE RB 269 25.80 -35.90 -64.43
CA ILE RB 269 26.11 -36.86 -65.48
C ILE RB 269 27.09 -36.20 -66.43
N VAL RB 270 28.28 -36.79 -66.57
CA VAL RB 270 29.36 -36.25 -67.37
C VAL RB 270 29.86 -37.33 -68.32
N ALA RB 271 29.95 -37.01 -69.60
CA ALA RB 271 30.44 -37.93 -70.62
C ALA RB 271 31.95 -38.04 -70.53
N TYR RB 272 32.46 -39.27 -70.55
CA TYR RB 272 33.90 -39.50 -70.62
C TYR RB 272 34.20 -40.26 -71.90
N PRO RB 273 34.55 -39.58 -73.00
CA PRO RB 273 34.67 -40.27 -74.29
C PRO RB 273 35.94 -41.10 -74.44
N ASP RB 274 36.87 -41.02 -73.50
CA ASP RB 274 38.16 -41.68 -73.69
C ASP RB 274 38.05 -43.17 -73.47
N THR RB 275 37.03 -43.63 -72.73
CA THR RB 275 36.72 -45.04 -72.61
C THR RB 275 35.28 -45.35 -72.96
N ASN RB 276 34.55 -44.39 -73.52
CA ASN RB 276 33.15 -44.52 -73.99
C ASN RB 276 32.24 -44.97 -72.85
N SER RB 277 32.12 -44.11 -71.84
CA SER RB 277 31.38 -44.45 -70.65
C SER RB 277 30.85 -43.19 -69.99
N LEU RB 278 29.77 -43.35 -69.22
CA LEU RB 278 29.15 -42.28 -68.49
C LEU RB 278 29.66 -42.25 -67.05
N LEU RB 279 29.66 -41.06 -66.46
CA LEU RB 279 30.03 -40.88 -65.06
C LEU RB 279 28.85 -40.27 -64.33
N VAL RB 280 28.25 -41.04 -63.42
CA VAL RB 280 27.08 -40.63 -62.66
C VAL RB 280 27.49 -40.48 -61.20
N LYS RB 281 27.15 -39.34 -60.60
CA LYS RB 281 27.44 -39.07 -59.20
C LYS RB 281 26.13 -38.82 -58.47
N GLY RB 282 25.83 -39.65 -57.48
CA GLY RB 282 24.63 -39.49 -56.70
C GLY RB 282 24.66 -40.43 -55.52
N THR RB 283 23.48 -40.66 -54.93
CA THR RB 283 23.38 -41.61 -53.84
C THR RB 283 23.45 -43.04 -54.38
N ALA RB 284 23.40 -44.01 -53.47
CA ALA RB 284 23.47 -45.40 -53.88
C ALA RB 284 22.19 -45.90 -54.52
N GLU RB 285 21.09 -45.15 -54.39
CA GLU RB 285 19.83 -45.52 -55.02
C GLU RB 285 19.61 -44.80 -56.34
N GLN RB 286 20.20 -43.62 -56.52
CA GLN RB 286 20.07 -42.92 -57.79
C GLN RB 286 21.06 -43.45 -58.83
N VAL RB 287 22.20 -43.99 -58.40
CA VAL RB 287 23.15 -44.56 -59.34
C VAL RB 287 22.59 -45.86 -59.94
N HIS RB 288 21.95 -46.68 -59.10
CA HIS RB 288 21.26 -47.86 -59.60
C HIS RB 288 20.04 -47.52 -60.44
N PHE RB 289 19.49 -46.32 -60.27
CA PHE RB 289 18.32 -45.92 -61.05
C PHE RB 289 18.68 -45.55 -62.48
N ILE RB 290 19.86 -44.95 -62.68
CA ILE RB 290 20.30 -44.58 -64.02
C ILE RB 290 20.92 -45.79 -64.72
N GLU RB 291 21.47 -46.73 -63.95
CA GLU RB 291 22.07 -47.92 -64.55
C GLU RB 291 21.04 -48.84 -65.18
N MET RB 292 19.80 -48.83 -64.67
CA MET RB 292 18.74 -49.60 -65.28
C MET RB 292 18.13 -48.91 -66.49
N LEU RB 293 18.27 -47.58 -66.58
CA LEU RB 293 17.79 -46.88 -67.77
C LEU RB 293 18.75 -47.04 -68.93
N VAL RB 294 20.06 -47.05 -68.64
CA VAL RB 294 21.09 -47.13 -69.66
C VAL RB 294 21.05 -48.48 -70.37
N LYS RB 295 20.81 -49.56 -69.62
CA LYS RB 295 20.73 -50.89 -70.22
C LYS RB 295 19.48 -51.11 -71.06
N ALA RB 296 18.52 -50.19 -71.04
CA ALA RB 296 17.37 -50.26 -71.93
C ALA RB 296 17.55 -49.43 -73.19
N LEU RB 297 18.43 -48.44 -73.15
CA LEU RB 297 18.75 -47.62 -74.32
C LEU RB 297 19.97 -48.13 -75.08
N ASP RB 298 20.55 -49.26 -74.67
CA ASP RB 298 21.79 -49.75 -75.25
C ASP RB 298 21.51 -51.08 -75.95
N VAL RB 299 21.11 -50.99 -77.22
CA VAL RB 299 20.79 -52.15 -78.03
C VAL RB 299 21.57 -52.09 -79.33
N ALA RB 300 21.79 -53.27 -79.92
CA ALA RB 300 22.51 -53.37 -81.18
C ALA RB 300 21.60 -53.03 -82.35
N LYS RB 301 22.17 -52.38 -83.36
CA LYS RB 301 21.42 -51.88 -84.49
C LYS RB 301 21.57 -52.81 -85.70
N ARG RB 302 20.70 -52.59 -86.69
CA ARG RB 302 20.69 -53.34 -87.93
C ARG RB 302 21.07 -52.43 -89.08
N HIS RB 303 21.54 -53.04 -90.16
CA HIS RB 303 22.06 -52.29 -91.30
C HIS RB 303 21.03 -52.25 -92.42
N VAL RB 304 20.90 -51.07 -93.04
CA VAL RB 304 20.04 -50.86 -94.19
C VAL RB 304 20.90 -50.38 -95.35
N GLU RB 305 20.74 -51.00 -96.51
CA GLU RB 305 21.40 -50.55 -97.73
C GLU RB 305 20.34 -50.01 -98.68
N LEU RB 306 20.47 -48.74 -99.06
CA LEU RB 306 19.48 -48.06 -99.88
C LEU RB 306 20.00 -47.91 -101.29
N SER RB 307 19.23 -48.38 -102.27
CA SER RB 307 19.57 -48.29 -103.67
C SER RB 307 18.52 -47.49 -104.41
N LEU RB 308 18.94 -46.46 -105.13
CA LEU RB 308 18.05 -45.55 -105.83
C LEU RB 308 18.33 -45.62 -107.33
N TRP RB 309 17.28 -45.82 -108.11
CA TRP RB 309 17.40 -45.90 -109.57
C TRP RB 309 16.89 -44.61 -110.20
N ILE RB 310 17.64 -44.08 -111.15
CA ILE RB 310 17.27 -42.90 -111.92
C ILE RB 310 17.33 -43.28 -113.39
N VAL RB 311 16.18 -43.52 -114.00
CA VAL RB 311 16.08 -43.94 -115.40
C VAL RB 311 15.66 -42.74 -116.22
N ASP RB 312 16.33 -42.53 -117.36
CA ASP RB 312 16.09 -41.36 -118.20
C ASP RB 312 16.13 -41.80 -119.65
N LEU RB 313 15.03 -41.63 -120.36
CA LEU RB 313 14.94 -42.02 -121.75
C LEU RB 313 14.54 -40.81 -122.60
N ASN RB 314 14.94 -40.85 -123.86
CA ASN RB 314 14.62 -39.81 -124.82
C ASN RB 314 14.32 -40.43 -126.18
N LYS RB 315 13.75 -39.62 -127.05
CA LYS RB 315 13.41 -39.98 -128.42
C LYS RB 315 13.09 -38.70 -129.16
N SER RB 316 13.34 -38.68 -130.46
CA SER RB 316 13.12 -37.46 -131.22
C SER RB 316 12.89 -37.80 -132.69
N ASP RB 317 12.49 -36.77 -133.43
CA ASP RB 317 12.21 -36.88 -134.87
C ASP RB 317 12.16 -35.47 -135.41
N LEU RB 318 12.58 -35.28 -136.66
CA LEU RB 318 12.67 -33.95 -137.25
C LEU RB 318 12.78 -34.09 -138.77
N GLU RB 319 12.11 -33.19 -139.49
CA GLU RB 319 12.18 -33.19 -140.95
C GLU RB 319 11.83 -31.81 -141.47
N ARG RB 320 12.74 -31.18 -142.19
CA ARG RB 320 12.48 -29.92 -142.89
C ARG RB 320 12.73 -30.11 -144.38
N LEU RB 321 11.86 -29.52 -145.20
CA LEU RB 321 12.01 -29.63 -146.66
C LEU RB 321 11.27 -28.49 -147.32
N GLY RB 322 12.00 -27.58 -147.94
CA GLY RB 322 11.37 -26.50 -148.66
C GLY RB 322 12.27 -25.28 -148.72
N THR RB 323 11.81 -24.27 -149.46
CA THR RB 323 12.53 -23.03 -149.67
C THR RB 323 11.78 -21.87 -149.04
N SER RB 324 12.44 -20.70 -149.03
CA SER RB 324 11.86 -19.49 -148.46
C SER RB 324 12.55 -18.29 -149.09
N TRP RB 325 11.81 -17.48 -149.84
CA TRP RB 325 12.35 -16.38 -150.62
C TRP RB 325 12.27 -15.08 -149.82
N SER RB 326 13.40 -14.35 -149.75
CA SER RB 326 13.44 -13.07 -149.04
C SER RB 326 14.64 -12.29 -149.56
N GLY RB 327 14.39 -11.20 -150.28
CA GLY RB 327 15.47 -10.40 -150.82
C GLY RB 327 15.00 -9.08 -151.37
N SER RB 328 15.96 -8.28 -151.82
CA SER RB 328 15.72 -6.98 -152.42
C SER RB 328 16.34 -6.91 -153.80
N ILE RB 329 15.98 -5.85 -154.54
CA ILE RB 329 16.45 -5.67 -155.91
C ILE RB 329 16.46 -4.17 -156.19
N THR RB 330 17.15 -3.77 -157.26
CA THR RB 330 17.15 -2.38 -157.72
C THR RB 330 16.97 -2.36 -159.22
N ILE RB 331 15.95 -1.66 -159.70
CA ILE RB 331 15.55 -1.68 -161.10
C ILE RB 331 15.75 -0.29 -161.66
N GLY RB 332 16.90 -0.06 -162.31
CA GLY RB 332 17.13 1.13 -163.09
C GLY RB 332 17.18 2.43 -162.32
N ASP RB 333 17.70 2.39 -161.08
CA ASP RB 333 17.97 3.52 -160.15
C ASP RB 333 16.82 4.53 -160.03
N LYS RB 334 15.59 4.08 -160.25
CA LYS RB 334 14.40 4.91 -160.06
C LYS RB 334 13.29 4.19 -159.29
N LEU RB 335 13.27 2.86 -159.27
CA LEU RB 335 12.30 2.13 -158.48
C LEU RB 335 12.92 0.81 -158.05
N GLY RB 336 12.59 0.40 -156.82
CA GLY RB 336 13.12 -0.83 -156.28
C GLY RB 336 12.00 -1.67 -155.70
N VAL RB 337 12.20 -2.98 -155.72
CA VAL RB 337 11.20 -3.94 -155.27
C VAL RB 337 11.81 -4.77 -154.14
N SER RB 338 11.10 -4.81 -153.00
CA SER RB 338 11.47 -5.68 -151.90
C SER RB 338 10.55 -6.89 -151.91
N LEU RB 339 10.87 -7.87 -151.05
CA LEU RB 339 10.08 -9.08 -150.92
C LEU RB 339 10.29 -9.67 -149.53
N ASN RB 340 9.21 -9.66 -148.73
CA ASN RB 340 9.16 -10.29 -147.41
C ASN RB 340 10.22 -9.76 -146.46
N GLN RB 341 10.40 -8.44 -146.44
CA GLN RB 341 11.40 -7.80 -145.60
C GLN RB 341 10.82 -6.62 -144.86
N SER RB 342 11.61 -6.08 -143.94
CA SER RB 342 11.25 -4.87 -143.21
C SER RB 342 12.21 -3.72 -143.52
N SER RB 343 13.51 -4.00 -143.51
CA SER RB 343 14.54 -3.01 -143.84
C SER RB 343 15.04 -3.27 -145.26
N ILE RB 344 15.09 -2.22 -146.07
CA ILE RB 344 15.40 -2.36 -147.50
C ILE RB 344 16.66 -1.56 -147.78
N SER RB 345 16.90 -0.50 -147.00
CA SER RB 345 17.96 0.44 -147.30
C SER RB 345 19.34 -0.15 -147.03
N THR RB 346 19.51 -0.84 -145.90
CA THR RB 346 20.79 -1.48 -145.60
C THR RB 346 21.00 -2.77 -146.37
N LEU RB 347 19.96 -3.31 -147.02
CA LEU RB 347 20.09 -4.42 -147.94
C LEU RB 347 19.79 -4.00 -149.38
N ASP RB 348 20.12 -2.76 -149.74
CA ASP RB 348 19.81 -2.26 -151.08
C ASP RB 348 20.78 -2.80 -152.13
N GLY RB 349 22.05 -2.98 -151.78
CA GLY RB 349 23.04 -3.51 -152.70
C GLY RB 349 23.06 -5.02 -152.81
N SER RB 350 22.19 -5.72 -152.09
CA SER RB 350 22.15 -7.17 -152.09
C SER RB 350 21.19 -7.66 -153.17
N ARG RB 351 20.85 -8.96 -153.11
CA ARG RB 351 20.03 -9.60 -154.12
C ARG RB 351 18.96 -10.47 -153.48
N PHE RB 352 18.26 -11.27 -154.29
CA PHE RB 352 17.28 -12.21 -153.75
C PHE RB 352 17.99 -13.40 -153.13
N ILE RB 353 17.43 -13.90 -152.04
CA ILE RB 353 17.97 -15.06 -151.32
C ILE RB 353 16.91 -16.14 -151.28
N ALA RB 354 17.26 -17.35 -151.71
CA ALA RB 354 16.37 -18.49 -151.69
C ALA RB 354 16.95 -19.51 -150.72
N ALA RB 355 16.61 -19.37 -149.44
CA ALA RB 355 17.14 -20.26 -148.41
C ALA RB 355 16.46 -21.61 -148.49
N VAL RB 356 17.24 -22.65 -148.80
CA VAL RB 356 16.74 -24.01 -148.95
C VAL RB 356 17.11 -24.79 -147.69
N ASN RB 357 16.19 -25.63 -147.22
CA ASN RB 357 16.44 -26.51 -146.09
C ASN RB 357 16.09 -27.94 -146.46
N ALA RB 358 16.96 -28.87 -146.07
CA ALA RB 358 16.72 -30.29 -146.28
C ALA RB 358 17.39 -31.05 -145.16
N LEU RB 359 16.62 -31.79 -144.39
CA LEU RB 359 17.12 -32.49 -143.21
C LEU RB 359 16.11 -33.56 -142.81
N GLU RB 360 16.61 -34.63 -142.20
CA GLU RB 360 15.77 -35.70 -141.70
C GLU RB 360 16.54 -36.41 -140.59
N GLU RB 361 16.11 -36.22 -139.35
CA GLU RB 361 16.90 -36.59 -138.18
C GLU RB 361 16.14 -37.54 -137.28
N LYS RB 362 16.82 -38.56 -136.78
CA LYS RB 362 16.33 -39.42 -135.72
C LYS RB 362 17.28 -39.35 -134.54
N LYS RB 363 16.80 -39.75 -133.36
CA LYS RB 363 17.60 -39.64 -132.15
C LYS RB 363 17.04 -40.58 -131.10
N GLN RB 364 17.92 -40.98 -130.17
CA GLN RB 364 17.56 -41.84 -129.05
C GLN RB 364 18.67 -41.76 -128.02
N ALA RB 365 18.30 -41.78 -126.74
CA ALA RB 365 19.27 -41.66 -125.66
C ALA RB 365 18.71 -42.27 -124.39
N THR RB 366 19.46 -43.19 -123.79
CA THR RB 366 19.10 -43.80 -122.52
C THR RB 366 20.21 -43.55 -121.51
N VAL RB 367 19.83 -43.26 -120.27
CA VAL RB 367 20.78 -43.07 -119.18
C VAL RB 367 20.20 -43.72 -117.93
N VAL RB 368 20.94 -44.62 -117.32
CA VAL RB 368 20.54 -45.28 -116.08
C VAL RB 368 21.63 -45.07 -115.05
N SER RB 369 21.34 -44.30 -114.01
CA SER RB 369 22.29 -44.01 -112.94
C SER RB 369 21.76 -44.57 -111.63
N ARG RB 370 22.67 -44.92 -110.72
CA ARG RB 370 22.29 -45.63 -109.49
C ARG RB 370 23.30 -45.36 -108.38
N PRO RB 371 22.91 -44.57 -107.37
CA PRO RB 371 23.74 -44.47 -106.16
C PRO RB 371 23.33 -45.47 -105.08
N VAL RB 372 24.32 -45.98 -104.36
CA VAL RB 372 24.13 -46.98 -103.30
C VAL RB 372 24.74 -46.43 -102.02
N LEU RB 373 24.03 -46.59 -100.89
CA LEU RB 373 24.47 -46.08 -99.61
C LEU RB 373 24.09 -47.05 -98.51
N LEU RB 374 24.96 -47.20 -97.50
CA LEU RB 374 24.75 -48.12 -96.40
C LEU RB 374 24.80 -47.39 -95.08
N THR RB 375 23.80 -47.64 -94.22
CA THR RB 375 23.73 -47.01 -92.91
C THR RB 375 23.00 -47.94 -91.94
N GLN RB 376 22.76 -47.45 -90.73
CA GLN RB 376 22.12 -48.20 -89.67
C GLN RB 376 20.71 -47.65 -89.42
N GLU RB 377 20.01 -48.26 -88.47
CA GLU RB 377 18.71 -47.74 -88.07
C GLU RB 377 18.86 -46.39 -87.38
N ASN RB 378 17.92 -45.49 -87.68
CA ASN RB 378 17.76 -44.19 -87.00
C ASN RB 378 19.01 -43.31 -87.09
N VAL RB 379 19.80 -43.48 -88.13
CA VAL RB 379 21.04 -42.73 -88.32
C VAL RB 379 20.96 -42.01 -89.65
N PRO RB 380 21.09 -40.69 -89.70
CA PRO RB 380 21.06 -39.99 -90.97
C PRO RB 380 22.37 -40.17 -91.73
N ALA RB 381 22.26 -40.45 -93.02
CA ALA RB 381 23.42 -40.67 -93.87
C ALA RB 381 23.32 -39.78 -95.09
N ILE RB 382 24.47 -39.52 -95.72
CA ILE RB 382 24.55 -38.64 -96.88
C ILE RB 382 25.46 -39.26 -97.93
N PHE RB 383 24.96 -39.36 -99.16
CA PHE RB 383 25.76 -39.59 -100.33
C PHE RB 383 25.72 -38.33 -101.18
N ASP RB 384 26.86 -37.91 -101.71
CA ASP RB 384 26.96 -36.65 -102.44
C ASP RB 384 27.97 -36.80 -103.55
N ASN RB 385 27.61 -36.38 -104.76
CA ASN RB 385 28.50 -36.42 -105.92
C ASN RB 385 28.27 -35.13 -106.70
N ASN RB 386 29.05 -34.10 -106.39
CA ASN RB 386 28.75 -32.76 -106.87
C ASN RB 386 29.90 -32.22 -107.72
N ARG RB 387 29.74 -30.96 -108.13
CA ARG RB 387 30.70 -30.24 -108.95
C ARG RB 387 30.61 -28.76 -108.60
N THR RB 388 31.76 -28.14 -108.38
CA THR RB 388 31.81 -26.76 -107.91
C THR RB 388 32.39 -25.88 -109.01
N PHE RB 389 31.83 -24.69 -109.16
CA PHE RB 389 32.20 -23.74 -110.19
C PHE RB 389 32.59 -22.43 -109.52
N TYR RB 390 33.87 -22.07 -109.59
CA TYR RB 390 34.38 -20.90 -108.90
C TYR RB 390 34.47 -19.72 -109.86
N THR RB 391 34.06 -18.55 -109.37
CA THR RB 391 34.08 -17.33 -110.17
C THR RB 391 34.80 -16.22 -109.42
N LYS RB 392 35.28 -15.24 -110.16
CA LYS RB 392 36.10 -14.16 -109.62
C LYS RB 392 35.31 -12.86 -109.67
N LEU RB 393 34.66 -12.52 -108.57
CA LEU RB 393 33.94 -11.26 -108.43
C LEU RB 393 34.96 -10.21 -108.02
N ILE RB 394 35.39 -9.39 -108.98
CA ILE RB 394 36.48 -8.44 -108.73
C ILE RB 394 35.88 -7.20 -108.09
N GLY RB 395 35.74 -7.25 -106.76
CA GLY RB 395 35.35 -6.12 -105.97
C GLY RB 395 36.57 -5.48 -105.33
N GLU RB 396 36.31 -4.65 -104.32
CA GLU RB 396 37.40 -4.01 -103.61
C GLU RB 396 37.42 -4.32 -102.11
N ARG RB 397 36.27 -4.52 -101.48
CA ARG RB 397 36.21 -4.62 -100.02
C ARG RB 397 36.00 -6.04 -99.55
N ASN RB 398 34.84 -6.58 -99.91
CA ASN RB 398 34.42 -7.91 -99.48
C ASN RB 398 34.66 -8.82 -100.66
N VAL RB 399 35.91 -8.88 -101.11
CA VAL RB 399 36.32 -9.73 -102.21
C VAL RB 399 36.13 -11.17 -101.78
N ALA RB 400 35.56 -11.97 -102.67
CA ALA RB 400 35.18 -13.32 -102.29
C ALA RB 400 35.22 -14.22 -103.50
N LEU RB 401 35.44 -15.49 -103.25
CA LEU RB 401 35.29 -16.53 -104.26
C LEU RB 401 33.90 -17.08 -104.09
N GLU RB 402 32.99 -16.71 -104.98
CA GLU RB 402 31.63 -17.22 -104.95
C GLU RB 402 31.56 -18.47 -105.80
N HIS RB 403 30.70 -19.40 -105.40
CA HIS RB 403 30.65 -20.70 -106.04
C HIS RB 403 29.23 -21.22 -106.10
N VAL RB 404 28.97 -22.03 -107.12
CA VAL RB 404 27.72 -22.77 -107.24
C VAL RB 404 28.06 -24.25 -107.19
N THR RB 405 27.05 -25.07 -106.90
CA THR RB 405 27.26 -26.50 -106.68
C THR RB 405 26.05 -27.25 -107.23
N TYR RB 406 26.30 -28.33 -107.96
CA TYR RB 406 25.22 -29.13 -108.51
C TYR RB 406 25.69 -30.58 -108.64
N GLY RB 407 24.78 -31.51 -108.39
CA GLY RB 407 25.11 -32.92 -108.53
C GLY RB 407 24.09 -33.78 -107.81
N THR RB 408 24.35 -35.08 -107.82
CA THR RB 408 23.46 -36.06 -107.20
C THR RB 408 23.67 -36.04 -105.69
N MET RB 409 22.59 -36.18 -104.94
CA MET RB 409 22.64 -36.07 -103.49
C MET RB 409 21.44 -36.78 -102.87
N ILE RB 410 21.71 -37.68 -101.92
CA ILE RB 410 20.67 -38.36 -101.16
C ILE RB 410 20.92 -38.13 -99.68
N ARG RB 411 19.86 -37.85 -98.93
CA ARG RB 411 19.92 -37.83 -97.48
C ARG RB 411 18.74 -38.63 -96.96
N VAL RB 412 19.01 -39.73 -96.25
CA VAL RB 412 17.98 -40.69 -95.89
C VAL RB 412 18.07 -40.93 -94.38
N LEU RB 413 16.94 -41.34 -93.80
CA LEU RB 413 16.85 -41.67 -92.38
C LEU RB 413 15.99 -42.90 -92.25
N PRO RB 414 16.59 -44.09 -92.29
CA PRO RB 414 15.80 -45.32 -92.30
C PRO RB 414 15.36 -45.72 -90.90
N ARG RB 415 14.31 -46.54 -90.87
CA ARG RB 415 13.68 -46.95 -89.62
C ARG RB 415 12.82 -48.17 -89.89
N PHE RB 416 12.95 -49.19 -89.05
CA PHE RB 416 12.15 -50.40 -89.20
C PHE RB 416 10.81 -50.24 -88.49
N SER RB 417 9.75 -50.67 -89.14
CA SER RB 417 8.43 -50.66 -88.54
C SER RB 417 8.20 -51.92 -87.72
N ALA RB 418 6.98 -52.15 -87.28
CA ALA RB 418 6.68 -53.31 -86.45
C ALA RB 418 6.50 -54.58 -87.27
N ASP RB 419 6.16 -54.45 -88.55
CA ASP RB 419 5.90 -55.59 -89.42
C ASP RB 419 7.14 -56.05 -90.17
N GLY RB 420 8.22 -55.28 -90.16
CA GLY RB 420 9.38 -55.57 -90.94
C GLY RB 420 9.56 -54.72 -92.18
N GLN RB 421 8.74 -53.68 -92.35
CA GLN RB 421 8.90 -52.76 -93.46
C GLN RB 421 9.82 -51.61 -93.06
N ILE RB 422 10.38 -50.97 -94.07
CA ILE RB 422 11.39 -49.93 -93.87
C ILE RB 422 10.82 -48.60 -94.31
N GLU RB 423 10.62 -47.69 -93.36
CA GLU RB 423 10.17 -46.34 -93.67
C GLU RB 423 11.37 -45.40 -93.78
N MET RB 424 11.33 -44.52 -94.76
CA MET RB 424 12.46 -43.65 -95.07
C MET RB 424 11.98 -42.21 -95.21
N SER RB 425 12.85 -41.28 -94.83
CA SER RB 425 12.60 -39.84 -94.98
C SER RB 425 13.61 -39.30 -95.98
N LEU RB 426 13.15 -39.07 -97.21
CA LEU RB 426 14.04 -38.87 -98.35
C LEU RB 426 14.22 -37.40 -98.67
N ASP RB 427 15.39 -37.07 -99.22
CA ASP RB 427 15.72 -35.75 -99.75
C ASP RB 427 16.62 -35.95 -100.94
N ILE RB 428 16.05 -36.01 -102.14
CA ILE RB 428 16.76 -36.40 -103.35
C ILE RB 428 16.98 -35.16 -104.21
N GLU RB 429 18.19 -34.99 -104.72
CA GLU RB 429 18.52 -33.96 -105.70
C GLU RB 429 19.33 -34.57 -106.82
N ASP RB 430 18.94 -34.30 -108.06
CA ASP RB 430 19.69 -34.78 -109.22
C ASP RB 430 19.78 -33.62 -110.21
N GLY RB 431 20.96 -33.03 -110.33
CA GLY RB 431 21.17 -31.90 -111.20
C GLY RB 431 22.29 -32.15 -112.18
N ASN RB 432 22.30 -31.37 -113.26
CA ASN RB 432 23.36 -31.41 -114.25
C ASN RB 432 23.48 -30.03 -114.87
N ASP RB 433 24.39 -29.89 -115.83
CA ASP RB 433 24.73 -28.60 -116.42
C ASP RB 433 24.13 -28.52 -117.82
N LYS RB 434 23.20 -27.59 -118.01
CA LYS RB 434 22.64 -27.32 -119.32
C LYS RB 434 23.54 -26.34 -120.05
N THR RB 435 23.77 -26.61 -121.33
CA THR RB 435 24.71 -25.83 -122.12
C THR RB 435 23.99 -25.01 -123.16
N PRO RB 436 24.18 -23.70 -123.19
CA PRO RB 436 23.69 -22.89 -124.32
C PRO RB 436 24.59 -23.01 -125.54
N GLN RB 437 24.33 -22.18 -126.55
CA GLN RB 437 25.10 -22.22 -127.80
C GLN RB 437 26.55 -21.82 -127.56
N SER RB 438 27.48 -22.62 -128.08
CA SER RB 438 28.90 -22.41 -127.81
C SER RB 438 29.50 -21.29 -128.64
N ASP RB 439 28.87 -20.90 -129.75
CA ASP RB 439 29.46 -19.91 -130.65
C ASP RB 439 29.36 -18.48 -130.12
N THR RB 440 28.41 -18.19 -129.24
CA THR RB 440 28.23 -16.85 -128.71
C THR RB 440 29.11 -16.64 -127.48
N THR RB 441 29.32 -15.37 -127.14
CA THR RB 441 30.29 -14.90 -126.15
C THR RB 441 29.96 -15.38 -124.73
N THR RB 442 28.70 -15.68 -124.42
CA THR RB 442 28.31 -16.05 -123.06
C THR RB 442 28.76 -17.45 -122.63
N SER RB 443 29.56 -18.16 -123.44
CA SER RB 443 30.13 -19.43 -123.05
C SER RB 443 31.47 -19.28 -122.33
N VAL RB 444 32.05 -18.08 -122.29
CA VAL RB 444 33.33 -17.88 -121.62
C VAL RB 444 33.20 -17.19 -120.27
N ASP RB 445 32.04 -16.63 -119.95
CA ASP RB 445 31.84 -16.01 -118.65
C ASP RB 445 31.20 -17.01 -117.69
N ALA RB 446 30.84 -16.54 -116.50
CA ALA RB 446 30.33 -17.41 -115.43
C ALA RB 446 28.82 -17.59 -115.59
N LEU RB 447 28.45 -18.29 -116.67
CA LEU RB 447 27.05 -18.68 -116.90
C LEU RB 447 26.98 -20.18 -117.15
N PRO RB 448 27.08 -21.01 -116.11
CA PRO RB 448 26.64 -22.40 -116.23
C PRO RB 448 25.17 -22.54 -115.89
N GLU RB 449 24.26 -22.46 -116.86
CA GLU RB 449 22.84 -22.68 -116.60
C GLU RB 449 22.60 -24.07 -116.00
N VAL RB 450 22.24 -24.10 -114.72
CA VAL RB 450 22.07 -25.34 -113.96
C VAL RB 450 20.59 -25.70 -113.95
N GLY RB 451 20.28 -26.96 -114.26
CA GLY RB 451 18.95 -27.50 -114.09
C GLY RB 451 18.98 -28.61 -113.06
N ARG RB 452 18.09 -28.50 -112.07
CA ARG RB 452 18.05 -29.43 -110.96
C ARG RB 452 16.71 -30.15 -110.93
N THR RB 453 16.60 -31.11 -110.02
CA THR RB 453 15.37 -31.87 -109.81
C THR RB 453 15.32 -32.29 -108.35
N LEU RB 454 14.35 -31.74 -107.60
CA LEU RB 454 14.29 -31.92 -106.16
C LEU RB 454 13.03 -32.69 -105.80
N ILE RB 455 13.16 -33.63 -104.86
CA ILE RB 455 12.05 -34.45 -104.38
C ILE RB 455 12.23 -34.62 -102.88
N SER RB 456 11.17 -34.34 -102.12
CA SER RB 456 11.19 -34.48 -100.67
C SER RB 456 9.87 -35.10 -100.22
N THR RB 457 9.93 -36.31 -99.68
CA THR RB 457 8.72 -37.06 -99.35
C THR RB 457 9.06 -38.09 -98.28
N ILE RB 458 8.08 -38.95 -97.96
CA ILE RB 458 8.25 -40.05 -97.00
C ILE RB 458 7.55 -41.28 -97.58
N ALA RB 459 8.27 -42.39 -97.68
CA ALA RB 459 7.70 -43.62 -98.24
C ALA RB 459 8.04 -44.79 -97.32
N ARG RB 460 7.29 -45.88 -97.48
CA ARG RB 460 7.46 -47.07 -96.66
C ARG RB 460 7.36 -48.32 -97.52
N VAL RB 461 8.49 -49.01 -97.67
CA VAL RB 461 8.63 -50.14 -98.58
C VAL RB 461 8.85 -51.41 -97.75
N PRO RB 462 8.33 -52.57 -98.16
CA PRO RB 462 8.75 -53.82 -97.52
C PRO RB 462 10.20 -54.17 -97.87
N HIS RB 463 10.70 -55.20 -97.21
CA HIS RB 463 12.10 -55.59 -97.38
C HIS RB 463 12.27 -56.33 -98.71
N GLY RB 464 13.00 -55.71 -99.63
CA GLY RB 464 13.27 -56.32 -100.92
C GLY RB 464 12.39 -55.85 -102.05
N LYS RB 465 11.27 -55.21 -101.76
CA LYS RB 465 10.38 -54.70 -102.79
C LYS RB 465 10.78 -53.28 -103.16
N SER RB 466 9.97 -52.61 -103.96
CA SER RB 466 10.33 -51.30 -104.48
C SER RB 466 9.11 -50.42 -104.62
N LEU RB 467 9.35 -49.12 -104.73
CA LEU RB 467 8.30 -48.13 -104.89
C LEU RB 467 8.75 -47.05 -105.85
N LEU RB 468 7.78 -46.45 -106.55
CA LEU RB 468 8.05 -45.34 -107.44
C LEU RB 468 7.78 -44.04 -106.70
N VAL RB 469 8.81 -43.22 -106.54
CA VAL RB 469 8.71 -42.01 -105.73
C VAL RB 469 8.37 -40.79 -106.58
N GLY RB 470 9.10 -40.56 -107.66
CA GLY RB 470 8.84 -39.42 -108.52
C GLY RB 470 8.55 -39.82 -109.94
N GLY RB 471 8.57 -38.87 -110.86
CA GLY RB 471 8.31 -39.18 -112.24
C GLY RB 471 8.04 -37.92 -113.04
N TYR RB 472 8.19 -38.05 -114.36
CA TYR RB 472 7.96 -36.96 -115.30
C TYR RB 472 7.88 -37.50 -116.71
N THR RB 473 6.83 -37.17 -117.46
CA THR RB 473 6.75 -37.48 -118.89
C THR RB 473 6.43 -36.21 -119.65
N ARG RB 474 6.74 -36.22 -120.94
CA ARG RB 474 6.43 -35.09 -121.81
C ARG RB 474 6.37 -35.56 -123.26
N ASP RB 475 5.29 -35.20 -123.95
CA ASP RB 475 5.10 -35.53 -125.36
C ASP RB 475 4.79 -34.26 -126.14
N ALA RB 476 5.27 -34.19 -127.38
CA ALA RB 476 5.09 -32.99 -128.18
C ALA RB 476 5.06 -33.37 -129.65
N ASN RB 477 4.36 -32.54 -130.44
CA ASN RB 477 4.27 -32.73 -131.88
C ASN RB 477 3.85 -31.41 -132.52
N THR RB 478 4.76 -30.78 -133.26
CA THR RB 478 4.47 -29.56 -133.98
C THR RB 478 4.69 -29.78 -135.47
N ASP RB 479 4.03 -28.97 -136.29
CA ASP RB 479 4.21 -28.99 -137.74
C ASP RB 479 3.72 -27.69 -138.36
N THR RB 480 4.56 -27.07 -139.19
CA THR RB 480 4.22 -25.84 -139.88
C THR RB 480 4.20 -26.08 -141.39
N VAL RB 481 3.43 -25.26 -142.10
CA VAL RB 481 3.37 -25.30 -143.56
C VAL RB 481 3.33 -23.86 -144.06
N GLN RB 482 4.31 -23.48 -144.87
CA GLN RB 482 4.33 -22.17 -145.52
C GLN RB 482 4.33 -22.35 -147.03
N SER RB 483 3.87 -21.33 -147.75
CA SER RB 483 3.85 -21.35 -149.20
C SER RB 483 3.72 -19.94 -149.73
N ILE RB 484 3.91 -19.81 -151.04
CA ILE RB 484 3.56 -18.63 -151.81
C ILE RB 484 2.10 -18.88 -152.22
N PRO RB 485 1.22 -17.87 -152.21
CA PRO RB 485 -0.22 -18.14 -152.40
C PRO RB 485 -0.62 -18.75 -153.73
N PHE RB 486 -0.07 -18.28 -154.85
CA PHE RB 486 -0.45 -18.84 -156.15
C PHE RB 486 0.60 -19.78 -156.74
N LEU RB 487 1.89 -19.46 -156.57
CA LEU RB 487 2.95 -20.27 -157.16
C LEU RB 487 3.15 -21.60 -156.43
N GLY RB 488 2.62 -21.73 -155.21
CA GLY RB 488 2.79 -22.96 -154.46
C GLY RB 488 1.87 -24.10 -154.84
N LYS RB 489 0.99 -23.88 -155.81
CA LYS RB 489 0.06 -24.90 -156.26
C LYS RB 489 0.32 -25.36 -157.70
N LEU RB 490 1.46 -24.98 -158.26
CA LEU RB 490 1.84 -25.45 -159.59
C LEU RB 490 2.19 -26.94 -159.53
N PRO RB 491 1.94 -27.69 -160.63
CA PRO RB 491 2.17 -29.15 -160.60
C PRO RB 491 3.61 -29.60 -160.40
N LEU RB 492 4.52 -29.13 -161.25
CA LEU RB 492 5.91 -29.56 -161.19
C LEU RB 492 6.88 -28.44 -160.83
N ILE RB 493 6.43 -27.20 -160.85
CA ILE RB 493 7.27 -26.07 -160.44
C ILE RB 493 6.98 -25.64 -159.00
N GLY RB 494 5.80 -25.96 -158.46
CA GLY RB 494 5.37 -25.46 -157.16
C GLY RB 494 6.11 -26.04 -155.97
N SER RB 495 7.01 -27.00 -156.17
CA SER RB 495 7.78 -27.53 -155.05
C SER RB 495 8.89 -26.57 -154.62
N LEU RB 496 9.24 -25.60 -155.47
CA LEU RB 496 10.29 -24.65 -155.15
C LEU RB 496 9.81 -23.49 -154.28
N PHE RB 497 8.53 -23.47 -153.90
CA PHE RB 497 7.97 -22.37 -153.12
C PHE RB 497 7.34 -22.79 -151.81
N ARG RB 498 7.02 -24.06 -151.63
CA ARG RB 498 6.42 -24.51 -150.38
C ARG RB 498 7.51 -24.73 -149.32
N TYR RB 499 7.06 -25.00 -148.09
CA TYR RB 499 7.93 -25.29 -146.97
C TYR RB 499 7.12 -26.05 -145.94
N SER RB 500 7.76 -26.99 -145.26
CA SER RB 500 7.06 -27.81 -144.28
C SER RB 500 8.06 -28.39 -143.30
N SER RB 501 7.73 -28.31 -142.01
CA SER RB 501 8.58 -28.84 -140.95
C SER RB 501 7.75 -29.73 -140.04
N LYS RB 502 8.45 -30.54 -139.25
CA LYS RB 502 7.83 -31.42 -138.26
C LYS RB 502 8.74 -31.50 -137.05
N ASN RB 503 8.20 -32.03 -135.96
CA ASN RB 503 8.95 -32.23 -134.73
C ASN RB 503 8.19 -33.21 -133.86
N LYS RB 504 8.91 -33.95 -133.02
CA LYS RB 504 8.32 -34.93 -132.11
C LYS RB 504 9.33 -35.27 -131.03
N SER RB 505 8.86 -35.43 -129.80
CA SER RB 505 9.75 -35.80 -128.70
C SER RB 505 8.97 -36.58 -127.65
N ASN RB 506 9.68 -37.46 -126.94
CA ASN RB 506 9.08 -38.25 -125.87
C ASN RB 506 10.12 -38.45 -124.77
N VAL RB 507 9.92 -37.82 -123.63
CA VAL RB 507 10.87 -37.84 -122.52
C VAL RB 507 10.23 -38.57 -121.35
N VAL RB 508 11.00 -39.42 -120.67
CA VAL RB 508 10.55 -40.15 -119.48
C VAL RB 508 11.66 -40.12 -118.45
N ARG RB 509 11.36 -39.62 -117.25
CA ARG RB 509 12.25 -39.72 -116.10
C ARG RB 509 11.48 -40.32 -114.94
N VAL RB 510 12.12 -41.25 -114.20
CA VAL RB 510 11.51 -41.84 -113.02
C VAL RB 510 12.56 -41.98 -111.92
N PHE RB 511 12.08 -42.09 -110.69
CA PHE RB 511 12.91 -42.28 -109.51
C PHE RB 511 12.34 -43.46 -108.73
N MET RB 512 13.16 -44.47 -108.45
CA MET RB 512 12.70 -45.66 -107.76
C MET RB 512 13.59 -45.96 -106.57
N ILE RB 513 13.01 -46.55 -105.53
CA ILE RB 513 13.66 -46.81 -104.26
C ILE RB 513 13.56 -48.30 -103.96
N GLU RB 514 14.67 -48.91 -103.58
CA GLU RB 514 14.70 -50.35 -103.28
C GLU RB 514 15.61 -50.59 -102.09
N PRO RB 515 15.06 -50.63 -100.87
CA PRO RB 515 15.89 -50.89 -99.69
C PRO RB 515 15.93 -52.38 -99.33
N LYS RB 516 17.00 -52.74 -98.64
CA LYS RB 516 17.16 -54.11 -98.16
C LYS RB 516 18.04 -54.09 -96.91
N GLU RB 517 18.05 -55.21 -96.21
CA GLU RB 517 18.73 -55.33 -94.92
C GLU RB 517 20.00 -56.16 -95.07
N ILE RB 518 21.08 -55.67 -94.48
CA ILE RB 518 22.39 -56.30 -94.59
C ILE RB 518 22.69 -57.02 -93.28
N VAL RB 519 22.94 -58.33 -93.35
CA VAL RB 519 23.29 -59.10 -92.18
C VAL RB 519 24.66 -59.78 -92.29
N ASP RB 520 25.21 -59.92 -93.48
CA ASP RB 520 26.46 -60.63 -93.69
C ASP RB 520 27.48 -59.73 -94.36
N PRO RB 521 28.77 -59.94 -94.13
CA PRO RB 521 29.81 -59.17 -94.83
C PRO RB 521 29.97 -59.67 -96.26
N LEU RB 522 30.91 -59.03 -96.98
CA LEU RB 522 31.10 -59.34 -98.39
C LEU RB 522 31.77 -60.70 -98.56
N THR RB 523 31.35 -61.41 -99.61
CA THR RB 523 31.97 -62.68 -99.98
C THR RB 523 32.14 -62.73 -101.49
N PRO RB 524 33.37 -62.89 -102.02
CA PRO RB 524 34.68 -62.94 -101.36
C PRO RB 524 35.12 -61.58 -100.84
N ASP RB 525 36.27 -61.54 -100.15
CA ASP RB 525 36.68 -60.35 -99.41
C ASP RB 525 37.00 -59.19 -100.36
N ALA RB 526 37.08 -58.00 -99.77
CA ALA RB 526 37.37 -56.80 -100.56
C ALA RB 526 38.80 -56.78 -101.06
N SER RB 527 39.71 -57.41 -100.32
CA SER RB 527 41.10 -57.49 -100.75
C SER RB 527 41.33 -58.63 -101.73
N GLU RB 528 40.34 -59.50 -101.95
CA GLU RB 528 40.47 -60.58 -102.90
C GLU RB 528 39.88 -60.23 -104.26
N SER RB 529 38.83 -59.40 -104.30
CA SER RB 529 38.28 -58.97 -105.57
C SER RB 529 39.12 -57.88 -106.22
N VAL RB 530 39.93 -57.17 -105.45
CA VAL RB 530 40.79 -56.13 -106.01
C VAL RB 530 42.02 -56.76 -106.67
N ASN RB 531 42.55 -57.83 -106.08
CA ASN RB 531 43.70 -58.52 -106.66
C ASN RB 531 43.37 -59.24 -107.96
N ASN RB 532 42.10 -59.49 -108.23
CA ASN RB 532 41.71 -60.02 -109.54
C ASN RB 532 41.48 -58.93 -110.56
N ILE RB 533 41.19 -57.71 -110.12
CA ILE RB 533 41.05 -56.59 -111.04
C ILE RB 533 42.42 -56.14 -111.53
N LEU RB 534 43.39 -56.05 -110.61
CA LEU RB 534 44.72 -55.58 -110.96
C LEU RB 534 45.47 -56.58 -111.84
N LYS RB 535 45.19 -57.87 -111.68
CA LYS RB 535 45.85 -58.87 -112.51
C LYS RB 535 45.25 -58.93 -113.91
N GLN RB 536 43.95 -58.67 -114.03
CA GLN RB 536 43.31 -58.74 -115.34
C GLN RB 536 43.58 -57.50 -116.18
N SER RB 537 43.51 -56.31 -115.56
CA SER RB 537 43.74 -55.08 -116.29
C SER RB 537 45.22 -54.80 -116.53
N GLY RB 538 46.11 -55.50 -115.84
CA GLY RB 538 47.53 -55.32 -116.05
C GLY RB 538 48.18 -54.24 -115.22
N ALA RB 539 47.49 -53.71 -114.21
CA ALA RB 539 48.04 -52.68 -113.35
C ALA RB 539 48.68 -53.24 -112.09
N TRP RB 540 48.84 -54.56 -112.00
CA TRP RB 540 49.32 -55.19 -110.78
C TRP RB 540 50.83 -55.03 -110.67
N SER RB 541 51.31 -54.64 -109.49
CA SER RB 541 52.74 -54.50 -109.22
C SER RB 541 53.11 -55.07 -107.87
N GLY RB 542 52.55 -56.23 -107.54
CA GLY RB 542 52.97 -56.93 -106.33
C GLY RB 542 54.15 -57.83 -106.51
N ASP RB 543 54.63 -57.98 -107.74
CA ASP RB 543 55.79 -58.80 -108.06
C ASP RB 543 57.05 -57.97 -108.26
N ASP RB 544 57.01 -56.68 -107.93
CA ASP RB 544 58.15 -55.81 -108.16
C ASP RB 544 59.26 -56.12 -107.16
N LYS RB 545 60.51 -55.98 -107.63
CA LYS RB 545 61.64 -56.29 -106.77
C LYS RB 545 61.89 -55.19 -105.75
N LEU RB 546 61.57 -53.94 -106.11
CA LEU RB 546 61.87 -52.80 -105.25
C LEU RB 546 60.72 -52.41 -104.34
N GLN RB 547 59.47 -52.56 -104.80
CA GLN RB 547 58.32 -52.13 -104.01
C GLN RB 547 57.78 -53.22 -103.08
N LYS RB 548 58.31 -54.44 -103.16
CA LYS RB 548 57.83 -55.50 -102.28
C LYS RB 548 58.39 -55.41 -100.86
N TRP RB 549 59.39 -54.57 -100.63
CA TRP RB 549 59.93 -54.41 -99.28
C TRP RB 549 59.01 -53.59 -98.40
N VAL RB 550 58.15 -52.77 -98.98
CA VAL RB 550 57.23 -51.94 -98.22
C VAL RB 550 55.78 -52.39 -98.36
N ARG RB 551 55.37 -52.85 -99.55
CA ARG RB 551 54.04 -53.40 -99.77
C ARG RB 551 53.77 -54.72 -99.04
N VAL RB 552 54.79 -55.31 -98.39
CA VAL RB 552 54.56 -56.51 -97.60
C VAL RB 552 53.96 -56.18 -96.24
N TYR RB 553 54.00 -54.91 -95.83
CA TYR RB 553 53.32 -54.52 -94.60
C TYR RB 553 51.83 -54.30 -94.82
N LEU RB 554 51.47 -53.72 -95.97
CA LEU RB 554 50.08 -53.37 -96.22
C LEU RB 554 49.26 -54.58 -96.66
N ASP RB 555 49.88 -55.51 -97.39
CA ASP RB 555 49.20 -56.71 -97.91
C ASP RB 555 49.46 -57.91 -97.01
N ARG RB 556 49.47 -57.68 -95.70
CA ARG RB 556 49.77 -58.73 -94.73
C ARG RB 556 48.69 -59.81 -94.70
N GLY RB 557 47.44 -59.43 -94.91
CA GLY RB 557 46.35 -60.39 -94.94
C GLY RB 557 46.07 -60.92 -96.33
N LYS SB 27 42.39 -57.00 33.53
CA LYS SB 27 41.05 -56.59 33.95
C LYS SB 27 40.04 -56.74 32.82
N ILE SB 28 40.51 -57.21 31.66
CA ILE SB 28 39.64 -57.47 30.51
C ILE SB 28 39.70 -58.97 30.22
N PRO SB 29 39.08 -59.81 31.04
CA PRO SB 29 39.32 -61.25 30.91
C PRO SB 29 38.46 -61.94 29.86
N VAL SB 30 39.04 -62.20 28.70
CA VAL SB 30 38.63 -63.25 27.75
C VAL SB 30 39.93 -63.78 27.19
N THR SB 31 40.02 -65.10 26.97
CA THR SB 31 41.29 -65.69 26.52
C THR SB 31 41.59 -65.37 25.06
N GLY SB 32 40.60 -65.45 24.19
CA GLY SB 32 40.82 -65.27 22.75
C GLY SB 32 40.86 -63.83 22.33
N SER SB 33 40.49 -63.59 21.06
CA SER SB 33 40.43 -62.25 20.49
C SER SB 33 39.06 -62.06 19.87
N GLY SB 34 38.54 -60.85 19.96
CA GLY SB 34 37.20 -60.58 19.46
C GLY SB 34 36.63 -59.31 20.05
N PHE SB 35 35.56 -58.84 19.44
CA PHE SB 35 34.92 -57.58 19.81
C PHE SB 35 33.54 -57.87 20.40
N VAL SB 36 33.38 -57.62 21.69
CA VAL SB 36 32.09 -57.74 22.34
C VAL SB 36 31.32 -56.45 22.16
N ALA SB 37 30.14 -56.52 21.55
CA ALA SB 37 29.31 -55.35 21.31
C ALA SB 37 28.07 -55.42 22.17
N LYS SB 38 27.82 -54.36 22.94
CA LYS SB 38 26.61 -54.25 23.74
C LYS SB 38 25.89 -52.98 23.31
N ASP SB 39 24.88 -53.16 22.45
CA ASP SB 39 24.03 -52.07 21.93
C ASP SB 39 24.86 -51.02 21.19
N ASP SB 40 25.72 -51.48 20.29
CA ASP SB 40 26.47 -50.57 19.43
C ASP SB 40 25.64 -50.25 18.21
N SER SB 41 25.82 -49.04 17.68
CA SER SB 41 24.90 -48.48 16.70
C SER SB 41 25.49 -48.42 15.29
N LEU SB 42 26.26 -49.43 14.89
CA LEU SB 42 26.72 -49.69 13.52
C LEU SB 42 27.67 -48.64 12.98
N ARG SB 43 27.97 -47.58 13.72
CA ARG SB 43 29.01 -46.64 13.39
C ARG SB 43 30.23 -46.88 14.26
N THR SB 44 30.01 -47.17 15.54
CA THR SB 44 31.08 -47.59 16.42
C THR SB 44 31.38 -49.07 16.32
N PHE SB 45 30.59 -49.84 15.56
CA PHE SB 45 30.86 -51.24 15.37
C PHE SB 45 31.78 -51.49 14.17
N PHE SB 46 31.49 -50.87 13.03
CA PHE SB 46 32.35 -51.05 11.86
C PHE SB 46 33.64 -50.26 11.97
N ASP SB 47 33.73 -49.31 12.90
CA ASP SB 47 35.03 -48.69 13.18
C ASP SB 47 35.96 -49.67 13.88
N ALA SB 48 35.41 -50.62 14.63
CA ALA SB 48 36.23 -51.63 15.25
C ALA SB 48 36.76 -52.66 14.25
N MET SB 49 36.11 -52.81 13.10
CA MET SB 49 36.59 -53.70 12.06
C MET SB 49 37.52 -53.00 11.09
N ALA SB 50 37.99 -51.81 11.43
CA ALA SB 50 38.78 -51.00 10.51
C ALA SB 50 40.27 -51.15 10.73
N LEU SB 51 40.69 -52.09 11.56
CA LEU SB 51 42.09 -52.47 11.59
C LEU SB 51 42.31 -53.81 10.91
N GLN SB 52 41.33 -54.69 10.99
CA GLN SB 52 41.42 -55.95 10.25
C GLN SB 52 41.10 -55.73 8.78
N LEU SB 53 39.98 -55.07 8.46
CA LEU SB 53 39.89 -54.43 7.15
C LEU SB 53 40.84 -53.25 7.16
N LYS SB 54 41.88 -53.28 6.33
CA LYS SB 54 42.97 -52.33 6.45
C LYS SB 54 42.71 -51.03 5.71
N GLU SB 55 41.45 -50.67 5.50
CA GLU SB 55 41.01 -49.42 4.90
C GLU SB 55 39.96 -48.79 5.79
N PRO SB 56 39.88 -47.46 5.83
CA PRO SB 56 38.90 -46.79 6.69
C PRO SB 56 37.47 -46.99 6.21
N VAL SB 57 36.55 -47.05 7.17
CA VAL SB 57 35.16 -47.36 6.92
C VAL SB 57 34.32 -46.11 7.06
N ILE SB 58 33.43 -45.87 6.09
CA ILE SB 58 32.53 -44.72 6.06
C ILE SB 58 31.10 -45.25 6.07
N VAL SB 59 30.41 -45.09 7.18
CA VAL SB 59 29.04 -45.53 7.35
C VAL SB 59 28.12 -44.34 7.17
N SER SB 60 27.03 -44.54 6.43
CA SER SB 60 26.12 -43.46 6.09
C SER SB 60 25.26 -43.09 7.29
N LYS SB 61 24.36 -42.13 7.09
CA LYS SB 61 23.55 -41.64 8.19
C LYS SB 61 22.31 -42.48 8.45
N MET SB 62 21.72 -43.06 7.41
CA MET SB 62 20.53 -43.87 7.61
C MET SB 62 20.88 -45.26 8.12
N ALA SB 63 22.08 -45.75 7.83
CA ALA SB 63 22.53 -47.03 8.34
C ALA SB 63 23.21 -46.89 9.70
N ALA SB 64 23.18 -45.71 10.29
CA ALA SB 64 23.73 -45.51 11.63
C ALA SB 64 22.64 -45.53 12.69
N ARG SB 65 21.40 -45.83 12.31
CA ARG SB 65 20.31 -45.97 13.25
C ARG SB 65 20.05 -47.40 13.66
N LYS SB 66 20.60 -48.37 12.93
CA LYS SB 66 20.46 -49.75 13.32
C LYS SB 66 21.52 -50.13 14.33
N LYS SB 67 21.17 -51.08 15.20
CA LYS SB 67 22.00 -51.50 16.30
C LYS SB 67 22.30 -52.98 16.20
N ILE SB 68 23.31 -53.42 16.94
CA ILE SB 68 23.76 -54.81 16.92
C ILE SB 68 24.42 -55.13 18.26
N THR SB 69 24.20 -56.34 18.75
CA THR SB 69 24.82 -56.77 19.99
C THR SB 69 25.15 -58.25 19.92
N GLY SB 70 26.21 -58.63 20.61
CA GLY SB 70 26.68 -59.99 20.61
C GLY SB 70 28.19 -60.03 20.79
N ASN SB 71 28.76 -61.18 20.49
CA ASN SB 71 30.21 -61.40 20.58
C ASN SB 71 30.72 -61.77 19.19
N PHE SB 72 31.59 -60.94 18.62
CA PHE SB 72 32.06 -61.20 17.27
C PHE SB 72 33.55 -61.47 17.25
N GLU SB 73 34.03 -61.95 16.12
CA GLU SB 73 35.41 -62.38 15.97
C GLU SB 73 35.82 -62.23 14.52
N PHE SB 74 36.75 -61.33 14.24
CA PHE SB 74 37.17 -61.04 12.87
C PHE SB 74 38.45 -61.81 12.57
N HIS SB 75 38.34 -62.84 11.73
CA HIS SB 75 39.48 -63.54 11.17
C HIS SB 75 39.42 -63.65 9.66
N ASP SB 76 38.29 -63.34 9.03
CA ASP SB 76 38.25 -63.05 7.60
C ASP SB 76 37.14 -62.05 7.38
N PRO SB 77 37.46 -60.76 7.52
CA PRO SB 77 36.39 -59.76 7.60
C PRO SB 77 35.74 -59.48 6.27
N ASN SB 78 36.36 -59.84 5.16
CA ASN SB 78 35.71 -59.67 3.88
C ASN SB 78 34.58 -60.67 3.67
N ALA SB 79 34.63 -61.81 4.35
CA ALA SB 79 33.49 -62.72 4.38
C ALA SB 79 32.55 -62.43 5.52
N LEU SB 80 33.03 -61.76 6.57
CA LEU SB 80 32.10 -61.40 7.64
C LEU SB 80 31.26 -60.21 7.25
N LEU SB 81 31.83 -59.29 6.47
CA LEU SB 81 31.06 -58.15 6.01
C LEU SB 81 30.07 -58.55 4.94
N GLU SB 82 30.42 -59.57 4.14
CA GLU SB 82 29.50 -60.04 3.12
C GLU SB 82 28.33 -60.80 3.72
N LYS SB 83 28.57 -61.52 4.81
CA LYS SB 83 27.45 -62.23 5.43
C LYS SB 83 26.58 -61.26 6.21
N LEU SB 84 27.20 -60.30 6.91
CA LEU SB 84 26.41 -59.40 7.75
C LEU SB 84 25.65 -58.37 6.94
N SER SB 85 26.13 -58.00 5.74
CA SER SB 85 25.36 -57.01 5.00
C SER SB 85 24.13 -57.61 4.35
N LEU SB 86 24.03 -58.93 4.30
CA LEU SB 86 22.84 -59.59 3.79
C LEU SB 86 21.89 -59.89 4.94
N GLN SB 87 22.43 -60.24 6.11
CA GLN SB 87 21.53 -60.51 7.21
C GLN SB 87 20.94 -59.21 7.75
N LEU SB 88 21.75 -58.17 7.91
CA LEU SB 88 21.24 -56.90 8.38
C LEU SB 88 20.47 -56.15 7.29
N GLY SB 89 20.93 -56.24 6.05
CA GLY SB 89 20.30 -55.55 4.94
C GLY SB 89 21.08 -54.29 4.68
N LEU SB 90 22.02 -54.38 3.75
CA LEU SB 90 23.03 -53.34 3.55
C LEU SB 90 23.63 -53.54 2.18
N ILE SB 91 24.25 -52.49 1.66
CA ILE SB 91 25.07 -52.56 0.47
C ILE SB 91 26.36 -51.83 0.77
N TRP SB 92 27.45 -52.32 0.20
CA TRP SB 92 28.76 -51.75 0.49
C TRP SB 92 29.60 -51.72 -0.77
N TYR SB 93 30.60 -50.85 -0.76
CA TYR SB 93 31.45 -50.68 -1.94
C TYR SB 93 32.83 -50.20 -1.53
N PHE SB 94 33.86 -50.86 -2.07
CA PHE SB 94 35.26 -50.55 -1.76
C PHE SB 94 35.93 -50.05 -3.03
N ASP SB 95 36.38 -48.80 -3.00
CA ASP SB 95 36.88 -48.12 -4.19
C ASP SB 95 38.40 -47.98 -4.22
N GLY SB 96 39.11 -48.72 -3.38
CA GLY SB 96 40.55 -48.68 -3.36
C GLY SB 96 41.15 -47.88 -2.21
N GLN SB 97 40.39 -46.95 -1.63
CA GLN SB 97 40.87 -46.15 -0.51
C GLN SB 97 40.00 -46.22 0.73
N ALA SB 98 38.73 -46.55 0.61
CA ALA SB 98 37.83 -46.62 1.76
C ALA SB 98 36.73 -47.62 1.46
N ILE SB 99 35.96 -47.95 2.49
CA ILE SB 99 34.83 -48.87 2.35
C ILE SB 99 33.58 -48.10 2.74
N TYR SB 100 32.65 -47.95 1.81
CA TYR SB 100 31.42 -47.24 2.06
C TYR SB 100 30.30 -48.24 2.37
N ILE SB 101 29.37 -47.82 3.24
CA ILE SB 101 28.27 -48.68 3.66
C ILE SB 101 26.98 -47.86 3.67
N TYR SB 102 25.97 -48.33 2.93
CA TYR SB 102 24.64 -47.73 2.90
C TYR SB 102 23.62 -48.82 3.16
N ASP SB 103 22.43 -48.42 3.59
CA ASP SB 103 21.38 -49.43 3.68
C ASP SB 103 20.76 -49.67 2.30
N ALA SB 104 19.95 -50.73 2.21
CA ALA SB 104 19.48 -51.19 0.91
C ALA SB 104 18.48 -50.25 0.27
N SER SB 105 17.83 -49.38 1.02
CA SER SB 105 16.84 -48.48 0.47
C SER SB 105 17.43 -47.19 -0.06
N GLU SB 106 18.73 -47.17 -0.32
CA GLU SB 106 19.41 -46.00 -0.87
C GLU SB 106 20.03 -46.26 -2.23
N MET SB 107 19.77 -47.42 -2.83
CA MET SB 107 20.38 -47.78 -4.11
C MET SB 107 19.78 -46.93 -5.23
N ARG SB 108 20.64 -46.41 -6.09
CA ARG SB 108 20.25 -45.51 -7.16
C ARG SB 108 20.37 -46.18 -8.52
N ASN SB 109 19.55 -45.73 -9.45
CA ASN SB 109 19.56 -46.22 -10.83
C ASN SB 109 19.91 -45.07 -11.77
N ALA SB 110 20.50 -45.42 -12.90
CA ALA SB 110 20.88 -44.44 -13.90
C ALA SB 110 21.01 -45.13 -15.24
N VAL SB 111 20.64 -44.41 -16.30
CA VAL SB 111 20.83 -44.87 -17.68
C VAL SB 111 21.50 -43.74 -18.46
N VAL SB 112 22.56 -44.06 -19.19
CA VAL SB 112 23.38 -43.07 -19.85
C VAL SB 112 23.80 -43.59 -21.22
N SER SB 113 23.71 -42.72 -22.23
CA SER SB 113 23.97 -43.10 -23.61
C SER SB 113 25.22 -42.40 -24.10
N LEU SB 114 26.21 -43.19 -24.50
CA LEU SB 114 27.43 -42.69 -25.08
C LEU SB 114 27.32 -42.68 -26.59
N ARG SB 115 27.97 -41.69 -27.22
CA ARG SB 115 27.89 -41.55 -28.67
C ARG SB 115 29.11 -42.14 -29.36
N ASN SB 116 30.31 -41.69 -28.98
CA ASN SB 116 31.52 -42.00 -29.73
C ASN SB 116 32.49 -42.88 -28.94
N VAL SB 117 31.96 -43.75 -28.07
CA VAL SB 117 32.79 -44.74 -27.38
C VAL SB 117 31.89 -45.94 -27.08
N SER SB 118 32.47 -47.12 -27.09
CA SER SB 118 31.70 -48.33 -26.88
C SER SB 118 31.68 -48.74 -25.40
N LEU SB 119 30.78 -49.67 -25.09
CA LEU SB 119 30.67 -50.17 -23.73
C LEU SB 119 31.85 -51.07 -23.40
N ASN SB 120 32.31 -51.85 -24.38
CA ASN SB 120 33.48 -52.67 -24.13
C ASN SB 120 34.75 -51.84 -24.04
N GLU SB 121 34.73 -50.63 -24.60
CA GLU SB 121 35.84 -49.69 -24.40
C GLU SB 121 35.75 -48.97 -23.07
N PHE SB 122 34.55 -48.83 -22.50
CA PHE SB 122 34.44 -48.21 -21.18
C PHE SB 122 34.72 -49.21 -20.06
N ASN SB 123 34.48 -50.49 -20.32
CA ASN SB 123 34.75 -51.49 -19.30
C ASN SB 123 36.24 -51.68 -19.08
N ASN SB 124 37.08 -51.28 -20.03
CA ASN SB 124 38.50 -51.34 -19.76
C ASN SB 124 38.92 -50.20 -18.84
N PHE SB 125 38.23 -49.06 -18.92
CA PHE SB 125 38.52 -47.98 -17.98
C PHE SB 125 38.07 -48.35 -16.58
N LEU SB 126 37.01 -49.14 -16.47
CA LEU SB 126 36.61 -49.58 -15.14
C LEU SB 126 37.45 -50.75 -14.63
N LYS SB 127 38.05 -51.53 -15.53
CA LYS SB 127 38.83 -52.70 -15.11
C LYS SB 127 40.27 -52.36 -14.79
N ARG SB 128 40.91 -51.50 -15.60
CA ARG SB 128 42.32 -51.20 -15.41
C ARG SB 128 42.56 -50.30 -14.20
N SER SB 129 41.66 -49.34 -13.98
CA SER SB 129 41.82 -48.44 -12.84
C SER SB 129 41.47 -49.09 -11.51
N GLY SB 130 40.85 -50.26 -11.51
CA GLY SB 130 40.52 -50.95 -10.29
C GLY SB 130 39.18 -50.61 -9.69
N LEU SB 131 38.32 -49.92 -10.43
CA LEU SB 131 36.98 -49.59 -9.98
C LEU SB 131 35.95 -50.60 -10.46
N TYR SB 132 36.39 -51.74 -10.99
CA TYR SB 132 35.48 -52.78 -11.42
C TYR SB 132 34.87 -53.46 -10.20
N ASN SB 133 33.59 -53.83 -10.31
CA ASN SB 133 32.87 -54.48 -9.22
C ASN SB 133 32.04 -55.60 -9.80
N LYS SB 134 32.33 -56.84 -9.39
CA LYS SB 134 31.63 -57.99 -9.95
C LYS SB 134 30.20 -58.12 -9.43
N ASN SB 135 29.86 -57.45 -8.33
CA ASN SB 135 28.50 -57.55 -7.81
C ASN SB 135 27.54 -56.66 -8.57
N TYR SB 136 27.98 -55.49 -9.01
CA TYR SB 136 27.15 -54.57 -9.77
C TYR SB 136 27.83 -54.20 -11.08
N PRO SB 137 27.73 -55.03 -12.11
CA PRO SB 137 28.33 -54.70 -13.39
C PRO SB 137 27.41 -53.77 -14.18
N LEU SB 138 27.83 -53.48 -15.41
CA LEU SB 138 27.07 -52.62 -16.31
C LEU SB 138 26.22 -53.50 -17.21
N ARG SB 139 24.92 -53.20 -17.27
CA ARG SB 139 23.97 -53.97 -18.04
C ARG SB 139 23.73 -53.27 -19.37
N GLY SB 140 24.09 -53.95 -20.45
CA GLY SB 140 23.88 -53.42 -21.78
C GLY SB 140 24.54 -54.31 -22.81
N ASP SB 141 24.27 -53.99 -24.07
CA ASP SB 141 24.92 -54.71 -25.15
C ASP SB 141 26.39 -54.28 -25.20
N ASN SB 142 27.25 -55.24 -25.56
CA ASN SB 142 28.67 -55.05 -25.34
C ASN SB 142 29.30 -54.06 -26.29
N ARG SB 143 28.78 -53.94 -27.52
CA ARG SB 143 29.30 -52.99 -28.49
C ARG SB 143 28.16 -52.09 -28.99
N LYS SB 144 27.81 -51.12 -28.15
CA LYS SB 144 26.72 -50.15 -28.36
C LYS SB 144 27.05 -48.92 -27.53
N GLY SB 145 26.06 -48.06 -27.33
CA GLY SB 145 26.28 -46.87 -26.54
C GLY SB 145 25.40 -46.75 -25.31
N THR SB 146 24.26 -47.44 -25.29
CA THR SB 146 23.31 -47.33 -24.20
C THR SB 146 23.50 -48.49 -23.23
N PHE SB 147 23.56 -48.17 -21.94
CA PHE SB 147 23.62 -49.21 -20.91
C PHE SB 147 22.94 -48.69 -19.66
N TYR SB 148 22.83 -49.57 -18.67
CA TYR SB 148 22.05 -49.34 -17.46
C TYR SB 148 22.87 -49.77 -16.26
N VAL SB 149 22.98 -48.88 -15.27
CA VAL SB 149 23.76 -49.15 -14.07
C VAL SB 149 22.85 -48.99 -12.85
N SER SB 150 23.18 -49.71 -11.78
CA SER SB 150 22.41 -49.62 -10.54
C SER SB 150 23.28 -50.13 -9.41
N GLY SB 151 23.48 -49.30 -8.38
CA GLY SB 151 24.29 -49.69 -7.25
C GLY SB 151 24.29 -48.65 -6.16
N PRO SB 152 25.35 -48.62 -5.37
CA PRO SB 152 25.48 -47.62 -4.30
C PRO SB 152 25.66 -46.22 -4.86
N PRO SB 153 25.30 -45.19 -4.08
CA PRO SB 153 25.35 -43.80 -4.58
C PRO SB 153 26.74 -43.23 -4.81
N VAL SB 154 27.80 -43.92 -4.39
CA VAL SB 154 29.14 -43.46 -4.74
C VAL SB 154 29.66 -44.19 -5.98
N TYR SB 155 29.06 -45.33 -6.33
CA TYR SB 155 29.43 -46.02 -7.55
C TYR SB 155 28.66 -45.50 -8.75
N VAL SB 156 27.40 -45.10 -8.52
CA VAL SB 156 26.58 -44.63 -9.64
C VAL SB 156 27.02 -43.25 -10.08
N ASP SB 157 27.28 -42.35 -9.13
CA ASP SB 157 27.66 -40.99 -9.50
C ASP SB 157 29.06 -40.93 -10.09
N MET SB 158 29.90 -41.92 -9.78
CA MET SB 158 31.21 -41.97 -10.41
C MET SB 158 31.11 -42.53 -11.81
N VAL SB 159 30.20 -43.50 -12.04
CA VAL SB 159 30.09 -44.08 -13.37
C VAL SB 159 29.49 -43.06 -14.33
N VAL SB 160 28.49 -42.30 -13.86
CA VAL SB 160 27.86 -41.30 -14.73
C VAL SB 160 28.81 -40.14 -14.98
N ASN SB 161 29.52 -39.68 -13.94
CA ASN SB 161 30.39 -38.53 -14.15
C ASN SB 161 31.66 -38.89 -14.90
N ALA SB 162 32.08 -40.15 -14.91
CA ALA SB 162 33.24 -40.53 -15.69
C ALA SB 162 32.86 -41.03 -17.07
N ALA SB 163 31.57 -41.23 -17.33
CA ALA SB 163 31.12 -41.63 -18.65
C ALA SB 163 30.73 -40.43 -19.49
N THR SB 164 30.04 -39.44 -18.90
CA THR SB 164 29.70 -38.25 -19.67
C THR SB 164 30.86 -37.26 -19.78
N MET SB 165 32.00 -37.54 -19.17
CA MET SB 165 33.19 -36.72 -19.32
C MET SB 165 34.20 -37.32 -20.28
N MET SB 166 33.92 -38.50 -20.84
CA MET SB 166 34.76 -39.05 -21.89
C MET SB 166 34.29 -38.67 -23.28
N ASP SB 167 32.99 -38.44 -23.47
CA ASP SB 167 32.50 -38.02 -24.76
C ASP SB 167 32.84 -36.57 -25.08
N LYS SB 168 33.14 -35.75 -24.09
CA LYS SB 168 33.66 -34.44 -24.39
C LYS SB 168 35.13 -34.46 -24.78
N GLN SB 169 35.84 -35.55 -24.50
CA GLN SB 169 37.23 -35.67 -24.89
C GLN SB 169 37.43 -36.52 -26.13
N ASN SB 170 36.48 -37.40 -26.47
CA ASN SB 170 36.61 -38.25 -27.65
C ASN SB 170 35.67 -37.82 -28.77
N LEU SB 175 36.57 -33.21 -36.59
CA LEU SB 175 36.94 -32.57 -37.85
C LEU SB 175 37.90 -33.42 -38.65
N GLY SB 176 38.05 -33.10 -39.93
CA GLY SB 176 38.96 -33.83 -40.80
C GLY SB 176 40.07 -32.97 -41.36
N ARG SB 177 41.31 -33.44 -41.23
CA ARG SB 177 42.44 -32.72 -41.77
C ARG SB 177 42.50 -32.85 -43.28
N GLN SB 178 42.94 -31.78 -43.95
CA GLN SB 178 43.12 -31.83 -45.38
C GLN SB 178 44.35 -32.67 -45.74
N LYS SB 179 44.38 -33.14 -46.98
CA LYS SB 179 45.42 -34.04 -47.45
C LYS SB 179 45.52 -33.92 -48.96
N ILE SB 180 46.75 -33.87 -49.47
CA ILE SB 180 47.01 -33.76 -50.90
C ILE SB 180 47.54 -35.09 -51.40
N GLY SB 181 46.89 -35.66 -52.40
CA GLY SB 181 47.30 -36.91 -53.00
C GLY SB 181 47.73 -36.70 -54.44
N VAL SB 182 48.75 -37.46 -54.85
CA VAL SB 182 49.29 -37.42 -56.20
C VAL SB 182 49.06 -38.77 -56.83
N MET SB 183 48.35 -38.80 -57.95
CA MET SB 183 47.94 -40.04 -58.62
C MET SB 183 48.51 -40.04 -60.04
N ARG SB 184 49.53 -40.85 -60.27
CA ARG SB 184 50.13 -40.93 -61.60
C ARG SB 184 49.30 -41.83 -62.49
N LEU SB 185 49.09 -41.40 -63.73
CA LEU SB 185 48.32 -42.14 -64.71
C LEU SB 185 49.28 -42.86 -65.66
N ASN SB 186 49.07 -44.16 -65.83
CA ASN SB 186 49.99 -44.98 -66.62
C ASN SB 186 49.50 -45.26 -68.02
N ASN SB 187 48.20 -45.16 -68.29
CA ASN SB 187 47.66 -45.60 -69.58
C ASN SB 187 46.81 -44.54 -70.27
N THR SB 188 46.93 -43.27 -69.88
CA THR SB 188 46.19 -42.21 -70.52
C THR SB 188 46.93 -40.88 -70.35
N PHE SB 189 46.36 -39.84 -70.95
CA PHE SB 189 46.94 -38.50 -70.92
C PHE SB 189 46.03 -37.57 -70.13
N VAL SB 190 46.63 -36.73 -69.29
CA VAL SB 190 45.94 -35.57 -68.73
C VAL SB 190 46.00 -34.46 -69.78
N GLY SB 191 44.98 -33.62 -69.80
CA GLY SB 191 44.96 -32.49 -70.71
C GLY SB 191 44.28 -32.83 -72.03
N ASP SB 192 43.90 -31.77 -72.73
CA ASP SB 192 43.09 -31.88 -73.92
C ASP SB 192 43.95 -32.16 -75.15
N ARG SB 193 43.32 -32.79 -76.14
CA ARG SB 193 43.94 -33.06 -77.42
C ARG SB 193 43.27 -32.22 -78.50
N THR SB 194 44.06 -31.68 -79.42
CA THR SB 194 43.55 -30.76 -80.43
C THR SB 194 44.01 -31.23 -81.81
N TYR SB 195 43.09 -31.15 -82.79
CA TYR SB 195 43.40 -31.42 -84.18
C TYR SB 195 42.54 -30.50 -85.05
N ASN SB 196 42.74 -30.56 -86.36
CA ASN SB 196 42.10 -29.64 -87.29
C ASN SB 196 41.50 -30.41 -88.47
N LEU SB 197 40.36 -29.90 -88.98
CA LEU SB 197 39.82 -30.34 -90.27
C LEU SB 197 39.79 -29.12 -91.18
N ARG SB 198 40.96 -28.76 -91.70
CA ARG SB 198 41.23 -27.84 -92.79
C ARG SB 198 40.90 -26.37 -92.53
N ASP SB 199 40.02 -26.07 -91.56
CA ASP SB 199 39.84 -24.70 -91.11
C ASP SB 199 39.52 -24.60 -89.63
N GLN SB 200 38.93 -25.65 -89.06
CA GLN SB 200 38.31 -25.59 -87.75
C GLN SB 200 39.04 -26.48 -86.77
N LYS SB 201 39.03 -26.08 -85.50
CA LYS SB 201 39.75 -26.77 -84.45
C LYS SB 201 38.77 -27.55 -83.60
N MET SB 202 39.11 -28.80 -83.31
CA MET SB 202 38.33 -29.66 -82.43
C MET SB 202 39.14 -29.94 -81.16
N VAL SB 203 38.49 -29.81 -80.00
CA VAL SB 203 39.12 -30.00 -78.71
C VAL SB 203 38.38 -31.10 -77.98
N ILE SB 204 39.11 -32.10 -77.52
CA ILE SB 204 38.55 -33.25 -76.80
C ILE SB 204 38.93 -33.09 -75.33
N PRO SB 205 37.97 -33.12 -74.41
CA PRO SB 205 38.32 -32.97 -72.99
C PRO SB 205 38.98 -34.22 -72.42
N GLY SB 206 40.01 -34.00 -71.61
CA GLY SB 206 40.77 -35.08 -71.03
C GLY SB 206 40.16 -35.60 -69.75
N ILE SB 207 40.99 -36.27 -68.95
CA ILE SB 207 40.50 -36.82 -67.69
C ILE SB 207 40.43 -35.76 -66.61
N ALA SB 208 41.15 -34.66 -66.74
CA ALA SB 208 41.15 -33.64 -65.69
C ALA SB 208 40.04 -32.63 -65.86
N THR SB 209 39.38 -32.61 -67.01
CA THR SB 209 38.22 -31.76 -67.23
C THR SB 209 36.92 -32.51 -66.96
N ALA SB 210 36.95 -33.83 -67.10
CA ALA SB 210 35.74 -34.62 -66.86
C ALA SB 210 35.42 -34.75 -65.39
N ILE SB 211 36.45 -34.97 -64.55
CA ILE SB 211 36.20 -35.09 -63.12
C ILE SB 211 36.03 -33.72 -62.48
N GLU SB 212 36.57 -32.66 -63.09
CA GLU SB 212 36.39 -31.32 -62.55
C GLU SB 212 34.95 -30.83 -62.75
N ARG SB 213 34.33 -31.21 -63.87
CA ARG SB 213 32.93 -30.86 -64.08
C ARG SB 213 31.99 -31.77 -63.31
N LEU SB 214 32.46 -32.94 -62.87
CA LEU SB 214 31.61 -33.83 -62.09
C LEU SB 214 31.46 -33.32 -60.66
N LEU SB 215 32.49 -32.68 -60.13
CA LEU SB 215 32.50 -32.18 -58.75
C LEU SB 215 32.24 -30.68 -58.69
N GLN SB 216 31.60 -30.14 -59.72
CA GLN SB 216 31.34 -28.70 -59.78
C GLN SB 216 30.04 -28.38 -59.07
N GLY SB 217 30.04 -27.28 -58.31
CA GLY SB 217 28.91 -26.98 -57.44
C GLY SB 217 28.86 -27.98 -56.31
N GLU SB 218 27.85 -28.86 -56.35
CA GLU SB 218 27.83 -30.13 -55.62
C GLU SB 218 27.93 -29.97 -54.11
N GLU SB 219 26.89 -29.35 -53.53
CA GLU SB 219 26.76 -29.29 -52.09
C GLU SB 219 26.24 -30.61 -51.56
N GLN SB 220 27.08 -31.65 -51.56
CA GLN SB 220 26.65 -33.00 -51.26
C GLN SB 220 27.58 -33.67 -50.25
N PRO SB 221 27.04 -34.41 -49.28
CA PRO SB 221 27.89 -35.01 -48.24
C PRO SB 221 28.71 -36.20 -48.71
N LEU SB 222 29.81 -35.94 -49.41
CA LEU SB 222 30.65 -37.02 -49.88
C LEU SB 222 31.62 -37.48 -48.78
N GLY SB 223 31.69 -38.79 -48.59
CA GLY SB 223 32.61 -39.37 -47.63
C GLY SB 223 33.29 -40.61 -48.17
N ALA SB 262 33.52 -33.69 -45.21
CA ALA SB 262 32.88 -32.42 -45.51
C ALA SB 262 31.90 -32.56 -46.67
N ALA SB 263 31.96 -31.65 -47.64
CA ALA SB 263 31.06 -31.64 -48.78
C ALA SB 263 31.77 -32.16 -50.01
N ALA SB 264 31.02 -32.32 -51.10
CA ALA SB 264 31.62 -32.72 -52.36
C ALA SB 264 32.07 -31.53 -53.17
N GLY SB 265 31.72 -30.33 -52.73
CA GLY SB 265 32.03 -29.11 -53.45
C GLY SB 265 33.32 -28.43 -53.09
N ASN SB 266 34.04 -28.91 -52.09
CA ASN SB 266 35.32 -28.33 -51.71
C ASN SB 266 36.50 -29.18 -52.13
N ILE SB 267 36.31 -30.15 -53.03
CA ILE SB 267 37.42 -30.91 -53.56
C ILE SB 267 38.01 -30.18 -54.76
N LYS SB 268 39.33 -29.99 -54.76
CA LYS SB 268 40.03 -29.32 -55.83
C LYS SB 268 40.84 -30.35 -56.61
N ILE SB 269 40.70 -30.33 -57.93
CA ILE SB 269 41.43 -31.24 -58.82
C ILE SB 269 42.15 -30.40 -59.85
N VAL SB 270 43.48 -30.52 -59.89
CA VAL SB 270 44.33 -29.72 -60.77
C VAL SB 270 45.25 -30.66 -61.53
N ALA SB 271 45.29 -30.53 -62.85
CA ALA SB 271 46.15 -31.33 -63.70
C ALA SB 271 47.59 -30.83 -63.59
N TYR SB 272 48.52 -31.77 -63.42
CA TYR SB 272 49.94 -31.44 -63.45
C TYR SB 272 50.59 -32.21 -64.59
N PRO SB 273 50.73 -31.62 -65.77
CA PRO SB 273 51.18 -32.39 -66.95
C PRO SB 273 52.66 -32.70 -66.95
N ASP SB 274 53.44 -32.13 -66.04
CA ASP SB 274 54.90 -32.26 -66.12
C ASP SB 274 55.34 -33.65 -65.67
N THR SB 275 54.51 -34.34 -64.88
CA THR SB 275 54.76 -35.74 -64.54
C THR SB 275 53.55 -36.62 -64.83
N ASN SB 276 52.56 -36.09 -65.54
CA ASN SB 276 51.35 -36.81 -65.98
C ASN SB 276 50.58 -37.40 -64.79
N SER SB 277 50.10 -36.51 -63.93
CA SER SB 277 49.46 -36.94 -62.70
C SER SB 277 48.46 -35.89 -62.25
N LEU SB 278 47.48 -36.34 -61.48
CA LEU SB 278 46.45 -35.48 -60.92
C LEU SB 278 46.82 -35.06 -59.51
N LEU SB 279 46.34 -33.88 -59.10
CA LEU SB 279 46.54 -33.37 -57.76
C LEU SB 279 45.17 -33.16 -57.13
N VAL SB 280 44.84 -33.96 -56.11
CA VAL SB 280 43.55 -33.91 -55.43
C VAL SB 280 43.78 -33.41 -54.02
N LYS SB 281 42.99 -32.41 -53.61
CA LYS SB 281 43.07 -31.85 -52.26
C LYS SB 281 41.72 -32.02 -51.59
N GLY SB 282 41.70 -32.75 -50.48
CA GLY SB 282 40.48 -32.94 -49.74
C GLY SB 282 40.78 -33.61 -48.43
N THR SB 283 39.75 -34.19 -47.81
CA THR SB 283 39.94 -34.94 -46.58
C THR SB 283 40.56 -36.29 -46.89
N ALA SB 284 40.83 -37.08 -45.84
CA ALA SB 284 41.44 -38.38 -46.02
C ALA SB 284 40.48 -39.41 -46.59
N GLU SB 285 39.18 -39.12 -46.58
CA GLU SB 285 38.19 -40.03 -47.15
C GLU SB 285 37.80 -39.65 -48.56
N GLN SB 286 37.91 -38.37 -48.92
CA GLN SB 286 37.62 -37.96 -50.29
C GLN SB 286 38.79 -38.23 -51.23
N VAL SB 287 40.02 -38.23 -50.71
CA VAL SB 287 41.17 -38.53 -51.54
C VAL SB 287 41.18 -40.00 -51.93
N HIS SB 288 40.84 -40.88 -50.99
CA HIS SB 288 40.67 -42.30 -51.29
C HIS SB 288 39.48 -42.56 -52.19
N PHE SB 289 38.51 -41.65 -52.21
CA PHE SB 289 37.31 -41.84 -53.04
C PHE SB 289 37.61 -41.56 -54.51
N ILE SB 290 38.49 -40.60 -54.80
CA ILE SB 290 38.84 -40.30 -56.18
C ILE SB 290 39.92 -41.27 -56.68
N GLU SB 291 40.73 -41.81 -55.77
CA GLU SB 291 41.77 -42.75 -56.17
C GLU SB 291 41.18 -44.08 -56.65
N MET SB 292 40.01 -44.46 -56.15
CA MET SB 292 39.35 -45.66 -56.64
C MET SB 292 38.60 -45.43 -57.94
N LEU SB 293 38.24 -44.18 -58.25
CA LEU SB 293 37.61 -43.89 -59.53
C LEU SB 293 38.64 -43.83 -60.64
N VAL SB 294 39.83 -43.31 -60.35
CA VAL SB 294 40.88 -43.14 -61.34
C VAL SB 294 41.40 -44.50 -61.83
N LYS SB 295 41.53 -45.46 -60.92
CA LYS SB 295 41.99 -46.79 -61.31
C LYS SB 295 40.98 -47.59 -62.10
N ALA SB 296 39.73 -47.11 -62.23
CA ALA SB 296 38.75 -47.74 -63.10
C ALA SB 296 38.68 -47.09 -64.47
N LEU SB 297 39.13 -45.85 -64.60
CA LEU SB 297 39.20 -45.15 -65.88
C LEU SB 297 40.56 -45.27 -66.55
N ASP SB 298 41.49 -46.01 -65.96
CA ASP SB 298 42.87 -46.07 -66.45
C ASP SB 298 43.14 -47.50 -66.94
N VAL SB 299 42.82 -47.75 -68.20
CA VAL SB 299 43.00 -49.05 -68.81
C VAL SB 299 43.80 -48.88 -70.11
N ALA SB 300 44.47 -49.96 -70.50
CA ALA SB 300 45.26 -49.97 -71.73
C ALA SB 300 44.36 -50.17 -72.94
N LYS SB 301 44.71 -49.51 -74.04
CA LYS SB 301 43.90 -49.50 -75.25
C LYS SB 301 44.45 -50.46 -76.29
N ARG SB 302 43.63 -50.74 -77.30
CA ARG SB 302 43.98 -51.61 -78.41
C ARG SB 302 44.07 -50.80 -79.69
N HIS SB 303 44.80 -51.33 -80.65
CA HIS SB 303 45.08 -50.63 -81.90
C HIS SB 303 44.18 -51.12 -83.02
N VAL SB 304 43.66 -50.19 -83.82
CA VAL SB 304 42.85 -50.49 -84.98
C VAL SB 304 43.54 -49.89 -86.20
N GLU SB 305 43.69 -50.68 -87.25
CA GLU SB 305 44.22 -50.20 -88.52
C GLU SB 305 43.10 -50.25 -89.55
N LEU SB 306 42.77 -49.10 -90.12
CA LEU SB 306 41.65 -48.97 -91.04
C LEU SB 306 42.17 -48.84 -92.47
N SER SB 307 41.69 -49.70 -93.36
CA SER SB 307 42.07 -49.68 -94.76
C SER SB 307 40.83 -49.46 -95.61
N LEU SB 308 40.89 -48.47 -96.49
CA LEU SB 308 39.76 -48.08 -97.32
C LEU SB 308 40.13 -48.24 -98.79
N TRP SB 309 39.30 -48.94 -99.55
CA TRP SB 309 39.53 -49.18 -100.96
C TRP SB 309 38.62 -48.28 -101.78
N ILE SB 310 39.17 -47.64 -102.80
CA ILE SB 310 38.43 -46.82 -103.75
C ILE SB 310 38.73 -47.36 -105.15
N VAL SB 311 37.79 -48.10 -105.72
CA VAL SB 311 37.94 -48.73 -107.03
C VAL SB 311 37.16 -47.91 -108.04
N ASP SB 312 37.77 -47.62 -109.19
CA ASP SB 312 37.17 -46.77 -110.20
C ASP SB 312 37.46 -47.36 -111.56
N LEU SB 313 36.42 -47.73 -112.30
CA LEU SB 313 36.58 -48.32 -113.62
C LEU SB 313 35.81 -47.49 -114.64
N ASN SB 314 36.28 -47.55 -115.89
CA ASN SB 314 35.64 -46.86 -117.00
C ASN SB 314 35.69 -47.75 -118.23
N LYS SB 315 34.91 -47.35 -119.24
CA LYS SB 315 34.82 -48.01 -120.53
C LYS SB 315 34.08 -47.06 -121.46
N SER SB 316 34.40 -47.14 -122.75
CA SER SB 316 33.79 -46.22 -123.69
C SER SB 316 33.79 -46.82 -125.09
N ASP SB 317 33.08 -46.15 -125.99
CA ASP SB 317 32.96 -46.56 -127.39
C ASP SB 317 32.41 -45.35 -128.14
N LEU SB 318 32.81 -45.21 -129.41
CA LEU SB 318 32.44 -44.05 -130.20
C LEU SB 318 32.68 -44.35 -131.68
N GLU SB 319 31.77 -43.89 -132.53
CA GLU SB 319 31.93 -44.07 -133.98
C GLU SB 319 31.13 -43.02 -134.71
N ARG SB 320 31.78 -42.19 -135.51
CA ARG SB 320 31.11 -41.25 -136.40
C ARG SB 320 31.50 -41.54 -137.84
N LEU SB 321 30.54 -41.46 -138.75
CA LEU SB 321 30.82 -41.71 -140.17
C LEU SB 321 29.73 -41.04 -141.01
N GLY SB 322 30.11 -40.02 -141.76
CA GLY SB 322 29.17 -39.37 -142.65
C GLY SB 322 29.55 -37.93 -142.89
N THR SB 323 28.79 -37.29 -143.77
CA THR SB 323 29.01 -35.91 -144.18
C THR SB 323 27.84 -35.04 -143.75
N SER SB 324 28.01 -33.72 -143.92
CA SER SB 324 26.99 -32.75 -143.55
C SER SB 324 27.22 -31.48 -144.36
N TRP SB 325 26.28 -31.14 -145.23
CA TRP SB 325 26.42 -30.03 -146.17
C TRP SB 325 25.81 -28.76 -145.59
N SER SB 326 26.57 -27.66 -145.63
CA SER SB 326 26.09 -26.38 -145.13
C SER SB 326 26.94 -25.27 -145.76
N GLY SB 327 26.35 -24.48 -146.64
CA GLY SB 327 27.08 -23.43 -147.30
C GLY SB 327 26.19 -22.47 -148.05
N SER SB 328 26.81 -21.44 -148.61
CA SER SB 328 26.15 -20.42 -149.41
C SER SB 328 26.78 -20.32 -150.80
N ILE SB 329 26.09 -19.60 -151.68
CA ILE SB 329 26.54 -19.46 -153.07
C ILE SB 329 26.01 -18.12 -153.58
N THR SB 330 26.56 -17.65 -154.69
CA THR SB 330 26.08 -16.45 -155.37
C THR SB 330 26.01 -16.71 -156.86
N ILE SB 331 24.82 -16.53 -157.44
CA ILE SB 331 24.55 -16.91 -158.82
C ILE SB 331 24.25 -15.63 -159.60
N GLY SB 332 25.27 -15.09 -160.27
CA GLY SB 332 25.08 -14.01 -161.23
C GLY SB 332 24.59 -12.71 -160.66
N ASP SB 333 25.02 -12.36 -159.43
CA ASP SB 333 24.78 -11.09 -158.70
C ASP SB 333 23.33 -10.58 -158.74
N LYS SB 334 22.38 -11.49 -158.90
CA LYS SB 334 20.96 -11.17 -158.83
C LYS SB 334 20.14 -12.13 -157.98
N LEU SB 335 20.62 -13.35 -157.74
CA LEU SB 335 19.95 -14.27 -156.85
C LEU SB 335 20.99 -15.18 -156.21
N GLY SB 336 20.76 -15.50 -154.95
CA GLY SB 336 21.67 -16.35 -154.21
C GLY SB 336 20.91 -17.45 -153.51
N VAL SB 337 21.60 -18.59 -153.32
CA VAL SB 337 21.01 -19.78 -152.73
C VAL SB 337 21.79 -20.14 -151.48
N SER SB 338 21.09 -20.28 -150.36
CA SER SB 338 21.69 -20.77 -149.13
C SER SB 338 21.29 -22.23 -148.93
N LEU SB 339 21.90 -22.88 -147.95
CA LEU SB 339 21.61 -24.27 -147.63
C LEU SB 339 21.94 -24.53 -146.16
N ASN SB 340 20.89 -24.81 -145.37
CA ASN SB 340 20.98 -25.22 -143.96
C ASN SB 340 21.71 -24.19 -143.11
N GLN SB 341 21.38 -22.92 -143.29
CA GLN SB 341 22.02 -21.83 -142.57
C GLN SB 341 20.98 -20.87 -142.03
N SER SB 342 21.46 -19.93 -141.20
CA SER SB 342 20.62 -18.86 -140.68
C SER SB 342 21.11 -17.49 -141.15
N SER SB 343 22.41 -17.25 -141.09
CA SER SB 343 23.02 -16.02 -141.58
C SER SB 343 23.67 -16.27 -142.93
N ILE SB 344 23.37 -15.41 -143.90
CA ILE SB 344 23.80 -15.62 -145.28
C ILE SB 344 24.70 -14.44 -145.69
N SER SB 345 24.45 -13.28 -145.08
CA SER SB 345 25.12 -12.05 -145.52
C SER SB 345 26.59 -12.04 -145.16
N THR SB 346 26.94 -12.44 -143.93
CA THR SB 346 28.34 -12.49 -143.53
C THR SB 346 29.07 -13.70 -144.09
N LEU SB 347 28.35 -14.68 -144.64
CA LEU SB 347 28.94 -15.79 -145.39
C LEU SB 347 28.59 -15.72 -146.87
N ASP SB 348 28.47 -14.50 -147.42
CA ASP SB 348 28.08 -14.37 -148.83
C ASP SB 348 29.24 -14.65 -149.77
N GLY SB 349 30.46 -14.28 -149.39
CA GLY SB 349 31.62 -14.53 -150.21
C GLY SB 349 32.22 -15.91 -150.08
N SER SB 350 31.63 -16.77 -149.27
CA SER SB 350 32.15 -18.12 -149.04
C SER SB 350 31.50 -19.09 -150.02
N ARG SB 351 31.67 -20.38 -149.76
CA ARG SB 351 31.21 -21.44 -150.67
C ARG SB 351 30.51 -22.55 -149.89
N PHE SB 352 30.21 -23.65 -150.57
CA PHE SB 352 29.63 -24.80 -149.90
C PHE SB 352 30.69 -25.54 -149.09
N ILE SB 353 30.29 -26.05 -147.93
CA ILE SB 353 31.17 -26.80 -147.05
C ILE SB 353 30.59 -28.18 -146.85
N ALA SB 354 31.39 -29.21 -147.09
CA ALA SB 354 30.99 -30.60 -146.87
C ALA SB 354 31.85 -31.17 -145.76
N ALA SB 355 31.41 -31.00 -144.52
CA ALA SB 355 32.16 -31.44 -143.36
C ALA SB 355 32.05 -32.95 -143.22
N VAL SB 356 33.17 -33.65 -143.36
CA VAL SB 356 33.22 -35.11 -143.30
C VAL SB 356 33.78 -35.50 -141.94
N ASN SB 357 33.22 -36.54 -141.35
CA ASN SB 357 33.69 -37.09 -140.08
C ASN SB 357 33.94 -38.58 -140.23
N ALA SB 358 35.07 -39.05 -139.69
CA ALA SB 358 35.38 -40.46 -139.68
C ALA SB 358 36.23 -40.75 -138.46
N LEU SB 359 35.73 -41.61 -137.57
CA LEU SB 359 36.38 -41.89 -136.30
C LEU SB 359 35.82 -43.18 -135.74
N GLU SB 360 36.65 -43.88 -134.96
CA GLU SB 360 36.23 -45.11 -134.31
C GLU SB 360 37.14 -45.31 -133.10
N GLU SB 361 36.60 -45.11 -131.90
CA GLU SB 361 37.40 -44.98 -130.69
C GLU SB 361 36.98 -46.01 -129.65
N LYS SB 362 37.97 -46.61 -128.98
CA LYS SB 362 37.77 -47.44 -127.81
C LYS SB 362 38.55 -46.84 -126.65
N LYS SB 363 38.18 -47.22 -125.44
CA LYS SB 363 38.79 -46.64 -124.25
C LYS SB 363 38.57 -47.56 -123.06
N GLN SB 364 39.46 -47.46 -122.08
CA GLN SB 364 39.40 -48.22 -120.84
C GLN SB 364 40.32 -47.58 -119.83
N ALA SB 365 39.90 -47.55 -118.56
CA ALA SB 365 40.70 -46.92 -117.52
C ALA SB 365 40.32 -47.50 -116.17
N THR SB 366 41.33 -47.97 -115.43
CA THR SB 366 41.14 -48.48 -114.07
C THR SB 366 42.01 -47.69 -113.12
N VAL SB 367 41.48 -47.39 -111.93
CA VAL SB 367 42.21 -46.68 -110.88
C VAL SB 367 41.83 -47.33 -109.55
N VAL SB 368 42.82 -47.79 -108.80
CA VAL SB 368 42.61 -48.36 -107.48
C VAL SB 368 43.49 -47.60 -106.49
N SER SB 369 42.86 -46.86 -105.58
CA SER SB 369 43.56 -46.09 -104.57
C SER SB 369 43.19 -46.61 -103.19
N ARG SB 370 44.11 -46.45 -102.24
CA ARG SB 370 43.95 -47.06 -100.91
C ARG SB 370 44.70 -46.27 -99.85
N PRO SB 371 44.00 -45.56 -98.97
CA PRO SB 371 44.64 -44.98 -97.79
C PRO SB 371 44.57 -45.88 -96.58
N VAL SB 372 45.63 -45.87 -95.77
CA VAL SB 372 45.76 -46.71 -94.57
C VAL SB 372 46.04 -45.79 -93.39
N LEU SB 373 45.38 -46.05 -92.26
CA LEU SB 373 45.51 -45.21 -91.07
C LEU SB 373 45.45 -46.10 -89.83
N LEU SB 374 46.25 -45.75 -88.81
CA LEU SB 374 46.34 -46.53 -87.57
C LEU SB 374 46.00 -45.63 -86.39
N THR SB 375 45.14 -46.12 -85.50
CA THR SB 375 44.75 -45.39 -84.31
C THR SB 375 44.36 -46.38 -83.22
N GLN SB 376 43.89 -45.84 -82.10
CA GLN SB 376 43.49 -46.63 -80.94
C GLN SB 376 41.98 -46.61 -80.78
N GLU SB 377 41.49 -47.29 -79.75
CA GLU SB 377 40.07 -47.26 -79.43
C GLU SB 377 39.66 -45.87 -78.97
N ASN SB 378 38.47 -45.44 -79.41
CA ASN SB 378 37.80 -44.21 -78.95
C ASN SB 378 38.63 -42.95 -79.16
N VAL SB 379 39.50 -42.96 -80.17
CA VAL SB 379 40.37 -41.84 -80.46
C VAL SB 379 40.11 -41.40 -81.90
N PRO SB 380 39.73 -40.15 -82.14
CA PRO SB 380 39.53 -39.69 -83.53
C PRO SB 380 40.86 -39.48 -84.22
N ALA SB 381 40.95 -39.97 -85.45
CA ALA SB 381 42.15 -39.85 -86.26
C ALA SB 381 41.80 -39.25 -87.61
N ILE SB 382 42.82 -38.66 -88.27
CA ILE SB 382 42.63 -37.99 -89.55
C ILE SB 382 43.77 -38.37 -90.49
N PHE SB 383 43.42 -38.84 -91.68
CA PHE SB 383 44.33 -38.90 -92.81
C PHE SB 383 43.86 -37.89 -93.84
N ASP SB 384 44.80 -37.15 -94.43
CA ASP SB 384 44.47 -36.07 -95.34
C ASP SB 384 45.53 -35.99 -96.42
N ASN SB 385 45.11 -35.92 -97.67
CA ASN SB 385 46.03 -35.78 -98.81
C ASN SB 385 45.38 -34.80 -99.78
N ASN SB 386 45.69 -33.52 -99.63
CA ASN SB 386 44.96 -32.48 -100.32
C ASN SB 386 45.86 -31.67 -101.24
N ARG SB 387 45.28 -30.64 -101.84
CA ARG SB 387 45.95 -29.74 -102.77
C ARG SB 387 45.29 -28.36 -102.66
N THR SB 388 46.10 -27.33 -102.54
CA THR SB 388 45.62 -25.99 -102.27
C THR SB 388 45.88 -25.12 -103.50
N PHE SB 389 44.93 -24.27 -103.85
CA PHE SB 389 44.99 -23.40 -105.01
C PHE SB 389 44.81 -21.96 -104.55
N TYR SB 390 45.86 -21.15 -104.68
CA TYR SB 390 45.86 -19.79 -104.18
C TYR SB 390 45.56 -18.82 -105.31
N THR SB 391 44.71 -17.83 -105.01
CA THR SB 391 44.32 -16.83 -105.99
C THR SB 391 44.54 -15.44 -105.42
N LYS SB 392 44.65 -14.46 -106.31
CA LYS SB 392 44.97 -13.08 -105.94
C LYS SB 392 43.76 -12.20 -106.21
N LEU SB 393 42.96 -11.98 -105.17
CA LEU SB 393 41.82 -11.08 -105.23
C LEU SB 393 42.34 -9.67 -105.00
N ILE SB 394 42.50 -8.91 -106.07
CA ILE SB 394 43.12 -7.59 -105.97
C ILE SB 394 42.07 -6.58 -105.53
N GLY SB 395 41.88 -6.50 -104.21
CA GLY SB 395 41.04 -5.49 -103.61
C GLY SB 395 41.89 -4.36 -103.07
N GLU SB 396 41.28 -3.54 -102.21
CA GLU SB 396 42.00 -2.45 -101.60
C GLU SB 396 42.04 -2.50 -100.07
N ARG SB 397 41.01 -3.03 -99.42
CA ARG SB 397 40.91 -2.94 -97.96
C ARG SB 397 41.21 -4.25 -97.27
N ASN SB 398 40.36 -5.23 -97.55
CA ASN SB 398 40.44 -6.54 -96.92
C ASN SB 398 41.07 -7.46 -97.95
N VAL SB 399 42.27 -7.10 -98.37
CA VAL SB 399 43.05 -7.88 -99.33
C VAL SB 399 43.40 -9.21 -98.67
N ALA SB 400 43.22 -10.29 -99.43
CA ALA SB 400 43.34 -11.60 -98.83
C ALA SB 400 43.79 -12.58 -99.90
N LEU SB 401 44.46 -13.63 -99.45
CA LEU SB 401 44.78 -14.78 -100.28
C LEU SB 401 43.68 -15.80 -100.03
N GLU SB 402 42.76 -15.92 -100.98
CA GLU SB 402 41.69 -16.90 -100.87
C GLU SB 402 42.14 -18.19 -101.51
N HIS SB 403 41.66 -19.32 -100.96
CA HIS SB 403 42.16 -20.61 -101.40
C HIS SB 403 41.02 -21.63 -101.37
N VAL SB 404 41.16 -22.62 -102.25
CA VAL SB 404 40.28 -23.79 -102.27
C VAL SB 404 41.16 -25.00 -101.98
N THR SB 405 40.52 -26.09 -101.57
CA THR SB 405 41.21 -27.29 -101.13
C THR SB 405 40.42 -28.51 -101.55
N TYR SB 406 41.10 -29.51 -102.11
CA TYR SB 406 40.44 -30.73 -102.54
C TYR SB 406 41.42 -31.89 -102.43
N GLY SB 407 40.90 -33.05 -102.03
CA GLY SB 407 41.75 -34.23 -101.95
C GLY SB 407 41.08 -35.31 -101.11
N THR SB 408 41.80 -36.41 -100.92
CA THR SB 408 41.32 -37.54 -100.15
C THR SB 408 41.40 -37.23 -98.66
N MET SB 409 40.41 -37.66 -97.90
CA MET SB 409 40.33 -37.32 -96.48
C MET SB 409 39.44 -38.33 -95.76
N ILE SB 410 39.96 -38.92 -94.69
CA ILE SB 410 39.20 -39.83 -93.83
C ILE SB 410 39.25 -39.31 -92.41
N ARG SB 411 38.13 -39.35 -91.72
CA ARG SB 411 38.08 -39.10 -90.28
C ARG SB 411 37.24 -40.20 -89.64
N VAL SB 412 37.88 -41.01 -88.78
CA VAL SB 412 37.26 -42.21 -88.27
C VAL SB 412 37.33 -42.19 -86.75
N LEU SB 413 36.41 -42.91 -86.12
CA LEU SB 413 36.35 -43.02 -84.65
C LEU SB 413 36.01 -44.47 -84.33
N PRO SB 414 37.01 -45.33 -84.19
CA PRO SB 414 36.74 -46.76 -84.01
C PRO SB 414 36.39 -47.09 -82.57
N ARG SB 415 35.72 -48.23 -82.41
CA ARG SB 415 35.22 -48.67 -81.12
C ARG SB 415 34.89 -50.15 -81.19
N PHE SB 416 35.35 -50.91 -80.20
CA PHE SB 416 35.07 -52.34 -80.16
C PHE SB 416 33.74 -52.60 -79.48
N SER SB 417 32.95 -53.49 -80.06
CA SER SB 417 31.67 -53.89 -79.48
C SER SB 417 31.89 -55.02 -78.48
N ALA SB 418 30.81 -55.62 -78.00
CA ALA SB 418 30.92 -56.68 -77.00
C ALA SB 418 31.27 -58.02 -77.62
N ASP SB 419 30.99 -58.21 -78.90
CA ASP SB 419 31.24 -59.48 -79.58
C ASP SB 419 32.60 -59.54 -80.25
N GLY SB 420 33.30 -58.43 -80.34
CA GLY SB 420 34.56 -58.37 -81.07
C GLY SB 420 34.47 -57.70 -82.43
N GLN SB 421 33.35 -57.08 -82.76
CA GLN SB 421 33.21 -56.35 -84.01
C GLN SB 421 33.60 -54.89 -83.79
N ILE SB 422 33.94 -54.22 -84.89
CA ILE SB 422 34.49 -52.87 -84.84
C ILE SB 422 33.48 -51.93 -85.50
N GLU SB 423 32.89 -51.04 -84.70
CA GLU SB 423 32.00 -50.02 -85.23
C GLU SB 423 32.76 -48.72 -85.46
N MET SB 424 32.46 -48.08 -86.58
CA MET SB 424 33.20 -46.90 -87.02
C MET SB 424 32.24 -45.79 -87.39
N SER SB 425 32.66 -44.54 -87.15
CA SER SB 425 31.90 -43.36 -87.53
C SER SB 425 32.69 -42.62 -88.60
N LEU SB 426 32.28 -42.77 -89.85
CA LEU SB 426 33.09 -42.41 -91.00
C LEU SB 426 32.72 -41.04 -91.55
N ASP SB 427 33.71 -40.37 -92.15
CA ASP SB 427 33.56 -39.11 -92.87
C ASP SB 427 34.55 -39.13 -94.02
N ILE SB 428 34.11 -39.57 -95.19
CA ILE SB 428 34.99 -39.83 -96.33
C ILE SB 428 34.78 -38.74 -97.36
N GLU SB 429 35.88 -38.20 -97.89
CA GLU SB 429 35.86 -37.27 -99.01
C GLU SB 429 36.91 -37.70 -100.02
N ASP SB 430 36.53 -37.77 -101.29
CA ASP SB 430 37.46 -38.09 -102.37
C ASP SB 430 37.18 -37.14 -103.52
N GLY SB 431 38.06 -36.18 -103.72
CA GLY SB 431 37.88 -35.18 -104.76
C GLY SB 431 39.09 -35.12 -105.69
N ASN SB 432 38.86 -34.58 -106.88
CA ASN SB 432 39.92 -34.35 -107.85
C ASN SB 432 39.56 -33.13 -108.68
N ASP SB 433 40.41 -32.80 -109.65
CA ASP SB 433 40.28 -31.58 -110.42
C ASP SB 433 39.79 -31.93 -111.82
N LYS SB 434 38.59 -31.47 -112.15
CA LYS SB 434 38.05 -31.61 -113.50
C LYS SB 434 38.57 -30.49 -114.37
N THR SB 435 38.96 -30.83 -115.60
CA THR SB 435 39.59 -29.87 -116.49
C THR SB 435 38.67 -29.56 -117.66
N PRO SB 436 38.37 -28.28 -117.89
CA PRO SB 436 37.69 -27.89 -119.13
C PRO SB 436 38.64 -27.83 -120.31
N GLN SB 437 38.15 -27.32 -121.45
CA GLN SB 437 38.95 -27.24 -122.67
C GLN SB 437 40.13 -26.29 -122.48
N SER SB 438 41.32 -26.75 -122.87
CA SER SB 438 42.54 -25.99 -122.63
C SER SB 438 42.73 -24.85 -123.63
N ASP SB 439 42.08 -24.89 -124.79
CA ASP SB 439 42.30 -23.90 -125.83
C ASP SB 439 41.65 -22.55 -125.53
N THR SB 440 40.60 -22.52 -124.71
CA THR SB 440 39.91 -21.28 -124.40
C THR SB 440 40.56 -20.58 -123.22
N THR SB 441 40.25 -19.29 -123.08
CA THR SB 441 40.91 -18.35 -122.17
C THR SB 441 40.71 -18.71 -120.70
N THR SB 442 39.63 -19.42 -120.34
CA THR SB 442 39.32 -19.70 -118.95
C THR SB 442 40.23 -20.75 -118.30
N SER SB 443 41.28 -21.22 -118.98
CA SER SB 443 42.28 -22.10 -118.40
C SER SB 443 43.41 -21.35 -117.71
N VAL SB 444 43.49 -20.03 -117.85
CA VAL SB 444 44.56 -19.27 -117.22
C VAL SB 444 44.10 -18.48 -115.99
N ASP SB 445 42.79 -18.36 -115.77
CA ASP SB 445 42.30 -17.70 -114.58
C ASP SB 445 42.02 -18.72 -113.48
N ALA SB 446 41.44 -18.25 -112.38
CA ALA SB 446 41.22 -19.07 -111.19
C ALA SB 446 39.90 -19.84 -111.33
N LEU SB 447 39.88 -20.78 -112.27
CA LEU SB 447 38.76 -21.69 -112.45
C LEU SB 447 39.26 -23.13 -112.47
N PRO SB 448 39.60 -23.70 -111.30
CA PRO SB 448 39.72 -25.16 -111.21
C PRO SB 448 38.39 -25.80 -110.86
N GLU SB 449 37.58 -26.20 -111.83
CA GLU SB 449 36.33 -26.91 -111.54
C GLU SB 449 36.59 -28.18 -110.74
N VAL SB 450 36.19 -28.16 -109.47
CA VAL SB 450 36.44 -29.24 -108.52
C VAL SB 450 35.21 -30.13 -108.46
N GLY SB 451 35.42 -31.44 -108.57
CA GLY SB 451 34.37 -32.43 -108.33
C GLY SB 451 34.75 -33.29 -107.13
N ARG SB 452 33.83 -33.37 -106.18
CA ARG SB 452 34.06 -34.08 -104.92
C ARG SB 452 33.08 -35.24 -104.78
N THR SB 453 33.28 -36.03 -103.73
CA THR SB 453 32.42 -37.16 -103.42
C THR SB 453 32.43 -37.35 -101.91
N LEU SB 454 31.29 -37.11 -101.27
CA LEU SB 454 31.21 -37.08 -99.81
C LEU SB 454 30.32 -38.21 -99.33
N ILE SB 455 30.72 -38.88 -98.26
CA ILE SB 455 29.98 -39.99 -97.66
C ILE SB 455 30.09 -39.86 -96.15
N SER SB 456 28.97 -39.89 -95.44
CA SER SB 456 28.95 -39.81 -94.00
C SER SB 456 27.94 -40.81 -93.46
N THR SB 457 28.40 -41.82 -92.74
CA THR SB 457 27.55 -42.90 -92.29
C THR SB 457 28.18 -43.57 -91.07
N ILE SB 458 27.58 -44.68 -90.63
CA ILE SB 458 28.09 -45.49 -89.52
C ILE SB 458 27.93 -46.95 -89.89
N ALA SB 459 29.02 -47.72 -89.81
CA ALA SB 459 28.99 -49.13 -90.16
C ALA SB 459 29.68 -49.94 -89.08
N ARG SB 460 29.41 -51.25 -89.07
CA ARG SB 460 29.95 -52.15 -88.06
C ARG SB 460 30.39 -53.45 -88.72
N VAL SB 461 31.70 -53.68 -88.75
CA VAL SB 461 32.30 -54.80 -89.48
C VAL SB 461 32.93 -55.74 -88.46
N PRO SB 462 32.91 -57.06 -88.68
CA PRO SB 462 33.73 -57.95 -87.85
C PRO SB 462 35.21 -57.77 -88.14
N HIS SB 463 36.03 -58.43 -87.31
CA HIS SB 463 37.48 -58.29 -87.43
C HIS SB 463 37.99 -59.08 -88.61
N GLY SB 464 38.50 -58.38 -89.62
CA GLY SB 464 39.06 -59.01 -90.79
C GLY SB 464 38.14 -59.09 -91.99
N LYS SB 465 36.84 -58.87 -91.81
CA LYS SB 465 35.89 -58.90 -92.91
C LYS SB 465 35.76 -57.50 -93.48
N SER SB 466 34.81 -57.31 -94.40
CA SER SB 466 34.68 -56.06 -95.12
C SER SB 466 33.23 -55.74 -95.40
N LEU SB 467 32.98 -54.47 -95.71
CA LEU SB 467 31.64 -53.99 -96.02
C LEU SB 467 31.72 -52.96 -97.14
N LEU SB 468 30.65 -52.89 -97.93
CA LEU SB 468 30.53 -51.90 -99.00
C LEU SB 468 29.75 -50.71 -98.46
N VAL SB 469 30.39 -49.54 -98.43
CA VAL SB 469 29.79 -48.36 -97.82
C VAL SB 469 29.07 -47.50 -98.85
N GLY SB 470 29.73 -47.16 -99.95
CA GLY SB 470 29.11 -46.34 -100.98
C GLY SB 470 29.09 -47.03 -102.32
N GLY SB 471 28.81 -46.28 -103.37
CA GLY SB 471 28.78 -46.86 -104.70
C GLY SB 471 28.10 -45.93 -105.67
N TYR SB 472 28.37 -46.18 -106.96
CA TYR SB 472 27.82 -45.41 -108.06
C TYR SB 472 28.04 -46.14 -109.38
N THR SB 473 26.99 -46.34 -110.17
CA THR SB 473 27.12 -46.86 -111.53
C THR SB 473 26.40 -45.93 -112.49
N ARG SB 474 26.77 -46.01 -113.76
CA ARG SB 474 26.11 -45.22 -114.80
C ARG SB 474 26.32 -45.88 -116.15
N ASP SB 475 25.23 -46.06 -116.90
CA ASP SB 475 25.27 -46.63 -118.23
C ASP SB 475 24.57 -45.70 -119.21
N ALA SB 476 25.06 -45.64 -120.44
CA ALA SB 476 24.50 -44.73 -121.42
C ALA SB 476 24.70 -45.30 -122.82
N ASN SB 477 23.78 -44.93 -123.72
CA ASN SB 477 23.86 -45.34 -125.13
C ASN SB 477 23.03 -44.38 -125.96
N THR SB 478 23.69 -43.57 -126.78
CA THR SB 478 22.99 -42.66 -127.69
C THR SB 478 23.38 -43.00 -129.13
N ASP SB 479 22.51 -42.63 -130.07
CA ASP SB 479 22.79 -42.78 -131.49
C ASP SB 479 21.88 -41.87 -132.31
N THR SB 480 22.48 -41.11 -133.23
CA THR SB 480 21.75 -40.22 -134.11
C THR SB 480 21.92 -40.67 -135.56
N VAL SB 481 20.95 -40.30 -136.39
CA VAL SB 481 21.00 -40.58 -137.83
C VAL SB 481 20.46 -39.34 -138.55
N GLN SB 482 21.27 -38.74 -139.40
CA GLN SB 482 20.84 -37.64 -140.25
C GLN SB 482 21.01 -38.02 -141.71
N SER SB 483 20.24 -37.36 -142.58
CA SER SB 483 20.32 -37.61 -144.01
C SER SB 483 19.71 -36.43 -144.77
N ILE SB 484 19.92 -36.44 -146.08
CA ILE SB 484 19.19 -35.61 -147.03
C ILE SB 484 17.98 -36.44 -147.40
N PRO SB 485 16.78 -35.85 -147.55
CA PRO SB 485 15.56 -36.66 -147.69
C PRO SB 485 15.50 -37.57 -148.92
N PHE SB 486 15.91 -37.09 -150.09
CA PHE SB 486 15.85 -37.94 -151.28
C PHE SB 486 17.21 -38.48 -151.71
N LEU SB 487 18.27 -37.67 -151.59
CA LEU SB 487 19.59 -38.10 -152.04
C LEU SB 487 20.21 -39.13 -151.12
N GLY SB 488 19.71 -39.28 -149.90
CA GLY SB 488 20.28 -40.22 -148.96
C GLY SB 488 19.87 -41.66 -149.17
N LYS SB 489 19.03 -41.95 -150.16
CA LYS SB 489 18.59 -43.31 -150.45
C LYS SB 489 19.10 -43.82 -151.79
N LEU SB 490 20.05 -43.13 -152.40
CA LEU SB 490 20.64 -43.61 -153.63
C LEU SB 490 21.53 -44.82 -153.35
N PRO SB 491 21.65 -45.76 -154.32
CA PRO SB 491 22.40 -47.01 -154.05
C PRO SB 491 23.89 -46.84 -153.78
N LEU SB 492 24.61 -46.20 -154.70
CA LEU SB 492 26.06 -46.06 -154.56
C LEU SB 492 26.51 -44.61 -154.37
N ILE SB 493 25.63 -43.64 -154.59
CA ILE SB 493 25.95 -42.24 -154.36
C ILE SB 493 25.44 -41.75 -153.00
N GLY SB 494 24.44 -42.41 -152.43
CA GLY SB 494 23.77 -41.93 -151.22
C GLY SB 494 24.58 -42.01 -149.95
N SER SB 495 25.79 -42.57 -150.00
CA SER SB 495 26.63 -42.59 -148.81
C SER SB 495 27.27 -41.24 -148.53
N LEU SB 496 27.30 -40.35 -149.52
CA LEU SB 496 27.89 -39.03 -149.35
C LEU SB 496 26.96 -38.03 -148.68
N PHE SB 497 25.74 -38.44 -148.30
CA PHE SB 497 24.78 -37.54 -147.72
C PHE SB 497 24.25 -37.96 -146.36
N ARG SB 498 24.42 -39.22 -145.97
CA ARG SB 498 23.96 -39.68 -144.67
C ARG SB 498 24.98 -39.31 -143.59
N TYR SB 499 24.58 -39.56 -142.34
CA TYR SB 499 25.43 -39.32 -141.18
C TYR SB 499 24.90 -40.18 -140.04
N SER SB 500 25.80 -40.71 -139.22
CA SER SB 500 25.40 -41.58 -138.13
C SER SB 500 26.48 -41.59 -137.06
N SER SB 501 26.05 -41.45 -135.80
CA SER SB 501 26.97 -41.46 -134.68
C SER SB 501 26.48 -42.45 -133.64
N LYS SB 502 27.38 -42.82 -132.73
CA LYS SB 502 27.07 -43.71 -131.62
C LYS SB 502 27.87 -43.26 -130.41
N ASN SB 503 27.50 -43.80 -129.24
CA ASN SB 503 28.19 -43.52 -127.99
C ASN SB 503 27.80 -44.58 -126.97
N LYS SB 504 28.69 -44.86 -126.02
CA LYS SB 504 28.45 -45.85 -124.99
C LYS SB 504 29.45 -45.62 -123.87
N SER SB 505 29.00 -45.76 -122.61
CA SER SB 505 29.89 -45.61 -121.47
C SER SB 505 29.39 -46.46 -120.32
N ASN SB 506 30.32 -46.90 -119.48
CA ASN SB 506 30.00 -47.70 -118.29
C ASN SB 506 30.97 -47.33 -117.19
N VAL SB 507 30.48 -46.66 -116.15
CA VAL SB 507 31.30 -46.16 -115.05
C VAL SB 507 30.90 -46.91 -113.77
N VAL SB 508 31.88 -47.29 -112.97
CA VAL SB 508 31.66 -47.95 -111.69
C VAL SB 508 32.62 -47.36 -110.66
N ARG SB 509 32.07 -46.84 -109.55
CA ARG SB 509 32.87 -46.42 -108.41
C ARG SB 509 32.31 -47.10 -107.17
N VAL SB 510 33.19 -47.60 -106.30
CA VAL SB 510 32.79 -48.20 -105.03
C VAL SB 510 33.73 -47.77 -103.92
N PHE SB 511 33.26 -47.87 -102.69
CA PHE SB 511 34.02 -47.56 -101.49
C PHE SB 511 33.88 -48.74 -100.54
N MET SB 512 35.00 -49.30 -100.10
CA MET SB 512 34.98 -50.47 -99.23
C MET SB 512 35.84 -50.24 -98.01
N ILE SB 513 35.46 -50.85 -96.89
CA ILE SB 513 36.08 -50.65 -95.59
C ILE SB 513 36.52 -52.02 -95.07
N GLU SB 514 37.75 -52.11 -94.59
CA GLU SB 514 38.30 -53.36 -94.06
C GLU SB 514 39.16 -53.07 -92.83
N PRO SB 515 38.59 -53.13 -91.63
CA PRO SB 515 39.37 -52.89 -90.43
C PRO SB 515 39.95 -54.17 -89.83
N LYS SB 516 41.03 -54.01 -89.08
CA LYS SB 516 41.66 -55.12 -88.40
C LYS SB 516 42.38 -54.60 -87.17
N GLU SB 517 42.77 -55.52 -86.29
CA GLU SB 517 43.35 -55.19 -84.99
C GLU SB 517 44.85 -55.48 -85.00
N ILE SB 518 45.64 -54.53 -84.51
CA ILE SB 518 47.09 -54.62 -84.50
C ILE SB 518 47.55 -54.99 -83.10
N VAL SB 519 48.28 -56.09 -82.98
CA VAL SB 519 48.81 -56.50 -81.68
C VAL SB 519 50.33 -56.62 -81.68
N ASP SB 520 50.98 -56.71 -82.84
CA ASP SB 520 52.41 -56.92 -82.93
C ASP SB 520 53.07 -55.80 -83.74
N PRO SB 521 54.32 -55.47 -83.45
CA PRO SB 521 55.05 -54.48 -84.26
C PRO SB 521 55.46 -55.08 -85.61
N LEU SB 522 56.13 -54.25 -86.41
CA LEU SB 522 56.53 -54.64 -87.74
C LEU SB 522 57.66 -55.67 -87.71
N THR SB 523 57.61 -56.63 -88.62
CA THR SB 523 58.68 -57.60 -88.79
C THR SB 523 58.95 -57.81 -90.28
N PRO SB 524 60.18 -57.56 -90.77
CA PRO SB 524 61.37 -57.02 -90.11
C PRO SB 524 61.24 -55.53 -89.79
N ASP SB 525 62.24 -54.95 -89.14
CA ASP SB 525 62.13 -53.61 -88.59
C ASP SB 525 62.06 -52.56 -89.69
N ALA SB 526 61.63 -51.36 -89.31
CA ALA SB 526 61.50 -50.27 -90.27
C ALA SB 526 62.86 -49.79 -90.75
N SER SB 527 63.90 -49.89 -89.93
CA SER SB 527 65.24 -49.52 -90.34
C SER SB 527 65.94 -50.61 -91.12
N GLU SB 528 65.36 -51.80 -91.21
CA GLU SB 528 65.94 -52.89 -91.98
C GLU SB 528 65.35 -52.99 -93.38
N SER SB 529 64.08 -52.63 -93.55
CA SER SB 529 63.49 -52.63 -94.88
C SER SB 529 63.89 -51.41 -95.69
N VAL SB 530 64.34 -50.34 -95.04
CA VAL SB 530 64.77 -49.16 -95.75
C VAL SB 530 66.19 -49.35 -96.29
N ASN SB 531 67.04 -50.05 -95.54
CA ASN SB 531 68.40 -50.32 -95.99
C ASN SB 531 68.45 -51.29 -97.17
N ASN SB 532 67.38 -52.05 -97.41
CA ASN SB 532 67.30 -52.87 -98.61
C ASN SB 532 66.75 -52.10 -99.80
N ILE SB 533 65.99 -51.03 -99.55
CA ILE SB 533 65.50 -50.19 -100.64
C ILE SB 533 66.63 -49.32 -101.18
N LEU SB 534 67.43 -48.74 -100.30
CA LEU SB 534 68.52 -47.87 -100.71
C LEU SB 534 69.64 -48.63 -101.41
N LYS SB 535 69.86 -49.89 -101.05
CA LYS SB 535 70.90 -50.67 -101.71
C LYS SB 535 70.44 -51.16 -103.09
N GLN SB 536 69.15 -51.44 -103.26
CA GLN SB 536 68.67 -51.92 -104.54
C GLN SB 536 68.51 -50.80 -105.55
N SER SB 537 67.96 -49.66 -105.14
CA SER SB 537 67.76 -48.55 -106.06
C SER SB 537 69.03 -47.78 -106.33
N GLY SB 538 70.08 -47.97 -105.54
CA GLY SB 538 71.34 -47.30 -105.77
C GLY SB 538 71.49 -45.95 -105.11
N ALA SB 539 70.59 -45.58 -104.20
CA ALA SB 539 70.66 -44.31 -103.50
C ALA SB 539 71.38 -44.39 -102.17
N TRP SB 540 72.01 -45.52 -101.88
CA TRP SB 540 72.62 -45.74 -100.57
C TRP SB 540 73.96 -45.01 -100.49
N SER SB 541 74.18 -44.31 -99.38
CA SER SB 541 75.42 -43.59 -99.14
C SER SB 541 75.89 -43.78 -97.70
N GLY SB 542 75.80 -45.01 -97.20
CA GLY SB 542 76.36 -45.30 -95.90
C GLY SB 542 77.82 -45.71 -95.92
N ASP SB 543 78.38 -45.85 -97.11
CA ASP SB 543 79.78 -46.20 -97.29
C ASP SB 543 80.65 -44.99 -97.62
N ASP SB 544 80.11 -43.78 -97.51
CA ASP SB 544 80.86 -42.58 -97.86
C ASP SB 544 81.93 -42.30 -96.82
N LYS SB 545 83.06 -41.77 -97.29
CA LYS SB 545 84.18 -41.50 -96.39
C LYS SB 545 83.93 -40.25 -95.56
N LEU SB 546 83.19 -39.29 -96.11
CA LEU SB 546 82.98 -38.00 -95.44
C LEU SB 546 81.71 -37.95 -94.61
N GLN SB 547 80.65 -38.62 -95.04
CA GLN SB 547 79.38 -38.56 -94.34
C GLN SB 547 79.23 -39.62 -93.25
N LYS SB 548 80.17 -40.54 -93.13
CA LYS SB 548 80.07 -41.57 -92.10
C LYS SB 548 80.46 -41.07 -90.71
N TRP SB 549 81.06 -39.89 -90.61
CA TRP SB 549 81.41 -39.34 -89.30
C TRP SB 549 80.20 -38.82 -88.55
N VAL SB 550 79.13 -38.48 -89.27
CA VAL SB 550 77.93 -37.96 -88.65
C VAL SB 550 76.76 -38.94 -88.73
N ARG SB 551 76.63 -39.70 -89.82
CA ARG SB 551 75.61 -40.73 -89.96
C ARG SB 551 75.82 -41.92 -89.03
N VAL SB 552 76.94 -41.99 -88.30
CA VAL SB 552 77.13 -43.07 -87.33
C VAL SB 552 76.36 -42.79 -86.04
N TYR SB 553 75.90 -41.55 -85.83
CA TYR SB 553 75.05 -41.26 -84.69
C TYR SB 553 73.61 -41.67 -84.95
N LEU SB 554 73.12 -41.45 -86.17
CA LEU SB 554 71.72 -41.69 -86.48
C LEU SB 554 71.44 -43.17 -86.72
N ASP SB 555 72.40 -43.90 -87.30
CA ASP SB 555 72.27 -45.31 -87.62
C ASP SB 555 72.89 -46.19 -86.56
N ARG SB 556 72.74 -45.79 -85.29
CA ARG SB 556 73.35 -46.49 -84.17
C ARG SB 556 72.74 -47.88 -83.97
N GLY SB 557 71.46 -48.04 -84.24
CA GLY SB 557 70.82 -49.34 -84.12
C GLY SB 557 70.83 -50.12 -85.42
N GLY TB 32 62.03 -42.25 30.07
CA GLY TB 32 61.62 -41.89 28.72
C GLY TB 32 60.50 -40.87 28.69
N SER TB 33 60.11 -40.44 27.50
CA SER TB 33 59.06 -39.46 27.33
C SER TB 33 57.73 -40.13 27.03
N GLY TB 34 56.65 -39.40 27.26
CA GLY TB 34 55.32 -39.93 27.06
C GLY TB 34 54.27 -38.96 27.56
N PHE TB 35 53.02 -39.39 27.45
CA PHE TB 35 51.88 -38.56 27.77
C PHE TB 35 50.85 -39.37 28.53
N VAL TB 36 50.38 -38.83 29.65
CA VAL TB 36 49.34 -39.46 30.45
C VAL TB 36 48.08 -38.64 30.24
N ALA TB 37 47.19 -39.12 29.38
CA ALA TB 37 45.98 -38.38 29.05
C ALA TB 37 44.84 -38.90 29.90
N LYS TB 38 44.17 -38.00 30.62
CA LYS TB 38 43.02 -38.33 31.44
C LYS TB 38 41.86 -37.50 30.94
N ASP TB 39 41.07 -38.08 30.03
CA ASP TB 39 39.88 -37.48 29.41
C ASP TB 39 40.24 -36.19 28.67
N ASP TB 40 41.09 -36.35 27.66
CA ASP TB 40 41.43 -35.23 26.78
C ASP TB 40 40.41 -35.14 25.66
N SER TB 41 40.69 -34.30 24.65
CA SER TB 41 39.67 -34.04 23.65
C SER TB 41 40.25 -33.99 22.24
N LEU TB 42 41.33 -34.74 22.00
CA LEU TB 42 41.92 -35.03 20.69
C LEU TB 42 42.53 -33.82 20.00
N ARG TB 43 42.41 -32.62 20.55
CA ARG TB 43 43.24 -31.49 20.15
C ARG TB 43 44.46 -31.38 21.04
N THR TB 44 44.24 -31.48 22.35
CA THR TB 44 45.32 -31.43 23.32
C THR TB 44 46.14 -32.72 23.40
N PHE TB 45 45.72 -33.77 22.71
CA PHE TB 45 46.52 -34.99 22.63
C PHE TB 45 47.44 -34.92 21.42
N PHE TB 46 46.87 -34.58 20.26
CA PHE TB 46 47.69 -34.53 19.07
C PHE TB 46 48.55 -33.28 19.03
N ASP TB 47 48.25 -32.26 19.84
CA ASP TB 47 49.21 -31.17 19.97
C ASP TB 47 50.38 -31.61 20.82
N ALA TB 48 50.18 -32.58 21.72
CA ALA TB 48 51.26 -33.11 22.53
C ALA TB 48 52.15 -34.05 21.75
N MET TB 49 51.63 -34.66 20.69
CA MET TB 49 52.48 -35.50 19.85
C MET TB 49 53.24 -34.71 18.79
N ALA TB 50 53.08 -33.39 18.76
CA ALA TB 50 53.70 -32.51 17.78
C ALA TB 50 55.13 -32.12 18.11
N LEU TB 51 55.75 -32.77 19.08
CA LEU TB 51 57.16 -32.56 19.35
C LEU TB 51 57.98 -33.78 18.93
N GLN TB 52 57.46 -34.97 19.21
CA GLN TB 52 58.09 -36.17 18.69
C GLN TB 52 57.88 -36.28 17.18
N LEU TB 53 56.73 -35.85 16.67
CA LEU TB 53 56.66 -35.47 15.27
C LEU TB 53 57.24 -34.09 15.11
N LYS TB 54 57.98 -33.87 14.02
CA LYS TB 54 58.69 -32.60 13.89
C LYS TB 54 57.89 -31.52 13.18
N GLU TB 55 56.60 -31.75 12.94
CA GLU TB 55 55.71 -30.82 12.23
C GLU TB 55 54.45 -30.58 13.05
N PRO TB 56 53.84 -29.40 12.94
CA PRO TB 56 52.61 -29.15 13.69
C PRO TB 56 51.42 -29.93 13.16
N VAL TB 57 50.51 -30.25 14.07
CA VAL TB 57 49.35 -31.09 13.80
C VAL TB 57 48.10 -30.23 13.85
N ILE TB 58 47.31 -30.29 12.79
CA ILE TB 58 46.09 -29.51 12.67
C ILE TB 58 44.92 -30.47 12.70
N VAL TB 59 44.16 -30.45 13.78
CA VAL TB 59 43.01 -31.33 13.96
C VAL TB 59 41.75 -30.56 13.58
N SER TB 60 40.86 -31.22 12.84
CA SER TB 60 39.64 -30.57 12.38
C SER TB 60 38.65 -30.43 13.52
N LYS TB 61 37.50 -29.83 13.21
CA LYS TB 61 36.52 -29.53 14.24
C LYS TB 61 35.64 -30.73 14.57
N MET TB 62 35.29 -31.53 13.57
CA MET TB 62 34.43 -32.68 13.81
C MET TB 62 35.19 -33.81 14.49
N ALA TB 63 36.50 -33.88 14.33
CA ALA TB 63 37.33 -34.87 14.97
C ALA TB 63 37.88 -34.40 16.31
N ALA TB 64 37.39 -33.28 16.83
CA ALA TB 64 37.80 -32.78 18.13
C ALA TB 64 36.74 -33.07 19.19
N ARG TB 65 35.70 -33.80 18.85
CA ARG TB 65 34.68 -34.18 19.80
C ARG TB 65 34.96 -35.51 20.48
N LYS TB 66 35.77 -36.35 19.87
CA LYS TB 66 36.11 -37.62 20.48
C LYS TB 66 37.12 -37.39 21.60
N LYS TB 67 37.22 -38.37 22.49
CA LYS TB 67 38.03 -38.28 23.69
C LYS TB 67 38.96 -39.47 23.76
N ILE TB 68 39.93 -39.39 24.68
CA ILE TB 68 40.88 -40.47 24.86
C ILE TB 68 41.36 -40.47 26.31
N THR TB 69 41.79 -41.62 26.79
CA THR TB 69 42.27 -41.79 28.16
C THR TB 69 43.26 -42.94 28.18
N GLY TB 70 44.43 -42.71 28.74
CA GLY TB 70 45.42 -43.76 28.85
C GLY TB 70 46.83 -43.23 28.99
N ASN TB 71 47.78 -44.17 29.01
CA ASN TB 71 49.20 -43.90 29.15
C ASN TB 71 49.89 -44.23 27.84
N PHE TB 72 50.32 -43.21 27.10
CA PHE TB 72 50.94 -43.39 25.80
C PHE TB 72 52.42 -43.04 25.86
N GLU TB 73 53.21 -43.74 25.06
CA GLU TB 73 54.66 -43.58 25.04
C GLU TB 73 55.09 -43.38 23.60
N PHE TB 74 55.56 -42.18 23.28
CA PHE TB 74 55.92 -41.84 21.91
C PHE TB 74 57.35 -42.24 21.63
N HIS TB 75 57.53 -43.51 21.29
CA HIS TB 75 58.82 -44.00 20.81
C HIS TB 75 58.77 -44.52 19.39
N ASP TB 76 57.60 -44.49 18.75
CA ASP TB 76 57.46 -44.80 17.33
C ASP TB 76 56.24 -44.06 16.80
N PRO TB 77 56.34 -42.74 16.68
CA PRO TB 77 55.12 -41.93 16.53
C PRO TB 77 54.48 -41.97 15.16
N ASN TB 78 55.23 -42.31 14.11
CA ASN TB 78 54.61 -42.38 12.80
C ASN TB 78 53.77 -43.64 12.64
N ALA TB 79 54.19 -44.76 13.22
CA ALA TB 79 53.34 -45.93 13.18
C ALA TB 79 52.26 -45.88 14.25
N LEU TB 80 52.51 -45.11 15.33
CA LEU TB 80 51.48 -45.00 16.35
C LEU TB 80 50.34 -44.12 15.87
N LEU TB 81 50.63 -43.14 15.01
CA LEU TB 81 49.57 -42.30 14.47
C LEU TB 81 48.74 -43.09 13.46
N GLU TB 82 49.38 -44.00 12.75
CA GLU TB 82 48.68 -44.80 11.75
C GLU TB 82 47.76 -45.81 12.42
N LYS TB 83 48.22 -46.40 13.53
CA LYS TB 83 47.37 -47.36 14.24
C LYS TB 83 46.23 -46.66 14.98
N LEU TB 84 46.49 -45.50 15.58
CA LEU TB 84 45.43 -44.80 16.27
C LEU TB 84 44.43 -44.17 15.32
N SER TB 85 44.82 -43.91 14.07
CA SER TB 85 43.85 -43.35 13.14
C SER TB 85 42.88 -44.40 12.63
N LEU TB 86 43.24 -45.68 12.74
CA LEU TB 86 42.37 -46.75 12.32
C LEU TB 86 41.54 -47.26 13.47
N GLN TB 87 42.09 -47.25 14.68
CA GLN TB 87 41.28 -47.71 15.81
C GLN TB 87 40.27 -46.65 16.20
N LEU TB 88 40.60 -45.38 16.06
CA LEU TB 88 39.65 -44.31 16.33
C LEU TB 88 38.76 -43.99 15.13
N GLY TB 89 39.31 -44.05 13.93
CA GLY TB 89 38.58 -43.75 12.72
C GLY TB 89 38.93 -42.34 12.33
N LEU TB 90 39.92 -42.20 11.45
CA LEU TB 90 40.53 -40.92 11.15
C LEU TB 90 41.23 -41.03 9.81
N ILE TB 91 41.50 -39.88 9.21
CA ILE TB 91 42.33 -39.80 8.01
C ILE TB 91 43.32 -38.66 8.21
N TRP TB 92 44.54 -38.83 7.73
CA TRP TB 92 45.57 -37.84 7.96
C TRP TB 92 46.39 -37.66 6.71
N TYR TB 93 46.83 -36.42 6.48
CA TYR TB 93 47.63 -36.12 5.31
C TYR TB 93 48.75 -35.18 5.71
N PHE TB 94 49.93 -35.40 5.14
CA PHE TB 94 51.12 -34.62 5.48
C PHE TB 94 51.67 -34.04 4.19
N ASP TB 95 51.49 -32.73 4.00
CA ASP TB 95 51.87 -32.05 2.75
C ASP TB 95 53.22 -31.38 2.84
N GLY TB 96 54.11 -31.90 3.67
CA GLY TB 96 55.45 -31.36 3.79
C GLY TB 96 55.59 -30.20 4.76
N GLN TB 97 54.50 -29.68 5.27
CA GLN TB 97 54.58 -28.56 6.19
C GLN TB 97 53.81 -28.82 7.48
N ALA TB 98 52.68 -29.51 7.42
CA ALA TB 98 51.91 -29.79 8.62
C ALA TB 98 51.24 -31.15 8.43
N ILE TB 99 50.57 -31.62 9.48
CA ILE TB 99 49.85 -32.89 9.43
C ILE TB 99 48.38 -32.59 9.72
N TYR TB 100 47.55 -32.64 8.69
CA TYR TB 100 46.12 -32.45 8.85
C TYR TB 100 45.47 -33.76 9.26
N ILE TB 101 44.51 -33.67 10.17
CA ILE TB 101 43.80 -34.85 10.68
C ILE TB 101 42.31 -34.56 10.62
N TYR TB 102 41.58 -35.38 9.89
CA TYR TB 102 40.14 -35.32 9.80
C TYR TB 102 39.55 -36.62 10.34
N ASP TB 103 38.23 -36.65 10.48
CA ASP TB 103 37.58 -37.90 10.77
C ASP TB 103 37.11 -38.53 9.47
N ALA TB 104 36.74 -39.81 9.53
CA ALA TB 104 36.51 -40.62 8.34
C ALA TB 104 35.27 -40.21 7.55
N SER TB 105 34.32 -39.51 8.17
CA SER TB 105 33.11 -39.10 7.48
C SER TB 105 33.25 -37.74 6.80
N GLU TB 106 34.48 -37.31 6.54
CA GLU TB 106 34.74 -36.08 5.82
C GLU TB 106 35.45 -36.32 4.50
N MET TB 107 35.60 -37.58 4.10
CA MET TB 107 36.30 -37.90 2.86
C MET TB 107 35.44 -37.53 1.67
N ARG TB 108 35.95 -36.67 0.81
CA ARG TB 108 35.27 -36.25 -0.40
C ARG TB 108 36.05 -36.74 -1.61
N ASN TB 109 35.37 -36.82 -2.74
CA ASN TB 109 35.95 -37.38 -3.95
C ASN TB 109 35.50 -36.61 -5.16
N ALA TB 110 36.26 -36.75 -6.24
CA ALA TB 110 35.94 -36.06 -7.49
C ALA TB 110 36.59 -36.79 -8.66
N VAL TB 111 36.05 -36.55 -9.84
CA VAL TB 111 36.57 -37.08 -11.09
C VAL TB 111 36.78 -35.93 -12.05
N VAL TB 112 38.02 -35.77 -12.55
CA VAL TB 112 38.35 -34.67 -13.44
C VAL TB 112 38.88 -35.22 -14.75
N SER TB 113 38.83 -34.36 -15.77
CA SER TB 113 39.19 -34.70 -17.14
C SER TB 113 40.16 -33.66 -17.69
N LEU TB 114 41.31 -34.12 -18.14
CA LEU TB 114 42.36 -33.31 -18.72
C LEU TB 114 42.30 -33.42 -20.23
N ARG TB 115 42.66 -32.33 -20.91
CA ARG TB 115 42.59 -32.28 -22.37
C ARG TB 115 43.94 -32.50 -23.01
N ASN TB 116 44.93 -31.67 -22.66
CA ASN TB 116 46.24 -31.68 -23.30
C ASN TB 116 47.37 -32.01 -22.34
N VAL TB 117 47.11 -32.89 -21.37
CA VAL TB 117 48.14 -33.36 -20.44
C VAL TB 117 47.76 -34.76 -19.98
N SER TB 118 48.72 -35.69 -20.05
CA SER TB 118 48.41 -37.06 -19.70
C SER TB 118 48.53 -37.30 -18.20
N LEU TB 119 48.01 -38.46 -17.78
CA LEU TB 119 48.08 -38.84 -16.38
C LEU TB 119 49.48 -39.26 -15.97
N ASN TB 120 50.23 -39.92 -16.87
CA ASN TB 120 51.59 -40.31 -16.49
C ASN TB 120 52.51 -39.10 -16.35
N GLU TB 121 52.25 -38.03 -17.09
CA GLU TB 121 53.01 -36.80 -16.91
C GLU TB 121 52.55 -36.05 -15.68
N PHE TB 122 51.27 -36.15 -15.32
CA PHE TB 122 50.83 -35.48 -14.10
C PHE TB 122 51.31 -36.24 -12.87
N ASN TB 123 51.44 -37.56 -12.96
CA ASN TB 123 52.00 -38.31 -11.85
C ASN TB 123 53.49 -38.06 -11.73
N ASN TB 124 54.17 -37.80 -12.86
CA ASN TB 124 55.57 -37.44 -12.75
C ASN TB 124 55.75 -36.02 -12.25
N PHE TB 125 54.68 -35.21 -12.29
CA PHE TB 125 54.76 -33.91 -11.65
C PHE TB 125 54.56 -34.05 -10.15
N LEU TB 126 53.65 -34.93 -9.73
CA LEU TB 126 53.43 -35.07 -8.29
C LEU TB 126 54.60 -35.76 -7.63
N LYS TB 127 55.29 -36.64 -8.35
CA LYS TB 127 56.50 -37.24 -7.81
C LYS TB 127 57.67 -36.29 -7.88
N ARG TB 128 57.63 -35.31 -8.79
CA ARG TB 128 58.71 -34.34 -8.86
C ARG TB 128 58.57 -33.30 -7.76
N SER TB 129 57.35 -32.96 -7.41
CA SER TB 129 57.12 -31.93 -6.40
C SER TB 129 57.12 -32.47 -4.98
N GLY TB 130 56.72 -33.72 -4.78
CA GLY TB 130 56.70 -34.30 -3.44
C GLY TB 130 55.33 -34.43 -2.82
N LEU TB 131 54.28 -34.03 -3.52
CA LEU TB 131 52.91 -34.16 -3.02
C LEU TB 131 52.30 -35.51 -3.34
N TYR TB 132 53.07 -36.43 -3.88
CA TYR TB 132 52.56 -37.76 -4.20
C TYR TB 132 52.35 -38.56 -2.93
N ASN TB 133 51.14 -39.04 -2.73
CA ASN TB 133 50.76 -39.81 -1.55
C ASN TB 133 50.39 -41.22 -1.99
N LYS TB 134 51.16 -42.20 -1.54
CA LYS TB 134 50.92 -43.58 -1.97
C LYS TB 134 49.73 -44.22 -1.30
N ASN TB 135 49.19 -43.62 -0.23
CA ASN TB 135 48.01 -44.18 0.41
C ASN TB 135 46.74 -43.81 -0.33
N TYR TB 136 46.69 -42.62 -0.94
CA TYR TB 136 45.53 -42.16 -1.68
C TYR TB 136 45.96 -41.84 -3.10
N PRO TB 137 46.18 -42.84 -3.95
CA PRO TB 137 46.69 -42.58 -5.29
C PRO TB 137 45.57 -42.18 -6.24
N LEU TB 138 45.95 -41.90 -7.49
CA LEU TB 138 45.01 -41.57 -8.55
C LEU TB 138 44.61 -42.82 -9.30
N ARG TB 139 43.30 -43.00 -9.47
CA ARG TB 139 42.76 -44.17 -10.16
C ARG TB 139 42.30 -43.75 -11.55
N GLY TB 140 42.95 -44.31 -12.57
CA GLY TB 140 42.58 -44.02 -13.95
C GLY TB 140 43.47 -44.80 -14.89
N ASP TB 141 43.23 -44.61 -16.18
CA ASP TB 141 44.08 -45.24 -17.18
C ASP TB 141 45.40 -44.49 -17.26
N ASN TB 142 46.47 -45.24 -17.56
CA ASN TB 142 47.81 -44.70 -17.36
C ASN TB 142 48.17 -43.63 -18.39
N ARG TB 143 47.66 -43.74 -19.61
CA ARG TB 143 47.82 -42.67 -20.61
C ARG TB 143 46.44 -42.36 -21.22
N LYS TB 144 45.71 -41.51 -20.50
CA LYS TB 144 44.39 -41.03 -20.91
C LYS TB 144 44.22 -39.66 -20.28
N GLY TB 145 42.99 -39.16 -20.24
CA GLY TB 145 42.79 -37.86 -19.64
C GLY TB 145 41.89 -37.80 -18.42
N THR TB 146 41.11 -38.83 -18.15
CA THR TB 146 40.15 -38.79 -17.06
C THR TB 146 40.61 -39.67 -15.91
N PHE TB 147 40.42 -39.20 -14.68
CA PHE TB 147 40.75 -40.05 -13.54
C PHE TB 147 39.88 -39.69 -12.34
N TYR TB 148 40.02 -40.48 -11.29
CA TYR TB 148 39.21 -40.38 -10.08
C TYR TB 148 40.10 -40.29 -8.86
N VAL TB 149 39.77 -39.37 -7.95
CA VAL TB 149 40.60 -39.10 -6.77
C VAL TB 149 39.70 -39.00 -5.55
N SER TB 150 40.17 -39.57 -4.44
CA SER TB 150 39.44 -39.51 -3.18
C SER TB 150 40.43 -39.51 -2.03
N GLY TB 151 40.20 -38.64 -1.07
CA GLY TB 151 41.06 -38.55 0.09
C GLY TB 151 40.59 -37.44 1.02
N PRO TB 152 41.51 -36.87 1.77
CA PRO TB 152 41.17 -35.74 2.63
C PRO TB 152 40.88 -34.50 1.81
N PRO TB 153 40.10 -33.56 2.38
CA PRO TB 153 39.72 -32.36 1.62
C PRO TB 153 40.84 -31.40 1.32
N VAL TB 154 42.02 -31.55 1.91
CA VAL TB 154 43.14 -30.70 1.54
C VAL TB 154 43.96 -31.35 0.42
N TYR TB 155 43.83 -32.65 0.23
CA TYR TB 155 44.51 -33.32 -0.87
C TYR TB 155 43.67 -33.28 -2.13
N VAL TB 156 42.35 -33.29 -1.98
CA VAL TB 156 41.50 -33.29 -3.16
C VAL TB 156 41.45 -31.90 -3.79
N ASP TB 157 41.39 -30.85 -2.96
CA ASP TB 157 41.32 -29.50 -3.52
C ASP TB 157 42.65 -29.07 -4.11
N MET TB 158 43.74 -29.72 -3.72
CA MET TB 158 45.03 -29.45 -4.33
C MET TB 158 45.12 -30.15 -5.68
N VAL TB 159 44.65 -31.40 -5.75
CA VAL TB 159 44.77 -32.14 -7.00
C VAL TB 159 43.87 -31.52 -8.07
N VAL TB 160 42.66 -31.11 -7.68
CA VAL TB 160 41.74 -30.48 -8.62
C VAL TB 160 42.24 -29.10 -9.06
N ASN TB 161 42.71 -28.29 -8.10
CA ASN TB 161 43.15 -26.95 -8.47
C ASN TB 161 44.49 -26.95 -9.19
N ALA TB 162 45.27 -28.03 -9.13
CA ALA TB 162 46.48 -28.03 -9.94
C ALA TB 162 46.26 -28.69 -11.29
N ALA TB 163 45.22 -29.52 -11.43
CA ALA TB 163 44.96 -30.12 -12.74
C ALA TB 163 44.23 -29.16 -13.66
N THR TB 164 43.25 -28.42 -13.11
CA THR TB 164 42.54 -27.48 -13.96
C THR TB 164 43.28 -26.15 -14.10
N MET TB 165 44.49 -26.07 -13.55
CA MET TB 165 45.35 -24.94 -13.81
C MET TB 165 46.60 -25.35 -14.57
N MET TB 166 46.85 -26.65 -14.70
CA MET TB 166 47.96 -27.10 -15.53
C MET TB 166 47.52 -27.34 -16.96
N ASP TB 167 46.32 -27.87 -17.17
CA ASP TB 167 45.87 -28.06 -18.54
C ASP TB 167 45.54 -26.74 -19.22
N LYS TB 168 45.07 -25.74 -18.47
CA LYS TB 168 44.84 -24.44 -19.07
C LYS TB 168 46.14 -23.73 -19.40
N GLN TB 169 47.20 -23.97 -18.63
CA GLN TB 169 48.49 -23.38 -18.96
C GLN TB 169 49.12 -24.06 -20.17
N ASN TB 170 48.94 -25.38 -20.29
CA ASN TB 170 49.49 -26.08 -21.44
C ASN TB 170 48.54 -26.02 -22.63
N LEU TB 175 47.94 -19.78 -30.83
CA LEU TB 175 48.11 -19.22 -32.17
C LEU TB 175 49.38 -19.75 -32.83
N GLY TB 176 49.48 -19.58 -34.14
CA GLY TB 176 50.64 -20.03 -34.88
C GLY TB 176 51.39 -18.91 -35.57
N ARG TB 177 52.70 -18.85 -35.36
CA ARG TB 177 53.51 -17.83 -36.01
C ARG TB 177 53.70 -18.16 -37.48
N GLN TB 178 53.77 -17.11 -38.30
CA GLN TB 178 54.04 -17.30 -39.71
C GLN TB 178 55.51 -17.63 -39.93
N LYS TB 179 55.80 -18.24 -41.07
CA LYS TB 179 57.12 -18.73 -41.39
C LYS TB 179 57.26 -18.81 -42.90
N ILE TB 180 58.41 -18.37 -43.41
CA ILE TB 180 58.70 -18.38 -44.84
C ILE TB 180 59.73 -19.46 -45.11
N GLY TB 181 59.39 -20.38 -46.02
CA GLY TB 181 60.28 -21.45 -46.42
C GLY TB 181 60.69 -21.31 -47.87
N VAL TB 182 61.94 -21.68 -48.15
CA VAL TB 182 62.51 -21.63 -49.49
C VAL TB 182 62.85 -23.05 -49.90
N MET TB 183 62.26 -23.50 -51.00
CA MET TB 183 62.40 -24.89 -51.47
C MET TB 183 63.01 -24.87 -52.86
N ARG TB 184 64.27 -25.26 -52.96
CA ARG TB 184 64.95 -25.30 -54.26
C ARG TB 184 64.57 -26.57 -55.01
N LEU TB 185 64.28 -26.43 -56.30
CA LEU TB 185 63.92 -27.54 -57.16
C LEU TB 185 65.13 -27.97 -57.97
N ASN TB 186 65.44 -29.26 -57.93
CA ASN TB 186 66.64 -29.78 -58.58
C ASN TB 186 66.38 -30.43 -59.93
N ASN TB 187 65.16 -30.87 -60.21
CA ASN TB 187 64.90 -31.66 -61.41
C ASN TB 187 63.77 -31.11 -62.27
N THR TB 188 63.39 -29.85 -62.08
CA THR TB 188 62.34 -29.25 -62.89
C THR TB 188 62.51 -27.73 -62.92
N PHE TB 189 61.64 -27.09 -63.68
CA PHE TB 189 61.66 -25.64 -63.87
C PHE TB 189 60.43 -25.00 -63.24
N VAL TB 190 60.62 -23.90 -62.54
CA VAL TB 190 59.52 -23.02 -62.18
C VAL TB 190 59.22 -22.13 -63.37
N GLY TB 191 57.96 -21.75 -63.54
CA GLY TB 191 57.58 -20.86 -64.61
C GLY TB 191 57.16 -21.61 -65.85
N ASP TB 192 56.45 -20.89 -66.71
CA ASP TB 192 55.81 -21.48 -67.88
C ASP TB 192 56.79 -21.59 -69.04
N ARG TB 193 56.51 -22.54 -69.93
CA ARG TB 193 57.27 -22.74 -71.16
C ARG TB 193 56.40 -22.38 -72.34
N THR TB 194 56.99 -21.71 -73.34
CA THR TB 194 56.25 -21.22 -74.49
C THR TB 194 56.92 -21.66 -75.78
N TYR TB 195 56.11 -22.09 -76.75
CA TYR TB 195 56.57 -22.42 -78.08
C TYR TB 195 55.50 -22.03 -79.09
N ASN TB 196 55.80 -22.19 -80.38
CA ASN TB 196 54.91 -21.74 -81.44
C ASN TB 196 54.71 -22.83 -82.49
N LEU TB 197 53.51 -22.88 -83.07
CA LEU TB 197 53.25 -23.67 -84.28
C LEU TB 197 52.82 -22.70 -85.38
N ARG TB 198 53.81 -22.01 -85.94
CA ARG TB 198 53.78 -21.21 -87.16
C ARG TB 198 52.91 -19.95 -87.12
N ASP TB 199 51.93 -19.88 -86.22
CA ASP TB 199 51.21 -18.62 -86.00
C ASP TB 199 50.78 -18.44 -84.54
N GLN TB 200 50.60 -19.54 -83.84
CA GLN TB 200 49.91 -19.54 -82.54
C GLN TB 200 50.87 -19.93 -81.43
N LYS TB 201 50.63 -19.38 -80.25
CA LYS TB 201 51.48 -19.58 -79.09
C LYS TB 201 50.81 -20.56 -78.14
N MET TB 202 51.59 -21.52 -77.65
CA MET TB 202 51.13 -22.48 -76.64
C MET TB 202 51.89 -22.24 -75.35
N VAL TB 203 51.17 -22.20 -74.23
CA VAL TB 203 51.75 -21.95 -72.92
C VAL TB 203 51.43 -23.14 -72.03
N ILE TB 204 52.45 -23.72 -71.41
CA ILE TB 204 52.31 -24.86 -70.52
C ILE TB 204 52.52 -24.37 -69.10
N PRO TB 205 51.58 -24.62 -68.18
CA PRO TB 205 51.75 -24.15 -66.81
C PRO TB 205 52.80 -24.95 -66.05
N GLY TB 206 53.61 -24.25 -65.28
CA GLY TB 206 54.69 -24.86 -64.53
C GLY TB 206 54.24 -25.39 -63.18
N ILE TB 207 55.20 -25.56 -62.29
CA ILE TB 207 54.88 -26.07 -60.96
C ILE TB 207 54.34 -24.97 -60.06
N ALA TB 208 54.61 -23.71 -60.36
CA ALA TB 208 54.17 -22.63 -59.48
C ALA TB 208 52.77 -22.14 -59.81
N THR TB 209 52.23 -22.55 -60.96
CA THR TB 209 50.86 -22.24 -61.31
C THR TB 209 49.92 -23.38 -60.94
N ALA TB 210 50.44 -24.59 -60.87
CA ALA TB 210 49.60 -25.74 -60.52
C ALA TB 210 49.27 -25.77 -59.02
N ILE TB 211 50.24 -25.46 -58.16
CA ILE TB 211 49.96 -25.45 -56.72
C ILE TB 211 49.25 -24.18 -56.31
N GLU TB 212 49.39 -23.10 -57.09
CA GLU TB 212 48.69 -21.86 -56.77
C GLU TB 212 47.20 -21.98 -57.04
N ARG TB 213 46.83 -22.73 -58.09
CA ARG TB 213 45.42 -22.98 -58.36
C ARG TB 213 44.83 -24.05 -57.46
N LEU TB 214 45.68 -24.88 -56.83
CA LEU TB 214 45.18 -25.89 -55.93
C LEU TB 214 44.76 -25.29 -54.60
N LEU TB 215 45.44 -24.22 -54.17
CA LEU TB 215 45.18 -23.57 -52.90
C LEU TB 215 44.38 -22.29 -53.06
N GLN TB 216 43.64 -22.18 -54.17
CA GLN TB 216 42.87 -20.98 -54.46
C GLN TB 216 41.50 -21.07 -53.81
N GLY TB 217 41.04 -19.96 -53.23
CA GLY TB 217 39.83 -19.99 -52.43
C GLY TB 217 40.09 -20.76 -51.16
N GLU TB 218 39.49 -21.94 -51.06
CA GLU TB 218 39.90 -23.02 -50.15
C GLU TB 218 39.82 -22.61 -48.67
N GLU TB 219 38.60 -22.35 -48.21
CA GLU TB 219 38.37 -22.14 -46.79
C GLU TB 219 38.34 -23.48 -46.05
N GLN TB 220 39.51 -24.10 -45.90
CA GLN TB 220 39.60 -25.46 -45.39
C GLN TB 220 40.65 -25.56 -44.28
N PRO TB 221 40.36 -26.32 -43.21
CA PRO TB 221 41.31 -26.37 -42.08
C PRO TB 221 42.53 -27.23 -42.35
N LEU TB 222 43.51 -26.68 -43.08
CA LEU TB 222 44.73 -27.41 -43.37
C LEU TB 222 45.72 -27.29 -42.22
N GLY TB 223 46.27 -28.44 -41.81
CA GLY TB 223 47.27 -28.49 -40.77
C GLY TB 223 48.39 -29.45 -41.10
N ALA TB 262 45.83 -22.61 -39.28
CA ALA TB 262 44.79 -21.73 -39.78
C ALA TB 262 44.00 -22.40 -40.90
N ALA TB 263 43.79 -21.68 -42.00
CA ALA TB 263 43.01 -22.18 -43.13
C ALA TB 263 43.95 -22.56 -44.26
N ALA TB 264 43.38 -23.15 -45.32
CA ALA TB 264 44.17 -23.48 -46.50
C ALA TB 264 44.19 -22.33 -47.48
N GLY TB 265 43.39 -21.30 -47.25
CA GLY TB 265 43.26 -20.17 -48.14
C GLY TB 265 44.19 -19.01 -47.89
N ASN TB 266 44.96 -19.03 -46.82
CA ASN TB 266 45.90 -17.96 -46.54
C ASN TB 266 47.34 -18.36 -46.81
N ILE TB 267 47.58 -19.44 -47.55
CA ILE TB 267 48.94 -19.79 -47.96
C ILE TB 267 49.28 -19.07 -49.25
N LYS TB 268 50.43 -18.41 -49.27
CA LYS TB 268 50.90 -17.68 -50.44
C LYS TB 268 52.08 -18.41 -51.03
N ILE TB 269 52.03 -18.66 -52.34
CA ILE TB 269 53.10 -19.34 -53.07
C ILE TB 269 53.52 -18.45 -54.23
N VAL TB 270 54.79 -18.05 -54.24
CA VAL TB 270 55.33 -17.13 -55.23
C VAL TB 270 56.59 -17.75 -55.83
N ALA TB 271 56.65 -17.81 -57.15
CA ALA TB 271 57.81 -18.33 -57.87
C ALA TB 271 58.94 -17.32 -57.83
N TYR TB 272 60.14 -17.80 -57.52
CA TYR TB 272 61.34 -16.97 -57.58
C TYR TB 272 62.29 -17.59 -58.59
N PRO TB 273 62.28 -17.17 -59.86
CA PRO TB 273 63.06 -17.87 -60.88
C PRO TB 273 64.54 -17.59 -60.85
N ASP TB 274 65.00 -16.64 -60.02
CA ASP TB 274 66.40 -16.23 -60.08
C ASP TB 274 67.30 -17.26 -59.41
N THR TB 275 66.74 -18.08 -58.52
CA THR TB 275 67.47 -19.22 -57.97
C THR TB 275 66.70 -20.53 -58.12
N ASN TB 276 65.62 -20.52 -58.91
CA ASN TB 276 64.81 -21.69 -59.24
C ASN TB 276 64.25 -22.36 -57.97
N SER TB 277 63.41 -21.60 -57.27
CA SER TB 277 62.90 -22.06 -55.99
C SER TB 277 61.55 -21.41 -55.71
N LEU TB 278 60.77 -22.08 -54.88
CA LEU TB 278 59.46 -21.61 -54.46
C LEU TB 278 59.55 -20.88 -53.13
N LEU TB 279 58.65 -19.93 -52.93
CA LEU TB 279 58.55 -19.20 -51.67
C LEU TB 279 57.17 -19.44 -51.09
N VAL TB 280 57.10 -20.14 -49.96
CA VAL TB 280 55.85 -20.48 -49.31
C VAL TB 280 55.78 -19.73 -47.99
N LYS TB 281 54.66 -19.05 -47.74
CA LYS TB 281 54.44 -18.32 -46.50
C LYS TB 281 53.20 -18.89 -45.81
N GLY TB 282 53.39 -19.41 -44.61
CA GLY TB 282 52.28 -19.94 -43.84
C GLY TB 282 52.73 -20.25 -42.44
N THR TB 283 51.96 -21.08 -41.74
CA THR TB 283 52.33 -21.51 -40.42
C THR TB 283 53.44 -22.57 -40.50
N ALA TB 284 53.91 -23.02 -39.34
CA ALA TB 284 54.97 -24.01 -39.31
C ALA TB 284 54.50 -25.40 -39.71
N GLU TB 285 53.19 -25.63 -39.76
CA GLU TB 285 52.65 -26.91 -40.17
C GLU TB 285 52.23 -26.92 -41.63
N GLN TB 286 51.89 -25.75 -42.20
CA GLN TB 286 51.55 -25.69 -43.60
C GLN TB 286 52.78 -25.62 -44.49
N VAL TB 287 53.89 -25.08 -43.98
CA VAL TB 287 55.12 -25.05 -44.75
C VAL TB 287 55.70 -26.45 -44.89
N HIS TB 288 55.66 -27.23 -43.82
CA HIS TB 288 56.06 -28.64 -43.90
C HIS TB 288 55.09 -29.47 -44.74
N PHE TB 289 53.86 -29.01 -44.92
CA PHE TB 289 52.89 -29.75 -45.71
C PHE TB 289 53.15 -29.60 -47.20
N ILE TB 290 53.61 -28.43 -47.64
CA ILE TB 290 53.92 -28.21 -49.05
C ILE TB 290 55.31 -28.77 -49.39
N GLU TB 291 56.21 -28.83 -48.40
CA GLU TB 291 57.54 -29.35 -48.64
C GLU TB 291 57.52 -30.85 -48.91
N MET TB 292 56.55 -31.58 -48.36
CA MET TB 292 56.42 -32.99 -48.65
C MET TB 292 55.73 -33.25 -49.98
N LEU TB 293 54.95 -32.29 -50.48
CA LEU TB 293 54.33 -32.44 -51.80
C LEU TB 293 55.34 -32.17 -52.91
N VAL TB 294 56.22 -31.19 -52.69
CA VAL TB 294 57.19 -30.79 -53.70
C VAL TB 294 58.21 -31.90 -53.96
N LYS TB 295 58.64 -32.61 -52.91
CA LYS TB 295 59.59 -33.70 -53.08
C LYS TB 295 58.98 -34.93 -53.74
N ALA TB 296 57.67 -34.98 -53.95
CA ALA TB 296 57.06 -36.05 -54.71
C ALA TB 296 56.83 -35.68 -56.17
N LEU TB 297 56.79 -34.40 -56.49
CA LEU TB 297 56.67 -33.92 -57.86
C LEU TB 297 58.01 -33.61 -58.50
N ASP TB 298 59.12 -33.85 -57.80
CA ASP TB 298 60.45 -33.46 -58.27
C ASP TB 298 61.27 -34.72 -58.52
N VAL TB 299 61.13 -35.26 -59.74
CA VAL TB 299 61.84 -36.47 -60.13
C VAL TB 299 62.58 -36.20 -61.43
N ALA TB 300 63.63 -36.99 -61.65
CA ALA TB 300 64.44 -36.87 -62.86
C ALA TB 300 63.76 -37.58 -64.02
N LYS TB 301 63.91 -37.00 -65.21
CA LYS TB 301 63.23 -37.47 -66.41
C LYS TB 301 64.17 -38.29 -67.29
N ARG TB 302 63.58 -39.00 -68.24
CA ARG TB 302 64.31 -39.81 -69.19
C ARG TB 302 64.16 -39.23 -70.59
N HIS TB 303 65.10 -39.58 -71.46
CA HIS TB 303 65.17 -39.01 -72.80
C HIS TB 303 64.58 -39.97 -73.83
N VAL TB 304 63.82 -39.42 -74.77
CA VAL TB 304 63.25 -40.17 -75.88
C VAL TB 304 63.74 -39.54 -77.16
N GLU TB 305 64.25 -40.36 -78.08
CA GLU TB 305 64.62 -39.91 -79.41
C GLU TB 305 63.67 -40.53 -80.42
N LEU TB 306 62.98 -39.69 -81.17
CA LEU TB 306 61.95 -40.12 -82.11
C LEU TB 306 62.47 -40.00 -83.52
N SER TB 307 62.40 -41.10 -84.27
CA SER TB 307 62.84 -41.15 -85.66
C SER TB 307 61.67 -41.54 -86.53
N LEU TB 308 61.40 -40.73 -87.56
CA LEU TB 308 60.27 -40.92 -88.45
C LEU TB 308 60.76 -41.14 -89.87
N TRP TB 309 60.30 -42.20 -90.51
CA TRP TB 309 60.69 -42.54 -91.86
C TRP TB 309 59.57 -42.20 -92.82
N ILE TB 310 59.91 -41.54 -93.93
CA ILE TB 310 58.97 -41.21 -95.00
C ILE TB 310 59.53 -41.79 -96.29
N VAL TB 311 58.97 -42.91 -96.74
CA VAL TB 311 59.44 -43.60 -97.94
C VAL TB 311 58.47 -43.30 -99.07
N ASP TB 312 59.00 -42.99 -100.25
CA ASP TB 312 58.19 -42.57 -101.38
C ASP TB 312 58.77 -43.20 -102.63
N LEU TB 313 57.99 -44.03 -103.30
CA LEU TB 313 58.43 -44.71 -104.52
C LEU TB 313 57.47 -44.39 -105.65
N ASN TB 314 58.01 -44.45 -106.87
CA ASN TB 314 57.23 -44.22 -108.09
C ASN TB 314 57.68 -45.18 -109.17
N LYS TB 315 56.88 -45.26 -110.22
CA LYS TB 315 57.12 -46.09 -111.39
C LYS TB 315 56.15 -45.64 -112.46
N SER TB 316 56.54 -45.78 -113.73
CA SER TB 316 55.70 -45.30 -114.80
C SER TB 316 56.02 -46.05 -116.09
N ASP TB 317 55.17 -45.83 -117.08
CA ASP TB 317 55.29 -46.46 -118.39
C ASP TB 317 54.39 -45.68 -119.34
N LEU TB 318 54.78 -45.57 -120.60
CA LEU TB 318 54.05 -44.77 -121.58
C LEU TB 318 54.48 -45.17 -122.98
N GLU TB 319 53.53 -45.22 -123.91
CA GLU TB 319 53.83 -45.53 -125.31
C GLU TB 319 52.72 -44.97 -126.19
N ARG TB 320 53.08 -44.09 -127.12
CA ARG TB 320 52.16 -43.61 -128.15
C ARG TB 320 52.73 -43.94 -129.52
N LEU TB 321 51.87 -44.36 -130.44
CA LEU TB 321 52.30 -44.68 -131.80
C LEU TB 321 51.10 -44.60 -132.74
N GLY TB 322 51.12 -43.64 -133.64
CA GLY TB 322 50.06 -43.53 -134.62
C GLY TB 322 49.89 -42.10 -135.09
N THR TB 323 49.00 -41.94 -136.06
CA THR TB 323 48.71 -40.64 -136.67
C THR TB 323 47.27 -40.23 -136.39
N SER TB 324 46.96 -38.99 -136.76
CA SER TB 324 45.62 -38.44 -136.57
C SER TB 324 45.42 -37.31 -137.56
N TRP TB 325 44.47 -37.48 -138.47
CA TRP TB 325 44.25 -36.54 -139.57
C TRP TB 325 43.17 -35.54 -139.21
N SER TB 326 43.47 -34.25 -139.41
CA SER TB 326 42.51 -33.17 -139.12
C SER TB 326 42.94 -31.94 -139.92
N GLY TB 327 42.13 -31.57 -140.92
CA GLY TB 327 42.47 -30.42 -141.74
C GLY TB 327 41.32 -29.99 -142.62
N SER TB 328 41.55 -28.89 -143.34
CA SER TB 328 40.60 -28.33 -144.30
C SER TB 328 41.24 -28.20 -145.67
N ILE TB 329 40.39 -27.94 -146.67
CA ILE TB 329 40.85 -27.83 -148.05
C ILE TB 329 39.88 -26.89 -148.77
N THR TB 330 40.28 -26.41 -149.95
CA THR TB 330 39.43 -25.58 -150.80
C THR TB 330 39.56 -26.08 -152.23
N ILE TB 331 38.43 -26.43 -152.83
CA ILE TB 331 38.40 -27.08 -154.15
C ILE TB 331 37.70 -26.14 -155.11
N GLY TB 332 38.48 -25.37 -155.86
CA GLY TB 332 37.96 -24.59 -156.97
C GLY TB 332 36.99 -23.49 -156.63
N ASP TB 333 37.17 -22.84 -155.46
CA ASP TB 333 36.44 -21.67 -154.94
C ASP TB 333 34.92 -21.75 -155.06
N LYS TB 334 34.37 -22.97 -155.08
CA LYS TB 334 32.94 -23.20 -155.07
C LYS TB 334 32.50 -24.26 -154.08
N LEU TB 335 33.38 -25.17 -153.65
CA LEU TB 335 33.04 -26.14 -152.63
C LEU TB 335 34.30 -26.47 -151.85
N GLY TB 336 34.13 -26.67 -150.55
CA GLY TB 336 35.24 -27.00 -149.69
C GLY TB 336 34.91 -28.20 -148.82
N VAL TB 337 35.95 -28.94 -148.46
CA VAL TB 337 35.81 -30.17 -147.69
C VAL TB 337 36.60 -30.01 -146.39
N SER TB 338 35.94 -30.25 -145.26
CA SER TB 338 36.59 -30.30 -143.97
C SER TB 338 36.76 -31.76 -143.56
N LEU TB 339 37.50 -31.97 -142.47
CA LEU TB 339 37.73 -33.31 -141.94
C LEU TB 339 38.03 -33.21 -140.45
N ASN TB 340 37.12 -33.75 -139.63
CA ASN TB 340 37.28 -33.88 -138.18
C ASN TB 340 37.51 -32.54 -137.49
N GLN TB 341 36.75 -31.53 -137.88
CA GLN TB 341 36.90 -30.19 -137.33
C GLN TB 341 35.54 -29.63 -136.94
N SER TB 342 35.57 -28.47 -136.27
CA SER TB 342 34.36 -27.73 -135.94
C SER TB 342 34.33 -26.38 -136.61
N SER TB 343 35.44 -25.64 -136.59
CA SER TB 343 35.57 -24.35 -137.26
C SER TB 343 36.36 -24.54 -138.56
N ILE TB 344 35.82 -24.01 -139.65
CA ILE TB 344 36.38 -24.23 -140.97
C ILE TB 344 36.79 -22.89 -141.56
N SER TB 345 36.10 -21.82 -141.15
CA SER TB 345 36.28 -20.51 -141.76
C SER TB 345 37.62 -19.89 -141.41
N THR TB 346 38.02 -19.94 -140.14
CA THR TB 346 39.30 -19.40 -139.73
C THR TB 346 40.47 -20.31 -140.10
N LEU TB 347 40.20 -21.56 -140.48
CA LEU TB 347 41.21 -22.45 -141.04
C LEU TB 347 40.96 -22.74 -142.51
N ASP TB 348 40.42 -21.76 -143.25
CA ASP TB 348 40.10 -21.98 -144.66
C ASP TB 348 41.33 -21.93 -145.54
N GLY TB 349 42.30 -21.07 -145.23
CA GLY TB 349 43.52 -20.98 -145.99
C GLY TB 349 44.59 -22.00 -145.64
N SER TB 350 44.31 -22.90 -144.71
CA SER TB 350 45.27 -23.90 -144.27
C SER TB 350 45.10 -25.18 -145.09
N ARG TB 351 45.73 -26.26 -144.62
CA ARG TB 351 45.75 -27.52 -145.35
C ARG TB 351 45.46 -28.69 -144.42
N PHE TB 352 45.65 -29.91 -144.92
CA PHE TB 352 45.49 -31.10 -144.08
C PHE TB 352 46.70 -31.25 -143.16
N ILE TB 353 46.45 -31.70 -141.94
CA ILE TB 353 47.49 -31.91 -140.94
C ILE TB 353 47.45 -33.38 -140.52
N ALA TB 354 48.60 -34.05 -140.58
CA ALA TB 354 48.73 -35.43 -140.18
C ALA TB 354 49.67 -35.47 -138.98
N ALA TB 355 49.11 -35.30 -137.78
CA ALA TB 355 49.91 -35.25 -136.56
C ALA TB 355 50.36 -36.66 -136.18
N VAL TB 356 51.66 -36.89 -136.22
CA VAL TB 356 52.25 -38.19 -135.92
C VAL TB 356 52.83 -38.14 -134.51
N ASN TB 357 52.66 -39.23 -133.76
CA ASN TB 357 53.24 -39.36 -132.43
C ASN TB 357 54.03 -40.65 -132.33
N ALA TB 358 55.20 -40.57 -131.72
CA ALA TB 358 56.03 -41.75 -131.49
C ALA TB 358 56.84 -41.51 -130.23
N LEU TB 359 56.66 -42.36 -129.23
CA LEU TB 359 57.28 -42.18 -127.93
C LEU TB 359 57.21 -43.49 -127.18
N GLU TB 360 58.18 -43.71 -126.28
CA GLU TB 360 58.22 -44.89 -125.45
C GLU TB 360 59.05 -44.56 -124.22
N GLU TB 361 58.40 -44.41 -123.07
CA GLU TB 361 59.02 -43.82 -121.90
C GLU TB 361 58.96 -44.76 -120.70
N LYS TB 362 60.05 -44.85 -119.95
CA LYS TB 362 60.10 -45.50 -118.66
C LYS TB 362 60.52 -44.49 -117.61
N LYS TB 363 60.24 -44.80 -116.35
CA LYS TB 363 60.53 -43.87 -115.27
C LYS TB 363 60.59 -44.63 -113.95
N GLN TB 364 61.32 -44.05 -113.00
CA GLN TB 364 61.46 -44.60 -111.66
C GLN TB 364 62.01 -43.51 -110.75
N ALA TB 365 61.54 -43.45 -109.51
CA ALA TB 365 61.97 -42.43 -108.57
C ALA TB 365 61.75 -42.91 -107.15
N THR TB 366 62.81 -42.85 -106.34
CA THR TB 366 62.74 -43.20 -104.93
C THR TB 366 63.19 -42.00 -104.09
N VAL TB 367 62.51 -41.76 -102.98
CA VAL TB 367 62.86 -40.69 -102.05
C VAL TB 367 62.67 -41.22 -100.64
N VAL TB 368 63.71 -41.16 -99.82
CA VAL TB 368 63.65 -41.58 -98.42
C VAL TB 368 64.11 -40.41 -97.57
N SER TB 369 63.20 -39.84 -96.78
CA SER TB 369 63.49 -38.71 -95.91
C SER TB 369 63.27 -39.13 -94.46
N ARG TB 370 64.00 -38.50 -93.54
CA ARG TB 370 63.99 -38.93 -92.14
C ARG TB 370 64.32 -37.77 -91.21
N PRO TB 371 63.35 -37.25 -90.46
CA PRO TB 371 63.66 -36.31 -89.38
C PRO TB 371 63.85 -36.99 -88.04
N VAL TB 372 64.78 -36.46 -87.25
CA VAL TB 372 65.13 -37.00 -85.94
C VAL TB 372 64.97 -35.88 -84.91
N LEU TB 373 64.39 -36.21 -83.75
CA LEU TB 373 64.12 -35.22 -82.71
C LEU TB 373 64.31 -35.88 -81.35
N LEU TB 374 64.87 -35.11 -80.39
CA LEU TB 374 65.15 -35.60 -79.05
C LEU TB 374 64.44 -34.75 -78.01
N THR TB 375 63.77 -35.39 -77.07
CA THR TB 375 63.06 -34.70 -76.00
C THR TB 375 63.00 -35.58 -74.77
N GLN TB 376 62.29 -35.12 -73.75
CA GLN TB 376 62.14 -35.81 -72.49
C GLN TB 376 60.73 -36.35 -72.34
N GLU TB 377 60.46 -37.01 -71.21
CA GLU TB 377 59.11 -37.47 -70.91
C GLU TB 377 58.19 -36.29 -70.67
N ASN TB 378 56.95 -36.41 -71.19
CA ASN TB 378 55.85 -35.48 -70.92
C ASN TB 378 56.16 -34.05 -71.33
N VAL TB 379 57.03 -33.87 -72.32
CA VAL TB 379 57.43 -32.55 -72.78
C VAL TB 379 57.12 -32.46 -74.27
N PRO TB 380 56.32 -31.49 -74.71
CA PRO TB 380 56.05 -31.35 -76.15
C PRO TB 380 57.25 -30.75 -76.87
N ALA TB 381 57.58 -31.35 -78.01
CA ALA TB 381 58.71 -30.90 -78.81
C ALA TB 381 58.25 -30.68 -80.24
N ILE TB 382 59.00 -29.86 -80.98
CA ILE TB 382 58.66 -29.50 -82.35
C ILE TB 382 59.92 -29.55 -83.21
N PHE TB 383 59.85 -30.27 -84.32
CA PHE TB 383 60.78 -30.15 -85.43
C PHE TB 383 60.03 -29.56 -86.60
N ASP TB 384 60.66 -28.61 -87.29
CA ASP TB 384 60.01 -27.88 -88.37
C ASP TB 384 61.03 -27.56 -89.44
N ASN TB 385 60.69 -27.82 -90.70
CA ASN TB 385 61.56 -27.52 -91.84
C ASN TB 385 60.66 -27.01 -92.95
N ASN TB 386 60.45 -25.71 -93.00
CA ASN TB 386 59.42 -25.14 -93.86
C ASN TB 386 60.03 -24.18 -94.89
N ARG TB 387 59.13 -23.55 -95.64
CA ARG TB 387 59.47 -22.60 -96.70
C ARG TB 387 58.36 -21.59 -96.81
N THR TB 388 58.71 -20.30 -96.85
CA THR TB 388 57.74 -19.23 -96.81
C THR TB 388 57.74 -18.50 -98.14
N PHE TB 389 56.55 -18.14 -98.62
CA PHE TB 389 56.37 -17.49 -99.92
C PHE TB 389 55.64 -16.19 -99.68
N TYR TB 390 56.32 -15.07 -99.93
CA TYR TB 390 55.77 -13.75 -99.66
C TYR TB 390 55.20 -13.13 -100.92
N THR TB 391 54.02 -12.51 -100.80
CA THR TB 391 53.35 -11.89 -101.92
C THR TB 391 53.00 -10.45 -101.57
N LYS TB 392 52.79 -9.64 -102.61
CA LYS TB 392 52.56 -8.21 -102.46
C LYS TB 392 51.12 -7.90 -102.86
N LEU TB 393 50.23 -7.85 -101.87
CA LEU TB 393 48.84 -7.47 -102.08
C LEU TB 393 48.79 -5.95 -102.07
N ILE TB 394 48.71 -5.34 -103.25
CA ILE TB 394 48.79 -3.88 -103.36
C ILE TB 394 47.41 -3.30 -103.09
N GLY TB 395 47.12 -3.11 -101.80
CA GLY TB 395 45.93 -2.42 -101.36
C GLY TB 395 46.26 -0.98 -101.01
N GLU TB 396 45.34 -0.35 -100.29
CA GLU TB 396 45.56 1.02 -99.86
C GLU TB 396 45.52 1.20 -98.34
N ARG TB 397 44.72 0.42 -97.62
CA ARG TB 397 44.50 0.68 -96.20
C ARG TB 397 45.22 -0.31 -95.30
N ASN TB 398 44.82 -1.56 -95.42
CA ASN TB 398 45.35 -2.63 -94.60
C ASN TB 398 46.34 -3.39 -95.46
N VAL TB 399 47.35 -2.66 -95.93
CA VAL TB 399 48.42 -3.22 -96.75
C VAL TB 399 49.18 -4.21 -95.89
N ALA TB 400 49.47 -5.37 -96.47
CA ALA TB 400 50.05 -6.45 -95.68
C ALA TB 400 50.90 -7.32 -96.57
N LEU TB 401 51.88 -7.97 -95.96
CA LEU TB 401 52.65 -9.02 -96.60
C LEU TB 401 52.00 -10.32 -96.20
N GLU TB 402 51.26 -10.93 -97.12
CA GLU TB 402 50.62 -12.21 -96.85
C GLU TB 402 51.56 -13.31 -97.29
N HIS TB 403 51.51 -14.44 -96.58
CA HIS TB 403 52.47 -15.50 -96.79
C HIS TB 403 51.81 -16.86 -96.62
N VAL TB 404 52.35 -17.83 -97.33
CA VAL TB 404 51.99 -19.24 -97.17
C VAL TB 404 53.22 -19.98 -96.68
N THR TB 405 53.01 -21.16 -96.11
CA THR TB 405 54.08 -21.93 -95.49
C THR TB 405 53.83 -23.40 -95.72
N TYR TB 406 54.87 -24.13 -96.10
CA TYR TB 406 54.75 -25.57 -96.33
C TYR TB 406 56.07 -26.23 -96.03
N GLY TB 407 56.01 -27.44 -95.46
CA GLY TB 407 57.22 -28.19 -95.19
C GLY TB 407 56.95 -29.30 -94.20
N THR TB 408 58.01 -30.00 -93.83
CA THR TB 408 57.94 -31.11 -92.89
C THR TB 408 57.81 -30.58 -91.48
N MET TB 409 57.00 -31.24 -90.66
CA MET TB 409 56.71 -30.76 -89.31
C MET TB 409 56.23 -31.92 -88.45
N ILE TB 410 56.86 -32.09 -87.29
CA ILE TB 410 56.44 -33.09 -86.31
C ILE TB 410 56.22 -32.39 -84.98
N ARG TB 411 55.13 -32.76 -84.29
CA ARG TB 411 54.91 -32.34 -82.91
C ARG TB 411 54.51 -33.56 -82.12
N VAL TB 412 55.34 -33.94 -81.14
CA VAL TB 412 55.19 -35.21 -80.44
C VAL TB 412 55.15 -34.94 -78.94
N LEU TB 413 54.53 -35.86 -78.20
CA LEU TB 413 54.43 -35.76 -76.75
C LEU TB 413 54.63 -37.18 -76.21
N PRO TB 414 55.87 -37.56 -75.93
CA PRO TB 414 56.13 -38.93 -75.52
C PRO TB 414 55.84 -39.17 -74.04
N ARG TB 415 55.65 -40.44 -73.71
CA ARG TB 415 55.26 -40.85 -72.37
C ARG TB 415 55.52 -42.33 -72.21
N PHE TB 416 56.17 -42.72 -71.11
CA PHE TB 416 56.43 -44.12 -70.85
C PHE TB 416 55.25 -44.77 -70.14
N SER TB 417 54.89 -45.97 -70.58
CA SER TB 417 53.82 -46.72 -69.94
C SER TB 417 54.39 -47.52 -68.77
N ALA TB 418 53.58 -48.42 -68.21
CA ALA TB 418 54.01 -49.20 -67.06
C ALA TB 418 54.89 -50.38 -67.46
N ASP TB 419 54.79 -50.85 -68.69
CA ASP TB 419 55.52 -52.01 -69.16
C ASP TB 419 56.85 -51.65 -69.81
N GLY TB 420 57.09 -50.37 -70.08
CA GLY TB 420 58.26 -49.96 -70.80
C GLY TB 420 58.03 -49.57 -72.24
N GLN TB 421 56.78 -49.48 -72.67
CA GLN TB 421 56.45 -49.04 -74.01
C GLN TB 421 56.26 -47.53 -74.03
N ILE TB 422 56.40 -46.95 -75.22
CA ILE TB 422 56.38 -45.50 -75.39
C ILE TB 422 55.15 -45.12 -76.18
N GLU TB 423 54.22 -44.41 -75.55
CA GLU TB 423 53.05 -43.90 -76.23
C GLU TB 423 53.28 -42.45 -76.66
N MET TB 424 52.82 -42.13 -77.87
CA MET TB 424 53.10 -40.85 -78.48
C MET TB 424 51.82 -40.24 -79.02
N SER TB 425 51.73 -38.92 -78.99
CA SER TB 425 50.61 -38.17 -79.55
C SER TB 425 51.14 -37.35 -80.72
N LEU TB 426 50.88 -37.82 -81.94
CA LEU TB 426 51.57 -37.36 -83.13
C LEU TB 426 50.75 -36.32 -83.88
N ASP TB 427 51.46 -35.42 -84.57
CA ASP TB 427 50.89 -34.44 -85.49
C ASP TB 427 51.89 -34.24 -86.62
N ILE TB 428 51.72 -34.99 -87.71
CA ILE TB 428 52.71 -35.05 -88.78
C ILE TB 428 52.17 -34.29 -89.97
N GLU TB 429 53.02 -33.45 -90.58
CA GLU TB 429 52.71 -32.78 -91.84
C GLU TB 429 53.91 -32.90 -92.76
N ASP TB 430 53.67 -33.31 -94.01
CA ASP TB 430 54.73 -33.40 -95.01
C ASP TB 430 54.17 -32.81 -96.31
N GLY TB 431 54.65 -31.62 -96.66
CA GLY TB 431 54.18 -30.93 -97.84
C GLY TB 431 55.33 -30.55 -98.76
N ASN TB 432 54.99 -30.30 -100.02
CA ASN TB 432 55.95 -29.83 -101.01
C ASN TB 432 55.21 -28.98 -102.02
N ASP TB 433 55.93 -28.49 -103.02
CA ASP TB 433 55.40 -27.54 -103.98
C ASP TB 433 55.16 -28.24 -105.32
N LYS TB 434 53.90 -28.33 -105.72
CA LYS TB 434 53.55 -28.86 -107.02
C LYS TB 434 53.66 -27.76 -108.07
N THR TB 435 54.22 -28.10 -109.22
CA THR TB 435 54.51 -27.12 -110.24
C THR TB 435 53.61 -27.34 -111.45
N PRO TB 436 52.87 -26.33 -111.89
CA PRO TB 436 52.18 -26.41 -113.17
C PRO TB 436 53.10 -26.17 -114.35
N GLN TB 437 52.54 -26.05 -115.55
CA GLN TB 437 53.33 -25.85 -116.77
C GLN TB 437 54.05 -24.51 -116.73
N SER TB 438 55.35 -24.54 -117.03
CA SER TB 438 56.17 -23.34 -116.92
C SER TB 438 55.98 -22.37 -118.08
N ASP TB 439 55.47 -22.82 -119.21
CA ASP TB 439 55.37 -21.98 -120.40
C ASP TB 439 54.24 -20.96 -120.32
N THR TB 440 53.22 -21.20 -119.52
CA THR TB 440 52.09 -20.29 -119.41
C THR TB 440 52.36 -19.23 -118.35
N THR TB 441 51.58 -18.14 -118.42
CA THR TB 441 51.79 -16.91 -117.67
C THR TB 441 51.64 -17.10 -116.15
N THR TB 442 50.88 -18.11 -115.70
CA THR TB 442 50.62 -18.29 -114.27
C THR TB 442 51.81 -18.80 -113.46
N SER TB 443 52.99 -18.92 -114.06
CA SER TB 443 54.21 -19.27 -113.34
C SER TB 443 54.94 -18.06 -112.77
N VAL TB 444 54.52 -16.84 -113.13
CA VAL TB 444 55.20 -15.65 -112.62
C VAL TB 444 54.40 -14.93 -111.54
N ASP TB 445 53.12 -15.28 -111.34
CA ASP TB 445 52.34 -14.69 -110.27
C ASP TB 445 52.40 -15.57 -109.03
N ALA TB 446 51.61 -15.20 -108.01
CA ALA TB 446 51.65 -15.87 -106.72
C ALA TB 446 50.72 -17.09 -106.73
N LEU TB 447 51.12 -18.09 -107.51
CA LEU TB 447 50.42 -19.38 -107.55
C LEU TB 447 51.44 -20.50 -107.34
N PRO TB 448 51.89 -20.72 -106.10
CA PRO TB 448 52.53 -22.00 -105.76
C PRO TB 448 51.51 -23.04 -105.33
N GLU TB 449 50.98 -23.86 -106.24
CA GLU TB 449 50.07 -24.94 -105.84
C GLU TB 449 50.74 -25.87 -104.84
N VAL TB 450 50.28 -25.82 -103.59
CA VAL TB 450 50.86 -26.58 -102.49
C VAL TB 450 50.06 -27.86 -102.29
N GLY TB 451 50.74 -28.99 -102.19
CA GLY TB 451 50.12 -30.25 -101.80
C GLY TB 451 50.71 -30.72 -100.49
N ARG TB 452 49.83 -31.00 -99.53
CA ARG TB 452 50.24 -31.38 -98.19
C ARG TB 452 49.75 -32.80 -97.87
N THR TB 453 50.16 -33.29 -96.70
CA THR TB 453 49.77 -34.60 -96.22
C THR TB 453 49.76 -34.56 -94.70
N LEU TB 454 48.58 -34.67 -94.10
CA LEU TB 454 48.39 -34.47 -92.67
C LEU TB 454 47.97 -35.78 -92.02
N ILE TB 455 48.53 -36.08 -90.85
CA ILE TB 455 48.20 -37.28 -90.10
C ILE TB 455 48.17 -36.90 -88.62
N SER TB 456 47.10 -37.26 -87.93
CA SER TB 456 46.96 -36.98 -86.50
C SER TB 456 46.36 -38.21 -85.82
N THR TB 457 47.13 -38.84 -84.95
CA THR TB 457 46.71 -40.10 -84.34
C THR TB 457 47.46 -40.29 -83.02
N ILE TB 458 47.29 -41.46 -82.41
CA ILE TB 458 47.99 -41.85 -81.19
C ILE TB 458 48.42 -43.31 -81.33
N ALA TB 459 49.71 -43.57 -81.13
CA ALA TB 459 50.24 -44.93 -81.25
C ALA TB 459 51.11 -45.26 -80.06
N ARG TB 460 51.35 -46.55 -79.83
CA ARG TB 460 52.12 -47.04 -78.69
C ARG TB 460 53.06 -48.15 -79.14
N VAL TB 461 54.35 -47.87 -79.13
CA VAL TB 461 55.38 -48.75 -79.67
C VAL TB 461 56.25 -49.24 -78.51
N PRO TB 462 56.74 -50.48 -78.52
CA PRO TB 462 57.78 -50.87 -77.57
C PRO TB 462 59.10 -50.18 -77.86
N HIS TB 463 60.06 -50.36 -76.95
CA HIS TB 463 61.34 -49.70 -77.07
C HIS TB 463 62.19 -50.40 -78.12
N GLY TB 464 62.46 -49.71 -79.22
CA GLY TB 464 63.29 -50.24 -80.28
C GLY TB 464 62.54 -50.83 -81.46
N LYS TB 465 61.26 -51.11 -81.31
CA LYS TB 465 60.45 -51.64 -82.39
C LYS TB 465 59.84 -50.50 -83.20
N SER TB 466 58.96 -50.83 -84.13
CA SER TB 466 58.42 -49.82 -85.03
C SER TB 466 56.96 -50.13 -85.36
N LEU TB 467 56.27 -49.11 -85.87
CA LEU TB 467 54.87 -49.21 -86.27
C LEU TB 467 54.63 -48.41 -87.53
N LEU TB 468 53.67 -48.86 -88.32
CA LEU TB 468 53.25 -48.16 -89.52
C LEU TB 468 52.05 -47.29 -89.19
N VAL TB 469 52.21 -45.98 -89.34
CA VAL TB 469 51.17 -45.03 -88.93
C VAL TB 469 50.25 -44.67 -90.09
N GLY TB 470 50.81 -44.27 -91.23
CA GLY TB 470 49.99 -43.90 -92.37
C GLY TB 470 50.31 -44.73 -93.59
N GLY TB 471 49.84 -44.30 -94.75
CA GLY TB 471 50.11 -45.04 -95.97
C GLY TB 471 49.20 -44.59 -97.08
N TYR TB 472 49.63 -44.90 -98.31
CA TYR TB 472 48.89 -44.57 -99.52
C TYR TB 472 49.45 -45.33 -100.70
N THR TB 473 48.60 -46.04 -101.45
CA THR TB 473 49.00 -46.65 -102.70
C THR TB 473 48.04 -46.22 -103.81
N ARG TB 474 48.50 -46.34 -105.05
CA ARG TB 474 47.67 -46.01 -106.21
C ARG TB 474 48.19 -46.73 -107.43
N ASP TB 475 47.30 -47.42 -108.15
CA ASP TB 475 47.63 -48.12 -109.38
C ASP TB 475 46.69 -47.67 -110.49
N ALA TB 476 47.20 -47.60 -111.71
CA ALA TB 476 46.40 -47.13 -112.82
C ALA TB 476 46.88 -47.78 -114.12
N ASN TB 477 45.96 -47.91 -115.07
CA ASN TB 477 46.28 -48.46 -116.39
C ASN TB 477 45.20 -48.03 -117.37
N THR TB 478 45.55 -47.15 -118.30
CA THR TB 478 44.63 -46.72 -119.35
C THR TB 478 45.21 -47.09 -120.72
N ASP TB 479 44.32 -47.21 -121.71
CA ASP TB 479 44.72 -47.46 -123.09
C ASP TB 479 43.60 -47.09 -124.04
N THR TB 480 43.92 -46.30 -125.07
CA THR TB 480 42.97 -45.88 -126.08
C THR TB 480 43.38 -46.43 -127.44
N VAL TB 481 42.41 -46.59 -128.33
CA VAL TB 481 42.64 -47.04 -129.70
C VAL TB 481 41.72 -46.22 -130.60
N GLN TB 482 42.31 -45.48 -131.54
CA GLN TB 482 41.54 -44.75 -132.55
C GLN TB 482 41.94 -45.25 -133.94
N SER TB 483 41.04 -45.07 -134.90
CA SER TB 483 41.30 -45.46 -136.28
C SER TB 483 40.34 -44.74 -137.20
N ILE TB 484 40.62 -44.84 -138.50
CA ILE TB 484 39.69 -44.50 -139.58
C ILE TB 484 38.90 -45.78 -139.81
N PRO TB 485 37.58 -45.71 -140.06
CA PRO TB 485 36.77 -46.94 -140.08
C PRO TB 485 37.12 -47.96 -141.14
N PHE TB 486 37.40 -47.55 -142.38
CA PHE TB 486 37.74 -48.51 -143.42
C PHE TB 486 39.22 -48.56 -143.75
N LEU TB 487 39.89 -47.41 -143.76
CA LEU TB 487 41.30 -47.36 -144.13
C LEU TB 487 42.22 -47.93 -143.05
N GLY TB 488 41.72 -48.08 -141.82
CA GLY TB 488 42.54 -48.59 -140.75
C GLY TB 488 42.73 -50.09 -140.73
N LYS TB 489 42.10 -50.82 -141.66
CA LYS TB 489 42.22 -52.26 -141.74
C LYS TB 489 42.97 -52.74 -142.97
N LEU TB 490 43.64 -51.83 -143.69
CA LEU TB 490 44.44 -52.22 -144.83
C LEU TB 490 45.70 -52.95 -144.35
N PRO TB 491 46.22 -53.91 -145.15
CA PRO TB 491 47.36 -54.72 -144.70
C PRO TB 491 48.66 -53.97 -144.45
N LEU TB 492 49.15 -53.23 -145.45
CA LEU TB 492 50.42 -52.55 -145.34
C LEU TB 492 50.29 -51.03 -145.38
N ILE TB 493 49.13 -50.51 -145.75
CA ILE TB 493 48.90 -49.06 -145.73
C ILE TB 493 48.14 -48.62 -144.49
N GLY TB 494 47.42 -49.51 -143.81
CA GLY TB 494 46.55 -49.15 -142.71
C GLY TB 494 47.26 -48.73 -141.43
N SER TB 495 48.59 -48.80 -141.38
CA SER TB 495 49.30 -48.33 -140.20
C SER TB 495 49.37 -46.81 -140.14
N LEU TB 496 49.12 -46.13 -141.25
CA LEU TB 496 49.17 -44.67 -141.29
C LEU TB 496 47.89 -44.02 -140.79
N PHE TB 497 46.90 -44.80 -140.36
CA PHE TB 497 45.62 -44.25 -139.94
C PHE TB 497 45.22 -44.64 -138.52
N ARG TB 498 45.81 -45.68 -137.94
CA ARG TB 498 45.47 -46.07 -136.59
C ARG TB 498 46.21 -45.20 -135.57
N TYR TB 499 45.86 -45.40 -134.30
CA TYR TB 499 46.49 -44.70 -133.19
C TYR TB 499 46.24 -45.51 -131.93
N SER TB 500 47.22 -45.53 -131.04
CA SER TB 500 47.11 -46.33 -129.82
C SER TB 500 48.05 -45.77 -128.76
N SER TB 501 47.52 -45.63 -127.55
CA SER TB 501 48.30 -45.12 -126.42
C SER TB 501 48.15 -46.06 -125.24
N LYS TB 502 49.07 -45.92 -124.28
CA LYS TB 502 49.04 -46.69 -123.05
C LYS TB 502 49.54 -45.81 -121.92
N ASN TB 503 49.32 -46.28 -120.68
CA ASN TB 503 49.78 -45.57 -119.49
C ASN TB 503 49.75 -46.54 -118.33
N LYS TB 504 50.62 -46.33 -117.34
CA LYS TB 504 50.70 -47.17 -116.15
C LYS TB 504 51.47 -46.43 -115.08
N SER TB 505 51.03 -46.55 -113.83
CA SER TB 505 51.72 -45.90 -112.73
C SER TB 505 51.51 -46.70 -111.46
N ASN TB 506 52.48 -46.62 -110.55
CA ASN TB 506 52.40 -47.30 -109.25
C ASN TB 506 53.10 -46.44 -108.20
N VAL TB 507 52.32 -45.87 -107.29
CA VAL TB 507 52.83 -44.94 -106.28
C VAL TB 507 52.65 -45.59 -104.92
N VAL TB 508 53.66 -45.44 -104.05
CA VAL TB 508 53.62 -45.96 -102.68
C VAL TB 508 54.22 -44.90 -101.76
N ARG TB 509 53.47 -44.48 -100.75
CA ARG TB 509 53.97 -43.63 -99.68
C ARG TB 509 53.62 -44.27 -98.35
N VAL TB 510 54.57 -44.27 -97.41
CA VAL TB 510 54.34 -44.80 -96.06
C VAL TB 510 54.99 -43.88 -95.04
N PHE TB 511 54.50 -43.98 -93.80
CA PHE TB 511 55.02 -43.23 -92.66
C PHE TB 511 55.27 -44.22 -91.54
N MET TB 512 56.50 -44.25 -91.01
CA MET TB 512 56.85 -45.20 -89.98
C MET TB 512 57.49 -44.49 -88.80
N ILE TB 513 57.29 -45.03 -87.60
CA ILE TB 513 57.71 -44.43 -86.34
C ILE TB 513 58.59 -45.43 -85.61
N GLU TB 514 59.74 -44.97 -85.11
CA GLU TB 514 60.68 -45.84 -84.41
C GLU TB 514 61.29 -45.07 -83.24
N PRO TB 515 60.71 -45.17 -82.04
CA PRO TB 515 61.27 -44.47 -80.88
C PRO TB 515 62.23 -45.35 -80.10
N LYS TB 516 63.13 -44.67 -79.37
CA LYS TB 516 64.09 -45.36 -78.52
C LYS TB 516 64.49 -44.42 -77.39
N GLU TB 517 65.13 -44.98 -76.37
CA GLU TB 517 65.47 -44.28 -75.15
C GLU TB 517 66.96 -43.98 -75.11
N ILE TB 518 67.31 -42.74 -74.76
CA ILE TB 518 68.69 -42.28 -74.73
C ILE TB 518 69.15 -42.24 -73.29
N VAL TB 519 70.24 -42.95 -72.99
CA VAL TB 519 70.81 -42.94 -71.65
C VAL TB 519 72.25 -42.47 -71.62
N ASP TB 520 72.97 -42.47 -72.75
CA ASP TB 520 74.37 -42.13 -72.80
C ASP TB 520 74.61 -40.97 -73.76
N PRO TB 521 75.63 -40.16 -73.53
CA PRO TB 521 75.98 -39.10 -74.50
C PRO TB 521 76.67 -39.68 -75.72
N LEU TB 522 77.04 -38.78 -76.64
CA LEU TB 522 77.63 -39.20 -77.90
C LEU TB 522 79.06 -39.69 -77.70
N THR TB 523 79.43 -40.73 -78.45
CA THR TB 523 80.80 -41.23 -78.46
C THR TB 523 81.21 -41.53 -79.90
N PRO TB 524 82.30 -40.91 -80.42
CA PRO TB 524 83.15 -39.87 -79.84
C PRO TB 524 82.46 -38.51 -79.76
N ASP TB 525 83.12 -37.52 -79.20
CA ASP TB 525 82.48 -36.25 -78.87
C ASP TB 525 82.10 -35.47 -80.13
N ALA TB 526 81.23 -34.48 -79.94
CA ALA TB 526 80.76 -33.67 -81.06
C ALA TB 526 81.87 -32.78 -81.61
N SER TB 527 82.82 -32.38 -80.77
CA SER TB 527 83.94 -31.58 -81.24
C SER TB 527 85.05 -32.42 -81.84
N GLU TB 528 84.95 -33.76 -81.74
CA GLU TB 528 85.95 -34.64 -82.33
C GLU TB 528 85.53 -35.16 -83.70
N SER TB 529 84.23 -35.32 -83.92
CA SER TB 529 83.75 -35.74 -85.24
C SER TB 529 83.74 -34.60 -86.23
N VAL TB 530 83.71 -33.35 -85.75
CA VAL TB 530 83.71 -32.20 -86.65
C VAL TB 530 85.13 -31.93 -87.14
N ASN TB 531 86.13 -32.13 -86.28
CA ASN TB 531 87.52 -31.93 -86.69
C ASN TB 531 88.00 -32.97 -87.69
N ASN TB 532 87.31 -34.10 -87.82
CA ASN TB 532 87.62 -35.06 -88.88
C ASN TB 532 86.89 -34.74 -90.16
N ILE TB 533 85.78 -34.01 -90.10
CA ILE TB 533 85.08 -33.59 -91.30
C ILE TB 533 85.84 -32.45 -91.98
N LEU TB 534 86.31 -31.48 -91.18
CA LEU TB 534 87.01 -30.33 -91.73
C LEU TB 534 88.38 -30.71 -92.30
N LYS TB 535 89.03 -31.72 -91.74
CA LYS TB 535 90.32 -32.14 -92.27
C LYS TB 535 90.17 -32.95 -93.55
N GLN TB 536 89.09 -33.72 -93.67
CA GLN TB 536 88.91 -34.53 -94.87
C GLN TB 536 88.41 -33.71 -96.05
N SER TB 537 87.45 -32.83 -95.82
CA SER TB 537 86.90 -32.02 -96.90
C SER TB 537 87.81 -30.87 -97.29
N GLY TB 538 88.80 -30.53 -96.48
CA GLY TB 538 89.73 -29.47 -96.81
C GLY TB 538 89.32 -28.08 -96.37
N ALA TB 539 88.30 -27.96 -95.53
CA ALA TB 539 87.84 -26.67 -95.04
C ALA TB 539 88.45 -26.27 -93.71
N TRP TB 540 89.44 -27.03 -93.24
CA TRP TB 540 90.00 -26.81 -91.91
C TRP TB 540 90.96 -25.62 -91.94
N SER TB 541 90.83 -24.74 -90.95
CA SER TB 541 91.70 -23.58 -90.83
C SER TB 541 92.11 -23.37 -89.38
N GLY TB 542 92.45 -24.45 -88.68
CA GLY TB 542 93.01 -24.31 -87.35
C GLY TB 542 94.50 -24.14 -87.31
N ASP TB 543 95.16 -24.23 -88.46
CA ASP TB 543 96.60 -24.04 -88.58
C ASP TB 543 96.98 -22.65 -89.09
N ASP TB 544 96.02 -21.74 -89.16
CA ASP TB 544 96.28 -20.41 -89.70
C ASP TB 544 97.11 -19.59 -88.72
N LYS TB 545 97.98 -18.75 -89.26
CA LYS TB 545 98.85 -17.94 -88.42
C LYS TB 545 98.11 -16.78 -87.79
N LEU TB 546 97.10 -16.26 -88.48
CA LEU TB 546 96.38 -15.07 -88.04
C LEU TB 546 95.14 -15.38 -87.22
N GLN TB 547 94.43 -16.45 -87.54
CA GLN TB 547 93.19 -16.78 -86.86
C GLN TB 547 93.37 -17.65 -85.62
N LYS TB 548 94.58 -18.12 -85.36
CA LYS TB 548 94.81 -18.95 -84.18
C LYS TB 548 94.90 -18.15 -82.88
N TRP TB 549 95.00 -16.82 -82.97
CA TRP TB 549 95.04 -16.01 -81.76
C TRP TB 549 93.68 -15.87 -81.11
N VAL TB 550 92.61 -16.07 -81.87
CA VAL TB 550 91.25 -15.97 -81.35
C VAL TB 550 90.55 -17.32 -81.28
N ARG TB 551 90.78 -18.20 -82.24
CA ARG TB 551 90.23 -19.56 -82.21
C ARG TB 551 90.81 -20.44 -81.10
N VAL TB 552 91.82 -19.98 -80.37
CA VAL TB 552 92.34 -20.74 -79.24
C VAL TB 552 91.45 -20.60 -78.02
N TYR TB 553 90.55 -19.61 -78.01
CA TYR TB 553 89.58 -19.50 -76.92
C TYR TB 553 88.41 -20.46 -77.11
N LEU TB 554 87.96 -20.61 -78.37
CA LEU TB 554 86.77 -21.41 -78.65
C LEU TB 554 87.08 -22.91 -78.65
N ASP TB 555 88.28 -23.29 -79.09
CA ASP TB 555 88.70 -24.68 -79.19
C ASP TB 555 89.54 -25.09 -78.00
N ARG TB 556 89.16 -24.61 -76.81
CA ARG TB 556 89.93 -24.84 -75.59
C ARG TB 556 89.88 -26.32 -75.18
N GLY TB 557 88.76 -26.99 -75.43
CA GLY TB 557 88.64 -28.40 -75.11
C GLY TB 557 89.03 -29.29 -76.27
N LYS UB 27 64.08 -6.31 46.88
CA LYS UB 27 62.70 -6.15 46.47
C LYS UB 27 62.32 -7.18 45.40
N ILE UB 28 63.22 -7.37 44.43
CA ILE UB 28 63.02 -8.34 43.36
C ILE UB 28 64.12 -9.39 43.47
N PRO UB 29 64.09 -10.27 44.48
CA PRO UB 29 65.26 -11.12 44.73
C PRO UB 29 65.26 -12.42 43.94
N VAL UB 30 66.11 -12.49 42.91
CA VAL UB 30 66.66 -13.71 42.35
C VAL UB 30 68.09 -13.34 41.94
N THR UB 31 69.05 -14.24 42.15
CA THR UB 31 70.43 -13.95 41.77
C THR UB 31 70.65 -13.97 40.26
N GLY UB 32 69.88 -14.77 39.52
CA GLY UB 32 70.07 -14.93 38.10
C GLY UB 32 69.28 -13.93 37.29
N SER UB 33 69.06 -14.26 36.01
CA SER UB 33 68.25 -13.45 35.12
C SER UB 33 67.20 -14.32 34.47
N GLY UB 34 66.00 -13.79 34.29
CA GLY UB 34 64.91 -14.60 33.78
C GLY UB 34 63.58 -13.88 33.95
N PHE UB 35 62.55 -14.51 33.40
CA PHE UB 35 61.20 -13.96 33.40
C PHE UB 35 60.29 -14.93 34.14
N VAL UB 36 59.56 -14.43 35.13
CA VAL UB 36 58.61 -15.26 35.87
C VAL UB 36 57.21 -14.92 35.40
N ALA UB 37 56.50 -15.91 34.87
CA ALA UB 37 55.15 -15.73 34.38
C ALA UB 37 54.20 -16.43 35.33
N LYS UB 38 53.25 -15.68 35.88
CA LYS UB 38 52.20 -16.24 36.73
C LYS UB 38 50.89 -16.03 35.99
N ASP UB 39 50.48 -17.02 35.19
CA ASP UB 39 49.23 -17.05 34.43
C ASP UB 39 49.18 -15.85 33.47
N ASP UB 40 50.09 -15.87 32.51
CA ASP UB 40 50.12 -14.86 31.47
C ASP UB 40 49.19 -15.28 30.33
N SER UB 41 49.25 -14.57 29.20
CA SER UB 41 48.27 -14.85 28.17
C SER UB 41 48.88 -14.89 26.78
N LEU UB 42 50.16 -15.27 26.68
CA LEU UB 42 50.93 -15.46 25.44
C LEU UB 42 51.12 -14.21 24.60
N ARG UB 43 50.59 -13.09 25.07
CA ARG UB 43 50.90 -11.79 24.51
CA ARG UB 43 50.90 -11.78 24.51
C ARG UB 43 51.76 -10.97 25.45
N THR UB 44 51.42 -11.03 26.74
CA THR UB 44 52.28 -10.49 27.78
C THR UB 44 53.58 -11.26 27.86
N PHE UB 45 53.53 -12.57 27.59
CA PHE UB 45 54.73 -13.38 27.69
C PHE UB 45 55.67 -13.09 26.53
N PHE UB 46 55.14 -13.11 25.31
CA PHE UB 46 55.98 -12.90 24.14
C PHE UB 46 56.39 -11.44 23.95
N ASP UB 47 55.71 -10.48 24.60
CA ASP UB 47 56.21 -9.12 24.59
C ASP UB 47 57.48 -8.97 25.43
N ALA UB 48 57.62 -9.78 26.48
CA ALA UB 48 58.82 -9.72 27.30
C ALA UB 48 60.05 -10.27 26.61
N MET UB 49 59.89 -11.18 25.65
CA MET UB 49 61.00 -11.72 24.89
C MET UB 49 61.38 -10.85 23.70
N ALA UB 50 60.73 -9.70 23.54
CA ALA UB 50 60.95 -8.84 22.40
C ALA UB 50 62.10 -7.87 22.61
N LEU UB 51 62.95 -8.10 23.61
CA LEU UB 51 64.17 -7.34 23.77
C LEU UB 51 65.38 -8.21 23.51
N GLN UB 52 65.33 -9.47 23.96
CA GLN UB 52 66.36 -10.42 23.58
C GLN UB 52 66.27 -10.75 22.10
N LEU UB 53 65.07 -11.06 21.60
CA LEU UB 53 64.84 -10.88 20.18
C LEU UB 53 64.86 -9.40 19.89
N LYS UB 54 65.60 -8.97 18.87
CA LYS UB 54 65.72 -7.55 18.62
C LYS UB 54 64.61 -7.02 17.71
N GLU UB 55 63.51 -7.74 17.56
CA GLU UB 55 62.41 -7.38 16.68
C GLU UB 55 61.10 -7.47 17.44
N PRO UB 56 60.11 -6.64 17.10
CA PRO UB 56 58.82 -6.73 17.78
C PRO UB 56 58.05 -7.99 17.41
N VAL UB 57 57.15 -8.38 18.31
CA VAL UB 57 56.37 -9.62 18.19
C VAL UB 57 54.89 -9.27 18.10
N ILE UB 58 54.21 -9.82 17.10
CA ILE UB 58 52.79 -9.56 16.84
C ILE UB 58 52.03 -10.88 16.99
N VAL UB 59 51.27 -11.01 18.08
CA VAL UB 59 50.52 -12.22 18.40
C VAL UB 59 49.07 -12.04 17.96
N SER UB 60 48.56 -13.01 17.21
CA SER UB 60 47.18 -13.00 16.75
C SER UB 60 46.19 -13.22 17.90
N LYS UB 61 44.93 -12.97 17.63
CA LYS UB 61 43.91 -12.97 18.66
C LYS UB 61 43.31 -14.36 18.87
N MET UB 62 43.71 -15.35 18.09
CA MET UB 62 43.34 -16.71 18.43
C MET UB 62 44.41 -17.40 19.24
N ALA UB 63 45.66 -16.98 19.05
CA ALA UB 63 46.76 -17.46 19.87
C ALA UB 63 47.01 -16.57 21.07
N ALA UB 64 46.15 -15.60 21.32
CA ALA UB 64 46.26 -14.79 22.52
C ALA UB 64 45.29 -15.24 23.60
N ARG UB 65 44.56 -16.33 23.37
CA ARG UB 65 43.69 -16.91 24.38
C ARG UB 65 44.36 -17.99 25.21
N LYS UB 66 45.46 -18.56 24.72
CA LYS UB 66 46.18 -19.54 25.51
C LYS UB 66 47.00 -18.85 26.59
N LYS UB 67 47.33 -19.61 27.63
CA LYS UB 67 47.98 -19.08 28.81
C LYS UB 67 49.23 -19.90 29.10
N ILE UB 68 50.13 -19.33 29.91
CA ILE UB 68 51.37 -20.00 30.28
C ILE UB 68 51.79 -19.50 31.65
N THR UB 69 52.51 -20.34 32.38
CA THR UB 69 53.04 -19.99 33.70
C THR UB 69 54.27 -20.83 33.97
N GLY UB 70 55.25 -20.22 34.62
CA GLY UB 70 56.51 -20.89 34.90
C GLY UB 70 57.63 -19.88 35.03
N ASN UB 71 58.84 -20.41 35.14
CA ASN UB 71 60.06 -19.62 35.32
C ASN UB 71 60.96 -19.85 34.12
N PHE UB 72 61.04 -18.88 33.21
CA PHE UB 72 61.75 -19.03 31.97
C PHE UB 72 63.03 -18.20 31.97
N GLU UB 73 63.92 -18.55 31.04
CA GLU UB 73 65.23 -17.92 30.92
C GLU UB 73 65.56 -17.82 29.44
N PHE UB 74 65.64 -16.60 28.91
CA PHE UB 74 65.91 -16.40 27.49
C PHE UB 74 67.39 -16.05 27.34
N HIS UB 75 68.14 -16.93 26.68
CA HIS UB 75 69.46 -16.57 26.22
C HIS UB 75 69.69 -16.93 24.75
N ASP UB 76 68.99 -17.93 24.22
CA ASP UB 76 68.98 -18.20 22.78
C ASP UB 76 67.52 -18.29 22.36
N PRO UB 77 66.85 -17.15 22.22
CA PRO UB 77 65.39 -17.18 22.12
C PRO UB 77 64.90 -17.65 20.77
N ASN UB 78 65.78 -17.77 19.77
CA ASN UB 78 65.37 -18.38 18.51
C ASN UB 78 65.27 -19.89 18.62
N ALA UB 79 65.93 -20.49 19.60
CA ALA UB 79 65.73 -21.90 19.88
C ALA UB 79 64.61 -22.11 20.87
N LEU UB 80 64.41 -21.16 21.78
CA LEU UB 80 63.29 -21.29 22.71
C LEU UB 80 61.96 -21.08 22.02
N LEU UB 81 61.92 -20.22 21.00
CA LEU UB 81 60.67 -19.99 20.28
C LEU UB 81 60.31 -21.18 19.41
N GLU UB 82 61.32 -21.86 18.86
CA GLU UB 82 61.05 -23.02 18.02
C GLU UB 82 60.58 -24.19 18.87
N LYS UB 83 61.17 -24.36 20.06
CA LYS UB 83 60.72 -25.48 20.89
C LYS UB 83 59.35 -25.20 21.49
N LEU UB 84 59.09 -23.94 21.86
CA LEU UB 84 57.80 -23.65 22.46
C LEU UB 84 56.67 -23.55 21.45
N SER UB 85 56.97 -23.42 20.16
CA SER UB 85 55.89 -23.38 19.20
C SER UB 85 55.43 -24.78 18.83
N LEU UB 86 56.24 -25.78 19.11
CA LEU UB 86 55.85 -27.16 18.90
C LEU UB 86 55.20 -27.72 20.15
N GLN UB 87 55.62 -27.25 21.33
CA GLN UB 87 54.95 -27.76 22.51
C GLN UB 87 53.59 -27.10 22.68
N LEU UB 88 53.47 -25.80 22.44
CA LEU UB 88 52.17 -25.15 22.55
C LEU UB 88 51.29 -25.43 21.33
N GLY UB 89 51.87 -25.41 20.14
CA GLY UB 89 51.14 -25.62 18.90
C GLY UB 89 50.93 -24.24 18.34
N LEU UB 90 51.84 -23.81 17.46
CA LEU UB 90 51.91 -22.44 16.97
C LEU UB 90 52.70 -22.44 15.68
N ILE UB 91 52.55 -21.37 14.92
CA ILE UB 91 53.37 -21.13 13.74
C ILE UB 91 53.83 -19.68 13.79
N TRP UB 92 55.04 -19.43 13.32
CA TRP UB 92 55.61 -18.09 13.41
C TRP UB 92 56.36 -17.80 12.12
N TYR UB 93 56.64 -16.52 11.89
CA TYR UB 93 57.32 -16.13 10.67
C TYR UB 93 57.99 -14.78 10.89
N PHE UB 94 59.25 -14.68 10.47
CA PHE UB 94 60.02 -13.46 10.63
C PHE UB 94 60.34 -12.92 9.25
N ASP UB 95 59.70 -11.80 8.89
CA ASP UB 95 59.78 -11.24 7.54
C ASP UB 95 60.90 -10.23 7.38
N GLY UB 96 61.67 -9.97 8.42
CA GLY UB 96 62.77 -9.03 8.36
C GLY UB 96 62.59 -7.79 9.21
N GLN UB 97 61.37 -7.52 9.69
CA GLN UB 97 61.15 -6.38 10.56
C GLN UB 97 60.43 -6.78 11.85
N ALA UB 98 59.60 -7.81 11.79
CA ALA UB 98 58.85 -8.24 12.95
C ALA UB 98 58.67 -9.75 12.92
N ILE UB 99 58.23 -10.31 14.04
CA ILE UB 99 57.97 -11.73 14.16
C ILE UB 99 56.48 -11.90 14.40
N TYR UB 100 55.79 -12.48 13.44
CA TYR UB 100 54.37 -12.75 13.56
C TYR UB 100 54.18 -14.14 14.15
N ILE UB 101 53.18 -14.29 15.01
CA ILE UB 101 52.89 -15.57 15.67
C ILE UB 101 51.39 -15.84 15.57
N TYR UB 102 51.04 -16.97 14.97
CA TYR UB 102 49.68 -17.46 14.88
C TYR UB 102 49.63 -18.84 15.52
N ASP UB 103 48.44 -19.40 15.64
CA ASP UB 103 48.29 -20.77 16.10
C ASP UB 103 48.09 -21.70 14.91
N ALA UB 104 48.07 -23.00 15.20
CA ALA UB 104 48.15 -24.01 14.16
C ALA UB 104 46.89 -24.09 13.29
N SER UB 105 45.75 -23.64 13.78
CA SER UB 105 44.53 -23.75 12.99
C SER UB 105 44.35 -22.61 12.02
N GLU UB 106 45.31 -21.69 11.91
CA GLU UB 106 45.23 -20.58 10.98
C GLU UB 106 46.22 -20.74 9.83
N MET UB 107 46.51 -21.96 9.42
CA MET UB 107 47.38 -22.21 8.29
C MET UB 107 46.56 -22.35 7.01
N ARG UB 108 46.94 -21.62 5.97
CA ARG UB 108 46.19 -21.61 4.73
C ARG UB 108 47.06 -22.07 3.56
N ASN UB 109 46.38 -22.46 2.49
CA ASN UB 109 47.00 -23.08 1.33
C ASN UB 109 46.59 -22.32 0.08
N ALA UB 110 47.42 -22.40 -0.95
CA ALA UB 110 47.12 -21.74 -2.22
C ALA UB 110 47.86 -22.45 -3.34
N VAL UB 111 47.19 -22.61 -4.48
CA VAL UB 111 47.79 -23.12 -5.70
C VAL UB 111 47.72 -22.01 -6.73
N VAL UB 112 48.88 -21.52 -7.17
CA VAL UB 112 48.96 -20.38 -8.07
C VAL UB 112 49.77 -20.78 -9.30
N SER UB 113 49.36 -20.26 -10.45
CA SER UB 113 49.98 -20.59 -11.73
C SER UB 113 50.68 -19.37 -12.30
N LEU UB 114 51.92 -19.55 -12.73
CA LEU UB 114 52.71 -18.50 -13.34
C LEU UB 114 52.69 -18.66 -14.85
N ARG UB 115 52.39 -17.57 -15.55
CA ARG UB 115 52.22 -17.67 -16.99
C ARG UB 115 53.58 -17.78 -17.69
N ASN UB 116 54.44 -16.77 -17.49
CA ASN UB 116 55.68 -16.69 -18.24
C ASN UB 116 56.91 -16.50 -17.35
N VAL UB 117 56.85 -16.91 -16.09
CA VAL UB 117 57.98 -16.85 -15.18
C VAL UB 117 58.14 -18.24 -14.56
N SER UB 118 59.35 -18.78 -14.61
CA SER UB 118 59.56 -20.08 -14.00
C SER UB 118 59.61 -19.99 -12.47
N LEU UB 119 59.50 -21.18 -11.86
CA LEU UB 119 59.61 -21.27 -10.41
C LEU UB 119 61.05 -21.03 -9.99
N ASN UB 120 62.02 -21.55 -10.75
CA ASN UB 120 63.41 -21.39 -10.38
C ASN UB 120 63.89 -19.95 -10.52
N GLU UB 121 63.18 -19.14 -11.31
CA GLU UB 121 63.45 -17.71 -11.38
C GLU UB 121 62.70 -16.90 -10.34
N PHE UB 122 61.56 -17.40 -9.84
CA PHE UB 122 60.92 -16.70 -8.72
C PHE UB 122 61.57 -17.05 -7.39
N ASN UB 123 62.07 -18.27 -7.27
CA ASN UB 123 62.74 -18.69 -6.05
C ASN UB 123 64.09 -18.00 -5.87
N ASN UB 124 64.72 -17.54 -6.96
CA ASN UB 124 65.93 -16.75 -6.78
C ASN UB 124 65.59 -15.35 -6.31
N PHE UB 125 64.40 -14.87 -6.65
CA PHE UB 125 63.96 -13.56 -6.19
C PHE UB 125 63.68 -13.58 -4.71
N LEU UB 126 63.18 -14.71 -4.20
CA LEU UB 126 62.87 -14.78 -2.78
C LEU UB 126 64.14 -14.80 -1.95
N LYS UB 127 65.16 -15.52 -2.43
CA LYS UB 127 66.44 -15.57 -1.73
C LYS UB 127 67.18 -14.26 -1.85
N ARG UB 128 66.98 -13.55 -2.96
CA ARG UB 128 67.70 -12.30 -3.18
C ARG UB 128 67.11 -11.19 -2.31
N SER UB 129 65.78 -11.18 -2.15
CA SER UB 129 65.17 -10.17 -1.29
C SER UB 129 65.46 -10.48 0.17
N GLY UB 130 65.07 -11.67 0.63
CA GLY UB 130 65.29 -12.00 2.01
C GLY UB 130 64.08 -12.65 2.65
N LEU UB 131 63.06 -12.90 1.83
CA LEU UB 131 61.81 -13.50 2.29
C LEU UB 131 61.80 -15.01 2.15
N TYR UB 132 62.97 -15.65 2.17
CA TYR UB 132 63.06 -17.09 2.03
C TYR UB 132 62.98 -17.76 3.41
N ASN UB 133 62.00 -18.65 3.57
CA ASN UB 133 61.80 -19.39 4.80
C ASN UB 133 61.97 -20.87 4.51
N LYS UB 134 62.96 -21.49 5.12
CA LYS UB 134 63.28 -22.88 4.82
C LYS UB 134 62.32 -23.87 5.46
N ASN UB 135 61.44 -23.43 6.36
CA ASN UB 135 60.47 -24.33 6.94
C ASN UB 135 59.21 -24.46 6.12
N TYR UB 136 58.90 -23.48 5.26
CA TYR UB 136 57.74 -23.52 4.39
C TYR UB 136 58.19 -23.21 2.98
N PRO UB 137 58.78 -24.19 2.28
CA PRO UB 137 59.33 -23.94 0.95
C PRO UB 137 58.23 -24.00 -0.10
N LEU UB 138 58.64 -23.87 -1.36
CA LEU UB 138 57.73 -23.92 -2.50
C LEU UB 138 57.76 -25.32 -3.07
N ARG UB 139 56.60 -25.92 -3.22
CA ARG UB 139 56.47 -27.28 -3.73
C ARG UB 139 55.98 -27.24 -5.17
N GLY UB 140 56.82 -27.70 -6.09
CA GLY UB 140 56.43 -27.71 -7.49
C GLY UB 140 57.59 -28.12 -8.38
N ASP UB 141 57.27 -28.21 -9.66
CA ASP UB 141 58.27 -28.52 -10.68
C ASP UB 141 59.22 -27.35 -10.90
N ASN UB 142 60.45 -27.69 -11.30
CA ASN UB 142 61.55 -26.74 -11.23
C ASN UB 142 61.48 -25.68 -12.33
N ARG UB 143 60.98 -26.02 -13.51
CA ARG UB 143 60.98 -25.09 -14.62
C ARG UB 143 59.59 -24.93 -15.21
N LYS UB 144 58.58 -25.08 -14.37
CA LYS UB 144 57.19 -24.90 -14.78
C LYS UB 144 56.59 -23.71 -14.04
N GLY UB 145 55.30 -23.50 -14.24
CA GLY UB 145 54.65 -22.32 -13.74
C GLY UB 145 53.68 -22.55 -12.59
N THR UB 146 53.42 -23.81 -12.25
CA THR UB 146 52.49 -24.14 -11.17
C THR UB 146 53.26 -24.63 -9.96
N PHE UB 147 52.89 -24.13 -8.78
CA PHE UB 147 53.48 -24.58 -7.53
C PHE UB 147 52.47 -24.39 -6.41
N TYR UB 148 52.86 -24.83 -5.21
CA TYR UB 148 51.98 -24.94 -4.06
C TYR UB 148 52.63 -24.29 -2.85
N VAL UB 149 51.85 -23.50 -2.10
CA VAL UB 149 52.35 -22.84 -0.91
C VAL UB 149 51.44 -23.19 0.27
N SER UB 150 52.01 -23.15 1.47
CA SER UB 150 51.26 -23.40 2.68
C SER UB 150 52.05 -22.82 3.84
N GLY UB 151 51.38 -22.10 4.73
CA GLY UB 151 52.05 -21.52 5.86
C GLY UB 151 51.18 -20.49 6.55
N PRO UB 152 51.82 -19.55 7.24
CA PRO UB 152 51.07 -18.50 7.92
C PRO UB 152 50.40 -17.55 6.95
N PRO UB 153 49.38 -16.83 7.41
CA PRO UB 153 48.66 -15.91 6.51
C PRO UB 153 49.45 -14.69 6.07
N VAL UB 154 50.56 -14.37 6.73
CA VAL UB 154 51.34 -13.22 6.26
C VAL UB 154 52.37 -13.66 5.23
N TYR UB 155 52.72 -14.95 5.19
CA TYR UB 155 53.65 -15.46 4.20
C TYR UB 155 52.93 -15.87 2.93
N VAL UB 156 51.73 -16.45 3.06
CA VAL UB 156 51.01 -16.87 1.87
C VAL UB 156 50.48 -15.66 1.12
N ASP UB 157 49.95 -14.67 1.83
CA ASP UB 157 49.40 -13.48 1.18
C ASP UB 157 50.47 -12.62 0.55
N MET UB 158 51.72 -12.77 0.97
CA MET UB 158 52.82 -12.08 0.31
C MET UB 158 53.26 -12.84 -0.94
N VAL UB 159 53.41 -14.16 -0.83
CA VAL UB 159 53.95 -14.93 -1.95
C VAL UB 159 52.98 -14.97 -3.12
N VAL UB 160 51.67 -15.07 -2.85
CA VAL UB 160 50.70 -15.08 -3.94
C VAL UB 160 50.60 -13.72 -4.61
N ASN UB 161 50.65 -12.64 -3.83
CA ASN UB 161 50.54 -11.32 -4.44
C ASN UB 161 51.81 -10.92 -5.16
N ALA UB 162 52.97 -11.35 -4.66
CA ALA UB 162 54.21 -11.01 -5.33
C ALA UB 162 54.58 -12.04 -6.38
N ALA UB 163 53.71 -13.00 -6.63
CA ALA UB 163 53.87 -13.93 -7.73
C ALA UB 163 52.96 -13.62 -8.89
N THR UB 164 51.76 -13.10 -8.64
CA THR UB 164 50.89 -12.65 -9.72
C THR UB 164 51.17 -11.23 -10.17
N MET UB 165 52.26 -10.62 -9.72
CA MET UB 165 52.71 -9.33 -10.20
C MET UB 165 54.07 -9.37 -10.87
N MET UB 166 54.67 -10.55 -11.03
CA MET UB 166 55.90 -10.70 -11.77
C MET UB 166 55.70 -11.24 -13.18
N ASP UB 167 54.70 -12.09 -13.38
CA ASP UB 167 54.35 -12.44 -14.75
C ASP UB 167 53.63 -11.27 -15.42
N LYS UB 168 52.87 -10.50 -14.64
CA LYS UB 168 52.31 -9.27 -15.18
C LYS UB 168 53.36 -8.19 -15.32
N GLN UB 169 54.54 -8.35 -14.70
CA GLN UB 169 55.66 -7.46 -14.92
C GLN UB 169 56.46 -7.83 -16.16
N ASN UB 170 56.42 -9.10 -16.57
CA ASN UB 170 57.16 -9.51 -17.76
C ASN UB 170 56.25 -9.49 -18.98
N LEU UB 175 53.08 -2.34 -27.23
CA LEU UB 175 53.11 -1.96 -28.64
C LEU UB 175 54.53 -2.06 -29.19
N GLY UB 176 54.64 -2.06 -30.52
CA GLY UB 176 55.92 -2.14 -31.18
C GLY UB 176 56.24 -0.92 -32.02
N ARG UB 177 57.42 -0.35 -31.83
CA ARG UB 177 57.84 0.80 -32.62
C ARG UB 177 58.23 0.36 -34.02
N GLN UB 178 57.94 1.22 -34.99
CA GLN UB 178 58.35 0.96 -36.36
C GLN UB 178 59.85 1.16 -36.51
N LYS UB 179 60.41 0.56 -37.55
CA LYS UB 179 61.84 0.56 -37.78
C LYS UB 179 62.10 0.33 -39.26
N ILE UB 180 63.04 1.09 -39.83
CA ILE UB 180 63.39 0.99 -41.24
C ILE UB 180 64.76 0.34 -41.34
N GLY UB 181 64.85 -0.75 -42.08
CA GLY UB 181 66.10 -1.46 -42.30
C GLY UB 181 66.53 -1.38 -43.76
N VAL UB 182 67.84 -1.28 -43.98
CA VAL UB 182 68.43 -1.21 -45.31
C VAL UB 182 69.30 -2.45 -45.49
N MET UB 183 68.99 -3.23 -46.51
CA MET UB 183 69.66 -4.52 -46.75
C MET UB 183 70.31 -4.48 -48.12
N ARG UB 184 71.64 -4.36 -48.16
CA ARG UB 184 72.34 -4.34 -49.43
C ARG UB 184 72.52 -5.75 -49.97
N LEU UB 185 72.29 -5.91 -51.27
CA LEU UB 185 72.43 -7.20 -51.94
C LEU UB 185 73.76 -7.25 -52.67
N ASN UB 186 74.52 -8.31 -52.44
CA ASN UB 186 75.86 -8.42 -52.98
C ASN UB 186 75.95 -9.30 -54.22
N ASN UB 187 75.00 -10.21 -54.43
CA ASN UB 187 75.14 -11.21 -55.49
C ASN UB 187 73.94 -11.25 -56.42
N THR UB 188 73.10 -10.21 -56.43
CA THR UB 188 71.95 -10.18 -57.33
C THR UB 188 71.56 -8.74 -57.60
N PHE UB 189 70.54 -8.58 -58.45
CA PHE UB 189 70.04 -7.29 -58.87
C PHE UB 189 68.63 -7.08 -58.35
N VAL UB 190 68.35 -5.89 -57.84
CA VAL UB 190 66.97 -5.46 -57.62
C VAL UB 190 66.45 -4.93 -58.95
N GLY UB 191 65.15 -5.08 -59.18
CA GLY UB 191 64.53 -4.57 -60.37
C GLY UB 191 64.49 -5.59 -61.49
N ASP UB 192 63.63 -5.33 -62.45
CA ASP UB 192 63.33 -6.27 -63.51
C ASP UB 192 64.34 -6.17 -64.64
N ARG UB 193 64.50 -7.27 -65.37
CA ARG UB 193 65.36 -7.34 -66.54
C ARG UB 193 64.49 -7.52 -67.77
N THR UB 194 64.84 -6.84 -68.86
CA THR UB 194 64.05 -6.83 -70.08
C THR UB 194 64.93 -7.18 -71.28
N TYR UB 195 64.39 -8.00 -72.17
CA TYR UB 195 65.03 -8.32 -73.44
C TYR UB 195 63.96 -8.52 -74.49
N ASN UB 196 64.37 -8.75 -75.74
CA ASN UB 196 63.45 -8.83 -76.86
C ASN UB 196 63.73 -10.04 -77.72
N LEU UB 197 62.67 -10.62 -78.30
CA LEU UB 197 62.81 -11.62 -79.37
C LEU UB 197 62.12 -11.05 -80.60
N ARG UB 198 62.81 -10.13 -81.27
CA ARG UB 198 62.56 -9.58 -82.61
C ARG UB 198 61.28 -8.76 -82.77
N ASP UB 199 60.29 -8.94 -81.89
CA ASP UB 199 59.15 -8.03 -81.87
C ASP UB 199 58.59 -7.81 -80.47
N GLN UB 200 58.79 -8.79 -79.58
CA GLN UB 200 58.07 -8.86 -78.33
C GLN UB 200 59.02 -8.70 -77.16
N LYS UB 201 58.53 -8.11 -76.07
CA LYS UB 201 59.32 -7.80 -74.90
C LYS UB 201 59.01 -8.81 -73.80
N MET UB 202 60.05 -9.33 -73.17
CA MET UB 202 59.91 -10.23 -72.03
C MET UB 202 60.46 -9.54 -70.79
N VAL UB 203 59.70 -9.61 -69.70
CA VAL UB 203 60.06 -8.97 -68.44
C VAL UB 203 60.14 -10.05 -67.36
N ILE UB 204 61.27 -10.11 -66.67
CA ILE UB 204 61.52 -11.08 -65.60
C ILE UB 204 61.43 -10.34 -64.27
N PRO UB 205 60.61 -10.80 -63.33
CA PRO UB 205 60.50 -10.10 -62.04
C PRO UB 205 61.72 -10.33 -61.17
N GLY UB 206 62.17 -9.26 -60.52
CA GLY UB 206 63.34 -9.31 -59.67
C GLY UB 206 63.03 -9.77 -58.27
N ILE UB 207 63.94 -9.43 -57.35
CA ILE UB 207 63.75 -9.82 -55.96
C ILE UB 207 62.78 -8.89 -55.23
N ALA UB 208 62.57 -7.67 -55.74
CA ALA UB 208 61.71 -6.74 -55.04
C ALA UB 208 60.26 -6.87 -55.45
N THR UB 209 59.97 -7.61 -56.52
CA THR UB 209 58.61 -7.90 -56.92
C THR UB 209 58.14 -9.24 -56.38
N ALA UB 210 59.08 -10.15 -56.11
CA ALA UB 210 58.70 -11.46 -55.59
C ALA UB 210 58.32 -11.39 -54.12
N ILE UB 211 59.05 -10.62 -53.31
CA ILE UB 211 58.70 -10.51 -51.89
C ILE UB 211 57.53 -9.55 -51.69
N GLU UB 212 57.31 -8.63 -52.63
CA GLU UB 212 56.18 -7.71 -52.50
C GLU UB 212 54.87 -8.43 -52.76
N ARG UB 213 54.86 -9.40 -53.68
CA ARG UB 213 53.67 -10.20 -53.91
C ARG UB 213 53.48 -11.28 -52.86
N LEU UB 214 54.53 -11.62 -52.11
CA LEU UB 214 54.39 -12.61 -51.06
C LEU UB 214 53.68 -12.02 -49.84
N LEU UB 215 53.89 -10.74 -49.58
CA LEU UB 215 53.34 -10.04 -48.42
C LEU UB 215 52.11 -9.20 -48.80
N GLN UB 216 51.46 -9.54 -49.91
CA GLN UB 216 50.32 -8.77 -50.38
C GLN UB 216 49.04 -9.29 -49.74
N GLY UB 217 48.17 -8.36 -49.34
CA GLY UB 217 47.00 -8.73 -48.56
C GLY UB 217 47.46 -9.15 -47.18
N GLU UB 218 47.34 -10.45 -46.89
CA GLU UB 218 48.06 -11.14 -45.81
C GLU UB 218 47.74 -10.58 -44.42
N GLU UB 219 46.48 -10.75 -44.01
CA GLU UB 219 46.11 -10.43 -42.64
C GLU UB 219 46.53 -11.55 -41.71
N GLN UB 220 47.84 -11.66 -41.45
CA GLN UB 220 48.39 -12.80 -40.74
C GLN UB 220 49.33 -12.34 -39.62
N PRO UB 221 49.28 -12.97 -38.44
CA PRO UB 221 50.11 -12.51 -37.32
C PRO UB 221 51.59 -12.86 -37.45
N LEU UB 222 52.32 -12.10 -38.25
CA LEU UB 222 53.74 -12.35 -38.42
C LEU UB 222 54.54 -11.70 -37.28
N GLY UB 223 55.45 -12.49 -36.71
CA GLY UB 223 56.33 -12.00 -35.67
C GLY UB 223 57.76 -12.50 -35.85
N ALA UB 262 52.71 -6.95 -35.13
CA ALA UB 262 51.45 -6.61 -35.77
C ALA UB 262 51.04 -7.69 -36.77
N ALA UB 263 50.64 -7.27 -37.97
CA ALA UB 263 50.19 -8.18 -39.00
C ALA UB 263 51.27 -8.34 -40.06
N ALA UB 264 51.03 -9.25 -41.02
CA ALA UB 264 51.95 -9.42 -42.13
C ALA UB 264 51.60 -8.50 -43.28
N GLY UB 265 50.46 -7.83 -43.20
CA GLY UB 265 49.98 -6.98 -44.27
C GLY UB 265 50.39 -5.53 -44.22
N ASN UB 266 51.05 -5.10 -43.14
CA ASN UB 266 51.50 -3.72 -43.03
C ASN UB 266 53.01 -3.57 -43.22
N ILE UB 267 53.67 -4.60 -43.79
CA ILE UB 267 55.08 -4.46 -44.12
C ILE UB 267 55.20 -3.86 -45.52
N LYS UB 268 56.02 -2.81 -45.63
CA LYS UB 268 56.26 -2.14 -46.91
C LYS UB 268 57.67 -2.45 -47.37
N ILE UB 269 57.80 -2.88 -48.62
CA ILE UB 269 59.08 -3.20 -49.23
C ILE UB 269 59.21 -2.40 -50.52
N VAL UB 270 60.24 -1.56 -50.59
CA VAL UB 270 60.46 -0.65 -51.71
C VAL UB 270 61.90 -0.83 -52.19
N ALA UB 271 62.06 -1.04 -53.49
CA ALA UB 271 63.37 -1.19 -54.12
C ALA UB 271 64.04 0.16 -54.24
N TYR UB 272 65.31 0.23 -53.84
CA TYR UB 272 66.11 1.43 -54.03
C TYR UB 272 67.29 1.08 -54.93
N PRO UB 273 67.20 1.28 -56.24
CA PRO UB 273 68.24 0.79 -57.14
C PRO UB 273 69.51 1.62 -57.15
N ASP UB 274 69.52 2.77 -56.49
CA ASP UB 274 70.67 3.67 -56.60
C ASP UB 274 71.85 3.16 -55.77
N THR UB 275 71.59 2.32 -54.76
CA THR UB 275 72.65 1.64 -54.04
C THR UB 275 72.44 0.14 -53.99
N ASN UB 276 71.48 -0.39 -54.77
CA ASN UB 276 71.19 -1.81 -54.91
C ASN UB 276 70.84 -2.45 -53.56
N SER UB 277 69.74 -1.97 -52.99
CA SER UB 277 69.36 -2.40 -51.65
C SER UB 277 67.86 -2.28 -51.49
N LEU UB 278 67.32 -3.07 -50.55
CA LEU UB 278 65.91 -3.08 -50.22
C LEU UB 278 65.64 -2.18 -49.03
N LEU UB 279 64.44 -1.62 -48.98
CA LEU UB 279 63.99 -0.80 -47.86
C LEU UB 279 62.77 -1.47 -47.26
N VAL UB 280 62.90 -1.97 -46.03
CA VAL UB 280 61.82 -2.67 -45.33
C VAL UB 280 61.39 -1.81 -44.15
N LYS UB 281 60.09 -1.59 -44.01
CA LYS UB 281 59.54 -0.81 -42.90
C LYS UB 281 58.56 -1.70 -42.13
N GLY UB 282 58.86 -1.93 -40.87
CA GLY UB 282 57.97 -2.72 -40.03
C GLY UB 282 58.41 -2.64 -38.60
N THR UB 283 57.96 -3.59 -37.79
CA THR UB 283 58.39 -3.65 -36.39
C THR UB 283 59.81 -4.20 -36.32
N ALA UB 284 60.34 -4.28 -35.09
CA ALA UB 284 61.69 -4.78 -34.90
C ALA UB 284 61.80 -6.28 -35.09
N GLU UB 285 60.68 -7.00 -35.09
CA GLU UB 285 60.69 -8.43 -35.31
C GLU UB 285 60.39 -8.80 -36.75
N GLN UB 286 59.67 -7.96 -37.49
CA GLN UB 286 59.42 -8.23 -38.90
C GLN UB 286 60.60 -7.83 -39.77
N VAL UB 287 61.39 -6.85 -39.34
CA VAL UB 287 62.57 -6.44 -40.11
C VAL UB 287 63.64 -7.53 -40.04
N HIS UB 288 63.82 -8.11 -38.85
CA HIS UB 288 64.72 -9.26 -38.70
C HIS UB 288 64.19 -10.50 -39.41
N PHE UB 289 62.89 -10.57 -39.66
CA PHE UB 289 62.32 -11.74 -40.33
C PHE UB 289 62.59 -11.72 -41.82
N ILE UB 290 62.62 -10.53 -42.43
CA ILE UB 290 62.91 -10.43 -43.86
C ILE UB 290 64.41 -10.45 -44.10
N GLU UB 291 65.21 -10.02 -43.12
CA GLU UB 291 66.66 -10.03 -43.27
C GLU UB 291 67.22 -11.45 -43.30
N MET UB 292 66.55 -12.40 -42.64
CA MET UB 292 66.98 -13.79 -42.71
C MET UB 292 66.52 -14.48 -43.98
N LEU UB 293 65.47 -13.97 -44.63
CA LEU UB 293 65.04 -14.53 -45.90
C LEU UB 293 65.94 -14.06 -47.04
N VAL UB 294 66.38 -12.80 -46.98
CA VAL UB 294 67.19 -12.21 -48.04
C VAL UB 294 68.57 -12.87 -48.12
N LYS UB 295 69.15 -13.21 -46.97
CA LYS UB 295 70.45 -13.87 -46.96
C LYS UB 295 70.40 -15.33 -47.43
N ALA UB 296 69.21 -15.89 -47.63
CA ALA UB 296 69.09 -17.22 -48.21
C ALA UB 296 68.84 -17.17 -49.71
N LEU UB 297 68.34 -16.05 -50.22
CA LEU UB 297 68.14 -15.87 -51.65
C LEU UB 297 69.31 -15.17 -52.33
N ASP UB 298 70.38 -14.87 -51.59
CA ASP UB 298 71.49 -14.08 -52.12
C ASP UB 298 72.73 -14.96 -52.16
N VAL UB 299 72.89 -15.67 -53.27
CA VAL UB 299 74.02 -16.57 -53.48
C VAL UB 299 74.69 -16.23 -54.80
N ALA UB 300 75.97 -16.59 -54.89
CA ALA UB 300 76.74 -16.34 -56.09
C ALA UB 300 76.46 -17.42 -57.14
N LYS UB 301 76.45 -17.01 -58.40
CA LYS UB 301 76.08 -17.86 -59.52
C LYS UB 301 77.31 -18.39 -60.25
N ARG UB 302 77.08 -19.40 -61.08
CA ARG UB 302 78.12 -20.01 -61.89
C ARG UB 302 77.85 -19.73 -63.36
N HIS UB 303 78.91 -19.82 -64.17
CA HIS UB 303 78.84 -19.46 -65.57
C HIS UB 303 78.73 -20.71 -66.43
N VAL UB 304 77.88 -20.64 -67.45
CA VAL UB 304 77.70 -21.70 -68.43
C VAL UB 304 78.00 -21.12 -69.81
N GLU UB 305 78.83 -21.81 -70.58
CA GLU UB 305 79.10 -21.45 -71.96
C GLU UB 305 78.51 -22.51 -72.86
N LEU UB 306 77.60 -22.12 -73.74
CA LEU UB 306 76.86 -23.04 -74.60
C LEU UB 306 77.39 -22.95 -76.02
N SER UB 307 77.79 -24.08 -76.58
CA SER UB 307 78.30 -24.16 -77.94
C SER UB 307 77.41 -25.09 -78.75
N LEU UB 308 76.93 -24.61 -79.89
CA LEU UB 308 76.01 -25.34 -80.74
C LEU UB 308 76.64 -25.55 -82.11
N TRP UB 309 76.64 -26.80 -82.57
CA TRP UB 309 77.22 -27.15 -83.86
C TRP UB 309 76.12 -27.40 -84.87
N ILE UB 310 76.26 -26.83 -86.07
CA ILE UB 310 75.33 -27.04 -87.17
C ILE UB 310 76.15 -27.54 -88.35
N VAL UB 311 76.08 -28.84 -88.62
CA VAL UB 311 76.84 -29.48 -89.69
C VAL UB 311 75.90 -29.73 -90.86
N ASP UB 312 76.35 -29.41 -92.06
CA ASP UB 312 75.51 -29.50 -93.26
C ASP UB 312 76.37 -30.03 -94.40
N LEU UB 313 76.00 -31.19 -94.93
CA LEU UB 313 76.74 -31.81 -96.01
C LEU UB 313 75.81 -32.05 -97.19
N ASN UB 314 76.40 -32.08 -98.38
CA ASN UB 314 75.67 -32.34 -99.62
C ASN UB 314 76.52 -33.20 -100.53
N LYS UB 315 75.87 -33.73 -101.57
CA LYS UB 315 76.47 -34.56 -102.60
C LYS UB 315 75.47 -34.68 -103.73
N SER UB 316 75.97 -34.83 -104.95
CA SER UB 316 75.08 -34.87 -106.10
C SER UB 316 75.74 -35.62 -107.24
N ASP UB 317 74.93 -35.90 -108.26
CA ASP UB 317 75.35 -36.61 -109.47
C ASP UB 317 74.29 -36.37 -110.51
N LEU UB 318 74.69 -36.32 -111.79
CA LEU UB 318 73.78 -36.00 -112.88
C LEU UB 318 74.41 -36.40 -114.20
N GLU UB 319 73.60 -36.94 -115.11
CA GLU UB 319 74.09 -37.32 -116.44
C GLU UB 319 72.92 -37.35 -117.40
N ARG UB 320 72.98 -36.54 -118.45
CA ARG UB 320 72.02 -36.61 -119.55
C ARG UB 320 72.75 -36.88 -120.86
N LEU UB 321 72.16 -37.73 -121.70
CA LEU UB 321 72.77 -38.06 -122.98
C LEU UB 321 71.70 -38.58 -123.92
N GLY UB 322 71.41 -37.82 -124.97
CA GLY UB 322 70.45 -38.26 -125.96
C GLY UB 322 69.78 -37.09 -126.64
N THR UB 323 68.96 -37.42 -127.63
CA THR UB 323 68.26 -36.43 -128.45
C THR UB 323 66.75 -36.56 -128.24
N SER UB 324 66.02 -35.60 -128.81
CA SER UB 324 64.56 -35.57 -128.70
C SER UB 324 64.01 -34.75 -129.86
N TRP UB 325 63.26 -35.40 -130.74
CA TRP UB 325 62.78 -34.79 -131.98
C TRP UB 325 61.37 -34.22 -131.78
N SER UB 326 61.18 -32.96 -132.18
CA SER UB 326 59.87 -32.31 -132.07
C SER UB 326 59.85 -31.13 -133.05
N GLY UB 327 59.04 -31.24 -134.10
CA GLY UB 327 58.97 -30.18 -135.08
C GLY UB 327 57.81 -30.35 -136.03
N SER UB 328 57.66 -29.36 -136.91
CA SER UB 328 56.63 -29.35 -137.94
C SER UB 328 57.26 -29.19 -139.33
N ILE UB 329 56.44 -29.41 -140.35
CA ILE UB 329 56.90 -29.34 -141.74
C ILE UB 329 55.71 -28.95 -142.60
N THR UB 330 55.97 -28.53 -143.83
CA THR UB 330 54.93 -28.22 -144.81
C THR UB 330 55.31 -28.83 -146.15
N ILE UB 331 54.44 -29.68 -146.69
CA ILE UB 331 54.75 -30.47 -147.88
C ILE UB 331 53.81 -30.02 -148.98
N GLY UB 332 54.29 -29.11 -149.84
CA GLY UB 332 53.59 -28.76 -151.06
C GLY UB 332 52.25 -28.08 -150.90
N ASP UB 333 52.10 -27.24 -149.85
CA ASP UB 333 50.95 -26.37 -149.52
C ASP UB 333 49.58 -27.04 -149.64
N LYS UB 334 49.54 -28.36 -149.45
CA LYS UB 334 48.30 -29.12 -149.43
C LYS UB 334 48.22 -30.11 -148.29
N LEU UB 335 49.35 -30.54 -147.72
CA LEU UB 335 49.33 -31.41 -146.55
C LEU UB 335 50.58 -31.14 -145.72
N GLY UB 336 50.42 -31.19 -144.41
CA GLY UB 336 51.51 -30.94 -143.49
C GLY UB 336 51.60 -32.03 -142.46
N VAL UB 337 52.81 -32.27 -141.98
CA VAL UB 337 53.09 -33.33 -141.02
C VAL UB 337 53.69 -32.71 -139.77
N SER UB 338 53.09 -33.01 -138.62
CA SER UB 338 53.64 -32.62 -137.33
C SER UB 338 54.31 -33.82 -136.69
N LEU UB 339 55.00 -33.59 -135.58
CA LEU UB 339 55.69 -34.65 -134.84
C LEU UB 339 55.83 -34.23 -133.39
N ASN UB 340 55.14 -34.94 -132.50
CA ASN UB 340 55.24 -34.80 -131.04
C ASN UB 340 54.91 -33.38 -130.57
N GLN UB 341 53.84 -32.81 -131.12
CA GLN UB 341 53.46 -31.45 -130.79
C GLN UB 341 51.96 -31.39 -130.49
N SER UB 342 51.52 -30.23 -130.02
CA SER UB 342 50.11 -29.95 -129.80
C SER UB 342 49.61 -28.82 -130.70
N SER UB 343 50.37 -27.73 -130.78
CA SER UB 343 50.05 -26.61 -131.65
C SER UB 343 50.93 -26.66 -132.89
N ILE UB 344 50.29 -26.53 -134.06
CA ILE UB 344 50.97 -26.72 -135.34
C ILE UB 344 50.89 -25.41 -136.12
N SER UB 345 49.83 -24.64 -135.88
CA SER UB 345 49.55 -23.46 -136.70
C SER UB 345 50.54 -22.34 -136.45
N THR UB 346 50.83 -22.06 -135.17
CA THR UB 346 51.80 -21.02 -134.84
C THR UB 346 53.24 -21.46 -135.06
N LEU UB 347 53.48 -22.76 -135.26
CA LEU UB 347 54.79 -23.27 -135.66
C LEU UB 347 54.75 -23.84 -137.07
N ASP UB 348 53.94 -23.26 -137.95
CA ASP UB 348 53.82 -23.79 -139.31
C ASP UB 348 54.99 -23.41 -140.19
N GLY UB 349 55.55 -22.21 -140.01
CA GLY UB 349 56.70 -21.77 -140.77
C GLY UB 349 58.04 -22.24 -140.25
N SER UB 350 58.06 -23.04 -139.20
CA SER UB 350 59.29 -23.52 -138.60
C SER UB 350 59.66 -24.88 -139.21
N ARG UB 351 60.62 -25.56 -138.58
CA ARG UB 351 61.16 -26.81 -139.10
C ARG UB 351 61.27 -27.86 -138.00
N PHE UB 352 61.93 -28.97 -138.29
CA PHE UB 352 62.17 -29.99 -137.27
C PHE UB 352 63.28 -29.54 -136.34
N ILE UB 353 63.14 -29.87 -135.06
CA ILE UB 353 64.12 -29.53 -134.04
C ILE UB 353 64.61 -30.82 -133.40
N ALA UB 354 65.93 -31.00 -133.36
CA ALA UB 354 66.55 -32.17 -132.72
C ALA UB 354 67.36 -31.67 -131.53
N ALA UB 355 66.69 -31.55 -130.38
CA ALA UB 355 67.34 -31.03 -129.18
C ALA UB 355 68.26 -32.09 -128.58
N VAL UB 356 69.55 -31.82 -128.57
CA VAL UB 356 70.56 -32.74 -128.07
C VAL UB 356 70.99 -32.27 -126.70
N ASN UB 357 71.20 -33.21 -125.78
CA ASN UB 357 71.69 -32.93 -124.44
C ASN UB 357 72.90 -33.79 -124.15
N ALA UB 358 73.92 -33.20 -123.55
CA ALA UB 358 75.11 -33.93 -123.13
C ALA UB 358 75.70 -33.21 -121.92
N LEU UB 359 75.77 -33.91 -120.80
CA LEU UB 359 76.20 -33.33 -119.54
C LEU UB 359 76.58 -34.45 -118.59
N GLU UB 360 77.50 -34.15 -117.68
CA GLU UB 360 77.93 -35.09 -116.66
C GLU UB 360 78.50 -34.29 -115.50
N GLU UB 361 77.76 -34.24 -114.38
CA GLU UB 361 78.05 -33.29 -113.32
C GLU UB 361 78.27 -34.00 -112.00
N LYS UB 362 79.26 -33.56 -111.24
CA LYS UB 362 79.47 -33.95 -109.86
C LYS UB 362 79.42 -32.71 -108.97
N LYS UB 363 79.20 -32.92 -107.68
CA LYS UB 363 79.04 -31.81 -106.76
C LYS UB 363 79.30 -32.28 -105.35
N GLN UB 364 79.70 -31.34 -104.49
CA GLN UB 364 79.94 -31.61 -103.07
C GLN UB 364 80.00 -30.27 -102.35
N ALA UB 365 79.46 -30.21 -101.13
CA ALA UB 365 79.41 -28.98 -100.37
C ALA UB 365 79.31 -29.30 -98.88
N THR UB 366 80.21 -28.72 -98.10
CA THR UB 366 80.19 -28.86 -96.64
C THR UB 366 80.11 -27.48 -96.01
N VAL UB 367 79.32 -27.35 -94.95
CA VAL UB 367 79.19 -26.10 -94.20
C VAL UB 367 79.11 -26.46 -92.72
N VAL UB 368 80.00 -25.89 -91.92
CA VAL UB 368 80.01 -26.10 -90.47
C VAL UB 368 79.95 -24.73 -89.81
N SER UB 369 78.84 -24.44 -89.14
CA SER UB 369 78.64 -23.17 -88.44
C SER UB 369 78.50 -23.43 -86.95
N ARG UB 370 78.87 -22.44 -86.13
CA ARG UB 370 78.94 -22.64 -84.69
C ARG UB 370 78.76 -21.31 -83.95
N PRO UB 371 77.62 -21.10 -83.30
CA PRO UB 371 77.48 -19.97 -82.38
C PRO UB 371 77.83 -20.33 -80.94
N VAL UB 372 78.44 -19.38 -80.24
CA VAL UB 372 78.88 -19.54 -78.86
C VAL UB 372 78.25 -18.43 -78.02
N LEU UB 373 77.76 -18.79 -76.83
CA LEU UB 373 77.08 -17.84 -75.96
C LEU UB 373 77.43 -18.16 -74.50
N LEU UB 374 77.59 -17.12 -73.69
CA LEU UB 374 77.95 -17.27 -72.28
C LEU UB 374 76.91 -16.60 -71.40
N THR UB 375 76.47 -17.30 -70.36
CA THR UB 375 75.48 -16.78 -69.42
C THR UB 375 75.68 -17.44 -68.07
N GLN UB 376 74.78 -17.14 -67.14
CA GLN UB 376 74.83 -17.64 -65.78
C GLN UB 376 73.71 -18.66 -65.55
N GLU UB 377 73.64 -19.19 -64.33
CA GLU UB 377 72.55 -20.08 -63.97
C GLU UB 377 71.24 -19.32 -63.92
N ASN UB 378 70.17 -19.97 -64.42
CA ASN UB 378 68.79 -19.50 -64.31
C ASN UB 378 68.56 -18.12 -64.94
N VAL UB 379 69.36 -17.78 -65.94
CA VAL UB 379 69.27 -16.49 -66.60
C VAL UB 379 69.05 -16.73 -68.09
N PRO UB 380 67.97 -16.23 -68.67
CA PRO UB 380 67.75 -16.40 -70.12
C PRO UB 380 68.68 -15.51 -70.93
N ALA UB 381 69.29 -16.09 -71.96
CA ALA UB 381 70.22 -15.37 -72.81
C ALA UB 381 69.80 -15.54 -74.26
N ILE UB 382 70.23 -14.62 -75.12
CA ILE UB 382 69.87 -14.61 -76.54
C ILE UB 382 71.11 -14.32 -77.37
N PHE UB 383 71.38 -15.17 -78.34
CA PHE UB 383 72.27 -14.86 -79.45
C PHE UB 383 71.43 -14.76 -80.71
N ASP UB 384 71.71 -13.76 -81.54
CA ASP UB 384 70.90 -13.50 -82.72
C ASP UB 384 71.79 -12.97 -83.83
N ASN UB 385 71.66 -13.52 -85.03
CA ASN UB 385 72.42 -13.09 -86.19
C ASN UB 385 71.46 -13.12 -87.38
N ASN UB 386 70.80 -12.01 -87.64
CA ASN UB 386 69.68 -12.00 -88.57
C ASN UB 386 69.95 -11.05 -89.74
N ARG UB 387 68.92 -10.92 -90.59
CA ARG UB 387 68.95 -10.08 -91.78
C ARG UB 387 67.54 -9.59 -92.04
N THR UB 388 67.40 -8.29 -92.29
CA THR UB 388 66.09 -7.66 -92.43
C THR UB 388 65.91 -7.20 -93.86
N PHE UB 389 64.72 -7.39 -94.40
CA PHE UB 389 64.37 -7.05 -95.77
C PHE UB 389 63.19 -6.10 -95.76
N TYR UB 390 63.42 -4.86 -96.18
CA TYR UB 390 62.40 -3.82 -96.11
C TYR UB 390 61.72 -3.65 -97.47
N THR UB 391 60.40 -3.51 -97.43
CA THR UB 391 59.61 -3.37 -98.65
C THR UB 391 58.72 -2.13 -98.53
N LYS UB 392 58.30 -1.62 -99.69
CA LYS UB 392 57.54 -0.38 -99.76
C LYS UB 392 56.12 -0.70 -100.22
N LEU UB 393 55.22 -0.85 -99.25
CA LEU UB 393 53.81 -1.05 -99.52
C LEU UB 393 53.18 0.32 -99.74
N ILE UB 394 52.96 0.67 -101.01
CA ILE UB 394 52.50 2.02 -101.35
C ILE UB 394 50.98 2.06 -101.17
N GLY UB 395 50.55 2.32 -99.93
CA GLY UB 395 49.17 2.56 -99.61
C GLY UB 395 48.92 4.06 -99.49
N GLU UB 396 47.78 4.38 -98.89
CA GLU UB 396 47.45 5.79 -98.67
C GLU UB 396 47.26 6.16 -97.20
N ARG UB 397 46.76 5.24 -96.37
CA ARG UB 397 46.38 5.60 -95.01
C ARG UB 397 47.35 5.10 -93.97
N ASN UB 398 47.45 3.78 -93.89
CA ASN UB 398 48.30 3.12 -92.90
C ASN UB 398 49.55 2.69 -93.64
N VAL UB 399 50.24 3.67 -94.22
CA VAL UB 399 51.48 3.44 -94.92
C VAL UB 399 52.51 2.95 -93.92
N ALA UB 400 53.26 1.91 -94.31
CA ALA UB 400 54.13 1.26 -93.35
C ALA UB 400 55.30 0.65 -94.09
N LEU UB 401 56.41 0.53 -93.39
CA LEU UB 401 57.56 -0.23 -93.86
C LEU UB 401 57.41 -1.62 -93.25
N GLU UB 402 57.01 -2.58 -94.06
CA GLU UB 402 56.88 -3.96 -93.60
C GLU UB 402 58.20 -4.67 -93.85
N HIS UB 403 58.52 -5.61 -92.97
CA HIS UB 403 59.82 -6.25 -93.01
C HIS UB 403 59.70 -7.72 -92.63
N VAL UB 404 60.62 -8.51 -93.18
CA VAL UB 404 60.79 -9.90 -92.80
C VAL UB 404 62.19 -10.05 -92.20
N THR UB 405 62.40 -11.12 -91.45
CA THR UB 405 63.63 -11.33 -90.70
C THR UB 405 63.96 -12.81 -90.70
N TYR UB 406 65.22 -13.14 -90.97
CA TYR UB 406 65.66 -14.53 -90.97
C TYR UB 406 67.12 -14.60 -90.57
N GLY UB 407 67.47 -15.64 -89.81
CA GLY UB 407 68.86 -15.82 -89.42
C GLY UB 407 68.96 -16.79 -88.26
N THR UB 408 70.18 -16.98 -87.78
CA THR UB 408 70.48 -17.89 -86.69
C THR UB 408 70.07 -17.25 -85.38
N MET UB 409 69.51 -18.04 -84.46
CA MET UB 409 68.98 -17.52 -83.21
C MET UB 409 68.91 -18.63 -82.18
N ILE UB 410 69.48 -18.39 -81.00
CA ILE UB 410 69.42 -19.32 -79.88
C ILE UB 410 68.85 -18.57 -78.68
N ARG UB 411 67.94 -19.21 -77.95
CA ARG UB 411 67.50 -18.72 -76.65
C ARG UB 411 67.54 -19.88 -75.67
N VAL UB 412 68.37 -19.76 -74.64
CA VAL UB 412 68.68 -20.87 -73.76
C VAL UB 412 68.44 -20.42 -72.32
N LEU UB 413 68.16 -21.39 -71.44
CA LEU UB 413 67.94 -21.14 -70.02
C LEU UB 413 68.62 -22.27 -69.26
N PRO UB 414 69.89 -22.11 -68.92
CA PRO UB 414 70.64 -23.21 -68.31
C PRO UB 414 70.36 -23.32 -66.82
N ARG UB 415 70.64 -24.51 -66.28
CA ARG UB 415 70.33 -24.83 -64.89
C ARG UB 415 71.12 -26.07 -64.50
N PHE UB 416 71.78 -26.02 -63.36
CA PHE UB 416 72.55 -27.16 -62.87
C PHE UB 416 71.65 -28.10 -62.07
N SER UB 417 71.79 -29.40 -62.32
CA SER UB 417 71.05 -30.40 -61.58
C SER UB 417 71.80 -30.75 -60.29
N ALA UB 418 71.35 -31.80 -59.60
CA ALA UB 418 71.97 -32.17 -58.34
C ALA UB 418 73.24 -32.98 -58.54
N ASP UB 419 73.39 -33.63 -59.69
CA ASP UB 419 74.55 -34.48 -59.96
C ASP UB 419 75.68 -33.74 -60.65
N GLY UB 420 75.45 -32.52 -61.12
CA GLY UB 420 76.41 -31.80 -61.90
C GLY UB 420 76.14 -31.75 -63.38
N GLN UB 421 74.98 -32.21 -63.82
CA GLN UB 421 74.61 -32.12 -65.22
C GLN UB 421 73.87 -30.81 -65.47
N ILE UB 422 73.85 -30.39 -66.74
CA ILE UB 422 73.31 -29.10 -67.13
C ILE UB 422 72.07 -29.34 -67.99
N GLU UB 423 70.91 -28.95 -67.47
CA GLU UB 423 69.67 -29.02 -68.23
C GLU UB 423 69.37 -27.68 -68.89
N MET UB 424 68.91 -27.74 -70.13
CA MET UB 424 68.72 -26.54 -70.93
C MET UB 424 67.34 -26.55 -71.57
N SER UB 425 66.77 -25.37 -71.75
CA SER UB 425 65.49 -25.19 -72.42
C SER UB 425 65.74 -24.42 -73.70
N LEU UB 426 65.75 -25.12 -74.83
CA LEU UB 426 66.30 -24.60 -76.08
C LEU UB 426 65.20 -24.07 -76.98
N ASP UB 427 65.56 -23.08 -77.81
CA ASP UB 427 64.72 -22.54 -78.87
C ASP UB 427 65.66 -22.14 -80.01
N ILE UB 428 65.85 -23.03 -80.98
CA ILE UB 428 66.84 -22.88 -82.03
C ILE UB 428 66.13 -22.55 -83.33
N GLU UB 429 66.64 -21.57 -84.05
CA GLU UB 429 66.20 -21.24 -85.40
C GLU UB 429 67.42 -21.03 -86.29
N ASP UB 430 67.41 -21.67 -87.45
CA ASP UB 430 68.48 -21.50 -88.43
C ASP UB 430 67.84 -21.36 -89.81
N GLY UB 431 67.85 -20.14 -90.34
CA GLY UB 431 67.23 -19.86 -91.62
C GLY UB 431 68.21 -19.22 -92.57
N ASN UB 432 67.89 -19.30 -93.86
CA ASN UB 432 68.66 -18.65 -94.90
C ASN UB 432 67.73 -18.30 -96.04
N ASP UB 433 68.27 -17.72 -97.11
CA ASP UB 433 67.49 -17.19 -98.21
C ASP UB 433 67.62 -18.12 -99.41
N LYS UB 434 66.50 -18.73 -99.80
CA LYS UB 434 66.45 -19.54 -101.01
C LYS UB 434 66.22 -18.64 -102.21
N THR UB 435 66.94 -18.91 -103.29
CA THR UB 435 66.90 -18.05 -104.45
C THR UB 435 66.23 -18.76 -105.62
N PRO UB 436 65.19 -18.18 -106.21
CA PRO UB 436 64.65 -18.71 -107.47
C PRO UB 436 65.50 -18.31 -108.67
N GLN UB 437 65.01 -18.57 -109.88
CA GLN UB 437 65.75 -18.28 -111.10
C GLN UB 437 65.91 -16.78 -111.28
N SER UB 438 67.14 -16.35 -111.57
CA SER UB 438 67.45 -14.93 -111.65
C SER UB 438 66.98 -14.27 -112.94
N ASP UB 439 66.74 -15.05 -113.99
CA ASP UB 439 66.41 -14.49 -115.30
C ASP UB 439 64.99 -13.98 -115.39
N THR UB 440 64.08 -14.47 -114.56
CA THR UB 440 62.69 -14.05 -114.60
C THR UB 440 62.48 -12.83 -113.71
N THR UB 441 61.36 -12.14 -113.97
CA THR UB 441 61.03 -10.82 -113.42
C THR UB 441 60.87 -10.83 -111.90
N THR UB 442 60.52 -11.98 -111.29
CA THR UB 442 60.25 -12.03 -109.84
C THR UB 442 61.50 -11.93 -108.97
N SER UB 443 62.68 -11.69 -109.54
CA SER UB 443 63.88 -11.43 -108.76
C SER UB 443 64.07 -9.96 -108.39
N VAL UB 444 63.25 -9.06 -108.93
CA VAL UB 444 63.40 -7.64 -108.62
C VAL UB 444 62.32 -7.14 -107.66
N ASP UB 445 61.27 -7.91 -107.41
CA ASP UB 445 60.25 -7.52 -106.45
C ASP UB 445 60.56 -8.12 -105.08
N ALA UB 446 59.63 -7.92 -104.15
CA ALA UB 446 59.83 -8.34 -102.76
C ALA UB 446 59.42 -9.80 -102.58
N LEU UB 447 60.22 -10.68 -103.20
CA LEU UB 447 60.06 -12.13 -103.03
C LEU UB 447 61.40 -12.75 -102.64
N PRO UB 448 61.82 -12.60 -101.38
CA PRO UB 448 62.87 -13.47 -100.85
C PRO UB 448 62.30 -14.74 -100.26
N GLU UB 449 62.16 -15.83 -101.03
CA GLU UB 449 61.70 -17.09 -100.47
C GLU UB 449 62.60 -17.56 -99.33
N VAL UB 450 62.08 -17.51 -98.10
CA VAL UB 450 62.83 -17.82 -96.90
C VAL UB 450 62.54 -19.26 -96.51
N GLY UB 451 63.60 -20.02 -96.23
CA GLY UB 451 63.48 -21.35 -95.65
C GLY UB 451 64.12 -21.37 -94.27
N ARG UB 452 63.35 -21.82 -93.28
CA ARG UB 452 63.78 -21.83 -91.90
C ARG UB 452 63.84 -23.25 -91.36
N THR UB 453 64.34 -23.38 -90.13
CA THR UB 453 64.43 -24.67 -89.44
C THR UB 453 64.30 -24.41 -87.95
N LEU UB 454 63.21 -24.86 -87.35
CA LEU UB 454 62.89 -24.54 -85.97
C LEU UB 454 62.93 -25.81 -85.13
N ILE UB 455 63.49 -25.70 -83.93
CA ILE UB 455 63.59 -26.81 -82.98
C ILE UB 455 63.33 -26.27 -81.59
N SER UB 456 62.42 -26.90 -80.86
CA SER UB 456 62.10 -26.49 -79.49
C SER UB 456 61.96 -27.74 -78.63
N THR UB 457 62.85 -27.91 -77.66
CA THR UB 457 62.90 -29.13 -76.86
C THR UB 457 63.58 -28.83 -75.54
N ILE UB 458 63.83 -29.87 -74.74
CA ILE UB 458 64.54 -29.78 -73.47
C ILE UB 458 65.49 -30.96 -73.38
N ALA UB 459 66.77 -30.70 -73.13
CA ALA UB 459 67.77 -31.77 -73.03
C ALA UB 459 68.63 -31.55 -71.80
N ARG UB 460 69.32 -32.62 -71.38
CA ARG UB 460 70.14 -32.59 -70.17
C ARG UB 460 71.45 -33.32 -70.45
N VAL UB 461 72.54 -32.57 -70.47
CA VAL UB 461 73.86 -33.08 -70.85
C VAL UB 461 74.77 -33.02 -69.63
N PRO UB 462 75.68 -33.98 -69.45
CA PRO UB 462 76.74 -33.80 -68.43
C PRO UB 462 77.72 -32.71 -68.83
N HIS UB 463 78.61 -32.38 -67.90
CA HIS UB 463 79.56 -31.29 -68.12
C HIS UB 463 80.68 -31.77 -69.04
N GLY UB 464 80.75 -31.20 -70.24
CA GLY UB 464 81.77 -31.53 -71.20
C GLY UB 464 81.38 -32.52 -72.27
N LYS UB 465 80.28 -33.24 -72.09
CA LYS UB 465 79.80 -34.20 -73.07
C LYS UB 465 78.86 -33.50 -74.05
N SER UB 466 78.22 -34.26 -74.91
CA SER UB 466 77.41 -33.68 -75.97
C SER UB 466 76.19 -34.55 -76.26
N LEU UB 467 75.20 -33.96 -76.92
CA LEU UB 467 73.98 -34.64 -77.29
C LEU UB 467 73.54 -34.18 -78.67
N LEU UB 468 72.87 -35.08 -79.39
CA LEU UB 468 72.29 -34.77 -80.69
C LEU UB 468 70.83 -34.37 -80.50
N VAL UB 469 70.49 -33.14 -80.86
CA VAL UB 469 69.17 -32.61 -80.60
C VAL UB 469 68.24 -32.79 -81.80
N GLY UB 470 68.68 -32.38 -82.99
CA GLY UB 470 67.86 -32.52 -84.18
C GLY UB 470 68.54 -33.33 -85.25
N GLY UB 471 68.02 -33.29 -86.47
CA GLY UB 471 68.63 -34.03 -87.55
C GLY UB 471 67.68 -34.13 -88.73
N TYR UB 472 68.27 -34.43 -89.89
CA TYR UB 472 67.54 -34.58 -91.14
C TYR UB 472 68.42 -35.24 -92.19
N THR UB 473 67.94 -36.31 -92.82
CA THR UB 473 68.62 -36.91 -93.96
C THR UB 473 67.64 -37.02 -95.11
N ARG UB 474 68.19 -37.14 -96.33
CA ARG UB 474 67.37 -37.32 -97.51
C ARG UB 474 68.20 -37.97 -98.61
N ASP UB 475 67.67 -39.03 -99.22
CA ASP UB 475 68.32 -39.73 -100.32
C ASP UB 475 67.35 -39.84 -101.48
N ALA UB 476 67.87 -39.76 -102.71
CA ALA UB 476 67.03 -39.80 -103.88
C ALA UB 476 67.80 -40.38 -105.05
N ASN UB 477 67.06 -40.98 -105.99
CA ASN UB 477 67.64 -41.57 -107.20
C ASN UB 477 66.55 -41.72 -108.23
N THR UB 478 66.60 -40.92 -109.30
CA THR UB 478 65.65 -41.02 -110.40
C THR UB 478 66.41 -41.34 -111.69
N ASP UB 479 65.70 -41.93 -112.65
CA ASP UB 479 66.25 -42.21 -113.97
C ASP UB 479 65.13 -42.43 -114.98
N THR UB 480 65.20 -41.73 -116.11
CA THR UB 480 64.22 -41.85 -117.19
C THR UB 480 64.91 -42.41 -118.43
N VAL UB 481 64.11 -43.05 -119.29
CA VAL UB 481 64.58 -43.56 -120.57
C VAL UB 481 63.48 -43.29 -121.60
N GLN UB 482 63.80 -42.53 -122.64
CA GLN UB 482 62.89 -42.31 -123.75
C GLN UB 482 63.53 -42.82 -125.05
N SER UB 483 62.69 -43.13 -126.03
CA SER UB 483 63.17 -43.59 -127.32
C SER UB 483 62.06 -43.42 -128.36
N ILE UB 484 62.44 -43.60 -129.61
CA ILE UB 484 61.53 -43.79 -130.74
C ILE UB 484 61.29 -45.29 -130.77
N PRO UB 485 60.06 -45.77 -131.04
CA PRO UB 485 59.77 -47.20 -130.86
C PRO UB 485 60.55 -48.16 -131.75
N PHE UB 486 60.72 -47.86 -133.03
CA PHE UB 486 61.46 -48.75 -133.91
C PHE UB 486 62.87 -48.28 -134.23
N LEU UB 487 63.06 -46.97 -134.41
CA LEU UB 487 64.38 -46.46 -134.78
C LEU UB 487 65.36 -46.47 -133.62
N GLY UB 488 64.88 -46.62 -132.39
CA GLY UB 488 65.77 -46.62 -131.24
C GLY UB 488 66.50 -47.92 -130.98
N LYS UB 489 66.26 -48.95 -131.79
CA LYS UB 489 66.91 -50.24 -131.64
C LYS UB 489 67.85 -50.57 -132.78
N LEU UB 490 68.17 -49.59 -133.63
CA LEU UB 490 69.14 -49.80 -134.69
C LEU UB 490 70.54 -49.93 -134.10
N PRO UB 491 71.44 -50.72 -134.74
CA PRO UB 491 72.77 -50.98 -134.16
C PRO UB 491 73.67 -49.75 -134.03
N LEU UB 492 73.90 -49.04 -135.13
CA LEU UB 492 74.82 -47.91 -135.12
C LEU UB 492 74.14 -46.58 -135.40
N ILE UB 493 72.89 -46.59 -135.85
CA ILE UB 493 72.14 -45.36 -136.07
C ILE UB 493 71.20 -45.06 -134.91
N GLY UB 494 70.82 -46.06 -134.10
CA GLY UB 494 69.82 -45.90 -133.07
C GLY UB 494 70.23 -45.06 -131.88
N SER UB 495 71.49 -44.61 -131.81
CA SER UB 495 71.89 -43.74 -130.72
C SER UB 495 71.39 -42.32 -130.90
N LEU UB 496 70.97 -41.95 -132.10
CA LEU UB 496 70.47 -40.61 -132.37
C LEU UB 496 69.01 -40.42 -131.98
N PHE UB 497 68.36 -41.45 -131.44
CA PHE UB 497 66.95 -41.37 -131.11
C PHE UB 497 66.63 -41.68 -129.66
N ARG UB 498 67.53 -42.31 -128.91
CA ARG UB 498 67.28 -42.61 -127.52
C ARG UB 498 67.57 -41.38 -126.65
N TYR UB 499 67.24 -41.51 -125.37
CA TYR UB 499 67.49 -40.47 -124.37
C TYR UB 499 67.48 -41.13 -123.00
N SER UB 500 68.34 -40.65 -122.11
CA SER UB 500 68.46 -41.24 -120.79
C SER UB 500 69.05 -40.23 -119.82
N SER UB 501 68.43 -40.11 -118.65
CA SER UB 501 68.90 -39.20 -117.63
C SER UB 501 69.04 -39.94 -116.31
N LYS UB 502 69.77 -39.33 -115.37
CA LYS UB 502 69.96 -39.86 -114.04
C LYS UB 502 70.02 -38.71 -113.06
N ASN UB 503 69.91 -39.04 -111.77
CA ASN UB 503 70.00 -38.05 -110.70
C ASN UB 503 70.25 -38.78 -109.40
N LYS UB 504 70.92 -38.11 -108.45
CA LYS UB 504 71.24 -38.67 -107.15
C LYS UB 504 71.61 -37.55 -106.20
N SER UB 505 71.16 -37.64 -104.96
CA SER UB 505 71.50 -36.63 -103.96
C SER UB 505 71.51 -37.26 -102.58
N ASN UB 506 72.33 -36.69 -101.68
CA ASN UB 506 72.42 -37.16 -100.31
C ASN UB 506 72.68 -35.95 -99.41
N VAL UB 507 71.69 -35.59 -98.60
CA VAL UB 507 71.75 -34.40 -97.75
C VAL UB 507 71.75 -34.86 -96.30
N VAL UB 508 72.57 -34.23 -95.46
CA VAL UB 508 72.64 -34.51 -94.03
C VAL UB 508 72.74 -33.18 -93.28
N ARG UB 509 71.81 -32.94 -92.36
CA ARG UB 509 71.90 -31.82 -91.43
C ARG UB 509 71.73 -32.34 -90.02
N VAL UB 510 72.56 -31.85 -89.08
CA VAL UB 510 72.45 -32.22 -87.67
C VAL UB 510 72.65 -30.99 -86.80
N PHE UB 511 72.16 -31.09 -85.57
CA PHE UB 511 72.29 -30.04 -84.56
C PHE UB 511 72.82 -30.69 -83.29
N MET UB 512 73.92 -30.17 -82.76
CA MET UB 512 74.55 -30.77 -81.59
C MET UB 512 74.79 -29.69 -80.53
N ILE UB 513 74.73 -30.10 -79.27
CA ILE UB 513 74.82 -29.20 -78.12
C ILE UB 513 75.96 -29.68 -77.23
N GLU UB 514 76.83 -28.76 -76.82
CA GLU UB 514 77.97 -29.09 -75.97
C GLU UB 514 78.18 -27.99 -74.93
N PRO UB 515 77.60 -28.12 -73.74
CA PRO UB 515 77.79 -27.11 -72.70
C PRO UB 515 78.95 -27.42 -71.79
N LYS UB 516 79.49 -26.37 -71.18
CA LYS UB 516 80.58 -26.51 -70.23
C LYS UB 516 80.53 -25.33 -69.26
N GLU UB 517 81.27 -25.46 -68.16
CA GLU UB 517 81.24 -24.51 -67.06
C GLU UB 517 82.51 -23.67 -67.07
N ILE UB 518 82.34 -22.35 -66.92
CA ILE UB 518 83.44 -21.40 -66.95
C ILE UB 518 83.77 -20.98 -65.53
N VAL UB 519 85.02 -21.18 -65.12
CA VAL UB 519 85.47 -20.76 -63.80
C VAL UB 519 86.62 -19.78 -63.84
N ASP UB 520 87.35 -19.67 -64.95
CA ASP UB 520 88.53 -18.83 -65.05
C ASP UB 520 88.38 -17.82 -66.19
N PRO UB 521 89.01 -16.66 -66.09
CA PRO UB 521 89.00 -15.70 -67.19
C PRO UB 521 89.93 -16.14 -68.31
N LEU UB 522 89.99 -15.32 -69.36
CA LEU UB 522 90.77 -15.66 -70.53
C LEU UB 522 92.26 -15.54 -70.25
N THR UB 523 93.04 -16.45 -70.84
CA THR UB 523 94.50 -16.39 -70.75
C THR UB 523 95.09 -16.72 -72.12
N PRO UB 524 95.89 -15.82 -72.73
CA PRO UB 524 96.25 -14.46 -72.32
C PRO UB 524 95.10 -13.47 -72.47
N ASP UB 525 95.30 -12.22 -72.07
CA ASP UB 525 94.22 -11.26 -71.94
C ASP UB 525 93.65 -10.88 -73.31
N ALA UB 526 92.47 -10.28 -73.29
CA ALA UB 526 91.80 -9.87 -74.52
C ALA UB 526 92.53 -8.72 -75.20
N SER UB 527 93.20 -7.88 -74.43
CA SER UB 527 93.97 -6.78 -75.02
C SER UB 527 95.35 -7.22 -75.46
N GLU UB 528 95.76 -8.45 -75.15
CA GLU UB 528 97.05 -8.97 -75.60
C GLU UB 528 96.93 -9.80 -76.86
N SER UB 529 95.81 -10.49 -77.07
CA SER UB 529 95.62 -11.24 -78.30
C SER UB 529 95.23 -10.34 -79.47
N VAL UB 530 94.70 -9.15 -79.18
CA VAL UB 530 94.35 -8.22 -80.25
C VAL UB 530 95.58 -7.50 -80.77
N ASN UB 531 96.53 -7.18 -79.90
CA ASN UB 531 97.77 -6.54 -80.32
C ASN UB 531 98.66 -7.45 -81.15
N ASN UB 532 98.46 -8.77 -81.09
CA ASN UB 532 99.16 -9.67 -81.98
C ASN UB 532 98.46 -9.84 -83.32
N ILE UB 533 97.14 -9.60 -83.37
CA ILE UB 533 96.42 -9.64 -84.64
C ILE UB 533 96.73 -8.41 -85.47
N LEU UB 534 96.76 -7.24 -84.83
CA LEU UB 534 97.01 -6.00 -85.56
C LEU UB 534 98.45 -5.90 -86.05
N LYS UB 535 99.40 -6.50 -85.33
CA LYS UB 535 100.78 -6.48 -85.79
C LYS UB 535 101.03 -7.45 -86.92
N GLN UB 536 100.32 -8.59 -86.94
CA GLN UB 536 100.54 -9.58 -87.99
C GLN UB 536 99.84 -9.19 -89.28
N SER UB 537 98.60 -8.70 -89.20
CA SER UB 537 97.87 -8.33 -90.40
C SER UB 537 98.31 -6.98 -90.96
N GLY UB 538 99.04 -6.19 -90.20
CA GLY UB 538 99.53 -4.92 -90.69
C GLY UB 538 98.60 -3.74 -90.49
N ALA UB 539 97.55 -3.90 -89.67
CA ALA UB 539 96.62 -2.81 -89.40
C ALA UB 539 96.96 -2.03 -88.15
N TRP UB 540 98.13 -2.28 -87.55
CA TRP UB 540 98.48 -1.67 -86.28
C TRP UB 540 98.92 -0.23 -86.48
N SER UB 541 98.40 0.68 -85.66
CA SER UB 541 98.77 2.08 -85.71
C SER UB 541 98.98 2.65 -84.31
N GLY UB 542 99.66 1.89 -83.46
CA GLY UB 542 100.04 2.41 -82.16
C GLY UB 542 101.36 3.14 -82.14
N ASP UB 543 102.06 3.15 -83.26
CA ASP UB 543 103.34 3.85 -83.41
C ASP UB 543 103.20 5.18 -84.12
N ASP UB 544 101.97 5.64 -84.35
CA ASP UB 544 101.76 6.87 -85.09
C ASP UB 544 102.15 8.08 -84.24
N LYS UB 545 102.68 9.10 -84.91
CA LYS UB 545 103.14 10.28 -84.19
C LYS UB 545 101.96 11.16 -83.77
N LEU UB 546 100.88 11.16 -84.53
CA LEU UB 546 99.76 12.04 -84.28
C LEU UB 546 98.67 11.40 -83.43
N GLN UB 547 98.42 10.10 -83.58
CA GLN UB 547 97.36 9.43 -82.86
C GLN UB 547 97.78 8.89 -81.50
N LYS UB 548 99.06 8.96 -81.15
CA LYS UB 548 99.50 8.46 -79.86
C LYS UB 548 99.20 9.41 -78.71
N TRP UB 549 98.82 10.65 -79.00
CA TRP UB 549 98.47 11.58 -77.94
C TRP UB 549 97.11 11.28 -77.32
N VAL UB 550 96.24 10.58 -78.05
CA VAL UB 550 94.93 10.25 -77.56
C VAL UB 550 94.77 8.75 -77.27
N ARG UB 551 95.38 7.88 -78.08
CA ARG UB 551 95.37 6.44 -77.84
C ARG UB 551 96.17 6.02 -76.61
N VAL UB 552 96.88 6.93 -75.95
CA VAL UB 552 97.58 6.60 -74.72
C VAL UB 552 96.62 6.57 -73.54
N TYR UB 553 95.42 7.13 -73.69
CA TYR UB 553 94.41 7.01 -72.63
C TYR UB 553 93.70 5.67 -72.68
N LEU UB 554 93.42 5.18 -73.88
CA LEU UB 554 92.64 3.95 -74.04
C LEU UB 554 93.48 2.71 -73.80
N ASP UB 555 94.75 2.75 -74.19
CA ASP UB 555 95.67 1.62 -74.06
C ASP UB 555 96.53 1.74 -72.81
N ARG UB 556 95.92 2.21 -71.72
CA ARG UB 556 96.64 2.45 -70.47
C ARG UB 556 97.12 1.15 -69.83
N GLY UB 557 96.36 0.07 -69.98
CA GLY UB 557 96.75 -1.21 -69.44
C GLY UB 557 97.52 -2.05 -70.44
N GLY VB 32 69.58 17.75 37.49
CA GLY VB 32 69.44 17.63 36.06
C GLY VB 32 68.01 17.80 35.57
N SER VB 33 67.39 16.69 35.17
CA SER VB 33 66.02 16.70 34.70
C SER VB 33 65.43 15.32 34.94
N GLY VB 34 64.23 15.10 34.44
CA GLY VB 34 63.60 13.80 34.59
C GLY VB 34 62.10 13.95 34.70
N PHE VB 35 61.44 12.80 34.89
CA PHE VB 35 59.99 12.76 35.03
C PHE VB 35 59.65 11.66 36.03
N VAL VB 36 58.71 11.94 36.92
CA VAL VB 36 58.28 10.97 37.92
C VAL VB 36 56.84 10.62 37.61
N ALA VB 37 56.61 9.42 37.06
CA ALA VB 37 55.28 9.00 36.67
C ALA VB 37 54.64 8.18 37.77
N LYS VB 38 53.44 8.58 38.17
CA LYS VB 38 52.60 7.84 39.10
C LYS VB 38 51.31 7.55 38.35
N ASP VB 39 51.26 6.37 37.71
CA ASP VB 39 50.11 5.86 36.96
C ASP VB 39 49.74 6.79 35.80
N ASP VB 40 50.74 7.07 34.96
CA ASP VB 40 50.54 7.83 33.73
C ASP VB 40 50.27 6.88 32.57
N SER VB 41 49.63 7.41 31.54
CA SER VB 41 49.00 6.58 30.51
C SER VB 41 49.61 6.75 29.13
N LEU VB 42 50.94 6.88 29.04
CA LEU VB 42 51.72 6.90 27.80
C LEU VB 42 51.40 7.99 26.80
N ARG VB 43 50.52 8.92 27.14
CA ARG VB 43 50.35 10.13 26.37
C ARG VB 43 50.77 11.34 27.18
N THR VB 44 50.47 11.31 28.48
CA THR VB 44 51.09 12.21 29.42
C THR VB 44 52.57 11.92 29.54
N PHE VB 45 52.96 10.65 29.45
CA PHE VB 45 54.35 10.30 29.67
C PHE VB 45 55.18 10.72 28.48
N PHE VB 46 54.74 10.35 27.28
CA PHE VB 46 55.52 10.65 26.08
C PHE VB 46 55.42 12.12 25.70
N ASP VB 47 54.40 12.85 26.17
CA ASP VB 47 54.40 14.29 25.94
C ASP VB 47 55.47 14.99 26.75
N ALA VB 48 55.85 14.43 27.90
CA ALA VB 48 56.89 15.01 28.74
C ALA VB 48 58.30 14.76 28.23
N MET VB 49 58.52 13.74 27.40
CA MET VB 49 59.83 13.51 26.80
C MET VB 49 60.05 14.34 25.54
N ALA VB 50 59.05 15.11 25.12
CA ALA VB 50 59.10 15.87 23.89
C ALA VB 50 59.80 17.21 24.04
N LEU VB 51 60.57 17.40 25.10
CA LEU VB 51 61.44 18.56 25.20
C LEU VB 51 62.90 18.16 25.16
N GLN VB 52 63.23 17.00 25.74
CA GLN VB 52 64.56 16.45 25.56
C GLN VB 52 64.73 15.92 24.14
N LEU VB 53 63.76 15.15 23.64
CA LEU VB 53 63.62 15.04 22.21
C LEU VB 53 63.14 16.39 21.68
N LYS VB 54 63.71 16.84 20.57
CA LYS VB 54 63.40 18.19 20.11
C LYS VB 54 62.24 18.23 19.13
N GLU VB 55 61.47 17.15 19.01
CA GLU VB 55 60.36 17.03 18.09
C GLU VB 55 59.07 16.71 18.85
N PRO VB 56 57.92 17.13 18.35
CA PRO VB 56 56.67 16.74 19.00
C PRO VB 56 56.33 15.27 18.78
N VAL VB 57 55.68 14.69 19.78
CA VAL VB 57 55.37 13.27 19.82
C VAL VB 57 53.88 13.08 19.64
N ILE VB 58 53.49 12.20 18.73
CA ILE VB 58 52.11 11.91 18.39
C ILE VB 58 51.84 10.46 18.75
N VAL VB 59 51.28 10.23 19.93
CA VAL VB 59 50.95 8.90 20.40
C VAL VB 59 49.59 8.51 19.84
N SER VB 60 49.46 7.26 19.42
CA SER VB 60 48.22 6.79 18.83
C SER VB 60 47.17 6.55 19.90
N LYS VB 61 46.02 6.01 19.50
CA LYS VB 61 44.92 5.84 20.43
C LYS VB 61 44.99 4.51 21.18
N MET VB 62 45.27 3.41 20.47
CA MET VB 62 45.29 2.11 21.12
C MET VB 62 46.53 1.92 21.97
N ALA VB 63 47.63 2.63 21.66
CA ALA VB 63 48.82 2.59 22.48
C ALA VB 63 48.80 3.62 23.59
N ALA VB 64 47.63 4.19 23.88
CA ALA VB 64 47.48 5.12 24.99
C ALA VB 64 46.67 4.52 26.14
N ARG VB 65 46.31 3.25 26.05
CA ARG VB 65 45.60 2.57 27.12
C ARG VB 65 46.53 1.89 28.11
N LYS VB 66 47.80 1.74 27.75
CA LYS VB 66 48.77 1.15 28.66
C LYS VB 66 49.27 2.18 29.65
N LYS VB 67 49.69 1.72 30.81
CA LYS VB 67 50.09 2.60 31.88
C LYS VB 67 51.52 2.29 32.33
N ILE VB 68 52.14 3.24 33.01
CA ILE VB 68 53.53 3.13 33.42
C ILE VB 68 53.76 4.05 34.61
N THR VB 69 54.48 3.56 35.61
CA THR VB 69 54.95 4.40 36.71
C THR VB 69 56.47 4.36 36.75
N GLY VB 70 57.03 4.94 37.81
CA GLY VB 70 58.46 4.90 38.02
C GLY VB 70 59.12 6.27 37.90
N ASN VB 71 60.36 6.32 38.36
CA ASN VB 71 61.20 7.50 38.35
C ASN VB 71 62.17 7.41 37.18
N PHE VB 72 61.95 8.22 36.15
CA PHE VB 72 62.76 8.19 34.94
C PHE VB 72 63.62 9.44 34.86
N GLU VB 73 64.81 9.29 34.29
CA GLU VB 73 65.76 10.38 34.15
C GLU VB 73 66.10 10.53 32.68
N PHE VB 74 65.88 11.72 32.14
CA PHE VB 74 66.03 11.98 30.71
C PHE VB 74 67.38 12.62 30.42
N HIS VB 75 68.35 11.80 30.05
CA HIS VB 75 69.61 12.32 29.54
C HIS VB 75 70.07 11.64 28.26
N ASP VB 76 69.63 10.42 27.96
CA ASP VB 76 69.86 9.78 26.66
C ASP VB 76 68.47 9.41 26.14
N PRO VB 77 67.77 10.34 25.50
CA PRO VB 77 66.35 10.14 25.22
C PRO VB 77 66.14 9.19 24.06
N ASN VB 78 67.10 9.17 23.14
CA ASN VB 78 66.93 8.34 21.95
C ASN VB 78 67.19 6.89 22.28
N ALA VB 79 68.11 6.61 23.20
CA ALA VB 79 68.34 5.23 23.59
C ALA VB 79 67.26 4.77 24.56
N LEU VB 80 66.70 5.70 25.34
CA LEU VB 80 65.62 5.31 26.24
C LEU VB 80 64.35 5.00 25.46
N LEU VB 81 64.14 5.68 24.33
CA LEU VB 81 62.95 5.42 23.52
C LEU VB 81 63.04 4.05 22.86
N GLU VB 82 64.25 3.67 22.42
CA GLU VB 82 64.44 2.37 21.79
C GLU VB 82 64.39 1.26 22.81
N LYS VB 83 64.83 1.51 24.04
CA LYS VB 83 64.77 0.46 25.05
C LYS VB 83 63.34 0.29 25.54
N LEU VB 84 62.59 1.38 25.68
CA LEU VB 84 61.23 1.27 26.19
C LEU VB 84 60.25 0.76 25.15
N SER VB 85 60.53 0.98 23.86
CA SER VB 85 59.58 0.54 22.84
C SER VB 85 59.65 -0.94 22.57
N LEU VB 86 60.64 -1.64 23.10
CA LEU VB 86 60.71 -3.09 22.97
C LEU VB 86 60.20 -3.78 24.23
N GLN VB 87 60.36 -3.15 25.39
CA GLN VB 87 59.84 -3.75 26.61
C GLN VB 87 58.33 -3.56 26.70
N LEU VB 88 57.81 -2.40 26.29
CA LEU VB 88 56.37 -2.24 26.34
C LEU VB 88 55.70 -2.93 25.15
N GLY VB 89 56.32 -2.85 23.99
CA GLY VB 89 55.81 -3.40 22.75
C GLY VB 89 55.18 -2.28 21.97
N LEU VB 90 55.96 -1.68 21.07
CA LEU VB 90 55.58 -0.46 20.37
C LEU VB 90 56.42 -0.37 19.11
N ILE VB 91 55.93 0.40 18.14
CA ILE VB 91 56.70 0.75 16.97
C ILE VB 91 56.59 2.24 16.76
N TRP VB 92 57.67 2.85 16.28
CA TRP VB 92 57.71 4.29 16.15
C TRP VB 92 58.43 4.69 14.86
N TYR VB 93 58.18 5.92 14.44
CA TYR VB 93 58.77 6.38 13.18
C TYR VB 93 58.88 7.89 13.21
N PHE VB 94 60.06 8.39 12.88
CA PHE VB 94 60.36 9.82 12.92
C PHE VB 94 60.61 10.30 11.50
N ASP VB 95 59.71 11.12 10.98
CA ASP VB 95 59.72 11.51 9.58
C ASP VB 95 60.38 12.86 9.34
N GLY VB 96 61.06 13.40 10.35
CA GLY VB 96 61.77 14.66 10.23
C GLY VB 96 61.10 15.80 10.96
N GLN VB 97 59.78 15.74 11.15
CA GLN VB 97 59.05 16.80 11.81
C GLN VB 97 58.28 16.35 13.04
N ALA VB 98 58.05 15.05 13.22
CA ALA VB 98 57.33 14.55 14.37
C ALA VB 98 57.76 13.12 14.64
N ILE VB 99 57.35 12.58 15.78
CA ILE VB 99 57.63 11.20 16.14
C ILE VB 99 56.29 10.53 16.34
N TYR VB 100 55.95 9.60 15.45
CA TYR VB 100 54.69 8.86 15.58
C TYR VB 100 54.94 7.57 16.33
N ILE VB 101 54.03 7.25 17.26
CA ILE VB 101 54.16 6.05 18.08
C ILE VB 101 52.88 5.25 18.00
N TYR VB 102 52.98 4.00 17.57
CA TYR VB 102 51.90 3.04 17.54
C TYR VB 102 52.28 1.88 18.43
N ASP VB 103 51.36 0.94 18.60
CA ASP VB 103 51.69 -0.34 19.21
C ASP VB 103 51.87 -1.38 18.12
N ALA VB 104 52.37 -2.55 18.53
CA ALA VB 104 52.87 -3.54 17.58
C ALA VB 104 51.77 -4.19 16.75
N SER VB 105 50.52 -4.18 17.19
CA SER VB 105 49.46 -4.84 16.45
C SER VB 105 48.79 -3.93 15.44
N GLU VB 106 49.50 -2.91 14.96
CA GLU VB 106 49.00 -2.03 13.92
C GLU VB 106 49.97 -1.95 12.73
N MET VB 107 50.97 -2.82 12.69
CA MET VB 107 51.90 -2.84 11.59
C MET VB 107 51.24 -3.47 10.37
N ARG VB 108 51.32 -2.80 9.23
CA ARG VB 108 50.66 -3.28 8.02
C ARG VB 108 51.69 -3.50 6.93
N ASN VB 109 51.27 -4.22 5.90
CA ASN VB 109 52.16 -4.67 4.83
C ASN VB 109 51.69 -4.13 3.50
N ALA VB 110 52.60 -4.13 2.52
CA ALA VB 110 52.26 -3.75 1.17
C ALA VB 110 53.27 -4.37 0.22
N VAL VB 111 52.76 -4.92 -0.87
CA VAL VB 111 53.59 -5.48 -1.93
C VAL VB 111 53.25 -4.73 -3.21
N VAL VB 112 54.09 -3.78 -3.58
CA VAL VB 112 53.84 -2.94 -4.73
C VAL VB 112 54.86 -3.24 -5.82
N SER VB 113 54.43 -2.99 -7.06
CA SER VB 113 55.19 -3.27 -8.26
C SER VB 113 55.24 -2.00 -9.09
N LEU VB 114 56.46 -1.61 -9.48
CA LEU VB 114 56.68 -0.41 -10.25
C LEU VB 114 56.73 -0.73 -11.72
N ARG VB 115 56.17 0.17 -12.54
CA ARG VB 115 56.10 -0.08 -13.97
C ARG VB 115 57.46 0.18 -14.61
N ASN VB 116 57.95 1.42 -14.51
CA ASN VB 116 59.14 1.83 -15.24
C ASN VB 116 60.21 2.47 -14.37
N VAL VB 117 60.11 2.37 -13.05
CA VAL VB 117 61.12 2.91 -12.15
C VAL VB 117 61.74 1.75 -11.39
N SER VB 118 63.06 1.68 -11.36
CA SER VB 118 63.69 0.60 -10.62
C SER VB 118 63.66 0.86 -9.12
N LEU VB 119 64.02 -0.19 -8.37
CA LEU VB 119 64.13 -0.05 -6.92
C LEU VB 119 65.34 0.78 -6.55
N ASN VB 120 66.39 0.77 -7.38
CA ASN VB 120 67.55 1.60 -7.10
C ASN VB 120 67.20 3.08 -7.26
N GLU VB 121 66.34 3.39 -8.24
CA GLU VB 121 65.93 4.77 -8.45
C GLU VB 121 64.96 5.22 -7.37
N PHE VB 122 64.21 4.29 -6.78
CA PHE VB 122 63.30 4.73 -5.73
C PHE VB 122 64.04 4.83 -4.39
N ASN VB 123 65.00 3.94 -4.19
CA ASN VB 123 65.75 3.90 -2.94
C ASN VB 123 66.78 5.01 -2.86
N ASN VB 124 67.21 5.57 -4.00
CA ASN VB 124 68.01 6.78 -3.87
C ASN VB 124 67.16 8.01 -3.65
N PHE VB 125 65.87 7.95 -4.00
CA PHE VB 125 64.97 9.06 -3.73
C PHE VB 125 64.65 9.12 -2.24
N LEU VB 126 64.51 7.96 -1.62
CA LEU VB 126 64.27 7.97 -0.17
C LEU VB 126 65.53 8.32 0.59
N LYS VB 127 66.70 8.16 -0.03
CA LYS VB 127 67.94 8.47 0.64
C LYS VB 127 68.16 9.98 0.62
N ARG VB 128 67.98 10.61 -0.55
CA ARG VB 128 68.27 12.03 -0.62
C ARG VB 128 67.13 12.88 -0.07
N SER VB 129 65.92 12.34 0.05
CA SER VB 129 64.83 13.15 0.60
C SER VB 129 64.82 13.18 2.12
N GLY VB 130 65.38 12.17 2.78
CA GLY VB 130 65.39 12.13 4.22
C GLY VB 130 64.31 11.27 4.82
N LEU VB 131 63.76 10.32 4.07
CA LEU VB 131 62.73 9.41 4.55
C LEU VB 131 63.23 7.98 4.61
N TYR VB 132 64.53 7.78 4.48
CA TYR VB 132 65.10 6.44 4.54
C TYR VB 132 65.20 5.99 5.99
N ASN VB 133 64.63 4.83 6.28
CA ASN VB 133 64.62 4.27 7.62
C ASN VB 133 65.26 2.90 7.58
N LYS VB 134 66.37 2.76 8.30
CA LYS VB 134 67.13 1.52 8.27
C LYS VB 134 66.47 0.41 9.07
N ASN VB 135 65.54 0.76 9.97
CA ASN VB 135 64.87 -0.26 10.75
C ASN VB 135 63.80 -1.00 9.95
N TYR VB 136 63.13 -0.31 9.03
CA TYR VB 136 62.13 -0.90 8.15
C TYR VB 136 62.50 -0.62 6.70
N PRO VB 137 63.45 -1.35 6.14
CA PRO VB 137 63.85 -1.13 4.76
C PRO VB 137 62.91 -1.83 3.79
N LEU VB 138 63.23 -1.74 2.52
CA LEU VB 138 62.45 -2.35 1.44
C LEU VB 138 63.10 -3.66 1.04
N ARG VB 139 62.33 -4.72 1.03
CA ARG VB 139 62.82 -6.05 0.66
C ARG VB 139 62.51 -6.30 -0.81
N GLY VB 140 63.55 -6.47 -1.62
CA GLY VB 140 63.34 -6.72 -3.04
C GLY VB 140 64.67 -6.85 -3.76
N ASP VB 141 64.55 -7.21 -5.04
CA ASP VB 141 65.69 -7.32 -5.92
C ASP VB 141 66.24 -5.93 -6.23
N ASN VB 142 67.52 -5.87 -6.60
CA ASN VB 142 68.22 -4.59 -6.64
C ASN VB 142 67.78 -3.75 -7.83
N ARG VB 143 67.57 -4.36 -9.00
CA ARG VB 143 67.01 -3.64 -10.15
C ARG VB 143 65.85 -4.48 -10.72
N LYS VB 144 64.68 -4.29 -10.14
CA LYS VB 144 63.49 -4.98 -10.58
C LYS VB 144 62.30 -4.05 -10.34
N GLY VB 145 61.10 -4.61 -10.41
CA GLY VB 145 59.92 -3.81 -10.23
C GLY VB 145 59.22 -3.98 -8.89
N THR VB 146 59.12 -5.20 -8.41
CA THR VB 146 58.32 -5.50 -7.23
C THR VB 146 59.15 -5.50 -5.97
N PHE VB 147 58.53 -5.10 -4.86
CA PHE VB 147 59.17 -5.19 -3.56
C PHE VB 147 58.10 -5.30 -2.48
N TYR VB 148 58.56 -5.38 -1.24
CA TYR VB 148 57.70 -5.65 -0.10
C TYR VB 148 58.09 -4.71 1.03
N VAL VB 149 57.12 -3.97 1.56
CA VAL VB 149 57.37 -2.97 2.60
C VAL VB 149 56.46 -3.27 3.79
N SER VB 150 56.99 -3.07 4.99
CA SER VB 150 56.21 -3.25 6.21
C SER VB 150 56.73 -2.33 7.28
N GLY VB 151 55.83 -1.62 7.95
CA GLY VB 151 56.21 -0.71 9.00
C GLY VB 151 55.00 -0.08 9.64
N PRO VB 152 55.17 1.11 10.20
CA PRO VB 152 54.04 1.85 10.75
C PRO VB 152 53.09 2.29 9.65
N PRO VB 153 51.82 2.55 9.98
CA PRO VB 153 50.84 2.94 8.96
C PRO VB 153 51.08 4.30 8.34
N VAL VB 154 51.95 5.13 8.91
CA VAL VB 154 52.28 6.40 8.28
C VAL VB 154 53.49 6.26 7.36
N TYR VB 155 54.29 5.22 7.53
CA TYR VB 155 55.40 4.98 6.63
C TYR VB 155 54.99 4.16 5.42
N VAL VB 156 54.05 3.23 5.62
CA VAL VB 156 53.57 2.43 4.50
C VAL VB 156 52.72 3.27 3.56
N ASP VB 157 51.89 4.16 4.13
CA ASP VB 157 51.04 5.00 3.31
C ASP VB 157 51.84 6.06 2.56
N MET VB 158 53.05 6.34 3.01
CA MET VB 158 53.91 7.25 2.27
C MET VB 158 54.64 6.54 1.14
N VAL VB 159 55.11 5.32 1.41
CA VAL VB 159 55.87 4.59 0.39
C VAL VB 159 54.96 4.17 -0.77
N VAL VB 160 53.73 3.75 -0.47
CA VAL VB 160 52.82 3.30 -1.52
C VAL VB 160 52.40 4.48 -2.39
N ASN VB 161 52.01 5.59 -1.75
CA ASN VB 161 51.51 6.74 -2.48
C ASN VB 161 52.63 7.48 -3.21
N ALA VB 162 53.88 7.36 -2.75
CA ALA VB 162 54.97 7.98 -3.48
C ALA VB 162 55.63 7.01 -4.43
N ALA VB 163 55.12 5.78 -4.52
CA ALA VB 163 55.57 4.83 -5.52
C ALA VB 163 54.64 4.80 -6.71
N THR VB 164 53.34 4.92 -6.48
CA THR VB 164 52.42 4.98 -7.62
C THR VB 164 52.35 6.36 -8.27
N MET VB 165 53.02 7.37 -7.71
CA MET VB 165 53.06 8.69 -8.32
C MET VB 165 54.38 9.04 -8.99
N MET VB 166 55.35 8.12 -9.01
CA MET VB 166 56.50 8.28 -9.90
C MET VB 166 56.36 7.47 -11.17
N ASP VB 167 55.39 6.56 -11.22
CA ASP VB 167 55.15 5.79 -12.43
C ASP VB 167 54.35 6.59 -13.44
N LYS VB 168 53.37 7.36 -12.97
CA LYS VB 168 52.65 8.24 -13.88
C LYS VB 168 53.51 9.41 -14.29
N GLN VB 169 54.50 9.78 -13.47
CA GLN VB 169 55.40 10.86 -13.84
C GLN VB 169 56.38 10.42 -14.92
N ASN VB 170 57.07 9.31 -14.70
CA ASN VB 170 58.03 8.86 -15.72
C ASN VB 170 57.33 8.10 -16.84
N LEU VB 175 51.08 16.07 -26.40
CA LEU VB 175 51.07 16.22 -27.85
C LEU VB 175 52.45 16.59 -28.38
N GLY VB 176 52.64 16.44 -29.69
CA GLY VB 176 53.90 16.76 -30.32
C GLY VB 176 53.79 17.86 -31.35
N ARG VB 177 54.65 18.87 -31.24
CA ARG VB 177 54.66 19.96 -32.20
C ARG VB 177 55.27 19.50 -33.52
N GLN VB 178 54.75 20.04 -34.61
CA GLN VB 178 55.32 19.75 -35.92
C GLN VB 178 56.63 20.49 -36.10
N LYS VB 179 57.45 19.99 -37.03
CA LYS VB 179 58.79 20.50 -37.25
C LYS VB 179 59.20 20.19 -38.67
N ILE VB 180 59.82 21.15 -39.35
CA ILE VB 180 60.28 20.99 -40.72
C ILE VB 180 61.80 20.91 -40.71
N GLY VB 181 62.33 19.82 -41.28
CA GLY VB 181 63.77 19.62 -41.38
C GLY VB 181 64.22 19.65 -42.82
N VAL VB 182 65.41 20.20 -43.05
CA VAL VB 182 66.01 20.30 -44.38
C VAL VB 182 67.29 19.48 -44.35
N MET VB 183 67.37 18.48 -45.23
CA MET VB 183 68.49 17.54 -45.27
C MET VB 183 69.16 17.62 -46.63
N ARG VB 184 70.34 18.22 -46.68
CA ARG VB 184 71.07 18.32 -47.94
C ARG VB 184 71.80 17.02 -48.25
N LEU VB 185 71.72 16.60 -49.50
CA LEU VB 185 72.36 15.37 -49.96
C LEU VB 185 73.66 15.73 -50.67
N ASN VB 186 74.75 15.08 -50.27
CA ASN VB 186 76.07 15.42 -50.79
C ASN VB 186 76.56 14.46 -51.87
N ASN VB 187 76.04 13.24 -51.94
CA ASN VB 187 76.60 12.23 -52.83
C ASN VB 187 75.57 11.59 -53.75
N THR VB 188 74.41 12.23 -53.92
CA THR VB 188 73.39 11.68 -54.82
C THR VB 188 72.50 12.81 -55.31
N PHE VB 189 71.56 12.46 -56.19
CA PHE VB 189 70.64 13.39 -56.81
C PHE VB 189 69.21 13.11 -56.34
N VAL VB 190 68.48 14.17 -56.00
CA VAL VB 190 67.03 14.08 -55.87
C VAL VB 190 66.42 14.17 -57.27
N GLY VB 191 65.30 13.51 -57.47
CA GLY VB 191 64.61 13.58 -58.74
C GLY VB 191 65.03 12.46 -59.68
N ASP VB 192 64.19 12.24 -60.67
CA ASP VB 192 64.34 11.11 -61.58
C ASP VB 192 65.31 11.42 -62.70
N ARG VB 193 65.91 10.37 -63.24
CA ARG VB 193 66.80 10.46 -64.38
C ARG VB 193 66.14 9.79 -65.59
N THR VB 194 66.28 10.40 -66.75
CA THR VB 194 65.62 9.93 -67.97
C THR VB 194 66.64 9.76 -69.09
N TYR VB 195 66.51 8.68 -69.85
CA TYR VB 195 67.30 8.44 -71.05
C TYR VB 195 66.44 7.70 -72.06
N ASN VB 196 67.00 7.47 -73.25
CA ASN VB 196 66.23 6.89 -74.35
C ASN VB 196 67.01 5.76 -75.01
N LEU VB 197 66.28 4.74 -75.49
CA LEU VB 197 66.85 3.73 -76.38
C LEU VB 197 66.08 3.81 -77.70
N ARG VB 198 66.41 4.82 -78.50
CA ARG VB 198 66.06 5.03 -79.91
C ARG VB 198 64.58 5.27 -80.20
N ASP VB 199 63.67 4.87 -79.31
CA ASP VB 199 62.28 5.27 -79.43
C ASP VB 199 61.59 5.45 -78.09
N GLN VB 200 62.08 4.76 -77.06
CA GLN VB 200 61.37 4.61 -75.81
C GLN VB 200 62.12 5.29 -74.68
N LYS VB 201 61.37 5.79 -73.70
CA LYS VB 201 61.92 6.54 -72.59
C LYS VB 201 61.93 5.66 -71.35
N MET VB 202 63.05 5.67 -70.64
CA MET VB 202 63.19 4.97 -69.37
C MET VB 202 63.36 5.98 -68.24
N VAL VB 203 62.61 5.79 -67.16
CA VAL VB 203 62.63 6.69 -66.01
C VAL VB 203 63.05 5.89 -64.79
N ILE VB 204 64.06 6.37 -64.09
CA ILE VB 204 64.58 5.72 -62.89
C ILE VB 204 64.14 6.56 -61.69
N PRO VB 205 63.49 5.97 -60.69
CA PRO VB 205 63.05 6.75 -59.53
C PRO VB 205 64.21 7.12 -58.62
N GLY VB 206 64.19 8.36 -58.14
CA GLY VB 206 65.23 8.90 -57.30
C GLY VB 206 65.03 8.56 -55.84
N ILE VB 207 65.68 9.34 -54.98
CA ILE VB 207 65.57 9.11 -53.56
C ILE VB 207 64.28 9.70 -53.00
N ALA VB 208 63.67 10.67 -53.67
CA ALA VB 208 62.48 11.29 -53.14
C ALA VB 208 61.20 10.56 -53.52
N THR VB 209 61.29 9.63 -54.47
CA THR VB 209 60.15 8.79 -54.83
C THR VB 209 60.20 7.46 -54.08
N ALA VB 210 61.37 7.02 -53.66
CA ALA VB 210 61.50 5.76 -52.94
C ALA VB 210 61.02 5.89 -51.51
N ILE VB 211 61.35 6.99 -50.82
CA ILE VB 211 60.90 7.15 -49.45
C ILE VB 211 59.45 7.62 -49.40
N GLU VB 212 58.96 8.25 -50.47
CA GLU VB 212 57.56 8.68 -50.50
C GLU VB 212 56.63 7.48 -50.65
N ARG VB 213 57.05 6.46 -51.40
CA ARG VB 213 56.26 5.25 -51.51
C ARG VB 213 56.41 4.35 -50.29
N LEU VB 214 57.46 4.54 -49.50
CA LEU VB 214 57.63 3.73 -48.31
C LEU VB 214 56.69 4.17 -47.20
N LEU VB 215 56.38 5.47 -47.15
CA LEU VB 215 55.53 6.05 -46.12
C LEU VB 215 54.12 6.31 -46.62
N GLN VB 216 53.71 5.60 -47.66
CA GLN VB 216 52.41 5.79 -48.26
C GLN VB 216 51.37 4.93 -47.54
N GLY VB 217 50.19 5.50 -47.31
CA GLY VB 217 49.20 4.85 -46.47
C GLY VB 217 49.68 4.83 -45.04
N GLU VB 218 50.04 3.64 -44.56
CA GLU VB 218 50.89 3.43 -43.39
C GLU VB 218 50.30 4.02 -42.10
N GLU VB 219 49.18 3.46 -41.67
CA GLU VB 219 48.63 3.81 -40.37
C GLU VB 219 49.38 3.07 -39.27
N GLN VB 220 50.62 3.49 -38.98
CA GLN VB 220 51.51 2.78 -38.11
C GLN VB 220 52.13 3.72 -37.08
N PRO VB 221 52.25 3.29 -35.82
CA PRO VB 221 52.78 4.18 -34.76
C PRO VB 221 54.28 4.40 -34.83
N LEU VB 222 54.72 5.26 -35.74
CA LEU VB 222 56.15 5.54 -35.87
C LEU VB 222 56.58 6.60 -34.85
N GLY VB 223 57.67 6.31 -34.16
CA GLY VB 223 58.24 7.25 -33.20
C GLY VB 223 59.75 7.31 -33.29
N ALA VB 262 52.98 10.57 -33.48
CA ALA VB 262 51.71 10.31 -34.16
C ALA VB 262 51.80 9.02 -34.99
N ALA VB 263 51.35 9.08 -36.24
CA ALA VB 263 51.34 7.93 -37.12
C ALA VB 263 52.46 8.04 -38.13
N ALA VB 264 52.63 6.97 -38.92
CA ALA VB 264 53.63 7.01 -40.00
C ALA VB 264 53.04 7.55 -41.29
N GLY VB 265 51.72 7.75 -41.33
CA GLY VB 265 51.03 8.18 -42.51
C GLY VB 265 50.86 9.67 -42.68
N ASN VB 266 51.25 10.48 -41.68
CA ASN VB 266 51.15 11.92 -41.79
C ASN VB 266 52.49 12.59 -42.00
N ILE VB 267 53.53 11.84 -42.40
CA ILE VB 267 54.80 12.44 -42.74
C ILE VB 267 54.78 12.84 -44.21
N LYS VB 268 55.15 14.09 -44.49
CA LYS VB 268 55.20 14.61 -45.85
C LYS VB 268 56.65 14.79 -46.26
N ILE VB 269 57.00 14.27 -47.43
CA ILE VB 269 58.36 14.37 -47.98
C ILE VB 269 58.25 14.97 -49.37
N VAL VB 270 58.91 16.11 -49.57
CA VAL VB 270 58.84 16.86 -50.81
C VAL VB 270 60.26 17.18 -51.26
N ALA VB 271 60.57 16.85 -52.51
CA ALA VB 271 61.88 17.13 -53.09
C ALA VB 271 62.00 18.60 -53.42
N TYR VB 272 63.13 19.19 -53.04
CA TYR VB 272 63.44 20.57 -53.41
C TYR VB 272 64.72 20.57 -54.24
N PRO VB 273 64.63 20.53 -55.57
CA PRO VB 273 65.85 20.34 -56.38
C PRO VB 273 66.72 21.58 -56.51
N ASP VB 274 66.25 22.73 -56.04
CA ASP VB 274 66.99 23.97 -56.28
C ASP VB 274 68.21 24.07 -55.38
N THR VB 275 68.22 23.36 -54.25
CA THR VB 275 69.41 23.24 -53.43
C THR VB 275 69.77 21.79 -53.14
N ASN VB 276 69.14 20.84 -53.84
CA ASN VB 276 69.40 19.40 -53.75
C ASN VB 276 69.23 18.89 -52.33
N SER VB 277 68.00 18.98 -51.83
CA SER VB 277 67.72 18.65 -50.45
C SER VB 277 66.27 18.21 -50.31
N LEU VB 278 66.01 17.41 -49.28
CA LEU VB 278 64.69 16.92 -48.95
C LEU VB 278 64.03 17.82 -47.91
N LEU VB 279 62.71 17.87 -47.95
CA LEU VB 279 61.92 18.62 -46.97
C LEU VB 279 60.98 17.63 -46.28
N VAL VB 280 61.22 17.40 -44.99
CA VAL VB 280 60.43 16.46 -44.20
C VAL VB 280 59.66 17.25 -43.16
N LYS VB 281 58.35 16.98 -43.06
CA LYS VB 281 57.48 17.63 -42.09
C LYS VB 281 56.86 16.57 -41.20
N GLY VB 282 57.14 16.65 -39.90
CA GLY VB 282 56.57 15.71 -38.96
C GLY VB 282 56.86 16.18 -37.55
N THR VB 283 56.74 15.24 -36.61
CA THR VB 283 57.08 15.55 -35.22
C THR VB 283 58.59 15.60 -35.05
N ALA VB 284 59.03 15.90 -33.84
CA ALA VB 284 60.45 15.99 -33.57
C ALA VB 284 61.13 14.63 -33.51
N GLU VB 285 60.35 13.55 -33.40
CA GLU VB 285 60.92 12.21 -33.39
C GLU VB 285 60.87 11.54 -34.76
N GLN VB 286 59.94 11.94 -35.62
CA GLN VB 286 59.90 11.40 -36.96
C GLN VB 286 60.89 12.08 -37.89
N VAL VB 287 61.23 13.35 -37.63
CA VAL VB 287 62.21 14.04 -38.44
C VAL VB 287 63.60 13.47 -38.19
N HIS VB 288 63.92 13.17 -36.92
CA HIS VB 288 65.17 12.49 -36.60
C HIS VB 288 65.20 11.06 -37.10
N PHE VB 289 64.03 10.46 -37.35
CA PHE VB 289 63.98 9.08 -37.82
C PHE VB 289 64.31 8.98 -39.30
N ILE VB 290 63.93 9.99 -40.09
CA ILE VB 290 64.26 9.99 -41.51
C ILE VB 290 65.68 10.50 -41.74
N GLU VB 291 66.19 11.34 -40.83
CA GLU VB 291 67.54 11.86 -40.98
C GLU VB 291 68.59 10.77 -40.78
N MET VB 292 68.28 9.75 -39.98
CA MET VB 292 69.21 8.62 -39.83
C MET VB 292 69.12 7.64 -40.98
N LEU VB 293 68.01 7.61 -41.70
CA LEU VB 293 67.89 6.75 -42.88
C LEU VB 293 68.62 7.36 -44.07
N VAL VB 294 68.55 8.67 -44.20
CA VAL VB 294 69.15 9.37 -45.34
C VAL VB 294 70.67 9.27 -45.30
N LYS VB 295 71.27 9.36 -44.12
CA LYS VB 295 72.72 9.25 -44.00
C LYS VB 295 73.25 7.83 -44.23
N ALA VB 296 72.37 6.84 -44.34
CA ALA VB 296 72.79 5.49 -44.71
C ALA VB 296 72.64 5.22 -46.20
N LEU VB 297 71.79 5.98 -46.88
CA LEU VB 297 71.62 5.87 -48.33
C LEU VB 297 72.48 6.85 -49.10
N ASP VB 298 73.31 7.64 -48.42
CA ASP VB 298 74.08 8.71 -49.06
C ASP VB 298 75.56 8.37 -48.96
N VAL VB 299 76.04 7.61 -49.95
CA VAL VB 299 77.44 7.19 -50.00
C VAL VB 299 78.02 7.56 -51.36
N ALA VB 300 79.34 7.71 -51.38
CA ALA VB 300 80.04 8.04 -52.61
C ALA VB 300 80.25 6.81 -53.47
N LYS VB 301 80.16 7.00 -54.79
CA LYS VB 301 80.22 5.91 -55.74
C LYS VB 301 81.59 5.79 -56.38
N ARG VB 302 81.81 4.67 -57.05
CA ARG VB 302 83.05 4.38 -57.75
C ARG VB 302 82.79 4.32 -59.24
N HIS VB 303 83.85 4.52 -60.02
CA HIS VB 303 83.75 4.62 -61.47
C HIS VB 303 84.17 3.32 -62.12
N VAL VB 304 83.40 2.91 -63.14
CA VAL VB 304 83.70 1.73 -63.94
C VAL VB 304 83.85 2.17 -65.39
N GLU VB 305 84.93 1.75 -66.04
CA GLU VB 305 85.13 1.98 -67.46
C GLU VB 305 85.04 0.65 -68.18
N LEU VB 306 84.10 0.54 -69.12
CA LEU VB 306 83.82 -0.70 -69.82
C LEU VB 306 84.36 -0.62 -71.24
N SER VB 307 85.19 -1.59 -71.61
CA SER VB 307 85.78 -1.67 -72.94
C SER VB 307 85.36 -2.96 -73.60
N LEU VB 308 84.80 -2.88 -74.80
CA LEU VB 308 84.27 -4.01 -75.53
C LEU VB 308 85.03 -4.17 -76.84
N TRP VB 309 85.52 -5.37 -77.11
CA TRP VB 309 86.27 -5.66 -78.33
C TRP VB 309 85.40 -6.45 -79.28
N ILE VB 310 85.39 -6.06 -80.55
CA ILE VB 310 84.68 -6.75 -81.62
C ILE VB 310 85.70 -7.08 -82.69
N VAL VB 311 86.14 -8.33 -82.77
CA VAL VB 311 87.15 -8.77 -83.71
C VAL VB 311 86.46 -9.54 -84.83
N ASP VB 312 86.82 -9.24 -86.07
CA ASP VB 312 86.17 -9.82 -87.24
C ASP VB 312 87.22 -10.14 -88.27
N LEU VB 313 87.34 -11.42 -88.61
CA LEU VB 313 88.33 -11.87 -89.59
C LEU VB 313 87.63 -12.61 -90.72
N ASN VB 314 88.27 -12.58 -91.90
CA ASN VB 314 87.76 -13.27 -93.07
C ASN VB 314 88.93 -13.88 -93.83
N LYS VB 315 88.59 -14.75 -94.77
CA LYS VB 315 89.53 -15.43 -95.66
C LYS VB 315 88.71 -16.07 -96.76
N SER VB 316 89.31 -16.20 -97.95
CA SER VB 316 88.57 -16.75 -99.06
C SER VB 316 89.53 -17.36 -100.08
N ASP VB 317 88.95 -18.06 -101.05
CA ASP VB 317 89.69 -18.72 -102.11
C ASP VB 317 88.68 -19.06 -103.20
N LEU VB 318 89.11 -19.03 -104.46
CA LEU VB 318 88.21 -19.26 -105.59
C LEU VB 318 89.03 -19.57 -106.83
N GLU VB 319 88.56 -20.50 -107.65
CA GLU VB 319 89.22 -20.85 -108.89
C GLU VB 319 88.22 -21.47 -109.84
N ARG VB 320 88.03 -20.86 -111.02
CA ARG VB 320 87.23 -21.43 -112.09
C ARG VB 320 88.09 -21.60 -113.34
N LEU VB 321 87.92 -22.72 -114.04
CA LEU VB 321 88.69 -22.98 -115.25
C LEU VB 321 87.95 -23.99 -116.10
N GLY VB 322 87.46 -23.57 -117.25
CA GLY VB 322 86.80 -24.47 -118.17
C GLY VB 322 85.80 -23.75 -119.03
N THR VB 323 85.21 -24.50 -119.96
CA THR VB 323 84.25 -23.99 -120.92
C THR VB 323 82.89 -24.65 -120.71
N SER VB 324 81.89 -24.12 -121.42
CA SER VB 324 80.52 -24.63 -121.32
C SER VB 324 79.78 -24.26 -122.59
N TRP VB 325 79.38 -25.27 -123.37
CA TRP VB 325 78.78 -25.07 -124.68
C TRP VB 325 77.27 -25.05 -124.58
N SER VB 326 76.64 -24.04 -125.18
CA SER VB 326 75.18 -23.91 -125.17
C SER VB 326 74.78 -22.99 -126.33
N GLY VB 327 74.13 -23.54 -127.35
CA GLY VB 327 73.74 -22.74 -128.49
C GLY VB 327 72.79 -23.48 -129.41
N SER VB 328 72.34 -22.76 -130.43
CA SER VB 328 71.44 -23.30 -131.45
C SER VB 328 72.05 -23.10 -132.84
N ILE VB 329 71.44 -23.76 -133.82
CA ILE VB 329 71.93 -23.73 -135.20
C ILE VB 329 70.73 -23.94 -136.12
N THR VB 330 70.89 -23.64 -137.41
CA THR VB 330 69.88 -23.89 -138.42
C THR VB 330 70.55 -24.50 -139.64
N ILE VB 331 70.10 -25.67 -140.05
CA ILE VB 331 70.75 -26.46 -141.09
C ILE VB 331 69.77 -26.56 -142.26
N GLY VB 332 69.93 -25.67 -143.25
CA GLY VB 332 69.24 -25.80 -144.52
C GLY VB 332 67.73 -25.65 -144.47
N ASP VB 333 67.22 -24.80 -143.56
CA ASP VB 333 65.81 -24.38 -143.38
C ASP VB 333 64.79 -25.54 -143.39
N LYS VB 334 65.25 -26.74 -143.00
CA LYS VB 334 64.37 -27.89 -142.86
C LYS VB 334 64.60 -28.67 -141.57
N LEU VB 335 65.76 -28.55 -140.95
CA LEU VB 335 66.00 -29.18 -139.65
C LEU VB 335 67.00 -28.34 -138.88
N GLY VB 336 66.78 -28.26 -137.57
CA GLY VB 336 67.65 -27.48 -136.71
C GLY VB 336 68.07 -28.30 -135.51
N VAL VB 337 69.26 -27.99 -134.99
CA VAL VB 337 69.85 -28.71 -133.88
C VAL VB 337 70.10 -27.74 -132.74
N SER VB 338 69.57 -28.07 -131.56
CA SER VB 338 69.86 -27.33 -130.35
C SER VB 338 70.88 -28.08 -129.52
N LEU VB 339 71.37 -27.43 -128.46
CA LEU VB 339 72.35 -28.04 -127.56
C LEU VB 339 72.24 -27.39 -126.20
N ASN VB 340 71.81 -28.18 -125.21
CA ASN VB 340 71.75 -27.80 -123.79
C ASN VB 340 70.90 -26.56 -123.55
N GLN VB 341 69.73 -26.51 -124.18
CA GLN VB 341 68.83 -25.38 -124.07
C GLN VB 341 67.41 -25.84 -123.80
N SER VB 342 66.55 -24.88 -123.52
CA SER VB 342 65.12 -25.13 -123.34
C SER VB 342 64.29 -24.41 -124.41
N SER VB 343 64.59 -23.15 -124.67
CA SER VB 343 63.92 -22.36 -125.70
C SER VB 343 64.84 -22.26 -126.92
N ILE VB 344 64.28 -22.56 -128.09
CA ILE VB 344 65.06 -22.65 -129.32
C ILE VB 344 64.55 -21.60 -130.30
N SER VB 345 63.26 -21.26 -130.18
CA SER VB 345 62.61 -20.41 -131.19
C SER VB 345 63.09 -18.97 -131.10
N THR VB 346 63.18 -18.42 -129.90
CA THR VB 346 63.67 -17.05 -129.73
C THR VB 346 65.18 -16.95 -129.86
N LEU VB 347 65.90 -18.06 -129.85
CA LEU VB 347 67.33 -18.10 -130.17
C LEU VB 347 67.60 -18.83 -131.46
N ASP VB 348 66.68 -18.74 -132.43
CA ASP VB 348 66.85 -19.47 -133.69
C ASP VB 348 67.85 -18.79 -134.62
N GLY VB 349 67.90 -17.46 -134.63
CA GLY VB 349 68.86 -16.74 -135.44
C GLY VB 349 70.24 -16.60 -134.86
N SER VB 350 70.49 -17.16 -133.68
CA SER VB 350 71.77 -17.06 -133.02
C SER VB 350 72.66 -18.23 -133.40
N ARG VB 351 73.75 -18.40 -132.67
CA ARG VB 351 74.76 -19.42 -132.98
C ARG VB 351 75.19 -20.17 -131.73
N PHE VB 352 76.22 -20.99 -131.84
CA PHE VB 352 76.77 -21.68 -130.68
C PHE VB 352 77.57 -20.71 -129.82
N ILE VB 353 77.49 -20.88 -128.51
CA ILE VB 353 78.20 -20.05 -127.54
C ILE VB 353 79.09 -20.96 -126.70
N ALA VB 354 80.38 -20.61 -126.63
CA ALA VB 354 81.35 -21.36 -125.82
C ALA VB 354 81.82 -20.42 -124.72
N ALA VB 355 81.11 -20.40 -123.61
CA ALA VB 355 81.43 -19.50 -122.50
C ALA VB 355 82.63 -20.05 -121.74
N VAL VB 356 83.74 -19.30 -121.77
CA VAL VB 356 84.99 -19.68 -121.13
C VAL VB 356 85.12 -18.89 -119.83
N ASN VB 357 85.60 -19.55 -118.78
CA ASN VB 357 85.86 -18.90 -117.50
C ASN VB 357 87.29 -19.20 -117.07
N ALA VB 358 87.98 -18.17 -116.57
CA ALA VB 358 89.32 -18.33 -116.04
C ALA VB 358 89.52 -17.29 -114.96
N LEU VB 359 89.78 -17.73 -113.73
CA LEU VB 359 89.88 -16.85 -112.59
C LEU VB 359 90.59 -17.60 -111.46
N GLU VB 360 91.27 -16.84 -110.61
CA GLU VB 360 91.96 -17.40 -109.45
C GLU VB 360 92.11 -16.28 -108.43
N GLU VB 361 91.34 -16.35 -107.34
CA GLU VB 361 91.19 -15.21 -106.44
C GLU VB 361 91.57 -15.60 -105.02
N LYS VB 362 92.28 -14.71 -104.34
CA LYS VB 362 92.53 -14.79 -102.92
C LYS VB 362 91.96 -13.54 -102.24
N LYS VB 363 91.76 -13.64 -100.93
CA LYS VB 363 91.14 -12.54 -100.19
C LYS VB 363 91.46 -12.68 -98.72
N GLN VB 364 91.43 -11.54 -98.02
CA GLN VB 364 91.67 -11.48 -96.58
C GLN VB 364 91.17 -10.13 -96.08
N ALA VB 365 90.58 -10.12 -94.89
CA ALA VB 365 90.03 -8.89 -94.33
C ALA VB 365 89.95 -9.01 -92.82
N THR VB 366 90.52 -8.02 -92.12
CA THR VB 366 90.46 -7.95 -90.66
C THR VB 366 89.83 -6.62 -90.26
N VAL VB 367 88.98 -6.66 -89.25
CA VAL VB 367 88.35 -5.45 -88.69
C VAL VB 367 88.32 -5.60 -87.18
N VAL VB 368 88.89 -4.63 -86.47
CA VAL VB 368 88.87 -4.60 -85.00
C VAL VB 368 88.27 -3.28 -84.57
N SER VB 369 87.09 -3.33 -83.95
CA SER VB 369 86.38 -2.15 -83.47
C SER VB 369 86.25 -2.23 -81.96
N ARG VB 370 86.19 -1.06 -81.30
CA ARG VB 370 86.23 -1.00 -79.84
C ARG VB 370 85.52 0.24 -79.33
N PRO VB 371 84.34 0.09 -78.71
CA PRO VB 371 83.73 1.22 -77.99
C PRO VB 371 84.10 1.23 -76.52
N VAL VB 372 84.27 2.43 -75.97
CA VAL VB 372 84.66 2.65 -74.58
C VAL VB 372 83.61 3.54 -73.93
N LEU VB 373 83.21 3.20 -72.70
CA LEU VB 373 82.17 3.95 -71.99
C LEU VB 373 82.51 3.99 -70.50
N LEU VB 374 82.22 5.12 -69.85
CA LEU VB 374 82.52 5.32 -68.45
C LEU VB 374 81.25 5.67 -67.68
N THR VB 375 81.04 5.00 -66.54
CA THR VB 375 79.88 5.24 -65.71
C THR VB 375 80.23 4.92 -64.26
N GLN VB 376 79.22 4.98 -63.40
CA GLN VB 376 79.37 4.74 -61.97
C GLN VB 376 78.70 3.42 -61.59
N GLU VB 377 78.76 3.08 -60.31
CA GLU VB 377 78.06 1.91 -59.81
C GLU VB 377 76.55 2.12 -59.89
N ASN VB 378 75.83 1.05 -60.27
CA ASN VB 378 74.38 0.96 -60.25
C ASN VB 378 73.69 2.04 -61.10
N VAL VB 379 74.37 2.52 -62.13
CA VAL VB 379 73.85 3.57 -62.99
C VAL VB 379 73.82 3.04 -64.41
N PRO VB 380 72.67 3.02 -65.09
CA PRO VB 380 72.63 2.56 -66.48
C PRO VB 380 73.21 3.62 -67.42
N ALA VB 381 74.05 3.18 -68.34
CA ALA VB 381 74.69 4.06 -69.30
C ALA VB 381 74.46 3.52 -70.70
N ILE VB 382 74.57 4.41 -71.69
CA ILE VB 382 74.33 4.08 -73.08
C ILE VB 382 75.41 4.70 -73.95
N PHE VB 383 76.04 3.87 -74.78
CA PHE VB 383 76.82 4.33 -75.92
C PHE VB 383 76.09 3.92 -77.19
N ASP VB 384 76.01 4.82 -78.16
CA ASP VB 384 75.25 4.58 -79.37
C ASP VB 384 75.94 5.25 -80.54
N ASN VB 385 76.11 4.51 -81.64
CA ASN VB 385 76.73 5.04 -82.86
C ASN VB 385 75.92 4.48 -84.03
N ASN VB 386 74.90 5.20 -84.46
CA ASN VB 386 73.93 4.66 -85.39
C ASN VB 386 73.89 5.45 -86.69
N ARG VB 387 72.96 5.06 -87.56
CA ARG VB 387 72.75 5.67 -88.87
C ARG VB 387 71.27 5.54 -89.21
N THR VB 388 70.67 6.64 -89.66
CA THR VB 388 69.23 6.70 -89.90
C THR VB 388 68.99 6.85 -91.38
N PHE VB 389 67.98 6.14 -91.89
CA PHE VB 389 67.63 6.12 -93.30
C PHE VB 389 66.18 6.55 -93.44
N TYR VB 390 65.95 7.72 -94.05
CA TYR VB 390 64.61 8.28 -94.16
C TYR VB 390 64.01 7.99 -95.52
N THR VB 391 62.73 7.62 -95.51
CA THR VB 391 62.02 7.28 -96.74
C THR VB 391 60.74 8.08 -96.82
N LYS VB 392 60.23 8.23 -98.05
CA LYS VB 392 59.06 9.07 -98.32
C LYS VB 392 57.90 8.17 -98.72
N LEU VB 393 57.05 7.83 -97.75
CA LEU VB 393 55.84 7.06 -97.99
C LEU VB 393 54.76 8.05 -98.43
N ILE VB 394 54.51 8.11 -99.74
CA ILE VB 394 53.60 9.12 -100.28
C ILE VB 394 52.17 8.61 -100.12
N GLY VB 395 51.60 8.86 -98.94
CA GLY VB 395 50.21 8.60 -98.67
C GLY VB 395 49.41 9.89 -98.78
N GLU VB 396 48.20 9.86 -98.25
CA GLU VB 396 47.35 11.04 -98.25
C GLU VB 396 46.94 11.52 -96.86
N ARG VB 397 46.77 10.61 -95.89
CA ARG VB 397 46.19 11.00 -94.61
C ARG VB 397 47.22 11.05 -93.50
N ASN VB 398 47.81 9.89 -93.22
CA ASN VB 398 48.77 9.75 -92.13
C ASN VB 398 50.13 9.72 -92.78
N VAL VB 399 50.45 10.79 -93.50
CA VAL VB 399 51.73 10.96 -94.17
C VAL VB 399 52.80 11.04 -93.09
N ALA VB 400 53.90 10.33 -93.30
CA ALA VB 400 54.89 10.20 -92.26
C ALA VB 400 56.25 9.97 -92.90
N LEU VB 401 57.28 10.38 -92.16
CA LEU VB 401 58.65 10.06 -92.50
C LEU VB 401 59.00 8.82 -91.69
N GLU VB 402 59.03 7.67 -92.34
CA GLU VB 402 59.40 6.43 -91.68
C GLU VB 402 60.90 6.24 -91.80
N HIS VB 403 61.50 5.62 -90.78
CA HIS VB 403 62.94 5.53 -90.72
C HIS VB 403 63.36 4.20 -90.11
N VAL VB 404 64.54 3.74 -90.53
CA VAL VB 404 65.20 2.59 -89.92
C VAL VB 404 66.50 3.07 -89.31
N THR VB 405 67.05 2.28 -88.39
CA THR VB 405 68.22 2.66 -87.63
C THR VB 405 69.08 1.44 -87.39
N TYR VB 406 70.38 1.58 -87.59
CA TYR VB 406 71.30 0.47 -87.37
C TYR VB 406 72.66 1.02 -86.95
N GLY VB 407 73.33 0.31 -86.05
CA GLY VB 407 74.65 0.72 -85.62
C GLY VB 407 75.03 0.04 -84.33
N THR VB 408 76.21 0.41 -83.83
CA THR VB 408 76.75 -0.16 -82.60
C THR VB 408 76.05 0.47 -81.40
N MET VB 409 75.77 -0.34 -80.39
CA MET VB 409 75.01 0.12 -79.23
C MET VB 409 75.29 -0.77 -78.04
N ILE VB 410 75.66 -0.17 -76.91
CA ILE VB 410 75.87 -0.88 -75.65
C ILE VB 410 74.99 -0.23 -74.58
N ARG VB 411 74.35 -1.06 -73.77
CA ARG VB 411 73.67 -0.60 -72.57
C ARG VB 411 74.07 -1.49 -71.42
N VAL VB 412 74.75 -0.93 -70.42
CA VAL VB 412 75.38 -1.70 -69.37
C VAL VB 412 74.91 -1.17 -68.02
N LEU VB 413 74.95 -2.03 -67.00
CA LEU VB 413 74.56 -1.69 -65.64
C LEU VB 413 75.57 -2.35 -64.70
N PRO VB 414 76.66 -1.67 -64.39
CA PRO VB 414 77.72 -2.31 -63.60
C PRO VB 414 77.41 -2.29 -62.12
N ARG VB 415 78.07 -3.20 -61.41
CA ARG VB 415 77.84 -3.41 -59.99
C ARG VB 415 79.00 -4.19 -59.40
N PHE VB 416 79.52 -3.72 -58.28
CA PHE VB 416 80.62 -4.40 -57.61
C PHE VB 416 80.09 -5.49 -56.68
N SER VB 417 80.72 -6.66 -56.72
CA SER VB 417 80.37 -7.75 -55.83
C SER VB 417 81.11 -7.60 -54.50
N ALA VB 418 81.03 -8.63 -53.66
CA ALA VB 418 81.67 -8.55 -52.35
C ALA VB 418 83.17 -8.84 -52.42
N ASP VB 419 83.63 -9.54 -53.44
CA ASP VB 419 85.02 -9.93 -53.58
C ASP VB 419 85.84 -8.92 -54.37
N GLY VB 420 85.19 -7.96 -55.03
CA GLY VB 420 85.88 -7.05 -55.90
C GLY VB 420 85.70 -7.31 -57.38
N GLN VB 421 84.82 -8.24 -57.75
CA GLN VB 421 84.52 -8.50 -59.15
C GLN VB 421 83.36 -7.62 -59.61
N ILE VB 422 83.28 -7.43 -60.91
CA ILE VB 422 82.32 -6.51 -61.51
C ILE VB 422 81.31 -7.31 -62.32
N GLU VB 423 80.06 -7.32 -61.88
CA GLU VB 423 78.99 -7.97 -62.62
C GLU VB 423 78.26 -6.96 -63.49
N MET VB 424 77.93 -7.36 -64.70
CA MET VB 424 77.35 -6.46 -65.69
C MET VB 424 76.13 -7.07 -66.32
N SER VB 425 75.16 -6.24 -66.68
CA SER VB 425 73.96 -6.66 -67.37
C SER VB 425 73.98 -6.04 -68.77
N LEU VB 426 74.33 -6.84 -69.77
CA LEU VB 426 74.71 -6.34 -71.08
C LEU VB 426 73.56 -6.40 -72.07
N ASP VB 427 73.58 -5.48 -73.04
CA ASP VB 427 72.66 -5.46 -74.17
C ASP VB 427 73.44 -4.90 -75.35
N ILE VB 428 74.02 -5.79 -76.16
CA ILE VB 428 74.95 -5.42 -77.22
C ILE VB 428 74.26 -5.58 -78.57
N GLU VB 429 74.41 -4.58 -79.44
CA GLU VB 429 73.95 -4.66 -80.81
C GLU VB 429 75.06 -4.14 -81.72
N ASP VB 430 75.37 -4.89 -82.77
CA ASP VB 430 76.36 -4.47 -83.75
C ASP VB 430 75.80 -4.78 -85.14
N GLY VB 431 75.38 -3.74 -85.85
CA GLY VB 431 74.79 -3.90 -87.16
C GLY VB 431 75.52 -3.08 -88.20
N ASN VB 432 75.33 -3.47 -89.47
CA ASN VB 432 75.87 -2.73 -90.60
C ASN VB 432 74.94 -2.93 -91.79
N ASP VB 433 75.31 -2.35 -92.92
CA ASP VB 433 74.45 -2.32 -94.10
C ASP VB 433 74.99 -3.29 -95.14
N LYS VB 434 74.21 -4.34 -95.43
CA LYS VB 434 74.55 -5.26 -96.49
C LYS VB 434 74.06 -4.71 -97.82
N THR VB 435 74.90 -4.83 -98.85
CA THR VB 435 74.62 -4.24 -100.14
C THR VB 435 74.34 -5.31 -101.17
N PRO VB 436 73.19 -5.25 -101.85
CA PRO VB 436 72.98 -6.12 -103.02
C PRO VB 436 73.69 -5.60 -104.26
N GLN VB 437 73.40 -6.21 -105.41
CA GLN VB 437 74.05 -5.84 -106.66
C GLN VB 437 73.66 -4.42 -107.07
N SER VB 438 74.65 -3.61 -107.43
CA SER VB 438 74.41 -2.21 -107.72
C SER VB 438 73.83 -1.98 -109.11
N ASP VB 439 73.96 -2.92 -110.03
CA ASP VB 439 73.53 -2.73 -111.40
C ASP VB 439 72.02 -2.81 -111.58
N THR VB 440 71.31 -3.48 -110.68
CA THR VB 440 69.87 -3.64 -110.80
C THR VB 440 69.16 -2.46 -110.11
N THR VB 441 67.88 -2.30 -110.47
CA THR VB 441 67.05 -1.14 -110.14
C THR VB 441 66.81 -0.98 -108.63
N THR VB 442 66.87 -2.07 -107.85
CA THR VB 442 66.55 -2.03 -106.42
C THR VB 442 67.62 -1.32 -105.57
N SER VB 443 68.65 -0.74 -106.17
CA SER VB 443 69.64 0.05 -105.43
C SER VB 443 69.24 1.53 -105.30
N VAL VB 444 68.17 1.96 -105.98
CA VAL VB 444 67.76 3.36 -105.90
C VAL VB 444 66.52 3.55 -105.03
N ASP VB 445 65.80 2.48 -104.67
CA ASP VB 445 64.66 2.60 -103.79
C ASP VB 445 65.07 2.36 -102.35
N ALA VB 446 64.09 2.32 -101.45
CA ALA VB 446 64.34 2.22 -100.01
C ALA VB 446 64.50 0.75 -99.62
N LEU VB 447 65.61 0.15 -100.08
CA LEU VB 447 65.98 -1.20 -99.69
C LEU VB 447 67.43 -1.20 -99.20
N PRO VB 448 67.69 -0.73 -97.97
CA PRO VB 448 68.96 -1.04 -97.32
C PRO VB 448 68.85 -2.34 -96.54
N GLU VB 449 69.18 -3.49 -97.12
CA GLU VB 449 69.20 -4.75 -96.37
C GLU VB 449 70.14 -4.67 -95.16
N VAL VB 450 69.56 -4.64 -93.97
CA VAL VB 450 70.29 -4.46 -92.72
C VAL VB 450 70.54 -5.84 -92.11
N GLY VB 451 71.79 -6.09 -91.71
CA GLY VB 451 72.13 -7.27 -90.93
C GLY VB 451 72.63 -6.84 -89.56
N ARG VB 452 72.04 -7.41 -88.52
CA ARG VB 452 72.35 -7.05 -87.15
C ARG VB 452 72.90 -8.25 -86.40
N THR VB 453 73.33 -8.00 -85.15
CA THR VB 453 73.85 -9.04 -84.28
C THR VB 453 73.55 -8.64 -82.84
N LEU VB 454 72.67 -9.39 -82.18
CA LEU VB 454 72.16 -9.01 -80.87
C LEU VB 454 72.61 -10.04 -79.83
N ILE VB 455 73.02 -9.55 -78.66
CA ILE VB 455 73.47 -10.39 -77.56
C ILE VB 455 72.94 -9.79 -76.27
N SER VB 456 72.29 -10.60 -75.44
CA SER VB 456 71.75 -10.15 -74.17
C SER VB 456 72.03 -11.22 -73.13
N THR VB 457 72.87 -10.90 -72.13
CA THR VB 457 73.31 -11.88 -71.15
C THR VB 457 73.75 -11.15 -69.89
N ILE VB 458 74.32 -11.90 -68.94
CA ILE VB 458 74.86 -11.37 -67.70
C ILE VB 458 76.18 -12.08 -67.41
N ALA VB 459 77.25 -11.32 -67.21
CA ALA VB 459 78.56 -11.90 -66.94
C ALA VB 459 79.19 -11.20 -65.75
N ARG VB 460 80.20 -11.85 -65.16
CA ARG VB 460 80.89 -11.34 -63.97
C ARG VB 460 82.38 -11.55 -64.12
N VAL VB 461 83.12 -10.46 -64.26
CA VAL VB 461 84.55 -10.47 -64.56
C VAL VB 461 85.30 -9.90 -63.35
N PRO VB 462 86.49 -10.40 -63.02
CA PRO VB 462 87.33 -9.69 -62.04
C PRO VB 462 87.85 -8.39 -62.60
N HIS VB 463 88.50 -7.61 -61.74
CA HIS VB 463 88.99 -6.30 -62.12
C HIS VB 463 90.26 -6.44 -62.94
N GLY VB 464 90.18 -6.06 -64.22
CA GLY VB 464 91.32 -6.11 -65.11
C GLY VB 464 91.39 -7.33 -66.00
N LYS VB 465 90.63 -8.37 -65.72
CA LYS VB 465 90.60 -9.56 -66.54
C LYS VB 465 89.54 -9.42 -67.62
N SER VB 466 89.28 -10.49 -68.37
CA SER VB 466 88.37 -10.42 -69.50
C SER VB 466 87.60 -11.72 -69.65
N LEU VB 467 86.50 -11.64 -70.41
CA LEU VB 467 85.65 -12.79 -70.67
C LEU VB 467 85.16 -12.74 -72.10
N LEU VB 468 84.91 -13.92 -72.67
CA LEU VB 468 84.35 -14.04 -74.01
C LEU VB 468 82.84 -14.20 -73.88
N VAL VB 469 82.09 -13.25 -74.43
CA VAL VB 469 80.64 -13.23 -74.27
C VAL VB 469 79.94 -13.92 -75.44
N GLY VB 470 80.27 -13.55 -76.68
CA GLY VB 470 79.63 -14.16 -77.82
C GLY VB 470 80.63 -14.80 -78.75
N GLY VB 471 80.21 -15.14 -79.96
CA GLY VB 471 81.12 -15.74 -80.91
C GLY VB 471 80.35 -16.36 -82.06
N TYR VB 472 81.08 -16.57 -83.16
CA TYR VB 472 80.54 -17.17 -84.37
C TYR VB 472 81.67 -17.59 -85.30
N THR VB 473 81.67 -18.84 -85.76
CA THR VB 473 82.59 -19.30 -86.79
C THR VB 473 81.80 -19.94 -87.92
N ARG VB 474 82.42 -20.01 -89.09
CA ARG VB 474 81.81 -20.67 -90.24
C ARG VB 474 82.89 -21.10 -91.22
N ASP VB 475 82.83 -22.36 -91.64
CA ASP VB 475 83.76 -22.91 -92.62
C ASP VB 475 82.98 -23.54 -93.76
N ALA VB 476 83.51 -23.45 -94.98
CA ALA VB 476 82.82 -23.98 -96.14
C ALA VB 476 83.82 -24.39 -97.20
N ASN VB 477 83.43 -25.36 -98.03
CA ASN VB 477 84.26 -25.84 -99.13
C ASN VB 477 83.36 -26.54 -100.13
N THR VB 478 83.19 -25.95 -101.31
CA THR VB 478 82.42 -26.56 -102.39
C THR VB 478 83.31 -26.75 -103.60
N ASP VB 479 82.94 -27.70 -104.46
CA ASP VB 479 83.64 -27.94 -105.72
C ASP VB 479 82.74 -28.71 -106.69
N THR VB 480 82.62 -28.21 -107.91
CA THR VB 480 81.84 -28.84 -108.95
C THR VB 480 82.74 -29.27 -110.10
N VAL VB 481 82.31 -30.28 -110.85
CA VAL VB 481 83.01 -30.76 -112.03
C VAL VB 481 81.96 -31.08 -113.09
N GLN VB 482 82.04 -30.40 -114.24
CA GLN VB 482 81.18 -30.71 -115.38
C GLN VB 482 82.05 -31.12 -116.57
N SER VB 483 81.44 -31.86 -117.50
CA SER VB 483 82.14 -32.29 -118.70
C SER VB 483 81.13 -32.71 -119.75
N ILE VB 484 81.62 -32.91 -120.96
CA ILE VB 484 80.91 -33.58 -122.04
C ILE VB 484 81.25 -35.06 -121.85
N PRO VB 485 80.30 -36.00 -122.03
CA PRO VB 485 80.56 -37.40 -121.63
C PRO VB 485 81.70 -38.10 -122.36
N PHE VB 486 81.83 -37.94 -123.67
CA PHE VB 486 82.91 -38.62 -124.40
C PHE VB 486 84.06 -37.70 -124.79
N LEU VB 487 83.75 -36.45 -125.16
CA LEU VB 487 84.79 -35.53 -125.61
C LEU VB 487 85.64 -35.01 -124.46
N GLY VB 488 85.17 -35.14 -123.22
CA GLY VB 488 85.93 -34.66 -122.07
C GLY VB 488 87.07 -35.52 -121.62
N LYS VB 489 87.29 -36.68 -122.26
CA LYS VB 489 88.36 -37.59 -121.89
C LYS VB 489 89.43 -37.70 -122.98
N LEU VB 490 89.41 -36.80 -123.96
CA LEU VB 490 90.45 -36.78 -124.97
C LEU VB 490 91.76 -36.28 -124.37
N PRO VB 491 92.93 -36.76 -124.87
CA PRO VB 491 94.22 -36.40 -124.25
C PRO VB 491 94.59 -34.92 -124.31
N LEU VB 492 94.61 -34.35 -125.51
CA LEU VB 492 95.03 -32.96 -125.67
C LEU VB 492 93.92 -32.05 -126.16
N ILE VB 493 92.80 -32.59 -126.62
CA ILE VB 493 91.66 -31.79 -127.02
C ILE VB 493 90.60 -31.70 -125.93
N GLY VB 494 90.58 -32.64 -124.98
CA GLY VB 494 89.52 -32.72 -123.99
C GLY VB 494 89.52 -31.62 -122.94
N SER VB 495 90.50 -30.73 -122.94
CA SER VB 495 90.49 -29.62 -122.00
C SER VB 495 89.49 -28.54 -122.40
N LEU VB 496 89.05 -28.53 -123.65
CA LEU VB 496 88.10 -27.53 -124.13
C LEU VB 496 86.66 -27.86 -123.78
N PHE VB 497 86.41 -28.97 -123.08
CA PHE VB 497 85.05 -29.39 -122.77
C PHE VB 497 84.78 -29.58 -121.29
N ARG VB 498 85.81 -29.71 -120.46
CA ARG VB 498 85.59 -29.87 -119.03
C ARG VB 498 85.36 -28.52 -118.36
N TYR VB 499 85.01 -28.57 -117.08
CA TYR VB 499 84.79 -27.38 -116.26
C TYR VB 499 84.95 -27.78 -114.82
N SER VB 500 85.51 -26.90 -114.01
CA SER VB 500 85.75 -27.20 -112.60
C SER VB 500 85.86 -25.91 -111.80
N SER VB 501 85.17 -25.87 -110.67
CA SER VB 501 85.20 -24.71 -109.79
C SER VB 501 85.52 -25.15 -108.38
N LYS VB 502 85.91 -24.18 -107.55
CA LYS VB 502 86.19 -24.40 -106.14
C LYS VB 502 85.76 -23.17 -105.36
N ASN VB 503 85.71 -23.32 -104.04
CA ASN VB 503 85.35 -22.24 -103.13
C ASN VB 503 85.78 -22.62 -101.73
N LYS VB 504 86.08 -21.63 -100.91
CA LYS VB 504 86.50 -21.83 -99.52
C LYS VB 504 86.36 -20.53 -98.77
N SER VB 505 85.91 -20.60 -97.52
CA SER VB 505 85.78 -19.40 -96.70
C SER VB 505 85.94 -19.77 -95.23
N ASN VB 506 86.43 -18.81 -94.45
CA ASN VB 506 86.61 -18.99 -93.00
C ASN VB 506 86.33 -17.68 -92.30
N VAL VB 507 85.23 -17.60 -91.57
CA VAL VB 507 84.79 -16.37 -90.91
C VAL VB 507 84.86 -16.58 -89.40
N VAL VB 508 85.34 -15.57 -88.68
CA VAL VB 508 85.42 -15.59 -87.21
C VAL VB 508 84.97 -14.24 -86.68
N ARG VB 509 83.96 -14.23 -85.82
CA ARG VB 509 83.57 -13.03 -85.08
C ARG VB 509 83.52 -13.38 -83.60
N VAL VB 510 84.04 -12.49 -82.75
CA VAL VB 510 83.99 -12.66 -81.30
C VAL VB 510 83.65 -11.33 -80.63
N PHE VB 511 83.16 -11.42 -79.40
CA PHE VB 511 82.82 -10.27 -78.57
C PHE VB 511 83.48 -10.49 -77.22
N MET VB 512 84.28 -9.52 -76.78
CA MET VB 512 85.00 -9.65 -75.51
C MET VB 512 84.75 -8.43 -74.64
N ILE VB 513 84.77 -8.63 -73.33
CA ILE VB 513 84.45 -7.62 -72.33
C ILE VB 513 85.63 -7.50 -71.39
N GLU VB 514 86.05 -6.26 -71.11
CA GLU VB 514 87.19 -6.01 -70.22
C GLU VB 514 86.90 -4.78 -69.37
N PRO VB 515 86.35 -4.94 -68.18
CA PRO VB 515 86.07 -3.80 -67.31
C PRO VB 515 87.22 -3.51 -66.35
N LYS VB 516 87.28 -2.26 -65.91
CA LYS VB 516 88.27 -1.83 -64.94
C LYS VB 516 87.73 -0.63 -64.17
N GLU VB 517 88.40 -0.32 -63.07
CA GLU VB 517 87.94 0.71 -62.13
C GLU VB 517 88.80 1.95 -62.26
N ILE VB 518 88.16 3.11 -62.32
CA ILE VB 518 88.82 4.40 -62.52
C ILE VB 518 88.87 5.12 -61.17
N VAL VB 519 90.07 5.46 -60.73
CA VAL VB 519 90.25 6.21 -59.49
C VAL VB 519 90.96 7.53 -59.68
N ASP VB 520 91.66 7.74 -60.79
CA ASP VB 520 92.44 8.94 -61.01
C ASP VB 520 92.00 9.64 -62.30
N PRO VB 521 92.14 10.96 -62.38
CA PRO VB 521 91.83 11.67 -63.62
C PRO VB 521 92.93 11.46 -64.66
N LEU VB 522 92.76 12.08 -65.82
CA LEU VB 522 93.68 11.91 -66.92
C LEU VB 522 94.99 12.61 -66.65
N THR VB 523 96.09 11.99 -67.08
CA THR VB 523 97.42 12.60 -67.01
C THR VB 523 98.17 12.33 -68.31
N PRO VB 524 98.61 13.37 -69.05
CA PRO VB 524 98.41 14.81 -68.86
C PRO VB 524 96.99 15.26 -69.17
N ASP VB 525 96.69 16.54 -68.96
CA ASP VB 525 95.31 17.02 -69.00
C ASP VB 525 94.74 16.95 -70.41
N ALA VB 526 93.42 17.06 -70.48
CA ALA VB 526 92.73 17.00 -71.76
C ALA VB 526 93.01 18.23 -72.62
N SER VB 527 93.27 19.37 -71.99
CA SER VB 527 93.61 20.57 -72.73
C SER VB 527 95.09 20.63 -73.10
N GLU VB 528 95.90 19.71 -72.60
CA GLU VB 528 97.32 19.65 -72.95
C GLU VB 528 97.60 18.67 -74.07
N SER VB 529 96.83 17.59 -74.17
CA SER VB 529 97.00 16.65 -75.27
C SER VB 529 96.38 17.16 -76.57
N VAL VB 530 95.43 18.09 -76.47
CA VAL VB 530 94.82 18.64 -77.67
C VAL VB 530 95.73 19.69 -78.31
N ASN VB 531 96.44 20.47 -77.49
CA ASN VB 531 97.37 21.47 -78.00
C ASN VB 531 98.59 20.85 -78.67
N ASN VB 532 98.88 19.58 -78.41
CA ASN VB 532 99.93 18.89 -79.15
C ASN VB 532 99.42 18.27 -80.43
N ILE VB 533 98.13 18.00 -80.53
CA ILE VB 533 97.55 17.50 -81.77
C ILE VB 533 97.44 18.63 -82.80
N LEU VB 534 96.98 19.80 -82.35
CA LEU VB 534 96.80 20.92 -83.26
C LEU VB 534 98.12 21.48 -83.76
N LYS VB 535 99.18 21.40 -82.95
CA LYS VB 535 100.48 21.88 -83.40
C LYS VB 535 101.15 20.92 -84.36
N GLN VB 536 100.92 19.61 -84.20
CA GLN VB 536 101.55 18.63 -85.08
C GLN VB 536 100.84 18.54 -86.43
N SER VB 537 99.51 18.52 -86.43
CA SER VB 537 98.77 18.41 -87.67
C SER VB 537 98.70 19.72 -88.44
N GLY VB 538 99.04 20.84 -87.80
CA GLY VB 538 99.05 22.12 -88.49
C GLY VB 538 97.73 22.88 -88.47
N ALA VB 539 96.77 22.45 -87.66
CA ALA VB 539 95.48 23.12 -87.57
C ALA VB 539 95.43 24.15 -86.44
N TRP VB 540 96.56 24.45 -85.81
CA TRP VB 540 96.59 25.33 -84.66
C TRP VB 540 96.47 26.79 -85.08
N SER VB 541 95.60 27.53 -84.40
CA SER VB 541 95.42 28.96 -84.68
C SER VB 541 95.32 29.75 -83.39
N GLY VB 542 96.17 29.44 -82.42
CA GLY VB 542 96.25 30.24 -81.22
C GLY VB 542 97.19 31.41 -81.30
N ASP VB 543 97.92 31.53 -82.42
CA ASP VB 543 98.84 32.62 -82.66
C ASP VB 543 98.26 33.68 -83.58
N ASP VB 544 96.96 33.62 -83.88
CA ASP VB 544 96.35 34.55 -84.81
C ASP VB 544 96.22 35.92 -84.16
N LYS VB 545 96.37 36.96 -84.98
CA LYS VB 545 96.30 38.32 -84.45
C LYS VB 545 94.87 38.74 -84.19
N LEU VB 546 93.91 38.22 -84.94
CA LEU VB 546 92.52 38.63 -84.83
C LEU VB 546 91.70 37.76 -83.90
N GLN VB 547 91.98 36.46 -83.84
CA GLN VB 547 91.19 35.55 -83.03
C GLN VB 547 91.70 35.40 -81.60
N LYS VB 548 92.83 36.01 -81.27
CA LYS VB 548 93.35 35.90 -79.90
C LYS VB 548 92.64 36.82 -78.93
N TRP VB 549 91.84 37.77 -79.41
CA TRP VB 549 91.10 38.65 -78.51
C TRP VB 549 89.92 37.94 -77.85
N VAL VB 550 89.43 36.87 -78.46
CA VAL VB 550 88.30 36.14 -77.93
C VAL VB 550 88.69 34.76 -77.41
N ARG VB 551 89.63 34.07 -78.07
CA ARG VB 551 90.15 32.79 -77.61
C ARG VB 551 90.96 32.89 -76.32
N VAL VB 552 91.24 34.09 -75.82
CA VAL VB 552 91.94 34.21 -74.54
C VAL VB 552 90.99 34.00 -73.37
N TYR VB 553 89.67 34.03 -73.61
CA TYR VB 553 88.72 33.70 -72.55
C TYR VB 553 88.56 32.20 -72.40
N LEU VB 554 88.56 31.46 -73.51
CA LEU VB 554 88.31 30.03 -73.48
C LEU VB 554 89.54 29.24 -73.04
N ASP VB 555 90.73 29.71 -73.41
CA ASP VB 555 91.99 29.05 -73.12
C ASP VB 555 92.66 29.66 -71.90
N ARG VB 556 91.86 30.02 -70.89
CA ARG VB 556 92.35 30.69 -69.70
C ARG VB 556 93.24 29.77 -68.85
N GLY VB 557 92.94 28.47 -68.84
CA GLY VB 557 93.75 27.53 -68.10
C GLY VB 557 94.84 26.91 -68.95
#